data_8BOT
#
_entry.id   8BOT
#
_cell.length_a   1.00
_cell.length_b   1.00
_cell.length_c   1.00
_cell.angle_alpha   90.00
_cell.angle_beta   90.00
_cell.angle_gamma   90.00
#
_symmetry.space_group_name_H-M   'P 1'
#
loop_
_entity.id
_entity.type
_entity.pdbx_description
1 polymer 'DNA repair protein XRCC4'
2 polymer 'DNA ligase 4'
3 polymer 'Non-homologous end-joining factor 1'
4 polymer 'DNA-dependent protein kinase catalytic subunit'
5 polymer 'X-ray repair cross-complementing protein 6'
6 polymer 'X-ray repair cross-complementing protein 5'
7 polymer 'DNA (28-MER)'
8 polymer 'DNA (27-MER)'
9 polymer 'DNA (24-MER)'
10 polymer 'DNA (24-MER)'
#
loop_
_entity_poly.entity_id
_entity_poly.type
_entity_poly.pdbx_seq_one_letter_code
_entity_poly.pdbx_strand_id
1 'polypeptide(L)'
;MERKISRIHLVSEPSITHFLQVSWEKTLESGFVITLTDGHSAWTGTVSESEISQEADDMAMEKGKYVGELRKALLSGAGP
ADVYTFNFSKESCYFFFEKNLKDVSFRLGSFNLEKVENPAEVIRELICYCLDTIAENQAKNEHLQKENERLLRDWNDVQG
RFEKCVSAKEALETDLYKRFILVLNEKKTKIRSLHNKLLNAAQEREKDIKQEGETAICSEMTADRDPVYDESTDEESENQ
TDLSGLASAAVSKDDSIISSLDVTDIAPSRKRRQRMQRNLGTEPKMAPQENQLQEKENSRPDSSLPETSKKEHISAENMS
LETLRNSSPEDLFDEI
;
K,L,N,O
2 'polypeptide(L)'
;MAASQTSQTVASHVPFADLCSTLERIQKSKGRAEKIRHFREFLDSWRKFHDALHKNHKDVTDSFYPAMRLILPQLERERM
AYGIKETMLAKLYIELLNLPRDGKDALKLLNYRTPTGTHGDAGDFAMIAYFVLKPRCLQKGSLTIQQVNDLLDSIASNNS
AKRKDLIKKSLLQLITQSSALEQKWLIRMIIKDLKLGVSQQTIFSVFHNDAAELHNVTTDLEKVCRQLHDPSVGLSDISI
TLFSAFKPMLAAIADIEHIEKDMKHQSFYIETKLDGERMQMHKDGDVYKYFSRNGYNYTDQFGASPTEGSLTPFIHNAFK
ADIQICILDGEMMAYNPNTQTFMQKGTKFDIKRMVEDSDLQTCYCVFDVLMVNNKKLGHETLRKRYEILSSIFTPIPGRI
EIVQKTQAHTKNEVIDALNEAIDKREEGIMVKQPLSIYKPDKRGEGWLKIKPEYVSGLMDELDILIVGGYWGKGSRGGMM
SHFLCAVAEKPPPGEKPSVFHTLSRVGSGCTMKELYDLGLKLAKYWKPFHRKAPPSSILCGTEKPEVYIEPCNSVIVQIK
AAEIVPSDMYKTGCTLRFPRIEKIRDDKEWHECMTLDDLEQLRGKASGKLASKHLYIGGDDEPQEKKRKAAPKMKKVIGI
IEHLKAPNLTNVNKISNIFEDVEFCVMSGTDSQPKPDLENRIAEFGGYIVQNPGPDTYCVIAGSENIRVKNIILSNKHDV
VKPAWLLECFKTKSFVPWQPRFMIHMCPSTKEHFAREYDCYGDSYFIDTDLNQLKEVFSGIKNSNEQTPEEMASLIADLE
YRYSWDCSPLSMFRRHTVYLDSYAVINDLSTKNEGTRLAIKALELRFHGAKVVSCLAEGVSHVIIGEDHSRVADFKAFRR
TFKRKFKILKESWVTDSIDKCELQEENQYLI
;
M,P
3 'polypeptide(L)'
;MEELEQGLLMQPWAWLQLAENSLLAKVFITKQGYALLVSDLQQVWHEQVDTSVVSQRAKELNKRLTAPPAAFLCHLDNLL
RPLLKDAAHPSEATFSCDCVADALILRVRSELSGLPFYWNFHCMLASPSLVSQHLIRPLMGMSLALQCQVRELATLLHMK
DLEIQDYQESGATLIRDRLKTEPFEENSFLEQFMIEKLPEACSIGDGKPFVMNLQDLYMAVTTQEVQVGQKHQGAGDPHT
SNSASLQGIDSQCVNQPEQLVSSAPTLSAPEKESTGTSGPLQRPQLSKVKRKKPRGLFS
;
Q,R,X,Y
4 'polypeptide(L)'
;MAGSGAGVRCSLLRLQETLSAADRCGAALAGHQLIRGLGQECVLSSSPAVLALQTSLVFSRDFGLLVFVRKSLNSIEFRE
CREEILKFLCIFLEKMGQKIAPYSVEIKNTCTSVYTKDRAAKCKIPALDLLIKLLQTFRSSRLMDEFKIGELFSKFYGEL
ALKKKIPDTVLEKVYELLGLLGEVHPSEMINNAENLFRAFLGELKTQMTSAVREPKLPVLAGCLKGLSSLLCNFTKSMEE
DPQTSREIFNFVLKAIRPQIDLKRYAVPSAGLRLFALHASQFSTCLLDNYVSLFEVLLKWCAHTNVELKKAALSALESFL
KQVSNMVAKNAEMHKNKLQYFMEQFYGIIRNVDSNNKELSIAIRGYGLFAGPCKVINAKDVDFMYVELIQRCKQMFLTQT
DTGDDRVYQMPSFLQSVASVLLYLDTVPEVYTPVLEHLVVMQIDSFPQYSPKMQLVCCRAIVKVFLALAAKGPVLRNCIS
TVVHQGLIRICSKPVVLPKGPESESEDHRASGEVRTGKWKVPTYKDYVDLFRHLLSSDQMMDSILADEAFFSVNSSSESL
NHLLYDEFVKSVLKIVEKLDLTLEIQTVGEQENGDEAPGVWMIPTSDPAANLHPAKPKDFSAFINLVEFCREILPEKQAE
FFEPWVYSFSYELILQSTRLPLISGFYKLLSITVRNAKKIKYFEGVSPKSLKHSPEDPEKYSCFALFVKFGKEVAVKMKQ
YKDELLASCLTFLLSLPHNIIELDVRAYVPALQMAFKLGLSYTPLAEVGLNALEEWSIYIDRHVMQPYYKDILPCLDGYL
KTSALSDETKNNWEVSALSRAAQKGFNKVVLKHLKKTKNLSSNEAISLEEIRIRVVQMLGSLGGQINKNLLTVTSSDEMM
KSYVAWDREKRLSFAVPFREMKPVIFLDVFLPRVTELALTASDRQTKVAACELLHSMVMFMLGKATQMPEGGQGAPPMYQ
LYKRTFPVLLRLACDVDQVTRQLYEPLVMQLIHWFTNNKKFESQDTVALLEAILDGIVDPVDSTLRDFCGRCIREFLKWS
IKQITPQQQEKSPVNTKSLFKRLYSLALHPNAFKRLGASLAFNNIYREFREEESLVEQFVFEALVIYMESLALAHADEKS
LGTIQQCCDAIDHLCRIIEKKHVSLNKAKKRRLPRGFPPSASLCLLDLVKWLLAHCGRPQTECRHKSIELFYKFVPLLPG
NRSPNLWLKDVLKEEGVSFLINTFEGGGCGQPSGILAQPTLLYLRGPFSLQATLCWLDLLLAALECYNTFIGERTVGALQ
VLGTEAQSSLLKAVAFFLESIAMHDIIAAEKCFGTGAAGNRTSPQEGERYNYSKCTVVVRIMEFTTTLLNTSPEGWKLLK
KDLCNTHLMRVLVQTLCEPASIGFNIGDVQVMAHLPDVCVNLMKALKMSPYKDILETHLREKITAQSIEELCAVNLYGPD
AQVDRSRLAAVVSACKQLHRAGLLHNILPSQSTDLHHSVGTELLSLVYKGIAPGDERQCLPSLDLSCKQLASGLLELAFA
FGGLCERLVSLLLNPAVLSTASLGSSQGSVIHFSHGEYFYSLFSETINTELLKNLDLAVLELMQSSVDNTKMVSAVLNGM
LDQSFRERANQKHQGLKLATTILQHWKKCDSWWAKDSPLETKMAVLALLAKILQIDSSVSFNTSHGSFPEVFTTYISLLA
DTKLDLHLKGQAVTLLPFFTSLTGGSLEELRRVLEQLIVAHFPMQSREFPPGTPRFNNYVDCMKKFLDALELSQSPMLLE
LMTEVLCREQQHVMEELFQSSFRRIARRGSCVTQVGLLESVYEMFRKDDPRLSFTRQSFVDRSLLTLLWHCSLDALREFF
STIVVDAIDVLKSRFTKLNESTFDTQITKKMGYYKILDVMYSRLPKDDVHAKESKINQVFHGSCITEGNELTKTLIKLCY
DAFTENMAGENQLLERRRLYHCAAYNCAISVICCVFNELKFYQGFLFSEKPEKNLLIFENLIDLKRRYNFPVEVEVPMER
KKKYIEIRKEAREAANGDSDGPSYMSSLSYLADSTLSEEMSQFDFSTGVQSYSYSSQDPRPATGRFRRREQRDPTVHDDV
LELEMDELNRHECMAPLTALVKHMHRSLGPPQGEEDSVPRDLPSWMKFLHGKLGNPIVPLNIRLFLAKLVINTEEVFRPY
AKHWLSPLLQLAASENNGGEGIHYMVVEIVATILSWTGLATPTGVPKDEVLANRLLNFLMKHVFHPKRAVFRHNLEIIKT
LVECWKDCLSIPYRLIFEKFSGKDPNSKDNSVGIQLLGIVMANDLPPYDPQCGIQSSEYFQALVNNMSFVRYKEVYAAAA
EVLGLILRYVMERKNILEESLCELVAKQLKQHQNTMEDKFIVCLNKVTKSFPPLADRFMNAVFFLLPKFHGVLKTLCLEV
VLCRVEGMTELYFQLKSKDFVQVMRHRDDERQKVCLDIIYKMMPKLKPVELRELLNPVVEFVSHPSTTCREQMYNILMWI
HDNYRDPESETDNDSQEIFKLAKDVLIQGLIDENPGLQLIIRNFWSHETRLPSNTLDRLLALNSLYSPKIEVHFLSLATN
FLLEMTSMSPDYPNPMFEHPLSECEFQEYTIDSDWRFRSTVLTPMFVETQASQGTLQTRTQEGSLSARWPVAGQIRATQQ
QHDFTLTQTADGRSSFDWLTGSSTDPLVDHTSPSSDSLLFAHKRSERLQRAPLKSVGPDFGKKRLGLPGDEVDNKVKGAA
GRTDLLRLRRRFMRDQEKLSLMYARKGVAEQKREKEIKSELKMKQDAQVVLYRSYRHGDLPDIQIKHSSLITPLQAVAQR
DPIIAKQLFSSLFSGILKEMDKFKTLSEKNNITQKLLQDFNRFLNTTFSFFPPFVSCIQDISCQHAALLSLDPAAVSAGC
LASLQQPVGIRLLEEALLRLLPAELPAKRVRGKARLPPDVLRWVELAKLYRSIGEYDVLRGIFTSEIGTKQITQSALLAE
ARSDYSEAAKQYDEALNKQDWVDGEPTEAEKDFWELASLDCYNHLAEWKSLEYCSTASIDSENPPDLNKIWSEPFYQETY
LPYMIRSKLKLLLQGEADQSLLTFIDKAMHGELQKAILELHYSQELSLLYLLQDDVDRAKYYIQNGIQSFMQNYSSIDVL
LHQSRLTKLQSVQALTEIQEFISFISKQGNLSSQVPLKRLLNTWTNRYPDAKMDPMNIWDDIITNRCFFLSKIEEKLTPL
PEDNSMNVDQDGDPSDRMEVQEQEEDISSLIRSCKFSMKMKMIDSARKQNNFSLAMKLLKELHKESKTRDDWLVSWVQSY
CRLSHCRSRSQGCSEQVLTVLKTVSLLDENNVSSYLSKNILAFRDQNILLGTTYRIIANALSSEPACLAEIEEDKARRIL
ELSGSSSEDSEKVIAGLYQRAFQHLSEAVQAAEEEAQPPSWSCGPAAGVIDAYMTLADFCDQQLRKEEENASVIDSAELQ
AYPALVVEKMLKALKLNSNEARLKFPRLLQIIERYPEETLSLMTKEISSVPCWQFISWISHMVALLDKDQAVAVQHSVEE
ITDNYPQAIVYPFIISSESYSFKDTSTGHKNKEFVARIKSKLDQGGVIQDFINALDQLSNPELLFKDWSNDVRAELAKTP
VNKKNIEKMYERMYAALGDPKAPGLGAFRRKFIQTFGKEFDKHFGKGGSKLLRMKLSDFNDITNMLLLKMNKDSKPPGNL
KECSPWMSDFKVEFLRNELEIPGQYDGRGKPLPEYHVRIAGFDERVTVMASLRRPKRIIIRGHDEREHPFLVKGGEDLRQ
DQRVEQLFQVMNGILAQDSACSQRALQLRTYSVVPMTSRLGLIEWLENTVTLKDLLLNTMSQEEKAAYLSDPRAPPCEYK
DWLTKMSGKHDVGAYMLMYKGANRTETVTSFRKRESKVPADLLKRAFVRMSTSPEAFLALRSHFASSHALICISHWILGI
GDRHLNNFMVAMETGGVIGIDFGHAFGSATQFLPVPELMPFRLTRQFINLMLPMKETGLMYSIMVHALRAFRSDPGLLTN
TMDVFVKEPSFDWKNFEQKMLKKGGSWIQEINVAEKNWYPRQKICYAKRKLAGANPAVITCDELLLGHEKAPAFRDYVAV
ARGSKDHNIRAQEPESGLSEETQVKCLMDQATDPNILGRTWEGWEPWM
;
F,A,S
5 'polypeptide(L)'
;MSGWESYYKTEGDEEAEEEQEENLEASGDYKYSGRDSLIFLVDASKAMFESQSEDELTPFDMSIQCIQSVYISKIISSDR
DLLAVVFYGTEKDKNSVNFKNIYVLQELDNPGAKRILELDQFKGQQGQKRFQDMMGHGSDYSLSEVLWVCANLFSDVQFK
MSHKRIMLFTNEDNPHGNDSAKASRARTKAGDLRDTGIFLDLMHLKKPGGFDISLFYRDIISIAEDEDLRVHFEESSKLE
DLLRKVRAKETRKRALSRLKLKLNKDIVISVGIYNLVQKALKPPPIKLYRETNEPVKTKTRTFNTSTGGLLLPSDTKRSQ
IYGSRQIILEKEETEELKRFDDPGLMLMGFKPLVLLKKHHYLRPSLFVYPEESLVIGSSTLFSALLIKCLEKEVAALCRY
TPRRNIPPYFVALVPQEEELDDQKIQVTPPGFQLVFLPFADDKRKMPFTEKIMATPEQVGKMKAIVEKLRFTYRSDSFEN
PVLQQHFRNLEALALDLMEPEQAVDLTLPKVEAMNKRLGSLVDEFKELVYPPDYNPEGKVTKRKHDNEGSGSKRPKVEYS
EEELKTHISKGTLGKFTVPMLKEACRAYGLKSGLKKQELLEALTKHFQD
;
G,B,T
6 'polypeptide(L)'
;MVRSGNKAAVVLCMDVGFTMSNSIPGIESPFEQAKKVITMFVQRQVFAENKDEIALVLFGTDGTDNPLSGGDQYQNITVH
RHLMLPDFDLLEDIESKIQPGSQQADFLDALIVSMDVIQHETIGKKFEKRHIEIFTDLSSRFSKSQLDIIIHSLKKCDIS
LQFFLPFSLGKEDGSGDRGDGPFRLGGHGPSFPLKGITEQQKEGLEIVKMVMISLEGEDGLDEIYSFSESLRKLCVFKKI
ERHSIHWPCRLTIGSNLSIRIAAYKSILQERVKKTWTVVDAKTLKKEDIQKETVYCLNDDDETEVLKEDIIQGFRYGSDI
VPFSKVDEEQMKYKSEGKCFSVLGFCKSSQVQRRFFMGNQVLKVFAARDDEAAAVALSSLIHALDDLDMVAIVRYAYDKR
ANPQVGVAFPHIKHNYECLVYVQLPFMEDLRQYMFSSLKNSKKYAPTEAQLNAVDALIDSMSLAKKDEKTDTLEDLFPTT
KIPNPRFQRLFQCLLHRALHPREPLPPIQQHIWNMLNPPAEVTTKSQIPLSKIKTLFPLIEAKKKDQVTAQEIFQDNHED
GPTAKKLKTEQGGAHFSVSSLAEGSVTSVGSVNPAENFRVLVKQKKASFEEASNQLINHIEQFLDTNETPYFMKSIDCIR
AFREEAIKFSEEQRFNNFLKALQEKVEIKQLNHFWEIVVQDGITLITKEEASGSSVTAEEAKKFLAPKDKPSGDTAAVFE
EGGDVDDLLDMI
;
H,C,U
7 'polydeoxyribonucleotide'
;(DG)(DC)(DT)(DA)(DA)(DT)(DA)(DA)(DA)(DC)(DT)(DA)(DA)(DA)(DA)(DA)(DC)(DT)(DA)(DT)
(DT)(DA)(DT)(DT)(DA)(DT)(DG)(DG)
;
I,V
8 'polydeoxyribonucleotide'
;(DC)(DA)(DT)(DA)(DA)(DT)(DA)(DA)(DT)(DA)(DG)(DT)(DT)(DT)(DT)(DT)(DA)(DG)(DT)(DT)
(DT)(DA)(DT)(DT)(DG)(DG)(DG)
;
J,W
9 'polydeoxyribonucleotide'
;(DA)(DA)(DT)(DA)(DA)(DA)(DC)(DT)(DA)(DA)(DA)(DA)(DA)(DC)(DT)(DA)(DT)(DT)(DA)(DT)
(DT)(DA)(DT)(DG)
;
D
10 'polydeoxyribonucleotide'
;(DT)(DA)(DA)(DT)(DA)(DA)(DT)(DA)(DG)(DT)(DT)(DT)(DT)(DT)(DA)(DG)(DT)(DT)(DT)(DA)
(DT)(DT)(DA)(DG)
;
E
#
# COMPACT_ATOMS: atom_id res chain seq x y z
N MET A 1 6.20 91.11 -84.46
CA MET A 1 5.79 91.62 -83.16
C MET A 1 6.79 91.18 -82.10
N GLU A 2 6.89 89.87 -81.86
CA GLU A 2 7.90 89.33 -80.96
C GLU A 2 9.26 89.37 -81.68
N ARG A 3 9.89 90.54 -81.63
CA ARG A 3 11.21 90.73 -82.23
C ARG A 3 12.29 90.21 -81.29
N LYS A 4 12.17 88.92 -80.96
CA LYS A 4 12.99 88.30 -79.94
C LYS A 4 14.48 88.43 -80.24
N ILE A 5 15.18 89.15 -79.37
CA ILE A 5 16.63 89.31 -79.49
C ILE A 5 17.29 88.02 -79.04
N SER A 6 17.80 87.25 -80.00
CA SER A 6 18.55 86.04 -79.67
C SER A 6 19.87 86.45 -79.05
N ARG A 7 19.95 86.39 -77.73
CA ARG A 7 21.17 86.77 -77.01
C ARG A 7 22.23 85.72 -77.30
N ILE A 8 23.10 86.03 -78.27
CA ILE A 8 24.16 85.12 -78.69
C ILE A 8 25.50 85.79 -78.46
N HIS A 9 26.44 85.05 -77.88
CA HIS A 9 27.79 85.54 -77.64
C HIS A 9 28.67 85.09 -78.80
N LEU A 10 29.22 86.05 -79.53
CA LEU A 10 29.99 85.75 -80.72
C LEU A 10 31.26 85.00 -80.35
N VAL A 11 31.58 83.97 -81.14
CA VAL A 11 32.87 83.28 -80.97
C VAL A 11 34.03 84.16 -81.42
N SER A 12 33.75 85.21 -82.18
CA SER A 12 34.75 86.20 -82.57
C SER A 12 34.92 87.29 -81.52
N GLU A 13 33.81 87.86 -81.05
CA GLU A 13 33.83 88.91 -80.03
C GLU A 13 32.68 88.67 -79.07
N PRO A 14 32.93 88.03 -77.93
CA PRO A 14 31.84 87.82 -76.95
C PRO A 14 31.56 89.06 -76.14
N SER A 15 32.57 89.92 -75.98
CA SER A 15 32.37 91.18 -75.28
C SER A 15 31.50 92.13 -76.09
N ILE A 16 31.97 92.53 -77.27
CA ILE A 16 31.13 93.26 -78.23
C ILE A 16 30.50 92.19 -79.11
N THR A 17 29.42 91.61 -78.60
CA THR A 17 28.72 90.53 -79.29
C THR A 17 27.45 91.05 -79.94
N HIS A 18 27.05 90.40 -81.01
CA HIS A 18 25.92 90.85 -81.80
C HIS A 18 24.62 90.21 -81.32
N PHE A 19 23.51 90.91 -81.58
CA PHE A 19 22.20 90.53 -81.08
C PHE A 19 21.23 90.56 -82.25
N LEU A 20 20.74 89.38 -82.65
CA LEU A 20 19.99 89.23 -83.89
C LEU A 20 18.56 89.73 -83.69
N GLN A 21 18.40 91.04 -83.87
CA GLN A 21 17.08 91.67 -83.93
C GLN A 21 16.74 91.91 -85.40
N VAL A 22 15.98 90.98 -85.96
CA VAL A 22 15.62 91.03 -87.36
C VAL A 22 14.19 91.56 -87.47
N SER A 23 13.79 91.94 -88.67
CA SER A 23 12.39 92.20 -89.01
C SER A 23 12.12 91.37 -90.26
N TRP A 24 11.73 90.12 -90.08
CA TRP A 24 11.60 89.22 -91.22
C TRP A 24 10.51 89.72 -92.15
N GLU A 25 10.77 89.64 -93.45
CA GLU A 25 9.75 89.94 -94.44
C GLU A 25 8.93 88.69 -94.75
N LYS A 26 7.62 88.87 -94.87
CA LYS A 26 6.75 87.73 -95.12
C LYS A 26 7.08 87.11 -96.48
N THR A 27 6.68 85.84 -96.64
CA THR A 27 7.04 85.03 -97.80
C THR A 27 8.56 84.94 -97.93
N LEU A 28 9.15 84.26 -96.95
CA LEU A 28 10.61 84.20 -96.84
C LEU A 28 11.26 83.63 -98.10
N GLU A 29 10.53 82.79 -98.84
CA GLU A 29 11.05 82.31 -100.12
C GLU A 29 11.34 83.46 -101.07
N SER A 30 10.60 84.56 -100.97
CA SER A 30 10.83 85.74 -101.79
C SER A 30 11.92 86.65 -101.25
N GLY A 31 12.37 86.44 -100.02
CA GLY A 31 13.44 87.23 -99.44
C GLY A 31 13.03 87.86 -98.12
N PHE A 32 14.02 88.47 -97.49
CA PHE A 32 13.84 89.12 -96.19
C PHE A 32 15.05 90.02 -95.93
N VAL A 33 14.95 90.81 -94.88
CA VAL A 33 15.99 91.76 -94.51
C VAL A 33 16.62 91.31 -93.21
N ILE A 34 17.91 90.96 -93.25
CA ILE A 34 18.68 90.67 -92.06
C ILE A 34 19.21 91.95 -91.44
N THR A 35 18.78 92.23 -90.20
CA THR A 35 19.29 93.34 -89.42
C THR A 35 19.95 92.78 -88.17
N LEU A 36 21.17 93.23 -87.90
CA LEU A 36 21.95 92.69 -86.79
C LEU A 36 22.68 93.83 -86.09
N THR A 37 22.68 93.78 -84.76
CA THR A 37 23.23 94.85 -83.94
C THR A 37 24.02 94.27 -82.79
N ASP A 38 25.20 94.81 -82.54
CA ASP A 38 26.01 94.44 -81.40
C ASP A 38 25.91 95.46 -80.26
N GLY A 39 24.95 96.38 -80.33
CA GLY A 39 24.83 97.41 -79.33
C GLY A 39 25.82 98.53 -79.54
N HIS A 40 27.11 98.21 -79.43
CA HIS A 40 28.14 99.19 -79.72
C HIS A 40 28.09 99.63 -81.18
N SER A 41 27.80 98.70 -82.08
CA SER A 41 27.62 99.00 -83.50
C SER A 41 26.47 98.14 -84.02
N ALA A 42 26.24 98.22 -85.32
CA ALA A 42 25.16 97.45 -85.93
C ALA A 42 25.52 97.12 -87.37
N TRP A 43 24.86 96.10 -87.90
CA TRP A 43 25.11 95.66 -89.28
C TRP A 43 23.80 95.08 -89.83
N THR A 44 23.12 95.86 -90.66
CA THR A 44 21.96 95.35 -91.36
C THR A 44 22.36 94.81 -92.73
N GLY A 45 21.48 94.00 -93.31
CA GLY A 45 21.78 93.40 -94.60
C GLY A 45 20.51 92.95 -95.30
N THR A 46 20.71 92.39 -96.49
CA THR A 46 19.63 91.85 -97.30
C THR A 46 20.02 90.46 -97.80
N VAL A 47 19.05 89.54 -97.78
CA VAL A 47 19.27 88.17 -98.19
C VAL A 47 18.40 87.89 -99.41
N SER A 48 19.01 87.41 -100.48
CA SER A 48 18.32 87.07 -101.71
C SER A 48 17.97 85.59 -101.75
N GLU A 49 17.19 85.21 -102.76
CA GLU A 49 16.79 83.81 -102.90
C GLU A 49 17.97 82.92 -103.28
N SER A 50 19.03 83.47 -103.85
CA SER A 50 20.22 82.67 -104.13
C SER A 50 20.86 82.18 -102.84
N GLU A 51 21.07 83.09 -101.89
CA GLU A 51 21.58 82.69 -100.58
C GLU A 51 20.61 81.76 -99.88
N ILE A 52 19.31 82.03 -99.97
CA ILE A 52 18.31 81.19 -99.34
C ILE A 52 18.41 79.76 -99.87
N SER A 53 18.52 79.61 -101.20
CA SER A 53 18.61 78.30 -101.80
C SER A 53 19.91 77.60 -101.43
N GLN A 54 21.04 78.32 -101.46
CA GLN A 54 22.31 77.71 -101.12
C GLN A 54 22.32 77.23 -99.68
N GLU A 55 21.75 78.00 -98.76
CA GLU A 55 21.71 77.59 -97.36
C GLU A 55 20.72 76.47 -97.14
N ALA A 56 19.60 76.47 -97.86
CA ALA A 56 18.67 75.35 -97.79
C ALA A 56 19.33 74.05 -98.22
N ASP A 57 20.12 74.11 -99.30
CA ASP A 57 20.79 72.94 -99.80
C ASP A 57 22.03 72.56 -99.00
N ASP A 58 22.56 73.48 -98.20
CA ASP A 58 23.75 73.16 -97.41
C ASP A 58 23.50 72.01 -96.43
N MET A 59 22.33 71.98 -95.79
CA MET A 59 21.99 70.92 -94.85
C MET A 59 21.44 69.67 -95.52
N ALA A 60 21.73 69.49 -96.81
CA ALA A 60 21.25 68.32 -97.56
C ALA A 60 19.75 68.16 -97.43
N MET A 61 19.04 69.27 -97.55
CA MET A 61 17.61 69.31 -97.32
C MET A 61 16.90 69.57 -98.64
N GLU A 62 15.80 68.85 -98.89
CA GLU A 62 15.08 68.95 -100.16
C GLU A 62 13.60 69.19 -99.94
N LYS A 63 13.06 70.23 -100.56
CA LYS A 63 11.63 70.49 -100.71
C LYS A 63 10.92 70.47 -99.36
N GLY A 64 11.24 71.46 -98.53
CA GLY A 64 10.59 71.55 -97.23
C GLY A 64 10.64 72.86 -96.50
N LYS A 65 10.88 72.79 -95.18
CA LYS A 65 10.62 73.87 -94.24
C LYS A 65 11.86 74.69 -93.90
N TYR A 66 12.86 74.72 -94.78
CA TYR A 66 14.04 75.55 -94.52
C TYR A 66 13.66 77.00 -94.27
N VAL A 67 12.57 77.47 -94.88
CA VAL A 67 12.08 78.82 -94.61
C VAL A 67 11.70 78.94 -93.13
N GLY A 68 11.15 77.88 -92.55
CA GLY A 68 10.90 77.88 -91.12
C GLY A 68 12.18 77.92 -90.30
N GLU A 69 13.23 77.24 -90.77
CA GLU A 69 14.51 77.33 -90.09
C GLU A 69 15.03 78.76 -90.10
N LEU A 70 14.91 79.44 -91.24
CA LEU A 70 15.34 80.84 -91.30
C LEU A 70 14.46 81.72 -90.42
N ARG A 71 13.16 81.44 -90.36
CA ARG A 71 12.28 82.21 -89.48
C ARG A 71 12.71 82.07 -88.02
N LYS A 72 13.02 80.84 -87.60
CA LYS A 72 13.47 80.58 -86.25
C LYS A 72 14.91 81.04 -86.02
N ALA A 73 15.66 81.32 -87.08
CA ALA A 73 17.00 81.87 -86.94
C ALA A 73 16.99 83.39 -86.82
N LEU A 74 16.23 84.08 -87.66
CA LEU A 74 16.27 85.54 -87.73
C LEU A 74 15.86 86.16 -86.41
N LEU A 75 14.59 86.01 -86.04
CA LEU A 75 14.08 86.60 -84.82
C LEU A 75 13.94 85.61 -83.69
N SER A 76 14.31 84.35 -83.91
CA SER A 76 14.34 83.33 -82.87
C SER A 76 12.99 83.23 -82.15
N GLY A 77 11.99 82.80 -82.93
CA GLY A 77 10.70 82.49 -82.33
C GLY A 77 10.84 81.47 -81.22
N ALA A 78 11.66 80.45 -81.43
CA ALA A 78 12.14 79.61 -80.36
C ALA A 78 13.37 80.25 -79.72
N GLY A 79 13.63 79.91 -78.47
CA GLY A 79 14.71 80.49 -77.73
C GLY A 79 16.08 80.09 -78.25
N PRO A 80 17.12 80.37 -77.45
CA PRO A 80 18.49 79.97 -77.85
C PRO A 80 18.67 78.46 -77.93
N ALA A 81 17.67 77.70 -77.47
CA ALA A 81 17.73 76.25 -77.56
C ALA A 81 17.88 75.78 -79.01
N ASP A 82 17.32 76.52 -79.96
CA ASP A 82 17.54 76.24 -81.37
C ASP A 82 19.01 76.47 -81.68
N VAL A 83 19.75 75.40 -81.95
CA VAL A 83 21.19 75.47 -82.00
C VAL A 83 21.67 76.01 -83.35
N TYR A 84 21.71 77.34 -83.45
CA TYR A 84 22.28 78.04 -84.60
C TYR A 84 23.40 78.93 -84.09
N THR A 85 24.61 78.74 -84.62
CA THR A 85 25.75 79.55 -84.22
C THR A 85 25.62 80.91 -84.90
N PHE A 86 24.94 81.84 -84.22
CA PHE A 86 24.71 83.18 -84.76
C PHE A 86 25.98 84.02 -84.66
N ASN A 87 27.05 83.48 -85.25
CA ASN A 87 28.36 84.13 -85.23
C ASN A 87 28.45 85.08 -86.42
N PHE A 88 28.38 86.37 -86.15
CA PHE A 88 28.60 87.40 -87.17
C PHE A 88 30.01 87.93 -87.01
N SER A 89 30.83 87.73 -88.03
CA SER A 89 32.16 88.33 -88.05
C SER A 89 32.03 89.79 -88.45
N LYS A 90 31.88 90.68 -87.47
CA LYS A 90 31.81 92.11 -87.76
C LYS A 90 33.08 92.60 -88.44
N GLU A 91 34.19 91.90 -88.26
CA GLU A 91 35.41 92.21 -89.00
C GLU A 91 35.24 91.93 -90.49
N SER A 92 34.50 90.88 -90.85
CA SER A 92 34.26 90.53 -92.24
C SER A 92 32.92 91.05 -92.76
N CYS A 93 32.10 91.62 -91.89
CA CYS A 93 30.80 92.19 -92.28
C CYS A 93 29.91 91.14 -92.94
N TYR A 94 30.14 89.87 -92.60
CA TYR A 94 29.38 88.74 -93.14
C TYR A 94 28.75 87.99 -91.98
N PHE A 95 27.44 87.82 -92.03
CA PHE A 95 26.70 87.12 -90.98
C PHE A 95 26.42 85.69 -91.44
N PHE A 96 26.59 84.73 -90.53
CA PHE A 96 26.37 83.33 -90.87
C PHE A 96 25.99 82.57 -89.61
N PHE A 97 24.88 81.82 -89.68
CA PHE A 97 24.51 80.86 -88.66
C PHE A 97 24.40 79.49 -89.30
N GLU A 98 24.71 78.45 -88.53
CA GLU A 98 24.82 77.10 -89.07
C GLU A 98 23.89 76.17 -88.31
N LYS A 99 23.15 75.34 -89.03
CA LYS A 99 22.29 74.32 -88.45
C LYS A 99 23.03 72.99 -88.46
N ASN A 100 23.22 72.40 -87.28
CA ASN A 100 23.94 71.14 -87.15
C ASN A 100 23.03 70.01 -87.60
N LEU A 101 22.96 69.81 -88.91
CA LEU A 101 22.13 68.78 -89.52
C LEU A 101 23.01 67.74 -90.19
N LYS A 102 22.57 66.48 -90.13
CA LYS A 102 23.30 65.34 -90.71
C LYS A 102 24.72 65.27 -90.19
N ASP A 103 24.87 65.49 -88.87
CA ASP A 103 26.15 65.34 -88.17
C ASP A 103 27.21 66.32 -88.65
N VAL A 104 26.81 67.38 -89.36
CA VAL A 104 27.74 68.38 -89.87
C VAL A 104 27.18 69.76 -89.54
N SER A 105 28.07 70.68 -89.16
CA SER A 105 27.67 72.06 -88.93
C SER A 105 27.42 72.74 -90.27
N PHE A 106 26.39 72.30 -90.98
CA PHE A 106 26.08 72.83 -92.30
C PHE A 106 25.65 74.28 -92.21
N ARG A 107 26.02 75.05 -93.23
CA ARG A 107 25.75 76.49 -93.27
C ARG A 107 24.25 76.71 -93.41
N LEU A 108 23.61 77.19 -92.33
CA LEU A 108 22.19 77.51 -92.40
C LEU A 108 21.97 78.94 -92.88
N GLY A 109 22.91 79.83 -92.63
CA GLY A 109 22.83 81.18 -93.14
C GLY A 109 24.20 81.68 -93.53
N SER A 110 24.23 82.51 -94.57
CA SER A 110 25.42 83.27 -94.95
C SER A 110 24.89 84.62 -95.45
N PHE A 111 24.76 85.57 -94.53
CA PHE A 111 24.04 86.81 -94.79
C PHE A 111 25.05 87.95 -94.89
N ASN A 112 25.11 88.58 -96.05
CA ASN A 112 26.02 89.69 -96.29
C ASN A 112 25.45 90.97 -95.68
N LEU A 113 25.82 91.24 -94.44
CA LEU A 113 25.39 92.46 -93.77
C LEU A 113 26.09 93.67 -94.36
N GLU A 114 25.65 94.85 -93.94
CA GLU A 114 26.30 96.11 -94.29
C GLU A 114 26.34 96.99 -93.06
N LYS A 115 27.39 97.81 -92.94
CA LYS A 115 27.52 98.69 -91.80
C LYS A 115 26.36 99.69 -91.76
N VAL A 116 25.77 99.85 -90.58
CA VAL A 116 24.65 100.78 -90.43
C VAL A 116 25.17 102.21 -90.51
N GLU A 117 24.31 103.10 -90.99
CA GLU A 117 24.65 104.53 -91.03
C GLU A 117 24.88 105.06 -89.62
N ASN A 118 24.02 104.69 -88.69
CA ASN A 118 24.13 105.09 -87.30
C ASN A 118 23.42 104.04 -86.44
N PRO A 119 24.11 103.42 -85.49
CA PRO A 119 23.45 102.40 -84.66
C PRO A 119 22.30 102.94 -83.83
N ALA A 120 22.21 104.26 -83.65
CA ALA A 120 21.19 104.82 -82.77
C ALA A 120 19.78 104.46 -83.22
N GLU A 121 19.54 104.42 -84.54
CA GLU A 121 18.20 104.11 -85.04
C GLU A 121 17.78 102.69 -84.68
N VAL A 122 18.66 101.72 -84.96
CA VAL A 122 18.32 100.34 -84.61
C VAL A 122 18.33 100.15 -83.11
N ILE A 123 19.04 101.00 -82.36
CA ILE A 123 18.96 100.94 -80.90
C ILE A 123 17.58 101.40 -80.42
N ARG A 124 17.04 102.45 -81.06
CA ARG A 124 15.67 102.85 -80.75
C ARG A 124 14.67 101.76 -81.12
N GLU A 125 14.89 101.09 -82.26
CA GLU A 125 14.08 99.93 -82.59
C GLU A 125 14.19 98.85 -81.52
N LEU A 126 15.40 98.62 -81.03
CA LEU A 126 15.63 97.61 -80.01
C LEU A 126 14.90 97.96 -78.72
N ILE A 127 14.90 99.24 -78.35
CA ILE A 127 14.25 99.64 -77.10
C ILE A 127 12.75 99.81 -77.24
N CYS A 128 12.20 99.88 -78.46
CA CYS A 128 10.75 99.80 -78.61
C CYS A 128 10.28 98.35 -78.64
N TYR A 129 11.05 97.47 -79.30
CA TYR A 129 10.83 96.05 -79.07
C TYR A 129 10.96 95.73 -77.59
N CYS A 130 11.80 96.49 -76.87
CA CYS A 130 11.87 96.34 -75.43
C CYS A 130 10.56 96.70 -74.73
N LEU A 131 9.81 97.67 -75.24
CA LEU A 131 8.49 97.92 -74.66
C LEU A 131 7.53 96.77 -74.96
N ASP A 132 7.62 96.21 -76.17
CA ASP A 132 6.82 95.00 -76.45
C ASP A 132 7.21 93.87 -75.50
N THR A 133 8.50 93.70 -75.27
CA THR A 133 8.92 92.81 -74.20
C THR A 133 8.18 93.14 -72.93
N ILE A 134 8.33 94.38 -72.42
CA ILE A 134 7.67 94.81 -71.19
C ILE A 134 6.20 94.45 -71.17
N ALA A 135 5.64 94.10 -72.35
CA ALA A 135 4.24 93.59 -72.38
C ALA A 135 4.26 92.25 -73.13
N GLU A 136 4.81 91.19 -72.51
CA GLU A 136 4.95 89.92 -73.29
C GLU A 136 4.74 88.61 -72.52
N ASN A 137 5.24 88.44 -71.27
CA ASN A 137 5.12 87.09 -70.63
C ASN A 137 4.97 87.06 -69.10
N GLN A 138 4.42 88.09 -68.42
CA GLN A 138 4.15 88.03 -66.94
C GLN A 138 3.74 89.37 -66.36
N ALA A 139 2.67 89.98 -66.86
CA ALA A 139 2.14 91.24 -66.29
C ALA A 139 0.67 91.36 -66.68
N LYS A 140 0.28 90.73 -67.80
CA LYS A 140 -1.17 90.73 -68.09
C LYS A 140 -1.75 89.85 -67.01
N ASN A 141 -0.88 89.38 -66.10
CA ASN A 141 -1.40 88.66 -64.92
C ASN A 141 -2.42 89.64 -64.38
N GLU A 142 -1.98 90.83 -63.94
CA GLU A 142 -2.93 91.89 -63.48
C GLU A 142 -4.22 91.82 -64.29
N HIS A 143 -4.14 91.78 -65.63
CA HIS A 143 -5.37 91.79 -66.47
C HIS A 143 -6.24 90.55 -66.21
N LEU A 144 -5.80 89.36 -66.61
CA LEU A 144 -6.57 88.16 -66.29
C LEU A 144 -6.55 87.84 -64.80
N GLN A 145 -5.87 88.63 -63.98
CA GLN A 145 -5.98 88.51 -62.53
C GLN A 145 -7.03 89.43 -61.96
N LYS A 146 -7.25 90.59 -62.59
CA LYS A 146 -8.53 91.26 -62.40
C LYS A 146 -9.66 90.29 -62.72
N GLU A 147 -9.54 89.60 -63.84
CA GLU A 147 -10.53 88.56 -64.19
C GLU A 147 -10.53 87.43 -63.16
N ASN A 148 -9.36 87.07 -62.64
CA ASN A 148 -9.25 85.99 -61.66
C ASN A 148 -9.98 86.35 -60.37
N GLU A 149 -9.81 87.59 -59.90
CA GLU A 149 -10.54 88.06 -58.73
C GLU A 149 -12.03 88.07 -58.99
N ARG A 150 -12.44 88.56 -60.17
CA ARG A 150 -13.86 88.55 -60.51
C ARG A 150 -14.42 87.13 -60.48
N LEU A 151 -13.70 86.18 -61.07
CA LEU A 151 -14.17 84.80 -61.12
C LEU A 151 -14.14 84.13 -59.77
N LEU A 152 -13.14 84.44 -58.94
CA LEU A 152 -13.11 83.89 -57.59
C LEU A 152 -14.30 84.38 -56.78
N ARG A 153 -14.54 85.69 -56.76
CA ARG A 153 -15.65 86.22 -55.99
C ARG A 153 -16.98 85.70 -56.52
N ASP A 154 -17.16 85.68 -57.84
CA ASP A 154 -18.44 85.24 -58.38
C ASP A 154 -18.66 83.75 -58.17
N TRP A 155 -17.59 82.95 -58.29
CA TRP A 155 -17.72 81.50 -58.08
C TRP A 155 -18.06 81.20 -56.63
N ASN A 156 -17.40 81.88 -55.67
CA ASN A 156 -17.76 81.68 -54.27
C ASN A 156 -19.19 82.12 -54.00
N ASP A 157 -19.59 83.26 -54.57
CA ASP A 157 -20.97 83.71 -54.46
C ASP A 157 -21.94 82.65 -54.95
N VAL A 158 -21.67 82.09 -56.13
CA VAL A 158 -22.60 81.14 -56.73
C VAL A 158 -22.62 79.85 -55.93
N GLN A 159 -21.46 79.42 -55.42
CA GLN A 159 -21.41 78.21 -54.60
C GLN A 159 -22.27 78.37 -53.36
N GLY A 160 -22.12 79.49 -52.67
CA GLY A 160 -22.97 79.75 -51.51
C GLY A 160 -24.44 79.79 -51.88
N ARG A 161 -24.77 80.50 -52.96
CA ARG A 161 -26.18 80.64 -53.35
C ARG A 161 -26.77 79.30 -53.76
N PHE A 162 -26.00 78.47 -54.47
CA PHE A 162 -26.49 77.16 -54.89
C PHE A 162 -26.71 76.24 -53.69
N GLU A 163 -25.78 76.26 -52.74
CA GLU A 163 -25.98 75.46 -51.53
C GLU A 163 -27.22 75.91 -50.78
N LYS A 164 -27.38 77.23 -50.63
CA LYS A 164 -28.56 77.74 -49.96
C LYS A 164 -29.83 77.44 -50.76
N CYS A 165 -29.73 77.36 -52.09
CA CYS A 165 -30.92 77.09 -52.90
C CYS A 165 -31.33 75.62 -52.84
N VAL A 166 -30.36 74.70 -52.80
CA VAL A 166 -30.76 73.30 -52.65
C VAL A 166 -31.32 73.06 -51.25
N SER A 167 -30.68 73.64 -50.23
CA SER A 167 -31.24 73.56 -48.89
C SER A 167 -32.64 74.17 -48.83
N ALA A 168 -32.82 75.31 -49.51
CA ALA A 168 -34.10 75.99 -49.53
C ALA A 168 -35.13 75.22 -50.33
N LYS A 169 -34.72 74.49 -51.36
CA LYS A 169 -35.66 73.67 -52.12
C LYS A 169 -36.15 72.50 -51.29
N GLU A 170 -35.24 71.85 -50.55
CA GLU A 170 -35.69 70.78 -49.66
C GLU A 170 -36.58 71.32 -48.54
N ALA A 171 -36.18 72.47 -47.96
CA ALA A 171 -37.00 73.09 -46.93
C ALA A 171 -38.36 73.51 -47.49
N LEU A 172 -38.39 73.97 -48.72
CA LEU A 172 -39.65 74.34 -49.35
C LEU A 172 -40.52 73.11 -49.57
N GLU A 173 -39.93 72.00 -50.01
CA GLU A 173 -40.70 70.78 -50.15
C GLU A 173 -41.35 70.40 -48.82
N THR A 174 -40.55 70.33 -47.75
CA THR A 174 -41.10 69.85 -46.49
C THR A 174 -42.09 70.86 -45.89
N ASP A 175 -41.78 72.15 -45.96
CA ASP A 175 -42.66 73.13 -45.32
C ASP A 175 -43.94 73.33 -46.13
N LEU A 176 -43.86 73.27 -47.46
CA LEU A 176 -45.06 73.30 -48.27
C LEU A 176 -45.92 72.07 -48.01
N TYR A 177 -45.29 70.90 -47.88
CA TYR A 177 -46.06 69.71 -47.49
C TYR A 177 -46.78 69.96 -46.17
N LYS A 178 -46.07 70.47 -45.18
CA LYS A 178 -46.68 70.72 -43.88
C LYS A 178 -47.83 71.71 -44.00
N ARG A 179 -47.61 72.83 -44.70
CA ARG A 179 -48.62 73.87 -44.79
C ARG A 179 -49.86 73.38 -45.54
N PHE A 180 -49.66 72.74 -46.69
CA PHE A 180 -50.78 72.27 -47.49
C PHE A 180 -51.57 71.21 -46.73
N ILE A 181 -50.87 70.28 -46.07
CA ILE A 181 -51.59 69.25 -45.33
C ILE A 181 -52.31 69.86 -44.14
N LEU A 182 -51.74 70.90 -43.51
CA LEU A 182 -52.44 71.61 -42.45
C LEU A 182 -53.74 72.20 -42.98
N VAL A 183 -53.68 72.84 -44.15
CA VAL A 183 -54.88 73.45 -44.72
C VAL A 183 -55.93 72.38 -45.02
N LEU A 184 -55.51 71.27 -45.63
CA LEU A 184 -56.46 70.22 -45.99
C LEU A 184 -57.07 69.58 -44.75
N ASN A 185 -56.27 69.34 -43.71
CA ASN A 185 -56.79 68.70 -42.52
C ASN A 185 -57.65 69.67 -41.70
N GLU A 186 -57.35 70.97 -41.75
CA GLU A 186 -58.25 71.94 -41.14
C GLU A 186 -59.58 71.99 -41.88
N LYS A 187 -59.54 71.94 -43.21
CA LYS A 187 -60.78 71.84 -43.97
C LYS A 187 -61.54 70.57 -43.62
N LYS A 188 -60.81 69.46 -43.43
CA LYS A 188 -61.44 68.19 -43.08
C LYS A 188 -62.03 68.23 -41.68
N THR A 189 -61.37 68.93 -40.75
CA THR A 189 -61.92 69.07 -39.41
C THR A 189 -63.15 69.97 -39.41
N LYS A 190 -63.13 71.03 -40.21
CA LYS A 190 -64.32 71.86 -40.38
C LYS A 190 -65.45 71.05 -41.00
N ILE A 191 -65.12 70.16 -41.94
CA ILE A 191 -66.11 69.25 -42.51
C ILE A 191 -66.65 68.32 -41.43
N ARG A 192 -65.77 67.81 -40.58
CA ARG A 192 -66.21 66.96 -39.47
C ARG A 192 -67.23 67.69 -38.59
N SER A 193 -66.89 68.92 -38.20
CA SER A 193 -67.80 69.70 -37.36
C SER A 193 -69.10 70.03 -38.08
N LEU A 194 -69.01 70.39 -39.36
CA LEU A 194 -70.22 70.73 -40.12
C LEU A 194 -71.13 69.53 -40.28
N HIS A 195 -70.55 68.35 -40.54
CA HIS A 195 -71.35 67.14 -40.62
C HIS A 195 -71.95 66.79 -39.27
N ASN A 196 -71.19 66.97 -38.19
CA ASN A 196 -71.70 66.67 -36.86
C ASN A 196 -72.89 67.56 -36.51
N LYS A 197 -72.80 68.86 -36.82
CA LYS A 197 -73.92 69.75 -36.55
C LYS A 197 -75.04 69.59 -37.57
N LEU A 198 -74.75 69.06 -38.76
CA LEU A 198 -75.80 68.66 -39.68
C LEU A 198 -76.60 67.51 -39.10
N LEU A 199 -75.93 66.55 -38.46
CA LEU A 199 -76.63 65.50 -37.73
C LEU A 199 -77.48 66.10 -36.62
N ASN A 200 -77.02 67.21 -36.02
CA ASN A 200 -77.83 67.92 -35.03
C ASN A 200 -78.87 68.83 -35.68
N ALA A 201 -78.82 69.02 -36.99
CA ALA A 201 -79.77 69.88 -37.68
C ALA A 201 -80.83 69.03 -38.38
N MET B 1 22.69 97.74 -55.16
CA MET B 1 21.64 97.02 -55.87
C MET B 1 21.88 97.05 -57.38
N GLU B 2 21.19 96.16 -58.09
CA GLU B 2 21.48 95.94 -59.51
C GLU B 2 21.16 97.19 -60.33
N ARG B 3 22.02 97.46 -61.31
CA ARG B 3 21.89 98.64 -62.17
C ARG B 3 20.65 98.48 -63.04
N LYS B 4 19.58 99.18 -62.68
CA LYS B 4 18.32 99.14 -63.41
C LYS B 4 18.23 100.31 -64.38
N ILE B 5 17.89 100.04 -65.63
CA ILE B 5 17.84 101.07 -66.66
C ILE B 5 16.60 101.93 -66.46
N SER B 6 16.82 103.21 -66.21
CA SER B 6 15.76 104.22 -66.19
C SER B 6 15.98 105.10 -67.41
N ARG B 7 15.28 104.79 -68.50
CA ARG B 7 15.48 105.49 -69.76
C ARG B 7 15.06 106.96 -69.61
N ILE B 8 15.93 107.85 -70.08
CA ILE B 8 15.69 109.28 -70.02
C ILE B 8 15.85 109.87 -71.41
N HIS B 9 15.08 110.91 -71.70
CA HIS B 9 15.12 111.60 -72.98
C HIS B 9 15.69 112.99 -72.77
N LEU B 10 16.89 113.22 -73.30
CA LEU B 10 17.49 114.54 -73.21
C LEU B 10 16.70 115.55 -74.03
N VAL B 11 16.60 116.77 -73.50
CA VAL B 11 16.06 117.86 -74.30
C VAL B 11 17.08 118.33 -75.34
N SER B 12 18.37 118.12 -75.09
CA SER B 12 19.40 118.45 -76.07
C SER B 12 19.47 117.41 -77.18
N GLU B 13 19.26 116.14 -76.87
CA GLU B 13 19.36 115.06 -77.86
C GLU B 13 18.26 114.04 -77.60
N PRO B 14 17.03 114.34 -78.02
CA PRO B 14 15.94 113.38 -77.83
C PRO B 14 15.97 112.22 -78.81
N SER B 15 16.65 112.35 -79.94
CA SER B 15 16.67 111.32 -80.96
C SER B 15 17.28 110.03 -80.43
N ILE B 16 18.56 110.06 -80.07
CA ILE B 16 19.21 108.92 -79.43
C ILE B 16 19.04 109.13 -77.93
N THR B 17 17.93 108.61 -77.41
CA THR B 17 17.60 108.80 -76.01
C THR B 17 18.59 108.07 -75.11
N HIS B 18 18.77 108.61 -73.91
CA HIS B 18 19.69 108.02 -72.96
C HIS B 18 18.98 107.03 -72.05
N PHE B 19 19.77 106.33 -71.25
CA PHE B 19 19.26 105.28 -70.36
C PHE B 19 20.04 105.39 -69.05
N LEU B 20 19.49 106.16 -68.11
CA LEU B 20 20.11 106.34 -66.79
C LEU B 20 19.93 105.04 -66.00
N GLN B 21 20.76 104.06 -66.33
CA GLN B 21 20.77 102.78 -65.60
C GLN B 21 21.45 103.03 -64.25
N VAL B 22 20.67 103.62 -63.34
CA VAL B 22 21.19 104.11 -62.07
C VAL B 22 21.06 102.99 -61.05
N SER B 23 22.19 102.53 -60.54
CA SER B 23 22.24 101.59 -59.43
C SER B 23 22.32 102.31 -58.09
N TRP B 24 21.28 103.09 -57.75
CA TRP B 24 21.32 103.89 -56.54
C TRP B 24 21.51 102.99 -55.33
N GLU B 25 22.48 103.32 -54.49
CA GLU B 25 22.74 102.56 -53.27
C GLU B 25 22.08 103.29 -52.11
N LYS B 26 20.82 102.91 -51.83
CA LYS B 26 20.05 103.28 -50.65
C LYS B 26 19.89 104.79 -50.47
N THR B 27 20.38 105.58 -51.41
CA THR B 27 20.31 107.03 -51.31
C THR B 27 20.78 107.63 -52.64
N LEU B 28 20.69 108.95 -52.75
CA LEU B 28 21.21 109.69 -53.88
C LEU B 28 22.16 110.81 -53.47
N GLU B 29 22.54 110.86 -52.19
CA GLU B 29 23.43 111.90 -51.69
C GLU B 29 24.57 111.39 -50.83
N SER B 30 24.52 110.15 -50.35
CA SER B 30 25.58 109.57 -49.51
C SER B 30 25.98 108.21 -50.06
N GLY B 31 26.21 108.13 -51.36
CA GLY B 31 26.65 106.92 -52.01
C GLY B 31 25.67 106.37 -53.03
N PHE B 32 26.01 106.52 -54.31
CA PHE B 32 25.22 105.95 -55.39
C PHE B 32 26.10 105.81 -56.62
N VAL B 33 25.69 104.93 -57.53
CA VAL B 33 26.42 104.65 -58.75
C VAL B 33 25.44 104.75 -59.91
N ILE B 34 25.80 105.53 -60.93
CA ILE B 34 24.95 105.74 -62.09
C ILE B 34 25.69 105.31 -63.33
N THR B 35 25.11 104.36 -64.07
CA THR B 35 25.64 103.92 -65.34
C THR B 35 24.72 104.46 -66.43
N LEU B 36 25.14 105.52 -67.11
CA LEU B 36 24.35 106.17 -68.14
C LEU B 36 24.80 105.67 -69.51
N THR B 37 23.82 105.40 -70.38
CA THR B 37 24.10 105.10 -71.76
C THR B 37 23.04 105.75 -72.63
N ASP B 38 23.39 106.01 -73.88
CA ASP B 38 22.44 106.43 -74.90
C ASP B 38 21.92 105.25 -75.70
N GLY B 39 22.23 104.03 -75.27
CA GLY B 39 21.95 102.84 -76.04
C GLY B 39 23.06 102.41 -76.97
N HIS B 40 24.04 103.28 -77.21
CA HIS B 40 25.17 103.01 -78.10
C HIS B 40 26.47 102.83 -77.35
N SER B 41 26.86 103.82 -76.55
CA SER B 41 28.07 103.76 -75.74
C SER B 41 27.69 103.87 -74.27
N ALA B 42 28.27 102.99 -73.46
CA ALA B 42 27.88 102.85 -72.05
C ALA B 42 28.83 103.65 -71.18
N TRP B 43 28.33 104.75 -70.60
CA TRP B 43 29.06 105.46 -69.56
C TRP B 43 28.67 104.86 -68.21
N THR B 44 29.22 103.68 -67.94
CA THR B 44 29.01 103.02 -66.66
C THR B 44 29.84 103.76 -65.61
N GLY B 45 29.20 104.67 -64.90
CA GLY B 45 29.90 105.51 -63.94
C GLY B 45 29.77 105.08 -62.51
N THR B 46 30.82 104.45 -61.97
CA THR B 46 30.89 104.15 -60.54
C THR B 46 31.15 105.45 -59.78
N VAL B 47 30.12 106.29 -59.75
CA VAL B 47 30.26 107.66 -59.28
C VAL B 47 30.28 107.69 -57.76
N SER B 48 30.82 108.77 -57.22
CA SER B 48 30.92 108.98 -55.79
C SER B 48 30.20 110.27 -55.41
N GLU B 49 30.32 110.64 -54.14
CA GLU B 49 29.72 111.86 -53.63
C GLU B 49 30.65 113.06 -53.73
N SER B 50 31.90 112.86 -54.16
CA SER B 50 32.84 113.96 -54.32
C SER B 50 32.53 114.82 -55.54
N GLU B 51 31.47 114.53 -56.27
CA GLU B 51 31.12 115.29 -57.46
C GLU B 51 29.70 115.85 -57.45
N ILE B 52 28.78 115.28 -56.68
CA ILE B 52 27.41 115.77 -56.63
C ILE B 52 27.00 116.21 -55.23
N SER B 53 27.42 115.48 -54.19
CA SER B 53 26.95 115.78 -52.83
C SER B 53 27.27 117.22 -52.42
N GLN B 54 28.29 117.83 -53.00
CA GLN B 54 28.55 119.24 -52.74
C GLN B 54 27.50 120.15 -53.36
N GLU B 55 26.84 119.70 -54.44
CA GLU B 55 25.71 120.47 -54.98
C GLU B 55 24.66 120.72 -53.92
N ALA B 56 24.43 119.74 -53.04
CA ALA B 56 23.57 119.98 -51.90
C ALA B 56 24.11 121.11 -51.04
N ASP B 57 25.32 120.96 -50.53
CA ASP B 57 25.86 121.82 -49.50
C ASP B 57 26.38 123.16 -49.99
N ASP B 58 26.22 123.52 -51.28
CA ASP B 58 26.77 124.79 -51.74
C ASP B 58 25.75 125.80 -52.26
N MET B 59 24.49 125.42 -52.46
CA MET B 59 23.54 126.24 -53.22
C MET B 59 22.20 126.37 -52.47
N ALA B 60 22.26 126.85 -51.23
CA ALA B 60 21.04 127.08 -50.42
C ALA B 60 20.24 125.79 -50.21
N MET B 61 20.68 124.92 -49.30
CA MET B 61 19.89 123.71 -48.97
C MET B 61 18.73 124.17 -48.08
N GLU B 62 17.57 124.46 -48.69
CA GLU B 62 16.41 125.00 -47.91
C GLU B 62 15.61 123.86 -47.28
N LYS B 63 14.28 123.88 -47.44
CA LYS B 63 13.44 122.86 -46.76
C LYS B 63 12.12 122.66 -47.50
N GLY B 64 12.17 122.19 -48.74
CA GLY B 64 10.94 122.03 -49.54
C GLY B 64 10.88 120.73 -50.29
N LYS B 65 11.78 120.55 -51.27
CA LYS B 65 11.75 119.31 -52.11
C LYS B 65 13.14 119.03 -52.68
N TYR B 66 13.81 117.98 -52.21
CA TYR B 66 15.09 117.58 -52.81
C TYR B 66 15.14 116.12 -53.22
N VAL B 67 14.58 115.22 -52.41
CA VAL B 67 14.66 113.80 -52.74
C VAL B 67 13.84 113.50 -53.99
N GLY B 68 12.62 114.03 -54.05
CA GLY B 68 11.81 113.87 -55.25
C GLY B 68 12.42 114.52 -56.47
N GLU B 69 13.10 115.65 -56.28
CA GLU B 69 13.74 116.33 -57.41
C GLU B 69 14.78 115.43 -58.05
N LEU B 70 15.71 114.89 -57.25
CA LEU B 70 16.73 114.01 -57.78
C LEU B 70 16.14 112.70 -58.27
N ARG B 71 15.05 112.24 -57.65
CA ARG B 71 14.40 110.99 -58.08
C ARG B 71 13.79 111.13 -59.47
N LYS B 72 13.00 112.18 -59.69
CA LYS B 72 12.46 112.42 -61.01
C LYS B 72 13.54 112.83 -62.00
N ALA B 73 14.67 113.32 -61.50
CA ALA B 73 15.78 113.71 -62.37
C ALA B 73 16.47 112.52 -63.02
N LEU B 74 16.31 111.32 -62.46
CA LEU B 74 16.91 110.12 -63.03
C LEU B 74 15.97 109.37 -63.98
N LEU B 75 14.78 109.88 -64.21
CA LEU B 75 13.82 109.30 -65.13
C LEU B 75 13.59 110.26 -66.30
N SER B 76 12.70 109.86 -67.21
CA SER B 76 12.39 110.68 -68.38
C SER B 76 11.63 111.93 -67.98
N VAL B 83 10.85 115.88 -64.40
CA VAL B 83 11.46 116.09 -65.70
C VAL B 83 12.12 117.47 -65.76
N TYR B 84 13.34 117.51 -66.29
CA TYR B 84 14.09 118.76 -66.40
C TYR B 84 14.85 118.73 -67.73
N THR B 85 15.77 119.67 -67.90
CA THR B 85 16.55 119.79 -69.13
C THR B 85 17.76 118.85 -69.07
N PHE B 86 17.47 117.56 -69.11
CA PHE B 86 18.52 116.54 -69.07
C PHE B 86 19.51 116.74 -70.22
N ASN B 87 20.76 117.05 -69.90
CA ASN B 87 21.80 117.29 -70.89
C ASN B 87 23.06 116.55 -70.43
N PHE B 88 23.24 115.33 -70.93
CA PHE B 88 24.46 114.58 -70.64
C PHE B 88 25.51 114.91 -71.67
N SER B 89 26.70 115.31 -71.21
CA SER B 89 27.81 115.59 -72.11
C SER B 89 28.51 114.28 -72.47
N LYS B 90 28.48 113.94 -73.76
CA LYS B 90 29.12 112.70 -74.21
C LYS B 90 30.63 112.74 -73.97
N GLU B 91 31.25 113.89 -74.23
CA GLU B 91 32.70 113.98 -74.18
C GLU B 91 33.22 113.93 -72.75
N SER B 92 32.59 114.67 -71.84
CA SER B 92 33.08 114.77 -70.47
C SER B 92 32.46 113.73 -69.54
N CYS B 93 31.56 112.88 -70.04
CA CYS B 93 30.91 111.85 -69.23
C CYS B 93 30.21 112.48 -68.03
N TYR B 94 29.58 113.63 -68.26
CA TYR B 94 29.00 114.43 -67.19
C TYR B 94 27.56 114.76 -67.56
N PHE B 95 26.64 114.48 -66.63
CA PHE B 95 25.22 114.64 -66.86
C PHE B 95 24.69 115.76 -65.98
N PHE B 96 24.04 116.75 -66.61
CA PHE B 96 23.53 117.91 -65.88
C PHE B 96 22.17 118.29 -66.45
N PHE B 97 21.46 119.14 -65.71
CA PHE B 97 20.12 119.58 -66.04
C PHE B 97 19.75 120.73 -65.12
N GLU B 98 18.79 121.54 -65.54
CA GLU B 98 18.39 122.73 -64.82
C GLU B 98 17.02 122.54 -64.19
N LYS B 99 16.91 122.85 -62.90
CA LYS B 99 15.63 122.80 -62.20
C LYS B 99 14.92 124.14 -62.36
N ASN B 100 13.61 124.08 -62.64
CA ASN B 100 12.81 125.28 -62.86
C ASN B 100 11.67 125.32 -61.84
N LEU B 101 11.49 126.47 -61.22
CA LEU B 101 10.44 126.66 -60.22
C LEU B 101 10.20 128.16 -60.06
N LYS B 102 9.44 128.52 -59.03
CA LYS B 102 8.97 129.89 -58.87
C LYS B 102 10.11 130.83 -58.49
N ASP B 103 10.22 131.94 -59.22
CA ASP B 103 11.05 133.09 -58.88
C ASP B 103 12.55 132.79 -58.96
N VAL B 104 12.91 131.54 -59.23
CA VAL B 104 14.32 131.15 -59.33
C VAL B 104 14.41 129.78 -59.99
N SER B 105 15.45 129.59 -60.80
CA SER B 105 15.69 128.33 -61.51
C SER B 105 17.06 127.80 -61.09
N PHE B 106 17.08 126.92 -60.11
CA PHE B 106 18.33 126.34 -59.62
C PHE B 106 18.82 125.23 -60.55
N ARG B 107 20.08 124.86 -60.35
CA ARG B 107 20.60 123.62 -60.90
C ARG B 107 20.40 122.50 -59.87
N LEU B 108 20.32 121.26 -60.36
CA LEU B 108 20.07 120.14 -59.47
C LEU B 108 21.16 119.08 -59.51
N GLY B 109 21.49 118.58 -60.69
CA GLY B 109 22.38 117.43 -60.81
C GLY B 109 23.67 117.76 -61.54
N SER B 110 24.78 117.27 -61.01
CA SER B 110 26.09 117.42 -61.63
C SER B 110 26.70 116.04 -61.84
N PHE B 111 25.91 115.15 -62.42
CA PHE B 111 26.24 113.72 -62.48
C PHE B 111 27.41 113.51 -63.43
N ASN B 112 28.61 113.38 -62.88
CA ASN B 112 29.82 113.11 -63.66
C ASN B 112 29.95 111.59 -63.81
N LEU B 113 29.21 111.06 -64.79
CA LEU B 113 29.04 109.62 -64.92
C LEU B 113 30.18 109.03 -65.74
N GLU B 114 31.13 108.38 -65.06
CA GLU B 114 32.30 107.82 -65.71
C GLU B 114 31.90 106.82 -66.79
N LYS B 115 32.86 106.51 -67.66
CA LYS B 115 32.64 105.60 -68.78
C LYS B 115 33.62 104.44 -68.70
N VAL B 116 33.08 103.22 -68.76
CA VAL B 116 33.92 102.03 -68.83
C VAL B 116 34.24 101.76 -70.30
N GLU B 117 35.25 100.90 -70.51
CA GLU B 117 35.69 100.58 -71.86
C GLU B 117 34.64 99.81 -72.65
N ASN B 118 33.74 99.10 -71.99
CA ASN B 118 32.75 98.29 -72.67
C ASN B 118 31.49 99.12 -72.91
N PRO B 119 31.14 99.44 -74.15
CA PRO B 119 29.90 100.17 -74.40
C PRO B 119 28.66 99.30 -74.48
N ALA B 120 28.83 97.99 -74.60
CA ALA B 120 27.70 97.06 -74.68
C ALA B 120 27.30 96.50 -73.33
N GLU B 121 27.97 96.90 -72.25
CA GLU B 121 27.60 96.40 -70.93
C GLU B 121 26.16 96.77 -70.59
N VAL B 122 25.80 98.04 -70.71
CA VAL B 122 24.43 98.44 -70.45
C VAL B 122 23.51 97.86 -71.51
N ILE B 123 24.01 97.67 -72.74
CA ILE B 123 23.18 97.11 -73.79
C ILE B 123 22.89 95.62 -73.53
N ARG B 124 23.91 94.85 -73.13
CA ARG B 124 23.68 93.46 -72.79
C ARG B 124 22.79 93.33 -71.55
N GLU B 125 22.96 94.24 -70.60
CA GLU B 125 22.04 94.27 -69.47
C GLU B 125 20.63 94.62 -69.91
N LEU B 126 20.50 95.51 -70.90
CA LEU B 126 19.19 95.84 -71.46
C LEU B 126 18.63 94.68 -72.26
N ILE B 127 19.46 93.74 -72.67
CA ILE B 127 18.97 92.54 -73.34
C ILE B 127 18.50 91.49 -72.34
N CYS B 128 19.22 91.32 -71.23
CA CYS B 128 18.62 90.61 -70.10
C CYS B 128 17.30 91.29 -69.71
N TYR B 129 17.25 92.61 -69.86
CA TYR B 129 16.03 93.35 -69.61
C TYR B 129 14.98 93.05 -70.68
N CYS B 130 15.37 92.89 -71.94
CA CYS B 130 14.35 92.53 -72.92
C CYS B 130 13.81 91.15 -72.58
N LEU B 131 14.63 90.28 -71.98
CA LEU B 131 14.17 88.95 -71.58
C LEU B 131 13.12 89.03 -70.45
N ASP B 132 13.41 89.74 -69.36
CA ASP B 132 12.41 89.74 -68.29
C ASP B 132 11.24 90.67 -68.63
N THR B 133 11.52 91.84 -69.18
CA THR B 133 10.42 92.64 -69.70
C THR B 133 9.54 91.77 -70.59
N ILE B 134 10.13 91.03 -71.54
CA ILE B 134 9.46 89.94 -72.23
C ILE B 134 8.72 89.04 -71.26
N ALA B 135 9.17 88.91 -70.02
CA ALA B 135 8.34 88.18 -69.05
C ALA B 135 7.41 89.21 -68.37
N GLU B 136 6.69 90.03 -69.16
CA GLU B 136 5.76 91.07 -68.59
C GLU B 136 4.42 91.20 -69.34
N ASN B 137 3.64 90.13 -69.56
CA ASN B 137 2.25 90.18 -70.12
C ASN B 137 1.65 88.78 -70.34
N GLN B 138 2.06 88.03 -71.37
CA GLN B 138 1.38 86.77 -71.79
C GLN B 138 1.77 85.41 -71.18
N ALA B 139 3.04 85.11 -70.88
CA ALA B 139 3.24 83.73 -70.41
C ALA B 139 2.75 83.55 -68.97
N LYS B 140 3.08 84.49 -68.08
CA LYS B 140 2.42 84.33 -66.81
C LYS B 140 0.99 84.87 -66.84
N ASN B 141 0.59 85.61 -67.88
CA ASN B 141 -0.84 85.60 -68.21
C ASN B 141 -1.36 84.18 -68.26
N GLU B 142 -0.66 83.29 -68.97
CA GLU B 142 -1.10 81.92 -69.12
C GLU B 142 -1.11 81.20 -67.78
N HIS B 143 -0.16 81.54 -66.91
CA HIS B 143 -0.16 80.97 -65.55
C HIS B 143 -1.39 81.40 -64.74
N LEU B 144 -1.50 82.70 -64.45
CA LEU B 144 -2.71 83.17 -63.77
C LEU B 144 -3.96 82.99 -64.61
N GLN B 145 -3.82 82.54 -65.84
CA GLN B 145 -4.95 82.26 -66.72
C GLN B 145 -5.43 80.83 -66.60
N LYS B 146 -4.53 79.87 -66.40
CA LYS B 146 -5.01 78.58 -65.92
C LYS B 146 -5.64 78.74 -64.55
N GLU B 147 -5.12 79.67 -63.74
CA GLU B 147 -5.78 80.01 -62.47
C GLU B 147 -7.22 80.50 -62.70
N ASN B 148 -7.37 81.60 -63.45
CA ASN B 148 -8.71 82.12 -63.64
C ASN B 148 -9.56 81.25 -64.55
N GLU B 149 -8.96 80.28 -65.25
CA GLU B 149 -9.73 79.37 -66.08
C GLU B 149 -10.27 78.20 -65.27
N ARG B 150 -9.51 77.69 -64.31
CA ARG B 150 -10.13 76.77 -63.35
C ARG B 150 -11.19 77.50 -62.54
N LEU B 151 -10.95 78.77 -62.20
CA LEU B 151 -12.00 79.56 -61.56
C LEU B 151 -13.19 79.75 -62.48
N LEU B 152 -12.94 79.97 -63.77
CA LEU B 152 -14.01 80.18 -64.74
C LEU B 152 -14.85 78.92 -64.93
N ARG B 153 -14.19 77.76 -65.02
CA ARG B 153 -14.92 76.50 -65.12
C ARG B 153 -15.69 76.21 -63.84
N ASP B 154 -15.09 76.49 -62.68
CA ASP B 154 -15.81 76.35 -61.43
C ASP B 154 -17.05 77.24 -61.42
N TRP B 155 -16.89 78.50 -61.82
CA TRP B 155 -18.01 79.43 -61.84
C TRP B 155 -19.08 78.99 -62.83
N ASN B 156 -18.67 78.50 -64.01
CA ASN B 156 -19.64 78.07 -65.02
C ASN B 156 -20.42 76.86 -64.55
N ASP B 157 -19.72 75.86 -63.99
CA ASP B 157 -20.42 74.68 -63.49
C ASP B 157 -21.33 75.03 -62.32
N VAL B 158 -20.86 75.87 -61.39
CA VAL B 158 -21.67 76.19 -60.23
C VAL B 158 -22.83 77.10 -60.63
N GLN B 159 -22.67 77.93 -61.67
CA GLN B 159 -23.79 78.75 -62.13
C GLN B 159 -24.80 77.91 -62.89
N GLY B 160 -24.34 76.90 -63.63
CA GLY B 160 -25.26 75.95 -64.23
C GLY B 160 -26.08 75.23 -63.19
N ARG B 161 -25.40 74.70 -62.15
CA ARG B 161 -26.12 74.03 -61.08
C ARG B 161 -26.95 75.00 -60.24
N PHE B 162 -26.58 76.29 -60.22
CA PHE B 162 -27.40 77.30 -59.58
C PHE B 162 -28.70 77.51 -60.34
N GLU B 163 -28.61 77.60 -61.67
CA GLU B 163 -29.81 77.62 -62.50
C GLU B 163 -30.66 76.39 -62.24
N LYS B 164 -30.02 75.21 -62.21
CA LYS B 164 -30.75 73.97 -62.02
C LYS B 164 -31.45 73.91 -60.67
N CYS B 165 -30.77 74.33 -59.61
CA CYS B 165 -31.37 74.24 -58.29
C CYS B 165 -32.48 75.27 -58.12
N VAL B 166 -32.29 76.48 -58.65
CA VAL B 166 -33.37 77.47 -58.58
C VAL B 166 -34.58 76.98 -59.36
N SER B 167 -34.36 76.44 -60.57
CA SER B 167 -35.46 75.95 -61.38
C SER B 167 -36.15 74.75 -60.72
N ALA B 168 -35.37 73.86 -60.10
CA ALA B 168 -35.95 72.70 -59.43
C ALA B 168 -36.76 73.12 -58.21
N LYS B 169 -36.27 74.11 -57.46
CA LYS B 169 -37.04 74.67 -56.35
C LYS B 169 -38.35 75.26 -56.86
N GLU B 170 -38.27 76.03 -57.95
CA GLU B 170 -39.49 76.63 -58.51
C GLU B 170 -40.48 75.59 -58.97
N ALA B 171 -39.99 74.55 -59.66
CA ALA B 171 -40.87 73.50 -60.14
C ALA B 171 -41.47 72.70 -58.99
N LEU B 172 -40.68 72.44 -57.95
CA LEU B 172 -41.19 71.72 -56.79
C LEU B 172 -42.27 72.52 -56.08
N GLU B 173 -42.02 73.82 -55.85
CA GLU B 173 -43.03 74.67 -55.25
C GLU B 173 -44.28 74.73 -56.13
N THR B 174 -44.09 74.84 -57.45
CA THR B 174 -45.21 74.92 -58.37
C THR B 174 -46.05 73.66 -58.31
N ASP B 175 -45.42 72.49 -58.40
CA ASP B 175 -46.18 71.24 -58.42
C ASP B 175 -46.86 70.99 -57.08
N LEU B 176 -46.16 71.24 -55.97
CA LEU B 176 -46.78 71.09 -54.66
C LEU B 176 -47.99 71.99 -54.54
N TYR B 177 -47.88 73.24 -55.03
CA TYR B 177 -49.00 74.16 -54.96
C TYR B 177 -50.13 73.76 -55.89
N LYS B 178 -49.80 73.18 -57.05
CA LYS B 178 -50.85 72.68 -57.95
C LYS B 178 -51.66 71.58 -57.29
N ARG B 179 -50.97 70.57 -56.75
CA ARG B 179 -51.67 69.49 -56.09
C ARG B 179 -52.44 69.98 -54.87
N PHE B 180 -51.85 70.89 -54.11
CA PHE B 180 -52.54 71.48 -52.96
C PHE B 180 -53.78 72.24 -53.40
N ILE B 181 -53.69 72.99 -54.50
CA ILE B 181 -54.83 73.73 -55.00
C ILE B 181 -55.94 72.77 -55.39
N LEU B 182 -55.59 71.67 -56.06
CA LEU B 182 -56.60 70.71 -56.49
C LEU B 182 -57.30 70.07 -55.30
N VAL B 183 -56.53 69.54 -54.34
CA VAL B 183 -57.15 68.89 -53.19
C VAL B 183 -57.83 69.90 -52.28
N LEU B 184 -57.36 71.15 -52.27
CA LEU B 184 -58.00 72.20 -51.48
C LEU B 184 -59.32 72.62 -52.10
N ASN B 185 -59.40 72.64 -53.43
CA ASN B 185 -60.69 72.84 -54.09
C ASN B 185 -61.63 71.70 -53.77
N GLU B 186 -61.11 70.47 -53.74
CA GLU B 186 -61.92 69.33 -53.29
C GLU B 186 -62.46 69.57 -51.88
N LYS B 187 -61.59 69.95 -50.95
CA LYS B 187 -62.00 70.16 -49.56
C LYS B 187 -62.98 71.32 -49.45
N LYS B 188 -62.75 72.40 -50.20
CA LYS B 188 -63.62 73.57 -50.14
C LYS B 188 -64.99 73.26 -50.72
N THR B 189 -65.05 72.52 -51.83
CA THR B 189 -66.34 72.09 -52.37
C THR B 189 -67.07 71.21 -51.37
N LYS B 190 -66.34 70.29 -50.73
CA LYS B 190 -66.96 69.42 -49.74
C LYS B 190 -67.52 70.22 -48.56
N ILE B 191 -66.75 71.16 -48.05
CA ILE B 191 -67.20 71.93 -46.89
C ILE B 191 -68.35 72.84 -47.26
N ARG B 192 -68.33 73.40 -48.48
CA ARG B 192 -69.43 74.27 -48.90
C ARG B 192 -70.71 73.47 -49.10
N SER B 193 -70.62 72.29 -49.73
CA SER B 193 -71.79 71.45 -49.88
C SER B 193 -72.32 71.00 -48.54
N LEU B 194 -71.43 70.67 -47.61
CA LEU B 194 -71.85 70.24 -46.29
C LEU B 194 -72.50 71.38 -45.51
N HIS B 195 -71.99 72.60 -45.68
CA HIS B 195 -72.63 73.76 -45.08
C HIS B 195 -74.01 74.00 -45.67
N ASN B 196 -74.15 73.81 -46.97
CA ASN B 196 -75.47 73.93 -47.60
C ASN B 196 -76.43 72.87 -47.07
N LYS B 197 -75.95 71.64 -46.89
CA LYS B 197 -76.77 70.59 -46.29
C LYS B 197 -77.15 70.95 -44.86
N LEU B 198 -76.22 71.56 -44.12
CA LEU B 198 -76.54 72.09 -42.80
C LEU B 198 -77.66 73.12 -42.87
N LEU B 199 -77.59 74.03 -43.84
CA LEU B 199 -78.61 75.06 -43.97
C LEU B 199 -79.97 74.46 -44.31
N ASN B 200 -79.98 73.46 -45.20
CA ASN B 200 -81.25 72.84 -45.59
C ASN B 200 -81.91 72.14 -44.41
N ALA B 201 -81.12 71.45 -43.58
CA ALA B 201 -81.66 70.73 -42.45
C ALA B 201 -81.99 71.67 -41.30
N LYS C 654 -63.24 32.36 -39.95
CA LYS C 654 -62.87 31.35 -38.97
C LYS C 654 -62.10 32.00 -37.83
N ILE C 655 -60.82 32.29 -38.06
CA ILE C 655 -60.03 32.99 -37.06
C ILE C 655 -60.57 34.40 -36.85
N SER C 656 -60.88 35.10 -37.93
CA SER C 656 -61.51 36.42 -37.87
C SER C 656 -62.77 36.35 -38.73
N ASN C 657 -63.92 36.17 -38.08
CA ASN C 657 -65.20 35.95 -38.77
C ASN C 657 -65.68 37.18 -39.52
N ILE C 658 -64.96 38.30 -39.49
CA ILE C 658 -65.36 39.44 -40.29
C ILE C 658 -65.26 39.12 -41.77
N PHE C 659 -64.26 38.34 -42.17
CA PHE C 659 -64.17 37.86 -43.54
C PHE C 659 -65.22 36.79 -43.85
N GLU C 660 -65.79 36.16 -42.82
CA GLU C 660 -66.94 35.30 -43.03
C GLU C 660 -68.13 36.12 -43.50
N ASP C 661 -68.99 35.49 -44.30
CA ASP C 661 -70.14 36.13 -44.94
C ASP C 661 -69.72 37.25 -45.88
N VAL C 662 -68.43 37.41 -46.12
CA VAL C 662 -67.89 38.36 -47.10
C VAL C 662 -67.01 37.53 -48.03
N GLU C 663 -67.55 37.15 -49.18
CA GLU C 663 -66.83 36.28 -50.09
C GLU C 663 -65.79 37.10 -50.86
N PHE C 664 -64.52 36.75 -50.68
CA PHE C 664 -63.43 37.39 -51.40
C PHE C 664 -63.02 36.42 -52.51
N CYS C 665 -63.41 36.75 -53.74
CA CYS C 665 -63.13 35.87 -54.87
C CYS C 665 -61.66 35.95 -55.25
N VAL C 666 -60.85 35.08 -54.67
CA VAL C 666 -59.43 35.00 -55.03
C VAL C 666 -59.36 34.03 -56.20
N MET C 667 -59.58 34.56 -57.40
CA MET C 667 -59.61 33.75 -58.60
C MET C 667 -58.29 33.77 -59.37
N SER C 668 -57.55 34.88 -59.33
CA SER C 668 -56.15 34.88 -59.76
C SER C 668 -55.47 36.02 -59.02
N GLY C 669 -54.82 35.70 -57.90
CA GLY C 669 -54.11 36.70 -57.13
C GLY C 669 -52.66 36.36 -56.95
N THR C 670 -51.77 37.16 -57.55
CA THR C 670 -50.34 36.88 -57.46
C THR C 670 -49.49 38.13 -57.23
N ASP C 671 -50.11 39.30 -57.05
CA ASP C 671 -49.34 40.52 -56.85
C ASP C 671 -48.54 40.46 -55.55
N SER C 672 -49.15 39.97 -54.48
CA SER C 672 -48.50 39.88 -53.18
C SER C 672 -48.25 38.44 -52.75
N GLN C 673 -49.28 37.61 -52.77
CA GLN C 673 -49.18 36.21 -52.41
C GLN C 673 -49.80 35.38 -53.53
N PRO C 674 -49.36 34.13 -53.71
CA PRO C 674 -49.99 33.28 -54.72
C PRO C 674 -51.46 33.07 -54.44
N LYS C 675 -52.23 32.91 -55.52
CA LYS C 675 -53.67 32.69 -55.41
C LYS C 675 -54.03 31.54 -54.48
N PRO C 676 -53.39 30.36 -54.52
CA PRO C 676 -53.69 29.35 -53.50
C PRO C 676 -53.44 29.85 -52.09
N ASP C 677 -52.37 30.62 -51.87
CA ASP C 677 -52.10 31.12 -50.53
C ASP C 677 -53.13 32.16 -50.10
N LEU C 678 -53.53 33.04 -51.02
CA LEU C 678 -54.56 34.01 -50.70
C LEU C 678 -55.89 33.33 -50.39
N GLU C 679 -56.24 32.30 -51.16
CA GLU C 679 -57.46 31.55 -50.88
C GLU C 679 -57.37 30.85 -49.52
N ASN C 680 -56.20 30.28 -49.21
CA ASN C 680 -56.03 29.62 -47.92
C ASN C 680 -56.20 30.61 -46.77
N ARG C 681 -55.62 31.80 -46.91
CA ARG C 681 -55.74 32.79 -45.84
C ARG C 681 -57.15 33.37 -45.75
N ILE C 682 -57.85 33.50 -46.88
CA ILE C 682 -59.19 34.04 -46.86
C ILE C 682 -60.16 33.04 -46.25
N ALA C 683 -59.95 31.74 -46.50
CA ALA C 683 -60.72 30.72 -45.82
C ALA C 683 -60.30 30.58 -44.35
N GLU C 684 -59.06 30.94 -44.04
CA GLU C 684 -58.62 30.98 -42.65
C GLU C 684 -59.43 31.99 -41.85
N PHE C 685 -59.93 33.03 -42.52
CA PHE C 685 -60.82 34.00 -41.90
C PHE C 685 -62.24 33.89 -42.40
N GLY C 686 -62.54 32.87 -43.20
CA GLY C 686 -63.90 32.61 -43.64
C GLY C 686 -64.28 33.17 -45.00
N GLY C 687 -63.44 33.98 -45.61
CA GLY C 687 -63.68 34.38 -46.99
C GLY C 687 -63.73 33.16 -47.87
N TYR C 688 -64.78 33.04 -48.69
CA TYR C 688 -65.03 31.80 -49.41
C TYR C 688 -64.09 31.68 -50.60
N ILE C 689 -63.44 30.51 -50.70
CA ILE C 689 -62.56 30.22 -51.83
C ILE C 689 -63.42 29.93 -53.04
N VAL C 690 -63.54 30.91 -53.94
CA VAL C 690 -64.40 30.82 -55.11
C VAL C 690 -63.60 31.27 -56.33
N GLN C 691 -63.70 30.50 -57.42
CA GLN C 691 -62.86 30.73 -58.59
C GLN C 691 -63.48 31.66 -59.62
N ASN C 692 -64.76 32.03 -59.45
CA ASN C 692 -65.42 33.01 -60.28
C ASN C 692 -66.39 33.67 -59.32
N PRO C 693 -66.49 35.02 -59.32
CA PRO C 693 -67.17 35.72 -58.22
C PRO C 693 -68.52 35.11 -57.82
N GLY C 694 -68.59 34.63 -56.59
CA GLY C 694 -69.76 33.96 -56.10
C GLY C 694 -70.89 34.93 -55.82
N PRO C 695 -72.03 34.38 -55.39
CA PRO C 695 -73.17 35.25 -55.05
C PRO C 695 -72.87 36.20 -53.92
N ASP C 696 -72.02 35.80 -52.98
CA ASP C 696 -71.64 36.63 -51.85
C ASP C 696 -70.36 37.42 -52.10
N THR C 697 -69.81 37.36 -53.32
CA THR C 697 -68.52 37.97 -53.61
C THR C 697 -68.64 39.48 -53.46
N TYR C 698 -68.01 40.01 -52.41
CA TYR C 698 -67.99 41.46 -52.20
C TYR C 698 -67.03 42.13 -53.18
N CYS C 699 -65.89 41.51 -53.44
CA CYS C 699 -64.95 42.00 -54.44
C CYS C 699 -64.04 40.84 -54.84
N VAL C 700 -63.69 40.80 -56.13
CA VAL C 700 -62.81 39.75 -56.65
C VAL C 700 -61.37 40.14 -56.30
N ILE C 701 -60.74 39.36 -55.42
CA ILE C 701 -59.35 39.60 -55.05
C ILE C 701 -58.50 39.10 -56.21
N ALA C 702 -58.09 40.01 -57.08
CA ALA C 702 -57.35 39.65 -58.27
C ALA C 702 -55.84 39.70 -57.99
N GLY C 703 -55.04 39.63 -59.05
CA GLY C 703 -53.60 39.66 -58.92
C GLY C 703 -52.91 40.25 -60.13
N SER C 704 -51.86 39.57 -60.61
CA SER C 704 -51.17 40.03 -61.80
C SER C 704 -52.11 40.08 -62.99
N GLU C 705 -51.87 41.03 -63.88
CA GLU C 705 -52.79 41.32 -64.99
C GLU C 705 -52.73 40.15 -65.97
N ASN C 706 -53.59 39.17 -65.72
CA ASN C 706 -53.60 37.93 -66.47
C ASN C 706 -54.99 37.67 -67.04
N ILE C 707 -55.22 36.45 -67.53
CA ILE C 707 -56.47 36.16 -68.23
C ILE C 707 -57.67 36.35 -67.29
N ARG C 708 -57.52 36.00 -66.01
CA ARG C 708 -58.61 36.18 -65.07
C ARG C 708 -58.78 37.65 -64.69
N VAL C 709 -57.67 38.35 -64.46
CA VAL C 709 -57.74 39.77 -64.14
C VAL C 709 -58.34 40.55 -65.30
N LYS C 710 -57.93 40.22 -66.53
CA LYS C 710 -58.52 40.87 -67.69
C LYS C 710 -59.95 40.42 -67.94
N ASN C 711 -60.33 39.22 -67.49
CA ASN C 711 -61.75 38.86 -67.52
C ASN C 711 -62.55 39.77 -66.60
N ILE C 712 -62.04 40.02 -65.39
CA ILE C 712 -62.73 40.90 -64.46
C ILE C 712 -62.76 42.33 -65.00
N ILE C 713 -61.68 42.75 -65.67
CA ILE C 713 -61.65 44.09 -66.23
C ILE C 713 -62.65 44.23 -67.36
N LEU C 714 -62.62 43.28 -68.31
CA LEU C 714 -63.56 43.32 -69.43
C LEU C 714 -64.99 43.10 -68.95
N SER C 715 -65.18 42.16 -68.04
CA SER C 715 -66.49 41.86 -67.45
C SER C 715 -66.41 42.25 -65.98
N ASN C 716 -66.82 43.48 -65.68
CA ASN C 716 -66.71 44.00 -64.32
C ASN C 716 -67.76 43.34 -63.42
N LYS C 717 -67.56 42.07 -63.11
CA LYS C 717 -68.40 41.42 -62.11
C LYS C 717 -68.09 41.98 -60.72
N HIS C 718 -66.81 42.20 -60.43
CA HIS C 718 -66.36 42.84 -59.21
C HIS C 718 -65.06 43.58 -59.52
N ASP C 719 -64.32 43.93 -58.48
CA ASP C 719 -63.08 44.67 -58.66
C ASP C 719 -61.94 43.74 -59.07
N VAL C 720 -60.89 44.33 -59.63
CA VAL C 720 -59.59 43.70 -59.73
C VAL C 720 -58.84 44.20 -58.50
N VAL C 721 -58.91 43.42 -57.42
CA VAL C 721 -58.30 43.83 -56.17
C VAL C 721 -56.86 43.33 -56.13
N LYS C 722 -55.93 44.26 -56.00
CA LYS C 722 -54.56 43.86 -55.70
C LYS C 722 -54.53 43.24 -54.32
N PRO C 723 -53.91 42.08 -54.15
CA PRO C 723 -53.95 41.39 -52.86
C PRO C 723 -53.24 42.14 -51.74
N ALA C 724 -52.70 43.33 -52.02
CA ALA C 724 -52.21 44.19 -50.95
C ALA C 724 -53.36 44.78 -50.14
N TRP C 725 -54.49 45.02 -50.78
CA TRP C 725 -55.71 45.36 -50.05
C TRP C 725 -56.12 44.23 -49.12
N LEU C 726 -56.03 43.00 -49.61
CA LEU C 726 -56.26 41.85 -48.75
C LEU C 726 -55.19 41.72 -47.68
N LEU C 727 -53.97 42.16 -47.95
CA LEU C 727 -52.93 42.18 -46.91
C LEU C 727 -53.28 43.14 -45.80
N GLU C 728 -53.72 44.35 -46.15
CA GLU C 728 -54.13 45.29 -45.12
C GLU C 728 -55.36 44.79 -44.37
N CYS C 729 -56.24 44.03 -45.04
CA CYS C 729 -57.35 43.40 -44.35
C CYS C 729 -56.87 42.33 -43.37
N PHE C 730 -55.87 41.54 -43.79
CA PHE C 730 -55.39 40.43 -42.97
C PHE C 730 -54.59 40.91 -41.77
N LYS C 731 -53.71 41.88 -41.98
CA LYS C 731 -52.85 42.36 -40.90
C LYS C 731 -53.69 42.97 -39.79
N THR C 732 -54.72 43.73 -40.15
CA THR C 732 -55.70 44.19 -39.18
C THR C 732 -56.56 43.07 -38.63
N LYS C 733 -56.50 41.88 -39.24
CA LYS C 733 -57.38 40.77 -38.89
C LYS C 733 -58.84 41.16 -39.01
N SER C 734 -59.11 42.11 -39.90
CA SER C 734 -60.45 42.65 -40.09
C SER C 734 -60.55 43.21 -41.50
N PHE C 735 -61.70 42.98 -42.12
CA PHE C 735 -61.97 43.51 -43.45
C PHE C 735 -61.77 45.03 -43.47
N VAL C 736 -60.77 45.49 -44.22
CA VAL C 736 -60.51 46.92 -44.39
C VAL C 736 -61.34 47.39 -45.57
N PRO C 737 -62.07 48.51 -45.46
CA PRO C 737 -62.94 48.95 -46.56
C PRO C 737 -62.15 49.23 -47.82
N TRP C 738 -62.91 49.42 -48.91
CA TRP C 738 -62.31 49.64 -50.22
C TRP C 738 -61.48 50.92 -50.23
N GLN C 739 -60.28 50.83 -50.78
CA GLN C 739 -59.38 51.98 -50.83
C GLN C 739 -58.86 52.19 -52.25
N PRO C 740 -58.83 53.44 -52.72
CA PRO C 740 -58.37 53.69 -54.10
C PRO C 740 -56.85 53.69 -54.21
N ARG C 741 -56.21 52.66 -53.65
CA ARG C 741 -54.76 52.56 -53.71
C ARG C 741 -54.27 51.16 -54.01
N PHE C 742 -55.13 50.14 -53.99
CA PHE C 742 -54.72 48.78 -54.34
C PHE C 742 -55.46 48.26 -55.56
N MET C 743 -56.79 48.28 -55.53
CA MET C 743 -57.59 47.71 -56.62
C MET C 743 -57.40 48.54 -57.87
N ILE C 744 -56.71 47.97 -58.86
CA ILE C 744 -56.48 48.67 -60.12
C ILE C 744 -57.80 48.87 -60.86
N HIS C 745 -58.50 47.78 -61.14
CA HIS C 745 -59.83 47.83 -61.72
C HIS C 745 -60.85 47.52 -60.64
N MET C 746 -61.98 48.21 -60.69
CA MET C 746 -62.96 48.08 -59.61
C MET C 746 -64.35 48.32 -60.16
N CYS C 747 -65.34 47.82 -59.41
CA CYS C 747 -66.73 48.05 -59.76
C CYS C 747 -67.07 49.52 -59.51
N PRO C 748 -68.11 50.04 -60.16
CA PRO C 748 -68.52 51.43 -59.90
C PRO C 748 -68.86 51.69 -58.46
N SER C 749 -69.42 50.70 -57.75
CA SER C 749 -69.64 50.84 -56.32
C SER C 749 -68.33 51.04 -55.57
N THR C 750 -67.24 50.50 -56.09
CA THR C 750 -65.96 50.66 -55.42
C THR C 750 -65.40 52.07 -55.60
N LYS C 751 -65.56 52.65 -56.79
CA LYS C 751 -65.24 54.07 -56.96
C LYS C 751 -66.15 54.94 -56.11
N GLU C 752 -67.42 54.55 -55.98
CA GLU C 752 -68.33 55.27 -55.10
C GLU C 752 -67.84 55.22 -53.65
N HIS C 753 -67.32 54.06 -53.23
CA HIS C 753 -66.75 53.97 -51.88
C HIS C 753 -65.50 54.83 -51.74
N PHE C 754 -64.67 54.85 -52.79
CA PHE C 754 -63.51 55.75 -52.81
C PHE C 754 -63.95 57.18 -52.53
N ALA C 755 -64.96 57.65 -53.27
CA ALA C 755 -65.49 58.99 -53.02
C ALA C 755 -66.21 59.09 -51.68
N ARG C 756 -66.67 57.96 -51.14
CA ARG C 756 -67.42 57.97 -49.89
C ARG C 756 -66.51 58.27 -48.70
N GLU C 757 -65.38 57.57 -48.62
CA GLU C 757 -64.48 57.73 -47.48
C GLU C 757 -63.15 58.38 -47.84
N TYR C 758 -62.95 58.76 -49.09
CA TYR C 758 -61.80 59.55 -49.49
C TYR C 758 -62.24 60.59 -50.51
N ASP C 759 -61.31 61.45 -50.90
CA ASP C 759 -61.55 62.34 -52.03
C ASP C 759 -61.56 61.53 -53.32
N CYS C 760 -61.70 62.22 -54.44
CA CYS C 760 -61.34 61.62 -55.71
C CYS C 760 -59.85 61.27 -55.75
N TYR C 761 -59.05 61.94 -54.93
CA TYR C 761 -57.63 61.63 -54.77
C TYR C 761 -57.47 60.62 -53.64
N GLY C 762 -56.23 60.41 -53.21
CA GLY C 762 -55.99 59.55 -52.07
C GLY C 762 -56.30 60.16 -50.73
N ASP C 763 -56.56 61.47 -50.69
CA ASP C 763 -56.87 62.14 -49.43
C ASP C 763 -58.25 61.71 -48.93
N SER C 764 -58.33 61.49 -47.62
CA SER C 764 -59.58 61.06 -46.99
C SER C 764 -60.43 62.28 -46.66
N TYR C 765 -61.45 62.08 -45.83
CA TYR C 765 -62.41 63.12 -45.48
C TYR C 765 -62.29 63.65 -44.07
N PHE C 766 -61.87 62.82 -43.11
CA PHE C 766 -61.98 63.15 -41.69
C PHE C 766 -60.67 62.85 -40.96
N ILE C 767 -59.56 63.30 -41.51
CA ILE C 767 -58.24 63.05 -40.94
C ILE C 767 -57.58 64.38 -40.62
N ASP C 768 -56.89 64.43 -39.48
CA ASP C 768 -56.21 65.64 -39.03
C ASP C 768 -54.76 65.63 -39.51
N THR C 769 -53.99 66.61 -39.03
CA THR C 769 -52.71 66.95 -39.63
C THR C 769 -51.63 65.90 -39.36
N ASP C 770 -50.77 65.71 -40.36
CA ASP C 770 -49.55 64.90 -40.25
C ASP C 770 -48.62 65.37 -41.37
N LEU C 771 -47.62 64.56 -41.71
CA LEU C 771 -46.75 64.91 -42.82
C LEU C 771 -46.74 63.89 -43.95
N ASN C 772 -46.74 62.59 -43.64
CA ASN C 772 -46.61 61.57 -44.68
C ASN C 772 -47.85 61.50 -45.55
N GLN C 773 -49.02 61.81 -44.98
CA GLN C 773 -50.26 61.70 -45.75
C GLN C 773 -50.26 62.63 -46.95
N LEU C 774 -49.73 63.84 -46.79
CA LEU C 774 -49.66 64.74 -47.94
C LEU C 774 -48.68 64.24 -48.98
N LYS C 775 -47.57 63.63 -48.56
CA LYS C 775 -46.67 63.03 -49.53
C LYS C 775 -47.39 61.97 -50.36
N GLU C 776 -48.14 61.09 -49.69
CA GLU C 776 -48.89 60.06 -50.40
C GLU C 776 -49.97 60.66 -51.30
N VAL C 777 -50.68 61.66 -50.81
CA VAL C 777 -51.76 62.27 -51.61
C VAL C 777 -51.18 62.98 -52.83
N PHE C 778 -50.13 63.77 -52.63
CA PHE C 778 -49.50 64.48 -53.74
C PHE C 778 -48.90 63.50 -54.75
N SER C 779 -48.43 62.34 -54.27
CA SER C 779 -48.10 61.27 -55.22
C SER C 779 -49.34 60.84 -55.98
N GLY C 780 -50.48 60.73 -55.29
CA GLY C 780 -51.72 60.42 -55.97
C GLY C 780 -52.19 61.54 -56.88
N ILE C 781 -52.08 62.80 -56.43
CA ILE C 781 -52.48 63.92 -57.27
C ILE C 781 -51.52 64.03 -58.45
N LYS C 782 -52.03 64.58 -59.56
CA LYS C 782 -51.26 64.77 -60.78
C LYS C 782 -50.01 65.59 -60.54
N ASN C 783 -49.04 65.47 -61.45
CA ASN C 783 -47.83 66.29 -61.45
C ASN C 783 -47.77 66.99 -62.80
N SER C 784 -48.45 68.13 -62.91
CA SER C 784 -48.49 68.88 -64.16
C SER C 784 -48.26 70.36 -63.86
N ASN C 785 -47.63 71.05 -64.80
CA ASN C 785 -47.39 72.49 -64.69
C ASN C 785 -48.56 73.21 -65.38
N GLU C 786 -49.67 73.30 -64.65
CA GLU C 786 -50.86 73.97 -65.16
C GLU C 786 -50.60 75.43 -65.48
N GLN C 787 -49.72 76.08 -64.73
CA GLN C 787 -49.43 77.50 -64.92
C GLN C 787 -47.94 77.69 -65.10
N THR C 788 -47.59 78.78 -65.79
CA THR C 788 -46.19 79.09 -66.05
C THR C 788 -45.47 79.42 -64.76
N PRO C 789 -44.14 79.25 -64.73
CA PRO C 789 -43.40 79.53 -63.48
C PRO C 789 -43.57 80.94 -62.97
N GLU C 790 -43.74 81.93 -63.84
CA GLU C 790 -43.94 83.30 -63.38
C GLU C 790 -45.37 83.52 -62.89
N GLU C 791 -46.36 83.12 -63.69
CA GLU C 791 -47.75 83.24 -63.27
C GLU C 791 -48.03 82.38 -62.04
N MET C 792 -47.54 81.15 -62.03
CA MET C 792 -47.75 80.34 -60.84
C MET C 792 -46.87 80.80 -59.69
N ALA C 793 -45.77 81.49 -59.95
CA ALA C 793 -45.06 82.15 -58.86
C ALA C 793 -45.93 83.23 -58.23
N SER C 794 -46.62 84.02 -59.06
CA SER C 794 -47.54 85.01 -58.53
C SER C 794 -48.66 84.36 -57.71
N LEU C 795 -49.21 83.25 -58.22
CA LEU C 795 -50.24 82.55 -57.47
C LEU C 795 -49.69 81.91 -56.19
N ILE C 796 -48.44 81.45 -56.22
CA ILE C 796 -47.80 80.89 -55.04
C ILE C 796 -47.67 81.96 -53.96
N ALA C 797 -47.24 83.16 -54.35
CA ALA C 797 -47.18 84.27 -53.41
C ALA C 797 -48.57 84.69 -52.95
N ASP C 798 -49.57 84.59 -53.82
CA ASP C 798 -50.94 84.91 -53.43
C ASP C 798 -51.42 83.96 -52.33
N LEU C 799 -51.23 82.66 -52.53
CA LEU C 799 -51.58 81.69 -51.49
C LEU C 799 -50.69 81.81 -50.27
N GLU C 800 -49.45 82.31 -50.45
CA GLU C 800 -48.57 82.59 -49.33
C GLU C 800 -49.09 83.72 -48.47
N TYR C 801 -49.64 84.77 -49.09
CA TYR C 801 -50.34 85.82 -48.35
C TYR C 801 -51.63 85.31 -47.73
N ARG C 802 -52.36 84.46 -48.45
CA ARG C 802 -53.66 83.98 -47.98
C ARG C 802 -53.52 83.15 -46.70
N TYR C 803 -52.52 82.27 -46.66
CA TYR C 803 -52.28 81.43 -45.49
C TYR C 803 -51.05 81.86 -44.71
N SER C 804 -50.57 83.09 -44.91
CA SER C 804 -49.41 83.62 -44.19
C SER C 804 -48.16 82.76 -44.40
N TRP C 805 -48.01 82.23 -45.62
CA TRP C 805 -46.81 81.49 -45.99
C TRP C 805 -45.75 82.37 -46.63
N ASP C 806 -46.05 83.64 -46.89
CA ASP C 806 -45.05 84.53 -47.47
C ASP C 806 -43.93 84.86 -46.50
N CYS C 807 -44.13 84.61 -45.21
CA CYS C 807 -43.05 84.74 -44.24
C CYS C 807 -41.96 83.71 -44.45
N SER C 808 -42.20 82.71 -45.29
CA SER C 808 -41.16 81.73 -45.60
C SER C 808 -39.96 82.44 -46.22
N PRO C 809 -38.75 82.20 -45.72
CA PRO C 809 -37.57 82.89 -46.27
C PRO C 809 -37.12 82.28 -47.59
N LEU C 810 -37.99 81.47 -48.20
CA LEU C 810 -37.62 80.69 -49.37
C LEU C 810 -38.13 81.30 -50.67
N SER C 811 -39.32 81.90 -50.67
CA SER C 811 -39.87 82.53 -51.87
C SER C 811 -40.91 83.55 -51.43
N MET C 812 -40.57 84.84 -51.54
CA MET C 812 -41.50 85.92 -51.24
C MET C 812 -41.58 87.00 -52.31
N PHE C 813 -40.57 87.15 -53.17
CA PHE C 813 -40.63 88.05 -54.31
C PHE C 813 -41.45 87.48 -55.46
N ARG C 814 -42.20 86.40 -55.19
CA ARG C 814 -42.87 85.65 -56.26
C ARG C 814 -43.93 86.47 -56.97
N ARG C 815 -44.36 87.60 -56.42
CA ARG C 815 -45.39 88.41 -57.06
C ARG C 815 -44.81 89.33 -58.13
N HIS C 816 -43.91 90.22 -57.74
CA HIS C 816 -43.48 91.32 -58.58
C HIS C 816 -42.20 90.96 -59.34
N THR C 817 -42.20 91.23 -60.64
CA THR C 817 -40.97 91.12 -61.42
C THR C 817 -39.98 92.19 -60.97
N VAL C 818 -38.69 91.85 -60.98
CA VAL C 818 -37.65 92.75 -60.50
C VAL C 818 -36.58 92.86 -61.57
N TYR C 819 -36.32 94.08 -62.03
CA TYR C 819 -35.30 94.31 -63.04
C TYR C 819 -33.92 94.03 -62.48
N LEU C 820 -33.02 93.60 -63.37
CA LEU C 820 -31.60 93.44 -63.07
C LEU C 820 -30.77 94.08 -64.18
N ASP C 821 -29.75 94.83 -63.76
CA ASP C 821 -28.71 95.30 -64.68
C ASP C 821 -27.66 94.20 -64.79
N SER C 822 -28.06 93.09 -65.43
CA SER C 822 -27.18 91.95 -65.62
C SER C 822 -26.25 92.12 -66.80
N TYR C 823 -26.06 93.35 -67.27
CA TYR C 823 -25.44 93.59 -68.56
C TYR C 823 -24.63 94.87 -68.48
N ALA C 824 -23.68 95.02 -69.41
CA ALA C 824 -22.94 96.26 -69.53
C ALA C 824 -23.79 97.39 -70.07
N VAL C 825 -25.00 97.10 -70.55
CA VAL C 825 -25.89 98.09 -71.15
C VAL C 825 -27.24 98.01 -70.46
N ILE C 826 -27.91 99.14 -70.33
CA ILE C 826 -29.19 99.24 -69.65
C ILE C 826 -30.31 99.07 -70.66
N ASN C 827 -31.29 98.24 -70.30
CA ASN C 827 -32.50 98.03 -71.09
C ASN C 827 -32.22 97.44 -72.46
N ASP C 828 -31.05 96.83 -72.65
CA ASP C 828 -30.67 96.25 -73.93
C ASP C 828 -30.08 94.87 -73.72
N LEU C 829 -30.18 94.04 -74.74
CA LEU C 829 -29.64 92.68 -74.73
C LEU C 829 -28.34 92.56 -75.51
N SER C 830 -27.71 93.70 -75.85
CA SER C 830 -26.59 93.69 -76.78
C SER C 830 -25.34 93.04 -76.20
N THR C 831 -25.30 92.77 -74.89
CA THR C 831 -24.10 92.23 -74.27
C THR C 831 -24.49 91.23 -73.19
N LYS C 832 -23.46 90.66 -72.56
CA LYS C 832 -23.65 89.78 -71.41
C LYS C 832 -22.32 89.69 -70.69
N ASN C 833 -22.29 90.13 -69.43
CA ASN C 833 -21.04 90.19 -68.66
C ASN C 833 -20.67 88.78 -68.21
N GLU C 834 -19.87 88.09 -69.02
CA GLU C 834 -19.38 86.77 -68.66
C GLU C 834 -18.21 86.88 -67.71
N GLY C 835 -17.99 85.80 -66.95
CA GLY C 835 -16.98 85.84 -65.91
C GLY C 835 -17.36 86.70 -64.74
N THR C 836 -18.64 87.08 -64.64
CA THR C 836 -19.16 87.94 -63.59
C THR C 836 -20.22 87.19 -62.81
N ARG C 837 -20.94 87.91 -61.95
CA ARG C 837 -21.97 87.34 -61.10
C ARG C 837 -23.34 87.94 -61.41
N LEU C 838 -23.55 88.38 -62.65
CA LEU C 838 -24.76 89.14 -62.97
C LEU C 838 -25.94 88.22 -63.27
N ALA C 839 -25.75 87.25 -64.17
CA ALA C 839 -26.75 86.20 -64.30
C ALA C 839 -26.97 85.50 -62.97
N ILE C 840 -25.97 85.53 -62.10
CA ILE C 840 -26.12 85.02 -60.74
C ILE C 840 -27.08 85.89 -59.96
N LYS C 841 -26.99 87.21 -60.12
CA LYS C 841 -27.97 88.09 -59.51
C LYS C 841 -29.37 87.78 -60.05
N ALA C 842 -29.46 87.45 -61.34
CA ALA C 842 -30.76 87.10 -61.92
C ALA C 842 -31.32 85.83 -61.28
N LEU C 843 -30.48 84.82 -61.11
CA LEU C 843 -30.92 83.59 -60.46
C LEU C 843 -31.29 83.83 -59.00
N GLU C 844 -30.55 84.72 -58.33
CA GLU C 844 -30.88 85.07 -56.95
C GLU C 844 -32.24 85.75 -56.87
N LEU C 845 -32.52 86.64 -57.81
CA LEU C 845 -33.85 87.25 -57.89
C LEU C 845 -34.92 86.20 -58.12
N ARG C 846 -34.70 85.32 -59.11
CA ARG C 846 -35.70 84.32 -59.47
C ARG C 846 -35.94 83.31 -58.36
N PHE C 847 -34.94 83.07 -57.50
CA PHE C 847 -35.11 82.10 -56.43
C PHE C 847 -36.24 82.48 -55.48
N HIS C 848 -36.39 83.78 -55.19
CA HIS C 848 -37.53 84.24 -54.42
C HIS C 848 -38.72 84.58 -55.30
N GLY C 849 -38.62 84.39 -56.61
CA GLY C 849 -39.68 84.73 -57.52
C GLY C 849 -39.60 86.12 -58.12
N ALA C 850 -38.55 86.87 -57.83
CA ALA C 850 -38.35 88.18 -58.45
C ALA C 850 -37.96 87.96 -59.90
N LYS C 851 -38.93 88.12 -60.80
CA LYS C 851 -38.72 87.82 -62.20
C LYS C 851 -37.80 88.86 -62.82
N VAL C 852 -36.78 88.38 -63.53
CA VAL C 852 -35.70 89.21 -64.04
C VAL C 852 -36.03 89.67 -65.45
N VAL C 853 -35.87 90.96 -65.71
CA VAL C 853 -36.06 91.55 -67.03
C VAL C 853 -34.79 92.29 -67.41
N SER C 854 -34.33 92.08 -68.64
CA SER C 854 -33.17 92.82 -69.14
C SER C 854 -33.52 94.26 -69.48
N CYS C 855 -34.78 94.54 -69.78
CA CYS C 855 -35.25 95.88 -70.07
C CYS C 855 -36.13 96.37 -68.92
N LEU C 856 -35.87 97.58 -68.46
CA LEU C 856 -36.67 98.16 -67.39
C LEU C 856 -38.13 98.22 -67.78
N ALA C 857 -39.00 97.84 -66.85
CA ALA C 857 -40.43 97.84 -67.06
C ALA C 857 -41.11 98.62 -65.95
N GLU C 858 -42.29 99.15 -66.25
CA GLU C 858 -43.06 99.91 -65.27
C GLU C 858 -43.62 99.04 -64.16
N GLY C 859 -43.56 97.72 -64.30
CA GLY C 859 -44.02 96.82 -63.26
C GLY C 859 -42.91 96.40 -62.32
N VAL C 860 -41.81 97.17 -62.31
CA VAL C 860 -40.61 96.86 -61.56
C VAL C 860 -40.41 97.92 -60.49
N SER C 861 -40.21 97.49 -59.25
CA SER C 861 -39.90 98.38 -58.14
C SER C 861 -38.51 98.17 -57.56
N HIS C 862 -37.90 97.00 -57.75
CA HIS C 862 -36.55 96.71 -57.28
C HIS C 862 -35.65 96.60 -58.50
N VAL C 863 -34.49 97.25 -58.44
CA VAL C 863 -33.53 97.24 -59.53
C VAL C 863 -32.14 97.05 -58.95
N ILE C 864 -31.38 96.11 -59.52
CA ILE C 864 -30.04 95.78 -59.04
C ILE C 864 -29.05 96.10 -60.15
N ILE C 865 -28.02 96.88 -59.82
CA ILE C 865 -27.06 97.35 -60.81
C ILE C 865 -26.10 96.20 -61.06
N GLY C 866 -25.30 96.29 -62.12
CA GLY C 866 -24.27 95.30 -62.39
C GLY C 866 -23.19 95.29 -61.30
N GLU C 867 -22.08 94.63 -61.65
CA GLU C 867 -20.97 94.55 -60.72
C GLU C 867 -20.45 95.93 -60.36
N ASP C 868 -20.33 96.82 -61.34
CA ASP C 868 -20.05 98.22 -61.10
C ASP C 868 -21.37 98.97 -60.93
N HIS C 869 -21.47 99.77 -59.86
CA HIS C 869 -22.71 100.44 -59.50
C HIS C 869 -22.76 101.88 -59.99
N SER C 870 -22.19 102.16 -61.17
CA SER C 870 -22.22 103.50 -61.73
C SER C 870 -23.42 103.75 -62.63
N ARG C 871 -24.28 102.75 -62.85
CA ARG C 871 -25.44 102.88 -63.72
C ARG C 871 -26.64 103.50 -63.02
N VAL C 872 -26.42 104.20 -61.91
CA VAL C 872 -27.54 104.75 -61.15
C VAL C 872 -28.20 105.88 -61.92
N ALA C 873 -27.42 106.71 -62.63
CA ALA C 873 -27.97 107.88 -63.29
C ALA C 873 -28.97 107.51 -64.38
N ASP C 874 -28.62 106.53 -65.22
CA ASP C 874 -29.56 106.08 -66.24
C ASP C 874 -30.78 105.45 -65.60
N PHE C 875 -30.62 104.79 -64.46
CA PHE C 875 -31.76 104.24 -63.75
C PHE C 875 -32.69 105.34 -63.26
N LYS C 876 -32.14 106.44 -62.76
CA LYS C 876 -32.97 107.58 -62.37
C LYS C 876 -33.68 108.18 -63.58
N ALA C 877 -32.97 108.28 -64.71
CA ALA C 877 -33.60 108.79 -65.93
C ALA C 877 -34.77 107.92 -66.35
N PHE C 878 -34.60 106.59 -66.29
CA PHE C 878 -35.69 105.69 -66.65
C PHE C 878 -36.79 105.71 -65.61
N ARG C 879 -36.46 106.00 -64.34
CA ARG C 879 -37.50 106.28 -63.36
C ARG C 879 -38.33 107.47 -63.77
N ARG C 880 -37.68 108.49 -64.32
CA ARG C 880 -38.44 109.59 -64.92
C ARG C 880 -39.30 109.10 -66.07
N THR C 881 -38.76 108.18 -66.89
CA THR C 881 -39.57 107.62 -67.98
C THR C 881 -40.62 106.65 -67.45
N PHE C 882 -40.24 105.75 -66.54
CA PHE C 882 -41.15 104.72 -66.02
C PHE C 882 -41.80 105.26 -64.74
N LYS C 883 -43.11 105.50 -64.83
CA LYS C 883 -43.80 106.24 -63.76
C LYS C 883 -43.72 105.51 -62.42
N ARG C 884 -43.92 104.20 -62.42
CA ARG C 884 -43.73 103.44 -61.19
C ARG C 884 -42.24 103.34 -60.91
N LYS C 885 -41.72 104.25 -60.10
CA LYS C 885 -40.30 104.37 -59.90
C LYS C 885 -39.75 103.18 -59.13
N PHE C 886 -38.51 102.81 -59.46
CA PHE C 886 -37.82 101.67 -58.87
C PHE C 886 -36.64 102.16 -58.06
N LYS C 887 -36.41 101.55 -56.91
CA LYS C 887 -35.28 101.95 -56.08
C LYS C 887 -34.00 101.32 -56.60
N ILE C 888 -32.92 102.09 -56.55
CA ILE C 888 -31.65 101.73 -57.18
C ILE C 888 -30.84 100.93 -56.15
N LEU C 889 -30.97 99.61 -56.21
CA LEU C 889 -30.41 98.72 -55.20
C LEU C 889 -29.12 98.09 -55.72
N LYS C 890 -28.09 98.07 -54.89
CA LYS C 890 -26.80 97.56 -55.31
C LYS C 890 -26.85 96.03 -55.46
N GLU C 891 -25.72 95.45 -55.87
CA GLU C 891 -25.66 94.01 -56.08
C GLU C 891 -25.88 93.24 -54.78
N SER C 892 -25.31 93.73 -53.67
CA SER C 892 -25.45 93.02 -52.40
C SER C 892 -26.91 92.83 -52.02
N TRP C 893 -27.79 93.74 -52.45
CA TRP C 893 -29.21 93.61 -52.17
C TRP C 893 -29.77 92.29 -52.68
N VAL C 894 -29.17 91.74 -53.74
CA VAL C 894 -29.60 90.46 -54.28
C VAL C 894 -28.62 89.34 -53.99
N THR C 895 -27.35 89.64 -53.69
CA THR C 895 -26.46 88.59 -53.19
C THR C 895 -26.95 88.06 -51.85
N ASP C 896 -27.34 88.95 -50.95
CA ASP C 896 -27.91 88.55 -49.67
C ASP C 896 -29.35 88.06 -49.79
N SER C 897 -29.96 88.19 -50.98
CA SER C 897 -31.28 87.61 -51.19
C SER C 897 -31.26 86.10 -51.02
N ILE C 898 -30.14 85.46 -51.34
CA ILE C 898 -29.95 84.05 -51.05
C ILE C 898 -28.86 83.81 -50.00
N ASP C 899 -27.82 84.65 -49.96
CA ASP C 899 -26.74 84.47 -48.99
C ASP C 899 -27.28 84.33 -47.58
N LYS C 900 -28.23 85.19 -47.21
CA LYS C 900 -28.99 85.01 -45.99
C LYS C 900 -30.28 84.23 -46.20
N CYS C 901 -30.57 83.85 -47.46
CA CYS C 901 -31.81 83.19 -47.82
C CYS C 901 -33.01 83.98 -47.31
N GLU C 902 -33.02 85.26 -47.66
CA GLU C 902 -34.03 86.19 -47.16
C GLU C 902 -33.98 87.46 -47.99
N LEU C 903 -35.15 88.02 -48.27
CA LEU C 903 -35.23 89.22 -49.09
C LEU C 903 -34.57 90.41 -48.39
N GLN C 904 -33.88 91.23 -49.18
CA GLN C 904 -33.26 92.43 -48.63
C GLN C 904 -34.23 93.60 -48.74
N GLU C 905 -33.79 94.77 -48.26
CA GLU C 905 -34.65 95.93 -48.10
C GLU C 905 -34.33 96.97 -49.18
N GLU C 906 -35.39 97.52 -49.79
CA GLU C 906 -35.20 98.55 -50.80
C GLU C 906 -34.53 99.79 -50.21
N ASN C 907 -34.76 100.04 -48.92
CA ASN C 907 -34.16 101.20 -48.27
C ASN C 907 -32.68 101.01 -47.97
N GLN C 908 -32.14 99.82 -48.21
CA GLN C 908 -30.72 99.57 -47.93
C GLN C 908 -29.81 100.44 -48.78
N TYR C 909 -30.28 100.87 -49.96
CA TYR C 909 -29.42 101.56 -50.91
C TYR C 909 -30.20 102.73 -51.52
N LEU C 910 -29.65 103.29 -52.59
CA LEU C 910 -30.21 104.50 -53.18
C LEU C 910 -31.62 104.25 -53.69
N ILE C 911 -32.48 105.25 -53.52
CA ILE C 911 -33.85 105.17 -53.98
C ILE C 911 -33.97 105.70 -55.40
N MET D 1 57.30 -3.37 -153.58
CA MET D 1 57.54 -4.08 -152.33
C MET D 1 56.26 -4.72 -151.79
N GLU D 2 56.12 -4.75 -150.47
CA GLU D 2 55.01 -5.47 -149.84
C GLU D 2 53.66 -4.89 -150.29
N ARG D 3 52.80 -5.77 -150.80
CA ARG D 3 51.46 -5.39 -151.25
C ARG D 3 50.47 -6.40 -150.67
N LYS D 4 49.58 -5.92 -149.81
CA LYS D 4 48.58 -6.79 -149.17
C LYS D 4 47.42 -7.00 -150.13
N ILE D 5 47.33 -8.21 -150.68
CA ILE D 5 46.27 -8.55 -151.64
C ILE D 5 44.94 -8.50 -150.90
N SER D 6 44.13 -7.49 -151.20
CA SER D 6 42.86 -7.24 -150.51
C SER D 6 41.80 -6.94 -151.56
N ARG D 7 40.95 -7.93 -151.85
CA ARG D 7 39.88 -7.73 -152.83
C ARG D 7 38.76 -6.93 -152.19
N ILE D 8 38.47 -5.77 -152.76
CA ILE D 8 37.44 -4.87 -152.26
C ILE D 8 36.46 -4.59 -153.40
N HIS D 9 35.16 -4.67 -153.09
CA HIS D 9 34.14 -4.42 -154.09
C HIS D 9 33.86 -2.92 -154.14
N LEU D 10 34.31 -2.27 -155.20
CA LEU D 10 34.06 -0.85 -155.37
C LEU D 10 32.56 -0.58 -155.48
N VAL D 11 32.14 0.56 -154.93
CA VAL D 11 30.78 1.01 -155.14
C VAL D 11 30.65 1.86 -156.40
N SER D 12 31.76 2.37 -156.93
CA SER D 12 31.74 3.01 -158.25
C SER D 12 31.39 2.00 -159.33
N GLU D 13 31.94 0.80 -159.24
CA GLU D 13 31.62 -0.28 -160.17
C GLU D 13 31.65 -1.58 -159.38
N PRO D 14 30.48 -2.11 -159.00
CA PRO D 14 30.44 -3.30 -158.13
C PRO D 14 30.64 -4.61 -158.87
N SER D 15 30.23 -4.65 -160.15
CA SER D 15 30.39 -5.87 -160.93
C SER D 15 31.86 -6.24 -161.12
N ILE D 16 32.76 -5.27 -161.01
CA ILE D 16 34.19 -5.51 -161.15
C ILE D 16 34.87 -5.18 -159.83
N THR D 17 35.05 -6.19 -158.97
CA THR D 17 35.67 -5.96 -157.68
C THR D 17 37.14 -5.61 -157.85
N HIS D 18 37.67 -4.88 -156.88
CA HIS D 18 39.01 -4.34 -156.97
C HIS D 18 39.90 -4.90 -155.88
N PHE D 19 41.20 -4.97 -156.17
CA PHE D 19 42.19 -5.51 -155.25
C PHE D 19 43.07 -4.35 -154.79
N LEU D 20 43.07 -4.10 -153.48
CA LEU D 20 43.79 -2.97 -152.90
C LEU D 20 45.11 -3.49 -152.31
N GLN D 21 46.08 -3.73 -153.20
CA GLN D 21 47.39 -4.22 -152.79
C GLN D 21 48.25 -3.04 -152.33
N VAL D 22 47.84 -2.45 -151.22
CA VAL D 22 48.51 -1.27 -150.69
C VAL D 22 49.98 -1.57 -150.45
N SER D 23 50.84 -0.73 -151.03
CA SER D 23 52.26 -0.73 -150.71
C SER D 23 52.54 0.22 -149.56
N TRP D 24 51.74 0.08 -148.49
CA TRP D 24 51.73 1.06 -147.42
C TRP D 24 53.08 1.09 -146.69
N GLU D 25 53.52 2.29 -146.36
CA GLU D 25 54.81 2.48 -145.70
C GLU D 25 54.65 2.20 -144.21
N LYS D 26 55.67 2.55 -143.44
CA LYS D 26 55.65 2.29 -141.99
C LYS D 26 54.71 3.20 -141.23
N THR D 27 53.96 4.07 -141.92
CA THR D 27 53.07 5.02 -141.27
C THR D 27 51.74 5.05 -142.01
N LEU D 28 50.68 5.41 -141.26
CA LEU D 28 49.36 5.61 -141.82
C LEU D 28 48.95 7.08 -141.80
N GLU D 29 49.23 7.80 -140.71
CA GLU D 29 48.86 9.20 -140.62
C GLU D 29 49.59 10.03 -141.68
N SER D 30 50.85 9.74 -141.91
CA SER D 30 51.63 10.43 -142.92
C SER D 30 51.42 9.77 -144.29
N GLY D 31 52.18 10.20 -145.28
CA GLY D 31 52.01 9.68 -146.62
C GLY D 31 52.53 8.25 -146.73
N PHE D 32 51.84 7.46 -147.55
CA PHE D 32 52.24 6.08 -147.82
C PHE D 32 51.70 5.67 -149.18
N VAL D 33 52.29 4.63 -149.74
CA VAL D 33 51.93 4.18 -151.08
C VAL D 33 50.69 3.30 -150.99
N ILE D 34 49.71 3.59 -151.84
CA ILE D 34 48.46 2.82 -151.93
C ILE D 34 48.27 2.38 -153.38
N THR D 35 48.09 1.06 -153.57
CA THR D 35 47.92 0.48 -154.89
C THR D 35 46.60 -0.27 -154.95
N LEU D 36 45.71 0.18 -155.82
CA LEU D 36 44.41 -0.43 -156.04
C LEU D 36 44.30 -0.86 -157.48
N THR D 37 43.65 -2.00 -157.71
CA THR D 37 43.44 -2.48 -159.07
C THR D 37 42.29 -3.46 -159.10
N ASP D 38 41.81 -3.73 -160.31
CA ASP D 38 40.71 -4.67 -160.54
C ASP D 38 41.11 -5.90 -161.33
N GLY D 39 42.13 -5.79 -162.19
CA GLY D 39 42.51 -6.91 -163.04
C GLY D 39 42.72 -6.47 -164.48
N HIS D 40 42.00 -5.43 -164.89
CA HIS D 40 42.14 -4.83 -166.21
C HIS D 40 42.85 -3.49 -166.16
N SER D 41 42.36 -2.58 -165.32
CA SER D 41 42.98 -1.29 -165.10
C SER D 41 43.48 -1.21 -163.66
N ALA D 42 44.62 -0.54 -163.47
CA ALA D 42 45.33 -0.56 -162.20
C ALA D 42 45.70 0.85 -161.78
N TRP D 43 45.93 1.01 -160.48
CA TRP D 43 46.25 2.32 -159.90
C TRP D 43 47.20 2.13 -158.74
N THR D 44 48.44 2.58 -158.92
CA THR D 44 49.42 2.63 -157.85
C THR D 44 49.32 4.03 -157.21
N GLY D 45 50.31 4.42 -156.41
CA GLY D 45 50.45 5.80 -155.99
C GLY D 45 50.49 5.94 -154.48
N THR D 46 50.82 7.15 -154.06
CA THR D 46 50.86 7.53 -152.65
C THR D 46 49.62 8.34 -152.30
N VAL D 47 49.50 8.66 -151.00
CA VAL D 47 48.35 9.37 -150.47
C VAL D 47 48.80 10.65 -149.80
N SER D 48 48.03 11.71 -149.99
CA SER D 48 48.26 12.95 -149.28
C SER D 48 47.92 12.79 -147.80
N GLU D 49 48.68 13.49 -146.96
CA GLU D 49 48.50 13.36 -145.52
C GLU D 49 47.22 14.04 -145.03
N SER D 50 46.79 15.11 -145.73
CA SER D 50 45.59 15.83 -145.30
C SER D 50 44.34 14.96 -145.39
N GLU D 51 44.36 13.92 -146.22
CA GLU D 51 43.24 12.99 -146.36
C GLU D 51 43.18 11.98 -145.23
N ILE D 52 44.02 12.12 -144.21
CA ILE D 52 44.18 11.11 -143.16
C ILE D 52 43.91 11.66 -141.77
N SER D 53 43.51 12.92 -141.65
CA SER D 53 43.32 13.54 -140.34
C SER D 53 41.87 13.89 -140.05
N GLN D 54 41.23 14.71 -140.88
CA GLN D 54 39.91 15.24 -140.57
C GLN D 54 38.80 14.22 -140.75
N GLU D 55 39.07 13.09 -141.42
CA GLU D 55 38.05 12.09 -141.65
C GLU D 55 37.53 11.45 -140.37
N ALA D 56 38.34 11.43 -139.32
CA ALA D 56 37.88 10.88 -138.04
C ALA D 56 36.79 11.73 -137.42
N ASP D 57 36.93 13.05 -137.47
CA ASP D 57 35.86 13.91 -137.00
C ASP D 57 34.63 13.81 -137.87
N ASP D 58 34.80 13.49 -139.16
CA ASP D 58 33.66 13.17 -139.99
C ASP D 58 32.94 11.95 -139.45
N MET D 59 33.61 10.80 -139.42
CA MET D 59 33.00 9.60 -138.84
C MET D 59 32.63 9.82 -137.37
N ALA D 60 33.32 10.75 -136.72
CA ALA D 60 32.96 11.43 -135.47
C ALA D 60 33.04 10.56 -134.22
N MET D 61 33.29 9.26 -134.34
CA MET D 61 33.55 8.47 -133.13
C MET D 61 34.97 8.71 -132.64
N GLU D 62 35.21 8.30 -131.40
CA GLU D 62 36.46 8.61 -130.72
C GLU D 62 37.63 7.84 -131.35
N LYS D 63 38.81 8.03 -130.77
CA LYS D 63 40.05 7.52 -131.34
C LYS D 63 40.07 5.99 -131.33
N GLY D 64 41.11 5.45 -131.92
CA GLY D 64 41.27 4.00 -132.04
C GLY D 64 40.52 3.39 -133.20
N LYS D 65 39.24 3.76 -133.34
CA LYS D 65 38.45 3.23 -134.44
C LYS D 65 38.97 3.71 -135.79
N TYR D 66 39.34 4.99 -135.89
CA TYR D 66 39.65 5.58 -137.19
C TYR D 66 40.90 4.95 -137.82
N VAL D 67 41.95 4.76 -137.04
CA VAL D 67 43.19 4.20 -137.58
C VAL D 67 42.96 2.77 -138.08
N GLY D 68 42.27 1.96 -137.28
CA GLY D 68 41.96 0.61 -137.71
C GLY D 68 41.06 0.57 -138.92
N GLU D 69 40.11 1.51 -139.00
CA GLU D 69 39.24 1.60 -140.16
C GLU D 69 40.03 1.92 -141.42
N LEU D 70 40.95 2.88 -141.32
CA LEU D 70 41.81 3.21 -142.46
C LEU D 70 42.62 2.00 -142.89
N ARG D 71 43.24 1.33 -141.92
CA ARG D 71 44.10 0.19 -142.25
C ARG D 71 43.28 -0.94 -142.88
N LYS D 72 42.12 -1.25 -142.32
CA LYS D 72 41.32 -2.34 -142.85
C LYS D 72 40.70 -1.98 -144.19
N ALA D 73 40.52 -0.69 -144.47
CA ALA D 73 40.18 -0.28 -145.83
C ALA D 73 41.34 -0.52 -146.77
N LEU D 74 42.55 -0.14 -146.34
CA LEU D 74 43.74 -0.43 -147.14
C LEU D 74 43.97 -1.93 -147.27
N LEU D 75 43.83 -2.65 -146.17
CA LEU D 75 44.01 -4.09 -146.15
C LEU D 75 42.66 -4.76 -146.45
N SER D 76 42.58 -6.06 -146.20
CA SER D 76 41.33 -6.78 -146.42
C SER D 76 40.37 -6.55 -145.26
N GLY D 77 39.10 -6.42 -145.58
CA GLY D 77 38.07 -6.27 -144.56
C GLY D 77 37.21 -5.03 -144.70
N ALA D 78 35.90 -5.21 -144.50
CA ALA D 78 34.95 -4.10 -144.55
C ALA D 78 33.70 -4.52 -143.81
N GLY D 79 33.30 -3.73 -142.81
CA GLY D 79 32.16 -4.05 -141.99
C GLY D 79 30.84 -3.87 -142.71
N PRO D 80 29.76 -4.39 -142.12
CA PRO D 80 28.43 -4.19 -142.72
C PRO D 80 27.84 -2.82 -142.42
N ALA D 81 28.08 -2.32 -141.21
CA ALA D 81 27.66 -0.98 -140.81
C ALA D 81 28.81 0.01 -140.70
N ASP D 82 30.01 -0.49 -140.42
CA ASP D 82 31.24 0.30 -140.47
C ASP D 82 31.90 0.24 -141.84
N VAL D 83 31.09 0.06 -142.89
CA VAL D 83 31.62 -0.24 -144.22
C VAL D 83 32.52 0.90 -144.70
N TYR D 84 33.68 0.51 -145.24
CA TYR D 84 34.54 1.45 -145.97
C TYR D 84 34.07 1.44 -147.42
N THR D 85 32.98 2.18 -147.67
CA THR D 85 32.40 2.21 -149.00
C THR D 85 33.42 2.69 -150.01
N PHE D 86 33.87 1.78 -150.86
CA PHE D 86 35.04 2.02 -151.71
C PHE D 86 34.62 2.92 -152.87
N ASN D 87 34.55 4.22 -152.57
CA ASN D 87 34.22 5.23 -153.56
C ASN D 87 35.42 5.55 -154.41
N PHE D 88 36.06 4.53 -154.98
CA PHE D 88 37.25 4.73 -155.80
C PHE D 88 36.83 5.03 -157.23
N SER D 89 36.94 6.29 -157.63
CA SER D 89 36.76 6.65 -159.02
C SER D 89 37.89 6.03 -159.84
N LYS D 90 37.56 4.99 -160.61
CA LYS D 90 38.59 4.21 -161.29
C LYS D 90 39.38 5.06 -162.28
N GLU D 91 38.69 5.88 -163.07
CA GLU D 91 39.35 6.64 -164.11
C GLU D 91 40.15 7.81 -163.54
N SER D 92 39.59 8.53 -162.56
CA SER D 92 40.28 9.66 -161.96
C SER D 92 41.25 9.25 -160.88
N CYS D 93 41.24 7.99 -160.46
CA CYS D 93 42.23 7.44 -159.53
C CYS D 93 42.21 8.16 -158.18
N TYR D 94 41.06 8.08 -157.52
CA TYR D 94 40.90 8.63 -156.17
C TYR D 94 40.01 7.68 -155.38
N PHE D 95 40.53 7.20 -154.26
CA PHE D 95 39.82 6.25 -153.40
C PHE D 95 39.45 6.93 -152.09
N PHE D 96 38.18 6.80 -151.69
CA PHE D 96 37.77 7.30 -150.39
C PHE D 96 36.56 6.50 -149.92
N PHE D 97 36.32 6.54 -148.62
CA PHE D 97 35.24 5.77 -148.02
C PHE D 97 34.59 6.59 -146.91
N GLU D 98 33.27 6.70 -146.96
CA GLU D 98 32.51 7.56 -146.06
C GLU D 98 31.44 6.77 -145.35
N LYS D 99 31.46 6.76 -144.03
CA LYS D 99 30.46 6.10 -143.19
C LYS D 99 29.46 7.17 -142.76
N ASN D 100 28.60 7.57 -143.68
CA ASN D 100 27.73 8.72 -143.50
C ASN D 100 26.53 8.37 -142.63
N LEU D 101 26.26 9.22 -141.63
CA LEU D 101 25.07 9.14 -140.80
C LEU D 101 25.02 10.41 -139.95
N LYS D 102 24.00 10.49 -139.10
CA LYS D 102 23.88 11.55 -138.08
C LYS D 102 23.90 12.94 -138.70
N ASP D 103 22.85 13.22 -139.48
CA ASP D 103 22.41 14.52 -139.97
C ASP D 103 23.27 15.08 -141.09
N VAL D 104 24.40 14.46 -141.44
CA VAL D 104 25.24 14.96 -142.53
C VAL D 104 26.18 13.84 -142.93
N SER D 105 26.70 13.93 -144.15
CA SER D 105 27.65 12.93 -144.64
C SER D 105 28.90 12.91 -143.78
N PHE D 106 29.38 11.69 -143.49
CA PHE D 106 30.56 11.48 -142.66
C PHE D 106 31.63 10.84 -143.53
N ARG D 107 32.59 11.64 -144.00
CA ARG D 107 33.68 11.09 -144.79
C ARG D 107 34.62 10.29 -143.88
N LEU D 108 34.37 8.97 -143.79
CA LEU D 108 35.11 8.14 -142.84
C LEU D 108 36.59 8.08 -143.19
N GLY D 109 36.92 7.97 -144.46
CA GLY D 109 38.32 7.91 -144.86
C GLY D 109 38.54 8.16 -146.33
N SER D 110 39.66 8.81 -146.66
CA SER D 110 39.99 9.13 -148.04
C SER D 110 41.46 8.85 -148.30
N PHE D 111 41.75 8.23 -149.44
CA PHE D 111 43.11 7.78 -149.76
C PHE D 111 43.32 7.93 -151.26
N ASN D 112 43.96 9.02 -151.67
CA ASN D 112 44.20 9.28 -153.08
C ASN D 112 45.26 8.33 -153.63
N LEU D 113 45.19 8.09 -154.95
CA LEU D 113 46.17 7.24 -155.63
C LEU D 113 46.74 7.94 -156.85
N GLU D 114 47.58 7.22 -157.61
CA GLU D 114 48.20 7.74 -158.84
C GLU D 114 48.17 6.62 -159.88
N LYS D 115 47.30 6.76 -160.88
CA LYS D 115 47.09 5.70 -161.86
C LYS D 115 48.38 5.31 -162.55
N VAL D 116 48.63 4.00 -162.61
CA VAL D 116 49.84 3.50 -163.27
C VAL D 116 49.68 3.64 -164.78
N GLU D 117 50.77 3.99 -165.45
CA GLU D 117 50.72 4.18 -166.90
C GLU D 117 50.35 2.89 -167.62
N ASN D 118 50.94 1.77 -167.22
CA ASN D 118 50.55 0.48 -167.75
C ASN D 118 49.73 -0.25 -166.71
N PRO D 119 48.41 -0.37 -166.89
CA PRO D 119 47.60 -1.07 -165.87
C PRO D 119 48.03 -2.50 -165.66
N ALA D 120 48.46 -3.20 -166.71
CA ALA D 120 48.74 -4.62 -166.60
C ALA D 120 49.89 -4.93 -165.65
N GLU D 121 50.74 -3.95 -165.35
CA GLU D 121 51.96 -4.20 -164.58
C GLU D 121 51.70 -4.75 -163.18
N VAL D 122 51.08 -3.96 -162.31
CA VAL D 122 50.87 -4.42 -160.94
C VAL D 122 49.80 -5.49 -160.88
N ILE D 123 48.91 -5.54 -161.87
CA ILE D 123 47.96 -6.66 -161.95
C ILE D 123 48.71 -7.97 -162.15
N ARG D 124 49.66 -7.98 -163.09
CA ARG D 124 50.48 -9.17 -163.31
C ARG D 124 51.31 -9.49 -162.08
N GLU D 125 51.83 -8.46 -161.41
CA GLU D 125 52.58 -8.68 -160.17
C GLU D 125 51.71 -9.39 -159.13
N LEU D 126 50.50 -8.87 -158.90
CA LEU D 126 49.63 -9.44 -157.89
C LEU D 126 49.21 -10.87 -158.25
N ILE D 127 48.85 -11.10 -159.52
CA ILE D 127 48.40 -12.43 -159.90
C ILE D 127 49.54 -13.43 -159.89
N CYS D 128 50.75 -13.01 -160.26
CA CYS D 128 51.88 -13.92 -160.17
C CYS D 128 52.22 -14.23 -158.72
N TYR D 129 52.06 -13.26 -157.83
CA TYR D 129 52.16 -13.55 -156.40
C TYR D 129 51.13 -14.59 -155.98
N CYS D 130 49.90 -14.45 -156.47
CA CYS D 130 48.84 -15.39 -156.12
C CYS D 130 49.16 -16.80 -156.62
N LEU D 131 49.64 -16.92 -157.85
CA LEU D 131 50.00 -18.25 -158.37
C LEU D 131 51.22 -18.82 -157.66
N ASP D 132 52.18 -17.97 -157.30
CA ASP D 132 53.34 -18.46 -156.55
C ASP D 132 52.91 -19.01 -155.19
N THR D 133 52.04 -18.29 -154.49
CA THR D 133 51.57 -18.79 -153.20
C THR D 133 50.68 -20.02 -153.38
N ILE D 134 49.96 -20.12 -154.51
CA ILE D 134 49.19 -21.33 -154.78
C ILE D 134 50.09 -22.54 -154.95
N ALA D 135 51.15 -22.41 -155.75
CA ALA D 135 52.08 -23.52 -155.95
C ALA D 135 52.78 -23.89 -154.65
N GLU D 136 53.19 -22.88 -153.88
CA GLU D 136 53.80 -23.15 -152.58
C GLU D 136 52.83 -23.88 -151.67
N ASN D 137 51.56 -23.47 -151.66
CA ASN D 137 50.56 -24.12 -150.83
C ASN D 137 50.40 -25.59 -151.23
N GLN D 138 50.31 -25.87 -152.53
CA GLN D 138 50.12 -27.26 -152.95
C GLN D 138 51.34 -28.13 -152.61
N ALA D 139 52.55 -27.63 -152.87
CA ALA D 139 53.75 -28.41 -152.59
C ALA D 139 53.92 -28.65 -151.09
N LYS D 140 53.80 -27.58 -150.29
CA LYS D 140 53.88 -27.77 -148.86
C LYS D 140 52.82 -28.74 -148.40
N ASN D 141 51.61 -28.63 -148.96
CA ASN D 141 50.48 -29.45 -148.51
C ASN D 141 50.76 -30.93 -148.71
N GLU D 142 51.32 -31.28 -149.88
CA GLU D 142 51.69 -32.67 -150.09
C GLU D 142 52.73 -33.11 -149.07
N HIS D 143 53.71 -32.25 -148.77
CA HIS D 143 54.71 -32.58 -147.73
C HIS D 143 54.00 -32.70 -146.38
N LEU D 144 52.92 -31.95 -146.18
CA LEU D 144 52.16 -31.97 -144.90
C LEU D 144 51.60 -33.37 -144.68
N GLN D 145 50.90 -33.93 -145.66
CA GLN D 145 50.27 -35.27 -145.51
C GLN D 145 51.35 -36.35 -145.49
N LYS D 146 52.48 -36.12 -146.17
CA LYS D 146 53.60 -37.10 -146.14
C LYS D 146 54.08 -37.19 -144.69
N GLU D 147 54.21 -36.03 -144.02
CA GLU D 147 54.65 -36.01 -142.63
C GLU D 147 53.61 -36.62 -141.70
N ASN D 148 52.32 -36.36 -141.97
CA ASN D 148 51.26 -36.92 -141.15
C ASN D 148 51.31 -38.45 -141.17
N GLU D 149 51.40 -39.04 -142.36
CA GLU D 149 51.47 -40.50 -142.47
C GLU D 149 52.72 -41.05 -141.82
N ARG D 150 53.87 -40.37 -142.02
CA ARG D 150 55.11 -40.85 -141.42
C ARG D 150 55.01 -40.88 -139.90
N LEU D 151 54.46 -39.82 -139.31
CA LEU D 151 54.33 -39.78 -137.86
C LEU D 151 53.31 -40.79 -137.35
N LEU D 152 52.25 -41.04 -138.11
CA LEU D 152 51.32 -42.11 -137.75
C LEU D 152 52.04 -43.45 -137.65
N ARG D 153 52.84 -43.76 -138.69
CA ARG D 153 53.59 -45.03 -138.68
C ARG D 153 54.55 -45.07 -137.50
N ASP D 154 55.25 -43.96 -137.24
CA ASP D 154 56.21 -43.92 -136.15
C ASP D 154 55.54 -44.18 -134.81
N TRP D 155 54.40 -43.53 -134.56
CA TRP D 155 53.72 -43.71 -133.29
C TRP D 155 53.21 -45.13 -133.14
N ASN D 156 52.64 -45.71 -134.21
CA ASN D 156 52.17 -47.09 -134.10
C ASN D 156 53.33 -48.04 -133.80
N ASP D 157 54.45 -47.85 -134.48
CA ASP D 157 55.62 -48.70 -134.26
C ASP D 157 56.09 -48.59 -132.82
N VAL D 158 56.25 -47.37 -132.31
CA VAL D 158 56.77 -47.22 -130.95
C VAL D 158 55.76 -47.69 -129.92
N GLN D 159 54.46 -47.55 -130.19
CA GLN D 159 53.45 -48.05 -129.27
C GLN D 159 53.54 -49.56 -129.12
N GLY D 160 53.53 -50.27 -130.25
CA GLY D 160 53.71 -51.71 -130.19
C GLY D 160 55.04 -52.09 -129.53
N ARG D 161 56.09 -51.33 -129.84
CA ARG D 161 57.40 -51.58 -129.24
C ARG D 161 57.34 -51.51 -127.73
N PHE D 162 56.84 -50.40 -127.19
CA PHE D 162 56.83 -50.21 -125.75
C PHE D 162 55.93 -51.21 -125.06
N GLU D 163 54.78 -51.53 -125.65
CA GLU D 163 53.89 -52.51 -125.05
C GLU D 163 54.56 -53.89 -124.97
N LYS D 164 55.14 -54.34 -126.08
CA LYS D 164 55.80 -55.64 -126.08
C LYS D 164 56.97 -55.66 -125.10
N CYS D 165 57.71 -54.55 -125.01
CA CYS D 165 58.89 -54.54 -124.15
C CYS D 165 58.55 -54.43 -122.68
N VAL D 166 57.45 -53.77 -122.31
CA VAL D 166 57.04 -53.80 -120.91
C VAL D 166 56.46 -55.17 -120.55
N SER D 167 55.80 -55.82 -121.51
CA SER D 167 55.42 -57.22 -121.28
C SER D 167 56.67 -58.08 -121.11
N ALA D 168 57.75 -57.74 -121.81
CA ALA D 168 58.99 -58.50 -121.78
C ALA D 168 59.77 -58.32 -120.49
N LYS D 169 59.84 -57.09 -119.98
CA LYS D 169 60.73 -56.80 -118.85
C LYS D 169 60.29 -57.53 -117.58
N GLU D 170 58.98 -57.56 -117.30
CA GLU D 170 58.50 -58.24 -116.10
C GLU D 170 58.76 -59.74 -116.20
N ALA D 171 58.55 -60.33 -117.39
CA ALA D 171 58.83 -61.74 -117.57
C ALA D 171 60.31 -62.05 -117.37
N LEU D 172 61.17 -61.17 -117.88
CA LEU D 172 62.61 -61.38 -117.69
C LEU D 172 63.00 -61.23 -116.22
N GLU D 173 62.34 -60.31 -115.51
CA GLU D 173 62.61 -60.16 -114.08
C GLU D 173 62.22 -61.43 -113.32
N THR D 174 61.06 -62.00 -113.66
CA THR D 174 60.65 -63.25 -113.04
C THR D 174 61.62 -64.38 -113.40
N ASP D 175 62.12 -64.38 -114.63
CA ASP D 175 63.14 -65.34 -115.03
C ASP D 175 64.39 -65.20 -114.18
N LEU D 176 64.81 -63.96 -113.92
CA LEU D 176 65.96 -63.72 -113.04
C LEU D 176 65.68 -64.25 -111.65
N TYR D 177 64.49 -63.98 -111.12
CA TYR D 177 64.12 -64.48 -109.80
C TYR D 177 64.26 -66.00 -109.73
N LYS D 178 63.65 -66.70 -110.69
CA LYS D 178 63.67 -68.16 -110.67
C LYS D 178 65.08 -68.70 -110.87
N ARG D 179 65.86 -68.08 -111.77
CA ARG D 179 67.22 -68.55 -112.02
C ARG D 179 68.09 -68.38 -110.78
N PHE D 180 67.96 -67.25 -110.10
CA PHE D 180 68.71 -67.06 -108.86
C PHE D 180 68.25 -68.06 -107.80
N ILE D 181 66.94 -68.30 -107.71
CA ILE D 181 66.44 -69.36 -106.83
C ILE D 181 67.19 -70.64 -107.09
N LEU D 182 67.20 -71.08 -108.35
CA LEU D 182 67.80 -72.36 -108.70
C LEU D 182 69.27 -72.40 -108.37
N VAL D 183 70.02 -71.36 -108.78
CA VAL D 183 71.47 -71.38 -108.61
C VAL D 183 71.83 -71.33 -107.13
N LEU D 184 71.24 -70.40 -106.39
CA LEU D 184 71.59 -70.28 -104.97
C LEU D 184 71.12 -71.49 -104.19
N ASN D 185 69.97 -72.08 -104.53
CA ASN D 185 69.52 -73.28 -103.85
C ASN D 185 70.43 -74.46 -104.15
N GLU D 186 70.89 -74.58 -105.40
CA GLU D 186 71.85 -75.63 -105.72
C GLU D 186 73.16 -75.44 -104.99
N LYS D 187 73.61 -74.19 -104.88
CA LYS D 187 74.82 -73.89 -104.12
C LYS D 187 74.65 -74.25 -102.66
N LYS D 188 73.47 -73.94 -102.10
CA LYS D 188 73.19 -74.32 -100.73
C LYS D 188 73.11 -75.83 -100.56
N THR D 189 72.63 -76.54 -101.58
CA THR D 189 72.61 -78.00 -101.52
C THR D 189 74.02 -78.57 -101.58
N LYS D 190 74.88 -77.97 -102.40
CA LYS D 190 76.29 -78.36 -102.40
C LYS D 190 76.91 -78.10 -101.03
N ILE D 191 76.56 -76.97 -100.42
CA ILE D 191 77.02 -76.67 -99.07
C ILE D 191 76.54 -77.73 -98.10
N ARG D 192 75.26 -78.11 -98.21
CA ARG D 192 74.70 -79.15 -97.36
C ARG D 192 75.47 -80.45 -97.49
N SER D 193 75.70 -80.89 -98.73
CA SER D 193 76.38 -82.15 -98.97
C SER D 193 77.81 -82.11 -98.44
N LEU D 194 78.53 -81.03 -98.74
CA LEU D 194 79.92 -80.94 -98.30
C LEU D 194 80.01 -80.88 -96.78
N HIS D 195 79.09 -80.15 -96.14
CA HIS D 195 79.05 -80.13 -94.68
C HIS D 195 78.77 -81.50 -94.11
N ASN D 196 77.86 -82.26 -94.74
CA ASN D 196 77.59 -83.61 -94.28
C ASN D 196 78.83 -84.49 -94.40
N LYS D 197 79.53 -84.40 -95.53
CA LYS D 197 80.75 -85.19 -95.70
C LYS D 197 81.80 -84.80 -94.67
N LEU D 198 81.97 -83.51 -94.41
CA LEU D 198 82.91 -83.06 -93.39
C LEU D 198 82.50 -83.57 -92.02
N LEU D 199 81.20 -83.58 -91.72
CA LEU D 199 80.71 -84.10 -90.46
C LEU D 199 81.04 -85.58 -90.31
N ASN D 200 80.89 -86.35 -91.40
CA ASN D 200 81.25 -87.76 -91.40
C ASN D 200 82.73 -87.97 -91.69
N ALA D 201 83.55 -86.95 -91.47
CA ALA D 201 85.01 -87.03 -91.63
C ALA D 201 85.41 -87.45 -93.04
N MET E 1 33.59 -23.04 -161.84
CA MET E 1 34.34 -22.01 -161.13
C MET E 1 35.79 -22.43 -160.96
N GLU E 2 36.06 -23.73 -161.11
CA GLU E 2 37.42 -24.25 -161.00
C GLU E 2 38.25 -23.71 -162.14
N ARG E 3 39.12 -22.74 -161.85
CA ARG E 3 39.94 -22.07 -162.85
C ARG E 3 41.40 -22.32 -162.49
N LYS E 4 41.93 -23.44 -162.95
CA LYS E 4 43.33 -23.79 -162.72
C LYS E 4 44.20 -22.98 -163.67
N ILE E 5 44.96 -22.05 -163.13
CA ILE E 5 45.74 -21.13 -163.95
C ILE E 5 47.06 -21.78 -164.32
N SER E 6 47.35 -21.85 -165.61
CA SER E 6 48.61 -22.38 -166.12
C SER E 6 49.36 -21.25 -166.80
N ARG E 7 50.43 -20.78 -166.16
CA ARG E 7 51.22 -19.69 -166.72
C ARG E 7 51.93 -20.14 -167.99
N ILE E 8 51.76 -19.37 -169.06
CA ILE E 8 52.41 -19.64 -170.34
C ILE E 8 53.11 -18.36 -170.78
N HIS E 9 54.34 -18.49 -171.25
CA HIS E 9 55.12 -17.33 -171.67
C HIS E 9 55.69 -17.58 -173.06
N LEU E 10 55.44 -16.65 -173.97
CA LEU E 10 56.03 -16.69 -175.30
C LEU E 10 57.16 -15.66 -175.41
N VAL E 11 58.28 -16.08 -175.98
CA VAL E 11 59.39 -15.17 -176.21
C VAL E 11 59.06 -14.11 -177.25
N SER E 12 58.01 -14.30 -178.03
CA SER E 12 57.63 -13.33 -179.05
C SER E 12 57.07 -12.05 -178.43
N GLU E 13 56.32 -12.17 -177.34
CA GLU E 13 55.67 -11.02 -176.69
C GLU E 13 55.96 -11.06 -175.19
N PRO E 14 57.20 -10.73 -174.80
CA PRO E 14 57.50 -10.66 -173.36
C PRO E 14 56.71 -9.58 -172.63
N SER E 15 56.39 -8.46 -173.30
CA SER E 15 55.72 -7.36 -172.62
C SER E 15 54.31 -7.76 -172.19
N ILE E 16 53.52 -8.30 -173.11
CA ILE E 16 52.18 -8.79 -172.81
C ILE E 16 52.28 -10.28 -172.58
N THR E 17 52.29 -10.68 -171.32
CA THR E 17 52.39 -12.09 -170.95
C THR E 17 50.99 -12.67 -170.88
N HIS E 18 50.65 -13.55 -171.82
CA HIS E 18 49.34 -14.17 -171.89
C HIS E 18 49.32 -15.35 -170.93
N PHE E 19 48.40 -15.33 -169.97
CA PHE E 19 48.29 -16.37 -168.95
C PHE E 19 47.11 -17.28 -169.30
N LEU E 20 47.40 -18.56 -169.50
CA LEU E 20 46.37 -19.54 -169.86
C LEU E 20 45.67 -20.01 -168.60
N GLN E 21 44.49 -19.45 -168.33
CA GLN E 21 43.67 -19.90 -167.22
C GLN E 21 42.88 -21.11 -167.67
N VAL E 22 43.37 -22.30 -167.35
CA VAL E 22 42.70 -23.54 -167.73
C VAL E 22 41.54 -23.77 -166.77
N SER E 23 40.36 -23.28 -167.16
CA SER E 23 39.19 -23.23 -166.29
C SER E 23 38.17 -24.26 -166.78
N TRP E 24 38.25 -25.48 -166.24
CA TRP E 24 37.29 -26.52 -166.55
C TRP E 24 36.27 -26.62 -165.43
N GLU E 25 34.99 -26.65 -165.80
CA GLU E 25 33.91 -26.79 -164.84
C GLU E 25 32.90 -27.86 -165.26
N LYS E 26 33.16 -28.56 -166.35
CA LYS E 26 32.28 -29.65 -166.80
C LYS E 26 33.07 -30.93 -167.00
N THR E 27 32.47 -31.94 -167.62
CA THR E 27 33.07 -33.26 -167.70
C THR E 27 34.40 -33.21 -168.47
N LEU E 28 35.14 -34.32 -168.37
CA LEU E 28 36.52 -34.33 -168.84
C LEU E 28 36.63 -34.31 -170.35
N GLU E 29 35.70 -34.96 -171.07
CA GLU E 29 35.83 -35.17 -172.50
C GLU E 29 34.71 -34.47 -173.26
N SER E 30 34.46 -33.20 -172.93
CA SER E 30 33.53 -32.39 -173.70
C SER E 30 34.03 -30.96 -173.89
N GLY E 31 35.30 -30.70 -173.60
CA GLY E 31 35.80 -29.34 -173.61
C GLY E 31 35.34 -28.58 -172.37
N PHE E 32 35.69 -27.30 -172.35
CA PHE E 32 35.34 -26.42 -171.24
C PHE E 32 35.66 -24.99 -171.65
N VAL E 33 35.32 -24.05 -170.77
CA VAL E 33 35.56 -22.62 -171.05
C VAL E 33 36.96 -22.32 -170.52
N ILE E 34 37.95 -22.63 -171.34
CA ILE E 34 39.33 -22.28 -171.01
C ILE E 34 39.51 -20.78 -171.21
N THR E 35 40.46 -20.21 -170.48
CA THR E 35 40.59 -18.74 -170.53
C THR E 35 42.05 -18.33 -170.74
N LEU E 36 42.27 -17.16 -171.35
CA LEU E 36 43.63 -16.62 -171.48
C LEU E 36 43.55 -15.23 -170.86
N THR E 37 44.54 -14.83 -170.07
CA THR E 37 44.53 -13.47 -169.49
C THR E 37 45.80 -12.76 -169.96
N ASP E 38 45.99 -11.50 -169.59
CA ASP E 38 47.25 -10.79 -169.92
C ASP E 38 47.46 -9.71 -168.87
N GLY E 39 46.72 -9.79 -167.76
CA GLY E 39 46.84 -8.74 -166.76
C GLY E 39 46.17 -7.44 -167.12
N HIS E 40 45.66 -7.31 -168.34
CA HIS E 40 44.89 -6.13 -168.74
C HIS E 40 43.58 -6.48 -169.41
N SER E 41 43.46 -7.65 -170.02
CA SER E 41 42.21 -8.13 -170.61
C SER E 41 42.12 -9.63 -170.35
N ALA E 42 41.20 -10.29 -171.03
CA ALA E 42 41.04 -11.73 -170.85
C ALA E 42 40.27 -12.29 -172.04
N TRP E 43 40.40 -13.61 -172.23
CA TRP E 43 39.77 -14.32 -173.35
C TRP E 43 39.37 -15.72 -172.89
N THR E 44 38.07 -15.90 -172.65
CA THR E 44 37.53 -17.22 -172.34
C THR E 44 37.30 -17.99 -173.64
N GLY E 45 38.08 -19.05 -173.84
CA GLY E 45 37.85 -19.95 -174.95
C GLY E 45 36.91 -21.07 -174.56
N THR E 46 35.63 -20.91 -174.91
CA THR E 46 34.60 -21.87 -174.50
C THR E 46 34.50 -22.99 -175.55
N VAL E 47 35.54 -23.83 -175.58
CA VAL E 47 35.48 -25.02 -176.42
C VAL E 47 34.36 -25.92 -175.90
N SER E 48 33.74 -26.65 -176.81
CA SER E 48 32.51 -27.37 -176.51
C SER E 48 32.49 -28.63 -177.36
N GLU E 49 31.30 -29.20 -177.53
CA GLU E 49 31.13 -30.40 -178.33
C GLU E 49 31.59 -30.16 -179.76
N SER E 50 31.62 -31.25 -180.54
CA SER E 50 32.25 -31.30 -181.86
C SER E 50 33.76 -31.12 -181.79
N GLU E 51 34.36 -31.42 -180.64
CA GLU E 51 35.81 -31.40 -180.47
C GLU E 51 36.37 -32.64 -179.81
N ILE E 52 35.54 -33.54 -179.29
CA ILE E 52 36.00 -34.78 -178.68
C ILE E 52 35.27 -35.96 -179.31
N SER E 53 33.93 -35.93 -179.27
CA SER E 53 33.15 -37.08 -179.70
C SER E 53 33.32 -37.37 -181.19
N GLN E 54 33.34 -36.32 -182.01
CA GLN E 54 33.42 -36.51 -183.45
C GLN E 54 34.78 -37.02 -183.92
N GLU E 55 35.79 -37.02 -183.06
CA GLU E 55 37.12 -37.52 -183.40
C GLU E 55 37.30 -38.99 -183.03
N ALA E 56 36.23 -39.78 -183.05
CA ALA E 56 36.33 -41.18 -182.66
C ALA E 56 37.18 -41.97 -183.65
N ASP E 57 36.72 -42.09 -184.90
CA ASP E 57 37.51 -42.69 -185.97
C ASP E 57 37.17 -41.96 -187.26
N ASP E 58 37.92 -40.88 -187.55
CA ASP E 58 37.72 -40.14 -188.78
C ASP E 58 39.00 -39.63 -189.43
N MET E 59 40.18 -39.95 -188.89
CA MET E 59 41.42 -39.57 -189.54
C MET E 59 42.48 -40.67 -189.45
N ALA E 60 42.04 -41.93 -189.42
CA ALA E 60 42.88 -43.13 -189.41
C ALA E 60 43.65 -43.31 -188.11
N MET E 61 43.50 -42.41 -187.15
CA MET E 61 44.03 -42.61 -185.81
C MET E 61 42.87 -42.59 -184.83
N GLU E 62 42.91 -43.50 -183.87
CA GLU E 62 41.74 -43.82 -183.07
C GLU E 62 41.39 -42.68 -182.11
N LYS E 63 40.26 -42.85 -181.43
CA LYS E 63 39.77 -41.83 -180.51
C LYS E 63 40.73 -41.61 -179.35
N GLY E 64 41.33 -42.69 -178.83
CA GLY E 64 42.07 -42.60 -177.59
C GLY E 64 43.25 -41.65 -177.67
N LYS E 65 44.09 -41.79 -178.70
CA LYS E 65 45.29 -40.98 -178.77
C LYS E 65 44.95 -39.51 -179.00
N TYR E 66 44.00 -39.23 -179.90
CA TYR E 66 43.64 -37.83 -180.17
C TYR E 66 42.99 -37.19 -178.95
N VAL E 67 42.12 -37.93 -178.26
CA VAL E 67 41.48 -37.39 -177.06
C VAL E 67 42.52 -37.13 -175.97
N GLY E 68 43.42 -38.08 -175.74
CA GLY E 68 44.44 -37.87 -174.73
C GLY E 68 45.38 -36.72 -175.06
N GLU E 69 45.69 -36.56 -176.36
CA GLU E 69 46.50 -35.43 -176.79
C GLU E 69 45.77 -34.10 -176.58
N LEU E 70 44.46 -34.08 -176.81
CA LEU E 70 43.69 -32.87 -176.58
C LEU E 70 43.57 -32.55 -175.09
N ARG E 71 43.51 -33.59 -174.24
CA ARG E 71 43.42 -33.36 -172.80
C ARG E 71 44.67 -32.65 -172.27
N LYS E 72 45.85 -33.09 -172.70
CA LYS E 72 47.09 -32.48 -172.23
C LYS E 72 47.26 -31.06 -172.74
N ALA E 73 46.43 -30.63 -173.70
CA ALA E 73 46.44 -29.25 -174.17
C ALA E 73 45.28 -28.46 -173.58
N LEU E 74 44.05 -28.95 -173.73
CA LEU E 74 42.90 -28.29 -173.11
C LEU E 74 43.06 -28.26 -171.60
N LEU E 75 43.03 -29.43 -170.95
CA LEU E 75 43.16 -29.48 -169.51
C LEU E 75 44.58 -29.17 -169.03
N SER E 76 45.56 -29.18 -169.94
CA SER E 76 46.94 -28.85 -169.61
C SER E 76 47.51 -29.76 -168.52
N VAL E 83 57.71 -26.06 -170.60
CA VAL E 83 58.38 -27.12 -171.34
C VAL E 83 57.52 -27.55 -172.53
N TYR E 84 56.22 -27.33 -172.42
CA TYR E 84 55.31 -27.69 -173.50
C TYR E 84 55.54 -26.81 -174.73
N THR E 85 55.19 -27.36 -175.89
CA THR E 85 55.33 -26.66 -177.18
C THR E 85 54.24 -25.61 -177.36
N PHE E 86 54.35 -24.56 -176.55
CA PHE E 86 53.39 -23.46 -176.54
C PHE E 86 53.78 -22.41 -177.58
N ASN E 87 52.94 -22.24 -178.59
CA ASN E 87 53.09 -21.17 -179.60
C ASN E 87 51.71 -20.53 -179.80
N PHE E 88 51.40 -19.55 -178.96
CA PHE E 88 50.11 -18.86 -179.04
C PHE E 88 50.03 -18.08 -180.34
N SER E 89 49.13 -18.51 -181.23
CA SER E 89 48.95 -17.84 -182.52
C SER E 89 48.16 -16.55 -182.33
N LYS E 90 48.86 -15.44 -182.13
CA LYS E 90 48.22 -14.15 -181.94
C LYS E 90 47.65 -13.57 -183.22
N GLU E 91 47.97 -14.16 -184.37
CA GLU E 91 47.49 -13.65 -185.65
C GLU E 91 45.99 -13.79 -185.82
N SER E 92 45.33 -14.64 -185.03
CA SER E 92 43.89 -14.84 -185.16
C SER E 92 43.16 -14.88 -183.83
N CYS E 93 43.87 -14.77 -182.70
CA CYS E 93 43.29 -14.87 -181.35
C CYS E 93 42.71 -16.26 -181.10
N TYR E 94 42.83 -17.14 -182.08
CA TYR E 94 42.43 -18.54 -181.94
C TYR E 94 43.60 -19.29 -181.32
N PHE E 95 43.76 -19.12 -180.01
CA PHE E 95 44.93 -19.64 -179.33
C PHE E 95 45.00 -21.16 -179.48
N PHE E 96 46.13 -21.62 -180.01
CA PHE E 96 46.39 -23.04 -180.21
C PHE E 96 47.89 -23.18 -180.42
N PHE E 97 48.36 -24.42 -180.34
CA PHE E 97 49.78 -24.72 -180.43
C PHE E 97 49.93 -26.16 -180.89
N GLU E 98 51.10 -26.47 -181.44
CA GLU E 98 51.29 -27.70 -182.21
C GLU E 98 52.39 -28.55 -181.60
N LYS E 99 52.10 -29.84 -181.41
CA LYS E 99 53.10 -30.80 -180.95
C LYS E 99 54.17 -31.00 -182.01
N ASN E 100 55.38 -30.50 -181.74
CA ASN E 100 56.50 -30.60 -182.68
C ASN E 100 57.47 -31.64 -182.13
N LEU E 101 57.23 -32.90 -182.48
CA LEU E 101 58.08 -34.00 -182.04
C LEU E 101 57.84 -35.19 -182.97
N LYS E 102 58.54 -36.29 -182.68
CA LYS E 102 58.54 -37.44 -183.58
C LYS E 102 57.18 -38.14 -183.58
N ASP E 103 56.71 -38.49 -184.77
CA ASP E 103 55.51 -39.29 -185.00
C ASP E 103 54.23 -38.55 -184.61
N VAL E 104 54.37 -37.35 -184.03
CA VAL E 104 53.23 -36.51 -183.71
C VAL E 104 53.57 -35.08 -184.10
N SER E 105 53.10 -34.65 -185.27
CA SER E 105 53.36 -33.30 -185.78
C SER E 105 52.04 -32.72 -186.28
N PHE E 106 51.29 -32.11 -185.38
CA PHE E 106 50.06 -31.39 -185.69
C PHE E 106 49.68 -30.59 -184.46
N ARG E 107 48.52 -29.95 -184.49
CA ARG E 107 48.14 -29.03 -183.43
C ARG E 107 47.92 -29.76 -182.12
N LEU E 108 48.46 -29.20 -181.03
CA LEU E 108 48.24 -29.69 -179.68
C LEU E 108 47.19 -28.79 -179.04
N GLY E 109 45.92 -29.06 -179.33
CA GLY E 109 44.82 -28.33 -178.75
C GLY E 109 44.34 -27.19 -179.64
N SER E 110 43.11 -26.75 -179.36
CA SER E 110 42.51 -25.63 -180.06
C SER E 110 41.60 -24.91 -179.08
N PHE E 111 41.82 -23.61 -178.90
CA PHE E 111 41.12 -22.84 -177.87
C PHE E 111 40.36 -21.73 -178.60
N ASN E 112 39.04 -21.83 -178.67
CA ASN E 112 38.24 -20.83 -179.39
C ASN E 112 38.06 -19.61 -178.49
N LEU E 113 39.14 -18.85 -178.34
CA LEU E 113 39.14 -17.71 -177.45
C LEU E 113 38.13 -16.66 -177.88
N GLU E 114 37.37 -16.14 -176.93
CA GLU E 114 36.43 -15.06 -177.17
C GLU E 114 36.59 -14.03 -176.06
N LYS E 115 36.27 -12.78 -176.38
CA LYS E 115 36.41 -11.71 -175.41
C LYS E 115 35.49 -11.94 -174.21
N VAL E 116 36.02 -11.66 -173.02
CA VAL E 116 35.28 -11.92 -171.80
C VAL E 116 34.24 -10.83 -171.56
N GLU E 117 33.29 -11.13 -170.67
CA GLU E 117 32.28 -10.15 -170.30
C GLU E 117 32.87 -8.99 -169.51
N ASN E 118 34.03 -9.18 -168.90
CA ASN E 118 34.69 -8.16 -168.08
C ASN E 118 36.19 -8.46 -168.06
N PRO E 119 37.02 -7.56 -168.60
CA PRO E 119 38.45 -7.89 -168.71
C PRO E 119 39.11 -8.23 -167.39
N ALA E 120 38.65 -7.65 -166.28
CA ALA E 120 39.20 -7.95 -164.97
C ALA E 120 38.50 -9.11 -164.28
N GLU E 121 37.38 -9.59 -164.82
CA GLU E 121 36.64 -10.68 -164.18
C GLU E 121 37.48 -11.94 -164.08
N VAL E 122 38.23 -12.25 -165.14
CA VAL E 122 39.04 -13.46 -165.13
C VAL E 122 40.18 -13.34 -164.12
N ILE E 123 40.75 -12.14 -163.98
CA ILE E 123 41.75 -11.92 -162.94
C ILE E 123 41.13 -12.09 -161.55
N ARG E 124 39.91 -11.58 -161.36
CA ARG E 124 39.23 -11.75 -160.08
C ARG E 124 39.01 -13.22 -159.77
N GLU E 125 38.56 -13.99 -160.75
CA GLU E 125 38.33 -15.41 -160.54
C GLU E 125 39.65 -16.17 -160.35
N LEU E 126 40.71 -15.73 -161.03
CA LEU E 126 42.05 -16.28 -160.81
C LEU E 126 42.47 -16.11 -159.36
N ILE E 127 42.32 -14.90 -158.83
CA ILE E 127 42.72 -14.63 -157.45
C ILE E 127 41.81 -15.40 -156.48
N CYS E 128 40.53 -15.53 -156.82
CA CYS E 128 39.64 -16.33 -156.00
C CYS E 128 40.06 -17.80 -155.96
N TYR E 129 40.47 -18.35 -157.12
CA TYR E 129 40.95 -19.72 -157.15
C TYR E 129 42.24 -19.88 -156.35
N CYS E 130 43.12 -18.89 -156.42
CA CYS E 130 44.34 -18.92 -155.61
C CYS E 130 44.00 -18.90 -154.13
N LEU E 131 43.00 -18.09 -153.74
CA LEU E 131 42.54 -18.09 -152.35
C LEU E 131 41.93 -19.43 -151.97
N ASP E 132 41.24 -20.10 -152.89
CA ASP E 132 40.71 -21.44 -152.60
C ASP E 132 41.84 -22.43 -152.36
N THR E 133 42.89 -22.37 -153.18
CA THR E 133 44.04 -23.24 -152.94
C THR E 133 44.71 -22.93 -151.61
N ILE E 134 44.80 -21.65 -151.26
CA ILE E 134 45.32 -21.28 -149.94
C ILE E 134 44.42 -21.81 -148.83
N ALA E 135 43.11 -21.82 -149.06
CA ALA E 135 42.19 -22.38 -148.08
C ALA E 135 42.42 -23.87 -147.89
N GLU E 136 42.68 -24.59 -148.98
CA GLU E 136 43.08 -25.99 -148.87
C GLU E 136 44.37 -26.12 -148.07
N ASN E 137 45.31 -25.20 -148.29
CA ASN E 137 46.57 -25.20 -147.54
C ASN E 137 46.31 -25.09 -146.04
N GLN E 138 45.50 -24.12 -145.63
CA GLN E 138 45.22 -23.98 -144.20
C GLN E 138 44.38 -25.14 -143.66
N ALA E 139 43.51 -25.73 -144.48
CA ALA E 139 42.75 -26.89 -144.03
C ALA E 139 43.68 -28.04 -143.68
N LYS E 140 44.61 -28.36 -144.56
CA LYS E 140 45.52 -29.42 -144.17
C LYS E 140 46.65 -28.93 -143.25
N ASN E 141 46.78 -27.62 -143.05
CA ASN E 141 47.58 -27.14 -141.93
C ASN E 141 46.92 -27.47 -140.60
N GLU E 142 45.59 -27.34 -140.53
CA GLU E 142 44.86 -27.85 -139.37
C GLU E 142 45.01 -29.35 -139.26
N HIS E 143 45.08 -30.03 -140.41
CA HIS E 143 45.46 -31.44 -140.40
C HIS E 143 46.81 -31.64 -139.70
N LEU E 144 47.81 -30.83 -140.07
CA LEU E 144 49.09 -30.85 -139.35
C LEU E 144 48.89 -30.74 -137.86
N GLN E 145 48.34 -29.61 -137.39
CA GLN E 145 48.19 -29.45 -135.95
C GLN E 145 47.54 -30.68 -135.35
N LYS E 146 46.29 -30.97 -135.70
CA LYS E 146 45.59 -32.06 -135.04
C LYS E 146 46.32 -33.40 -135.20
N GLU E 147 46.31 -33.95 -136.42
CA GLU E 147 46.81 -35.31 -136.61
C GLU E 147 48.33 -35.38 -136.43
N ASN E 148 49.06 -34.51 -137.12
CA ASN E 148 50.51 -34.57 -137.08
C ASN E 148 51.04 -34.31 -135.68
N GLU E 149 50.51 -33.30 -134.98
CA GLU E 149 51.01 -33.02 -133.64
C GLU E 149 50.61 -34.11 -132.66
N ARG E 150 49.38 -34.64 -132.76
CA ARG E 150 49.01 -35.72 -131.84
C ARG E 150 49.87 -36.95 -132.09
N LEU E 151 50.17 -37.26 -133.35
CA LEU E 151 51.01 -38.42 -133.64
C LEU E 151 52.45 -38.19 -133.24
N LEU E 152 52.98 -36.99 -133.45
CA LEU E 152 54.35 -36.68 -133.03
C LEU E 152 54.49 -36.76 -131.52
N ARG E 153 53.54 -36.17 -130.79
CA ARG E 153 53.58 -36.22 -129.34
C ARG E 153 53.36 -37.63 -128.80
N ASP E 154 52.45 -38.40 -129.39
CA ASP E 154 52.30 -39.78 -128.99
C ASP E 154 53.56 -40.58 -129.27
N TRP E 155 54.18 -40.34 -130.43
CA TRP E 155 55.42 -41.04 -130.77
C TRP E 155 56.53 -40.70 -129.78
N ASN E 156 56.69 -39.42 -129.45
CA ASN E 156 57.70 -39.02 -128.47
C ASN E 156 57.38 -39.58 -127.09
N ASP E 157 56.12 -39.56 -126.69
CA ASP E 157 55.73 -40.07 -125.38
C ASP E 157 56.03 -41.55 -125.27
N VAL E 158 55.67 -42.33 -126.29
CA VAL E 158 55.90 -43.77 -126.22
C VAL E 158 57.38 -44.08 -126.42
N GLN E 159 58.11 -43.25 -127.16
CA GLN E 159 59.55 -43.44 -127.27
C GLN E 159 60.23 -43.23 -125.92
N GLY E 160 59.84 -42.17 -125.20
CA GLY E 160 60.34 -41.97 -123.85
C GLY E 160 59.89 -43.06 -122.89
N ARG E 161 58.68 -43.58 -123.08
CA ARG E 161 58.23 -44.71 -122.28
C ARG E 161 59.10 -45.94 -122.53
N PHE E 162 59.45 -46.19 -123.78
CA PHE E 162 60.34 -47.30 -124.10
C PHE E 162 61.73 -47.07 -123.51
N GLU E 163 62.23 -45.83 -123.59
CA GLU E 163 63.49 -45.50 -122.94
C GLU E 163 63.44 -45.81 -121.45
N LYS E 164 62.35 -45.39 -120.80
CA LYS E 164 62.20 -45.59 -119.36
C LYS E 164 62.10 -47.07 -119.02
N CYS E 165 61.37 -47.85 -119.82
CA CYS E 165 61.25 -49.26 -119.52
C CYS E 165 62.57 -49.99 -119.73
N VAL E 166 63.31 -49.61 -120.78
CA VAL E 166 64.64 -50.21 -121.00
C VAL E 166 65.56 -49.89 -119.83
N SER E 167 65.60 -48.61 -119.42
CA SER E 167 66.50 -48.19 -118.36
C SER E 167 66.11 -48.82 -117.02
N ALA E 168 64.81 -48.87 -116.73
CA ALA E 168 64.35 -49.49 -115.49
C ALA E 168 64.64 -50.97 -115.47
N LYS E 169 64.45 -51.66 -116.61
CA LYS E 169 64.79 -53.07 -116.68
C LYS E 169 66.29 -53.28 -116.47
N GLU E 170 67.11 -52.41 -117.08
CA GLU E 170 68.55 -52.52 -116.89
C GLU E 170 68.95 -52.31 -115.44
N ALA E 171 68.33 -51.32 -114.77
CA ALA E 171 68.69 -51.03 -113.39
C ALA E 171 68.23 -52.14 -112.44
N LEU E 172 67.00 -52.60 -112.59
CA LEU E 172 66.52 -53.71 -111.76
C LEU E 172 67.31 -54.98 -112.06
N GLU E 173 67.72 -55.16 -113.31
CA GLU E 173 68.59 -56.26 -113.67
C GLU E 173 69.94 -56.12 -112.97
N THR E 174 70.45 -54.89 -112.84
CA THR E 174 71.71 -54.69 -112.12
C THR E 174 71.56 -55.10 -110.68
N ASP E 175 70.49 -54.64 -110.04
CA ASP E 175 70.22 -55.05 -108.67
C ASP E 175 70.15 -56.56 -108.55
N LEU E 176 69.34 -57.19 -109.41
CA LEU E 176 69.10 -58.63 -109.29
C LEU E 176 70.37 -59.43 -109.52
N TYR E 177 71.05 -59.18 -110.66
CA TYR E 177 72.27 -59.91 -110.95
C TYR E 177 73.35 -59.68 -109.91
N LYS E 178 73.56 -58.43 -109.49
CA LYS E 178 74.68 -58.18 -108.59
C LYS E 178 74.40 -58.73 -107.20
N ARG E 179 73.16 -58.61 -106.71
CA ARG E 179 72.82 -59.19 -105.43
C ARG E 179 72.90 -60.72 -105.48
N PHE E 180 72.41 -61.32 -106.56
CA PHE E 180 72.51 -62.76 -106.71
C PHE E 180 73.97 -63.19 -106.79
N ILE E 181 74.81 -62.39 -107.45
CA ILE E 181 76.23 -62.71 -107.54
C ILE E 181 76.88 -62.63 -106.17
N LEU E 182 76.48 -61.65 -105.36
CA LEU E 182 76.99 -61.57 -104.00
C LEU E 182 76.62 -62.82 -103.19
N VAL E 183 75.34 -63.22 -103.27
CA VAL E 183 74.90 -64.42 -102.55
C VAL E 183 75.62 -65.65 -103.08
N LEU E 184 75.78 -65.73 -104.40
CA LEU E 184 76.43 -66.88 -105.03
C LEU E 184 77.91 -66.96 -104.66
N ASN E 185 78.56 -65.81 -104.53
CA ASN E 185 79.95 -65.80 -104.08
C ASN E 185 80.04 -66.22 -102.62
N GLU E 186 79.07 -65.83 -101.80
CA GLU E 186 79.02 -66.36 -100.44
C GLU E 186 78.91 -67.88 -100.46
N LYS E 187 78.01 -68.40 -101.29
CA LYS E 187 77.83 -69.84 -101.39
C LYS E 187 79.09 -70.53 -101.89
N LYS E 188 79.78 -69.91 -102.86
CA LYS E 188 80.97 -70.52 -103.43
C LYS E 188 82.13 -70.50 -102.45
N THR E 189 82.27 -69.42 -101.68
CA THR E 189 83.27 -69.40 -100.62
C THR E 189 82.97 -70.47 -99.59
N LYS E 190 81.70 -70.63 -99.22
CA LYS E 190 81.32 -71.70 -98.30
C LYS E 190 81.63 -73.06 -98.89
N ILE E 191 81.35 -73.25 -100.18
CA ILE E 191 81.59 -74.53 -100.84
C ILE E 191 83.09 -74.84 -100.88
N ARG E 192 83.91 -73.83 -101.20
CA ARG E 192 85.36 -74.02 -101.24
C ARG E 192 85.92 -74.32 -99.86
N SER E 193 85.43 -73.61 -98.83
CA SER E 193 85.88 -73.88 -97.47
C SER E 193 85.49 -75.30 -97.05
N LEU E 194 84.28 -75.72 -97.41
CA LEU E 194 83.86 -77.08 -97.11
C LEU E 194 84.71 -78.10 -97.86
N HIS E 195 85.08 -77.78 -99.10
CA HIS E 195 86.02 -78.62 -99.83
C HIS E 195 87.32 -78.78 -99.06
N ASN E 196 87.88 -77.67 -98.60
CA ASN E 196 89.14 -77.72 -97.86
C ASN E 196 89.00 -78.54 -96.60
N LYS E 197 87.94 -78.31 -95.83
CA LYS E 197 87.76 -79.02 -94.56
C LYS E 197 87.51 -80.50 -94.78
N LEU E 198 86.73 -80.86 -95.79
CA LEU E 198 86.52 -82.26 -96.11
C LEU E 198 87.82 -82.92 -96.56
N LEU E 199 88.63 -82.20 -97.31
CA LEU E 199 89.97 -82.70 -97.66
C LEU E 199 90.79 -82.96 -96.41
N ASN E 200 90.75 -82.04 -95.45
CA ASN E 200 91.42 -82.24 -94.17
C ASN E 200 90.67 -83.21 -93.26
N ALA E 201 89.41 -83.51 -93.56
CA ALA E 201 88.64 -84.45 -92.76
C ALA E 201 89.08 -85.88 -93.03
N LYS F 654 55.40 -73.08 -69.78
CA LYS F 654 54.16 -73.68 -69.31
C LYS F 654 53.33 -74.19 -70.48
N ILE F 655 52.51 -73.31 -71.05
CA ILE F 655 51.75 -73.69 -72.25
C ILE F 655 52.68 -74.06 -73.37
N SER F 656 53.73 -73.26 -73.56
CA SER F 656 54.86 -73.62 -74.42
C SER F 656 56.08 -73.60 -73.51
N ASN F 657 56.33 -74.73 -72.85
CA ASN F 657 57.43 -74.83 -71.90
C ASN F 657 58.80 -74.69 -72.56
N ILE F 658 58.87 -74.82 -73.88
CA ILE F 658 60.14 -74.58 -74.56
C ILE F 658 60.52 -73.11 -74.45
N PHE F 659 59.53 -72.22 -74.33
CA PHE F 659 59.83 -70.80 -74.18
C PHE F 659 60.41 -70.47 -72.81
N GLU F 660 60.35 -71.40 -71.87
CA GLU F 660 61.01 -71.21 -70.59
C GLU F 660 62.52 -71.40 -70.75
N ASP F 661 63.21 -71.43 -69.61
CA ASP F 661 64.60 -71.86 -69.52
C ASP F 661 65.57 -70.88 -70.16
N VAL F 662 65.06 -69.81 -70.76
CA VAL F 662 65.88 -68.80 -71.40
C VAL F 662 65.56 -67.44 -70.79
N GLU F 663 66.58 -66.74 -70.34
CA GLU F 663 66.40 -65.44 -69.72
C GLU F 663 65.96 -64.41 -70.76
N PHE F 664 65.00 -63.58 -70.39
CA PHE F 664 64.36 -62.65 -71.32
C PHE F 664 64.37 -61.25 -70.71
N CYS F 665 65.21 -60.37 -71.24
CA CYS F 665 65.19 -58.97 -70.81
C CYS F 665 64.00 -58.29 -71.48
N VAL F 666 62.83 -58.48 -70.87
CA VAL F 666 61.61 -57.83 -71.36
C VAL F 666 61.53 -56.49 -70.64
N MET F 667 62.27 -55.52 -71.18
CA MET F 667 62.19 -54.14 -70.72
C MET F 667 61.51 -53.22 -71.72
N SER F 668 61.59 -53.55 -73.02
CA SER F 668 60.83 -52.87 -74.06
C SER F 668 60.07 -53.94 -74.83
N GLY F 669 58.91 -54.32 -74.31
CA GLY F 669 58.01 -55.23 -74.97
C GLY F 669 56.89 -54.56 -75.73
N THR F 670 56.98 -53.25 -75.95
CA THR F 670 55.98 -52.55 -76.75
C THR F 670 56.36 -52.56 -78.22
N ASP F 671 56.58 -53.76 -78.76
CA ASP F 671 56.85 -53.90 -80.18
C ASP F 671 55.59 -53.64 -80.99
N SER F 672 54.55 -54.44 -80.75
CA SER F 672 53.22 -54.19 -81.31
C SER F 672 52.17 -53.93 -80.26
N GLN F 673 52.20 -54.66 -79.14
CA GLN F 673 51.32 -54.48 -78.01
C GLN F 673 52.14 -53.98 -76.83
N PRO F 674 51.51 -53.33 -75.85
CA PRO F 674 52.25 -52.87 -74.67
C PRO F 674 53.01 -54.03 -74.03
N LYS F 675 54.15 -53.69 -73.44
CA LYS F 675 55.02 -54.72 -72.86
C LYS F 675 54.30 -55.67 -71.91
N PRO F 676 53.46 -55.21 -70.97
CA PRO F 676 52.81 -56.18 -70.06
C PRO F 676 52.06 -57.28 -70.77
N ASP F 677 51.46 -56.99 -71.92
CA ASP F 677 50.81 -58.04 -72.70
C ASP F 677 51.81 -59.13 -73.06
N LEU F 678 52.97 -58.73 -73.58
CA LEU F 678 53.99 -59.70 -73.96
C LEU F 678 54.53 -60.43 -72.74
N GLU F 679 54.69 -59.72 -71.62
CA GLU F 679 55.17 -60.38 -70.41
C GLU F 679 54.19 -61.44 -69.95
N ASN F 680 52.89 -61.13 -69.98
CA ASN F 680 51.89 -62.13 -69.65
C ASN F 680 51.98 -63.32 -70.60
N ARG F 681 52.16 -63.05 -71.90
CA ARG F 681 52.27 -64.13 -72.87
C ARG F 681 53.44 -65.05 -72.53
N ILE F 682 54.62 -64.46 -72.29
CA ILE F 682 55.81 -65.26 -72.01
C ILE F 682 55.62 -66.03 -70.71
N ALA F 683 54.96 -65.43 -69.72
CA ALA F 683 54.66 -66.14 -68.50
C ALA F 683 53.76 -67.34 -68.77
N GLU F 684 52.76 -67.16 -69.65
CA GLU F 684 51.89 -68.26 -70.02
C GLU F 684 52.68 -69.41 -70.64
N PHE F 685 53.83 -69.10 -71.26
CA PHE F 685 54.76 -70.11 -71.72
C PHE F 685 55.95 -70.24 -70.79
N GLY F 686 55.85 -69.69 -69.58
CA GLY F 686 56.84 -69.89 -68.54
C GLY F 686 58.20 -69.31 -68.87
N GLY F 687 58.27 -68.47 -69.89
CA GLY F 687 59.55 -67.92 -70.29
C GLY F 687 60.16 -67.09 -69.17
N TYR F 688 61.49 -67.19 -69.05
CA TYR F 688 62.20 -66.59 -67.93
C TYR F 688 62.38 -65.10 -68.20
N ILE F 689 61.34 -64.35 -67.84
CA ILE F 689 61.33 -62.91 -68.04
C ILE F 689 62.20 -62.23 -67.00
N VAL F 690 63.02 -61.28 -67.44
CA VAL F 690 63.81 -60.45 -66.53
C VAL F 690 63.71 -59.01 -67.00
N GLN F 691 63.68 -58.08 -66.05
CA GLN F 691 63.65 -56.67 -66.42
C GLN F 691 64.97 -56.18 -66.98
N ASN F 692 66.09 -56.76 -66.52
CA ASN F 692 67.40 -56.33 -66.97
C ASN F 692 68.20 -57.53 -67.43
N PRO F 693 68.99 -57.40 -68.49
CA PRO F 693 69.60 -58.59 -69.10
C PRO F 693 70.66 -59.21 -68.21
N GLY F 694 70.45 -60.45 -67.81
CA GLY F 694 71.46 -61.21 -67.12
C GLY F 694 72.38 -61.88 -68.11
N PRO F 695 73.23 -62.78 -67.63
CA PRO F 695 74.19 -63.42 -68.55
C PRO F 695 73.55 -64.22 -69.66
N ASP F 696 72.64 -65.13 -69.32
CA ASP F 696 71.99 -65.98 -70.31
C ASP F 696 70.84 -65.30 -71.02
N THR F 697 70.77 -63.96 -70.98
CA THR F 697 69.73 -63.22 -71.69
C THR F 697 70.05 -63.27 -73.17
N TYR F 698 69.71 -64.40 -73.78
CA TYR F 698 69.94 -64.57 -75.22
C TYR F 698 68.88 -63.88 -76.04
N CYS F 699 67.92 -63.21 -75.40
CA CYS F 699 66.88 -62.46 -76.11
C CYS F 699 66.51 -61.26 -75.23
N VAL F 700 67.02 -60.09 -75.60
CA VAL F 700 66.69 -58.85 -74.90
C VAL F 700 65.50 -58.23 -75.63
N ILE F 701 64.32 -58.32 -75.03
CA ILE F 701 63.10 -57.85 -75.67
C ILE F 701 63.13 -56.33 -75.74
N ALA F 702 63.35 -55.80 -76.94
CA ALA F 702 63.47 -54.37 -77.17
C ALA F 702 62.51 -53.98 -78.28
N GLY F 703 61.26 -53.70 -77.92
CA GLY F 703 60.31 -53.17 -78.87
C GLY F 703 60.41 -51.68 -79.09
N SER F 704 61.28 -51.01 -78.34
CA SER F 704 61.48 -49.58 -78.46
C SER F 704 62.87 -49.25 -77.95
N GLU F 705 63.56 -48.37 -78.67
CA GLU F 705 64.93 -48.01 -78.30
C GLU F 705 64.94 -47.21 -77.00
N ASN F 706 65.88 -47.54 -76.13
CA ASN F 706 66.06 -46.86 -74.87
C ASN F 706 67.53 -46.57 -74.65
N ILE F 707 67.80 -45.62 -73.76
CA ILE F 707 69.17 -45.36 -73.35
C ILE F 707 69.77 -46.61 -72.72
N ARG F 708 68.98 -47.34 -71.94
CA ARG F 708 69.40 -48.64 -71.45
C ARG F 708 69.63 -49.60 -72.59
N VAL F 709 68.77 -49.53 -73.62
CA VAL F 709 69.01 -50.34 -74.82
C VAL F 709 70.32 -49.96 -75.47
N LYS F 710 70.63 -48.66 -75.50
CA LYS F 710 71.93 -48.24 -76.01
C LYS F 710 73.06 -48.83 -75.18
N ASN F 711 72.88 -48.89 -73.86
CA ASN F 711 73.89 -49.50 -73.01
C ASN F 711 74.10 -50.96 -73.36
N ILE F 712 72.99 -51.69 -73.53
CA ILE F 712 73.09 -53.10 -73.86
C ILE F 712 73.75 -53.28 -75.23
N ILE F 713 73.50 -52.34 -76.15
CA ILE F 713 74.26 -52.30 -77.39
C ILE F 713 75.75 -52.16 -77.09
N LEU F 714 76.09 -51.25 -76.18
CA LEU F 714 77.48 -51.10 -75.79
C LEU F 714 78.02 -52.37 -75.15
N SER F 715 77.20 -53.00 -74.30
CA SER F 715 77.58 -54.25 -73.65
C SER F 715 77.45 -55.37 -74.68
N ASN F 716 78.56 -55.68 -75.36
CA ASN F 716 78.51 -56.72 -76.37
C ASN F 716 78.44 -58.09 -75.71
N LYS F 717 77.41 -58.29 -74.90
CA LYS F 717 77.20 -59.54 -74.20
C LYS F 717 75.75 -60.02 -74.24
N HIS F 718 74.82 -59.21 -74.74
CA HIS F 718 73.41 -59.53 -74.69
C HIS F 718 72.78 -59.29 -76.06
N ASP F 719 71.68 -60.01 -76.31
CA ASP F 719 71.09 -60.11 -77.64
C ASP F 719 69.88 -59.18 -77.72
N VAL F 720 70.11 -57.97 -78.21
CA VAL F 720 69.02 -57.00 -78.39
C VAL F 720 68.26 -57.35 -79.65
N VAL F 721 66.94 -57.47 -79.54
CA VAL F 721 66.13 -58.04 -80.61
C VAL F 721 64.91 -57.16 -80.85
N LYS F 722 64.43 -57.17 -82.09
CA LYS F 722 63.05 -56.77 -82.34
C LYS F 722 62.12 -57.90 -81.90
N PRO F 723 61.18 -57.65 -81.01
CA PRO F 723 60.33 -58.74 -80.51
C PRO F 723 59.32 -59.24 -81.54
N ALA F 724 59.37 -58.76 -82.78
CA ALA F 724 58.50 -59.29 -83.81
C ALA F 724 58.80 -60.75 -84.09
N TRP F 725 60.08 -61.11 -84.07
CA TRP F 725 60.48 -62.51 -84.17
C TRP F 725 59.88 -63.35 -83.06
N LEU F 726 59.91 -62.84 -81.83
CA LEU F 726 59.31 -63.59 -80.73
C LEU F 726 57.79 -63.66 -80.86
N LEU F 727 57.19 -62.61 -81.42
CA LEU F 727 55.77 -62.69 -81.76
C LEU F 727 55.52 -63.83 -82.73
N GLU F 728 56.37 -63.96 -83.74
CA GLU F 728 56.27 -65.04 -84.69
C GLU F 728 56.42 -66.39 -84.01
N CYS F 729 57.40 -66.49 -83.10
CA CYS F 729 57.59 -67.71 -82.33
C CYS F 729 56.33 -68.07 -81.57
N PHE F 730 55.72 -67.07 -80.91
CA PHE F 730 54.52 -67.30 -80.13
C PHE F 730 53.35 -67.71 -81.01
N LYS F 731 53.20 -67.07 -82.16
CA LYS F 731 52.16 -67.45 -83.11
C LYS F 731 52.35 -68.89 -83.57
N THR F 732 53.60 -69.27 -83.84
CA THR F 732 53.92 -70.65 -84.13
C THR F 732 53.84 -71.53 -82.89
N LYS F 733 53.69 -70.94 -81.71
CA LYS F 733 53.74 -71.66 -80.43
C LYS F 733 55.04 -72.43 -80.26
N SER F 734 56.06 -72.06 -81.02
CA SER F 734 57.34 -72.75 -81.00
C SER F 734 58.44 -71.75 -81.33
N PHE F 735 59.63 -72.00 -80.79
CA PHE F 735 60.76 -71.11 -81.04
C PHE F 735 61.10 -71.11 -82.53
N VAL F 736 60.83 -69.99 -83.19
CA VAL F 736 61.38 -69.82 -84.55
C VAL F 736 62.88 -69.66 -84.44
N PRO F 737 63.67 -70.33 -85.30
CA PRO F 737 65.12 -70.12 -85.25
C PRO F 737 65.48 -68.68 -85.53
N TRP F 738 66.58 -68.23 -84.93
CA TRP F 738 67.03 -66.85 -85.09
C TRP F 738 67.23 -66.51 -86.55
N GLN F 739 66.57 -65.45 -87.01
CA GLN F 739 66.66 -64.98 -88.39
C GLN F 739 67.19 -63.56 -88.42
N PRO F 740 68.20 -63.27 -89.23
CA PRO F 740 68.98 -62.04 -89.07
C PRO F 740 68.29 -60.76 -89.56
N ARG F 741 67.07 -60.53 -89.09
CA ARG F 741 66.42 -59.24 -89.33
C ARG F 741 65.71 -58.66 -88.11
N PHE F 742 65.35 -59.45 -87.11
CA PHE F 742 64.87 -58.91 -85.85
C PHE F 742 66.00 -58.51 -84.91
N MET F 743 67.24 -58.71 -85.31
CA MET F 743 68.36 -58.70 -84.38
C MET F 743 68.96 -57.30 -84.34
N ILE F 744 68.99 -56.70 -83.15
CA ILE F 744 69.47 -55.32 -83.01
C ILE F 744 70.96 -55.32 -82.73
N HIS F 745 71.34 -55.86 -81.57
CA HIS F 745 72.73 -55.93 -81.16
C HIS F 745 73.11 -57.37 -80.87
N MET F 746 73.88 -57.96 -81.78
CA MET F 746 74.27 -59.34 -81.66
C MET F 746 75.26 -59.50 -80.51
N CYS F 747 75.21 -60.65 -79.85
CA CYS F 747 76.38 -61.11 -79.14
C CYS F 747 77.43 -61.54 -80.16
N PRO F 748 78.72 -61.50 -79.80
CA PRO F 748 79.72 -62.04 -80.72
C PRO F 748 79.42 -63.48 -81.09
N SER F 749 78.95 -64.26 -80.12
CA SER F 749 78.41 -65.58 -80.42
C SER F 749 77.24 -65.48 -81.38
N THR F 750 76.37 -64.49 -81.20
CA THR F 750 75.24 -64.31 -82.12
C THR F 750 75.73 -63.84 -83.48
N LYS F 751 76.77 -63.00 -83.51
CA LYS F 751 77.34 -62.58 -84.79
C LYS F 751 77.81 -63.78 -85.59
N GLU F 752 78.65 -64.62 -84.98
CA GLU F 752 79.13 -65.80 -85.67
C GLU F 752 78.00 -66.79 -85.93
N HIS F 753 76.98 -66.81 -85.07
CA HIS F 753 75.83 -67.68 -85.29
C HIS F 753 75.11 -67.33 -86.59
N PHE F 754 74.79 -66.04 -86.76
CA PHE F 754 74.14 -65.60 -88.00
C PHE F 754 75.07 -65.76 -89.19
N ALA F 755 76.37 -65.52 -89.00
CA ALA F 755 77.32 -65.71 -90.09
C ALA F 755 77.44 -67.18 -90.48
N ARG F 756 77.12 -68.10 -89.56
CA ARG F 756 77.18 -69.52 -89.86
C ARG F 756 75.88 -70.00 -90.52
N GLU F 757 74.76 -69.89 -89.81
CA GLU F 757 73.50 -70.41 -90.33
C GLU F 757 72.93 -69.56 -91.45
N TYR F 758 73.51 -68.40 -91.72
CA TYR F 758 73.16 -67.60 -92.88
C TYR F 758 74.44 -67.08 -93.51
N ASP F 759 74.33 -66.61 -94.74
CA ASP F 759 75.44 -65.91 -95.38
C ASP F 759 75.48 -64.49 -94.81
N CYS F 760 76.23 -63.60 -95.46
CA CYS F 760 76.27 -62.22 -95.02
C CYS F 760 74.92 -61.52 -95.14
N TYR F 761 73.89 -62.20 -95.65
CA TYR F 761 72.55 -61.63 -95.72
C TYR F 761 71.55 -62.57 -95.05
N GLY F 762 70.26 -62.28 -95.19
CA GLY F 762 69.25 -63.10 -94.55
C GLY F 762 69.23 -64.53 -95.08
N ASP F 763 69.69 -64.73 -96.31
CA ASP F 763 69.71 -66.07 -96.89
C ASP F 763 70.66 -66.97 -96.11
N SER F 764 70.27 -68.23 -95.99
CA SER F 764 71.07 -69.21 -95.27
C SER F 764 72.10 -69.83 -96.23
N TYR F 765 72.90 -70.76 -95.72
CA TYR F 765 73.79 -71.56 -96.53
C TYR F 765 73.25 -72.95 -96.81
N PHE F 766 72.18 -73.34 -96.14
CA PHE F 766 71.62 -74.68 -96.27
C PHE F 766 70.13 -74.68 -96.58
N ILE F 767 69.36 -73.73 -96.03
CA ILE F 767 67.92 -73.70 -96.22
C ILE F 767 67.63 -72.98 -97.54
N ASP F 768 66.94 -73.68 -98.44
CA ASP F 768 66.63 -73.12 -99.74
C ASP F 768 65.61 -72.00 -99.61
N THR F 769 65.72 -71.00 -100.47
CA THR F 769 64.87 -69.83 -100.46
C THR F 769 64.13 -69.68 -101.78
N ASP F 770 63.02 -68.96 -101.73
CA ASP F 770 62.18 -68.71 -102.89
C ASP F 770 62.40 -67.29 -103.40
N LEU F 771 61.61 -66.92 -104.42
CA LEU F 771 61.72 -65.57 -104.98
C LEU F 771 61.27 -64.52 -103.98
N ASN F 772 60.32 -64.86 -103.11
CA ASN F 772 59.94 -63.93 -102.04
C ASN F 772 61.12 -63.67 -101.11
N GLN F 773 61.75 -64.74 -100.63
CA GLN F 773 62.95 -64.59 -99.81
C GLN F 773 64.08 -63.97 -100.61
N LEU F 774 64.12 -64.22 -101.92
CA LEU F 774 65.12 -63.58 -102.76
C LEU F 774 64.97 -62.07 -102.76
N LYS F 775 63.74 -61.59 -102.93
CA LYS F 775 63.48 -60.16 -102.89
C LYS F 775 63.76 -59.59 -101.50
N GLU F 776 63.37 -60.34 -100.46
CA GLU F 776 63.63 -59.88 -99.09
C GLU F 776 65.13 -59.71 -98.85
N VAL F 777 65.92 -60.69 -99.26
CA VAL F 777 67.37 -60.62 -99.09
C VAL F 777 67.94 -59.47 -99.92
N PHE F 778 67.50 -59.37 -101.19
CA PHE F 778 68.04 -58.33 -102.07
C PHE F 778 67.75 -56.95 -101.52
N SER F 779 66.55 -56.73 -100.99
CA SER F 779 66.29 -55.50 -100.25
C SER F 779 67.21 -55.36 -99.05
N GLY F 780 67.44 -56.46 -98.34
CA GLY F 780 68.44 -56.45 -97.29
C GLY F 780 69.83 -56.19 -97.82
N ILE F 781 70.15 -56.75 -98.98
CA ILE F 781 71.42 -56.41 -99.63
C ILE F 781 71.40 -54.94 -100.01
N LYS F 782 72.58 -54.35 -100.11
CA LYS F 782 72.73 -52.97 -100.53
C LYS F 782 72.12 -52.77 -101.92
N ASN F 783 71.94 -51.51 -102.28
CA ASN F 783 71.51 -51.18 -103.63
C ASN F 783 72.66 -51.47 -104.59
N SER F 784 72.66 -52.65 -105.19
CA SER F 784 73.75 -53.08 -106.03
C SER F 784 73.66 -52.55 -107.45
N ASN F 785 72.89 -51.48 -107.66
CA ASN F 785 72.88 -50.79 -108.95
C ASN F 785 74.12 -49.93 -109.15
N GLU F 786 74.91 -49.71 -108.10
CA GLU F 786 76.12 -48.89 -108.24
C GLU F 786 77.11 -49.50 -109.23
N GLN F 787 76.97 -50.82 -109.45
CA GLN F 787 77.87 -51.54 -110.38
C GLN F 787 77.48 -51.19 -111.82
N THR F 788 78.44 -50.71 -112.61
CA THR F 788 78.15 -50.35 -114.02
C THR F 788 77.28 -51.43 -114.66
N PRO F 789 76.07 -51.10 -115.16
CA PRO F 789 75.23 -52.09 -115.84
C PRO F 789 75.99 -52.64 -117.06
N GLU F 790 77.00 -51.91 -117.55
CA GLU F 790 77.84 -52.42 -118.66
C GLU F 790 78.69 -53.57 -118.11
N GLU F 791 79.30 -53.39 -116.93
CA GLU F 791 80.04 -54.51 -116.31
C GLU F 791 79.00 -55.56 -115.93
N MET F 792 77.83 -55.13 -115.47
CA MET F 792 76.73 -56.09 -115.17
C MET F 792 76.40 -56.83 -116.47
N ALA F 793 76.43 -56.12 -117.60
CA ALA F 793 76.20 -56.77 -118.91
C ALA F 793 77.20 -57.91 -119.06
N SER F 794 78.49 -57.62 -118.93
CA SER F 794 79.52 -58.68 -118.98
C SER F 794 79.09 -59.81 -118.04
N LEU F 795 78.82 -59.49 -116.77
CA LEU F 795 78.34 -60.51 -115.81
C LEU F 795 77.21 -61.30 -116.48
N ILE F 796 76.10 -60.63 -116.79
CA ILE F 796 74.96 -61.29 -117.49
C ILE F 796 75.53 -62.15 -118.62
N ALA F 797 76.05 -61.53 -119.68
CA ALA F 797 76.66 -62.27 -120.80
C ALA F 797 77.35 -63.52 -120.27
N ASP F 798 78.32 -63.34 -119.36
CA ASP F 798 79.02 -64.48 -118.78
C ASP F 798 78.06 -65.47 -118.14
N LEU F 799 77.22 -64.99 -117.23
CA LEU F 799 76.31 -65.89 -116.52
C LEU F 799 75.29 -66.50 -117.46
N GLU F 800 74.65 -65.67 -118.28
CA GLU F 800 73.66 -66.11 -119.24
C GLU F 800 74.22 -67.15 -120.20
N TYR F 801 75.54 -67.14 -120.42
CA TYR F 801 76.11 -68.20 -121.22
C TYR F 801 76.43 -69.44 -120.38
N ARG F 802 77.17 -69.26 -119.28
CA ARG F 802 77.56 -70.40 -118.45
C ARG F 802 76.36 -71.03 -117.77
N TYR F 803 75.42 -70.22 -117.28
CA TYR F 803 74.17 -70.73 -116.74
C TYR F 803 73.14 -71.01 -117.81
N SER F 804 73.47 -70.74 -119.07
CA SER F 804 72.54 -70.89 -120.19
C SER F 804 71.31 -70.01 -119.99
N TRP F 805 71.46 -68.89 -119.27
CA TRP F 805 70.39 -67.92 -119.17
C TRP F 805 70.28 -67.05 -120.41
N ASP F 806 71.21 -67.19 -121.34
CA ASP F 806 71.05 -66.55 -122.64
C ASP F 806 69.85 -67.08 -123.40
N CYS F 807 69.32 -68.24 -123.00
CA CYS F 807 68.12 -68.76 -123.65
C CYS F 807 66.97 -67.77 -123.56
N SER F 808 66.96 -66.93 -122.52
CA SER F 808 66.02 -65.83 -122.45
C SER F 808 66.31 -64.87 -123.60
N PRO F 809 65.43 -64.78 -124.59
CA PRO F 809 65.64 -63.79 -125.67
C PRO F 809 65.45 -62.38 -125.18
N LEU F 810 64.92 -62.19 -123.97
CA LEU F 810 64.58 -60.87 -123.47
C LEU F 810 65.83 -60.06 -123.20
N SER F 811 66.93 -60.74 -122.86
CA SER F 811 68.26 -60.13 -122.79
C SER F 811 69.22 -61.12 -123.43
N MET F 812 69.45 -60.95 -124.73
CA MET F 812 70.35 -61.81 -125.50
C MET F 812 71.58 -61.10 -126.02
N PHE F 813 71.50 -59.79 -126.21
CA PHE F 813 72.58 -59.09 -126.88
C PHE F 813 73.70 -58.68 -125.93
N ARG F 814 73.68 -59.17 -124.69
CA ARG F 814 74.88 -59.09 -123.86
C ARG F 814 76.01 -59.88 -124.49
N ARG F 815 75.69 -61.04 -125.07
CA ARG F 815 76.65 -61.77 -125.88
C ARG F 815 77.02 -60.99 -127.14
N HIS F 816 76.05 -60.29 -127.72
CA HIS F 816 76.20 -59.68 -129.04
C HIS F 816 76.85 -58.30 -128.94
N THR F 817 77.86 -58.07 -129.76
CA THR F 817 78.41 -56.73 -129.96
C THR F 817 77.82 -56.20 -131.27
N VAL F 818 76.56 -55.79 -131.19
CA VAL F 818 75.76 -55.46 -132.37
C VAL F 818 75.71 -53.96 -132.55
N TYR F 819 75.94 -53.50 -133.77
CA TYR F 819 75.79 -52.11 -134.17
C TYR F 819 74.36 -51.86 -134.64
N LEU F 820 73.95 -50.61 -134.59
CA LEU F 820 72.67 -50.20 -135.15
C LEU F 820 72.85 -48.86 -135.87
N ASP F 821 72.20 -48.72 -137.01
CA ASP F 821 72.30 -47.50 -137.82
C ASP F 821 71.08 -46.63 -137.57
N SER F 822 71.31 -45.50 -136.91
CA SER F 822 70.32 -44.44 -136.80
C SER F 822 70.67 -43.24 -137.69
N TYR F 823 71.69 -43.37 -138.53
CA TYR F 823 72.18 -42.30 -139.37
C TYR F 823 71.99 -42.67 -140.84
N ALA F 824 71.76 -41.65 -141.67
CA ALA F 824 71.68 -41.89 -143.11
C ALA F 824 73.01 -42.40 -143.65
N VAL F 825 74.12 -41.81 -143.19
CA VAL F 825 75.46 -42.24 -143.56
C VAL F 825 76.24 -42.51 -142.26
N ILE F 826 77.10 -43.52 -142.31
CA ILE F 826 77.78 -43.98 -141.12
C ILE F 826 79.16 -43.35 -141.07
N ASN F 827 79.79 -43.40 -139.88
CA ASN F 827 81.08 -42.76 -139.62
C ASN F 827 81.00 -41.25 -139.82
N ASP F 828 79.80 -40.70 -139.66
CA ASP F 828 79.56 -39.26 -139.72
C ASP F 828 78.53 -38.95 -138.63
N LEU F 829 79.03 -38.57 -137.46
CA LEU F 829 78.16 -38.33 -136.31
C LEU F 829 77.25 -37.12 -136.51
N SER F 830 77.57 -36.24 -137.46
CA SER F 830 76.73 -35.08 -137.72
C SER F 830 75.37 -35.44 -138.28
N THR F 831 75.23 -36.62 -138.88
CA THR F 831 73.97 -37.07 -139.44
C THR F 831 73.19 -37.87 -138.41
N LYS F 832 71.86 -37.82 -138.52
CA LYS F 832 70.97 -38.52 -137.59
C LYS F 832 69.58 -38.54 -138.19
N ASN F 833 68.88 -39.66 -138.02
CA ASN F 833 67.50 -39.81 -138.47
C ASN F 833 66.57 -39.49 -137.31
N GLU F 834 65.65 -38.56 -137.54
CA GLU F 834 64.71 -38.10 -136.52
C GLU F 834 63.30 -38.44 -136.96
N GLY F 835 62.42 -38.70 -135.98
CA GLY F 835 61.09 -39.16 -136.28
C GLY F 835 61.13 -40.53 -136.92
N THR F 836 61.90 -41.43 -136.32
CA THR F 836 62.13 -42.76 -136.87
C THR F 836 62.15 -43.78 -135.75
N ARG F 837 62.15 -45.05 -136.15
CA ARG F 837 62.26 -46.17 -135.21
C ARG F 837 63.70 -46.57 -134.94
N LEU F 838 64.66 -45.96 -135.64
CA LEU F 838 66.06 -46.37 -135.49
C LEU F 838 66.55 -46.13 -134.07
N ALA F 839 66.23 -44.97 -133.49
CA ALA F 839 66.52 -44.76 -132.07
C ALA F 839 65.74 -45.74 -131.21
N ILE F 840 64.50 -46.03 -131.58
CA ILE F 840 63.70 -47.03 -130.86
C ILE F 840 64.37 -48.39 -130.95
N LYS F 841 64.91 -48.74 -132.12
CA LYS F 841 65.62 -50.00 -132.26
C LYS F 841 66.89 -50.02 -131.41
N ALA F 842 67.58 -48.88 -131.31
CA ALA F 842 68.74 -48.80 -130.42
C ALA F 842 68.32 -49.01 -128.97
N LEU F 843 67.15 -48.51 -128.60
CA LEU F 843 66.62 -48.76 -127.27
C LEU F 843 66.30 -50.25 -127.08
N GLU F 844 65.83 -50.91 -128.14
CA GLU F 844 65.67 -52.36 -128.09
C GLU F 844 67.00 -53.03 -127.81
N LEU F 845 68.05 -52.58 -128.50
CA LEU F 845 69.38 -53.12 -128.25
C LEU F 845 69.78 -52.94 -126.79
N ARG F 846 69.54 -51.74 -126.25
CA ARG F 846 69.85 -51.47 -124.85
C ARG F 846 69.00 -52.34 -123.92
N PHE F 847 67.80 -52.72 -124.35
CA PHE F 847 66.97 -53.61 -123.54
C PHE F 847 67.64 -54.96 -123.34
N HIS F 848 68.27 -55.48 -124.41
CA HIS F 848 69.03 -56.73 -124.31
C HIS F 848 70.43 -56.51 -123.73
N GLY F 849 70.79 -55.28 -123.39
CA GLY F 849 72.14 -55.01 -122.97
C GLY F 849 73.16 -55.06 -124.08
N ALA F 850 72.75 -54.71 -125.30
CA ALA F 850 73.66 -54.75 -126.44
C ALA F 850 74.73 -53.67 -126.31
N LYS F 851 75.81 -53.85 -127.06
CA LYS F 851 76.84 -52.83 -127.19
C LYS F 851 76.35 -51.84 -128.24
N VAL F 852 75.42 -50.99 -127.82
CA VAL F 852 74.70 -50.10 -128.73
C VAL F 852 75.64 -49.04 -129.26
N VAL F 853 76.02 -49.17 -130.54
CA VAL F 853 76.89 -48.22 -131.21
C VAL F 853 76.21 -47.77 -132.49
N SER F 854 76.28 -46.47 -132.78
CA SER F 854 75.70 -45.91 -133.99
C SER F 854 76.77 -45.50 -135.00
N CYS F 855 78.02 -45.91 -134.79
CA CYS F 855 79.10 -45.69 -135.75
C CYS F 855 79.87 -47.00 -135.92
N LEU F 856 80.34 -47.24 -137.14
CA LEU F 856 81.05 -48.48 -137.42
C LEU F 856 82.52 -48.37 -137.05
N ALA F 857 83.00 -49.35 -136.28
CA ALA F 857 84.40 -49.48 -135.92
C ALA F 857 84.77 -50.95 -135.97
N GLU F 858 85.97 -51.27 -135.50
CA GLU F 858 86.40 -52.67 -135.49
C GLU F 858 85.59 -53.48 -134.46
N GLY F 859 85.22 -52.85 -133.35
CA GLY F 859 84.45 -53.56 -132.34
C GLY F 859 83.09 -54.02 -132.84
N VAL F 860 82.55 -53.32 -133.85
CA VAL F 860 81.28 -53.71 -134.45
C VAL F 860 81.37 -55.14 -134.97
N SER F 861 80.34 -55.93 -134.69
CA SER F 861 80.25 -57.30 -135.21
C SER F 861 78.98 -57.54 -136.02
N HIS F 862 77.84 -57.00 -135.58
CA HIS F 862 76.59 -57.12 -136.30
C HIS F 862 76.03 -55.71 -136.52
N VAL F 863 75.52 -55.45 -137.73
CA VAL F 863 75.07 -54.12 -138.10
C VAL F 863 73.58 -54.17 -138.42
N ILE F 864 72.81 -53.31 -137.77
CA ILE F 864 71.39 -53.17 -138.04
C ILE F 864 71.21 -51.98 -138.97
N ILE F 865 70.60 -52.22 -140.13
CA ILE F 865 70.42 -51.16 -141.11
C ILE F 865 69.38 -50.17 -140.61
N GLY F 866 69.52 -48.92 -141.05
CA GLY F 866 68.53 -47.90 -140.78
C GLY F 866 67.33 -48.03 -141.70
N GLU F 867 66.47 -47.00 -141.66
CA GLU F 867 65.27 -47.01 -142.49
C GLU F 867 65.61 -47.11 -143.96
N ASP F 868 66.59 -46.34 -144.41
CA ASP F 868 67.10 -46.48 -145.77
C ASP F 868 68.01 -47.70 -145.83
N HIS F 869 67.65 -48.67 -146.65
CA HIS F 869 68.42 -49.89 -146.79
C HIS F 869 69.48 -49.80 -147.87
N SER F 870 69.59 -48.66 -148.55
CA SER F 870 70.65 -48.44 -149.52
C SER F 870 71.99 -48.14 -148.86
N ARG F 871 72.01 -47.93 -147.54
CA ARG F 871 73.27 -47.71 -146.83
C ARG F 871 74.13 -48.96 -146.77
N VAL F 872 73.60 -50.12 -147.16
CA VAL F 872 74.37 -51.36 -147.13
C VAL F 872 75.66 -51.24 -147.93
N ALA F 873 75.73 -50.32 -148.88
CA ALA F 873 76.99 -50.07 -149.58
C ALA F 873 78.06 -49.57 -148.60
N ASP F 874 77.73 -48.53 -147.83
CA ASP F 874 78.66 -48.06 -146.80
C ASP F 874 78.86 -49.11 -145.72
N PHE F 875 77.82 -49.89 -145.45
CA PHE F 875 77.94 -50.98 -144.47
C PHE F 875 79.04 -51.96 -144.89
N LYS F 876 79.00 -52.40 -146.15
CA LYS F 876 80.04 -53.29 -146.66
C LYS F 876 81.39 -52.58 -146.79
N ALA F 877 81.38 -51.28 -147.09
CA ALA F 877 82.63 -50.53 -147.17
C ALA F 877 83.34 -50.52 -145.82
N PHE F 878 82.58 -50.36 -144.74
CA PHE F 878 83.17 -50.44 -143.40
C PHE F 878 83.31 -51.88 -142.91
N ARG F 879 82.64 -52.84 -143.56
CA ARG F 879 82.94 -54.25 -143.31
C ARG F 879 84.29 -54.63 -143.88
N ARG F 880 84.73 -53.95 -144.94
CA ARG F 880 86.03 -54.24 -145.53
C ARG F 880 87.14 -53.33 -145.02
N THR F 881 86.85 -52.08 -144.66
CA THR F 881 87.87 -51.25 -144.03
C THR F 881 88.17 -51.75 -142.62
N PHE F 882 87.12 -51.96 -141.82
CA PHE F 882 87.25 -52.63 -140.53
C PHE F 882 87.14 -54.13 -140.77
N LYS F 883 88.17 -54.88 -140.36
CA LYS F 883 88.34 -56.25 -140.83
C LYS F 883 87.16 -57.16 -140.49
N ARG F 884 86.35 -56.80 -139.50
CA ARG F 884 85.19 -57.61 -139.16
C ARG F 884 84.15 -57.54 -140.26
N LYS F 885 83.67 -58.71 -140.69
CA LYS F 885 82.53 -58.81 -141.61
C LYS F 885 81.27 -58.58 -140.78
N PHE F 886 80.79 -57.34 -140.76
CA PHE F 886 79.61 -57.01 -139.98
C PHE F 886 78.39 -57.75 -140.51
N LYS F 887 77.56 -58.23 -139.60
CA LYS F 887 76.36 -58.98 -139.96
C LYS F 887 75.25 -57.99 -140.30
N ILE F 888 74.87 -57.92 -141.57
CA ILE F 888 73.88 -56.96 -142.03
C ILE F 888 72.51 -57.36 -141.48
N LEU F 889 71.82 -56.41 -140.85
CA LEU F 889 70.56 -56.65 -140.18
C LEU F 889 69.59 -55.53 -140.53
N LYS F 890 68.38 -55.89 -140.94
CA LYS F 890 67.35 -54.89 -141.20
C LYS F 890 66.68 -54.52 -139.88
N GLU F 891 65.61 -53.73 -139.93
CA GLU F 891 64.89 -53.38 -138.71
C GLU F 891 64.30 -54.62 -138.05
N SER F 892 63.72 -55.53 -138.85
CA SER F 892 62.99 -56.66 -138.31
C SER F 892 63.82 -57.46 -137.32
N TRP F 893 65.12 -57.57 -137.55
CA TRP F 893 66.00 -58.29 -136.63
C TRP F 893 65.89 -57.73 -135.22
N VAL F 894 66.28 -56.47 -135.03
CA VAL F 894 66.27 -55.87 -133.71
C VAL F 894 64.85 -55.71 -133.18
N THR F 895 63.87 -55.45 -134.05
CA THR F 895 62.49 -55.32 -133.57
C THR F 895 62.01 -56.63 -132.97
N ASP F 896 62.11 -57.73 -133.72
CA ASP F 896 61.68 -59.03 -133.21
C ASP F 896 62.57 -59.53 -132.09
N SER F 897 63.77 -58.96 -131.93
CA SER F 897 64.62 -59.34 -130.80
C SER F 897 63.90 -59.16 -129.47
N ILE F 898 63.13 -58.08 -129.34
CA ILE F 898 62.38 -57.83 -128.11
C ILE F 898 60.89 -57.61 -128.34
N ASP F 899 60.43 -57.18 -129.50
CA ASP F 899 59.00 -57.07 -129.73
C ASP F 899 58.37 -58.45 -129.92
N LYS F 900 58.81 -59.16 -130.96
CA LYS F 900 58.42 -60.55 -131.10
C LYS F 900 59.22 -61.47 -130.18
N CYS F 901 60.26 -60.95 -129.53
CA CYS F 901 61.12 -61.72 -128.64
C CYS F 901 61.79 -62.88 -129.37
N GLU F 902 62.07 -62.69 -130.66
CA GLU F 902 62.65 -63.72 -131.51
C GLU F 902 63.86 -63.14 -132.23
N LEU F 903 65.02 -63.77 -132.05
CA LEU F 903 66.20 -63.37 -132.79
C LEU F 903 66.05 -63.75 -134.25
N GLN F 904 66.28 -62.79 -135.14
CA GLN F 904 66.19 -63.04 -136.57
C GLN F 904 67.55 -63.46 -137.11
N GLU F 905 67.55 -63.96 -138.34
CA GLU F 905 68.78 -64.42 -138.97
C GLU F 905 69.72 -63.25 -139.22
N GLU F 906 70.99 -63.44 -138.93
CA GLU F 906 72.00 -62.41 -139.11
C GLU F 906 72.59 -62.39 -140.52
N ASN F 907 72.18 -63.32 -141.38
CA ASN F 907 72.62 -63.34 -142.76
C ASN F 907 71.49 -63.16 -143.76
N GLN F 908 70.23 -63.31 -143.35
CA GLN F 908 69.11 -63.12 -144.27
C GLN F 908 69.00 -61.68 -144.74
N TYR F 909 69.55 -60.73 -143.99
CA TYR F 909 69.43 -59.32 -144.31
C TYR F 909 70.67 -58.77 -145.04
N LEU F 910 71.60 -59.63 -145.42
CA LEU F 910 72.83 -59.18 -146.07
C LEU F 910 72.52 -58.36 -147.32
N ILE F 911 72.89 -57.09 -147.28
CA ILE F 911 72.62 -56.12 -148.35
C ILE F 911 71.12 -55.99 -148.59
N MET G 1 19.08 27.09 -129.28
CA MET G 1 18.01 28.08 -129.23
C MET G 1 17.14 27.90 -128.00
N GLU G 2 15.95 28.50 -128.01
CA GLU G 2 15.04 28.40 -126.86
C GLU G 2 14.64 26.96 -126.59
N GLU G 3 14.60 26.12 -127.63
CA GLU G 3 14.39 24.69 -127.40
C GLU G 3 15.50 24.10 -126.54
N LEU G 4 16.75 24.44 -126.87
CA LEU G 4 17.87 23.94 -126.07
C LEU G 4 17.91 24.60 -124.70
N GLU G 5 17.52 25.87 -124.60
CA GLU G 5 17.43 26.51 -123.29
C GLU G 5 16.40 25.82 -122.40
N GLN G 6 15.24 25.49 -122.96
CA GLN G 6 14.22 24.78 -122.19
C GLN G 6 14.70 23.39 -121.80
N GLY G 7 15.31 22.67 -122.74
CA GLY G 7 15.86 21.37 -122.40
C GLY G 7 16.89 21.45 -121.29
N LEU G 8 17.74 22.49 -121.34
CA LEU G 8 18.63 22.76 -120.21
C LEU G 8 17.83 22.97 -118.93
N LEU G 9 16.71 23.69 -119.04
CA LEU G 9 15.86 23.94 -117.87
C LEU G 9 15.28 22.64 -117.31
N MET G 10 15.08 21.63 -118.16
CA MET G 10 14.64 20.31 -117.68
C MET G 10 15.77 19.30 -117.54
N GLN G 11 16.67 19.20 -118.53
CA GLN G 11 17.70 18.18 -118.42
C GLN G 11 18.73 18.58 -117.36
N PRO G 12 19.20 17.61 -116.58
CA PRO G 12 19.80 17.93 -115.27
C PRO G 12 21.23 18.44 -115.37
N TRP G 13 21.72 18.89 -114.22
CA TRP G 13 23.14 19.22 -114.09
C TRP G 13 23.96 17.93 -114.18
N ALA G 14 25.21 18.05 -114.64
CA ALA G 14 26.13 16.93 -114.61
C ALA G 14 27.55 17.48 -114.69
N TRP G 15 28.33 17.25 -113.63
CA TRP G 15 29.64 17.87 -113.53
C TRP G 15 30.57 17.41 -114.64
N LEU G 16 31.31 18.34 -115.22
CA LEU G 16 32.34 17.97 -116.19
C LEU G 16 33.37 17.10 -115.51
N GLN G 17 33.60 15.91 -116.04
CA GLN G 17 34.48 14.95 -115.38
C GLN G 17 35.93 15.20 -115.83
N LEU G 18 36.48 16.31 -115.33
CA LEU G 18 37.87 16.66 -115.59
C LEU G 18 38.76 16.56 -114.35
N ALA G 19 38.17 16.58 -113.16
CA ALA G 19 38.91 16.49 -111.90
C ALA G 19 39.94 17.60 -111.76
N GLU G 20 39.64 18.77 -112.32
CA GLU G 20 40.52 19.94 -112.24
C GLU G 20 39.83 21.12 -111.55
N ASN G 21 38.61 21.44 -111.94
CA ASN G 21 37.88 22.56 -111.37
C ASN G 21 36.41 22.17 -111.23
N SER G 22 35.72 22.87 -110.33
CA SER G 22 34.30 22.59 -110.11
C SER G 22 33.48 23.12 -111.27
N LEU G 23 33.68 22.53 -112.45
CA LEU G 23 32.94 22.91 -113.66
C LEU G 23 31.61 22.16 -113.72
N LEU G 24 30.71 22.54 -112.81
CA LEU G 24 29.40 21.88 -112.75
C LEU G 24 28.60 22.27 -113.98
N ALA G 25 28.43 21.31 -114.89
CA ALA G 25 27.76 21.55 -116.15
C ALA G 25 26.33 21.01 -116.09
N LYS G 26 25.45 21.62 -116.89
CA LYS G 26 24.10 21.10 -117.08
C LYS G 26 24.01 20.52 -118.48
N VAL G 27 23.75 19.22 -118.57
CA VAL G 27 23.83 18.51 -119.85
C VAL G 27 22.46 18.52 -120.50
N PHE G 28 22.39 19.11 -121.70
CA PHE G 28 21.26 18.94 -122.62
C PHE G 28 21.85 18.96 -124.02
N ILE G 29 22.10 17.77 -124.56
CA ILE G 29 22.71 17.62 -125.88
C ILE G 29 21.63 17.06 -126.80
N THR G 30 20.99 17.93 -127.56
CA THR G 30 19.97 17.54 -128.53
C THR G 30 20.20 18.31 -129.82
N LYS G 31 19.74 17.74 -130.93
CA LYS G 31 20.09 18.20 -132.28
C LYS G 31 19.90 19.70 -132.48
N GLN G 32 20.59 20.25 -133.48
CA GLN G 32 20.64 21.69 -133.74
C GLN G 32 21.30 22.44 -132.58
N GLY G 33 22.38 21.84 -132.06
CA GLY G 33 23.14 22.45 -130.99
C GLY G 33 23.18 21.61 -129.74
N TYR G 34 23.25 22.27 -128.59
CA TYR G 34 23.13 21.62 -127.29
C TYR G 34 22.98 22.72 -126.24
N ALA G 35 22.98 22.33 -124.98
CA ALA G 35 23.01 23.27 -123.87
C ALA G 35 23.84 22.62 -122.77
N LEU G 36 25.11 23.00 -122.68
CA LEU G 36 25.98 22.53 -121.61
C LEU G 36 26.42 23.76 -120.82
N LEU G 37 25.59 24.16 -119.88
CA LEU G 37 25.87 25.35 -119.07
C LEU G 37 26.88 24.95 -117.99
N VAL G 38 28.09 25.48 -118.12
CA VAL G 38 29.20 25.12 -117.23
C VAL G 38 29.57 26.35 -116.41
N SER G 39 29.63 26.17 -115.09
CA SER G 39 30.02 27.22 -114.16
C SER G 39 31.28 26.79 -113.42
N ASP G 40 32.25 27.69 -113.32
CA ASP G 40 33.55 27.38 -112.75
C ASP G 40 33.71 27.82 -111.31
N LEU G 41 32.62 28.24 -110.67
CA LEU G 41 32.58 28.79 -109.31
C LEU G 41 33.29 30.13 -109.19
N GLN G 42 33.76 30.72 -110.29
CA GLN G 42 34.35 32.05 -110.26
C GLN G 42 33.93 32.89 -111.47
N GLN G 43 32.87 32.47 -112.17
CA GLN G 43 32.33 33.22 -113.30
C GLN G 43 31.04 32.53 -113.75
N VAL G 44 30.16 33.32 -114.36
CA VAL G 44 28.84 32.86 -114.77
C VAL G 44 28.81 32.72 -116.28
N TRP G 45 28.05 31.74 -116.77
CA TRP G 45 27.98 31.46 -118.20
C TRP G 45 26.62 30.91 -118.56
N HIS G 46 26.34 30.92 -119.87
CA HIS G 46 25.12 30.34 -120.43
C HIS G 46 25.46 29.83 -121.83
N GLU G 47 25.79 28.54 -121.93
CA GLU G 47 26.12 27.93 -123.22
C GLU G 47 24.86 27.42 -123.90
N GLN G 48 24.04 28.37 -124.35
CA GLN G 48 22.86 28.06 -125.15
C GLN G 48 23.26 28.14 -126.62
N VAL G 49 24.02 27.14 -127.04
CA VAL G 49 24.64 27.12 -128.36
C VAL G 49 23.80 26.31 -129.33
N ASP G 50 23.89 26.67 -130.60
CA ASP G 50 23.26 25.95 -131.70
C ASP G 50 24.34 25.32 -132.56
N THR G 51 23.92 24.40 -133.44
CA THR G 51 24.87 23.54 -134.14
C THR G 51 25.91 24.34 -134.91
N SER G 52 25.53 25.49 -135.47
CA SER G 52 26.49 26.31 -136.20
C SER G 52 27.57 26.87 -135.28
N VAL G 53 27.15 27.49 -134.18
CA VAL G 53 28.14 28.02 -133.23
C VAL G 53 28.85 26.87 -132.52
N VAL G 54 28.17 25.74 -132.34
CA VAL G 54 28.83 24.54 -131.80
C VAL G 54 30.02 24.17 -132.67
N SER G 55 29.79 24.07 -133.98
CA SER G 55 30.85 23.64 -134.89
C SER G 55 31.93 24.70 -135.02
N GLN G 56 31.56 25.98 -135.00
CA GLN G 56 32.59 27.00 -135.13
C GLN G 56 33.44 27.10 -133.86
N ARG G 57 32.84 26.86 -132.69
CA ARG G 57 33.65 26.75 -131.48
C ARG G 57 34.57 25.54 -131.52
N ALA G 58 34.06 24.41 -132.05
CA ALA G 58 34.93 23.25 -132.21
C ALA G 58 36.09 23.54 -133.14
N LYS G 59 35.86 24.34 -134.18
CA LYS G 59 36.92 24.68 -135.13
C LYS G 59 37.87 25.74 -134.58
N GLU G 60 37.40 26.60 -133.69
CA GLU G 60 38.22 27.72 -133.22
C GLU G 60 39.50 27.25 -132.54
N LEU G 61 39.48 26.06 -131.92
CA LEU G 61 40.67 25.49 -131.32
C LEU G 61 41.32 24.41 -132.19
N ASN G 62 40.58 23.87 -133.16
CA ASN G 62 41.14 22.86 -134.04
C ASN G 62 42.01 23.52 -135.11
N LYS G 63 43.04 22.79 -135.54
CA LYS G 63 43.98 23.28 -136.54
C LYS G 63 43.99 22.45 -137.80
N ARG G 64 44.01 21.12 -137.69
CA ARG G 64 44.11 20.25 -138.85
C ARG G 64 42.96 19.24 -138.97
N LEU G 65 42.26 18.97 -137.87
CA LEU G 65 41.20 17.96 -137.86
C LEU G 65 39.86 18.68 -137.74
N THR G 66 38.97 18.45 -138.71
CA THR G 66 37.71 19.18 -138.80
C THR G 66 36.62 18.22 -139.30
N ALA G 67 35.40 18.75 -139.40
CA ALA G 67 34.24 17.98 -139.79
C ALA G 67 33.12 18.89 -140.28
N PRO G 68 32.11 18.34 -140.96
CA PRO G 68 30.90 19.13 -141.27
C PRO G 68 30.24 19.63 -140.00
N PRO G 69 29.38 20.66 -140.11
CA PRO G 69 28.75 21.23 -138.91
C PRO G 69 27.96 20.22 -138.10
N ALA G 70 26.99 19.55 -138.73
CA ALA G 70 26.24 18.52 -138.05
C ALA G 70 27.15 17.36 -137.64
N ALA G 71 28.23 17.14 -138.38
CA ALA G 71 29.21 16.14 -137.98
C ALA G 71 29.86 16.52 -136.66
N PHE G 72 30.26 17.79 -136.52
CA PHE G 72 30.76 18.27 -135.25
C PHE G 72 29.73 18.12 -134.15
N LEU G 73 28.47 18.47 -134.44
CA LEU G 73 27.43 18.43 -133.42
C LEU G 73 27.23 17.00 -132.90
N CYS G 74 27.02 16.05 -133.81
CA CYS G 74 26.81 14.68 -133.39
C CYS G 74 28.08 14.06 -132.81
N HIS G 75 29.25 14.53 -133.24
CA HIS G 75 30.50 14.10 -132.62
C HIS G 75 30.54 14.50 -131.15
N LEU G 76 30.21 15.76 -130.86
CA LEU G 76 30.21 16.20 -129.47
C LEU G 76 29.06 15.61 -128.68
N ASP G 77 27.98 15.20 -129.36
CA ASP G 77 26.95 14.40 -128.70
C ASP G 77 27.50 13.04 -128.27
N ASN G 78 28.24 12.38 -129.17
CA ASN G 78 28.90 11.12 -128.83
C ASN G 78 29.99 11.32 -127.78
N LEU G 79 30.55 12.53 -127.71
CA LEU G 79 31.64 12.81 -126.79
C LEU G 79 31.20 12.62 -125.34
N LEU G 80 30.00 13.07 -125.00
CA LEU G 80 29.48 12.93 -123.65
C LEU G 80 28.93 11.54 -123.37
N ARG G 81 28.77 10.71 -124.40
CA ARG G 81 28.16 9.39 -124.21
C ARG G 81 28.89 8.52 -123.20
N PRO G 82 30.21 8.35 -123.24
CA PRO G 82 30.84 7.43 -122.30
C PRO G 82 31.07 8.00 -120.91
N LEU G 83 31.14 9.33 -120.77
CA LEU G 83 31.53 9.92 -119.49
C LEU G 83 30.47 10.84 -118.90
N LEU G 84 29.87 11.71 -119.70
CA LEU G 84 28.86 12.64 -119.19
C LEU G 84 27.43 12.18 -119.46
N LYS G 85 27.08 11.99 -120.73
CA LYS G 85 25.69 11.64 -121.08
C LYS G 85 25.62 10.92 -122.41
N GLU G 92 36.69 9.73 -126.19
CA GLU G 92 36.06 11.05 -126.11
C GLU G 92 35.79 11.43 -124.65
N ALA G 93 36.18 10.56 -123.73
CA ALA G 93 35.98 10.79 -122.30
C ALA G 93 37.17 11.49 -121.68
N THR G 94 37.60 12.59 -122.29
CA THR G 94 38.72 13.39 -121.80
C THR G 94 38.23 14.83 -121.62
N PHE G 95 38.44 15.38 -120.43
CA PHE G 95 37.90 16.69 -120.08
C PHE G 95 38.99 17.56 -119.46
N SER G 96 38.97 18.84 -119.82
CA SER G 96 39.88 19.83 -119.26
C SER G 96 39.32 21.20 -119.58
N CYS G 97 39.94 22.24 -119.02
CA CYS G 97 39.51 23.61 -119.27
C CYS G 97 40.56 24.57 -118.72
N ASP G 98 40.37 25.85 -119.04
CA ASP G 98 41.16 26.94 -118.49
C ASP G 98 40.23 27.85 -117.69
N CYS G 99 40.30 27.77 -116.36
CA CYS G 99 39.42 28.55 -115.51
C CYS G 99 39.68 30.05 -115.60
N VAL G 100 40.90 30.44 -116.02
CA VAL G 100 41.24 31.86 -116.08
C VAL G 100 40.46 32.57 -117.18
N ALA G 101 40.19 31.89 -118.29
CA ALA G 101 39.61 32.55 -119.45
C ALA G 101 38.21 33.09 -119.15
N ASP G 102 37.93 34.29 -119.66
CA ASP G 102 36.62 34.89 -119.48
C ASP G 102 35.54 34.05 -120.14
N ALA G 103 35.81 33.54 -121.34
CA ALA G 103 34.95 32.56 -121.97
C ALA G 103 35.38 31.18 -121.52
N LEU G 104 34.45 30.39 -121.01
CA LEU G 104 34.82 29.08 -120.46
C LEU G 104 35.20 28.15 -121.59
N ILE G 105 36.50 28.09 -121.89
CA ILE G 105 37.02 27.28 -122.99
C ILE G 105 37.33 25.91 -122.39
N LEU G 106 36.32 25.05 -122.37
CA LEU G 106 36.48 23.71 -121.79
C LEU G 106 37.40 22.90 -122.69
N ARG G 107 38.66 22.79 -122.29
CA ARG G 107 39.67 22.19 -123.14
C ARG G 107 39.45 20.69 -123.26
N VAL G 108 38.34 20.31 -123.89
CA VAL G 108 37.98 18.92 -124.08
C VAL G 108 38.79 18.36 -125.24
N ARG G 109 39.91 17.72 -124.92
CA ARG G 109 40.82 17.19 -125.94
C ARG G 109 40.48 15.75 -126.30
N SER G 110 39.24 15.52 -126.69
CA SER G 110 38.85 14.20 -127.18
C SER G 110 39.59 13.89 -128.47
N GLU G 111 39.89 12.61 -128.68
CA GLU G 111 40.68 12.19 -129.83
C GLU G 111 39.85 11.26 -130.71
N LEU G 112 40.05 11.39 -132.02
CA LEU G 112 39.27 10.61 -132.97
C LEU G 112 40.17 9.89 -133.97
N SER G 113 41.31 10.50 -134.30
CA SER G 113 42.19 10.00 -135.36
C SER G 113 43.53 9.51 -134.85
N GLY G 114 43.83 9.65 -133.57
CA GLY G 114 45.19 9.58 -133.10
C GLY G 114 45.97 10.85 -133.32
N LEU G 115 45.38 11.83 -134.02
CA LEU G 115 45.88 13.18 -134.20
C LEU G 115 45.06 14.12 -133.34
N PRO G 116 45.66 15.21 -132.85
CA PRO G 116 44.97 16.06 -131.88
C PRO G 116 43.68 16.65 -132.44
N PHE G 117 42.63 16.59 -131.63
CA PHE G 117 41.38 17.29 -131.88
C PHE G 117 41.09 18.17 -130.67
N TYR G 118 40.61 19.38 -130.93
CA TYR G 118 40.44 20.39 -129.89
C TYR G 118 38.97 20.79 -129.83
N TRP G 119 38.30 20.41 -128.75
CA TRP G 119 36.92 20.80 -128.49
C TRP G 119 36.87 21.66 -127.24
N ASN G 120 36.10 22.74 -127.32
CA ASN G 120 35.82 23.58 -126.16
C ASN G 120 34.33 23.76 -126.03
N PHE G 121 33.80 23.43 -124.84
CA PHE G 121 32.41 23.77 -124.52
C PHE G 121 32.32 25.26 -124.21
N HIS G 122 32.71 26.06 -125.21
CA HIS G 122 32.80 27.50 -125.03
C HIS G 122 31.45 28.05 -124.59
N CYS G 123 31.38 28.52 -123.36
CA CYS G 123 30.16 29.04 -122.78
C CYS G 123 30.13 30.54 -122.97
N MET G 124 29.01 31.06 -123.47
CA MET G 124 28.87 32.51 -123.58
C MET G 124 28.85 33.12 -122.19
N LEU G 125 29.58 34.22 -122.02
CA LEU G 125 29.59 34.91 -120.74
C LEU G 125 28.18 35.40 -120.42
N ALA G 126 27.64 34.93 -119.30
CA ALA G 126 26.26 35.24 -118.93
C ALA G 126 26.20 36.66 -118.40
N SER G 127 25.41 37.50 -119.06
CA SER G 127 25.12 38.81 -118.54
C SER G 127 24.28 38.69 -117.28
N PRO G 128 24.24 39.72 -116.43
CA PRO G 128 23.39 39.67 -115.24
C PRO G 128 21.92 39.43 -115.55
N SER G 129 21.49 39.66 -116.80
CA SER G 129 20.16 39.22 -117.21
C SER G 129 20.17 37.77 -117.68
N LEU G 130 21.30 37.27 -118.18
CA LEU G 130 21.37 35.90 -118.67
C LEU G 130 21.41 34.89 -117.53
N VAL G 131 21.99 35.27 -116.39
CA VAL G 131 22.14 34.36 -115.26
C VAL G 131 20.80 33.84 -114.76
N SER G 132 19.76 34.67 -114.82
CA SER G 132 18.46 34.29 -114.29
C SER G 132 17.83 33.11 -115.03
N GLN G 133 18.29 32.82 -116.25
CA GLN G 133 17.70 31.71 -117.01
C GLN G 133 17.96 30.38 -116.34
N HIS G 134 19.22 30.10 -115.99
CA HIS G 134 19.56 28.79 -115.46
C HIS G 134 20.47 28.78 -114.24
N LEU G 135 21.26 29.84 -113.98
CA LEU G 135 22.08 29.78 -112.77
C LEU G 135 21.29 30.16 -111.53
N ILE G 136 20.09 30.70 -111.70
CA ILE G 136 19.26 31.16 -110.59
C ILE G 136 17.94 30.41 -110.55
N ARG G 137 17.15 30.49 -111.62
CA ARG G 137 15.80 29.93 -111.59
C ARG G 137 15.80 28.46 -111.21
N PRO G 138 16.55 27.57 -111.88
CA PRO G 138 16.60 26.19 -111.39
C PRO G 138 17.45 26.02 -110.14
N LEU G 139 18.62 26.66 -110.07
CA LEU G 139 19.48 26.49 -108.91
C LEU G 139 18.81 27.03 -107.65
N MET G 140 18.36 28.28 -107.69
CA MET G 140 17.68 28.82 -106.51
C MET G 140 16.30 28.22 -106.33
N GLY G 141 15.67 27.74 -107.40
CA GLY G 141 14.41 27.02 -107.22
C GLY G 141 14.58 25.76 -106.40
N MET G 142 15.57 24.93 -106.77
CA MET G 142 15.85 23.74 -105.99
C MET G 142 16.43 24.08 -104.62
N SER G 143 17.13 25.21 -104.50
CA SER G 143 17.66 25.59 -103.18
C SER G 143 16.54 25.98 -102.23
N LEU G 144 15.60 26.80 -102.69
CA LEU G 144 14.44 27.12 -101.87
C LEU G 144 13.60 25.88 -101.62
N ALA G 145 13.52 24.98 -102.60
CA ALA G 145 12.84 23.71 -102.39
C ALA G 145 13.52 22.90 -101.30
N LEU G 146 14.86 22.87 -101.28
CA LEU G 146 15.58 22.17 -100.23
C LEU G 146 15.40 22.83 -98.88
N GLN G 147 15.31 24.16 -98.85
CA GLN G 147 15.05 24.85 -97.59
C GLN G 147 13.68 24.47 -97.04
N CYS G 148 12.67 24.45 -97.93
CA CYS G 148 11.33 24.02 -97.52
C CYS G 148 11.35 22.55 -97.11
N GLN G 149 12.13 21.72 -97.80
CA GLN G 149 12.28 20.32 -97.42
C GLN G 149 12.88 20.21 -96.03
N VAL G 150 13.90 21.02 -95.74
CA VAL G 150 14.53 20.98 -94.42
C VAL G 150 13.53 21.39 -93.35
N ARG G 151 12.76 22.45 -93.61
CA ARG G 151 11.79 22.91 -92.61
C ARG G 151 10.69 21.87 -92.39
N GLU G 152 10.14 21.32 -93.48
CA GLU G 152 9.07 20.34 -93.36
C GLU G 152 9.55 19.06 -92.72
N LEU G 153 10.72 18.57 -93.13
CA LEU G 153 11.29 17.38 -92.51
C LEU G 153 11.64 17.63 -91.05
N ALA G 154 12.02 18.85 -90.72
CA ALA G 154 12.33 19.17 -89.32
C ALA G 154 11.09 19.14 -88.45
N THR G 155 10.01 19.76 -88.92
CA THR G 155 8.78 19.74 -88.12
C THR G 155 8.18 18.33 -88.07
N LEU G 156 8.33 17.57 -89.16
CA LEU G 156 7.90 16.17 -89.14
C LEU G 156 8.73 15.36 -88.17
N LEU G 157 10.04 15.60 -88.11
CA LEU G 157 10.90 14.95 -87.13
C LEU G 157 10.46 15.31 -85.73
N HIS G 158 10.13 16.58 -85.49
CA HIS G 158 9.71 17.01 -84.16
C HIS G 158 8.42 16.32 -83.73
N MET G 159 7.43 16.27 -84.62
CA MET G 159 6.16 15.63 -84.25
C MET G 159 6.32 14.11 -84.13
N LYS G 160 7.15 13.50 -84.98
CA LYS G 160 7.42 12.07 -84.84
C LYS G 160 8.19 11.77 -83.57
N ASP G 161 9.07 12.67 -83.14
CA ASP G 161 9.76 12.48 -81.87
C ASP G 161 8.81 12.70 -80.70
N LEU G 162 7.82 13.58 -80.84
CA LEU G 162 6.77 13.70 -79.84
C LEU G 162 6.01 12.38 -79.71
N GLU G 163 5.66 11.78 -80.85
CA GLU G 163 5.04 10.46 -80.83
C GLU G 163 5.96 9.43 -80.19
N ILE G 164 7.25 9.48 -80.51
CA ILE G 164 8.21 8.54 -79.95
C ILE G 164 8.25 8.65 -78.43
N GLN G 165 8.35 9.90 -77.93
CA GLN G 165 8.37 10.13 -76.49
C GLN G 165 7.08 9.69 -75.83
N ASP G 166 5.95 9.90 -76.50
CA ASP G 166 4.69 9.33 -76.01
C ASP G 166 4.78 7.82 -75.92
N TYR G 167 5.52 7.19 -76.85
CA TYR G 167 5.64 5.74 -76.82
C TYR G 167 6.53 5.28 -75.67
N GLN G 168 7.63 5.97 -75.39
CA GLN G 168 8.41 5.60 -74.21
C GLN G 168 7.60 5.85 -72.93
N GLU G 169 6.86 6.95 -72.86
CA GLU G 169 6.08 7.22 -71.65
C GLU G 169 4.90 6.27 -71.52
N SER G 170 4.48 5.63 -72.61
CA SER G 170 3.47 4.57 -72.52
C SER G 170 4.10 3.19 -72.46
N GLY G 171 5.29 3.01 -73.03
CA GLY G 171 6.01 1.76 -72.94
C GLY G 171 7.51 1.95 -73.02
N ALA G 172 8.23 1.46 -72.02
CA ALA G 172 9.67 1.70 -71.89
C ALA G 172 10.49 0.71 -72.71
N THR G 173 9.91 0.12 -73.76
CA THR G 173 10.61 -0.86 -74.56
C THR G 173 11.71 -0.19 -75.40
N LEU G 174 12.89 -0.79 -75.39
CA LEU G 174 13.98 -0.42 -76.27
C LEU G 174 14.26 -1.60 -77.20
N ILE G 175 14.46 -1.31 -78.48
CA ILE G 175 14.44 -2.32 -79.54
C ILE G 175 15.82 -2.52 -80.15
N ARG G 176 16.38 -1.48 -80.75
CA ARG G 176 17.57 -1.65 -81.58
C ARG G 176 18.74 -0.79 -81.08
N ASP G 177 18.46 0.44 -80.64
CA ASP G 177 19.45 1.42 -80.22
C ASP G 177 20.49 1.72 -81.29
N ARG G 178 20.27 1.28 -82.54
CA ARG G 178 21.18 1.58 -83.65
C ARG G 178 20.64 2.67 -84.55
N LEU G 179 19.32 2.71 -84.78
CA LEU G 179 18.68 3.82 -85.45
C LEU G 179 17.88 4.67 -84.47
N LYS G 180 18.17 4.53 -83.18
CA LYS G 180 17.54 5.35 -82.14
C LYS G 180 17.91 6.81 -82.36
N THR G 181 16.96 7.60 -82.81
CA THR G 181 17.24 8.99 -83.15
C THR G 181 17.49 9.81 -81.90
N GLU G 182 18.36 10.80 -82.03
CA GLU G 182 18.49 11.81 -81.00
C GLU G 182 17.30 12.78 -81.09
N PRO G 183 16.96 13.45 -79.99
CA PRO G 183 15.95 14.52 -80.08
C PRO G 183 16.39 15.57 -81.11
N PHE G 184 15.66 15.66 -82.21
CA PHE G 184 16.11 16.43 -83.35
C PHE G 184 15.86 17.93 -83.14
N GLU G 185 16.87 18.73 -83.51
CA GLU G 185 16.75 20.18 -83.57
C GLU G 185 17.19 20.63 -84.95
N GLU G 186 16.37 21.46 -85.59
CA GLU G 186 16.69 21.91 -86.95
C GLU G 186 17.95 22.76 -86.95
N ASN G 187 18.07 23.70 -86.01
CA ASN G 187 19.25 24.56 -85.97
C ASN G 187 20.50 23.77 -85.59
N SER G 188 20.38 22.83 -84.64
CA SER G 188 21.51 21.99 -84.29
C SER G 188 21.93 21.13 -85.48
N PHE G 189 20.95 20.63 -86.23
CA PHE G 189 21.26 19.88 -87.44
C PHE G 189 22.01 20.73 -88.45
N LEU G 190 21.55 21.96 -88.66
CA LEU G 190 22.21 22.85 -89.61
C LEU G 190 23.63 23.16 -89.17
N GLU G 191 23.83 23.39 -87.87
CA GLU G 191 25.16 23.72 -87.37
C GLU G 191 26.10 22.53 -87.48
N GLN G 192 25.64 21.34 -87.08
CA GLN G 192 26.46 20.14 -87.23
C GLN G 192 26.73 19.82 -88.69
N PHE G 193 25.85 20.27 -89.59
CA PHE G 193 26.10 20.09 -91.01
C PHE G 193 27.13 21.08 -91.53
N MET G 194 27.15 22.30 -90.99
CA MET G 194 28.12 23.32 -91.38
C MET G 194 29.53 23.01 -90.88
N ILE G 195 29.77 21.84 -90.32
CA ILE G 195 31.10 21.47 -89.82
C ILE G 195 31.83 20.56 -90.79
N GLU G 196 31.27 19.40 -91.08
CA GLU G 196 31.92 18.41 -91.94
C GLU G 196 31.52 18.53 -93.40
N LYS G 197 30.24 18.78 -93.67
CA LYS G 197 29.78 18.92 -95.05
C LYS G 197 29.97 20.32 -95.61
N LEU G 198 30.34 21.28 -94.76
CA LEU G 198 30.67 22.61 -95.28
C LEU G 198 31.86 22.59 -96.23
N PRO G 199 32.96 21.89 -95.96
CA PRO G 199 34.00 21.75 -97.00
C PRO G 199 33.46 21.13 -98.28
N GLU G 200 32.53 20.18 -98.17
CA GLU G 200 31.83 19.70 -99.35
C GLU G 200 31.00 20.82 -99.98
N ALA G 201 30.40 21.67 -99.15
CA ALA G 201 29.53 22.73 -99.66
C ALA G 201 30.35 23.90 -100.21
N CYS G 202 31.09 24.57 -99.34
CA CYS G 202 31.83 25.76 -99.78
C CYS G 202 32.86 25.42 -100.84
N SER G 203 33.67 24.38 -100.61
CA SER G 203 34.62 23.90 -101.60
C SER G 203 33.96 22.76 -102.35
N ILE G 204 33.19 23.11 -103.39
CA ILE G 204 32.39 22.12 -104.10
C ILE G 204 33.25 20.99 -104.66
N GLY G 205 34.40 21.33 -105.21
CA GLY G 205 35.28 20.32 -105.77
C GLY G 205 34.65 19.67 -106.99
N ASP G 206 34.15 18.44 -106.81
CA ASP G 206 33.47 17.76 -107.90
C ASP G 206 32.09 18.36 -108.16
N GLY G 207 31.21 18.30 -107.17
CA GLY G 207 29.81 18.61 -107.39
C GLY G 207 28.96 17.41 -107.73
N LYS G 208 29.55 16.21 -107.74
CA LYS G 208 28.84 14.95 -107.95
C LYS G 208 27.78 14.72 -106.87
N PRO G 209 28.08 14.97 -105.59
CA PRO G 209 26.99 14.94 -104.59
C PRO G 209 25.87 15.92 -104.89
N PHE G 210 26.19 17.07 -105.50
CA PHE G 210 25.15 18.00 -105.91
C PHE G 210 24.24 17.38 -106.96
N VAL G 211 24.84 16.80 -108.02
CA VAL G 211 24.02 16.35 -109.14
C VAL G 211 23.25 15.08 -108.79
N MET G 212 23.95 14.00 -108.41
CA MET G 212 23.17 12.79 -108.18
C MET G 212 22.21 12.89 -106.99
N ASN G 213 22.08 14.04 -106.34
CA ASN G 213 21.10 14.21 -105.28
C ASN G 213 20.14 15.38 -105.51
N LEU G 214 20.44 16.31 -106.42
CA LEU G 214 19.54 17.41 -106.74
C LEU G 214 18.98 17.38 -108.15
N GLN G 215 19.41 16.45 -108.99
CA GLN G 215 18.78 16.38 -110.31
C GLN G 215 17.34 15.88 -110.22
N ASP G 216 16.98 15.20 -109.14
CA ASP G 216 15.57 14.90 -108.88
C ASP G 216 14.77 16.18 -108.71
N LEU G 217 15.31 17.15 -107.96
CA LEU G 217 14.67 18.46 -107.88
C LEU G 217 14.74 19.19 -109.21
N TYR G 218 15.80 18.98 -109.98
CA TYR G 218 15.92 19.65 -111.27
C TYR G 218 14.84 19.18 -112.24
N MET G 219 14.41 17.92 -112.11
CA MET G 219 13.40 17.38 -113.01
C MET G 219 12.10 18.19 -112.99
N ALA G 220 11.80 18.87 -111.88
CA ALA G 220 10.55 19.63 -111.78
C ALA G 220 10.79 21.01 -111.18
N VAL G 221 11.99 21.59 -111.36
CA VAL G 221 12.25 22.96 -110.96
C VAL G 221 12.01 23.93 -112.10
N THR G 222 11.82 23.43 -113.31
CA THR G 222 11.61 24.16 -114.56
C THR G 222 10.28 24.88 -114.62
N THR G 223 9.53 24.94 -113.52
CA THR G 223 8.24 25.59 -113.52
C THR G 223 8.37 27.06 -113.89
N GLN G 224 9.37 27.73 -113.34
CA GLN G 224 9.60 29.14 -113.66
C GLN G 224 10.24 29.29 -115.04
N MET H 1 42.38 47.87 -100.86
CA MET H 1 42.97 46.72 -100.16
C MET H 1 42.26 45.43 -100.55
N GLU H 2 41.39 45.53 -101.56
CA GLU H 2 40.59 44.42 -102.07
C GLU H 2 39.66 43.81 -101.03
N GLU H 3 39.36 44.56 -99.96
CA GLU H 3 38.36 44.08 -99.01
C GLU H 3 36.95 44.24 -99.55
N LEU H 4 36.77 45.04 -100.60
CA LEU H 4 35.46 45.17 -101.23
C LEU H 4 34.98 43.84 -101.77
N GLU H 5 35.88 43.10 -102.44
CA GLU H 5 35.52 41.77 -102.93
C GLU H 5 35.50 40.75 -101.80
N GLN H 6 36.41 40.88 -100.82
CA GLN H 6 36.39 40.01 -99.66
C GLN H 6 35.11 40.23 -98.85
N GLY H 7 34.72 41.49 -98.68
CA GLY H 7 33.41 41.77 -98.13
C GLY H 7 32.26 41.46 -99.06
N LEU H 8 32.57 41.05 -100.30
CA LEU H 8 31.55 40.66 -101.26
C LEU H 8 31.51 39.15 -101.48
N LEU H 9 32.25 38.38 -100.69
CA LEU H 9 32.08 36.94 -100.61
C LEU H 9 31.30 36.53 -99.37
N MET H 10 31.53 37.22 -98.26
CA MET H 10 30.73 37.07 -97.05
C MET H 10 29.61 38.09 -96.97
N GLN H 11 29.32 38.79 -98.06
CA GLN H 11 28.38 39.91 -98.06
C GLN H 11 27.01 39.49 -97.56
N PRO H 12 26.55 40.01 -96.42
CA PRO H 12 25.18 39.72 -95.98
C PRO H 12 24.16 40.26 -96.96
N TRP H 13 23.10 39.49 -97.15
CA TRP H 13 22.01 39.86 -98.04
C TRP H 13 20.99 40.68 -97.24
N ALA H 14 20.95 41.98 -97.50
CA ALA H 14 20.04 42.88 -96.81
C ALA H 14 19.00 43.38 -97.80
N TRP H 15 17.73 43.35 -97.39
CA TRP H 15 16.63 43.70 -98.28
C TRP H 15 16.52 45.23 -98.37
N LEU H 16 16.82 45.77 -99.53
CA LEU H 16 16.78 47.22 -99.73
C LEU H 16 15.35 47.72 -99.63
N GLN H 17 15.16 48.85 -98.95
CA GLN H 17 13.84 49.45 -98.77
C GLN H 17 13.60 50.44 -99.89
N LEU H 18 12.57 50.19 -100.69
CA LEU H 18 12.29 51.01 -101.87
C LEU H 18 10.83 51.47 -101.87
N ALA H 19 10.59 52.50 -102.69
CA ALA H 19 9.25 52.82 -103.15
C ALA H 19 8.95 52.12 -104.48
N GLU H 20 9.88 51.31 -104.98
CA GLU H 20 9.74 50.57 -106.21
C GLU H 20 9.99 49.09 -105.95
N ASN H 21 10.13 48.31 -107.02
CA ASN H 21 10.47 46.89 -106.89
C ASN H 21 11.76 46.73 -106.10
N SER H 22 11.68 46.18 -104.90
CA SER H 22 12.81 46.12 -103.99
C SER H 22 13.74 44.97 -104.39
N LEU H 23 15.02 45.30 -104.58
CA LEU H 23 16.04 44.34 -104.95
C LEU H 23 16.98 44.12 -103.76
N LEU H 24 17.73 43.02 -103.82
CA LEU H 24 18.70 42.71 -102.76
C LEU H 24 20.02 43.42 -103.05
N ALA H 25 19.97 44.73 -102.98
CA ALA H 25 21.19 45.54 -103.01
C ALA H 25 21.93 45.28 -101.69
N LYS H 26 23.02 44.54 -101.78
CA LYS H 26 23.82 44.18 -100.62
C LYS H 26 25.26 44.65 -100.84
N VAL H 27 25.84 45.24 -99.80
CA VAL H 27 27.13 45.91 -99.92
C VAL H 27 27.87 45.78 -98.60
N PHE H 28 29.20 45.85 -98.69
CA PHE H 28 30.06 46.01 -97.52
C PHE H 28 30.67 47.41 -97.62
N ILE H 29 29.96 48.39 -97.06
CA ILE H 29 30.46 49.77 -97.06
C ILE H 29 31.73 49.83 -96.23
N THR H 30 32.80 50.30 -96.84
CA THR H 30 34.09 50.45 -96.17
C THR H 30 34.49 51.92 -96.14
N LYS H 31 35.51 52.23 -95.35
CA LYS H 31 36.07 53.57 -95.33
C LYS H 31 36.84 53.90 -96.60
N GLN H 32 37.09 52.91 -97.45
CA GLN H 32 37.74 53.10 -98.75
C GLN H 32 36.81 52.68 -99.88
N GLY H 33 35.54 53.04 -99.76
CA GLY H 33 34.55 52.69 -100.76
C GLY H 33 33.72 51.49 -100.39
N TYR H 34 33.25 50.74 -101.39
CA TYR H 34 32.38 49.60 -101.13
C TYR H 34 32.24 48.80 -102.42
N ALA H 35 31.39 47.77 -102.35
CA ALA H 35 31.12 46.90 -103.49
C ALA H 35 29.66 46.46 -103.37
N LEU H 36 28.76 47.17 -104.06
CA LEU H 36 27.33 46.93 -103.91
C LEU H 36 26.90 45.91 -104.96
N LEU H 37 27.01 44.64 -104.58
CA LEU H 37 26.63 43.53 -105.46
C LEU H 37 25.13 43.32 -105.34
N VAL H 38 24.37 44.12 -106.09
CA VAL H 38 22.92 44.03 -106.04
C VAL H 38 22.52 42.70 -106.67
N SER H 39 22.15 41.73 -105.84
CA SER H 39 21.81 40.39 -106.29
C SER H 39 20.41 40.07 -105.79
N ASP H 40 19.41 40.52 -106.54
CA ASP H 40 18.01 40.19 -106.27
C ASP H 40 17.61 38.85 -106.85
N LEU H 41 18.59 38.04 -107.27
CA LEU H 41 18.39 36.79 -108.00
C LEU H 41 17.71 37.01 -109.35
N GLN H 42 17.60 38.26 -109.80
CA GLN H 42 17.08 38.56 -111.13
C GLN H 42 18.16 39.19 -112.00
N GLN H 43 18.80 40.25 -111.54
CA GLN H 43 19.91 40.87 -112.24
C GLN H 43 20.97 41.25 -111.22
N VAL H 44 22.24 41.09 -111.61
CA VAL H 44 23.37 41.24 -110.70
C VAL H 44 24.10 42.54 -111.03
N TRP H 45 24.35 43.35 -110.02
CA TRP H 45 25.09 44.59 -110.17
C TRP H 45 26.32 44.56 -109.28
N HIS H 46 27.16 45.59 -109.40
CA HIS H 46 28.36 45.69 -108.58
C HIS H 46 28.86 47.13 -108.64
N GLU H 47 28.93 47.79 -107.49
CA GLU H 47 29.47 49.15 -107.42
C GLU H 47 30.88 49.09 -106.86
N GLN H 48 31.84 48.79 -107.75
CA GLN H 48 33.24 48.74 -107.37
C GLN H 48 33.81 50.16 -107.37
N VAL H 49 33.57 50.86 -106.27
CA VAL H 49 33.98 52.24 -106.13
C VAL H 49 34.74 52.42 -104.82
N ASP H 50 35.67 53.36 -104.82
CA ASP H 50 36.41 53.75 -103.63
C ASP H 50 35.71 54.91 -102.95
N THR H 51 36.18 55.25 -101.75
CA THR H 51 35.50 56.27 -100.95
C THR H 51 35.57 57.63 -101.63
N SER H 52 36.69 57.93 -102.27
CA SER H 52 36.86 59.24 -102.90
C SER H 52 35.88 59.44 -104.05
N VAL H 53 35.76 58.44 -104.92
CA VAL H 53 34.91 58.60 -106.11
C VAL H 53 33.44 58.68 -105.72
N VAL H 54 33.00 57.84 -104.78
CA VAL H 54 31.60 57.88 -104.37
C VAL H 54 31.30 59.16 -103.58
N SER H 55 32.25 59.60 -102.75
CA SER H 55 32.05 60.84 -102.01
C SER H 55 31.95 62.04 -102.95
N GLN H 56 32.84 62.11 -103.95
CA GLN H 56 32.76 63.20 -104.91
C GLN H 56 31.52 63.07 -105.80
N ARG H 57 31.05 61.84 -106.04
CA ARG H 57 29.79 61.65 -106.74
C ARG H 57 28.64 62.25 -105.95
N ALA H 58 28.61 62.01 -104.64
CA ALA H 58 27.59 62.62 -103.80
C ALA H 58 27.70 64.13 -103.79
N LYS H 59 28.92 64.65 -103.68
CA LYS H 59 29.11 66.10 -103.64
C LYS H 59 28.67 66.76 -104.93
N GLU H 60 28.98 66.14 -106.07
CA GLU H 60 28.59 66.72 -107.36
C GLU H 60 27.09 66.54 -107.63
N LEU H 61 26.49 65.48 -107.10
CA LEU H 61 25.05 65.29 -107.27
C LEU H 61 24.23 65.95 -106.17
N ASN H 62 24.87 66.46 -105.12
CA ASN H 62 24.23 67.40 -104.20
C ASN H 62 24.48 68.79 -104.76
N LYS H 63 23.40 69.48 -105.15
CA LYS H 63 23.53 70.68 -105.98
C LYS H 63 24.33 71.77 -105.27
N ARG H 64 24.01 72.06 -104.02
CA ARG H 64 24.73 73.09 -103.25
C ARG H 64 25.00 72.52 -101.86
N LEU H 65 26.13 71.82 -101.73
CA LEU H 65 26.48 71.15 -100.49
C LEU H 65 27.88 71.55 -100.06
N THR H 66 28.02 71.82 -98.76
CA THR H 66 29.32 72.07 -98.14
C THR H 66 29.52 71.00 -97.07
N ALA H 67 30.00 69.83 -97.51
CA ALA H 67 30.18 68.69 -96.62
C ALA H 67 31.54 68.05 -96.86
N PRO H 68 32.15 67.48 -95.82
CA PRO H 68 33.38 66.73 -96.00
C PRO H 68 33.10 65.37 -96.61
N PRO H 69 34.10 64.76 -97.26
CA PRO H 69 33.91 63.37 -97.74
C PRO H 69 33.62 62.39 -96.64
N ALA H 70 34.09 62.65 -95.41
CA ALA H 70 33.78 61.76 -94.29
C ALA H 70 32.30 61.81 -93.92
N ALA H 71 31.65 62.96 -94.11
CA ALA H 71 30.22 63.06 -93.85
C ALA H 71 29.45 62.09 -94.74
N PHE H 72 29.73 62.10 -96.03
CA PHE H 72 29.06 61.15 -96.91
C PHE H 72 29.60 59.74 -96.73
N LEU H 73 30.83 59.59 -96.21
CA LEU H 73 31.31 58.25 -95.88
C LEU H 73 30.47 57.64 -94.76
N CYS H 74 30.12 58.43 -93.75
CA CYS H 74 29.20 57.97 -92.72
C CYS H 74 27.80 57.78 -93.29
N HIS H 75 27.39 58.66 -94.21
CA HIS H 75 26.13 58.48 -94.92
C HIS H 75 26.07 57.12 -95.61
N LEU H 76 27.20 56.69 -96.18
CA LEU H 76 27.29 55.39 -96.83
C LEU H 76 27.32 54.27 -95.80
N ASP H 77 28.08 54.46 -94.71
CA ASP H 77 28.13 53.47 -93.65
C ASP H 77 26.75 53.21 -93.06
N ASN H 78 25.86 54.19 -93.15
CA ASN H 78 24.46 53.96 -92.83
C ASN H 78 23.84 52.91 -93.75
N LEU H 79 24.42 52.68 -94.92
CA LEU H 79 23.99 51.64 -95.85
C LEU H 79 24.89 50.41 -95.81
N LEU H 80 25.74 50.29 -94.78
CA LEU H 80 26.55 49.09 -94.62
C LEU H 80 25.70 47.84 -94.69
N ARG H 81 24.57 47.84 -93.99
CA ARG H 81 23.50 46.91 -94.29
C ARG H 81 22.43 47.70 -95.02
N PRO H 82 22.29 47.53 -96.33
CA PRO H 82 21.51 48.48 -97.13
C PRO H 82 20.01 48.45 -96.84
N LEU H 83 19.62 49.06 -95.72
CA LEU H 83 18.22 49.22 -95.38
C LEU H 83 17.76 50.66 -95.60
N LEU H 84 18.44 51.62 -94.98
CA LEU H 84 18.14 53.04 -95.17
C LEU H 84 19.36 53.83 -94.73
N LYS H 85 19.88 54.67 -95.61
CA LYS H 85 21.12 55.41 -95.35
C LYS H 85 20.91 56.90 -95.12
N ASP H 86 19.70 57.42 -95.34
CA ASP H 86 19.46 58.84 -95.15
C ASP H 86 19.23 59.17 -93.67
N ALA H 93 16.98 59.67 -99.03
CA ALA H 93 15.66 59.24 -98.57
C ALA H 93 15.45 57.76 -98.85
N THR H 94 14.19 57.40 -99.15
CA THR H 94 13.90 56.03 -99.53
C THR H 94 14.59 55.69 -100.85
N PHE H 95 14.99 54.44 -100.98
CA PHE H 95 15.80 54.01 -102.11
C PHE H 95 14.92 53.70 -103.31
N SER H 96 15.56 53.68 -104.48
CA SER H 96 14.87 53.38 -105.73
C SER H 96 15.90 52.85 -106.72
N CYS H 97 15.69 51.62 -107.19
CA CYS H 97 16.62 50.96 -108.09
C CYS H 97 16.18 51.15 -109.54
N ASP H 98 17.15 51.02 -110.44
CA ASP H 98 16.91 51.06 -111.88
C ASP H 98 17.34 49.72 -112.45
N CYS H 99 16.43 48.75 -112.44
CA CYS H 99 16.73 47.39 -112.87
C CYS H 99 16.46 47.23 -114.37
N VAL H 100 17.13 48.07 -115.16
CA VAL H 100 16.99 48.08 -116.61
C VAL H 100 18.27 47.67 -117.31
N ALA H 101 19.43 48.09 -116.78
CA ALA H 101 20.70 47.82 -117.45
C ALA H 101 21.75 47.32 -116.46
N ASP H 102 23.00 47.22 -116.92
CA ASP H 102 24.10 46.78 -116.08
C ASP H 102 24.51 47.82 -115.05
N ALA H 103 23.98 49.04 -115.13
CA ALA H 103 24.25 50.09 -114.17
C ALA H 103 22.99 50.34 -113.36
N LEU H 104 23.02 49.97 -112.07
CA LEU H 104 21.88 50.18 -111.18
C LEU H 104 21.97 51.56 -110.57
N ILE H 105 20.92 52.35 -110.76
CA ILE H 105 20.81 53.67 -110.17
C ILE H 105 20.04 53.52 -108.86
N LEU H 106 20.76 53.48 -107.74
CA LEU H 106 20.15 53.36 -106.42
C LEU H 106 19.98 54.77 -105.88
N ARG H 107 18.80 55.33 -106.08
CA ARG H 107 18.54 56.74 -105.78
C ARG H 107 18.42 56.95 -104.28
N VAL H 108 19.20 57.89 -103.75
CA VAL H 108 19.17 58.25 -102.33
C VAL H 108 18.98 59.77 -102.28
N ARG H 109 17.73 60.20 -102.19
CA ARG H 109 17.43 61.64 -102.16
C ARG H 109 17.82 62.19 -100.80
N SER H 110 18.90 62.95 -100.75
CA SER H 110 19.37 63.57 -99.51
C SER H 110 18.42 64.73 -99.20
N GLU H 111 17.35 64.42 -98.47
CA GLU H 111 16.30 65.39 -98.19
C GLU H 111 16.08 65.49 -96.69
N LEU H 112 16.06 66.72 -96.18
CA LEU H 112 15.69 67.00 -94.79
C LEU H 112 14.85 68.27 -94.75
N SER H 113 13.88 68.37 -95.67
CA SER H 113 12.97 69.51 -95.78
C SER H 113 13.65 70.83 -96.13
N GLY H 114 14.24 70.90 -97.33
CA GLY H 114 14.86 72.11 -97.83
C GLY H 114 14.44 72.49 -99.23
N LEU H 115 15.39 72.51 -100.16
CA LEU H 115 15.17 72.76 -101.57
C LEU H 115 15.74 71.62 -102.39
N PRO H 116 15.19 71.38 -103.62
CA PRO H 116 15.41 70.11 -104.34
C PRO H 116 16.79 69.48 -104.28
N PHE H 117 16.81 68.15 -104.21
CA PHE H 117 18.03 67.34 -104.25
C PHE H 117 17.77 66.04 -105.00
N TYR H 118 18.87 65.41 -105.43
CA TYR H 118 18.82 64.08 -106.03
C TYR H 118 20.21 63.48 -106.01
N TRP H 119 20.38 62.39 -105.25
CA TRP H 119 21.63 61.63 -105.24
C TRP H 119 21.30 60.16 -105.49
N ASN H 120 22.20 59.49 -106.21
CA ASN H 120 21.96 58.10 -106.58
C ASN H 120 23.28 57.35 -106.70
N PHE H 121 23.19 56.03 -106.59
CA PHE H 121 24.34 55.16 -106.81
C PHE H 121 24.48 54.84 -108.30
N HIS H 122 25.63 54.28 -108.66
CA HIS H 122 25.90 53.82 -110.02
C HIS H 122 26.62 52.48 -109.91
N CYS H 123 25.84 51.40 -109.88
CA CYS H 123 26.36 50.04 -109.76
C CYS H 123 26.62 49.52 -111.16
N MET H 124 27.84 49.76 -111.66
CA MET H 124 28.20 49.36 -113.01
C MET H 124 28.24 47.84 -113.12
N LEU H 125 28.60 47.35 -114.31
CA LEU H 125 28.47 45.94 -114.65
C LEU H 125 29.08 45.05 -113.59
N ALA H 126 28.31 44.05 -113.15
CA ALA H 126 28.74 43.17 -112.08
C ALA H 126 29.93 42.33 -112.50
N SER H 127 30.93 42.27 -111.65
CA SER H 127 32.11 41.45 -111.93
C SER H 127 31.73 39.98 -111.84
N PRO H 128 31.86 39.20 -112.92
CA PRO H 128 31.38 37.82 -112.89
C PRO H 128 32.04 36.97 -111.81
N SER H 129 33.28 37.29 -111.42
CA SER H 129 33.91 36.58 -110.32
C SER H 129 33.10 36.75 -109.03
N LEU H 130 32.79 37.99 -108.67
CA LEU H 130 31.98 38.24 -107.49
C LEU H 130 30.51 37.92 -107.72
N VAL H 131 30.06 37.87 -108.97
CA VAL H 131 28.75 37.29 -109.26
C VAL H 131 28.72 35.85 -108.77
N SER H 132 29.72 35.06 -109.18
CA SER H 132 29.82 33.69 -108.68
C SER H 132 30.02 33.66 -107.17
N GLN H 133 30.70 34.66 -106.61
CA GLN H 133 30.85 34.75 -105.16
C GLN H 133 29.53 35.03 -104.45
N HIS H 134 28.48 35.38 -105.17
CA HIS H 134 27.15 35.45 -104.56
C HIS H 134 26.02 34.96 -105.46
N LEU H 135 26.31 34.47 -106.66
CA LEU H 135 25.29 33.83 -107.48
C LEU H 135 25.64 32.40 -107.88
N ILE H 136 26.91 32.01 -107.83
CA ILE H 136 27.26 30.63 -108.17
C ILE H 136 27.96 29.96 -107.00
N ARG H 137 29.17 30.44 -106.64
CA ARG H 137 30.06 29.61 -105.82
C ARG H 137 29.49 29.33 -104.44
N PRO H 138 29.20 30.33 -103.58
CA PRO H 138 28.51 30.00 -102.33
C PRO H 138 27.05 29.65 -102.51
N LEU H 139 26.43 30.01 -103.64
CA LEU H 139 25.09 29.51 -103.92
C LEU H 139 25.10 28.05 -104.33
N MET H 140 26.04 27.66 -105.18
CA MET H 140 26.37 26.24 -105.36
C MET H 140 26.62 25.57 -104.01
N GLY H 141 27.39 26.23 -103.16
CA GLY H 141 27.73 25.63 -101.87
C GLY H 141 26.53 25.42 -100.98
N MET H 142 25.67 26.44 -100.87
CA MET H 142 24.52 26.31 -99.98
C MET H 142 23.46 25.41 -100.60
N SER H 143 23.42 25.31 -101.93
CA SER H 143 22.52 24.35 -102.57
C SER H 143 22.95 22.92 -102.26
N LEU H 144 24.24 22.61 -102.43
CA LEU H 144 24.73 21.28 -102.07
C LEU H 144 24.57 21.03 -100.57
N ALA H 145 24.78 22.07 -99.76
CA ALA H 145 24.62 21.92 -98.31
C ALA H 145 23.18 21.59 -97.96
N LEU H 146 22.23 22.31 -98.54
CA LEU H 146 20.82 22.03 -98.31
C LEU H 146 20.45 20.64 -98.81
N GLN H 147 21.04 20.21 -99.93
CA GLN H 147 20.70 18.90 -100.47
C GLN H 147 21.20 17.78 -99.56
N CYS H 148 22.47 17.83 -99.16
CA CYS H 148 22.95 16.81 -98.25
C CYS H 148 22.33 16.95 -96.85
N GLN H 149 21.85 18.16 -96.50
CA GLN H 149 21.02 18.31 -95.32
C GLN H 149 19.74 17.52 -95.46
N VAL H 150 19.10 17.59 -96.63
CA VAL H 150 17.89 16.81 -96.87
C VAL H 150 18.21 15.32 -96.86
N ARG H 151 19.42 14.94 -97.26
CA ARG H 151 19.81 13.52 -97.22
C ARG H 151 20.01 13.04 -95.78
N GLU H 152 20.71 13.82 -94.96
CA GLU H 152 20.83 13.47 -93.55
C GLU H 152 19.49 13.50 -92.85
N LEU H 153 18.60 14.42 -93.27
CA LEU H 153 17.23 14.40 -92.79
C LEU H 153 16.49 13.17 -93.29
N ALA H 154 16.84 12.66 -94.46
CA ALA H 154 16.27 11.40 -94.91
C ALA H 154 16.64 10.29 -93.94
N THR H 155 17.91 10.25 -93.53
CA THR H 155 18.33 9.28 -92.52
C THR H 155 17.56 9.47 -91.22
N LEU H 156 17.43 10.73 -90.78
CA LEU H 156 16.75 11.02 -89.51
C LEU H 156 15.27 10.65 -89.57
N LEU H 157 14.59 11.02 -90.66
CA LEU H 157 13.19 10.63 -90.83
C LEU H 157 13.04 9.12 -90.87
N HIS H 158 13.92 8.43 -91.60
CA HIS H 158 13.82 6.97 -91.66
C HIS H 158 13.97 6.37 -90.27
N MET H 159 14.93 6.87 -89.49
CA MET H 159 15.11 6.35 -88.13
C MET H 159 13.89 6.63 -87.27
N LYS H 160 13.30 7.83 -87.37
CA LYS H 160 12.12 8.12 -86.56
C LYS H 160 10.91 7.31 -86.99
N ASP H 161 10.75 7.09 -88.31
CA ASP H 161 9.65 6.26 -88.80
C ASP H 161 9.78 4.84 -88.29
N LEU H 162 10.98 4.25 -88.40
CA LEU H 162 11.17 2.91 -87.90
C LEU H 162 11.02 2.85 -86.38
N GLU H 163 11.42 3.91 -85.68
CA GLU H 163 11.18 3.97 -84.24
C GLU H 163 9.71 3.91 -83.91
N ILE H 164 8.91 4.78 -84.55
CA ILE H 164 7.48 4.82 -84.28
C ILE H 164 6.83 3.48 -84.64
N GLN H 165 7.18 2.94 -85.81
CA GLN H 165 6.60 1.68 -86.24
C GLN H 165 6.95 0.55 -85.27
N ASP H 166 8.24 0.30 -85.07
CA ASP H 166 8.67 -0.76 -84.18
C ASP H 166 8.15 -0.56 -82.76
N TYR H 167 7.80 0.68 -82.39
CA TYR H 167 7.08 0.90 -81.15
C TYR H 167 5.63 0.45 -81.24
N GLN H 168 5.00 0.61 -82.41
CA GLN H 168 3.59 0.27 -82.54
C GLN H 168 3.35 -1.23 -82.40
N GLU H 169 4.13 -2.06 -83.10
CA GLU H 169 3.91 -3.50 -83.02
C GLU H 169 4.62 -4.15 -81.83
N SER H 170 5.36 -3.39 -81.03
CA SER H 170 5.98 -3.93 -79.83
C SER H 170 5.19 -3.62 -78.56
N GLY H 171 3.98 -3.10 -78.71
CA GLY H 171 3.14 -2.77 -77.56
C GLY H 171 3.13 -1.29 -77.28
N ALA H 172 2.21 -0.90 -76.39
CA ALA H 172 2.00 0.49 -75.99
C ALA H 172 1.70 1.37 -77.20
N THR H 173 0.95 0.81 -78.16
CA THR H 173 0.54 1.59 -79.33
C THR H 173 -0.43 2.68 -78.92
N LEU H 174 -0.27 3.85 -79.55
CA LEU H 174 -1.15 4.97 -79.24
C LEU H 174 -2.60 4.63 -79.58
N ILE H 175 -3.52 5.10 -78.73
CA ILE H 175 -4.93 4.80 -78.90
C ILE H 175 -5.64 5.76 -79.85
N ARG H 176 -5.00 6.87 -80.23
CA ARG H 176 -5.60 7.84 -81.13
C ARG H 176 -5.25 7.50 -82.57
N ASP H 177 -5.91 6.45 -83.08
CA ASP H 177 -5.63 5.97 -84.43
C ASP H 177 -5.95 7.02 -85.49
N ARG H 178 -6.85 7.95 -85.20
CA ARG H 178 -7.29 8.91 -86.20
C ARG H 178 -6.30 10.06 -86.40
N LEU H 179 -5.26 10.17 -85.59
CA LEU H 179 -4.26 11.23 -85.77
C LEU H 179 -2.83 10.68 -85.86
N LYS H 180 -2.66 9.36 -85.92
CA LYS H 180 -1.33 8.80 -86.07
C LYS H 180 -0.86 8.93 -87.51
N THR H 181 0.34 8.44 -87.79
CA THR H 181 0.92 8.48 -89.12
C THR H 181 1.27 7.07 -89.58
N GLU H 182 1.09 6.82 -90.86
CA GLU H 182 1.45 5.56 -91.45
C GLU H 182 2.97 5.41 -91.47
N PRO H 183 3.47 4.17 -91.62
CA PRO H 183 4.93 3.99 -91.77
C PRO H 183 5.49 4.92 -92.84
N PHE H 184 6.28 5.88 -92.41
CA PHE H 184 6.74 6.97 -93.27
C PHE H 184 8.12 6.67 -93.80
N GLU H 185 8.49 7.41 -94.86
CA GLU H 185 9.83 7.32 -95.42
C GLU H 185 10.12 8.64 -96.12
N GLU H 186 11.42 8.92 -96.31
CA GLU H 186 11.81 10.18 -96.93
C GLU H 186 11.31 10.26 -98.37
N ASN H 187 11.43 9.17 -99.13
CA ASN H 187 11.03 9.21 -100.53
C ASN H 187 9.54 9.49 -100.67
N SER H 188 8.73 9.08 -99.69
CA SER H 188 7.32 9.44 -99.71
C SER H 188 7.13 10.95 -99.58
N PHE H 189 8.01 11.62 -98.82
CA PHE H 189 7.98 13.08 -98.74
C PHE H 189 8.50 13.72 -100.03
N LEU H 190 9.58 13.17 -100.58
CA LEU H 190 10.20 13.77 -101.76
C LEU H 190 9.31 13.63 -103.00
N GLU H 191 8.59 12.52 -103.14
CA GLU H 191 7.75 12.34 -104.31
C GLU H 191 6.63 13.37 -104.34
N GLN H 192 6.03 13.66 -103.18
CA GLN H 192 5.00 14.70 -103.12
C GLN H 192 5.63 16.09 -103.22
N PHE H 193 6.84 16.26 -102.70
CA PHE H 193 7.50 17.56 -102.78
C PHE H 193 7.78 17.94 -104.23
N MET H 194 8.33 17.00 -105.00
CA MET H 194 8.75 17.28 -106.37
C MET H 194 7.59 17.79 -107.21
N ILE H 195 6.37 17.37 -106.89
CA ILE H 195 5.21 17.70 -107.69
C ILE H 195 4.35 18.81 -107.08
N GLU H 196 4.50 19.09 -105.78
CA GLU H 196 3.70 20.12 -105.14
C GLU H 196 4.51 21.33 -104.71
N LYS H 197 5.57 21.12 -103.92
CA LYS H 197 6.29 22.24 -103.33
C LYS H 197 7.45 22.72 -104.19
N LEU H 198 8.24 21.79 -104.72
CA LEU H 198 9.34 22.14 -105.62
C LEU H 198 8.91 23.05 -106.77
N PRO H 199 7.81 22.79 -107.48
CA PRO H 199 7.36 23.77 -108.48
C PRO H 199 7.04 25.14 -107.89
N GLU H 200 6.50 25.19 -106.68
CA GLU H 200 6.13 26.47 -106.07
C GLU H 200 7.19 27.02 -105.12
N ALA H 201 7.99 26.14 -104.48
CA ALA H 201 9.17 26.63 -103.77
C ALA H 201 10.19 27.21 -104.75
N CYS H 202 10.08 26.88 -106.03
CA CYS H 202 10.85 27.56 -107.06
C CYS H 202 10.25 28.95 -107.26
N SER H 203 10.59 29.87 -106.37
CA SER H 203 10.06 31.24 -106.39
C SER H 203 11.27 32.17 -106.27
N ILE H 204 11.79 32.60 -107.41
CA ILE H 204 12.98 33.45 -107.41
C ILE H 204 12.68 34.80 -106.79
N GLY H 205 11.59 35.44 -107.23
CA GLY H 205 11.18 36.72 -106.68
C GLY H 205 12.24 37.81 -106.86
N ASP H 206 11.98 38.93 -106.20
CA ASP H 206 12.90 40.06 -106.21
C ASP H 206 13.88 39.99 -105.03
N GLY H 207 14.53 38.84 -104.88
CA GLY H 207 15.51 38.66 -103.84
C GLY H 207 14.94 38.30 -102.48
N LYS H 208 13.74 38.76 -102.18
CA LYS H 208 13.13 38.48 -100.88
C LYS H 208 13.08 36.99 -100.54
N PRO H 209 12.79 36.07 -101.46
CA PRO H 209 12.91 34.64 -101.13
C PRO H 209 14.29 34.24 -100.65
N PHE H 210 15.34 34.94 -101.10
CA PHE H 210 16.68 34.65 -100.59
C PHE H 210 16.80 35.05 -99.12
N VAL H 211 16.38 36.26 -98.76
CA VAL H 211 16.56 36.73 -97.40
C VAL H 211 15.56 36.12 -96.43
N MET H 212 14.51 35.47 -96.93
CA MET H 212 13.63 34.77 -96.00
C MET H 212 14.06 33.33 -95.73
N ASN H 213 14.72 32.67 -96.69
CA ASN H 213 15.08 31.26 -96.53
C ASN H 213 16.51 30.92 -96.92
N LEU H 214 17.16 31.71 -97.78
CA LEU H 214 18.48 31.35 -98.28
C LEU H 214 19.61 32.17 -97.69
N GLN H 215 19.30 33.36 -97.17
CA GLN H 215 20.36 34.23 -96.66
C GLN H 215 21.03 33.64 -95.42
N ASP H 216 20.26 32.99 -94.55
CA ASP H 216 20.84 32.44 -93.32
C ASP H 216 21.86 31.35 -93.62
N LEU H 217 21.47 30.36 -94.43
CA LEU H 217 22.42 29.30 -94.74
C LEU H 217 23.52 29.79 -95.66
N TYR H 218 23.26 30.84 -96.43
CA TYR H 218 24.34 31.47 -97.18
C TYR H 218 25.39 32.04 -96.23
N MET H 219 24.94 32.77 -95.20
CA MET H 219 25.86 33.25 -94.18
C MET H 219 26.58 32.10 -93.51
N ALA H 220 25.90 30.96 -93.39
CA ALA H 220 26.55 29.76 -92.86
C ALA H 220 27.55 29.17 -93.84
N VAL H 221 27.51 29.55 -95.11
CA VAL H 221 28.45 29.04 -96.10
C VAL H 221 29.26 30.16 -96.76
N THR H 222 29.34 31.33 -96.10
CA THR H 222 30.20 32.40 -96.61
C THR H 222 31.68 32.11 -96.42
N THR H 223 32.02 30.99 -95.78
CA THR H 223 33.42 30.68 -95.54
C THR H 223 34.22 30.58 -96.83
N GLN H 224 33.58 30.16 -97.92
CA GLN H 224 34.27 30.07 -99.20
C GLN H 224 33.27 30.17 -100.36
N CYS I 10 26.56 -61.81 -41.23
CA CYS I 10 26.53 -61.19 -39.91
C CYS I 10 27.54 -60.06 -39.81
N SER I 11 27.50 -59.32 -38.70
CA SER I 11 28.45 -58.24 -38.49
C SER I 11 29.88 -58.74 -38.61
N LEU I 12 30.20 -59.83 -37.92
CA LEU I 12 31.50 -60.46 -38.11
C LEU I 12 31.71 -60.84 -39.56
N LEU I 13 30.70 -61.47 -40.17
CA LEU I 13 30.84 -61.86 -41.58
C LEU I 13 30.91 -60.64 -42.49
N ARG I 14 30.08 -59.63 -42.23
CA ARG I 14 30.09 -58.44 -43.07
C ARG I 14 31.45 -57.77 -43.03
N LEU I 15 32.05 -57.69 -41.85
CA LEU I 15 33.38 -57.08 -41.76
C LEU I 15 34.42 -57.98 -42.39
N GLN I 16 34.33 -59.30 -42.17
CA GLN I 16 35.27 -60.22 -42.78
C GLN I 16 35.26 -60.11 -44.30
N GLU I 17 34.11 -59.79 -44.88
CA GLU I 17 34.01 -59.74 -46.34
C GLU I 17 34.31 -58.34 -46.89
N THR I 18 33.57 -57.32 -46.45
CA THR I 18 33.78 -55.98 -46.96
C THR I 18 35.17 -55.47 -46.60
N LEU I 19 35.63 -55.75 -45.38
CA LEU I 19 36.99 -55.42 -45.00
C LEU I 19 37.98 -56.14 -45.89
N SER I 20 37.73 -57.42 -46.20
CA SER I 20 38.51 -58.11 -47.20
C SER I 20 38.21 -57.63 -48.61
N ALA I 21 37.19 -56.80 -48.79
CA ALA I 21 36.86 -56.22 -50.08
C ALA I 21 37.36 -54.79 -50.21
N ALA I 22 37.27 -54.01 -49.14
CA ALA I 22 37.67 -52.60 -49.16
C ALA I 22 39.18 -52.40 -49.09
N ASP I 23 39.96 -53.45 -49.35
CA ASP I 23 41.41 -53.41 -49.34
C ASP I 23 41.97 -53.40 -50.75
N ARG I 24 41.32 -52.68 -51.66
CA ARG I 24 41.43 -52.98 -53.08
C ARG I 24 42.84 -52.88 -53.64
N CYS I 25 43.41 -51.68 -53.76
CA CYS I 25 44.76 -51.58 -54.30
C CYS I 25 45.75 -50.86 -53.39
N GLY I 26 45.52 -49.56 -53.17
CA GLY I 26 46.48 -48.76 -52.44
C GLY I 26 45.90 -47.61 -51.64
N ALA I 27 44.58 -47.45 -51.66
CA ALA I 27 43.96 -46.26 -51.08
C ALA I 27 44.13 -46.28 -49.58
N ALA I 28 45.10 -45.53 -49.07
CA ALA I 28 45.32 -45.47 -47.62
C ALA I 28 44.06 -45.02 -46.91
N LEU I 29 43.23 -44.22 -47.56
CA LEU I 29 41.91 -43.91 -47.01
C LEU I 29 41.09 -45.17 -46.85
N ALA I 30 41.11 -46.05 -47.85
CA ALA I 30 40.42 -47.32 -47.73
C ALA I 30 41.01 -48.17 -46.61
N GLY I 31 42.34 -48.22 -46.53
CA GLY I 31 42.98 -49.01 -45.49
C GLY I 31 42.75 -48.49 -44.09
N HIS I 32 42.46 -47.20 -43.96
CA HIS I 32 42.18 -46.67 -42.64
C HIS I 32 40.69 -46.66 -42.31
N GLN I 33 39.82 -46.71 -43.32
CA GLN I 33 38.48 -47.21 -43.01
C GLN I 33 38.55 -48.68 -42.62
N LEU I 34 39.54 -49.40 -43.13
CA LEU I 34 39.73 -50.78 -42.69
C LEU I 34 40.17 -50.83 -41.24
N ILE I 35 41.11 -49.97 -40.85
CA ILE I 35 41.48 -49.92 -39.43
C ILE I 35 40.28 -49.44 -38.61
N ARG I 36 39.39 -48.66 -39.21
CA ARG I 36 38.17 -48.25 -38.53
C ARG I 36 37.27 -49.44 -38.24
N GLY I 37 37.01 -50.25 -39.27
CA GLY I 37 36.27 -51.49 -39.06
C GLY I 37 36.99 -52.43 -38.10
N LEU I 38 38.32 -52.37 -38.10
CA LEU I 38 39.12 -53.06 -37.09
C LEU I 38 38.73 -52.61 -35.69
N GLY I 39 38.65 -51.30 -35.47
CA GLY I 39 38.20 -50.81 -34.19
C GLY I 39 36.81 -51.29 -33.85
N GLN I 40 35.94 -51.36 -34.86
CA GLN I 40 34.60 -51.87 -34.62
C GLN I 40 34.64 -53.32 -34.16
N GLU I 41 35.44 -54.15 -34.82
CA GLU I 41 35.57 -55.53 -34.39
C GLU I 41 36.23 -55.62 -33.02
N CYS I 42 37.14 -54.71 -32.72
CA CYS I 42 37.76 -54.66 -31.41
C CYS I 42 36.74 -54.43 -30.32
N VAL I 43 35.85 -53.46 -30.52
CA VAL I 43 34.83 -53.22 -29.51
C VAL I 43 33.80 -54.34 -29.50
N LEU I 44 33.60 -55.00 -30.65
CA LEU I 44 32.76 -56.19 -30.67
C LEU I 44 33.32 -57.25 -29.73
N SER I 45 34.61 -57.56 -29.88
CA SER I 45 35.25 -58.50 -28.97
C SER I 45 35.24 -57.99 -27.53
N SER I 46 35.28 -56.67 -27.35
CA SER I 46 35.16 -56.10 -26.03
C SER I 46 33.79 -56.35 -25.43
N SER I 47 32.78 -56.59 -26.26
CA SER I 47 31.44 -56.94 -25.82
C SER I 47 31.14 -58.35 -26.31
N PRO I 48 31.78 -59.36 -25.73
CA PRO I 48 31.68 -60.71 -26.27
C PRO I 48 30.58 -61.54 -25.60
N ALA I 49 30.24 -62.63 -26.28
CA ALA I 49 29.37 -63.67 -25.77
C ALA I 49 30.02 -65.01 -26.07
N VAL I 50 29.62 -66.05 -25.34
CA VAL I 50 30.26 -67.35 -25.51
C VAL I 50 30.08 -67.85 -26.95
N LEU I 51 28.86 -67.76 -27.48
CA LEU I 51 28.66 -68.06 -28.89
C LEU I 51 29.43 -67.08 -29.76
N ALA I 52 29.38 -65.80 -29.42
CA ALA I 52 30.21 -64.82 -30.09
C ALA I 52 31.68 -65.13 -29.90
N LEU I 53 32.06 -65.70 -28.76
CA LEU I 53 33.44 -66.12 -28.55
C LEU I 53 33.86 -67.15 -29.59
N GLN I 54 33.05 -68.21 -29.75
CA GLN I 54 33.41 -69.25 -30.70
C GLN I 54 33.40 -68.71 -32.12
N THR I 55 32.42 -67.88 -32.45
CA THR I 55 32.34 -67.34 -33.81
C THR I 55 33.53 -66.43 -34.11
N SER I 56 33.86 -65.54 -33.18
CA SER I 56 35.01 -64.67 -33.35
C SER I 56 36.32 -65.45 -33.35
N LEU I 57 36.33 -66.66 -32.80
CA LEU I 57 37.54 -67.48 -32.90
C LEU I 57 37.87 -67.80 -34.35
N VAL I 58 36.89 -68.35 -35.09
CA VAL I 58 37.14 -68.68 -36.48
C VAL I 58 37.27 -67.42 -37.32
N PHE I 59 36.53 -66.36 -36.97
CA PHE I 59 36.71 -65.11 -37.71
C PHE I 59 38.12 -64.57 -37.49
N SER I 60 38.62 -64.64 -36.26
CA SER I 60 40.01 -64.34 -35.97
C SER I 60 40.92 -65.13 -36.88
N ARG I 61 40.85 -66.46 -36.81
CA ARG I 61 41.67 -67.30 -37.67
C ARG I 61 41.65 -66.78 -39.11
N ASP I 62 40.47 -66.82 -39.72
CA ASP I 62 40.36 -66.56 -41.14
C ASP I 62 40.85 -65.16 -41.47
N PHE I 63 40.17 -64.14 -40.97
CA PHE I 63 40.47 -62.81 -41.47
C PHE I 63 41.76 -62.24 -40.92
N GLY I 64 42.20 -62.66 -39.73
CA GLY I 64 43.53 -62.30 -39.28
C GLY I 64 44.60 -62.88 -40.18
N LEU I 65 44.42 -64.12 -40.63
CA LEU I 65 45.32 -64.66 -41.64
C LEU I 65 45.19 -63.88 -42.95
N LEU I 66 43.97 -63.43 -43.26
CA LEU I 66 43.77 -62.63 -44.47
C LEU I 66 44.60 -61.35 -44.42
N VAL I 67 44.49 -60.59 -43.33
CA VAL I 67 45.28 -59.38 -43.20
C VAL I 67 46.76 -59.71 -43.07
N PHE I 68 47.09 -60.84 -42.47
CA PHE I 68 48.45 -61.31 -42.33
C PHE I 68 49.15 -61.56 -43.66
N VAL I 69 48.46 -62.19 -44.61
CA VAL I 69 49.06 -62.59 -45.88
C VAL I 69 48.74 -61.61 -46.99
N ARG I 70 47.44 -61.33 -47.20
CA ARG I 70 47.03 -60.54 -48.35
C ARG I 70 47.65 -59.15 -48.33
N LYS I 71 47.65 -58.49 -47.17
CA LYS I 71 48.20 -57.14 -47.15
C LYS I 71 49.70 -57.19 -47.36
N SER I 72 50.43 -57.75 -46.38
CA SER I 72 51.85 -58.07 -46.48
C SER I 72 52.68 -57.00 -47.17
N LEU I 73 52.27 -55.74 -47.08
CA LEU I 73 52.97 -54.69 -47.81
C LEU I 73 53.13 -53.47 -46.91
N ASN I 74 54.13 -52.67 -47.23
CA ASN I 74 54.53 -51.48 -46.52
C ASN I 74 53.58 -50.33 -46.68
N SER I 75 52.50 -50.48 -47.45
CA SER I 75 51.58 -49.37 -47.64
C SER I 75 51.08 -48.89 -46.29
N ILE I 76 51.02 -47.57 -46.14
CA ILE I 76 50.73 -46.96 -44.84
C ILE I 76 49.38 -47.45 -44.32
N GLU I 77 48.43 -47.67 -45.23
CA GLU I 77 47.19 -48.31 -44.85
C GLU I 77 47.43 -49.62 -44.13
N PHE I 78 48.23 -50.51 -44.74
CA PHE I 78 48.59 -51.75 -44.08
C PHE I 78 49.34 -51.47 -42.79
N ARG I 79 50.29 -50.54 -42.85
CA ARG I 79 51.09 -50.20 -41.68
C ARG I 79 50.21 -49.97 -40.46
N GLU I 80 49.36 -48.95 -40.52
CA GLU I 80 48.57 -48.58 -39.36
C GLU I 80 47.48 -49.60 -39.08
N CYS I 81 46.79 -50.07 -40.12
CA CYS I 81 45.68 -50.98 -39.91
C CYS I 81 46.14 -52.23 -39.19
N ARG I 82 47.25 -52.83 -39.65
CA ARG I 82 47.74 -54.04 -39.00
C ARG I 82 48.50 -53.72 -37.72
N GLU I 83 49.02 -52.50 -37.57
CA GLU I 83 49.49 -52.07 -36.26
C GLU I 83 48.40 -52.21 -35.22
N GLU I 84 47.23 -51.63 -35.48
CA GLU I 84 46.14 -51.79 -34.53
C GLU I 84 45.54 -53.17 -34.57
N ILE I 85 45.73 -53.92 -35.65
CA ILE I 85 45.29 -55.32 -35.65
C ILE I 85 46.05 -56.09 -34.58
N LEU I 86 47.37 -55.98 -34.60
CA LEU I 86 48.18 -56.62 -33.57
C LEU I 86 47.85 -56.04 -32.20
N LYS I 87 47.65 -54.73 -32.12
CA LYS I 87 47.21 -54.11 -30.88
C LYS I 87 45.99 -54.83 -30.33
N PHE I 88 44.97 -55.00 -31.19
CA PHE I 88 43.73 -55.62 -30.75
C PHE I 88 43.93 -57.07 -30.38
N LEU I 89 44.72 -57.80 -31.16
CA LEU I 89 44.96 -59.20 -30.84
C LEU I 89 45.63 -59.34 -29.48
N CYS I 90 46.61 -58.48 -29.19
CA CYS I 90 47.26 -58.55 -27.88
C CYS I 90 46.31 -58.17 -26.77
N ILE I 91 45.59 -57.04 -26.93
CA ILE I 91 44.67 -56.60 -25.88
C ILE I 91 43.48 -57.54 -25.75
N PHE I 92 43.29 -58.45 -26.69
CA PHE I 92 42.32 -59.53 -26.53
C PHE I 92 42.94 -60.79 -25.96
N LEU I 93 44.25 -60.98 -26.14
CA LEU I 93 44.95 -62.11 -25.56
C LEU I 93 44.69 -62.26 -24.08
N GLU I 94 44.34 -61.15 -23.41
CA GLU I 94 43.94 -61.13 -22.01
C GLU I 94 43.05 -62.31 -21.64
N LYS I 95 42.14 -62.70 -22.53
CA LYS I 95 41.24 -63.80 -22.22
C LYS I 95 40.80 -64.47 -23.51
N MET I 96 41.36 -65.65 -23.77
CA MET I 96 40.66 -66.68 -24.53
C MET I 96 40.57 -67.98 -23.77
N GLY I 97 41.47 -68.24 -22.84
CA GLY I 97 41.67 -69.57 -22.32
C GLY I 97 42.63 -70.35 -23.19
N GLN I 98 42.76 -71.64 -22.88
CA GLN I 98 43.63 -72.49 -23.67
C GLN I 98 43.07 -72.78 -25.05
N LYS I 99 41.78 -72.45 -25.27
CA LYS I 99 41.12 -72.75 -26.57
C LYS I 99 42.07 -72.35 -27.71
N ILE I 100 42.96 -71.40 -27.47
CA ILE I 100 43.99 -71.05 -28.49
C ILE I 100 45.17 -71.99 -28.27
N ALA I 101 45.00 -73.29 -28.55
CA ALA I 101 46.12 -74.26 -28.44
C ALA I 101 46.45 -74.79 -29.83
N PRO I 102 45.51 -75.36 -30.63
CA PRO I 102 45.81 -75.73 -32.02
C PRO I 102 45.86 -74.40 -32.80
N TYR I 103 45.28 -73.34 -32.23
CA TYR I 103 45.31 -72.00 -32.87
C TYR I 103 46.53 -71.23 -32.37
N SER I 104 47.13 -71.69 -31.27
CA SER I 104 48.36 -71.05 -30.74
C SER I 104 49.48 -71.20 -31.77
N VAL I 105 49.81 -72.43 -32.16
CA VAL I 105 50.94 -72.63 -33.06
C VAL I 105 50.70 -71.86 -34.37
N GLU I 106 49.44 -71.80 -34.82
CA GLU I 106 49.12 -71.05 -36.03
C GLU I 106 49.66 -69.64 -35.96
N ILE I 107 49.15 -68.86 -35.00
CA ILE I 107 49.56 -67.48 -34.89
C ILE I 107 50.97 -67.38 -34.37
N LYS I 108 51.50 -68.41 -33.74
CA LYS I 108 52.91 -68.45 -33.42
C LYS I 108 53.75 -68.32 -34.68
N ASN I 109 53.46 -69.18 -35.66
CA ASN I 109 54.18 -69.12 -36.92
C ASN I 109 53.90 -67.81 -37.65
N THR I 110 52.63 -67.38 -37.65
CA THR I 110 52.31 -66.12 -38.30
C THR I 110 53.11 -64.97 -37.70
N CYS I 111 53.18 -64.91 -36.38
CA CYS I 111 53.90 -63.83 -35.71
C CYS I 111 55.40 -63.93 -35.91
N THR I 112 55.95 -65.13 -35.95
CA THR I 112 57.37 -65.27 -36.24
C THR I 112 57.68 -64.70 -37.62
N SER I 113 56.86 -65.06 -38.61
CA SER I 113 57.01 -64.48 -39.94
C SER I 113 56.79 -62.97 -39.91
N VAL I 114 55.85 -62.52 -39.10
CA VAL I 114 55.59 -61.08 -38.94
C VAL I 114 56.87 -60.38 -38.50
N TYR I 115 57.58 -60.99 -37.55
CA TYR I 115 58.90 -60.46 -37.20
C TYR I 115 59.82 -60.48 -38.39
N THR I 116 59.85 -61.59 -39.13
CA THR I 116 60.70 -61.65 -40.32
C THR I 116 60.32 -60.60 -41.35
N LYS I 117 59.11 -60.06 -41.27
CA LYS I 117 58.68 -58.97 -42.11
C LYS I 117 59.25 -57.66 -41.58
N ASP I 118 58.67 -56.54 -42.01
CA ASP I 118 59.09 -55.20 -41.60
C ASP I 118 59.42 -55.12 -40.13
N ARG I 119 58.74 -55.89 -39.29
CA ARG I 119 59.07 -55.96 -37.88
C ARG I 119 60.48 -56.46 -37.64
N ALA I 120 61.21 -56.85 -38.69
CA ALA I 120 62.66 -56.88 -38.67
C ALA I 120 63.26 -55.66 -39.37
N ALA I 121 62.57 -55.11 -40.37
CA ALA I 121 63.08 -53.99 -41.15
C ALA I 121 62.53 -52.66 -40.66
N LYS I 122 61.20 -52.53 -40.62
CA LYS I 122 60.56 -51.30 -40.15
C LYS I 122 59.74 -51.62 -38.91
N CYS I 123 60.38 -52.28 -37.95
CA CYS I 123 59.77 -52.59 -36.67
C CYS I 123 59.07 -51.36 -36.11
N LYS I 124 57.91 -51.59 -35.50
CA LYS I 124 57.07 -50.52 -35.00
C LYS I 124 56.28 -51.07 -33.81
N ILE I 125 55.19 -50.40 -33.47
CA ILE I 125 54.23 -50.89 -32.49
C ILE I 125 53.83 -52.32 -32.82
N PRO I 126 53.64 -52.70 -34.10
CA PRO I 126 53.38 -54.11 -34.38
C PRO I 126 54.44 -55.05 -33.83
N ALA I 127 55.70 -54.64 -33.80
CA ALA I 127 56.74 -55.52 -33.28
C ALA I 127 56.55 -55.79 -31.80
N LEU I 128 56.32 -54.73 -31.01
CA LEU I 128 56.07 -54.94 -29.59
C LEU I 128 54.78 -55.70 -29.36
N ASP I 129 53.77 -55.46 -30.21
CA ASP I 129 52.54 -56.24 -30.15
C ASP I 129 52.86 -57.72 -30.32
N LEU I 130 53.57 -58.05 -31.39
CA LEU I 130 54.12 -59.38 -31.59
C LEU I 130 54.72 -59.94 -30.32
N LEU I 131 55.70 -59.22 -29.77
CA LEU I 131 56.46 -59.72 -28.64
C LEU I 131 55.55 -60.01 -27.46
N ILE I 132 54.73 -59.03 -27.08
CA ILE I 132 53.90 -59.17 -25.89
C ILE I 132 52.89 -60.30 -26.09
N LYS I 133 52.28 -60.35 -27.27
CA LYS I 133 51.31 -61.39 -27.55
C LYS I 133 51.94 -62.76 -27.37
N LEU I 134 53.07 -63.00 -28.02
CA LEU I 134 53.69 -64.31 -27.93
C LEU I 134 54.17 -64.63 -26.52
N LEU I 135 54.76 -63.64 -25.82
CA LEU I 135 55.31 -63.93 -24.51
C LEU I 135 54.21 -64.24 -23.52
N GLN I 136 53.16 -63.43 -23.49
CA GLN I 136 52.02 -63.74 -22.65
C GLN I 136 51.36 -65.03 -23.10
N THR I 137 51.48 -65.37 -24.39
CA THR I 137 50.98 -66.66 -24.85
C THR I 137 51.70 -67.81 -24.17
N PHE I 138 53.03 -67.76 -24.14
CA PHE I 138 53.76 -68.85 -23.49
C PHE I 138 53.44 -68.88 -22.01
N ARG I 139 53.46 -67.71 -21.37
CA ARG I 139 53.17 -67.69 -19.95
C ARG I 139 51.72 -68.01 -19.65
N SER I 140 50.88 -68.09 -20.68
CA SER I 140 49.55 -68.67 -20.56
C SER I 140 49.49 -70.11 -21.03
N SER I 141 50.48 -70.58 -21.79
CA SER I 141 50.48 -71.92 -22.35
C SER I 141 51.92 -72.34 -22.58
N ARG I 142 52.38 -73.34 -21.81
CA ARG I 142 53.76 -73.81 -21.91
C ARG I 142 53.77 -75.28 -22.32
N LEU I 143 54.51 -75.56 -23.41
CA LEU I 143 54.88 -76.92 -23.78
C LEU I 143 53.68 -77.82 -24.05
N MET I 144 52.75 -77.32 -24.85
CA MET I 144 51.84 -78.19 -25.59
C MET I 144 52.00 -78.05 -27.09
N ASP I 145 52.45 -76.90 -27.56
CA ASP I 145 53.04 -76.76 -28.89
C ASP I 145 54.32 -75.93 -28.84
N GLU I 146 54.87 -75.71 -27.64
CA GLU I 146 56.03 -74.86 -27.44
C GLU I 146 57.31 -75.66 -27.67
N PHE I 147 57.41 -76.19 -28.88
CA PHE I 147 58.56 -77.00 -29.27
C PHE I 147 59.06 -76.51 -30.61
N LYS I 148 58.13 -76.03 -31.45
CA LYS I 148 58.51 -75.23 -32.59
C LYS I 148 59.30 -74.01 -32.13
N ILE I 149 58.96 -73.51 -30.94
CA ILE I 149 59.69 -72.41 -30.33
C ILE I 149 61.17 -72.72 -30.17
N GLY I 150 61.55 -74.00 -30.13
CA GLY I 150 62.95 -74.34 -30.09
C GLY I 150 63.70 -73.77 -31.28
N GLU I 151 63.34 -74.21 -32.48
CA GLU I 151 63.95 -73.66 -33.68
C GLU I 151 63.60 -72.19 -33.88
N LEU I 152 62.43 -71.76 -33.40
CA LEU I 152 62.11 -70.33 -33.47
C LEU I 152 63.18 -69.52 -32.76
N PHE I 153 63.49 -69.88 -31.52
CA PHE I 153 64.53 -69.16 -30.79
C PHE I 153 65.89 -69.45 -31.37
N SER I 154 66.09 -70.61 -31.99
CA SER I 154 67.34 -70.84 -32.70
C SER I 154 67.58 -69.73 -33.71
N LYS I 155 66.57 -69.46 -34.54
CA LYS I 155 66.67 -68.35 -35.47
C LYS I 155 66.78 -67.02 -34.74
N PHE I 156 66.03 -66.87 -33.65
CA PHE I 156 66.02 -65.60 -32.94
C PHE I 156 67.40 -65.27 -32.40
N TYR I 157 68.02 -66.20 -31.68
CA TYR I 157 69.38 -66.04 -31.24
C TYR I 157 70.32 -65.87 -32.41
N GLY I 158 70.01 -66.50 -33.55
CA GLY I 158 70.73 -66.18 -34.77
C GLY I 158 70.61 -64.70 -35.12
N GLU I 159 69.41 -64.15 -35.00
CA GLU I 159 69.20 -62.72 -35.19
C GLU I 159 69.25 -61.94 -33.88
N LEU I 160 69.54 -62.61 -32.77
CA LEU I 160 69.80 -61.91 -31.51
C LEU I 160 71.29 -61.67 -31.28
N ALA I 161 72.14 -62.60 -31.73
CA ALA I 161 73.56 -62.30 -31.81
C ALA I 161 73.86 -61.22 -32.83
N LEU I 162 72.87 -60.86 -33.65
CA LEU I 162 72.93 -59.74 -34.56
C LEU I 162 73.55 -58.51 -33.92
N LYS I 163 74.61 -58.00 -34.55
CA LYS I 163 75.23 -56.77 -34.09
C LYS I 163 74.42 -55.54 -34.49
N LYS I 164 73.52 -55.68 -35.46
CA LYS I 164 72.81 -54.52 -36.02
C LYS I 164 71.85 -53.97 -34.99
N LYS I 165 72.24 -52.85 -34.36
CA LYS I 165 71.40 -52.14 -33.42
C LYS I 165 70.72 -50.95 -34.08
N ILE I 166 70.69 -50.94 -35.41
CA ILE I 166 70.01 -49.85 -36.14
C ILE I 166 68.55 -49.68 -35.70
N PRO I 167 67.76 -50.75 -35.43
CA PRO I 167 66.35 -50.54 -35.08
C PRO I 167 66.07 -49.51 -33.99
N ASP I 168 64.80 -49.14 -33.88
CA ASP I 168 64.41 -47.96 -33.10
C ASP I 168 64.70 -48.15 -31.62
N THR I 169 64.97 -47.03 -30.95
CA THR I 169 65.32 -47.06 -29.54
C THR I 169 64.18 -47.59 -28.69
N VAL I 170 62.98 -47.05 -28.90
CA VAL I 170 61.81 -47.48 -28.16
C VAL I 170 61.39 -48.84 -28.67
N LEU I 171 62.08 -49.33 -29.71
CA LEU I 171 61.88 -50.67 -30.20
C LEU I 171 63.15 -51.49 -30.06
N GLU I 172 64.07 -51.07 -29.19
CA GLU I 172 65.27 -51.83 -28.91
C GLU I 172 64.92 -53.02 -28.04
N LYS I 173 65.81 -53.99 -27.98
CA LYS I 173 65.46 -55.29 -27.43
C LYS I 173 66.51 -55.89 -26.52
N VAL I 174 67.04 -55.14 -25.55
CA VAL I 174 68.20 -55.63 -24.83
C VAL I 174 68.10 -55.63 -23.29
N TYR I 175 67.27 -54.82 -22.62
CA TYR I 175 67.41 -54.87 -21.15
C TYR I 175 66.13 -54.66 -20.32
N GLU I 176 64.98 -55.27 -20.65
CA GLU I 176 64.02 -55.51 -19.56
C GLU I 176 62.95 -56.62 -19.67
N LEU I 177 62.45 -57.00 -20.85
CA LEU I 177 61.24 -57.90 -20.83
C LEU I 177 61.15 -59.14 -21.74
N LEU I 178 61.91 -59.25 -22.83
CA LEU I 178 61.72 -60.40 -23.79
C LEU I 178 62.05 -61.78 -23.20
N GLY I 179 61.53 -62.13 -22.01
CA GLY I 179 61.85 -63.41 -21.34
C GLY I 179 61.64 -64.64 -22.20
N LEU I 180 62.58 -65.61 -22.17
CA LEU I 180 62.48 -66.78 -23.03
C LEU I 180 62.89 -68.03 -22.24
N LEU I 181 61.91 -68.70 -21.64
CA LEU I 181 62.14 -70.01 -21.05
C LEU I 181 60.93 -70.92 -21.24
N GLY I 182 60.07 -70.63 -22.23
CA GLY I 182 58.89 -71.44 -22.43
C GLY I 182 59.17 -72.89 -22.74
N GLU I 183 60.35 -73.18 -23.28
CA GLU I 183 60.73 -74.56 -23.57
C GLU I 183 61.34 -75.19 -22.33
N VAL I 184 61.99 -76.34 -22.51
CA VAL I 184 62.49 -77.14 -21.40
C VAL I 184 63.90 -76.70 -21.04
N HIS I 185 64.33 -75.57 -21.60
CA HIS I 185 65.70 -75.09 -21.49
C HIS I 185 66.68 -76.16 -21.94
N PRO I 186 66.62 -76.61 -23.20
CA PRO I 186 67.64 -77.55 -23.68
C PRO I 186 69.00 -76.89 -23.74
N SER I 187 70.05 -77.68 -23.96
CA SER I 187 71.39 -77.13 -24.03
C SER I 187 71.49 -76.04 -25.09
N GLU I 188 70.62 -76.10 -26.11
CA GLU I 188 70.51 -75.01 -27.07
C GLU I 188 70.48 -73.65 -26.38
N MET I 189 69.42 -73.41 -25.60
CA MET I 189 69.28 -72.12 -24.96
C MET I 189 70.36 -71.89 -23.92
N ILE I 190 70.92 -72.96 -23.34
CA ILE I 190 71.99 -72.77 -22.36
C ILE I 190 73.23 -72.18 -23.04
N ASN I 191 73.66 -72.79 -24.15
CA ASN I 191 74.84 -72.32 -24.86
C ASN I 191 74.61 -70.92 -25.41
N ASN I 192 73.43 -70.67 -25.97
CA ASN I 192 73.15 -69.32 -26.44
C ASN I 192 73.06 -68.35 -25.28
N ALA I 193 72.58 -68.82 -24.13
CA ALA I 193 72.26 -67.94 -23.02
C ALA I 193 73.49 -67.46 -22.30
N GLU I 194 74.52 -68.29 -22.21
CA GLU I 194 75.76 -67.80 -21.60
C GLU I 194 76.36 -66.66 -22.42
N ASN I 195 76.29 -66.78 -23.75
CA ASN I 195 76.70 -65.66 -24.60
C ASN I 195 75.80 -64.46 -24.37
N LEU I 196 74.51 -64.69 -24.28
CA LEU I 196 73.59 -63.60 -23.93
C LEU I 196 74.02 -62.95 -22.63
N PHE I 197 74.46 -63.76 -21.67
CA PHE I 197 74.80 -63.27 -20.34
C PHE I 197 76.03 -62.38 -20.39
N ARG I 198 77.05 -62.81 -21.13
CA ARG I 198 78.24 -61.95 -21.25
C ARG I 198 77.90 -60.66 -21.98
N ALA I 199 77.01 -60.73 -22.97
CA ALA I 199 76.55 -59.50 -23.63
C ALA I 199 75.82 -58.59 -22.64
N PHE I 200 74.98 -59.19 -21.79
CA PHE I 200 74.30 -58.42 -20.75
C PHE I 200 75.32 -57.71 -19.88
N LEU I 201 76.33 -58.44 -19.43
CA LEU I 201 77.35 -57.87 -18.57
C LEU I 201 78.03 -56.69 -19.26
N GLY I 202 78.43 -56.86 -20.50
CA GLY I 202 79.12 -55.80 -21.21
C GLY I 202 78.28 -54.56 -21.36
N GLU I 203 77.07 -54.69 -21.89
CA GLU I 203 76.30 -53.49 -22.15
C GLU I 203 75.65 -52.93 -20.89
N LEU I 204 75.56 -53.71 -19.80
CA LEU I 204 75.17 -53.12 -18.53
C LEU I 204 76.30 -52.32 -17.92
N LYS I 205 77.53 -52.85 -17.98
CA LYS I 205 78.68 -52.04 -17.62
C LYS I 205 78.69 -50.75 -18.41
N THR I 206 78.34 -50.82 -19.69
CA THR I 206 78.15 -49.61 -20.48
C THR I 206 77.04 -48.75 -19.88
N GLN I 207 75.94 -49.37 -19.47
CA GLN I 207 74.81 -48.62 -18.93
C GLN I 207 75.19 -47.88 -17.65
N MET I 208 75.91 -48.55 -16.74
CA MET I 208 76.22 -47.87 -15.48
C MET I 208 77.26 -46.80 -15.59
N THR I 209 77.70 -46.32 -16.74
CA THR I 209 78.47 -45.08 -16.72
C THR I 209 77.50 -43.95 -16.43
N SER I 210 76.88 -43.94 -15.25
CA SER I 210 75.81 -43.01 -14.94
C SER I 210 76.37 -41.66 -14.53
N ALA I 211 77.33 -41.21 -15.31
CA ALA I 211 77.83 -39.85 -15.25
C ALA I 211 78.12 -39.30 -16.63
N VAL I 212 77.92 -40.09 -17.68
CA VAL I 212 78.35 -39.73 -19.03
C VAL I 212 77.19 -39.26 -19.89
N ARG I 213 76.01 -39.03 -19.30
CA ARG I 213 74.85 -38.52 -20.02
C ARG I 213 74.49 -39.43 -21.20
N GLU I 214 74.57 -40.74 -20.99
CA GLU I 214 74.16 -41.72 -21.99
C GLU I 214 73.18 -42.68 -21.32
N PRO I 215 71.94 -42.24 -21.09
CA PRO I 215 70.97 -43.08 -20.38
C PRO I 215 70.62 -44.33 -21.17
N LYS I 216 70.16 -44.15 -22.40
CA LYS I 216 69.79 -45.26 -23.27
C LYS I 216 68.82 -46.20 -22.56
N LEU I 217 67.93 -45.62 -21.78
CA LEU I 217 67.04 -46.39 -20.94
C LEU I 217 65.85 -47.01 -21.66
N PRO I 218 65.09 -46.29 -22.55
CA PRO I 218 63.78 -46.73 -23.08
C PRO I 218 63.43 -48.21 -23.17
N VAL I 219 63.34 -48.70 -24.40
CA VAL I 219 63.11 -50.15 -24.57
C VAL I 219 64.49 -50.73 -24.89
N LEU I 220 65.51 -49.85 -24.97
CA LEU I 220 66.90 -50.35 -25.07
C LEU I 220 67.05 -51.11 -23.76
N ALA I 221 67.02 -50.39 -22.63
CA ALA I 221 66.96 -51.11 -21.35
C ALA I 221 65.50 -51.49 -21.18
N GLY I 222 64.93 -52.24 -22.14
CA GLY I 222 63.49 -52.54 -22.11
C GLY I 222 63.14 -53.94 -22.58
N CYS I 223 64.07 -54.72 -23.16
CA CYS I 223 63.72 -56.12 -23.47
C CYS I 223 64.61 -57.29 -22.97
N LEU I 224 65.89 -57.35 -23.29
CA LEU I 224 66.56 -58.63 -23.15
C LEU I 224 67.10 -58.93 -21.74
N LYS I 225 67.14 -57.98 -20.80
CA LYS I 225 67.44 -58.50 -19.46
C LYS I 225 66.20 -58.95 -18.73
N GLY I 226 65.01 -58.72 -19.29
CA GLY I 226 63.86 -59.47 -18.85
C GLY I 226 63.95 -60.85 -19.47
N LEU I 227 64.55 -60.91 -20.67
CA LEU I 227 64.95 -62.24 -21.13
C LEU I 227 65.87 -62.90 -20.11
N SER I 228 66.80 -62.11 -19.55
CA SER I 228 67.64 -62.61 -18.46
C SER I 228 66.79 -63.01 -17.25
N SER I 229 65.81 -62.18 -16.91
CA SER I 229 64.94 -62.46 -15.78
C SER I 229 64.33 -63.84 -15.90
N LEU I 230 63.75 -64.13 -17.05
CA LEU I 230 63.25 -65.49 -17.30
C LEU I 230 64.38 -66.49 -17.52
N LEU I 231 65.61 -66.01 -17.65
CA LEU I 231 66.78 -66.84 -17.91
C LEU I 231 67.64 -67.04 -16.67
N CYS I 232 67.85 -66.00 -15.88
CA CYS I 232 68.73 -66.08 -14.71
C CYS I 232 68.15 -66.92 -13.60
N ASN I 233 66.90 -67.36 -13.73
CA ASN I 233 66.22 -68.06 -12.64
C ASN I 233 67.01 -69.29 -12.19
N PHE I 234 67.80 -69.86 -13.08
CA PHE I 234 68.41 -71.15 -12.85
C PHE I 234 69.84 -71.22 -13.36
N THR I 235 70.43 -70.10 -13.75
CA THR I 235 71.67 -70.08 -14.50
C THR I 235 72.75 -69.33 -13.74
N LYS I 236 73.98 -69.81 -13.85
CA LYS I 236 75.18 -69.13 -13.35
C LYS I 236 75.06 -68.86 -11.85
N SER I 237 75.10 -69.96 -11.10
CA SER I 237 74.94 -69.90 -9.66
C SER I 237 76.06 -69.08 -9.01
N MET I 238 75.94 -68.91 -7.69
CA MET I 238 76.74 -67.98 -6.92
C MET I 238 78.14 -68.57 -6.75
N GLU I 239 78.97 -68.39 -7.78
CA GLU I 239 80.23 -69.12 -7.84
C GLU I 239 81.39 -68.33 -8.43
N GLU I 240 81.24 -67.04 -8.74
CA GLU I 240 82.26 -66.36 -9.52
C GLU I 240 82.09 -64.86 -9.38
N ASP I 241 82.99 -64.13 -10.04
CA ASP I 241 82.90 -62.68 -10.07
C ASP I 241 81.62 -62.15 -10.70
N PRO I 242 81.12 -62.68 -11.82
CA PRO I 242 79.86 -62.15 -12.37
C PRO I 242 78.75 -62.06 -11.37
N GLN I 243 78.72 -62.94 -10.37
CA GLN I 243 77.72 -62.86 -9.32
C GLN I 243 77.79 -61.52 -8.60
N THR I 244 78.99 -61.16 -8.12
CA THR I 244 79.10 -59.88 -7.43
C THR I 244 78.98 -58.71 -8.40
N SER I 245 79.31 -58.90 -9.68
CA SER I 245 79.10 -57.85 -10.65
C SER I 245 77.63 -57.50 -10.76
N ARG I 246 76.79 -58.51 -10.99
CA ARG I 246 75.36 -58.26 -11.08
C ARG I 246 74.78 -57.83 -9.75
N GLU I 247 75.42 -58.23 -8.64
CA GLU I 247 75.06 -57.67 -7.34
C GLU I 247 75.27 -56.17 -7.34
N ILE I 248 76.45 -55.73 -7.78
CA ILE I 248 76.76 -54.30 -7.87
C ILE I 248 75.79 -53.60 -8.81
N PHE I 249 75.29 -54.33 -9.81
CA PHE I 249 74.45 -53.75 -10.84
C PHE I 249 73.20 -53.09 -10.26
N ASN I 250 72.97 -53.24 -8.97
CA ASN I 250 71.88 -52.51 -8.34
C ASN I 250 72.23 -51.04 -8.17
N PHE I 251 73.47 -50.74 -7.76
CA PHE I 251 73.81 -49.50 -7.05
C PHE I 251 72.93 -48.33 -7.41
N VAL I 252 72.87 -47.96 -8.68
CA VAL I 252 72.12 -46.78 -9.08
C VAL I 252 70.63 -47.04 -8.97
N LEU I 253 70.18 -48.25 -9.32
CA LEU I 253 68.77 -48.61 -9.20
C LEU I 253 68.35 -48.58 -7.74
N GLN I 259 71.70 -42.38 -8.66
CA GLN I 259 71.18 -41.17 -9.27
C GLN I 259 69.66 -41.10 -9.14
N ILE I 260 69.09 -39.96 -9.50
CA ILE I 260 67.64 -39.74 -9.43
C ILE I 260 67.07 -39.81 -10.83
N ASP I 261 65.82 -40.27 -10.92
CA ASP I 261 65.18 -40.49 -12.21
C ASP I 261 63.93 -39.64 -12.42
N LEU I 262 63.04 -39.59 -11.43
CA LEU I 262 61.73 -38.97 -11.59
C LEU I 262 61.00 -39.60 -12.77
N LYS I 263 59.97 -38.91 -13.28
CA LYS I 263 59.15 -39.44 -14.37
C LYS I 263 58.64 -40.84 -14.01
N ARG I 264 58.24 -40.99 -12.76
CA ARG I 264 57.78 -42.25 -12.15
C ARG I 264 58.94 -43.20 -11.92
N TYR I 265 60.13 -42.87 -12.44
CA TYR I 265 61.35 -43.66 -12.22
C TYR I 265 61.10 -45.14 -12.46
N ALA I 266 60.40 -45.45 -13.55
CA ALA I 266 60.01 -46.83 -13.81
C ALA I 266 61.23 -47.72 -13.99
N VAL I 267 62.20 -47.27 -14.78
CA VAL I 267 63.36 -48.10 -15.09
C VAL I 267 64.19 -48.44 -13.84
N PRO I 268 64.58 -47.47 -12.99
CA PRO I 268 65.29 -47.87 -11.77
C PRO I 268 64.48 -48.82 -10.92
N SER I 269 63.19 -48.52 -10.79
CA SER I 269 62.29 -49.43 -10.10
C SER I 269 62.19 -50.76 -10.82
N ALA I 270 62.29 -50.77 -12.15
CA ALA I 270 62.26 -52.03 -12.88
C ALA I 270 63.46 -52.90 -12.54
N GLY I 271 64.65 -52.29 -12.53
CA GLY I 271 65.84 -53.02 -12.11
C GLY I 271 65.71 -53.53 -10.69
N LEU I 272 65.17 -52.69 -9.81
CA LEU I 272 64.97 -53.10 -8.42
C LEU I 272 63.99 -54.26 -8.32
N ARG I 273 62.94 -54.25 -9.13
CA ARG I 273 62.00 -55.37 -9.14
C ARG I 273 62.69 -56.64 -9.59
N LEU I 274 63.53 -56.57 -10.61
CA LEU I 274 64.26 -57.78 -11.01
C LEU I 274 65.17 -58.25 -9.88
N PHE I 275 65.85 -57.31 -9.21
CA PHE I 275 66.66 -57.69 -8.05
C PHE I 275 65.79 -58.41 -7.03
N ALA I 276 64.54 -58.00 -6.89
CA ALA I 276 63.60 -58.75 -6.08
C ALA I 276 63.42 -60.16 -6.61
N LEU I 277 63.29 -60.30 -7.94
CA LEU I 277 63.01 -61.60 -8.52
C LEU I 277 64.11 -62.61 -8.19
N HIS I 278 65.36 -62.20 -8.32
CA HIS I 278 66.49 -63.08 -8.11
C HIS I 278 67.21 -62.75 -6.80
N ALA I 279 66.45 -62.32 -5.79
CA ALA I 279 67.01 -62.23 -4.45
C ALA I 279 67.57 -63.57 -4.02
N SER I 280 66.97 -64.66 -4.48
CA SER I 280 67.52 -65.99 -4.24
C SER I 280 68.90 -66.12 -4.85
N GLN I 281 69.11 -65.52 -6.01
CA GLN I 281 70.38 -65.57 -6.72
C GLN I 281 71.42 -64.66 -6.13
N PHE I 282 71.23 -64.20 -4.90
CA PHE I 282 72.09 -63.18 -4.31
C PHE I 282 72.81 -63.72 -3.07
N SER I 283 73.50 -64.84 -3.22
CA SER I 283 74.22 -65.45 -2.11
C SER I 283 75.72 -65.19 -2.23
N THR I 284 76.45 -65.56 -1.18
CA THR I 284 77.89 -65.78 -1.16
C THR I 284 78.73 -64.51 -1.24
N CYS I 285 78.11 -63.35 -1.47
CA CYS I 285 78.85 -62.10 -1.50
C CYS I 285 78.17 -60.96 -0.77
N LEU I 286 76.84 -60.97 -0.63
CA LEU I 286 76.11 -59.91 0.05
C LEU I 286 76.53 -59.75 1.49
N LEU I 287 77.41 -60.61 1.99
CA LEU I 287 78.18 -60.38 3.20
C LEU I 287 78.55 -58.91 3.34
N ASP I 288 79.01 -58.32 2.24
CA ASP I 288 79.44 -56.93 2.25
C ASP I 288 78.27 -55.97 2.40
N ASN I 289 78.56 -54.82 3.01
CA ASN I 289 77.72 -53.64 2.91
C ASN I 289 76.30 -53.89 3.42
N TYR I 290 76.22 -54.50 4.59
CA TYR I 290 74.95 -54.69 5.28
C TYR I 290 74.10 -53.43 5.22
N VAL I 291 74.58 -52.36 5.88
CA VAL I 291 73.73 -51.21 6.12
C VAL I 291 73.42 -50.46 4.83
N SER I 292 74.39 -50.36 3.93
CA SER I 292 74.14 -49.60 2.70
C SER I 292 73.01 -50.22 1.90
N LEU I 293 73.10 -51.54 1.65
CA LEU I 293 72.01 -52.25 1.01
C LEU I 293 70.71 -52.07 1.77
N PHE I 294 70.74 -52.19 3.09
CA PHE I 294 69.45 -52.31 3.75
C PHE I 294 68.77 -50.96 3.86
N GLU I 295 69.54 -49.89 3.99
CA GLU I 295 68.97 -48.57 4.01
C GLU I 295 68.64 -48.04 2.63
N VAL I 296 69.30 -48.51 1.58
CA VAL I 296 68.81 -48.18 0.25
C VAL I 296 67.50 -48.92 -0.02
N LEU I 297 67.36 -50.13 0.52
CA LEU I 297 66.05 -50.76 0.59
C LEU I 297 65.06 -49.84 1.29
N LEU I 298 65.45 -49.32 2.45
CA LEU I 298 64.59 -48.43 3.21
C LEU I 298 64.11 -47.25 2.39
N LYS I 299 65.04 -46.57 1.71
CA LYS I 299 64.64 -45.42 0.93
C LYS I 299 63.77 -45.82 -0.25
N TRP I 300 64.12 -46.92 -0.93
CA TRP I 300 63.39 -47.30 -2.14
C TRP I 300 61.96 -47.72 -1.82
N CYS I 301 61.76 -48.46 -0.72
CA CYS I 301 60.40 -48.77 -0.33
C CYS I 301 59.67 -47.51 0.09
N ALA I 302 60.37 -46.59 0.75
CA ALA I 302 59.78 -45.32 1.14
C ALA I 302 59.44 -44.43 -0.04
N HIS I 303 59.92 -44.78 -1.24
CA HIS I 303 59.65 -43.96 -2.42
C HIS I 303 58.15 -43.90 -2.69
N THR I 304 57.78 -42.94 -3.53
CA THR I 304 56.39 -42.62 -3.84
C THR I 304 55.97 -43.45 -5.05
N ASN I 305 54.89 -43.06 -5.74
CA ASN I 305 54.41 -43.74 -6.95
C ASN I 305 53.95 -45.17 -6.61
N VAL I 306 52.79 -45.22 -5.97
CA VAL I 306 52.31 -46.35 -5.18
C VAL I 306 52.66 -47.71 -5.78
N GLU I 307 52.67 -47.82 -7.11
CA GLU I 307 53.18 -49.04 -7.73
C GLU I 307 54.65 -49.24 -7.41
N LEU I 308 55.44 -48.15 -7.42
CA LEU I 308 56.82 -48.24 -6.98
C LEU I 308 56.90 -48.62 -5.51
N LYS I 309 56.03 -48.04 -4.68
CA LYS I 309 56.05 -48.36 -3.27
C LYS I 309 55.81 -49.84 -3.04
N LYS I 310 54.80 -50.41 -3.70
CA LYS I 310 54.48 -51.82 -3.49
C LYS I 310 55.54 -52.71 -4.10
N ALA I 311 56.08 -52.34 -5.27
CA ALA I 311 57.12 -53.14 -5.89
C ALA I 311 58.36 -53.18 -5.02
N ALA I 312 58.74 -52.02 -4.48
CA ALA I 312 59.87 -51.98 -3.56
C ALA I 312 59.57 -52.69 -2.27
N LEU I 313 58.30 -52.68 -1.83
CA LEU I 313 57.92 -53.47 -0.67
C LEU I 313 58.17 -54.94 -0.91
N SER I 314 57.75 -55.44 -2.07
CA SER I 314 57.99 -56.83 -2.41
C SER I 314 59.48 -57.11 -2.54
N ALA I 315 60.22 -56.17 -3.11
CA ALA I 315 61.67 -56.32 -3.23
C ALA I 315 62.32 -56.45 -1.87
N LEU I 316 61.94 -55.57 -0.95
CA LEU I 316 62.43 -55.66 0.42
C LEU I 316 62.05 -56.99 1.03
N GLU I 317 60.83 -57.45 0.79
CA GLU I 317 60.37 -58.72 1.34
C GLU I 317 61.25 -59.87 0.88
N SER I 318 61.47 -59.96 -0.43
CA SER I 318 62.32 -61.03 -0.95
C SER I 318 63.73 -60.93 -0.41
N PHE I 319 64.29 -59.71 -0.40
CA PHE I 319 65.66 -59.55 0.02
C PHE I 319 65.82 -59.83 1.52
N LEU I 320 64.81 -59.47 2.31
CA LEU I 320 64.89 -59.76 3.73
C LEU I 320 64.73 -61.24 4.00
N LYS I 321 63.92 -61.95 3.20
CA LYS I 321 63.91 -63.40 3.32
C LYS I 321 65.30 -63.96 3.04
N GLN I 322 65.94 -63.47 1.97
CA GLN I 322 67.28 -63.92 1.63
C GLN I 322 68.27 -63.68 2.77
N VAL I 323 68.27 -62.46 3.31
CA VAL I 323 69.25 -62.11 4.32
C VAL I 323 68.94 -62.80 5.64
N SER I 324 67.66 -63.03 5.95
CA SER I 324 67.32 -63.81 7.13
C SER I 324 67.83 -65.24 7.00
N ASN I 325 67.71 -65.81 5.81
CA ASN I 325 68.26 -67.14 5.59
C ASN I 325 69.76 -67.16 5.84
N MET I 326 70.48 -66.23 5.21
CA MET I 326 71.94 -66.23 5.42
C MET I 326 72.29 -65.95 6.87
N VAL I 327 71.50 -65.10 7.55
CA VAL I 327 71.68 -64.88 8.98
C VAL I 327 71.54 -66.18 9.74
N ALA I 328 70.53 -66.98 9.39
CA ALA I 328 70.41 -68.30 9.97
C ALA I 328 71.62 -69.18 9.64
N LYS I 329 72.33 -68.89 8.55
CA LYS I 329 73.42 -69.76 8.12
C LYS I 329 74.72 -69.00 7.88
N ASN I 330 75.02 -67.99 8.70
CA ASN I 330 76.35 -67.39 8.65
C ASN I 330 77.35 -68.23 9.44
N ALA I 331 78.55 -67.67 9.58
CA ALA I 331 79.46 -68.01 10.66
C ALA I 331 79.77 -66.81 11.54
N GLU I 332 79.55 -65.61 11.03
CA GLU I 332 79.72 -64.38 11.81
C GLU I 332 78.40 -63.83 12.32
N MET I 333 77.31 -64.60 12.20
CA MET I 333 75.97 -64.09 12.46
C MET I 333 75.92 -63.26 13.75
N HIS I 334 76.75 -63.62 14.73
CA HIS I 334 76.83 -62.85 15.97
C HIS I 334 77.27 -61.42 15.70
N LYS I 335 78.29 -61.25 14.84
CA LYS I 335 78.77 -59.91 14.53
C LYS I 335 77.65 -59.07 13.93
N ASN I 336 76.95 -59.62 12.94
CA ASN I 336 75.87 -58.88 12.31
C ASN I 336 74.79 -58.53 13.32
N LYS I 337 74.42 -59.50 14.16
CA LYS I 337 73.41 -59.24 15.20
C LYS I 337 73.82 -58.04 16.04
N LEU I 338 74.96 -58.15 16.72
CA LEU I 338 75.37 -57.11 17.66
C LEU I 338 75.54 -55.77 16.97
N GLN I 339 76.11 -55.78 15.76
CA GLN I 339 76.33 -54.52 15.05
C GLN I 339 75.02 -53.86 14.69
N TYR I 340 74.01 -54.64 14.32
CA TYR I 340 72.91 -54.08 13.58
C TYR I 340 71.55 -54.30 14.21
N PHE I 341 71.22 -55.55 14.48
CA PHE I 341 69.82 -55.95 14.59
C PHE I 341 69.07 -55.07 15.57
N MET I 342 69.66 -54.92 16.76
CA MET I 342 69.08 -54.06 17.77
C MET I 342 68.98 -52.62 17.26
N GLU I 343 70.02 -52.11 16.60
CA GLU I 343 69.99 -50.70 16.23
C GLU I 343 68.88 -50.43 15.21
N GLN I 344 68.82 -51.22 14.12
CA GLN I 344 67.76 -50.96 13.15
C GLN I 344 66.39 -51.09 13.77
N PHE I 345 66.17 -52.13 14.59
CA PHE I 345 64.78 -52.32 14.96
C PHE I 345 64.35 -51.51 16.18
N TYR I 346 65.23 -51.24 17.12
CA TYR I 346 64.91 -50.22 18.10
C TYR I 346 64.70 -48.87 17.42
N GLY I 347 65.41 -48.61 16.33
CA GLY I 347 65.12 -47.43 15.54
C GLY I 347 63.72 -47.46 14.96
N ILE I 348 63.27 -48.63 14.52
CA ILE I 348 61.87 -48.78 14.13
C ILE I 348 60.96 -48.36 15.28
N ILE I 349 61.04 -49.11 16.38
CA ILE I 349 60.30 -48.80 17.59
C ILE I 349 61.13 -49.30 18.76
N ASN I 356 51.78 -49.18 10.66
CA ASN I 356 51.73 -48.96 9.23
C ASN I 356 52.10 -50.24 8.48
N LYS I 357 51.74 -50.29 7.20
CA LYS I 357 52.16 -51.41 6.36
C LYS I 357 53.68 -51.52 6.35
N GLU I 358 54.37 -50.39 6.19
CA GLU I 358 55.81 -50.38 6.33
C GLU I 358 56.23 -50.82 7.73
N LEU I 359 55.52 -50.32 8.75
CA LEU I 359 55.83 -50.76 10.10
C LEU I 359 55.46 -52.22 10.31
N SER I 360 54.43 -52.70 9.63
CA SER I 360 54.12 -54.13 9.72
C SER I 360 55.24 -54.96 9.12
N ILE I 361 55.78 -54.55 7.99
CA ILE I 361 56.91 -55.27 7.41
C ILE I 361 58.11 -55.18 8.34
N ALA I 362 58.27 -54.04 9.00
CA ALA I 362 59.33 -53.91 9.99
C ALA I 362 59.13 -54.90 11.13
N ILE I 363 57.88 -55.08 11.56
CA ILE I 363 57.58 -56.03 12.63
C ILE I 363 57.89 -57.46 12.18
N ARG I 364 57.55 -57.77 10.93
CA ARG I 364 57.94 -59.07 10.39
C ARG I 364 59.45 -59.21 10.44
N GLY I 365 60.18 -58.14 10.10
CA GLY I 365 61.63 -58.17 10.21
C GLY I 365 62.08 -58.46 11.62
N TYR I 366 61.43 -57.81 12.60
CA TYR I 366 61.70 -58.10 14.00
C TYR I 366 61.61 -59.59 14.25
N GLY I 367 60.51 -60.19 13.81
CA GLY I 367 60.30 -61.60 14.08
C GLY I 367 61.30 -62.50 13.38
N LEU I 368 61.62 -62.20 12.14
CA LEU I 368 62.42 -63.12 11.36
C LEU I 368 63.84 -63.12 11.74
N PHE I 369 64.26 -62.49 12.82
CA PHE I 369 65.60 -62.75 13.33
C PHE I 369 65.61 -64.16 13.86
N ALA I 370 65.43 -65.12 12.96
CA ALA I 370 64.93 -66.45 13.30
C ALA I 370 65.99 -67.54 13.15
N GLY I 371 67.25 -67.18 12.91
CA GLY I 371 68.30 -68.15 12.93
C GLY I 371 69.10 -68.24 14.22
N PRO I 372 69.75 -67.14 14.61
CA PRO I 372 70.75 -67.19 15.69
C PRO I 372 70.31 -66.72 17.07
N CYS I 373 69.09 -66.20 17.24
CA CYS I 373 68.80 -65.56 18.51
C CYS I 373 68.70 -66.58 19.65
N LYS I 374 68.39 -67.84 19.33
CA LYS I 374 68.61 -68.90 20.31
C LYS I 374 70.11 -69.10 20.55
N VAL I 375 70.90 -69.03 19.48
CA VAL I 375 72.34 -69.23 19.60
C VAL I 375 72.96 -68.13 20.45
N ILE I 376 72.59 -66.88 20.19
CA ILE I 376 73.11 -65.73 20.91
C ILE I 376 71.94 -64.88 21.38
N ASN I 377 72.00 -64.43 22.64
CA ASN I 377 70.91 -63.71 23.30
C ASN I 377 69.61 -64.52 23.24
N ALA I 378 69.69 -65.76 23.74
CA ALA I 378 68.48 -66.56 23.90
C ALA I 378 67.49 -65.88 24.82
N LYS I 379 67.99 -65.03 25.72
CA LYS I 379 67.13 -64.14 26.48
C LYS I 379 66.23 -63.31 25.57
N ASP I 380 66.80 -62.76 24.50
CA ASP I 380 66.01 -61.93 23.62
C ASP I 380 64.90 -62.73 22.95
N VAL I 381 65.07 -64.03 22.79
CA VAL I 381 64.05 -64.85 22.12
C VAL I 381 62.72 -64.74 22.84
N ASP I 382 62.68 -65.23 24.07
CA ASP I 382 61.45 -65.12 24.83
C ASP I 382 61.17 -63.69 25.24
N PHE I 383 62.16 -62.80 25.19
CA PHE I 383 61.88 -61.39 25.41
C PHE I 383 60.91 -60.86 24.36
N MET I 384 61.28 -60.99 23.08
CA MET I 384 60.36 -60.56 22.04
C MET I 384 59.12 -61.43 22.00
N TYR I 385 59.22 -62.68 22.46
CA TYR I 385 58.03 -63.53 22.56
C TYR I 385 56.99 -62.86 23.46
N VAL I 386 57.34 -62.65 24.72
CA VAL I 386 56.44 -61.99 25.66
C VAL I 386 56.09 -60.60 25.17
N GLU I 387 57.03 -59.92 24.51
CA GLU I 387 56.76 -58.59 24.00
C GLU I 387 55.60 -58.61 23.02
N LEU I 388 55.67 -59.48 22.03
CA LEU I 388 54.58 -59.58 21.06
C LEU I 388 53.30 -60.04 21.74
N ILE I 389 53.43 -60.84 22.79
CA ILE I 389 52.26 -61.17 23.60
C ILE I 389 51.62 -59.88 24.10
N GLN I 390 52.43 -58.95 24.60
CA GLN I 390 51.88 -57.65 24.99
C GLN I 390 51.33 -56.92 23.79
N ARG I 391 52.03 -57.01 22.66
CA ARG I 391 51.71 -56.21 21.49
C ARG I 391 50.32 -56.54 20.97
N CYS I 392 49.96 -57.81 20.96
CA CYS I 392 48.62 -58.16 20.53
C CYS I 392 47.56 -57.65 21.50
N LYS I 393 47.95 -57.28 22.72
CA LYS I 393 46.98 -56.92 23.73
C LYS I 393 46.41 -55.52 23.54
N GLN I 394 47.22 -54.57 23.06
CA GLN I 394 46.77 -53.18 23.06
C GLN I 394 45.59 -52.97 22.13
N MET I 395 45.68 -53.45 20.89
CA MET I 395 44.59 -53.24 19.94
C MET I 395 43.41 -54.17 20.17
N PHE I 396 43.36 -54.86 21.32
CA PHE I 396 42.19 -55.67 21.64
C PHE I 396 40.95 -54.81 21.79
N LEU I 397 41.08 -53.65 22.43
CA LEU I 397 39.93 -52.80 22.74
C LEU I 397 39.90 -51.52 21.93
N THR I 398 40.52 -51.51 20.75
CA THR I 398 40.44 -50.34 19.87
C THR I 398 39.05 -50.34 19.24
N GLN I 399 38.08 -49.92 20.03
CA GLN I 399 36.68 -49.98 19.62
C GLN I 399 36.13 -48.58 19.41
N ASP I 405 46.93 -48.64 9.42
CA ASP I 405 45.61 -49.18 9.68
C ASP I 405 45.58 -50.07 10.90
N ARG I 406 44.40 -50.24 11.48
CA ARG I 406 44.21 -51.16 12.59
C ARG I 406 44.27 -52.62 12.15
N VAL I 407 44.53 -52.87 10.87
CA VAL I 407 44.58 -54.24 10.36
C VAL I 407 45.98 -54.64 9.90
N TYR I 408 46.86 -53.68 9.61
CA TYR I 408 48.16 -54.02 9.06
C TYR I 408 48.99 -54.86 10.03
N GLN I 409 48.79 -54.66 11.32
CA GLN I 409 49.72 -55.19 12.32
C GLN I 409 49.55 -56.69 12.56
N MET I 410 48.31 -57.19 12.50
CA MET I 410 48.09 -58.60 12.84
C MET I 410 48.91 -59.57 12.00
N PRO I 411 48.94 -59.47 10.66
CA PRO I 411 49.75 -60.44 9.90
C PRO I 411 51.22 -60.40 10.27
N SER I 412 51.77 -59.20 10.52
CA SER I 412 53.14 -59.09 10.97
C SER I 412 53.33 -59.79 12.31
N PHE I 413 52.36 -59.62 13.21
CA PHE I 413 52.41 -60.33 14.48
C PHE I 413 52.47 -61.84 14.24
N LEU I 414 51.64 -62.33 13.31
CA LEU I 414 51.60 -63.76 13.05
C LEU I 414 52.94 -64.25 12.51
N GLN I 415 53.52 -63.50 11.56
CA GLN I 415 54.78 -63.92 10.98
C GLN I 415 55.87 -63.96 12.03
N SER I 416 55.93 -62.91 12.86
CA SER I 416 56.94 -62.86 13.91
C SER I 416 56.76 -64.00 14.91
N VAL I 417 55.51 -64.29 15.29
CA VAL I 417 55.27 -65.33 16.27
C VAL I 417 55.58 -66.70 15.69
N ALA I 418 55.35 -66.90 14.40
CA ALA I 418 55.74 -68.17 13.80
C ALA I 418 57.25 -68.31 13.77
N SER I 419 57.97 -67.20 13.54
CA SER I 419 59.43 -67.27 13.59
C SER I 419 59.91 -67.63 15.00
N VAL I 420 59.34 -66.99 16.02
CA VAL I 420 59.77 -67.34 17.38
C VAL I 420 59.32 -68.74 17.75
N LEU I 421 58.24 -69.22 17.15
CA LEU I 421 57.86 -70.61 17.29
C LEU I 421 58.94 -71.51 16.71
N LEU I 422 59.49 -71.14 15.56
CA LEU I 422 60.65 -71.83 15.03
C LEU I 422 61.78 -71.84 16.06
N TYR I 423 62.04 -70.69 16.69
CA TYR I 423 62.85 -70.70 17.90
C TYR I 423 62.26 -71.58 18.99
N LEU I 424 60.96 -71.45 19.23
CA LEU I 424 60.37 -72.06 20.41
C LEU I 424 60.54 -73.57 20.36
N ASP I 425 61.05 -74.13 21.45
CA ASP I 425 61.12 -75.57 21.67
C ASP I 425 60.19 -76.02 22.78
N THR I 426 60.17 -75.31 23.90
CA THR I 426 59.22 -75.54 24.98
C THR I 426 58.44 -74.25 25.20
N VAL I 427 57.13 -74.35 25.26
CA VAL I 427 56.26 -73.17 25.29
C VAL I 427 56.13 -72.65 26.71
N PRO I 428 56.08 -71.33 26.90
CA PRO I 428 55.52 -70.78 28.13
C PRO I 428 54.01 -70.83 28.06
N GLU I 429 53.42 -71.77 28.78
CA GLU I 429 52.03 -72.15 28.57
C GLU I 429 51.04 -71.10 29.04
N VAL I 430 51.47 -70.13 29.86
CA VAL I 430 50.53 -69.12 30.33
C VAL I 430 50.04 -68.28 29.17
N TYR I 431 50.91 -68.00 28.21
CA TYR I 431 50.51 -67.27 27.02
C TYR I 431 49.64 -68.11 26.10
N THR I 432 49.73 -69.43 26.22
CA THR I 432 49.05 -70.31 25.28
C THR I 432 47.55 -70.09 25.20
N PRO I 433 46.79 -70.04 26.31
CA PRO I 433 45.36 -69.75 26.16
C PRO I 433 45.08 -68.34 25.68
N VAL I 434 45.85 -67.38 26.19
CA VAL I 434 45.77 -66.02 25.65
C VAL I 434 46.18 -66.00 24.19
N LEU I 435 47.15 -66.86 23.83
CA LEU I 435 47.53 -66.99 22.43
C LEU I 435 46.35 -67.49 21.59
N GLU I 436 45.61 -68.47 22.11
CA GLU I 436 44.46 -68.99 21.37
C GLU I 436 43.38 -67.94 21.24
N HIS I 437 43.14 -67.18 22.31
CA HIS I 437 42.20 -66.07 22.23
C HIS I 437 42.65 -65.06 21.19
N LEU I 438 43.95 -64.80 21.14
CA LEU I 438 44.51 -63.94 20.11
C LEU I 438 44.27 -64.52 18.73
N VAL I 439 44.42 -65.84 18.58
CA VAL I 439 44.26 -66.47 17.28
C VAL I 439 42.82 -66.33 16.80
N VAL I 440 41.87 -66.58 17.69
CA VAL I 440 40.48 -66.46 17.29
C VAL I 440 40.12 -65.00 17.00
N MET I 441 40.74 -64.06 17.72
CA MET I 441 40.54 -62.66 17.36
C MET I 441 41.20 -62.34 16.02
N GLN I 442 42.30 -63.02 15.70
CA GLN I 442 42.93 -62.87 14.39
C GLN I 442 41.99 -63.29 13.29
N ILE I 443 41.43 -64.49 13.40
CA ILE I 443 40.52 -64.97 12.38
C ILE I 443 39.26 -64.12 12.37
N ASP I 444 38.91 -63.53 13.52
CA ASP I 444 37.87 -62.52 13.54
C ASP I 444 38.27 -61.29 12.75
N SER I 445 39.57 -60.97 12.73
CA SER I 445 40.07 -59.84 11.95
C SER I 445 40.22 -60.18 10.47
N PHE I 446 40.28 -61.46 10.13
CA PHE I 446 40.43 -61.86 8.74
C PHE I 446 39.38 -61.28 7.80
N PRO I 447 38.10 -61.23 8.15
CA PRO I 447 37.13 -60.60 7.23
C PRO I 447 37.33 -59.11 7.12
N GLN I 448 36.45 -58.45 6.34
CA GLN I 448 36.51 -57.02 6.06
C GLN I 448 37.79 -56.62 5.35
N TYR I 449 38.59 -57.59 4.89
CA TYR I 449 39.85 -57.32 4.23
C TYR I 449 39.64 -57.21 2.74
N SER I 450 40.49 -56.41 2.09
CA SER I 450 40.65 -56.53 0.66
C SER I 450 41.49 -57.77 0.38
N PRO I 451 41.44 -58.29 -0.85
CA PRO I 451 42.14 -59.56 -1.12
C PRO I 451 43.62 -59.52 -0.80
N LYS I 452 44.28 -58.36 -0.89
CA LYS I 452 45.72 -58.34 -0.71
C LYS I 452 46.12 -58.68 0.73
N MET I 453 45.72 -57.84 1.69
CA MET I 453 46.06 -58.17 3.06
C MET I 453 45.30 -59.39 3.56
N GLN I 454 44.17 -59.72 2.95
CA GLN I 454 43.50 -60.95 3.32
C GLN I 454 44.35 -62.16 2.96
N LEU I 455 44.98 -62.12 1.80
CA LEU I 455 45.91 -63.17 1.40
C LEU I 455 47.14 -63.17 2.28
N VAL I 456 47.65 -61.99 2.63
CA VAL I 456 48.79 -61.94 3.55
C VAL I 456 48.43 -62.57 4.88
N CYS I 457 47.22 -62.27 5.38
CA CYS I 457 46.76 -62.84 6.63
C CYS I 457 46.62 -64.35 6.55
N CYS I 458 46.10 -64.86 5.44
CA CYS I 458 45.95 -66.31 5.33
C CYS I 458 47.31 -66.99 5.23
N ARG I 459 48.26 -66.37 4.53
CA ARG I 459 49.61 -66.92 4.48
C ARG I 459 50.25 -66.94 5.87
N ALA I 460 50.07 -65.86 6.64
CA ALA I 460 50.59 -65.85 7.99
C ALA I 460 49.89 -66.89 8.85
N ILE I 461 48.59 -67.10 8.63
CA ILE I 461 47.84 -68.10 9.38
C ILE I 461 48.40 -69.49 9.10
N VAL I 462 48.63 -69.80 7.83
CA VAL I 462 49.16 -71.13 7.53
C VAL I 462 50.57 -71.27 8.08
N LYS I 463 51.35 -70.19 8.04
CA LYS I 463 52.71 -70.26 8.59
C LYS I 463 52.68 -70.57 10.07
N VAL I 464 51.85 -69.87 10.83
CA VAL I 464 51.78 -70.13 12.27
C VAL I 464 51.17 -71.49 12.53
N PHE I 465 50.30 -71.95 11.63
CA PHE I 465 49.72 -73.27 11.80
C PHE I 465 50.79 -74.35 11.65
N LEU I 466 51.67 -74.19 10.68
CA LEU I 466 52.82 -75.08 10.58
C LEU I 466 53.71 -74.97 11.82
N ALA I 467 53.94 -73.74 12.28
CA ALA I 467 54.83 -73.54 13.42
C ALA I 467 54.30 -74.24 14.66
N LEU I 468 53.01 -74.13 14.92
CA LEU I 468 52.42 -74.86 16.04
C LEU I 468 52.37 -76.36 15.75
N ALA I 469 52.26 -76.73 14.47
CA ALA I 469 52.29 -78.14 14.11
C ALA I 469 53.62 -78.77 14.46
N ALA I 470 54.70 -77.98 14.44
CA ALA I 470 56.00 -78.49 14.86
C ALA I 470 55.94 -78.97 16.31
N LYS I 471 55.09 -78.36 17.13
CA LYS I 471 54.95 -78.75 18.54
C LYS I 471 53.70 -79.63 18.64
N GLY I 472 53.93 -80.93 18.68
CA GLY I 472 52.86 -81.92 18.60
C GLY I 472 51.70 -81.67 19.53
N PRO I 473 51.92 -81.84 20.84
CA PRO I 473 50.82 -81.61 21.78
C PRO I 473 50.22 -80.22 21.64
N VAL I 474 51.10 -79.23 21.46
CA VAL I 474 50.65 -77.86 21.20
C VAL I 474 49.84 -77.82 19.91
N LEU I 475 50.36 -78.44 18.85
CA LEU I 475 49.61 -78.55 17.61
C LEU I 475 48.17 -78.98 17.88
N ARG I 476 48.00 -80.15 18.49
CA ARG I 476 46.66 -80.73 18.64
C ARG I 476 45.76 -79.85 19.51
N ASN I 477 46.22 -79.48 20.70
CA ASN I 477 45.34 -78.72 21.58
C ASN I 477 45.00 -77.37 20.96
N CYS I 478 46.00 -76.69 20.40
CA CYS I 478 45.78 -75.38 19.80
C CYS I 478 44.80 -75.46 18.65
N ILE I 479 45.00 -76.41 17.73
CA ILE I 479 44.11 -76.48 16.58
C ILE I 479 42.70 -76.80 17.03
N SER I 480 42.55 -77.75 17.95
CA SER I 480 41.21 -78.10 18.43
C SER I 480 40.51 -76.85 18.95
N THR I 481 41.17 -76.13 19.85
CA THR I 481 40.55 -74.97 20.47
C THR I 481 40.21 -73.90 19.43
N VAL I 482 41.16 -73.58 18.55
CA VAL I 482 40.95 -72.46 17.64
C VAL I 482 39.87 -72.80 16.63
N VAL I 483 39.87 -74.01 16.09
CA VAL I 483 38.83 -74.36 15.12
C VAL I 483 37.48 -74.36 15.80
N HIS I 484 37.41 -74.89 17.03
CA HIS I 484 36.14 -74.93 17.74
C HIS I 484 35.59 -73.52 17.91
N GLN I 485 36.41 -72.62 18.46
CA GLN I 485 35.91 -71.29 18.74
C GLN I 485 35.69 -70.48 17.48
N GLY I 486 36.52 -70.68 16.46
CA GLY I 486 36.30 -70.00 15.20
C GLY I 486 35.00 -70.40 14.56
N LEU I 487 34.69 -71.70 14.58
CA LEU I 487 33.40 -72.13 14.07
C LEU I 487 32.27 -71.57 14.90
N ILE I 488 32.48 -71.46 16.21
CA ILE I 488 31.48 -70.82 17.07
C ILE I 488 31.19 -69.41 16.58
N ARG I 489 32.25 -68.64 16.34
CA ARG I 489 32.07 -67.27 15.88
C ARG I 489 31.41 -67.24 14.51
N ILE I 490 31.82 -68.12 13.61
CA ILE I 490 31.31 -68.08 12.24
C ILE I 490 29.82 -68.40 12.23
N CYS I 491 29.43 -69.48 12.91
CA CYS I 491 28.01 -69.81 13.00
C CYS I 491 27.26 -68.74 13.78
N SER I 492 27.96 -68.00 14.64
CA SER I 492 27.35 -66.89 15.36
C SER I 492 26.98 -65.74 14.45
N LYS I 493 27.43 -65.74 13.20
CA LYS I 493 27.05 -64.69 12.26
C LYS I 493 25.55 -64.76 12.01
N PRO I 494 24.81 -63.67 12.24
CA PRO I 494 23.39 -63.65 11.93
C PRO I 494 23.18 -63.32 10.45
N VAL I 495 21.95 -63.49 9.99
CA VAL I 495 21.55 -63.21 8.62
C VAL I 495 20.24 -62.41 8.65
N VAL I 496 19.72 -62.10 7.46
CA VAL I 496 18.53 -61.28 7.31
C VAL I 496 17.52 -62.06 6.48
N LEU I 497 16.26 -62.04 6.92
CA LEU I 497 15.20 -62.66 6.15
C LEU I 497 15.04 -61.95 4.81
N PRO I 498 14.82 -62.69 3.72
CA PRO I 498 14.71 -62.11 2.37
C PRO I 498 13.44 -61.30 2.18
N TRP I 519 34.49 -53.19 8.68
CA TRP I 519 33.58 -52.13 9.10
C TRP I 519 32.20 -52.67 9.41
N LYS I 520 31.49 -53.11 8.37
CA LYS I 520 30.14 -53.63 8.51
C LYS I 520 30.20 -55.07 9.00
N VAL I 521 29.06 -55.76 8.93
CA VAL I 521 29.02 -57.15 9.39
C VAL I 521 29.95 -58.00 8.54
N PRO I 522 30.80 -58.82 9.13
CA PRO I 522 31.67 -59.69 8.33
C PRO I 522 30.89 -60.80 7.65
N THR I 523 31.48 -61.34 6.59
CA THR I 523 30.84 -62.41 5.83
C THR I 523 31.61 -63.72 5.97
N TYR I 524 30.84 -64.80 5.97
CA TYR I 524 31.33 -66.17 5.86
C TYR I 524 32.10 -66.42 4.58
N LYS I 525 31.81 -65.65 3.52
CA LYS I 525 32.24 -66.01 2.18
C LYS I 525 33.75 -66.12 2.03
N ASP I 526 34.51 -65.45 2.87
CA ASP I 526 35.95 -65.37 2.67
C ASP I 526 36.73 -66.53 3.26
N TYR I 527 36.34 -67.02 4.43
CA TYR I 527 37.18 -67.97 5.14
C TYR I 527 37.36 -69.26 4.36
N VAL I 528 36.36 -69.62 3.55
CA VAL I 528 36.49 -70.80 2.70
C VAL I 528 37.68 -70.64 1.78
N ASP I 529 37.94 -69.43 1.31
CA ASP I 529 39.12 -69.19 0.49
C ASP I 529 40.38 -69.43 1.29
N LEU I 530 40.35 -69.08 2.57
CA LEU I 530 41.45 -69.45 3.45
C LEU I 530 41.63 -70.95 3.50
N PHE I 531 40.53 -71.69 3.54
CA PHE I 531 40.65 -73.15 3.54
C PHE I 531 41.22 -73.66 2.23
N ARG I 532 40.86 -73.01 1.12
CA ARG I 532 41.46 -73.37 -0.16
C ARG I 532 42.96 -73.18 -0.12
N HIS I 533 43.39 -72.04 0.44
CA HIS I 533 44.82 -71.83 0.63
C HIS I 533 45.42 -72.89 1.52
N LEU I 534 44.70 -73.28 2.58
CA LEU I 534 45.12 -74.39 3.42
C LEU I 534 45.41 -75.62 2.58
N LEU I 535 44.51 -75.91 1.65
CA LEU I 535 44.68 -77.06 0.78
C LEU I 535 45.75 -76.83 -0.28
N SER I 536 46.14 -75.57 -0.49
CA SER I 536 47.10 -75.21 -1.53
C SER I 536 48.22 -74.34 -0.96
N SER I 537 48.74 -74.73 0.21
CA SER I 537 49.76 -73.96 0.90
C SER I 537 51.15 -74.62 0.86
N ASP I 538 51.38 -75.49 -0.12
CA ASP I 538 52.68 -76.16 -0.20
C ASP I 538 53.82 -75.16 -0.39
N GLN I 539 53.55 -74.06 -1.09
CA GLN I 539 54.59 -73.13 -1.51
C GLN I 539 55.36 -72.54 -0.34
N MET I 540 54.79 -72.54 0.86
CA MET I 540 55.48 -72.05 2.03
C MET I 540 56.02 -73.16 2.93
N MET I 541 55.26 -74.25 3.09
CA MET I 541 55.72 -75.31 3.99
C MET I 541 56.94 -76.01 3.41
N ASP I 542 57.05 -76.12 2.09
CA ASP I 542 58.25 -76.70 1.50
C ASP I 542 59.48 -75.87 1.88
N SER I 543 59.38 -74.55 1.74
CA SER I 543 60.49 -73.67 2.08
C SER I 543 60.83 -73.76 3.55
N ILE I 544 59.81 -73.81 4.42
CA ILE I 544 60.06 -73.83 5.85
C ILE I 544 60.67 -75.17 6.27
N LEU I 545 60.13 -76.29 5.79
CA LEU I 545 60.68 -77.59 6.10
C LEU I 545 62.07 -77.78 5.51
N ALA I 546 62.42 -77.01 4.47
CA ALA I 546 63.77 -77.05 3.95
C ALA I 546 64.77 -76.63 5.03
N ASP I 547 64.42 -75.62 5.82
CA ASP I 547 65.28 -75.17 6.91
C ASP I 547 64.57 -75.29 8.25
N SER I 559 49.87 -85.29 7.75
CA SER I 559 50.25 -84.31 6.73
C SER I 559 49.44 -83.02 6.84
N LEU I 560 49.82 -82.05 6.02
CA LEU I 560 49.20 -80.73 6.03
C LEU I 560 47.69 -80.78 5.82
N ASN I 561 47.29 -81.11 4.59
CA ASN I 561 45.86 -81.15 4.28
C ASN I 561 45.19 -82.30 5.01
N HIS I 562 45.94 -83.37 5.26
CA HIS I 562 45.53 -84.38 6.22
C HIS I 562 45.01 -83.75 7.50
N LEU I 563 45.88 -82.99 8.19
CA LEU I 563 45.49 -82.40 9.47
C LEU I 563 44.35 -81.42 9.30
N LEU I 564 44.38 -80.63 8.23
CA LEU I 564 43.31 -79.66 8.02
C LEU I 564 41.96 -80.36 7.94
N TYR I 565 41.85 -81.35 7.05
CA TYR I 565 40.60 -82.08 6.90
C TYR I 565 40.20 -82.76 8.19
N ASP I 566 41.16 -83.40 8.86
CA ASP I 566 40.86 -84.09 10.11
C ASP I 566 40.24 -83.14 11.11
N GLU I 567 41.00 -82.13 11.52
CA GLU I 567 40.54 -81.26 12.59
C GLU I 567 39.28 -80.49 12.18
N PHE I 568 39.13 -80.17 10.90
CA PHE I 568 37.90 -79.55 10.45
C PHE I 568 36.72 -80.47 10.70
N VAL I 569 36.88 -81.75 10.35
CA VAL I 569 35.83 -82.72 10.61
C VAL I 569 35.50 -82.78 12.09
N LYS I 570 36.54 -82.85 12.92
CA LYS I 570 36.33 -82.93 14.36
C LYS I 570 35.52 -81.74 14.85
N SER I 571 35.95 -80.54 14.48
CA SER I 571 35.27 -79.33 14.94
C SER I 571 33.83 -79.29 14.46
N VAL I 572 33.63 -79.48 13.16
CA VAL I 572 32.28 -79.33 12.61
C VAL I 572 31.35 -80.35 13.25
N LEU I 573 31.81 -81.57 13.45
CA LEU I 573 30.94 -82.59 14.00
C LEU I 573 30.66 -82.32 15.48
N LYS I 574 31.70 -82.01 16.25
CA LYS I 574 31.52 -81.72 17.66
C LYS I 574 30.58 -80.55 17.86
N ILE I 575 30.57 -79.62 16.92
CA ILE I 575 29.71 -78.46 17.04
C ILE I 575 28.30 -78.75 16.58
N VAL I 576 28.13 -79.60 15.55
CA VAL I 576 26.81 -80.08 15.20
C VAL I 576 26.16 -80.75 16.39
N GLU I 577 26.95 -81.50 17.16
CA GLU I 577 26.42 -82.17 18.33
C GLU I 577 25.75 -81.20 19.30
N LYS I 578 26.24 -79.95 19.36
CA LYS I 578 25.71 -79.01 20.34
C LYS I 578 24.25 -78.65 20.05
N LEU I 579 23.86 -78.65 18.77
CA LEU I 579 22.63 -78.01 18.34
C LEU I 579 21.41 -78.45 19.12
N ASP I 580 20.82 -77.53 19.88
CA ASP I 580 19.51 -77.71 20.48
C ASP I 580 18.49 -76.99 19.60
N LEU I 581 17.51 -77.74 19.11
CA LEU I 581 16.64 -77.27 18.04
C LEU I 581 15.17 -77.40 18.42
N THR I 582 14.83 -76.95 19.62
CA THR I 582 13.43 -76.91 20.01
C THR I 582 12.66 -75.94 19.12
N LEU I 583 11.43 -76.29 18.79
CA LEU I 583 10.57 -75.42 17.99
C LEU I 583 9.13 -75.88 18.15
N GLU I 584 8.22 -75.06 17.66
CA GLU I 584 6.79 -75.32 17.77
C GLU I 584 6.13 -75.00 16.43
N ILE I 585 4.81 -74.94 16.42
CA ILE I 585 4.07 -74.51 15.25
C ILE I 585 3.57 -73.08 15.49
N GLN I 586 3.39 -72.73 16.75
CA GLN I 586 2.89 -71.41 17.12
C GLN I 586 3.54 -70.94 18.41
N ALA I 610 -0.35 -76.63 11.12
CA ALA I 610 0.74 -77.00 10.23
C ALA I 610 1.77 -75.88 10.14
N ASN I 611 1.62 -74.88 11.00
CA ASN I 611 2.53 -73.76 11.01
C ASN I 611 3.87 -74.17 11.64
N LEU I 612 4.77 -73.20 11.79
CA LEU I 612 6.08 -73.44 12.37
C LEU I 612 6.44 -72.30 13.32
N HIS I 613 6.99 -72.66 14.48
CA HIS I 613 7.44 -71.70 15.48
C HIS I 613 8.85 -72.10 15.89
N PRO I 614 9.87 -71.56 15.22
CA PRO I 614 11.25 -71.86 15.61
C PRO I 614 11.58 -71.33 17.00
N ALA I 615 11.77 -72.22 17.96
CA ALA I 615 12.08 -71.80 19.32
C ALA I 615 13.57 -71.63 19.58
N LYS I 616 14.42 -71.97 18.61
CA LYS I 616 15.86 -71.79 18.73
C LYS I 616 16.40 -71.05 17.52
N PRO I 617 15.92 -69.83 17.25
CA PRO I 617 16.30 -69.15 16.01
C PRO I 617 17.79 -68.89 15.90
N LYS I 618 18.49 -68.65 17.01
CA LYS I 618 19.94 -68.50 16.94
C LYS I 618 20.60 -69.81 16.54
N ASP I 619 20.09 -70.93 17.06
CA ASP I 619 20.59 -72.23 16.62
C ASP I 619 20.29 -72.44 15.15
N PHE I 620 19.13 -71.95 14.67
CA PHE I 620 18.84 -72.00 13.25
C PHE I 620 19.86 -71.21 12.44
N SER I 621 20.20 -70.01 12.90
CA SER I 621 21.18 -69.19 12.19
C SER I 621 22.54 -69.87 12.16
N ALA I 622 22.94 -70.45 13.28
CA ALA I 622 24.20 -71.17 13.31
C ALA I 622 24.18 -72.33 12.33
N PHE I 623 23.07 -73.07 12.29
CA PHE I 623 22.96 -74.21 11.40
C PHE I 623 23.05 -73.78 9.95
N ILE I 624 22.34 -72.72 9.58
CA ILE I 624 22.35 -72.30 8.18
C ILE I 624 23.72 -71.74 7.81
N ASN I 625 24.36 -71.04 8.75
CA ASN I 625 25.71 -70.53 8.49
C ASN I 625 26.66 -71.69 8.22
N LEU I 626 26.62 -72.72 9.06
CA LEU I 626 27.51 -73.85 8.87
C LEU I 626 27.18 -74.62 7.60
N VAL I 627 25.90 -74.74 7.27
CA VAL I 627 25.50 -75.38 6.02
C VAL I 627 26.11 -74.64 4.84
N GLU I 628 25.94 -73.33 4.82
CA GLU I 628 26.47 -72.54 3.71
C GLU I 628 27.98 -72.67 3.62
N PHE I 629 28.65 -72.56 4.77
CA PHE I 629 30.11 -72.59 4.76
C PHE I 629 30.62 -73.95 4.30
N CYS I 630 30.10 -75.03 4.88
CA CYS I 630 30.58 -76.36 4.50
C CYS I 630 30.29 -76.63 3.03
N ARG I 631 29.13 -76.19 2.54
CA ARG I 631 28.86 -76.33 1.11
C ARG I 631 29.84 -75.53 0.28
N GLU I 632 30.34 -74.43 0.83
CA GLU I 632 31.48 -73.77 0.21
C GLU I 632 32.79 -74.50 0.46
N ILE I 633 32.77 -75.49 1.34
CA ILE I 633 33.98 -76.17 1.82
C ILE I 633 34.04 -77.60 1.31
N LEU I 634 32.99 -78.37 1.57
CA LEU I 634 33.01 -79.81 1.30
C LEU I 634 33.35 -80.18 -0.15
N PRO I 635 32.81 -79.52 -1.18
CA PRO I 635 32.84 -80.13 -2.53
C PRO I 635 34.22 -80.51 -3.02
N GLU I 636 35.24 -79.71 -2.77
CA GLU I 636 36.56 -80.01 -3.31
C GLU I 636 37.10 -81.32 -2.71
N LYS I 637 37.33 -81.32 -1.41
CA LYS I 637 38.06 -82.42 -0.78
C LYS I 637 37.27 -83.72 -0.84
N GLN I 638 38.01 -84.79 -1.04
CA GLN I 638 37.47 -86.14 -1.15
C GLN I 638 37.23 -86.68 0.25
N ALA I 639 36.74 -87.92 0.34
CA ALA I 639 36.58 -88.60 1.61
C ALA I 639 37.85 -89.29 2.05
N GLU I 640 39.00 -88.86 1.53
CA GLU I 640 40.27 -89.48 1.87
C GLU I 640 40.45 -89.55 3.37
N PHE I 641 40.20 -88.42 4.04
CA PHE I 641 40.19 -88.37 5.50
C PHE I 641 38.77 -88.19 6.02
N PHE I 642 37.80 -88.74 5.28
CA PHE I 642 36.40 -88.71 5.70
C PHE I 642 35.80 -90.10 5.61
N GLU I 643 36.30 -90.93 4.70
CA GLU I 643 35.67 -92.24 4.48
C GLU I 643 35.54 -93.05 5.76
N PRO I 644 36.55 -93.15 6.63
CA PRO I 644 36.29 -93.76 7.94
C PRO I 644 35.22 -93.03 8.72
N TRP I 645 35.15 -91.71 8.56
CA TRP I 645 34.21 -90.91 9.33
C TRP I 645 32.77 -91.11 8.83
N VAL I 646 32.60 -91.32 7.53
CA VAL I 646 31.27 -91.26 6.92
C VAL I 646 30.32 -92.24 7.61
N TYR I 647 30.85 -93.34 8.13
CA TYR I 647 30.03 -94.32 8.84
C TYR I 647 29.33 -93.67 10.01
N SER I 648 30.12 -93.20 10.99
CA SER I 648 29.56 -92.50 12.14
C SER I 648 28.77 -91.28 11.72
N PHE I 649 29.20 -90.62 10.66
CA PHE I 649 28.50 -89.44 10.18
C PHE I 649 27.07 -89.81 9.84
N SER I 650 26.90 -90.57 8.77
CA SER I 650 25.59 -91.07 8.37
C SER I 650 24.79 -91.51 9.57
N TYR I 651 25.43 -92.25 10.47
CA TYR I 651 24.76 -92.65 11.70
C TYR I 651 24.16 -91.47 12.44
N GLU I 652 25.00 -90.54 12.89
CA GLU I 652 24.53 -89.49 13.77
C GLU I 652 23.61 -88.51 13.05
N LEU I 653 23.83 -88.30 11.75
CA LEU I 653 22.93 -87.46 10.98
C LEU I 653 21.55 -88.12 10.87
N ILE I 654 21.51 -89.44 10.65
CA ILE I 654 20.25 -90.14 10.70
C ILE I 654 19.61 -89.98 12.06
N LEU I 655 20.43 -90.03 13.12
CA LEU I 655 19.92 -89.82 14.46
C LEU I 655 19.25 -88.47 14.57
N GLN I 656 19.94 -87.40 14.18
CA GLN I 656 19.37 -86.07 14.27
C GLN I 656 18.10 -85.97 13.44
N SER I 657 18.05 -86.66 12.31
CA SER I 657 16.82 -86.72 11.54
C SER I 657 15.70 -87.35 12.35
N THR I 658 16.02 -88.42 13.08
CA THR I 658 15.01 -89.01 13.97
C THR I 658 14.56 -87.99 15.00
N ARG I 659 15.51 -87.24 15.57
CA ARG I 659 15.16 -86.13 16.44
C ARG I 659 14.35 -85.09 15.67
N LEU I 660 14.97 -84.46 14.69
CA LEU I 660 14.32 -83.47 13.85
C LEU I 660 14.52 -83.84 12.38
N PRO I 661 13.53 -84.35 11.72
CA PRO I 661 13.59 -84.56 10.27
C PRO I 661 13.23 -83.29 9.49
N LEU I 662 13.89 -82.19 9.84
CA LEU I 662 13.61 -80.88 9.25
C LEU I 662 14.89 -80.17 8.82
N ILE I 663 15.93 -80.94 8.50
CA ILE I 663 17.23 -80.39 8.17
C ILE I 663 17.61 -80.85 6.78
N SER I 664 17.73 -79.91 5.85
CA SER I 664 18.24 -80.22 4.52
C SER I 664 19.75 -80.42 4.51
N GLY I 665 20.43 -80.09 5.61
CA GLY I 665 21.87 -80.29 5.67
C GLY I 665 22.29 -81.74 5.78
N PHE I 666 21.40 -82.61 6.26
CA PHE I 666 21.76 -84.00 6.46
C PHE I 666 22.26 -84.61 5.16
N TYR I 667 21.35 -84.80 4.21
CA TYR I 667 21.77 -85.25 2.89
C TYR I 667 22.43 -84.17 2.06
N LYS I 668 22.63 -82.96 2.58
CA LYS I 668 23.60 -82.08 1.95
C LYS I 668 25.01 -82.63 2.14
N LEU I 669 25.41 -82.77 3.40
CA LEU I 669 26.67 -83.42 3.70
C LEU I 669 26.68 -84.83 3.14
N LEU I 670 25.55 -85.52 3.20
CA LEU I 670 25.53 -86.88 2.70
C LEU I 670 25.47 -86.92 1.18
N SER I 671 25.09 -85.83 0.53
CA SER I 671 25.18 -85.76 -0.92
C SER I 671 26.63 -85.66 -1.35
N ILE I 672 27.37 -84.74 -0.72
CA ILE I 672 28.80 -84.72 -1.02
C ILE I 672 29.46 -86.02 -0.56
N THR I 673 28.91 -86.64 0.49
CA THR I 673 29.47 -87.86 1.01
C THR I 673 29.26 -89.02 0.05
N VAL I 674 28.06 -89.17 -0.49
CA VAL I 674 27.82 -90.22 -1.47
C VAL I 674 28.59 -89.94 -2.73
N ARG I 675 28.75 -88.66 -3.08
CA ARG I 675 29.62 -88.31 -4.19
C ARG I 675 30.99 -88.91 -3.99
N ASN I 676 31.59 -88.65 -2.83
CA ASN I 676 32.93 -89.17 -2.55
C ASN I 676 32.93 -90.69 -2.42
N ALA I 677 31.85 -91.26 -1.89
CA ALA I 677 31.82 -92.71 -1.64
C ALA I 677 31.76 -93.48 -2.94
N LYS I 678 30.83 -93.11 -3.83
CA LYS I 678 30.81 -93.75 -5.14
C LYS I 678 31.99 -93.32 -5.99
N LYS I 679 32.61 -92.18 -5.66
CA LYS I 679 33.87 -91.82 -6.27
C LYS I 679 34.96 -92.81 -5.89
N ILE I 680 34.93 -93.28 -4.64
CA ILE I 680 35.82 -94.34 -4.18
C ILE I 680 35.16 -95.70 -4.19
N LYS I 681 33.89 -95.78 -4.58
CA LYS I 681 33.13 -97.02 -4.62
C LYS I 681 33.17 -97.73 -3.26
N TYR I 682 32.54 -97.07 -2.29
CA TYR I 682 32.26 -97.74 -1.02
C TYR I 682 31.42 -98.99 -1.24
N PHE I 683 30.68 -99.05 -2.34
CA PHE I 683 29.93 -100.24 -2.71
C PHE I 683 30.83 -101.25 -3.42
N GLU I 684 30.76 -102.51 -3.00
CA GLU I 684 31.47 -103.59 -3.66
C GLU I 684 30.64 -104.86 -3.72
N GLY I 685 29.31 -104.72 -3.70
CA GLY I 685 28.42 -105.87 -3.73
C GLY I 685 28.19 -106.49 -2.38
N ASP I 697 33.78 -105.40 4.26
CA ASP I 697 33.74 -105.21 5.71
C ASP I 697 32.31 -105.18 6.21
N PRO I 698 32.11 -105.56 7.47
CA PRO I 698 30.76 -105.45 8.06
C PRO I 698 30.24 -104.03 8.02
N GLU I 699 31.13 -103.05 8.22
CA GLU I 699 30.72 -101.65 8.10
C GLU I 699 30.17 -101.37 6.71
N LYS I 700 30.71 -102.01 5.69
CA LYS I 700 30.26 -101.75 4.33
C LYS I 700 28.80 -102.13 4.16
N TYR I 701 28.48 -103.40 4.39
CA TYR I 701 27.09 -103.87 4.23
C TYR I 701 26.15 -103.14 5.18
N SER I 702 26.59 -102.95 6.43
CA SER I 702 25.74 -102.25 7.39
C SER I 702 25.41 -100.84 6.93
N CYS I 703 26.41 -100.14 6.39
CA CYS I 703 26.21 -98.75 6.00
C CYS I 703 25.42 -98.67 4.71
N PHE I 704 25.55 -99.69 3.85
CA PHE I 704 24.63 -99.82 2.72
C PHE I 704 23.20 -99.91 3.21
N ALA I 705 22.96 -100.76 4.20
CA ALA I 705 21.61 -100.91 4.75
C ALA I 705 21.13 -99.61 5.37
N LEU I 706 22.04 -98.86 5.99
CA LEU I 706 21.70 -97.54 6.50
C LEU I 706 21.19 -96.65 5.37
N PHE I 707 21.95 -96.57 4.27
CA PHE I 707 21.49 -95.82 3.11
C PHE I 707 20.10 -96.27 2.71
N VAL I 708 19.92 -97.58 2.57
CA VAL I 708 18.69 -98.11 2.00
C VAL I 708 17.50 -97.75 2.88
N LYS I 709 17.60 -98.07 4.17
CA LYS I 709 16.49 -97.81 5.07
C LYS I 709 16.20 -96.32 5.15
N PHE I 710 17.25 -95.51 5.29
CA PHE I 710 17.04 -94.08 5.45
C PHE I 710 16.40 -93.48 4.22
N GLY I 711 16.94 -93.80 3.04
CA GLY I 711 16.36 -93.29 1.81
C GLY I 711 14.93 -93.74 1.61
N LYS I 712 14.64 -95.01 1.89
CA LYS I 712 13.28 -95.50 1.70
C LYS I 712 12.31 -94.79 2.63
N GLU I 713 12.68 -94.65 3.91
CA GLU I 713 11.75 -94.05 4.85
C GLU I 713 11.52 -92.59 4.54
N VAL I 714 12.58 -91.85 4.16
CA VAL I 714 12.34 -90.47 3.78
C VAL I 714 11.54 -90.38 2.49
N ALA I 715 11.78 -91.30 1.55
CA ALA I 715 11.08 -91.27 0.28
C ALA I 715 9.59 -91.53 0.47
N VAL I 716 9.22 -92.25 1.52
CA VAL I 716 7.80 -92.39 1.79
C VAL I 716 7.28 -91.23 2.65
N LYS I 717 8.07 -90.75 3.61
CA LYS I 717 7.63 -89.68 4.49
C LYS I 717 7.52 -88.34 3.78
N MET I 718 8.09 -88.22 2.57
CA MET I 718 8.08 -86.96 1.84
C MET I 718 6.71 -86.31 1.80
N LYS I 719 5.63 -87.09 1.90
CA LYS I 719 4.28 -86.56 1.71
C LYS I 719 3.95 -85.46 2.71
N GLN I 720 4.64 -85.44 3.86
CA GLN I 720 4.28 -84.52 4.92
C GLN I 720 4.93 -83.15 4.79
N TYR I 721 5.75 -82.91 3.76
CA TYR I 721 6.65 -81.78 3.77
C TYR I 721 6.24 -80.72 2.76
N LYS I 722 6.87 -79.55 2.87
CA LYS I 722 6.40 -78.34 2.23
C LYS I 722 7.52 -77.72 1.39
N ASP I 723 7.19 -76.58 0.77
CA ASP I 723 8.11 -75.92 -0.14
C ASP I 723 9.35 -75.44 0.61
N GLU I 724 10.48 -75.43 -0.11
CA GLU I 724 11.79 -75.07 0.41
C GLU I 724 12.27 -76.10 1.43
N LEU I 725 11.38 -77.05 1.75
CA LEU I 725 11.74 -78.21 2.56
C LEU I 725 11.58 -79.49 1.76
N LEU I 726 10.38 -79.75 1.25
CA LEU I 726 10.18 -80.96 0.45
C LEU I 726 10.98 -80.89 -0.84
N ALA I 727 11.19 -79.69 -1.38
CA ALA I 727 12.13 -79.55 -2.49
C ALA I 727 13.55 -79.87 -2.04
N SER I 728 13.96 -79.31 -0.90
CA SER I 728 15.23 -79.70 -0.32
C SER I 728 15.24 -81.19 -0.03
N CYS I 729 14.09 -81.74 0.36
CA CYS I 729 13.99 -83.17 0.59
C CYS I 729 14.27 -83.96 -0.67
N LEU I 730 13.72 -83.54 -1.80
CA LEU I 730 13.91 -84.36 -2.98
C LEU I 730 15.33 -84.20 -3.52
N THR I 731 15.91 -83.00 -3.44
CA THR I 731 17.30 -82.84 -3.82
C THR I 731 18.21 -83.65 -2.91
N PHE I 732 18.02 -83.46 -1.62
CA PHE I 732 18.46 -84.27 -0.50
C PHE I 732 18.56 -85.73 -0.90
N LEU I 733 17.48 -86.28 -1.45
CA LEU I 733 17.47 -87.68 -1.85
C LEU I 733 18.21 -87.93 -3.15
N LEU I 734 17.82 -87.25 -4.23
CA LEU I 734 18.26 -87.64 -5.55
C LEU I 734 19.77 -87.79 -5.65
N SER I 735 20.52 -87.14 -4.76
CA SER I 735 21.96 -87.32 -4.72
C SER I 735 22.34 -88.76 -4.39
N LEU I 736 21.42 -89.55 -3.87
CA LEU I 736 21.76 -90.87 -3.37
C LEU I 736 22.22 -91.77 -4.52
N PRO I 737 23.22 -92.62 -4.29
CA PRO I 737 23.90 -93.30 -5.39
C PRO I 737 23.12 -94.49 -5.94
N HIS I 738 23.62 -94.98 -7.08
CA HIS I 738 22.88 -95.98 -7.85
C HIS I 738 22.74 -97.29 -7.11
N ASN I 739 23.81 -97.75 -6.45
CA ASN I 739 23.86 -99.11 -5.94
C ASN I 739 22.67 -99.40 -5.03
N ILE I 740 22.39 -98.49 -4.10
CA ILE I 740 21.24 -98.67 -3.24
C ILE I 740 19.94 -98.46 -4.02
N ILE I 741 19.91 -97.45 -4.89
CA ILE I 741 18.65 -97.08 -5.52
C ILE I 741 18.41 -98.01 -6.69
N GLU I 742 19.31 -98.99 -6.87
CA GLU I 742 19.02 -100.09 -7.77
C GLU I 742 17.75 -100.81 -7.37
N LEU I 743 17.37 -100.74 -6.11
CA LEU I 743 16.22 -101.45 -5.58
C LEU I 743 15.04 -100.49 -5.44
N ASP I 744 13.85 -100.97 -5.82
CA ASP I 744 12.63 -100.18 -5.80
C ASP I 744 12.81 -98.87 -6.57
N VAL I 745 13.30 -99.02 -7.80
CA VAL I 745 13.56 -97.86 -8.64
C VAL I 745 12.30 -97.03 -8.82
N ARG I 746 11.12 -97.64 -8.67
CA ARG I 746 9.88 -96.93 -8.87
C ARG I 746 9.69 -95.85 -7.81
N ALA I 747 10.08 -96.13 -6.57
CA ALA I 747 9.86 -95.19 -5.48
C ALA I 747 10.62 -93.89 -5.67
N TYR I 748 11.62 -93.86 -6.55
CA TYR I 748 12.44 -92.67 -6.73
C TYR I 748 11.83 -91.72 -7.74
N VAL I 749 10.96 -92.22 -8.61
CA VAL I 749 10.33 -91.36 -9.61
C VAL I 749 9.54 -90.21 -8.98
N PRO I 750 8.71 -90.42 -7.94
CA PRO I 750 7.90 -89.30 -7.44
C PRO I 750 8.71 -88.10 -7.00
N ALA I 751 9.90 -88.32 -6.45
CA ALA I 751 10.77 -87.18 -6.14
C ALA I 751 11.11 -86.40 -7.40
N LEU I 752 11.38 -87.12 -8.50
CA LEU I 752 11.64 -86.46 -9.77
C LEU I 752 10.41 -85.68 -10.24
N GLN I 753 9.23 -86.27 -10.06
CA GLN I 753 8.02 -85.57 -10.46
C GLN I 753 7.83 -84.30 -9.66
N MET I 754 8.15 -84.36 -8.37
CA MET I 754 8.08 -83.15 -7.55
C MET I 754 9.10 -82.12 -8.01
N ALA I 755 10.30 -82.58 -8.37
CA ALA I 755 11.32 -81.66 -8.87
C ALA I 755 10.84 -80.93 -10.12
N PHE I 756 10.30 -81.69 -11.06
CA PHE I 756 9.75 -81.09 -12.27
C PHE I 756 8.43 -80.38 -12.03
N LYS I 757 7.88 -80.52 -10.83
CA LYS I 757 6.78 -79.67 -10.40
C LYS I 757 7.27 -78.36 -9.79
N LEU I 758 8.49 -78.33 -9.27
CA LEU I 758 8.98 -77.20 -8.51
C LEU I 758 10.25 -76.57 -9.05
N GLY I 759 10.90 -77.17 -10.05
CA GLY I 759 12.14 -76.63 -10.57
C GLY I 759 12.00 -75.28 -11.25
N LEU I 760 10.77 -74.81 -11.46
CA LEU I 760 10.59 -73.47 -12.03
C LEU I 760 11.19 -72.41 -11.12
N SER I 761 10.80 -72.41 -9.84
CA SER I 761 11.35 -71.44 -8.91
C SER I 761 12.81 -71.71 -8.58
N TYR I 762 13.34 -72.88 -8.95
CA TYR I 762 14.73 -73.20 -8.66
C TYR I 762 15.22 -74.16 -9.74
N THR I 763 15.93 -73.62 -10.72
CA THR I 763 16.44 -74.46 -11.81
C THR I 763 17.41 -75.54 -11.34
N PRO I 764 18.36 -75.31 -10.44
CA PRO I 764 19.28 -76.39 -10.06
C PRO I 764 18.56 -77.58 -9.45
N LEU I 765 17.35 -77.37 -8.95
CA LEU I 765 16.51 -78.47 -8.50
C LEU I 765 16.33 -79.50 -9.62
N ALA I 766 15.69 -79.07 -10.71
CA ALA I 766 15.53 -79.94 -11.86
C ALA I 766 16.88 -80.36 -12.43
N GLU I 767 17.90 -79.50 -12.31
CA GLU I 767 19.21 -79.84 -12.85
C GLU I 767 19.79 -81.06 -12.15
N VAL I 768 19.75 -81.07 -10.83
CA VAL I 768 20.29 -82.21 -10.09
C VAL I 768 19.39 -83.42 -10.26
N GLY I 769 18.08 -83.21 -10.43
CA GLY I 769 17.24 -84.32 -10.84
C GLY I 769 17.70 -84.92 -12.15
N LEU I 770 18.09 -84.07 -13.10
CA LEU I 770 18.61 -84.54 -14.38
C LEU I 770 19.90 -85.32 -14.17
N ASN I 771 20.76 -84.83 -13.29
CA ASN I 771 22.00 -85.55 -13.02
C ASN I 771 21.72 -86.93 -12.47
N ALA I 772 20.73 -87.04 -11.58
CA ALA I 772 20.32 -88.35 -11.10
C ALA I 772 19.80 -89.21 -12.24
N LEU I 773 19.02 -88.62 -13.14
CA LEU I 773 18.59 -89.33 -14.35
C LEU I 773 19.78 -89.90 -15.10
N GLU I 774 20.81 -89.07 -15.27
CA GLU I 774 22.01 -89.50 -15.98
C GLU I 774 22.65 -90.67 -15.28
N GLU I 775 22.76 -90.58 -13.95
CA GLU I 775 23.28 -91.69 -13.17
C GLU I 775 22.52 -92.96 -13.46
N TRP I 776 21.19 -92.88 -13.42
CA TRP I 776 20.37 -94.07 -13.58
C TRP I 776 20.55 -94.65 -14.97
N SER I 777 20.63 -93.79 -15.98
CA SER I 777 20.91 -94.26 -17.32
C SER I 777 22.25 -94.99 -17.38
N ILE I 778 23.28 -94.42 -16.75
CA ILE I 778 24.61 -94.99 -16.85
C ILE I 778 24.68 -96.35 -16.17
N TYR I 779 24.21 -96.43 -14.94
CA TYR I 779 24.45 -97.62 -14.13
C TYR I 779 23.37 -98.68 -14.34
N ILE I 780 22.11 -98.30 -14.19
CA ILE I 780 21.04 -99.28 -14.16
C ILE I 780 20.88 -99.93 -15.53
N ASP I 781 20.35 -101.15 -15.53
CA ASP I 781 20.02 -101.81 -16.77
C ASP I 781 18.73 -101.24 -17.34
N ARG I 782 18.62 -101.29 -18.66
CA ARG I 782 17.43 -100.76 -19.34
C ARG I 782 16.16 -101.48 -18.92
N HIS I 783 16.27 -102.73 -18.48
CA HIS I 783 15.09 -103.56 -18.26
C HIS I 783 14.20 -102.95 -17.17
N VAL I 784 14.79 -102.61 -16.04
CA VAL I 784 14.00 -102.13 -14.92
C VAL I 784 13.76 -100.62 -14.99
N MET I 785 14.58 -99.88 -15.74
CA MET I 785 14.23 -98.49 -15.97
C MET I 785 13.14 -98.33 -17.02
N GLN I 786 12.95 -99.34 -17.86
CA GLN I 786 11.94 -99.29 -18.91
C GLN I 786 10.53 -99.03 -18.39
N PRO I 787 10.05 -99.70 -17.32
CA PRO I 787 8.64 -99.53 -16.93
C PRO I 787 8.26 -98.10 -16.55
N TYR I 788 9.20 -97.16 -16.63
CA TYR I 788 8.85 -95.77 -16.37
C TYR I 788 9.56 -94.82 -17.32
N TYR I 789 9.93 -95.29 -18.52
CA TYR I 789 10.17 -94.33 -19.60
C TYR I 789 8.93 -93.49 -19.83
N LYS I 790 7.77 -94.11 -19.61
CA LYS I 790 6.45 -93.52 -19.61
C LYS I 790 6.25 -92.51 -18.50
N ASP I 791 7.16 -92.47 -17.52
CA ASP I 791 7.19 -91.41 -16.53
C ASP I 791 8.26 -90.39 -16.83
N ILE I 792 9.39 -90.89 -17.35
CA ILE I 792 10.52 -90.04 -17.69
C ILE I 792 10.11 -89.01 -18.73
N LEU I 793 9.66 -89.46 -19.89
CA LEU I 793 9.34 -88.53 -20.97
C LEU I 793 8.21 -87.58 -20.61
N PRO I 794 7.08 -88.01 -20.05
CA PRO I 794 6.07 -87.03 -19.63
C PRO I 794 6.56 -86.07 -18.56
N CYS I 795 7.40 -86.52 -17.63
CA CYS I 795 7.95 -85.58 -16.66
C CYS I 795 9.04 -84.72 -17.28
N LEU I 796 9.83 -85.30 -18.20
CA LEU I 796 10.77 -84.49 -18.97
C LEU I 796 10.06 -83.37 -19.71
N ASP I 797 8.80 -83.59 -20.08
CA ASP I 797 8.02 -82.57 -20.75
C ASP I 797 7.94 -81.30 -19.91
N GLY I 798 8.07 -81.43 -18.59
CA GLY I 798 7.93 -80.27 -17.73
C GLY I 798 9.00 -79.21 -18.01
N TYR I 799 8.60 -77.95 -17.86
CA TYR I 799 9.46 -76.77 -18.01
C TYR I 799 9.91 -76.56 -19.44
N LEU I 800 9.60 -77.50 -20.32
CA LEU I 800 10.20 -77.54 -21.64
C LEU I 800 9.38 -76.84 -22.71
N LYS I 801 8.14 -76.47 -22.42
CA LYS I 801 7.24 -75.93 -23.42
C LYS I 801 7.41 -74.42 -23.61
N THR I 802 8.29 -73.79 -22.84
CA THR I 802 8.46 -72.35 -22.88
C THR I 802 9.58 -72.01 -23.84
N SER I 803 9.50 -70.82 -24.42
CA SER I 803 10.57 -70.29 -25.26
C SER I 803 10.82 -68.82 -24.94
N PHE I 826 35.46 -47.01 -19.23
CA PHE I 826 34.39 -47.99 -19.35
C PHE I 826 34.72 -49.00 -20.45
N ASN I 827 34.05 -48.86 -21.58
CA ASN I 827 34.16 -49.82 -22.68
C ASN I 827 34.30 -49.10 -24.00
N LYS I 828 35.16 -48.09 -24.04
CA LYS I 828 35.25 -47.25 -25.22
C LYS I 828 36.28 -47.78 -26.21
N VAL I 829 36.15 -47.35 -27.46
CA VAL I 829 37.03 -47.83 -28.52
C VAL I 829 38.47 -47.45 -28.24
N VAL I 830 38.68 -46.36 -27.50
CA VAL I 830 40.03 -45.97 -27.14
C VAL I 830 40.67 -47.08 -26.31
N LEU I 831 41.89 -47.44 -26.67
CA LEU I 831 42.59 -48.50 -25.97
C LEU I 831 43.00 -47.98 -24.60
N LYS I 832 42.14 -48.21 -23.62
CA LYS I 832 42.44 -47.94 -22.22
C LYS I 832 43.07 -49.15 -21.57
N HIS I 833 43.55 -50.09 -22.39
CA HIS I 833 43.95 -51.42 -22.00
C HIS I 833 42.74 -52.18 -21.51
N LEU I 834 41.58 -51.52 -21.53
CA LEU I 834 40.35 -52.00 -20.92
C LEU I 834 40.68 -52.67 -19.60
N LYS I 835 41.33 -51.93 -18.72
CA LYS I 835 41.76 -52.48 -17.44
C LYS I 835 40.58 -53.02 -16.66
N LYS I 836 39.41 -52.40 -16.80
CA LYS I 836 38.18 -52.96 -16.24
C LYS I 836 38.01 -54.41 -16.67
N THR I 837 38.16 -54.68 -17.96
CA THR I 837 38.18 -56.06 -18.43
C THR I 837 39.44 -56.78 -17.98
N LYS I 838 40.59 -56.10 -18.05
CA LYS I 838 41.83 -56.72 -17.59
C LYS I 838 41.76 -57.07 -16.11
N ASN I 839 41.21 -56.17 -15.30
CA ASN I 839 40.96 -56.46 -13.89
C ASN I 839 39.57 -57.08 -13.80
N LEU I 840 39.50 -58.36 -14.15
CA LEU I 840 38.25 -59.11 -14.16
C LEU I 840 37.56 -59.09 -12.81
N SER I 847 21.39 -70.35 -16.01
CA SER I 847 20.08 -70.06 -16.59
C SER I 847 19.26 -71.33 -16.71
N LEU I 848 17.93 -71.17 -16.71
CA LEU I 848 17.08 -72.31 -17.02
C LEU I 848 17.28 -72.78 -18.44
N GLU I 849 17.66 -71.87 -19.34
CA GLU I 849 17.72 -72.20 -20.76
C GLU I 849 18.85 -73.20 -21.02
N GLU I 850 20.03 -72.96 -20.45
CA GLU I 850 21.10 -73.93 -20.56
C GLU I 850 20.69 -75.27 -19.97
N ILE I 851 19.89 -75.23 -18.90
CA ILE I 851 19.40 -76.47 -18.30
C ILE I 851 18.53 -77.22 -19.29
N ARG I 852 17.68 -76.50 -20.02
CA ARG I 852 16.83 -77.16 -21.00
C ARG I 852 17.63 -77.65 -22.20
N ILE I 853 18.73 -76.97 -22.52
CA ILE I 853 19.64 -77.49 -23.52
C ILE I 853 20.21 -78.81 -23.06
N ARG I 854 20.60 -78.90 -21.80
CA ARG I 854 21.02 -80.19 -21.27
C ARG I 854 19.88 -81.19 -21.26
N VAL I 855 18.65 -80.73 -21.07
CA VAL I 855 17.49 -81.61 -21.09
C VAL I 855 17.39 -82.28 -22.45
N VAL I 856 17.44 -81.49 -23.51
CA VAL I 856 17.33 -82.07 -24.84
C VAL I 856 18.58 -82.89 -25.17
N GLN I 857 19.73 -82.50 -24.61
CA GLN I 857 20.94 -83.28 -24.80
C GLN I 857 20.77 -84.69 -24.26
N MET I 858 20.44 -84.80 -22.97
CA MET I 858 20.22 -86.11 -22.40
C MET I 858 19.07 -86.84 -23.08
N LEU I 859 18.05 -86.11 -23.52
CA LEU I 859 16.95 -86.73 -24.24
C LEU I 859 17.44 -87.45 -25.48
N GLY I 860 18.15 -86.73 -26.34
CA GLY I 860 18.75 -87.39 -27.48
C GLY I 860 19.77 -88.43 -27.11
N SER I 861 20.25 -88.40 -25.87
CA SER I 861 21.05 -89.50 -25.37
C SER I 861 20.19 -90.67 -24.89
N LEU I 862 18.87 -90.51 -24.82
CA LEU I 862 18.03 -91.60 -24.35
C LEU I 862 17.74 -92.60 -25.46
N GLY I 863 16.97 -92.19 -26.47
CA GLY I 863 16.54 -93.13 -27.47
C GLY I 863 15.16 -92.90 -28.04
N GLY I 864 15.02 -93.17 -29.34
CA GLY I 864 13.74 -92.96 -30.00
C GLY I 864 12.61 -93.74 -29.36
N GLN I 865 12.85 -95.01 -29.02
CA GLN I 865 11.86 -95.72 -28.22
C GLN I 865 11.67 -95.06 -26.86
N ILE I 866 12.77 -94.67 -26.22
CA ILE I 866 12.64 -93.98 -24.94
C ILE I 866 11.97 -92.62 -25.14
N ASN I 867 12.47 -91.84 -26.08
CA ASN I 867 12.00 -90.47 -26.22
C ASN I 867 10.58 -90.39 -26.74
N LYS I 868 10.11 -91.41 -27.45
CA LYS I 868 8.72 -91.43 -27.90
C LYS I 868 7.75 -91.73 -26.77
N ASN I 869 8.25 -92.06 -25.59
CA ASN I 869 7.39 -92.29 -24.43
C ASN I 869 6.61 -91.06 -24.01
N LEU I 870 6.88 -89.90 -24.61
CA LEU I 870 6.12 -88.71 -24.27
C LEU I 870 4.64 -88.90 -24.60
N LEU I 871 4.34 -89.45 -25.77
CA LEU I 871 2.98 -89.75 -26.19
C LEU I 871 2.04 -88.56 -26.04
N MET I 879 -6.82 -92.34 -28.96
CA MET I 879 -7.39 -92.35 -27.61
C MET I 879 -8.56 -91.37 -27.51
N MET I 880 -8.84 -90.91 -26.30
CA MET I 880 -9.87 -89.91 -26.10
C MET I 880 -9.53 -88.58 -26.75
N LYS I 881 -8.24 -88.35 -27.02
CA LYS I 881 -7.66 -87.15 -27.64
C LYS I 881 -7.71 -85.94 -26.71
N SER I 882 -8.35 -86.04 -25.54
CA SER I 882 -8.22 -85.15 -24.40
C SER I 882 -8.80 -83.76 -24.63
N TYR I 883 -9.26 -83.43 -25.83
CA TYR I 883 -9.96 -82.16 -26.04
C TYR I 883 -10.87 -82.34 -27.25
N VAL I 884 -12.18 -82.38 -26.98
CA VAL I 884 -13.17 -82.76 -27.98
C VAL I 884 -14.16 -81.61 -28.15
N ALA I 885 -13.66 -80.38 -28.03
CA ALA I 885 -14.50 -79.17 -28.03
C ALA I 885 -15.47 -79.21 -26.85
N TRP I 886 -14.85 -79.14 -25.66
CA TRP I 886 -15.56 -79.27 -24.39
C TRP I 886 -16.91 -78.56 -24.38
N ASP I 887 -16.95 -77.31 -24.81
CA ASP I 887 -18.18 -76.55 -24.92
C ASP I 887 -18.63 -76.56 -26.38
N ARG I 888 -19.70 -77.29 -26.66
CA ARG I 888 -20.26 -77.29 -27.99
C ARG I 888 -21.02 -76.00 -28.30
N GLU I 889 -21.41 -75.25 -27.27
CA GLU I 889 -22.19 -74.03 -27.44
C GLU I 889 -21.29 -72.85 -27.09
N LYS I 890 -20.78 -72.18 -28.12
CA LYS I 890 -19.88 -71.04 -27.94
C LYS I 890 -20.65 -69.81 -27.45
N ARG I 891 -21.24 -69.96 -26.26
CA ARG I 891 -21.97 -68.86 -25.66
C ARG I 891 -21.06 -67.80 -25.07
N LEU I 892 -19.85 -68.15 -24.70
CA LEU I 892 -18.93 -67.20 -24.09
C LEU I 892 -18.34 -66.31 -25.17
N SER I 893 -18.78 -65.06 -25.21
CA SER I 893 -18.31 -64.07 -26.17
C SER I 893 -18.30 -62.70 -25.51
N PHE I 894 -18.00 -61.69 -26.32
CA PHE I 894 -18.04 -60.32 -25.86
C PHE I 894 -18.09 -59.35 -27.03
N ALA I 895 -19.00 -58.38 -26.97
CA ALA I 895 -19.12 -57.37 -28.01
C ALA I 895 -18.20 -56.22 -27.67
N VAL I 896 -17.08 -56.12 -28.39
CA VAL I 896 -16.14 -55.03 -28.15
C VAL I 896 -16.72 -53.75 -28.74
N PRO I 897 -16.93 -52.72 -27.94
CA PRO I 897 -17.55 -51.49 -28.43
C PRO I 897 -16.53 -50.51 -28.97
N PHE I 898 -16.98 -49.75 -29.96
CA PHE I 898 -16.12 -48.79 -30.64
C PHE I 898 -16.96 -47.63 -31.12
N ARG I 899 -16.38 -46.82 -32.01
CA ARG I 899 -17.01 -45.61 -32.49
C ARG I 899 -17.81 -45.83 -33.77
N GLU I 900 -17.24 -46.55 -34.73
CA GLU I 900 -17.96 -46.79 -35.98
C GLU I 900 -18.94 -47.95 -35.84
N MET I 901 -18.45 -49.10 -35.36
CA MET I 901 -19.30 -50.24 -35.07
C MET I 901 -18.99 -50.78 -33.68
N LYS I 902 -19.67 -51.85 -33.30
CA LYS I 902 -19.48 -52.53 -32.02
C LYS I 902 -19.25 -54.00 -32.28
N PRO I 903 -18.05 -54.38 -32.73
CA PRO I 903 -17.80 -55.79 -33.05
C PRO I 903 -17.90 -56.67 -31.82
N VAL I 904 -18.10 -57.96 -32.05
CA VAL I 904 -18.28 -58.94 -30.99
C VAL I 904 -17.20 -59.99 -31.09
N ILE I 905 -16.60 -60.34 -29.96
CA ILE I 905 -15.49 -61.27 -29.88
C ILE I 905 -15.86 -62.41 -28.95
N PHE I 906 -15.53 -63.63 -29.35
CA PHE I 906 -15.89 -64.83 -28.60
C PHE I 906 -14.73 -65.28 -27.73
N LEU I 907 -15.02 -65.53 -26.45
CA LEU I 907 -13.99 -65.65 -25.44
C LEU I 907 -13.69 -67.08 -25.01
N ASP I 908 -14.66 -67.98 -25.12
CA ASP I 908 -14.46 -69.36 -24.70
C ASP I 908 -13.33 -70.02 -25.48
N VAL I 909 -13.05 -69.55 -26.68
CA VAL I 909 -11.94 -70.12 -27.44
C VAL I 909 -10.62 -69.88 -26.72
N PHE I 910 -10.47 -68.69 -26.13
CA PHE I 910 -9.27 -68.39 -25.37
C PHE I 910 -9.26 -69.11 -24.03
N LEU I 911 -10.40 -69.63 -23.60
CA LEU I 911 -10.51 -70.24 -22.28
C LEU I 911 -9.55 -71.40 -22.08
N PRO I 912 -9.61 -72.49 -22.85
CA PRO I 912 -8.69 -73.60 -22.58
C PRO I 912 -7.24 -73.18 -22.69
N ARG I 913 -6.93 -72.33 -23.66
CA ARG I 913 -5.57 -71.87 -23.82
C ARG I 913 -5.07 -71.21 -22.53
N VAL I 914 -5.82 -70.23 -22.04
CA VAL I 914 -5.39 -69.55 -20.82
C VAL I 914 -5.38 -70.53 -19.65
N THR I 915 -6.23 -71.56 -19.69
CA THR I 915 -6.13 -72.59 -18.66
C THR I 915 -4.75 -73.21 -18.64
N GLU I 916 -4.26 -73.64 -19.80
CA GLU I 916 -2.91 -74.22 -19.78
C GLU I 916 -1.85 -73.18 -19.46
N LEU I 917 -2.08 -71.93 -19.88
CA LEU I 917 -1.06 -70.91 -19.73
C LEU I 917 -0.88 -70.50 -18.27
N ALA I 918 -1.95 -69.97 -17.66
CA ALA I 918 -1.90 -69.71 -16.23
C ALA I 918 -1.61 -70.99 -15.45
N LEU I 919 -2.03 -72.13 -16.00
CA LEU I 919 -1.66 -73.42 -15.45
C LEU I 919 -0.16 -73.65 -15.53
N THR I 920 0.39 -73.56 -16.74
CA THR I 920 1.80 -73.83 -17.00
C THR I 920 2.38 -72.65 -17.76
N ALA I 921 3.26 -71.89 -17.10
CA ALA I 921 3.98 -70.82 -17.76
C ALA I 921 5.15 -70.41 -16.89
N SER I 922 6.30 -70.18 -17.53
CA SER I 922 7.43 -69.57 -16.84
C SER I 922 7.19 -68.07 -16.78
N ASP I 923 8.24 -67.31 -16.44
CA ASP I 923 8.16 -65.85 -16.43
C ASP I 923 7.04 -65.39 -15.50
N ARG I 924 7.30 -65.58 -14.21
CA ARG I 924 6.36 -65.22 -13.14
C ARG I 924 5.61 -63.94 -13.47
N GLN I 925 6.31 -62.96 -14.05
CA GLN I 925 5.61 -61.80 -14.59
C GLN I 925 4.56 -62.22 -15.61
N THR I 926 4.97 -62.99 -16.61
CA THR I 926 4.06 -63.38 -17.68
C THR I 926 3.03 -64.39 -17.19
N LYS I 927 3.47 -65.41 -16.47
CA LYS I 927 2.53 -66.41 -15.99
C LYS I 927 1.47 -65.78 -15.09
N VAL I 928 1.90 -64.89 -14.20
CA VAL I 928 0.96 -64.26 -13.29
C VAL I 928 0.08 -63.26 -14.02
N ALA I 929 0.57 -62.61 -15.09
CA ALA I 929 -0.31 -61.79 -15.91
C ALA I 929 -1.39 -62.66 -16.56
N ALA I 930 -1.00 -63.85 -17.03
CA ALA I 930 -1.98 -64.78 -17.58
C ALA I 930 -3.00 -65.17 -16.52
N CYS I 931 -2.52 -65.43 -15.30
CA CYS I 931 -3.43 -65.74 -14.20
C CYS I 931 -4.36 -64.57 -13.93
N GLU I 932 -3.84 -63.35 -13.98
CA GLU I 932 -4.65 -62.15 -13.75
C GLU I 932 -5.79 -62.07 -14.75
N LEU I 933 -5.46 -62.24 -16.04
CA LEU I 933 -6.49 -62.18 -17.06
C LEU I 933 -7.48 -63.32 -16.88
N LEU I 934 -6.98 -64.50 -16.50
CA LEU I 934 -7.87 -65.62 -16.24
C LEU I 934 -8.85 -65.29 -15.12
N HIS I 935 -8.34 -64.70 -14.05
CA HIS I 935 -9.19 -64.20 -12.97
C HIS I 935 -10.26 -63.27 -13.51
N SER I 936 -9.86 -62.26 -14.26
CA SER I 936 -10.80 -61.26 -14.74
C SER I 936 -11.87 -61.91 -15.61
N MET I 937 -11.45 -62.78 -16.53
CA MET I 937 -12.39 -63.36 -17.47
C MET I 937 -13.34 -64.31 -16.77
N VAL I 938 -12.85 -65.09 -15.81
CA VAL I 938 -13.75 -65.99 -15.09
C VAL I 938 -14.73 -65.18 -14.26
N MET I 939 -14.28 -64.06 -13.70
CA MET I 939 -15.19 -63.19 -12.98
C MET I 939 -16.28 -62.66 -13.89
N PHE I 940 -15.92 -62.27 -15.10
CA PHE I 940 -16.93 -61.79 -16.04
C PHE I 940 -17.90 -62.90 -16.41
N MET I 941 -17.37 -64.08 -16.74
CA MET I 941 -18.21 -65.12 -17.30
C MET I 941 -19.04 -65.85 -16.27
N LEU I 942 -18.69 -65.78 -14.99
CA LEU I 942 -19.59 -66.35 -13.98
C LEU I 942 -20.87 -65.53 -13.90
N GLY I 943 -20.75 -64.21 -13.89
CA GLY I 943 -21.92 -63.36 -13.92
C GLY I 943 -22.68 -63.48 -15.22
N LYS I 944 -21.94 -63.60 -16.33
CA LYS I 944 -22.61 -63.80 -17.61
C LYS I 944 -23.35 -65.13 -17.65
N ALA I 945 -22.81 -66.17 -17.00
CA ALA I 945 -23.56 -67.40 -16.84
C ALA I 945 -24.86 -67.15 -16.10
N THR I 946 -24.85 -66.20 -15.18
CA THR I 946 -26.06 -65.79 -14.47
C THR I 946 -26.75 -64.64 -15.20
N GLN I 947 -26.96 -64.81 -16.50
CA GLN I 947 -27.68 -63.84 -17.31
C GLN I 947 -28.92 -64.43 -17.97
N MET I 948 -28.80 -65.61 -18.57
CA MET I 948 -29.95 -66.33 -19.13
C MET I 948 -29.94 -67.77 -18.64
N PRO I 949 -30.21 -67.97 -17.34
CA PRO I 949 -30.32 -69.34 -16.83
C PRO I 949 -31.53 -70.04 -17.42
N GLU I 950 -31.43 -71.36 -17.55
CA GLU I 950 -32.49 -72.19 -18.10
C GLU I 950 -32.64 -73.45 -17.26
N GLY I 951 -33.63 -74.25 -17.63
CA GLY I 951 -33.88 -75.50 -16.95
C GLY I 951 -33.06 -76.65 -17.52
N GLY I 952 -32.33 -77.35 -16.65
CA GLY I 952 -31.50 -78.45 -17.08
C GLY I 952 -30.07 -78.29 -16.62
N GLN I 953 -29.56 -79.28 -15.88
CA GLN I 953 -28.25 -79.17 -15.23
C GLN I 953 -28.26 -77.92 -14.35
N GLY I 954 -27.12 -77.26 -14.22
CA GLY I 954 -27.11 -75.95 -13.58
C GLY I 954 -27.34 -74.88 -14.62
N ALA I 955 -28.38 -75.07 -15.44
CA ALA I 955 -28.68 -74.25 -16.62
C ALA I 955 -27.61 -74.47 -17.68
N PRO I 956 -26.57 -75.22 -17.33
CA PRO I 956 -25.42 -75.57 -18.15
C PRO I 956 -24.84 -74.42 -18.97
N PRO I 957 -24.69 -73.19 -18.42
CA PRO I 957 -23.98 -72.16 -19.19
C PRO I 957 -22.51 -72.51 -19.24
N MET I 958 -21.94 -72.72 -18.06
CA MET I 958 -20.61 -73.30 -17.95
C MET I 958 -20.56 -74.32 -16.81
N TYR I 959 -21.73 -74.73 -16.32
CA TYR I 959 -21.84 -75.68 -15.19
C TYR I 959 -20.95 -76.91 -15.43
N GLN I 960 -21.26 -77.69 -16.47
CA GLN I 960 -20.45 -78.88 -16.81
C GLN I 960 -19.08 -78.41 -17.28
N LEU I 961 -19.02 -77.24 -17.93
CA LEU I 961 -17.73 -76.71 -18.46
C LEU I 961 -16.99 -75.94 -17.37
N TYR I 962 -17.38 -76.13 -16.10
CA TYR I 962 -16.66 -75.52 -14.96
C TYR I 962 -16.33 -76.67 -14.02
N LYS I 963 -17.18 -77.71 -14.03
CA LYS I 963 -16.86 -78.92 -13.24
C LYS I 963 -15.60 -79.51 -13.88
N ARG I 964 -15.25 -79.04 -15.08
CA ARG I 964 -14.00 -79.51 -15.69
C ARG I 964 -12.93 -78.43 -15.68
N THR I 965 -13.25 -77.22 -15.24
CA THR I 965 -12.37 -76.07 -15.32
C THR I 965 -11.68 -75.75 -14.00
N PHE I 966 -12.42 -75.82 -12.89
CA PHE I 966 -11.93 -75.24 -11.65
C PHE I 966 -10.64 -75.84 -11.09
N PRO I 967 -10.41 -77.16 -11.07
CA PRO I 967 -9.37 -77.70 -10.17
C PRO I 967 -8.02 -77.02 -10.31
N VAL I 968 -7.67 -76.58 -11.52
CA VAL I 968 -6.42 -75.84 -11.68
C VAL I 968 -6.45 -74.54 -10.90
N LEU I 969 -7.53 -73.76 -11.03
CA LEU I 969 -7.59 -72.51 -10.28
C LEU I 969 -7.70 -72.79 -8.80
N LEU I 970 -8.31 -73.92 -8.44
CA LEU I 970 -8.39 -74.31 -7.06
C LEU I 970 -7.00 -74.52 -6.47
N ARG I 971 -6.11 -75.17 -7.21
CA ARG I 971 -4.77 -75.32 -6.69
C ARG I 971 -3.96 -74.03 -6.82
N LEU I 972 -4.33 -73.17 -7.78
CA LEU I 972 -3.74 -71.83 -7.86
C LEU I 972 -4.12 -70.96 -6.67
N ALA I 973 -5.23 -71.28 -5.99
CA ALA I 973 -5.56 -70.57 -4.76
C ALA I 973 -4.42 -70.67 -3.76
N CYS I 974 -3.89 -71.88 -3.59
CA CYS I 974 -2.74 -72.11 -2.72
C CYS I 974 -1.61 -72.68 -3.61
N ASP I 975 -0.86 -71.78 -4.24
CA ASP I 975 0.30 -72.17 -5.02
C ASP I 975 1.55 -71.52 -4.45
N VAL I 976 2.69 -72.11 -4.77
CA VAL I 976 3.96 -71.53 -4.35
C VAL I 976 4.23 -70.30 -5.21
N ASP I 977 3.89 -69.12 -4.69
CA ASP I 977 4.01 -67.91 -5.47
C ASP I 977 4.02 -66.70 -4.55
N GLN I 978 4.66 -65.64 -5.02
CA GLN I 978 4.59 -64.37 -4.32
C GLN I 978 3.17 -63.83 -4.30
N VAL I 979 2.41 -64.10 -5.35
CA VAL I 979 1.20 -63.34 -5.62
C VAL I 979 -0.04 -64.21 -5.77
N THR I 980 -0.03 -65.12 -6.76
CA THR I 980 -1.26 -65.84 -7.12
C THR I 980 -1.83 -66.60 -5.94
N ARG I 981 -0.98 -67.05 -5.02
CA ARG I 981 -1.47 -67.61 -3.77
C ARG I 981 -2.29 -66.58 -3.01
N GLN I 982 -1.65 -65.48 -2.61
CA GLN I 982 -2.25 -64.49 -1.72
C GLN I 982 -3.39 -63.72 -2.35
N LEU I 983 -3.70 -63.95 -3.62
CA LEU I 983 -4.87 -63.35 -4.23
C LEU I 983 -5.91 -64.36 -4.69
N TYR I 984 -5.48 -65.59 -4.98
CA TYR I 984 -6.39 -66.63 -5.46
C TYR I 984 -7.00 -67.43 -4.33
N GLU I 985 -6.25 -67.68 -3.27
CA GLU I 985 -6.88 -68.18 -2.05
C GLU I 985 -7.96 -67.23 -1.57
N PRO I 986 -7.72 -65.93 -1.41
CA PRO I 986 -8.85 -65.02 -1.10
C PRO I 986 -9.90 -65.00 -2.18
N LEU I 987 -9.49 -65.14 -3.45
CA LEU I 987 -10.46 -65.22 -4.51
C LEU I 987 -11.44 -66.37 -4.27
N VAL I 988 -10.91 -67.58 -4.08
CA VAL I 988 -11.79 -68.73 -3.92
C VAL I 988 -12.57 -68.64 -2.62
N MET I 989 -11.99 -68.01 -1.60
CA MET I 989 -12.74 -67.79 -0.36
C MET I 989 -13.99 -66.96 -0.62
N GLN I 990 -13.82 -65.80 -1.26
CA GLN I 990 -14.97 -64.94 -1.52
C GLN I 990 -15.95 -65.63 -2.47
N LEU I 991 -15.41 -66.40 -3.43
CA LEU I 991 -16.27 -67.16 -4.33
C LEU I 991 -17.17 -68.11 -3.57
N ILE I 992 -16.56 -69.05 -2.85
CA ILE I 992 -17.32 -70.17 -2.32
C ILE I 992 -18.06 -69.82 -1.04
N HIS I 993 -17.68 -68.73 -0.36
CA HIS I 993 -18.55 -68.20 0.67
C HIS I 993 -19.67 -67.36 0.07
N TRP I 994 -19.41 -66.69 -1.05
CA TRP I 994 -20.51 -66.21 -1.87
C TRP I 994 -21.32 -67.37 -2.41
N PHE I 995 -20.64 -68.44 -2.82
CA PHE I 995 -21.32 -69.66 -3.23
C PHE I 995 -21.50 -70.62 -2.07
N THR I 996 -22.04 -70.08 -0.98
CA THR I 996 -22.62 -70.92 0.06
C THR I 996 -23.89 -70.27 0.60
N ASN I 997 -24.44 -69.30 -0.12
CA ASN I 997 -25.67 -68.62 0.27
C ASN I 997 -26.87 -69.55 0.11
N ASN I 998 -27.96 -69.22 0.79
CA ASN I 998 -29.20 -69.93 0.54
C ASN I 998 -29.92 -69.41 -0.68
N LYS I 999 -29.52 -68.24 -1.18
CA LYS I 999 -29.92 -67.78 -2.51
C LYS I 999 -28.95 -68.30 -3.55
N LYS I 1000 -27.64 -68.20 -3.27
CA LYS I 1000 -26.63 -68.85 -4.08
C LYS I 1000 -26.45 -70.26 -3.54
N PHE I 1001 -27.44 -71.09 -3.82
CA PHE I 1001 -27.58 -72.38 -3.14
C PHE I 1001 -27.82 -73.54 -4.09
N GLU I 1002 -28.51 -73.27 -5.20
CA GLU I 1002 -29.24 -74.31 -5.93
C GLU I 1002 -28.29 -75.05 -6.87
N SER I 1003 -27.42 -75.85 -6.26
CA SER I 1003 -26.49 -76.74 -6.94
C SER I 1003 -25.36 -75.98 -7.62
N GLN I 1004 -25.44 -74.65 -7.66
CA GLN I 1004 -24.27 -73.89 -8.07
C GLN I 1004 -23.17 -73.98 -7.02
N ASP I 1005 -23.56 -74.18 -5.77
CA ASP I 1005 -22.57 -74.49 -4.75
C ASP I 1005 -22.06 -75.90 -4.93
N THR I 1006 -22.97 -76.84 -5.20
CA THR I 1006 -22.63 -78.26 -5.18
C THR I 1006 -21.65 -78.61 -6.28
N VAL I 1007 -21.75 -77.98 -7.44
CA VAL I 1007 -20.81 -78.29 -8.51
C VAL I 1007 -19.38 -78.04 -8.04
N ALA I 1008 -19.13 -76.84 -7.49
CA ALA I 1008 -17.79 -76.53 -7.00
C ALA I 1008 -17.42 -77.38 -5.80
N LEU I 1009 -18.39 -77.65 -4.92
CA LEU I 1009 -18.11 -78.44 -3.74
C LEU I 1009 -17.66 -79.84 -4.11
N LEU I 1010 -18.44 -80.52 -4.93
CA LEU I 1010 -18.11 -81.87 -5.36
C LEU I 1010 -16.81 -81.88 -6.16
N GLU I 1011 -16.60 -80.84 -6.98
CA GLU I 1011 -15.32 -80.69 -7.65
C GLU I 1011 -14.18 -80.72 -6.64
N ALA I 1012 -14.31 -79.92 -5.58
CA ALA I 1012 -13.27 -79.87 -4.56
C ALA I 1012 -13.09 -81.22 -3.87
N ILE I 1013 -14.21 -81.90 -3.60
CA ILE I 1013 -14.23 -83.05 -2.68
C ILE I 1013 -13.07 -83.98 -2.94
N LEU I 1014 -12.85 -84.33 -4.20
CA LEU I 1014 -11.77 -85.27 -4.50
C LEU I 1014 -10.47 -84.54 -4.75
N ASP I 1015 -10.44 -83.65 -5.74
CA ASP I 1015 -9.17 -83.11 -6.21
C ASP I 1015 -8.42 -82.39 -5.10
N GLY I 1016 -9.10 -81.53 -4.36
CA GLY I 1016 -8.42 -80.84 -3.27
C GLY I 1016 -8.03 -81.80 -2.17
N ILE I 1017 -8.92 -82.72 -1.83
CA ILE I 1017 -8.76 -83.51 -0.63
C ILE I 1017 -8.06 -84.83 -0.92
N VAL I 1018 -8.65 -85.66 -1.79
CA VAL I 1018 -8.13 -86.99 -2.07
C VAL I 1018 -7.34 -86.89 -3.36
N ASP I 1019 -6.01 -86.87 -3.23
CA ASP I 1019 -5.13 -86.63 -4.36
C ASP I 1019 -3.71 -86.94 -3.93
N PRO I 1020 -2.86 -87.46 -4.85
CA PRO I 1020 -1.52 -87.87 -4.45
C PRO I 1020 -0.62 -86.71 -4.04
N VAL I 1021 -0.75 -85.56 -4.69
CA VAL I 1021 0.25 -84.51 -4.62
C VAL I 1021 -0.39 -83.27 -4.02
N ASP I 1022 0.44 -82.24 -3.80
CA ASP I 1022 -0.01 -80.94 -3.30
C ASP I 1022 -0.73 -81.09 -1.97
N SER I 1023 0.02 -81.54 -0.97
CA SER I 1023 -0.53 -81.73 0.36
C SER I 1023 -1.00 -80.41 0.97
N THR I 1024 -0.25 -79.33 0.72
CA THR I 1024 -0.70 -78.02 1.19
C THR I 1024 -2.06 -77.67 0.59
N LEU I 1025 -2.32 -78.10 -0.64
CA LEU I 1025 -3.66 -77.96 -1.19
C LEU I 1025 -4.66 -78.76 -0.40
N ARG I 1026 -4.28 -79.97 0.05
CA ARG I 1026 -5.19 -80.79 0.83
C ARG I 1026 -5.58 -80.09 2.13
N ASP I 1027 -4.59 -79.56 2.85
CA ASP I 1027 -4.90 -78.85 4.08
C ASP I 1027 -5.67 -77.58 3.81
N PHE I 1028 -5.26 -76.83 2.78
CA PHE I 1028 -5.96 -75.63 2.37
C PHE I 1028 -7.43 -75.90 2.12
N CYS I 1029 -7.72 -76.95 1.36
CA CYS I 1029 -9.09 -77.24 0.98
C CYS I 1029 -9.88 -77.84 2.13
N GLY I 1030 -9.23 -78.58 3.04
CA GLY I 1030 -9.94 -79.03 4.22
C GLY I 1030 -10.41 -77.87 5.08
N ARG I 1031 -9.51 -76.93 5.36
CA ARG I 1031 -9.92 -75.78 6.15
C ARG I 1031 -10.87 -74.90 5.34
N CYS I 1032 -10.71 -74.91 4.02
CA CYS I 1032 -11.65 -74.23 3.15
C CYS I 1032 -13.04 -74.82 3.27
N ILE I 1033 -13.15 -76.14 3.37
CA ILE I 1033 -14.45 -76.77 3.48
C ILE I 1033 -15.08 -76.48 4.83
N ARG I 1034 -14.28 -76.52 5.90
CA ARG I 1034 -14.85 -76.17 7.19
C ARG I 1034 -15.31 -74.70 7.20
N GLU I 1035 -14.50 -73.81 6.62
CA GLU I 1035 -14.89 -72.42 6.49
C GLU I 1035 -16.14 -72.28 5.64
N PHE I 1036 -16.22 -73.08 4.59
CA PHE I 1036 -17.36 -73.09 3.68
C PHE I 1036 -18.64 -73.47 4.38
N LEU I 1037 -18.64 -74.60 5.08
CA LEU I 1037 -19.84 -75.04 5.77
C LEU I 1037 -20.19 -74.10 6.91
N LYS I 1038 -19.18 -73.52 7.55
CA LYS I 1038 -19.43 -72.47 8.54
C LYS I 1038 -20.19 -71.32 7.92
N TRP I 1039 -19.69 -70.79 6.80
CA TRP I 1039 -20.36 -69.69 6.14
C TRP I 1039 -21.72 -70.10 5.62
N SER I 1040 -21.88 -71.37 5.27
CA SER I 1040 -23.17 -71.93 4.89
C SER I 1040 -24.14 -71.72 6.04
N ILE I 1041 -23.87 -72.41 7.15
CA ILE I 1041 -24.73 -72.31 8.32
C ILE I 1041 -24.99 -70.86 8.70
N LYS I 1042 -24.02 -69.99 8.45
CA LYS I 1042 -24.26 -68.56 8.66
C LYS I 1042 -25.33 -68.03 7.71
N GLN I 1043 -25.16 -68.27 6.41
CA GLN I 1043 -26.06 -67.71 5.41
C GLN I 1043 -26.90 -68.77 4.71
N ILE I 1044 -27.01 -69.96 5.28
CA ILE I 1044 -28.06 -70.92 4.95
C ILE I 1044 -29.08 -70.90 6.08
N THR I 1045 -30.32 -70.61 5.75
CA THR I 1045 -31.38 -70.83 6.72
C THR I 1045 -31.40 -72.31 7.06
N PRO I 1046 -31.44 -72.67 8.35
CA PRO I 1046 -31.14 -74.06 8.74
C PRO I 1046 -31.95 -75.10 8.00
N GLN I 1047 -33.22 -74.85 7.72
CA GLN I 1047 -34.02 -75.82 6.98
C GLN I 1047 -33.44 -76.09 5.60
N GLN I 1048 -32.85 -75.07 4.98
CA GLN I 1048 -32.23 -75.25 3.68
C GLN I 1048 -31.04 -76.20 3.73
N GLN I 1049 -30.48 -76.43 4.92
CA GLN I 1049 -29.57 -77.54 5.11
C GLN I 1049 -30.30 -78.81 5.50
N GLU I 1050 -31.38 -78.68 6.28
CA GLU I 1050 -32.20 -79.83 6.60
C GLU I 1050 -32.85 -80.40 5.34
N LYS I 1051 -33.34 -79.53 4.47
CA LYS I 1051 -33.84 -79.98 3.17
C LYS I 1051 -32.73 -80.17 2.17
N SER I 1052 -31.50 -79.82 2.50
CA SER I 1052 -30.38 -80.05 1.61
C SER I 1052 -30.01 -81.52 1.58
N PRO I 1053 -29.99 -82.17 0.42
CA PRO I 1053 -29.42 -83.52 0.35
C PRO I 1053 -27.94 -83.48 0.66
N VAL I 1054 -27.17 -82.72 -0.13
CA VAL I 1054 -25.78 -82.49 0.17
C VAL I 1054 -25.72 -81.50 1.32
N ASN I 1055 -25.51 -82.01 2.53
CA ASN I 1055 -25.60 -81.19 3.71
C ASN I 1055 -24.64 -81.75 4.76
N THR I 1056 -24.82 -81.33 6.00
CA THR I 1056 -23.97 -81.79 7.09
C THR I 1056 -24.09 -83.29 7.29
N LYS I 1057 -25.32 -83.83 7.22
CA LYS I 1057 -25.49 -85.27 7.35
C LYS I 1057 -24.82 -86.00 6.19
N SER I 1058 -25.09 -85.55 4.96
CA SER I 1058 -24.40 -86.13 3.83
C SER I 1058 -22.91 -85.89 3.91
N LEU I 1059 -22.50 -84.79 4.53
CA LEU I 1059 -21.08 -84.58 4.79
C LEU I 1059 -20.53 -85.68 5.68
N PHE I 1060 -21.26 -86.03 6.73
CA PHE I 1060 -20.84 -87.12 7.59
C PHE I 1060 -20.75 -88.41 6.79
N LYS I 1061 -21.76 -88.66 5.96
CA LYS I 1061 -21.81 -89.90 5.20
C LYS I 1061 -20.63 -89.99 4.24
N ARG I 1062 -20.31 -88.90 3.55
CA ARG I 1062 -19.20 -88.93 2.62
C ARG I 1062 -17.87 -89.04 3.35
N LEU I 1063 -17.75 -88.43 4.53
CA LEU I 1063 -16.54 -88.66 5.33
C LEU I 1063 -16.41 -90.13 5.72
N TYR I 1064 -17.52 -90.74 6.15
CA TYR I 1064 -17.50 -92.16 6.49
C TYR I 1064 -17.04 -92.97 5.29
N SER I 1065 -17.57 -92.65 4.12
CA SER I 1065 -17.22 -93.38 2.91
C SER I 1065 -15.73 -93.22 2.59
N LEU I 1066 -15.25 -91.97 2.59
CA LEU I 1066 -13.87 -91.72 2.18
C LEU I 1066 -12.88 -92.35 3.14
N ALA I 1067 -13.18 -92.33 4.44
CA ALA I 1067 -12.38 -93.12 5.36
C ALA I 1067 -12.50 -94.60 5.03
N LEU I 1068 -13.71 -95.05 4.68
CA LEU I 1068 -13.93 -96.44 4.33
C LEU I 1068 -13.31 -96.80 2.99
N HIS I 1069 -13.36 -95.89 2.02
CA HIS I 1069 -12.73 -96.16 0.73
C HIS I 1069 -11.28 -96.58 0.91
N PRO I 1070 -10.96 -97.83 0.61
CA PRO I 1070 -9.62 -98.34 0.92
C PRO I 1070 -8.58 -97.88 -0.09
N ASN I 1071 -7.82 -96.87 0.32
CA ASN I 1071 -6.67 -96.40 -0.42
C ASN I 1071 -5.95 -95.37 0.43
N ALA I 1072 -4.63 -95.28 0.28
CA ALA I 1072 -3.87 -94.31 1.05
C ALA I 1072 -4.44 -92.91 0.87
N PHE I 1073 -4.65 -92.50 -0.39
CA PHE I 1073 -5.07 -91.13 -0.65
C PHE I 1073 -6.48 -90.87 -0.13
N LYS I 1074 -7.39 -91.81 -0.34
CA LYS I 1074 -8.78 -91.61 0.07
C LYS I 1074 -8.88 -91.45 1.58
N ARG I 1075 -8.27 -92.37 2.32
CA ARG I 1075 -8.33 -92.30 3.78
C ARG I 1075 -7.54 -91.12 4.32
N LEU I 1076 -6.39 -90.81 3.71
CA LEU I 1076 -5.62 -89.67 4.21
C LEU I 1076 -6.41 -88.39 4.03
N GLY I 1077 -7.05 -88.22 2.87
CA GLY I 1077 -7.87 -87.05 2.65
C GLY I 1077 -9.01 -86.97 3.65
N ALA I 1078 -9.70 -88.09 3.88
CA ALA I 1078 -10.79 -88.08 4.85
C ALA I 1078 -10.30 -87.65 6.22
N SER I 1079 -9.21 -88.26 6.70
CA SER I 1079 -8.74 -87.99 8.04
C SER I 1079 -8.22 -86.55 8.18
N LEU I 1080 -7.43 -86.09 7.21
CA LEU I 1080 -6.91 -84.73 7.29
C LEU I 1080 -8.03 -83.71 7.20
N ALA I 1081 -9.03 -83.97 6.35
CA ALA I 1081 -10.16 -83.05 6.25
C ALA I 1081 -10.92 -82.99 7.56
N PHE I 1082 -11.13 -84.14 8.21
CA PHE I 1082 -11.77 -84.11 9.51
C PHE I 1082 -10.93 -83.34 10.52
N ASN I 1083 -9.62 -83.56 10.53
CA ASN I 1083 -8.77 -82.85 11.47
C ASN I 1083 -8.82 -81.35 11.24
N ASN I 1084 -8.93 -80.94 9.97
CA ASN I 1084 -9.14 -79.53 9.66
C ASN I 1084 -10.47 -79.05 10.24
N ILE I 1085 -11.57 -79.67 9.81
CA ILE I 1085 -12.90 -79.21 10.16
C ILE I 1085 -13.20 -79.32 11.65
N TYR I 1086 -12.39 -80.04 12.41
CA TYR I 1086 -12.68 -80.23 13.82
C TYR I 1086 -12.72 -78.90 14.56
N ARG I 1087 -12.05 -77.87 14.04
CA ARG I 1087 -12.02 -76.58 14.72
C ARG I 1087 -13.43 -76.04 14.92
N GLU I 1088 -14.25 -76.11 13.87
CA GLU I 1088 -15.64 -75.72 13.97
C GLU I 1088 -16.55 -76.86 14.41
N PHE I 1089 -16.18 -78.10 14.10
CA PHE I 1089 -17.04 -79.22 14.44
C PHE I 1089 -17.09 -79.45 15.94
N ARG I 1090 -16.00 -79.15 16.64
CA ARG I 1090 -16.06 -79.14 18.10
C ARG I 1090 -17.05 -78.09 18.59
N GLU I 1091 -17.10 -76.94 17.91
CA GLU I 1091 -18.11 -75.94 18.23
C GLU I 1091 -19.49 -76.41 17.83
N GLU I 1092 -19.58 -77.21 16.78
CA GLU I 1092 -20.82 -77.89 16.45
C GLU I 1092 -21.23 -78.78 17.63
N GLU I 1093 -22.50 -78.69 18.03
CA GLU I 1093 -22.98 -79.40 19.20
C GLU I 1093 -24.09 -80.39 18.90
N SER I 1094 -25.13 -79.97 18.19
CA SER I 1094 -26.26 -80.86 17.95
C SER I 1094 -25.84 -82.07 17.14
N LEU I 1095 -25.07 -81.86 16.08
CA LEU I 1095 -24.64 -82.98 15.25
C LEU I 1095 -23.70 -83.89 16.02
N VAL I 1096 -22.72 -83.31 16.71
CA VAL I 1096 -21.77 -84.16 17.43
C VAL I 1096 -22.50 -84.98 18.48
N GLU I 1097 -23.52 -84.41 19.13
CA GLU I 1097 -24.36 -85.20 20.01
C GLU I 1097 -25.08 -86.30 19.25
N GLN I 1098 -25.59 -85.97 18.06
CA GLN I 1098 -26.23 -86.97 17.23
C GLN I 1098 -25.22 -87.91 16.59
N PHE I 1099 -23.96 -87.49 16.48
CA PHE I 1099 -22.93 -88.26 15.78
C PHE I 1099 -21.69 -88.37 16.66
N VAL I 1100 -21.65 -89.42 17.47
CA VAL I 1100 -20.41 -89.89 18.09
C VAL I 1100 -20.12 -91.35 17.74
N PHE I 1101 -21.12 -92.22 17.90
CA PHE I 1101 -20.93 -93.62 17.57
C PHE I 1101 -20.46 -93.78 16.13
N GLU I 1102 -21.09 -93.04 15.21
CA GLU I 1102 -20.63 -93.03 13.83
C GLU I 1102 -19.18 -92.58 13.73
N ALA I 1103 -18.87 -91.43 14.33
CA ALA I 1103 -17.50 -90.91 14.24
C ALA I 1103 -16.52 -91.87 14.88
N LEU I 1104 -16.84 -92.41 16.06
CA LEU I 1104 -15.93 -93.31 16.74
C LEU I 1104 -15.66 -94.56 15.91
N VAL I 1105 -16.72 -95.18 15.37
CA VAL I 1105 -16.51 -96.41 14.63
C VAL I 1105 -15.80 -96.14 13.31
N ILE I 1106 -16.06 -94.99 12.69
CA ILE I 1106 -15.38 -94.70 11.43
C ILE I 1106 -13.91 -94.42 11.65
N TYR I 1107 -13.58 -93.72 12.74
CA TYR I 1107 -12.18 -93.50 13.04
C TYR I 1107 -11.51 -94.79 13.48
N MET I 1108 -12.28 -95.68 14.12
CA MET I 1108 -11.81 -97.04 14.35
C MET I 1108 -11.47 -97.73 13.04
N GLU I 1109 -12.34 -97.58 12.04
CA GLU I 1109 -12.07 -98.16 10.73
C GLU I 1109 -10.82 -97.56 10.12
N SER I 1110 -10.65 -96.24 10.27
CA SER I 1110 -9.45 -95.58 9.79
C SER I 1110 -8.21 -96.17 10.45
N LEU I 1111 -8.27 -96.36 11.78
CA LEU I 1111 -7.16 -96.97 12.48
C LEU I 1111 -6.90 -98.39 11.99
N ALA I 1112 -7.96 -99.17 11.83
CA ALA I 1112 -7.80 -100.56 11.43
C ALA I 1112 -7.16 -100.68 10.06
N LEU I 1113 -7.62 -99.88 9.11
CA LEU I 1113 -7.09 -100.00 7.76
C LEU I 1113 -5.78 -99.24 7.60
N ALA I 1114 -5.44 -98.34 8.53
CA ALA I 1114 -4.13 -97.71 8.52
C ALA I 1114 -3.08 -98.58 9.17
N HIS I 1115 -3.47 -99.39 10.15
CA HIS I 1115 -2.57 -100.34 10.79
C HIS I 1115 -2.56 -101.69 10.10
N ALA I 1116 -3.46 -101.89 9.13
CA ALA I 1116 -3.35 -103.03 8.23
C ALA I 1116 -2.29 -102.79 7.14
N ASP I 1117 -1.93 -101.53 6.90
CA ASP I 1117 -0.91 -101.18 5.92
C ASP I 1117 0.15 -100.30 6.55
N GLU I 1118 1.00 -99.68 5.74
CA GLU I 1118 2.14 -98.93 6.25
C GLU I 1118 1.69 -97.83 7.21
N LYS I 1119 2.51 -97.60 8.24
CA LYS I 1119 2.27 -96.53 9.19
C LYS I 1119 3.10 -95.28 8.91
N SER I 1120 4.04 -95.36 7.97
CA SER I 1120 4.79 -94.17 7.59
C SER I 1120 3.89 -93.12 6.95
N LEU I 1121 2.68 -93.50 6.54
CA LEU I 1121 1.71 -92.51 6.13
C LEU I 1121 1.40 -91.57 7.29
N GLY I 1122 1.39 -90.27 6.99
CA GLY I 1122 1.06 -89.27 8.01
C GLY I 1122 -0.35 -89.38 8.53
N THR I 1123 -1.19 -90.19 7.88
CA THR I 1123 -2.55 -90.39 8.34
C THR I 1123 -2.62 -91.11 9.67
N ILE I 1124 -1.57 -91.80 10.09
CA ILE I 1124 -1.57 -92.34 11.45
C ILE I 1124 -1.51 -91.19 12.46
N GLN I 1125 -0.72 -90.16 12.17
CA GLN I 1125 -0.76 -88.96 12.99
C GLN I 1125 -2.08 -88.22 12.84
N GLN I 1126 -2.66 -88.25 11.64
CA GLN I 1126 -3.98 -87.67 11.45
C GLN I 1126 -5.01 -88.38 12.33
N CYS I 1127 -4.90 -89.69 12.45
CA CYS I 1127 -5.79 -90.46 13.31
C CYS I 1127 -5.50 -90.20 14.78
N CYS I 1128 -4.24 -89.94 15.13
CA CYS I 1128 -3.94 -89.48 16.49
C CYS I 1128 -4.64 -88.16 16.77
N ASP I 1129 -4.62 -87.24 15.80
CA ASP I 1129 -5.38 -86.02 15.92
C ASP I 1129 -6.86 -86.32 16.06
N ALA I 1130 -7.34 -87.31 15.30
CA ALA I 1130 -8.75 -87.69 15.36
C ALA I 1130 -9.13 -88.19 16.74
N ILE I 1131 -8.30 -89.03 17.35
CA ILE I 1131 -8.63 -89.54 18.67
C ILE I 1131 -8.52 -88.42 19.70
N ASP I 1132 -7.60 -87.48 19.50
CA ASP I 1132 -7.60 -86.26 20.30
C ASP I 1132 -8.96 -85.58 20.23
N HIS I 1133 -9.47 -85.40 19.02
CA HIS I 1133 -10.75 -84.75 18.84
C HIS I 1133 -11.87 -85.55 19.51
N LEU I 1134 -11.81 -86.88 19.39
CA LEU I 1134 -12.85 -87.73 19.95
C LEU I 1134 -12.87 -87.65 21.47
N CYS I 1135 -11.71 -87.85 22.10
CA CYS I 1135 -11.65 -87.76 23.55
C CYS I 1135 -12.02 -86.36 24.00
N ARG I 1136 -11.69 -85.35 23.20
CA ARG I 1136 -12.00 -83.98 23.57
C ARG I 1136 -13.50 -83.72 23.55
N ILE I 1137 -14.17 -84.12 22.47
CA ILE I 1137 -15.62 -83.92 22.38
C ILE I 1137 -16.32 -84.75 23.44
N ILE I 1138 -15.76 -85.90 23.79
CA ILE I 1138 -16.32 -86.69 24.87
C ILE I 1138 -16.17 -85.95 26.19
N GLU I 1139 -15.00 -85.38 26.46
CA GLU I 1139 -14.79 -84.74 27.75
C GLU I 1139 -15.60 -83.46 27.89
N LYS I 1140 -16.01 -82.82 26.79
CA LYS I 1140 -17.06 -81.82 26.98
C LYS I 1140 -18.33 -82.47 27.49
N LYS I 1141 -18.92 -83.35 26.69
CA LYS I 1141 -20.18 -84.00 27.05
C LYS I 1141 -20.01 -85.51 26.93
N HIS I 1142 -19.51 -86.08 28.04
CA HIS I 1142 -19.44 -87.55 28.18
C HIS I 1142 -20.50 -87.82 29.24
N VAL I 1143 -21.06 -86.75 29.80
CA VAL I 1143 -22.19 -86.88 30.77
C VAL I 1143 -23.42 -86.93 29.88
N SER I 1144 -23.32 -86.31 28.70
CA SER I 1144 -24.44 -86.40 27.71
C SER I 1144 -24.29 -87.74 27.00
N LEU I 1145 -23.18 -88.44 27.23
CA LEU I 1145 -22.98 -89.78 26.63
C LEU I 1145 -23.10 -90.82 27.75
N ASN I 1146 -22.73 -90.46 28.99
CA ASN I 1146 -22.80 -91.40 30.14
C ASN I 1146 -24.20 -92.01 30.17
N LYS I 1147 -25.16 -91.31 29.61
CA LYS I 1147 -26.53 -91.79 29.58
C LYS I 1147 -26.80 -92.46 28.25
N ALA I 1148 -27.57 -93.55 28.29
CA ALA I 1148 -28.00 -94.22 27.07
C ALA I 1148 -28.93 -93.30 26.32
N LYS I 1149 -28.44 -92.69 25.26
CA LYS I 1149 -29.19 -91.73 24.47
C LYS I 1149 -29.44 -92.34 23.09
N LYS I 1150 -30.71 -92.38 22.69
CA LYS I 1150 -31.05 -92.97 21.40
C LYS I 1150 -30.67 -92.04 20.27
N ARG I 1151 -29.39 -91.68 20.20
CA ARG I 1151 -28.86 -91.03 19.03
C ARG I 1151 -28.71 -92.06 17.91
N ARG I 1152 -28.60 -91.57 16.68
CA ARG I 1152 -28.61 -92.46 15.54
C ARG I 1152 -27.40 -93.39 15.55
N LEU I 1153 -27.58 -94.59 14.98
CA LEU I 1153 -26.73 -95.75 15.02
C LEU I 1153 -25.83 -95.82 13.79
N PRO I 1154 -24.57 -96.20 13.98
CA PRO I 1154 -23.69 -96.49 12.85
C PRO I 1154 -23.71 -97.98 12.51
N ARG I 1155 -23.13 -98.29 11.35
CA ARG I 1155 -22.89 -99.69 11.01
C ARG I 1155 -21.84 -100.32 11.91
N GLY I 1156 -20.95 -99.52 12.48
CA GLY I 1156 -19.95 -100.01 13.40
C GLY I 1156 -20.50 -100.44 14.75
N PHE I 1157 -21.77 -100.19 15.01
CA PHE I 1157 -22.44 -100.63 16.23
C PHE I 1157 -23.62 -101.50 15.81
N PRO I 1158 -23.39 -102.80 15.58
CA PRO I 1158 -24.48 -103.69 15.16
C PRO I 1158 -25.64 -103.80 16.14
N PRO I 1159 -25.45 -103.66 17.47
CA PRO I 1159 -26.64 -103.59 18.32
C PRO I 1159 -27.32 -102.23 18.21
N SER I 1160 -28.64 -102.25 18.08
CA SER I 1160 -29.44 -101.02 18.00
C SER I 1160 -30.09 -100.79 19.35
N ALA I 1161 -29.73 -99.69 20.00
CA ALA I 1161 -30.28 -99.36 21.31
C ALA I 1161 -30.01 -97.88 21.60
N SER I 1162 -30.49 -97.44 22.75
CA SER I 1162 -30.20 -96.07 23.21
C SER I 1162 -28.71 -95.97 23.49
N LEU I 1163 -28.02 -95.19 22.65
CA LEU I 1163 -26.56 -95.22 22.65
C LEU I 1163 -26.00 -94.54 23.89
N CYS I 1164 -25.07 -95.21 24.56
CA CYS I 1164 -24.42 -94.71 25.75
C CYS I 1164 -22.91 -94.73 25.56
N LEU I 1165 -22.21 -93.92 26.36
CA LEU I 1165 -20.75 -94.00 26.37
C LEU I 1165 -20.31 -95.41 26.74
N LEU I 1166 -20.98 -96.01 27.73
CA LEU I 1166 -20.69 -97.39 28.07
C LEU I 1166 -20.89 -98.31 26.89
N ASP I 1167 -21.85 -98.01 26.02
CA ASP I 1167 -22.11 -98.87 24.87
C ASP I 1167 -20.91 -98.93 23.95
N LEU I 1168 -20.39 -97.77 23.55
CA LEU I 1168 -19.20 -97.74 22.71
C LEU I 1168 -18.01 -98.33 23.44
N VAL I 1169 -17.90 -98.07 24.75
CA VAL I 1169 -16.78 -98.60 25.53
C VAL I 1169 -16.76 -100.13 25.47
N LYS I 1170 -17.91 -100.74 25.74
CA LYS I 1170 -17.97 -102.20 25.77
C LYS I 1170 -17.84 -102.78 24.38
N TRP I 1171 -18.36 -102.09 23.36
CA TRP I 1171 -18.13 -102.54 21.99
C TRP I 1171 -16.65 -102.57 21.67
N LEU I 1172 -15.94 -101.49 22.00
CA LEU I 1172 -14.51 -101.44 21.77
C LEU I 1172 -13.80 -102.55 22.50
N LEU I 1173 -14.15 -102.76 23.77
CA LEU I 1173 -13.51 -103.82 24.54
C LEU I 1173 -13.73 -105.18 23.90
N ALA I 1174 -14.97 -105.45 23.49
CA ALA I 1174 -15.27 -106.71 22.83
C ALA I 1174 -14.56 -106.84 21.49
N HIS I 1175 -14.21 -105.72 20.86
CA HIS I 1175 -13.51 -105.73 19.59
C HIS I 1175 -12.03 -105.41 19.75
N CYS I 1176 -11.53 -105.37 20.98
CA CYS I 1176 -10.10 -105.30 21.23
C CYS I 1176 -9.44 -106.62 20.81
N GLY I 1177 -8.14 -106.70 20.99
CA GLY I 1177 -7.39 -107.84 20.48
C GLY I 1177 -7.38 -107.89 18.97
N ARG I 1178 -7.19 -106.74 18.33
CA ARG I 1178 -7.34 -106.57 16.89
C ARG I 1178 -6.14 -107.14 16.16
N PRO I 1179 -6.35 -107.75 14.99
CA PRO I 1179 -5.20 -108.23 14.20
C PRO I 1179 -4.23 -107.12 13.86
N GLN I 1180 -4.73 -105.93 13.56
CA GLN I 1180 -3.86 -104.76 13.43
C GLN I 1180 -3.35 -104.44 14.82
N THR I 1181 -2.15 -104.92 15.13
CA THR I 1181 -1.62 -104.80 16.49
C THR I 1181 -1.61 -103.37 16.97
N GLU I 1182 -1.30 -102.41 16.10
CA GLU I 1182 -1.28 -101.03 16.53
C GLU I 1182 -2.65 -100.38 16.51
N CYS I 1183 -3.56 -100.83 15.63
CA CYS I 1183 -4.95 -100.42 15.78
C CYS I 1183 -5.51 -100.94 17.10
N ARG I 1184 -5.20 -102.18 17.42
CA ARG I 1184 -5.49 -102.71 18.75
C ARG I 1184 -4.92 -101.80 19.83
N HIS I 1185 -3.65 -101.41 19.68
CA HIS I 1185 -3.00 -100.61 20.71
C HIS I 1185 -3.68 -99.26 20.87
N LYS I 1186 -3.97 -98.60 19.77
CA LYS I 1186 -4.66 -97.32 19.82
C LYS I 1186 -6.03 -97.48 20.46
N SER I 1187 -6.75 -98.53 20.07
CA SER I 1187 -8.08 -98.79 20.60
C SER I 1187 -8.04 -98.98 22.10
N ILE I 1188 -7.11 -99.82 22.57
CA ILE I 1188 -7.06 -100.10 24.00
C ILE I 1188 -6.54 -98.90 24.77
N GLU I 1189 -5.67 -98.09 24.17
CA GLU I 1189 -5.20 -96.90 24.86
C GLU I 1189 -6.33 -95.91 25.06
N LEU I 1190 -7.07 -95.61 23.99
CA LEU I 1190 -8.21 -94.73 24.12
C LEU I 1190 -9.27 -95.33 25.04
N PHE I 1191 -9.41 -96.65 25.02
CA PHE I 1191 -10.32 -97.34 25.90
C PHE I 1191 -9.95 -97.11 27.36
N TYR I 1192 -8.67 -97.34 27.69
CA TYR I 1192 -8.21 -97.16 29.06
C TYR I 1192 -8.35 -95.72 29.52
N LYS I 1193 -7.97 -94.77 28.68
CA LYS I 1193 -8.17 -93.38 29.08
C LYS I 1193 -9.64 -93.00 29.06
N PHE I 1194 -10.50 -93.84 28.50
CA PHE I 1194 -11.93 -93.65 28.60
C PHE I 1194 -12.54 -94.43 29.75
N VAL I 1195 -11.75 -95.27 30.43
CA VAL I 1195 -12.19 -95.81 31.72
C VAL I 1195 -12.50 -94.69 32.69
N PRO I 1196 -11.71 -93.62 32.78
CA PRO I 1196 -12.19 -92.46 33.55
C PRO I 1196 -13.49 -91.89 33.04
N LEU I 1197 -13.73 -91.98 31.73
CA LEU I 1197 -14.94 -91.42 31.15
C LEU I 1197 -16.17 -92.28 31.40
N LEU I 1198 -16.00 -93.42 32.05
CA LEU I 1198 -17.07 -94.41 32.15
C LEU I 1198 -18.26 -93.85 32.94
N PRO I 1199 -19.48 -94.08 32.46
CA PRO I 1199 -20.65 -93.83 33.31
C PRO I 1199 -20.64 -94.77 34.51
N GLY I 1200 -21.17 -94.30 35.62
CA GLY I 1200 -21.20 -95.11 36.83
C GLY I 1200 -19.85 -95.18 37.49
N ASN I 1201 -19.17 -96.32 37.35
CA ASN I 1201 -17.80 -96.45 37.82
C ASN I 1201 -16.94 -95.36 37.21
N ARG I 1202 -16.20 -94.64 38.07
CA ARG I 1202 -15.55 -93.43 37.59
C ARG I 1202 -14.24 -93.74 36.87
N SER I 1203 -13.25 -94.25 37.59
CA SER I 1203 -12.04 -94.70 36.92
C SER I 1203 -11.45 -95.94 37.57
N PRO I 1204 -12.24 -96.96 37.90
CA PRO I 1204 -11.70 -98.06 38.70
C PRO I 1204 -11.25 -99.26 37.88
N ASN I 1205 -10.22 -99.94 38.37
CA ASN I 1205 -10.08 -101.34 38.02
C ASN I 1205 -11.22 -102.16 38.60
N LEU I 1206 -11.92 -101.62 39.60
CA LEU I 1206 -13.10 -102.28 40.13
C LEU I 1206 -14.14 -102.48 39.04
N TRP I 1207 -14.23 -101.55 38.09
CA TRP I 1207 -15.10 -101.79 36.95
C TRP I 1207 -14.60 -102.98 36.14
N LEU I 1208 -13.28 -103.10 35.99
CA LEU I 1208 -12.74 -104.29 35.33
C LEU I 1208 -13.09 -105.55 36.09
N LYS I 1209 -13.20 -105.46 37.41
CA LYS I 1209 -13.65 -106.61 38.19
C LYS I 1209 -15.12 -106.89 37.94
N ASP I 1210 -15.92 -105.83 37.82
CA ASP I 1210 -17.35 -106.00 37.55
C ASP I 1210 -17.57 -106.71 36.22
N VAL I 1211 -16.85 -106.28 35.19
CA VAL I 1211 -16.93 -106.96 33.90
C VAL I 1211 -16.23 -108.31 33.96
N LEU I 1212 -15.35 -108.51 34.93
CA LEU I 1212 -14.65 -109.78 35.10
C LEU I 1212 -15.53 -110.84 35.75
N LYS I 1213 -16.62 -110.45 36.40
CA LYS I 1213 -17.50 -111.41 37.06
C LYS I 1213 -17.99 -112.47 36.09
N GLU I 1214 -18.13 -112.12 34.81
CA GLU I 1214 -18.54 -113.04 33.77
C GLU I 1214 -17.37 -113.55 32.94
N GLU I 1215 -16.42 -112.68 32.62
CA GLU I 1215 -15.30 -113.03 31.73
C GLU I 1215 -14.07 -113.41 32.55
N GLY I 1216 -14.20 -114.50 33.31
CA GLY I 1216 -13.07 -114.97 34.09
C GLY I 1216 -11.90 -115.38 33.23
N VAL I 1217 -12.17 -115.97 32.06
CA VAL I 1217 -11.13 -116.42 31.15
C VAL I 1217 -11.44 -115.90 29.76
N SER I 1218 -12.60 -115.27 29.60
CA SER I 1218 -13.01 -114.80 28.28
C SER I 1218 -12.13 -113.67 27.78
N PHE I 1219 -11.59 -112.85 28.69
CA PHE I 1219 -10.64 -111.82 28.28
C PHE I 1219 -9.41 -112.42 27.64
N LEU I 1220 -9.04 -113.65 28.03
CA LEU I 1220 -7.88 -114.33 27.49
C LEU I 1220 -7.99 -114.53 25.98
N ILE I 1221 -9.20 -114.54 25.45
CA ILE I 1221 -9.39 -114.75 24.01
C ILE I 1221 -10.26 -113.64 23.45
N ASN I 1222 -10.48 -112.60 24.25
CA ASN I 1222 -11.11 -111.38 23.78
C ASN I 1222 -10.16 -110.20 23.80
N THR I 1223 -9.64 -109.84 24.97
CA THR I 1223 -8.57 -108.85 25.03
C THR I 1223 -7.27 -109.41 24.50
N PHE I 1224 -7.16 -110.74 24.45
CA PHE I 1224 -6.03 -111.45 23.87
C PHE I 1224 -6.54 -112.47 22.87
N GLU I 1225 -7.39 -111.98 21.95
CA GLU I 1225 -8.11 -112.84 21.03
C GLU I 1225 -7.17 -113.73 20.21
N GLY I 1226 -5.94 -113.29 20.03
CA GLY I 1226 -4.94 -114.13 19.37
C GLY I 1226 -4.06 -114.87 20.35
N GLY I 1227 -2.75 -114.79 20.14
CA GLY I 1227 -1.80 -115.49 20.97
C GLY I 1227 -1.83 -116.97 20.67
N GLY I 1228 -2.92 -117.62 21.04
CA GLY I 1228 -3.22 -118.94 20.56
C GLY I 1228 -4.42 -118.87 19.64
N CYS I 1229 -5.23 -117.81 19.83
CA CYS I 1229 -6.51 -117.67 19.15
C CYS I 1229 -7.34 -118.94 19.30
N GLY I 1230 -7.14 -119.63 20.42
CA GLY I 1230 -7.48 -121.03 20.51
C GLY I 1230 -6.39 -121.85 19.86
N GLN I 1231 -6.71 -122.52 18.78
CA GLN I 1231 -5.75 -123.31 18.01
C GLN I 1231 -4.91 -122.47 17.03
N PRO I 1232 -5.53 -121.61 16.18
CA PRO I 1232 -4.79 -121.05 15.03
C PRO I 1232 -3.50 -120.33 15.40
N SER I 1233 -3.60 -119.29 16.22
CA SER I 1233 -2.40 -118.59 16.65
C SER I 1233 -1.52 -119.45 17.55
N GLY I 1234 -2.04 -120.58 18.03
CA GLY I 1234 -1.28 -121.47 18.87
C GLY I 1234 -0.39 -122.42 18.10
N ILE I 1235 -0.95 -123.05 17.06
CA ILE I 1235 -0.28 -124.15 16.39
C ILE I 1235 0.24 -123.74 15.01
N LEU I 1236 -0.57 -122.99 14.25
CA LEU I 1236 -0.31 -122.79 12.83
C LEU I 1236 1.05 -122.14 12.58
N ALA I 1237 1.61 -121.45 13.56
CA ALA I 1237 2.95 -120.89 13.38
C ALA I 1237 4.00 -121.97 13.17
N GLN I 1238 3.70 -123.21 13.56
CA GLN I 1238 4.66 -124.29 13.33
C GLN I 1238 4.67 -124.76 11.88
N PRO I 1239 3.54 -125.17 11.27
CA PRO I 1239 3.61 -125.63 9.87
C PRO I 1239 3.46 -124.49 8.88
N THR I 1240 2.98 -123.35 9.34
CA THR I 1240 2.73 -122.21 8.48
C THR I 1240 3.23 -120.91 9.13
N SER I 1249 3.48 -119.18 3.37
CA SER I 1249 2.52 -118.86 4.41
C SER I 1249 3.15 -117.92 5.44
N LEU I 1250 4.28 -117.31 5.06
CA LEU I 1250 4.97 -116.40 5.97
C LEU I 1250 4.11 -115.18 6.28
N GLN I 1251 3.24 -114.77 5.36
CA GLN I 1251 2.34 -113.67 5.64
C GLN I 1251 1.40 -114.02 6.80
N ALA I 1252 0.91 -115.25 6.83
CA ALA I 1252 0.12 -115.71 7.96
C ALA I 1252 0.96 -115.75 9.23
N THR I 1253 2.24 -116.13 9.10
CA THR I 1253 3.12 -116.12 10.26
C THR I 1253 3.27 -114.72 10.81
N LEU I 1254 3.41 -113.73 9.93
CA LEU I 1254 3.54 -112.35 10.38
C LEU I 1254 2.24 -111.82 10.97
N CYS I 1255 1.11 -112.26 10.42
CA CYS I 1255 -0.18 -111.89 11.01
C CYS I 1255 -0.30 -112.46 12.42
N TRP I 1256 0.11 -113.71 12.60
CA TRP I 1256 0.14 -114.29 13.93
C TRP I 1256 1.08 -113.50 14.83
N LEU I 1257 2.23 -113.09 14.30
CA LEU I 1257 3.18 -112.30 15.08
C LEU I 1257 2.55 -111.02 15.58
N ASP I 1258 1.90 -110.28 14.68
CA ASP I 1258 1.35 -108.98 15.07
C ASP I 1258 0.20 -109.14 16.05
N LEU I 1259 -0.69 -110.11 15.80
CA LEU I 1259 -1.81 -110.30 16.73
C LEU I 1259 -1.32 -110.79 18.09
N LEU I 1260 -0.30 -111.66 18.10
CA LEU I 1260 0.26 -112.14 19.35
C LEU I 1260 0.89 -110.99 20.14
N LEU I 1261 1.69 -110.17 19.47
CA LEU I 1261 2.28 -109.02 20.15
C LEU I 1261 1.22 -108.02 20.59
N ALA I 1262 0.11 -107.95 19.86
CA ALA I 1262 -1.02 -107.14 20.30
C ALA I 1262 -1.55 -107.66 21.63
N ALA I 1263 -1.71 -108.97 21.73
CA ALA I 1263 -2.14 -109.57 23.00
C ALA I 1263 -1.14 -109.29 24.11
N LEU I 1264 0.16 -109.41 23.81
CA LEU I 1264 1.18 -109.15 24.81
C LEU I 1264 1.16 -107.70 25.28
N GLU I 1265 0.99 -106.76 24.36
CA GLU I 1265 0.89 -105.37 24.77
C GLU I 1265 -0.36 -105.12 25.59
N CYS I 1266 -1.45 -105.82 25.27
CA CYS I 1266 -2.64 -105.74 26.10
C CYS I 1266 -2.36 -106.25 27.51
N TYR I 1267 -1.66 -107.38 27.61
CA TYR I 1267 -1.21 -107.89 28.90
C TYR I 1267 -0.41 -106.83 29.63
N ASN I 1268 0.53 -106.20 28.94
CA ASN I 1268 1.42 -105.23 29.55
C ASN I 1268 0.64 -104.04 30.08
N THR I 1269 -0.30 -103.54 29.29
CA THR I 1269 -1.11 -102.42 29.72
C THR I 1269 -1.94 -102.79 30.94
N PHE I 1270 -2.50 -104.00 30.94
CA PHE I 1270 -3.30 -104.44 32.07
C PHE I 1270 -2.47 -104.54 33.34
N ILE I 1271 -1.31 -105.21 33.25
CA ILE I 1271 -0.51 -105.46 34.45
C ILE I 1271 0.13 -104.17 34.95
N GLY I 1272 0.61 -103.32 34.04
CA GLY I 1272 1.24 -102.08 34.45
C GLY I 1272 0.27 -101.13 35.12
N GLU I 1273 -0.97 -101.09 34.62
CA GLU I 1273 -2.00 -100.31 35.27
C GLU I 1273 -2.32 -100.84 36.67
N ARG I 1274 -1.90 -102.07 36.97
CA ARG I 1274 -2.33 -102.83 38.14
C ARG I 1274 -3.84 -103.06 38.13
N THR I 1275 -4.50 -102.75 37.01
CA THR I 1275 -5.92 -103.01 36.87
C THR I 1275 -6.24 -104.49 36.86
N VAL I 1276 -5.24 -105.35 36.71
CA VAL I 1276 -5.40 -106.79 36.74
C VAL I 1276 -4.36 -107.35 37.70
N GLY I 1277 -4.67 -108.52 38.26
CA GLY I 1277 -3.71 -109.25 39.06
C GLY I 1277 -2.87 -110.19 38.22
N ALA I 1278 -1.63 -110.39 38.67
CA ALA I 1278 -0.72 -111.28 37.95
C ALA I 1278 -1.24 -112.71 37.94
N LEU I 1279 -1.76 -113.17 39.08
CA LEU I 1279 -2.36 -114.51 39.13
C LEU I 1279 -3.57 -114.62 38.21
N GLN I 1280 -4.29 -113.52 37.98
CA GLN I 1280 -5.38 -113.58 37.02
C GLN I 1280 -4.89 -114.03 35.66
N VAL I 1281 -4.04 -113.22 35.02
CA VAL I 1281 -3.57 -113.51 33.68
C VAL I 1281 -2.78 -114.81 33.64
N LEU I 1282 -2.03 -115.12 34.69
CA LEU I 1282 -1.30 -116.39 34.77
C LEU I 1282 -1.74 -117.12 36.04
N GLY I 1283 -2.89 -117.77 35.96
CA GLY I 1283 -3.36 -118.69 36.97
C GLY I 1283 -4.87 -118.74 37.07
N THR I 1284 -5.57 -117.74 36.53
CA THR I 1284 -7.01 -117.84 36.32
C THR I 1284 -7.35 -117.91 34.84
N GLU I 1285 -6.68 -117.11 34.02
CA GLU I 1285 -6.70 -117.29 32.57
C GLU I 1285 -5.29 -117.56 32.11
N ALA I 1286 -4.60 -118.47 32.80
CA ALA I 1286 -3.21 -118.78 32.50
C ALA I 1286 -3.05 -119.21 31.05
N GLN I 1287 -2.39 -118.37 30.25
CA GLN I 1287 -2.26 -118.61 28.82
C GLN I 1287 -1.03 -119.48 28.59
N SER I 1288 -1.26 -120.79 28.39
CA SER I 1288 -0.18 -121.66 27.97
C SER I 1288 0.39 -121.25 26.62
N SER I 1289 -0.37 -120.50 25.82
CA SER I 1289 0.15 -119.98 24.57
C SER I 1289 1.28 -119.00 24.80
N LEU I 1290 1.40 -118.43 26.00
CA LEU I 1290 2.56 -117.61 26.31
C LEU I 1290 3.83 -118.43 26.24
N LEU I 1291 3.85 -119.56 26.95
CA LEU I 1291 5.02 -120.44 26.89
C LEU I 1291 5.13 -121.11 25.53
N LYS I 1292 4.00 -121.30 24.84
CA LYS I 1292 4.03 -121.71 23.45
C LYS I 1292 4.88 -120.76 22.62
N ALA I 1293 4.58 -119.46 22.69
CA ALA I 1293 5.37 -118.48 21.98
C ALA I 1293 6.80 -118.45 22.49
N VAL I 1294 6.99 -118.73 23.78
CA VAL I 1294 8.33 -118.80 24.35
C VAL I 1294 9.15 -119.85 23.61
N ALA I 1295 8.57 -121.04 23.44
CA ALA I 1295 9.22 -122.08 22.66
C ALA I 1295 9.33 -121.70 21.20
N PHE I 1296 8.34 -120.96 20.68
CA PHE I 1296 8.39 -120.57 19.28
C PHE I 1296 9.54 -119.62 19.00
N PHE I 1297 9.93 -118.84 20.00
CA PHE I 1297 11.15 -118.04 19.85
C PHE I 1297 12.36 -118.94 19.66
N LEU I 1298 12.33 -120.15 20.20
CA LEU I 1298 13.36 -121.13 19.92
C LEU I 1298 13.14 -121.84 18.59
N GLU I 1299 11.89 -121.90 18.10
CA GLU I 1299 11.66 -122.61 16.86
C GLU I 1299 12.13 -121.79 15.65
N SER I 1300 12.03 -120.46 15.72
CA SER I 1300 12.52 -119.63 14.64
C SER I 1300 13.35 -118.43 15.10
N ILE I 1301 12.97 -117.80 16.21
CA ILE I 1301 13.39 -116.43 16.48
C ILE I 1301 14.84 -116.43 16.96
N ALA I 1302 15.75 -115.92 16.11
CA ALA I 1302 17.16 -115.68 16.36
C ALA I 1302 18.03 -116.92 16.26
N MET I 1303 17.46 -118.10 16.00
CA MET I 1303 18.30 -119.24 15.65
C MET I 1303 17.88 -119.90 14.35
N HIS I 1304 16.60 -119.86 14.02
CA HIS I 1304 16.09 -120.49 12.80
C HIS I 1304 15.51 -119.39 11.92
N ASP I 1305 16.36 -118.77 11.12
CA ASP I 1305 15.99 -117.61 10.33
C ASP I 1305 15.82 -117.92 8.85
N ILE I 1306 16.11 -119.15 8.42
CA ILE I 1306 15.85 -119.52 7.03
C ILE I 1306 14.34 -119.50 6.76
N ILE I 1307 13.56 -120.06 7.67
CA ILE I 1307 12.11 -120.02 7.60
C ILE I 1307 11.59 -120.03 9.03
N ALA I 1308 10.27 -119.94 9.20
CA ALA I 1308 9.65 -119.89 10.52
C ALA I 1308 9.34 -121.27 11.07
N ALA I 1309 10.12 -122.28 10.68
CA ALA I 1309 9.88 -123.70 10.89
C ALA I 1309 8.65 -124.18 10.14
N GLU I 1310 7.99 -123.31 9.38
CA GLU I 1310 6.86 -123.73 8.56
C GLU I 1310 7.31 -124.67 7.45
N LYS I 1311 8.54 -124.52 6.98
CA LYS I 1311 9.15 -125.34 5.94
C LYS I 1311 8.33 -125.35 4.64
N CYS I 1312 7.30 -124.51 4.56
CA CYS I 1312 6.52 -124.37 3.34
C CYS I 1312 6.83 -123.09 2.59
N PHE I 1313 7.46 -122.12 3.24
CA PHE I 1313 7.94 -120.90 2.59
C PHE I 1313 6.81 -120.13 1.93
N THR I 1322 17.36 -110.64 3.18
CA THR I 1322 17.44 -109.78 2.00
C THR I 1322 16.05 -109.46 1.48
N SER I 1323 15.93 -108.34 0.76
CA SER I 1323 14.63 -107.85 0.35
C SER I 1323 13.81 -108.84 -0.48
N PRO I 1324 14.37 -109.58 -1.45
CA PRO I 1324 13.53 -110.56 -2.15
C PRO I 1324 12.92 -111.59 -1.20
N GLN I 1325 13.66 -111.99 -0.18
CA GLN I 1325 13.12 -112.79 0.90
C GLN I 1325 12.60 -111.93 2.04
N GLU I 1326 12.79 -110.61 1.95
CA GLU I 1326 12.44 -109.67 3.03
C GLU I 1326 13.06 -110.13 4.34
N GLY I 1327 14.30 -110.59 4.27
CA GLY I 1327 15.03 -110.91 5.48
C GLY I 1327 15.17 -109.72 6.40
N GLU I 1328 15.23 -108.52 5.82
CA GLU I 1328 15.16 -107.31 6.64
C GLU I 1328 13.83 -107.22 7.35
N ARG I 1329 12.73 -107.51 6.64
CA ARG I 1329 11.43 -107.49 7.29
C ARG I 1329 11.31 -108.60 8.32
N TYR I 1330 11.88 -109.77 8.02
CA TYR I 1330 11.87 -110.85 9.00
C TYR I 1330 12.62 -110.47 10.26
N ASN I 1331 13.77 -109.84 10.12
CA ASN I 1331 14.51 -109.36 11.27
C ASN I 1331 13.74 -108.26 12.00
N TYR I 1332 13.03 -107.42 11.26
CA TYR I 1332 12.17 -106.42 11.89
C TYR I 1332 11.13 -107.09 12.77
N SER I 1333 10.44 -108.10 12.22
CA SER I 1333 9.46 -108.83 13.01
C SER I 1333 10.12 -109.48 14.21
N LYS I 1334 11.29 -110.08 14.01
CA LYS I 1334 12.01 -110.71 15.10
C LYS I 1334 12.30 -109.71 16.21
N CYS I 1335 12.88 -108.56 15.86
CA CYS I 1335 13.24 -107.57 16.85
C CYS I 1335 12.02 -106.98 17.52
N THR I 1336 10.92 -106.84 16.77
CA THR I 1336 9.68 -106.34 17.36
C THR I 1336 9.16 -107.32 18.41
N VAL I 1337 9.18 -108.61 18.06
CA VAL I 1337 8.79 -109.63 19.03
C VAL I 1337 9.72 -109.59 20.22
N VAL I 1338 11.01 -109.43 19.98
CA VAL I 1338 12.00 -109.45 21.06
C VAL I 1338 11.73 -108.30 22.03
N VAL I 1339 11.53 -107.10 21.50
CA VAL I 1339 11.32 -105.96 22.39
C VAL I 1339 10.01 -106.13 23.15
N ARG I 1340 8.94 -106.57 22.46
CA ARG I 1340 7.67 -106.77 23.16
C ARG I 1340 7.82 -107.77 24.30
N ILE I 1341 8.40 -108.93 24.00
CA ILE I 1341 8.49 -109.99 25.00
C ILE I 1341 9.45 -109.62 26.11
N MET I 1342 10.50 -108.85 25.81
CA MET I 1342 11.46 -108.51 26.85
C MET I 1342 10.92 -107.42 27.76
N GLU I 1343 10.18 -106.46 27.21
CA GLU I 1343 9.45 -105.53 28.06
C GLU I 1343 8.47 -106.28 28.94
N PHE I 1344 7.75 -107.24 28.36
CA PHE I 1344 6.83 -108.03 29.17
C PHE I 1344 7.58 -108.86 30.20
N THR I 1345 8.82 -109.24 29.92
CA THR I 1345 9.62 -109.97 30.89
C THR I 1345 9.99 -109.08 32.06
N THR I 1346 10.40 -107.84 31.77
CA THR I 1346 10.64 -106.87 32.83
C THR I 1346 9.40 -106.72 33.70
N THR I 1347 8.24 -106.55 33.06
CA THR I 1347 6.99 -106.45 33.81
C THR I 1347 6.74 -107.71 34.63
N LEU I 1348 6.97 -108.88 34.04
CA LEU I 1348 6.86 -110.15 34.74
C LEU I 1348 7.76 -110.19 35.96
N LEU I 1349 8.85 -109.44 35.94
CA LEU I 1349 9.60 -109.22 37.16
C LEU I 1349 9.07 -108.01 37.91
N ASN I 1350 8.77 -106.92 37.19
CA ASN I 1350 8.35 -105.67 37.83
C ASN I 1350 6.87 -105.69 38.21
N THR I 1351 5.98 -105.79 37.23
CA THR I 1351 4.55 -105.77 37.53
C THR I 1351 4.15 -106.97 38.38
N SER I 1352 4.88 -108.08 38.24
CA SER I 1352 4.69 -109.23 39.10
C SER I 1352 5.95 -109.45 39.92
N PRO I 1353 6.00 -108.98 41.17
CA PRO I 1353 7.23 -109.11 41.97
C PRO I 1353 7.47 -110.53 42.45
N GLU I 1354 8.41 -110.68 43.38
CA GLU I 1354 8.72 -111.95 44.04
C GLU I 1354 7.46 -112.73 44.37
N GLY I 1355 6.36 -112.04 44.66
CA GLY I 1355 5.11 -112.72 44.92
C GLY I 1355 4.65 -113.58 43.76
N TRP I 1356 4.83 -113.08 42.53
CA TRP I 1356 4.46 -113.83 41.34
C TRP I 1356 5.68 -114.18 40.49
N LYS I 1357 6.82 -114.37 41.13
CA LYS I 1357 7.99 -114.89 40.41
C LYS I 1357 7.75 -116.29 39.90
N LEU I 1358 6.75 -117.01 40.45
CA LEU I 1358 6.40 -118.31 39.93
C LEU I 1358 5.81 -118.21 38.53
N LEU I 1359 5.28 -117.04 38.17
CA LEU I 1359 4.88 -116.82 36.78
C LEU I 1359 6.09 -116.74 35.87
N LYS I 1360 7.21 -116.22 36.38
CA LYS I 1360 8.47 -116.37 35.68
C LYS I 1360 8.92 -117.82 35.69
N LYS I 1361 8.61 -118.57 36.74
CA LYS I 1361 8.87 -120.00 36.73
C LYS I 1361 8.09 -120.72 35.64
N ASP I 1362 7.02 -120.11 35.14
CA ASP I 1362 6.35 -120.67 33.97
C ASP I 1362 7.28 -120.68 32.77
N LEU I 1363 8.20 -119.71 32.71
CA LEU I 1363 9.25 -119.75 31.70
C LEU I 1363 10.15 -120.96 31.88
N CYS I 1364 10.19 -121.53 33.09
CA CYS I 1364 10.93 -122.74 33.39
C CYS I 1364 12.38 -122.64 32.98
N ASN I 1365 12.78 -123.38 31.94
CA ASN I 1365 14.16 -123.33 31.47
C ASN I 1365 14.55 -121.90 31.11
N THR I 1366 13.60 -121.12 30.63
CA THR I 1366 13.82 -119.72 30.26
C THR I 1366 15.02 -119.62 29.32
N HIS I 1367 14.85 -120.20 28.14
CA HIS I 1367 15.82 -120.00 27.07
C HIS I 1367 16.11 -118.53 26.85
N LEU I 1368 15.22 -117.67 27.33
CA LEU I 1368 15.52 -116.24 27.41
C LEU I 1368 16.84 -116.01 28.11
N MET I 1369 17.05 -116.68 29.25
CA MET I 1369 18.26 -116.43 30.04
C MET I 1369 19.52 -116.71 29.23
N ARG I 1370 19.40 -117.51 28.17
CA ARG I 1370 20.55 -117.90 27.37
C ARG I 1370 20.53 -117.34 25.96
N VAL I 1371 19.49 -116.64 25.54
CA VAL I 1371 19.44 -116.01 24.23
C VAL I 1371 19.33 -114.50 24.32
N LEU I 1372 18.47 -113.97 25.20
CA LEU I 1372 18.33 -112.53 25.25
C LEU I 1372 19.57 -111.88 25.82
N VAL I 1373 20.30 -112.58 26.69
CA VAL I 1373 21.57 -112.05 27.15
C VAL I 1373 22.51 -111.84 25.98
N GLN I 1374 22.53 -112.80 25.04
CA GLN I 1374 23.31 -112.63 23.82
C GLN I 1374 22.80 -111.45 23.02
N THR I 1375 21.48 -111.32 22.91
CA THR I 1375 20.90 -110.22 22.14
C THR I 1375 21.31 -108.87 22.72
N LEU I 1376 21.26 -108.75 24.04
CA LEU I 1376 21.56 -107.48 24.69
C LEU I 1376 23.04 -107.17 24.57
N CYS I 1377 23.90 -108.14 24.87
CA CYS I 1377 25.33 -107.93 24.71
C CYS I 1377 25.70 -107.77 23.24
N GLU I 1378 25.06 -108.54 22.36
CA GLU I 1378 25.29 -108.44 20.93
C GLU I 1378 23.95 -108.48 20.21
N PRO I 1379 23.47 -107.33 19.73
CA PRO I 1379 22.30 -107.33 18.83
C PRO I 1379 22.50 -108.18 17.60
N ALA I 1380 23.73 -108.65 17.36
CA ALA I 1380 23.96 -109.74 16.43
C ALA I 1380 23.24 -111.02 16.84
N SER I 1381 22.53 -111.01 17.97
CA SER I 1381 21.76 -112.16 18.42
C SER I 1381 20.26 -111.97 18.28
N ILE I 1382 19.81 -110.82 17.79
CA ILE I 1382 18.42 -110.66 17.36
C ILE I 1382 18.43 -110.63 15.84
N GLY I 1383 19.41 -111.30 15.24
CA GLY I 1383 19.76 -111.08 13.86
C GLY I 1383 20.99 -110.23 13.84
N PHE I 1384 20.84 -108.95 13.52
CA PHE I 1384 21.90 -107.98 13.75
C PHE I 1384 21.38 -106.61 14.17
N ASN I 1385 20.07 -106.47 14.38
CA ASN I 1385 19.43 -105.17 14.58
C ASN I 1385 19.78 -104.22 13.42
N ILE I 1386 19.77 -104.78 12.21
CA ILE I 1386 20.00 -103.96 11.02
C ILE I 1386 18.86 -102.96 10.87
N GLY I 1387 19.17 -101.82 10.25
CA GLY I 1387 18.24 -100.73 10.18
C GLY I 1387 18.66 -99.72 11.22
N ASP I 1388 19.21 -100.23 12.31
CA ASP I 1388 19.84 -99.41 13.34
C ASP I 1388 18.95 -98.25 13.75
N VAL I 1389 17.80 -98.61 14.32
CA VAL I 1389 16.74 -97.64 14.57
C VAL I 1389 16.59 -97.42 16.06
N GLN I 1390 15.61 -96.60 16.44
CA GLN I 1390 15.33 -96.24 17.82
C GLN I 1390 15.45 -97.42 18.79
N VAL I 1391 15.11 -98.62 18.31
CA VAL I 1391 15.07 -99.78 19.21
C VAL I 1391 16.44 -100.03 19.82
N MET I 1392 17.51 -99.84 19.05
CA MET I 1392 18.82 -100.13 19.61
C MET I 1392 19.22 -99.06 20.61
N ALA I 1393 18.87 -97.80 20.34
CA ALA I 1393 19.14 -96.75 21.32
C ALA I 1393 18.32 -96.97 22.57
N HIS I 1394 17.18 -97.62 22.43
CA HIS I 1394 16.39 -98.00 23.59
C HIS I 1394 17.01 -99.18 24.31
N LEU I 1395 17.76 -100.01 23.59
CA LEU I 1395 18.36 -101.20 24.20
C LEU I 1395 19.13 -100.93 25.49
N PRO I 1396 20.01 -99.94 25.57
CA PRO I 1396 20.77 -99.78 26.83
C PRO I 1396 19.89 -99.56 28.05
N ASP I 1397 18.97 -98.60 27.98
CA ASP I 1397 18.18 -98.26 29.16
C ASP I 1397 17.22 -99.39 29.52
N VAL I 1398 16.61 -100.03 28.52
CA VAL I 1398 15.69 -101.11 28.82
C VAL I 1398 16.43 -102.37 29.24
N CYS I 1399 17.67 -102.55 28.79
CA CYS I 1399 18.51 -103.62 29.33
C CYS I 1399 18.82 -103.39 30.79
N VAL I 1400 19.16 -102.15 31.16
CA VAL I 1400 19.33 -101.83 32.57
C VAL I 1400 18.03 -102.07 33.33
N ASN I 1401 16.90 -101.70 32.71
CA ASN I 1401 15.60 -101.98 33.29
C ASN I 1401 15.42 -103.46 33.56
N LEU I 1402 15.72 -104.29 32.56
CA LEU I 1402 15.58 -105.74 32.70
C LEU I 1402 16.51 -106.28 33.78
N MET I 1403 17.75 -105.79 33.82
CA MET I 1403 18.69 -106.27 34.81
C MET I 1403 18.28 -105.88 36.23
N LYS I 1404 17.74 -104.67 36.41
CA LYS I 1404 17.23 -104.29 37.72
C LYS I 1404 16.00 -105.11 38.09
N ALA I 1405 15.13 -105.37 37.11
CA ALA I 1405 13.98 -106.23 37.34
C ALA I 1405 14.41 -107.62 37.76
N LEU I 1406 15.47 -108.14 37.13
CA LEU I 1406 16.06 -109.40 37.55
C LEU I 1406 16.61 -109.30 38.97
N LYS I 1407 17.22 -108.16 39.30
CA LYS I 1407 17.76 -107.95 40.63
C LYS I 1407 16.67 -108.05 41.69
N MET I 1408 15.50 -107.47 41.41
CA MET I 1408 14.37 -107.61 42.33
C MET I 1408 13.60 -108.91 42.08
N SER I 1409 14.15 -109.77 41.22
CA SER I 1409 13.63 -111.10 40.90
C SER I 1409 14.58 -112.15 41.47
N PRO I 1410 14.07 -113.35 41.79
CA PRO I 1410 14.98 -114.40 42.29
C PRO I 1410 16.02 -114.86 41.28
N TYR I 1411 15.79 -114.63 39.99
CA TYR I 1411 16.70 -115.10 38.95
C TYR I 1411 17.88 -114.18 38.71
N LYS I 1412 18.13 -113.22 39.62
CA LYS I 1412 19.27 -112.33 39.44
C LYS I 1412 20.58 -113.10 39.44
N ASP I 1413 20.73 -114.04 40.38
CA ASP I 1413 21.93 -114.87 40.42
C ASP I 1413 22.01 -115.75 39.18
N ILE I 1414 20.88 -116.28 38.74
CA ILE I 1414 20.87 -117.16 37.58
C ILE I 1414 21.35 -116.41 36.35
N LEU I 1415 20.86 -115.19 36.15
CA LEU I 1415 21.29 -114.41 34.99
C LEU I 1415 22.72 -113.90 35.15
N GLU I 1416 23.14 -113.61 36.38
CA GLU I 1416 24.54 -113.26 36.60
C GLU I 1416 25.45 -114.40 36.17
N THR I 1417 25.13 -115.62 36.60
CA THR I 1417 25.89 -116.77 36.15
C THR I 1417 25.81 -116.91 34.64
N HIS I 1418 24.62 -116.70 34.08
CA HIS I 1418 24.43 -116.80 32.63
C HIS I 1418 25.40 -115.89 31.90
N LEU I 1419 25.41 -114.62 32.26
CA LEU I 1419 26.36 -113.69 31.64
C LEU I 1419 27.79 -114.08 31.97
N ARG I 1420 28.02 -114.73 33.11
CA ARG I 1420 29.36 -115.16 33.44
C ARG I 1420 29.87 -116.18 32.42
N GLU I 1421 29.03 -117.15 32.02
CA GLU I 1421 29.50 -117.99 30.93
C GLU I 1421 29.48 -117.24 29.61
N LYS I 1422 28.60 -116.25 29.47
CA LYS I 1422 28.67 -115.40 28.28
C LYS I 1422 30.01 -114.66 28.24
N ILE I 1423 30.42 -114.12 29.39
CA ILE I 1423 31.75 -113.54 29.52
C ILE I 1423 32.07 -113.40 31.00
N THR I 1424 33.32 -113.67 31.35
CA THR I 1424 33.86 -113.48 32.69
C THR I 1424 35.25 -112.86 32.57
N ALA I 1425 35.33 -111.76 31.82
CA ALA I 1425 36.56 -111.06 31.50
C ALA I 1425 37.52 -111.92 30.69
N GLN I 1426 37.03 -113.01 30.11
CA GLN I 1426 37.88 -113.82 29.24
C GLN I 1426 38.35 -113.04 28.03
N SER I 1427 37.44 -112.27 27.42
CA SER I 1427 37.74 -111.62 26.15
C SER I 1427 38.92 -110.66 26.27
N ILE I 1428 38.94 -109.84 27.32
CA ILE I 1428 39.96 -108.80 27.42
C ILE I 1428 41.36 -109.39 27.48
N GLU I 1429 41.50 -110.58 28.08
CA GLU I 1429 42.82 -111.17 28.26
C GLU I 1429 43.55 -111.34 26.94
N GLU I 1430 42.80 -111.47 25.85
CA GLU I 1430 43.40 -111.50 24.51
C GLU I 1430 43.12 -110.24 23.71
N LEU I 1431 41.98 -109.59 23.93
CA LEU I 1431 41.65 -108.35 23.26
C LEU I 1431 42.51 -107.19 23.71
N CYS I 1432 43.42 -107.43 24.65
CA CYS I 1432 44.49 -106.47 24.89
C CYS I 1432 45.46 -106.36 23.72
N ALA I 1433 45.37 -107.28 22.74
CA ALA I 1433 46.27 -107.29 21.60
C ALA I 1433 45.51 -107.30 20.28
N VAL I 1434 44.53 -106.40 20.13
CA VAL I 1434 43.69 -106.33 18.94
C VAL I 1434 44.37 -105.56 17.82
N ASN I 1435 45.66 -105.26 18.00
CA ASN I 1435 46.45 -104.55 16.98
C ASN I 1435 45.82 -103.19 16.66
N LEU I 1436 45.84 -102.34 17.69
CA LEU I 1436 45.25 -101.01 17.61
C LEU I 1436 46.18 -100.07 16.86
N TYR I 1437 45.88 -98.77 16.93
CA TYR I 1437 46.70 -97.73 16.32
C TYR I 1437 46.79 -97.91 14.81
N GLY I 1438 45.62 -98.05 14.18
CA GLY I 1438 45.55 -98.22 12.75
C GLY I 1438 44.49 -99.20 12.34
N PRO I 1439 44.06 -99.13 11.07
CA PRO I 1439 43.03 -100.05 10.58
C PRO I 1439 43.56 -101.46 10.40
N ASP I 1440 44.11 -102.04 11.45
CA ASP I 1440 44.69 -103.37 11.39
C ASP I 1440 43.61 -104.44 11.46
N ALA I 1441 42.90 -104.50 12.59
CA ALA I 1441 41.74 -105.35 12.75
C ALA I 1441 40.74 -104.58 13.60
N GLN I 1442 39.52 -104.44 13.11
CA GLN I 1442 38.52 -103.60 13.75
C GLN I 1442 37.29 -104.35 14.22
N VAL I 1443 36.97 -105.49 13.61
CA VAL I 1443 35.86 -106.30 14.08
C VAL I 1443 36.12 -106.78 15.49
N ASP I 1444 37.38 -107.07 15.82
CA ASP I 1444 37.75 -107.30 17.21
C ASP I 1444 37.41 -106.09 18.06
N ARG I 1445 37.76 -104.90 17.55
CA ARG I 1445 37.40 -103.67 18.25
C ARG I 1445 35.89 -103.45 18.27
N SER I 1446 35.18 -103.91 17.23
CA SER I 1446 33.73 -103.80 17.24
C SER I 1446 33.12 -104.62 18.37
N ARG I 1447 33.55 -105.88 18.48
CA ARG I 1447 33.07 -106.73 19.57
C ARG I 1447 33.52 -106.18 20.92
N LEU I 1448 34.71 -105.61 20.97
CA LEU I 1448 35.18 -104.98 22.19
C LEU I 1448 34.27 -103.83 22.60
N ALA I 1449 33.86 -103.01 21.63
CA ALA I 1449 32.94 -101.92 21.94
C ALA I 1449 31.59 -102.45 22.38
N ALA I 1450 31.12 -103.53 21.75
CA ALA I 1450 29.84 -104.10 22.16
C ALA I 1450 29.89 -104.60 23.60
N VAL I 1451 30.96 -105.30 23.96
CA VAL I 1451 31.08 -105.78 25.34
C VAL I 1451 31.33 -104.61 26.29
N VAL I 1452 31.98 -103.55 25.83
CA VAL I 1452 32.11 -102.34 26.65
C VAL I 1452 30.73 -101.79 26.98
N SER I 1453 29.88 -101.72 25.97
CA SER I 1453 28.51 -101.24 26.16
C SER I 1453 27.76 -102.14 27.12
N ALA I 1454 27.93 -103.45 26.98
CA ALA I 1454 27.26 -104.39 27.89
C ALA I 1454 27.74 -104.17 29.32
N CYS I 1455 29.05 -104.01 29.51
CA CYS I 1455 29.60 -103.78 30.84
C CYS I 1455 29.06 -102.47 31.42
N LYS I 1456 28.91 -101.44 30.59
CA LYS I 1456 28.40 -100.19 31.10
C LYS I 1456 26.92 -100.25 31.41
N GLN I 1457 26.17 -101.08 30.67
CA GLN I 1457 24.78 -101.33 31.05
C GLN I 1457 24.71 -102.01 32.41
N LEU I 1458 25.58 -103.01 32.63
CA LEU I 1458 25.65 -103.65 33.93
C LEU I 1458 25.99 -102.65 35.02
N HIS I 1459 26.98 -101.80 34.75
CA HIS I 1459 27.35 -100.73 35.66
C HIS I 1459 26.15 -99.86 35.99
N ARG I 1460 25.40 -99.46 34.97
CA ARG I 1460 24.21 -98.65 35.18
C ARG I 1460 23.09 -99.47 35.81
N ALA I 1461 23.08 -100.77 35.61
CA ALA I 1461 22.14 -101.65 36.27
C ALA I 1461 22.66 -102.18 37.59
N GLY I 1462 23.69 -101.55 38.16
CA GLY I 1462 24.21 -101.96 39.44
C GLY I 1462 25.13 -103.15 39.42
N LEU I 1463 25.31 -103.79 38.26
CA LEU I 1463 26.19 -104.95 38.14
C LEU I 1463 27.61 -104.50 37.81
N LEU I 1464 28.18 -103.74 38.75
CA LEU I 1464 29.51 -103.17 38.54
C LEU I 1464 30.59 -104.24 38.67
N HIS I 1465 30.67 -104.86 39.84
CA HIS I 1465 31.68 -105.87 40.11
C HIS I 1465 31.08 -107.23 40.47
N ASN I 1466 29.75 -107.31 40.55
CA ASN I 1466 29.11 -108.60 40.83
C ASN I 1466 29.32 -109.55 39.66
N ILE I 1467 28.76 -109.20 38.50
CA ILE I 1467 29.00 -109.97 37.28
C ILE I 1467 30.47 -109.92 36.91
N LEU I 1468 31.16 -108.86 37.30
CA LEU I 1468 32.57 -108.74 36.99
C LEU I 1468 33.39 -109.72 37.81
N PRO I 1469 34.30 -110.47 37.20
CA PRO I 1469 35.34 -111.14 37.98
C PRO I 1469 36.36 -110.11 38.44
N SER I 1470 36.06 -109.48 39.58
CA SER I 1470 36.83 -108.33 40.05
C SER I 1470 38.32 -108.66 40.11
N GLN I 1471 39.14 -107.61 40.01
CA GLN I 1471 40.58 -107.75 40.01
C GLN I 1471 41.06 -108.48 41.27
N SER I 1472 42.18 -109.18 41.14
CA SER I 1472 42.80 -109.80 42.30
C SER I 1472 43.12 -108.74 43.36
N THR I 1473 43.68 -107.62 42.93
CA THR I 1473 43.77 -106.46 43.79
C THR I 1473 42.42 -105.78 43.89
N ASP I 1474 42.26 -104.96 44.94
CA ASP I 1474 41.02 -104.22 45.11
C ASP I 1474 40.77 -103.26 43.95
N LEU I 1475 41.82 -102.79 43.29
CA LEU I 1475 41.70 -101.87 42.17
C LEU I 1475 41.91 -102.63 40.86
N HIS I 1476 41.03 -102.39 39.88
CA HIS I 1476 41.04 -103.13 38.62
C HIS I 1476 42.04 -102.49 37.67
N HIS I 1477 43.29 -102.94 37.80
CA HIS I 1477 44.37 -102.51 36.93
C HIS I 1477 44.15 -102.98 35.49
N SER I 1478 43.32 -104.02 35.33
CA SER I 1478 43.10 -104.74 34.09
C SER I 1478 42.67 -103.84 32.94
N VAL I 1479 42.34 -102.59 33.25
CA VAL I 1479 42.05 -101.59 32.24
C VAL I 1479 43.11 -100.50 32.23
N GLY I 1480 43.45 -99.96 33.41
CA GLY I 1480 44.30 -98.79 33.46
C GLY I 1480 45.68 -99.06 32.93
N THR I 1481 46.29 -100.16 33.35
CA THR I 1481 47.69 -100.38 32.99
C THR I 1481 47.82 -100.76 31.53
N GLU I 1482 46.87 -101.54 31.01
CA GLU I 1482 46.87 -101.89 29.60
C GLU I 1482 46.68 -100.64 28.75
N LEU I 1483 45.72 -99.79 29.13
CA LEU I 1483 45.50 -98.57 28.38
C LEU I 1483 46.74 -97.69 28.40
N LEU I 1484 47.36 -97.54 29.56
CA LEU I 1484 48.57 -96.73 29.67
C LEU I 1484 49.66 -97.27 28.77
N SER I 1485 49.91 -98.58 28.84
CA SER I 1485 50.98 -99.18 28.05
C SER I 1485 50.72 -99.03 26.56
N LEU I 1486 49.49 -99.27 26.12
CA LEU I 1486 49.18 -99.17 24.70
C LEU I 1486 49.30 -97.73 24.22
N VAL I 1487 48.64 -96.80 24.93
CA VAL I 1487 48.70 -95.40 24.55
C VAL I 1487 50.11 -94.87 24.61
N TYR I 1488 50.98 -95.51 25.39
CA TYR I 1488 52.38 -95.11 25.40
C TYR I 1488 53.11 -95.63 24.17
N LYS I 1489 53.13 -96.96 23.99
CA LYS I 1489 54.03 -97.53 23.00
C LYS I 1489 53.52 -97.36 21.58
N GLY I 1490 52.20 -97.47 21.36
CA GLY I 1490 51.70 -97.48 20.00
C GLY I 1490 51.85 -96.19 19.23
N ILE I 1491 52.68 -95.28 19.73
CA ILE I 1491 52.96 -94.04 19.02
C ILE I 1491 54.42 -93.93 18.58
N ALA I 1492 55.33 -94.71 19.15
CA ALA I 1492 56.73 -94.62 18.78
C ALA I 1492 57.37 -96.00 18.71
N LEU I 1503 47.95 -92.46 15.96
CA LEU I 1503 46.70 -92.29 16.69
C LEU I 1503 45.56 -92.74 15.80
N ASP I 1504 44.37 -92.86 16.40
CA ASP I 1504 43.16 -93.20 15.68
C ASP I 1504 41.97 -92.80 16.51
N LEU I 1505 41.11 -91.93 15.96
CA LEU I 1505 39.95 -91.47 16.71
C LEU I 1505 38.97 -92.60 16.95
N SER I 1506 38.92 -93.59 16.06
CA SER I 1506 38.18 -94.81 16.38
C SER I 1506 38.83 -95.51 17.57
N CYS I 1507 40.15 -95.67 17.53
CA CYS I 1507 40.85 -96.18 18.70
C CYS I 1507 40.66 -95.25 19.88
N LYS I 1508 40.50 -93.95 19.63
CA LYS I 1508 40.25 -93.02 20.72
C LYS I 1508 38.92 -93.28 21.39
N GLN I 1509 37.86 -93.50 20.61
CA GLN I 1509 36.57 -93.76 21.24
C GLN I 1509 36.53 -95.15 21.85
N LEU I 1510 37.29 -96.10 21.31
CA LEU I 1510 37.43 -97.39 21.97
C LEU I 1510 38.14 -97.24 23.31
N ALA I 1511 39.18 -96.40 23.34
CA ALA I 1511 39.85 -96.09 24.60
C ALA I 1511 38.90 -95.40 25.56
N SER I 1512 38.01 -94.56 25.02
CA SER I 1512 36.98 -93.95 25.87
C SER I 1512 36.08 -95.01 26.46
N GLY I 1513 35.67 -96.00 25.64
CA GLY I 1513 34.81 -97.05 26.14
C GLY I 1513 35.46 -97.85 27.26
N LEU I 1514 36.71 -98.24 27.05
CA LEU I 1514 37.42 -98.89 28.15
C LEU I 1514 37.64 -97.93 29.31
N LEU I 1515 37.62 -96.62 29.05
CA LEU I 1515 37.67 -95.66 30.15
C LEU I 1515 36.41 -95.76 31.00
N GLU I 1516 35.23 -95.83 30.38
CA GLU I 1516 34.05 -96.00 31.21
C GLU I 1516 34.06 -97.35 31.90
N LEU I 1517 34.66 -98.37 31.27
CA LEU I 1517 34.86 -99.63 31.97
C LEU I 1517 35.71 -99.43 33.22
N ALA I 1518 36.79 -98.67 33.09
CA ALA I 1518 37.62 -98.34 34.25
C ALA I 1518 36.82 -97.59 35.30
N PHE I 1519 35.95 -96.69 34.87
CA PHE I 1519 35.12 -95.93 35.78
C PHE I 1519 34.15 -96.83 36.52
N ALA I 1520 33.71 -97.92 35.87
CA ALA I 1520 32.89 -98.91 36.54
C ALA I 1520 33.64 -99.59 37.67
N PHE I 1521 34.97 -99.50 37.68
CA PHE I 1521 35.79 -100.02 38.77
C PHE I 1521 36.05 -98.87 39.74
N GLY I 1522 35.40 -98.93 40.90
CA GLY I 1522 35.56 -97.89 41.89
C GLY I 1522 36.89 -97.99 42.62
N GLY I 1523 37.28 -96.87 43.23
CA GLY I 1523 38.51 -96.79 43.99
C GLY I 1523 39.75 -96.58 43.14
N LEU I 1524 39.66 -96.74 41.83
CA LEU I 1524 40.82 -96.58 40.96
C LEU I 1524 41.33 -95.15 40.95
N CYS I 1525 40.50 -94.18 41.36
CA CYS I 1525 40.83 -92.77 41.20
C CYS I 1525 42.20 -92.43 41.77
N GLU I 1526 42.52 -92.93 42.96
CA GLU I 1526 43.81 -92.61 43.56
C GLU I 1526 44.95 -93.20 42.75
N ARG I 1527 44.76 -94.42 42.23
CA ARG I 1527 45.77 -95.02 41.36
C ARG I 1527 45.95 -94.19 40.09
N LEU I 1528 44.85 -93.73 39.51
CA LEU I 1528 44.93 -92.89 38.32
C LEU I 1528 45.68 -91.60 38.62
N VAL I 1529 45.45 -91.03 39.80
CA VAL I 1529 46.20 -89.87 40.24
C VAL I 1529 47.69 -90.20 40.28
N SER I 1530 48.04 -91.30 40.95
CA SER I 1530 49.45 -91.63 41.14
C SER I 1530 50.14 -91.86 39.80
N LEU I 1531 49.56 -92.72 38.96
CA LEU I 1531 50.20 -93.06 37.70
C LEU I 1531 50.19 -91.88 36.74
N LEU I 1532 49.11 -91.10 36.73
CA LEU I 1532 48.97 -90.03 35.75
C LEU I 1532 50.12 -89.04 35.84
N LEU I 1533 50.75 -88.93 37.00
CA LEU I 1533 51.98 -88.15 37.11
C LEU I 1533 53.12 -88.94 36.47
N ASN I 1534 53.05 -89.11 35.15
CA ASN I 1534 54.09 -89.85 34.44
C ASN I 1534 55.19 -88.89 34.03
N PRO I 1535 56.39 -89.00 34.58
CA PRO I 1535 57.52 -88.23 34.05
C PRO I 1535 58.11 -88.83 32.78
N ALA I 1536 57.60 -89.99 32.36
CA ALA I 1536 58.12 -90.68 31.19
C ALA I 1536 58.03 -89.79 29.96
N VAL I 1537 59.17 -89.31 29.51
CA VAL I 1537 59.25 -88.31 28.47
C VAL I 1537 58.96 -88.97 27.12
N LEU I 1538 58.55 -88.17 26.14
CA LEU I 1538 58.30 -88.71 24.82
C LEU I 1538 59.61 -88.99 24.10
N SER I 1539 59.56 -89.91 23.14
CA SER I 1539 60.72 -90.37 22.40
C SER I 1539 60.45 -90.24 20.90
N THR I 1540 60.95 -89.17 20.28
CA THR I 1540 60.98 -89.05 18.83
C THR I 1540 62.14 -88.15 18.35
N VAL I 1550 62.16 -85.33 17.07
CA VAL I 1550 62.03 -83.90 17.21
C VAL I 1550 61.73 -83.48 18.65
N ILE I 1551 60.82 -84.17 19.34
CA ILE I 1551 60.27 -83.68 20.59
C ILE I 1551 60.34 -84.78 21.65
N HIS I 1552 60.26 -84.35 22.90
CA HIS I 1552 60.29 -85.24 24.06
C HIS I 1552 59.50 -84.58 25.18
N PHE I 1553 58.39 -85.20 25.59
CA PHE I 1553 57.62 -84.67 26.71
C PHE I 1553 56.97 -85.82 27.47
N SER I 1554 56.69 -85.58 28.75
CA SER I 1554 56.17 -86.62 29.62
C SER I 1554 54.80 -87.08 29.13
N HIS I 1555 54.52 -88.36 29.32
CA HIS I 1555 53.45 -89.01 28.57
C HIS I 1555 52.10 -88.94 29.27
N GLY I 1556 52.06 -89.21 30.58
CA GLY I 1556 50.79 -89.36 31.27
C GLY I 1556 49.94 -88.12 31.19
N GLU I 1557 50.56 -86.94 31.22
CA GLU I 1557 49.82 -85.70 31.05
C GLU I 1557 49.03 -85.70 29.75
N TYR I 1558 49.66 -86.13 28.66
CA TYR I 1558 48.97 -86.10 27.38
C TYR I 1558 47.93 -87.19 27.28
N PHE I 1559 48.22 -88.37 27.83
CA PHE I 1559 47.22 -89.42 27.92
C PHE I 1559 45.96 -88.91 28.60
N TYR I 1560 46.13 -88.19 29.71
CA TYR I 1560 44.99 -87.54 30.32
C TYR I 1560 44.33 -86.57 29.34
N SER I 1561 45.13 -85.67 28.77
CA SER I 1561 44.57 -84.61 27.94
C SER I 1561 43.70 -85.17 26.83
N LEU I 1562 44.00 -86.39 26.39
CA LEU I 1562 43.19 -87.02 25.34
C LEU I 1562 41.71 -87.00 25.70
N PHE I 1563 41.37 -87.43 26.91
CA PHE I 1563 39.99 -87.49 27.37
C PHE I 1563 39.81 -86.62 28.59
N SER I 1564 40.60 -85.54 28.65
CA SER I 1564 40.69 -84.67 29.81
C SER I 1564 39.38 -84.48 30.56
N GLU I 1565 38.30 -84.19 29.84
CA GLU I 1565 37.04 -83.88 30.50
C GLU I 1565 36.47 -85.12 31.19
N THR I 1566 36.40 -86.24 30.46
CA THR I 1566 35.88 -87.47 31.04
C THR I 1566 36.75 -87.96 32.19
N ILE I 1567 38.07 -87.86 32.00
CA ILE I 1567 39.00 -88.31 33.03
C ILE I 1567 38.85 -87.45 34.28
N ASN I 1568 38.68 -86.15 34.11
CA ASN I 1568 38.39 -85.28 35.24
C ASN I 1568 37.07 -85.66 35.91
N THR I 1569 36.05 -85.96 35.10
CA THR I 1569 34.76 -86.31 35.67
C THR I 1569 34.88 -87.55 36.55
N GLU I 1570 35.61 -88.55 36.08
CA GLU I 1570 35.90 -89.71 36.91
C GLU I 1570 36.68 -89.34 38.15
N LEU I 1571 37.80 -88.63 37.97
CA LEU I 1571 38.75 -88.44 39.04
C LEU I 1571 38.24 -87.51 40.13
N LEU I 1572 37.26 -86.67 39.82
CA LEU I 1572 36.77 -85.70 40.77
C LEU I 1572 35.53 -86.17 41.51
N LYS I 1573 35.08 -87.40 41.26
CA LYS I 1573 34.15 -88.03 42.19
C LYS I 1573 34.78 -88.14 43.56
N ASN I 1574 36.07 -88.47 43.60
CA ASN I 1574 36.92 -88.12 44.74
C ASN I 1574 37.11 -86.62 44.68
N LEU I 1575 36.39 -85.89 45.53
CA LEU I 1575 36.31 -84.44 45.40
C LEU I 1575 37.69 -83.79 45.50
N ASP I 1576 38.32 -83.90 46.67
CA ASP I 1576 39.62 -83.28 46.87
C ASP I 1576 40.67 -84.21 47.45
N LEU I 1577 40.28 -85.37 47.99
CA LEU I 1577 41.27 -86.28 48.55
C LEU I 1577 42.35 -86.60 47.52
N ALA I 1578 41.93 -87.03 46.33
CA ALA I 1578 42.87 -87.19 45.22
C ALA I 1578 43.51 -85.86 44.89
N VAL I 1579 42.71 -84.79 44.89
CA VAL I 1579 43.26 -83.46 44.60
C VAL I 1579 44.24 -83.05 45.67
N LEU I 1580 43.95 -83.36 46.93
CA LEU I 1580 44.91 -83.09 47.99
C LEU I 1580 46.21 -83.84 47.75
N GLU I 1581 46.11 -85.13 47.41
CA GLU I 1581 47.29 -85.91 47.10
C GLU I 1581 48.08 -85.26 45.98
N LEU I 1582 47.39 -84.76 44.95
CA LEU I 1582 48.05 -84.09 43.85
C LEU I 1582 48.78 -82.85 44.32
N MET I 1583 48.11 -82.02 45.12
CA MET I 1583 48.71 -80.75 45.52
C MET I 1583 49.83 -80.99 46.53
N GLN I 1584 49.88 -82.18 47.13
CA GLN I 1584 51.12 -82.60 47.76
C GLN I 1584 52.24 -82.72 46.74
N SER I 1585 51.95 -83.31 45.59
CA SER I 1585 52.95 -83.58 44.56
C SER I 1585 53.04 -82.47 43.51
N SER I 1586 52.18 -81.46 43.59
CA SER I 1586 52.16 -80.40 42.60
C SER I 1586 53.27 -79.37 42.80
N VAL I 1587 54.26 -79.67 43.64
CA VAL I 1587 55.32 -78.71 43.92
C VAL I 1587 56.10 -78.38 42.65
N ASP I 1588 56.35 -79.38 41.81
CA ASP I 1588 57.10 -79.18 40.58
C ASP I 1588 56.18 -79.04 39.37
N ASN I 1589 55.23 -79.96 39.22
CA ASN I 1589 54.31 -79.95 38.09
C ASN I 1589 52.98 -79.36 38.54
N THR I 1590 52.58 -78.27 37.88
CA THR I 1590 51.24 -77.71 38.06
C THR I 1590 50.41 -77.81 36.79
N LYS I 1591 51.06 -77.89 35.63
CA LYS I 1591 50.36 -77.98 34.36
C LYS I 1591 49.31 -79.08 34.38
N MET I 1592 49.64 -80.25 34.93
CA MET I 1592 48.66 -81.30 35.06
C MET I 1592 47.53 -80.87 35.99
N VAL I 1593 47.87 -80.41 37.19
CA VAL I 1593 46.84 -80.12 38.17
C VAL I 1593 46.07 -78.88 37.74
N SER I 1594 46.76 -77.87 37.21
CA SER I 1594 46.05 -76.68 36.73
C SER I 1594 45.11 -77.05 35.59
N ALA I 1595 45.55 -77.94 34.71
CA ALA I 1595 44.71 -78.37 33.60
C ALA I 1595 43.45 -79.04 34.11
N VAL I 1596 43.60 -79.98 35.06
CA VAL I 1596 42.42 -80.67 35.56
C VAL I 1596 41.54 -79.71 36.34
N LEU I 1597 42.14 -78.74 37.01
CA LEU I 1597 41.39 -77.68 37.67
C LEU I 1597 40.49 -77.05 36.64
N ASN I 1598 41.08 -76.38 35.64
CA ASN I 1598 40.26 -75.65 34.68
C ASN I 1598 39.26 -76.55 33.97
N GLY I 1599 39.59 -77.83 33.79
CA GLY I 1599 38.65 -78.76 33.21
C GLY I 1599 37.37 -78.82 34.03
N MET I 1600 37.49 -79.23 35.29
CA MET I 1600 36.31 -79.23 36.15
C MET I 1600 35.79 -77.84 36.47
N LEU I 1601 36.59 -76.80 36.30
CA LEU I 1601 36.10 -75.44 36.49
C LEU I 1601 35.07 -75.10 35.42
N ASP I 1602 35.48 -75.15 34.16
CA ASP I 1602 34.53 -74.98 33.07
C ASP I 1602 33.47 -76.07 33.06
N GLN I 1603 33.76 -77.20 33.71
CA GLN I 1603 32.76 -78.29 33.83
C GLN I 1603 31.73 -77.88 34.88
N SER I 1604 32.17 -77.37 36.03
CA SER I 1604 31.20 -76.86 37.02
C SER I 1604 30.32 -75.85 36.29
N PHE I 1605 30.93 -75.03 35.42
CA PHE I 1605 30.15 -74.09 34.59
C PHE I 1605 29.10 -74.91 33.81
N ARG I 1606 29.54 -75.81 32.94
CA ARG I 1606 28.59 -76.67 32.16
C ARG I 1606 27.62 -77.37 33.12
N GLU I 1607 28.12 -77.94 34.22
CA GLU I 1607 27.27 -78.69 35.19
C GLU I 1607 26.61 -77.71 36.16
N ARG I 1608 26.09 -76.59 35.67
CA ARG I 1608 25.34 -75.66 36.49
C ARG I 1608 23.85 -75.90 36.29
N ALA I 1609 23.49 -76.52 35.16
CA ALA I 1609 22.09 -76.81 34.89
C ALA I 1609 21.51 -77.73 35.95
N ASN I 1610 22.26 -78.77 36.34
CA ASN I 1610 21.84 -79.62 37.44
C ASN I 1610 22.17 -78.96 38.77
N GLN I 1611 23.46 -78.80 39.05
CA GLN I 1611 23.91 -78.08 40.24
C GLN I 1611 25.37 -77.68 40.11
N LYS I 1612 25.64 -76.37 40.01
CA LYS I 1612 27.01 -75.90 40.06
C LYS I 1612 27.55 -75.92 41.47
N HIS I 1613 26.67 -75.98 42.47
CA HIS I 1613 27.11 -76.01 43.86
C HIS I 1613 27.97 -77.23 44.16
N GLN I 1614 27.90 -78.27 43.33
CA GLN I 1614 28.87 -79.35 43.43
C GLN I 1614 30.28 -78.82 43.15
N GLY I 1615 30.44 -78.17 42.00
CA GLY I 1615 31.71 -77.54 41.70
C GLY I 1615 32.06 -76.42 42.65
N LEU I 1616 31.04 -75.69 43.12
CA LEU I 1616 31.30 -74.63 44.10
C LEU I 1616 31.87 -75.23 45.38
N LYS I 1617 31.28 -76.33 45.85
CA LYS I 1617 31.80 -77.00 47.02
C LYS I 1617 33.22 -77.47 46.79
N LEU I 1618 33.47 -78.07 45.62
CA LEU I 1618 34.80 -78.58 45.33
C LEU I 1618 35.83 -77.46 45.34
N ALA I 1619 35.52 -76.36 44.64
CA ALA I 1619 36.45 -75.23 44.57
C ALA I 1619 36.67 -74.62 45.93
N THR I 1620 35.61 -74.44 46.71
CA THR I 1620 35.75 -73.87 48.04
C THR I 1620 36.60 -74.78 48.91
N THR I 1621 36.36 -76.09 48.85
CA THR I 1621 37.12 -77.02 49.67
C THR I 1621 38.60 -76.97 49.33
N ILE I 1622 38.93 -77.02 48.03
CA ILE I 1622 40.35 -76.98 47.70
C ILE I 1622 40.93 -75.61 48.03
N LEU I 1623 40.11 -74.57 47.97
CA LEU I 1623 40.54 -73.25 48.41
C LEU I 1623 40.97 -73.30 49.87
N GLN I 1624 40.18 -73.97 50.71
CA GLN I 1624 40.65 -74.29 52.05
C GLN I 1624 41.95 -75.07 51.97
N HIS I 1625 41.99 -76.07 51.10
CA HIS I 1625 43.16 -76.90 50.94
C HIS I 1625 44.12 -76.25 49.96
N TRP I 1626 44.37 -74.97 50.16
CA TRP I 1626 45.47 -74.29 49.49
C TRP I 1626 46.75 -74.27 50.31
N LYS I 1627 46.66 -73.87 51.57
CA LYS I 1627 47.87 -73.60 52.34
C LYS I 1627 48.67 -74.86 52.66
N LYS I 1628 48.10 -76.04 52.43
CA LYS I 1628 48.86 -77.27 52.62
C LYS I 1628 49.97 -77.43 51.58
N CYS I 1629 49.98 -76.61 50.54
CA CYS I 1629 51.13 -76.51 49.65
C CYS I 1629 51.16 -75.09 49.13
N ASP I 1630 52.25 -74.38 49.43
CA ASP I 1630 52.40 -72.98 49.07
C ASP I 1630 53.78 -72.73 48.49
N SER I 1631 54.30 -73.70 47.75
CA SER I 1631 55.59 -73.58 47.08
C SER I 1631 55.54 -72.61 45.92
N TRP I 1632 54.47 -71.83 45.84
CA TRP I 1632 54.23 -70.93 44.73
C TRP I 1632 53.91 -69.53 45.25
N TRP I 1633 53.40 -68.68 44.37
CA TRP I 1633 52.88 -67.34 44.67
C TRP I 1633 53.88 -66.46 45.39
N ALA I 1634 55.15 -66.87 45.45
CA ALA I 1634 56.22 -66.07 46.03
C ALA I 1634 57.45 -66.29 45.17
N LYS I 1635 58.62 -65.93 45.69
CA LYS I 1635 59.84 -66.28 44.98
C LYS I 1635 60.17 -67.73 45.24
N ASP I 1636 59.20 -68.60 44.96
CA ASP I 1636 59.33 -70.04 45.15
C ASP I 1636 58.76 -70.82 43.98
N SER I 1637 58.14 -70.17 43.02
CA SER I 1637 57.59 -70.78 41.81
C SER I 1637 58.08 -70.00 40.61
N PRO I 1638 58.03 -70.59 39.43
CA PRO I 1638 58.29 -69.81 38.22
C PRO I 1638 57.31 -68.65 38.11
N LEU I 1639 57.83 -67.52 37.65
CA LEU I 1639 56.96 -66.39 37.34
C LEU I 1639 55.81 -66.82 36.44
N GLU I 1640 56.13 -67.66 35.45
CA GLU I 1640 55.12 -68.42 34.73
C GLU I 1640 54.11 -69.02 35.69
N THR I 1641 54.59 -69.87 36.61
CA THR I 1641 53.70 -70.51 37.57
C THR I 1641 53.00 -69.48 38.45
N LYS I 1642 53.63 -68.34 38.68
CA LYS I 1642 52.98 -67.32 39.49
C LYS I 1642 51.73 -66.78 38.81
N MET I 1643 51.83 -66.40 37.54
CA MET I 1643 50.59 -66.01 36.87
C MET I 1643 49.67 -67.19 36.68
N ALA I 1644 50.21 -68.41 36.63
CA ALA I 1644 49.36 -69.58 36.49
C ALA I 1644 48.43 -69.74 37.68
N VAL I 1645 49.00 -69.69 38.88
CA VAL I 1645 48.17 -69.77 40.08
C VAL I 1645 47.27 -68.55 40.17
N LEU I 1646 47.78 -67.39 39.73
CA LEU I 1646 46.92 -66.21 39.62
C LEU I 1646 45.67 -66.52 38.83
N ALA I 1647 45.84 -67.10 37.65
CA ALA I 1647 44.71 -67.37 36.76
C ALA I 1647 43.79 -68.42 37.35
N LEU I 1648 44.35 -69.45 37.97
CA LEU I 1648 43.51 -70.47 38.58
C LEU I 1648 42.65 -69.89 39.68
N LEU I 1649 43.25 -69.07 40.54
CA LEU I 1649 42.49 -68.43 41.60
C LEU I 1649 41.45 -67.47 41.03
N ALA I 1650 41.80 -66.81 39.91
CA ALA I 1650 40.83 -65.95 39.25
C ALA I 1650 39.63 -66.73 38.78
N LYS I 1651 39.88 -67.91 38.19
CA LYS I 1651 38.78 -68.75 37.73
C LYS I 1651 37.92 -69.20 38.91
N ILE I 1652 38.57 -69.53 40.03
CA ILE I 1652 37.81 -69.90 41.24
C ILE I 1652 36.93 -68.75 41.67
N LEU I 1653 37.51 -67.54 41.74
CA LEU I 1653 36.77 -66.38 42.22
C LEU I 1653 35.58 -66.08 41.32
N GLN I 1654 35.78 -66.20 40.00
CA GLN I 1654 34.66 -66.01 39.10
C GLN I 1654 33.60 -67.07 39.31
N ILE I 1655 34.03 -68.32 39.47
CA ILE I 1655 33.08 -69.43 39.53
C ILE I 1655 32.23 -69.35 40.79
N ASP I 1656 32.87 -69.18 41.94
CA ASP I 1656 32.08 -68.97 43.14
C ASP I 1656 31.55 -67.53 43.16
N SER I 1657 30.53 -67.31 43.97
CA SER I 1657 30.02 -65.95 44.12
C SER I 1657 31.09 -65.06 44.73
N SER I 1658 31.21 -63.84 44.21
CA SER I 1658 32.21 -62.91 44.73
C SER I 1658 31.97 -62.62 46.21
N VAL I 1659 30.71 -62.63 46.64
CA VAL I 1659 30.41 -62.45 48.06
C VAL I 1659 30.97 -63.60 48.88
N SER I 1660 30.93 -64.82 48.34
CA SER I 1660 31.59 -65.94 48.99
C SER I 1660 33.08 -65.66 49.08
N PHE I 1661 33.56 -65.42 50.30
CA PHE I 1661 34.97 -65.11 50.54
C PHE I 1661 35.39 -63.82 49.86
N ASN I 1662 34.58 -62.78 50.04
CA ASN I 1662 35.05 -61.40 49.98
C ASN I 1662 35.32 -60.86 51.37
N THR I 1663 34.80 -61.52 52.39
CA THR I 1663 35.08 -61.29 53.79
C THR I 1663 35.45 -62.65 54.38
N SER I 1664 35.99 -62.67 55.60
CA SER I 1664 36.43 -63.93 56.18
C SER I 1664 35.30 -64.92 56.25
N HIS I 1665 35.39 -65.98 55.44
CA HIS I 1665 34.34 -66.99 55.35
C HIS I 1665 34.93 -68.37 55.54
N GLY I 1666 36.06 -68.46 56.23
CA GLY I 1666 36.86 -69.66 56.20
C GLY I 1666 38.23 -69.39 55.64
N SER I 1667 38.50 -69.89 54.43
CA SER I 1667 39.80 -69.71 53.81
C SER I 1667 40.01 -68.31 53.24
N PHE I 1668 39.00 -67.44 53.28
CA PHE I 1668 39.19 -66.10 52.76
C PHE I 1668 40.40 -65.41 53.38
N PRO I 1669 40.66 -65.47 54.68
CA PRO I 1669 41.93 -64.97 55.19
C PRO I 1669 43.14 -65.54 54.45
N GLU I 1670 43.24 -66.86 54.32
CA GLU I 1670 44.46 -67.45 53.78
C GLU I 1670 44.67 -67.05 52.31
N VAL I 1671 43.66 -67.25 51.47
CA VAL I 1671 43.83 -66.97 50.05
C VAL I 1671 43.86 -65.47 49.81
N PHE I 1672 43.10 -64.71 50.61
CA PHE I 1672 43.12 -63.27 50.50
C PHE I 1672 44.51 -62.73 50.82
N THR I 1673 45.14 -63.26 51.87
CA THR I 1673 46.50 -62.87 52.20
C THR I 1673 47.49 -63.30 51.12
N THR I 1674 47.24 -64.46 50.50
CA THR I 1674 48.07 -64.84 49.37
C THR I 1674 47.96 -63.82 48.25
N TYR I 1675 46.73 -63.39 47.96
CA TYR I 1675 46.51 -62.35 46.96
C TYR I 1675 47.22 -61.07 47.34
N ILE I 1676 47.16 -60.71 48.63
CA ILE I 1676 47.84 -59.52 49.11
C ILE I 1676 49.33 -59.64 48.90
N SER I 1677 49.89 -60.81 49.17
CA SER I 1677 51.30 -61.05 48.90
C SER I 1677 51.59 -60.82 47.43
N LEU I 1678 50.78 -61.40 46.55
CA LEU I 1678 50.95 -61.22 45.12
C LEU I 1678 50.95 -59.74 44.75
N LEU I 1679 50.06 -58.97 45.38
CA LEU I 1679 50.09 -57.53 45.22
C LEU I 1679 51.44 -56.97 45.65
N ALA I 1680 51.89 -57.36 46.83
CA ALA I 1680 53.22 -56.97 47.29
C ALA I 1680 54.30 -57.61 46.44
N ASP I 1681 53.99 -58.73 45.79
CA ASP I 1681 54.92 -59.35 44.86
C ASP I 1681 54.96 -58.47 43.62
N THR I 1682 55.75 -57.41 43.72
CA THR I 1682 55.80 -56.35 42.72
C THR I 1682 56.89 -56.58 41.67
N LYS I 1683 57.58 -57.70 41.72
CA LYS I 1683 58.54 -58.02 40.66
C LYS I 1683 57.86 -58.36 39.35
N LEU I 1684 56.53 -58.26 39.29
CA LEU I 1684 55.79 -58.58 38.08
C LEU I 1684 56.11 -57.60 36.97
N ASP I 1685 55.79 -58.02 35.75
CA ASP I 1685 55.64 -57.05 34.68
C ASP I 1685 54.38 -56.23 34.95
N LEU I 1686 54.41 -54.96 34.55
CA LEU I 1686 53.27 -54.09 34.76
C LEU I 1686 51.99 -54.72 34.21
N HIS I 1687 52.11 -55.43 33.10
CA HIS I 1687 51.01 -56.26 32.61
C HIS I 1687 50.53 -57.22 33.68
N LEU I 1688 51.44 -58.04 34.20
CA LEU I 1688 51.07 -59.02 35.23
C LEU I 1688 50.45 -58.33 36.43
N LYS I 1689 50.93 -57.13 36.74
CA LYS I 1689 50.31 -56.33 37.79
C LYS I 1689 48.88 -55.98 37.42
N GLY I 1690 48.61 -55.72 36.14
CA GLY I 1690 47.25 -55.43 35.73
C GLY I 1690 46.31 -56.62 35.89
N GLN I 1691 46.78 -57.81 35.52
CA GLN I 1691 45.97 -58.99 35.80
C GLN I 1691 45.76 -59.19 37.30
N ALA I 1692 46.78 -58.90 38.10
CA ALA I 1692 46.58 -58.92 39.55
C ALA I 1692 45.49 -57.94 39.96
N VAL I 1693 45.45 -56.78 39.29
CA VAL I 1693 44.42 -55.78 39.55
C VAL I 1693 43.04 -56.34 39.25
N THR I 1694 42.93 -57.06 38.13
CA THR I 1694 41.63 -57.55 37.68
C THR I 1694 40.83 -58.24 38.77
N LEU I 1695 41.52 -58.85 39.74
CA LEU I 1695 40.87 -59.62 40.77
C LEU I 1695 40.57 -58.81 42.02
N LEU I 1696 40.97 -57.55 42.05
CA LEU I 1696 40.66 -56.70 43.20
C LEU I 1696 39.17 -56.49 43.44
N PRO I 1697 38.32 -56.22 42.43
CA PRO I 1697 36.91 -55.91 42.73
C PRO I 1697 36.16 -57.05 43.40
N PHE I 1698 36.83 -58.18 43.59
CA PHE I 1698 36.28 -59.35 44.24
C PHE I 1698 36.04 -59.15 45.72
N PHE I 1699 36.25 -57.96 46.27
CA PHE I 1699 36.19 -57.78 47.73
C PHE I 1699 35.57 -56.44 48.11
N LEU I 1707 38.59 -53.65 56.31
CA LEU I 1707 38.83 -53.87 54.89
C LEU I 1707 39.73 -52.80 54.30
N GLU I 1708 40.17 -51.87 55.15
CA GLU I 1708 41.00 -50.77 54.67
C GLU I 1708 42.33 -51.29 54.13
N GLU I 1709 42.91 -52.28 54.80
CA GLU I 1709 44.15 -52.92 54.39
C GLU I 1709 44.21 -53.10 52.87
N LEU I 1710 43.06 -53.45 52.31
CA LEU I 1710 42.91 -53.51 50.85
C LEU I 1710 43.24 -52.17 50.22
N ARG I 1711 42.64 -51.09 50.71
CA ARG I 1711 42.92 -49.79 50.10
C ARG I 1711 44.37 -49.40 50.31
N ARG I 1712 44.93 -49.72 51.47
CA ARG I 1712 46.33 -49.38 51.73
C ARG I 1712 47.24 -50.03 50.71
N VAL I 1713 47.06 -51.32 50.47
CA VAL I 1713 47.88 -51.97 49.46
C VAL I 1713 47.56 -51.37 48.10
N LEU I 1714 46.33 -50.90 47.91
CA LEU I 1714 46.00 -50.22 46.66
C LEU I 1714 46.91 -49.03 46.42
N GLU I 1715 47.04 -48.14 47.42
CA GLU I 1715 47.90 -46.98 47.19
C GLU I 1715 49.35 -47.39 47.04
N GLN I 1716 49.83 -48.24 47.94
CA GLN I 1716 51.25 -48.59 47.89
C GLN I 1716 51.59 -49.31 46.60
N LEU I 1717 50.60 -49.87 45.92
CA LEU I 1717 50.83 -50.44 44.60
C LEU I 1717 50.78 -49.36 43.53
N ILE I 1718 49.69 -48.59 43.49
CA ILE I 1718 49.48 -47.64 42.40
C ILE I 1718 50.57 -46.58 42.36
N VAL I 1719 51.27 -46.38 43.47
CA VAL I 1719 52.36 -45.41 43.49
C VAL I 1719 53.45 -45.83 42.50
N ALA I 1720 53.80 -47.11 42.49
CA ALA I 1720 55.02 -47.57 41.86
C ALA I 1720 54.94 -47.67 40.34
N HIS I 1721 53.98 -47.01 39.69
CA HIS I 1721 53.86 -47.11 38.24
C HIS I 1721 54.44 -45.91 37.52
N PHE I 1722 53.90 -44.72 37.77
CA PHE I 1722 54.44 -43.52 37.17
C PHE I 1722 54.13 -42.38 38.12
N PRO I 1723 55.05 -41.44 38.30
CA PRO I 1723 54.85 -40.40 39.31
C PRO I 1723 53.61 -39.55 39.06
N MET I 1724 53.59 -38.85 37.93
CA MET I 1724 52.46 -37.99 37.60
C MET I 1724 52.02 -38.07 36.15
N GLN I 1725 52.89 -38.45 35.22
CA GLN I 1725 52.68 -38.22 33.81
C GLN I 1725 52.94 -39.50 33.04
N SER I 1726 52.20 -39.69 31.94
CA SER I 1726 52.48 -40.78 31.02
C SER I 1726 53.08 -40.30 29.70
N ARG I 1727 52.79 -39.07 29.30
CA ARG I 1727 53.42 -38.50 28.10
C ARG I 1727 54.93 -38.39 28.27
N GLU I 1728 55.40 -38.30 29.52
CA GLU I 1728 56.84 -38.38 29.77
C GLU I 1728 57.41 -39.71 29.30
N PHE I 1729 56.56 -40.74 29.19
CA PHE I 1729 56.95 -42.01 28.60
C PHE I 1729 56.44 -42.03 27.17
N PRO I 1730 57.32 -42.06 26.17
CA PRO I 1730 56.86 -41.86 24.80
C PRO I 1730 55.91 -42.95 24.37
N PRO I 1731 54.96 -42.64 23.49
CA PRO I 1731 54.10 -43.68 22.95
C PRO I 1731 54.90 -44.71 22.16
N GLY I 1732 54.49 -45.96 22.26
CA GLY I 1732 55.19 -47.05 21.64
C GLY I 1732 56.29 -47.65 22.48
N THR I 1733 56.73 -46.95 23.52
CA THR I 1733 57.67 -47.55 24.45
C THR I 1733 56.98 -48.65 25.23
N PRO I 1734 57.66 -49.76 25.49
CA PRO I 1734 56.98 -50.89 26.15
C PRO I 1734 56.37 -50.50 27.48
N ARG I 1735 57.05 -49.62 28.21
CA ARG I 1735 56.49 -49.06 29.43
C ARG I 1735 55.18 -48.35 29.15
N PHE I 1736 55.12 -47.58 28.06
CA PHE I 1736 53.89 -46.86 27.73
C PHE I 1736 52.77 -47.83 27.41
N ASN I 1737 53.07 -48.89 26.68
CA ASN I 1737 52.05 -49.88 26.35
C ASN I 1737 51.55 -50.58 27.60
N ASN I 1738 52.46 -50.92 28.50
CA ASN I 1738 52.05 -51.47 29.78
C ASN I 1738 51.15 -50.50 30.52
N TYR I 1739 51.51 -49.21 30.49
CA TYR I 1739 50.70 -48.20 31.15
C TYR I 1739 49.29 -48.17 30.60
N VAL I 1740 49.16 -48.14 29.28
CA VAL I 1740 47.84 -47.95 28.67
C VAL I 1740 46.99 -49.20 28.88
N ASP I 1741 47.58 -50.38 28.74
CA ASP I 1741 46.83 -51.60 29.04
C ASP I 1741 46.42 -51.61 30.51
N CYS I 1742 47.29 -51.11 31.39
CA CYS I 1742 46.99 -51.09 32.81
C CYS I 1742 45.83 -50.17 33.11
N MET I 1743 45.81 -48.96 32.55
CA MET I 1743 44.67 -48.09 32.78
C MET I 1743 43.40 -48.69 32.18
N LYS I 1744 43.50 -49.41 31.07
CA LYS I 1744 42.35 -50.15 30.57
C LYS I 1744 41.84 -51.12 31.63
N LYS I 1745 42.75 -51.89 32.21
CA LYS I 1745 42.38 -52.86 33.24
C LYS I 1745 41.74 -52.16 34.43
N PHE I 1746 42.31 -51.04 34.84
CA PHE I 1746 41.77 -50.31 35.98
C PHE I 1746 40.36 -49.82 35.69
N LEU I 1747 40.17 -49.28 34.48
CA LEU I 1747 38.86 -48.77 34.09
C LEU I 1747 37.82 -49.88 34.14
N ASP I 1748 38.13 -51.03 33.55
CA ASP I 1748 37.12 -52.08 33.50
C ASP I 1748 36.88 -52.69 34.88
N ALA I 1749 37.93 -52.88 35.67
CA ALA I 1749 37.77 -53.44 37.00
C ALA I 1749 36.92 -52.54 37.88
N LEU I 1750 37.21 -51.23 37.86
CA LEU I 1750 36.40 -50.31 38.62
C LEU I 1750 34.97 -50.30 38.11
N GLU I 1751 34.81 -50.26 36.78
CA GLU I 1751 33.47 -50.28 36.20
C GLU I 1751 32.67 -51.46 36.73
N LEU I 1752 33.32 -52.61 36.87
CA LEU I 1752 32.71 -53.72 37.57
C LEU I 1752 32.35 -53.32 39.00
N SER I 1753 33.36 -52.93 39.78
CA SER I 1753 33.13 -52.64 41.19
C SER I 1753 32.32 -51.37 41.36
N GLN I 1754 32.72 -50.30 40.66
CA GLN I 1754 32.17 -48.95 40.81
C GLN I 1754 31.92 -48.59 42.27
N SER I 1755 32.87 -48.95 43.12
CA SER I 1755 32.90 -48.48 44.50
C SER I 1755 33.37 -47.04 44.55
N PRO I 1756 32.85 -46.24 45.49
CA PRO I 1756 33.35 -44.86 45.61
C PRO I 1756 34.84 -44.79 45.88
N MET I 1757 35.35 -45.75 46.66
CA MET I 1757 36.80 -45.75 47.00
C MET I 1757 37.61 -45.90 45.71
N LEU I 1758 37.58 -47.09 45.11
CA LEU I 1758 38.32 -47.33 43.84
C LEU I 1758 38.13 -46.14 42.92
N LEU I 1759 36.88 -45.70 42.72
CA LEU I 1759 36.59 -44.55 41.82
C LEU I 1759 37.52 -43.38 42.19
N GLU I 1760 37.49 -42.95 43.45
CA GLU I 1760 38.30 -41.77 43.87
C GLU I 1760 39.79 -42.10 43.69
N LEU I 1761 40.25 -43.27 44.13
CA LEU I 1761 41.64 -43.63 43.90
C LEU I 1761 42.01 -43.42 42.43
N MET I 1762 41.17 -43.91 41.52
CA MET I 1762 41.47 -43.81 40.10
C MET I 1762 41.45 -42.37 39.63
N THR I 1763 40.47 -41.59 40.10
CA THR I 1763 40.41 -40.19 39.71
C THR I 1763 41.64 -39.43 40.19
N GLU I 1764 42.07 -39.69 41.43
CA GLU I 1764 43.31 -39.09 41.91
C GLU I 1764 44.48 -39.49 41.04
N VAL I 1765 44.50 -40.75 40.61
CA VAL I 1765 45.55 -41.19 39.69
C VAL I 1765 45.53 -40.34 38.41
N LEU I 1766 44.35 -40.16 37.84
CA LEU I 1766 44.25 -39.31 36.66
C LEU I 1766 44.32 -37.83 37.01
N CYS I 1767 44.07 -37.48 38.27
CA CYS I 1767 44.14 -36.07 38.63
C CYS I 1767 45.59 -35.65 38.85
N ARG I 1768 46.44 -35.94 37.86
CA ARG I 1768 47.80 -35.45 37.83
C ARG I 1768 48.09 -34.63 36.58
N GLU I 1769 47.81 -35.17 35.40
CA GLU I 1769 48.05 -34.49 34.14
C GLU I 1769 46.81 -34.56 33.27
N GLN I 1770 46.64 -33.55 32.42
CA GLN I 1770 45.52 -33.56 31.49
C GLN I 1770 45.81 -34.51 30.34
N GLN I 1771 44.88 -35.44 30.12
CA GLN I 1771 44.97 -36.41 29.03
C GLN I 1771 46.24 -37.24 29.13
N HIS I 1772 46.56 -37.70 30.33
CA HIS I 1772 47.70 -38.58 30.54
C HIS I 1772 47.30 -40.00 30.94
N VAL I 1773 46.03 -40.22 31.25
CA VAL I 1773 45.56 -41.57 31.55
C VAL I 1773 44.42 -41.86 30.58
N MET I 1774 44.51 -41.26 29.38
CA MET I 1774 43.53 -41.46 28.32
C MET I 1774 42.12 -41.15 28.83
N GLU I 1775 41.94 -39.87 29.17
CA GLU I 1775 40.74 -39.43 29.87
C GLU I 1775 39.46 -39.67 29.08
N GLU I 1776 39.55 -39.88 27.78
CA GLU I 1776 38.37 -40.20 27.00
C GLU I 1776 37.76 -41.52 27.45
N LEU I 1777 38.59 -42.56 27.55
CA LEU I 1777 38.10 -43.83 28.05
C LEU I 1777 37.71 -43.71 29.52
N PHE I 1778 38.42 -42.86 30.25
CA PHE I 1778 38.10 -42.60 31.65
C PHE I 1778 36.67 -42.11 31.78
N GLN I 1779 36.30 -41.10 31.00
CA GLN I 1779 34.96 -40.54 31.07
C GLN I 1779 33.95 -41.48 30.44
N SER I 1780 34.34 -42.29 29.46
CA SER I 1780 33.40 -43.26 28.92
C SER I 1780 33.02 -44.29 29.97
N SER I 1781 34.02 -44.80 30.68
CA SER I 1781 33.74 -45.67 31.82
C SER I 1781 32.89 -44.96 32.85
N PHE I 1782 33.13 -43.66 33.04
CA PHE I 1782 32.31 -42.89 33.97
C PHE I 1782 30.86 -42.84 33.52
N ARG I 1783 30.64 -42.64 32.23
CA ARG I 1783 29.29 -42.68 31.69
C ARG I 1783 28.65 -44.03 31.91
N ARG I 1784 29.43 -45.10 31.72
CA ARG I 1784 28.91 -46.44 31.88
C ARG I 1784 28.64 -46.81 33.33
N ILE I 1785 29.30 -46.16 34.28
CA ILE I 1785 29.10 -46.51 35.69
C ILE I 1785 28.06 -45.61 36.32
N ALA I 1786 27.95 -44.37 35.84
CA ALA I 1786 26.94 -43.46 36.35
C ALA I 1786 25.54 -43.99 36.08
N ARG I 1787 25.32 -44.50 34.86
CA ARG I 1787 24.09 -45.22 34.57
C ARG I 1787 23.99 -46.48 35.40
N ARG I 1788 25.14 -47.10 35.69
CA ARG I 1788 25.18 -48.29 36.53
C ARG I 1788 25.08 -47.91 37.99
N GLY I 1789 25.14 -48.91 38.86
CA GLY I 1789 25.15 -48.67 40.29
C GLY I 1789 23.79 -48.31 40.84
N SER I 1790 23.51 -48.75 42.06
CA SER I 1790 22.30 -48.35 42.73
C SER I 1790 22.33 -46.85 43.01
N CYS I 1791 21.15 -46.29 43.26
CA CYS I 1791 21.06 -44.87 43.57
C CYS I 1791 21.91 -44.54 44.80
N VAL I 1792 21.89 -45.41 45.81
CA VAL I 1792 22.70 -45.20 47.00
C VAL I 1792 24.18 -45.28 46.67
N THR I 1793 24.57 -46.23 45.82
CA THR I 1793 25.97 -46.35 45.43
C THR I 1793 26.42 -45.11 44.69
N GLN I 1794 25.61 -44.64 43.74
CA GLN I 1794 25.95 -43.44 42.99
C GLN I 1794 26.06 -42.23 43.91
N VAL I 1795 25.16 -42.12 44.88
CA VAL I 1795 25.21 -41.00 45.80
C VAL I 1795 26.46 -41.07 46.68
N GLY I 1796 26.85 -42.28 47.09
CA GLY I 1796 28.10 -42.43 47.82
C GLY I 1796 29.31 -42.02 46.98
N LEU I 1797 29.29 -42.39 45.71
CA LEU I 1797 30.29 -41.88 44.77
C LEU I 1797 30.30 -40.36 44.76
N LEU I 1798 29.11 -39.76 44.78
CA LEU I 1798 29.00 -38.30 44.80
C LEU I 1798 29.59 -37.72 46.07
N GLU I 1799 29.35 -38.36 47.21
CA GLU I 1799 29.97 -37.91 48.45
C GLU I 1799 31.48 -37.97 48.35
N SER I 1800 32.00 -39.04 47.76
CA SER I 1800 33.44 -39.18 47.59
C SER I 1800 33.99 -38.04 46.72
N VAL I 1801 33.32 -37.74 45.61
CA VAL I 1801 33.84 -36.68 44.75
C VAL I 1801 33.73 -35.33 45.44
N TYR I 1802 32.68 -35.12 46.24
CA TYR I 1802 32.57 -33.88 46.99
C TYR I 1802 33.72 -33.73 47.98
N GLU I 1803 34.00 -34.78 48.75
CA GLU I 1803 35.04 -34.65 49.75
C GLU I 1803 36.41 -34.49 49.10
N MET I 1804 36.65 -35.19 47.99
CA MET I 1804 37.93 -34.99 47.31
C MET I 1804 37.99 -33.64 46.61
N PHE I 1805 36.84 -32.98 46.43
CA PHE I 1805 36.88 -31.60 45.96
C PHE I 1805 37.70 -30.73 46.90
N ARG I 1806 37.78 -31.10 48.17
CA ARG I 1806 38.78 -30.52 49.07
C ARG I 1806 40.03 -31.39 49.07
N THR I 1815 45.60 -27.51 39.67
CA THR I 1815 44.75 -26.42 40.12
C THR I 1815 43.68 -26.93 41.05
N ARG I 1816 43.38 -26.16 42.09
CA ARG I 1816 42.43 -26.60 43.11
C ARG I 1816 41.03 -26.87 42.55
N GLN I 1817 40.80 -26.60 41.27
CA GLN I 1817 39.54 -26.92 40.62
C GLN I 1817 39.64 -28.11 39.68
N SER I 1818 40.84 -28.42 39.19
CA SER I 1818 41.01 -29.49 38.21
C SER I 1818 40.49 -30.83 38.73
N PHE I 1819 40.46 -30.99 40.06
CA PHE I 1819 39.98 -32.23 40.65
C PHE I 1819 38.59 -32.58 40.15
N VAL I 1820 37.61 -31.76 40.55
CA VAL I 1820 36.20 -31.99 40.14
C VAL I 1820 36.10 -31.83 38.62
N ASP I 1821 36.86 -30.89 38.04
CA ASP I 1821 36.77 -30.60 36.59
C ASP I 1821 37.17 -31.83 35.75
N ARG I 1822 37.89 -32.80 36.34
CA ARG I 1822 38.37 -33.97 35.56
C ARG I 1822 37.46 -35.17 35.80
N SER I 1823 36.36 -35.00 36.54
CA SER I 1823 35.45 -36.12 36.88
C SER I 1823 34.11 -35.60 37.41
N LEU I 1824 33.31 -34.95 36.55
CA LEU I 1824 32.06 -34.35 37.07
C LEU I 1824 30.89 -34.56 36.09
N LEU I 1825 31.01 -34.11 34.84
CA LEU I 1825 29.87 -34.16 33.88
C LEU I 1825 29.18 -35.52 33.91
N THR I 1826 29.93 -36.62 34.00
CA THR I 1826 29.34 -37.95 33.92
C THR I 1826 28.45 -38.20 35.12
N LEU I 1827 28.92 -37.83 36.31
CA LEU I 1827 28.07 -37.90 37.49
C LEU I 1827 26.88 -36.97 37.35
N LEU I 1828 27.12 -35.75 36.86
CA LEU I 1828 26.06 -34.76 36.76
C LEU I 1828 24.98 -35.15 35.76
N TRP I 1829 25.28 -36.11 34.88
CA TRP I 1829 24.47 -36.32 33.70
C TRP I 1829 23.92 -37.72 33.56
N HIS I 1830 24.72 -38.75 33.85
CA HIS I 1830 24.33 -40.12 33.56
C HIS I 1830 23.91 -40.91 34.80
N CYS I 1831 24.08 -40.36 35.99
CA CYS I 1831 23.44 -40.95 37.16
C CYS I 1831 21.94 -40.72 37.07
N SER I 1832 21.17 -41.69 37.54
CA SER I 1832 19.72 -41.59 37.48
C SER I 1832 19.22 -40.39 38.28
N LEU I 1833 18.15 -39.76 37.80
CA LEU I 1833 17.59 -38.65 38.54
C LEU I 1833 16.70 -39.15 39.66
N ASP I 1834 17.20 -40.15 40.38
CA ASP I 1834 16.75 -40.48 41.73
C ASP I 1834 17.90 -40.41 42.72
N ALA I 1835 19.03 -41.05 42.38
CA ALA I 1835 20.28 -40.74 43.06
C ALA I 1835 20.61 -39.26 42.90
N LEU I 1836 20.41 -38.73 41.70
CA LEU I 1836 20.67 -37.32 41.47
C LEU I 1836 19.72 -36.45 42.28
N ARG I 1837 18.43 -36.78 42.29
CA ARG I 1837 17.46 -35.99 43.05
C ARG I 1837 17.67 -36.15 44.55
N GLU I 1838 17.93 -37.36 45.02
CA GLU I 1838 18.17 -37.55 46.44
C GLU I 1838 19.47 -36.89 46.89
N PHE I 1839 20.47 -36.82 46.01
CA PHE I 1839 21.70 -36.12 46.35
C PHE I 1839 21.50 -34.61 46.32
N PHE I 1840 20.65 -34.13 45.42
CA PHE I 1840 20.18 -32.74 45.48
C PHE I 1840 19.58 -32.42 46.84
N SER I 1841 18.65 -33.27 47.29
CA SER I 1841 18.06 -33.07 48.61
C SER I 1841 19.11 -33.17 49.71
N THR I 1842 20.09 -34.05 49.51
CA THR I 1842 21.16 -34.22 50.49
C THR I 1842 21.99 -32.95 50.63
N ILE I 1843 22.31 -32.31 49.52
CA ILE I 1843 23.26 -31.20 49.54
C ILE I 1843 22.59 -29.85 49.35
N VAL I 1844 21.27 -29.78 49.51
CA VAL I 1844 20.60 -28.48 49.59
C VAL I 1844 21.35 -27.56 50.56
N VAL I 1845 21.47 -27.99 51.82
CA VAL I 1845 22.19 -27.19 52.80
C VAL I 1845 23.69 -27.21 52.53
N ASP I 1846 24.22 -28.33 52.04
CA ASP I 1846 25.65 -28.43 51.75
C ASP I 1846 26.08 -27.45 50.67
N ALA I 1847 25.13 -26.92 49.90
CA ALA I 1847 25.39 -25.83 48.98
C ALA I 1847 25.01 -24.47 49.55
N ILE I 1848 23.91 -24.41 50.29
CA ILE I 1848 23.48 -23.15 50.91
C ILE I 1848 24.62 -22.59 51.75
N ASP I 1849 25.22 -23.43 52.59
CA ASP I 1849 26.33 -22.98 53.41
C ASP I 1849 27.53 -22.60 52.56
N VAL I 1850 27.84 -23.41 51.54
CA VAL I 1850 29.11 -23.30 50.85
C VAL I 1850 28.99 -22.19 49.81
N LEU I 1851 27.85 -21.51 49.80
CA LEU I 1851 27.72 -20.30 48.99
C LEU I 1851 28.90 -19.36 49.25
N LYS I 1852 29.21 -19.12 50.51
CA LYS I 1852 30.44 -18.43 50.88
C LYS I 1852 31.06 -19.08 52.10
N THR I 1862 46.25 -18.04 47.24
CA THR I 1862 45.38 -17.49 48.27
C THR I 1862 43.94 -17.49 47.78
N PHE I 1863 43.56 -16.39 47.14
CA PHE I 1863 42.20 -16.26 46.61
C PHE I 1863 41.98 -17.16 45.41
N ASP I 1864 43.07 -17.61 44.78
CA ASP I 1864 42.97 -18.57 43.69
C ASP I 1864 42.22 -19.82 44.11
N THR I 1865 42.60 -20.37 45.26
CA THR I 1865 41.91 -21.55 45.77
C THR I 1865 40.43 -21.26 46.02
N GLN I 1866 40.14 -20.10 46.60
CA GLN I 1866 38.75 -19.73 46.84
C GLN I 1866 37.96 -19.72 45.55
N ILE I 1867 38.49 -19.09 44.51
CA ILE I 1867 37.70 -19.00 43.29
C ILE I 1867 37.64 -20.33 42.57
N THR I 1868 38.64 -21.20 42.74
CA THR I 1868 38.52 -22.56 42.22
C THR I 1868 37.35 -23.27 42.86
N LYS I 1869 37.21 -23.12 44.18
CA LYS I 1869 36.07 -23.69 44.86
C LYS I 1869 34.77 -23.09 44.36
N LYS I 1870 34.76 -21.77 44.12
CA LYS I 1870 33.56 -21.11 43.60
C LYS I 1870 33.18 -21.67 42.24
N MET I 1871 34.17 -21.90 41.38
CA MET I 1871 33.91 -22.49 40.08
C MET I 1871 33.32 -23.89 40.23
N GLY I 1872 33.89 -24.68 41.14
CA GLY I 1872 33.32 -25.99 41.41
C GLY I 1872 31.86 -25.90 41.82
N TYR I 1873 31.54 -24.91 42.65
CA TYR I 1873 30.14 -24.69 43.02
C TYR I 1873 29.30 -24.37 41.81
N TYR I 1874 29.79 -23.49 40.94
CA TYR I 1874 29.09 -23.22 39.68
C TYR I 1874 28.76 -24.52 38.96
N LYS I 1875 29.79 -25.31 38.70
CA LYS I 1875 29.68 -26.50 37.87
C LYS I 1875 28.86 -27.60 38.52
N ILE I 1876 28.71 -27.59 39.84
CA ILE I 1876 27.87 -28.62 40.45
C ILE I 1876 26.43 -28.12 40.43
N LEU I 1877 26.24 -26.84 40.75
CA LEU I 1877 24.90 -26.34 41.04
C LEU I 1877 24.10 -26.15 39.76
N ASP I 1878 24.75 -25.74 38.68
CA ASP I 1878 24.04 -25.47 37.43
C ASP I 1878 23.25 -26.69 36.97
N VAL I 1879 23.93 -27.84 36.87
CA VAL I 1879 23.30 -29.03 36.33
C VAL I 1879 22.19 -29.51 37.26
N MET I 1880 22.43 -29.50 38.58
CA MET I 1880 21.41 -30.00 39.49
C MET I 1880 20.17 -29.13 39.49
N TYR I 1881 20.32 -27.83 39.25
CA TYR I 1881 19.12 -27.04 38.94
C TYR I 1881 18.49 -27.55 37.65
N SER I 1882 19.30 -27.61 36.59
CA SER I 1882 18.75 -27.84 35.26
C SER I 1882 17.99 -29.16 35.17
N ARG I 1883 18.25 -30.10 36.07
CA ARG I 1883 17.50 -31.35 36.06
C ARG I 1883 16.09 -31.15 36.56
N LEU I 1884 15.93 -30.78 37.82
CA LEU I 1884 14.61 -30.69 38.44
C LEU I 1884 14.66 -29.69 39.59
N PRO I 1885 13.51 -29.12 39.97
CA PRO I 1885 13.43 -28.23 41.14
C PRO I 1885 13.16 -28.99 42.43
N ASN I 1909 12.81 -27.81 46.83
CA ASN I 1909 11.66 -28.15 47.67
C ASN I 1909 10.86 -26.91 48.03
N GLU I 1910 11.19 -26.33 49.18
CA GLU I 1910 10.48 -25.18 49.72
C GLU I 1910 11.36 -23.94 49.86
N LEU I 1911 12.65 -24.04 49.56
CA LEU I 1911 13.59 -22.92 49.64
C LEU I 1911 13.86 -22.31 48.27
N THR I 1912 12.85 -22.29 47.40
CA THR I 1912 13.03 -21.97 45.98
C THR I 1912 13.55 -20.56 45.75
N LYS I 1913 12.74 -19.54 46.06
CA LYS I 1913 13.15 -18.16 45.80
C LYS I 1913 14.36 -17.78 46.62
N THR I 1914 14.46 -18.30 47.85
CA THR I 1914 15.64 -18.08 48.67
C THR I 1914 16.90 -18.50 47.91
N LEU I 1915 16.89 -19.73 47.39
CA LEU I 1915 18.04 -20.24 46.65
C LEU I 1915 18.27 -19.47 45.36
N ILE I 1916 17.19 -19.02 44.71
CA ILE I 1916 17.33 -18.26 43.48
C ILE I 1916 18.10 -16.98 43.75
N LYS I 1917 17.73 -16.27 44.81
CA LYS I 1917 18.51 -15.10 45.20
C LYS I 1917 19.92 -15.49 45.61
N LEU I 1918 20.04 -16.60 46.34
CA LEU I 1918 21.34 -17.06 46.84
C LEU I 1918 22.30 -17.38 45.70
N CYS I 1919 21.79 -17.63 44.50
CA CYS I 1919 22.67 -17.85 43.36
C CYS I 1919 22.85 -16.59 42.52
N TYR I 1920 21.78 -15.81 42.29
CA TYR I 1920 21.95 -14.62 41.49
C TYR I 1920 22.91 -13.64 42.14
N ASP I 1921 22.77 -13.43 43.45
CA ASP I 1921 23.69 -12.55 44.15
C ASP I 1921 25.13 -12.97 43.91
N ALA I 1922 25.38 -14.28 43.92
CA ALA I 1922 26.71 -14.79 43.61
C ALA I 1922 27.11 -14.40 42.20
N PHE I 1923 26.22 -14.57 41.23
CA PHE I 1923 26.56 -14.12 39.89
C PHE I 1923 26.69 -12.60 39.79
N THR I 1924 25.77 -11.88 40.43
CA THR I 1924 25.39 -10.52 40.05
C THR I 1924 26.56 -9.61 39.65
N GLU I 1925 27.73 -9.83 40.22
CA GLU I 1925 28.85 -8.93 39.96
C GLU I 1925 29.20 -8.90 38.48
N ASN I 1926 29.45 -7.70 37.97
CA ASN I 1926 29.97 -7.53 36.62
C ASN I 1926 31.35 -6.90 36.68
N LEU I 1934 42.69 -12.98 38.16
CA LEU I 1934 42.69 -11.91 37.18
C LEU I 1934 41.82 -12.30 35.99
N GLU I 1935 42.33 -13.22 35.15
CA GLU I 1935 41.46 -13.86 34.19
C GLU I 1935 40.34 -14.60 34.91
N ARG I 1936 40.58 -14.95 36.18
CA ARG I 1936 39.57 -15.47 37.07
C ARG I 1936 38.32 -14.61 37.08
N ARG I 1937 38.42 -13.33 36.68
CA ARG I 1937 37.22 -12.52 36.53
C ARG I 1937 36.43 -12.92 35.28
N ARG I 1938 37.12 -13.16 34.16
CA ARG I 1938 36.42 -13.68 32.99
C ARG I 1938 35.86 -15.07 33.27
N LEU I 1939 36.64 -15.90 33.95
CA LEU I 1939 36.15 -17.21 34.35
C LEU I 1939 34.94 -17.07 35.27
N TYR I 1940 35.00 -16.10 36.19
CA TYR I 1940 33.85 -15.78 37.01
C TYR I 1940 32.63 -15.47 36.17
N HIS I 1941 32.76 -14.54 35.24
CA HIS I 1941 31.60 -14.11 34.46
C HIS I 1941 31.02 -15.27 33.67
N CYS I 1942 31.87 -16.00 32.97
CA CYS I 1942 31.39 -17.10 32.14
C CYS I 1942 30.72 -18.16 32.99
N ALA I 1943 31.41 -18.65 34.02
CA ALA I 1943 30.86 -19.72 34.84
C ALA I 1943 29.59 -19.29 35.56
N ALA I 1944 29.61 -18.08 36.14
CA ALA I 1944 28.46 -17.60 36.87
C ALA I 1944 27.25 -17.43 35.97
N TYR I 1945 27.44 -16.87 34.78
CA TYR I 1945 26.28 -16.69 33.93
C TYR I 1945 25.84 -17.99 33.28
N ASN I 1946 26.73 -18.96 33.08
CA ASN I 1946 26.27 -20.28 32.66
C ASN I 1946 25.42 -20.93 33.74
N CYS I 1947 25.85 -20.82 35.00
CA CYS I 1947 25.02 -21.31 36.09
C CYS I 1947 23.70 -20.56 36.15
N ALA I 1948 23.73 -19.26 35.86
CA ALA I 1948 22.50 -18.48 35.80
C ALA I 1948 21.58 -18.97 34.69
N ILE I 1949 22.17 -19.28 33.52
CA ILE I 1949 21.40 -19.87 32.44
C ILE I 1949 20.72 -21.14 32.92
N SER I 1950 21.47 -21.97 33.65
CA SER I 1950 20.88 -23.15 34.24
C SER I 1950 19.68 -22.81 35.10
N VAL I 1951 19.88 -21.93 36.08
CA VAL I 1951 18.86 -21.64 37.08
C VAL I 1951 17.68 -20.92 36.45
N ILE I 1952 17.77 -20.63 35.15
CA ILE I 1952 16.61 -20.15 34.42
C ILE I 1952 15.71 -21.30 34.00
N CYS I 1953 16.25 -22.52 33.94
CA CYS I 1953 15.59 -23.62 33.23
C CYS I 1953 14.16 -23.82 33.71
N CYS I 1954 13.96 -23.98 35.01
CA CYS I 1954 12.63 -24.30 35.52
C CYS I 1954 11.94 -23.14 36.23
N VAL I 1955 12.68 -22.12 36.63
CA VAL I 1955 12.12 -20.95 37.30
C VAL I 1955 12.74 -19.71 36.67
N PHE I 1956 11.96 -18.63 36.57
CA PHE I 1956 12.33 -17.45 35.80
C PHE I 1956 12.70 -17.84 34.38
N ASN I 1957 11.95 -18.79 33.84
CA ASN I 1957 12.03 -19.15 32.44
C ASN I 1957 11.04 -18.37 31.58
N GLU I 1958 10.11 -17.66 32.19
CA GLU I 1958 9.11 -16.93 31.42
C GLU I 1958 9.62 -15.54 31.00
N LEU I 1959 9.85 -14.67 31.99
CA LEU I 1959 10.28 -13.28 31.78
C LEU I 1959 10.37 -12.65 33.17
N LYS I 1960 10.85 -11.41 33.21
CA LYS I 1960 10.81 -10.56 34.39
C LYS I 1960 11.47 -11.24 35.59
N PHE I 1961 12.78 -11.38 35.48
CA PHE I 1961 13.56 -12.18 36.42
C PHE I 1961 13.91 -11.39 37.68
N TYR I 1962 12.92 -10.77 38.30
CA TYR I 1962 13.07 -10.04 39.57
C TYR I 1962 14.25 -9.08 39.53
N GLN I 1963 14.16 -8.09 38.66
CA GLN I 1963 15.23 -7.11 38.52
C GLN I 1963 15.13 -6.04 39.60
N ARG I 2090 37.70 -24.55 19.65
CA ARG I 2090 36.33 -24.06 19.64
C ARG I 2090 36.16 -22.85 20.56
N HIS I 2091 35.06 -22.85 21.31
CA HIS I 2091 34.70 -21.75 22.18
C HIS I 2091 33.93 -22.29 23.36
N GLU I 2092 33.72 -21.43 24.36
CA GLU I 2092 33.17 -21.85 25.63
C GLU I 2092 31.67 -21.62 25.71
N CYS I 2093 31.23 -20.40 25.46
CA CYS I 2093 29.88 -19.97 25.77
C CYS I 2093 28.89 -20.27 24.65
N MET I 2094 29.32 -20.91 23.56
CA MET I 2094 28.39 -21.21 22.49
C MET I 2094 27.28 -22.12 22.99
N ALA I 2095 27.66 -23.22 23.65
CA ALA I 2095 26.66 -24.16 24.16
C ALA I 2095 25.75 -23.54 25.21
N PRO I 2096 26.26 -22.81 26.21
CA PRO I 2096 25.33 -22.15 27.15
C PRO I 2096 24.35 -21.23 26.43
N LEU I 2097 24.84 -20.44 25.49
CA LEU I 2097 23.95 -19.52 24.78
C LEU I 2097 22.92 -20.27 23.95
N THR I 2098 23.34 -21.30 23.23
CA THR I 2098 22.40 -22.04 22.40
C THR I 2098 21.35 -22.72 23.25
N ALA I 2099 21.78 -23.30 24.38
CA ALA I 2099 20.83 -23.95 25.28
C ALA I 2099 19.83 -22.94 25.81
N LEU I 2100 20.31 -21.78 26.25
CA LEU I 2100 19.39 -20.77 26.77
C LEU I 2100 18.46 -20.27 25.67
N VAL I 2101 18.98 -20.11 24.45
CA VAL I 2101 18.18 -19.60 23.35
C VAL I 2101 17.05 -20.55 23.03
N LYS I 2102 17.37 -21.84 22.87
CA LYS I 2102 16.32 -22.80 22.58
C LYS I 2102 15.36 -22.93 23.76
N HIS I 2103 15.88 -22.85 24.98
CA HIS I 2103 15.04 -22.93 26.16
C HIS I 2103 14.02 -21.79 26.18
N MET I 2104 14.49 -20.56 26.03
CA MET I 2104 13.58 -19.42 26.03
C MET I 2104 12.62 -19.48 24.85
N HIS I 2105 13.11 -19.90 23.68
CA HIS I 2105 12.25 -20.02 22.52
C HIS I 2105 11.13 -21.00 22.77
N ARG I 2106 11.44 -22.13 23.43
CA ARG I 2106 10.40 -23.07 23.81
C ARG I 2106 9.44 -22.44 24.81
N SER I 2107 9.98 -21.68 25.77
CA SER I 2107 9.12 -20.91 26.66
C SER I 2107 8.38 -19.82 25.89
N LEU I 2108 8.94 -19.37 24.78
CA LEU I 2108 8.29 -18.38 23.94
C LEU I 2108 7.48 -19.06 22.83
N ARG I 2120 10.04 -5.49 18.30
CA ARG I 2120 9.66 -6.88 18.05
C ARG I 2120 10.70 -7.83 18.62
N ASP I 2121 11.70 -7.26 19.28
CA ASP I 2121 12.71 -8.03 19.99
C ASP I 2121 12.32 -8.14 21.47
N LEU I 2122 12.65 -9.27 22.06
CA LEU I 2122 12.09 -9.68 23.34
C LEU I 2122 12.91 -9.17 24.51
N PRO I 2123 12.26 -8.91 25.65
CA PRO I 2123 12.96 -8.32 26.79
C PRO I 2123 13.83 -9.27 27.59
N SER I 2124 14.01 -10.51 27.15
CA SER I 2124 14.89 -11.42 27.85
C SER I 2124 16.33 -11.10 27.51
N TRP I 2125 16.70 -9.83 27.64
CA TRP I 2125 17.99 -9.27 27.25
C TRP I 2125 18.27 -9.42 25.76
N MET I 2126 17.32 -9.88 24.96
CA MET I 2126 17.63 -10.05 23.55
C MET I 2126 17.26 -8.81 22.74
N LYS I 2127 16.32 -7.99 23.22
CA LYS I 2127 16.29 -6.62 22.75
C LYS I 2127 17.53 -5.87 23.21
N PHE I 2128 17.99 -6.17 24.43
CA PHE I 2128 19.24 -5.59 24.92
C PHE I 2128 20.40 -5.94 24.00
N LEU I 2129 20.58 -7.22 23.69
CA LEU I 2129 21.65 -7.57 22.77
C LEU I 2129 21.33 -7.14 21.35
N HIS I 2130 20.06 -6.97 21.01
CA HIS I 2130 19.72 -6.42 19.70
C HIS I 2130 20.27 -5.03 19.55
N GLY I 2131 20.07 -4.19 20.57
CA GLY I 2131 20.70 -2.88 20.58
C GLY I 2131 22.20 -2.96 20.65
N LYS I 2132 22.71 -3.92 21.43
CA LYS I 2132 24.16 -4.12 21.55
C LYS I 2132 24.78 -4.51 20.21
N LEU I 2133 24.01 -5.14 19.34
CA LEU I 2133 24.49 -5.65 18.07
C LEU I 2133 24.26 -4.68 16.92
N GLY I 2134 23.23 -3.83 17.01
CA GLY I 2134 23.03 -2.82 15.99
C GLY I 2134 24.24 -1.91 15.85
N ASN I 2135 24.85 -1.54 16.97
CA ASN I 2135 26.05 -0.71 16.94
C ASN I 2135 27.28 -1.60 16.91
N PRO I 2136 28.16 -1.46 15.93
CA PRO I 2136 29.40 -2.25 15.93
C PRO I 2136 30.47 -1.58 16.77
N ILE I 2137 30.09 -1.09 17.94
CA ILE I 2137 31.02 -0.44 18.86
C ILE I 2137 31.34 -1.33 20.06
N VAL I 2138 30.46 -2.26 20.40
CA VAL I 2138 30.72 -3.32 21.37
C VAL I 2138 32.12 -3.88 21.11
N PRO I 2139 32.95 -4.07 22.14
CA PRO I 2139 34.36 -4.39 21.91
C PRO I 2139 34.55 -5.63 21.03
N LEU I 2140 35.75 -5.70 20.45
CA LEU I 2140 36.00 -6.70 19.41
C LEU I 2140 35.86 -8.11 19.94
N ASN I 2141 36.38 -8.39 21.14
CA ASN I 2141 36.17 -9.71 21.71
C ASN I 2141 34.69 -10.00 21.87
N ILE I 2142 33.95 -9.06 22.47
CA ILE I 2142 32.51 -9.23 22.58
C ILE I 2142 31.85 -9.17 21.20
N ARG I 2143 32.41 -8.39 20.28
CA ARG I 2143 31.91 -8.39 18.91
C ARG I 2143 31.88 -9.81 18.36
N LEU I 2144 33.01 -10.50 18.46
CA LEU I 2144 33.10 -11.87 17.97
C LEU I 2144 32.19 -12.79 18.76
N PHE I 2145 32.09 -12.57 20.07
CA PHE I 2145 31.19 -13.39 20.88
C PHE I 2145 29.78 -13.33 20.33
N LEU I 2146 29.25 -12.12 20.16
CA LEU I 2146 27.92 -11.95 19.60
C LEU I 2146 27.84 -12.58 18.23
N ALA I 2147 28.80 -12.26 17.37
CA ALA I 2147 28.79 -12.78 16.00
C ALA I 2147 28.62 -14.29 16.00
N LYS I 2148 29.59 -15.00 16.59
CA LYS I 2148 29.58 -16.45 16.56
C LYS I 2148 28.34 -17.02 17.20
N LEU I 2149 27.95 -16.50 18.36
CA LEU I 2149 26.89 -17.15 19.11
C LEU I 2149 25.53 -16.93 18.47
N VAL I 2150 25.26 -15.71 17.98
CA VAL I 2150 24.02 -15.51 17.25
C VAL I 2150 24.05 -16.28 15.93
N ILE I 2151 25.23 -16.47 15.33
CA ILE I 2151 25.33 -17.31 14.15
C ILE I 2151 24.86 -18.71 14.47
N ASN I 2152 25.34 -19.25 15.58
CA ASN I 2152 24.90 -20.57 16.01
C ASN I 2152 23.41 -20.60 16.27
N THR I 2153 22.86 -19.50 16.78
CA THR I 2153 21.44 -19.43 17.12
C THR I 2153 20.66 -18.55 16.15
N GLU I 2154 21.17 -18.38 14.93
CA GLU I 2154 20.49 -17.53 13.95
C GLU I 2154 19.16 -18.11 13.50
N GLU I 2155 18.96 -19.41 13.68
CA GLU I 2155 17.76 -20.07 13.18
C GLU I 2155 16.50 -19.55 13.84
N VAL I 2156 16.54 -19.34 15.16
CA VAL I 2156 15.32 -19.03 15.90
C VAL I 2156 14.76 -17.67 15.50
N PHE I 2157 15.61 -16.65 15.42
CA PHE I 2157 15.16 -15.31 15.07
C PHE I 2157 15.28 -15.04 13.58
N ARG I 2158 15.26 -16.09 12.77
CA ARG I 2158 15.08 -15.89 11.34
C ARG I 2158 13.85 -15.04 11.02
N PRO I 2159 12.70 -15.19 11.72
CA PRO I 2159 11.67 -14.15 11.58
C PRO I 2159 11.94 -12.96 12.47
N TYR I 2160 13.21 -12.55 12.51
CA TYR I 2160 13.61 -11.23 12.96
C TYR I 2160 14.81 -10.74 12.17
N ALA I 2161 15.20 -11.47 11.12
CA ALA I 2161 16.32 -11.04 10.30
C ALA I 2161 16.07 -9.70 9.64
N LYS I 2162 14.80 -9.32 9.47
CA LYS I 2162 14.48 -8.00 8.95
C LYS I 2162 15.16 -6.90 9.76
N HIS I 2163 15.24 -7.09 11.07
CA HIS I 2163 15.96 -6.15 11.93
C HIS I 2163 17.41 -6.56 12.11
N TRP I 2164 17.68 -7.86 12.20
CA TRP I 2164 19.03 -8.35 12.42
C TRP I 2164 19.97 -8.07 11.25
N LEU I 2165 19.44 -7.73 10.08
CA LEU I 2165 20.26 -7.69 8.87
C LEU I 2165 21.39 -6.69 8.99
N SER I 2166 21.05 -5.44 9.32
CA SER I 2166 22.11 -4.44 9.43
C SER I 2166 23.11 -4.77 10.52
N PRO I 2167 22.71 -5.13 11.77
CA PRO I 2167 23.72 -5.51 12.77
C PRO I 2167 24.75 -6.45 12.17
N LEU I 2168 24.26 -7.45 11.45
CA LEU I 2168 25.15 -8.35 10.72
C LEU I 2168 25.99 -7.59 9.71
N LEU I 2169 25.37 -6.65 9.00
CA LEU I 2169 26.08 -5.93 7.95
C LEU I 2169 27.27 -5.17 8.51
N GLN I 2170 27.01 -4.20 9.38
CA GLN I 2170 28.11 -3.42 9.93
C GLN I 2170 29.05 -4.25 10.79
N LEU I 2171 28.56 -5.32 11.42
CA LEU I 2171 29.46 -6.16 12.19
C LEU I 2171 30.46 -6.85 11.28
N ALA I 2172 29.96 -7.50 10.23
CA ALA I 2172 30.84 -8.09 9.24
C ALA I 2172 31.64 -7.03 8.50
N ALA I 2173 31.18 -5.79 8.50
CA ALA I 2173 31.85 -4.73 7.77
C ALA I 2173 33.25 -4.48 8.31
N SER I 2174 34.26 -4.87 7.53
CA SER I 2174 35.66 -4.53 7.78
C SER I 2174 36.11 -4.97 9.17
N GLU I 2175 35.53 -6.06 9.69
CA GLU I 2175 35.94 -6.59 10.98
C GLU I 2175 37.11 -7.53 10.76
N ASN I 2176 38.26 -7.19 11.31
CA ASN I 2176 39.47 -7.97 11.12
C ASN I 2176 40.22 -8.13 12.43
N GLY I 2179 40.50 -14.84 18.59
CA GLY I 2179 40.01 -15.31 17.31
C GLY I 2179 40.63 -16.65 16.90
N GLU I 2180 39.78 -17.67 16.77
CA GLU I 2180 40.28 -19.00 16.43
C GLU I 2180 40.90 -19.02 15.03
N GLY I 2181 40.24 -18.41 14.05
CA GLY I 2181 40.83 -18.26 12.74
C GLY I 2181 40.03 -17.35 11.85
N ILE I 2182 40.66 -16.30 11.33
CA ILE I 2182 39.93 -15.18 10.73
C ILE I 2182 39.16 -15.64 9.50
N HIS I 2183 39.80 -16.40 8.62
CA HIS I 2183 39.11 -16.85 7.41
C HIS I 2183 37.95 -17.76 7.75
N TYR I 2184 38.08 -18.56 8.82
CA TYR I 2184 36.95 -19.39 9.24
C TYR I 2184 35.73 -18.53 9.51
N MET I 2185 35.87 -17.52 10.36
CA MET I 2185 34.73 -16.65 10.65
C MET I 2185 34.31 -15.85 9.43
N VAL I 2186 35.23 -15.56 8.52
CA VAL I 2186 34.85 -14.89 7.28
C VAL I 2186 33.86 -15.75 6.51
N VAL I 2187 34.20 -17.03 6.34
CA VAL I 2187 33.29 -17.95 5.66
C VAL I 2187 31.99 -18.05 6.44
N GLU I 2188 32.07 -18.12 7.77
CA GLU I 2188 30.87 -18.24 8.58
C GLU I 2188 29.95 -17.06 8.37
N ILE I 2189 30.49 -15.84 8.43
CA ILE I 2189 29.64 -14.66 8.32
C ILE I 2189 29.07 -14.54 6.92
N VAL I 2190 29.87 -14.83 5.90
CA VAL I 2190 29.35 -14.70 4.55
C VAL I 2190 28.25 -15.73 4.31
N ALA I 2191 28.42 -16.94 4.83
CA ALA I 2191 27.36 -17.94 4.72
C ALA I 2191 26.10 -17.48 5.45
N THR I 2192 26.25 -16.96 6.65
CA THR I 2192 25.09 -16.57 7.43
C THR I 2192 24.33 -15.44 6.75
N ILE I 2193 25.04 -14.41 6.29
CA ILE I 2193 24.39 -13.27 5.68
C ILE I 2193 23.62 -13.69 4.44
N LEU I 2194 24.05 -14.77 3.80
CA LEU I 2194 23.34 -15.28 2.64
C LEU I 2194 22.36 -16.39 2.98
N SER I 2195 22.19 -16.72 4.26
CA SER I 2195 21.41 -17.89 4.64
C SER I 2195 19.93 -17.72 4.39
N TRP I 2196 19.49 -16.67 3.71
CA TRP I 2196 18.07 -16.45 3.49
C TRP I 2196 17.82 -15.99 2.06
N THR I 2197 16.61 -16.25 1.58
CA THR I 2197 16.10 -15.69 0.34
C THR I 2197 14.95 -14.72 0.59
N GLY I 2198 13.91 -15.18 1.30
CA GLY I 2198 12.80 -14.32 1.64
C GLY I 2198 12.86 -13.85 3.08
N LEU I 2199 13.59 -14.59 3.93
CA LEU I 2199 13.72 -14.21 5.33
C LEU I 2199 14.40 -12.86 5.49
N ALA I 2200 15.25 -12.48 4.54
CA ALA I 2200 15.85 -11.15 4.53
C ALA I 2200 16.27 -10.83 3.11
N THR I 2201 16.21 -9.54 2.77
CA THR I 2201 16.53 -9.07 1.43
C THR I 2201 17.52 -7.91 1.50
N PRO I 2202 18.42 -7.81 0.51
CA PRO I 2202 19.49 -6.80 0.53
C PRO I 2202 19.07 -5.45 -0.07
N THR I 2203 17.94 -4.91 0.39
CA THR I 2203 17.50 -3.61 -0.12
C THR I 2203 16.86 -2.74 0.96
N GLY I 2204 17.17 -3.00 2.24
CA GLY I 2204 16.53 -2.23 3.30
C GLY I 2204 16.83 -0.74 3.21
N VAL I 2205 18.07 -0.39 2.87
CA VAL I 2205 18.48 1.00 2.77
C VAL I 2205 19.61 1.08 1.75
N PRO I 2206 19.65 2.12 0.90
CA PRO I 2206 20.76 2.23 -0.06
C PRO I 2206 22.12 2.19 0.63
N LYS I 2207 22.16 2.57 1.90
CA LYS I 2207 23.36 2.37 2.69
C LYS I 2207 23.71 0.89 2.77
N ASP I 2208 22.73 0.03 2.99
CA ASP I 2208 23.02 -1.40 3.01
C ASP I 2208 23.49 -1.87 1.65
N GLU I 2209 22.97 -1.26 0.59
CA GLU I 2209 23.41 -1.61 -0.76
C GLU I 2209 24.86 -1.25 -0.99
N VAL I 2210 25.27 -0.05 -0.60
CA VAL I 2210 26.65 0.35 -0.79
C VAL I 2210 27.58 -0.47 0.10
N LEU I 2211 27.12 -0.82 1.31
CA LEU I 2211 27.95 -1.66 2.16
C LEU I 2211 28.06 -3.08 1.61
N ALA I 2212 27.00 -3.59 0.99
CA ALA I 2212 27.07 -4.90 0.35
C ALA I 2212 28.02 -4.88 -0.82
N ASN I 2213 28.01 -3.81 -1.60
CA ASN I 2213 28.99 -3.68 -2.69
C ASN I 2213 30.40 -3.56 -2.14
N ARG I 2214 30.54 -2.90 -0.98
CA ARG I 2214 31.83 -2.84 -0.31
C ARG I 2214 32.31 -4.24 0.07
N LEU I 2215 31.41 -5.05 0.62
CA LEU I 2215 31.73 -6.44 0.91
C LEU I 2215 32.05 -7.21 -0.36
N LEU I 2216 31.39 -6.86 -1.47
CA LEU I 2216 31.74 -7.44 -2.76
C LEU I 2216 33.18 -7.13 -3.12
N ASN I 2217 33.59 -5.88 -2.92
CA ASN I 2217 34.99 -5.53 -3.17
C ASN I 2217 35.92 -6.30 -2.26
N PHE I 2218 35.53 -6.45 -1.00
CA PHE I 2218 36.36 -7.18 -0.05
C PHE I 2218 36.52 -8.64 -0.47
N LEU I 2219 35.43 -9.27 -0.92
CA LEU I 2219 35.51 -10.66 -1.30
C LEU I 2219 36.28 -10.82 -2.61
N MET I 2220 36.13 -9.87 -3.53
CA MET I 2220 36.96 -9.91 -4.74
C MET I 2220 38.43 -9.80 -4.37
N LYS I 2221 38.75 -8.97 -3.38
CA LYS I 2221 40.08 -8.97 -2.82
C LYS I 2221 40.41 -10.31 -2.16
N HIS I 2222 39.39 -11.01 -1.67
CA HIS I 2222 39.57 -12.28 -0.96
C HIS I 2222 39.53 -13.49 -1.88
N VAL I 2223 38.82 -13.42 -2.99
CA VAL I 2223 38.47 -14.63 -3.74
C VAL I 2223 39.69 -15.19 -4.48
N PHE I 2224 40.28 -16.23 -3.89
CA PHE I 2224 41.28 -17.06 -4.54
C PHE I 2224 41.56 -18.26 -3.66
N HIS I 2225 41.76 -19.42 -4.29
CA HIS I 2225 42.34 -20.53 -3.59
C HIS I 2225 43.10 -21.37 -4.61
N PRO I 2226 44.33 -21.77 -4.29
CA PRO I 2226 45.04 -22.74 -5.13
C PRO I 2226 44.54 -24.16 -4.96
N LYS I 2227 43.43 -24.34 -4.26
CA LYS I 2227 42.94 -25.65 -3.89
C LYS I 2227 41.91 -26.20 -4.87
N ARG I 2228 41.51 -25.41 -5.87
CA ARG I 2228 40.71 -25.80 -7.03
C ARG I 2228 39.30 -26.26 -6.66
N ALA I 2229 39.03 -26.39 -5.37
CA ALA I 2229 37.71 -26.78 -4.88
C ALA I 2229 37.13 -25.77 -3.93
N VAL I 2230 37.84 -25.44 -2.85
CA VAL I 2230 37.40 -24.35 -2.00
C VAL I 2230 37.48 -23.03 -2.76
N PHE I 2231 38.28 -22.99 -3.82
CA PHE I 2231 38.19 -21.84 -4.71
C PHE I 2231 36.92 -21.91 -5.54
N ARG I 2232 36.60 -23.10 -6.07
CA ARG I 2232 35.28 -23.29 -6.66
C ARG I 2232 34.19 -23.05 -5.63
N HIS I 2233 34.50 -23.32 -4.36
CA HIS I 2233 33.59 -22.92 -3.28
C HIS I 2233 33.41 -21.42 -3.24
N ASN I 2234 34.51 -20.67 -3.39
CA ASN I 2234 34.38 -19.22 -3.45
C ASN I 2234 33.50 -18.81 -4.62
N LEU I 2235 33.69 -19.48 -5.76
CA LEU I 2235 32.90 -19.16 -6.94
C LEU I 2235 31.42 -19.39 -6.69
N GLU I 2236 31.08 -20.52 -6.06
CA GLU I 2236 29.66 -20.78 -5.80
C GLU I 2236 29.13 -19.81 -4.76
N ILE I 2237 29.98 -19.36 -3.83
CA ILE I 2237 29.59 -18.32 -2.89
C ILE I 2237 29.24 -17.04 -3.66
N ILE I 2238 30.06 -16.71 -4.66
CA ILE I 2238 29.79 -15.54 -5.49
C ILE I 2238 28.44 -15.69 -6.18
N LYS I 2239 28.18 -16.88 -6.72
CA LYS I 2239 26.89 -17.13 -7.36
C LYS I 2239 25.75 -16.94 -6.37
N THR I 2240 25.88 -17.54 -5.19
CA THR I 2240 24.82 -17.44 -4.20
C THR I 2240 24.53 -15.99 -3.85
N LEU I 2241 25.59 -15.21 -3.60
CA LEU I 2241 25.37 -13.82 -3.23
C LEU I 2241 24.78 -13.03 -4.39
N VAL I 2242 25.21 -13.31 -5.62
CA VAL I 2242 24.79 -12.46 -6.72
C VAL I 2242 23.34 -12.74 -7.11
N GLU I 2243 22.91 -14.01 -7.10
CA GLU I 2243 21.49 -14.28 -7.29
C GLU I 2243 20.71 -14.35 -5.99
N CYS I 2244 21.27 -13.86 -4.89
CA CYS I 2244 20.42 -13.55 -3.75
C CYS I 2244 20.30 -12.05 -3.50
N TRP I 2245 21.20 -11.22 -4.03
CA TRP I 2245 21.02 -9.78 -3.89
C TRP I 2245 20.07 -9.24 -4.94
N LYS I 2246 20.52 -9.20 -6.19
CA LYS I 2246 19.73 -8.78 -7.35
C LYS I 2246 19.19 -7.35 -7.20
N ASP I 2247 19.53 -6.67 -6.11
CA ASP I 2247 18.93 -5.37 -5.82
C ASP I 2247 19.98 -4.33 -5.43
N CYS I 2248 21.04 -4.79 -4.77
CA CYS I 2248 22.08 -3.91 -4.25
C CYS I 2248 23.32 -3.96 -5.14
N LEU I 2249 23.09 -4.09 -6.44
CA LEU I 2249 24.16 -4.40 -7.39
C LEU I 2249 24.88 -3.14 -7.80
N SER I 2250 26.20 -3.15 -7.71
CA SER I 2250 27.06 -2.07 -8.19
C SER I 2250 28.36 -2.69 -8.69
N ILE I 2251 28.65 -2.49 -9.97
CA ILE I 2251 29.74 -3.18 -10.65
C ILE I 2251 30.90 -2.20 -10.82
N PRO I 2252 32.04 -2.41 -10.16
CA PRO I 2252 33.17 -1.51 -10.38
C PRO I 2252 33.72 -1.57 -11.79
N TYR I 2253 33.87 -2.77 -12.34
CA TYR I 2253 34.40 -3.03 -13.68
C TYR I 2253 35.88 -2.64 -13.76
N ARG I 2254 36.41 -2.00 -12.72
CA ARG I 2254 37.78 -1.52 -12.73
C ARG I 2254 38.74 -2.53 -12.14
N LEU I 2255 38.54 -2.88 -10.86
CA LEU I 2255 39.23 -4.04 -10.32
C LEU I 2255 38.88 -5.28 -11.13
N ILE I 2256 37.64 -5.36 -11.60
CA ILE I 2256 37.23 -6.43 -12.48
C ILE I 2256 38.07 -6.45 -13.75
N PHE I 2257 38.49 -5.27 -14.21
CA PHE I 2257 39.27 -5.24 -15.45
C PHE I 2257 40.57 -6.00 -15.31
N GLU I 2258 41.36 -5.68 -14.29
CA GLU I 2258 42.58 -6.43 -14.05
C GLU I 2258 42.28 -7.87 -13.66
N LYS I 2259 41.16 -8.08 -12.97
CA LYS I 2259 40.82 -9.41 -12.50
C LYS I 2259 40.61 -10.37 -13.66
N PHE I 2260 39.93 -9.91 -14.70
CA PHE I 2260 39.76 -10.73 -15.89
C PHE I 2260 40.95 -10.64 -16.84
N SER I 2261 41.71 -9.55 -16.79
CA SER I 2261 42.84 -9.38 -17.69
C SER I 2261 44.15 -9.80 -17.04
N GLY I 2262 44.58 -9.09 -16.00
CA GLY I 2262 45.86 -9.37 -15.35
C GLY I 2262 47.02 -8.90 -16.22
N LYS I 2263 47.97 -9.78 -16.50
CA LYS I 2263 49.10 -9.43 -17.41
C LYS I 2263 49.19 -10.49 -18.50
N ASP I 2264 48.14 -11.32 -18.65
CA ASP I 2264 48.14 -12.42 -19.65
C ASP I 2264 49.45 -13.20 -19.57
N PRO I 2265 49.77 -13.88 -18.44
CA PRO I 2265 51.05 -14.58 -18.28
C PRO I 2265 50.98 -16.08 -18.56
N ASN I 2266 51.86 -16.86 -17.94
CA ASN I 2266 51.88 -18.33 -18.12
C ASN I 2266 51.13 -18.98 -16.96
N SER I 2267 50.10 -18.30 -16.43
CA SER I 2267 49.33 -18.83 -15.31
C SER I 2267 47.86 -18.57 -15.54
N LYS I 2268 47.03 -19.39 -14.91
CA LYS I 2268 45.58 -19.30 -15.07
C LYS I 2268 44.96 -18.38 -14.01
N ASP I 2269 45.50 -17.16 -13.92
CA ASP I 2269 45.09 -16.24 -12.86
C ASP I 2269 43.82 -15.49 -13.22
N ASN I 2270 43.88 -14.68 -14.29
CA ASN I 2270 42.79 -13.79 -14.63
C ASN I 2270 41.51 -14.53 -14.99
N SER I 2271 41.60 -15.85 -15.18
CA SER I 2271 40.41 -16.68 -15.21
C SER I 2271 39.48 -16.40 -14.04
N VAL I 2272 40.01 -15.90 -12.92
CA VAL I 2272 39.15 -15.52 -11.80
C VAL I 2272 38.21 -14.39 -12.21
N GLY I 2273 38.76 -13.35 -12.84
CA GLY I 2273 37.92 -12.29 -13.35
C GLY I 2273 37.03 -12.78 -14.45
N ILE I 2274 37.49 -13.76 -15.22
CA ILE I 2274 36.63 -14.36 -16.24
C ILE I 2274 35.41 -15.02 -15.61
N GLN I 2275 35.62 -15.73 -14.51
CA GLN I 2275 34.49 -16.32 -13.79
C GLN I 2275 33.59 -15.24 -13.24
N LEU I 2276 34.17 -14.12 -12.82
CA LEU I 2276 33.34 -12.98 -12.44
C LEU I 2276 32.47 -12.52 -13.60
N LEU I 2277 33.05 -12.51 -14.80
CA LEU I 2277 32.27 -12.13 -15.98
C LEU I 2277 31.14 -13.11 -16.23
N GLY I 2278 31.43 -14.40 -16.05
CA GLY I 2278 30.37 -15.40 -16.16
C GLY I 2278 29.29 -15.18 -15.13
N ILE I 2279 29.68 -14.75 -13.93
CA ILE I 2279 28.71 -14.37 -12.90
C ILE I 2279 27.85 -13.21 -13.38
N VAL I 2280 28.49 -12.21 -13.98
CA VAL I 2280 27.76 -11.04 -14.48
C VAL I 2280 26.75 -11.46 -15.54
N MET I 2281 27.18 -12.32 -16.47
CA MET I 2281 26.24 -12.82 -17.47
C MET I 2281 25.17 -13.71 -16.86
N ALA I 2282 25.42 -14.27 -15.69
CA ALA I 2282 24.34 -14.90 -14.96
C ALA I 2282 23.30 -13.88 -14.51
N ASN I 2283 23.62 -12.59 -14.60
CA ASN I 2283 22.70 -11.52 -14.31
C ASN I 2283 22.31 -10.80 -15.60
N ASP I 2284 21.32 -9.91 -15.49
CA ASP I 2284 20.99 -9.02 -16.59
C ASP I 2284 22.01 -7.91 -16.76
N LEU I 2285 23.04 -7.87 -15.92
CA LEU I 2285 24.03 -6.82 -16.01
C LEU I 2285 24.74 -6.90 -17.36
N PRO I 2286 24.90 -5.78 -18.05
CA PRO I 2286 25.56 -5.82 -19.35
C PRO I 2286 26.97 -6.38 -19.21
N PRO I 2287 27.45 -7.08 -20.24
CA PRO I 2287 28.80 -7.66 -20.16
C PRO I 2287 29.85 -6.66 -19.75
N TYR I 2288 29.76 -5.43 -20.25
CA TYR I 2288 30.46 -4.30 -19.64
C TYR I 2288 29.46 -3.16 -19.66
N ASP I 2289 28.69 -3.03 -18.60
CA ASP I 2289 27.90 -1.83 -18.41
C ASP I 2289 28.86 -0.65 -18.34
N PRO I 2290 28.66 0.39 -19.16
CA PRO I 2290 29.63 1.49 -19.17
C PRO I 2290 29.84 2.09 -17.79
N GLN I 2291 28.78 2.57 -17.15
CA GLN I 2291 28.77 3.15 -15.82
C GLN I 2291 30.05 3.94 -15.50
N CYS I 2292 31.19 3.26 -15.39
CA CYS I 2292 32.48 3.95 -15.28
C CYS I 2292 32.93 4.47 -16.63
N GLY I 2293 32.59 3.77 -17.72
CA GLY I 2293 33.05 4.13 -19.04
C GLY I 2293 34.57 4.12 -19.08
N ILE I 2294 35.18 3.08 -18.53
CA ILE I 2294 36.63 3.04 -18.33
C ILE I 2294 37.31 3.23 -19.67
N GLN I 2295 37.13 2.27 -20.58
CA GLN I 2295 37.44 2.49 -21.98
C GLN I 2295 36.39 1.95 -22.94
N SER I 2296 35.65 0.90 -22.57
CA SER I 2296 34.55 0.30 -23.30
C SER I 2296 35.00 -0.38 -24.59
N SER I 2297 36.26 -0.25 -24.97
CA SER I 2297 36.79 -0.90 -26.17
C SER I 2297 37.94 -1.83 -25.82
N GLU I 2298 38.99 -1.31 -25.17
CA GLU I 2298 40.04 -2.17 -24.66
C GLU I 2298 39.56 -3.06 -23.53
N TYR I 2299 38.40 -2.75 -22.95
CA TYR I 2299 37.81 -3.66 -21.98
C TYR I 2299 37.51 -5.01 -22.61
N PHE I 2300 37.45 -5.04 -23.94
CA PHE I 2300 37.19 -6.23 -24.71
C PHE I 2300 38.37 -6.61 -25.59
N GLN I 2301 39.21 -5.64 -25.94
CA GLN I 2301 40.51 -5.96 -26.50
C GLN I 2301 41.31 -6.81 -25.53
N ALA I 2302 41.15 -6.55 -24.24
CA ALA I 2302 41.77 -7.40 -23.23
C ALA I 2302 41.25 -8.83 -23.34
N LEU I 2303 39.96 -8.98 -23.61
CA LEU I 2303 39.37 -10.32 -23.73
C LEU I 2303 39.88 -11.05 -24.96
N VAL I 2304 39.93 -10.37 -26.10
CA VAL I 2304 40.42 -11.04 -27.31
C VAL I 2304 41.91 -11.32 -27.19
N ASN I 2305 42.66 -10.42 -26.57
CA ASN I 2305 44.07 -10.71 -26.37
C ASN I 2305 44.27 -11.83 -25.35
N ASN I 2306 43.35 -11.97 -24.40
CA ASN I 2306 43.36 -13.16 -23.55
C ASN I 2306 43.09 -14.39 -24.36
N MET I 2307 42.22 -14.28 -25.36
CA MET I 2307 42.07 -15.34 -26.33
C MET I 2307 43.44 -15.66 -26.90
N SER I 2308 44.24 -14.60 -27.12
CA SER I 2308 45.59 -14.76 -27.72
C SER I 2308 46.64 -15.10 -26.66
N PHE I 2309 46.32 -14.90 -25.37
CA PHE I 2309 47.25 -15.32 -24.28
C PHE I 2309 47.22 -16.84 -24.30
N VAL I 2310 47.88 -17.46 -25.27
CA VAL I 2310 47.74 -18.93 -25.44
C VAL I 2310 48.83 -19.70 -24.71
N ARG I 2311 48.63 -19.99 -23.41
CA ARG I 2311 49.58 -20.93 -22.83
C ARG I 2311 48.80 -22.16 -22.40
N TYR I 2312 47.55 -21.94 -22.00
CA TYR I 2312 46.70 -23.01 -21.50
C TYR I 2312 45.29 -22.74 -22.00
N LYS I 2313 44.79 -23.63 -22.86
CA LYS I 2313 43.59 -23.34 -23.63
C LYS I 2313 42.38 -23.04 -22.74
N GLU I 2314 42.20 -23.82 -21.67
CA GLU I 2314 40.92 -23.84 -20.96
C GLU I 2314 40.44 -22.45 -20.56
N VAL I 2315 41.35 -21.62 -20.06
CA VAL I 2315 40.95 -20.33 -19.50
C VAL I 2315 40.31 -19.46 -20.58
N TYR I 2316 41.08 -19.12 -21.61
CA TYR I 2316 40.50 -18.30 -22.66
C TYR I 2316 39.51 -19.06 -23.52
N ALA I 2317 39.43 -20.38 -23.41
CA ALA I 2317 38.34 -21.10 -24.06
C ALA I 2317 37.02 -20.80 -23.39
N ALA I 2318 36.98 -20.90 -22.07
CA ALA I 2318 35.77 -20.52 -21.33
C ALA I 2318 35.47 -19.04 -21.54
N ALA I 2319 36.51 -18.21 -21.55
CA ALA I 2319 36.29 -16.80 -21.83
C ALA I 2319 35.78 -16.60 -23.26
N ALA I 2320 36.20 -17.44 -24.20
CA ALA I 2320 35.65 -17.39 -25.55
C ALA I 2320 34.18 -17.73 -25.55
N GLU I 2321 33.79 -18.71 -24.76
CA GLU I 2321 32.38 -19.07 -24.69
C GLU I 2321 31.56 -17.92 -24.10
N VAL I 2322 32.08 -17.26 -23.06
CA VAL I 2322 31.33 -16.13 -22.50
C VAL I 2322 31.34 -14.96 -23.46
N LEU I 2323 32.40 -14.81 -24.25
CA LEU I 2323 32.41 -13.81 -25.31
C LEU I 2323 31.34 -14.12 -26.34
N GLY I 2324 31.14 -15.40 -26.67
CA GLY I 2324 30.05 -15.77 -27.54
C GLY I 2324 28.71 -15.45 -26.93
N LEU I 2325 28.59 -15.65 -25.62
CA LEU I 2325 27.39 -15.19 -24.91
C LEU I 2325 27.16 -13.71 -25.18
N ILE I 2326 28.21 -12.90 -25.01
CA ILE I 2326 28.11 -11.48 -25.30
C ILE I 2326 27.66 -11.27 -26.74
N LEU I 2327 28.23 -12.03 -27.67
CA LEU I 2327 27.84 -11.93 -29.06
C LEU I 2327 26.35 -12.23 -29.25
N ARG I 2328 25.79 -13.12 -28.45
CA ARG I 2328 24.36 -13.36 -28.45
C ARG I 2328 23.67 -12.70 -27.27
N TYR I 2329 24.39 -11.96 -26.45
CA TYR I 2329 23.81 -11.18 -25.37
C TYR I 2329 24.51 -9.83 -25.29
N VAL I 2330 24.68 -9.17 -26.44
CA VAL I 2330 25.24 -7.83 -26.46
C VAL I 2330 24.34 -6.96 -25.60
N MET I 2331 24.87 -6.53 -24.45
CA MET I 2331 24.09 -6.06 -23.32
C MET I 2331 22.76 -6.81 -23.24
N GLU I 2332 22.86 -8.14 -23.21
CA GLU I 2332 21.71 -9.04 -23.07
C GLU I 2332 20.72 -8.89 -24.23
N ARG I 2333 21.22 -8.46 -25.39
CA ARG I 2333 20.43 -8.25 -26.59
C ARG I 2333 19.37 -7.17 -26.43
N LYS I 2334 19.31 -6.54 -25.27
CA LYS I 2334 18.38 -5.41 -25.09
C LYS I 2334 18.75 -4.26 -26.01
N ASN I 2335 20.00 -4.19 -26.47
CA ASN I 2335 20.42 -3.27 -27.50
C ASN I 2335 21.41 -3.99 -28.39
N ILE I 2336 21.62 -3.45 -29.59
CA ILE I 2336 22.52 -4.04 -30.58
C ILE I 2336 23.45 -2.91 -31.02
N LEU I 2337 24.57 -2.75 -30.33
CA LEU I 2337 25.54 -1.72 -30.75
C LEU I 2337 26.99 -2.16 -30.68
N GLU I 2338 27.35 -3.16 -29.89
CA GLU I 2338 28.73 -3.64 -29.83
C GLU I 2338 29.02 -4.70 -30.87
N GLU I 2339 28.25 -4.70 -31.97
CA GLU I 2339 28.57 -5.59 -33.07
C GLU I 2339 29.94 -5.24 -33.66
N SER I 2340 30.40 -4.01 -33.46
CA SER I 2340 31.80 -3.72 -33.74
C SER I 2340 32.72 -4.62 -32.92
N LEU I 2341 32.40 -4.80 -31.65
CA LEU I 2341 33.19 -5.72 -30.83
C LEU I 2341 33.00 -7.17 -31.26
N CYS I 2342 31.82 -7.49 -31.80
CA CYS I 2342 31.65 -8.81 -32.41
C CYS I 2342 32.62 -8.98 -33.58
N GLU I 2343 32.74 -7.95 -34.41
CA GLU I 2343 33.75 -7.97 -35.46
C GLU I 2343 35.15 -8.08 -34.87
N LEU I 2344 35.38 -7.46 -33.72
CA LEU I 2344 36.68 -7.53 -33.07
C LEU I 2344 37.01 -8.97 -32.69
N VAL I 2345 36.05 -9.68 -32.11
CA VAL I 2345 36.33 -11.05 -31.73
C VAL I 2345 36.47 -11.93 -32.97
N ALA I 2346 35.69 -11.65 -34.00
CA ALA I 2346 35.80 -12.41 -35.24
C ALA I 2346 37.18 -12.24 -35.86
N LYS I 2347 37.67 -10.99 -35.90
CA LYS I 2347 39.01 -10.76 -36.42
C LYS I 2347 40.05 -11.39 -35.52
N GLN I 2348 39.84 -11.32 -34.20
CA GLN I 2348 40.73 -12.01 -33.27
C GLN I 2348 40.87 -13.47 -33.67
N LEU I 2349 39.75 -14.11 -33.95
CA LEU I 2349 39.78 -15.43 -34.56
C LEU I 2349 40.66 -15.42 -35.80
N LYS I 2350 40.46 -14.43 -36.67
CA LYS I 2350 41.32 -14.31 -37.84
C LYS I 2350 42.74 -13.92 -37.43
N GLN I 2351 42.87 -13.07 -36.41
CA GLN I 2351 44.19 -12.61 -35.99
C GLN I 2351 45.04 -13.79 -35.55
N HIS I 2352 46.11 -14.07 -36.29
CA HIS I 2352 47.19 -14.97 -35.90
C HIS I 2352 46.67 -16.35 -35.52
N GLN I 2353 45.40 -16.61 -35.76
CA GLN I 2353 44.78 -17.87 -35.42
C GLN I 2353 44.20 -18.58 -36.62
N ASN I 2354 43.84 -17.83 -37.66
CA ASN I 2354 43.67 -18.45 -38.97
C ASN I 2354 44.95 -19.10 -39.44
N THR I 2355 46.09 -18.57 -39.02
CA THR I 2355 47.39 -19.20 -39.25
C THR I 2355 47.78 -20.15 -38.13
N MET I 2356 47.00 -20.21 -37.05
CA MET I 2356 47.25 -21.14 -35.95
C MET I 2356 46.25 -22.28 -35.92
N GLU I 2357 44.95 -21.98 -36.03
CA GLU I 2357 43.88 -22.92 -36.35
C GLU I 2357 43.87 -24.17 -35.49
N ASP I 2358 44.62 -24.19 -34.39
CA ASP I 2358 44.62 -25.36 -33.53
C ASP I 2358 43.61 -25.23 -32.41
N LYS I 2359 43.78 -24.21 -31.57
CA LYS I 2359 42.75 -23.84 -30.61
C LYS I 2359 41.83 -22.77 -31.18
N PHE I 2360 42.31 -22.04 -32.20
CA PHE I 2360 41.43 -21.20 -32.99
C PHE I 2360 40.12 -21.89 -33.31
N ILE I 2361 40.17 -23.13 -33.75
CA ILE I 2361 38.94 -23.86 -34.01
C ILE I 2361 38.24 -24.17 -32.69
N VAL I 2362 39.00 -24.47 -31.65
CA VAL I 2362 38.41 -24.83 -30.36
C VAL I 2362 37.69 -23.63 -29.75
N CYS I 2363 38.39 -22.50 -29.67
CA CYS I 2363 37.75 -21.31 -29.12
C CYS I 2363 36.69 -20.77 -30.06
N LEU I 2364 36.82 -21.04 -31.36
CA LEU I 2364 35.77 -20.67 -32.30
C LEU I 2364 34.50 -21.45 -31.99
N ASN I 2365 34.65 -22.72 -31.63
CA ASN I 2365 33.50 -23.46 -31.12
C ASN I 2365 32.97 -22.82 -29.84
N LYS I 2366 33.88 -22.51 -28.90
CA LYS I 2366 33.49 -21.91 -27.63
C LYS I 2366 32.57 -20.72 -27.85
N VAL I 2367 33.07 -19.71 -28.56
CA VAL I 2367 32.26 -18.53 -28.86
C VAL I 2367 31.04 -18.93 -29.68
N THR I 2368 31.22 -19.87 -30.61
CA THR I 2368 30.17 -20.28 -31.51
C THR I 2368 29.10 -21.11 -30.80
N LYS I 2369 29.48 -21.81 -29.72
CA LYS I 2369 28.50 -22.54 -28.94
C LYS I 2369 27.36 -21.62 -28.53
N SER I 2370 27.66 -20.37 -28.21
CA SER I 2370 26.61 -19.43 -27.91
C SER I 2370 25.98 -18.86 -29.18
N PHE I 2371 26.79 -18.24 -30.04
CA PHE I 2371 26.29 -17.49 -31.18
C PHE I 2371 26.65 -18.19 -32.49
N PRO I 2372 25.71 -18.91 -33.10
CA PRO I 2372 25.92 -19.47 -34.43
C PRO I 2372 26.21 -18.40 -35.48
N PRO I 2373 25.44 -17.27 -35.53
CA PRO I 2373 25.63 -16.34 -36.66
C PRO I 2373 26.94 -15.58 -36.58
N LEU I 2374 27.85 -16.04 -35.73
CA LEU I 2374 29.26 -15.69 -35.91
C LEU I 2374 29.90 -16.49 -37.03
N ALA I 2375 29.63 -17.79 -37.09
CA ALA I 2375 30.30 -18.68 -38.03
C ALA I 2375 29.96 -18.36 -39.47
N ASP I 2376 28.92 -17.57 -39.72
CA ASP I 2376 28.62 -17.13 -41.07
C ASP I 2376 29.77 -16.34 -41.70
N ARG I 2377 30.83 -16.06 -40.93
CA ARG I 2377 32.06 -15.50 -41.46
C ARG I 2377 33.18 -16.53 -41.57
N PHE I 2378 32.90 -17.80 -41.29
CA PHE I 2378 33.97 -18.78 -41.18
C PHE I 2378 33.64 -20.13 -41.80
N MET I 2379 32.57 -20.26 -42.59
CA MET I 2379 32.25 -21.55 -43.17
C MET I 2379 33.35 -21.99 -44.12
N ASN I 2380 33.92 -21.06 -44.89
CA ASN I 2380 35.01 -21.42 -45.78
C ASN I 2380 36.19 -21.97 -45.00
N ALA I 2381 36.51 -21.34 -43.87
CA ALA I 2381 37.57 -21.84 -43.01
C ALA I 2381 37.33 -23.30 -42.66
N VAL I 2382 36.20 -23.58 -42.01
CA VAL I 2382 35.93 -24.94 -41.54
C VAL I 2382 35.89 -25.91 -42.70
N PHE I 2383 35.37 -25.46 -43.85
CA PHE I 2383 35.35 -26.31 -45.03
C PHE I 2383 36.76 -26.73 -45.42
N PHE I 2384 37.68 -25.78 -45.41
CA PHE I 2384 39.06 -26.14 -45.69
C PHE I 2384 39.62 -27.06 -44.62
N LEU I 2385 39.36 -26.75 -43.36
CA LEU I 2385 40.04 -27.37 -42.25
C LEU I 2385 39.27 -28.53 -41.64
N LEU I 2386 38.03 -28.76 -42.02
CA LEU I 2386 37.35 -29.97 -41.57
C LEU I 2386 38.05 -31.23 -42.06
N PRO I 2387 38.42 -31.37 -43.34
CA PRO I 2387 39.08 -32.62 -43.77
C PRO I 2387 40.40 -32.87 -43.06
N LYS I 2388 41.04 -31.84 -42.51
CA LYS I 2388 42.20 -32.08 -41.65
C LYS I 2388 41.82 -32.88 -40.42
N PHE I 2389 40.58 -32.73 -39.97
CA PHE I 2389 40.15 -33.33 -38.72
C PHE I 2389 40.04 -34.84 -38.84
N HIS I 2390 40.32 -35.52 -37.74
CA HIS I 2390 40.21 -36.96 -37.70
C HIS I 2390 39.72 -37.50 -36.36
N GLY I 2391 39.40 -36.64 -35.40
CA GLY I 2391 38.99 -37.10 -34.09
C GLY I 2391 37.96 -36.20 -33.44
N VAL I 2392 38.17 -35.85 -32.17
CA VAL I 2392 37.36 -34.81 -31.55
C VAL I 2392 37.48 -33.52 -32.33
N LEU I 2393 38.53 -33.39 -33.15
CA LEU I 2393 38.57 -32.35 -34.16
C LEU I 2393 37.34 -32.44 -35.05
N LYS I 2394 37.08 -33.63 -35.58
CA LYS I 2394 35.87 -33.86 -36.35
C LYS I 2394 34.64 -33.54 -35.53
N THR I 2395 34.62 -33.95 -34.26
CA THR I 2395 33.46 -33.72 -33.42
C THR I 2395 33.17 -32.23 -33.26
N LEU I 2396 34.22 -31.44 -33.05
CA LEU I 2396 34.05 -30.01 -32.91
C LEU I 2396 33.55 -29.39 -34.21
N CYS I 2397 34.07 -29.84 -35.35
CA CYS I 2397 33.54 -29.33 -36.61
C CYS I 2397 32.10 -29.73 -36.80
N LEU I 2398 31.74 -30.93 -36.34
CA LEU I 2398 30.35 -31.35 -36.35
C LEU I 2398 29.50 -30.38 -35.55
N GLU I 2399 30.00 -30.00 -34.38
CA GLU I 2399 29.29 -29.03 -33.54
C GLU I 2399 29.08 -27.73 -34.29
N VAL I 2400 30.14 -27.22 -34.93
CA VAL I 2400 29.98 -25.92 -35.59
C VAL I 2400 29.04 -26.05 -36.78
N VAL I 2401 28.98 -27.23 -37.40
CA VAL I 2401 28.02 -27.44 -38.47
C VAL I 2401 26.60 -27.44 -37.93
N LEU I 2402 26.41 -28.01 -36.74
CA LEU I 2402 25.13 -27.79 -36.05
C LEU I 2402 24.86 -26.31 -35.90
N CYS I 2403 25.89 -25.55 -35.50
CA CYS I 2403 25.77 -24.10 -35.48
C CYS I 2403 25.61 -23.52 -36.86
N ARG I 2404 25.86 -24.30 -37.91
CA ARG I 2404 25.63 -23.83 -39.26
C ARG I 2404 24.15 -23.96 -39.61
N VAL I 2405 23.29 -23.43 -38.74
CA VAL I 2405 21.87 -23.32 -39.08
C VAL I 2405 21.68 -22.35 -40.23
N GLU I 2406 22.51 -21.32 -40.29
CA GLU I 2406 22.47 -20.34 -41.37
C GLU I 2406 23.33 -20.74 -42.55
N GLY I 2407 24.10 -21.82 -42.44
CA GLY I 2407 24.92 -22.30 -43.54
C GLY I 2407 24.14 -23.18 -44.49
N MET I 2408 22.81 -23.11 -44.42
CA MET I 2408 21.95 -23.97 -45.21
C MET I 2408 21.79 -23.51 -46.64
N THR I 2409 22.44 -22.41 -47.03
CA THR I 2409 22.39 -21.95 -48.42
C THR I 2409 22.82 -23.06 -49.36
N GLU I 2410 23.97 -23.66 -49.09
CA GLU I 2410 24.35 -24.92 -49.70
C GLU I 2410 25.23 -25.66 -48.72
N LEU I 2411 24.84 -26.88 -48.39
CA LEU I 2411 25.60 -27.76 -47.52
C LEU I 2411 25.71 -29.17 -48.06
N TYR I 2412 24.78 -29.59 -48.93
CA TYR I 2412 24.78 -30.95 -49.43
C TYR I 2412 26.07 -31.29 -50.13
N PHE I 2413 26.55 -30.40 -50.99
CA PHE I 2413 27.80 -30.66 -51.68
C PHE I 2413 29.01 -30.31 -50.85
N GLN I 2414 28.84 -29.53 -49.79
CA GLN I 2414 29.91 -29.40 -48.80
C GLN I 2414 30.17 -30.75 -48.14
N LEU I 2415 29.17 -31.27 -47.44
CA LEU I 2415 29.29 -32.57 -46.80
C LEU I 2415 29.64 -33.65 -47.80
N LYS I 2416 29.15 -33.52 -49.04
CA LYS I 2416 29.56 -34.43 -50.10
C LYS I 2416 31.06 -34.35 -50.34
N SER I 2417 31.58 -33.13 -50.52
CA SER I 2417 33.01 -32.92 -50.61
C SER I 2417 33.71 -33.26 -49.30
N LYS I 2418 32.99 -33.24 -48.20
CA LYS I 2418 33.53 -33.65 -46.91
C LYS I 2418 33.51 -35.15 -46.72
N ASP I 2419 32.97 -35.90 -47.67
CA ASP I 2419 32.71 -37.32 -47.49
C ASP I 2419 31.95 -37.55 -46.20
N PHE I 2420 30.91 -36.74 -46.00
CA PHE I 2420 30.07 -36.88 -44.82
C PHE I 2420 29.61 -38.31 -44.68
N VAL I 2421 29.06 -38.88 -45.76
CA VAL I 2421 28.47 -40.21 -45.73
C VAL I 2421 29.38 -41.21 -45.06
N GLN I 2422 30.70 -40.99 -45.12
CA GLN I 2422 31.62 -41.90 -44.46
C GLN I 2422 31.83 -41.56 -42.99
N VAL I 2423 32.05 -40.27 -42.67
CA VAL I 2423 32.23 -39.93 -41.26
C VAL I 2423 30.95 -40.22 -40.50
N MET I 2424 29.80 -39.86 -41.05
CA MET I 2424 28.54 -40.27 -40.44
C MET I 2424 28.28 -41.76 -40.59
N ARG I 2425 29.07 -42.46 -41.42
CA ARG I 2425 28.95 -43.92 -41.48
C ARG I 2425 29.47 -44.58 -40.22
N HIS I 2426 30.66 -44.18 -39.77
CA HIS I 2426 31.33 -44.96 -38.73
C HIS I 2426 30.63 -44.80 -37.39
N ARG I 2427 30.74 -45.86 -36.57
CA ARG I 2427 30.09 -45.96 -35.27
C ARG I 2427 30.83 -45.12 -34.24
N ASP I 2428 30.53 -43.82 -34.24
CA ASP I 2428 30.80 -42.95 -33.11
C ASP I 2428 29.51 -42.22 -32.80
N ASP I 2429 28.88 -42.57 -31.67
CA ASP I 2429 27.52 -42.10 -31.42
C ASP I 2429 27.44 -40.59 -31.42
N GLU I 2430 28.54 -39.90 -31.09
CA GLU I 2430 28.57 -38.46 -31.29
C GLU I 2430 28.42 -38.10 -32.76
N ARG I 2431 29.14 -38.81 -33.63
CA ARG I 2431 29.04 -38.56 -35.07
C ARG I 2431 27.61 -38.75 -35.55
N GLN I 2432 27.01 -39.88 -35.20
CA GLN I 2432 25.66 -40.16 -35.67
C GLN I 2432 24.67 -39.18 -35.06
N LYS I 2433 24.83 -38.88 -33.77
CA LYS I 2433 23.99 -37.88 -33.13
C LYS I 2433 23.96 -36.60 -33.95
N VAL I 2434 25.13 -36.00 -34.13
CA VAL I 2434 25.20 -34.71 -34.80
C VAL I 2434 24.77 -34.83 -36.26
N CYS I 2435 25.09 -35.96 -36.90
CA CYS I 2435 24.68 -36.17 -38.28
C CYS I 2435 23.17 -36.11 -38.42
N LEU I 2436 22.47 -36.90 -37.61
CA LEU I 2436 21.02 -36.94 -37.71
C LEU I 2436 20.40 -35.62 -37.30
N ASP I 2437 20.99 -34.93 -36.32
CA ASP I 2437 20.49 -33.61 -35.97
C ASP I 2437 20.59 -32.67 -37.16
N ILE I 2438 21.75 -32.68 -37.83
CA ILE I 2438 21.94 -31.83 -39.01
C ILE I 2438 20.91 -32.18 -40.07
N ILE I 2439 20.76 -33.47 -40.34
CA ILE I 2439 19.87 -33.89 -41.43
C ILE I 2439 18.44 -33.48 -41.12
N TYR I 2440 18.03 -33.65 -39.87
CA TYR I 2440 16.70 -33.22 -39.46
C TYR I 2440 16.55 -31.71 -39.60
N LYS I 2441 17.64 -30.98 -39.36
CA LYS I 2441 17.62 -29.54 -39.62
C LYS I 2441 17.39 -29.26 -41.10
N MET I 2442 18.05 -30.02 -41.96
CA MET I 2442 18.13 -29.68 -43.38
C MET I 2442 17.18 -30.46 -44.27
N MET I 2443 16.65 -31.60 -43.81
CA MET I 2443 15.75 -32.35 -44.68
C MET I 2443 14.49 -31.61 -45.10
N PRO I 2444 14.00 -30.59 -44.37
CA PRO I 2444 12.90 -29.79 -44.93
C PRO I 2444 13.28 -29.12 -46.24
N LYS I 2445 14.58 -29.02 -46.49
CA LYS I 2445 15.08 -28.29 -47.65
C LYS I 2445 15.61 -29.19 -48.76
N LEU I 2446 16.16 -30.35 -48.42
CA LEU I 2446 16.79 -31.20 -49.43
C LEU I 2446 15.75 -31.81 -50.35
N LYS I 2447 16.20 -32.17 -51.54
CA LYS I 2447 15.38 -32.79 -52.56
C LYS I 2447 15.43 -34.30 -52.45
N PRO I 2448 14.34 -34.98 -52.81
CA PRO I 2448 14.35 -36.45 -52.77
C PRO I 2448 15.44 -37.06 -53.60
N VAL I 2449 15.76 -36.46 -54.75
CA VAL I 2449 16.83 -36.96 -55.60
C VAL I 2449 18.15 -37.00 -54.86
N GLU I 2450 18.33 -36.14 -53.88
CA GLU I 2450 19.52 -36.14 -53.01
C GLU I 2450 19.25 -36.81 -51.68
N LEU I 2451 18.02 -36.68 -51.18
CA LEU I 2451 17.67 -37.25 -49.89
C LEU I 2451 17.73 -38.78 -49.94
N ARG I 2452 17.55 -39.38 -51.11
CA ARG I 2452 17.68 -40.83 -51.23
C ARG I 2452 19.03 -41.30 -50.72
N GLU I 2453 20.10 -40.92 -51.44
CA GLU I 2453 21.45 -41.31 -51.05
C GLU I 2453 21.89 -40.65 -49.76
N LEU I 2454 21.24 -39.56 -49.34
CA LEU I 2454 21.50 -39.04 -48.00
C LEU I 2454 21.03 -40.01 -46.93
N LEU I 2455 19.83 -40.56 -47.11
CA LEU I 2455 19.24 -41.44 -46.11
C LEU I 2455 19.81 -42.84 -46.18
N ASN I 2456 20.29 -43.25 -47.35
CA ASN I 2456 20.79 -44.62 -47.53
C ASN I 2456 21.79 -45.04 -46.46
N PRO I 2457 22.79 -44.24 -46.10
CA PRO I 2457 23.58 -44.60 -44.92
C PRO I 2457 22.78 -44.55 -43.64
N VAL I 2458 21.84 -43.62 -43.52
CA VAL I 2458 21.17 -43.40 -42.24
C VAL I 2458 20.46 -44.65 -41.79
N VAL I 2459 19.66 -45.25 -42.68
CA VAL I 2459 18.88 -46.43 -42.32
C VAL I 2459 19.79 -47.57 -41.89
N GLU I 2460 21.02 -47.61 -42.43
CA GLU I 2460 21.96 -48.66 -42.04
C GLU I 2460 22.33 -48.58 -40.57
N PHE I 2461 22.05 -47.45 -39.91
CA PHE I 2461 22.46 -47.23 -38.55
C PHE I 2461 21.42 -47.67 -37.53
N VAL I 2462 20.32 -48.26 -37.99
CA VAL I 2462 19.38 -48.87 -37.06
C VAL I 2462 20.04 -50.09 -36.43
N SER I 2463 19.64 -50.39 -35.20
CA SER I 2463 20.16 -51.48 -34.37
C SER I 2463 21.60 -51.24 -33.94
N HIS I 2464 22.23 -50.17 -34.42
CA HIS I 2464 23.54 -49.81 -33.89
C HIS I 2464 23.40 -49.42 -32.42
N PRO I 2465 24.30 -49.85 -31.56
CA PRO I 2465 24.13 -49.58 -30.12
C PRO I 2465 24.16 -48.09 -29.83
N SER I 2466 23.09 -47.40 -30.20
CA SER I 2466 22.96 -45.97 -30.00
C SER I 2466 21.48 -45.67 -29.82
N THR I 2467 21.04 -45.68 -28.56
CA THR I 2467 19.63 -45.46 -28.28
C THR I 2467 19.20 -44.07 -28.73
N THR I 2468 20.00 -43.05 -28.43
CA THR I 2468 19.63 -41.69 -28.78
C THR I 2468 19.82 -41.43 -30.28
N CYS I 2469 20.88 -41.97 -30.86
CA CYS I 2469 21.07 -41.80 -32.30
C CYS I 2469 19.95 -42.51 -33.07
N ARG I 2470 19.62 -43.73 -32.67
CA ARG I 2470 18.48 -44.37 -33.29
C ARG I 2470 17.18 -43.63 -33.00
N GLU I 2471 17.11 -42.97 -31.85
CA GLU I 2471 15.96 -42.12 -31.54
C GLU I 2471 15.82 -41.01 -32.57
N GLN I 2472 16.92 -40.31 -32.85
CA GLN I 2472 16.92 -39.29 -33.88
C GLN I 2472 16.59 -39.88 -35.23
N MET I 2473 17.06 -41.10 -35.48
CA MET I 2473 16.66 -41.83 -36.68
C MET I 2473 15.15 -41.93 -36.77
N TYR I 2474 14.51 -42.31 -35.65
CA TYR I 2474 13.07 -42.48 -35.66
C TYR I 2474 12.36 -41.15 -35.88
N ASN I 2475 12.89 -40.08 -35.31
CA ASN I 2475 12.33 -38.76 -35.56
C ASN I 2475 12.44 -38.42 -37.05
N ILE I 2476 13.59 -38.72 -37.64
CA ILE I 2476 13.79 -38.52 -39.07
C ILE I 2476 12.78 -39.33 -39.86
N LEU I 2477 12.57 -40.57 -39.44
CA LEU I 2477 11.68 -41.48 -40.16
C LEU I 2477 10.24 -41.01 -40.11
N MET I 2478 9.79 -40.55 -38.94
CA MET I 2478 8.44 -40.00 -38.88
C MET I 2478 8.34 -38.72 -39.68
N TRP I 2479 9.40 -37.91 -39.70
CA TRP I 2479 9.43 -36.77 -40.60
C TRP I 2479 9.18 -37.19 -42.03
N ILE I 2480 9.89 -38.23 -42.47
CA ILE I 2480 9.77 -38.69 -43.85
C ILE I 2480 8.37 -39.19 -44.11
N HIS I 2481 7.87 -40.05 -43.22
CA HIS I 2481 6.55 -40.62 -43.39
C HIS I 2481 5.50 -39.53 -43.52
N ASP I 2482 5.58 -38.52 -42.65
CA ASP I 2482 4.64 -37.41 -42.72
C ASP I 2482 4.80 -36.62 -44.01
N ASN I 2483 6.05 -36.43 -44.45
CA ASN I 2483 6.36 -35.59 -45.58
C ASN I 2483 6.33 -36.34 -46.90
N TYR I 2484 6.07 -37.65 -46.89
CA TYR I 2484 6.13 -38.42 -48.12
C TYR I 2484 4.88 -39.27 -48.34
N ARG I 2485 3.76 -38.91 -47.71
CA ARG I 2485 2.51 -39.56 -48.05
C ARG I 2485 1.97 -39.10 -49.40
N ASP I 2486 2.70 -38.26 -50.11
CA ASP I 2486 2.33 -37.80 -51.43
C ASP I 2486 2.16 -38.95 -52.41
N THR I 2491 3.31 -38.78 -57.81
CA THR I 2491 4.35 -38.88 -56.77
C THR I 2491 5.70 -39.20 -57.40
N ASP I 2492 6.74 -38.56 -56.88
CA ASP I 2492 8.09 -38.81 -57.38
C ASP I 2492 8.53 -40.22 -57.05
N ASN I 2493 9.05 -40.92 -58.07
CA ASN I 2493 9.51 -42.29 -57.87
C ASN I 2493 10.65 -42.34 -56.86
N ASP I 2494 11.54 -41.34 -56.91
CA ASP I 2494 12.53 -41.21 -55.85
C ASP I 2494 11.86 -41.04 -54.50
N SER I 2495 10.89 -40.12 -54.43
CA SER I 2495 10.13 -39.93 -53.20
C SER I 2495 9.32 -41.18 -52.86
N GLN I 2496 8.82 -41.87 -53.89
CA GLN I 2496 8.08 -43.10 -53.65
C GLN I 2496 8.95 -44.12 -52.94
N GLU I 2497 10.15 -44.37 -53.47
CA GLU I 2497 11.07 -45.31 -52.85
C GLU I 2497 11.51 -44.83 -51.48
N ILE I 2498 11.71 -43.52 -51.32
CA ILE I 2498 12.04 -42.97 -50.03
C ILE I 2498 10.98 -43.34 -49.01
N PHE I 2499 9.71 -43.08 -49.37
CA PHE I 2499 8.60 -43.38 -48.47
C PHE I 2499 8.52 -44.86 -48.17
N LYS I 2500 8.69 -45.70 -49.20
CA LYS I 2500 8.57 -47.14 -49.02
C LYS I 2500 9.65 -47.66 -48.07
N LEU I 2501 10.90 -47.34 -48.35
CA LEU I 2501 11.99 -47.80 -47.49
C LEU I 2501 11.88 -47.20 -46.10
N ALA I 2502 11.39 -45.95 -46.01
CA ALA I 2502 11.24 -45.31 -44.72
C ALA I 2502 10.24 -46.05 -43.85
N LYS I 2503 9.06 -46.33 -44.39
CA LYS I 2503 8.08 -47.09 -43.62
C LYS I 2503 8.57 -48.50 -43.34
N ASP I 2504 9.36 -49.08 -44.25
CA ASP I 2504 9.92 -50.39 -44.00
C ASP I 2504 10.81 -50.39 -42.76
N VAL I 2505 11.81 -49.52 -42.74
CA VAL I 2505 12.71 -49.48 -41.59
C VAL I 2505 11.96 -49.01 -40.36
N LEU I 2506 10.91 -48.21 -40.53
CA LEU I 2506 10.05 -47.85 -39.42
C LEU I 2506 9.42 -49.09 -38.81
N ILE I 2507 8.95 -50.00 -39.66
CA ILE I 2507 8.41 -51.26 -39.18
C ILE I 2507 9.50 -52.07 -38.49
N GLN I 2508 10.69 -52.12 -39.08
CA GLN I 2508 11.76 -52.94 -38.52
C GLN I 2508 12.14 -52.45 -37.14
N GLY I 2509 12.30 -51.14 -36.98
CA GLY I 2509 12.59 -50.56 -35.68
C GLY I 2509 11.39 -50.50 -34.77
N LEU I 2510 10.19 -50.77 -35.29
CA LEU I 2510 9.00 -50.78 -34.44
C LEU I 2510 9.14 -51.81 -33.33
N ILE I 2511 9.78 -52.93 -33.61
CA ILE I 2511 10.23 -53.81 -32.54
C ILE I 2511 11.31 -53.06 -31.78
N ASP I 2512 10.98 -52.56 -30.60
CA ASP I 2512 11.82 -51.61 -29.88
C ASP I 2512 12.62 -52.32 -28.81
N GLU I 2513 13.95 -52.22 -28.93
CA GLU I 2513 14.83 -52.67 -27.85
C GLU I 2513 14.47 -51.97 -26.56
N ASN I 2514 14.15 -50.69 -26.64
CA ASN I 2514 13.71 -49.93 -25.49
C ASN I 2514 12.19 -50.01 -25.39
N PRO I 2515 11.65 -50.54 -24.31
CA PRO I 2515 10.20 -50.44 -24.09
C PRO I 2515 9.72 -49.01 -23.99
N GLY I 2516 10.58 -48.07 -23.58
CA GLY I 2516 10.22 -46.67 -23.70
C GLY I 2516 10.11 -46.23 -25.15
N LEU I 2517 11.03 -46.70 -25.99
CA LEU I 2517 10.87 -46.53 -27.42
C LEU I 2517 9.60 -47.22 -27.89
N GLN I 2518 9.26 -48.35 -27.27
CA GLN I 2518 8.02 -49.03 -27.62
C GLN I 2518 6.82 -48.16 -27.27
N LEU I 2519 6.86 -47.46 -26.15
CA LEU I 2519 5.77 -46.56 -25.80
C LEU I 2519 5.70 -45.37 -26.75
N ILE I 2520 6.85 -44.77 -27.07
CA ILE I 2520 6.83 -43.63 -27.96
C ILE I 2520 6.34 -44.04 -29.34
N ILE I 2521 6.64 -45.27 -29.76
CA ILE I 2521 6.17 -45.72 -31.05
C ILE I 2521 4.74 -46.24 -30.98
N ARG I 2522 4.30 -46.65 -29.78
CA ARG I 2522 2.88 -46.84 -29.52
C ARG I 2522 2.12 -45.55 -29.78
N ASN I 2523 2.67 -44.43 -29.34
CA ASN I 2523 2.12 -43.13 -29.72
C ASN I 2523 2.22 -42.93 -31.23
N PHE I 2524 3.36 -43.31 -31.81
CA PHE I 2524 3.65 -43.02 -33.22
C PHE I 2524 2.71 -43.73 -34.20
N TRP I 2525 2.77 -45.07 -34.27
CA TRP I 2525 2.02 -45.77 -35.30
C TRP I 2525 0.52 -45.64 -35.09
N SER I 2526 0.07 -45.73 -33.83
CA SER I 2526 -1.36 -45.65 -33.57
C SER I 2526 -1.92 -44.28 -33.92
N HIS I 2527 -1.06 -43.29 -34.16
CA HIS I 2527 -1.52 -41.97 -34.54
C HIS I 2527 -2.24 -42.00 -35.88
N GLU I 2528 -3.15 -41.04 -36.06
CA GLU I 2528 -4.08 -41.08 -37.17
C GLU I 2528 -3.35 -41.11 -38.51
N THR I 2529 -2.34 -40.25 -38.68
CA THR I 2529 -1.56 -40.29 -39.91
C THR I 2529 -0.91 -41.65 -40.08
N ARG I 2530 -0.32 -42.18 -39.02
CA ARG I 2530 0.28 -43.50 -39.10
C ARG I 2530 -0.75 -44.61 -39.06
N LEU I 2531 -2.00 -44.30 -38.70
CA LEU I 2531 -3.07 -45.30 -38.66
C LEU I 2531 -4.40 -44.60 -38.86
N PRO I 2532 -5.01 -44.77 -40.03
CA PRO I 2532 -6.24 -44.02 -40.35
C PRO I 2532 -7.35 -44.31 -39.35
N SER I 2533 -7.80 -43.24 -38.68
CA SER I 2533 -8.52 -43.34 -37.40
C SER I 2533 -9.54 -44.48 -37.37
N ASN I 2534 -10.27 -44.70 -38.46
CA ASN I 2534 -11.36 -45.65 -38.42
C ASN I 2534 -10.87 -47.05 -38.10
N THR I 2535 -11.66 -47.77 -37.32
CA THR I 2535 -11.32 -49.14 -36.95
C THR I 2535 -11.08 -49.99 -38.18
N LEU I 2536 -12.00 -49.94 -39.14
CA LEU I 2536 -11.80 -50.68 -40.38
C LEU I 2536 -10.57 -50.16 -41.12
N ASP I 2537 -10.36 -48.84 -41.11
CA ASP I 2537 -9.24 -48.29 -41.85
C ASP I 2537 -7.91 -48.64 -41.19
N ARG I 2538 -7.84 -48.55 -39.86
CA ARG I 2538 -6.66 -49.02 -39.16
C ARG I 2538 -6.43 -50.50 -39.42
N LEU I 2539 -7.52 -51.28 -39.46
CA LEU I 2539 -7.43 -52.69 -39.81
C LEU I 2539 -6.77 -52.88 -41.17
N LEU I 2540 -7.28 -52.18 -42.18
CA LEU I 2540 -6.76 -52.32 -43.52
C LEU I 2540 -5.29 -51.88 -43.58
N ALA I 2541 -4.96 -50.81 -42.86
CA ALA I 2541 -3.59 -50.32 -42.85
C ALA I 2541 -2.64 -51.37 -42.28
N LEU I 2542 -2.96 -51.90 -41.10
CA LEU I 2542 -2.10 -52.93 -40.52
C LEU I 2542 -2.05 -54.16 -41.41
N ASN I 2543 -3.13 -54.44 -42.15
CA ASN I 2543 -3.07 -55.48 -43.17
C ASN I 2543 -1.98 -55.15 -44.17
N SER I 2544 -1.95 -53.91 -44.65
CA SER I 2544 -0.88 -53.47 -45.52
C SER I 2544 0.46 -53.50 -44.81
N LEU I 2545 0.49 -53.04 -43.56
CA LEU I 2545 1.74 -52.96 -42.82
C LEU I 2545 2.22 -54.34 -42.41
N TYR I 2546 3.18 -54.88 -43.16
CA TYR I 2546 3.79 -56.15 -42.84
C TYR I 2546 5.20 -56.21 -43.43
N SER I 2547 6.10 -56.88 -42.71
CA SER I 2547 7.46 -57.11 -43.15
C SER I 2547 7.77 -58.60 -43.09
N PRO I 2548 8.42 -59.14 -44.12
CA PRO I 2548 8.77 -60.58 -44.07
C PRO I 2548 9.64 -60.93 -42.88
N LYS I 2549 10.55 -60.04 -42.51
CA LYS I 2549 11.40 -60.28 -41.35
C LYS I 2549 10.58 -60.25 -40.07
N ILE I 2550 9.66 -59.31 -39.96
CA ILE I 2550 8.81 -59.21 -38.79
C ILE I 2550 7.59 -60.10 -38.99
N GLU I 2551 7.67 -61.33 -38.50
CA GLU I 2551 6.56 -62.27 -38.58
C GLU I 2551 6.08 -62.76 -37.23
N VAL I 2552 7.01 -63.02 -36.31
CA VAL I 2552 6.62 -63.48 -34.98
C VAL I 2552 5.98 -62.34 -34.20
N HIS I 2553 6.76 -61.29 -33.91
CA HIS I 2553 6.27 -60.15 -33.16
C HIS I 2553 5.34 -59.28 -33.99
N PHE I 2554 5.24 -59.54 -35.29
CA PHE I 2554 4.32 -58.82 -36.14
C PHE I 2554 2.91 -58.88 -35.60
N LEU I 2555 2.42 -60.09 -35.32
CA LEU I 2555 1.08 -60.25 -34.80
C LEU I 2555 0.94 -59.59 -33.43
N SER I 2556 1.96 -59.73 -32.59
CA SER I 2556 1.90 -59.13 -31.26
C SER I 2556 1.72 -57.62 -31.35
N LEU I 2557 2.53 -56.96 -32.18
CA LEU I 2557 2.42 -55.52 -32.34
C LEU I 2557 1.09 -55.13 -32.98
N ALA I 2558 0.61 -55.96 -33.91
CA ALA I 2558 -0.68 -55.69 -34.53
C ALA I 2558 -1.78 -55.69 -33.47
N THR I 2559 -1.80 -56.72 -32.63
CA THR I 2559 -2.75 -56.74 -31.52
C THR I 2559 -2.57 -55.53 -30.62
N ASN I 2560 -1.33 -55.23 -30.24
CA ASN I 2560 -1.12 -54.19 -29.25
C ASN I 2560 -1.59 -52.83 -29.76
N PHE I 2561 -1.28 -52.50 -31.01
CA PHE I 2561 -1.73 -51.23 -31.54
C PHE I 2561 -3.24 -51.26 -31.78
N LEU I 2562 -3.75 -52.38 -32.28
CA LEU I 2562 -5.17 -52.55 -32.48
C LEU I 2562 -5.96 -52.45 -31.19
N LEU I 2563 -5.29 -52.65 -30.06
CA LEU I 2563 -5.95 -52.56 -28.77
C LEU I 2563 -5.69 -51.23 -28.06
N GLU I 2564 -4.61 -50.54 -28.39
CA GLU I 2564 -4.42 -49.21 -27.85
C GLU I 2564 -5.40 -48.23 -28.49
N MET I 2565 -5.65 -48.39 -29.78
CA MET I 2565 -6.78 -47.70 -30.41
C MET I 2565 -8.10 -48.15 -29.81
N THR I 2566 -8.17 -49.38 -29.30
CA THR I 2566 -9.30 -49.83 -28.51
C THR I 2566 -9.25 -49.16 -27.14
N SER I 2567 -9.48 -47.85 -27.15
CA SER I 2567 -9.45 -47.07 -25.94
C SER I 2567 -10.55 -46.03 -25.86
N MET I 2568 -11.23 -45.71 -26.96
CA MET I 2568 -12.21 -44.63 -26.99
C MET I 2568 -13.63 -45.14 -26.93
N SER I 2569 -13.81 -46.37 -26.44
CA SER I 2569 -15.15 -46.90 -26.30
C SER I 2569 -15.94 -46.03 -25.31
N PRO I 2570 -17.21 -45.75 -25.59
CA PRO I 2570 -18.00 -44.96 -24.63
C PRO I 2570 -18.16 -45.66 -23.29
N ASP I 2571 -18.27 -46.98 -23.30
CA ASP I 2571 -18.39 -47.78 -22.09
C ASP I 2571 -17.05 -48.28 -21.62
N TYR I 2572 -15.98 -47.98 -22.35
CA TYR I 2572 -14.60 -48.34 -21.96
C TYR I 2572 -14.35 -48.25 -20.46
N PRO I 2573 -14.71 -47.19 -19.75
CA PRO I 2573 -14.52 -47.16 -18.30
C PRO I 2573 -15.67 -47.73 -17.48
N ASN I 2574 -16.57 -48.47 -18.07
CA ASN I 2574 -17.80 -48.79 -17.35
C ASN I 2574 -17.87 -50.26 -17.01
N PRO I 2575 -18.67 -50.64 -16.00
CA PRO I 2575 -18.88 -52.06 -15.72
C PRO I 2575 -19.82 -52.72 -16.73
N MET I 2576 -20.04 -54.03 -16.59
CA MET I 2576 -20.95 -54.71 -17.50
C MET I 2576 -22.35 -54.91 -16.95
N PHE I 2577 -22.57 -54.78 -15.65
CA PHE I 2577 -23.85 -55.12 -15.06
C PHE I 2577 -24.43 -53.96 -14.26
N GLU I 2578 -25.76 -53.84 -14.30
CA GLU I 2578 -26.44 -52.86 -13.49
C GLU I 2578 -26.54 -53.32 -12.04
N HIS I 2579 -26.78 -54.61 -11.82
CA HIS I 2579 -26.80 -55.15 -10.47
C HIS I 2579 -25.43 -55.71 -10.12
N PRO I 2580 -24.85 -55.32 -8.99
CA PRO I 2580 -23.61 -55.96 -8.55
C PRO I 2580 -23.86 -57.40 -8.14
N LEU I 2581 -22.80 -58.08 -7.68
CA LEU I 2581 -22.98 -59.42 -7.13
C LEU I 2581 -24.06 -59.43 -6.06
N SER I 2582 -23.86 -58.66 -5.01
CA SER I 2582 -24.80 -58.48 -3.92
C SER I 2582 -24.27 -57.30 -3.11
N GLU I 2583 -24.79 -57.12 -1.89
CA GLU I 2583 -24.08 -56.25 -0.98
C GLU I 2583 -22.69 -56.81 -0.79
N CYS I 2584 -21.69 -56.08 -1.29
CA CYS I 2584 -20.33 -56.59 -1.36
C CYS I 2584 -19.35 -55.52 -0.90
N GLU I 2585 -18.20 -55.98 -0.43
CA GLU I 2585 -17.11 -55.09 -0.04
C GLU I 2585 -16.08 -55.02 -1.15
N PHE I 2586 -15.73 -53.81 -1.54
CA PHE I 2586 -14.80 -53.55 -2.63
C PHE I 2586 -13.66 -52.70 -2.10
N GLN I 2587 -12.68 -53.35 -1.47
CA GLN I 2587 -11.47 -52.68 -1.04
C GLN I 2587 -10.36 -52.98 -2.03
N GLU I 2588 -9.61 -51.95 -2.40
CA GLU I 2588 -8.60 -52.09 -3.44
C GLU I 2588 -7.57 -53.12 -2.99
N TYR I 2589 -7.56 -54.26 -3.67
CA TYR I 2589 -6.82 -55.43 -3.22
C TYR I 2589 -5.40 -55.38 -3.75
N THR I 2590 -4.51 -54.74 -3.00
CA THR I 2590 -3.09 -54.82 -3.32
C THR I 2590 -2.56 -56.20 -2.96
N ILE I 2591 -1.52 -56.62 -3.68
CA ILE I 2591 -0.91 -57.93 -3.49
C ILE I 2591 0.60 -57.77 -3.43
N ASP I 2592 1.20 -58.35 -2.41
CA ASP I 2592 2.64 -58.22 -2.21
C ASP I 2592 3.42 -58.97 -3.29
N SER I 2593 4.52 -58.37 -3.73
CA SER I 2593 5.42 -59.00 -4.68
C SER I 2593 6.80 -58.39 -4.50
N ASP I 2594 7.84 -59.21 -4.58
CA ASP I 2594 9.20 -58.73 -4.41
C ASP I 2594 10.13 -59.70 -5.14
N TRP I 2595 11.40 -59.32 -5.23
CA TRP I 2595 12.42 -60.21 -5.79
C TRP I 2595 12.95 -61.14 -4.72
N ARG I 2596 12.02 -61.76 -4.00
CA ARG I 2596 12.30 -62.85 -3.06
C ARG I 2596 11.07 -63.74 -3.14
N PHE I 2597 11.11 -64.72 -4.03
CA PHE I 2597 9.92 -65.43 -4.44
C PHE I 2597 9.62 -66.59 -3.49
N ARG I 2598 8.70 -67.45 -3.88
CA ARG I 2598 8.21 -68.49 -3.00
C ARG I 2598 9.33 -69.45 -2.61
N SER I 2599 9.10 -70.17 -1.51
CA SER I 2599 10.05 -71.14 -0.94
C SER I 2599 11.30 -70.35 -0.54
N THR I 2600 12.50 -70.94 -0.68
CA THR I 2600 13.75 -70.28 -0.32
C THR I 2600 13.74 -69.77 1.12
N VAL I 2601 13.24 -70.61 2.02
CA VAL I 2601 13.15 -70.27 3.43
C VAL I 2601 13.21 -71.54 4.25
N LEU I 2602 13.75 -71.43 5.46
CA LEU I 2602 13.87 -72.57 6.37
C LEU I 2602 13.10 -72.36 7.67
N THR I 2603 13.23 -71.20 8.29
CA THR I 2603 12.57 -70.93 9.56
C THR I 2603 12.44 -69.44 9.83
N GLY I 2721 18.27 -20.79 -0.78
CA GLY I 2721 19.46 -20.07 -0.37
C GLY I 2721 19.82 -20.31 1.07
N ARG I 2722 19.90 -21.59 1.44
CA ARG I 2722 20.22 -21.98 2.81
C ARG I 2722 21.32 -23.02 2.90
N THR I 2723 21.73 -23.63 1.80
CA THR I 2723 22.81 -24.61 1.81
C THR I 2723 24.19 -23.99 1.92
N ASP I 2724 24.26 -22.66 1.91
CA ASP I 2724 25.55 -21.99 2.12
C ASP I 2724 26.20 -22.41 3.43
N LEU I 2725 25.40 -22.64 4.46
CA LEU I 2725 25.94 -23.19 5.70
C LEU I 2725 26.48 -24.59 5.47
N LEU I 2726 25.80 -25.39 4.63
CA LEU I 2726 26.35 -26.69 4.27
C LEU I 2726 27.66 -26.52 3.50
N ARG I 2727 27.78 -25.47 2.69
CA ARG I 2727 29.04 -25.19 2.02
C ARG I 2727 30.14 -24.87 3.02
N LEU I 2728 29.81 -24.09 4.05
CA LEU I 2728 30.78 -23.86 5.12
C LEU I 2728 31.18 -25.16 5.79
N ARG I 2729 30.19 -26.02 6.08
CA ARG I 2729 30.47 -27.27 6.77
C ARG I 2729 31.35 -28.20 5.94
N ARG I 2730 31.07 -28.32 4.65
CA ARG I 2730 31.70 -29.33 3.80
C ARG I 2730 32.96 -28.84 3.11
N ARG I 2731 33.32 -27.57 3.26
CA ARG I 2731 34.53 -27.03 2.64
C ARG I 2731 35.64 -26.78 3.66
N PHE I 2732 35.60 -27.46 4.79
CA PHE I 2732 36.75 -27.44 5.68
C PHE I 2732 37.88 -28.34 5.19
N MET I 2733 37.80 -28.80 3.94
CA MET I 2733 38.75 -29.75 3.39
C MET I 2733 40.18 -29.21 3.47
N ARG I 2734 40.31 -27.92 3.81
CA ARG I 2734 41.59 -27.27 3.98
C ARG I 2734 42.50 -27.98 4.99
N ASP I 2735 41.96 -28.85 5.84
CA ASP I 2735 42.79 -29.55 6.81
C ASP I 2735 43.50 -30.73 6.16
N GLN I 2736 44.24 -30.46 5.09
CA GLN I 2736 45.18 -31.38 4.44
C GLN I 2736 44.69 -32.81 4.35
N GLU I 2737 43.44 -33.01 3.95
CA GLU I 2737 42.82 -34.33 3.93
C GLU I 2737 42.54 -34.80 2.50
N LYS I 2738 43.45 -34.49 1.56
CA LYS I 2738 43.30 -34.96 0.19
C LYS I 2738 43.37 -36.49 0.14
N LEU I 2739 44.34 -37.07 0.85
CA LEU I 2739 44.48 -38.52 0.87
C LEU I 2739 43.28 -39.19 1.52
N SER I 2740 42.70 -38.57 2.53
CA SER I 2740 41.51 -39.16 3.15
C SER I 2740 40.35 -39.19 2.17
N LEU I 2741 40.17 -38.12 1.39
CA LEU I 2741 39.15 -38.13 0.35
C LEU I 2741 39.46 -39.19 -0.70
N MET I 2742 40.73 -39.32 -1.07
CA MET I 2742 41.13 -40.36 -2.00
C MET I 2742 40.70 -41.73 -1.51
N TYR I 2743 41.01 -42.04 -0.25
CA TYR I 2743 40.67 -43.35 0.30
C TYR I 2743 39.18 -43.51 0.56
N ALA I 2744 38.48 -42.43 0.87
CA ALA I 2744 37.04 -42.50 1.00
C ALA I 2744 36.40 -42.89 -0.33
N ARG I 2745 36.84 -42.24 -1.40
CA ARG I 2745 36.37 -42.62 -2.73
C ARG I 2745 36.74 -44.07 -3.04
N LYS I 2746 37.95 -44.48 -2.68
CA LYS I 2746 38.39 -45.85 -2.92
C LYS I 2746 37.47 -46.84 -2.21
N GLY I 2747 37.26 -46.65 -0.91
CA GLY I 2747 36.44 -47.57 -0.15
C GLY I 2747 35.00 -47.59 -0.60
N VAL I 2748 34.46 -46.42 -0.95
CA VAL I 2748 33.12 -46.37 -1.50
C VAL I 2748 33.06 -47.17 -2.79
N ALA I 2749 34.10 -47.05 -3.64
CA ALA I 2749 34.14 -47.82 -4.87
C ALA I 2749 34.15 -49.31 -4.59
N GLU I 2750 34.98 -49.75 -3.63
CA GLU I 2750 35.05 -51.18 -3.32
C GLU I 2750 33.70 -51.69 -2.82
N GLN I 2751 33.07 -50.95 -1.92
CA GLN I 2751 31.76 -51.36 -1.43
C GLN I 2751 30.74 -51.38 -2.55
N LYS I 2752 30.84 -50.46 -3.50
CA LYS I 2752 29.95 -50.48 -4.66
C LYS I 2752 30.18 -51.74 -5.48
N ARG I 2753 31.44 -52.18 -5.60
CA ARG I 2753 31.71 -53.43 -6.29
C ARG I 2753 31.04 -54.59 -5.59
N GLU I 2754 31.18 -54.63 -4.26
CA GLU I 2754 30.53 -55.70 -3.50
C GLU I 2754 29.03 -55.67 -3.70
N LYS I 2755 28.45 -54.47 -3.72
CA LYS I 2755 27.01 -54.33 -3.90
C LYS I 2755 26.57 -54.80 -5.28
N GLU I 2756 27.26 -54.36 -6.33
CA GLU I 2756 26.86 -54.75 -7.68
C GLU I 2756 27.07 -56.23 -7.92
N ILE I 2757 27.99 -56.87 -7.17
CA ILE I 2757 28.17 -58.32 -7.31
C ILE I 2757 26.84 -59.03 -7.10
N LYS I 2758 26.13 -58.68 -6.02
CA LYS I 2758 24.80 -59.23 -5.79
C LYS I 2758 23.73 -58.59 -6.67
N SER I 2759 23.91 -57.30 -7.01
CA SER I 2759 22.89 -56.60 -7.78
C SER I 2759 22.72 -57.20 -9.17
N GLU I 2760 23.79 -57.74 -9.74
CA GLU I 2760 23.67 -58.39 -11.05
C GLU I 2760 22.73 -59.58 -10.98
N LEU I 2761 22.89 -60.43 -9.97
CA LEU I 2761 21.97 -61.55 -9.79
C LEU I 2761 20.57 -61.05 -9.47
N LYS I 2762 20.47 -59.98 -8.69
CA LYS I 2762 19.17 -59.44 -8.32
C LYS I 2762 18.38 -59.00 -9.54
N MET I 2763 19.00 -58.20 -10.41
CA MET I 2763 18.33 -57.80 -11.64
C MET I 2763 18.14 -58.99 -12.58
N LYS I 2764 19.00 -60.00 -12.47
CA LYS I 2764 18.87 -61.18 -13.31
C LYS I 2764 17.55 -61.90 -13.09
N GLN I 2765 16.97 -61.77 -11.90
CA GLN I 2765 15.75 -62.49 -11.57
C GLN I 2765 14.57 -61.99 -12.40
N ASP I 2766 13.42 -62.63 -12.19
CA ASP I 2766 12.20 -62.22 -12.88
C ASP I 2766 11.75 -60.85 -12.43
N ALA I 2767 11.37 -60.01 -13.38
CA ALA I 2767 10.80 -58.72 -13.05
C ALA I 2767 9.43 -58.90 -12.41
N GLN I 2768 9.12 -58.06 -11.43
CA GLN I 2768 7.84 -58.16 -10.75
C GLN I 2768 6.70 -57.88 -11.73
N VAL I 2769 5.56 -58.49 -11.45
CA VAL I 2769 4.45 -58.53 -12.39
C VAL I 2769 3.86 -57.14 -12.53
N VAL I 2770 3.61 -56.72 -13.77
CA VAL I 2770 2.80 -55.54 -14.03
C VAL I 2770 1.36 -55.98 -14.25
N LEU I 2771 0.44 -55.30 -13.59
CA LEU I 2771 -0.97 -55.71 -13.63
C LEU I 2771 -1.77 -54.73 -14.46
N TYR I 2772 -2.94 -55.19 -14.89
CA TYR I 2772 -3.90 -54.37 -15.62
C TYR I 2772 -5.31 -54.63 -15.11
N ARG I 2773 -5.48 -54.72 -13.79
CA ARG I 2773 -6.78 -54.99 -13.20
C ARG I 2773 -7.03 -54.03 -12.05
N SER I 2774 -8.28 -54.05 -11.56
CA SER I 2774 -8.77 -53.06 -10.61
C SER I 2774 -9.32 -53.76 -9.36
N TYR I 2775 -8.50 -54.64 -8.79
CA TYR I 2775 -8.82 -55.48 -7.65
C TYR I 2775 -9.68 -54.76 -6.60
N ARG I 2776 -10.79 -55.37 -6.23
CA ARG I 2776 -11.70 -54.85 -5.21
C ARG I 2776 -11.97 -55.96 -4.20
N HIS I 2777 -11.10 -56.10 -3.22
CA HIS I 2777 -11.27 -57.17 -2.26
C HIS I 2777 -12.43 -56.87 -1.31
N GLY I 2778 -12.85 -57.90 -0.60
CA GLY I 2778 -13.89 -57.75 0.40
C GLY I 2778 -14.58 -59.07 0.65
N ASP I 2779 -15.83 -58.97 1.09
CA ASP I 2779 -16.61 -60.15 1.43
C ASP I 2779 -16.81 -61.05 0.21
N LEU I 2780 -17.12 -60.46 -0.92
CA LEU I 2780 -17.55 -61.18 -2.10
C LEU I 2780 -16.73 -60.73 -3.31
N PRO I 2781 -16.74 -61.51 -4.38
CA PRO I 2781 -16.12 -61.05 -5.62
C PRO I 2781 -16.84 -59.84 -6.19
N ASP I 2782 -16.25 -59.27 -7.25
CA ASP I 2782 -16.64 -57.96 -7.76
C ASP I 2782 -17.22 -58.08 -9.17
N ILE I 2783 -18.55 -58.08 -9.25
CA ILE I 2783 -19.23 -58.17 -10.53
C ILE I 2783 -19.07 -56.88 -11.32
N GLN I 2784 -19.10 -55.73 -10.64
CA GLN I 2784 -19.17 -54.45 -11.30
C GLN I 2784 -17.82 -53.98 -11.82
N ILE I 2785 -16.87 -54.91 -12.02
CA ILE I 2785 -15.61 -54.56 -12.66
C ILE I 2785 -15.89 -53.87 -13.99
N LYS I 2786 -14.98 -52.98 -14.36
CA LYS I 2786 -15.21 -52.10 -15.50
C LYS I 2786 -14.64 -52.70 -16.77
N HIS I 2787 -15.11 -52.19 -17.92
CA HIS I 2787 -14.72 -52.77 -19.21
C HIS I 2787 -13.21 -52.75 -19.41
N SER I 2788 -12.58 -51.59 -19.19
CA SER I 2788 -11.14 -51.51 -19.40
C SER I 2788 -10.39 -52.44 -18.45
N SER I 2789 -10.83 -52.52 -17.21
CA SER I 2789 -10.25 -53.52 -16.32
C SER I 2789 -10.48 -54.92 -16.86
N LEU I 2790 -11.62 -55.14 -17.51
CA LEU I 2790 -11.93 -56.44 -18.07
C LEU I 2790 -11.00 -56.79 -19.23
N ILE I 2791 -10.54 -55.79 -19.98
CA ILE I 2791 -9.97 -56.05 -21.29
C ILE I 2791 -8.49 -55.71 -21.39
N THR I 2792 -7.97 -54.79 -20.59
CA THR I 2792 -6.55 -54.47 -20.63
C THR I 2792 -5.64 -55.68 -20.42
N PRO I 2793 -5.96 -56.64 -19.55
CA PRO I 2793 -5.12 -57.85 -19.50
C PRO I 2793 -5.04 -58.57 -20.83
N LEU I 2794 -6.03 -58.41 -21.71
CA LEU I 2794 -5.92 -58.97 -23.04
C LEU I 2794 -4.73 -58.38 -23.78
N GLN I 2795 -4.57 -57.06 -23.75
CA GLN I 2795 -3.39 -56.49 -24.39
C GLN I 2795 -2.14 -56.85 -23.62
N ALA I 2796 -2.24 -56.98 -22.30
CA ALA I 2796 -1.07 -57.32 -21.51
C ALA I 2796 -0.55 -58.72 -21.84
N VAL I 2797 -1.45 -59.61 -22.26
CA VAL I 2797 -1.08 -61.00 -22.46
C VAL I 2797 -0.82 -61.27 -23.93
N ALA I 2798 -1.49 -60.52 -24.81
CA ALA I 2798 -1.37 -60.74 -26.27
C ALA I 2798 0.10 -60.74 -26.66
N GLN I 2799 0.85 -59.72 -26.23
CA GLN I 2799 2.29 -59.61 -26.57
C GLN I 2799 3.07 -60.75 -25.90
N ARG I 2800 2.40 -61.54 -25.05
CA ARG I 2800 3.10 -62.62 -24.31
C ARG I 2800 2.97 -63.95 -25.08
N ASP I 2801 1.75 -64.38 -25.36
CA ASP I 2801 1.54 -65.70 -26.03
C ASP I 2801 1.17 -65.49 -27.50
N PRO I 2802 1.80 -66.20 -28.46
CA PRO I 2802 1.44 -66.09 -29.88
C PRO I 2802 0.09 -66.72 -30.20
N ILE I 2803 -0.17 -67.89 -29.62
CA ILE I 2803 -1.38 -68.64 -29.96
C ILE I 2803 -2.61 -67.85 -29.57
N ILE I 2804 -2.60 -67.25 -28.37
CA ILE I 2804 -3.72 -66.42 -27.95
C ILE I 2804 -3.93 -65.29 -28.93
N ALA I 2805 -2.85 -64.66 -29.41
CA ALA I 2805 -2.97 -63.55 -30.33
C ALA I 2805 -3.56 -64.01 -31.65
N LYS I 2806 -3.17 -65.20 -32.11
CA LYS I 2806 -3.73 -65.74 -33.34
C LYS I 2806 -5.24 -65.93 -33.20
N GLN I 2807 -5.66 -66.49 -32.07
CA GLN I 2807 -7.09 -66.62 -31.83
C GLN I 2807 -7.76 -65.24 -31.79
N LEU I 2808 -7.07 -64.27 -31.17
CA LEU I 2808 -7.58 -62.91 -31.14
C LEU I 2808 -7.83 -62.38 -32.55
N PHE I 2809 -6.84 -62.52 -33.44
CA PHE I 2809 -7.04 -62.07 -34.80
C PHE I 2809 -8.24 -62.76 -35.42
N SER I 2810 -8.23 -64.10 -35.42
CA SER I 2810 -9.33 -64.83 -36.06
C SER I 2810 -10.68 -64.29 -35.60
N SER I 2811 -10.81 -64.12 -34.28
CA SER I 2811 -12.07 -63.62 -33.72
C SER I 2811 -12.37 -62.21 -34.20
N LEU I 2812 -11.37 -61.34 -34.26
CA LEU I 2812 -11.65 -59.94 -34.56
C LEU I 2812 -11.94 -59.71 -36.03
N PHE I 2813 -11.28 -60.43 -36.93
CA PHE I 2813 -11.74 -60.37 -38.32
C PHE I 2813 -13.12 -60.97 -38.47
N SER I 2814 -13.43 -62.05 -37.75
CA SER I 2814 -14.80 -62.54 -37.76
C SER I 2814 -15.76 -61.42 -37.36
N GLY I 2815 -15.43 -60.71 -36.29
CA GLY I 2815 -16.31 -59.66 -35.79
C GLY I 2815 -16.45 -58.51 -36.76
N ILE I 2816 -15.33 -58.06 -37.33
CA ILE I 2816 -15.37 -56.92 -38.23
C ILE I 2816 -16.14 -57.28 -39.50
N LEU I 2817 -16.00 -58.53 -39.96
CA LEU I 2817 -16.75 -58.95 -41.13
C LEU I 2817 -18.24 -58.99 -40.84
N LYS I 2818 -18.61 -59.62 -39.73
CA LYS I 2818 -20.02 -59.71 -39.35
C LYS I 2818 -20.59 -58.37 -38.93
N GLU I 2819 -19.75 -57.37 -38.74
CA GLU I 2819 -20.25 -56.00 -38.59
C GLU I 2819 -20.47 -55.35 -39.95
N MET I 2820 -19.42 -55.33 -40.78
CA MET I 2820 -19.47 -54.58 -42.03
C MET I 2820 -20.55 -55.10 -42.96
N ASP I 2821 -20.73 -56.42 -43.01
CA ASP I 2821 -21.73 -56.99 -43.91
C ASP I 2821 -23.13 -56.45 -43.60
N LYS I 2822 -23.37 -56.05 -42.36
CA LYS I 2822 -24.68 -55.52 -41.99
C LYS I 2822 -24.98 -54.22 -42.70
N PHE I 2823 -23.95 -53.47 -43.09
CA PHE I 2823 -24.14 -52.13 -43.63
C PHE I 2823 -23.22 -51.80 -44.80
N LYS I 2824 -22.44 -52.75 -45.30
CA LYS I 2824 -21.64 -52.58 -46.51
C LYS I 2824 -22.23 -53.39 -47.65
N THR I 2825 -22.16 -52.83 -48.85
CA THR I 2825 -22.67 -53.53 -50.02
C THR I 2825 -21.71 -54.65 -50.43
N LEU I 2826 -22.20 -55.52 -51.30
CA LEU I 2826 -21.43 -56.70 -51.70
C LEU I 2826 -20.12 -56.30 -52.36
N SER I 2827 -20.14 -55.25 -53.18
CA SER I 2827 -18.93 -54.84 -53.88
C SER I 2827 -17.79 -54.55 -52.90
N GLU I 2828 -18.10 -53.88 -51.78
CA GLU I 2828 -17.08 -53.63 -50.78
C GLU I 2828 -16.52 -54.92 -50.23
N LYS I 2829 -17.40 -55.89 -49.96
CA LYS I 2829 -16.95 -57.18 -49.48
C LYS I 2829 -16.02 -57.84 -50.49
N ASN I 2830 -16.37 -57.76 -51.76
CA ASN I 2830 -15.54 -58.35 -52.81
C ASN I 2830 -14.17 -57.68 -52.86
N ASN I 2831 -14.14 -56.35 -52.80
CA ASN I 2831 -12.88 -55.63 -52.88
C ASN I 2831 -11.99 -55.98 -51.69
N ILE I 2832 -12.57 -55.98 -50.50
CA ILE I 2832 -11.80 -56.32 -49.31
C ILE I 2832 -11.30 -57.75 -49.41
N THR I 2833 -12.16 -58.66 -49.89
CA THR I 2833 -11.78 -60.05 -50.00
C THR I 2833 -10.58 -60.22 -50.93
N GLN I 2834 -10.69 -59.68 -52.14
CA GLN I 2834 -9.59 -59.82 -53.08
C GLN I 2834 -8.33 -59.15 -52.56
N LYS I 2835 -8.49 -57.99 -51.92
CA LYS I 2835 -7.33 -57.27 -51.42
C LYS I 2835 -6.61 -58.07 -50.36
N LEU I 2836 -7.36 -58.65 -49.42
CA LEU I 2836 -6.73 -59.41 -48.36
C LEU I 2836 -6.19 -60.74 -48.88
N LEU I 2837 -6.81 -61.30 -49.93
CA LEU I 2837 -6.22 -62.44 -50.60
C LEU I 2837 -4.86 -62.08 -51.17
N GLN I 2838 -4.76 -60.90 -51.77
CA GLN I 2838 -3.48 -60.41 -52.26
C GLN I 2838 -2.48 -60.24 -51.13
N ASP I 2839 -2.95 -59.71 -50.00
CA ASP I 2839 -2.09 -59.54 -48.84
C ASP I 2839 -1.55 -60.87 -48.35
N PHE I 2840 -2.41 -61.88 -48.32
CA PHE I 2840 -1.98 -63.19 -47.85
C PHE I 2840 -1.02 -63.82 -48.83
N ASN I 2841 -1.22 -63.58 -50.13
CA ASN I 2841 -0.23 -64.00 -51.11
C ASN I 2841 1.11 -63.33 -50.85
N ARG I 2842 1.07 -62.03 -50.51
CA ARG I 2842 2.30 -61.34 -50.13
C ARG I 2842 2.97 -62.01 -48.96
N PHE I 2843 2.17 -62.38 -47.94
CA PHE I 2843 2.75 -63.01 -46.76
C PHE I 2843 3.35 -64.36 -47.11
N LEU I 2844 2.66 -65.15 -47.91
CA LEU I 2844 3.15 -66.47 -48.29
C LEU I 2844 4.43 -66.37 -49.10
N ASN I 2845 4.49 -65.42 -50.04
CA ASN I 2845 5.71 -65.24 -50.81
C ASN I 2845 6.84 -64.73 -49.94
N THR I 2846 6.54 -63.80 -49.04
CA THR I 2846 7.57 -63.10 -48.28
C THR I 2846 8.16 -63.94 -47.17
N THR I 2847 7.42 -64.93 -46.67
CA THR I 2847 7.86 -65.64 -45.47
C THR I 2847 9.08 -66.50 -45.77
N PHE I 2848 10.08 -66.38 -44.90
CA PHE I 2848 11.21 -67.28 -44.83
C PHE I 2848 11.29 -67.94 -43.46
N SER I 2849 11.16 -67.14 -42.41
CA SER I 2849 10.84 -67.68 -41.10
C SER I 2849 9.36 -68.09 -41.09
N PHE I 2850 9.12 -69.38 -41.02
CA PHE I 2850 7.77 -69.93 -41.13
C PHE I 2850 7.25 -70.16 -39.71
N PHE I 2851 6.71 -69.10 -39.12
CA PHE I 2851 6.24 -69.11 -37.74
C PHE I 2851 4.95 -69.89 -37.62
N PRO I 2852 4.98 -71.09 -37.02
CA PRO I 2852 3.80 -71.95 -37.02
C PRO I 2852 2.58 -71.26 -36.44
N PRO I 2853 2.71 -70.50 -35.33
CA PRO I 2853 1.54 -69.72 -34.90
C PRO I 2853 1.08 -68.70 -35.93
N PHE I 2854 2.00 -67.91 -36.46
CA PHE I 2854 1.60 -66.85 -37.38
C PHE I 2854 1.09 -67.41 -38.69
N VAL I 2855 1.82 -68.36 -39.28
CA VAL I 2855 1.37 -68.94 -40.54
C VAL I 2855 0.09 -69.72 -40.33
N SER I 2856 -0.06 -70.36 -39.17
CA SER I 2856 -1.32 -71.04 -38.89
C SER I 2856 -2.46 -70.05 -38.80
N CYS I 2857 -2.23 -68.88 -38.20
CA CYS I 2857 -3.24 -67.83 -38.19
C CYS I 2857 -3.60 -67.42 -39.61
N ILE I 2858 -2.59 -67.27 -40.45
CA ILE I 2858 -2.80 -66.96 -41.86
C ILE I 2858 -3.75 -67.97 -42.48
N GLN I 2859 -3.40 -69.25 -42.38
CA GLN I 2859 -4.18 -70.29 -43.03
C GLN I 2859 -5.57 -70.41 -42.42
N ASP I 2860 -5.69 -70.23 -41.10
CA ASP I 2860 -6.97 -70.24 -40.44
C ASP I 2860 -7.89 -69.17 -41.01
N ILE I 2861 -7.48 -67.92 -40.88
CA ILE I 2861 -8.34 -66.82 -41.32
C ILE I 2861 -8.67 -66.96 -42.79
N SER I 2862 -7.72 -67.45 -43.59
CA SER I 2862 -7.99 -67.68 -45.01
C SER I 2862 -9.10 -68.71 -45.18
N CYS I 2863 -9.02 -69.82 -44.47
CA CYS I 2863 -10.04 -70.85 -44.63
C CYS I 2863 -11.34 -70.49 -43.93
N GLN I 2864 -11.37 -69.39 -43.19
CA GLN I 2864 -12.58 -69.03 -42.45
C GLN I 2864 -13.72 -68.60 -43.37
N HIS I 2865 -13.44 -68.28 -44.63
CA HIS I 2865 -14.47 -67.71 -45.49
C HIS I 2865 -14.38 -68.27 -46.89
N ALA I 2866 -15.54 -68.48 -47.51
CA ALA I 2866 -15.61 -69.12 -48.81
C ALA I 2866 -14.93 -68.28 -49.88
N ALA I 2867 -15.27 -66.99 -49.94
CA ALA I 2867 -14.57 -66.10 -50.84
C ALA I 2867 -13.09 -66.04 -50.48
N LEU I 2868 -12.78 -66.18 -49.19
CA LEU I 2868 -11.39 -66.25 -48.76
C LEU I 2868 -10.76 -67.60 -49.06
N LEU I 2869 -11.58 -68.65 -49.17
CA LEU I 2869 -11.04 -69.94 -49.63
C LEU I 2869 -10.42 -69.80 -51.00
N SER I 2870 -10.93 -68.89 -51.82
CA SER I 2870 -10.44 -68.71 -53.18
C SER I 2870 -9.09 -68.02 -53.18
N LEU I 2871 -8.01 -68.80 -53.16
CA LEU I 2871 -6.68 -68.24 -53.19
C LEU I 2871 -5.71 -69.28 -53.74
N ASP I 2872 -4.52 -68.82 -54.11
CA ASP I 2872 -3.45 -69.67 -54.62
C ASP I 2872 -3.20 -70.86 -53.71
N PRO I 2873 -3.54 -72.06 -54.14
CA PRO I 2873 -3.21 -73.24 -53.33
C PRO I 2873 -1.72 -73.49 -53.23
N ALA I 2874 -0.94 -73.07 -54.23
CA ALA I 2874 0.48 -73.44 -54.27
C ALA I 2874 1.26 -72.81 -53.12
N ALA I 2875 1.11 -71.49 -52.95
CA ALA I 2875 1.84 -70.82 -51.88
C ALA I 2875 1.40 -71.34 -50.52
N VAL I 2876 0.10 -71.60 -50.37
CA VAL I 2876 -0.42 -72.15 -49.13
C VAL I 2876 0.21 -73.50 -48.83
N SER I 2877 0.30 -74.35 -49.85
CA SER I 2877 0.91 -75.66 -49.67
C SER I 2877 2.37 -75.52 -49.27
N ALA I 2878 3.09 -74.65 -49.95
CA ALA I 2878 4.50 -74.46 -49.64
C ALA I 2878 4.67 -74.00 -48.20
N GLY I 2879 3.86 -73.04 -47.77
CA GLY I 2879 3.94 -72.55 -46.41
C GLY I 2879 3.60 -73.60 -45.37
N CYS I 2880 2.42 -74.19 -45.47
CA CYS I 2880 1.99 -75.16 -44.48
C CYS I 2880 2.85 -76.40 -44.48
N LEU I 2881 3.55 -76.67 -45.58
CA LEU I 2881 4.46 -77.81 -45.66
C LEU I 2881 5.80 -77.48 -45.02
N ALA I 2882 6.36 -76.31 -45.35
CA ALA I 2882 7.59 -75.88 -44.70
C ALA I 2882 7.35 -75.64 -43.21
N SER I 2883 6.25 -75.00 -42.86
CA SER I 2883 5.91 -74.76 -41.47
C SER I 2883 5.27 -75.95 -40.80
N LEU I 2884 5.05 -77.04 -41.54
CA LEU I 2884 4.41 -78.25 -41.02
C LEU I 2884 3.03 -77.94 -40.47
N GLN I 2885 2.33 -77.00 -41.12
CA GLN I 2885 0.98 -76.62 -40.73
C GLN I 2885 -0.05 -77.31 -41.61
N GLN I 2886 0.23 -78.56 -41.96
CA GLN I 2886 -0.57 -79.37 -42.88
C GLN I 2886 -2.07 -79.31 -42.62
N PRO I 2887 -2.55 -79.67 -41.43
CA PRO I 2887 -3.98 -79.99 -41.29
C PRO I 2887 -4.93 -78.86 -41.68
N VAL I 2888 -4.64 -77.63 -41.24
CA VAL I 2888 -5.51 -76.53 -41.60
C VAL I 2888 -5.44 -76.25 -43.09
N GLY I 2889 -4.26 -76.39 -43.69
CA GLY I 2889 -4.16 -76.28 -45.13
C GLY I 2889 -4.98 -77.34 -45.84
N ILE I 2890 -4.99 -78.55 -45.30
CA ILE I 2890 -5.80 -79.63 -45.86
C ILE I 2890 -7.27 -79.27 -45.79
N ARG I 2891 -7.71 -78.73 -44.65
CA ARG I 2891 -9.08 -78.28 -44.51
C ARG I 2891 -9.40 -77.20 -45.54
N LEU I 2892 -8.48 -76.25 -45.69
CA LEU I 2892 -8.64 -75.19 -46.66
C LEU I 2892 -8.79 -75.73 -48.07
N LEU I 2893 -7.95 -76.70 -48.44
CA LEU I 2893 -8.02 -77.29 -49.77
C LEU I 2893 -9.32 -78.05 -49.98
N GLU I 2894 -9.75 -78.83 -48.98
CA GLU I 2894 -11.00 -79.56 -49.13
C GLU I 2894 -12.16 -78.60 -49.30
N GLU I 2895 -12.20 -77.53 -48.51
CA GLU I 2895 -13.31 -76.61 -48.62
C GLU I 2895 -13.26 -75.80 -49.91
N ALA I 2896 -12.05 -75.46 -50.37
CA ALA I 2896 -11.92 -74.79 -51.66
C ALA I 2896 -12.42 -75.70 -52.78
N LEU I 2897 -12.06 -76.98 -52.73
CA LEU I 2897 -12.57 -77.94 -53.70
C LEU I 2897 -14.09 -78.03 -53.62
N LEU I 2898 -14.62 -78.07 -52.40
CA LEU I 2898 -16.07 -78.18 -52.22
C LEU I 2898 -16.78 -76.97 -52.80
N ARG I 2899 -16.22 -75.79 -52.59
CA ARG I 2899 -16.77 -74.58 -53.19
C ARG I 2899 -16.66 -74.64 -54.71
N LEU I 2900 -15.56 -75.20 -55.21
CA LEU I 2900 -15.36 -75.31 -56.65
C LEU I 2900 -16.40 -76.20 -57.31
N LEU I 2901 -16.80 -77.28 -56.65
CA LEU I 2901 -17.75 -78.24 -57.19
C LEU I 2901 -17.24 -78.86 -58.49
N LEU I 2916 -15.36 -80.67 -64.77
CA LEU I 2916 -15.06 -80.12 -63.45
C LEU I 2916 -13.83 -79.22 -63.51
N PRO I 2917 -13.73 -78.25 -62.62
CA PRO I 2917 -12.55 -77.40 -62.56
C PRO I 2917 -11.32 -78.20 -62.19
N PRO I 2918 -10.30 -78.22 -63.04
CA PRO I 2918 -9.10 -79.01 -62.76
C PRO I 2918 -8.18 -78.34 -61.73
N ASP I 2919 -8.46 -78.58 -60.45
CA ASP I 2919 -7.61 -78.12 -59.36
C ASP I 2919 -6.52 -79.13 -59.02
N VAL I 2920 -6.10 -79.93 -59.99
CA VAL I 2920 -5.08 -80.95 -59.81
C VAL I 2920 -3.84 -80.32 -59.19
N LEU I 2921 -3.70 -79.00 -59.34
CA LEU I 2921 -2.75 -78.25 -58.53
C LEU I 2921 -2.93 -78.56 -57.05
N ARG I 2922 -4.10 -78.21 -56.51
CA ARG I 2922 -4.36 -78.47 -55.11
C ARG I 2922 -4.39 -79.96 -54.81
N TRP I 2923 -4.72 -80.78 -55.80
CA TRP I 2923 -4.74 -82.22 -55.58
C TRP I 2923 -3.33 -82.76 -55.34
N VAL I 2924 -2.37 -82.33 -56.16
CA VAL I 2924 -0.99 -82.78 -55.97
C VAL I 2924 -0.41 -82.17 -54.72
N GLU I 2925 -0.82 -80.95 -54.35
CA GLU I 2925 -0.43 -80.42 -53.05
C GLU I 2925 -0.95 -81.30 -51.92
N LEU I 2926 -2.18 -81.75 -52.04
CA LEU I 2926 -2.76 -82.63 -51.04
C LEU I 2926 -2.02 -83.94 -50.97
N ALA I 2927 -1.60 -84.47 -52.11
CA ALA I 2927 -0.76 -85.66 -52.13
C ALA I 2927 0.56 -85.40 -51.43
N LYS I 2928 1.13 -84.20 -51.64
CA LYS I 2928 2.36 -83.83 -50.95
C LYS I 2928 2.15 -83.83 -49.44
N LEU I 2929 1.03 -83.28 -48.99
CA LEU I 2929 0.71 -83.33 -47.57
C LEU I 2929 0.54 -84.76 -47.09
N TYR I 2930 -0.18 -85.57 -47.87
CA TYR I 2930 -0.31 -86.99 -47.57
C TYR I 2930 1.04 -87.63 -47.30
N ARG I 2931 1.99 -87.38 -48.19
CA ARG I 2931 3.36 -87.82 -47.94
C ARG I 2931 3.88 -87.25 -46.63
N SER I 2932 3.70 -85.94 -46.44
CA SER I 2932 4.18 -85.29 -45.22
C SER I 2932 3.45 -85.82 -43.99
N ILE I 2933 2.13 -85.99 -44.09
CA ILE I 2933 1.35 -86.48 -42.97
C ILE I 2933 1.41 -88.00 -42.96
N GLY I 2934 2.21 -88.58 -43.85
CA GLY I 2934 2.32 -90.02 -43.90
C GLY I 2934 1.11 -90.71 -44.46
N GLU I 2935 0.20 -89.98 -45.09
CA GLU I 2935 -0.97 -90.60 -45.70
C GLU I 2935 -0.63 -91.12 -47.08
N TYR I 2936 -0.97 -92.37 -47.34
CA TYR I 2936 -0.81 -92.92 -48.69
C TYR I 2936 -1.97 -93.80 -49.12
N ASP I 2937 -2.85 -94.22 -48.21
CA ASP I 2937 -3.96 -95.07 -48.59
C ASP I 2937 -5.04 -94.26 -49.30
N VAL I 2938 -5.42 -93.11 -48.74
CA VAL I 2938 -6.44 -92.28 -49.36
C VAL I 2938 -5.97 -91.75 -50.71
N LEU I 2939 -4.67 -91.86 -51.00
CA LEU I 2939 -4.20 -91.57 -52.35
C LEU I 2939 -4.83 -92.49 -53.38
N ARG I 2940 -5.32 -93.67 -52.95
CA ARG I 2940 -6.20 -94.45 -53.81
C ARG I 2940 -7.47 -93.68 -54.13
N GLY I 2941 -8.09 -93.08 -53.11
CA GLY I 2941 -9.27 -92.26 -53.34
C GLY I 2941 -8.95 -91.03 -54.16
N ILE I 2942 -7.69 -90.60 -54.16
CA ILE I 2942 -7.30 -89.43 -54.94
C ILE I 2942 -7.47 -89.70 -56.43
N PHE I 2943 -6.93 -90.82 -56.91
CA PHE I 2943 -6.92 -91.12 -58.33
C PHE I 2943 -8.24 -91.68 -58.84
N THR I 2944 -9.34 -91.49 -58.10
CA THR I 2944 -10.60 -92.15 -58.47
C THR I 2944 -11.31 -91.42 -59.61
N SER I 2945 -11.71 -90.17 -59.39
CA SER I 2945 -12.61 -89.52 -60.34
C SER I 2945 -11.88 -89.10 -61.60
N GLU I 2946 -10.99 -88.11 -61.49
CA GLU I 2946 -10.20 -87.67 -62.62
C GLU I 2946 -8.74 -87.42 -62.29
N ILE I 2947 -8.36 -87.36 -61.01
CA ILE I 2947 -6.96 -87.17 -60.66
C ILE I 2947 -6.14 -88.35 -61.13
N GLY I 2948 -6.74 -89.53 -61.19
CA GLY I 2948 -6.06 -90.65 -61.82
C GLY I 2948 -5.94 -90.40 -63.31
N THR I 2949 -4.72 -90.07 -63.73
CA THR I 2949 -4.42 -89.84 -65.14
C THR I 2949 -3.09 -90.50 -65.45
N LYS I 2950 -2.26 -90.62 -64.43
CA LYS I 2950 -0.96 -91.27 -64.51
C LYS I 2950 -0.96 -92.43 -63.53
N GLN I 2951 -1.18 -93.63 -64.03
CA GLN I 2951 -1.07 -94.81 -63.19
C GLN I 2951 0.34 -95.31 -63.07
N ILE I 2952 1.30 -94.68 -63.76
CA ILE I 2952 2.69 -94.80 -63.36
C ILE I 2952 2.90 -94.15 -62.00
N THR I 2953 2.23 -93.01 -61.78
CA THR I 2953 2.23 -92.37 -60.48
C THR I 2953 1.60 -93.29 -59.44
N GLN I 2954 0.48 -93.93 -59.79
CA GLN I 2954 -0.15 -94.86 -58.85
C GLN I 2954 0.70 -96.10 -58.62
N SER I 2955 1.41 -96.56 -59.66
CA SER I 2955 2.29 -97.71 -59.49
C SER I 2955 3.40 -97.40 -58.49
N ALA I 2956 4.05 -96.25 -58.67
CA ALA I 2956 5.06 -95.84 -57.70
C ALA I 2956 4.43 -95.55 -56.33
N LEU I 2957 3.17 -95.10 -56.32
CA LEU I 2957 2.46 -94.84 -55.08
C LEU I 2957 2.29 -96.10 -54.27
N LEU I 2958 1.75 -97.14 -54.89
CA LEU I 2958 1.63 -98.43 -54.22
C LEU I 2958 3.01 -99.02 -53.93
N ALA I 2959 3.99 -98.73 -54.77
CA ALA I 2959 5.34 -99.23 -54.54
C ALA I 2959 5.90 -98.72 -53.22
N GLU I 2960 6.17 -97.42 -53.16
CA GLU I 2960 6.80 -96.88 -51.96
C GLU I 2960 5.83 -96.83 -50.78
N ALA I 2961 4.53 -96.81 -51.04
CA ALA I 2961 3.55 -97.00 -49.97
C ALA I 2961 3.70 -98.37 -49.35
N ARG I 2962 3.95 -99.39 -50.17
CA ARG I 2962 4.36 -100.69 -49.71
C ARG I 2962 5.87 -100.79 -49.53
N SER I 2963 6.54 -99.65 -49.33
CA SER I 2963 7.97 -99.58 -49.04
C SER I 2963 8.81 -100.17 -50.16
N ASP I 2964 8.39 -99.97 -51.41
CA ASP I 2964 9.17 -100.39 -52.56
C ASP I 2964 9.87 -99.15 -53.13
N TYR I 2965 10.99 -98.81 -52.51
CA TYR I 2965 11.81 -97.72 -53.03
C TYR I 2965 12.33 -98.04 -54.43
N SER I 2966 12.66 -99.31 -54.66
CA SER I 2966 13.16 -99.71 -55.97
C SER I 2966 12.10 -99.55 -57.04
N GLU I 2967 10.91 -100.10 -56.82
CA GLU I 2967 9.87 -100.04 -57.84
C GLU I 2967 9.38 -98.60 -58.04
N ALA I 2968 9.14 -97.87 -56.95
CA ALA I 2968 8.72 -96.48 -57.08
C ALA I 2968 9.78 -95.65 -57.79
N ALA I 2969 11.05 -95.91 -57.46
CA ALA I 2969 12.15 -95.24 -58.15
C ALA I 2969 12.11 -95.52 -59.63
N LYS I 2970 11.90 -96.77 -60.01
CA LYS I 2970 11.83 -97.12 -61.42
C LYS I 2970 10.68 -96.39 -62.10
N GLN I 2971 9.49 -96.44 -61.50
CA GLN I 2971 8.32 -95.82 -62.12
C GLN I 2971 8.54 -94.32 -62.31
N TYR I 2972 9.03 -93.65 -61.27
CA TYR I 2972 9.16 -92.20 -61.37
C TYR I 2972 10.35 -91.78 -62.22
N ASP I 2973 11.44 -92.57 -62.24
CA ASP I 2973 12.54 -92.26 -63.13
C ASP I 2973 12.12 -92.41 -64.58
N GLU I 2974 11.41 -93.48 -64.92
CA GLU I 2974 10.94 -93.62 -66.29
C GLU I 2974 9.85 -92.61 -66.62
N ALA I 2975 9.07 -92.18 -65.63
CA ALA I 2975 8.04 -91.18 -65.88
C ALA I 2975 8.65 -89.81 -66.16
N LEU I 2976 9.62 -89.39 -65.34
CA LEU I 2976 10.31 -88.13 -65.60
C LEU I 2976 11.08 -88.21 -66.90
N ASN I 2977 11.49 -89.41 -67.30
CA ASN I 2977 12.05 -89.64 -68.63
C ASN I 2977 10.98 -90.03 -69.63
N LYS I 2978 9.72 -90.20 -69.21
CA LYS I 2978 8.61 -90.42 -70.13
C LYS I 2978 8.11 -89.08 -70.67
N GLN I 2979 8.98 -88.40 -71.41
CA GLN I 2979 8.58 -87.19 -72.09
C GLN I 2979 7.50 -87.49 -73.12
N ASP I 2980 7.57 -88.67 -73.73
CA ASP I 2980 6.47 -89.14 -74.56
C ASP I 2980 5.24 -89.40 -73.70
N TRP I 2981 4.07 -89.23 -74.31
CA TRP I 2981 2.81 -89.38 -73.57
C TRP I 2981 1.74 -89.90 -74.51
N VAL I 2982 1.27 -91.11 -74.26
CA VAL I 2982 0.13 -91.65 -75.00
C VAL I 2982 -1.08 -90.73 -74.82
N ASP I 2983 -1.55 -90.61 -73.58
CA ASP I 2983 -2.45 -89.54 -73.19
C ASP I 2983 -1.68 -88.43 -72.50
N GLY I 2984 -1.03 -88.75 -71.38
CA GLY I 2984 -0.22 -87.80 -70.67
C GLY I 2984 -1.00 -86.63 -70.09
N GLU I 2985 -0.75 -85.45 -70.64
CA GLU I 2985 -1.22 -84.19 -70.07
C GLU I 2985 -0.84 -84.07 -68.58
N PRO I 2986 0.45 -84.16 -68.25
CA PRO I 2986 0.84 -83.97 -66.84
C PRO I 2986 1.12 -82.52 -66.52
N THR I 2987 0.53 -82.00 -65.46
CA THR I 2987 0.93 -80.69 -64.99
C THR I 2987 2.38 -80.74 -64.52
N GLU I 2988 3.09 -79.63 -64.69
CA GLU I 2988 4.49 -79.58 -64.28
C GLU I 2988 4.64 -79.99 -62.82
N ALA I 2989 3.67 -79.63 -61.99
CA ALA I 2989 3.70 -80.06 -60.59
C ALA I 2989 3.65 -81.58 -60.48
N GLU I 2990 2.89 -82.24 -61.36
CA GLU I 2990 2.78 -83.69 -61.31
C GLU I 2990 4.14 -84.34 -61.57
N LYS I 2991 4.82 -83.91 -62.64
CA LYS I 2991 6.14 -84.45 -62.94
C LYS I 2991 7.13 -84.11 -61.83
N ASP I 2992 7.05 -82.87 -61.32
CA ASP I 2992 7.95 -82.46 -60.24
C ASP I 2992 7.76 -83.33 -59.02
N PHE I 2993 6.53 -83.70 -58.70
CA PHE I 2993 6.28 -84.51 -57.52
C PHE I 2993 6.64 -85.97 -57.75
N TRP I 2994 6.47 -86.47 -58.98
CA TRP I 2994 7.03 -87.77 -59.31
C TRP I 2994 8.51 -87.79 -59.03
N GLU I 2995 9.22 -86.77 -59.53
CA GLU I 2995 10.64 -86.67 -59.25
C GLU I 2995 10.90 -86.54 -57.75
N LEU I 2996 10.04 -85.82 -57.03
CA LEU I 2996 10.23 -85.63 -55.60
C LEU I 2996 10.18 -86.96 -54.85
N ALA I 2997 9.17 -87.78 -55.16
CA ALA I 2997 9.11 -89.09 -54.52
C ALA I 2997 10.22 -90.00 -55.00
N SER I 2998 10.68 -89.81 -56.24
CA SER I 2998 11.86 -90.54 -56.70
C SER I 2998 13.08 -90.19 -55.84
N LEU I 2999 13.26 -88.90 -55.57
CA LEU I 2999 14.36 -88.50 -54.69
C LEU I 2999 14.12 -88.97 -53.27
N ASP I 3000 12.86 -89.11 -52.87
CA ASP I 3000 12.57 -89.65 -51.55
C ASP I 3000 13.05 -91.10 -51.42
N CYS I 3001 12.70 -91.93 -52.41
CA CYS I 3001 13.13 -93.31 -52.37
C CYS I 3001 14.62 -93.46 -52.67
N TYR I 3002 15.22 -92.49 -53.37
CA TYR I 3002 16.66 -92.43 -53.55
C TYR I 3002 17.36 -91.77 -52.37
N ASN I 3003 16.59 -91.26 -51.41
CA ASN I 3003 17.09 -90.90 -50.10
C ASN I 3003 17.01 -92.06 -49.13
N HIS I 3004 15.96 -92.88 -49.25
CA HIS I 3004 16.03 -94.22 -48.68
C HIS I 3004 17.14 -95.01 -49.34
N LEU I 3005 17.32 -94.82 -50.65
CA LEU I 3005 18.49 -95.32 -51.36
C LEU I 3005 19.55 -94.23 -51.44
N ALA I 3006 19.91 -93.72 -50.26
CA ALA I 3006 20.68 -92.48 -50.13
C ALA I 3006 21.95 -92.49 -50.96
N GLU I 3007 22.01 -91.62 -51.97
CA GLU I 3007 23.14 -91.55 -52.88
C GLU I 3007 23.26 -90.15 -53.44
N TRP I 3008 24.43 -89.88 -54.00
CA TRP I 3008 24.57 -88.76 -54.93
C TRP I 3008 23.56 -88.88 -56.05
N LYS I 3009 23.38 -90.11 -56.57
CA LYS I 3009 22.58 -90.32 -57.76
C LYS I 3009 21.17 -89.81 -57.58
N SER I 3010 20.69 -89.78 -56.33
CA SER I 3010 19.46 -89.06 -56.01
C SER I 3010 19.51 -87.63 -56.54
N LEU I 3011 20.66 -86.97 -56.41
CA LEU I 3011 20.78 -85.59 -56.81
C LEU I 3011 21.08 -85.43 -58.30
N GLU I 3012 21.79 -86.39 -58.88
CA GLU I 3012 21.99 -86.36 -60.33
C GLU I 3012 20.67 -86.54 -61.07
N TYR I 3013 19.83 -87.46 -60.61
CA TYR I 3013 18.45 -87.51 -61.10
C TYR I 3013 17.67 -86.26 -60.70
N CYS I 3014 17.97 -85.69 -59.53
CA CYS I 3014 17.34 -84.42 -59.18
C CYS I 3014 17.76 -83.33 -60.15
N SER I 3015 19.03 -83.31 -60.53
CA SER I 3015 19.47 -82.39 -61.58
C SER I 3015 18.84 -82.73 -62.93
N THR I 3016 18.41 -83.98 -63.12
CA THR I 3016 17.90 -84.46 -64.41
C THR I 3016 18.89 -84.15 -65.52
N ALA I 3017 20.16 -84.44 -65.27
CA ALA I 3017 21.25 -84.05 -66.17
C ALA I 3017 21.29 -82.53 -66.37
N SER I 3018 21.00 -81.79 -65.29
CA SER I 3018 21.05 -80.34 -65.28
C SER I 3018 20.14 -79.73 -66.35
N ILE I 3019 18.83 -80.00 -66.21
CA ILE I 3019 17.86 -79.33 -67.06
C ILE I 3019 17.86 -77.85 -66.74
N ASP I 3020 17.90 -77.03 -67.78
CA ASP I 3020 18.09 -75.59 -67.63
C ASP I 3020 19.36 -75.29 -66.82
N SER I 3021 20.39 -76.12 -67.01
CA SER I 3021 21.61 -76.08 -66.20
C SER I 3021 21.30 -76.24 -64.72
N GLU I 3022 20.43 -77.19 -64.39
CA GLU I 3022 20.05 -77.46 -63.02
C GLU I 3022 21.25 -77.83 -62.16
N LYS I 3029 23.49 -69.30 -60.23
CA LYS I 3029 22.99 -70.04 -59.08
C LYS I 3029 21.75 -70.83 -59.46
N ILE I 3030 21.75 -71.40 -60.66
CA ILE I 3030 20.64 -72.25 -61.10
C ILE I 3030 20.52 -73.44 -60.18
N TRP I 3031 21.64 -73.91 -59.63
CA TRP I 3031 21.59 -74.98 -58.65
C TRP I 3031 20.84 -74.56 -57.40
N SER I 3032 20.66 -73.26 -57.17
CA SER I 3032 19.94 -72.76 -56.00
C SER I 3032 18.68 -71.99 -56.36
N GLU I 3033 18.81 -70.93 -57.16
CA GLU I 3033 17.74 -69.94 -57.26
C GLU I 3033 16.39 -70.48 -57.70
N PRO I 3034 16.27 -71.40 -58.66
CA PRO I 3034 14.96 -71.96 -58.99
C PRO I 3034 14.20 -72.43 -57.76
N PHE I 3035 12.99 -71.92 -57.60
CA PHE I 3035 12.20 -72.20 -56.40
C PHE I 3035 11.77 -73.65 -56.33
N TYR I 3036 11.64 -74.30 -57.48
CA TYR I 3036 11.59 -75.76 -57.48
C TYR I 3036 12.83 -76.30 -56.78
N GLN I 3037 14.00 -75.87 -57.24
CA GLN I 3037 15.25 -76.31 -56.62
C GLN I 3037 15.43 -75.72 -55.23
N GLU I 3038 14.86 -74.54 -54.98
CA GLU I 3038 14.88 -74.03 -53.61
C GLU I 3038 14.16 -74.99 -52.68
N THR I 3039 13.00 -75.49 -53.10
CA THR I 3039 12.30 -76.51 -52.33
C THR I 3039 13.10 -77.80 -52.26
N TYR I 3040 13.79 -78.14 -53.35
CA TYR I 3040 14.51 -79.40 -53.44
C TYR I 3040 15.82 -79.38 -52.64
N LEU I 3041 16.24 -78.19 -52.20
CA LEU I 3041 17.53 -78.03 -51.53
C LEU I 3041 17.82 -79.04 -50.43
N PRO I 3042 16.88 -79.40 -49.55
CA PRO I 3042 17.20 -80.43 -48.54
C PRO I 3042 17.73 -81.71 -49.14
N TYR I 3043 17.18 -82.15 -50.27
CA TYR I 3043 17.69 -83.36 -50.92
C TYR I 3043 19.18 -83.22 -51.22
N MET I 3044 19.55 -82.16 -51.93
CA MET I 3044 20.94 -82.00 -52.35
C MET I 3044 21.86 -81.87 -51.15
N ILE I 3045 21.50 -81.00 -50.21
CA ILE I 3045 22.39 -80.75 -49.08
C ILE I 3045 22.58 -82.03 -48.27
N ARG I 3046 21.50 -82.75 -48.00
CA ARG I 3046 21.59 -83.92 -47.16
C ARG I 3046 22.37 -85.04 -47.84
N SER I 3047 22.04 -85.34 -49.10
CA SER I 3047 22.74 -86.42 -49.78
C SER I 3047 24.21 -86.09 -49.97
N LYS I 3048 24.51 -84.84 -50.34
CA LYS I 3048 25.90 -84.46 -50.52
C LYS I 3048 26.67 -84.52 -49.21
N LEU I 3049 26.06 -84.08 -48.11
CA LEU I 3049 26.72 -84.19 -46.81
C LEU I 3049 26.94 -85.65 -46.44
N LYS I 3050 25.95 -86.50 -46.72
CA LYS I 3050 26.11 -87.93 -46.46
C LYS I 3050 27.31 -88.47 -47.20
N LEU I 3051 27.44 -88.10 -48.47
CA LEU I 3051 28.63 -88.48 -49.24
C LEU I 3051 29.89 -87.95 -48.58
N LEU I 3052 29.86 -86.68 -48.16
CA LEU I 3052 31.03 -86.02 -47.62
C LEU I 3052 31.56 -86.74 -46.39
N LEU I 3053 30.67 -87.00 -45.44
CA LEU I 3053 31.07 -87.69 -44.22
C LEU I 3053 31.51 -89.11 -44.51
N GLN I 3054 30.90 -89.75 -45.51
CA GLN I 3054 31.31 -91.08 -45.90
C GLN I 3054 32.48 -91.08 -46.87
N GLY I 3055 33.09 -89.93 -47.11
CA GLY I 3055 34.32 -89.90 -47.88
C GLY I 3055 34.45 -88.75 -48.86
N GLU I 3056 33.34 -88.19 -49.32
CA GLU I 3056 33.39 -87.16 -50.34
C GLU I 3056 34.01 -85.87 -49.79
N ALA I 3057 34.66 -85.13 -50.68
CA ALA I 3057 35.13 -83.77 -50.40
C ALA I 3057 35.10 -83.01 -51.73
N ASP I 3058 34.00 -82.29 -51.97
CA ASP I 3058 33.78 -81.70 -53.28
C ASP I 3058 34.34 -80.30 -53.42
N GLN I 3059 33.99 -79.41 -52.48
CA GLN I 3059 34.23 -77.97 -52.53
C GLN I 3059 33.44 -77.29 -53.64
N SER I 3060 32.73 -78.04 -54.48
CA SER I 3060 31.88 -77.42 -55.49
C SER I 3060 30.59 -76.94 -54.85
N LEU I 3061 29.78 -77.87 -54.35
CA LEU I 3061 28.62 -77.48 -53.57
C LEU I 3061 29.03 -76.91 -52.22
N LEU I 3062 30.16 -77.37 -51.67
CA LEU I 3062 30.61 -76.83 -50.39
C LEU I 3062 30.87 -75.34 -50.50
N THR I 3063 31.81 -74.94 -51.34
CA THR I 3063 32.07 -73.52 -51.52
C THR I 3063 30.89 -72.81 -52.17
N PHE I 3064 30.05 -73.52 -52.92
CA PHE I 3064 28.82 -72.93 -53.41
C PHE I 3064 27.96 -72.45 -52.26
N ILE I 3065 27.75 -73.30 -51.27
CA ILE I 3065 27.00 -72.92 -50.08
C ILE I 3065 27.77 -71.88 -49.28
N ASP I 3066 29.09 -71.96 -49.28
CA ASP I 3066 29.89 -70.97 -48.57
C ASP I 3066 29.61 -69.57 -49.10
N LYS I 3067 29.74 -69.40 -50.42
CA LYS I 3067 29.39 -68.12 -51.04
C LYS I 3067 27.90 -67.84 -50.97
N ALA I 3068 27.07 -68.86 -50.82
CA ALA I 3068 25.65 -68.63 -50.59
C ALA I 3068 25.42 -67.96 -49.25
N MET I 3069 26.19 -68.33 -48.22
CA MET I 3069 26.08 -67.66 -46.93
C MET I 3069 26.33 -66.17 -47.06
N HIS I 3070 27.16 -65.78 -48.03
CA HIS I 3070 27.29 -64.38 -48.39
C HIS I 3070 26.10 -63.99 -49.26
N GLY I 3071 25.26 -63.10 -48.75
CA GLY I 3071 23.96 -62.87 -49.33
C GLY I 3071 22.88 -63.27 -48.35
N GLU I 3072 22.19 -62.27 -47.77
CA GLU I 3072 21.31 -62.50 -46.64
C GLU I 3072 20.15 -63.44 -46.95
N LEU I 3073 19.66 -63.45 -48.19
CA LEU I 3073 18.56 -64.36 -48.51
C LEU I 3073 19.02 -65.81 -48.49
N GLN I 3074 20.09 -66.13 -49.23
CA GLN I 3074 20.61 -67.48 -49.21
C GLN I 3074 21.14 -67.84 -47.84
N LYS I 3075 21.82 -66.90 -47.19
CA LYS I 3075 22.26 -67.11 -45.82
C LYS I 3075 21.10 -67.53 -44.93
N ALA I 3076 20.05 -66.71 -44.87
CA ALA I 3076 18.93 -66.95 -43.97
C ALA I 3076 18.24 -68.27 -44.27
N ILE I 3077 17.95 -68.52 -45.56
CA ILE I 3077 17.34 -69.80 -45.89
C ILE I 3077 18.28 -70.95 -45.54
N LEU I 3078 19.58 -70.68 -45.42
CA LEU I 3078 20.49 -71.71 -44.95
C LEU I 3078 20.29 -71.97 -43.46
N GLU I 3079 20.53 -70.95 -42.61
CA GLU I 3079 20.56 -71.29 -41.18
C GLU I 3079 19.16 -71.64 -40.70
N LEU I 3080 18.18 -70.78 -41.02
CA LEU I 3080 16.82 -70.89 -40.47
C LEU I 3080 16.25 -72.29 -40.55
N HIS I 3081 16.76 -73.10 -41.46
CA HIS I 3081 16.21 -74.42 -41.70
C HIS I 3081 17.23 -75.54 -41.65
N TYR I 3082 18.52 -75.23 -41.76
CA TYR I 3082 19.54 -76.26 -41.75
C TYR I 3082 20.75 -75.82 -40.93
N SER I 3083 20.52 -75.13 -39.81
CA SER I 3083 21.64 -74.72 -38.98
C SER I 3083 22.39 -75.94 -38.45
N GLN I 3084 21.67 -77.01 -38.12
CA GLN I 3084 22.34 -78.24 -37.73
C GLN I 3084 23.18 -78.81 -38.88
N GLU I 3085 22.68 -78.73 -40.12
CA GLU I 3085 23.50 -79.13 -41.25
C GLU I 3085 24.75 -78.26 -41.35
N LEU I 3086 24.60 -76.96 -41.12
CA LEU I 3086 25.77 -76.08 -41.15
C LEU I 3086 26.79 -76.50 -40.11
N SER I 3087 26.31 -76.87 -38.92
CA SER I 3087 27.20 -77.40 -37.90
C SER I 3087 27.91 -78.66 -38.39
N LEU I 3088 27.16 -79.56 -39.04
CA LEU I 3088 27.74 -80.80 -39.54
C LEU I 3088 28.83 -80.51 -40.56
N LEU I 3089 28.57 -79.57 -41.47
CA LEU I 3089 29.57 -79.21 -42.46
C LEU I 3089 30.79 -78.60 -41.80
N TYR I 3090 30.58 -77.66 -40.87
CA TYR I 3090 31.70 -76.96 -40.28
C TYR I 3090 32.57 -77.90 -39.46
N LEU I 3091 31.96 -78.83 -38.73
CA LEU I 3091 32.76 -79.86 -38.09
C LEU I 3091 33.43 -80.75 -39.12
N LEU I 3092 32.74 -80.99 -40.25
CA LEU I 3092 33.40 -81.64 -41.39
C LEU I 3092 34.54 -80.78 -41.90
N GLN I 3093 34.47 -79.47 -41.71
CA GLN I 3093 35.60 -78.60 -42.02
C GLN I 3093 36.66 -78.63 -40.94
N ASP I 3094 36.63 -79.64 -40.06
CA ASP I 3094 37.67 -79.91 -39.09
C ASP I 3094 37.76 -78.81 -38.03
N ASP I 3095 36.64 -78.14 -37.75
CA ASP I 3095 36.58 -77.16 -36.68
C ASP I 3095 35.18 -77.20 -36.08
N VAL I 3096 35.07 -76.74 -34.83
CA VAL I 3096 33.83 -76.91 -34.08
C VAL I 3096 33.23 -75.60 -33.61
N ASP I 3097 34.00 -74.53 -33.46
CA ASP I 3097 33.48 -73.32 -32.81
C ASP I 3097 32.28 -72.77 -33.55
N ARG I 3098 32.42 -72.56 -34.86
CA ARG I 3098 31.27 -72.11 -35.65
C ARG I 3098 30.23 -73.21 -35.76
N ALA I 3099 30.66 -74.47 -35.80
CA ALA I 3099 29.71 -75.58 -35.77
C ALA I 3099 28.98 -75.61 -34.44
N LYS I 3100 29.68 -75.28 -33.35
CA LYS I 3100 29.02 -75.19 -32.05
C LYS I 3100 27.99 -74.06 -32.05
N TYR I 3101 28.33 -72.93 -32.67
CA TYR I 3101 27.34 -71.87 -32.84
C TYR I 3101 26.13 -72.37 -33.63
N TYR I 3102 26.38 -73.07 -34.72
CA TYR I 3102 25.29 -73.57 -35.55
C TYR I 3102 24.40 -74.53 -34.78
N ILE I 3103 25.01 -75.41 -33.98
CA ILE I 3103 24.22 -76.37 -33.24
C ILE I 3103 23.45 -75.69 -32.13
N GLN I 3104 24.01 -74.65 -31.51
CA GLN I 3104 23.23 -73.91 -30.53
C GLN I 3104 22.06 -73.20 -31.19
N ASN I 3105 22.27 -72.68 -32.40
CA ASN I 3105 21.17 -72.10 -33.16
C ASN I 3105 20.11 -73.15 -33.44
N GLY I 3106 20.54 -74.35 -33.81
CA GLY I 3106 19.58 -75.43 -34.03
C GLY I 3106 18.85 -75.81 -32.76
N ILE I 3107 19.53 -75.77 -31.62
CA ILE I 3107 18.89 -76.03 -30.34
C ILE I 3107 17.79 -75.02 -30.09
N GLN I 3108 18.09 -73.74 -30.33
CA GLN I 3108 17.09 -72.70 -30.24
C GLN I 3108 15.90 -72.99 -31.15
N SER I 3109 16.19 -73.35 -32.40
CA SER I 3109 15.12 -73.62 -33.36
C SER I 3109 14.26 -74.79 -32.89
N PHE I 3110 14.90 -75.85 -32.40
CA PHE I 3110 14.16 -77.05 -32.05
C PHE I 3110 13.36 -76.89 -30.78
N MET I 3111 13.88 -76.13 -29.81
CA MET I 3111 13.07 -75.83 -28.64
C MET I 3111 11.92 -74.91 -29.02
N GLN I 3112 12.14 -74.01 -30.00
CA GLN I 3112 11.03 -73.23 -30.51
C GLN I 3112 9.97 -74.13 -31.13
N ASN I 3113 10.40 -75.14 -31.89
CA ASN I 3113 9.46 -76.12 -32.44
C ASN I 3113 8.71 -76.82 -31.32
N TYR I 3114 9.46 -77.29 -30.32
CA TYR I 3114 8.86 -77.95 -29.16
C TYR I 3114 7.77 -77.08 -28.54
N SER I 3115 8.07 -75.80 -28.35
CA SER I 3115 7.08 -74.87 -27.82
C SER I 3115 5.93 -74.66 -28.79
N SER I 3116 6.18 -74.76 -30.10
CA SER I 3116 5.19 -74.41 -31.10
C SER I 3116 4.45 -75.62 -31.68
N ILE I 3117 5.05 -76.81 -31.62
CA ILE I 3117 4.41 -77.98 -32.20
C ILE I 3117 3.24 -78.40 -31.33
N ASP I 3118 2.08 -78.61 -31.95
CA ASP I 3118 0.89 -78.99 -31.21
C ASP I 3118 1.00 -80.44 -30.74
N VAL I 3119 0.21 -80.76 -29.71
CA VAL I 3119 0.31 -82.06 -29.05
C VAL I 3119 0.07 -83.18 -30.05
N LEU I 3120 -0.96 -83.03 -30.89
CA LEU I 3120 -1.31 -84.11 -31.80
C LEU I 3120 -0.30 -84.29 -32.91
N LEU I 3121 0.64 -83.36 -33.07
CA LEU I 3121 1.58 -83.44 -34.18
C LEU I 3121 2.61 -84.54 -33.92
N HIS I 3122 2.11 -85.76 -33.72
CA HIS I 3122 2.97 -86.87 -33.32
C HIS I 3122 4.02 -87.15 -34.38
N GLN I 3123 3.66 -87.04 -35.65
CA GLN I 3123 4.66 -87.14 -36.71
C GLN I 3123 5.65 -85.99 -36.63
N SER I 3124 5.18 -84.76 -36.37
CA SER I 3124 6.09 -83.63 -36.26
C SER I 3124 6.92 -83.73 -35.00
N ARG I 3125 6.30 -84.17 -33.90
CA ARG I 3125 7.05 -84.40 -32.68
C ARG I 3125 8.10 -85.48 -32.90
N LEU I 3126 7.76 -86.50 -33.70
CA LEU I 3126 8.74 -87.50 -34.08
C LEU I 3126 9.90 -86.87 -34.84
N THR I 3127 9.59 -86.04 -35.83
CA THR I 3127 10.65 -85.44 -36.63
C THR I 3127 11.59 -84.62 -35.75
N LYS I 3128 11.02 -83.76 -34.91
CA LYS I 3128 11.84 -82.99 -33.98
C LYS I 3128 12.57 -83.90 -33.03
N LEU I 3129 11.98 -85.05 -32.69
CA LEU I 3129 12.60 -85.98 -31.75
C LEU I 3129 13.87 -86.58 -32.35
N GLN I 3130 13.76 -87.11 -33.57
CA GLN I 3130 14.94 -87.66 -34.22
C GLN I 3130 15.98 -86.57 -34.49
N SER I 3131 15.52 -85.37 -34.84
CA SER I 3131 16.44 -84.27 -35.05
C SER I 3131 17.22 -83.95 -33.79
N VAL I 3132 16.53 -83.90 -32.65
CA VAL I 3132 17.18 -83.65 -31.36
C VAL I 3132 18.11 -84.79 -30.99
N GLN I 3133 17.73 -86.03 -31.34
CA GLN I 3133 18.63 -87.16 -31.11
C GLN I 3133 19.93 -86.99 -31.87
N ALA I 3134 19.83 -86.54 -33.14
CA ALA I 3134 21.04 -86.25 -33.91
C ALA I 3134 21.84 -85.11 -33.29
N LEU I 3135 21.14 -84.06 -32.85
CA LEU I 3135 21.80 -82.97 -32.13
C LEU I 3135 22.60 -83.52 -30.98
N THR I 3136 22.00 -84.43 -30.21
CA THR I 3136 22.67 -84.98 -29.05
C THR I 3136 23.88 -85.81 -29.45
N GLU I 3137 23.75 -86.64 -30.48
CA GLU I 3137 24.90 -87.44 -30.90
C GLU I 3137 26.08 -86.54 -31.26
N ILE I 3138 25.81 -85.51 -32.07
CA ILE I 3138 26.90 -84.64 -32.48
C ILE I 3138 27.41 -83.81 -31.30
N GLN I 3139 26.56 -83.53 -30.32
CA GLN I 3139 27.01 -82.75 -29.17
C GLN I 3139 27.82 -83.62 -28.20
N GLU I 3140 27.46 -84.89 -28.08
CA GLU I 3140 28.33 -85.84 -27.40
C GLU I 3140 29.71 -85.79 -28.03
N PHE I 3141 29.75 -85.89 -29.36
CA PHE I 3141 31.05 -85.89 -30.02
C PHE I 3141 31.79 -84.59 -29.77
N ILE I 3142 31.11 -83.45 -29.88
CA ILE I 3142 31.77 -82.16 -29.71
C ILE I 3142 32.23 -81.98 -28.28
N SER I 3143 31.54 -82.59 -27.32
CA SER I 3143 31.99 -82.62 -25.94
C SER I 3143 33.06 -83.66 -25.71
N PHE I 3144 33.32 -84.53 -26.69
CA PHE I 3144 34.31 -85.58 -26.57
C PHE I 3144 35.41 -85.45 -27.61
N ILE I 3145 35.66 -84.24 -28.12
CA ILE I 3145 36.69 -84.05 -29.14
C ILE I 3145 38.04 -84.40 -28.55
N SER I 3146 38.48 -83.61 -27.56
CA SER I 3146 39.68 -83.94 -26.79
C SER I 3146 39.51 -83.29 -25.43
N LYS I 3147 39.01 -84.05 -24.46
CA LYS I 3147 38.79 -83.56 -23.11
C LYS I 3147 39.35 -84.50 -22.05
N GLN I 3148 39.76 -85.71 -22.42
CA GLN I 3148 40.35 -86.69 -21.52
C GLN I 3148 41.57 -87.32 -22.16
N GLY I 3149 42.30 -86.56 -22.95
CA GLY I 3149 43.39 -87.12 -23.73
C GLY I 3149 42.91 -88.08 -24.80
N ASN I 3150 41.85 -87.71 -25.53
CA ASN I 3150 41.31 -88.57 -26.57
C ASN I 3150 42.33 -88.88 -27.65
N LEU I 3151 43.38 -88.05 -27.76
CA LEU I 3151 44.48 -88.37 -28.65
C LEU I 3151 45.22 -89.62 -28.21
N SER I 3152 45.13 -90.00 -26.94
CA SER I 3152 45.83 -91.18 -26.44
C SER I 3152 45.02 -92.03 -25.48
N SER I 3153 43.78 -91.66 -25.15
CA SER I 3153 43.00 -92.38 -24.16
C SER I 3153 41.85 -93.14 -24.82
N GLN I 3154 41.30 -94.08 -24.05
CA GLN I 3154 40.17 -94.90 -24.48
C GLN I 3154 39.06 -94.75 -23.44
N VAL I 3155 37.89 -94.31 -23.88
CA VAL I 3155 36.75 -94.11 -23.02
C VAL I 3155 35.66 -95.12 -23.40
N PRO I 3156 35.44 -96.15 -22.58
CA PRO I 3156 34.26 -96.99 -22.78
C PRO I 3156 32.98 -96.23 -22.62
N LEU I 3157 33.05 -94.99 -22.13
CA LEU I 3157 31.91 -94.10 -22.17
C LEU I 3157 31.36 -94.01 -23.58
N LYS I 3158 32.24 -93.80 -24.56
CA LYS I 3158 31.80 -93.83 -25.95
C LYS I 3158 31.24 -95.20 -26.31
N ARG I 3159 31.90 -96.26 -25.88
CA ARG I 3159 31.36 -97.60 -26.11
C ARG I 3159 30.00 -97.81 -25.48
N LEU I 3160 29.56 -96.89 -24.62
CA LEU I 3160 28.20 -96.88 -24.09
C LEU I 3160 27.27 -95.97 -24.88
N LEU I 3161 27.75 -94.80 -25.30
CA LEU I 3161 26.91 -93.90 -26.10
C LEU I 3161 26.50 -94.58 -27.40
N ASN I 3162 27.46 -95.14 -28.12
CA ASN I 3162 27.15 -95.90 -29.32
C ASN I 3162 26.43 -97.20 -29.00
N THR I 3163 26.42 -97.63 -27.75
CA THR I 3163 25.64 -98.79 -27.33
C THR I 3163 24.19 -98.36 -27.16
N TRP I 3164 23.36 -99.28 -26.64
CA TRP I 3164 21.91 -99.06 -26.61
C TRP I 3164 21.40 -98.76 -28.01
N THR I 3165 21.93 -99.51 -28.99
CA THR I 3165 21.75 -99.21 -30.40
C THR I 3165 22.15 -97.77 -30.70
N ASN I 3166 23.13 -97.27 -29.96
CA ASN I 3166 23.39 -95.83 -29.82
C ASN I 3166 22.11 -95.09 -29.43
N ARG I 3167 21.74 -95.24 -28.16
CA ARG I 3167 20.60 -94.45 -27.64
C ARG I 3167 19.36 -94.74 -28.49
N TYR I 3168 18.92 -96.00 -28.53
CA TYR I 3168 17.67 -96.42 -29.22
C TYR I 3168 17.15 -95.50 -30.34
N PRO I 3169 17.85 -95.23 -31.47
CA PRO I 3169 17.40 -94.26 -32.49
C PRO I 3169 16.14 -94.63 -33.27
N ASP I 3170 15.21 -95.40 -32.70
CA ASP I 3170 13.90 -95.69 -33.33
C ASP I 3170 13.90 -96.83 -34.34
N ALA I 3171 14.11 -98.09 -33.94
CA ALA I 3171 13.94 -99.28 -34.77
C ALA I 3171 12.46 -99.50 -35.09
N LYS I 3172 12.18 -99.91 -36.33
CA LYS I 3172 10.88 -100.22 -36.90
C LYS I 3172 10.06 -98.96 -37.22
N MET I 3173 10.51 -97.77 -36.83
CA MET I 3173 9.93 -96.52 -37.29
C MET I 3173 11.07 -95.56 -37.55
N ASP I 3174 10.75 -94.40 -38.14
CA ASP I 3174 11.79 -93.43 -38.48
C ASP I 3174 12.87 -94.13 -39.28
N PRO I 3175 12.60 -94.43 -40.55
CA PRO I 3175 13.38 -95.44 -41.29
C PRO I 3175 14.81 -95.05 -41.56
N MET I 3176 15.46 -95.85 -42.42
CA MET I 3176 16.88 -95.73 -42.69
C MET I 3176 17.35 -94.30 -42.92
N ASN I 3177 16.43 -93.38 -43.23
CA ASN I 3177 16.79 -91.98 -43.23
C ASN I 3177 17.36 -91.59 -41.86
N ILE I 3178 16.51 -91.62 -40.82
CA ILE I 3178 16.96 -91.25 -39.48
C ILE I 3178 18.02 -92.22 -38.98
N TRP I 3179 17.77 -93.51 -39.19
CA TRP I 3179 18.67 -94.54 -38.68
C TRP I 3179 20.08 -94.32 -39.22
N ASP I 3180 20.18 -94.14 -40.53
CA ASP I 3180 21.46 -93.87 -41.15
C ASP I 3180 22.02 -92.53 -40.71
N ASP I 3181 21.17 -91.54 -40.45
CA ASP I 3181 21.67 -90.29 -39.89
C ASP I 3181 22.46 -90.56 -38.62
N ILE I 3182 21.86 -91.28 -37.69
CA ILE I 3182 22.49 -91.52 -36.40
C ILE I 3182 23.73 -92.38 -36.57
N ILE I 3183 23.68 -93.36 -37.48
CA ILE I 3183 24.81 -94.27 -37.56
C ILE I 3183 25.98 -93.65 -38.33
N THR I 3184 25.71 -92.82 -39.33
CA THR I 3184 26.78 -92.02 -39.90
C THR I 3184 27.34 -91.04 -38.88
N ASN I 3185 26.49 -90.52 -37.98
CA ASN I 3185 27.02 -89.77 -36.86
C ASN I 3185 28.06 -90.60 -36.12
N ARG I 3186 27.67 -91.82 -35.74
CA ARG I 3186 28.59 -92.72 -35.05
C ARG I 3186 29.87 -92.93 -35.84
N CYS I 3187 29.73 -93.24 -37.12
CA CYS I 3187 30.89 -93.61 -37.94
C CYS I 3187 31.85 -92.45 -38.07
N PHE I 3188 31.33 -91.25 -38.31
CA PHE I 3188 32.20 -90.08 -38.37
C PHE I 3188 32.87 -89.84 -37.03
N PHE I 3189 32.12 -89.97 -35.93
CA PHE I 3189 32.70 -89.73 -34.62
C PHE I 3189 33.87 -90.68 -34.38
N LEU I 3190 33.65 -91.96 -34.68
CA LEU I 3190 34.70 -92.95 -34.48
C LEU I 3190 35.89 -92.70 -35.39
N SER I 3191 35.63 -92.32 -36.65
CA SER I 3191 36.72 -92.03 -37.56
C SER I 3191 37.58 -90.90 -37.03
N LYS I 3192 36.95 -89.83 -36.54
CA LYS I 3192 37.71 -88.70 -36.06
C LYS I 3192 38.45 -89.04 -34.76
N ILE I 3193 37.79 -89.78 -33.87
CA ILE I 3193 38.44 -90.16 -32.61
C ILE I 3193 39.65 -91.03 -32.89
N GLU I 3194 39.50 -92.02 -33.76
CA GLU I 3194 40.61 -92.91 -34.07
C GLU I 3194 41.74 -92.16 -34.77
N GLU I 3195 41.40 -91.28 -35.71
CA GLU I 3195 42.44 -90.54 -36.41
C GLU I 3195 43.16 -89.59 -35.46
N LYS I 3196 42.45 -89.03 -34.49
CA LYS I 3196 43.10 -88.22 -33.48
C LYS I 3196 43.78 -89.08 -32.43
N LEU I 3197 43.33 -90.32 -32.26
CA LEU I 3197 43.96 -91.25 -31.33
C LEU I 3197 45.35 -91.63 -31.82
N ASP I 3226 43.01 -104.17 -29.28
CA ASP I 3226 42.83 -102.74 -29.53
C ASP I 3226 41.38 -102.33 -29.34
N ILE I 3227 41.19 -101.07 -28.92
CA ILE I 3227 39.86 -100.51 -28.83
C ILE I 3227 39.26 -100.28 -30.22
N SER I 3228 40.12 -100.23 -31.25
CA SER I 3228 39.62 -100.22 -32.62
C SER I 3228 38.72 -101.42 -32.87
N SER I 3229 39.06 -102.56 -32.28
CA SER I 3229 38.17 -103.72 -32.35
C SER I 3229 36.82 -103.40 -31.71
N LEU I 3230 36.83 -102.72 -30.56
CA LEU I 3230 35.58 -102.38 -29.90
C LEU I 3230 34.72 -101.47 -30.77
N ILE I 3231 35.34 -100.46 -31.37
CA ILE I 3231 34.59 -99.50 -32.16
C ILE I 3231 34.07 -100.17 -33.44
N ARG I 3232 34.86 -101.03 -34.06
CA ARG I 3232 34.39 -101.77 -35.22
C ARG I 3232 33.24 -102.69 -34.84
N SER I 3233 33.34 -103.33 -33.67
CA SER I 3233 32.27 -104.20 -33.22
C SER I 3233 30.97 -103.44 -33.01
N CYS I 3234 31.05 -102.26 -32.39
CA CYS I 3234 29.83 -101.51 -32.20
C CYS I 3234 29.31 -100.95 -33.50
N LYS I 3235 30.20 -100.62 -34.45
CA LYS I 3235 29.76 -100.26 -35.79
C LYS I 3235 28.99 -101.40 -36.44
N PHE I 3236 29.51 -102.62 -36.25
CA PHE I 3236 28.83 -103.79 -36.78
C PHE I 3236 27.46 -103.96 -36.14
N SER I 3237 27.39 -103.72 -34.83
CA SER I 3237 26.11 -103.71 -34.14
C SER I 3237 25.18 -102.65 -34.72
N MET I 3238 25.72 -101.52 -35.12
CA MET I 3238 24.88 -100.46 -35.66
C MET I 3238 24.35 -100.83 -37.03
N LYS I 3239 25.16 -101.50 -37.84
CA LYS I 3239 24.65 -102.04 -39.10
C LYS I 3239 23.62 -103.14 -38.85
N MET I 3240 23.78 -103.87 -37.76
CA MET I 3240 22.71 -104.77 -37.33
C MET I 3240 21.42 -104.02 -37.08
N LYS I 3241 21.51 -102.86 -36.43
CA LYS I 3241 20.32 -102.05 -36.21
C LYS I 3241 19.74 -101.55 -37.54
N MET I 3242 20.61 -101.16 -38.46
CA MET I 3242 20.21 -100.91 -39.85
C MET I 3242 19.31 -101.99 -40.38
N ILE I 3243 19.83 -103.21 -40.44
CA ILE I 3243 19.06 -104.31 -41.04
C ILE I 3243 17.83 -104.60 -40.20
N ASP I 3244 17.94 -104.46 -38.88
CA ASP I 3244 16.79 -104.71 -38.00
C ASP I 3244 15.63 -103.80 -38.35
N SER I 3245 15.88 -102.50 -38.42
CA SER I 3245 14.78 -101.59 -38.73
C SER I 3245 14.33 -101.75 -40.18
N ALA I 3246 15.27 -101.90 -41.12
CA ALA I 3246 14.90 -101.98 -42.52
C ALA I 3246 14.23 -103.30 -42.88
N ARG I 3247 14.28 -104.30 -42.00
CA ARG I 3247 13.74 -105.62 -42.28
C ARG I 3247 12.54 -105.96 -41.42
N LYS I 3248 12.51 -105.51 -40.15
CA LYS I 3248 11.30 -105.64 -39.35
C LYS I 3248 10.16 -104.86 -39.96
N GLN I 3249 10.45 -103.67 -40.49
CA GLN I 3249 9.47 -102.96 -41.29
C GLN I 3249 9.09 -103.73 -42.54
N ASN I 3250 9.91 -104.72 -42.92
CA ASN I 3250 9.67 -105.56 -44.09
C ASN I 3250 9.50 -104.69 -45.33
N ASN I 3251 10.57 -103.98 -45.66
CA ASN I 3251 10.58 -103.15 -46.85
C ASN I 3251 10.47 -104.02 -48.10
N PHE I 3252 10.48 -103.37 -49.26
CA PHE I 3252 10.65 -104.08 -50.53
C PHE I 3252 12.01 -103.85 -51.14
N SER I 3253 12.52 -102.62 -51.07
CA SER I 3253 13.93 -102.35 -51.30
C SER I 3253 14.64 -102.52 -49.96
N LEU I 3254 15.02 -103.76 -49.67
CA LEU I 3254 15.53 -104.11 -48.36
C LEU I 3254 16.96 -103.62 -48.21
N ALA I 3255 17.62 -104.07 -47.15
CA ALA I 3255 19.01 -103.74 -46.89
C ALA I 3255 19.93 -104.55 -47.78
N MET I 3256 19.70 -104.49 -49.10
CA MET I 3256 20.51 -105.25 -50.05
C MET I 3256 21.96 -104.80 -49.99
N LYS I 3257 22.19 -103.49 -49.92
CA LYS I 3257 23.54 -102.99 -49.77
C LYS I 3257 24.13 -103.40 -48.43
N LEU I 3258 23.30 -103.45 -47.39
CA LEU I 3258 23.75 -103.98 -46.10
C LEU I 3258 24.11 -105.45 -46.24
N LEU I 3259 23.32 -106.21 -47.00
CA LEU I 3259 23.66 -107.59 -47.28
C LEU I 3259 25.03 -107.69 -47.95
N LYS I 3260 25.28 -106.85 -48.95
CA LYS I 3260 26.54 -106.93 -49.69
C LYS I 3260 27.72 -106.56 -48.81
N GLU I 3261 27.60 -105.51 -48.01
CA GLU I 3261 28.70 -105.15 -47.12
C GLU I 3261 28.88 -106.21 -46.04
N LEU I 3262 27.78 -106.83 -45.59
CA LEU I 3262 27.87 -107.95 -44.66
C LEU I 3262 28.72 -109.06 -45.25
N HIS I 3263 28.40 -109.48 -46.47
CA HIS I 3263 29.17 -110.54 -47.11
C HIS I 3263 30.62 -110.14 -47.30
N LYS I 3264 30.86 -108.89 -47.70
CA LYS I 3264 32.23 -108.43 -47.97
C LYS I 3264 33.06 -108.46 -46.71
N GLU I 3265 32.54 -107.91 -45.62
CA GLU I 3265 33.31 -107.78 -44.39
C GLU I 3265 33.17 -108.98 -43.46
N SER I 3266 32.37 -109.98 -43.85
CA SER I 3266 32.10 -111.09 -42.94
C SER I 3266 33.37 -111.88 -42.65
N LYS I 3267 34.23 -112.04 -43.65
CA LYS I 3267 35.45 -112.80 -43.47
C LYS I 3267 36.41 -112.15 -42.48
N THR I 3268 36.17 -110.89 -42.11
CA THR I 3268 37.01 -110.26 -41.09
C THR I 3268 36.90 -110.98 -39.77
N ARG I 3269 35.70 -111.39 -39.37
CA ARG I 3269 35.53 -112.06 -38.10
C ARG I 3269 34.25 -112.88 -38.12
N ASP I 3270 34.18 -113.87 -37.21
CA ASP I 3270 33.02 -114.75 -37.14
C ASP I 3270 31.75 -113.98 -36.84
N ASP I 3271 31.86 -112.90 -36.06
CA ASP I 3271 30.68 -112.16 -35.67
C ASP I 3271 29.98 -111.55 -36.89
N TRP I 3272 30.77 -110.97 -37.80
CA TRP I 3272 30.16 -110.44 -39.01
C TRP I 3272 29.65 -111.56 -39.92
N LEU I 3273 30.31 -112.73 -39.90
CA LEU I 3273 29.80 -113.87 -40.64
C LEU I 3273 28.39 -114.24 -40.20
N VAL I 3274 28.21 -114.46 -38.89
CA VAL I 3274 26.91 -114.88 -38.37
C VAL I 3274 25.90 -113.76 -38.54
N SER I 3275 26.33 -112.51 -38.37
CA SER I 3275 25.43 -111.38 -38.58
C SER I 3275 24.92 -111.36 -40.02
N TRP I 3276 25.82 -111.52 -40.97
CA TRP I 3276 25.45 -111.64 -42.38
C TRP I 3276 24.44 -112.75 -42.60
N VAL I 3277 24.74 -113.93 -42.07
CA VAL I 3277 23.87 -115.08 -42.30
C VAL I 3277 22.47 -114.81 -41.77
N GLN I 3278 22.38 -114.38 -40.52
CA GLN I 3278 21.09 -114.17 -39.89
C GLN I 3278 20.32 -113.02 -40.55
N SER I 3279 21.02 -111.92 -40.82
CA SER I 3279 20.37 -110.75 -41.41
C SER I 3279 19.76 -111.10 -42.75
N TYR I 3280 20.54 -111.75 -43.63
CA TYR I 3280 19.97 -112.06 -44.94
C TYR I 3280 18.94 -113.17 -44.87
N CYS I 3281 19.07 -114.10 -43.93
CA CYS I 3281 18.04 -115.13 -43.78
C CYS I 3281 16.70 -114.49 -43.44
N ARG I 3282 16.67 -113.66 -42.39
CA ARG I 3282 15.43 -113.00 -42.03
C ARG I 3282 14.98 -112.03 -43.11
N LEU I 3283 15.92 -111.43 -43.85
CA LEU I 3283 15.55 -110.49 -44.90
C LEU I 3283 14.84 -111.20 -46.03
N SER I 3284 15.37 -112.35 -46.45
CA SER I 3284 14.69 -113.15 -47.47
C SER I 3284 13.36 -113.67 -46.97
N HIS I 3285 13.28 -114.08 -45.71
CA HIS I 3285 12.01 -114.57 -45.18
C HIS I 3285 10.98 -113.45 -45.10
N CYS I 3286 11.41 -112.23 -44.81
CA CYS I 3286 10.53 -111.08 -44.94
C CYS I 3286 10.13 -110.89 -46.40
N ARG I 3287 11.09 -111.06 -47.31
CA ARG I 3287 10.77 -111.11 -48.73
C ARG I 3287 9.92 -112.33 -49.08
N SER I 3288 9.96 -113.37 -48.26
CA SER I 3288 9.09 -114.53 -48.45
C SER I 3288 7.67 -114.18 -47.98
N ARG I 3289 7.06 -113.23 -48.69
CA ARG I 3289 5.81 -112.62 -48.24
C ARG I 3289 4.65 -112.92 -49.18
N SER I 3290 4.73 -112.57 -50.47
CA SER I 3290 3.62 -112.80 -51.39
C SER I 3290 3.99 -113.79 -52.49
N GLN I 3291 4.99 -113.48 -53.30
CA GLN I 3291 5.61 -114.45 -54.19
C GLN I 3291 6.89 -115.00 -53.59
N GLY I 3292 7.24 -114.54 -52.39
CA GLY I 3292 8.46 -114.94 -51.73
C GLY I 3292 8.50 -116.39 -51.32
N CYS I 3293 7.38 -117.11 -51.39
CA CYS I 3293 7.43 -118.56 -51.26
C CYS I 3293 8.24 -119.16 -52.41
N SER I 3294 7.91 -118.80 -53.64
CA SER I 3294 8.71 -119.22 -54.78
C SER I 3294 10.11 -118.62 -54.73
N GLU I 3295 10.24 -117.43 -54.14
CA GLU I 3295 11.57 -116.85 -53.93
C GLU I 3295 12.43 -117.75 -53.05
N GLN I 3296 11.87 -118.16 -51.90
CA GLN I 3296 12.57 -119.10 -51.04
C GLN I 3296 12.78 -120.45 -51.72
N VAL I 3297 11.94 -120.80 -52.68
CA VAL I 3297 12.22 -121.97 -53.52
C VAL I 3297 13.49 -121.73 -54.33
N LEU I 3298 13.61 -120.54 -54.92
CA LEU I 3298 14.83 -120.20 -55.65
C LEU I 3298 16.03 -120.16 -54.73
N THR I 3299 15.91 -119.45 -53.61
CA THR I 3299 16.97 -119.32 -52.62
C THR I 3299 16.45 -119.88 -51.29
N VAL I 3300 16.87 -121.11 -50.98
CA VAL I 3300 16.32 -121.82 -49.82
C VAL I 3300 16.78 -121.13 -48.55
N LEU I 3301 15.88 -120.37 -47.94
CA LEU I 3301 16.22 -119.54 -46.78
C LEU I 3301 17.49 -118.74 -47.05
N LYS I 3302 17.42 -117.87 -48.07
CA LYS I 3302 18.49 -116.96 -48.41
C LYS I 3302 19.80 -117.73 -48.68
N THR I 3303 19.78 -118.49 -49.77
CA THR I 3303 20.95 -119.22 -50.26
C THR I 3303 21.45 -120.23 -49.22
N VAL I 3304 20.57 -121.17 -48.87
CA VAL I 3304 20.89 -122.27 -47.95
C VAL I 3304 21.46 -121.67 -46.66
N SER I 3305 20.67 -120.81 -46.01
CA SER I 3305 21.09 -120.14 -44.79
C SER I 3305 22.45 -119.48 -44.96
N LEU I 3306 22.65 -118.83 -46.11
CA LEU I 3306 23.89 -118.15 -46.46
C LEU I 3306 25.06 -119.13 -46.49
N LEU I 3307 24.76 -120.39 -46.80
CA LEU I 3307 25.77 -121.44 -46.86
C LEU I 3307 26.58 -121.50 -45.57
N ASP I 3308 25.90 -121.39 -44.44
CA ASP I 3308 26.51 -121.33 -43.12
C ASP I 3308 26.68 -122.70 -42.48
N GLU I 3309 26.34 -123.77 -43.20
CA GLU I 3309 26.27 -125.10 -42.62
C GLU I 3309 27.63 -125.64 -42.19
N ASN I 3310 28.72 -124.99 -42.58
CA ASN I 3310 30.05 -125.46 -42.18
C ASN I 3310 30.22 -125.44 -40.67
N ASN I 3311 29.70 -124.41 -40.00
CA ASN I 3311 29.79 -124.34 -38.53
C ASN I 3311 28.52 -123.71 -37.98
N VAL I 3312 27.60 -124.55 -37.53
CA VAL I 3312 26.43 -124.06 -36.81
C VAL I 3312 26.84 -123.68 -35.40
N SER I 3313 26.47 -122.47 -34.98
CA SER I 3313 26.92 -121.90 -33.71
C SER I 3313 28.45 -121.89 -33.62
N SER I 3314 29.10 -121.70 -34.75
CA SER I 3314 30.56 -121.73 -34.86
C SER I 3314 31.11 -123.05 -34.32
N TYR I 3315 30.64 -124.15 -34.94
CA TYR I 3315 30.91 -125.49 -34.44
C TYR I 3315 30.43 -125.64 -33.00
N LEU I 3316 29.29 -125.03 -32.70
CA LEU I 3316 28.66 -125.01 -31.38
C LEU I 3316 29.51 -124.29 -30.33
N SER I 3317 30.60 -123.64 -30.74
CA SER I 3317 31.35 -122.81 -29.80
C SER I 3317 30.51 -121.66 -29.30
N LYS I 3318 29.72 -121.06 -30.19
CA LYS I 3318 28.81 -120.01 -29.79
C LYS I 3318 27.59 -120.61 -29.08
N ASN I 3319 26.61 -119.76 -28.80
CA ASN I 3319 25.47 -120.19 -28.00
C ASN I 3319 24.59 -121.18 -28.76
N ILE I 3320 23.78 -121.91 -27.99
CA ILE I 3320 22.78 -122.78 -28.58
C ILE I 3320 21.69 -122.00 -29.30
N LEU I 3321 21.56 -120.70 -28.98
CA LEU I 3321 20.58 -119.88 -29.68
C LEU I 3321 20.88 -119.79 -31.16
N ALA I 3322 22.16 -119.79 -31.53
CA ALA I 3322 22.53 -119.73 -32.94
C ALA I 3322 22.03 -120.96 -33.68
N PHE I 3323 22.26 -122.15 -33.13
CA PHE I 3323 21.76 -123.35 -33.78
C PHE I 3323 20.24 -123.42 -33.74
N ARG I 3324 19.62 -122.90 -32.68
CA ARG I 3324 18.17 -122.83 -32.65
C ARG I 3324 17.66 -121.98 -33.80
N ASP I 3325 18.28 -120.84 -34.05
CA ASP I 3325 17.86 -119.99 -35.16
C ASP I 3325 18.11 -120.66 -36.49
N GLN I 3326 19.27 -121.32 -36.64
CA GLN I 3326 19.54 -122.06 -37.87
C GLN I 3326 18.46 -123.09 -38.14
N ASN I 3327 18.12 -123.89 -37.13
CA ASN I 3327 17.13 -124.94 -37.32
C ASN I 3327 15.74 -124.38 -37.53
N ILE I 3328 15.40 -123.29 -36.84
CA ILE I 3328 14.07 -122.70 -37.01
C ILE I 3328 13.94 -122.12 -38.41
N LEU I 3329 15.00 -121.52 -38.93
CA LEU I 3329 14.95 -120.98 -40.29
C LEU I 3329 14.92 -122.10 -41.32
N LEU I 3330 15.64 -123.20 -41.06
CA LEU I 3330 15.61 -124.32 -41.98
C LEU I 3330 14.24 -124.97 -42.01
N GLY I 3331 13.61 -125.14 -40.83
CA GLY I 3331 12.25 -125.63 -40.80
C GLY I 3331 11.27 -124.68 -41.46
N THR I 3332 11.48 -123.37 -41.26
CA THR I 3332 10.60 -122.37 -41.87
C THR I 3332 10.68 -122.45 -43.38
N THR I 3333 11.89 -122.54 -43.93
CA THR I 3333 12.01 -122.61 -45.38
C THR I 3333 11.53 -123.96 -45.90
N TYR I 3334 11.71 -125.04 -45.15
CA TYR I 3334 11.16 -126.33 -45.57
C TYR I 3334 9.64 -126.27 -45.66
N ARG I 3335 9.00 -125.68 -44.65
CA ARG I 3335 7.56 -125.50 -44.68
C ARG I 3335 7.14 -124.58 -45.82
N ILE I 3336 7.93 -123.55 -46.09
CA ILE I 3336 7.64 -122.65 -47.21
C ILE I 3336 7.67 -123.43 -48.52
N ILE I 3337 8.68 -124.28 -48.70
CA ILE I 3337 8.80 -125.04 -49.93
C ILE I 3337 7.63 -126.00 -50.08
N ALA I 3338 7.30 -126.71 -48.98
CA ALA I 3338 6.19 -127.65 -49.03
C ALA I 3338 4.88 -126.96 -49.34
N ASN I 3339 4.64 -125.80 -48.72
CA ASN I 3339 3.43 -125.04 -49.00
C ASN I 3339 3.37 -124.57 -50.44
N ALA I 3340 4.51 -124.08 -50.96
CA ALA I 3340 4.53 -123.61 -52.34
C ALA I 3340 4.27 -124.74 -53.31
N LEU I 3341 4.81 -125.92 -53.04
CA LEU I 3341 4.62 -127.06 -53.94
C LEU I 3341 3.21 -127.62 -53.84
N SER I 3342 2.67 -127.75 -52.62
CA SER I 3342 1.34 -128.29 -52.46
C SER I 3342 0.28 -127.35 -53.03
N SER I 3343 0.35 -126.07 -52.65
CA SER I 3343 -0.60 -125.09 -53.18
C SER I 3343 -0.42 -124.90 -54.67
N GLU I 3344 0.82 -124.85 -55.13
CA GLU I 3344 1.13 -124.66 -56.55
C GLU I 3344 2.04 -125.79 -57.00
N PRO I 3345 1.47 -126.90 -57.48
CA PRO I 3345 2.31 -127.97 -58.04
C PRO I 3345 3.18 -127.48 -59.17
N ALA I 3346 2.66 -126.58 -60.01
CA ALA I 3346 3.47 -125.86 -60.98
C ALA I 3346 3.81 -124.47 -60.44
N CYS I 3347 4.59 -124.47 -59.36
CA CYS I 3347 4.94 -123.22 -58.70
C CYS I 3347 5.85 -122.37 -59.60
N LEU I 3348 6.00 -121.11 -59.22
CA LEU I 3348 6.81 -120.18 -60.01
C LEU I 3348 8.25 -120.69 -60.13
N ALA I 3349 8.78 -121.26 -59.06
CA ALA I 3349 10.15 -121.78 -59.06
C ALA I 3349 10.21 -123.30 -59.02
N GLU I 3350 9.06 -123.99 -59.01
CA GLU I 3350 9.07 -125.45 -59.04
C GLU I 3350 9.67 -125.97 -60.33
N ILE I 3351 9.38 -125.31 -61.45
CA ILE I 3351 9.88 -125.76 -62.74
C ILE I 3351 11.40 -125.80 -62.77
N GLU I 3352 12.05 -124.96 -61.98
CA GLU I 3352 13.50 -124.98 -61.89
C GLU I 3352 13.95 -126.20 -61.08
N GLU I 3353 14.91 -126.94 -61.65
CA GLU I 3353 15.48 -128.11 -60.98
C GLU I 3353 16.89 -127.73 -60.51
N ASP I 3354 16.95 -127.13 -59.34
CA ASP I 3354 18.18 -126.66 -58.72
C ASP I 3354 18.49 -127.53 -57.50
N LYS I 3355 19.50 -127.12 -56.73
CA LYS I 3355 19.77 -127.80 -55.48
C LYS I 3355 18.54 -127.77 -54.57
N ALA I 3356 17.66 -126.80 -54.75
CA ALA I 3356 16.36 -126.85 -54.10
C ALA I 3356 15.62 -128.11 -54.51
N ARG I 3357 15.63 -128.44 -55.80
CA ARG I 3357 15.04 -129.71 -56.22
C ARG I 3357 15.78 -130.90 -55.65
N ARG I 3358 17.09 -130.77 -55.42
CA ARG I 3358 17.85 -131.84 -54.78
C ARG I 3358 17.36 -132.08 -53.36
N ILE I 3359 17.12 -131.00 -52.60
CA ILE I 3359 16.61 -131.17 -51.25
C ILE I 3359 15.15 -131.58 -51.26
N LEU I 3360 14.42 -131.29 -52.36
CA LEU I 3360 13.10 -131.87 -52.55
C LEU I 3360 13.19 -133.39 -52.66
N GLU I 3361 14.06 -133.87 -53.53
CA GLU I 3361 14.27 -135.30 -53.67
C GLU I 3361 14.76 -135.91 -52.36
N LEU I 3362 15.48 -135.14 -51.57
CA LEU I 3362 15.91 -135.60 -50.24
C LEU I 3362 14.75 -135.61 -49.25
N SER I 3363 13.75 -134.75 -49.44
CA SER I 3363 12.68 -134.57 -48.47
C SER I 3363 11.88 -135.84 -48.26
N GLY I 3364 11.16 -136.29 -49.28
CA GLY I 3364 10.33 -137.46 -49.16
C GLY I 3364 11.10 -138.74 -48.93
N GLU I 3368 10.90 -138.89 -56.59
CA GLU I 3368 10.11 -138.29 -55.52
C GLU I 3368 8.84 -137.65 -56.04
N ASP I 3369 7.70 -138.18 -55.59
CA ASP I 3369 6.39 -137.65 -55.92
C ASP I 3369 6.20 -136.31 -55.23
N SER I 3370 5.47 -135.41 -55.90
CA SER I 3370 5.24 -134.07 -55.35
C SER I 3370 4.60 -134.16 -53.97
N GLU I 3371 3.64 -135.08 -53.80
CA GLU I 3371 3.07 -135.31 -52.48
C GLU I 3371 4.13 -135.87 -51.54
N LYS I 3372 4.96 -136.81 -52.02
CA LYS I 3372 6.06 -137.30 -51.20
C LYS I 3372 7.04 -136.19 -50.88
N VAL I 3373 7.33 -135.33 -51.86
CA VAL I 3373 8.24 -134.20 -51.63
C VAL I 3373 7.70 -133.30 -50.53
N ILE I 3374 6.42 -132.93 -50.61
CA ILE I 3374 5.87 -132.02 -49.61
C ILE I 3374 5.76 -132.71 -48.26
N ALA I 3375 5.46 -134.01 -48.24
CA ALA I 3375 5.38 -134.74 -46.98
C ALA I 3375 6.74 -134.77 -46.29
N GLY I 3376 7.80 -135.11 -47.04
CA GLY I 3376 9.13 -135.08 -46.47
C GLY I 3376 9.58 -133.69 -46.09
N LEU I 3377 9.19 -132.69 -46.87
CA LEU I 3377 9.52 -131.30 -46.55
C LEU I 3377 8.88 -130.89 -45.23
N TYR I 3378 7.61 -131.22 -45.05
CA TYR I 3378 6.93 -130.93 -43.79
C TYR I 3378 7.56 -131.70 -42.64
N GLN I 3379 7.91 -132.96 -42.87
CA GLN I 3379 8.51 -133.77 -41.81
C GLN I 3379 9.85 -133.19 -41.36
N ARG I 3380 10.69 -132.80 -42.32
CA ARG I 3380 11.98 -132.23 -41.94
C ARG I 3380 11.84 -130.81 -41.43
N ALA I 3381 10.82 -130.08 -41.87
CA ALA I 3381 10.51 -128.78 -41.27
C ALA I 3381 10.17 -128.95 -39.80
N PHE I 3382 9.32 -129.92 -39.48
CA PHE I 3382 8.98 -130.21 -38.10
C PHE I 3382 10.21 -130.69 -37.33
N GLN I 3383 11.06 -131.48 -38.00
CA GLN I 3383 12.30 -131.94 -37.39
C GLN I 3383 13.19 -130.77 -37.00
N HIS I 3384 13.30 -129.77 -37.87
CA HIS I 3384 14.13 -128.62 -37.56
C HIS I 3384 13.45 -127.67 -36.58
N LEU I 3385 12.12 -127.64 -36.56
CA LEU I 3385 11.42 -126.92 -35.50
C LEU I 3385 11.73 -127.52 -34.14
N SER I 3386 11.70 -128.85 -34.05
CA SER I 3386 12.08 -129.53 -32.82
C SER I 3386 13.55 -129.31 -32.50
N GLU I 3387 14.40 -129.27 -33.52
CA GLU I 3387 15.81 -128.96 -33.33
C GLU I 3387 15.97 -127.59 -32.69
N ALA I 3388 15.24 -126.60 -33.21
CA ALA I 3388 15.29 -125.24 -32.66
C ALA I 3388 14.77 -125.21 -31.23
N VAL I 3389 13.68 -125.93 -30.97
CA VAL I 3389 13.10 -125.95 -29.62
C VAL I 3389 14.09 -126.53 -28.63
N GLN I 3390 14.48 -127.79 -28.85
CA GLN I 3390 15.37 -128.48 -27.91
C GLN I 3390 16.80 -127.94 -27.93
N ALA I 3391 17.14 -127.10 -28.91
CA ALA I 3391 18.51 -126.60 -29.00
C ALA I 3391 18.78 -125.55 -27.93
N ALA I 3392 18.01 -124.47 -27.93
CA ALA I 3392 18.24 -123.32 -27.07
C ALA I 3392 17.11 -123.14 -26.06
N GLU I 3393 16.66 -124.23 -25.46
CA GLU I 3393 15.65 -124.12 -24.40
C GLU I 3393 16.17 -123.36 -23.19
N GLU I 3394 17.49 -123.19 -23.08
CA GLU I 3394 18.07 -122.38 -22.01
C GLU I 3394 17.62 -120.93 -22.18
N GLU I 3395 16.87 -120.42 -21.20
CA GLU I 3395 16.38 -119.06 -21.25
C GLU I 3395 16.80 -118.28 -20.01
N ALA I 3407 8.11 -116.67 -24.44
CA ALA I 3407 9.55 -116.86 -24.64
C ALA I 3407 9.82 -117.52 -25.99
N GLY I 3408 11.10 -117.58 -26.36
CA GLY I 3408 11.46 -118.19 -27.63
C GLY I 3408 11.01 -119.64 -27.74
N VAL I 3409 11.20 -120.41 -26.67
CA VAL I 3409 10.68 -121.77 -26.63
C VAL I 3409 9.16 -121.76 -26.70
N ILE I 3410 8.54 -120.84 -25.98
CA ILE I 3410 7.08 -120.71 -25.99
C ILE I 3410 6.59 -120.35 -27.40
N ASP I 3411 7.25 -119.38 -28.03
CA ASP I 3411 6.87 -118.98 -29.37
C ASP I 3411 7.06 -120.12 -30.36
N ALA I 3412 8.15 -120.86 -30.23
CA ALA I 3412 8.35 -122.04 -31.07
C ALA I 3412 7.26 -123.08 -30.82
N TYR I 3413 6.77 -123.17 -29.58
CA TYR I 3413 5.65 -124.07 -29.30
C TYR I 3413 4.39 -123.64 -30.04
N MET I 3414 4.09 -122.34 -30.05
CA MET I 3414 2.94 -121.90 -30.84
C MET I 3414 3.16 -122.15 -32.33
N THR I 3415 4.38 -121.96 -32.83
CA THR I 3415 4.64 -122.23 -34.23
C THR I 3415 4.41 -123.71 -34.55
N LEU I 3416 4.89 -124.60 -33.67
CA LEU I 3416 4.70 -126.03 -33.89
C LEU I 3416 3.24 -126.42 -33.75
N ALA I 3417 2.49 -125.75 -32.88
CA ALA I 3417 1.06 -126.02 -32.78
C ALA I 3417 0.32 -125.55 -34.03
N ASP I 3418 0.72 -124.41 -34.59
CA ASP I 3418 0.16 -124.00 -35.87
C ASP I 3418 0.51 -125.01 -36.95
N PHE I 3419 1.73 -125.51 -36.94
CA PHE I 3419 2.14 -126.53 -37.91
C PHE I 3419 1.31 -127.79 -37.76
N CYS I 3420 1.07 -128.23 -36.52
CA CYS I 3420 0.29 -129.45 -36.32
C CYS I 3420 -1.14 -129.25 -36.73
N ASP I 3421 -1.71 -128.07 -36.43
CA ASP I 3421 -3.04 -127.76 -36.91
C ASP I 3421 -3.09 -127.76 -38.43
N GLN I 3422 -2.01 -127.29 -39.06
CA GLN I 3422 -1.91 -127.39 -40.52
C GLN I 3422 -1.92 -128.84 -40.96
N GLN I 3423 -1.18 -129.70 -40.26
CA GLN I 3423 -1.16 -131.11 -40.62
C GLN I 3423 -2.55 -131.71 -40.49
N LEU I 3424 -3.27 -131.36 -39.43
CA LEU I 3424 -4.65 -131.81 -39.25
C LEU I 3424 -5.52 -131.35 -40.41
N ARG I 3425 -5.63 -130.04 -40.59
CA ARG I 3425 -6.50 -129.49 -41.63
C ARG I 3425 -6.11 -129.96 -43.02
N LYS I 3426 -4.86 -130.38 -43.21
CA LYS I 3426 -4.46 -131.04 -44.45
C LYS I 3426 -4.99 -132.47 -44.50
N GLU I 3427 -4.92 -133.19 -43.38
CA GLU I 3427 -5.37 -134.58 -43.33
C GLU I 3427 -6.80 -134.74 -42.83
N GLU I 3428 -7.38 -133.69 -42.25
CA GLU I 3428 -8.76 -133.73 -41.78
C GLU I 3428 -9.46 -132.46 -42.24
N GLU I 3429 -10.76 -132.41 -42.04
CA GLU I 3429 -11.54 -131.24 -42.39
C GLU I 3429 -12.89 -131.26 -41.67
N ALA I 3441 -0.38 -139.98 -31.11
CA ALA I 3441 0.97 -139.67 -30.66
C ALA I 3441 1.33 -138.23 -30.96
N TYR I 3442 1.20 -137.84 -32.23
CA TYR I 3442 1.44 -136.46 -32.63
C TYR I 3442 0.56 -135.47 -31.88
N PRO I 3443 -0.76 -135.69 -31.74
CA PRO I 3443 -1.55 -134.76 -30.92
C PRO I 3443 -1.03 -134.63 -29.51
N ALA I 3444 -0.55 -135.72 -28.91
CA ALA I 3444 -0.01 -135.65 -27.56
C ALA I 3444 1.15 -134.66 -27.49
N LEU I 3445 2.14 -134.83 -28.36
CA LEU I 3445 3.31 -133.96 -28.31
C LEU I 3445 2.95 -132.52 -28.61
N VAL I 3446 2.05 -132.29 -29.58
CA VAL I 3446 1.73 -130.91 -29.94
C VAL I 3446 0.97 -130.21 -28.82
N VAL I 3447 0.03 -130.92 -28.16
CA VAL I 3447 -0.72 -130.27 -27.09
C VAL I 3447 0.17 -130.06 -25.86
N GLU I 3448 1.10 -131.00 -25.59
CA GLU I 3448 1.99 -130.80 -24.46
C GLU I 3448 2.96 -129.66 -24.73
N LYS I 3449 3.40 -129.49 -25.98
CA LYS I 3449 4.21 -128.32 -26.32
C LYS I 3449 3.42 -127.03 -26.18
N MET I 3450 2.16 -127.03 -26.60
CA MET I 3450 1.33 -125.84 -26.50
C MET I 3450 1.14 -125.46 -25.02
N LEU I 3451 0.87 -126.45 -24.17
CA LEU I 3451 0.70 -126.17 -22.75
C LEU I 3451 2.00 -125.81 -22.05
N LYS I 3452 3.13 -126.33 -22.49
CA LYS I 3452 4.42 -125.89 -21.95
C LYS I 3452 4.73 -124.47 -22.40
N ALA I 3453 4.24 -124.07 -23.57
CA ALA I 3453 4.26 -122.66 -23.93
C ALA I 3453 3.42 -121.85 -22.95
N LEU I 3454 2.25 -122.38 -22.60
CA LEU I 3454 1.40 -121.71 -21.62
C LEU I 3454 1.98 -121.78 -20.20
N LYS I 3455 3.03 -122.57 -19.98
CA LYS I 3455 3.66 -122.61 -18.66
C LYS I 3455 4.00 -121.22 -18.16
N LEU I 3456 4.32 -120.31 -19.08
CA LEU I 3456 4.31 -118.89 -18.78
C LEU I 3456 2.99 -118.32 -19.29
N ASN I 3457 2.21 -117.75 -18.38
CA ASN I 3457 0.91 -117.21 -18.75
C ASN I 3457 1.06 -116.11 -19.79
N SER I 3458 0.60 -116.38 -21.00
CA SER I 3458 0.64 -115.40 -22.08
C SER I 3458 -0.45 -115.74 -23.07
N ASN I 3459 -1.13 -114.71 -23.58
CA ASN I 3459 -2.31 -114.94 -24.42
C ASN I 3459 -1.96 -115.74 -25.65
N GLU I 3460 -0.83 -115.44 -26.29
CA GLU I 3460 -0.40 -116.23 -27.45
C GLU I 3460 -0.22 -117.70 -27.06
N ALA I 3461 0.33 -117.95 -25.88
CA ALA I 3461 0.38 -119.31 -25.35
C ALA I 3461 -0.93 -119.73 -24.73
N ARG I 3462 -1.91 -118.83 -24.65
CA ARG I 3462 -3.20 -119.10 -24.04
C ARG I 3462 -4.36 -119.12 -25.04
N LEU I 3463 -4.27 -118.32 -26.11
CA LEU I 3463 -5.40 -118.18 -27.02
C LEU I 3463 -5.72 -119.46 -27.78
N LYS I 3464 -4.85 -120.45 -27.73
CA LYS I 3464 -5.14 -121.75 -28.31
C LYS I 3464 -6.14 -122.56 -27.49
N PHE I 3465 -6.71 -121.96 -26.45
CA PHE I 3465 -7.68 -122.66 -25.62
C PHE I 3465 -8.84 -123.26 -26.40
N PRO I 3466 -9.43 -122.60 -27.40
CA PRO I 3466 -10.43 -123.30 -28.23
C PRO I 3466 -9.84 -124.49 -28.96
N ARG I 3467 -8.68 -124.31 -29.60
CA ARG I 3467 -8.02 -125.42 -30.27
C ARG I 3467 -7.67 -126.53 -29.29
N LEU I 3468 -7.17 -126.16 -28.11
CA LEU I 3468 -6.83 -127.16 -27.10
C LEU I 3468 -8.07 -127.92 -26.65
N LEU I 3469 -9.18 -127.21 -26.43
CA LEU I 3469 -10.42 -127.87 -26.03
C LEU I 3469 -10.88 -128.85 -27.10
N GLN I 3470 -10.85 -128.44 -28.36
CA GLN I 3470 -11.34 -129.30 -29.42
C GLN I 3470 -10.44 -130.54 -29.60
N ILE I 3471 -9.13 -130.37 -29.48
CA ILE I 3471 -8.26 -131.53 -29.63
C ILE I 3471 -8.35 -132.44 -28.41
N ILE I 3472 -8.56 -131.87 -27.22
CA ILE I 3472 -8.76 -132.69 -26.03
C ILE I 3472 -10.03 -133.51 -26.16
N GLU I 3473 -11.11 -132.90 -26.65
CA GLU I 3473 -12.31 -133.67 -26.93
C GLU I 3473 -12.06 -134.72 -28.00
N ARG I 3474 -11.27 -134.37 -29.01
CA ARG I 3474 -10.93 -135.33 -30.06
C ARG I 3474 -10.02 -136.42 -29.55
N TYR I 3475 -9.08 -136.08 -28.67
CA TYR I 3475 -8.15 -137.05 -28.09
C TYR I 3475 -8.10 -136.89 -26.57
N PRO I 3476 -9.17 -137.28 -25.87
CA PRO I 3476 -9.11 -137.24 -24.41
C PRO I 3476 -8.11 -138.22 -23.82
N GLU I 3477 -7.81 -139.29 -24.54
CA GLU I 3477 -7.01 -140.40 -24.00
C GLU I 3477 -5.65 -139.94 -23.52
N GLU I 3478 -4.94 -139.16 -24.34
CA GLU I 3478 -3.62 -138.67 -23.93
C GLU I 3478 -3.69 -137.28 -23.32
N THR I 3479 -4.65 -136.46 -23.73
CA THR I 3479 -4.72 -135.09 -23.23
C THR I 3479 -5.10 -135.05 -21.76
N LEU I 3480 -5.96 -135.97 -21.29
CA LEU I 3480 -6.24 -136.04 -19.86
C LEU I 3480 -4.97 -136.30 -19.07
N SER I 3481 -4.20 -137.30 -19.47
CA SER I 3481 -2.96 -137.61 -18.77
C SER I 3481 -1.99 -136.45 -18.81
N LEU I 3482 -1.87 -135.80 -19.97
CA LEU I 3482 -0.94 -134.67 -20.10
C LEU I 3482 -1.36 -133.52 -19.19
N MET I 3483 -2.66 -133.21 -19.17
CA MET I 3483 -3.15 -132.11 -18.33
C MET I 3483 -2.95 -132.42 -16.85
N THR I 3484 -3.08 -133.70 -16.47
CA THR I 3484 -2.91 -134.06 -15.06
C THR I 3484 -1.51 -133.71 -14.58
N LYS I 3485 -0.49 -133.99 -15.39
CA LYS I 3485 0.89 -133.65 -15.01
C LYS I 3485 1.28 -132.23 -15.40
N GLU I 3486 0.48 -131.54 -16.21
CA GLU I 3486 0.80 -130.19 -16.64
C GLU I 3486 -0.06 -129.13 -15.95
N ILE I 3487 -0.53 -129.42 -14.73
CA ILE I 3487 -1.17 -128.38 -13.94
C ILE I 3487 -0.19 -127.24 -13.67
N SER I 3488 1.09 -127.59 -13.47
CA SER I 3488 2.12 -126.57 -13.34
C SER I 3488 2.25 -125.74 -14.61
N SER I 3489 2.04 -126.37 -15.78
CA SER I 3489 2.11 -125.66 -17.06
C SER I 3489 1.01 -124.63 -17.23
N VAL I 3490 0.13 -124.48 -16.24
CA VAL I 3490 -0.82 -123.38 -16.19
C VAL I 3490 -0.77 -122.81 -14.77
N PRO I 3491 0.33 -122.16 -14.40
CA PRO I 3491 0.50 -121.72 -13.01
C PRO I 3491 -0.50 -120.65 -12.61
N CYS I 3492 -0.59 -119.60 -13.42
CA CYS I 3492 -1.55 -118.55 -13.16
C CYS I 3492 -2.96 -119.01 -13.50
N TRP I 3493 -3.95 -118.40 -12.84
CA TRP I 3493 -5.35 -118.79 -13.01
C TRP I 3493 -5.89 -118.05 -14.24
N GLN I 3494 -5.72 -118.67 -15.39
CA GLN I 3494 -6.01 -118.09 -16.69
C GLN I 3494 -7.12 -118.89 -17.37
N PHE I 3495 -7.33 -118.58 -18.66
CA PHE I 3495 -8.43 -119.08 -19.48
C PHE I 3495 -9.75 -118.41 -19.15
N ILE I 3496 -9.75 -117.40 -18.27
CA ILE I 3496 -10.98 -116.75 -17.86
C ILE I 3496 -11.63 -115.98 -19.00
N SER I 3497 -10.88 -115.67 -20.06
CA SER I 3497 -11.51 -115.04 -21.22
C SER I 3497 -12.53 -115.98 -21.85
N TRP I 3498 -12.33 -117.28 -21.72
CA TRP I 3498 -13.32 -118.27 -22.13
C TRP I 3498 -14.16 -118.75 -20.96
N ILE I 3499 -14.44 -117.87 -19.98
CA ILE I 3499 -15.07 -118.29 -18.74
C ILE I 3499 -16.37 -119.03 -18.97
N SER I 3500 -17.03 -118.77 -20.10
CA SER I 3500 -18.26 -119.49 -20.41
C SER I 3500 -17.95 -120.91 -20.88
N HIS I 3501 -16.83 -121.11 -21.57
CA HIS I 3501 -16.56 -122.39 -22.23
C HIS I 3501 -16.42 -123.52 -21.22
N MET I 3502 -15.48 -123.38 -20.28
CA MET I 3502 -15.25 -124.47 -19.34
C MET I 3502 -16.41 -124.64 -18.37
N VAL I 3503 -17.12 -123.56 -18.03
CA VAL I 3503 -18.26 -123.71 -17.14
C VAL I 3503 -19.41 -124.43 -17.84
N ALA I 3504 -19.54 -124.25 -19.17
CA ALA I 3504 -20.48 -125.06 -19.92
C ALA I 3504 -20.03 -126.52 -19.97
N LEU I 3505 -18.75 -126.74 -20.26
CA LEU I 3505 -18.20 -128.09 -20.26
C LEU I 3505 -18.02 -128.66 -18.86
N LEU I 3506 -18.16 -127.83 -17.83
CA LEU I 3506 -18.06 -128.32 -16.45
C LEU I 3506 -19.12 -129.37 -16.16
N ASP I 3507 -20.36 -129.10 -16.57
CA ASP I 3507 -21.44 -130.06 -16.34
C ASP I 3507 -21.30 -131.27 -17.25
N LYS I 3508 -20.80 -131.08 -18.47
CA LYS I 3508 -20.62 -132.18 -19.40
C LYS I 3508 -19.38 -133.00 -19.02
N ASP I 3509 -19.35 -134.23 -19.49
CA ASP I 3509 -18.27 -135.17 -19.19
C ASP I 3509 -17.49 -135.47 -20.46
N GLN I 3510 -16.54 -134.60 -20.78
CA GLN I 3510 -15.58 -134.82 -21.85
C GLN I 3510 -14.17 -135.02 -21.34
N ALA I 3511 -13.76 -134.20 -20.38
CA ALA I 3511 -12.49 -134.34 -19.68
C ALA I 3511 -12.75 -134.11 -18.20
N VAL I 3512 -11.75 -134.38 -17.38
CA VAL I 3512 -11.87 -134.08 -15.96
C VAL I 3512 -10.74 -133.16 -15.53
N ALA I 3513 -9.59 -133.28 -16.19
CA ALA I 3513 -8.42 -132.52 -15.77
C ALA I 3513 -8.62 -131.02 -16.00
N VAL I 3514 -9.21 -130.64 -17.13
CA VAL I 3514 -9.48 -129.24 -17.40
C VAL I 3514 -10.52 -128.70 -16.42
N GLN I 3515 -11.56 -129.48 -16.15
CA GLN I 3515 -12.53 -129.10 -15.12
C GLN I 3515 -11.85 -128.98 -13.76
N HIS I 3516 -10.88 -129.83 -13.46
CA HIS I 3516 -10.18 -129.71 -12.19
C HIS I 3516 -9.33 -128.45 -12.12
N SER I 3517 -8.67 -128.09 -13.23
CA SER I 3517 -7.89 -126.85 -13.26
C SER I 3517 -8.80 -125.63 -13.08
N VAL I 3518 -9.92 -125.60 -13.81
CA VAL I 3518 -10.83 -124.48 -13.64
C VAL I 3518 -11.54 -124.53 -12.30
N GLU I 3519 -11.58 -125.71 -11.66
CA GLU I 3519 -12.04 -125.82 -10.29
C GLU I 3519 -11.08 -125.13 -9.33
N GLU I 3520 -9.78 -125.37 -9.53
CA GLU I 3520 -8.77 -124.62 -8.80
C GLU I 3520 -8.94 -123.13 -9.04
N ILE I 3521 -9.29 -122.74 -10.27
CA ILE I 3521 -9.46 -121.32 -10.59
C ILE I 3521 -10.66 -120.75 -9.85
N THR I 3522 -11.80 -121.43 -9.89
CA THR I 3522 -13.01 -120.92 -9.25
C THR I 3522 -12.93 -121.02 -7.73
N ASP I 3523 -12.03 -121.84 -7.20
CA ASP I 3523 -11.70 -121.73 -5.79
C ASP I 3523 -10.85 -120.51 -5.54
N ASN I 3524 -9.87 -120.26 -6.43
CA ASN I 3524 -9.13 -119.01 -6.39
C ASN I 3524 -10.04 -117.82 -6.69
N TYR I 3525 -11.05 -118.03 -7.52
CA TYR I 3525 -12.01 -116.99 -7.90
C TYR I 3525 -13.41 -117.49 -7.67
N PRO I 3526 -13.91 -117.45 -6.43
CA PRO I 3526 -15.33 -117.79 -6.21
C PRO I 3526 -16.28 -116.92 -7.02
N GLN I 3527 -15.97 -115.63 -7.15
CA GLN I 3527 -16.70 -114.78 -8.07
C GLN I 3527 -16.11 -114.89 -9.47
N ALA I 3528 -16.73 -114.20 -10.42
CA ALA I 3528 -16.43 -114.22 -11.85
C ALA I 3528 -16.72 -115.57 -12.49
N ILE I 3529 -17.13 -116.56 -11.70
CA ILE I 3529 -17.63 -117.82 -12.23
C ILE I 3529 -19.07 -118.09 -11.81
N VAL I 3530 -19.56 -117.47 -10.73
CA VAL I 3530 -20.95 -117.64 -10.32
C VAL I 3530 -21.89 -117.23 -11.45
N TYR I 3531 -21.57 -116.14 -12.14
CA TYR I 3531 -22.42 -115.69 -13.23
C TYR I 3531 -22.22 -116.60 -14.45
N PRO I 3532 -20.98 -116.97 -14.80
CA PRO I 3532 -20.81 -118.10 -15.74
C PRO I 3532 -21.47 -119.37 -15.24
N PHE I 3533 -21.47 -119.62 -13.93
CA PHE I 3533 -22.11 -120.83 -13.42
C PHE I 3533 -23.61 -120.82 -13.72
N ILE I 3534 -24.27 -119.69 -13.49
CA ILE I 3534 -25.71 -119.63 -13.74
C ILE I 3534 -26.00 -119.61 -15.24
N ILE I 3535 -25.16 -118.94 -16.02
CA ILE I 3535 -25.36 -118.94 -17.47
C ILE I 3535 -25.14 -120.34 -18.04
N SER I 3536 -24.35 -121.17 -17.37
CA SER I 3536 -24.14 -122.55 -17.84
C SER I 3536 -25.25 -123.47 -17.34
N SER I 3537 -25.64 -123.35 -16.08
CA SER I 3537 -26.70 -124.18 -15.53
C SER I 3537 -28.03 -123.93 -16.26
N GLU I 3538 -28.37 -122.66 -16.48
CA GLU I 3538 -29.55 -122.35 -17.27
C GLU I 3538 -29.31 -122.59 -18.75
N SER I 3539 -28.04 -122.58 -19.19
CA SER I 3539 -27.67 -122.87 -20.57
C SER I 3539 -28.39 -121.97 -21.57
N THR I 3545 -25.46 -141.92 -16.60
CA THR I 3545 -24.37 -140.96 -16.52
C THR I 3545 -23.30 -141.43 -15.55
N SER I 3546 -22.64 -142.56 -15.89
CA SER I 3546 -21.57 -143.07 -15.06
C SER I 3546 -20.40 -142.10 -14.97
N THR I 3547 -20.25 -141.22 -15.95
CA THR I 3547 -19.30 -140.12 -15.88
C THR I 3547 -19.98 -138.76 -15.93
N GLY I 3548 -21.19 -138.67 -16.49
CA GLY I 3548 -21.94 -137.43 -16.41
C GLY I 3548 -22.24 -137.04 -14.98
N HIS I 3549 -22.63 -138.00 -14.15
CA HIS I 3549 -22.85 -137.71 -12.74
C HIS I 3549 -21.55 -137.37 -12.02
N LYS I 3550 -20.40 -137.83 -12.53
CA LYS I 3550 -19.14 -137.36 -11.99
C LYS I 3550 -19.00 -135.86 -12.19
N ASN I 3551 -19.37 -135.36 -13.36
CA ASN I 3551 -19.35 -133.91 -13.56
C ASN I 3551 -20.50 -133.21 -12.87
N LYS I 3552 -21.59 -133.91 -12.57
CA LYS I 3552 -22.66 -133.28 -11.78
C LYS I 3552 -22.21 -133.05 -10.35
N GLU I 3553 -21.63 -134.07 -9.72
CA GLU I 3553 -21.03 -133.88 -8.40
C GLU I 3553 -19.85 -132.92 -8.48
N PHE I 3554 -19.18 -132.86 -9.63
CA PHE I 3554 -18.11 -131.89 -9.81
C PHE I 3554 -18.63 -130.46 -9.78
N VAL I 3555 -19.74 -130.20 -10.47
CA VAL I 3555 -20.28 -128.84 -10.46
C VAL I 3555 -20.93 -128.53 -9.12
N ALA I 3556 -21.41 -129.55 -8.41
CA ALA I 3556 -21.83 -129.33 -7.03
C ALA I 3556 -20.64 -128.90 -6.16
N ARG I 3557 -19.50 -129.57 -6.34
CA ARG I 3557 -18.29 -129.16 -5.66
C ARG I 3557 -17.85 -127.75 -6.10
N ILE I 3558 -18.13 -127.40 -7.35
CA ILE I 3558 -17.79 -126.07 -7.85
C ILE I 3558 -18.64 -125.01 -7.16
N LYS I 3559 -19.95 -125.21 -7.10
CA LYS I 3559 -20.81 -124.27 -6.40
C LYS I 3559 -20.50 -124.25 -4.91
N SER I 3560 -19.95 -125.33 -4.35
CA SER I 3560 -19.35 -125.24 -3.03
C SER I 3560 -18.14 -124.32 -3.05
N LYS I 3561 -17.30 -124.42 -4.08
CA LYS I 3561 -16.17 -123.52 -4.25
C LYS I 3561 -16.59 -122.15 -4.76
N LEU I 3562 -17.76 -122.05 -5.38
CA LEU I 3562 -18.38 -120.76 -5.66
C LEU I 3562 -18.96 -120.27 -4.33
N ASP I 3563 -18.07 -119.72 -3.51
CA ASP I 3563 -18.35 -119.55 -2.09
C ASP I 3563 -19.45 -118.53 -1.85
N GLN I 3564 -20.14 -118.68 -0.71
CA GLN I 3564 -21.12 -117.76 -0.16
C GLN I 3564 -22.07 -117.17 -1.21
N GLY I 3565 -22.53 -118.00 -2.14
CA GLY I 3565 -23.42 -117.54 -3.18
C GLY I 3565 -24.84 -117.28 -2.76
N GLY I 3566 -25.23 -117.68 -1.55
CA GLY I 3566 -26.59 -117.43 -1.09
C GLY I 3566 -26.89 -115.96 -0.90
N VAL I 3567 -25.92 -115.20 -0.40
CA VAL I 3567 -26.13 -113.76 -0.26
C VAL I 3567 -26.24 -113.10 -1.63
N ILE I 3568 -25.49 -113.60 -2.62
CA ILE I 3568 -25.66 -113.13 -3.98
C ILE I 3568 -27.04 -113.52 -4.51
N GLN I 3569 -27.56 -114.68 -4.12
CA GLN I 3569 -28.90 -115.05 -4.54
C GLN I 3569 -29.94 -114.09 -3.98
N ASP I 3570 -29.86 -113.78 -2.69
CA ASP I 3570 -30.78 -112.79 -2.12
C ASP I 3570 -30.61 -111.44 -2.80
N PHE I 3571 -29.35 -111.08 -3.08
CA PHE I 3571 -28.97 -109.90 -3.85
C PHE I 3571 -29.57 -109.90 -5.24
N ILE I 3572 -29.90 -111.07 -5.76
CA ILE I 3572 -30.70 -111.15 -6.97
C ILE I 3572 -32.13 -111.58 -6.66
N ASN I 3573 -32.60 -111.24 -5.44
CA ASN I 3573 -33.96 -111.66 -4.98
C ASN I 3573 -34.77 -110.60 -4.19
N ALA I 3574 -34.45 -109.29 -4.24
CA ALA I 3574 -35.33 -108.29 -3.54
C ALA I 3574 -35.31 -106.81 -4.00
N LEU I 3575 -34.94 -106.44 -5.26
CA LEU I 3575 -35.10 -105.08 -5.90
C LEU I 3575 -35.32 -105.23 -7.42
N ASP I 3576 -34.26 -105.31 -8.24
CA ASP I 3576 -34.50 -105.26 -9.71
C ASP I 3576 -33.75 -106.29 -10.56
N GLN I 3577 -34.26 -107.52 -10.67
CA GLN I 3577 -33.71 -108.50 -11.65
C GLN I 3577 -34.91 -108.58 -12.59
N LEU I 3578 -36.11 -108.63 -12.02
CA LEU I 3578 -37.39 -108.57 -12.71
C LEU I 3578 -37.24 -108.90 -14.19
N SER I 3579 -36.86 -110.13 -14.50
CA SER I 3579 -37.16 -110.68 -15.81
C SER I 3579 -38.67 -110.57 -15.99
N ASN I 3580 -39.08 -109.76 -16.97
CA ASN I 3580 -40.43 -109.23 -16.97
C ASN I 3580 -41.46 -110.34 -16.91
N PRO I 3581 -42.37 -110.33 -15.93
CA PRO I 3581 -43.40 -111.38 -15.87
C PRO I 3581 -44.26 -111.46 -17.11
N GLU I 3582 -44.49 -110.34 -17.81
CA GLU I 3582 -45.12 -110.43 -19.12
C GLU I 3582 -44.20 -111.09 -20.13
N LEU I 3583 -42.90 -110.85 -20.02
CA LEU I 3583 -41.96 -111.53 -20.91
C LEU I 3583 -41.95 -113.03 -20.68
N LEU I 3584 -41.97 -113.48 -19.42
CA LEU I 3584 -42.09 -114.91 -19.13
C LEU I 3584 -43.45 -115.45 -19.55
N PHE I 3585 -44.49 -114.62 -19.41
CA PHE I 3585 -45.82 -114.95 -19.92
C PHE I 3585 -45.76 -115.29 -21.40
N LYS I 3586 -45.13 -114.41 -22.18
CA LYS I 3586 -44.97 -114.63 -23.62
C LYS I 3586 -43.99 -115.75 -23.92
N ASP I 3587 -43.04 -116.02 -23.03
CA ASP I 3587 -42.15 -117.18 -23.22
C ASP I 3587 -42.94 -118.48 -23.11
N TRP I 3588 -43.77 -118.58 -22.08
CA TRP I 3588 -44.70 -119.72 -21.98
C TRP I 3588 -45.57 -119.78 -23.22
N SER I 3589 -46.02 -118.62 -23.69
CA SER I 3589 -46.87 -118.56 -24.87
C SER I 3589 -46.17 -119.13 -26.10
N ASN I 3590 -44.93 -118.69 -26.33
CA ASN I 3590 -44.17 -119.17 -27.49
C ASN I 3590 -43.86 -120.65 -27.37
N ASP I 3591 -43.51 -121.12 -26.17
CA ASP I 3591 -43.22 -122.53 -26.00
C ASP I 3591 -44.46 -123.39 -26.24
N VAL I 3592 -45.61 -122.96 -25.71
CA VAL I 3592 -46.84 -123.73 -25.89
C VAL I 3592 -47.30 -123.66 -27.35
N ARG I 3593 -47.01 -122.56 -28.03
CA ARG I 3593 -47.25 -122.51 -29.48
C ARG I 3593 -46.36 -123.51 -30.21
N ALA I 3594 -45.09 -123.61 -29.80
CA ALA I 3594 -44.16 -124.51 -30.45
C ALA I 3594 -44.56 -125.96 -30.26
N GLU I 3595 -44.97 -126.34 -29.04
CA GLU I 3595 -45.27 -127.75 -28.76
C GLU I 3595 -46.75 -128.06 -28.89
N LEU I 3596 -47.60 -127.39 -28.10
CA LEU I 3596 -49.03 -127.69 -28.14
C LEU I 3596 -49.64 -127.34 -29.48
N ALA I 3597 -49.23 -126.21 -30.07
CA ALA I 3597 -49.71 -125.81 -31.38
C ALA I 3597 -48.73 -126.25 -32.46
N VAL I 3601 -44.67 -133.84 -26.78
CA VAL I 3601 -44.31 -132.45 -26.59
C VAL I 3601 -45.27 -131.78 -25.60
N ASN I 3602 -46.44 -132.40 -25.42
CA ASN I 3602 -47.44 -131.92 -24.50
C ASN I 3602 -47.61 -132.92 -23.36
N LYS I 3603 -47.81 -132.40 -22.15
CA LYS I 3603 -47.91 -133.18 -20.92
C LYS I 3603 -46.59 -133.87 -20.60
N LYS I 3604 -45.59 -133.67 -21.43
CA LYS I 3604 -44.23 -134.11 -21.19
C LYS I 3604 -43.22 -132.98 -21.34
N ASN I 3605 -43.42 -132.08 -22.30
CA ASN I 3605 -42.67 -130.84 -22.39
C ASN I 3605 -43.54 -129.63 -22.06
N ILE I 3606 -44.80 -129.63 -22.50
CA ILE I 3606 -45.74 -128.60 -22.08
C ILE I 3606 -45.99 -128.70 -20.59
N GLU I 3607 -45.94 -129.91 -20.03
CA GLU I 3607 -45.96 -130.04 -18.57
C GLU I 3607 -44.72 -129.44 -17.94
N LYS I 3608 -43.55 -129.65 -18.56
CA LYS I 3608 -42.31 -129.14 -18.00
C LYS I 3608 -42.29 -127.61 -18.00
N MET I 3609 -42.60 -127.01 -19.15
CA MET I 3609 -42.69 -125.55 -19.24
C MET I 3609 -43.85 -125.00 -18.42
N TYR I 3610 -44.93 -125.78 -18.28
CA TYR I 3610 -46.02 -125.43 -17.36
C TYR I 3610 -45.49 -125.27 -15.94
N GLU I 3611 -44.76 -126.28 -15.46
CA GLU I 3611 -44.20 -126.21 -14.11
C GLU I 3611 -43.14 -125.12 -14.01
N ARG I 3612 -42.40 -124.89 -15.10
CA ARG I 3612 -41.38 -123.86 -15.12
C ARG I 3612 -41.99 -122.49 -14.89
N MET I 3613 -43.05 -122.16 -15.64
CA MET I 3613 -43.71 -120.88 -15.40
C MET I 3613 -44.48 -120.88 -14.09
N TYR I 3614 -44.95 -122.04 -13.62
CA TYR I 3614 -45.61 -122.07 -12.34
C TYR I 3614 -44.65 -121.67 -11.22
N ALA I 3615 -43.41 -122.14 -11.31
CA ALA I 3615 -42.36 -121.63 -10.44
C ALA I 3615 -42.06 -120.16 -10.75
N ALA I 3616 -42.16 -119.76 -12.01
CA ALA I 3616 -41.87 -118.39 -12.40
C ALA I 3616 -43.05 -117.47 -12.15
N LEU I 3617 -44.19 -117.74 -12.80
CA LEU I 3617 -45.37 -116.90 -12.66
C LEU I 3617 -46.54 -117.59 -11.98
N GLY I 3618 -46.69 -118.91 -12.16
CA GLY I 3618 -47.78 -119.60 -11.51
C GLY I 3618 -47.71 -119.60 -10.00
N ASP I 3619 -46.55 -119.31 -9.43
CA ASP I 3619 -46.47 -119.10 -7.99
C ASP I 3619 -47.18 -117.80 -7.63
N PRO I 3620 -48.12 -117.82 -6.68
CA PRO I 3620 -48.77 -116.55 -6.29
C PRO I 3620 -47.80 -115.51 -5.76
N LYS I 3621 -46.76 -115.94 -5.05
CA LYS I 3621 -45.84 -115.01 -4.40
C LYS I 3621 -44.53 -114.93 -5.19
N ALA I 3622 -43.89 -113.77 -5.10
CA ALA I 3622 -42.62 -113.50 -5.78
C ALA I 3622 -41.48 -113.48 -4.79
N PRO I 3623 -40.25 -113.76 -5.23
CA PRO I 3623 -39.09 -113.62 -4.33
C PRO I 3623 -39.00 -112.19 -3.83
N GLY I 3624 -38.61 -112.06 -2.56
CA GLY I 3624 -38.64 -110.75 -1.94
C GLY I 3624 -40.05 -110.38 -1.51
N LEU I 3625 -40.33 -109.09 -1.57
CA LEU I 3625 -41.60 -108.51 -1.15
C LEU I 3625 -42.27 -107.77 -2.31
N GLY I 3626 -42.28 -108.39 -3.48
CA GLY I 3626 -42.66 -107.69 -4.70
C GLY I 3626 -44.09 -107.21 -4.69
N ALA I 3627 -44.34 -106.25 -5.56
CA ALA I 3627 -45.68 -105.80 -5.92
C ALA I 3627 -45.90 -105.81 -7.42
N PHE I 3628 -44.90 -105.41 -8.20
CA PHE I 3628 -44.93 -105.54 -9.65
C PHE I 3628 -45.00 -107.00 -10.05
N ARG I 3629 -43.93 -107.75 -9.78
CA ARG I 3629 -43.90 -109.14 -10.19
C ARG I 3629 -44.80 -110.00 -9.33
N ARG I 3630 -44.97 -109.65 -8.05
CA ARG I 3630 -45.86 -110.43 -7.20
C ARG I 3630 -47.29 -110.44 -7.74
N LYS I 3631 -47.86 -109.26 -7.96
CA LYS I 3631 -49.22 -109.20 -8.50
C LYS I 3631 -49.26 -109.70 -9.93
N PHE I 3632 -48.21 -109.45 -10.73
CA PHE I 3632 -48.22 -109.94 -12.10
C PHE I 3632 -48.24 -111.45 -12.15
N ILE I 3633 -47.43 -112.12 -11.33
CA ILE I 3633 -47.40 -113.57 -11.38
C ILE I 3633 -48.69 -114.14 -10.81
N GLN I 3634 -49.20 -113.58 -9.71
CA GLN I 3634 -50.44 -114.09 -9.15
C GLN I 3634 -51.64 -113.82 -10.06
N THR I 3635 -51.53 -112.87 -10.99
CA THR I 3635 -52.61 -112.60 -11.91
C THR I 3635 -52.43 -113.25 -13.28
N PHE I 3636 -51.21 -113.67 -13.62
CA PHE I 3636 -50.92 -114.23 -14.93
C PHE I 3636 -50.65 -115.73 -14.86
N GLY I 3637 -49.68 -116.14 -14.05
CA GLY I 3637 -49.15 -117.50 -14.17
C GLY I 3637 -50.16 -118.56 -13.77
N LYS I 3638 -50.86 -118.35 -12.66
CA LYS I 3638 -51.82 -119.35 -12.20
C LYS I 3638 -52.91 -119.57 -13.25
N GLU I 3639 -53.54 -118.49 -13.71
CA GLU I 3639 -54.61 -118.61 -14.69
C GLU I 3639 -54.10 -119.14 -16.01
N PHE I 3640 -52.92 -118.68 -16.44
CA PHE I 3640 -52.37 -119.04 -17.75
C PHE I 3640 -51.85 -120.46 -17.78
N ASP I 3641 -51.50 -121.02 -16.61
CA ASP I 3641 -51.18 -122.44 -16.53
C ASP I 3641 -52.43 -123.29 -16.43
N LYS I 3642 -53.42 -122.86 -15.64
CA LYS I 3642 -54.65 -123.62 -15.47
C LYS I 3642 -55.58 -123.53 -16.68
N HIS I 3643 -55.29 -122.66 -17.65
CA HIS I 3643 -56.09 -122.62 -18.86
C HIS I 3643 -56.00 -123.94 -19.61
N PHE I 3644 -54.82 -124.53 -19.65
CA PHE I 3644 -54.62 -125.88 -20.18
C PHE I 3644 -54.02 -126.76 -19.09
N GLY I 3645 -54.86 -127.61 -18.50
CA GLY I 3645 -54.34 -128.68 -17.66
C GLY I 3645 -53.49 -129.65 -18.44
N LYS I 3646 -53.77 -129.79 -19.74
CA LYS I 3646 -52.92 -130.59 -20.62
C LYS I 3646 -51.54 -129.93 -20.72
N GLY I 3647 -50.56 -130.54 -20.08
CA GLY I 3647 -49.24 -129.94 -20.00
C GLY I 3647 -49.23 -128.76 -19.05
N SER I 3657 -51.06 -122.83 -28.04
CA SER I 3657 -52.16 -123.07 -28.95
C SER I 3657 -52.98 -121.80 -29.19
N ASP I 3658 -54.12 -121.97 -29.87
CA ASP I 3658 -54.99 -120.84 -30.15
C ASP I 3658 -55.57 -120.25 -28.87
N PHE I 3659 -56.13 -121.11 -28.02
CA PHE I 3659 -56.67 -120.62 -26.75
C PHE I 3659 -55.55 -120.12 -25.83
N ASN I 3660 -54.33 -120.63 -26.01
CA ASN I 3660 -53.18 -120.04 -25.34
C ASN I 3660 -53.02 -118.58 -25.74
N ASP I 3661 -53.17 -118.26 -27.02
CA ASP I 3661 -53.07 -116.87 -27.46
C ASP I 3661 -54.26 -116.05 -26.99
N ILE I 3662 -55.45 -116.66 -26.97
CA ILE I 3662 -56.63 -115.96 -26.46
C ILE I 3662 -56.42 -115.55 -25.01
N THR I 3663 -55.96 -116.50 -24.19
CA THR I 3663 -55.66 -116.18 -22.79
C THR I 3663 -54.43 -115.28 -22.67
N ASN I 3664 -53.56 -115.27 -23.68
CA ASN I 3664 -52.48 -114.30 -23.72
C ASN I 3664 -53.03 -112.89 -23.75
N MET I 3665 -53.79 -112.57 -24.81
CA MET I 3665 -54.42 -111.26 -24.88
C MET I 3665 -55.38 -111.02 -23.71
N LEU I 3666 -55.86 -112.08 -23.07
CA LEU I 3666 -56.74 -111.90 -21.92
C LEU I 3666 -55.97 -111.43 -20.69
N LEU I 3667 -54.81 -112.04 -20.42
CA LEU I 3667 -54.13 -111.84 -19.15
C LEU I 3667 -53.08 -110.74 -19.22
N LEU I 3668 -52.19 -110.77 -20.22
CA LEU I 3668 -51.12 -109.77 -20.25
C LEU I 3668 -51.66 -108.37 -20.42
N LYS I 3669 -52.91 -108.21 -20.86
CA LYS I 3669 -53.49 -106.87 -20.94
C LYS I 3669 -53.90 -106.34 -19.57
N MET I 3670 -54.42 -107.19 -18.69
CA MET I 3670 -54.80 -106.71 -17.38
C MET I 3670 -53.58 -106.69 -16.47
N ASN I 3671 -53.73 -106.01 -15.33
CA ASN I 3671 -52.58 -105.58 -14.55
C ASN I 3671 -51.66 -104.78 -15.46
N LYS I 3672 -50.62 -105.42 -16.00
CA LYS I 3672 -49.78 -104.87 -17.05
C LYS I 3672 -49.19 -103.50 -16.69
N ASP I 3673 -49.15 -103.17 -15.40
CA ASP I 3673 -48.62 -101.90 -14.94
C ASP I 3673 -47.11 -101.83 -15.13
N SER I 3674 -46.61 -100.62 -15.26
CA SER I 3674 -45.18 -100.33 -15.21
C SER I 3674 -44.91 -99.91 -13.77
N LYS I 3675 -44.82 -100.91 -12.88
CA LYS I 3675 -44.90 -100.68 -11.47
C LYS I 3675 -43.56 -100.97 -10.78
N PRO I 3676 -43.04 -100.05 -9.99
CA PRO I 3676 -42.03 -100.42 -9.01
C PRO I 3676 -42.68 -100.77 -7.68
N PRO I 3677 -42.37 -101.92 -7.10
CA PRO I 3677 -42.79 -102.17 -5.71
C PRO I 3677 -42.07 -101.20 -4.79
N GLY I 3678 -42.39 -99.92 -4.93
CA GLY I 3678 -41.53 -98.85 -4.47
C GLY I 3678 -40.33 -98.76 -5.39
N ASN I 3679 -39.73 -97.57 -5.51
CA ASN I 3679 -38.46 -97.49 -6.24
C ASN I 3679 -37.42 -98.40 -5.61
N LEU I 3680 -37.68 -98.79 -4.35
CA LEU I 3680 -36.83 -99.83 -3.73
C LEU I 3680 -37.59 -101.11 -4.10
N LYS I 3681 -37.56 -101.51 -5.38
CA LYS I 3681 -38.35 -102.66 -5.91
C LYS I 3681 -38.03 -103.98 -5.19
N GLU I 3682 -38.55 -105.11 -5.71
CA GLU I 3682 -38.34 -106.42 -5.05
C GLU I 3682 -38.09 -107.56 -6.07
N CYS I 3683 -36.82 -107.84 -6.42
CA CYS I 3683 -36.37 -108.92 -7.34
C CYS I 3683 -34.84 -109.05 -7.42
N SER I 3684 -34.06 -108.07 -6.96
CA SER I 3684 -32.57 -108.15 -6.95
C SER I 3684 -32.00 -106.87 -6.32
N PRO I 3685 -31.77 -106.81 -4.99
CA PRO I 3685 -31.31 -105.60 -4.33
C PRO I 3685 -29.97 -105.67 -3.58
N TRP I 3686 -29.60 -104.57 -2.92
CA TRP I 3686 -28.37 -104.54 -2.09
C TRP I 3686 -28.55 -103.36 -1.13
N MET I 3687 -29.70 -102.68 -1.23
CA MET I 3687 -30.01 -101.53 -0.36
C MET I 3687 -31.45 -101.69 0.16
N SER I 3688 -32.31 -102.38 -0.61
CA SER I 3688 -33.69 -102.64 -0.12
C SER I 3688 -33.61 -103.68 1.00
N ASP I 3689 -33.89 -104.96 0.69
CA ASP I 3689 -33.69 -106.01 1.72
C ASP I 3689 -32.20 -106.05 2.02
N PHE I 3690 -31.79 -105.83 3.28
CA PHE I 3690 -30.35 -105.75 3.64
C PHE I 3690 -29.78 -104.41 3.14
N LYS I 3691 -29.45 -103.51 4.08
CA LYS I 3691 -28.95 -102.16 3.69
C LYS I 3691 -27.54 -102.27 3.10
N VAL I 3692 -27.09 -101.20 2.41
CA VAL I 3692 -25.73 -101.20 1.80
C VAL I 3692 -24.70 -101.57 2.87
N GLU I 3693 -24.02 -102.71 2.69
CA GLU I 3693 -22.97 -103.16 3.66
C GLU I 3693 -22.13 -104.26 2.99
N PHE I 3694 -20.92 -104.47 3.49
CA PHE I 3694 -20.06 -105.57 2.95
C PHE I 3694 -20.17 -106.77 3.89
N LEU I 3695 -21.04 -106.67 4.90
CA LEU I 3695 -21.24 -107.79 5.86
C LEU I 3695 -21.59 -109.06 5.09
N ARG I 3696 -22.58 -108.98 4.20
CA ARG I 3696 -22.93 -110.16 3.36
C ARG I 3696 -21.79 -110.41 2.38
N ASN I 3697 -21.47 -109.43 1.53
CA ASN I 3697 -20.38 -109.58 0.52
C ASN I 3697 -20.10 -108.25 -0.15
N GLU I 3698 -18.87 -108.03 -0.61
CA GLU I 3698 -18.57 -106.80 -1.40
C GLU I 3698 -19.18 -107.00 -2.78
N LEU I 3699 -20.51 -106.90 -2.90
CA LEU I 3699 -21.18 -107.16 -4.16
C LEU I 3699 -20.61 -106.27 -5.25
N GLU I 3700 -20.31 -106.86 -6.40
CA GLU I 3700 -19.44 -106.22 -7.36
C GLU I 3700 -19.81 -106.66 -8.77
N ILE I 3701 -19.41 -105.84 -9.74
CA ILE I 3701 -19.84 -105.93 -11.13
C ILE I 3701 -19.42 -107.27 -11.74
N PRO I 3702 -20.34 -108.00 -12.36
CA PRO I 3702 -19.96 -109.23 -13.07
C PRO I 3702 -19.09 -108.93 -14.28
N GLY I 3703 -18.20 -109.87 -14.58
CA GLY I 3703 -17.39 -109.81 -15.78
C GLY I 3703 -16.20 -108.89 -15.72
N GLN I 3704 -15.98 -108.21 -14.60
CA GLN I 3704 -14.88 -107.28 -14.45
C GLN I 3704 -13.73 -107.84 -13.63
N TYR I 3705 -13.87 -109.05 -13.10
CA TYR I 3705 -12.73 -109.83 -12.63
C TYR I 3705 -12.03 -110.58 -13.74
N ASP I 3706 -12.23 -110.18 -14.99
CA ASP I 3706 -11.60 -110.90 -16.09
C ASP I 3706 -10.11 -110.59 -16.13
N GLY I 3707 -9.31 -111.33 -15.36
CA GLY I 3707 -7.88 -111.14 -15.29
C GLY I 3707 -7.15 -112.34 -15.85
N ARG I 3708 -6.29 -112.08 -16.85
CA ARG I 3708 -5.57 -113.13 -17.55
C ARG I 3708 -4.45 -113.68 -16.65
N GLY I 3709 -4.86 -114.52 -15.70
CA GLY I 3709 -3.95 -115.09 -14.74
C GLY I 3709 -3.56 -114.18 -13.60
N LYS I 3710 -3.63 -112.87 -13.79
CA LYS I 3710 -3.28 -111.94 -12.71
C LYS I 3710 -4.33 -112.00 -11.61
N PRO I 3711 -3.92 -112.02 -10.35
CA PRO I 3711 -4.91 -112.00 -9.25
C PRO I 3711 -5.74 -110.74 -9.30
N LEU I 3712 -6.99 -110.90 -8.97
CA LEU I 3712 -7.84 -109.72 -9.00
C LEU I 3712 -7.84 -109.03 -7.63
N PRO I 3713 -7.99 -107.72 -7.59
CA PRO I 3713 -8.01 -107.01 -6.31
C PRO I 3713 -9.23 -107.39 -5.49
N GLU I 3714 -9.08 -107.24 -4.18
CA GLU I 3714 -10.17 -107.53 -3.25
C GLU I 3714 -11.07 -106.33 -3.07
N TYR I 3715 -10.48 -105.16 -2.83
CA TYR I 3715 -11.23 -103.91 -2.88
C TYR I 3715 -11.45 -103.43 -4.30
N HIS I 3716 -11.27 -104.33 -5.28
CA HIS I 3716 -11.55 -104.05 -6.67
C HIS I 3716 -12.88 -103.33 -6.83
N VAL I 3717 -12.99 -102.54 -7.90
CA VAL I 3717 -14.10 -101.60 -8.04
C VAL I 3717 -15.43 -102.31 -7.87
N ARG I 3718 -16.15 -101.94 -6.81
CA ARG I 3718 -17.33 -102.67 -6.37
C ARG I 3718 -18.50 -101.73 -6.14
N ILE I 3719 -19.56 -102.23 -5.51
CA ILE I 3719 -20.79 -101.48 -5.30
C ILE I 3719 -20.88 -101.10 -3.83
N ALA I 3720 -21.19 -99.83 -3.57
CA ALA I 3720 -21.56 -99.37 -2.24
C ALA I 3720 -22.35 -98.08 -2.41
N GLY I 3721 -23.63 -98.13 -2.10
CA GLY I 3721 -24.54 -97.06 -2.48
C GLY I 3721 -25.27 -97.40 -3.77
N PHE I 3722 -26.22 -96.54 -4.12
CA PHE I 3722 -27.06 -96.83 -5.27
C PHE I 3722 -27.71 -95.55 -5.78
N ASP I 3723 -27.60 -95.35 -7.09
CA ASP I 3723 -28.37 -94.33 -7.81
C ASP I 3723 -29.51 -94.96 -8.59
N GLU I 3724 -30.10 -96.03 -8.05
CA GLU I 3724 -31.11 -96.82 -8.75
C GLU I 3724 -32.42 -96.06 -8.85
N ARG I 3725 -32.82 -95.72 -10.07
CA ARG I 3725 -34.14 -95.20 -10.38
C ARG I 3725 -34.76 -96.04 -11.49
N VAL I 3726 -36.06 -95.87 -11.71
CA VAL I 3726 -36.76 -96.66 -12.72
C VAL I 3726 -36.42 -96.15 -14.11
N THR I 3727 -35.44 -96.79 -14.74
CA THR I 3727 -35.03 -96.50 -16.12
C THR I 3727 -35.09 -97.81 -16.90
N VAL I 3728 -36.28 -98.13 -17.38
CA VAL I 3728 -36.51 -99.36 -18.14
C VAL I 3728 -36.86 -98.96 -19.56
N MET I 3729 -35.94 -99.22 -20.48
CA MET I 3729 -36.22 -98.94 -21.88
C MET I 3729 -37.22 -99.96 -22.42
N ALA I 3730 -37.92 -99.58 -23.48
CA ALA I 3730 -38.99 -100.38 -24.05
C ALA I 3730 -38.47 -101.09 -25.29
N SER I 3731 -38.41 -102.42 -25.23
CA SER I 3731 -38.02 -103.24 -26.36
C SER I 3731 -38.51 -104.66 -26.11
N LEU I 3732 -38.14 -105.57 -27.02
CA LEU I 3732 -38.39 -106.98 -26.78
C LEU I 3732 -37.69 -107.46 -25.52
N ARG I 3733 -36.54 -106.86 -25.20
CA ARG I 3733 -35.76 -107.23 -24.03
C ARG I 3733 -36.10 -106.40 -22.79
N ARG I 3734 -36.89 -105.34 -22.95
CA ARG I 3734 -37.15 -104.39 -21.86
C ARG I 3734 -35.83 -103.96 -21.24
N PRO I 3735 -34.99 -103.19 -21.95
CA PRO I 3735 -33.69 -102.81 -21.41
C PRO I 3735 -33.80 -102.02 -20.11
N LYS I 3736 -33.30 -102.60 -19.03
CA LYS I 3736 -33.41 -102.01 -17.70
C LYS I 3736 -32.04 -101.44 -17.33
N ARG I 3737 -31.88 -100.13 -17.50
CA ARG I 3737 -30.61 -99.47 -17.22
C ARG I 3737 -30.52 -99.19 -15.73
N ILE I 3738 -30.17 -100.23 -14.96
CA ILE I 3738 -30.07 -100.09 -13.51
C ILE I 3738 -28.81 -99.30 -13.18
N ILE I 3739 -28.97 -98.27 -12.36
CA ILE I 3739 -27.91 -97.28 -12.14
C ILE I 3739 -27.23 -97.59 -10.82
N ILE I 3740 -25.96 -98.01 -10.89
CA ILE I 3740 -25.25 -98.58 -9.75
C ILE I 3740 -24.28 -97.53 -9.22
N ARG I 3741 -24.55 -97.00 -8.05
CA ARG I 3741 -23.55 -96.17 -7.37
C ARG I 3741 -22.55 -97.12 -6.75
N GLY I 3742 -21.42 -97.32 -7.42
CA GLY I 3742 -20.41 -98.26 -6.98
C GLY I 3742 -19.79 -97.92 -5.64
N HIS I 3743 -18.74 -98.65 -5.24
CA HIS I 3743 -18.17 -98.40 -3.91
C HIS I 3743 -17.71 -96.95 -3.80
N ASP I 3744 -17.34 -96.35 -4.93
CA ASP I 3744 -17.01 -94.94 -5.04
C ASP I 3744 -18.24 -94.05 -4.91
N GLU I 3745 -19.43 -94.64 -4.83
CA GLU I 3745 -20.72 -93.96 -4.80
C GLU I 3745 -21.05 -93.32 -6.14
N ARG I 3746 -20.18 -93.45 -7.14
CA ARG I 3746 -20.45 -92.94 -8.47
C ARG I 3746 -21.39 -93.89 -9.20
N GLU I 3747 -22.37 -93.32 -9.88
CA GLU I 3747 -23.38 -94.11 -10.56
C GLU I 3747 -22.78 -94.89 -11.71
N HIS I 3748 -23.17 -96.16 -11.83
CA HIS I 3748 -22.76 -97.02 -12.94
C HIS I 3748 -24.01 -97.66 -13.51
N PRO I 3749 -24.71 -96.96 -14.39
CA PRO I 3749 -25.92 -97.53 -14.98
C PRO I 3749 -25.62 -98.82 -15.73
N PHE I 3750 -26.42 -99.85 -15.48
CA PHE I 3750 -26.27 -101.16 -16.10
C PHE I 3750 -27.57 -101.51 -16.80
N LEU I 3751 -27.51 -101.73 -18.10
CA LEU I 3751 -28.70 -102.12 -18.84
C LEU I 3751 -28.99 -103.61 -18.60
N VAL I 3752 -30.26 -103.95 -18.42
CA VAL I 3752 -30.68 -105.32 -18.19
C VAL I 3752 -31.68 -105.70 -19.29
N LYS I 3753 -31.35 -106.75 -20.03
CA LYS I 3753 -32.18 -107.20 -21.14
C LYS I 3753 -33.28 -108.14 -20.65
N GLY I 3754 -33.91 -108.85 -21.57
CA GLY I 3754 -35.00 -109.75 -21.23
C GLY I 3754 -34.70 -111.22 -21.46
N GLY I 3755 -35.65 -111.94 -22.05
CA GLY I 3755 -35.54 -113.39 -22.18
C GLY I 3755 -35.15 -113.91 -23.54
N GLU I 3756 -33.90 -114.37 -23.68
CA GLU I 3756 -33.40 -115.00 -24.89
C GLU I 3756 -32.01 -115.54 -24.59
N ASP I 3757 -31.46 -116.28 -25.54
CA ASP I 3757 -30.12 -116.86 -25.38
C ASP I 3757 -29.10 -115.73 -25.49
N LEU I 3758 -28.95 -114.99 -24.40
CA LEU I 3758 -28.01 -113.87 -24.35
C LEU I 3758 -26.59 -114.31 -24.01
N ARG I 3759 -26.40 -115.57 -23.61
CA ARG I 3759 -25.05 -116.11 -23.55
C ARG I 3759 -24.39 -116.04 -24.91
N GLN I 3760 -25.18 -116.15 -25.99
CA GLN I 3760 -24.69 -115.88 -27.33
C GLN I 3760 -24.01 -114.52 -27.38
N ASP I 3761 -24.65 -113.50 -26.79
CA ASP I 3761 -24.06 -112.18 -26.75
C ASP I 3761 -22.79 -112.17 -25.92
N GLN I 3762 -22.75 -112.96 -24.85
CA GLN I 3762 -21.55 -113.06 -24.03
C GLN I 3762 -20.37 -113.59 -24.85
N ARG I 3763 -20.59 -114.69 -25.56
CA ARG I 3763 -19.54 -115.22 -26.44
C ARG I 3763 -19.17 -114.21 -27.51
N VAL I 3764 -20.16 -113.52 -28.08
CA VAL I 3764 -19.89 -112.56 -29.13
C VAL I 3764 -18.95 -111.47 -28.62
N GLU I 3765 -19.29 -110.89 -27.47
CA GLU I 3765 -18.47 -109.81 -26.91
C GLU I 3765 -17.10 -110.32 -26.50
N GLN I 3766 -17.04 -111.51 -25.89
CA GLN I 3766 -15.75 -112.05 -25.45
C GLN I 3766 -14.84 -112.27 -26.65
N LEU I 3767 -15.37 -112.91 -27.71
CA LEU I 3767 -14.58 -113.12 -28.91
C LEU I 3767 -14.17 -111.79 -29.53
N PHE I 3768 -15.09 -110.82 -29.53
CA PHE I 3768 -14.77 -109.51 -30.09
C PHE I 3768 -13.56 -108.91 -29.40
N GLN I 3769 -13.59 -108.87 -28.07
CA GLN I 3769 -12.41 -108.44 -27.33
C GLN I 3769 -11.20 -109.25 -27.75
N VAL I 3770 -11.36 -110.58 -27.82
CA VAL I 3770 -10.24 -111.48 -28.11
C VAL I 3770 -9.54 -111.07 -29.40
N MET I 3771 -10.25 -111.10 -30.52
CA MET I 3771 -9.50 -110.87 -31.75
C MET I 3771 -9.31 -109.38 -31.98
N ASN I 3772 -10.39 -108.60 -31.87
CA ASN I 3772 -10.27 -107.16 -32.17
C ASN I 3772 -9.12 -106.59 -31.32
N GLY I 3773 -9.04 -106.97 -30.04
CA GLY I 3773 -7.95 -106.51 -29.15
C GLY I 3773 -6.57 -106.89 -29.68
N ILE I 3774 -6.49 -107.82 -30.63
CA ILE I 3774 -5.20 -108.20 -31.28
C ILE I 3774 -5.44 -108.20 -32.80
N LEU I 3775 -5.96 -107.11 -33.36
CA LEU I 3775 -6.32 -107.10 -34.80
C LEU I 3775 -5.65 -105.94 -35.56
N ALA I 3776 -6.18 -104.73 -35.46
CA ALA I 3776 -5.63 -103.60 -36.26
C ALA I 3776 -5.84 -102.26 -35.54
N GLN I 3777 -4.81 -101.78 -34.84
CA GLN I 3777 -4.90 -100.45 -34.17
C GLN I 3777 -4.26 -99.44 -35.11
N ASP I 3778 -2.96 -99.60 -35.34
CA ASP I 3778 -2.32 -98.71 -36.29
C ASP I 3778 -1.74 -99.54 -37.41
N SER I 3779 -1.31 -98.87 -38.48
CA SER I 3779 -0.64 -99.57 -39.58
C SER I 3779 0.56 -100.36 -39.08
N ALA I 3780 1.45 -99.70 -38.34
CA ALA I 3780 2.55 -100.40 -37.69
C ALA I 3780 2.01 -101.39 -36.66
N CYS I 3781 0.95 -101.01 -35.95
CA CYS I 3781 0.33 -101.93 -35.00
C CYS I 3781 -0.50 -103.00 -35.69
N SER I 3782 -0.91 -102.79 -36.95
CA SER I 3782 -1.47 -103.88 -37.72
C SER I 3782 -0.38 -104.86 -38.12
N GLN I 3783 0.81 -104.35 -38.44
CA GLN I 3783 1.98 -105.21 -38.54
C GLN I 3783 2.17 -105.98 -37.23
N ARG I 3784 1.95 -105.30 -36.10
CA ARG I 3784 1.86 -105.97 -34.83
C ARG I 3784 0.55 -106.73 -34.66
N ALA I 3785 -0.51 -106.32 -35.35
CA ALA I 3785 -1.83 -106.92 -35.22
C ALA I 3785 -2.36 -106.80 -33.80
N LEU I 3786 -2.64 -105.54 -33.40
CA LEU I 3786 -3.16 -105.26 -32.08
C LEU I 3786 -4.34 -104.28 -32.13
N GLN I 3787 -5.27 -104.47 -31.18
CA GLN I 3787 -6.20 -103.44 -30.70
C GLN I 3787 -7.41 -103.16 -31.59
N LEU I 3788 -8.60 -103.31 -31.01
CA LEU I 3788 -9.78 -102.62 -31.51
C LEU I 3788 -10.77 -102.48 -30.37
N ARG I 3789 -11.39 -101.31 -30.29
CA ARG I 3789 -12.30 -101.01 -29.20
C ARG I 3789 -13.52 -101.93 -29.23
N THR I 3790 -13.76 -102.61 -28.11
CA THR I 3790 -14.78 -103.66 -28.04
C THR I 3790 -15.60 -103.46 -26.77
N TYR I 3791 -16.39 -104.46 -26.41
CA TYR I 3791 -17.29 -104.38 -25.28
C TYR I 3791 -17.49 -105.78 -24.70
N SER I 3792 -18.11 -105.83 -23.52
CA SER I 3792 -18.38 -107.09 -22.84
C SER I 3792 -19.79 -107.06 -22.25
N VAL I 3793 -20.47 -108.20 -22.28
CA VAL I 3793 -21.79 -108.36 -21.68
C VAL I 3793 -21.78 -109.59 -20.79
N VAL I 3794 -22.57 -109.55 -19.73
CA VAL I 3794 -22.60 -110.63 -18.74
C VAL I 3794 -24.04 -111.10 -18.49
N PRO I 3795 -24.60 -111.92 -19.37
CA PRO I 3795 -25.94 -112.46 -19.12
C PRO I 3795 -25.94 -113.42 -17.95
N MET I 3796 -27.10 -113.50 -17.28
CA MET I 3796 -27.27 -114.38 -16.14
C MET I 3796 -27.84 -115.74 -16.53
N THR I 3797 -28.94 -115.75 -17.28
CA THR I 3797 -29.58 -116.99 -17.68
C THR I 3797 -29.93 -116.95 -19.17
N SER I 3798 -30.67 -117.93 -19.64
CA SER I 3798 -31.25 -117.89 -20.98
C SER I 3798 -32.52 -117.05 -21.02
N ARG I 3799 -32.95 -116.51 -19.89
CA ARG I 3799 -34.10 -115.62 -19.82
C ARG I 3799 -33.75 -114.24 -19.28
N LEU I 3800 -32.46 -113.97 -19.05
CA LEU I 3800 -32.04 -112.66 -18.58
C LEU I 3800 -30.63 -112.37 -19.11
N GLY I 3801 -30.30 -111.09 -19.17
CA GLY I 3801 -28.97 -110.65 -19.53
C GLY I 3801 -28.59 -109.34 -18.89
N LEU I 3802 -27.45 -109.31 -18.21
CA LEU I 3802 -26.96 -108.11 -17.57
C LEU I 3802 -25.83 -107.52 -18.40
N ILE I 3803 -25.94 -106.24 -18.74
CA ILE I 3803 -24.88 -105.49 -19.39
C ILE I 3803 -24.73 -104.18 -18.66
N GLU I 3804 -23.72 -103.41 -19.07
CA GLU I 3804 -23.47 -102.10 -18.48
C GLU I 3804 -24.04 -101.02 -19.37
N TRP I 3805 -24.90 -100.18 -18.80
CA TRP I 3805 -25.52 -99.08 -19.53
C TRP I 3805 -24.52 -97.93 -19.57
N LEU I 3806 -23.91 -97.72 -20.73
CA LEU I 3806 -22.83 -96.74 -20.82
C LEU I 3806 -23.33 -95.33 -20.48
N GLU I 3807 -24.50 -94.96 -20.96
CA GLU I 3807 -25.15 -93.68 -20.70
C GLU I 3807 -24.35 -92.48 -21.22
N ASN I 3808 -23.26 -92.73 -21.96
CA ASN I 3808 -22.50 -91.66 -22.60
C ASN I 3808 -22.45 -91.87 -24.10
N THR I 3809 -23.37 -92.67 -24.63
CA THR I 3809 -23.43 -92.96 -26.05
C THR I 3809 -24.78 -92.57 -26.63
N VAL I 3810 -24.97 -92.87 -27.92
CA VAL I 3810 -26.20 -92.54 -28.62
C VAL I 3810 -26.22 -93.30 -29.94
N THR I 3811 -27.38 -93.78 -30.35
CA THR I 3811 -27.46 -94.38 -31.66
C THR I 3811 -27.28 -93.31 -32.73
N LEU I 3812 -26.84 -93.74 -33.90
CA LEU I 3812 -26.53 -92.79 -34.96
C LEU I 3812 -27.77 -91.99 -35.36
N LYS I 3813 -28.92 -92.67 -35.47
CA LYS I 3813 -30.14 -91.97 -35.85
C LYS I 3813 -30.51 -90.90 -34.84
N ASP I 3814 -30.38 -91.20 -33.55
CA ASP I 3814 -30.64 -90.18 -32.53
C ASP I 3814 -29.55 -89.11 -32.55
N LEU I 3815 -28.29 -89.52 -32.67
CA LEU I 3815 -27.21 -88.54 -32.69
C LEU I 3815 -27.34 -87.58 -33.85
N LEU I 3816 -28.06 -87.95 -34.90
CA LEU I 3816 -28.34 -86.97 -35.94
C LEU I 3816 -29.65 -86.24 -35.71
N LEU I 3817 -30.66 -86.93 -35.19
CA LEU I 3817 -32.00 -86.36 -35.07
C LEU I 3817 -31.99 -85.07 -34.25
N ASN I 3818 -31.04 -84.93 -33.35
CA ASN I 3818 -30.88 -83.72 -32.58
C ASN I 3818 -29.96 -82.69 -33.24
N THR I 3819 -29.41 -83.00 -34.42
CA THR I 3819 -28.47 -82.11 -35.09
C THR I 3819 -29.12 -81.23 -36.15
N MET I 3820 -29.92 -81.81 -37.04
CA MET I 3820 -30.54 -81.00 -38.08
C MET I 3820 -31.63 -80.14 -37.45
N SER I 3821 -32.32 -79.38 -38.30
CA SER I 3821 -33.56 -78.77 -37.89
C SER I 3821 -34.55 -79.89 -37.56
N GLN I 3822 -34.92 -80.02 -36.29
CA GLN I 3822 -35.70 -81.17 -35.85
C GLN I 3822 -37.04 -81.29 -36.57
N GLU I 3823 -37.58 -80.16 -37.03
CA GLU I 3823 -38.79 -80.23 -37.85
C GLU I 3823 -38.53 -80.97 -39.15
N GLU I 3824 -37.32 -80.82 -39.71
CA GLU I 3824 -36.94 -81.66 -40.83
C GLU I 3824 -36.89 -83.12 -40.42
N LYS I 3825 -36.30 -83.41 -39.26
CA LYS I 3825 -36.25 -84.79 -38.77
C LYS I 3825 -37.65 -85.39 -38.66
N ALA I 3826 -38.64 -84.58 -38.30
CA ALA I 3826 -40.00 -85.08 -38.22
C ALA I 3826 -40.60 -85.26 -39.61
N ALA I 3827 -40.75 -84.17 -40.35
CA ALA I 3827 -41.45 -84.23 -41.63
C ALA I 3827 -40.67 -85.03 -42.66
N TYR I 3828 -39.47 -84.55 -43.00
CA TYR I 3828 -38.66 -85.13 -44.06
C TYR I 3828 -38.45 -86.62 -43.87
N LEU I 3829 -38.32 -87.08 -42.63
CA LEU I 3829 -38.17 -88.49 -42.34
C LEU I 3829 -39.51 -89.16 -42.02
N SER I 3830 -40.60 -88.42 -42.06
CA SER I 3830 -41.93 -88.98 -41.89
C SER I 3830 -42.74 -88.94 -43.17
N ASP I 3831 -42.96 -87.75 -43.75
CA ASP I 3831 -43.79 -87.65 -44.93
C ASP I 3831 -43.08 -88.23 -46.16
N PRO I 3832 -41.93 -87.68 -46.61
CA PRO I 3832 -41.25 -88.27 -47.77
C PRO I 3832 -40.18 -89.29 -47.38
N ARG I 3833 -40.58 -90.30 -46.62
CA ARG I 3833 -39.65 -91.36 -46.22
C ARG I 3833 -40.03 -92.71 -46.82
N ALA I 3834 -41.21 -93.23 -46.53
CA ALA I 3834 -41.63 -94.51 -47.11
C ALA I 3834 -42.21 -94.36 -48.52
N PRO I 3835 -43.13 -93.43 -48.77
CA PRO I 3835 -43.76 -93.37 -50.12
C PRO I 3835 -42.76 -93.08 -51.23
N PRO I 3836 -42.02 -91.96 -51.18
CA PRO I 3836 -41.38 -91.51 -52.42
C PRO I 3836 -40.23 -92.39 -52.88
N CYS I 3837 -39.52 -93.01 -51.94
CA CYS I 3837 -38.36 -93.85 -52.26
C CYS I 3837 -38.58 -95.30 -51.90
N GLU I 3838 -38.97 -95.59 -50.66
CA GLU I 3838 -39.17 -96.97 -50.24
C GLU I 3838 -40.33 -97.63 -50.98
N TYR I 3839 -41.45 -96.93 -51.10
CA TYR I 3839 -42.59 -97.50 -51.80
C TYR I 3839 -42.51 -97.29 -53.31
N LYS I 3840 -41.57 -96.49 -53.81
CA LYS I 3840 -41.24 -96.55 -55.21
C LYS I 3840 -40.38 -97.77 -55.51
N ASP I 3841 -39.51 -98.13 -54.56
CA ASP I 3841 -38.75 -99.37 -54.67
C ASP I 3841 -39.68 -100.57 -54.65
N TRP I 3842 -40.59 -100.62 -53.68
CA TRP I 3842 -41.51 -101.76 -53.57
C TRP I 3842 -42.69 -101.60 -54.51
N LEU I 3843 -43.53 -100.60 -54.26
CA LEU I 3843 -44.78 -100.47 -55.00
C LEU I 3843 -44.61 -99.54 -56.21
N ASP I 3851 -46.50 -100.33 -49.63
CA ASP I 3851 -47.46 -101.41 -49.45
C ASP I 3851 -46.93 -102.45 -48.47
N VAL I 3852 -47.28 -102.27 -47.19
CA VAL I 3852 -46.87 -103.24 -46.17
C VAL I 3852 -47.54 -104.58 -46.44
N GLY I 3853 -46.86 -105.65 -46.02
CA GLY I 3853 -47.32 -106.99 -46.34
C GLY I 3853 -47.06 -107.32 -47.80
N ALA I 3854 -47.61 -106.49 -48.69
CA ALA I 3854 -47.31 -106.55 -50.12
C ALA I 3854 -45.93 -106.02 -50.43
N TYR I 3855 -45.15 -105.75 -49.38
CA TYR I 3855 -43.82 -105.21 -49.54
C TYR I 3855 -42.88 -106.21 -50.18
N MET I 3856 -42.89 -107.46 -49.69
CA MET I 3856 -41.98 -108.47 -50.21
C MET I 3856 -42.35 -108.84 -51.65
N LEU I 3857 -43.64 -109.11 -51.90
CA LEU I 3857 -44.08 -109.41 -53.25
C LEU I 3857 -43.93 -108.19 -54.17
N MET I 3858 -43.93 -106.99 -53.61
CA MET I 3858 -43.60 -105.81 -54.41
C MET I 3858 -42.14 -105.81 -54.79
N TYR I 3859 -41.27 -106.26 -53.88
CA TYR I 3859 -39.87 -106.47 -54.23
C TYR I 3859 -39.70 -107.62 -55.21
N LYS I 3860 -40.67 -108.54 -55.28
CA LYS I 3860 -40.66 -109.51 -56.37
C LYS I 3860 -40.73 -108.82 -57.72
N GLY I 3861 -41.28 -107.60 -57.75
CA GLY I 3861 -41.24 -106.76 -58.93
C GLY I 3861 -40.25 -105.63 -58.79
N ALA I 3862 -39.13 -105.88 -58.11
CA ALA I 3862 -38.07 -104.91 -57.93
C ALA I 3862 -36.81 -105.40 -58.66
N ASN I 3863 -36.07 -104.46 -59.23
CA ASN I 3863 -34.90 -104.79 -60.04
C ASN I 3863 -33.75 -103.87 -59.63
N ARG I 3864 -32.68 -103.92 -60.42
CA ARG I 3864 -31.45 -103.21 -60.07
C ARG I 3864 -31.59 -101.71 -60.29
N THR I 3865 -31.98 -101.29 -61.49
CA THR I 3865 -31.95 -99.87 -61.82
C THR I 3865 -33.09 -99.11 -61.13
N GLU I 3866 -34.26 -99.73 -61.01
CA GLU I 3866 -35.35 -99.03 -60.32
C GLU I 3866 -35.00 -98.82 -58.86
N THR I 3867 -34.33 -99.77 -58.23
CA THR I 3867 -33.91 -99.59 -56.84
C THR I 3867 -32.67 -98.72 -56.73
N VAL I 3868 -31.87 -98.60 -57.79
CA VAL I 3868 -30.82 -97.58 -57.81
C VAL I 3868 -31.45 -96.20 -57.74
N THR I 3869 -32.47 -95.98 -58.58
CA THR I 3869 -33.22 -94.73 -58.51
C THR I 3869 -33.92 -94.59 -57.17
N SER I 3870 -34.40 -95.70 -56.62
CA SER I 3870 -35.03 -95.67 -55.30
C SER I 3870 -34.06 -95.21 -54.24
N PHE I 3871 -32.83 -95.73 -54.25
CA PHE I 3871 -31.82 -95.31 -53.30
C PHE I 3871 -31.43 -93.85 -53.52
N ARG I 3872 -31.37 -93.43 -54.78
CA ARG I 3872 -31.17 -92.01 -55.05
C ARG I 3872 -32.26 -91.17 -54.40
N LYS I 3873 -33.48 -91.69 -54.40
CA LYS I 3873 -34.57 -91.01 -53.70
C LYS I 3873 -34.47 -91.18 -52.18
N ARG I 3874 -33.84 -92.26 -51.72
CA ARG I 3874 -33.52 -92.41 -50.30
C ARG I 3874 -32.64 -91.26 -49.85
N GLU I 3875 -31.65 -90.90 -50.69
CA GLU I 3875 -30.86 -89.70 -50.44
C GLU I 3875 -31.73 -88.47 -50.38
N SER I 3876 -32.86 -88.46 -51.08
CA SER I 3876 -33.83 -87.39 -50.97
C SER I 3876 -34.91 -87.71 -49.93
N LYS I 3877 -34.82 -88.84 -49.25
CA LYS I 3877 -35.68 -89.16 -48.12
C LYS I 3877 -34.99 -88.91 -46.78
N VAL I 3878 -33.79 -88.33 -46.80
CA VAL I 3878 -32.98 -88.15 -45.60
C VAL I 3878 -32.01 -87.00 -45.88
N PRO I 3879 -31.65 -86.18 -44.89
CA PRO I 3879 -30.67 -85.11 -45.14
C PRO I 3879 -29.29 -85.65 -45.50
N ALA I 3880 -28.37 -84.74 -45.81
CA ALA I 3880 -27.02 -85.13 -46.17
C ALA I 3880 -26.03 -84.12 -45.62
N ASP I 3881 -24.81 -84.59 -45.36
CA ASP I 3881 -23.66 -83.81 -44.93
C ASP I 3881 -23.83 -83.16 -43.56
N LEU I 3882 -24.99 -83.32 -42.91
CA LEU I 3882 -25.16 -82.80 -41.57
C LEU I 3882 -24.28 -83.52 -40.56
N LEU I 3883 -23.81 -84.72 -40.91
CA LEU I 3883 -22.82 -85.39 -40.09
C LEU I 3883 -21.59 -84.53 -39.93
N LYS I 3884 -21.15 -83.90 -41.03
CA LYS I 3884 -20.03 -82.97 -40.95
C LYS I 3884 -20.36 -81.78 -40.06
N ARG I 3885 -21.60 -81.31 -40.11
CA ARG I 3885 -22.01 -80.18 -39.26
C ARG I 3885 -21.88 -80.54 -37.79
N ALA I 3886 -22.44 -81.69 -37.41
CA ALA I 3886 -22.31 -82.15 -36.03
C ALA I 3886 -20.85 -82.35 -35.65
N PHE I 3887 -20.08 -82.92 -36.58
CA PHE I 3887 -18.67 -83.19 -36.31
C PHE I 3887 -17.90 -81.91 -36.04
N VAL I 3888 -18.12 -80.89 -36.86
CA VAL I 3888 -17.38 -79.65 -36.69
C VAL I 3888 -17.85 -78.90 -35.45
N ARG I 3889 -19.15 -78.96 -35.14
CA ARG I 3889 -19.60 -78.30 -33.92
C ARG I 3889 -19.09 -79.03 -32.69
N MET I 3890 -18.71 -80.30 -32.83
CA MET I 3890 -18.02 -80.99 -31.76
C MET I 3890 -16.51 -81.03 -31.96
N SER I 3891 -15.98 -80.36 -32.98
CA SER I 3891 -14.55 -80.35 -33.27
C SER I 3891 -13.97 -78.98 -32.92
N THR I 3892 -13.04 -78.97 -31.97
CA THR I 3892 -12.27 -77.76 -31.69
C THR I 3892 -10.99 -77.70 -32.51
N SER I 3893 -10.30 -78.82 -32.65
CA SER I 3893 -9.13 -78.94 -33.51
C SER I 3893 -9.50 -79.85 -34.67
N PRO I 3894 -9.52 -79.35 -35.90
CA PRO I 3894 -10.00 -80.18 -37.01
C PRO I 3894 -9.20 -81.46 -37.23
N GLU I 3895 -7.94 -81.49 -36.81
CA GLU I 3895 -7.07 -82.61 -37.15
C GLU I 3895 -7.03 -83.70 -36.08
N ALA I 3896 -7.08 -83.32 -34.79
CA ALA I 3896 -7.36 -84.33 -33.78
C ALA I 3896 -8.70 -84.99 -34.08
N PHE I 3897 -9.69 -84.16 -34.38
CA PHE I 3897 -10.89 -84.60 -35.08
C PHE I 3897 -10.58 -85.57 -36.22
N LEU I 3898 -9.70 -85.18 -37.12
CA LEU I 3898 -9.43 -85.97 -38.31
C LEU I 3898 -9.01 -87.38 -37.93
N ALA I 3899 -8.01 -87.48 -37.07
CA ALA I 3899 -7.54 -88.78 -36.62
C ALA I 3899 -8.67 -89.55 -35.93
N LEU I 3900 -9.44 -88.87 -35.08
CA LEU I 3900 -10.46 -89.54 -34.30
C LEU I 3900 -11.52 -90.17 -35.19
N ARG I 3901 -12.12 -89.37 -36.08
CA ARG I 3901 -13.20 -89.94 -36.86
C ARG I 3901 -12.69 -90.79 -38.01
N SER I 3902 -11.42 -90.63 -38.41
CA SER I 3902 -10.84 -91.57 -39.36
C SER I 3902 -10.72 -92.95 -38.74
N HIS I 3903 -10.18 -93.02 -37.52
CA HIS I 3903 -10.15 -94.30 -36.82
C HIS I 3903 -11.55 -94.81 -36.57
N PHE I 3904 -12.49 -93.90 -36.29
CA PHE I 3904 -13.87 -94.29 -36.10
C PHE I 3904 -14.44 -94.96 -37.35
N ALA I 3905 -14.21 -94.37 -38.51
CA ALA I 3905 -14.73 -94.92 -39.76
C ALA I 3905 -14.08 -96.26 -40.08
N SER I 3906 -12.75 -96.35 -39.90
CA SER I 3906 -12.08 -97.61 -40.16
C SER I 3906 -12.57 -98.71 -39.22
N SER I 3907 -12.74 -98.38 -37.94
CA SER I 3907 -13.26 -99.35 -36.97
C SER I 3907 -14.68 -99.75 -37.30
N HIS I 3908 -15.50 -98.80 -37.76
CA HIS I 3908 -16.85 -99.13 -38.17
C HIS I 3908 -16.84 -100.09 -39.36
N ALA I 3909 -15.94 -99.86 -40.32
CA ALA I 3909 -15.85 -100.74 -41.47
C ALA I 3909 -15.40 -102.15 -41.07
N LEU I 3910 -14.42 -102.23 -40.17
CA LEU I 3910 -14.00 -103.55 -39.70
C LEU I 3910 -15.11 -104.24 -38.90
N ILE I 3911 -15.87 -103.45 -38.14
CA ILE I 3911 -17.05 -103.98 -37.46
C ILE I 3911 -18.04 -104.51 -38.47
N CYS I 3912 -18.20 -103.80 -39.59
CA CYS I 3912 -19.14 -104.22 -40.62
C CYS I 3912 -18.71 -105.53 -41.26
N ILE I 3913 -17.42 -105.70 -41.54
CA ILE I 3913 -16.99 -106.98 -42.08
C ILE I 3913 -17.10 -108.07 -41.01
N SER I 3914 -16.92 -107.73 -39.74
CA SER I 3914 -17.20 -108.70 -38.70
C SER I 3914 -18.67 -109.11 -38.71
N HIS I 3915 -19.56 -108.14 -38.93
CA HIS I 3915 -20.98 -108.43 -39.11
C HIS I 3915 -21.19 -109.41 -40.26
N TRP I 3916 -20.53 -109.13 -41.39
CA TRP I 3916 -20.58 -110.04 -42.53
C TRP I 3916 -20.13 -111.44 -42.13
N ILE I 3917 -19.08 -111.51 -41.32
CA ILE I 3917 -18.57 -112.79 -40.85
C ILE I 3917 -19.62 -113.51 -40.01
N LEU I 3918 -20.35 -112.76 -39.19
CA LEU I 3918 -21.33 -113.34 -38.28
C LEU I 3918 -22.74 -113.35 -38.87
N GLY I 3919 -23.21 -112.21 -39.36
CA GLY I 3919 -24.59 -112.08 -39.77
C GLY I 3919 -25.43 -111.48 -38.66
N ILE I 3920 -24.84 -110.55 -37.92
CA ILE I 3920 -25.52 -109.93 -36.80
C ILE I 3920 -26.66 -109.05 -37.29
N GLY I 3921 -27.80 -109.10 -36.60
CA GLY I 3921 -28.99 -108.42 -37.03
C GLY I 3921 -29.11 -106.95 -36.64
N ASP I 3922 -28.22 -106.12 -37.16
CA ASP I 3922 -28.36 -104.66 -37.02
C ASP I 3922 -28.97 -104.08 -38.30
N ARG I 3923 -30.27 -104.35 -38.45
CA ARG I 3923 -30.97 -104.02 -39.70
C ARG I 3923 -30.92 -102.53 -39.98
N HIS I 3924 -31.32 -101.72 -39.00
CA HIS I 3924 -31.36 -100.29 -39.19
C HIS I 3924 -30.17 -99.61 -38.53
N LEU I 3925 -29.94 -98.37 -38.92
CA LEU I 3925 -28.89 -97.57 -38.29
C LEU I 3925 -29.26 -97.21 -36.86
N ASN I 3926 -30.55 -97.20 -36.54
CA ASN I 3926 -30.96 -97.02 -35.14
C ASN I 3926 -30.36 -98.11 -34.27
N ASN I 3927 -30.19 -99.31 -34.80
CA ASN I 3927 -29.49 -100.35 -34.06
C ASN I 3927 -28.09 -99.90 -33.68
N PHE I 3928 -27.33 -99.43 -34.67
CA PHE I 3928 -25.93 -99.09 -34.44
C PHE I 3928 -25.81 -97.95 -33.45
N MET I 3929 -24.85 -98.07 -32.53
CA MET I 3929 -24.60 -97.09 -31.50
C MET I 3929 -23.30 -96.34 -31.80
N VAL I 3930 -23.18 -95.16 -31.20
CA VAL I 3930 -21.97 -94.36 -31.28
C VAL I 3930 -21.87 -93.49 -30.04
N ALA I 3931 -20.73 -93.50 -29.38
CA ALA I 3931 -20.58 -92.70 -28.17
C ALA I 3931 -20.53 -91.23 -28.54
N MET I 3932 -21.51 -90.46 -28.05
CA MET I 3932 -21.50 -89.03 -28.29
C MET I 3932 -20.23 -88.39 -27.74
N GLU I 3933 -19.63 -88.98 -26.72
CA GLU I 3933 -18.42 -88.42 -26.15
C GLU I 3933 -17.24 -88.48 -27.13
N THR I 3934 -16.98 -89.65 -27.71
CA THR I 3934 -15.83 -89.80 -28.59
C THR I 3934 -16.06 -90.74 -29.77
N GLY I 3935 -17.27 -91.26 -29.96
CA GLY I 3935 -17.51 -92.20 -31.03
C GLY I 3935 -17.20 -93.64 -30.70
N GLY I 3936 -17.17 -93.99 -29.42
CA GLY I 3936 -16.96 -95.39 -29.05
C GLY I 3936 -18.03 -96.29 -29.66
N VAL I 3937 -17.60 -97.50 -30.00
CA VAL I 3937 -18.39 -98.42 -30.81
C VAL I 3937 -18.64 -99.71 -30.03
N ILE I 3938 -19.89 -100.16 -30.05
CA ILE I 3938 -20.31 -101.42 -29.44
C ILE I 3938 -21.29 -102.09 -30.39
N GLY I 3939 -21.23 -103.42 -30.45
CA GLY I 3939 -22.15 -104.16 -31.29
C GLY I 3939 -23.57 -104.14 -30.75
N ILE I 3940 -24.53 -104.38 -31.65
CA ILE I 3940 -25.94 -104.35 -31.29
C ILE I 3940 -26.63 -105.55 -31.91
N ASP I 3941 -27.60 -106.11 -31.17
CA ASP I 3941 -28.62 -107.01 -31.73
C ASP I 3941 -28.00 -108.23 -32.40
N PHE I 3942 -27.36 -109.06 -31.58
CA PHE I 3942 -26.77 -110.30 -32.08
C PHE I 3942 -27.84 -111.39 -32.15
N GLY I 3943 -28.97 -111.08 -32.77
CA GLY I 3943 -30.04 -112.05 -32.91
C GLY I 3943 -29.90 -113.00 -34.07
N HIS I 3944 -28.86 -112.82 -34.89
CA HIS I 3944 -28.63 -113.70 -36.02
C HIS I 3944 -27.13 -113.93 -36.17
N ALA I 3945 -26.78 -115.16 -36.54
CA ALA I 3945 -25.38 -115.55 -36.65
C ALA I 3945 -25.29 -116.75 -37.59
N PHE I 3946 -24.05 -117.07 -37.97
CA PHE I 3946 -23.77 -118.16 -38.90
C PHE I 3946 -24.51 -117.98 -40.22
N GLY I 3947 -24.50 -116.74 -40.72
CA GLY I 3947 -25.17 -116.44 -41.98
C GLY I 3947 -26.68 -116.32 -41.88
N SER I 3948 -27.21 -116.00 -40.70
CA SER I 3948 -28.64 -115.87 -40.50
C SER I 3948 -29.12 -114.42 -40.49
N ALA I 3949 -28.26 -113.47 -40.89
CA ALA I 3949 -28.70 -112.09 -41.01
C ALA I 3949 -29.88 -111.98 -41.96
N THR I 3950 -29.82 -112.70 -43.09
CA THR I 3950 -30.98 -112.93 -43.95
C THR I 3950 -31.04 -114.44 -44.26
N GLN I 3951 -31.62 -115.18 -43.31
CA GLN I 3951 -31.88 -116.60 -43.50
C GLN I 3951 -33.29 -117.01 -43.10
N PHE I 3952 -33.91 -116.30 -42.17
CA PHE I 3952 -35.29 -116.58 -41.77
C PHE I 3952 -36.07 -115.28 -41.56
N LEU I 3953 -35.56 -114.17 -42.05
CA LEU I 3953 -36.13 -112.86 -41.73
C LEU I 3953 -37.46 -112.68 -42.45
N PRO I 3954 -38.53 -112.33 -41.74
CA PRO I 3954 -39.81 -112.06 -42.41
C PRO I 3954 -39.72 -110.91 -43.40
N VAL I 3955 -38.91 -109.90 -43.10
CA VAL I 3955 -38.70 -108.78 -44.01
C VAL I 3955 -37.33 -108.95 -44.67
N PRO I 3956 -37.15 -108.49 -45.90
CA PRO I 3956 -35.85 -108.64 -46.56
C PRO I 3956 -34.77 -107.87 -45.81
N GLU I 3957 -33.57 -108.46 -45.75
CA GLU I 3957 -32.38 -107.82 -45.17
C GLU I 3957 -31.23 -108.05 -46.14
N LEU I 3958 -31.18 -107.26 -47.21
CA LEU I 3958 -30.18 -107.52 -48.29
C LEU I 3958 -28.81 -106.99 -47.90
N MET I 3959 -28.54 -106.80 -46.62
CA MET I 3959 -27.26 -106.17 -46.23
C MET I 3959 -26.24 -107.21 -45.73
N PRO I 3960 -25.05 -107.30 -46.33
CA PRO I 3960 -23.98 -108.14 -45.78
C PRO I 3960 -23.49 -107.23 -44.64
N PHE I 3961 -23.60 -105.91 -44.83
CA PHE I 3961 -23.22 -104.92 -43.78
C PHE I 3961 -23.90 -103.59 -44.15
N ARG I 3962 -24.37 -102.84 -43.14
CA ARG I 3962 -25.06 -101.58 -43.40
C ARG I 3962 -24.11 -100.53 -43.95
N LEU I 3963 -24.54 -99.87 -45.02
CA LEU I 3963 -23.73 -98.88 -45.73
C LEU I 3963 -24.40 -97.52 -45.71
N THR I 3964 -24.83 -97.07 -44.53
CA THR I 3964 -25.56 -95.80 -44.42
C THR I 3964 -24.80 -94.68 -45.12
N ARG I 3965 -25.54 -93.88 -45.89
CA ARG I 3965 -24.92 -92.86 -46.73
C ARG I 3965 -24.20 -91.81 -45.91
N GLN I 3966 -24.69 -91.52 -44.70
CA GLN I 3966 -24.04 -90.52 -43.87
C GLN I 3966 -22.64 -90.97 -43.47
N PHE I 3967 -22.47 -92.26 -43.20
CA PHE I 3967 -21.14 -92.76 -42.92
C PHE I 3967 -20.18 -92.48 -44.06
N ILE I 3968 -20.70 -92.36 -45.28
CA ILE I 3968 -19.88 -91.96 -46.41
C ILE I 3968 -19.75 -90.44 -46.45
N ASN I 3969 -20.80 -89.74 -46.08
CA ASN I 3969 -20.87 -88.28 -46.16
C ASN I 3969 -20.28 -87.60 -44.93
N LEU I 3970 -19.55 -88.35 -44.09
CA LEU I 3970 -18.85 -87.72 -42.99
C LEU I 3970 -17.94 -86.60 -43.51
N MET I 3971 -17.32 -86.83 -44.66
CA MET I 3971 -16.63 -85.79 -45.41
C MET I 3971 -16.57 -86.25 -46.85
N LEU I 3972 -16.96 -85.37 -47.77
CA LEU I 3972 -17.16 -85.78 -49.16
C LEU I 3972 -15.91 -86.33 -49.83
N PRO I 3973 -14.74 -85.71 -49.70
CA PRO I 3973 -13.59 -86.18 -50.50
C PRO I 3973 -13.18 -87.62 -50.27
N MET I 3974 -13.52 -88.23 -49.13
CA MET I 3974 -13.14 -89.62 -48.91
C MET I 3974 -13.90 -90.52 -49.89
N LYS I 3975 -13.16 -91.37 -50.59
CA LYS I 3975 -13.75 -92.35 -51.49
C LYS I 3975 -13.97 -93.71 -50.82
N GLU I 3976 -13.61 -93.82 -49.54
CA GLU I 3976 -13.71 -95.08 -48.79
C GLU I 3976 -12.81 -96.15 -49.38
N THR I 3977 -12.09 -95.82 -50.44
CA THR I 3977 -11.13 -96.72 -51.06
C THR I 3977 -9.73 -96.53 -50.51
N GLY I 3978 -9.56 -95.65 -49.53
CA GLY I 3978 -8.25 -95.33 -49.04
C GLY I 3978 -7.89 -95.99 -47.72
N LEU I 3979 -7.98 -95.23 -46.64
CA LEU I 3979 -7.41 -95.67 -45.37
C LEU I 3979 -8.07 -96.95 -44.87
N MET I 3980 -9.39 -96.96 -44.76
CA MET I 3980 -10.06 -98.15 -44.23
C MET I 3980 -9.95 -99.31 -45.18
N TYR I 3981 -9.86 -99.04 -46.49
CA TYR I 3981 -9.60 -100.10 -47.45
C TYR I 3981 -8.34 -100.85 -47.05
N SER I 3982 -7.25 -100.11 -46.86
CA SER I 3982 -6.01 -100.73 -46.40
C SER I 3982 -6.18 -101.35 -45.02
N ILE I 3983 -7.05 -100.78 -44.19
CA ILE I 3983 -7.25 -101.34 -42.85
C ILE I 3983 -7.81 -102.74 -42.93
N MET I 3984 -8.86 -102.93 -43.72
CA MET I 3984 -9.40 -104.27 -43.87
C MET I 3984 -8.46 -105.17 -44.66
N VAL I 3985 -7.65 -104.60 -45.54
CA VAL I 3985 -6.61 -105.41 -46.17
C VAL I 3985 -5.66 -105.96 -45.13
N HIS I 3986 -5.24 -105.11 -44.19
CA HIS I 3986 -4.44 -105.57 -43.05
C HIS I 3986 -5.18 -106.61 -42.25
N ALA I 3987 -6.48 -106.39 -42.03
CA ALA I 3987 -7.27 -107.31 -41.22
C ALA I 3987 -7.27 -108.70 -41.84
N LEU I 3988 -7.66 -108.79 -43.11
CA LEU I 3988 -7.66 -110.08 -43.78
C LEU I 3988 -6.26 -110.65 -43.89
N ARG I 3989 -5.25 -109.78 -43.99
CA ARG I 3989 -3.88 -110.25 -43.91
C ARG I 3989 -3.60 -110.93 -42.58
N ALA I 3990 -4.23 -110.45 -41.51
CA ALA I 3990 -4.10 -111.03 -40.18
C ALA I 3990 -5.19 -112.06 -39.88
N PHE I 3991 -6.02 -112.40 -40.86
CA PHE I 3991 -7.10 -113.36 -40.67
C PHE I 3991 -6.68 -114.78 -41.03
N ARG I 3992 -5.41 -115.12 -40.79
CA ARG I 3992 -4.86 -116.40 -41.26
C ARG I 3992 -5.26 -117.56 -40.36
N SER I 3993 -4.85 -117.52 -39.09
CA SER I 3993 -4.99 -118.66 -38.20
C SER I 3993 -6.16 -118.53 -37.23
N ASP I 3994 -7.19 -117.77 -37.60
CA ASP I 3994 -8.35 -117.65 -36.72
C ASP I 3994 -9.30 -118.85 -36.70
N PRO I 3995 -9.44 -119.68 -37.75
CA PRO I 3995 -10.40 -120.78 -37.63
C PRO I 3995 -9.97 -121.80 -36.58
N GLY I 3996 -8.67 -121.92 -36.34
CA GLY I 3996 -8.15 -122.79 -35.30
C GLY I 3996 -8.60 -122.40 -33.91
N LEU I 3997 -9.14 -121.20 -33.75
CA LEU I 3997 -9.74 -120.77 -32.50
C LEU I 3997 -11.22 -120.51 -32.64
N LEU I 3998 -11.64 -119.77 -33.67
CA LEU I 3998 -13.04 -119.39 -33.81
C LEU I 3998 -13.93 -120.62 -33.91
N THR I 3999 -13.81 -121.35 -35.01
CA THR I 3999 -14.59 -122.57 -35.18
C THR I 3999 -14.35 -123.53 -34.03
N ASN I 4000 -13.20 -123.40 -33.37
CA ASN I 4000 -12.94 -124.17 -32.16
C ASN I 4000 -13.50 -123.52 -30.90
N THR I 4001 -14.05 -122.31 -30.98
CA THR I 4001 -14.60 -121.68 -29.78
C THR I 4001 -16.12 -121.55 -29.79
N MET I 4002 -16.76 -121.03 -30.85
CA MET I 4002 -18.20 -120.92 -30.73
C MET I 4002 -18.86 -122.29 -30.80
N ASP I 4003 -18.21 -123.24 -31.47
CA ASP I 4003 -18.64 -124.63 -31.48
C ASP I 4003 -18.04 -125.43 -30.34
N VAL I 4004 -17.26 -124.80 -29.47
CA VAL I 4004 -16.61 -125.53 -28.38
C VAL I 4004 -17.64 -126.10 -27.43
N PHE I 4005 -18.62 -125.29 -27.03
CA PHE I 4005 -19.56 -125.69 -25.98
C PHE I 4005 -20.84 -126.30 -26.53
N VAL I 4006 -21.62 -125.54 -27.29
CA VAL I 4006 -22.93 -126.00 -27.73
C VAL I 4006 -23.09 -125.69 -29.22
N LYS I 4007 -22.17 -124.88 -29.75
CA LYS I 4007 -22.24 -124.39 -31.13
C LYS I 4007 -23.49 -123.51 -31.33
N GLU I 4008 -23.59 -122.49 -30.48
CA GLU I 4008 -24.59 -121.42 -30.56
C GLU I 4008 -26.01 -121.96 -30.64
N PRO I 4009 -26.57 -122.43 -29.53
CA PRO I 4009 -27.94 -122.94 -29.55
C PRO I 4009 -28.97 -121.84 -29.72
N SER I 4010 -30.12 -122.21 -30.26
CA SER I 4010 -31.34 -121.39 -30.20
C SER I 4010 -31.20 -120.04 -30.90
N PHE I 4011 -30.07 -119.78 -31.54
CA PHE I 4011 -29.89 -118.51 -32.23
C PHE I 4011 -30.54 -118.50 -33.61
N ASP I 4012 -30.97 -119.65 -34.11
CA ASP I 4012 -31.52 -119.76 -35.44
C ASP I 4012 -32.88 -120.43 -35.50
N TRP I 4013 -33.25 -121.23 -34.49
CA TRP I 4013 -34.60 -121.78 -34.45
C TRP I 4013 -35.62 -120.69 -34.18
N LYS I 4014 -35.32 -119.76 -33.28
CA LYS I 4014 -36.19 -118.64 -32.97
C LYS I 4014 -35.97 -117.46 -33.90
N ASN I 4015 -34.95 -117.51 -34.76
CA ASN I 4015 -34.64 -116.38 -35.63
C ASN I 4015 -34.45 -116.83 -37.08
N TRP I 4038 -32.80 -126.26 -37.30
CA TRP I 4038 -31.45 -126.01 -37.79
C TRP I 4038 -30.47 -127.01 -37.19
N TYR I 4039 -29.25 -127.03 -37.72
CA TYR I 4039 -28.23 -127.95 -37.25
C TYR I 4039 -26.97 -127.16 -36.89
N PRO I 4040 -26.41 -127.36 -35.70
CA PRO I 4040 -25.12 -126.74 -35.38
C PRO I 4040 -24.02 -127.18 -36.32
N ARG I 4041 -24.09 -128.39 -36.85
CA ARG I 4041 -23.15 -128.79 -37.90
C ARG I 4041 -23.30 -127.90 -39.12
N GLN I 4042 -24.54 -127.58 -39.49
CA GLN I 4042 -24.77 -126.63 -40.57
C GLN I 4042 -24.20 -125.26 -40.23
N LYS I 4043 -24.39 -124.82 -38.98
CA LYS I 4043 -23.93 -123.49 -38.59
C LYS I 4043 -22.41 -123.40 -38.67
N ILE I 4044 -21.72 -124.43 -38.16
CA ILE I 4044 -20.26 -124.42 -38.23
C ILE I 4044 -19.80 -124.60 -39.66
N CYS I 4045 -20.56 -125.31 -40.49
CA CYS I 4045 -20.23 -125.39 -41.90
C CYS I 4045 -20.27 -124.01 -42.55
N TYR I 4046 -21.32 -123.25 -42.26
CA TYR I 4046 -21.42 -121.88 -42.79
C TYR I 4046 -20.27 -121.02 -42.27
N ALA I 4047 -19.96 -121.16 -40.98
CA ALA I 4047 -18.88 -120.37 -40.39
C ALA I 4047 -17.55 -120.68 -41.05
N LYS I 4048 -17.26 -121.97 -41.27
CA LYS I 4048 -16.02 -122.34 -41.94
C LYS I 4048 -15.99 -121.84 -43.38
N ARG I 4049 -17.12 -121.94 -44.09
CA ARG I 4049 -17.17 -121.47 -45.47
C ARG I 4049 -16.87 -119.97 -45.53
N LYS I 4050 -17.52 -119.19 -44.66
CA LYS I 4050 -17.26 -117.76 -44.62
C LYS I 4050 -15.87 -117.43 -44.10
N LEU I 4051 -15.27 -118.35 -43.34
CA LEU I 4051 -14.01 -118.07 -42.66
C LEU I 4051 -12.79 -118.54 -43.45
N ALA I 4052 -12.93 -119.58 -44.25
CA ALA I 4052 -11.82 -120.09 -45.04
C ALA I 4052 -11.52 -119.23 -46.26
N GLY I 4053 -12.05 -118.02 -46.33
CA GLY I 4053 -11.89 -117.20 -47.52
C GLY I 4053 -13.07 -117.41 -48.44
N ALA I 4054 -13.97 -116.45 -48.50
CA ALA I 4054 -15.23 -116.63 -49.20
C ALA I 4054 -15.61 -115.38 -49.97
N ASN I 4055 -16.34 -115.57 -51.05
CA ASN I 4055 -16.89 -114.46 -51.80
C ASN I 4055 -18.05 -113.86 -51.01
N PRO I 4056 -18.03 -112.57 -50.69
CA PRO I 4056 -19.19 -111.97 -50.03
C PRO I 4056 -20.48 -112.14 -50.83
N ALA I 4057 -20.38 -112.08 -52.16
CA ALA I 4057 -21.57 -112.27 -52.99
C ALA I 4057 -22.11 -113.70 -52.84
N VAL I 4058 -21.23 -114.69 -52.91
CA VAL I 4058 -21.66 -116.07 -52.81
C VAL I 4058 -22.25 -116.35 -51.44
N ILE I 4059 -21.59 -115.87 -50.39
CA ILE I 4059 -22.09 -116.08 -49.04
C ILE I 4059 -23.45 -115.42 -48.87
N THR I 4060 -23.60 -114.18 -49.34
CA THR I 4060 -24.86 -113.48 -49.18
C THR I 4060 -25.98 -114.19 -49.94
N CYS I 4061 -25.69 -114.64 -51.17
CA CYS I 4061 -26.72 -115.31 -51.96
C CYS I 4061 -27.12 -116.64 -51.35
N ASP I 4062 -26.15 -117.41 -50.85
CA ASP I 4062 -26.51 -118.70 -50.26
C ASP I 4062 -27.27 -118.51 -48.95
N GLU I 4063 -26.90 -117.49 -48.17
CA GLU I 4063 -27.66 -117.19 -46.96
C GLU I 4063 -29.09 -116.77 -47.31
N LEU I 4064 -29.25 -115.94 -48.33
CA LEU I 4064 -30.57 -115.52 -48.79
C LEU I 4064 -31.40 -116.72 -49.20
N LEU I 4065 -30.99 -117.42 -50.25
CA LEU I 4065 -31.80 -118.50 -50.79
C LEU I 4065 -32.09 -119.56 -49.75
N LEU I 4066 -31.18 -119.75 -48.79
CA LEU I 4066 -31.44 -120.64 -47.67
C LEU I 4066 -32.44 -119.97 -46.74
N GLY I 4067 -33.71 -120.34 -46.86
CA GLY I 4067 -34.75 -119.79 -46.04
C GLY I 4067 -35.58 -118.69 -46.68
N HIS I 4068 -34.99 -117.94 -47.61
CA HIS I 4068 -35.75 -116.93 -48.36
C HIS I 4068 -35.99 -117.37 -49.80
N GLU I 4069 -35.73 -118.64 -50.12
CA GLU I 4069 -36.08 -119.15 -51.44
C GLU I 4069 -37.58 -119.05 -51.68
N LYS I 4070 -38.38 -119.24 -50.64
CA LYS I 4070 -39.82 -119.04 -50.75
C LYS I 4070 -40.20 -117.57 -50.69
N ALA I 4071 -39.29 -116.71 -50.25
CA ALA I 4071 -39.59 -115.28 -50.19
C ALA I 4071 -39.64 -114.70 -51.61
N PRO I 4072 -40.46 -113.66 -51.83
CA PRO I 4072 -40.53 -113.06 -53.16
C PRO I 4072 -39.20 -112.45 -53.57
N ALA I 4073 -38.94 -112.46 -54.86
CA ALA I 4073 -37.68 -111.97 -55.44
C ALA I 4073 -36.48 -112.75 -54.90
N PHE I 4074 -36.69 -114.01 -54.54
CA PHE I 4074 -35.58 -114.84 -54.07
C PHE I 4074 -34.47 -114.89 -55.10
N ARG I 4075 -34.84 -115.13 -56.37
CA ARG I 4075 -33.85 -115.04 -57.44
C ARG I 4075 -33.27 -113.64 -57.53
N ASP I 4076 -34.12 -112.62 -57.44
CA ASP I 4076 -33.62 -111.24 -57.45
C ASP I 4076 -32.73 -110.97 -56.25
N TYR I 4077 -33.12 -111.47 -55.08
CA TYR I 4077 -32.31 -111.23 -53.88
C TYR I 4077 -30.93 -111.86 -54.02
N VAL I 4078 -30.87 -113.13 -54.41
CA VAL I 4078 -29.57 -113.78 -54.54
C VAL I 4078 -28.78 -113.18 -55.70
N ALA I 4079 -29.46 -112.66 -56.72
CA ALA I 4079 -28.76 -112.02 -57.83
C ALA I 4079 -28.08 -110.74 -57.38
N VAL I 4080 -28.82 -109.85 -56.71
CA VAL I 4080 -28.22 -108.62 -56.22
C VAL I 4080 -27.20 -108.92 -55.13
N ALA I 4081 -27.34 -110.05 -54.44
CA ALA I 4081 -26.26 -110.52 -53.58
C ALA I 4081 -25.01 -110.79 -54.40
N ARG I 4082 -25.16 -111.54 -55.49
CA ARG I 4082 -24.08 -111.70 -56.46
C ARG I 4082 -23.76 -110.40 -57.19
N GLY I 4083 -24.66 -109.41 -57.13
CA GLY I 4083 -24.43 -108.12 -57.74
C GLY I 4083 -25.64 -107.58 -58.48
N SER I 4084 -25.78 -106.26 -58.46
CA SER I 4084 -26.86 -105.59 -59.18
C SER I 4084 -26.49 -105.34 -60.64
N LYS I 4085 -25.38 -104.65 -60.87
CA LYS I 4085 -24.93 -104.31 -62.21
C LYS I 4085 -23.76 -105.20 -62.60
N ASP I 4086 -23.24 -104.99 -63.82
CA ASP I 4086 -22.10 -105.78 -64.28
C ASP I 4086 -20.91 -105.65 -63.35
N HIS I 4087 -20.57 -104.40 -63.00
CA HIS I 4087 -19.52 -104.10 -62.04
C HIS I 4087 -19.94 -104.52 -60.65
N ASN I 4088 -21.10 -105.15 -60.54
CA ASN I 4088 -21.52 -105.82 -59.32
C ASN I 4088 -21.73 -107.31 -59.52
N ILE I 4089 -22.37 -107.73 -60.62
CA ILE I 4089 -22.60 -109.15 -60.84
C ILE I 4089 -21.30 -109.90 -61.10
N ARG I 4090 -20.21 -109.20 -61.39
CA ARG I 4090 -18.93 -109.91 -61.52
C ARG I 4090 -18.46 -110.48 -60.19
N ALA I 4091 -19.09 -110.10 -59.08
CA ALA I 4091 -18.69 -110.59 -57.77
C ALA I 4091 -18.80 -112.09 -57.65
N GLN I 4092 -19.68 -112.72 -58.44
CA GLN I 4092 -19.82 -114.17 -58.37
C GLN I 4092 -18.56 -114.87 -58.86
N GLU I 4093 -17.80 -114.23 -59.74
CA GLU I 4093 -16.62 -114.87 -60.32
C GLU I 4093 -15.57 -115.23 -59.27
N PRO I 4094 -15.12 -114.33 -58.39
CA PRO I 4094 -14.16 -114.79 -57.36
C PRO I 4094 -14.87 -115.47 -56.19
N GLU I 4095 -15.54 -116.58 -56.52
CA GLU I 4095 -16.39 -117.26 -55.56
C GLU I 4095 -15.55 -117.99 -54.52
N SER I 4096 -15.97 -117.88 -53.26
CA SER I 4096 -15.42 -118.64 -52.14
C SER I 4096 -13.90 -118.51 -52.07
N GLY I 4097 -13.43 -117.28 -51.93
CA GLY I 4097 -12.01 -117.04 -51.78
C GLY I 4097 -11.43 -116.12 -52.81
N LEU I 4098 -10.74 -115.08 -52.34
CA LEU I 4098 -10.09 -114.08 -53.18
C LEU I 4098 -9.27 -113.17 -52.28
N SER I 4099 -8.36 -112.42 -52.90
CA SER I 4099 -7.35 -111.69 -52.15
C SER I 4099 -7.97 -110.58 -51.32
N GLU I 4100 -7.15 -110.03 -50.43
CA GLU I 4100 -7.58 -108.98 -49.52
C GLU I 4100 -8.28 -107.85 -50.25
N GLU I 4101 -7.55 -107.17 -51.13
CA GLU I 4101 -8.09 -106.00 -51.81
C GLU I 4101 -9.27 -106.38 -52.67
N THR I 4102 -9.17 -107.49 -53.40
CA THR I 4102 -10.27 -107.94 -54.23
C THR I 4102 -11.50 -108.22 -53.38
N GLN I 4103 -11.32 -108.95 -52.27
CA GLN I 4103 -12.47 -109.29 -51.44
C GLN I 4103 -13.11 -108.05 -50.84
N VAL I 4104 -12.29 -107.12 -50.36
CA VAL I 4104 -12.87 -105.96 -49.68
C VAL I 4104 -13.55 -105.04 -50.68
N LYS I 4105 -12.96 -104.83 -51.85
CA LYS I 4105 -13.62 -103.99 -52.84
C LYS I 4105 -14.86 -104.67 -53.38
N CYS I 4106 -14.83 -105.99 -53.51
CA CYS I 4106 -16.02 -106.75 -53.87
C CYS I 4106 -17.13 -106.54 -52.86
N LEU I 4107 -16.79 -106.64 -51.57
CA LEU I 4107 -17.80 -106.49 -50.54
C LEU I 4107 -18.34 -105.06 -50.51
N MET I 4108 -17.46 -104.08 -50.66
CA MET I 4108 -17.86 -102.69 -50.59
C MET I 4108 -18.62 -102.24 -51.84
N ASP I 4109 -18.39 -102.88 -52.98
CA ASP I 4109 -18.99 -102.45 -54.24
C ASP I 4109 -20.17 -103.33 -54.62
N GLN I 4110 -19.93 -104.61 -54.84
CA GLN I 4110 -20.96 -105.53 -55.32
C GLN I 4110 -21.78 -106.12 -54.19
N ALA I 4111 -21.46 -105.82 -52.96
CA ALA I 4111 -22.28 -106.26 -51.85
C ALA I 4111 -22.77 -105.11 -50.99
N THR I 4112 -21.92 -104.13 -50.69
CA THR I 4112 -22.34 -103.03 -49.84
C THR I 4112 -23.26 -102.05 -50.56
N ASP I 4113 -23.05 -101.86 -51.86
CA ASP I 4113 -23.89 -100.94 -52.62
C ASP I 4113 -25.22 -101.58 -53.03
N PRO I 4114 -25.24 -102.75 -53.66
CA PRO I 4114 -26.52 -103.28 -54.18
C PRO I 4114 -27.52 -103.66 -53.11
N ASN I 4115 -27.19 -103.52 -51.83
CA ASN I 4115 -28.23 -103.66 -50.81
C ASN I 4115 -29.28 -102.57 -50.96
N ILE I 4116 -28.84 -101.35 -51.28
CA ILE I 4116 -29.78 -100.25 -51.58
C ILE I 4116 -30.16 -100.21 -53.04
N LEU I 4117 -29.60 -101.08 -53.87
CA LEU I 4117 -29.85 -101.06 -55.31
C LEU I 4117 -30.64 -102.25 -55.82
N GLY I 4118 -30.89 -103.25 -54.98
CA GLY I 4118 -31.84 -104.30 -55.33
C GLY I 4118 -33.17 -104.13 -54.65
N ARG I 4119 -33.15 -103.93 -53.34
CA ARG I 4119 -34.35 -103.77 -52.51
C ARG I 4119 -33.97 -103.46 -51.07
N THR I 4120 -34.78 -102.68 -50.36
CA THR I 4120 -34.49 -102.36 -48.96
C THR I 4120 -35.75 -102.46 -48.13
N TRP I 4121 -35.61 -103.04 -46.94
CA TRP I 4121 -36.70 -103.01 -45.96
C TRP I 4121 -36.84 -101.61 -45.39
N GLU I 4122 -38.07 -101.18 -45.16
CA GLU I 4122 -38.31 -99.83 -44.67
C GLU I 4122 -37.73 -99.66 -43.27
N GLY I 4123 -37.84 -100.68 -42.42
CA GLY I 4123 -37.20 -100.66 -41.12
C GLY I 4123 -35.73 -100.98 -41.13
N TRP I 4124 -35.19 -101.32 -42.31
CA TRP I 4124 -33.75 -101.50 -42.49
C TRP I 4124 -33.02 -100.16 -42.57
N GLU I 4125 -33.77 -99.05 -42.59
CA GLU I 4125 -33.24 -97.69 -42.61
C GLU I 4125 -32.31 -97.48 -43.80
N PRO I 4126 -32.83 -97.56 -45.03
CA PRO I 4126 -31.96 -97.37 -46.19
C PRO I 4126 -31.54 -95.93 -46.40
N TRP I 4127 -32.47 -94.98 -46.29
CA TRP I 4127 -32.10 -93.58 -46.46
C TRP I 4127 -31.09 -93.15 -45.41
N MET I 4128 -31.37 -93.40 -44.15
CA MET I 4128 -30.41 -93.12 -43.09
C MET I 4128 -29.50 -94.33 -42.93
N TYR J 32 61.16 -23.58 -41.16
CA TYR J 32 59.75 -23.94 -41.18
C TYR J 32 59.47 -25.00 -42.25
N SER J 33 59.06 -26.18 -41.80
CA SER J 33 58.63 -27.20 -42.73
C SER J 33 57.27 -26.84 -43.29
N GLY J 34 56.96 -27.39 -44.46
CA GLY J 34 55.68 -27.11 -45.09
C GLY J 34 55.67 -27.50 -46.55
N ARG J 35 54.57 -28.06 -47.02
CA ARG J 35 54.45 -28.48 -48.41
C ARG J 35 53.84 -27.33 -49.21
N ASP J 36 54.56 -26.88 -50.23
CA ASP J 36 54.05 -25.84 -51.11
C ASP J 36 53.12 -26.49 -52.13
N SER J 37 51.84 -26.48 -51.83
CA SER J 37 50.83 -27.01 -52.74
C SER J 37 50.69 -26.04 -53.91
N LEU J 38 50.70 -26.57 -55.13
CA LEU J 38 50.55 -25.76 -56.32
C LEU J 38 49.52 -26.41 -57.23
N ILE J 39 48.54 -25.62 -57.67
CA ILE J 39 47.50 -26.09 -58.57
C ILE J 39 47.74 -25.47 -59.94
N PHE J 40 47.44 -26.24 -60.98
CA PHE J 40 47.71 -25.84 -62.36
C PHE J 40 46.38 -25.74 -63.10
N LEU J 41 45.80 -24.55 -63.10
CA LEU J 41 44.55 -24.31 -63.82
C LEU J 41 44.87 -24.01 -65.27
N VAL J 42 44.43 -24.88 -66.17
CA VAL J 42 44.58 -24.71 -67.61
C VAL J 42 43.20 -24.83 -68.23
N ASP J 43 42.88 -23.92 -69.15
CA ASP J 43 41.56 -23.92 -69.74
C ASP J 43 41.35 -25.15 -70.60
N ALA J 44 40.12 -25.31 -71.08
CA ALA J 44 39.78 -26.39 -71.98
C ALA J 44 39.01 -25.95 -73.20
N SER J 45 38.39 -24.77 -73.19
CA SER J 45 37.54 -24.40 -74.33
C SER J 45 38.37 -23.84 -75.49
N LYS J 46 38.94 -22.65 -75.30
CA LYS J 46 39.78 -22.04 -76.32
C LYS J 46 41.03 -21.37 -75.79
N ALA J 47 41.09 -21.01 -74.51
CA ALA J 47 42.25 -20.31 -73.99
C ALA J 47 43.53 -21.13 -74.14
N MET J 48 43.40 -22.44 -74.28
CA MET J 48 44.52 -23.28 -74.70
C MET J 48 44.55 -23.50 -76.20
N PHE J 49 43.59 -22.93 -76.93
CA PHE J 49 43.41 -23.29 -78.34
C PHE J 49 43.20 -22.11 -79.27
N GLU J 50 42.96 -20.90 -78.75
CA GLU J 50 42.82 -19.71 -79.57
C GLU J 50 44.11 -18.92 -79.55
N SER J 51 44.46 -18.32 -80.69
CA SER J 51 45.62 -17.44 -80.71
C SER J 51 45.41 -16.22 -79.82
N GLN J 52 44.25 -15.57 -79.96
CA GLN J 52 43.79 -14.54 -79.03
C GLN J 52 44.81 -13.39 -78.92
N SER J 53 44.91 -12.67 -80.04
CA SER J 53 45.84 -11.55 -80.21
C SER J 53 47.29 -12.01 -80.30
N GLU J 54 47.50 -13.22 -80.80
CA GLU J 54 48.83 -13.75 -81.07
C GLU J 54 48.76 -14.53 -82.38
N ASP J 55 49.84 -15.24 -82.71
CA ASP J 55 49.90 -16.01 -83.93
C ASP J 55 50.41 -17.43 -83.75
N GLU J 56 50.71 -17.85 -82.53
CA GLU J 56 51.24 -19.18 -82.30
C GLU J 56 50.15 -20.23 -82.53
N LEU J 57 50.50 -21.48 -82.27
CA LEU J 57 49.54 -22.57 -82.34
C LEU J 57 48.64 -22.50 -81.10
N THR J 58 47.85 -23.54 -80.90
CA THR J 58 47.01 -23.59 -79.72
C THR J 58 47.87 -23.52 -78.46
N PRO J 59 47.62 -22.57 -77.56
CA PRO J 59 48.42 -22.49 -76.33
C PRO J 59 48.35 -23.75 -75.48
N PHE J 60 47.54 -24.74 -75.86
CA PHE J 60 47.54 -26.03 -75.18
C PHE J 60 48.94 -26.60 -75.10
N ASP J 61 49.62 -26.70 -76.24
CA ASP J 61 50.90 -27.38 -76.29
C ASP J 61 51.96 -26.63 -75.50
N MET J 62 52.03 -25.31 -75.68
CA MET J 62 53.03 -24.53 -74.96
C MET J 62 52.77 -24.56 -73.46
N SER J 63 51.51 -24.47 -73.05
CA SER J 63 51.19 -24.55 -71.63
C SER J 63 51.55 -25.92 -71.05
N ILE J 64 51.28 -26.98 -71.81
CA ILE J 64 51.61 -28.33 -71.36
C ILE J 64 53.11 -28.48 -71.18
N GLN J 65 53.88 -27.99 -72.15
CA GLN J 65 55.33 -28.11 -72.03
C GLN J 65 55.85 -27.26 -70.89
N CYS J 66 55.26 -26.08 -70.68
CA CYS J 66 55.64 -25.24 -69.56
C CYS J 66 55.44 -25.96 -68.23
N ILE J 67 54.25 -26.50 -68.02
CA ILE J 67 53.98 -27.17 -66.76
C ILE J 67 54.81 -28.45 -66.64
N GLN J 68 55.04 -29.15 -67.75
CA GLN J 68 55.91 -30.32 -67.70
C GLN J 68 57.30 -29.93 -67.23
N SER J 69 57.82 -28.83 -67.80
CA SER J 69 59.14 -28.36 -67.42
C SER J 69 59.19 -28.06 -65.93
N VAL J 70 58.17 -27.36 -65.42
CA VAL J 70 58.22 -27.02 -64.00
C VAL J 70 58.11 -28.27 -63.14
N TYR J 71 57.36 -29.28 -63.59
CA TYR J 71 57.31 -30.54 -62.85
C TYR J 71 58.68 -31.18 -62.78
N ILE J 72 59.39 -31.19 -63.91
CA ILE J 72 60.74 -31.75 -63.92
C ILE J 72 61.63 -30.96 -62.98
N SER J 73 61.49 -29.64 -62.99
CA SER J 73 62.29 -28.79 -62.12
C SER J 73 62.05 -29.13 -60.66
N LYS J 74 60.79 -29.36 -60.29
CA LYS J 74 60.48 -29.76 -58.93
C LYS J 74 61.08 -31.13 -58.62
N ILE J 75 60.91 -32.09 -59.52
CA ILE J 75 61.40 -33.44 -59.29
C ILE J 75 62.89 -33.40 -58.97
N ILE J 76 63.64 -32.64 -59.77
CA ILE J 76 65.08 -32.54 -59.55
C ILE J 76 65.42 -31.63 -58.37
N SER J 77 64.55 -30.70 -58.02
CA SER J 77 64.88 -29.65 -57.07
C SER J 77 64.00 -29.62 -55.83
N SER J 78 62.78 -30.11 -55.90
CA SER J 78 61.86 -29.98 -54.76
C SER J 78 60.82 -31.07 -54.84
N ASP J 79 60.93 -32.09 -53.98
CA ASP J 79 59.93 -33.14 -53.89
C ASP J 79 59.15 -33.06 -52.59
N ARG J 80 59.08 -31.87 -51.99
CA ARG J 80 58.29 -31.63 -50.79
C ARG J 80 57.15 -30.65 -51.06
N ASP J 81 56.65 -30.62 -52.30
CA ASP J 81 55.63 -29.67 -52.73
C ASP J 81 54.59 -30.40 -53.56
N LEU J 82 53.33 -30.25 -53.18
CA LEU J 82 52.26 -31.02 -53.80
C LEU J 82 51.70 -30.30 -55.02
N LEU J 83 51.28 -31.09 -56.00
CA LEU J 83 50.88 -30.56 -57.31
C LEU J 83 49.59 -31.21 -57.76
N ALA J 84 48.73 -30.41 -58.38
CA ALA J 84 47.49 -30.91 -58.96
C ALA J 84 47.14 -30.08 -60.18
N VAL J 85 46.65 -30.73 -61.22
CA VAL J 85 46.31 -30.09 -62.47
C VAL J 85 44.80 -30.14 -62.68
N VAL J 86 44.21 -29.00 -63.02
CA VAL J 86 42.77 -28.87 -63.18
C VAL J 86 42.50 -28.17 -64.51
N PHE J 87 41.38 -28.53 -65.13
CA PHE J 87 40.99 -28.00 -66.42
C PHE J 87 39.65 -27.28 -66.27
N TYR J 88 39.72 -25.99 -65.97
CA TYR J 88 38.49 -25.20 -65.94
C TYR J 88 37.90 -25.15 -67.34
N GLY J 89 36.63 -25.52 -67.44
CA GLY J 89 36.06 -25.88 -68.73
C GLY J 89 36.13 -27.38 -68.91
N THR J 90 34.99 -28.03 -69.10
CA THR J 90 34.97 -29.48 -69.30
C THR J 90 33.67 -29.86 -69.99
N GLU J 91 33.76 -30.41 -71.19
CA GLU J 91 32.56 -30.95 -71.85
C GLU J 91 31.99 -32.11 -71.06
N LYS J 92 32.82 -33.11 -70.78
CA LYS J 92 32.41 -34.28 -70.01
C LYS J 92 33.33 -34.41 -68.82
N ASP J 93 32.75 -34.34 -67.63
CA ASP J 93 33.53 -34.13 -66.42
C ASP J 93 34.36 -35.35 -66.06
N LYS J 94 35.63 -35.13 -65.75
CA LYS J 94 36.47 -36.13 -65.12
C LYS J 94 36.83 -35.54 -63.77
N ASN J 95 35.98 -35.77 -62.78
CA ASN J 95 36.10 -35.08 -61.51
C ASN J 95 35.49 -35.95 -60.41
N SER J 96 36.22 -36.08 -59.30
CA SER J 96 35.60 -36.69 -58.11
C SER J 96 34.48 -35.81 -57.57
N VAL J 97 34.59 -34.50 -57.75
CA VAL J 97 33.54 -33.60 -57.31
C VAL J 97 32.27 -33.80 -58.12
N ASN J 98 32.40 -34.33 -59.34
CA ASN J 98 31.27 -34.64 -60.22
C ASN J 98 30.53 -33.37 -60.63
N PHE J 99 31.07 -32.22 -60.23
CA PHE J 99 30.50 -30.95 -60.66
C PHE J 99 30.67 -30.76 -62.15
N LYS J 100 29.72 -30.05 -62.76
CA LYS J 100 29.78 -29.82 -64.19
C LYS J 100 30.98 -28.96 -64.55
N ASN J 101 31.54 -29.21 -65.73
CA ASN J 101 32.62 -28.41 -66.30
C ASN J 101 33.89 -28.50 -65.45
N ILE J 102 34.10 -29.65 -64.80
CA ILE J 102 35.28 -29.89 -63.98
C ILE J 102 36.01 -31.09 -64.55
N TYR J 103 37.29 -30.90 -64.88
CA TYR J 103 38.14 -31.97 -65.37
C TYR J 103 39.32 -32.10 -64.42
N VAL J 104 39.28 -33.13 -63.57
CA VAL J 104 40.31 -33.36 -62.57
C VAL J 104 41.24 -34.43 -63.10
N LEU J 105 42.46 -34.05 -63.45
CA LEU J 105 43.42 -35.00 -63.98
C LEU J 105 44.32 -35.56 -62.89
N GLN J 106 45.12 -34.71 -62.24
CA GLN J 106 46.01 -35.14 -61.19
C GLN J 106 45.62 -34.45 -59.88
N GLU J 107 45.54 -35.22 -58.81
CA GLU J 107 45.26 -34.70 -57.48
C GLU J 107 46.52 -34.11 -56.88
N LEU J 108 46.34 -33.36 -55.80
CA LEU J 108 47.48 -32.80 -55.08
C LEU J 108 48.41 -33.90 -54.60
N ASP J 109 49.65 -33.81 -55.05
CA ASP J 109 50.68 -34.80 -54.72
C ASP J 109 52.04 -34.27 -55.16
N ASN J 110 53.08 -34.81 -54.54
CA ASN J 110 54.43 -34.40 -54.88
C ASN J 110 54.77 -34.83 -56.30
N PRO J 111 55.69 -34.13 -56.96
CA PRO J 111 56.00 -34.46 -58.36
C PRO J 111 56.53 -35.89 -58.49
N GLY J 112 56.15 -36.53 -59.59
CA GLY J 112 56.57 -37.91 -59.83
C GLY J 112 56.29 -38.33 -61.26
N ALA J 113 56.86 -39.50 -61.60
CA ALA J 113 56.88 -39.94 -62.99
C ALA J 113 55.50 -40.29 -63.53
N LYS J 114 54.61 -40.79 -62.67
CA LYS J 114 53.26 -41.08 -63.14
C LYS J 114 52.59 -39.83 -63.67
N ARG J 115 52.77 -38.70 -62.99
CA ARG J 115 52.23 -37.44 -63.47
C ARG J 115 52.91 -37.01 -64.75
N ILE J 116 54.21 -37.33 -64.91
CA ILE J 116 54.91 -36.97 -66.13
C ILE J 116 54.32 -37.72 -67.32
N LEU J 117 54.09 -39.02 -67.15
CA LEU J 117 53.40 -39.79 -68.19
C LEU J 117 52.00 -39.26 -68.42
N GLU J 118 51.31 -38.91 -67.33
CA GLU J 118 49.97 -38.37 -67.38
C GLU J 118 49.91 -37.14 -68.28
N LEU J 119 50.89 -36.24 -68.12
CA LEU J 119 50.95 -35.05 -68.96
C LEU J 119 51.45 -35.36 -70.36
N ASP J 120 52.36 -36.33 -70.51
CA ASP J 120 52.85 -36.70 -71.82
C ASP J 120 51.70 -37.21 -72.69
N GLN J 121 50.69 -37.82 -72.06
CA GLN J 121 49.47 -38.13 -72.80
C GLN J 121 48.88 -36.89 -73.45
N PHE J 122 49.01 -35.73 -72.81
CA PHE J 122 48.51 -34.48 -73.33
C PHE J 122 49.62 -33.52 -73.74
N LYS J 123 50.77 -34.07 -74.13
CA LYS J 123 51.89 -33.24 -74.56
C LYS J 123 51.94 -33.19 -76.08
N GLY J 124 52.34 -32.03 -76.60
CA GLY J 124 52.41 -31.84 -78.03
C GLY J 124 51.04 -31.78 -78.67
N GLN J 125 51.04 -31.62 -79.99
CA GLN J 125 49.78 -31.65 -80.71
C GLN J 125 49.14 -33.03 -80.67
N GLN J 126 49.94 -34.09 -80.57
CA GLN J 126 49.37 -35.40 -80.35
C GLN J 126 48.61 -35.43 -79.03
N GLY J 127 49.17 -34.82 -77.98
CA GLY J 127 48.46 -34.74 -76.73
C GLY J 127 47.21 -33.87 -76.82
N GLN J 128 47.27 -32.81 -77.62
CA GLN J 128 46.11 -31.97 -77.81
C GLN J 128 44.98 -32.74 -78.48
N LYS J 129 45.31 -33.50 -79.52
CA LYS J 129 44.26 -34.28 -80.17
C LYS J 129 43.79 -35.40 -79.27
N ARG J 130 44.63 -35.92 -78.38
CA ARG J 130 44.14 -36.78 -77.31
C ARG J 130 43.06 -36.05 -76.51
N PHE J 131 43.41 -34.87 -76.02
CA PHE J 131 42.47 -34.05 -75.27
C PHE J 131 41.16 -33.91 -76.03
N GLN J 132 41.23 -33.72 -77.34
CA GLN J 132 40.04 -33.72 -78.15
C GLN J 132 39.33 -35.08 -78.06
N ASP J 133 40.10 -36.16 -78.03
CA ASP J 133 39.53 -37.49 -78.00
C ASP J 133 38.71 -37.73 -76.73
N MET J 134 39.34 -37.75 -75.55
CA MET J 134 38.53 -38.20 -74.42
C MET J 134 37.54 -37.15 -73.93
N MET J 135 37.89 -35.87 -73.94
CA MET J 135 36.90 -34.92 -73.43
C MET J 135 36.66 -33.80 -74.44
N GLY J 136 37.68 -33.40 -75.17
CA GLY J 136 37.52 -32.41 -76.22
C GLY J 136 37.74 -30.98 -75.73
N HIS J 137 38.03 -30.10 -76.67
CA HIS J 137 38.14 -28.68 -76.39
C HIS J 137 36.87 -27.97 -76.86
N GLY J 138 36.82 -26.66 -76.63
CA GLY J 138 35.55 -25.97 -76.70
C GLY J 138 34.68 -26.26 -75.50
N SER J 139 35.29 -26.65 -74.38
CA SER J 139 34.55 -27.19 -73.26
C SER J 139 33.87 -26.09 -72.45
N ASP J 140 32.62 -26.35 -72.07
CA ASP J 140 31.91 -25.41 -71.20
C ASP J 140 32.60 -25.33 -69.85
N TYR J 141 32.56 -24.14 -69.25
CA TYR J 141 33.27 -23.83 -68.02
C TYR J 141 32.30 -23.58 -66.87
N SER J 142 32.78 -23.81 -65.65
CA SER J 142 32.05 -23.49 -64.43
C SER J 142 33.06 -22.91 -63.44
N LEU J 143 33.21 -21.58 -63.47
CA LEU J 143 34.28 -20.93 -62.72
C LEU J 143 34.11 -21.10 -61.22
N SER J 144 32.92 -20.79 -60.71
CA SER J 144 32.68 -20.89 -59.27
C SER J 144 32.83 -22.34 -58.81
N GLU J 145 32.36 -23.30 -59.61
CA GLU J 145 32.56 -24.70 -59.29
C GLU J 145 34.04 -25.07 -59.34
N VAL J 146 34.80 -24.45 -60.23
CA VAL J 146 36.24 -24.69 -60.26
C VAL J 146 36.88 -24.22 -58.96
N LEU J 147 36.49 -23.04 -58.49
CA LEU J 147 36.98 -22.57 -57.20
C LEU J 147 36.54 -23.51 -56.08
N TRP J 148 35.30 -23.98 -56.17
CA TRP J 148 34.79 -24.97 -55.22
C TRP J 148 35.70 -26.19 -55.15
N VAL J 149 35.98 -26.78 -56.30
CA VAL J 149 36.69 -28.05 -56.31
C VAL J 149 38.16 -27.86 -55.96
N CYS J 150 38.77 -26.74 -56.36
CA CYS J 150 40.16 -26.52 -55.96
C CYS J 150 40.24 -26.25 -54.47
N ALA J 151 39.22 -25.59 -53.91
CA ALA J 151 39.14 -25.48 -52.46
C ALA J 151 39.03 -26.85 -51.81
N ASN J 152 38.24 -27.74 -52.42
CA ASN J 152 38.18 -29.11 -51.94
C ASN J 152 39.56 -29.75 -51.93
N LEU J 153 40.29 -29.59 -53.04
CA LEU J 153 41.62 -30.17 -53.15
C LEU J 153 42.54 -29.63 -52.08
N PHE J 154 42.48 -28.31 -51.84
CA PHE J 154 43.26 -27.71 -50.78
C PHE J 154 42.87 -28.29 -49.42
N SER J 155 41.58 -28.51 -49.21
CA SER J 155 41.13 -29.12 -47.96
C SER J 155 41.60 -30.56 -47.83
N ASP J 156 41.92 -31.21 -48.95
CA ASP J 156 42.30 -32.62 -48.92
C ASP J 156 43.60 -32.84 -48.18
N VAL J 157 44.53 -31.89 -48.28
CA VAL J 157 45.86 -32.10 -47.71
C VAL J 157 45.76 -32.30 -46.21
N GLN J 158 46.69 -33.09 -45.67
CA GLN J 158 46.70 -33.40 -44.24
C GLN J 158 48.06 -33.13 -43.61
N PHE J 159 48.89 -32.30 -44.23
CA PHE J 159 50.29 -32.17 -43.85
C PHE J 159 50.66 -30.71 -43.66
N LYS J 160 51.86 -30.50 -43.12
CA LYS J 160 52.38 -29.15 -42.95
C LYS J 160 52.50 -28.49 -44.31
N MET J 161 51.83 -27.36 -44.48
CA MET J 161 51.76 -26.67 -45.76
C MET J 161 52.54 -25.38 -45.67
N SER J 162 53.42 -25.14 -46.64
CA SER J 162 54.18 -23.91 -46.68
C SER J 162 53.50 -22.85 -47.54
N HIS J 163 52.95 -23.24 -48.68
CA HIS J 163 52.36 -22.29 -49.60
C HIS J 163 51.32 -23.00 -50.46
N LYS J 164 50.30 -22.25 -50.89
CA LYS J 164 49.24 -22.80 -51.74
C LYS J 164 48.93 -21.79 -52.85
N ARG J 165 49.28 -22.14 -54.08
CA ARG J 165 49.10 -21.24 -55.21
C ARG J 165 48.27 -21.91 -56.28
N ILE J 166 47.39 -21.12 -56.90
CA ILE J 166 46.66 -21.49 -58.10
C ILE J 166 47.40 -20.91 -59.28
N MET J 167 47.93 -21.77 -60.14
CA MET J 167 48.65 -21.32 -61.32
C MET J 167 47.73 -21.47 -62.52
N LEU J 168 47.50 -20.37 -63.24
CA LEU J 168 46.52 -20.36 -64.32
C LEU J 168 47.03 -19.58 -65.51
N PHE J 169 46.80 -20.13 -66.70
CA PHE J 169 46.97 -19.46 -67.97
C PHE J 169 45.64 -19.41 -68.69
N THR J 170 45.35 -18.30 -69.36
CA THR J 170 44.14 -18.20 -70.17
C THR J 170 44.34 -17.15 -71.24
N ASN J 171 44.03 -17.52 -72.49
CA ASN J 171 43.84 -16.52 -73.53
C ASN J 171 42.67 -15.61 -73.18
N GLU J 172 41.65 -16.15 -72.53
CA GLU J 172 40.55 -15.34 -72.06
C GLU J 172 41.03 -14.50 -70.90
N ASP J 173 41.61 -13.34 -71.19
CA ASP J 173 42.11 -12.47 -70.13
C ASP J 173 40.97 -11.93 -69.29
N ASN J 174 39.88 -11.53 -69.93
CA ASN J 174 38.72 -10.95 -69.25
C ASN J 174 37.43 -11.60 -69.73
N PRO J 175 37.19 -12.86 -69.39
CA PRO J 175 35.85 -13.42 -69.63
C PRO J 175 34.86 -13.07 -68.53
N HIS J 176 34.80 -11.79 -68.14
CA HIS J 176 33.65 -11.34 -67.36
C HIS J 176 32.39 -11.24 -68.19
N GLY J 177 32.45 -11.55 -69.49
CA GLY J 177 31.25 -11.61 -70.30
C GLY J 177 30.29 -12.70 -69.89
N ASN J 178 30.68 -13.56 -68.95
CA ASN J 178 29.79 -14.57 -68.39
C ASN J 178 28.65 -13.93 -67.62
N ASP J 179 27.75 -14.75 -67.08
CA ASP J 179 26.69 -14.22 -66.24
C ASP J 179 27.29 -13.52 -65.02
N SER J 180 26.71 -12.38 -64.66
CA SER J 180 27.24 -11.61 -63.54
C SER J 180 27.13 -12.36 -62.23
N ALA J 181 26.18 -13.29 -62.10
CA ALA J 181 26.10 -14.11 -60.91
C ALA J 181 27.35 -14.96 -60.76
N LYS J 182 27.80 -15.59 -61.85
CA LYS J 182 29.01 -16.39 -61.79
C LYS J 182 30.22 -15.53 -61.46
N ALA J 183 30.33 -14.35 -62.05
CA ALA J 183 31.45 -13.47 -61.77
C ALA J 183 31.45 -13.03 -60.31
N SER J 184 30.29 -12.65 -59.79
CA SER J 184 30.18 -12.24 -58.40
C SER J 184 30.54 -13.38 -57.46
N ARG J 185 30.02 -14.57 -57.74
CA ARG J 185 30.33 -15.72 -56.89
C ARG J 185 31.81 -16.07 -56.97
N ALA J 186 32.41 -15.97 -58.16
CA ALA J 186 33.83 -16.25 -58.30
C ALA J 186 34.67 -15.26 -57.53
N ARG J 187 34.31 -13.97 -57.60
CA ARG J 187 35.05 -12.97 -56.82
C ARG J 187 34.89 -13.20 -55.33
N THR J 188 33.69 -13.61 -54.91
CA THR J 188 33.47 -13.94 -53.50
C THR J 188 34.36 -15.11 -53.08
N LYS J 189 34.41 -16.15 -53.91
CA LYS J 189 35.26 -17.29 -53.61
C LYS J 189 36.73 -16.89 -53.57
N ALA J 190 37.14 -15.98 -54.46
CA ALA J 190 38.51 -15.49 -54.44
C ALA J 190 38.81 -14.76 -53.14
N GLY J 191 37.87 -13.91 -52.70
CA GLY J 191 38.04 -13.26 -51.41
C GLY J 191 38.15 -14.26 -50.28
N ASP J 192 37.36 -15.33 -50.35
CA ASP J 192 37.44 -16.37 -49.32
C ASP J 192 38.80 -17.05 -49.34
N LEU J 193 39.26 -17.45 -50.53
CA LEU J 193 40.45 -18.28 -50.62
C LEU J 193 41.71 -17.49 -50.29
N ARG J 194 41.82 -16.27 -50.79
CA ARG J 194 42.92 -15.42 -50.35
C ARG J 194 42.76 -15.06 -48.88
N ASP J 195 41.51 -14.89 -48.44
CA ASP J 195 41.24 -14.83 -47.01
C ASP J 195 41.61 -16.15 -46.35
N THR J 196 41.27 -17.27 -46.98
CA THR J 196 41.78 -18.56 -46.55
C THR J 196 43.30 -18.65 -46.70
N GLY J 197 43.90 -17.73 -47.46
CA GLY J 197 45.30 -17.79 -47.76
C GLY J 197 45.63 -18.46 -49.07
N ILE J 198 44.65 -19.10 -49.70
CA ILE J 198 44.88 -19.67 -51.02
C ILE J 198 45.29 -18.57 -51.98
N PHE J 199 46.31 -18.84 -52.77
CA PHE J 199 46.84 -17.87 -53.71
C PHE J 199 46.57 -18.33 -55.14
N LEU J 200 46.37 -17.36 -56.03
CA LEU J 200 46.08 -17.65 -57.42
C LEU J 200 46.97 -16.81 -58.32
N ASP J 201 47.43 -17.42 -59.40
CA ASP J 201 48.29 -16.74 -60.36
C ASP J 201 47.74 -16.93 -61.77
N LEU J 202 47.43 -15.82 -62.42
CA LEU J 202 47.15 -15.78 -63.84
C LEU J 202 48.28 -14.99 -64.49
N MET J 203 48.84 -15.51 -65.58
CA MET J 203 50.01 -14.88 -66.16
C MET J 203 49.86 -14.89 -67.67
N HIS J 204 50.55 -13.94 -68.31
CA HIS J 204 50.24 -13.51 -69.68
C HIS J 204 50.08 -14.69 -70.63
N LEU J 205 48.96 -14.69 -71.35
CA LEU J 205 48.75 -15.67 -72.42
C LEU J 205 48.14 -15.02 -73.65
N LYS J 206 47.51 -13.86 -73.49
CA LYS J 206 46.83 -13.19 -74.59
C LYS J 206 47.50 -11.87 -74.99
N LYS J 207 47.66 -10.94 -74.04
CA LYS J 207 48.21 -9.62 -74.31
C LYS J 207 49.35 -9.40 -73.33
N PRO J 208 50.50 -10.02 -73.58
CA PRO J 208 51.62 -9.91 -72.63
C PRO J 208 52.07 -8.47 -72.47
N GLY J 209 52.40 -8.11 -71.23
CA GLY J 209 52.96 -6.81 -70.95
C GLY J 209 51.95 -5.69 -71.00
N GLY J 210 52.37 -4.52 -70.54
CA GLY J 210 51.54 -3.34 -70.58
C GLY J 210 50.29 -3.41 -69.75
N PHE J 211 50.19 -4.39 -68.86
CA PHE J 211 49.04 -4.63 -68.01
C PHE J 211 47.77 -4.89 -68.81
N ASP J 212 47.90 -5.06 -70.13
CA ASP J 212 46.74 -5.28 -70.99
C ASP J 212 46.09 -6.63 -70.69
N ILE J 213 46.89 -7.65 -70.41
CA ILE J 213 46.34 -8.95 -70.04
C ILE J 213 45.50 -8.80 -68.77
N SER J 214 44.49 -9.66 -68.65
CA SER J 214 43.50 -9.61 -67.57
C SER J 214 42.81 -8.25 -67.54
N LEU J 215 42.10 -7.96 -68.63
CA LEU J 215 41.52 -6.63 -68.82
C LEU J 215 40.65 -6.22 -67.65
N PHE J 216 39.95 -7.17 -67.03
CA PHE J 216 39.28 -6.92 -65.77
C PHE J 216 39.45 -8.04 -64.75
N TYR J 217 40.01 -9.19 -65.13
CA TYR J 217 40.24 -10.15 -64.05
C TYR J 217 41.43 -9.79 -63.20
N ARG J 218 41.95 -8.60 -63.47
CA ARG J 218 42.84 -7.90 -62.55
C ARG J 218 42.15 -7.55 -61.24
N ASP J 219 40.81 -7.64 -61.21
CA ASP J 219 40.07 -7.26 -60.01
C ASP J 219 40.46 -8.11 -58.81
N ILE J 220 40.62 -9.42 -59.02
CA ILE J 220 40.87 -10.35 -57.93
C ILE J 220 42.28 -10.91 -57.94
N ILE J 221 43.09 -10.54 -58.93
CA ILE J 221 44.47 -11.00 -59.02
C ILE J 221 45.37 -9.79 -59.02
N SER J 222 46.33 -9.76 -58.12
CA SER J 222 47.26 -8.64 -58.02
C SER J 222 48.62 -9.11 -57.52
N SER J 237 56.89 -12.91 -69.67
CA SER J 237 57.06 -12.71 -68.24
C SER J 237 57.98 -13.76 -67.64
N LYS J 238 57.37 -14.73 -66.96
CA LYS J 238 58.12 -15.83 -66.36
C LYS J 238 57.99 -17.13 -67.13
N LEU J 239 57.24 -17.14 -68.23
CA LEU J 239 57.14 -18.34 -69.07
C LEU J 239 58.53 -18.85 -69.43
N GLU J 240 59.46 -17.93 -69.66
CA GLU J 240 60.83 -18.31 -69.99
C GLU J 240 61.46 -19.11 -68.87
N ASP J 241 61.26 -18.67 -67.62
CA ASP J 241 61.80 -19.42 -66.50
C ASP J 241 61.09 -20.74 -66.30
N LEU J 242 59.76 -20.74 -66.42
CA LEU J 242 59.00 -21.96 -66.19
C LEU J 242 59.37 -23.04 -67.19
N LEU J 243 59.51 -22.68 -68.46
CA LEU J 243 60.05 -23.60 -69.45
C LEU J 243 61.52 -23.92 -69.17
N ARG J 244 62.26 -22.94 -68.65
CA ARG J 244 63.68 -23.12 -68.39
C ARG J 244 63.93 -24.17 -67.32
N LYS J 245 62.97 -24.33 -66.41
CA LYS J 245 62.97 -25.36 -65.35
C LYS J 245 64.36 -25.54 -64.74
N VAL J 246 64.86 -24.45 -64.16
CA VAL J 246 66.06 -24.55 -63.34
C VAL J 246 65.77 -25.46 -62.15
N ARG J 247 66.67 -26.39 -61.88
CA ARG J 247 66.38 -27.46 -60.93
C ARG J 247 67.66 -27.86 -60.20
N ALA J 248 67.56 -28.91 -59.40
CA ALA J 248 68.63 -29.40 -58.55
C ALA J 248 69.04 -28.33 -57.53
N LYS J 249 68.04 -27.75 -56.88
CA LYS J 249 68.24 -26.75 -55.84
C LYS J 249 67.56 -27.23 -54.57
N GLU J 250 68.36 -27.73 -53.62
CA GLU J 250 67.89 -28.10 -52.30
C GLU J 250 68.44 -27.11 -51.29
N THR J 251 67.60 -26.73 -50.33
CA THR J 251 67.96 -25.67 -49.39
C THR J 251 67.33 -26.01 -48.04
N ARG J 252 67.89 -25.39 -46.99
CA ARG J 252 67.38 -25.57 -45.64
C ARG J 252 65.89 -25.26 -45.56
N LYS J 253 65.16 -26.15 -44.90
CA LYS J 253 63.73 -25.97 -44.63
C LYS J 253 63.43 -25.69 -43.18
N ARG J 254 64.19 -26.28 -42.27
CA ARG J 254 63.94 -26.15 -40.84
C ARG J 254 65.24 -25.85 -40.10
N ALA J 255 65.10 -25.25 -38.92
CA ALA J 255 66.24 -24.92 -38.09
C ALA J 255 66.93 -26.19 -37.59
N LEU J 256 68.24 -26.07 -37.34
CA LEU J 256 69.02 -27.20 -36.88
C LEU J 256 70.36 -26.69 -36.37
N SER J 257 71.00 -27.50 -35.53
CA SER J 257 72.37 -27.26 -35.07
C SER J 257 72.49 -25.88 -34.43
N ARG J 258 71.80 -25.71 -33.30
CA ARG J 258 71.86 -24.48 -32.53
C ARG J 258 72.58 -24.74 -31.21
N LEU J 259 73.34 -23.76 -30.75
CA LEU J 259 74.18 -23.94 -29.57
C LEU J 259 74.20 -22.64 -28.78
N LYS J 260 75.13 -22.56 -27.83
CA LYS J 260 75.28 -21.42 -26.95
C LYS J 260 76.72 -20.95 -26.93
N LEU J 261 76.90 -19.66 -26.63
CA LEU J 261 78.22 -19.04 -26.59
C LEU J 261 78.68 -18.99 -25.13
N LYS J 262 79.11 -20.14 -24.62
CA LYS J 262 79.67 -20.18 -23.28
C LYS J 262 81.05 -19.50 -23.26
N LEU J 263 81.05 -18.20 -23.53
CA LEU J 263 82.30 -17.49 -23.79
C LEU J 263 83.25 -17.59 -22.60
N ASN J 264 82.73 -17.39 -21.40
CA ASN J 264 83.49 -17.64 -20.19
C ASN J 264 82.78 -18.75 -19.42
N LYS J 265 83.27 -18.98 -18.19
CA LYS J 265 82.66 -19.95 -17.30
C LYS J 265 81.36 -19.44 -16.69
N ASP J 266 80.95 -18.23 -17.05
CA ASP J 266 79.79 -17.58 -16.46
C ASP J 266 78.71 -17.25 -17.47
N ILE J 267 79.08 -16.85 -18.68
CA ILE J 267 78.14 -16.36 -19.67
C ILE J 267 78.01 -17.39 -20.79
N VAL J 268 76.77 -17.62 -21.21
CA VAL J 268 76.46 -18.37 -22.41
C VAL J 268 75.51 -17.52 -23.23
N ILE J 269 75.52 -17.72 -24.55
CA ILE J 269 74.68 -16.96 -25.46
C ILE J 269 74.10 -17.90 -26.50
N SER J 270 72.79 -18.08 -26.48
CA SER J 270 72.13 -19.00 -27.40
C SER J 270 72.35 -18.54 -28.85
N VAL J 271 72.69 -19.48 -29.71
CA VAL J 271 72.97 -19.21 -31.11
C VAL J 271 72.55 -20.41 -31.95
N GLY J 272 72.75 -20.30 -33.27
CA GLY J 272 72.46 -21.38 -34.19
C GLY J 272 73.47 -21.48 -35.32
N ILE J 273 73.92 -22.70 -35.62
CA ILE J 273 74.97 -22.93 -36.61
C ILE J 273 74.32 -23.51 -37.86
N TYR J 274 74.61 -22.90 -39.02
CA TYR J 274 73.93 -23.27 -40.25
C TYR J 274 74.90 -23.20 -41.42
N ASN J 275 74.47 -23.77 -42.55
CA ASN J 275 75.25 -23.86 -43.77
C ASN J 275 74.46 -23.30 -44.94
N LEU J 276 75.15 -22.62 -45.86
CA LEU J 276 74.62 -22.36 -47.18
C LEU J 276 75.54 -22.86 -48.28
N VAL J 277 76.75 -23.26 -47.96
CA VAL J 277 77.66 -23.88 -48.91
C VAL J 277 77.62 -25.37 -48.63
N GLN J 278 77.19 -26.15 -49.63
CA GLN J 278 77.02 -27.58 -49.48
C GLN J 278 77.81 -28.30 -50.56
N LYS J 279 78.27 -29.50 -50.23
CA LYS J 279 78.91 -30.37 -51.22
C LYS J 279 77.83 -31.25 -51.82
N ALA J 280 77.64 -31.13 -53.13
CA ALA J 280 76.60 -31.91 -53.79
C ALA J 280 76.89 -33.40 -53.69
N LEU J 281 75.86 -34.17 -53.36
CA LEU J 281 75.99 -35.59 -53.10
C LEU J 281 75.74 -36.37 -54.39
N LYS J 282 76.15 -37.63 -54.35
CA LYS J 282 75.59 -38.60 -55.26
C LYS J 282 74.22 -39.00 -54.73
N PRO J 283 73.19 -39.02 -55.56
CA PRO J 283 71.89 -39.47 -55.08
C PRO J 283 71.97 -40.89 -54.59
N PRO J 284 71.19 -41.29 -53.53
CA PRO J 284 71.35 -42.61 -52.91
C PRO J 284 71.21 -43.82 -53.85
N PRO J 285 72.26 -44.65 -54.01
CA PRO J 285 72.15 -45.87 -54.79
C PRO J 285 71.32 -46.88 -53.97
N ILE J 286 70.00 -46.89 -54.17
CA ILE J 286 69.12 -47.83 -53.42
C ILE J 286 69.20 -49.20 -54.08
N LYS J 287 69.98 -50.11 -53.50
CA LYS J 287 70.19 -51.45 -54.12
C LYS J 287 68.83 -52.11 -54.42
N LEU J 288 68.44 -52.21 -55.70
CA LEU J 288 67.20 -52.86 -56.08
C LEU J 288 67.51 -54.13 -56.83
N TYR J 289 66.63 -55.12 -56.69
CA TYR J 289 66.82 -56.38 -57.40
C TYR J 289 66.84 -56.13 -58.90
N ARG J 290 67.97 -56.44 -59.56
CA ARG J 290 68.14 -56.05 -60.94
C ARG J 290 67.04 -56.60 -61.83
N GLU J 291 66.46 -57.74 -61.44
CA GLU J 291 65.25 -58.21 -62.12
C GLU J 291 64.01 -57.54 -61.56
N THR J 292 63.74 -57.73 -60.27
CA THR J 292 62.45 -57.38 -59.68
C THR J 292 62.44 -56.00 -59.04
N ASN J 293 63.53 -55.25 -59.12
CA ASN J 293 63.62 -53.90 -58.56
C ASN J 293 63.39 -53.90 -57.06
N GLU J 294 63.58 -55.05 -56.44
CA GLU J 294 63.35 -55.22 -55.01
C GLU J 294 64.56 -54.75 -54.22
N PRO J 295 64.37 -53.97 -53.17
CA PRO J 295 65.50 -53.50 -52.36
C PRO J 295 66.29 -54.66 -51.77
N VAL J 296 67.41 -54.32 -51.14
CA VAL J 296 68.37 -55.30 -50.62
C VAL J 296 68.52 -55.10 -49.13
N LYS J 297 68.40 -56.19 -48.37
CA LYS J 297 68.75 -56.20 -46.95
C LYS J 297 70.18 -56.72 -46.80
N THR J 298 71.13 -55.86 -47.15
CA THR J 298 72.52 -56.25 -47.00
C THR J 298 72.86 -56.41 -45.53
N LYS J 299 72.89 -57.65 -45.07
CA LYS J 299 73.04 -57.92 -43.64
C LYS J 299 74.53 -57.98 -43.32
N THR J 300 75.06 -56.80 -43.02
CA THR J 300 76.47 -56.66 -42.71
C THR J 300 76.65 -56.62 -41.20
N ARG J 301 77.52 -57.49 -40.69
CA ARG J 301 77.86 -57.47 -39.28
C ARG J 301 79.30 -57.91 -39.12
N THR J 302 79.85 -57.60 -37.96
CA THR J 302 81.07 -58.28 -37.54
C THR J 302 80.74 -59.75 -37.26
N PHE J 303 81.79 -60.55 -37.26
CA PHE J 303 81.66 -62.00 -37.24
C PHE J 303 83.02 -62.56 -36.90
N ASN J 304 83.17 -63.87 -37.02
CA ASN J 304 84.47 -64.52 -36.86
C ASN J 304 84.77 -65.36 -38.08
N THR J 305 85.96 -65.17 -38.63
CA THR J 305 86.38 -65.98 -39.77
C THR J 305 86.62 -67.43 -39.37
N SER J 306 86.67 -67.73 -38.08
CA SER J 306 87.07 -69.05 -37.61
C SER J 306 85.90 -69.88 -37.10
N THR J 307 85.16 -69.39 -36.11
CA THR J 307 84.21 -70.24 -35.39
C THR J 307 82.76 -69.98 -35.77
N GLY J 308 82.50 -69.18 -36.80
CA GLY J 308 81.14 -69.02 -37.28
C GLY J 308 80.17 -68.42 -36.28
N GLY J 309 80.58 -67.37 -35.57
CA GLY J 309 79.72 -66.73 -34.59
C GLY J 309 79.61 -65.24 -34.85
N LEU J 310 78.44 -64.69 -34.53
CA LEU J 310 78.17 -63.27 -34.71
C LEU J 310 78.81 -62.51 -33.56
N LEU J 311 79.91 -61.81 -33.84
CA LEU J 311 80.56 -61.05 -32.80
C LEU J 311 79.78 -59.77 -32.50
N LEU J 312 80.17 -59.13 -31.41
CA LEU J 312 79.57 -57.90 -30.93
C LEU J 312 80.67 -56.92 -30.57
N PRO J 313 80.36 -55.63 -30.49
CA PRO J 313 81.37 -54.67 -29.99
C PRO J 313 81.81 -54.96 -28.57
N SER J 314 80.99 -55.67 -27.79
CA SER J 314 81.36 -56.00 -26.42
C SER J 314 82.52 -56.99 -26.39
N ASP J 315 82.32 -58.19 -26.93
CA ASP J 315 83.37 -59.19 -26.91
C ASP J 315 84.48 -58.90 -27.89
N THR J 316 84.52 -57.70 -28.46
CA THR J 316 85.64 -57.25 -29.26
C THR J 316 86.20 -55.97 -28.67
N LYS J 317 87.44 -55.66 -29.03
CA LYS J 317 88.10 -54.48 -28.51
C LYS J 317 88.81 -53.75 -29.63
N ARG J 318 88.82 -52.43 -29.55
CA ARG J 318 89.58 -51.65 -30.49
C ARG J 318 91.06 -51.82 -30.18
N SER J 319 91.90 -51.67 -31.20
CA SER J 319 93.31 -51.88 -30.96
C SER J 319 94.13 -51.11 -31.98
N GLN J 320 95.41 -50.92 -31.67
CA GLN J 320 96.33 -50.16 -32.50
C GLN J 320 97.63 -50.92 -32.59
N ILE J 321 97.89 -51.52 -33.75
CA ILE J 321 99.13 -52.23 -33.97
C ILE J 321 100.23 -51.18 -34.18
N TYR J 322 100.98 -50.92 -33.13
CA TYR J 322 102.11 -50.01 -33.18
C TYR J 322 103.33 -50.69 -32.60
N GLY J 323 104.48 -50.45 -33.21
CA GLY J 323 105.76 -50.92 -32.71
C GLY J 323 105.74 -52.35 -32.19
N SER J 324 105.99 -52.50 -30.90
CA SER J 324 105.98 -53.80 -30.24
C SER J 324 104.77 -54.01 -29.35
N ARG J 325 103.77 -53.12 -29.43
CA ARG J 325 102.61 -53.21 -28.55
C ARG J 325 101.34 -52.88 -29.32
N GLN J 326 100.46 -53.86 -29.43
CA GLN J 326 99.10 -53.63 -29.93
C GLN J 326 98.35 -52.83 -28.89
N ILE J 327 98.11 -51.55 -29.17
CA ILE J 327 97.53 -50.64 -28.18
C ILE J 327 96.01 -50.84 -28.24
N ILE J 328 95.46 -51.47 -27.20
CA ILE J 328 94.06 -51.86 -27.19
C ILE J 328 93.19 -50.66 -26.83
N LEU J 329 91.93 -50.71 -27.27
CA LEU J 329 90.95 -49.67 -26.95
C LEU J 329 89.56 -50.30 -26.99
N GLU J 330 88.56 -49.47 -26.69
CA GLU J 330 87.17 -49.90 -26.70
C GLU J 330 86.30 -48.80 -27.30
N LYS J 331 85.07 -49.17 -27.66
CA LYS J 331 84.16 -48.22 -28.28
C LYS J 331 83.92 -47.02 -27.38
N GLU J 332 83.54 -47.25 -26.12
CA GLU J 332 83.41 -46.12 -25.21
C GLU J 332 84.77 -45.53 -24.86
N GLU J 333 85.81 -46.37 -24.84
CA GLU J 333 87.17 -45.85 -24.73
C GLU J 333 87.47 -44.90 -25.88
N THR J 334 87.08 -45.29 -27.09
CA THR J 334 87.28 -44.42 -28.25
C THR J 334 86.49 -43.13 -28.11
N GLU J 335 85.23 -43.24 -27.68
CA GLU J 335 84.41 -42.05 -27.50
C GLU J 335 85.05 -41.10 -26.50
N GLU J 336 85.51 -41.63 -25.37
CA GLU J 336 86.17 -40.80 -24.38
C GLU J 336 87.41 -40.15 -24.97
N LEU J 337 88.22 -40.92 -25.70
CA LEU J 337 89.38 -40.33 -26.37
C LEU J 337 88.97 -39.23 -27.34
N LYS J 338 87.72 -39.26 -27.80
CA LYS J 338 87.16 -38.16 -28.56
C LYS J 338 86.30 -37.24 -27.70
N ARG J 339 85.85 -37.72 -26.55
CA ARG J 339 84.99 -36.95 -25.64
C ARG J 339 85.85 -35.95 -24.89
N PHE J 340 85.71 -34.67 -25.23
CA PHE J 340 86.50 -33.63 -24.58
C PHE J 340 85.66 -32.73 -23.68
N ASP J 341 84.59 -32.16 -24.22
CA ASP J 341 83.80 -31.18 -23.47
C ASP J 341 82.42 -31.08 -24.10
N ASP J 342 81.57 -30.30 -23.44
CA ASP J 342 80.22 -30.06 -23.94
C ASP J 342 80.25 -29.19 -25.19
N PRO J 343 79.22 -29.30 -26.04
CA PRO J 343 79.15 -28.45 -27.22
C PRO J 343 78.93 -27.00 -26.84
N GLY J 344 79.41 -26.09 -27.68
CA GLY J 344 79.20 -24.69 -27.47
C GLY J 344 80.43 -23.91 -27.89
N LEU J 345 80.43 -22.62 -27.53
CA LEU J 345 81.46 -21.68 -27.97
C LEU J 345 82.09 -21.04 -26.74
N MET J 346 83.27 -21.54 -26.36
CA MET J 346 84.02 -20.96 -25.24
C MET J 346 85.06 -19.98 -25.78
N LEU J 347 84.93 -18.72 -25.39
CA LEU J 347 85.73 -17.66 -25.99
C LEU J 347 87.18 -17.78 -25.58
N MET J 348 88.06 -17.93 -26.55
CA MET J 348 89.49 -18.03 -26.30
C MET J 348 90.24 -16.74 -26.60
N GLY J 349 89.59 -15.73 -27.14
CA GLY J 349 90.24 -14.45 -27.31
C GLY J 349 89.56 -13.60 -28.37
N PHE J 350 90.31 -12.58 -28.81
CA PHE J 350 89.84 -11.63 -29.81
C PHE J 350 90.99 -11.31 -30.76
N LYS J 351 90.80 -11.58 -32.05
CA LYS J 351 91.86 -11.37 -33.03
C LYS J 351 91.38 -10.44 -34.13
N PRO J 352 92.21 -9.50 -34.58
CA PRO J 352 91.78 -8.56 -35.61
C PRO J 352 91.55 -9.25 -36.93
N LEU J 353 90.67 -8.68 -37.75
CA LEU J 353 90.47 -9.21 -39.08
C LEU J 353 91.56 -8.64 -39.96
N VAL J 354 92.81 -8.78 -39.51
CA VAL J 354 93.97 -8.43 -40.32
C VAL J 354 94.99 -9.56 -40.39
N LEU J 355 95.01 -10.46 -39.41
CA LEU J 355 95.91 -11.62 -39.49
C LEU J 355 95.38 -12.63 -40.50
N LEU J 356 94.08 -12.65 -40.72
CA LEU J 356 93.47 -13.61 -41.63
C LEU J 356 93.98 -13.39 -43.04
N LYS J 357 94.55 -14.44 -43.63
CA LYS J 357 95.13 -14.39 -44.96
C LYS J 357 94.65 -15.62 -45.72
N LYS J 358 95.03 -15.69 -47.00
CA LYS J 358 94.57 -16.80 -47.84
C LYS J 358 95.07 -18.13 -47.32
N HIS J 359 96.34 -18.19 -46.92
CA HIS J 359 96.84 -19.42 -46.32
C HIS J 359 96.16 -19.73 -45.00
N HIS J 360 95.57 -18.72 -44.36
CA HIS J 360 94.74 -18.92 -43.18
C HIS J 360 93.33 -19.27 -43.66
N TYR J 361 93.18 -20.52 -44.11
CA TYR J 361 91.91 -20.99 -44.66
C TYR J 361 91.76 -22.47 -44.37
N LEU J 362 90.52 -22.93 -44.36
CA LEU J 362 90.18 -24.31 -44.06
C LEU J 362 88.93 -24.66 -44.85
N ARG J 363 88.22 -25.70 -44.41
CA ARG J 363 86.92 -26.06 -44.97
C ARG J 363 86.01 -24.84 -45.03
N PRO J 364 85.03 -24.82 -45.92
CA PRO J 364 84.18 -23.63 -46.07
C PRO J 364 83.49 -23.26 -44.77
N SER J 365 83.43 -21.96 -44.50
CA SER J 365 82.97 -21.48 -43.20
C SER J 365 81.48 -21.72 -43.01
N LEU J 366 81.09 -21.87 -41.76
CA LEU J 366 79.70 -21.98 -41.34
C LEU J 366 79.26 -20.67 -40.72
N PHE J 367 78.00 -20.61 -40.30
CA PHE J 367 77.41 -19.38 -39.82
C PHE J 367 76.85 -19.55 -38.42
N VAL J 368 76.82 -18.44 -37.68
CA VAL J 368 76.19 -18.35 -36.38
C VAL J 368 75.20 -17.21 -36.38
N TYR J 369 73.95 -17.52 -36.07
CA TYR J 369 73.00 -16.44 -35.88
C TYR J 369 72.69 -16.31 -34.39
N PRO J 370 72.56 -15.09 -33.87
CA PRO J 370 72.15 -14.93 -32.48
C PRO J 370 70.77 -15.53 -32.24
N GLU J 371 70.62 -16.17 -31.08
CA GLU J 371 69.37 -16.83 -30.73
C GLU J 371 69.01 -16.48 -29.30
N GLU J 372 67.70 -16.37 -29.03
CA GLU J 372 67.21 -16.08 -27.68
C GLU J 372 66.14 -17.12 -27.35
N SER J 373 66.58 -18.26 -26.84
CA SER J 373 65.69 -19.26 -26.26
C SER J 373 65.88 -19.39 -24.76
N LEU J 374 67.12 -19.33 -24.29
CA LEU J 374 67.39 -19.32 -22.85
C LEU J 374 68.52 -18.37 -22.49
N VAL J 375 68.85 -17.42 -23.37
CA VAL J 375 69.82 -16.37 -23.08
C VAL J 375 69.21 -15.05 -23.52
N ILE J 376 68.65 -14.30 -22.55
CA ILE J 376 68.11 -12.98 -22.86
C ILE J 376 69.25 -12.03 -23.22
N GLY J 377 68.99 -11.17 -24.21
CA GLY J 377 69.93 -10.15 -24.60
C GLY J 377 70.92 -10.56 -25.67
N SER J 378 70.92 -11.83 -26.07
CA SER J 378 71.81 -12.31 -27.12
C SER J 378 71.75 -11.41 -28.35
N SER J 379 70.55 -11.26 -28.90
CA SER J 379 70.37 -10.40 -30.06
C SER J 379 70.71 -8.96 -29.74
N THR J 380 70.35 -8.49 -28.54
CA THR J 380 70.64 -7.12 -28.15
C THR J 380 72.15 -6.87 -28.06
N LEU J 381 72.85 -7.72 -27.31
CA LEU J 381 74.29 -7.55 -27.16
C LEU J 381 75.00 -7.71 -28.50
N PHE J 382 74.52 -8.62 -29.35
CA PHE J 382 75.15 -8.77 -30.66
C PHE J 382 74.86 -7.59 -31.56
N SER J 383 73.70 -6.95 -31.40
CA SER J 383 73.45 -5.71 -32.11
C SER J 383 74.44 -4.64 -31.68
N ALA J 384 74.73 -4.57 -30.39
CA ALA J 384 75.79 -3.69 -29.91
C ALA J 384 77.12 -4.06 -30.55
N LEU J 385 77.41 -5.34 -30.65
CA LEU J 385 78.65 -5.79 -31.28
C LEU J 385 78.73 -5.34 -32.73
N LEU J 386 77.63 -5.46 -33.46
CA LEU J 386 77.66 -5.13 -34.88
C LEU J 386 77.73 -3.63 -35.10
N ILE J 387 77.04 -2.83 -34.26
CA ILE J 387 77.17 -1.39 -34.40
C ILE J 387 78.59 -0.96 -34.08
N LYS J 388 79.19 -1.55 -33.05
CA LYS J 388 80.62 -1.35 -32.80
C LYS J 388 81.43 -2.48 -33.42
N CYS J 389 81.14 -2.82 -34.67
CA CYS J 389 81.98 -3.75 -35.40
C CYS J 389 83.04 -3.06 -36.23
N LEU J 390 82.86 -1.77 -36.52
CA LEU J 390 83.95 -0.99 -37.09
C LEU J 390 85.17 -1.07 -36.20
N GLU J 391 84.97 -1.10 -34.88
CA GLU J 391 86.05 -1.37 -33.96
C GLU J 391 86.20 -2.87 -33.72
N LYS J 392 85.12 -3.63 -33.90
CA LYS J 392 85.20 -5.09 -33.76
C LYS J 392 85.59 -5.75 -35.09
N GLU J 393 86.66 -5.23 -35.69
CA GLU J 393 87.41 -6.05 -36.64
C GLU J 393 88.25 -7.08 -35.90
N VAL J 394 88.46 -6.85 -34.60
CA VAL J 394 89.05 -7.84 -33.72
C VAL J 394 87.95 -8.81 -33.32
N ALA J 395 87.81 -9.89 -34.09
CA ALA J 395 86.67 -10.80 -33.94
C ALA J 395 86.93 -11.82 -32.84
N ALA J 396 85.87 -12.53 -32.48
CA ALA J 396 85.93 -13.49 -31.38
C ALA J 396 86.77 -14.70 -31.74
N LEU J 397 87.37 -15.30 -30.71
CA LEU J 397 88.21 -16.49 -30.85
C LEU J 397 87.69 -17.59 -29.94
N CYS J 398 87.52 -18.79 -30.49
CA CYS J 398 87.01 -19.90 -29.71
C CYS J 398 87.51 -21.22 -30.29
N ARG J 399 87.49 -22.24 -29.45
CA ARG J 399 87.79 -23.61 -29.84
C ARG J 399 86.47 -24.36 -29.84
N TYR J 400 85.73 -24.25 -30.94
CA TYR J 400 84.34 -24.66 -30.97
C TYR J 400 84.18 -26.16 -30.77
N THR J 401 83.33 -26.55 -29.83
CA THR J 401 82.98 -27.94 -29.62
C THR J 401 81.71 -28.25 -30.41
N PRO J 402 81.78 -29.05 -31.47
CA PRO J 402 80.58 -29.35 -32.27
C PRO J 402 79.46 -29.98 -31.46
N ARG J 403 79.72 -31.15 -30.88
CA ARG J 403 78.75 -31.83 -30.04
C ARG J 403 79.48 -32.47 -28.86
N ARG J 404 78.73 -33.25 -28.09
CA ARG J 404 79.33 -34.06 -27.04
C ARG J 404 80.06 -35.24 -27.67
N ASN J 405 80.94 -35.85 -26.87
CA ASN J 405 81.70 -37.03 -27.27
C ASN J 405 82.67 -36.74 -28.40
N ILE J 406 82.72 -35.50 -28.88
CA ILE J 406 83.63 -35.14 -29.96
C ILE J 406 84.40 -33.90 -29.54
N PRO J 407 85.63 -33.72 -30.04
CA PRO J 407 86.50 -32.71 -29.48
C PRO J 407 86.13 -31.33 -29.98
N PRO J 408 86.53 -30.29 -29.25
CA PRO J 408 86.41 -28.94 -29.80
C PRO J 408 87.49 -28.68 -30.83
N TYR J 409 87.30 -27.60 -31.59
CA TYR J 409 88.30 -27.22 -32.57
C TYR J 409 88.28 -25.70 -32.71
N PHE J 410 89.46 -25.12 -32.85
CA PHE J 410 89.56 -23.67 -32.98
C PHE J 410 89.01 -23.22 -34.32
N VAL J 411 88.01 -22.34 -34.27
CA VAL J 411 87.34 -21.84 -35.46
C VAL J 411 87.10 -20.35 -35.26
N ALA J 412 87.65 -19.53 -36.14
CA ALA J 412 87.41 -18.10 -36.03
C ALA J 412 86.00 -17.78 -36.48
N LEU J 413 85.58 -16.55 -36.22
CA LEU J 413 84.19 -16.12 -36.40
C LEU J 413 84.21 -14.77 -37.11
N VAL J 414 83.79 -14.76 -38.36
CA VAL J 414 83.78 -13.53 -39.14
C VAL J 414 82.49 -12.75 -38.83
N PRO J 415 82.58 -11.53 -38.29
CA PRO J 415 81.37 -10.81 -37.90
C PRO J 415 80.48 -10.47 -39.08
N GLN J 416 79.33 -11.13 -39.16
CA GLN J 416 78.38 -10.86 -40.22
C GLN J 416 77.47 -9.72 -39.80
N GLU J 417 77.43 -8.67 -40.61
CA GLU J 417 76.56 -7.55 -40.31
C GLU J 417 75.14 -7.84 -40.77
N GLU J 418 74.24 -6.90 -40.49
CA GLU J 418 72.89 -6.95 -41.02
C GLU J 418 72.88 -6.40 -42.44
N GLU J 419 73.60 -7.10 -43.32
CA GLU J 419 73.72 -6.66 -44.70
C GLU J 419 72.42 -6.91 -45.45
N LEU J 420 71.42 -6.07 -45.18
CA LEU J 420 70.14 -6.13 -45.87
C LEU J 420 70.21 -5.24 -47.11
N ASP J 421 69.90 -5.82 -48.26
CA ASP J 421 69.97 -5.08 -49.51
C ASP J 421 68.78 -4.13 -49.62
N ASP J 422 68.88 -3.20 -50.59
CA ASP J 422 67.79 -2.24 -50.78
C ASP J 422 66.51 -2.92 -51.24
N GLN J 423 66.63 -4.02 -51.97
CA GLN J 423 65.48 -4.86 -52.29
C GLN J 423 65.09 -5.75 -51.12
N LYS J 424 65.67 -5.53 -49.94
CA LYS J 424 65.35 -6.26 -48.72
C LYS J 424 65.73 -7.74 -48.84
N ILE J 425 66.97 -7.99 -49.21
CA ILE J 425 67.56 -9.33 -49.18
C ILE J 425 68.66 -9.31 -48.13
N GLN J 426 68.50 -10.13 -47.09
CA GLN J 426 69.47 -10.18 -46.00
C GLN J 426 70.61 -11.12 -46.39
N VAL J 427 71.43 -10.63 -47.32
CA VAL J 427 72.65 -11.34 -47.65
C VAL J 427 73.59 -11.28 -46.46
N THR J 428 74.18 -12.42 -46.11
CA THR J 428 75.01 -12.53 -44.92
C THR J 428 74.26 -12.00 -43.71
N PRO J 429 73.25 -12.72 -43.22
CA PRO J 429 72.44 -12.22 -42.10
C PRO J 429 73.30 -11.93 -40.89
N PRO J 430 72.88 -10.99 -40.04
CA PRO J 430 73.70 -10.58 -38.89
C PRO J 430 74.15 -11.76 -38.03
N GLY J 431 75.44 -12.02 -38.00
CA GLY J 431 75.97 -13.14 -37.25
C GLY J 431 77.46 -13.27 -37.32
N PHE J 432 77.95 -14.50 -37.42
CA PHE J 432 79.38 -14.76 -37.50
C PHE J 432 79.64 -15.93 -38.44
N GLN J 433 80.59 -15.74 -39.36
CA GLN J 433 81.01 -16.81 -40.26
C GLN J 433 82.13 -17.60 -39.61
N LEU J 434 82.00 -18.93 -39.63
CA LEU J 434 82.86 -19.81 -38.85
C LEU J 434 84.04 -20.28 -39.70
N VAL J 435 84.95 -19.35 -39.96
CA VAL J 435 86.22 -19.73 -40.59
C VAL J 435 87.07 -20.48 -39.57
N PHE J 436 87.60 -21.61 -39.99
CA PHE J 436 88.14 -22.60 -39.07
C PHE J 436 89.63 -22.40 -38.90
N LEU J 437 90.07 -22.31 -37.66
CA LEU J 437 91.48 -22.07 -37.36
C LEU J 437 92.27 -23.35 -37.51
N PRO J 438 93.26 -23.39 -38.40
CA PRO J 438 94.02 -24.63 -38.61
C PRO J 438 94.90 -24.96 -37.42
N PHE J 439 95.46 -26.15 -37.46
CA PHE J 439 96.51 -26.59 -36.55
C PHE J 439 97.78 -26.85 -37.36
N ALA J 440 98.82 -27.32 -36.67
CA ALA J 440 99.96 -27.85 -37.40
C ALA J 440 99.60 -29.10 -38.19
N ASP J 441 98.47 -29.74 -37.86
CA ASP J 441 97.94 -30.80 -38.68
C ASP J 441 97.64 -30.30 -40.08
N ASP J 442 97.00 -29.14 -40.18
CA ASP J 442 96.54 -28.58 -41.46
C ASP J 442 97.70 -27.97 -42.24
N LYS J 443 98.68 -28.82 -42.57
CA LYS J 443 99.85 -28.37 -43.32
C LYS J 443 100.36 -29.51 -44.19
N ARG J 444 100.66 -29.19 -45.45
CA ARG J 444 101.43 -30.05 -46.34
C ARG J 444 102.46 -29.14 -47.00
N LYS J 445 103.70 -29.24 -46.56
CA LYS J 445 104.68 -28.22 -46.89
C LYS J 445 105.06 -28.25 -48.37
N MET J 446 105.52 -27.10 -48.85
CA MET J 446 106.10 -26.91 -50.18
C MET J 446 107.62 -26.83 -50.11
N PRO J 447 108.30 -27.03 -51.23
CA PRO J 447 109.71 -26.62 -51.32
C PRO J 447 109.85 -25.11 -51.23
N PHE J 448 111.09 -24.62 -51.32
CA PHE J 448 111.37 -23.21 -51.08
C PHE J 448 112.17 -22.58 -52.21
N THR J 449 111.91 -22.99 -53.45
CA THR J 449 112.60 -22.40 -54.60
C THR J 449 112.08 -20.98 -54.83
N GLU J 450 112.43 -20.07 -53.92
CA GLU J 450 111.92 -18.70 -53.94
C GLU J 450 112.14 -18.05 -55.29
N LYS J 451 111.05 -17.67 -55.94
CA LYS J 451 111.08 -17.05 -57.26
C LYS J 451 111.04 -15.54 -57.12
N ILE J 452 111.69 -14.85 -58.06
CA ILE J 452 111.84 -13.42 -58.01
C ILE J 452 110.94 -12.79 -59.08
N MET J 453 110.60 -11.53 -58.85
CA MET J 453 109.65 -10.82 -59.71
C MET J 453 110.27 -10.56 -61.07
N ALA J 454 109.41 -10.29 -62.06
CA ALA J 454 109.86 -9.96 -63.40
C ALA J 454 109.85 -8.44 -63.61
N THR J 455 110.22 -8.03 -64.82
CA THR J 455 110.26 -6.61 -65.15
C THR J 455 108.85 -6.03 -65.12
N PRO J 456 108.69 -4.79 -64.66
CA PRO J 456 107.34 -4.23 -64.47
C PRO J 456 106.53 -4.10 -65.73
N GLU J 457 107.17 -4.06 -66.92
CA GLU J 457 106.40 -3.95 -68.15
C GLU J 457 105.52 -5.18 -68.35
N GLN J 458 106.02 -6.36 -67.95
CA GLN J 458 105.19 -7.56 -67.99
C GLN J 458 103.96 -7.39 -67.11
N VAL J 459 104.16 -6.89 -65.88
CA VAL J 459 103.04 -6.72 -64.96
C VAL J 459 102.02 -5.76 -65.53
N GLY J 460 102.49 -4.63 -66.08
CA GLY J 460 101.57 -3.66 -66.63
C GLY J 460 100.80 -4.17 -67.83
N LYS J 461 101.50 -4.82 -68.77
CA LYS J 461 100.83 -5.32 -69.96
C LYS J 461 99.83 -6.41 -69.60
N MET J 462 100.16 -7.28 -68.64
CA MET J 462 99.22 -8.30 -68.24
C MET J 462 98.09 -7.76 -67.36
N LYS J 463 98.31 -6.67 -66.64
CA LYS J 463 97.21 -5.99 -65.98
C LYS J 463 96.23 -5.46 -67.02
N ALA J 464 96.75 -4.83 -68.06
CA ALA J 464 95.90 -4.40 -69.17
C ALA J 464 95.17 -5.59 -69.79
N ILE J 465 95.87 -6.71 -69.90
CA ILE J 465 95.26 -7.92 -70.46
C ILE J 465 94.09 -8.37 -69.59
N VAL J 466 94.33 -8.54 -68.29
CA VAL J 466 93.34 -9.16 -67.42
C VAL J 466 92.16 -8.23 -67.21
N GLU J 467 92.41 -6.92 -67.12
CA GLU J 467 91.28 -6.01 -66.96
C GLU J 467 90.53 -5.84 -68.26
N LYS J 468 91.25 -5.83 -69.39
CA LYS J 468 90.59 -5.92 -70.69
C LYS J 468 89.83 -7.23 -70.82
N LEU J 469 90.44 -8.33 -70.38
CA LEU J 469 89.77 -9.62 -70.36
C LEU J 469 89.08 -9.85 -69.02
N ARG J 470 88.33 -8.85 -68.56
CA ARG J 470 87.61 -8.97 -67.31
C ARG J 470 86.38 -9.82 -67.55
N PHE J 471 86.32 -10.98 -66.91
CA PHE J 471 85.14 -11.82 -67.03
C PHE J 471 84.02 -11.24 -66.18
N THR J 472 82.83 -11.18 -66.77
CA THR J 472 81.68 -10.62 -66.07
C THR J 472 81.43 -11.39 -64.78
N TYR J 473 81.51 -10.69 -63.65
CA TYR J 473 81.31 -11.34 -62.36
C TYR J 473 79.89 -11.87 -62.24
N ARG J 474 79.78 -13.11 -61.77
CA ARG J 474 78.46 -13.69 -61.49
C ARG J 474 78.64 -14.81 -60.48
N SER J 475 78.22 -14.57 -59.24
CA SER J 475 78.35 -15.59 -58.21
C SER J 475 77.49 -16.80 -58.53
N ASP J 476 76.23 -16.57 -58.91
CA ASP J 476 75.33 -17.65 -59.31
C ASP J 476 75.55 -17.93 -60.79
N SER J 477 76.70 -18.56 -61.08
CA SER J 477 77.05 -18.92 -62.44
C SER J 477 77.72 -20.28 -62.56
N PHE J 478 77.84 -21.04 -61.47
CA PHE J 478 78.61 -22.28 -61.48
C PHE J 478 77.67 -23.46 -61.32
N GLU J 479 77.66 -24.33 -62.33
CA GLU J 479 76.92 -25.57 -62.28
C GLU J 479 77.83 -26.68 -62.78
N ASN J 480 77.89 -27.78 -62.04
CA ASN J 480 78.89 -28.80 -62.35
C ASN J 480 78.45 -29.63 -63.54
N PRO J 481 79.25 -29.72 -64.60
CA PRO J 481 78.83 -30.48 -65.79
C PRO J 481 78.47 -31.91 -65.50
N VAL J 482 79.22 -32.57 -64.61
CA VAL J 482 78.82 -33.91 -64.21
C VAL J 482 77.48 -33.88 -63.49
N LEU J 483 77.29 -32.90 -62.60
CA LEU J 483 76.02 -32.78 -61.91
C LEU J 483 74.87 -32.53 -62.88
N GLN J 484 75.03 -31.53 -63.75
CA GLN J 484 73.96 -31.20 -64.68
C GLN J 484 73.66 -32.36 -65.60
N GLN J 485 74.69 -32.93 -66.22
CA GLN J 485 74.50 -34.07 -67.11
C GLN J 485 73.86 -35.23 -66.35
N HIS J 486 74.16 -35.35 -65.06
CA HIS J 486 73.56 -36.41 -64.25
C HIS J 486 72.07 -36.17 -64.08
N PHE J 487 71.68 -34.93 -63.79
CA PHE J 487 70.27 -34.60 -63.71
C PHE J 487 69.58 -34.92 -65.01
N ARG J 488 70.25 -34.62 -66.12
CA ARG J 488 69.66 -34.85 -67.44
C ARG J 488 69.53 -36.33 -67.74
N ASN J 489 70.51 -37.14 -67.33
CA ASN J 489 70.38 -38.58 -67.46
C ASN J 489 69.22 -39.10 -66.63
N LEU J 490 69.08 -38.60 -65.40
CA LEU J 490 68.01 -39.06 -64.53
C LEU J 490 66.65 -38.74 -65.15
N GLU J 491 66.45 -37.49 -65.53
CA GLU J 491 65.16 -37.09 -66.09
C GLU J 491 64.90 -37.77 -67.43
N ALA J 492 65.93 -37.85 -68.28
CA ALA J 492 65.76 -38.48 -69.58
C ALA J 492 65.59 -39.98 -69.44
N LEU J 493 66.46 -40.63 -68.66
CA LEU J 493 66.25 -42.05 -68.36
C LEU J 493 65.37 -42.20 -67.13
N ALA J 494 64.28 -41.45 -67.16
CA ALA J 494 63.06 -41.71 -66.40
C ALA J 494 61.88 -41.88 -67.33
N LEU J 495 61.86 -41.17 -68.44
CA LEU J 495 60.99 -41.45 -69.57
C LEU J 495 61.76 -42.29 -70.58
N ASP J 496 61.15 -42.53 -71.74
CA ASP J 496 61.90 -43.12 -72.85
C ASP J 496 62.49 -42.04 -73.74
N LEU J 497 63.24 -41.11 -73.13
CA LEU J 497 63.85 -40.05 -73.89
C LEU J 497 64.97 -40.62 -74.76
N MET J 498 65.09 -40.07 -75.97
CA MET J 498 66.09 -40.56 -76.91
C MET J 498 67.50 -40.32 -76.39
N GLU J 499 67.74 -39.20 -75.73
CA GLU J 499 69.05 -38.92 -75.19
C GLU J 499 68.96 -37.84 -74.12
N PRO J 500 69.78 -37.92 -73.08
CA PRO J 500 69.86 -36.83 -72.11
C PRO J 500 70.83 -35.75 -72.58
N GLU J 501 70.36 -34.52 -72.66
CA GLU J 501 71.21 -33.44 -73.14
C GLU J 501 72.39 -33.23 -72.19
N GLN J 502 73.53 -32.89 -72.78
CA GLN J 502 74.72 -32.55 -71.99
C GLN J 502 74.75 -31.04 -71.82
N ALA J 503 74.46 -30.58 -70.61
CA ALA J 503 74.35 -29.16 -70.34
C ALA J 503 75.69 -28.45 -70.54
N VAL J 504 75.76 -27.56 -71.53
CA VAL J 504 76.94 -26.73 -71.73
C VAL J 504 76.94 -25.65 -70.65
N ASP J 505 77.83 -25.78 -69.68
CA ASP J 505 77.78 -24.92 -68.50
C ASP J 505 78.67 -23.70 -68.69
N LEU J 506 78.34 -22.66 -67.91
CA LEU J 506 79.19 -21.47 -67.86
C LEU J 506 80.56 -21.80 -67.30
N THR J 507 80.68 -22.91 -66.57
CA THR J 507 81.95 -23.33 -66.01
C THR J 507 82.94 -23.80 -67.07
N LEU J 508 82.49 -23.99 -68.30
CA LEU J 508 83.37 -24.51 -69.34
C LEU J 508 84.19 -23.37 -69.94
N PRO J 509 85.52 -23.43 -69.88
CA PRO J 509 86.33 -22.40 -70.53
C PRO J 509 86.28 -22.53 -72.04
N LYS J 510 86.64 -21.45 -72.72
CA LYS J 510 86.58 -21.37 -74.17
C LYS J 510 87.98 -21.17 -74.74
N VAL J 511 88.04 -21.01 -76.06
CA VAL J 511 89.30 -20.81 -76.77
C VAL J 511 89.36 -19.46 -77.46
N GLU J 512 88.22 -18.97 -77.97
CA GLU J 512 88.21 -17.76 -78.77
C GLU J 512 87.36 -16.64 -78.21
N ALA J 513 86.42 -16.92 -77.30
CA ALA J 513 85.60 -15.85 -76.73
C ALA J 513 86.48 -14.85 -75.97
N MET J 514 87.40 -15.35 -75.16
CA MET J 514 88.41 -14.47 -74.57
C MET J 514 89.48 -14.10 -75.58
N ASN J 515 89.66 -14.92 -76.63
CA ASN J 515 90.60 -14.57 -77.68
C ASN J 515 90.00 -13.62 -78.70
N LYS J 516 88.73 -13.26 -78.56
CA LYS J 516 88.16 -12.13 -79.28
C LYS J 516 87.87 -10.94 -78.38
N ARG J 517 87.58 -11.19 -77.10
CA ARG J 517 87.50 -10.09 -76.14
C ARG J 517 88.87 -9.48 -75.89
N LEU J 518 89.93 -10.31 -75.91
CA LEU J 518 91.29 -9.84 -75.74
C LEU J 518 92.14 -10.03 -76.98
N GLY J 519 92.26 -11.26 -77.48
CA GLY J 519 93.10 -11.55 -78.62
C GLY J 519 94.41 -12.22 -78.21
N SER J 520 95.23 -12.48 -79.23
CA SER J 520 96.53 -13.11 -79.05
C SER J 520 97.59 -12.14 -78.54
N LEU J 521 97.21 -10.91 -78.22
CA LEU J 521 98.16 -9.95 -77.67
C LEU J 521 98.74 -10.43 -76.35
N VAL J 522 98.07 -11.36 -75.67
CA VAL J 522 98.65 -11.97 -74.48
C VAL J 522 99.90 -12.77 -74.85
N ASP J 523 99.83 -13.56 -75.93
CA ASP J 523 100.98 -14.34 -76.35
C ASP J 523 102.05 -13.47 -76.98
N GLU J 524 101.64 -12.46 -77.78
CA GLU J 524 102.61 -11.53 -78.32
C GLU J 524 103.31 -10.78 -77.21
N PHE J 525 102.58 -10.43 -76.15
CA PHE J 525 103.18 -9.86 -74.97
C PHE J 525 104.11 -10.86 -74.31
N LYS J 526 103.76 -12.14 -74.36
CA LYS J 526 104.65 -13.19 -73.86
C LYS J 526 105.80 -13.30 -74.86
N GLU J 527 106.71 -12.34 -74.75
CA GLU J 527 107.81 -12.14 -75.68
C GLU J 527 109.03 -12.98 -75.37
N LEU J 528 109.02 -13.70 -74.25
CA LEU J 528 110.20 -14.47 -73.87
C LEU J 528 110.41 -15.65 -74.81
N VAL J 529 111.69 -15.98 -75.05
CA VAL J 529 112.02 -17.06 -75.97
C VAL J 529 111.48 -18.37 -75.42
N TYR J 530 110.89 -19.17 -76.31
CA TYR J 530 110.23 -20.43 -75.97
C TYR J 530 109.22 -20.23 -74.86
N PRO J 531 108.07 -19.61 -75.15
CA PRO J 531 107.03 -19.44 -74.13
C PRO J 531 106.55 -20.79 -73.61
N PRO J 532 105.78 -20.81 -72.51
CA PRO J 532 105.34 -22.09 -71.93
C PRO J 532 104.42 -22.86 -72.87
N ASP J 533 104.11 -22.27 -74.03
CA ASP J 533 103.46 -22.99 -75.12
C ASP J 533 104.53 -23.82 -75.82
N TYR J 534 104.86 -24.95 -75.20
CA TYR J 534 105.96 -25.79 -75.67
C TYR J 534 105.70 -26.33 -77.07
N ASN K 6 116.51 -39.71 -45.69
CA ASN K 6 115.52 -39.30 -44.70
C ASN K 6 115.77 -39.99 -43.37
N LYS K 7 116.89 -40.70 -43.28
CA LYS K 7 117.27 -41.43 -42.09
C LYS K 7 118.30 -40.64 -41.30
N ALA K 8 118.21 -40.70 -39.97
CA ALA K 8 119.06 -39.91 -39.09
C ALA K 8 120.04 -40.83 -38.38
N ALA K 9 121.34 -40.64 -38.65
CA ALA K 9 122.36 -41.42 -37.97
C ALA K 9 122.49 -40.98 -36.52
N VAL K 10 121.76 -41.64 -35.63
CA VAL K 10 121.68 -41.21 -34.24
C VAL K 10 122.28 -42.31 -33.37
N VAL K 11 123.44 -42.03 -32.78
CA VAL K 11 123.96 -42.80 -31.66
C VAL K 11 123.93 -41.86 -30.46
N LEU K 12 122.87 -41.96 -29.67
CA LEU K 12 122.72 -41.07 -28.52
C LEU K 12 123.86 -41.29 -27.53
N CYS K 13 124.73 -40.31 -27.42
CA CYS K 13 125.89 -40.41 -26.55
C CYS K 13 125.59 -39.77 -25.20
N MET K 14 124.59 -40.34 -24.54
CA MET K 14 124.27 -39.98 -23.16
C MET K 14 125.31 -40.52 -22.20
N ASP K 15 125.62 -39.74 -21.18
CA ASP K 15 126.62 -40.12 -20.20
C ASP K 15 125.96 -40.81 -19.01
N VAL K 16 126.73 -41.68 -18.36
CA VAL K 16 126.35 -42.26 -17.08
C VAL K 16 127.33 -41.78 -16.00
N GLY K 17 127.94 -40.62 -16.21
CA GLY K 17 128.88 -40.04 -15.26
C GLY K 17 128.28 -39.97 -13.87
N PHE K 18 129.10 -40.23 -12.85
CA PHE K 18 128.56 -40.47 -11.51
C PHE K 18 127.66 -39.33 -11.05
N THR K 19 127.92 -38.10 -11.49
CA THR K 19 127.08 -36.97 -11.14
C THR K 19 125.69 -37.03 -11.77
N MET K 20 125.48 -37.90 -12.75
CA MET K 20 124.15 -38.05 -13.33
C MET K 20 123.14 -38.54 -12.29
N SER K 21 123.47 -39.64 -11.60
CA SER K 21 122.59 -40.12 -10.55
C SER K 21 122.52 -39.17 -9.36
N ASN K 22 123.50 -38.31 -9.21
CA ASN K 22 123.50 -37.34 -8.11
C ASN K 22 122.34 -36.37 -8.28
N SER K 23 121.33 -36.50 -7.43
CA SER K 23 120.15 -35.65 -7.50
C SER K 23 120.53 -34.24 -7.08
N ILE K 24 120.66 -33.35 -8.07
CA ILE K 24 120.99 -31.96 -7.80
C ILE K 24 119.84 -31.33 -7.03
N PRO K 25 120.08 -30.75 -5.86
CA PRO K 25 118.98 -30.22 -5.05
C PRO K 25 118.19 -29.15 -5.80
N GLY K 26 116.89 -29.14 -5.55
CA GLY K 26 115.99 -28.25 -6.24
C GLY K 26 115.51 -28.74 -7.59
N ILE K 27 115.95 -29.93 -8.02
CA ILE K 27 115.58 -30.47 -9.31
C ILE K 27 115.80 -31.98 -9.24
N GLU K 28 115.18 -32.71 -10.16
CA GLU K 28 115.51 -34.11 -10.30
C GLU K 28 116.95 -34.24 -10.82
N SER K 29 117.53 -35.42 -10.62
CA SER K 29 118.90 -35.63 -11.02
C SER K 29 119.05 -35.39 -12.52
N PRO K 30 120.21 -34.89 -12.96
CA PRO K 30 120.40 -34.67 -14.41
C PRO K 30 120.11 -35.91 -15.23
N PHE K 31 120.50 -37.08 -14.72
CA PHE K 31 120.17 -38.33 -15.38
C PHE K 31 118.67 -38.52 -15.49
N GLU K 32 117.94 -38.24 -14.40
CA GLU K 32 116.50 -38.47 -14.40
C GLU K 32 115.77 -37.55 -15.37
N GLN K 33 116.05 -36.25 -15.29
CA GLN K 33 115.40 -35.31 -16.19
C GLN K 33 115.77 -35.59 -17.64
N ALA K 34 117.05 -35.91 -17.89
CA ALA K 34 117.48 -36.20 -19.24
C ALA K 34 116.79 -37.44 -19.79
N LYS K 35 116.70 -38.49 -18.98
CA LYS K 35 116.05 -39.71 -19.45
C LYS K 35 114.57 -39.48 -19.69
N LYS K 36 113.91 -38.69 -18.83
CA LYS K 36 112.48 -38.47 -19.04
C LYS K 36 112.23 -37.64 -20.30
N VAL K 37 113.06 -36.63 -20.55
CA VAL K 37 112.85 -35.81 -21.74
C VAL K 37 113.19 -36.58 -23.00
N ILE K 38 114.24 -37.41 -22.97
CA ILE K 38 114.53 -38.20 -24.14
C ILE K 38 113.47 -39.28 -24.36
N THR K 39 112.83 -39.76 -23.28
CA THR K 39 111.75 -40.72 -23.48
C THR K 39 110.50 -40.06 -24.07
N MET K 40 110.16 -38.85 -23.65
CA MET K 40 109.05 -38.17 -24.33
C MET K 40 109.42 -37.88 -25.78
N PHE K 41 110.67 -37.48 -26.02
CA PHE K 41 111.15 -37.28 -27.37
C PHE K 41 110.96 -38.52 -28.21
N VAL K 42 111.45 -39.67 -27.71
CA VAL K 42 111.42 -40.89 -28.49
C VAL K 42 110.00 -41.43 -28.61
N GLN K 43 109.14 -41.21 -27.62
CA GLN K 43 107.77 -41.68 -27.74
C GLN K 43 107.05 -40.94 -28.85
N ARG K 44 107.16 -39.61 -28.87
CA ARG K 44 106.47 -38.91 -29.94
C ARG K 44 107.24 -38.98 -31.26
N GLN K 45 108.48 -39.48 -31.26
CA GLN K 45 109.15 -39.71 -32.52
C GLN K 45 108.83 -41.09 -33.11
N VAL K 46 108.72 -42.10 -32.26
CA VAL K 46 108.22 -43.40 -32.72
C VAL K 46 106.76 -43.27 -33.15
N PHE K 47 105.99 -42.43 -32.47
CA PHE K 47 104.67 -42.09 -32.97
C PHE K 47 104.76 -41.23 -34.22
N ALA K 48 105.82 -40.42 -34.33
CA ALA K 48 106.15 -39.81 -35.61
C ALA K 48 106.79 -40.80 -36.56
N GLU K 49 107.22 -41.96 -36.07
CA GLU K 49 107.82 -43.02 -36.89
C GLU K 49 108.98 -42.48 -37.70
N ASN K 50 109.79 -41.64 -37.07
CA ASN K 50 110.94 -41.04 -37.74
C ASN K 50 111.92 -42.12 -38.16
N LYS K 51 112.53 -41.92 -39.33
CA LYS K 51 113.57 -42.81 -39.82
C LYS K 51 114.84 -42.48 -39.05
N ASP K 52 114.97 -43.08 -37.87
CA ASP K 52 116.08 -42.77 -36.97
C ASP K 52 116.94 -43.99 -36.69
N GLU K 53 116.34 -45.12 -36.36
CA GLU K 53 117.06 -46.32 -35.93
C GLU K 53 118.01 -45.97 -34.78
N ILE K 54 117.40 -45.55 -33.67
CA ILE K 54 118.13 -44.91 -32.59
C ILE K 54 119.19 -45.85 -32.03
N ALA K 55 120.39 -45.34 -31.87
CA ALA K 55 121.45 -46.02 -31.13
C ALA K 55 121.76 -45.22 -29.87
N LEU K 56 122.13 -45.92 -28.81
CA LEU K 56 122.35 -45.30 -27.51
C LEU K 56 123.59 -45.90 -26.87
N VAL K 57 124.63 -45.08 -26.72
CA VAL K 57 125.83 -45.46 -26.00
C VAL K 57 125.82 -44.71 -24.66
N LEU K 58 125.96 -45.46 -23.57
CA LEU K 58 125.90 -44.90 -22.22
C LEU K 58 127.28 -45.04 -21.58
N PHE K 59 128.10 -44.00 -21.71
CA PHE K 59 129.42 -43.98 -21.10
C PHE K 59 129.31 -43.37 -19.71
N GLY K 60 129.90 -44.05 -18.74
CA GLY K 60 129.80 -43.62 -17.36
C GLY K 60 129.48 -44.74 -16.39
N THR K 61 129.59 -45.99 -16.85
CA THR K 61 129.45 -47.10 -15.94
C THR K 61 130.61 -47.12 -14.96
N ASP K 62 130.54 -48.04 -14.00
CA ASP K 62 131.64 -48.21 -13.05
C ASP K 62 132.75 -49.03 -13.69
N GLY K 63 134.00 -48.65 -13.42
CA GLY K 63 135.13 -49.37 -13.94
C GLY K 63 135.41 -49.11 -15.41
N THR K 64 135.23 -50.12 -16.26
CA THR K 64 135.43 -49.97 -17.69
C THR K 64 134.60 -51.05 -18.39
N ASP K 65 133.43 -50.66 -18.90
CA ASP K 65 132.58 -51.53 -19.70
C ASP K 65 132.38 -50.84 -21.05
N ASN K 66 132.94 -51.41 -22.11
CA ASN K 66 132.98 -50.75 -23.40
C ASN K 66 132.84 -51.77 -24.52
N PRO K 67 132.29 -51.36 -25.66
CA PRO K 67 132.51 -52.15 -26.88
C PRO K 67 133.98 -52.19 -27.26
N LEU K 68 134.71 -51.12 -27.00
CA LEU K 68 136.15 -51.06 -27.16
C LEU K 68 136.71 -50.33 -25.94
N SER K 69 137.40 -51.06 -25.07
CA SER K 69 137.89 -50.46 -23.83
C SER K 69 138.92 -49.37 -24.12
N GLY K 70 139.94 -49.69 -24.90
CA GLY K 70 140.98 -48.73 -25.23
C GLY K 70 141.71 -48.16 -24.04
N GLY K 71 141.99 -48.98 -23.03
CA GLY K 71 142.64 -48.50 -21.84
C GLY K 71 141.82 -47.50 -21.06
N ASP K 72 140.50 -47.68 -21.03
CA ASP K 72 139.56 -46.81 -20.33
C ASP K 72 139.61 -45.37 -20.85
N GLN K 73 140.28 -45.12 -21.97
CA GLN K 73 140.15 -43.83 -22.63
C GLN K 73 138.84 -43.78 -23.41
N TYR K 74 138.57 -44.81 -24.20
CA TYR K 74 137.22 -45.08 -24.66
C TYR K 74 136.45 -45.57 -23.44
N GLN K 75 135.97 -44.65 -22.62
CA GLN K 75 135.63 -44.98 -21.24
C GLN K 75 134.16 -45.33 -21.08
N ASN K 76 133.90 -46.49 -20.49
CA ASN K 76 132.64 -46.81 -19.81
C ASN K 76 131.43 -46.82 -20.74
N ILE K 77 131.64 -46.89 -22.05
CA ILE K 77 130.55 -46.85 -23.01
C ILE K 77 129.72 -48.14 -22.86
N THR K 78 128.53 -48.01 -22.27
CA THR K 78 127.59 -49.12 -22.18
C THR K 78 126.49 -48.87 -23.20
N VAL K 79 126.73 -49.32 -24.43
CA VAL K 79 125.78 -49.10 -25.52
C VAL K 79 124.48 -49.83 -25.21
N HIS K 80 123.38 -49.07 -25.18
CA HIS K 80 122.05 -49.63 -24.95
C HIS K 80 121.33 -49.90 -26.26
N ARG K 81 121.11 -48.86 -27.05
CA ARG K 81 120.58 -49.01 -28.40
C ARG K 81 121.75 -49.04 -29.36
N HIS K 82 121.75 -50.01 -30.27
CA HIS K 82 122.86 -50.20 -31.20
C HIS K 82 122.50 -49.76 -32.61
N LEU K 83 121.44 -50.34 -33.18
CA LEU K 83 120.83 -49.81 -34.40
C LEU K 83 119.40 -50.35 -34.46
N MET K 84 118.44 -49.54 -34.05
CA MET K 84 117.04 -49.94 -34.08
C MET K 84 116.16 -48.74 -33.74
N LEU K 85 115.03 -48.66 -34.40
CA LEU K 85 114.00 -47.71 -34.01
C LEU K 85 113.39 -48.23 -32.71
N PRO K 86 113.44 -47.48 -31.61
CA PRO K 86 112.97 -48.01 -30.34
C PRO K 86 111.49 -48.34 -30.37
N ASP K 87 111.12 -49.43 -29.69
CA ASP K 87 109.76 -49.89 -29.61
C ASP K 87 109.26 -49.76 -28.17
N PHE K 88 107.97 -50.01 -27.98
CA PHE K 88 107.35 -49.80 -26.68
C PHE K 88 108.13 -50.50 -25.58
N ASP K 89 108.47 -51.77 -25.80
CA ASP K 89 109.36 -52.47 -24.86
C ASP K 89 110.72 -51.79 -24.78
N LEU K 90 111.25 -51.37 -25.93
CA LEU K 90 112.55 -50.70 -25.92
C LEU K 90 112.48 -49.36 -25.20
N LEU K 91 111.37 -48.62 -25.38
CA LEU K 91 111.20 -47.39 -24.61
C LEU K 91 111.10 -47.67 -23.11
N GLU K 92 110.41 -48.75 -22.73
CA GLU K 92 110.36 -49.13 -21.32
C GLU K 92 111.76 -49.41 -20.80
N ASP K 93 112.57 -50.10 -21.59
CA ASP K 93 113.97 -50.31 -21.23
C ASP K 93 114.70 -48.97 -21.10
N ILE K 94 114.41 -48.04 -22.01
CA ILE K 94 115.09 -46.75 -22.02
C ILE K 94 114.80 -45.97 -20.75
N GLU K 95 113.53 -45.95 -20.32
CA GLU K 95 113.18 -45.16 -19.15
C GLU K 95 113.42 -45.91 -17.84
N SER K 96 113.14 -47.21 -17.81
CA SER K 96 113.25 -47.97 -16.56
C SER K 96 114.62 -48.62 -16.42
N LYS K 97 114.96 -49.52 -17.34
CA LYS K 97 116.22 -50.25 -17.27
C LYS K 97 117.35 -49.41 -17.88
N ILE K 98 117.63 -48.30 -17.21
CA ILE K 98 118.62 -47.33 -17.66
C ILE K 98 119.58 -47.08 -16.52
N GLN K 99 120.82 -46.73 -16.87
CA GLN K 99 121.91 -46.71 -15.91
C GLN K 99 122.10 -45.32 -15.34
N PRO K 100 121.79 -45.09 -14.06
CA PRO K 100 122.08 -43.80 -13.46
C PRO K 100 123.57 -43.63 -13.20
N GLY K 101 123.97 -42.37 -13.02
CA GLY K 101 125.36 -42.03 -12.83
C GLY K 101 126.10 -42.82 -11.77
N SER K 102 127.03 -43.65 -12.19
CA SER K 102 127.82 -44.48 -11.30
C SER K 102 129.28 -44.07 -11.22
N GLN K 103 129.90 -43.79 -12.37
CA GLN K 103 131.26 -43.30 -12.42
C GLN K 103 131.37 -42.35 -13.61
N GLN K 104 132.19 -41.32 -13.46
CA GLN K 104 132.37 -40.45 -14.60
C GLN K 104 133.22 -41.15 -15.65
N ALA K 105 132.94 -40.83 -16.91
CA ALA K 105 133.64 -41.43 -18.04
C ALA K 105 134.37 -40.36 -18.83
N ASP K 106 135.54 -40.72 -19.34
CA ASP K 106 136.25 -39.84 -20.28
C ASP K 106 135.36 -39.59 -21.49
N PHE K 107 135.35 -38.34 -21.93
CA PHE K 107 134.41 -37.88 -22.96
C PHE K 107 134.99 -37.89 -24.36
N LEU K 108 136.28 -37.61 -24.53
CA LEU K 108 136.86 -37.54 -25.87
C LEU K 108 136.70 -38.87 -26.60
N ASP K 109 137.31 -39.92 -26.07
CA ASP K 109 137.28 -41.19 -26.78
C ASP K 109 135.95 -41.93 -26.66
N ALA K 110 135.15 -41.64 -25.63
CA ALA K 110 133.79 -42.17 -25.62
C ALA K 110 132.99 -41.63 -26.79
N LEU K 111 133.10 -40.32 -27.04
CA LEU K 111 132.47 -39.76 -28.23
C LEU K 111 133.16 -40.21 -29.51
N ILE K 112 134.44 -40.59 -29.44
CA ILE K 112 135.08 -41.20 -30.61
C ILE K 112 134.42 -42.53 -30.94
N VAL K 113 134.13 -43.34 -29.92
CA VAL K 113 133.37 -44.58 -30.13
C VAL K 113 131.98 -44.26 -30.68
N SER K 114 131.34 -43.22 -30.13
CA SER K 114 130.00 -42.85 -30.58
C SER K 114 130.01 -42.45 -32.06
N MET K 115 130.99 -41.67 -32.49
CA MET K 115 131.06 -41.28 -33.89
C MET K 115 131.50 -42.45 -34.77
N ASP K 116 132.28 -43.38 -34.23
CA ASP K 116 132.63 -44.59 -34.97
C ASP K 116 131.39 -45.41 -35.28
N VAL K 117 130.52 -45.59 -34.29
CA VAL K 117 129.30 -46.36 -34.55
C VAL K 117 128.28 -45.52 -35.34
N ILE K 118 128.36 -44.19 -35.28
CA ILE K 118 127.59 -43.36 -36.21
C ILE K 118 128.03 -43.62 -37.64
N GLN K 119 129.35 -43.69 -37.87
CA GLN K 119 129.86 -44.04 -39.19
C GLN K 119 129.44 -45.46 -39.57
N HIS K 120 129.36 -46.36 -38.60
CA HIS K 120 128.83 -47.69 -38.86
C HIS K 120 127.38 -47.61 -39.36
N GLU K 121 126.57 -46.78 -38.71
CA GLU K 121 125.21 -46.55 -39.17
C GLU K 121 125.20 -46.06 -40.61
N THR K 122 125.96 -45.00 -40.89
CA THR K 122 125.96 -44.39 -42.22
C THR K 122 126.47 -45.35 -43.29
N ILE K 123 127.41 -46.23 -42.92
CA ILE K 123 127.89 -47.24 -43.86
C ILE K 123 126.83 -48.30 -44.10
N GLY K 124 126.13 -48.73 -43.05
CA GLY K 124 125.11 -49.75 -43.20
C GLY K 124 123.99 -49.33 -44.14
N LYS K 125 123.55 -48.08 -44.01
CA LYS K 125 122.51 -47.56 -44.88
C LYS K 125 122.62 -46.04 -44.91
N LYS K 126 121.94 -45.44 -45.88
CA LYS K 126 121.91 -43.99 -45.99
C LYS K 126 121.37 -43.37 -44.70
N PHE K 127 122.07 -42.37 -44.19
CA PHE K 127 121.67 -41.68 -42.97
C PHE K 127 121.93 -40.19 -43.15
N GLU K 128 120.85 -39.41 -43.24
CA GLU K 128 120.97 -38.00 -43.63
C GLU K 128 121.72 -37.19 -42.58
N LYS K 129 121.42 -37.39 -41.30
CA LYS K 129 121.83 -36.44 -40.27
C LYS K 129 122.21 -37.16 -38.99
N ARG K 130 122.91 -36.43 -38.13
CA ARG K 130 123.28 -36.88 -36.79
C ARG K 130 122.57 -35.98 -35.78
N HIS K 131 121.60 -36.53 -35.06
CA HIS K 131 120.83 -35.79 -34.08
C HIS K 131 121.01 -36.51 -32.73
N ILE K 132 122.09 -36.16 -32.03
CA ILE K 132 122.49 -36.87 -30.82
C ILE K 132 122.74 -35.86 -29.70
N GLU K 133 122.77 -36.36 -28.47
CA GLU K 133 122.72 -35.52 -27.28
C GLU K 133 123.86 -35.83 -26.34
N ILE K 134 124.26 -34.82 -25.58
CA ILE K 134 125.16 -34.96 -24.44
C ILE K 134 124.56 -34.17 -23.29
N PHE K 135 124.00 -34.85 -22.31
CA PHE K 135 123.43 -34.21 -21.12
C PHE K 135 124.37 -34.52 -19.95
N THR K 136 125.41 -33.70 -19.82
CA THR K 136 126.46 -33.92 -18.83
C THR K 136 126.67 -32.66 -18.02
N ASP K 137 126.69 -32.80 -16.70
CA ASP K 137 126.94 -31.64 -15.83
C ASP K 137 128.43 -31.38 -15.64
N LEU K 138 129.28 -32.06 -16.40
CA LEU K 138 130.69 -31.68 -16.57
C LEU K 138 131.41 -31.49 -15.24
N SER K 139 131.17 -32.41 -14.30
CA SER K 139 131.82 -32.37 -13.00
C SER K 139 132.31 -33.77 -12.66
N SER K 140 132.99 -33.88 -11.51
CA SER K 140 133.51 -35.15 -11.02
C SER K 140 134.47 -35.78 -12.04
N ARG K 141 135.61 -35.12 -12.21
CA ARG K 141 136.63 -35.51 -13.18
C ARG K 141 136.07 -35.45 -14.61
N PHE K 142 135.71 -34.23 -15.00
CA PHE K 142 135.28 -33.97 -16.37
C PHE K 142 136.50 -33.66 -17.23
N SER K 143 136.39 -33.98 -18.51
CA SER K 143 137.46 -33.65 -19.45
C SER K 143 137.53 -32.15 -19.64
N LYS K 144 138.66 -31.55 -19.25
CA LYS K 144 138.80 -30.09 -19.31
C LYS K 144 138.67 -29.58 -20.74
N SER K 145 139.58 -29.98 -21.61
CA SER K 145 139.54 -29.57 -23.02
C SER K 145 140.19 -30.68 -23.84
N GLN K 146 139.36 -31.54 -24.43
CA GLN K 146 139.84 -32.64 -25.25
C GLN K 146 139.09 -32.76 -26.57
N LEU K 147 138.10 -31.89 -26.83
CA LEU K 147 137.22 -32.05 -27.96
C LEU K 147 137.58 -31.17 -29.15
N ASP K 148 138.71 -30.47 -29.10
CA ASP K 148 139.24 -29.86 -30.32
C ASP K 148 139.72 -30.92 -31.29
N ILE K 149 140.38 -31.97 -30.78
CA ILE K 149 140.76 -33.07 -31.64
C ILE K 149 139.54 -33.82 -32.15
N ILE K 150 138.40 -33.75 -31.45
CA ILE K 150 137.20 -34.36 -32.02
C ILE K 150 136.48 -33.40 -32.96
N ILE K 151 136.74 -32.08 -32.86
CA ILE K 151 136.41 -31.21 -33.99
C ILE K 151 137.19 -31.65 -35.22
N HIS K 152 138.46 -31.97 -35.04
CA HIS K 152 139.24 -32.56 -36.13
C HIS K 152 138.62 -33.88 -36.61
N SER K 153 138.17 -34.70 -35.66
CA SER K 153 137.51 -35.95 -36.02
C SER K 153 136.23 -35.71 -36.82
N LEU K 154 135.54 -34.60 -36.51
CA LEU K 154 134.26 -34.28 -37.20
C LEU K 154 134.57 -33.46 -38.46
N LYS K 155 135.84 -33.44 -38.87
CA LYS K 155 136.22 -32.73 -40.13
C LYS K 155 136.57 -33.77 -41.19
N LYS K 156 136.85 -35.01 -40.77
CA LYS K 156 137.21 -36.09 -41.72
C LYS K 156 136.05 -37.10 -41.79
N CYS K 157 135.07 -36.98 -40.89
CA CYS K 157 133.92 -37.93 -40.88
C CYS K 157 132.60 -37.16 -40.83
N ASP K 158 132.64 -35.88 -40.41
CA ASP K 158 131.42 -35.03 -40.34
C ASP K 158 130.38 -35.66 -39.41
N ILE K 159 130.54 -35.51 -38.09
CA ILE K 159 129.60 -36.05 -37.12
C ILE K 159 128.98 -34.88 -36.37
N SER K 160 127.76 -34.50 -36.75
CA SER K 160 127.11 -33.33 -36.18
C SER K 160 126.63 -33.68 -34.77
N LEU K 161 127.34 -33.18 -33.77
CA LEU K 161 127.01 -33.39 -32.37
C LEU K 161 127.14 -32.08 -31.61
N GLN K 162 126.16 -31.80 -30.76
CA GLN K 162 126.18 -30.65 -29.88
C GLN K 162 125.95 -31.11 -28.45
N PHE K 163 126.72 -30.55 -27.52
CA PHE K 163 126.46 -30.80 -26.11
C PHE K 163 125.13 -30.15 -25.72
N PHE K 164 124.33 -30.88 -24.94
CA PHE K 164 123.00 -30.41 -24.56
C PHE K 164 122.89 -30.50 -23.04
N LEU K 165 123.17 -29.40 -22.37
CA LEU K 165 123.26 -29.29 -20.91
C LEU K 165 122.14 -30.05 -20.23
N PRO K 166 122.40 -30.69 -19.09
CA PRO K 166 121.29 -31.27 -18.31
C PRO K 166 120.20 -30.25 -18.00
N PHE K 167 120.60 -29.01 -17.75
CA PHE K 167 119.67 -27.91 -17.66
C PHE K 167 119.58 -27.22 -19.03
N SER K 168 118.86 -26.12 -19.09
CA SER K 168 118.69 -25.43 -20.37
C SER K 168 120.01 -24.85 -20.85
N LEU K 169 120.26 -25.01 -22.15
CA LEU K 169 121.48 -24.50 -22.75
C LEU K 169 121.43 -22.97 -22.86
N GLY K 170 122.51 -22.41 -23.40
CA GLY K 170 122.58 -20.97 -23.63
C GLY K 170 123.06 -20.62 -25.01
N GLY K 181 95.74 -11.96 -24.44
CA GLY K 181 97.02 -11.98 -23.75
C GLY K 181 97.87 -13.16 -24.17
N PRO K 182 99.15 -12.92 -24.39
CA PRO K 182 100.05 -14.03 -24.73
C PRO K 182 100.12 -15.08 -23.63
N PHE K 183 99.99 -14.67 -22.37
CA PHE K 183 99.95 -15.59 -21.24
C PHE K 183 98.58 -16.27 -21.23
N ARG K 184 98.43 -17.28 -22.09
CA ARG K 184 97.15 -17.96 -22.16
C ARG K 184 97.00 -18.99 -21.05
N LEU K 185 97.78 -20.07 -21.11
CA LEU K 185 98.00 -20.93 -19.95
C LEU K 185 99.06 -21.98 -20.26
N GLY K 186 100.06 -22.12 -19.40
CA GLY K 186 100.95 -23.28 -19.44
C GLY K 186 101.71 -23.59 -20.71
N GLY K 187 102.73 -22.80 -21.02
CA GLY K 187 103.65 -23.12 -22.09
C GLY K 187 104.80 -23.99 -21.62
N HIS K 188 105.76 -24.18 -22.51
CA HIS K 188 106.96 -24.94 -22.18
C HIS K 188 107.84 -24.17 -21.20
N GLY K 189 108.77 -24.89 -20.58
CA GLY K 189 109.69 -24.30 -19.62
C GLY K 189 110.54 -23.21 -20.23
N PRO K 190 110.70 -22.10 -19.51
CA PRO K 190 111.49 -20.98 -20.03
C PRO K 190 112.96 -21.30 -20.22
N SER K 191 113.63 -21.70 -19.14
CA SER K 191 115.08 -21.96 -19.16
C SER K 191 115.46 -22.59 -17.82
N PHE K 192 116.76 -22.79 -17.62
CA PHE K 192 117.30 -23.36 -16.40
C PHE K 192 118.72 -22.84 -16.21
N PRO K 193 119.19 -22.73 -14.97
CA PRO K 193 120.49 -22.09 -14.73
C PRO K 193 121.64 -22.83 -15.40
N LEU K 194 122.58 -22.05 -15.94
CA LEU K 194 123.82 -22.59 -16.50
C LEU K 194 125.06 -21.78 -16.13
N LYS K 195 124.92 -20.62 -15.49
CA LYS K 195 126.06 -19.78 -15.13
C LYS K 195 126.52 -19.99 -13.70
N GLY K 196 125.61 -19.99 -12.74
CA GLY K 196 125.94 -20.27 -11.35
C GLY K 196 126.19 -21.73 -11.04
N ILE K 197 126.13 -22.58 -12.07
CA ILE K 197 126.35 -24.00 -11.97
C ILE K 197 127.81 -24.28 -11.65
N THR K 198 128.14 -25.55 -11.37
CA THR K 198 129.48 -25.97 -10.97
C THR K 198 130.57 -25.34 -11.83
N GLU K 199 131.67 -24.95 -11.18
CA GLU K 199 132.79 -24.36 -11.89
C GLU K 199 133.40 -25.33 -12.90
N GLN K 200 133.42 -26.62 -12.57
CA GLN K 200 133.81 -27.63 -13.55
C GLN K 200 132.83 -27.63 -14.72
N GLN K 201 131.53 -27.54 -14.41
CA GLN K 201 130.54 -27.43 -15.46
C GLN K 201 130.76 -26.16 -16.28
N LYS K 202 131.13 -25.06 -15.64
CA LYS K 202 131.39 -23.83 -16.36
C LYS K 202 132.59 -23.97 -17.30
N GLU K 203 133.65 -24.63 -16.83
CA GLU K 203 134.83 -24.82 -17.67
C GLU K 203 134.50 -25.69 -18.88
N GLY K 204 133.83 -26.82 -18.63
CA GLY K 204 133.43 -27.67 -19.74
C GLY K 204 132.49 -26.97 -20.70
N LEU K 205 131.58 -26.16 -20.17
CA LEU K 205 130.65 -25.41 -21.02
C LEU K 205 131.39 -24.39 -21.86
N GLU K 206 132.40 -23.73 -21.29
CA GLU K 206 133.17 -22.77 -22.07
C GLU K 206 133.95 -23.44 -23.20
N ILE K 207 134.57 -24.58 -22.91
CA ILE K 207 135.29 -25.29 -23.97
C ILE K 207 134.33 -25.77 -25.04
N VAL K 208 133.21 -26.37 -24.64
CA VAL K 208 132.25 -26.83 -25.63
C VAL K 208 131.53 -25.69 -26.31
N LYS K 209 131.59 -24.47 -25.78
CA LYS K 209 130.96 -23.34 -26.46
C LYS K 209 131.91 -22.67 -27.44
N MET K 210 133.20 -22.61 -27.14
CA MET K 210 134.16 -22.27 -28.20
C MET K 210 134.17 -23.35 -29.27
N VAL K 211 133.76 -24.57 -28.92
CA VAL K 211 133.42 -25.56 -29.94
C VAL K 211 132.11 -25.20 -30.63
N MET K 212 131.12 -24.74 -29.87
CA MET K 212 129.77 -24.51 -30.40
C MET K 212 129.77 -23.44 -31.47
N ILE K 213 130.53 -22.37 -31.25
CA ILE K 213 130.68 -21.34 -32.28
C ILE K 213 131.29 -21.94 -33.54
N SER K 214 132.07 -23.01 -33.38
CA SER K 214 132.57 -23.78 -34.52
C SER K 214 131.69 -24.98 -34.84
N LEU K 215 130.99 -25.53 -33.86
CA LEU K 215 130.12 -26.70 -34.08
C LEU K 215 128.99 -26.63 -33.06
N GLU K 216 127.85 -26.10 -33.50
CA GLU K 216 126.63 -26.11 -32.70
C GLU K 216 125.68 -27.23 -33.11
N GLY K 217 125.97 -27.93 -34.20
CA GLY K 217 125.28 -29.14 -34.58
C GLY K 217 123.84 -28.98 -35.05
N GLU K 218 123.41 -29.88 -35.94
CA GLU K 218 122.01 -29.91 -36.34
C GLU K 218 121.11 -30.46 -35.25
N ASP K 219 121.67 -31.29 -34.35
CA ASP K 219 120.91 -31.80 -33.22
C ASP K 219 120.34 -30.66 -32.38
N GLY K 220 121.02 -29.52 -32.37
CA GLY K 220 120.52 -28.35 -31.68
C GLY K 220 119.95 -27.30 -32.63
N LEU K 221 120.45 -27.29 -33.88
CA LEU K 221 119.94 -26.34 -34.86
C LEU K 221 118.47 -26.61 -35.16
N ASP K 222 118.09 -27.87 -35.32
CA ASP K 222 116.67 -28.21 -35.46
C ASP K 222 115.91 -27.82 -34.21
N GLU K 223 116.47 -28.14 -33.04
CA GLU K 223 115.90 -27.74 -31.76
C GLU K 223 116.96 -27.95 -30.70
N ILE K 224 117.31 -26.88 -29.97
CA ILE K 224 118.30 -26.98 -28.91
C ILE K 224 117.72 -27.77 -27.76
N TYR K 225 118.39 -28.86 -27.39
CA TYR K 225 117.91 -29.71 -26.32
C TYR K 225 118.07 -29.01 -24.98
N SER K 226 116.95 -28.60 -24.39
CA SER K 226 116.93 -28.05 -23.05
C SER K 226 115.87 -28.79 -22.25
N PHE K 227 116.18 -29.05 -20.98
CA PHE K 227 115.22 -29.72 -20.11
C PHE K 227 113.93 -28.92 -19.98
N SER K 228 113.98 -27.61 -20.19
CA SER K 228 112.78 -26.78 -20.12
C SER K 228 111.84 -27.07 -21.28
N GLU K 229 112.38 -27.25 -22.49
CA GLU K 229 111.57 -27.24 -23.71
C GLU K 229 111.10 -28.63 -24.13
N SER K 230 111.42 -29.67 -23.39
CA SER K 230 111.06 -31.03 -23.75
C SER K 230 110.02 -31.60 -22.78
N LEU K 231 109.03 -30.78 -22.42
CA LEU K 231 108.09 -31.14 -21.37
C LEU K 231 106.64 -31.19 -21.85
N ARG K 232 106.13 -30.07 -22.40
CA ARG K 232 104.68 -29.88 -22.46
C ARG K 232 104.03 -30.61 -23.64
N LYS K 233 104.43 -30.26 -24.85
CA LYS K 233 103.63 -30.58 -26.04
C LYS K 233 104.39 -31.48 -27.00
N LEU K 234 103.77 -31.72 -28.15
CA LEU K 234 104.29 -32.60 -29.19
C LEU K 234 105.27 -31.90 -30.14
N CYS K 235 105.91 -30.82 -29.68
CA CYS K 235 106.87 -30.11 -30.52
C CYS K 235 107.92 -31.05 -31.09
N VAL K 236 108.30 -32.07 -30.32
CA VAL K 236 109.18 -33.11 -30.86
C VAL K 236 108.46 -33.92 -31.92
N PHE K 237 107.19 -34.25 -31.71
CA PHE K 237 106.44 -35.04 -32.68
C PHE K 237 106.35 -34.35 -34.03
N LYS K 238 106.50 -33.02 -34.07
CA LYS K 238 106.56 -32.23 -35.30
C LYS K 238 105.40 -32.59 -36.25
N LYS K 239 104.20 -32.18 -35.82
CA LYS K 239 102.97 -32.48 -36.52
C LYS K 239 103.02 -32.00 -37.97
N ILE K 240 103.10 -32.95 -38.91
CA ILE K 240 103.18 -32.66 -40.33
C ILE K 240 103.03 -33.95 -41.12
N GLU K 241 102.49 -33.88 -42.33
CA GLU K 241 102.41 -35.01 -43.24
C GLU K 241 103.40 -34.80 -44.39
N ARG K 242 103.44 -35.77 -45.30
CA ARG K 242 104.35 -35.70 -46.44
C ARG K 242 103.95 -34.54 -47.35
N HIS K 243 104.81 -34.26 -48.33
CA HIS K 243 104.51 -33.28 -49.35
C HIS K 243 103.72 -33.94 -50.49
N SER K 244 102.89 -33.14 -51.14
CA SER K 244 102.10 -33.62 -52.26
C SER K 244 102.99 -33.99 -53.43
N ILE K 245 102.58 -35.04 -54.16
CA ILE K 245 103.29 -35.39 -55.39
C ILE K 245 102.91 -34.39 -56.49
N HIS K 246 103.67 -34.43 -57.57
CA HIS K 246 103.43 -33.55 -58.71
C HIS K 246 102.01 -33.70 -59.23
N TRP K 247 101.34 -32.57 -59.43
CA TRP K 247 100.09 -32.56 -60.18
C TRP K 247 100.34 -31.84 -61.49
N PRO K 248 100.92 -32.52 -62.47
CA PRO K 248 101.31 -31.83 -63.70
C PRO K 248 100.09 -31.41 -64.51
N CYS K 249 100.13 -30.17 -65.01
CA CYS K 249 99.11 -29.66 -65.90
C CYS K 249 99.67 -28.45 -66.63
N ARG K 250 99.00 -28.09 -67.72
CA ARG K 250 99.30 -26.87 -68.45
C ARG K 250 98.08 -25.95 -68.32
N LEU K 251 98.26 -24.83 -67.62
CA LEU K 251 97.17 -23.89 -67.41
C LEU K 251 96.85 -23.23 -68.75
N THR K 252 95.81 -23.73 -69.42
CA THR K 252 95.50 -23.33 -70.78
C THR K 252 94.16 -22.60 -70.80
N ILE K 253 94.18 -21.36 -71.29
CA ILE K 253 92.96 -20.58 -71.48
C ILE K 253 93.05 -19.89 -72.84
N GLY K 254 91.94 -19.89 -73.56
CA GLY K 254 91.95 -19.23 -74.84
C GLY K 254 92.78 -19.97 -75.86
N SER K 255 93.22 -19.21 -76.87
CA SER K 255 94.03 -19.76 -77.94
C SER K 255 95.53 -19.60 -77.72
N ASN K 256 95.94 -18.97 -76.63
CA ASN K 256 97.35 -18.67 -76.47
C ASN K 256 97.97 -19.20 -75.19
N LEU K 257 97.25 -19.12 -74.06
CA LEU K 257 97.85 -19.44 -72.77
C LEU K 257 97.96 -20.95 -72.60
N SER K 258 99.15 -21.41 -72.21
CA SER K 258 99.35 -22.81 -71.80
C SER K 258 100.61 -22.84 -70.95
N ILE K 259 100.44 -22.94 -69.62
CA ILE K 259 101.55 -22.87 -68.69
C ILE K 259 101.64 -24.19 -67.94
N ARG K 260 102.73 -24.91 -68.14
CA ARG K 260 102.98 -26.15 -67.40
C ARG K 260 103.04 -25.86 -65.90
N ILE K 261 102.22 -26.55 -65.12
CA ILE K 261 102.13 -26.31 -63.68
C ILE K 261 102.00 -27.64 -62.95
N ALA K 262 102.69 -27.76 -61.83
CA ALA K 262 102.56 -28.88 -60.92
C ALA K 262 101.92 -28.37 -59.63
N ALA K 263 100.73 -28.85 -59.32
CA ALA K 263 100.00 -28.41 -58.15
C ALA K 263 100.36 -29.25 -56.93
N TYR K 264 100.23 -28.65 -55.75
CA TYR K 264 100.58 -29.33 -54.52
C TYR K 264 99.68 -28.82 -53.40
N LYS K 265 99.40 -29.70 -52.43
CA LYS K 265 98.61 -29.34 -51.28
C LYS K 265 99.46 -28.59 -50.27
N SER K 266 98.91 -27.51 -49.72
CA SER K 266 99.58 -26.76 -48.66
C SER K 266 98.96 -27.00 -47.30
N ILE K 267 97.64 -26.97 -47.23
CA ILE K 267 96.91 -27.21 -46.00
C ILE K 267 96.32 -28.61 -46.10
N LEU K 268 96.77 -29.53 -45.25
CA LEU K 268 96.30 -30.91 -45.34
C LEU K 268 96.53 -31.61 -44.02
N GLN K 269 95.45 -32.11 -43.42
CA GLN K 269 95.56 -32.87 -42.19
C GLN K 269 96.37 -34.15 -42.38
N GLU K 270 97.26 -34.41 -41.43
CA GLU K 270 97.84 -35.73 -41.30
C GLU K 270 96.90 -36.59 -40.46
N ARG K 271 96.22 -37.52 -41.09
CA ARG K 271 95.31 -38.40 -40.38
C ARG K 271 96.09 -39.58 -39.81
N VAL K 272 95.49 -40.23 -38.81
CA VAL K 272 96.15 -41.38 -38.19
C VAL K 272 96.30 -42.48 -39.22
N LYS K 273 97.47 -43.09 -39.25
CA LYS K 273 97.77 -44.11 -40.25
C LYS K 273 97.30 -45.50 -39.80
N LYS K 274 97.82 -45.98 -38.67
CA LYS K 274 97.31 -47.22 -38.11
C LYS K 274 95.97 -46.95 -37.44
N THR K 275 94.96 -47.72 -37.81
CA THR K 275 93.60 -47.46 -37.35
C THR K 275 93.29 -48.25 -36.09
N TRP K 276 92.12 -47.99 -35.53
CA TRP K 276 91.65 -48.69 -34.35
C TRP K 276 91.22 -50.10 -34.72
N THR K 277 92.19 -50.96 -35.06
CA THR K 277 91.85 -52.30 -35.50
C THR K 277 91.06 -53.02 -34.42
N VAL K 278 89.79 -53.31 -34.72
CA VAL K 278 88.96 -54.03 -33.77
C VAL K 278 89.42 -55.48 -33.73
N VAL K 279 89.66 -55.98 -32.52
CA VAL K 279 90.09 -57.35 -32.32
C VAL K 279 89.20 -57.98 -31.26
N ASP K 280 89.04 -59.28 -31.36
CA ASP K 280 88.27 -60.02 -30.36
C ASP K 280 88.85 -59.78 -28.98
N ALA K 281 87.97 -59.42 -28.04
CA ALA K 281 88.43 -59.10 -26.69
C ALA K 281 89.16 -60.28 -26.06
N LYS K 282 88.72 -61.50 -26.36
CA LYS K 282 89.26 -62.69 -25.72
C LYS K 282 90.44 -63.31 -26.47
N THR K 283 90.73 -62.85 -27.68
CA THR K 283 91.93 -63.33 -28.37
C THR K 283 92.75 -62.24 -29.04
N LEU K 284 92.20 -61.03 -29.21
CA LEU K 284 92.92 -59.92 -29.85
C LEU K 284 93.41 -60.31 -31.23
N LYS K 285 92.58 -61.05 -31.97
CA LYS K 285 92.94 -61.51 -33.31
C LYS K 285 91.84 -61.06 -34.27
N LYS K 286 92.09 -59.94 -34.95
CA LYS K 286 91.20 -59.51 -36.02
C LYS K 286 91.16 -60.52 -37.16
N GLU K 287 92.21 -61.32 -37.31
CA GLU K 287 92.21 -62.35 -38.34
C GLU K 287 91.11 -63.36 -38.10
N ASP K 288 90.79 -63.62 -36.82
CA ASP K 288 89.69 -64.48 -36.44
C ASP K 288 88.35 -63.75 -36.44
N ILE K 289 88.27 -62.62 -37.15
CA ILE K 289 87.08 -61.77 -37.15
C ILE K 289 86.62 -61.63 -38.59
N GLN K 290 85.32 -61.82 -38.81
CA GLN K 290 84.73 -61.74 -40.13
C GLN K 290 83.82 -60.52 -40.23
N LYS K 291 83.83 -59.87 -41.38
CA LYS K 291 82.95 -58.74 -41.67
C LYS K 291 82.21 -59.05 -42.97
N GLU K 292 81.04 -59.66 -42.84
CA GLU K 292 80.27 -60.13 -43.98
C GLU K 292 79.06 -59.24 -44.18
N THR K 293 78.75 -58.94 -45.44
CA THR K 293 77.64 -58.06 -45.82
C THR K 293 76.60 -58.94 -46.51
N VAL K 294 75.75 -59.58 -45.73
CA VAL K 294 74.85 -60.60 -46.24
C VAL K 294 73.74 -59.86 -47.00
N TYR K 295 73.89 -59.75 -48.32
CA TYR K 295 72.95 -58.97 -49.12
C TYR K 295 71.60 -59.66 -49.21
N CYS K 296 70.86 -59.69 -48.11
CA CYS K 296 69.59 -60.37 -48.10
C CYS K 296 68.54 -59.58 -48.87
N LEU K 297 67.48 -60.28 -49.25
CA LEU K 297 66.36 -59.64 -49.93
C LEU K 297 65.28 -59.29 -48.93
N ASN K 298 64.26 -58.58 -49.41
CA ASN K 298 63.11 -58.22 -48.57
C ASN K 298 62.15 -59.41 -48.51
N ASP K 299 62.64 -60.49 -47.92
CA ASP K 299 61.87 -61.71 -47.79
C ASP K 299 61.73 -62.07 -46.32
N ASP K 300 60.76 -62.93 -46.03
CA ASP K 300 60.67 -63.51 -44.69
C ASP K 300 61.98 -64.19 -44.31
N ASP K 301 62.46 -65.07 -45.18
CA ASP K 301 63.78 -65.65 -45.03
C ASP K 301 64.87 -64.74 -45.56
N GLU K 302 64.50 -63.57 -46.10
CA GLU K 302 65.40 -62.59 -46.67
C GLU K 302 66.51 -63.25 -47.47
N THR K 303 66.13 -63.93 -48.55
CA THR K 303 67.08 -64.65 -49.38
C THR K 303 68.20 -63.73 -49.83
N GLU K 304 69.43 -64.09 -49.47
CA GLU K 304 70.58 -63.32 -49.92
C GLU K 304 70.82 -63.54 -51.40
N VAL K 305 71.10 -62.45 -52.11
CA VAL K 305 71.55 -62.52 -53.49
C VAL K 305 72.69 -61.52 -53.66
N LEU K 306 73.72 -61.92 -54.39
CA LEU K 306 74.79 -60.98 -54.68
C LEU K 306 74.27 -59.87 -55.59
N LYS K 307 75.12 -58.88 -55.83
CA LYS K 307 74.68 -57.78 -56.69
C LYS K 307 74.48 -58.21 -58.13
N GLU K 308 74.89 -59.43 -58.47
CA GLU K 308 74.63 -60.04 -59.77
C GLU K 308 73.23 -59.75 -60.28
N ASP K 309 72.23 -59.91 -59.41
CA ASP K 309 70.84 -59.63 -59.74
C ASP K 309 70.31 -58.42 -58.97
N ILE K 310 71.18 -57.45 -58.70
CA ILE K 310 70.83 -56.24 -57.96
C ILE K 310 71.22 -55.03 -58.80
N ILE K 311 70.33 -54.04 -58.84
CA ILE K 311 70.54 -52.79 -59.56
C ILE K 311 70.48 -51.65 -58.56
N GLN K 312 71.09 -50.52 -58.94
CA GLN K 312 71.13 -49.35 -58.08
C GLN K 312 69.97 -48.42 -58.43
N GLY K 313 68.94 -48.43 -57.59
CA GLY K 313 67.83 -47.55 -57.78
C GLY K 313 68.11 -46.15 -57.27
N PHE K 314 67.25 -45.22 -57.69
CA PHE K 314 67.36 -43.83 -57.26
C PHE K 314 65.96 -43.24 -57.15
N ARG K 315 65.63 -42.72 -55.98
CA ARG K 315 64.29 -42.21 -55.71
C ARG K 315 64.07 -40.92 -56.50
N TYR K 316 63.69 -41.10 -57.76
CA TYR K 316 63.48 -39.99 -58.67
C TYR K 316 62.03 -39.52 -58.57
N GLY K 317 61.83 -38.35 -57.96
CA GLY K 317 60.48 -37.88 -57.75
C GLY K 317 59.73 -38.82 -56.82
N SER K 318 58.42 -38.92 -57.05
CA SER K 318 57.63 -39.87 -56.27
C SER K 318 57.75 -41.25 -56.90
N ASP K 319 58.98 -41.69 -57.13
CA ASP K 319 59.26 -42.99 -57.72
C ASP K 319 60.77 -43.21 -57.65
N ILE K 320 61.18 -44.44 -57.95
CA ILE K 320 62.57 -44.84 -57.92
C ILE K 320 63.00 -45.24 -59.32
N VAL K 321 64.11 -44.68 -59.79
CA VAL K 321 64.68 -45.03 -61.08
C VAL K 321 65.93 -45.89 -60.83
N PRO K 322 65.94 -47.15 -61.28
CA PRO K 322 67.13 -47.98 -61.07
C PRO K 322 68.15 -47.85 -62.19
N PHE K 323 69.40 -47.61 -61.82
CA PHE K 323 70.50 -47.52 -62.77
C PHE K 323 71.55 -48.56 -62.41
N SER K 324 71.81 -49.47 -63.34
CA SER K 324 72.87 -50.43 -63.14
C SER K 324 74.22 -49.72 -63.20
N LYS K 325 75.26 -50.43 -62.74
CA LYS K 325 76.57 -49.81 -62.64
C LYS K 325 77.06 -49.33 -64.00
N VAL K 326 76.85 -50.13 -65.04
CA VAL K 326 77.16 -49.67 -66.39
C VAL K 326 76.15 -48.61 -66.85
N ASP K 327 74.90 -48.75 -66.42
CA ASP K 327 73.89 -47.75 -66.77
C ASP K 327 74.28 -46.40 -66.22
N GLU K 328 74.69 -46.36 -64.96
CA GLU K 328 75.17 -45.14 -64.34
C GLU K 328 76.64 -44.87 -64.65
N GLU K 329 77.27 -45.75 -65.43
CA GLU K 329 78.67 -45.62 -65.80
C GLU K 329 78.87 -45.09 -67.20
N GLN K 330 77.85 -45.16 -68.04
CA GLN K 330 77.91 -44.56 -69.37
C GLN K 330 77.23 -43.20 -69.42
N MET K 331 76.21 -42.99 -68.59
CA MET K 331 75.59 -41.69 -68.47
C MET K 331 76.57 -40.62 -68.00
N LYS K 332 77.65 -41.04 -67.35
CA LYS K 332 78.61 -40.10 -66.78
C LYS K 332 79.55 -39.54 -67.84
N TYR K 333 80.14 -38.40 -67.52
CA TYR K 333 81.24 -37.80 -68.25
C TYR K 333 81.85 -36.69 -67.41
N LYS K 334 83.18 -36.65 -67.31
CA LYS K 334 83.86 -35.58 -66.59
C LYS K 334 85.10 -35.19 -67.36
N SER K 335 85.68 -34.05 -66.97
CA SER K 335 86.87 -33.55 -67.67
C SER K 335 88.01 -34.54 -67.52
N GLU K 336 88.35 -35.19 -68.62
CA GLU K 336 89.38 -36.22 -68.60
C GLU K 336 90.77 -35.60 -68.49
N GLY K 337 91.55 -36.11 -67.56
CA GLY K 337 92.89 -35.62 -67.33
C GLY K 337 92.97 -34.63 -66.18
N LYS K 338 94.20 -34.25 -65.86
CA LYS K 338 94.49 -33.33 -64.78
C LYS K 338 94.18 -31.91 -65.25
N CYS K 339 92.89 -31.65 -65.45
CA CYS K 339 92.47 -30.42 -66.10
C CYS K 339 92.51 -29.24 -65.14
N PHE K 340 92.98 -28.11 -65.66
CA PHE K 340 93.06 -26.87 -64.88
C PHE K 340 93.07 -25.71 -65.88
N SER K 341 91.92 -25.07 -66.05
CA SER K 341 91.78 -23.99 -67.03
C SER K 341 90.99 -22.85 -66.41
N VAL K 342 91.57 -21.65 -66.43
CA VAL K 342 90.90 -20.49 -65.86
C VAL K 342 89.75 -20.05 -66.75
N LEU K 343 88.64 -19.67 -66.13
CA LEU K 343 87.45 -19.22 -66.85
C LEU K 343 87.51 -17.75 -67.25
N GLY K 344 88.19 -16.91 -66.48
CA GLY K 344 88.23 -15.49 -66.75
C GLY K 344 88.82 -14.74 -65.57
N PHE K 345 88.49 -13.46 -65.51
CA PHE K 345 89.06 -12.57 -64.50
C PHE K 345 87.97 -11.72 -63.85
N CYS K 346 88.18 -11.42 -62.58
CA CYS K 346 87.32 -10.50 -61.85
C CYS K 346 88.10 -9.99 -60.64
N LYS K 347 87.64 -8.87 -60.10
CA LYS K 347 88.26 -8.33 -58.90
C LYS K 347 87.96 -9.23 -57.71
N SER K 348 88.98 -9.48 -56.88
CA SER K 348 88.76 -10.24 -55.66
C SER K 348 87.88 -9.49 -54.68
N SER K 349 87.67 -8.19 -54.90
CA SER K 349 86.79 -7.43 -54.02
C SER K 349 85.35 -7.93 -54.12
N GLN K 350 84.97 -8.51 -55.25
CA GLN K 350 83.61 -9.04 -55.40
C GLN K 350 83.34 -10.15 -54.41
N VAL K 351 84.30 -11.05 -54.23
CA VAL K 351 84.16 -12.14 -53.29
C VAL K 351 84.68 -11.67 -51.93
N GLN K 352 84.31 -12.42 -50.89
CA GLN K 352 84.73 -12.14 -49.54
C GLN K 352 85.19 -13.43 -48.88
N ARG K 353 85.94 -13.29 -47.78
CA ARG K 353 86.36 -14.47 -47.03
C ARG K 353 85.14 -15.26 -46.57
N ARG K 354 84.04 -14.58 -46.27
CA ARG K 354 82.78 -15.24 -45.96
C ARG K 354 82.15 -15.89 -47.17
N PHE K 355 82.68 -15.64 -48.37
CA PHE K 355 82.21 -16.28 -49.60
C PHE K 355 83.26 -17.23 -50.17
N PHE K 356 83.94 -18.00 -49.32
CA PHE K 356 84.82 -19.03 -49.82
C PHE K 356 84.25 -20.42 -49.61
N MET K 357 84.82 -21.35 -50.37
CA MET K 357 84.36 -22.73 -50.46
C MET K 357 85.52 -23.57 -51.00
N GLY K 358 85.55 -24.82 -50.57
CA GLY K 358 86.77 -25.59 -50.64
C GLY K 358 87.40 -25.75 -49.26
N ASN K 359 88.11 -26.86 -49.07
CA ASN K 359 88.55 -27.28 -47.76
C ASN K 359 90.00 -26.95 -47.44
N GLN K 360 90.85 -26.75 -48.44
CA GLN K 360 92.26 -26.49 -48.17
C GLN K 360 92.78 -25.26 -48.90
N VAL K 361 94.10 -25.08 -48.84
CA VAL K 361 94.81 -24.08 -49.63
C VAL K 361 95.77 -24.84 -50.53
N LEU K 362 95.68 -24.59 -51.83
CA LEU K 362 96.39 -25.38 -52.84
C LEU K 362 97.33 -24.45 -53.61
N LYS K 363 98.57 -24.36 -53.13
CA LYS K 363 99.57 -23.53 -53.80
C LYS K 363 99.99 -24.19 -55.10
N VAL K 364 99.45 -23.73 -56.21
CA VAL K 364 99.89 -24.20 -57.52
C VAL K 364 101.24 -23.58 -57.84
N PHE K 365 102.16 -24.39 -58.32
CA PHE K 365 103.53 -23.95 -58.52
C PHE K 365 103.65 -23.20 -59.84
N ALA K 366 104.88 -22.80 -60.17
CA ALA K 366 105.14 -21.93 -61.30
C ALA K 366 105.24 -22.77 -62.58
N ALA K 367 105.75 -22.14 -63.64
CA ALA K 367 105.93 -22.83 -64.91
C ALA K 367 106.95 -23.96 -64.77
N ARG K 368 106.69 -25.07 -65.43
CA ARG K 368 107.55 -26.23 -65.38
C ARG K 368 108.56 -26.19 -66.52
N ASP K 369 109.84 -26.33 -66.19
CA ASP K 369 110.94 -26.37 -67.15
C ASP K 369 111.07 -25.08 -67.96
N ASP K 370 110.46 -23.99 -67.49
CA ASP K 370 110.54 -22.71 -68.20
C ASP K 370 110.66 -21.62 -67.13
N GLU K 371 111.90 -21.26 -66.80
CA GLU K 371 112.14 -20.24 -65.80
C GLU K 371 111.72 -18.86 -66.30
N ALA K 372 111.87 -18.60 -67.59
CA ALA K 372 111.34 -17.36 -68.16
C ALA K 372 109.83 -17.30 -67.99
N ALA K 373 109.14 -18.40 -68.33
CA ALA K 373 107.71 -18.44 -68.10
C ALA K 373 107.37 -18.40 -66.61
N ALA K 374 108.24 -18.93 -65.77
CA ALA K 374 108.01 -18.88 -64.33
C ALA K 374 108.04 -17.44 -63.82
N VAL K 375 109.05 -16.68 -64.23
CA VAL K 375 109.13 -15.29 -63.78
C VAL K 375 108.04 -14.45 -64.44
N ALA K 376 107.65 -14.80 -65.66
CA ALA K 376 106.49 -14.15 -66.28
C ALA K 376 105.23 -14.42 -65.48
N LEU K 377 105.08 -15.65 -64.97
CA LEU K 377 103.96 -15.98 -64.12
C LEU K 377 104.04 -15.23 -62.79
N SER K 378 105.24 -15.00 -62.28
CA SER K 378 105.39 -14.18 -61.08
C SER K 378 104.92 -12.75 -61.35
N SER K 379 105.31 -12.19 -62.49
CA SER K 379 104.83 -10.87 -62.88
C SER K 379 103.31 -10.87 -63.06
N LEU K 380 102.75 -11.96 -63.58
CA LEU K 380 101.31 -12.06 -63.70
C LEU K 380 100.65 -12.15 -62.34
N ILE K 381 101.31 -12.82 -61.38
CA ILE K 381 100.86 -12.83 -60.00
C ILE K 381 100.75 -11.40 -59.50
N HIS K 382 101.80 -10.61 -59.74
CA HIS K 382 101.76 -9.21 -59.34
C HIS K 382 100.64 -8.47 -60.04
N ALA K 383 100.44 -8.74 -61.33
CA ALA K 383 99.38 -8.07 -62.08
C ALA K 383 98.02 -8.37 -61.48
N LEU K 384 97.78 -9.63 -61.10
CA LEU K 384 96.53 -10.00 -60.45
C LEU K 384 96.39 -9.30 -59.11
N ASP K 385 97.48 -9.22 -58.35
CA ASP K 385 97.44 -8.56 -57.05
C ASP K 385 97.07 -7.08 -57.19
N ASP K 386 97.65 -6.39 -58.17
CA ASP K 386 97.40 -4.97 -58.34
C ASP K 386 95.92 -4.71 -58.65
N LEU K 387 95.34 -5.51 -59.53
CA LEU K 387 93.96 -5.33 -59.95
C LEU K 387 92.97 -6.15 -59.13
N ASP K 388 93.45 -6.82 -58.07
CA ASP K 388 92.63 -7.73 -57.28
C ASP K 388 92.08 -8.85 -58.15
N MET K 389 92.75 -9.10 -59.28
CA MET K 389 92.23 -10.03 -60.27
C MET K 389 92.25 -11.44 -59.71
N VAL K 390 91.33 -12.27 -60.21
CA VAL K 390 91.20 -13.64 -59.76
C VAL K 390 91.26 -14.57 -60.97
N ALA K 391 91.92 -15.72 -60.79
CA ALA K 391 92.04 -16.73 -61.83
C ALA K 391 90.98 -17.80 -61.57
N ILE K 392 89.74 -17.47 -61.94
CA ILE K 392 88.62 -18.40 -61.76
C ILE K 392 88.82 -19.58 -62.70
N VAL K 393 89.18 -20.73 -62.14
CA VAL K 393 89.72 -21.85 -62.90
C VAL K 393 88.81 -23.06 -62.77
N ARG K 394 88.44 -23.64 -63.91
CA ARG K 394 87.86 -24.97 -63.93
C ARG K 394 88.98 -25.99 -63.72
N TYR K 395 88.83 -26.82 -62.71
CA TYR K 395 89.91 -27.71 -62.27
C TYR K 395 89.35 -29.11 -62.10
N ALA K 396 89.65 -29.99 -63.05
CA ALA K 396 89.43 -31.41 -62.83
C ALA K 396 90.55 -31.93 -61.95
N TYR K 397 90.20 -32.49 -60.80
CA TYR K 397 91.20 -32.92 -59.83
C TYR K 397 92.22 -33.84 -60.48
N ASP K 398 91.76 -34.69 -61.40
CA ASP K 398 92.62 -35.55 -62.21
C ASP K 398 91.75 -36.13 -63.31
N LYS K 399 92.28 -37.14 -63.99
CA LYS K 399 91.46 -37.92 -64.92
C LYS K 399 90.34 -38.65 -64.19
N ARG K 400 90.60 -39.08 -62.95
CA ARG K 400 89.65 -39.93 -62.25
C ARG K 400 88.53 -39.13 -61.58
N ALA K 401 88.73 -37.84 -61.36
CA ALA K 401 87.74 -37.04 -60.65
C ALA K 401 87.02 -36.10 -61.60
N ASN K 402 85.88 -35.59 -61.12
CA ASN K 402 85.08 -34.64 -61.85
C ASN K 402 85.77 -33.29 -61.88
N PRO K 403 85.33 -32.39 -62.76
CA PRO K 403 85.82 -31.01 -62.68
C PRO K 403 85.36 -30.32 -61.41
N GLN K 404 86.20 -29.40 -60.93
CA GLN K 404 85.88 -28.61 -59.74
C GLN K 404 86.29 -27.17 -60.01
N VAL K 405 85.31 -26.28 -60.14
CA VAL K 405 85.63 -24.88 -60.39
C VAL K 405 86.30 -24.28 -59.17
N GLY K 406 87.34 -23.51 -59.40
CA GLY K 406 88.07 -22.90 -58.30
C GLY K 406 88.78 -21.65 -58.78
N VAL K 407 89.55 -21.07 -57.87
CA VAL K 407 90.42 -19.94 -58.18
C VAL K 407 91.79 -20.23 -57.62
N ALA K 408 92.81 -20.11 -58.48
CA ALA K 408 94.20 -20.25 -58.07
C ALA K 408 94.71 -18.85 -57.77
N PHE K 409 94.45 -18.39 -56.55
CA PHE K 409 94.82 -17.03 -56.19
C PHE K 409 96.34 -16.90 -56.18
N PRO K 410 96.86 -15.77 -56.63
CA PRO K 410 98.33 -15.58 -56.61
C PRO K 410 98.87 -15.35 -55.22
N HIS K 411 99.55 -16.35 -54.65
CA HIS K 411 100.12 -16.20 -53.33
C HIS K 411 101.35 -15.31 -53.37
N ILE K 412 101.51 -14.48 -52.34
CA ILE K 412 102.66 -13.60 -52.22
C ILE K 412 103.17 -13.66 -50.78
N LYS K 413 104.45 -13.99 -50.63
CA LYS K 413 105.21 -13.69 -49.43
C LYS K 413 106.68 -13.89 -49.77
N HIS K 414 107.54 -13.03 -49.21
CA HIS K 414 108.95 -13.01 -49.58
C HIS K 414 109.60 -14.37 -49.40
N ASN K 415 109.11 -15.18 -48.46
CA ASN K 415 109.65 -16.52 -48.27
C ASN K 415 109.47 -17.35 -49.54
N TYR K 416 108.28 -17.33 -50.11
CA TYR K 416 107.97 -18.10 -51.30
C TYR K 416 106.61 -17.67 -51.83
N GLU K 417 106.47 -17.68 -53.16
CA GLU K 417 105.23 -17.26 -53.80
C GLU K 417 104.76 -18.37 -54.75
N CYS K 418 103.45 -18.65 -54.72
CA CYS K 418 102.85 -19.66 -55.56
C CYS K 418 101.44 -19.23 -55.93
N LEU K 419 100.65 -20.18 -56.40
CA LEU K 419 99.27 -19.94 -56.81
C LEU K 419 98.36 -20.73 -55.87
N VAL K 420 97.99 -20.13 -54.75
CA VAL K 420 97.07 -20.79 -53.83
C VAL K 420 95.73 -20.97 -54.52
N TYR K 421 95.26 -22.20 -54.60
CA TYR K 421 94.01 -22.52 -55.26
C TYR K 421 92.90 -22.62 -54.24
N VAL K 422 91.81 -21.90 -54.49
CA VAL K 422 90.61 -21.96 -53.66
C VAL K 422 89.44 -22.35 -54.54
N GLN K 423 88.67 -23.35 -54.10
CA GLN K 423 87.58 -23.84 -54.91
C GLN K 423 86.50 -22.78 -55.04
N LEU K 424 85.72 -22.89 -56.12
CA LEU K 424 84.68 -21.91 -56.43
C LEU K 424 83.29 -22.49 -56.21
N PRO K 425 82.29 -21.66 -55.92
CA PRO K 425 80.98 -22.20 -55.52
C PRO K 425 80.23 -22.84 -56.68
N PHE K 426 78.98 -23.17 -56.41
CA PHE K 426 78.01 -23.57 -57.42
C PHE K 426 76.66 -23.03 -56.98
N MET K 427 75.71 -22.94 -57.91
CA MET K 427 74.33 -22.72 -57.46
C MET K 427 73.87 -23.92 -56.65
N GLU K 428 74.20 -25.13 -57.11
CA GLU K 428 73.94 -26.33 -56.32
C GLU K 428 74.77 -26.36 -55.05
N ASP K 429 75.92 -25.69 -55.02
CA ASP K 429 76.69 -25.54 -53.80
C ASP K 429 76.28 -24.31 -53.00
N LEU K 430 75.27 -23.59 -53.44
CA LEU K 430 74.81 -22.38 -52.77
C LEU K 430 73.46 -22.64 -52.12
N ARG K 431 73.27 -22.05 -50.94
CA ARG K 431 72.01 -22.10 -50.23
C ARG K 431 71.86 -20.80 -49.46
N GLN K 432 70.96 -20.78 -48.48
CA GLN K 432 70.81 -19.67 -47.57
C GLN K 432 70.84 -20.20 -46.14
N TYR K 433 71.60 -19.52 -45.27
CA TYR K 433 71.54 -19.88 -43.86
C TYR K 433 70.12 -19.64 -43.35
N MET K 434 69.78 -18.36 -43.19
CA MET K 434 68.47 -17.88 -42.72
C MET K 434 68.05 -16.72 -43.61
N PHE K 435 67.00 -16.01 -43.18
CA PHE K 435 66.52 -14.83 -43.88
C PHE K 435 66.10 -13.76 -42.87
N SER K 436 66.78 -13.70 -41.75
CA SER K 436 66.41 -12.85 -40.63
C SER K 436 67.46 -11.77 -40.39
N SER K 437 67.00 -10.59 -39.99
CA SER K 437 67.86 -9.45 -39.72
C SER K 437 67.89 -9.18 -38.21
N LEU K 438 68.58 -8.11 -37.82
CA LEU K 438 68.88 -7.84 -36.42
C LEU K 438 68.21 -6.58 -35.89
N LYS K 439 68.46 -5.42 -36.50
CA LYS K 439 67.95 -4.17 -35.96
C LYS K 439 66.50 -3.94 -36.39
N ASN K 440 65.65 -4.94 -36.14
CA ASN K 440 64.22 -4.84 -36.38
C ASN K 440 63.39 -4.92 -35.12
N SER K 441 63.82 -5.72 -34.13
CA SER K 441 63.17 -5.76 -32.83
C SER K 441 63.73 -4.64 -31.97
N LYS K 442 62.84 -3.85 -31.38
CA LYS K 442 63.27 -2.68 -30.61
C LYS K 442 64.11 -3.08 -29.42
N LYS K 443 63.71 -4.12 -28.70
CA LYS K 443 64.53 -4.63 -27.60
C LYS K 443 65.86 -5.15 -28.12
N TYR K 444 65.84 -5.86 -29.24
CA TYR K 444 67.06 -6.40 -29.82
C TYR K 444 67.91 -5.31 -30.46
N ALA K 445 67.33 -4.16 -30.74
CA ALA K 445 68.13 -3.03 -31.18
C ALA K 445 69.08 -2.62 -30.07
N PRO K 446 70.30 -2.16 -30.39
CA PRO K 446 71.27 -1.86 -29.34
C PRO K 446 70.80 -0.73 -28.43
N THR K 447 71.17 -0.82 -27.16
CA THR K 447 70.80 0.15 -26.15
C THR K 447 72.05 0.70 -25.47
N GLU K 448 71.83 1.72 -24.64
CA GLU K 448 72.95 2.38 -23.96
C GLU K 448 73.66 1.43 -23.01
N ALA K 449 72.91 0.58 -22.30
CA ALA K 449 73.54 -0.47 -21.53
C ALA K 449 74.41 -1.34 -22.42
N GLN K 450 73.85 -1.85 -23.50
CA GLN K 450 74.64 -2.60 -24.46
C GLN K 450 75.72 -1.73 -25.10
N LEU K 451 75.45 -0.44 -25.25
CA LEU K 451 76.45 0.47 -25.81
C LEU K 451 77.71 0.47 -24.96
N ASN K 452 77.59 0.89 -23.71
CA ASN K 452 78.75 0.90 -22.83
C ASN K 452 79.30 -0.51 -22.61
N ALA K 453 78.44 -1.52 -22.67
CA ALA K 453 78.89 -2.90 -22.55
C ALA K 453 79.91 -3.23 -23.63
N VAL K 454 79.52 -3.02 -24.89
CA VAL K 454 80.45 -3.32 -25.99
C VAL K 454 81.61 -2.35 -25.98
N ASP K 455 81.41 -1.13 -25.50
CA ASP K 455 82.51 -0.16 -25.40
C ASP K 455 83.62 -0.72 -24.51
N ALA K 456 83.30 -0.97 -23.25
CA ALA K 456 84.30 -1.56 -22.35
C ALA K 456 84.47 -3.05 -22.56
N LEU K 457 83.87 -3.60 -23.61
CA LEU K 457 84.09 -4.99 -24.01
C LEU K 457 85.20 -5.11 -25.04
N ILE K 458 85.09 -4.38 -26.14
CA ILE K 458 86.19 -4.32 -27.10
C ILE K 458 87.45 -3.86 -26.38
N ASP K 459 87.28 -3.07 -25.33
CA ASP K 459 88.35 -2.73 -24.43
C ASP K 459 88.42 -3.76 -23.33
N SER K 460 89.64 -4.05 -22.87
CA SER K 460 89.89 -4.95 -21.76
C SER K 460 89.53 -6.40 -22.10
N MET K 461 88.91 -6.62 -23.25
CA MET K 461 88.60 -7.96 -23.73
C MET K 461 88.92 -8.07 -25.21
N SER K 462 90.12 -7.62 -25.60
CA SER K 462 90.61 -7.78 -26.95
C SER K 462 92.04 -8.27 -26.91
N LEU K 463 92.31 -9.38 -27.58
CA LEU K 463 93.62 -9.98 -27.69
C LEU K 463 94.36 -9.44 -28.90
N ALA K 464 95.40 -10.17 -29.32
CA ALA K 464 96.44 -9.65 -30.22
C ALA K 464 97.13 -8.45 -29.56
N LYS K 465 97.72 -8.73 -28.40
CA LYS K 465 98.33 -7.69 -27.59
C LYS K 465 99.50 -7.05 -28.33
N LYS K 466 99.69 -5.76 -28.09
CA LYS K 466 100.76 -5.03 -28.75
C LYS K 466 102.11 -5.56 -28.32
N ASP K 467 103.02 -5.67 -29.29
CA ASP K 467 104.42 -5.98 -29.04
C ASP K 467 105.33 -4.80 -29.33
N GLU K 468 105.07 -4.07 -30.40
CA GLU K 468 105.78 -2.84 -30.72
C GLU K 468 104.92 -2.02 -31.65
N LYS K 469 105.19 -0.71 -31.69
CA LYS K 469 104.39 0.18 -32.53
C LYS K 469 104.55 -0.13 -34.01
N THR K 470 105.63 -0.80 -34.41
CA THR K 470 105.80 -1.19 -35.80
C THR K 470 105.01 -2.45 -36.15
N ASP K 471 104.54 -3.21 -35.16
CA ASP K 471 103.72 -4.39 -35.39
C ASP K 471 102.58 -4.37 -34.37
N THR K 472 101.46 -3.78 -34.75
CA THR K 472 100.30 -3.65 -33.88
C THR K 472 99.34 -4.81 -34.09
N LEU K 473 98.78 -5.31 -33.00
CA LEU K 473 97.82 -6.41 -33.03
C LEU K 473 98.40 -7.64 -33.72
N GLU K 474 99.54 -8.09 -33.22
CA GLU K 474 100.25 -9.22 -33.82
C GLU K 474 99.51 -10.53 -33.57
N ASP K 475 99.99 -11.59 -34.22
CA ASP K 475 99.38 -12.92 -34.09
C ASP K 475 99.70 -13.44 -32.70
N LEU K 476 98.92 -12.97 -31.73
CA LEU K 476 99.14 -13.35 -30.34
C LEU K 476 98.99 -14.86 -30.14
N PHE K 477 97.98 -15.45 -30.76
CA PHE K 477 97.73 -16.88 -30.67
C PHE K 477 97.70 -17.47 -32.08
N PRO K 478 98.85 -17.85 -32.63
CA PRO K 478 98.85 -18.52 -33.94
C PRO K 478 98.36 -19.95 -33.83
N THR K 479 97.13 -20.20 -34.30
CA THR K 479 96.52 -21.51 -34.10
C THR K 479 97.13 -22.56 -35.01
N THR K 480 97.41 -22.20 -36.28
CA THR K 480 97.95 -23.18 -37.20
C THR K 480 99.35 -23.63 -36.80
N LYS K 481 100.10 -22.78 -36.10
CA LYS K 481 101.37 -23.24 -35.56
C LYS K 481 101.20 -24.08 -34.31
N ILE K 482 99.99 -24.13 -33.76
CA ILE K 482 99.67 -25.00 -32.63
C ILE K 482 99.10 -26.30 -33.19
N PRO K 483 99.72 -27.44 -32.96
CA PRO K 483 99.21 -28.69 -33.53
C PRO K 483 97.92 -29.16 -32.87
N ASN K 484 97.46 -30.34 -33.22
CA ASN K 484 96.26 -30.87 -32.61
C ASN K 484 96.56 -31.45 -31.25
N PRO K 485 96.05 -30.84 -30.18
CA PRO K 485 96.24 -31.41 -28.84
C PRO K 485 95.57 -32.75 -28.67
N ARG K 486 94.50 -32.99 -29.43
CA ARG K 486 93.81 -34.27 -29.40
C ARG K 486 94.76 -35.40 -29.78
N PHE K 487 95.66 -35.15 -30.73
CA PHE K 487 96.65 -36.15 -31.09
C PHE K 487 97.64 -36.40 -29.96
N GLN K 488 97.94 -35.38 -29.15
CA GLN K 488 98.79 -35.62 -28.00
C GLN K 488 98.04 -36.36 -26.89
N ARG K 489 96.74 -36.13 -26.77
CA ARG K 489 95.93 -36.99 -25.92
C ARG K 489 96.02 -38.43 -26.37
N LEU K 490 95.95 -38.63 -27.69
CA LEU K 490 96.18 -39.95 -28.25
C LEU K 490 97.54 -40.49 -27.87
N PHE K 491 98.58 -39.66 -27.93
CA PHE K 491 99.93 -40.11 -27.60
C PHE K 491 100.03 -40.53 -26.15
N GLN K 492 99.50 -39.72 -25.23
CA GLN K 492 99.60 -40.04 -23.82
C GLN K 492 98.75 -41.25 -23.46
N CYS K 493 97.61 -41.43 -24.13
CA CYS K 493 96.84 -42.65 -23.98
C CYS K 493 97.65 -43.85 -24.48
N LEU K 494 98.39 -43.66 -25.57
CA LEU K 494 99.29 -44.71 -26.05
C LEU K 494 100.32 -45.05 -25.00
N LEU K 495 100.88 -44.04 -24.35
CA LEU K 495 101.86 -44.27 -23.29
C LEU K 495 101.24 -45.03 -22.12
N HIS K 496 100.04 -44.64 -21.73
CA HIS K 496 99.32 -45.37 -20.70
C HIS K 496 99.18 -46.84 -21.06
N ARG K 497 98.48 -47.12 -22.15
CA ARG K 497 98.22 -48.50 -22.56
C ARG K 497 99.48 -49.25 -22.95
N ALA K 498 100.60 -48.56 -23.17
CA ALA K 498 101.85 -49.26 -23.40
C ALA K 498 102.51 -49.66 -22.08
N LEU K 499 102.87 -48.67 -21.28
CA LEU K 499 103.50 -48.96 -20.00
C LEU K 499 102.56 -49.75 -19.09
N HIS K 500 101.29 -49.36 -19.06
CA HIS K 500 100.33 -49.96 -18.13
C HIS K 500 98.98 -50.06 -18.82
N PRO K 501 98.83 -51.00 -19.76
CA PRO K 501 97.51 -51.28 -20.32
C PRO K 501 96.54 -51.79 -19.28
N ARG K 502 97.03 -52.33 -18.17
CA ARG K 502 96.20 -52.89 -17.12
C ARG K 502 95.60 -51.84 -16.21
N GLU K 503 95.59 -50.58 -16.64
CA GLU K 503 95.12 -49.48 -15.83
C GLU K 503 93.94 -48.79 -16.48
N PRO K 504 93.11 -48.12 -15.68
CA PRO K 504 92.14 -47.19 -16.27
C PRO K 504 92.88 -46.05 -16.95
N LEU K 505 92.29 -45.57 -18.02
CA LEU K 505 92.95 -44.51 -18.76
C LEU K 505 92.82 -43.17 -18.03
N PRO K 506 93.80 -42.29 -18.17
CA PRO K 506 93.72 -40.98 -17.53
C PRO K 506 92.74 -40.08 -18.28
N PRO K 507 92.50 -38.86 -17.80
CA PRO K 507 91.70 -37.92 -18.59
C PRO K 507 92.47 -37.49 -19.84
N ILE K 508 91.91 -36.55 -20.60
CA ILE K 508 92.59 -36.07 -21.81
C ILE K 508 94.03 -35.69 -21.48
N GLN K 509 94.19 -34.69 -20.61
CA GLN K 509 95.42 -34.41 -19.87
C GLN K 509 95.12 -33.17 -19.05
N GLN K 510 96.06 -32.80 -18.21
CA GLN K 510 96.07 -31.44 -17.72
C GLN K 510 96.94 -30.56 -18.61
N HIS K 511 98.23 -30.87 -18.69
CA HIS K 511 99.21 -29.96 -19.29
C HIS K 511 98.86 -29.65 -20.74
N ILE K 512 98.56 -30.68 -21.53
CA ILE K 512 98.13 -30.45 -22.89
C ILE K 512 96.81 -29.70 -22.91
N TRP K 513 95.86 -30.12 -22.08
CA TRP K 513 94.64 -29.33 -21.91
C TRP K 513 94.97 -27.95 -21.36
N ASN K 514 95.98 -27.87 -20.51
CA ASN K 514 96.38 -26.62 -19.90
C ASN K 514 96.81 -25.60 -20.96
N MET K 515 97.54 -26.03 -21.98
CA MET K 515 98.11 -25.09 -22.92
C MET K 515 97.10 -24.58 -23.95
N LEU K 516 95.83 -24.93 -23.85
CA LEU K 516 94.80 -24.37 -24.72
C LEU K 516 94.01 -23.24 -24.08
N ASN K 517 94.10 -23.08 -22.77
CA ASN K 517 93.19 -22.21 -22.06
C ASN K 517 93.41 -20.74 -22.45
N PRO K 518 92.38 -19.91 -22.37
CA PRO K 518 92.49 -18.52 -22.81
C PRO K 518 93.33 -17.69 -21.86
N PRO K 519 93.74 -16.48 -22.25
CA PRO K 519 94.69 -15.71 -21.44
C PRO K 519 94.15 -15.35 -20.05
N ALA K 520 94.87 -15.80 -19.03
CA ALA K 520 94.44 -15.57 -17.65
C ALA K 520 94.50 -14.09 -17.28
N GLU K 521 95.55 -13.39 -17.72
CA GLU K 521 95.62 -11.96 -17.45
C GLU K 521 94.49 -11.21 -18.13
N VAL K 522 94.05 -11.68 -19.29
CA VAL K 522 92.89 -11.07 -19.93
C VAL K 522 91.64 -11.32 -19.09
N THR K 523 91.50 -12.52 -18.53
CA THR K 523 90.39 -12.76 -17.61
C THR K 523 90.47 -11.82 -16.41
N THR K 524 91.67 -11.57 -15.92
CA THR K 524 91.83 -10.67 -14.78
C THR K 524 91.41 -9.25 -15.14
N LYS K 525 91.92 -8.73 -16.26
CA LYS K 525 91.54 -7.40 -16.71
C LYS K 525 90.08 -7.33 -17.13
N SER K 526 89.47 -8.48 -17.40
CA SER K 526 88.12 -8.55 -17.94
C SER K 526 87.06 -8.65 -16.86
N GLN K 527 87.37 -9.35 -15.77
CA GLN K 527 86.35 -9.74 -14.81
C GLN K 527 85.55 -8.55 -14.31
N ILE K 528 86.15 -7.38 -14.22
CA ILE K 528 85.41 -6.21 -13.76
C ILE K 528 84.50 -5.73 -14.89
N PRO K 529 85.01 -5.39 -16.09
CA PRO K 529 84.06 -5.15 -17.19
C PRO K 529 83.22 -6.38 -17.51
N LEU K 530 83.79 -7.58 -17.39
CA LEU K 530 82.99 -8.78 -17.60
C LEU K 530 81.81 -8.83 -16.62
N SER K 531 82.07 -8.51 -15.35
CA SER K 531 80.97 -8.40 -14.40
C SER K 531 79.98 -7.34 -14.82
N LYS K 532 80.48 -6.20 -15.33
CA LYS K 532 79.60 -5.13 -15.76
C LYS K 532 78.61 -5.62 -16.82
N ILE K 533 79.12 -6.24 -17.89
CA ILE K 533 78.22 -6.74 -18.93
C ILE K 533 77.32 -7.84 -18.39
N LYS K 534 77.88 -8.81 -17.66
CA LYS K 534 77.10 -9.99 -17.30
C LYS K 534 75.98 -9.64 -16.34
N THR K 535 76.26 -8.79 -15.34
CA THR K 535 75.20 -8.31 -14.47
C THR K 535 74.29 -7.34 -15.22
N LEU K 536 74.83 -6.69 -16.26
CA LEU K 536 74.04 -5.75 -17.03
C LEU K 536 72.96 -6.46 -17.83
N PHE K 537 73.18 -7.71 -18.20
CA PHE K 537 72.24 -8.46 -19.02
C PHE K 537 71.98 -9.84 -18.41
N PRO K 538 70.79 -10.09 -17.87
CA PRO K 538 70.41 -11.47 -17.55
C PRO K 538 70.37 -12.32 -18.81
N LEU K 539 70.80 -13.56 -18.68
CA LEU K 539 70.96 -14.46 -19.82
C LEU K 539 70.12 -15.71 -19.67
N ILE K 540 68.85 -15.56 -19.29
CA ILE K 540 67.98 -16.69 -19.03
C ILE K 540 66.57 -16.37 -19.48
N GLU K 541 65.94 -17.32 -20.18
CA GLU K 541 64.52 -17.27 -20.48
C GLU K 541 64.05 -18.64 -20.97
N ASN K 593 59.42 -42.72 38.68
CA ASN K 593 59.84 -43.83 37.83
C ASN K 593 60.89 -43.39 36.79
N PRO K 594 60.68 -42.25 36.11
CA PRO K 594 61.81 -41.66 35.36
C PRO K 594 62.85 -41.03 36.27
N ALA K 595 62.58 -40.96 37.56
CA ALA K 595 63.59 -40.51 38.52
C ALA K 595 64.85 -41.34 38.38
N GLU K 596 64.70 -42.66 38.47
CA GLU K 596 65.84 -43.53 38.25
C GLU K 596 66.35 -43.46 36.82
N ASN K 597 65.48 -43.13 35.86
CA ASN K 597 65.96 -42.92 34.50
C ASN K 597 67.05 -41.87 34.46
N PHE K 598 66.73 -40.63 34.85
CA PHE K 598 67.77 -39.62 34.79
C PHE K 598 68.84 -39.82 35.85
N ARG K 599 68.54 -40.51 36.94
CA ARG K 599 69.57 -40.81 37.93
C ARG K 599 70.65 -41.71 37.34
N VAL K 600 70.24 -42.81 36.72
CA VAL K 600 71.21 -43.68 36.07
C VAL K 600 71.86 -42.97 34.89
N LEU K 601 71.14 -42.05 34.26
CA LEU K 601 71.75 -41.25 33.19
C LEU K 601 72.92 -40.44 33.70
N VAL K 602 72.71 -39.70 34.81
CA VAL K 602 73.79 -38.87 35.34
C VAL K 602 74.91 -39.73 35.91
N LYS K 603 74.60 -40.87 36.50
CA LYS K 603 75.66 -41.70 37.07
C LYS K 603 76.25 -42.68 36.08
N GLN K 604 75.81 -42.65 34.82
CA GLN K 604 76.53 -43.35 33.75
C GLN K 604 77.36 -42.40 32.90
N LYS K 605 76.84 -41.19 32.63
CA LYS K 605 77.58 -40.23 31.81
C LYS K 605 78.34 -39.21 32.64
N LYS K 606 78.11 -39.17 33.95
CA LYS K 606 78.93 -38.42 34.89
C LYS K 606 79.00 -36.93 34.52
N ALA K 607 77.84 -36.29 34.54
CA ALA K 607 77.74 -34.87 34.31
C ALA K 607 76.71 -34.26 35.26
N SER K 608 76.81 -32.95 35.45
CA SER K 608 75.85 -32.25 36.29
C SER K 608 74.44 -32.41 35.75
N PHE K 609 74.29 -32.35 34.43
CA PHE K 609 73.02 -32.62 33.75
C PHE K 609 71.91 -31.75 34.33
N GLU K 610 72.08 -30.44 34.14
CA GLU K 610 71.06 -29.49 34.56
C GLU K 610 69.71 -29.79 33.96
N GLU K 611 69.68 -30.45 32.79
CA GLU K 611 68.43 -30.97 32.26
C GLU K 611 67.82 -32.01 33.19
N ALA K 612 68.64 -32.97 33.64
CA ALA K 612 68.18 -33.91 34.64
C ALA K 612 67.88 -33.21 35.96
N SER K 613 68.60 -32.13 36.25
CA SER K 613 68.27 -31.33 37.43
C SER K 613 66.87 -30.77 37.33
N ASN K 614 66.48 -30.23 36.17
CA ASN K 614 65.13 -29.73 36.00
C ASN K 614 64.11 -30.87 36.01
N GLN K 615 64.50 -32.02 35.47
CA GLN K 615 63.61 -33.18 35.50
C GLN K 615 63.30 -33.57 36.95
N LEU K 616 64.31 -33.61 37.80
CA LEU K 616 64.07 -33.92 39.20
C LEU K 616 63.38 -32.77 39.92
N ILE K 617 63.59 -31.53 39.45
CA ILE K 617 62.79 -30.42 39.98
C ILE K 617 61.31 -30.70 39.76
N ASN K 618 60.94 -31.07 38.54
CA ASN K 618 59.58 -31.48 38.26
C ASN K 618 59.17 -32.64 39.16
N HIS K 619 60.05 -33.62 39.32
CA HIS K 619 59.72 -34.82 40.07
C HIS K 619 59.43 -34.49 41.54
N ILE K 620 60.08 -33.47 42.09
CA ILE K 620 59.90 -33.14 43.50
C ILE K 620 58.78 -32.12 43.70
N GLU K 621 58.65 -31.14 42.80
CA GLU K 621 57.68 -30.08 43.00
C GLU K 621 56.25 -30.51 42.74
N GLN K 622 56.04 -31.70 42.17
CA GLN K 622 54.70 -32.03 41.67
C GLN K 622 53.81 -32.34 42.87
N PHE K 623 53.66 -31.35 43.76
CA PHE K 623 52.90 -31.53 44.98
C PHE K 623 52.09 -30.29 45.36
N LEU K 624 52.11 -29.23 44.54
CA LEU K 624 51.41 -28.00 44.90
C LEU K 624 49.90 -28.22 44.99
N ASP K 625 49.34 -28.91 44.01
CA ASP K 625 47.92 -29.22 44.01
C ASP K 625 47.62 -30.52 44.77
N THR K 626 48.65 -31.25 45.16
CA THR K 626 48.50 -32.60 45.69
C THR K 626 48.73 -32.59 47.20
N ASN K 627 47.79 -33.17 47.93
CA ASN K 627 47.93 -33.39 49.36
C ASN K 627 48.31 -34.83 49.69
N GLU K 628 48.71 -35.60 48.68
CA GLU K 628 49.00 -37.03 48.85
C GLU K 628 50.48 -37.21 49.18
N THR K 629 50.78 -37.21 50.47
CA THR K 629 52.13 -37.30 51.03
C THR K 629 52.96 -38.46 50.47
N PRO K 630 52.36 -39.60 50.09
CA PRO K 630 53.17 -40.65 49.45
C PRO K 630 53.98 -40.18 48.26
N TYR K 631 53.41 -39.32 47.42
CA TYR K 631 54.23 -38.70 46.38
C TYR K 631 55.38 -37.93 46.99
N PHE K 632 55.10 -37.20 48.08
CA PHE K 632 56.13 -36.38 48.69
C PHE K 632 57.28 -37.23 49.19
N MET K 633 56.98 -38.36 49.82
CA MET K 633 58.05 -39.22 50.34
C MET K 633 58.81 -39.90 49.20
N LYS K 634 58.10 -40.34 48.16
CA LYS K 634 58.80 -40.92 47.01
C LYS K 634 59.74 -39.90 46.39
N SER K 635 59.27 -38.66 46.23
CA SER K 635 60.07 -37.63 45.59
C SER K 635 61.25 -37.23 46.46
N ILE K 636 61.05 -37.13 47.78
CA ILE K 636 62.19 -36.80 48.64
C ILE K 636 63.20 -37.93 48.63
N ASP K 637 62.74 -39.18 48.57
CA ASP K 637 63.67 -40.29 48.49
C ASP K 637 64.49 -40.22 47.21
N CYS K 638 63.84 -39.95 46.08
CA CYS K 638 64.56 -39.88 44.82
C CYS K 638 65.51 -38.68 44.78
N ILE K 639 65.12 -37.55 45.37
CA ILE K 639 66.03 -36.41 45.38
C ILE K 639 67.14 -36.58 46.39
N ARG K 640 66.97 -37.39 47.44
CA ARG K 640 68.10 -37.76 48.26
C ARG K 640 69.06 -38.64 47.49
N ALA K 641 68.52 -39.57 46.69
CA ALA K 641 69.36 -40.37 45.82
C ALA K 641 70.14 -39.47 44.87
N PHE K 642 69.48 -38.47 44.30
CA PHE K 642 70.21 -37.56 43.42
C PHE K 642 71.14 -36.63 44.18
N ARG K 643 70.87 -36.35 45.46
CA ARG K 643 71.80 -35.58 46.26
C ARG K 643 73.12 -36.33 46.42
N GLU K 644 73.03 -37.60 46.80
CA GLU K 644 74.24 -38.40 46.90
C GLU K 644 74.85 -38.69 45.53
N GLU K 645 74.03 -38.71 44.47
CA GLU K 645 74.59 -38.85 43.12
C GLU K 645 75.34 -37.59 42.70
N ALA K 646 74.86 -36.43 43.11
CA ALA K 646 75.63 -35.21 42.96
C ALA K 646 76.94 -35.31 43.71
N ILE K 647 76.87 -35.82 44.94
CA ILE K 647 78.06 -36.10 45.73
C ILE K 647 79.00 -37.03 44.98
N LYS K 648 78.45 -37.89 44.11
CA LYS K 648 79.25 -38.95 43.50
C LYS K 648 80.44 -38.47 42.68
N PHE K 649 80.19 -37.82 41.54
CA PHE K 649 81.24 -37.67 40.53
C PHE K 649 81.66 -36.22 40.30
N SER K 650 80.77 -35.36 39.82
CA SER K 650 81.20 -34.02 39.44
C SER K 650 80.23 -32.91 39.85
N GLU K 651 78.95 -33.18 40.01
CA GLU K 651 77.99 -32.16 40.39
C GLU K 651 77.89 -32.02 41.90
N GLU K 652 78.94 -32.40 42.62
CA GLU K 652 79.00 -32.21 44.06
C GLU K 652 78.81 -30.74 44.38
N GLN K 653 79.79 -29.92 44.01
CA GLN K 653 79.64 -28.48 44.21
C GLN K 653 78.47 -27.94 43.40
N ARG K 654 78.38 -28.31 42.13
CA ARG K 654 77.38 -27.76 41.23
C ARG K 654 75.97 -28.08 41.70
N PHE K 655 75.61 -29.36 41.65
CA PHE K 655 74.24 -29.73 41.99
C PHE K 655 73.98 -29.56 43.48
N ASN K 656 75.02 -29.63 44.31
CA ASN K 656 74.78 -29.45 45.74
C ASN K 656 74.54 -27.99 46.10
N ASN K 657 75.12 -27.02 45.38
CA ASN K 657 74.71 -25.64 45.59
C ASN K 657 73.38 -25.35 44.91
N PHE K 658 73.09 -26.00 43.79
CA PHE K 658 71.75 -25.91 43.24
C PHE K 658 70.74 -26.38 44.26
N LEU K 659 71.05 -27.46 44.98
CA LEU K 659 70.17 -27.99 46.01
C LEU K 659 70.19 -27.17 47.29
N LYS K 660 71.29 -26.47 47.57
CA LYS K 660 71.24 -25.35 48.50
C LYS K 660 70.04 -24.49 48.16
N ALA K 661 70.10 -23.90 46.97
CA ALA K 661 69.04 -22.98 46.54
C ALA K 661 67.68 -23.65 46.60
N LEU K 662 67.63 -24.93 46.26
CA LEU K 662 66.39 -25.70 46.38
C LEU K 662 65.91 -25.73 47.82
N GLN K 663 66.83 -25.90 48.76
CA GLN K 663 66.44 -25.95 50.16
C GLN K 663 65.89 -24.61 50.62
N GLU K 664 66.53 -23.50 50.24
CA GLU K 664 65.93 -22.22 50.62
C GLU K 664 64.56 -22.03 49.97
N LYS K 665 64.42 -22.38 48.69
CA LYS K 665 63.13 -22.13 48.04
C LYS K 665 62.05 -23.08 48.54
N VAL K 666 62.43 -24.22 49.10
CA VAL K 666 61.40 -25.10 49.66
C VAL K 666 61.12 -24.69 51.11
N GLU K 667 62.10 -24.07 51.77
CA GLU K 667 61.85 -23.48 53.07
C GLU K 667 60.86 -22.32 52.97
N ILE K 668 61.02 -21.50 51.93
CA ILE K 668 60.18 -20.31 51.81
C ILE K 668 58.76 -20.64 51.35
N LYS K 669 58.54 -21.80 50.76
CA LYS K 669 57.19 -22.19 50.38
C LYS K 669 56.45 -22.68 51.61
N GLN K 670 55.26 -22.13 51.85
CA GLN K 670 54.49 -22.39 53.07
C GLN K 670 53.11 -22.88 52.66
N LEU K 671 52.85 -24.17 52.87
CA LEU K 671 51.57 -24.77 52.56
C LEU K 671 51.21 -25.76 53.65
N ASN K 672 50.07 -26.43 53.48
CA ASN K 672 49.66 -27.45 54.44
C ASN K 672 50.64 -28.61 54.50
N HIS K 673 51.15 -29.05 53.35
CA HIS K 673 52.20 -30.05 53.27
C HIS K 673 53.46 -29.32 52.80
N PHE K 674 54.19 -28.75 53.75
CA PHE K 674 55.34 -27.92 53.47
C PHE K 674 56.63 -28.70 53.67
N TRP K 675 57.75 -28.01 53.64
CA TRP K 675 59.08 -28.61 53.71
C TRP K 675 59.43 -29.12 55.09
N GLU K 676 58.46 -29.19 56.00
CA GLU K 676 58.65 -29.80 57.31
C GLU K 676 59.50 -31.07 57.21
N ILE K 677 59.12 -31.97 56.31
CA ILE K 677 59.86 -33.21 56.11
C ILE K 677 61.24 -32.92 55.55
N VAL K 678 61.32 -31.95 54.64
CA VAL K 678 62.58 -31.66 53.94
C VAL K 678 63.67 -31.23 54.90
N VAL K 679 63.32 -30.74 56.08
CA VAL K 679 64.27 -30.36 57.10
C VAL K 679 64.35 -31.39 58.21
N GLN K 680 63.19 -31.84 58.71
CA GLN K 680 63.18 -32.83 59.78
C GLN K 680 63.77 -34.16 59.34
N ASP K 681 63.79 -34.42 58.04
CA ASP K 681 64.39 -35.63 57.50
C ASP K 681 65.48 -35.36 56.47
N GLY K 682 65.53 -34.15 55.90
CA GLY K 682 66.67 -33.74 55.12
C GLY K 682 67.78 -33.30 56.06
N ILE K 683 68.28 -34.25 56.84
CA ILE K 683 69.14 -33.93 57.98
C ILE K 683 70.61 -34.27 57.75
N THR K 684 70.93 -35.10 56.75
CA THR K 684 72.31 -35.54 56.57
C THR K 684 73.13 -34.50 55.81
N LEU K 685 72.77 -34.24 54.56
CA LEU K 685 73.53 -33.32 53.72
C LEU K 685 72.59 -32.77 52.66
N ILE K 686 72.23 -31.49 52.80
CA ILE K 686 71.44 -30.78 51.82
C ILE K 686 72.16 -29.46 51.54
N THR K 687 73.37 -29.35 52.07
CA THR K 687 74.23 -28.19 51.83
C THR K 687 75.28 -28.56 50.78
N LYS K 688 75.85 -27.54 50.14
CA LYS K 688 76.67 -27.75 48.94
C LYS K 688 77.96 -28.47 49.32
N GLU K 689 77.96 -29.80 49.13
CA GLU K 689 79.06 -30.65 49.57
C GLU K 689 79.83 -31.14 48.34
N GLU K 690 81.06 -30.65 48.18
CA GLU K 690 81.95 -31.17 47.15
C GLU K 690 83.19 -31.83 47.75
N ALA K 691 83.97 -31.10 48.54
CA ALA K 691 85.22 -31.59 49.10
C ALA K 691 85.68 -30.56 50.12
N SER K 692 86.80 -30.86 50.79
CA SER K 692 87.35 -29.97 51.80
C SER K 692 87.43 -28.54 51.26
N GLY K 693 86.93 -27.60 52.06
CA GLY K 693 86.58 -26.30 51.52
C GLY K 693 85.09 -26.14 51.45
N SER K 694 84.50 -26.35 50.26
CA SER K 694 83.05 -26.24 50.12
C SER K 694 82.34 -27.27 51.00
N SER K 695 82.84 -28.49 51.08
CA SER K 695 82.12 -29.52 51.83
C SER K 695 82.19 -29.30 53.33
N VAL K 696 83.33 -28.84 53.85
CA VAL K 696 83.42 -28.66 55.30
C VAL K 696 82.50 -27.54 55.75
N THR K 697 82.58 -26.37 55.09
CA THR K 697 81.66 -25.29 55.41
C THR K 697 80.23 -25.70 55.12
N ALA K 698 80.04 -26.62 54.18
CA ALA K 698 78.73 -27.23 54.00
C ALA K 698 78.30 -27.99 55.24
N GLU K 699 79.24 -28.67 55.88
CA GLU K 699 78.91 -29.37 57.12
C GLU K 699 78.51 -28.41 58.22
N GLU K 700 79.27 -27.32 58.40
CA GLU K 700 78.85 -26.36 59.43
C GLU K 700 77.50 -25.74 59.11
N ALA K 701 77.26 -25.39 57.84
CA ALA K 701 75.95 -24.86 57.48
C ALA K 701 74.85 -25.88 57.71
N LYS K 702 75.08 -27.13 57.30
CA LYS K 702 74.10 -28.19 57.43
C LYS K 702 73.79 -28.51 58.89
N LYS K 703 74.75 -28.29 59.78
CA LYS K 703 74.52 -28.56 61.19
C LYS K 703 73.38 -27.74 61.77
N PHE K 704 72.81 -26.80 61.02
CA PHE K 704 71.60 -26.09 61.40
C PHE K 704 70.36 -26.63 60.70
N LEU K 705 70.31 -27.94 60.46
CA LEU K 705 69.20 -28.68 59.86
C LEU K 705 68.99 -28.35 58.39
N ALA K 706 69.75 -27.42 57.83
CA ALA K 706 69.59 -26.95 56.46
C ALA K 706 70.78 -26.05 56.13
N PRO K 707 71.00 -25.70 54.86
CA PRO K 707 72.02 -24.69 54.55
C PRO K 707 71.89 -23.45 55.40
N LYS K 708 72.93 -23.15 56.18
CA LYS K 708 72.88 -22.05 57.12
C LYS K 708 74.29 -21.56 57.47
N CYS N 10 -57.03 -8.01 -37.78
CA CYS N 10 -56.21 -9.14 -38.21
C CYS N 10 -55.39 -8.76 -39.44
N SER N 11 -54.78 -9.77 -40.07
CA SER N 11 -54.03 -9.52 -41.30
C SER N 11 -54.95 -8.95 -42.38
N LEU N 12 -56.12 -9.56 -42.54
CA LEU N 12 -57.08 -9.07 -43.53
C LEU N 12 -57.50 -7.64 -43.23
N LEU N 13 -57.88 -7.38 -41.97
CA LEU N 13 -58.38 -6.07 -41.60
C LEU N 13 -57.32 -4.98 -41.83
N ARG N 14 -56.12 -5.19 -41.30
CA ARG N 14 -55.10 -4.16 -41.38
C ARG N 14 -54.55 -4.02 -42.80
N LEU N 15 -54.46 -5.13 -43.55
CA LEU N 15 -54.02 -5.03 -44.93
C LEU N 15 -55.03 -4.26 -45.78
N GLN N 16 -56.32 -4.53 -45.59
CA GLN N 16 -57.33 -3.78 -46.33
C GLN N 16 -57.35 -2.32 -45.90
N GLU N 17 -57.12 -2.06 -44.61
CA GLU N 17 -57.02 -0.68 -44.15
C GLU N 17 -55.84 0.03 -44.79
N THR N 18 -54.70 -0.67 -44.93
CA THR N 18 -53.54 -0.10 -45.60
C THR N 18 -53.85 0.19 -47.06
N LEU N 19 -54.54 -0.74 -47.73
CA LEU N 19 -54.93 -0.51 -49.12
C LEU N 19 -55.84 0.70 -49.26
N SER N 20 -56.79 0.85 -48.35
CA SER N 20 -57.67 2.02 -48.36
C SER N 20 -56.87 3.30 -48.10
N ALA N 21 -55.94 3.24 -47.15
CA ALA N 21 -55.10 4.40 -46.86
C ALA N 21 -54.23 4.80 -48.04
N ALA N 22 -53.87 3.82 -48.87
CA ALA N 22 -53.11 4.13 -50.08
C ALA N 22 -53.91 5.04 -51.01
N ASP N 23 -55.23 4.92 -51.00
CA ASP N 23 -56.09 5.74 -51.84
C ASP N 23 -56.04 7.21 -51.43
N GLY N 26 -50.01 7.56 -56.37
CA GLY N 26 -51.09 8.28 -57.03
C GLY N 26 -52.44 7.62 -56.85
N ALA N 27 -53.50 8.37 -57.16
CA ALA N 27 -54.85 7.83 -57.01
C ALA N 27 -55.07 6.64 -57.93
N ALA N 28 -54.56 6.70 -59.16
CA ALA N 28 -54.67 5.57 -60.07
C ALA N 28 -53.89 4.37 -59.56
N LEU N 29 -52.63 4.59 -59.17
CA LEU N 29 -51.83 3.51 -58.60
C LEU N 29 -52.44 3.00 -57.32
N ALA N 30 -53.04 3.89 -56.53
CA ALA N 30 -53.75 3.46 -55.33
C ALA N 30 -54.91 2.54 -55.68
N GLY N 31 -55.65 2.88 -56.74
CA GLY N 31 -56.72 2.01 -57.19
C GLY N 31 -56.21 0.66 -57.66
N HIS N 32 -55.09 0.66 -58.38
CA HIS N 32 -54.52 -0.59 -58.87
C HIS N 32 -54.09 -1.49 -57.72
N GLN N 33 -53.41 -0.92 -56.72
CA GLN N 33 -52.99 -1.72 -55.59
C GLN N 33 -54.19 -2.17 -54.75
N LEU N 34 -55.23 -1.35 -54.68
CA LEU N 34 -56.44 -1.75 -53.96
C LEU N 34 -57.11 -2.94 -54.65
N ILE N 35 -57.20 -2.91 -55.98
CA ILE N 35 -57.83 -4.03 -56.68
C ILE N 35 -56.95 -5.27 -56.56
N ARG N 36 -55.63 -5.10 -56.56
CA ARG N 36 -54.75 -6.25 -56.36
C ARG N 36 -54.95 -6.87 -54.99
N GLY N 37 -54.91 -6.06 -53.95
CA GLY N 37 -55.12 -6.57 -52.61
C GLY N 37 -56.50 -7.17 -52.42
N LEU N 38 -57.51 -6.58 -53.06
CA LEU N 38 -58.86 -7.10 -52.92
C LEU N 38 -59.05 -8.41 -53.68
N GLY N 39 -58.41 -8.57 -54.83
CA GLY N 39 -58.41 -9.88 -55.48
C GLY N 39 -57.68 -10.92 -54.65
N GLN N 40 -56.56 -10.53 -54.03
CA GLN N 40 -55.85 -11.44 -53.15
C GLN N 40 -56.73 -11.87 -51.98
N GLU N 41 -57.44 -10.93 -51.37
CA GLU N 41 -58.32 -11.27 -50.26
C GLU N 41 -59.53 -12.05 -50.73
N CYS N 42 -60.03 -11.77 -51.94
CA CYS N 42 -61.15 -12.52 -52.50
C CYS N 42 -60.78 -13.99 -52.69
N VAL N 43 -59.62 -14.25 -53.30
CA VAL N 43 -59.13 -15.61 -53.38
C VAL N 43 -58.67 -16.12 -52.02
N LEU N 44 -58.60 -15.25 -51.02
CA LEU N 44 -58.31 -15.65 -49.65
C LEU N 44 -59.57 -15.83 -48.81
N SER N 45 -60.58 -14.98 -49.02
CA SER N 45 -61.77 -14.96 -48.17
C SER N 45 -62.71 -16.14 -48.42
N SER N 46 -62.29 -17.15 -49.17
CA SER N 46 -63.12 -18.32 -49.42
C SER N 46 -63.06 -19.29 -48.23
N SER N 47 -63.45 -18.76 -47.07
CA SER N 47 -63.40 -19.52 -45.83
C SER N 47 -64.74 -19.41 -45.10
N PRO N 48 -65.28 -20.53 -44.63
CA PRO N 48 -66.57 -20.53 -43.93
C PRO N 48 -66.49 -20.46 -42.41
N ALA N 49 -65.31 -20.29 -41.83
CA ALA N 49 -65.20 -20.23 -40.37
C ALA N 49 -65.94 -19.01 -39.83
N VAL N 50 -66.62 -19.21 -38.70
CA VAL N 50 -67.41 -18.14 -38.10
C VAL N 50 -66.54 -16.95 -37.73
N LEU N 51 -65.27 -17.20 -37.39
CA LEU N 51 -64.35 -16.11 -37.11
C LEU N 51 -64.14 -15.23 -38.34
N ALA N 52 -63.97 -15.85 -39.51
CA ALA N 52 -63.82 -15.09 -40.74
C ALA N 52 -65.11 -14.33 -41.08
N LEU N 53 -66.26 -14.97 -40.85
CA LEU N 53 -67.52 -14.28 -41.07
C LEU N 53 -67.64 -13.05 -40.19
N GLN N 54 -67.24 -13.18 -38.92
CA GLN N 54 -67.33 -12.05 -37.99
C GLN N 54 -66.35 -10.95 -38.36
N THR N 55 -65.14 -11.30 -38.79
CA THR N 55 -64.19 -10.25 -39.14
C THR N 55 -64.60 -9.53 -40.43
N SER N 56 -65.13 -10.27 -41.40
CA SER N 56 -65.67 -9.63 -42.60
C SER N 56 -66.86 -8.76 -42.26
N LEU N 57 -67.70 -9.21 -41.32
CA LEU N 57 -68.78 -8.39 -40.81
C LEU N 57 -68.25 -7.08 -40.25
N VAL N 58 -67.39 -7.16 -39.23
CA VAL N 58 -66.91 -5.96 -38.56
C VAL N 58 -66.12 -5.07 -39.49
N PHE N 59 -65.59 -5.61 -40.59
CA PHE N 59 -64.93 -4.75 -41.56
C PHE N 59 -65.89 -4.25 -42.64
N SER N 60 -67.11 -4.79 -42.70
CA SER N 60 -68.13 -4.16 -43.54
C SER N 60 -68.44 -2.76 -43.06
N ARG N 61 -68.17 -2.47 -41.78
CA ARG N 61 -68.23 -1.10 -41.30
C ARG N 61 -67.13 -0.26 -41.92
N ASP N 62 -65.91 -0.79 -41.96
CA ASP N 62 -64.79 -0.10 -42.60
C ASP N 62 -64.93 -0.07 -44.11
N PHE N 63 -65.89 -0.83 -44.66
CA PHE N 63 -66.18 -0.70 -46.08
C PHE N 63 -66.55 0.73 -46.45
N GLY N 64 -67.16 1.48 -45.53
CA GLY N 64 -67.48 2.86 -45.82
C GLY N 64 -66.24 3.68 -46.14
N LEU N 65 -65.22 3.57 -45.29
CA LEU N 65 -63.96 4.25 -45.58
C LEU N 65 -63.27 3.62 -46.78
N LEU N 66 -63.42 2.31 -46.98
CA LEU N 66 -62.86 1.67 -48.17
C LEU N 66 -63.38 2.31 -49.45
N VAL N 67 -64.68 2.57 -49.50
CA VAL N 67 -65.31 3.07 -50.72
C VAL N 67 -65.28 4.59 -50.80
N PHE N 68 -65.05 5.28 -49.68
CA PHE N 68 -64.92 6.73 -49.72
C PHE N 68 -63.49 7.20 -49.89
N VAL N 69 -62.51 6.35 -49.62
CA VAL N 69 -61.18 6.60 -50.17
C VAL N 69 -61.16 6.18 -51.64
N ARG N 70 -61.99 5.20 -52.00
CA ARG N 70 -62.38 4.98 -53.38
C ARG N 70 -63.21 6.15 -53.90
N LYS N 71 -63.69 7.00 -52.99
CA LYS N 71 -64.44 8.22 -53.26
C LYS N 71 -65.86 7.93 -53.71
N SER N 72 -66.17 6.64 -53.92
CA SER N 72 -67.48 6.21 -54.43
C SER N 72 -67.84 6.94 -55.72
N LEU N 73 -66.84 7.50 -56.39
CA LEU N 73 -67.02 8.54 -57.39
C LEU N 73 -67.17 7.99 -58.81
N ASN N 74 -67.20 6.65 -58.95
CA ASN N 74 -67.28 6.05 -60.31
C ASN N 74 -66.07 6.54 -61.11
N SER N 75 -65.09 7.16 -60.45
CA SER N 75 -63.87 7.67 -61.13
C SER N 75 -63.15 6.49 -61.79
N ILE N 76 -62.49 6.72 -62.92
CA ILE N 76 -61.83 5.62 -63.67
C ILE N 76 -60.60 5.12 -62.88
N GLU N 77 -60.07 5.96 -61.97
CA GLU N 77 -58.90 5.56 -61.15
C GLU N 77 -59.36 4.65 -60.01
N PHE N 78 -60.68 4.56 -59.78
CA PHE N 78 -61.24 3.69 -58.71
C PHE N 78 -62.42 2.91 -59.27
N ARG N 79 -62.57 2.89 -60.59
CA ARG N 79 -63.68 2.11 -61.23
C ARG N 79 -63.32 0.63 -61.15
N GLU N 80 -62.02 0.32 -61.15
CA GLU N 80 -61.58 -1.10 -61.01
C GLU N 80 -61.83 -1.54 -59.57
N CYS N 81 -61.65 -0.63 -58.59
CA CYS N 81 -61.95 -0.97 -57.21
C CYS N 81 -63.43 -1.27 -57.02
N ARG N 82 -64.27 -0.56 -57.77
CA ARG N 82 -65.71 -0.85 -57.77
C ARG N 82 -65.98 -2.27 -58.27
N GLU N 83 -65.31 -2.65 -59.36
CA GLU N 83 -65.39 -4.01 -59.87
C GLU N 83 -64.99 -5.01 -58.79
N GLU N 84 -63.87 -4.73 -58.11
CA GLU N 84 -63.36 -5.67 -57.11
C GLU N 84 -64.26 -5.77 -55.89
N ILE N 85 -64.76 -4.63 -55.39
CA ILE N 85 -65.63 -4.69 -54.23
C ILE N 85 -66.92 -5.41 -54.61
N LEU N 86 -67.41 -5.23 -55.83
CA LEU N 86 -68.62 -5.96 -56.21
C LEU N 86 -68.34 -7.44 -56.41
N LYS N 87 -67.15 -7.81 -56.88
CA LYS N 87 -66.84 -9.23 -56.98
C LYS N 87 -66.73 -9.86 -55.59
N PHE N 88 -66.22 -9.11 -54.61
CA PHE N 88 -66.20 -9.64 -53.25
C PHE N 88 -67.59 -9.70 -52.65
N LEU N 89 -68.46 -8.76 -53.01
CA LEU N 89 -69.85 -8.85 -52.62
C LEU N 89 -70.50 -10.09 -53.22
N CYS N 90 -70.15 -10.40 -54.46
CA CYS N 90 -70.58 -11.66 -55.07
C CYS N 90 -70.01 -12.85 -54.32
N ILE N 91 -68.81 -12.70 -53.74
CA ILE N 91 -68.31 -13.73 -52.84
C ILE N 91 -69.27 -13.90 -51.66
N PHE N 92 -69.83 -12.79 -51.18
CA PHE N 92 -70.82 -12.82 -50.12
C PHE N 92 -72.24 -12.92 -50.63
N LEU N 93 -72.43 -13.06 -51.95
CA LEU N 93 -73.77 -13.27 -52.48
C LEU N 93 -74.37 -14.57 -51.95
N GLU N 94 -73.57 -15.64 -51.92
CA GLU N 94 -74.00 -16.85 -51.26
C GLU N 94 -74.03 -16.63 -49.75
N LYS N 95 -74.64 -17.56 -49.03
CA LYS N 95 -74.97 -17.34 -47.63
C LYS N 95 -73.88 -17.84 -46.69
N MET N 96 -72.70 -17.24 -46.81
CA MET N 96 -71.74 -17.29 -45.71
C MET N 96 -71.78 -16.02 -44.88
N GLY N 97 -72.31 -14.93 -45.42
CA GLY N 97 -72.57 -13.74 -44.64
C GLY N 97 -73.80 -13.94 -43.79
N GLN N 98 -73.68 -14.79 -42.78
CA GLN N 98 -74.84 -15.18 -41.97
C GLN N 98 -75.48 -14.00 -41.27
N LYS N 99 -74.70 -12.95 -40.99
CA LYS N 99 -75.19 -11.80 -40.24
C LYS N 99 -75.52 -10.71 -41.27
N ILE N 100 -76.75 -10.74 -41.76
CA ILE N 100 -77.20 -9.85 -42.82
C ILE N 100 -77.84 -8.61 -42.22
N ALA N 101 -78.33 -8.74 -40.99
CA ALA N 101 -79.05 -7.63 -40.34
C ALA N 101 -78.20 -6.39 -40.10
N PRO N 102 -76.99 -6.45 -39.53
CA PRO N 102 -76.39 -5.24 -38.97
C PRO N 102 -75.94 -4.22 -40.01
N TYR N 103 -75.83 -4.61 -41.28
CA TYR N 103 -75.22 -3.73 -42.26
C TYR N 103 -76.12 -3.37 -43.44
N SER N 104 -77.12 -4.19 -43.75
CA SER N 104 -77.82 -4.10 -45.04
C SER N 104 -78.31 -2.68 -45.37
N VAL N 105 -78.86 -1.98 -44.39
CA VAL N 105 -79.43 -0.66 -44.65
C VAL N 105 -78.34 0.35 -45.00
N GLU N 106 -77.29 0.41 -44.17
CA GLU N 106 -76.20 1.32 -44.49
C GLU N 106 -75.50 0.89 -45.77
N ILE N 107 -75.48 -0.40 -46.05
CA ILE N 107 -74.84 -0.91 -47.27
C ILE N 107 -75.59 -0.43 -48.50
N LYS N 108 -76.92 -0.55 -48.49
CA LYS N 108 -77.71 -0.09 -49.63
C LYS N 108 -77.61 1.43 -49.77
N ASN N 109 -77.62 2.16 -48.66
CA ASN N 109 -77.45 3.61 -48.75
C ASN N 109 -76.10 3.98 -49.33
N THR N 110 -75.04 3.32 -48.87
CA THR N 110 -73.71 3.60 -49.38
C THR N 110 -73.59 3.26 -50.86
N CYS N 111 -74.17 2.13 -51.28
CA CYS N 111 -74.05 1.75 -52.68
C CYS N 111 -74.87 2.67 -53.58
N THR N 112 -76.02 3.15 -53.08
CA THR N 112 -76.73 4.18 -53.81
C THR N 112 -75.89 5.44 -53.94
N SER N 113 -75.16 5.79 -52.89
CA SER N 113 -74.24 6.93 -52.97
C SER N 113 -73.14 6.67 -54.00
N VAL N 114 -72.61 5.46 -54.04
CA VAL N 114 -71.54 5.12 -54.97
C VAL N 114 -72.04 5.24 -56.41
N TYR N 115 -73.23 4.70 -56.66
CA TYR N 115 -73.81 4.82 -58.00
C TYR N 115 -74.11 6.29 -58.32
N THR N 116 -74.52 7.07 -57.32
CA THR N 116 -74.87 8.45 -57.55
C THR N 116 -73.65 9.30 -57.88
N LYS N 117 -72.71 9.37 -56.95
CA LYS N 117 -71.52 10.20 -57.15
C LYS N 117 -70.46 9.47 -57.97
N LYS N 124 -71.13 2.41 -62.47
CA LYS N 124 -71.23 1.81 -63.80
C LYS N 124 -71.81 0.41 -63.71
N ILE N 125 -71.11 -0.57 -64.29
CA ILE N 125 -71.55 -1.96 -64.19
C ILE N 125 -71.60 -2.44 -62.75
N PRO N 126 -70.58 -2.22 -61.91
CA PRO N 126 -70.71 -2.64 -60.51
C PRO N 126 -71.79 -1.89 -59.76
N ALA N 127 -72.27 -0.75 -60.24
CA ALA N 127 -73.47 -0.16 -59.65
C ALA N 127 -74.67 -1.09 -59.87
N LEU N 128 -74.82 -1.61 -61.08
CA LEU N 128 -75.83 -2.63 -61.32
C LEU N 128 -75.57 -3.87 -60.48
N ASP N 129 -74.30 -4.20 -60.27
CA ASP N 129 -73.97 -5.34 -59.42
C ASP N 129 -74.41 -5.09 -57.98
N LEU N 130 -74.25 -3.86 -57.50
CA LEU N 130 -74.77 -3.48 -56.19
C LEU N 130 -76.28 -3.61 -56.14
N LEU N 131 -76.95 -3.21 -57.22
CA LEU N 131 -78.40 -3.38 -57.29
C LEU N 131 -78.77 -4.86 -57.19
N ILE N 132 -77.99 -5.73 -57.83
CA ILE N 132 -78.22 -7.17 -57.72
C ILE N 132 -78.00 -7.64 -56.29
N LYS N 133 -76.97 -7.09 -55.64
CA LYS N 133 -76.74 -7.41 -54.23
C LYS N 133 -77.94 -7.03 -53.38
N LEU N 134 -78.50 -5.85 -53.63
CA LEU N 134 -79.67 -5.41 -52.88
C LEU N 134 -80.87 -6.29 -53.16
N LEU N 135 -81.03 -6.73 -54.41
CA LEU N 135 -82.11 -7.66 -54.72
C LEU N 135 -81.95 -8.97 -53.97
N GLN N 136 -80.71 -9.47 -53.90
CA GLN N 136 -80.46 -10.69 -53.13
C GLN N 136 -80.76 -10.48 -51.66
N THR N 137 -80.42 -9.31 -51.12
CA THR N 137 -80.76 -9.01 -49.73
C THR N 137 -82.27 -9.01 -49.53
N PHE N 138 -83.00 -8.39 -50.46
CA PHE N 138 -84.46 -8.45 -50.42
C PHE N 138 -84.96 -9.89 -50.50
N ARG N 139 -84.17 -10.76 -51.11
CA ARG N 139 -84.52 -12.18 -51.10
C ARG N 139 -84.19 -12.85 -49.77
N SER N 140 -83.21 -12.35 -49.04
CA SER N 140 -82.73 -12.99 -47.82
C SER N 140 -82.91 -12.13 -46.56
N SER N 141 -82.58 -10.85 -46.63
CA SER N 141 -82.63 -9.94 -45.49
C SER N 141 -83.87 -9.06 -45.53
N ARG N 142 -85.02 -9.64 -45.87
CA ARG N 142 -86.22 -8.87 -46.19
C ARG N 142 -86.56 -7.87 -45.11
N LEU N 143 -86.39 -8.24 -43.84
CA LEU N 143 -87.02 -7.51 -42.73
C LEU N 143 -86.62 -6.03 -42.73
N MET N 144 -85.36 -5.75 -42.46
CA MET N 144 -84.94 -4.36 -42.33
C MET N 144 -84.80 -3.65 -43.67
N ASP N 145 -84.47 -4.39 -44.73
CA ASP N 145 -84.29 -3.76 -46.04
C ASP N 145 -85.63 -3.27 -46.61
N GLU N 146 -86.70 -4.06 -46.43
CA GLU N 146 -87.98 -3.69 -47.00
C GLU N 146 -88.54 -2.41 -46.40
N PHE N 147 -88.10 -2.03 -45.20
CA PHE N 147 -88.57 -0.79 -44.59
C PHE N 147 -88.00 0.42 -45.31
N LYS N 148 -86.74 0.33 -45.75
CA LYS N 148 -86.06 1.44 -46.42
C LYS N 148 -86.04 1.27 -47.94
N ILE N 149 -87.08 0.67 -48.50
CA ILE N 149 -87.12 0.39 -49.94
C ILE N 149 -87.91 1.46 -50.66
N GLY N 150 -88.86 2.09 -49.96
CA GLY N 150 -89.74 3.05 -50.60
C GLY N 150 -88.99 4.26 -51.15
N GLU N 151 -88.08 4.82 -50.35
CA GLU N 151 -87.38 6.02 -50.78
C GLU N 151 -86.50 5.75 -52.00
N LEU N 152 -85.78 4.63 -52.01
CA LEU N 152 -84.93 4.32 -53.14
C LEU N 152 -85.74 3.96 -54.37
N PHE N 153 -86.87 3.28 -54.17
CA PHE N 153 -87.76 2.97 -55.29
C PHE N 153 -88.30 4.26 -55.91
N SER N 154 -88.71 5.22 -55.08
CA SER N 154 -89.17 6.50 -55.60
C SER N 154 -88.04 7.24 -56.32
N LYS N 155 -86.84 7.21 -55.75
CA LYS N 155 -85.70 7.88 -56.37
C LYS N 155 -85.43 7.30 -57.75
N PHE N 156 -85.42 5.98 -57.87
CA PHE N 156 -85.12 5.38 -59.16
C PHE N 156 -86.30 5.47 -60.13
N TYR N 157 -87.53 5.53 -59.60
CA TYR N 157 -88.68 5.76 -60.46
C TYR N 157 -88.64 7.15 -61.08
N GLY N 158 -88.23 8.14 -60.29
CA GLY N 158 -87.94 9.45 -60.86
C GLY N 158 -86.75 9.42 -61.79
N GLU N 159 -85.75 8.60 -61.46
CA GLU N 159 -84.55 8.49 -62.29
C GLU N 159 -84.89 7.99 -63.69
N LEU N 160 -85.73 6.97 -63.79
CA LEU N 160 -86.10 6.39 -65.08
C LEU N 160 -87.01 7.30 -65.90
N ALA N 161 -87.52 8.38 -65.31
CA ALA N 161 -88.41 9.30 -66.01
C ALA N 161 -87.67 10.34 -66.84
N LEU N 162 -86.38 10.13 -67.12
CA LEU N 162 -85.58 11.06 -67.89
C LEU N 162 -85.18 10.43 -69.23
N LYS N 163 -84.49 11.23 -70.05
CA LYS N 163 -84.13 10.84 -71.40
C LYS N 163 -82.61 10.90 -71.59
N LYS N 164 -82.10 9.98 -72.40
CA LYS N 164 -80.73 9.90 -72.91
C LYS N 164 -79.72 9.38 -71.89
N LYS N 165 -80.12 9.09 -70.64
CA LYS N 165 -79.23 8.47 -69.68
C LYS N 165 -79.21 6.95 -69.78
N ILE N 166 -80.17 6.37 -70.50
CA ILE N 166 -80.18 4.91 -70.68
C ILE N 166 -78.92 4.39 -71.37
N PRO N 167 -78.40 5.02 -72.46
CA PRO N 167 -77.27 4.44 -73.19
C PRO N 167 -76.15 3.88 -72.33
N ASP N 168 -75.93 2.59 -72.47
CA ASP N 168 -74.88 1.83 -71.79
C ASP N 168 -74.83 0.47 -72.47
N THR N 169 -74.04 -0.44 -71.90
CA THR N 169 -73.96 -1.79 -72.45
C THR N 169 -74.76 -2.81 -71.64
N VAL N 170 -74.70 -2.73 -70.31
CA VAL N 170 -75.44 -3.65 -69.45
C VAL N 170 -76.15 -2.88 -68.34
N LEU N 171 -75.84 -1.60 -68.19
CA LEU N 171 -76.40 -0.80 -67.10
C LEU N 171 -77.91 -0.65 -67.22
N GLU N 172 -78.48 -0.97 -68.38
CA GLU N 172 -79.92 -0.85 -68.57
C GLU N 172 -80.70 -1.81 -67.66
N LYS N 173 -80.08 -2.89 -67.19
CA LYS N 173 -80.74 -3.83 -66.29
C LYS N 173 -81.05 -3.23 -64.93
N VAL N 174 -80.73 -1.96 -64.72
CA VAL N 174 -81.12 -1.27 -63.49
C VAL N 174 -82.62 -1.39 -63.28
N TYR N 175 -83.40 -1.33 -64.36
CA TYR N 175 -84.85 -1.42 -64.25
C TYR N 175 -85.27 -2.83 -63.85
N GLU N 176 -84.67 -3.85 -64.47
CA GLU N 176 -84.92 -5.22 -64.03
C GLU N 176 -84.68 -5.35 -62.53
N LEU N 177 -83.63 -4.70 -62.04
CA LEU N 177 -83.38 -4.71 -60.60
C LEU N 177 -84.40 -3.88 -59.83
N LEU N 178 -85.01 -2.88 -60.47
CA LEU N 178 -85.93 -2.01 -59.76
C LEU N 178 -87.19 -2.74 -59.31
N GLY N 179 -87.64 -3.73 -60.08
CA GLY N 179 -88.72 -4.57 -59.61
C GLY N 179 -88.31 -5.25 -58.32
N LEU N 180 -89.16 -5.18 -57.30
CA LEU N 180 -88.82 -5.72 -55.99
C LEU N 180 -89.97 -6.56 -55.43
N LEU N 181 -89.62 -7.69 -54.83
CA LEU N 181 -90.58 -8.54 -54.15
C LEU N 181 -90.27 -8.72 -52.67
N GLY N 182 -89.00 -8.63 -52.27
CA GLY N 182 -88.66 -8.68 -50.86
C GLY N 182 -89.14 -7.49 -50.06
N GLU N 183 -89.65 -6.46 -50.74
CA GLU N 183 -90.24 -5.32 -50.07
C GLU N 183 -91.47 -5.75 -49.25
N VAL N 184 -91.86 -4.88 -48.31
CA VAL N 184 -93.12 -5.05 -47.60
C VAL N 184 -94.29 -4.56 -48.43
N HIS N 185 -94.03 -4.00 -49.61
CA HIS N 185 -95.01 -3.48 -50.54
C HIS N 185 -95.88 -2.39 -49.93
N PRO N 186 -95.30 -1.23 -49.56
CA PRO N 186 -96.15 -0.07 -49.23
C PRO N 186 -96.79 0.51 -50.47
N SER N 187 -97.56 1.58 -50.33
CA SER N 187 -98.28 2.15 -51.46
C SER N 187 -97.35 2.77 -52.50
N GLU N 188 -96.09 3.03 -52.17
CA GLU N 188 -95.15 3.67 -53.10
C GLU N 188 -95.03 2.87 -54.39
N MET N 189 -94.46 1.67 -54.32
CA MET N 189 -94.34 0.86 -55.51
C MET N 189 -95.67 0.25 -55.94
N ILE N 190 -96.65 0.15 -55.03
CA ILE N 190 -97.98 -0.29 -55.43
C ILE N 190 -98.54 0.67 -56.48
N ASN N 191 -98.42 1.98 -56.23
CA ASN N 191 -98.88 2.97 -57.21
C ASN N 191 -97.94 3.07 -58.40
N ASN N 192 -96.63 2.98 -58.15
CA ASN N 192 -95.67 3.12 -59.25
C ASN N 192 -95.69 1.93 -60.20
N ALA N 193 -96.22 0.78 -59.77
CA ALA N 193 -96.25 -0.39 -60.65
C ALA N 193 -97.11 -0.14 -61.87
N GLU N 194 -98.24 0.54 -61.69
CA GLU N 194 -99.09 0.87 -62.83
C GLU N 194 -98.34 1.71 -63.85
N ASN N 195 -97.71 2.80 -63.40
CA ASN N 195 -96.97 3.66 -64.31
C ASN N 195 -95.83 2.91 -64.97
N LEU N 196 -95.08 2.13 -64.20
CA LEU N 196 -93.95 1.40 -64.76
C LEU N 196 -94.42 0.41 -65.82
N PHE N 197 -95.45 -0.37 -65.53
CA PHE N 197 -95.90 -1.39 -66.46
C PHE N 197 -96.55 -0.76 -67.69
N ARG N 198 -97.23 0.37 -67.52
CA ARG N 198 -97.77 1.09 -68.68
C ARG N 198 -96.65 1.57 -69.58
N ALA N 199 -95.61 2.15 -68.99
CA ALA N 199 -94.45 2.55 -69.78
C ALA N 199 -93.83 1.34 -70.47
N PHE N 200 -93.74 0.22 -69.75
CA PHE N 200 -93.13 -0.98 -70.30
C PHE N 200 -93.88 -1.46 -71.53
N LEU N 201 -95.20 -1.58 -71.41
CA LEU N 201 -96.00 -2.07 -72.53
C LEU N 201 -95.97 -1.09 -73.70
N GLY N 202 -96.02 0.22 -73.40
CA GLY N 202 -95.96 1.19 -74.48
C GLY N 202 -94.66 1.13 -75.25
N GLU N 203 -93.53 1.09 -74.53
CA GLU N 203 -92.24 1.03 -75.20
C GLU N 203 -91.96 -0.34 -75.80
N LEU N 204 -92.56 -1.41 -75.29
CA LEU N 204 -92.48 -2.69 -75.98
C LEU N 204 -93.22 -2.63 -77.31
N LYS N 205 -94.44 -2.08 -77.31
CA LYS N 205 -95.17 -1.92 -78.57
C LYS N 205 -94.42 -1.00 -79.52
N THR N 206 -93.66 -0.05 -78.99
CA THR N 206 -92.93 0.87 -79.85
C THR N 206 -91.67 0.20 -80.41
N GLN N 207 -90.73 -0.17 -79.55
CA GLN N 207 -89.46 -0.71 -80.01
C GLN N 207 -89.65 -2.10 -80.62
N MET N 208 -90.26 -3.01 -79.86
CA MET N 208 -90.36 -4.41 -80.27
C MET N 208 -91.07 -4.56 -81.61
N THR N 209 -91.92 -3.60 -81.98
CA THR N 209 -92.59 -3.65 -83.27
C THR N 209 -91.58 -3.68 -84.40
N SER N 210 -91.92 -4.38 -85.47
CA SER N 210 -91.08 -4.42 -86.66
C SER N 210 -90.74 -3.01 -87.10
N ALA N 211 -89.46 -2.66 -87.02
CA ALA N 211 -89.05 -1.28 -87.19
C ALA N 211 -87.72 -1.23 -87.93
N VAL N 212 -87.44 -0.05 -88.50
CA VAL N 212 -86.30 0.13 -89.38
C VAL N 212 -85.06 0.46 -88.55
N ARG N 213 -85.13 1.53 -87.76
CA ARG N 213 -83.97 1.95 -86.99
C ARG N 213 -83.60 0.93 -85.92
N GLU N 214 -84.60 0.32 -85.27
CA GLU N 214 -84.35 -0.58 -84.15
C GLU N 214 -84.61 -2.02 -84.56
N PRO N 215 -83.57 -2.83 -84.76
CA PRO N 215 -83.78 -4.25 -85.07
C PRO N 215 -83.85 -5.16 -83.86
N LYS N 216 -83.54 -4.67 -82.67
CA LYS N 216 -83.61 -5.44 -81.44
C LYS N 216 -83.41 -4.48 -80.27
N LEU N 217 -83.53 -5.02 -79.06
CA LEU N 217 -83.26 -4.27 -77.84
C LEU N 217 -83.08 -5.25 -76.68
N PRO N 218 -81.92 -5.90 -76.58
CA PRO N 218 -81.73 -6.95 -75.57
C PRO N 218 -81.75 -6.41 -74.14
N VAL N 219 -81.00 -5.34 -73.90
CA VAL N 219 -81.00 -4.73 -72.57
C VAL N 219 -82.39 -4.23 -72.20
N LEU N 220 -83.08 -3.62 -73.17
CA LEU N 220 -84.45 -3.17 -72.97
C LEU N 220 -85.36 -4.31 -72.55
N ALA N 221 -85.37 -5.39 -73.33
CA ALA N 221 -86.24 -6.52 -73.02
C ALA N 221 -85.91 -7.10 -71.67
N GLY N 222 -84.62 -7.31 -71.39
CA GLY N 222 -84.23 -7.91 -70.13
C GLY N 222 -84.65 -7.08 -68.93
N CYS N 223 -84.39 -5.77 -68.98
CA CYS N 223 -84.74 -4.92 -67.86
C CYS N 223 -86.26 -4.85 -67.69
N LEU N 224 -87.00 -4.77 -68.79
CA LEU N 224 -88.45 -4.68 -68.68
C LEU N 224 -89.02 -5.94 -68.05
N LYS N 225 -88.56 -7.10 -68.51
CA LYS N 225 -89.05 -8.36 -67.96
C LYS N 225 -88.66 -8.51 -66.51
N GLY N 226 -87.43 -8.11 -66.15
CA GLY N 226 -87.03 -8.19 -64.76
C GLY N 226 -87.90 -7.36 -63.85
N LEU N 227 -88.13 -6.10 -64.22
CA LEU N 227 -88.93 -5.25 -63.36
C LEU N 227 -90.37 -5.74 -63.29
N SER N 228 -90.93 -6.15 -64.43
CA SER N 228 -92.32 -6.61 -64.45
C SER N 228 -92.50 -7.86 -63.61
N SER N 229 -91.63 -8.85 -63.81
CA SER N 229 -91.73 -10.09 -63.05
C SER N 229 -91.54 -9.84 -61.56
N LEU N 230 -90.61 -8.96 -61.20
CA LEU N 230 -90.35 -8.71 -59.79
C LEU N 230 -91.36 -7.75 -59.16
N LEU N 231 -92.18 -7.06 -59.95
CA LEU N 231 -93.11 -6.08 -59.42
C LEU N 231 -94.57 -6.34 -59.77
N CYS N 232 -94.86 -7.21 -60.75
CA CYS N 232 -96.26 -7.54 -61.02
C CYS N 232 -96.85 -8.47 -59.97
N ASN N 233 -96.13 -8.62 -58.87
CA ASN N 233 -96.64 -9.34 -57.71
C ASN N 233 -97.99 -8.78 -57.29
N PHE N 234 -98.17 -7.48 -57.41
CA PHE N 234 -99.47 -6.86 -57.16
C PHE N 234 -100.52 -7.44 -58.09
N THR N 235 -101.63 -7.88 -57.52
CA THR N 235 -102.60 -8.68 -58.25
C THR N 235 -103.37 -7.81 -59.24
N LYS N 236 -102.96 -7.85 -60.50
CA LYS N 236 -103.70 -7.27 -61.61
C LYS N 236 -103.96 -8.43 -62.57
N SER N 237 -105.06 -9.14 -62.33
CA SER N 237 -105.28 -10.45 -62.93
C SER N 237 -106.37 -10.48 -63.99
N MET N 238 -107.49 -9.79 -63.76
CA MET N 238 -108.63 -9.91 -64.65
C MET N 238 -109.32 -8.56 -64.88
N GLU N 239 -108.72 -7.46 -64.43
CA GLU N 239 -109.41 -6.18 -64.37
C GLU N 239 -109.86 -5.66 -65.73
N GLU N 240 -108.93 -5.41 -66.63
CA GLU N 240 -109.28 -4.69 -67.85
C GLU N 240 -108.31 -5.06 -68.97
N ASP N 241 -108.26 -4.23 -70.00
CA ASP N 241 -107.41 -4.33 -71.18
C ASP N 241 -105.92 -4.55 -70.88
N PRO N 242 -105.38 -4.07 -69.75
CA PRO N 242 -104.00 -4.44 -69.42
C PRO N 242 -103.73 -5.94 -69.50
N GLN N 243 -104.71 -6.76 -69.12
CA GLN N 243 -104.57 -8.20 -69.29
C GLN N 243 -104.30 -8.54 -70.75
N THR N 244 -105.13 -8.02 -71.66
CA THR N 244 -104.92 -8.23 -73.09
C THR N 244 -103.55 -7.78 -73.54
N SER N 245 -103.18 -6.55 -73.18
CA SER N 245 -101.93 -5.97 -73.66
C SER N 245 -100.74 -6.80 -73.21
N ARG N 246 -100.65 -7.07 -71.91
CA ARG N 246 -99.51 -7.82 -71.40
C ARG N 246 -99.52 -9.26 -71.89
N GLU N 247 -100.69 -9.86 -72.05
CA GLU N 247 -100.73 -11.24 -72.55
C GLU N 247 -100.21 -11.32 -73.97
N ILE N 248 -100.70 -10.44 -74.86
CA ILE N 248 -100.22 -10.48 -76.24
C ILE N 248 -98.76 -10.04 -76.30
N PHE N 249 -98.31 -9.22 -75.37
CA PHE N 249 -96.91 -8.80 -75.37
C PHE N 249 -95.99 -9.95 -74.96
N ASN N 250 -96.37 -10.71 -73.94
CA ASN N 250 -95.62 -11.92 -73.61
C ASN N 250 -95.67 -12.90 -74.77
N PHE N 251 -96.83 -13.00 -75.43
CA PHE N 251 -96.98 -13.85 -76.60
C PHE N 251 -95.95 -13.49 -77.67
N VAL N 252 -95.90 -12.22 -78.07
CA VAL N 252 -94.94 -11.80 -79.08
C VAL N 252 -93.53 -11.77 -78.55
N LEU N 253 -93.35 -11.86 -77.22
CA LEU N 253 -92.02 -12.06 -76.67
C LEU N 253 -91.52 -13.48 -76.92
N LYS N 254 -92.37 -14.48 -76.69
CA LYS N 254 -91.94 -15.87 -76.73
C LYS N 254 -92.53 -16.62 -77.91
N ALA N 255 -93.01 -15.93 -78.94
CA ALA N 255 -93.60 -16.61 -80.09
C ALA N 255 -92.54 -17.31 -80.93
N ILE N 256 -91.40 -16.65 -81.16
CA ILE N 256 -90.38 -17.13 -82.08
C ILE N 256 -89.05 -17.19 -81.30
N ARG N 257 -88.06 -17.85 -81.91
CA ARG N 257 -86.76 -18.08 -81.27
C ARG N 257 -85.65 -17.55 -82.16
N PRO N 258 -85.45 -16.22 -82.20
CA PRO N 258 -84.33 -15.67 -82.97
C PRO N 258 -82.99 -15.92 -82.28
N GLN N 259 -82.94 -15.68 -80.98
CA GLN N 259 -81.72 -15.89 -80.21
C GLN N 259 -81.49 -17.38 -79.98
N ILE N 260 -80.22 -17.75 -79.90
CA ILE N 260 -79.86 -19.16 -79.77
C ILE N 260 -79.90 -19.53 -78.29
N ASP N 261 -81.10 -19.85 -77.80
CA ASP N 261 -81.27 -20.17 -76.39
C ASP N 261 -80.78 -21.57 -76.06
N LEU N 262 -80.84 -22.50 -77.02
CA LEU N 262 -80.28 -23.82 -76.80
C LEU N 262 -78.82 -23.75 -76.40
N LYS N 263 -78.11 -22.75 -76.94
CA LYS N 263 -76.76 -22.43 -76.47
C LYS N 263 -76.83 -21.28 -75.48
N ARG N 264 -77.32 -21.61 -74.28
CA ARG N 264 -77.17 -20.81 -73.07
C ARG N 264 -77.62 -19.35 -73.19
N TYR N 265 -78.35 -19.00 -74.24
CA TYR N 265 -78.91 -17.65 -74.37
C TYR N 265 -80.41 -17.69 -74.06
N ALA N 266 -80.72 -17.98 -72.80
CA ALA N 266 -82.05 -18.41 -72.38
C ALA N 266 -82.97 -17.26 -72.00
N VAL N 267 -82.78 -16.07 -72.60
CA VAL N 267 -83.69 -14.95 -72.38
C VAL N 267 -85.13 -15.32 -72.73
N PRO N 268 -85.40 -16.04 -73.83
CA PRO N 268 -86.78 -16.52 -74.03
C PRO N 268 -87.29 -17.36 -72.88
N SER N 269 -86.43 -18.16 -72.24
CA SER N 269 -86.85 -18.90 -71.07
C SER N 269 -87.17 -17.96 -69.90
N ALA N 270 -86.45 -16.84 -69.80
CA ALA N 270 -86.80 -15.84 -68.80
C ALA N 270 -88.18 -15.26 -69.07
N GLY N 271 -88.50 -15.01 -70.34
CA GLY N 271 -89.84 -14.58 -70.68
C GLY N 271 -90.89 -15.62 -70.35
N LEU N 272 -90.57 -16.90 -70.62
CA LEU N 272 -91.47 -18.00 -70.25
C LEU N 272 -91.72 -18.01 -68.75
N ARG N 273 -90.66 -17.85 -67.96
CA ARG N 273 -90.80 -17.83 -66.52
C ARG N 273 -91.64 -16.65 -66.04
N LEU N 274 -91.41 -15.47 -66.62
CA LEU N 274 -92.20 -14.30 -66.24
C LEU N 274 -93.66 -14.51 -66.56
N PHE N 275 -93.96 -15.07 -67.73
CA PHE N 275 -95.34 -15.37 -68.07
C PHE N 275 -95.95 -16.39 -67.13
N ALA N 276 -95.19 -17.45 -66.80
CA ALA N 276 -95.69 -18.44 -65.87
C ALA N 276 -96.00 -17.84 -64.51
N LEU N 277 -95.17 -16.88 -64.08
CA LEU N 277 -95.49 -16.13 -62.86
C LEU N 277 -96.77 -15.34 -63.02
N HIS N 278 -96.97 -14.72 -64.18
CA HIS N 278 -98.09 -13.81 -64.38
C HIS N 278 -98.98 -14.25 -65.53
N ALA N 279 -99.18 -15.56 -65.70
CA ALA N 279 -100.17 -16.03 -66.66
C ALA N 279 -101.58 -15.66 -66.21
N SER N 280 -101.91 -15.95 -64.95
CA SER N 280 -103.21 -15.57 -64.41
C SER N 280 -103.37 -14.05 -64.36
N GLN N 281 -102.26 -13.33 -64.29
CA GLN N 281 -102.31 -11.87 -64.25
C GLN N 281 -102.93 -11.31 -65.53
N PHE N 282 -102.76 -12.00 -66.65
CA PHE N 282 -103.23 -11.48 -67.94
C PHE N 282 -103.94 -12.62 -68.67
N SER N 283 -105.26 -12.70 -68.48
CA SER N 283 -106.04 -13.82 -68.93
C SER N 283 -107.12 -13.45 -69.94
N THR N 284 -107.31 -12.17 -70.25
CA THR N 284 -108.30 -11.80 -71.24
C THR N 284 -107.94 -12.27 -72.64
N CYS N 285 -106.70 -12.69 -72.88
CA CYS N 285 -106.31 -13.18 -74.20
C CYS N 285 -105.44 -14.43 -74.19
N LEU N 286 -105.08 -14.99 -73.01
CA LEU N 286 -104.38 -16.26 -73.05
C LEU N 286 -105.27 -17.36 -73.62
N LEU N 287 -106.57 -17.26 -73.43
CA LEU N 287 -107.51 -18.15 -74.08
C LEU N 287 -107.58 -17.93 -75.59
N ASP N 288 -107.02 -16.83 -76.08
CA ASP N 288 -106.96 -16.56 -77.51
C ASP N 288 -105.69 -17.14 -78.13
N ASN N 289 -104.53 -16.74 -77.61
CA ASN N 289 -103.24 -17.23 -78.08
C ASN N 289 -102.76 -18.33 -77.13
N TYR N 290 -103.40 -19.49 -77.24
CA TYR N 290 -103.22 -20.57 -76.28
C TYR N 290 -102.52 -21.78 -76.85
N VAL N 291 -102.80 -22.17 -78.09
CA VAL N 291 -102.14 -23.33 -78.67
C VAL N 291 -100.69 -23.00 -79.03
N SER N 292 -100.49 -22.06 -79.96
CA SER N 292 -99.17 -21.85 -80.55
C SER N 292 -98.12 -21.63 -79.49
N LEU N 293 -98.46 -20.85 -78.45
CA LEU N 293 -97.57 -20.72 -77.31
C LEU N 293 -97.30 -22.08 -76.67
N PHE N 294 -98.31 -22.95 -76.60
CA PHE N 294 -98.11 -24.23 -75.93
C PHE N 294 -97.17 -25.13 -76.73
N GLU N 295 -97.38 -25.25 -78.04
CA GLU N 295 -96.42 -26.05 -78.80
C GLU N 295 -95.04 -25.40 -78.83
N VAL N 296 -94.96 -24.06 -78.85
CA VAL N 296 -93.66 -23.40 -78.77
C VAL N 296 -92.97 -23.77 -77.46
N LEU N 297 -93.74 -23.85 -76.38
CA LEU N 297 -93.21 -24.34 -75.11
C LEU N 297 -92.74 -25.79 -75.22
N LEU N 298 -93.46 -26.59 -76.01
CA LEU N 298 -93.03 -27.97 -76.22
C LEU N 298 -91.66 -28.01 -76.92
N LYS N 299 -91.47 -27.19 -77.95
CA LYS N 299 -90.14 -27.14 -78.57
C LYS N 299 -89.11 -26.63 -77.59
N TRP N 300 -89.45 -25.61 -76.80
CA TRP N 300 -88.51 -25.05 -75.85
C TRP N 300 -88.06 -26.09 -74.83
N CYS N 301 -89.01 -26.89 -74.34
CA CYS N 301 -88.68 -27.99 -73.43
C CYS N 301 -88.01 -29.15 -74.13
N ALA N 302 -88.10 -29.20 -75.46
CA ALA N 302 -87.38 -30.20 -76.24
C ALA N 302 -85.99 -29.72 -76.66
N HIS N 303 -85.57 -28.53 -76.26
CA HIS N 303 -84.30 -27.99 -76.68
C HIS N 303 -83.14 -28.60 -75.89
N THR N 304 -81.92 -28.39 -76.40
CA THR N 304 -80.74 -28.96 -75.78
C THR N 304 -80.51 -28.39 -74.38
N ASN N 305 -80.67 -27.08 -74.23
CA ASN N 305 -80.46 -26.44 -72.94
C ASN N 305 -81.45 -26.99 -71.91
N VAL N 306 -80.95 -27.68 -70.89
CA VAL N 306 -81.82 -28.25 -69.87
C VAL N 306 -82.56 -27.14 -69.14
N GLU N 307 -81.95 -25.96 -69.01
CA GLU N 307 -82.65 -24.81 -68.44
C GLU N 307 -83.86 -24.45 -69.29
N LEU N 308 -83.69 -24.45 -70.62
CA LEU N 308 -84.84 -24.26 -71.50
C LEU N 308 -85.90 -25.32 -71.26
N LYS N 309 -85.47 -26.57 -71.10
CA LYS N 309 -86.42 -27.66 -70.88
C LYS N 309 -87.25 -27.41 -69.63
N LYS N 310 -86.60 -27.14 -68.51
CA LYS N 310 -87.33 -26.96 -67.26
C LYS N 310 -88.19 -25.70 -67.28
N ALA N 311 -87.66 -24.59 -67.82
CA ALA N 311 -88.44 -23.37 -67.88
C ALA N 311 -89.68 -23.53 -68.74
N ALA N 312 -89.52 -24.15 -69.92
CA ALA N 312 -90.65 -24.36 -70.81
C ALA N 312 -91.66 -25.32 -70.21
N LEU N 313 -91.18 -26.39 -69.56
CA LEU N 313 -92.10 -27.31 -68.91
C LEU N 313 -92.90 -26.60 -67.83
N SER N 314 -92.23 -25.81 -67.00
CA SER N 314 -92.93 -25.10 -65.93
C SER N 314 -93.96 -24.14 -66.49
N ALA N 315 -93.57 -23.34 -67.50
CA ALA N 315 -94.50 -22.38 -68.07
C ALA N 315 -95.67 -23.08 -68.76
N LEU N 316 -95.38 -24.16 -69.51
CA LEU N 316 -96.43 -24.87 -70.22
C LEU N 316 -97.41 -25.51 -69.25
N GLU N 317 -96.92 -26.12 -68.18
CA GLU N 317 -97.81 -26.75 -67.22
C GLU N 317 -98.57 -25.72 -66.40
N SER N 318 -97.95 -24.58 -66.10
CA SER N 318 -98.69 -23.51 -65.45
C SER N 318 -99.82 -23.01 -66.34
N PHE N 319 -99.54 -22.86 -67.64
CA PHE N 319 -100.58 -22.44 -68.57
C PHE N 319 -101.67 -23.51 -68.70
N LEU N 320 -101.27 -24.78 -68.68
CA LEU N 320 -102.26 -25.85 -68.70
C LEU N 320 -103.16 -25.79 -67.47
N LYS N 321 -102.56 -25.53 -66.30
CA LYS N 321 -103.36 -25.35 -65.10
C LYS N 321 -104.30 -24.16 -65.24
N GLN N 322 -103.80 -23.05 -65.78
CA GLN N 322 -104.64 -21.87 -65.96
C GLN N 322 -105.85 -22.18 -66.83
N VAL N 323 -105.61 -22.78 -68.00
CA VAL N 323 -106.71 -23.04 -68.93
C VAL N 323 -107.63 -24.11 -68.36
N SER N 324 -107.10 -25.08 -67.61
CA SER N 324 -107.95 -26.08 -66.98
C SER N 324 -108.87 -25.43 -65.95
N ASN N 325 -108.34 -24.49 -65.17
CA ASN N 325 -109.15 -23.86 -64.13
C ASN N 325 -110.21 -22.94 -64.73
N MET N 326 -109.84 -22.11 -65.70
CA MET N 326 -110.75 -21.10 -66.23
C MET N 326 -111.13 -21.33 -67.69
N VAL N 327 -111.28 -22.59 -68.09
CA VAL N 327 -111.80 -22.92 -69.41
C VAL N 327 -113.01 -23.83 -69.28
N ALA N 328 -112.79 -25.03 -68.72
CA ALA N 328 -113.84 -26.02 -68.52
C ALA N 328 -114.63 -26.29 -69.80
N GLU N 332 -119.43 -26.82 -71.90
CA GLU N 332 -119.70 -25.39 -71.97
C GLU N 332 -118.44 -24.62 -72.33
N MET N 333 -118.62 -23.54 -73.10
CA MET N 333 -117.52 -22.66 -73.50
C MET N 333 -116.37 -23.45 -74.09
N HIS N 334 -115.52 -23.99 -73.22
CA HIS N 334 -114.38 -24.79 -73.65
C HIS N 334 -114.73 -26.25 -73.87
N LYS N 335 -116.00 -26.58 -74.08
CA LYS N 335 -116.38 -27.95 -74.42
C LYS N 335 -115.70 -28.38 -75.70
N ASN N 336 -115.82 -27.57 -76.75
CA ASN N 336 -115.09 -27.84 -77.99
C ASN N 336 -113.60 -27.73 -77.77
N LYS N 337 -113.16 -26.72 -77.01
CA LYS N 337 -111.74 -26.59 -76.69
C LYS N 337 -111.24 -27.78 -75.87
N LEU N 338 -112.05 -28.24 -74.92
CA LEU N 338 -111.69 -29.42 -74.14
C LEU N 338 -111.57 -30.64 -75.02
N GLN N 339 -112.50 -30.81 -75.97
CA GLN N 339 -112.44 -31.95 -76.88
C GLN N 339 -111.19 -31.87 -77.77
N TYR N 340 -110.85 -30.68 -78.25
CA TYR N 340 -109.65 -30.51 -79.06
C TYR N 340 -108.40 -30.83 -78.26
N PHE N 341 -108.36 -30.39 -77.00
CA PHE N 341 -107.22 -30.73 -76.15
C PHE N 341 -107.15 -32.23 -75.90
N MET N 342 -108.31 -32.89 -75.76
CA MET N 342 -108.32 -34.34 -75.64
C MET N 342 -107.78 -35.00 -76.90
N GLU N 343 -108.10 -34.46 -78.08
CA GLU N 343 -107.57 -35.00 -79.32
C GLU N 343 -106.05 -34.83 -79.41
N GLN N 344 -105.57 -33.65 -79.03
CA GLN N 344 -104.13 -33.42 -78.98
C GLN N 344 -103.46 -34.40 -78.04
N PHE N 345 -104.06 -34.59 -76.86
CA PHE N 345 -103.59 -35.61 -75.93
C PHE N 345 -103.53 -36.95 -76.63
N TYR N 346 -104.68 -37.46 -77.10
CA TYR N 346 -104.75 -38.71 -77.85
C TYR N 346 -103.54 -38.87 -78.78
N GLY N 347 -103.29 -37.84 -79.58
CA GLY N 347 -102.16 -37.88 -80.50
C GLY N 347 -100.82 -37.99 -79.82
N ILE N 348 -100.64 -37.34 -78.67
CA ILE N 348 -99.33 -37.31 -78.02
C ILE N 348 -99.13 -38.41 -76.98
N ILE N 349 -100.18 -39.08 -76.54
CA ILE N 349 -100.11 -40.13 -75.53
C ILE N 349 -100.30 -41.51 -76.14
N ARG N 350 -101.31 -41.68 -76.99
CA ARG N 350 -101.54 -42.98 -77.60
C ARG N 350 -100.50 -43.28 -78.67
N ASN N 351 -99.76 -42.28 -79.11
CA ASN N 351 -98.62 -42.48 -80.00
C ASN N 351 -97.34 -42.48 -79.18
N VAL N 352 -96.33 -43.20 -79.68
CA VAL N 352 -95.05 -43.25 -79.00
C VAL N 352 -94.39 -41.88 -79.05
N ASP N 353 -93.49 -41.66 -78.10
CA ASP N 353 -92.75 -40.41 -78.00
C ASP N 353 -91.40 -40.66 -77.35
N SER N 354 -90.36 -40.03 -77.87
CA SER N 354 -89.00 -40.32 -77.43
C SER N 354 -88.69 -39.70 -76.08
N ASN N 355 -89.50 -38.75 -75.62
CA ASN N 355 -89.25 -38.09 -74.34
C ASN N 355 -89.97 -38.83 -73.22
N ASN N 356 -89.20 -39.17 -72.18
CA ASN N 356 -89.76 -39.91 -71.05
C ASN N 356 -90.74 -39.05 -70.25
N LYS N 357 -90.74 -37.73 -70.49
CA LYS N 357 -91.65 -36.83 -69.79
C LYS N 357 -92.77 -36.32 -70.68
N GLU N 358 -92.70 -36.56 -71.99
CA GLU N 358 -93.71 -36.03 -72.90
C GLU N 358 -95.08 -36.64 -72.62
N LEU N 359 -95.18 -37.96 -72.66
CA LEU N 359 -96.46 -38.60 -72.38
C LEU N 359 -96.84 -38.46 -70.90
N SER N 360 -95.84 -38.35 -70.02
CA SER N 360 -96.13 -38.17 -68.61
C SER N 360 -96.82 -36.83 -68.36
N ILE N 361 -96.34 -35.76 -69.01
CA ILE N 361 -97.03 -34.48 -68.89
C ILE N 361 -98.31 -34.47 -69.74
N ALA N 362 -98.42 -35.32 -70.75
CA ALA N 362 -99.68 -35.47 -71.46
C ALA N 362 -100.77 -35.98 -70.53
N ILE N 363 -100.49 -37.08 -69.82
CA ILE N 363 -101.45 -37.57 -68.85
C ILE N 363 -101.57 -36.64 -67.66
N ARG N 364 -100.52 -35.90 -67.32
CA ARG N 364 -100.63 -34.87 -66.29
C ARG N 364 -101.63 -33.80 -66.70
N GLY N 365 -101.62 -33.41 -67.98
CA GLY N 365 -102.64 -32.50 -68.47
C GLY N 365 -104.01 -33.12 -68.47
N TYR N 366 -104.09 -34.43 -68.77
CA TYR N 366 -105.34 -35.17 -68.58
C TYR N 366 -105.87 -34.96 -67.17
N GLY N 367 -104.99 -35.11 -66.18
CA GLY N 367 -105.38 -34.85 -64.80
C GLY N 367 -105.77 -33.40 -64.57
N LEU N 368 -105.01 -32.47 -65.17
CA LEU N 368 -105.40 -31.06 -65.12
C LEU N 368 -106.72 -30.84 -65.84
N PHE N 369 -106.87 -31.44 -67.02
CA PHE N 369 -108.11 -31.36 -67.77
C PHE N 369 -109.14 -32.38 -67.32
N ALA N 370 -108.88 -33.08 -66.21
CA ALA N 370 -109.91 -33.91 -65.60
C ALA N 370 -111.11 -33.07 -65.18
N GLY N 371 -110.88 -31.81 -64.83
CA GLY N 371 -111.96 -30.89 -64.55
C GLY N 371 -112.68 -30.42 -65.81
N PRO N 372 -111.93 -29.86 -66.76
CA PRO N 372 -112.55 -29.46 -68.04
C PRO N 372 -113.28 -30.59 -68.75
N CYS N 373 -112.78 -31.83 -68.66
CA CYS N 373 -113.58 -32.93 -69.18
C CYS N 373 -114.70 -33.30 -68.22
N LYS N 374 -114.49 -33.10 -66.91
CA LYS N 374 -115.51 -33.48 -65.93
C LYS N 374 -116.79 -32.68 -66.13
N VAL N 375 -116.68 -31.39 -66.46
CA VAL N 375 -117.86 -30.61 -66.78
C VAL N 375 -118.49 -31.09 -68.09
N ILE N 376 -117.77 -31.90 -68.87
CA ILE N 376 -118.33 -32.47 -70.08
C ILE N 376 -118.60 -33.96 -69.86
N ASN N 377 -117.52 -34.74 -69.68
CA ASN N 377 -117.67 -36.16 -69.33
C ASN N 377 -116.34 -36.62 -68.72
N ALA N 378 -116.28 -36.72 -67.39
CA ALA N 378 -115.10 -37.29 -66.76
C ALA N 378 -115.01 -38.78 -67.00
N LYS N 379 -116.13 -39.45 -67.24
CA LYS N 379 -116.09 -40.87 -67.60
C LYS N 379 -115.40 -41.09 -68.93
N ASP N 380 -115.38 -40.08 -69.81
CA ASP N 380 -114.68 -40.23 -71.08
C ASP N 380 -113.20 -40.48 -70.86
N VAL N 381 -112.57 -39.75 -69.92
CA VAL N 381 -111.17 -39.98 -69.63
C VAL N 381 -110.99 -41.10 -68.63
N ASP N 382 -112.02 -41.38 -67.82
CA ASP N 382 -111.99 -42.60 -67.02
C ASP N 382 -111.97 -43.85 -67.91
N PHE N 383 -112.45 -43.73 -69.15
CA PHE N 383 -112.33 -44.82 -70.11
C PHE N 383 -110.87 -45.09 -70.44
N MET N 384 -110.08 -44.03 -70.64
CA MET N 384 -108.63 -44.23 -70.80
C MET N 384 -107.94 -44.53 -69.48
N TYR N 385 -108.61 -44.32 -68.35
CA TYR N 385 -108.04 -44.78 -67.08
C TYR N 385 -107.83 -46.29 -67.07
N VAL N 386 -108.70 -47.04 -67.76
CA VAL N 386 -108.48 -48.48 -67.91
C VAL N 386 -107.20 -48.74 -68.70
N GLU N 387 -106.97 -47.95 -69.75
CA GLU N 387 -105.71 -48.05 -70.48
C GLU N 387 -104.53 -47.73 -69.58
N LEU N 388 -104.70 -46.77 -68.67
CA LEU N 388 -103.66 -46.47 -67.69
C LEU N 388 -103.42 -47.67 -66.78
N ILE N 389 -104.49 -48.38 -66.42
CA ILE N 389 -104.35 -49.63 -65.66
C ILE N 389 -103.53 -50.64 -66.45
N GLN N 390 -103.79 -50.73 -67.75
CA GLN N 390 -102.98 -51.59 -68.61
C GLN N 390 -101.52 -51.17 -68.57
N ARG N 391 -101.25 -49.87 -68.63
CA ARG N 391 -99.87 -49.40 -68.56
C ARG N 391 -99.21 -49.81 -67.25
N CYS N 392 -99.92 -49.63 -66.13
CA CYS N 392 -99.32 -49.90 -64.83
C CYS N 392 -99.05 -51.40 -64.64
N LYS N 393 -99.99 -52.24 -65.06
CA LYS N 393 -99.87 -53.67 -64.85
C LYS N 393 -98.81 -54.32 -65.73
N GLN N 394 -98.32 -53.64 -66.75
CA GLN N 394 -97.45 -54.25 -67.74
C GLN N 394 -96.04 -53.70 -67.73
N MET N 395 -95.88 -52.38 -67.87
CA MET N 395 -94.55 -51.78 -68.00
C MET N 395 -93.96 -51.31 -66.68
N PHE N 396 -94.78 -51.02 -65.68
CA PHE N 396 -94.26 -50.59 -64.39
C PHE N 396 -93.74 -51.75 -63.54
N LEU N 397 -94.03 -52.98 -63.93
CA LEU N 397 -93.54 -54.16 -63.22
C LEU N 397 -92.70 -55.06 -64.10
N THR N 398 -92.12 -54.50 -65.16
CA THR N 398 -91.23 -55.24 -66.06
C THR N 398 -89.77 -55.11 -65.68
N GLN N 399 -89.46 -54.34 -64.64
CA GLN N 399 -88.08 -54.13 -64.22
C GLN N 399 -87.51 -55.35 -63.51
N GLY N 403 -84.73 -49.24 -66.84
CA GLY N 403 -85.52 -49.84 -67.91
C GLY N 403 -86.76 -49.04 -68.25
N ASP N 404 -87.65 -48.86 -67.29
CA ASP N 404 -88.88 -48.10 -67.47
C ASP N 404 -88.69 -46.72 -66.85
N ASP N 405 -88.68 -45.69 -67.70
CA ASP N 405 -88.48 -44.32 -67.25
C ASP N 405 -89.74 -43.67 -66.73
N ARG N 406 -90.91 -44.29 -66.92
CA ARG N 406 -92.11 -43.81 -66.26
C ARG N 406 -92.21 -44.28 -64.82
N VAL N 407 -91.53 -45.37 -64.46
CA VAL N 407 -91.28 -45.61 -63.04
C VAL N 407 -90.53 -44.42 -62.47
N TYR N 408 -89.60 -43.88 -63.24
CA TYR N 408 -88.92 -42.64 -62.89
C TYR N 408 -89.83 -41.42 -63.04
N GLN N 409 -90.88 -41.53 -63.84
CA GLN N 409 -91.72 -40.37 -64.18
C GLN N 409 -93.20 -40.74 -64.13
N MET N 410 -93.63 -41.38 -63.04
CA MET N 410 -95.08 -41.40 -62.87
C MET N 410 -95.56 -40.84 -61.53
N PRO N 411 -94.99 -39.75 -61.00
CA PRO N 411 -95.74 -38.97 -60.01
C PRO N 411 -96.72 -38.08 -60.74
N SER N 412 -96.29 -37.58 -61.90
CA SER N 412 -97.23 -36.93 -62.80
C SER N 412 -98.38 -37.85 -63.14
N PHE N 413 -98.05 -39.10 -63.51
CA PHE N 413 -99.09 -40.08 -63.81
C PHE N 413 -99.94 -40.37 -62.57
N LEU N 414 -99.31 -40.52 -61.41
CA LEU N 414 -100.05 -40.85 -60.20
C LEU N 414 -101.06 -39.76 -59.84
N GLN N 415 -100.59 -38.50 -59.81
CA GLN N 415 -101.47 -37.39 -59.43
C GLN N 415 -102.53 -37.14 -60.50
N SER N 416 -102.17 -37.30 -61.78
CA SER N 416 -103.17 -37.16 -62.84
C SER N 416 -104.23 -38.24 -62.75
N VAL N 417 -103.82 -39.46 -62.42
CA VAL N 417 -104.77 -40.54 -62.21
C VAL N 417 -105.68 -40.22 -61.04
N ALA N 418 -105.13 -39.66 -59.97
CA ALA N 418 -105.97 -39.22 -58.85
C ALA N 418 -106.99 -38.18 -59.30
N SER N 419 -106.53 -37.20 -60.09
CA SER N 419 -107.43 -36.13 -60.53
C SER N 419 -108.54 -36.67 -61.42
N VAL N 420 -108.21 -37.57 -62.34
CA VAL N 420 -109.23 -38.11 -63.24
C VAL N 420 -110.10 -39.15 -62.54
N LEU N 421 -109.59 -39.77 -61.48
CA LEU N 421 -110.30 -40.82 -60.77
C LEU N 421 -111.11 -40.28 -59.59
N LEU N 422 -111.01 -38.98 -59.31
CA LEU N 422 -111.90 -38.35 -58.33
C LEU N 422 -113.35 -38.72 -58.58
N TYR N 423 -113.71 -38.95 -59.85
CA TYR N 423 -115.05 -39.42 -60.17
C TYR N 423 -115.26 -40.87 -59.73
N LEU N 424 -114.28 -41.73 -59.95
CA LEU N 424 -114.39 -43.15 -59.64
C LEU N 424 -113.98 -43.41 -58.20
N ASP N 425 -114.28 -44.61 -57.72
CA ASP N 425 -113.98 -44.95 -56.34
C ASP N 425 -113.29 -46.29 -56.19
N THR N 426 -113.59 -47.24 -57.09
CA THR N 426 -113.24 -48.64 -56.88
C THR N 426 -112.29 -49.13 -57.95
N VAL N 427 -111.19 -49.74 -57.52
CA VAL N 427 -110.31 -50.53 -58.38
C VAL N 427 -109.45 -51.38 -57.44
N PRO N 428 -109.39 -52.69 -57.63
CA PRO N 428 -108.82 -53.56 -56.58
C PRO N 428 -107.30 -53.47 -56.46
N GLU N 429 -106.82 -52.72 -55.45
CA GLU N 429 -105.43 -52.67 -55.01
C GLU N 429 -104.43 -52.64 -56.17
N VAL N 430 -104.84 -52.06 -57.31
CA VAL N 430 -104.02 -52.16 -58.51
C VAL N 430 -102.76 -51.32 -58.37
N TYR N 431 -102.92 -50.07 -57.87
CA TYR N 431 -101.79 -49.10 -57.91
C TYR N 431 -101.00 -49.02 -56.61
N THR N 432 -100.49 -50.16 -56.14
CA THR N 432 -99.60 -50.14 -54.96
C THR N 432 -98.27 -50.82 -55.30
N PRO N 433 -98.19 -51.89 -56.14
CA PRO N 433 -96.91 -52.43 -56.58
C PRO N 433 -96.24 -51.27 -57.33
N VAL N 434 -97.01 -50.59 -58.20
CA VAL N 434 -96.51 -49.41 -58.94
C VAL N 434 -96.09 -48.35 -57.92
N LEU N 435 -96.89 -48.14 -56.87
CA LEU N 435 -96.59 -47.10 -55.90
C LEU N 435 -95.20 -47.29 -55.31
N GLU N 436 -94.94 -48.49 -54.79
CA GLU N 436 -93.62 -48.79 -54.23
C GLU N 436 -92.55 -48.73 -55.31
N HIS N 437 -92.85 -49.26 -56.51
CA HIS N 437 -91.89 -49.28 -57.59
C HIS N 437 -91.43 -47.86 -57.95
N LEU N 438 -92.38 -46.96 -58.14
CA LEU N 438 -92.06 -45.59 -58.52
C LEU N 438 -91.49 -44.79 -57.35
N VAL N 439 -91.86 -45.11 -56.12
CA VAL N 439 -91.19 -44.46 -54.99
C VAL N 439 -89.72 -44.83 -54.98
N VAL N 440 -89.42 -46.13 -55.15
CA VAL N 440 -88.04 -46.60 -55.11
C VAL N 440 -87.22 -45.95 -56.23
N MET N 441 -87.74 -45.96 -57.45
CA MET N 441 -87.06 -45.34 -58.58
C MET N 441 -87.43 -43.87 -58.79
N GLN N 442 -87.99 -43.22 -57.78
CA GLN N 442 -88.22 -41.79 -57.81
C GLN N 442 -87.39 -41.03 -56.78
N ILE N 443 -87.27 -41.57 -55.57
CA ILE N 443 -86.43 -40.93 -54.57
C ILE N 443 -84.99 -41.44 -54.62
N ASP N 444 -84.73 -42.59 -55.25
CA ASP N 444 -83.37 -42.93 -55.64
C ASP N 444 -82.89 -42.11 -56.83
N SER N 445 -83.80 -41.67 -57.69
CA SER N 445 -83.46 -40.80 -58.81
C SER N 445 -83.35 -39.35 -58.39
N PHE N 446 -83.60 -39.04 -57.12
CA PHE N 446 -83.51 -37.66 -56.64
C PHE N 446 -82.12 -37.06 -56.87
N PRO N 447 -81.00 -37.69 -56.45
CA PRO N 447 -79.70 -37.03 -56.62
C PRO N 447 -79.19 -37.02 -58.05
N GLN N 448 -79.24 -38.19 -58.71
CA GLN N 448 -78.66 -38.31 -60.04
C GLN N 448 -79.48 -37.54 -61.07
N TYR N 449 -80.78 -37.73 -61.07
CA TYR N 449 -81.68 -36.99 -61.94
C TYR N 449 -82.11 -35.70 -61.23
N SER N 450 -83.13 -35.04 -61.76
CA SER N 450 -83.62 -33.83 -61.13
C SER N 450 -84.17 -34.14 -59.75
N PRO N 451 -83.86 -33.32 -58.74
CA PRO N 451 -84.44 -33.54 -57.41
C PRO N 451 -85.95 -33.42 -57.38
N LYS N 452 -86.56 -32.84 -58.41
CA LYS N 452 -88.02 -32.70 -58.44
C LYS N 452 -88.72 -34.04 -58.46
N MET N 453 -88.01 -35.13 -58.77
CA MET N 453 -88.64 -36.44 -58.85
C MET N 453 -89.32 -36.82 -57.54
N GLN N 454 -88.54 -36.85 -56.45
CA GLN N 454 -89.11 -37.22 -55.16
C GLN N 454 -90.13 -36.19 -54.68
N LEU N 455 -89.90 -34.91 -54.98
CA LEU N 455 -90.85 -33.87 -54.59
C LEU N 455 -92.23 -34.11 -55.21
N VAL N 456 -92.26 -34.29 -56.53
CA VAL N 456 -93.54 -34.52 -57.19
C VAL N 456 -94.08 -35.90 -56.83
N CYS N 457 -93.21 -36.86 -56.49
CA CYS N 457 -93.69 -38.14 -55.99
C CYS N 457 -94.48 -37.95 -54.70
N CYS N 458 -93.92 -37.21 -53.75
CA CYS N 458 -94.61 -36.96 -52.49
C CYS N 458 -95.89 -36.15 -52.72
N ARG N 459 -95.84 -35.16 -53.61
CA ARG N 459 -97.04 -34.36 -53.87
C ARG N 459 -98.14 -35.19 -54.49
N ALA N 460 -97.80 -36.05 -55.45
CA ALA N 460 -98.78 -36.94 -56.04
C ALA N 460 -99.34 -37.91 -55.01
N ILE N 461 -98.48 -38.42 -54.14
CA ILE N 461 -98.92 -39.38 -53.12
C ILE N 461 -99.89 -38.70 -52.16
N VAL N 462 -99.56 -37.49 -51.71
CA VAL N 462 -100.45 -36.82 -50.76
C VAL N 462 -101.76 -36.44 -51.45
N LYS N 463 -101.72 -36.06 -52.73
CA LYS N 463 -102.96 -35.73 -53.43
C LYS N 463 -103.85 -36.96 -53.56
N VAL N 464 -103.27 -38.08 -54.00
CA VAL N 464 -104.09 -39.29 -54.15
C VAL N 464 -104.56 -39.80 -52.80
N PHE N 465 -103.79 -39.56 -51.73
CA PHE N 465 -104.19 -40.02 -50.41
C PHE N 465 -105.35 -39.19 -49.86
N LEU N 466 -105.28 -37.87 -50.02
CA LEU N 466 -106.39 -37.04 -49.59
C LEU N 466 -107.62 -37.23 -50.48
N ALA N 467 -107.41 -37.61 -51.75
CA ALA N 467 -108.53 -38.07 -52.56
C ALA N 467 -109.13 -39.33 -51.97
N LEU N 468 -108.28 -40.27 -51.52
CA LEU N 468 -108.77 -41.43 -50.79
C LEU N 468 -109.39 -41.02 -49.46
N ALA N 469 -108.77 -40.08 -48.75
CA ALA N 469 -109.20 -39.62 -47.44
C ALA N 469 -110.43 -38.73 -47.50
N ALA N 470 -111.09 -38.64 -48.64
CA ALA N 470 -112.35 -37.90 -48.79
C ALA N 470 -113.50 -38.86 -49.11
N LYS N 471 -113.50 -40.01 -48.43
CA LYS N 471 -114.46 -41.07 -48.71
C LYS N 471 -114.91 -41.65 -47.37
N GLY N 472 -115.50 -42.84 -47.41
CA GLY N 472 -116.00 -43.49 -46.22
C GLY N 472 -114.98 -44.44 -45.63
N PRO N 473 -115.20 -45.74 -45.82
CA PRO N 473 -114.15 -46.71 -45.43
C PRO N 473 -112.85 -46.48 -46.19
N VAL N 474 -112.93 -46.03 -47.43
CA VAL N 474 -111.74 -45.74 -48.22
C VAL N 474 -110.96 -44.56 -47.65
N LEU N 475 -111.58 -43.76 -46.78
CA LEU N 475 -110.90 -42.63 -46.16
C LEU N 475 -109.65 -43.09 -45.40
N ARG N 476 -109.65 -44.33 -44.94
CA ARG N 476 -108.50 -44.88 -44.22
C ARG N 476 -108.07 -46.26 -44.68
N ASN N 477 -108.91 -47.02 -45.37
CA ASN N 477 -108.59 -48.43 -45.65
C ASN N 477 -107.46 -48.56 -46.66
N CYS N 478 -107.53 -47.81 -47.77
CA CYS N 478 -106.47 -47.89 -48.76
C CYS N 478 -105.15 -47.38 -48.20
N ILE N 479 -105.20 -46.28 -47.45
CA ILE N 479 -103.98 -45.76 -46.83
C ILE N 479 -103.46 -46.71 -45.76
N SER N 480 -104.35 -47.48 -45.13
CA SER N 480 -103.90 -48.48 -44.17
C SER N 480 -103.19 -49.64 -44.87
N THR N 481 -103.71 -50.06 -46.02
CA THR N 481 -102.98 -51.03 -46.82
C THR N 481 -101.62 -50.49 -47.23
N VAL N 482 -101.58 -49.19 -47.58
CA VAL N 482 -100.33 -48.59 -48.00
C VAL N 482 -99.35 -48.50 -46.83
N VAL N 483 -99.83 -48.20 -45.63
CA VAL N 483 -98.90 -48.13 -44.50
C VAL N 483 -98.50 -49.51 -44.03
N HIS N 484 -99.33 -50.52 -44.27
CA HIS N 484 -98.86 -51.90 -44.10
C HIS N 484 -97.74 -52.22 -45.10
N GLN N 485 -97.91 -51.77 -46.34
CA GLN N 485 -96.84 -51.94 -47.33
C GLN N 485 -95.58 -51.19 -46.88
N GLY N 486 -95.75 -50.00 -46.31
CA GLY N 486 -94.64 -49.27 -45.76
C GLY N 486 -94.00 -49.97 -44.57
N LEU N 487 -94.80 -50.67 -43.77
CA LEU N 487 -94.25 -51.51 -42.72
C LEU N 487 -93.40 -52.62 -43.31
N ILE N 488 -93.88 -53.24 -44.39
CA ILE N 488 -93.09 -54.26 -45.08
C ILE N 488 -91.80 -53.66 -45.61
N ARG N 489 -91.86 -52.43 -46.11
CA ARG N 489 -90.66 -51.74 -46.57
C ARG N 489 -89.70 -51.46 -45.42
N ILE N 490 -90.26 -51.09 -44.26
CA ILE N 490 -89.45 -50.77 -43.09
C ILE N 490 -88.72 -52.02 -42.60
N CYS N 491 -89.40 -53.16 -42.57
CA CYS N 491 -88.71 -54.40 -42.20
C CYS N 491 -87.72 -54.85 -43.25
N SER N 492 -87.72 -54.21 -44.42
CA SER N 492 -86.71 -54.42 -45.46
C SER N 492 -85.91 -53.14 -45.70
N LYS N 493 -85.52 -52.47 -44.61
CA LYS N 493 -84.82 -51.20 -44.73
C LYS N 493 -83.44 -51.43 -45.37
N PRO N 494 -82.88 -50.39 -46.02
CA PRO N 494 -81.63 -50.58 -46.76
C PRO N 494 -80.42 -50.82 -45.87
N VAL N 495 -80.28 -52.03 -45.36
CA VAL N 495 -79.08 -52.41 -44.62
C VAL N 495 -77.93 -52.56 -45.60
N VAL N 496 -76.77 -51.99 -45.24
CA VAL N 496 -75.56 -52.06 -46.05
C VAL N 496 -74.40 -52.48 -45.14
N LEU N 497 -73.29 -52.82 -45.76
CA LEU N 497 -72.10 -53.27 -45.05
C LEU N 497 -70.89 -52.46 -45.53
N PRO N 498 -69.90 -52.25 -44.66
CA PRO N 498 -68.68 -51.51 -45.03
C PRO N 498 -67.81 -52.29 -46.01
N TRP N 519 -81.08 -48.98 -61.30
CA TRP N 519 -81.78 -49.31 -60.07
C TRP N 519 -80.80 -49.42 -58.90
N LYS N 520 -80.88 -48.46 -57.98
CA LYS N 520 -80.10 -48.50 -56.75
C LYS N 520 -81.04 -48.74 -55.57
N VAL N 521 -80.43 -48.98 -54.41
CA VAL N 521 -81.20 -49.38 -53.23
C VAL N 521 -82.04 -48.20 -52.75
N PRO N 522 -83.35 -48.39 -52.56
CA PRO N 522 -84.14 -47.33 -51.90
C PRO N 522 -83.65 -47.12 -50.48
N THR N 523 -83.65 -45.87 -50.05
CA THR N 523 -83.11 -45.50 -48.75
C THR N 523 -84.25 -45.22 -47.77
N TYR N 524 -84.00 -45.51 -46.50
CA TYR N 524 -84.94 -45.14 -45.45
C TYR N 524 -85.07 -43.64 -45.32
N LYS N 525 -84.06 -42.88 -45.76
CA LYS N 525 -84.12 -41.42 -45.72
C LYS N 525 -84.94 -40.84 -46.86
N ASP N 526 -85.47 -41.69 -47.74
CA ASP N 526 -86.46 -41.27 -48.72
C ASP N 526 -87.74 -40.78 -48.07
N TYR N 527 -87.79 -40.72 -46.74
CA TYR N 527 -89.02 -40.44 -46.03
C TYR N 527 -88.96 -39.16 -45.20
N VAL N 528 -87.80 -38.56 -45.00
CA VAL N 528 -87.77 -37.25 -44.36
C VAL N 528 -88.51 -36.23 -45.20
N ASP N 529 -88.26 -36.23 -46.50
CA ASP N 529 -88.99 -35.34 -47.41
C ASP N 529 -90.47 -35.69 -47.42
N LEU N 530 -90.79 -36.97 -47.45
CA LEU N 530 -92.20 -37.38 -47.51
C LEU N 530 -92.94 -36.98 -46.26
N PHE N 531 -92.31 -37.12 -45.09
CA PHE N 531 -92.97 -36.78 -43.83
C PHE N 531 -93.01 -35.28 -43.60
N ARG N 532 -92.03 -34.54 -44.12
CA ARG N 532 -92.14 -33.09 -44.16
C ARG N 532 -93.32 -32.67 -45.03
N HIS N 533 -93.53 -33.38 -46.14
CA HIS N 533 -94.73 -33.14 -46.94
C HIS N 533 -95.99 -33.44 -46.15
N LEU N 534 -96.00 -34.56 -45.43
CA LEU N 534 -97.18 -34.99 -44.70
C LEU N 534 -97.54 -34.00 -43.59
N LEU N 535 -96.55 -33.51 -42.85
CA LEU N 535 -96.79 -32.75 -41.63
C LEU N 535 -96.52 -31.26 -41.78
N SER N 536 -95.78 -30.83 -42.80
CA SER N 536 -95.43 -29.42 -42.92
C SER N 536 -95.90 -28.83 -44.24
N SER N 537 -95.78 -29.58 -45.33
CA SER N 537 -96.17 -29.09 -46.65
C SER N 537 -97.68 -29.23 -46.85
N ASP N 538 -98.43 -28.59 -45.95
CA ASP N 538 -99.89 -28.58 -46.05
C ASP N 538 -100.38 -27.73 -47.20
N GLN N 539 -99.49 -27.01 -47.89
CA GLN N 539 -99.88 -26.21 -49.05
C GLN N 539 -100.55 -27.07 -50.11
N MET N 540 -100.25 -28.37 -50.13
CA MET N 540 -100.95 -29.28 -51.03
C MET N 540 -102.28 -29.73 -50.44
N MET N 541 -102.26 -30.25 -49.20
CA MET N 541 -103.44 -30.88 -48.65
C MET N 541 -104.58 -29.90 -48.44
N ASP N 542 -104.30 -28.66 -48.04
CA ASP N 542 -105.38 -27.69 -47.87
C ASP N 542 -106.12 -27.47 -49.18
N SER N 543 -105.37 -27.29 -50.27
CA SER N 543 -106.00 -27.10 -51.57
C SER N 543 -106.74 -28.36 -52.00
N ILE N 544 -106.17 -29.54 -51.75
CA ILE N 544 -106.81 -30.78 -52.19
C ILE N 544 -108.12 -31.00 -51.43
N LEU N 545 -108.12 -30.75 -50.12
CA LEU N 545 -109.35 -30.92 -49.34
C LEU N 545 -110.38 -29.85 -49.71
N ALA N 546 -109.93 -28.65 -50.07
CA ALA N 546 -110.86 -27.65 -50.57
C ALA N 546 -111.46 -28.07 -51.91
N ASP N 547 -110.69 -28.81 -52.71
CA ASP N 547 -111.17 -29.28 -54.01
C ASP N 547 -112.15 -30.43 -53.88
N GLU N 548 -112.14 -31.14 -52.76
CA GLU N 548 -113.01 -32.32 -52.56
C GLU N 548 -113.67 -32.16 -51.19
N ALA N 549 -114.86 -31.57 -51.18
CA ALA N 549 -115.60 -31.36 -49.95
C ALA N 549 -116.97 -32.04 -50.00
N SER N 555 -115.56 -36.32 -49.92
CA SER N 555 -116.45 -35.48 -49.13
C SER N 555 -115.72 -34.87 -47.94
N SER N 556 -114.80 -35.63 -47.35
CA SER N 556 -114.05 -35.15 -46.21
C SER N 556 -113.05 -34.08 -46.64
N SER N 557 -112.84 -33.10 -45.77
CA SER N 557 -111.93 -31.98 -46.02
C SER N 557 -111.03 -31.74 -44.82
N GLU N 558 -110.44 -32.81 -44.31
CA GLU N 558 -109.58 -32.76 -43.13
C GLU N 558 -108.11 -32.84 -43.53
N SER N 559 -107.27 -32.15 -42.76
CA SER N 559 -105.84 -32.20 -43.00
C SER N 559 -105.29 -33.59 -42.66
N LEU N 560 -104.25 -33.98 -43.41
CA LEU N 560 -103.67 -35.32 -43.28
C LEU N 560 -102.53 -35.39 -42.28
N ASN N 561 -102.19 -34.29 -41.60
CA ASN N 561 -101.05 -34.30 -40.70
C ASN N 561 -101.23 -35.30 -39.57
N HIS N 562 -102.22 -35.05 -38.70
CA HIS N 562 -102.41 -35.93 -37.54
C HIS N 562 -102.92 -37.31 -37.96
N LEU N 563 -103.77 -37.36 -38.98
CA LEU N 563 -104.29 -38.65 -39.44
C LEU N 563 -103.17 -39.54 -39.94
N LEU N 564 -102.28 -38.99 -40.76
CA LEU N 564 -101.16 -39.78 -41.26
C LEU N 564 -100.12 -40.03 -40.18
N TYR N 565 -100.03 -39.13 -39.20
CA TYR N 565 -99.20 -39.42 -38.03
C TYR N 565 -99.69 -40.67 -37.33
N ASP N 566 -101.00 -40.76 -37.06
CA ASP N 566 -101.55 -41.92 -36.37
C ASP N 566 -101.49 -43.17 -37.24
N GLU N 567 -101.64 -43.01 -38.56
CA GLU N 567 -101.51 -44.16 -39.45
C GLU N 567 -100.09 -44.68 -39.50
N PHE N 568 -99.10 -43.78 -39.47
CA PHE N 568 -97.72 -44.21 -39.31
C PHE N 568 -97.50 -44.86 -37.95
N VAL N 569 -98.20 -44.38 -36.92
CA VAL N 569 -98.10 -44.99 -35.60
C VAL N 569 -98.58 -46.44 -35.66
N LYS N 570 -99.73 -46.68 -36.29
CA LYS N 570 -100.23 -48.04 -36.39
C LYS N 570 -99.37 -48.89 -37.33
N SER N 571 -98.75 -48.27 -38.34
CA SER N 571 -97.78 -49.00 -39.15
C SER N 571 -96.59 -49.42 -38.30
N VAL N 572 -96.14 -48.55 -37.40
CA VAL N 572 -95.05 -48.87 -36.49
C VAL N 572 -95.45 -50.01 -35.56
N LEU N 573 -96.69 -49.98 -35.08
CA LEU N 573 -97.19 -51.08 -34.25
C LEU N 573 -97.20 -52.39 -35.03
N LYS N 574 -97.59 -52.32 -36.31
CA LYS N 574 -97.53 -53.50 -37.18
C LYS N 574 -96.10 -53.99 -37.33
N ILE N 575 -95.15 -53.06 -37.47
CA ILE N 575 -93.74 -53.42 -37.57
C ILE N 575 -93.29 -54.12 -36.29
N VAL N 576 -93.67 -53.57 -35.14
CA VAL N 576 -93.27 -54.15 -33.86
C VAL N 576 -93.82 -55.56 -33.70
N GLU N 577 -95.09 -55.75 -34.05
CA GLU N 577 -95.69 -57.06 -33.86
C GLU N 577 -95.19 -58.09 -34.88
N LYS N 578 -94.89 -57.65 -36.11
CA LYS N 578 -94.45 -58.60 -37.13
C LYS N 578 -93.01 -59.06 -36.89
N LEU N 579 -92.12 -58.15 -36.52
CA LEU N 579 -90.71 -58.46 -36.44
C LEU N 579 -90.40 -59.40 -35.29
N ASP N 580 -89.43 -60.27 -35.51
CA ASP N 580 -88.95 -61.23 -34.51
C ASP N 580 -87.47 -60.98 -34.28
N LEU N 581 -87.15 -60.31 -33.17
CA LEU N 581 -85.77 -60.00 -32.82
C LEU N 581 -85.37 -60.66 -31.50
N THR N 582 -85.76 -61.92 -31.34
CA THR N 582 -85.33 -62.69 -30.17
C THR N 582 -83.87 -63.08 -30.30
N LEU N 583 -83.13 -63.01 -29.21
CA LEU N 583 -81.69 -63.19 -29.22
C LEU N 583 -81.32 -64.64 -28.95
N GLU N 584 -80.06 -64.97 -29.19
CA GLU N 584 -79.54 -66.32 -29.04
C GLU N 584 -78.23 -66.33 -28.26
N ILE N 585 -77.78 -67.53 -27.94
CA ILE N 585 -76.52 -67.71 -27.23
C ILE N 585 -75.36 -67.43 -28.18
N GLN N 586 -74.17 -67.27 -27.59
CA GLN N 586 -72.96 -67.04 -28.37
C GLN N 586 -71.98 -68.19 -28.18
N SER N 606 -70.82 -60.58 -18.51
CA SER N 606 -71.37 -59.96 -17.31
C SER N 606 -72.46 -58.95 -17.66
N ASP N 607 -72.26 -58.18 -18.71
CA ASP N 607 -73.31 -57.36 -19.27
C ASP N 607 -73.84 -58.07 -20.51
N PRO N 608 -74.84 -58.93 -20.35
CA PRO N 608 -75.26 -59.78 -21.47
C PRO N 608 -76.18 -59.07 -22.45
N ALA N 609 -76.25 -57.75 -22.35
CA ALA N 609 -77.12 -56.93 -23.20
C ALA N 609 -76.30 -55.96 -24.03
N ALA N 610 -75.27 -56.46 -24.72
CA ALA N 610 -74.39 -55.62 -25.51
C ALA N 610 -74.13 -56.27 -26.86
N ASN N 611 -74.63 -55.63 -27.92
CA ASN N 611 -74.27 -55.93 -29.31
C ASN N 611 -74.45 -57.43 -29.63
N LEU N 612 -75.71 -57.85 -29.60
CA LEU N 612 -76.06 -59.24 -29.86
C LEU N 612 -76.95 -59.35 -31.09
N HIS N 613 -76.80 -60.47 -31.83
CA HIS N 613 -77.52 -60.74 -33.07
C HIS N 613 -78.77 -61.57 -32.78
N PRO N 614 -79.95 -61.10 -33.20
CA PRO N 614 -81.18 -61.87 -32.95
C PRO N 614 -81.50 -62.87 -34.04
N ALA N 615 -82.67 -63.52 -33.91
CA ALA N 615 -83.09 -64.50 -34.90
C ALA N 615 -83.24 -63.92 -36.30
N LYS N 616 -83.49 -62.61 -36.41
CA LYS N 616 -83.61 -61.93 -37.68
C LYS N 616 -82.67 -60.74 -37.68
N PRO N 617 -81.37 -60.97 -37.87
CA PRO N 617 -80.43 -59.84 -37.96
C PRO N 617 -80.76 -58.91 -39.11
N LYS N 618 -81.32 -59.43 -40.20
CA LYS N 618 -81.84 -58.56 -41.25
C LYS N 618 -82.94 -57.66 -40.72
N ASP N 619 -83.94 -58.25 -40.06
CA ASP N 619 -85.00 -57.46 -39.44
C ASP N 619 -84.45 -56.61 -38.31
N PHE N 620 -83.42 -57.09 -37.61
CA PHE N 620 -82.76 -56.28 -36.59
C PHE N 620 -82.23 -54.99 -37.18
N SER N 621 -81.46 -55.10 -38.26
CA SER N 621 -80.88 -53.92 -38.89
C SER N 621 -81.95 -53.02 -39.48
N ALA N 622 -82.98 -53.61 -40.09
CA ALA N 622 -84.07 -52.81 -40.65
C ALA N 622 -84.80 -52.03 -39.56
N PHE N 623 -85.12 -52.71 -38.44
CA PHE N 623 -85.77 -52.05 -37.33
C PHE N 623 -84.89 -50.95 -36.74
N ILE N 624 -83.60 -51.22 -36.61
CA ILE N 624 -82.68 -50.21 -36.07
C ILE N 624 -82.64 -49.00 -36.98
N ASN N 625 -82.59 -49.23 -38.29
CA ASN N 625 -82.58 -48.12 -39.25
C ASN N 625 -83.87 -47.32 -39.15
N LEU N 626 -85.02 -48.01 -39.05
CA LEU N 626 -86.29 -47.29 -38.97
C LEU N 626 -86.41 -46.49 -37.68
N VAL N 627 -85.98 -47.05 -36.55
CA VAL N 627 -86.09 -46.29 -35.30
C VAL N 627 -85.05 -45.19 -35.23
N GLU N 628 -83.93 -45.33 -35.96
CA GLU N 628 -83.02 -44.21 -36.12
C GLU N 628 -83.64 -43.12 -36.97
N PHE N 629 -84.40 -43.51 -38.00
CA PHE N 629 -85.15 -42.52 -38.76
C PHE N 629 -86.14 -41.79 -37.85
N CYS N 630 -86.83 -42.53 -36.98
CA CYS N 630 -87.71 -41.90 -36.01
C CYS N 630 -86.94 -40.96 -35.10
N ARG N 631 -85.78 -41.39 -34.62
CA ARG N 631 -84.91 -40.53 -33.83
C ARG N 631 -84.57 -39.25 -34.58
N GLU N 632 -84.51 -39.32 -35.90
CA GLU N 632 -84.32 -38.13 -36.71
C GLU N 632 -85.60 -37.30 -36.82
N ILE N 633 -86.77 -37.94 -36.79
CA ILE N 633 -88.03 -37.26 -37.05
C ILE N 633 -88.92 -37.16 -35.82
N LEU N 634 -88.89 -38.17 -34.93
CA LEU N 634 -89.76 -38.09 -33.76
C LEU N 634 -89.40 -36.94 -32.83
N PRO N 635 -88.13 -36.73 -32.45
CA PRO N 635 -87.81 -35.46 -31.78
C PRO N 635 -88.12 -34.25 -32.64
N GLU N 636 -88.02 -34.39 -33.96
CA GLU N 636 -88.40 -33.31 -34.85
C GLU N 636 -89.89 -33.00 -34.76
N LYS N 637 -90.74 -34.03 -34.71
CA LYS N 637 -92.19 -33.86 -34.72
C LYS N 637 -92.75 -34.18 -33.34
N GLN N 638 -93.33 -33.18 -32.68
CA GLN N 638 -93.87 -33.37 -31.35
C GLN N 638 -94.94 -34.45 -31.36
N ALA N 639 -95.00 -35.22 -30.27
CA ALA N 639 -95.84 -36.41 -30.18
C ALA N 639 -97.14 -36.15 -29.47
N GLU N 640 -97.74 -34.97 -29.65
CA GLU N 640 -99.06 -34.73 -29.08
C GLU N 640 -100.09 -35.69 -29.67
N PHE N 641 -99.92 -36.09 -30.93
CA PHE N 641 -100.75 -37.15 -31.48
C PHE N 641 -100.41 -38.50 -30.87
N PHE N 642 -99.12 -38.72 -30.62
CA PHE N 642 -98.64 -39.93 -29.96
C PHE N 642 -98.75 -39.86 -28.44
N GLU N 643 -99.20 -38.73 -27.88
CA GLU N 643 -99.26 -38.59 -26.43
C GLU N 643 -100.07 -39.69 -25.77
N PRO N 644 -101.30 -40.02 -26.20
CA PRO N 644 -101.93 -41.23 -25.66
C PRO N 644 -101.17 -42.49 -26.00
N TRP N 645 -100.54 -42.55 -27.17
CA TRP N 645 -99.69 -43.69 -27.50
C TRP N 645 -98.40 -43.70 -26.70
N VAL N 646 -97.96 -42.55 -26.20
CA VAL N 646 -96.66 -42.50 -25.51
C VAL N 646 -96.66 -43.46 -24.33
N TYR N 647 -97.69 -43.37 -23.47
CA TYR N 647 -97.72 -44.19 -22.27
C TYR N 647 -97.94 -45.66 -22.60
N SER N 648 -98.88 -45.95 -23.50
CA SER N 648 -99.19 -47.33 -23.84
C SER N 648 -97.99 -48.03 -24.46
N PHE N 649 -97.36 -47.39 -25.45
CA PHE N 649 -96.24 -48.03 -26.10
C PHE N 649 -94.98 -47.96 -25.26
N SER N 650 -94.90 -47.04 -24.30
CA SER N 650 -93.83 -47.11 -23.32
C SER N 650 -93.98 -48.34 -22.44
N TYR N 651 -95.21 -48.65 -22.02
CA TYR N 651 -95.42 -49.89 -21.31
C TYR N 651 -95.15 -51.10 -22.21
N GLU N 652 -95.42 -50.97 -23.51
CA GLU N 652 -95.03 -52.01 -24.45
C GLU N 652 -93.52 -52.21 -24.45
N LEU N 653 -92.77 -51.11 -24.45
CA LEU N 653 -91.31 -51.20 -24.35
C LEU N 653 -90.88 -51.79 -23.02
N ILE N 654 -91.65 -51.52 -21.95
CA ILE N 654 -91.40 -52.15 -20.67
C ILE N 654 -91.54 -53.65 -20.77
N LEU N 655 -92.60 -54.10 -21.45
CA LEU N 655 -92.80 -55.53 -21.67
C LEU N 655 -91.66 -56.11 -22.49
N GLN N 656 -91.21 -55.38 -23.51
CA GLN N 656 -90.06 -55.84 -24.31
C GLN N 656 -88.82 -55.96 -23.45
N SER N 657 -88.58 -54.98 -22.58
CA SER N 657 -87.43 -55.03 -21.68
C SER N 657 -87.52 -56.22 -20.74
N THR N 658 -88.73 -56.52 -20.24
CA THR N 658 -88.91 -57.72 -19.44
C THR N 658 -88.69 -58.98 -20.27
N ARG N 659 -88.95 -58.92 -21.57
CA ARG N 659 -88.79 -60.06 -22.46
C ARG N 659 -87.43 -60.07 -23.16
N LEU N 660 -87.15 -59.03 -23.94
CA LEU N 660 -85.91 -58.94 -24.72
C LEU N 660 -85.26 -57.59 -24.47
N PRO N 661 -84.59 -57.43 -23.34
CA PRO N 661 -83.85 -56.19 -23.09
C PRO N 661 -82.50 -56.21 -23.79
N LEU N 662 -82.48 -56.58 -25.07
CA LEU N 662 -81.23 -56.96 -25.73
C LEU N 662 -81.11 -56.27 -27.09
N ILE N 663 -81.71 -55.09 -27.23
CA ILE N 663 -81.91 -54.48 -28.55
C ILE N 663 -81.51 -53.01 -28.48
N SER N 664 -80.69 -52.57 -29.43
CA SER N 664 -80.25 -51.18 -29.51
C SER N 664 -81.39 -50.21 -29.78
N GLY N 665 -82.54 -50.71 -30.27
CA GLY N 665 -83.67 -49.84 -30.48
C GLY N 665 -84.18 -49.21 -29.21
N PHE N 666 -83.83 -49.76 -28.05
CA PHE N 666 -84.16 -49.11 -26.79
C PHE N 666 -83.58 -47.71 -26.74
N TYR N 667 -82.30 -47.57 -27.07
CA TYR N 667 -81.63 -46.27 -27.12
C TYR N 667 -82.54 -45.25 -27.77
N LYS N 668 -82.76 -45.48 -29.06
CA LYS N 668 -83.36 -44.48 -29.93
C LYS N 668 -84.83 -44.31 -29.60
N LEU N 669 -85.57 -45.40 -29.60
CA LEU N 669 -87.02 -45.34 -29.38
C LEU N 669 -87.34 -44.73 -28.03
N LEU N 670 -86.73 -45.25 -26.96
CA LEU N 670 -87.06 -44.80 -25.62
C LEU N 670 -86.66 -43.33 -25.41
N SER N 671 -85.44 -42.98 -25.82
CA SER N 671 -84.97 -41.63 -25.61
C SER N 671 -85.79 -40.62 -26.40
N ILE N 672 -86.15 -40.93 -27.64
CA ILE N 672 -86.95 -39.97 -28.41
C ILE N 672 -88.38 -39.93 -27.89
N THR N 673 -88.89 -41.04 -27.35
CA THR N 673 -90.21 -41.02 -26.74
C THR N 673 -90.24 -40.03 -25.60
N VAL N 674 -89.24 -40.06 -24.72
CA VAL N 674 -89.24 -39.11 -23.62
C VAL N 674 -88.85 -37.70 -24.06
N ARG N 675 -88.07 -37.55 -25.13
CA ARG N 675 -87.85 -36.21 -25.68
C ARG N 675 -89.16 -35.61 -26.16
N ASN N 676 -89.97 -36.39 -26.88
CA ASN N 676 -91.27 -35.92 -27.31
C ASN N 676 -92.19 -35.66 -26.12
N ALA N 677 -92.05 -36.45 -25.05
CA ALA N 677 -92.80 -36.16 -23.84
C ALA N 677 -92.42 -34.80 -23.27
N LYS N 678 -91.12 -34.47 -23.28
CA LYS N 678 -90.71 -33.13 -22.87
C LYS N 678 -91.30 -32.06 -23.79
N LYS N 679 -91.21 -32.29 -25.10
CA LYS N 679 -91.62 -31.27 -26.06
C LYS N 679 -93.11 -30.98 -25.97
N ILE N 680 -93.93 -32.02 -25.81
CA ILE N 680 -95.37 -31.85 -25.62
C ILE N 680 -95.74 -31.66 -24.16
N LYS N 681 -94.74 -31.61 -23.27
CA LYS N 681 -94.97 -31.48 -21.83
C LYS N 681 -95.90 -32.59 -21.32
N TYR N 682 -95.65 -33.81 -21.80
CA TYR N 682 -96.47 -34.95 -21.40
C TYR N 682 -96.40 -35.19 -19.90
N PHE N 683 -95.24 -34.92 -19.28
CA PHE N 683 -95.09 -35.05 -17.84
C PHE N 683 -94.59 -33.79 -17.16
N GLU N 684 -94.14 -32.79 -17.92
CA GLU N 684 -93.79 -31.52 -17.29
C GLU N 684 -94.98 -30.90 -16.57
N GLY N 685 -96.18 -31.16 -17.06
CA GLY N 685 -97.41 -30.72 -16.41
C GLY N 685 -98.11 -31.79 -15.60
N VAL N 686 -97.49 -32.96 -15.42
CA VAL N 686 -98.08 -34.06 -14.66
C VAL N 686 -97.19 -34.34 -13.46
N SER N 687 -97.80 -34.44 -12.28
CA SER N 687 -97.07 -34.78 -11.08
C SER N 687 -98.05 -35.43 -10.11
N PRO N 688 -97.63 -36.48 -9.40
CA PRO N 688 -98.47 -37.16 -8.42
C PRO N 688 -98.85 -36.28 -7.24
N ASP N 697 -106.31 -36.26 -14.78
CA ASP N 697 -105.65 -36.91 -15.91
C ASP N 697 -105.25 -38.33 -15.57
N PRO N 698 -106.23 -39.24 -15.49
CA PRO N 698 -105.90 -40.61 -15.08
C PRO N 698 -104.86 -41.28 -15.96
N GLU N 699 -104.97 -41.15 -17.29
CA GLU N 699 -104.00 -41.80 -18.16
C GLU N 699 -102.60 -41.21 -17.96
N LYS N 700 -102.50 -39.89 -17.90
CA LYS N 700 -101.20 -39.25 -17.76
C LYS N 700 -100.67 -39.36 -16.34
N TYR N 701 -101.56 -39.40 -15.34
CA TYR N 701 -101.13 -39.65 -13.96
C TYR N 701 -100.51 -41.03 -13.83
N SER N 702 -101.23 -42.06 -14.31
CA SER N 702 -100.69 -43.42 -14.29
C SER N 702 -99.46 -43.52 -15.17
N CYS N 703 -99.42 -42.75 -16.26
CA CYS N 703 -98.24 -42.73 -17.12
C CYS N 703 -97.03 -42.21 -16.35
N PHE N 704 -97.21 -41.12 -15.62
CA PHE N 704 -96.12 -40.59 -14.80
C PHE N 704 -95.65 -41.62 -13.80
N ALA N 705 -96.60 -42.27 -13.12
CA ALA N 705 -96.23 -43.27 -12.12
C ALA N 705 -95.43 -44.41 -12.75
N LEU N 706 -95.95 -44.98 -13.84
CA LEU N 706 -95.29 -46.11 -14.48
C LEU N 706 -93.94 -45.72 -15.06
N PHE N 707 -93.87 -44.56 -15.71
CA PHE N 707 -92.60 -44.07 -16.25
C PHE N 707 -91.56 -43.95 -15.16
N VAL N 708 -91.91 -43.31 -14.04
CA VAL N 708 -90.94 -43.10 -12.97
C VAL N 708 -90.50 -44.43 -12.40
N LYS N 709 -91.45 -45.33 -12.15
CA LYS N 709 -91.11 -46.63 -11.58
C LYS N 709 -90.19 -47.42 -12.51
N PHE N 710 -90.54 -47.48 -13.79
CA PHE N 710 -89.74 -48.23 -14.75
C PHE N 710 -88.35 -47.65 -14.90
N GLY N 711 -88.25 -46.31 -14.94
CA GLY N 711 -86.95 -45.68 -14.98
C GLY N 711 -86.12 -46.01 -13.76
N LYS N 712 -86.75 -46.02 -12.58
CA LYS N 712 -86.03 -46.36 -11.35
C LYS N 712 -85.47 -47.77 -11.43
N GLU N 713 -86.31 -48.73 -11.83
CA GLU N 713 -85.86 -50.12 -11.82
C GLU N 713 -84.80 -50.36 -12.89
N VAL N 714 -84.94 -49.73 -14.06
CA VAL N 714 -83.93 -49.88 -15.10
C VAL N 714 -82.62 -49.25 -14.67
N ALA N 715 -82.70 -48.10 -13.99
CA ALA N 715 -81.49 -47.46 -13.48
C ALA N 715 -80.80 -48.33 -12.44
N VAL N 716 -81.58 -49.01 -11.61
CA VAL N 716 -81.00 -49.94 -10.65
C VAL N 716 -80.28 -51.06 -11.38
N LYS N 717 -80.91 -51.62 -12.41
CA LYS N 717 -80.32 -52.76 -13.09
C LYS N 717 -79.12 -52.38 -13.94
N MET N 718 -79.08 -51.16 -14.45
CA MET N 718 -78.05 -50.80 -15.42
C MET N 718 -76.69 -50.56 -14.81
N LYS N 719 -76.48 -50.95 -13.55
CA LYS N 719 -75.19 -50.71 -12.91
C LYS N 719 -74.04 -51.35 -13.68
N GLN N 720 -74.28 -52.49 -14.31
CA GLN N 720 -73.24 -53.21 -15.06
C GLN N 720 -73.78 -53.68 -16.41
N TYR N 721 -74.39 -52.78 -17.16
CA TYR N 721 -74.82 -53.07 -18.52
C TYR N 721 -73.94 -52.31 -19.51
N LYS N 722 -74.16 -52.58 -20.79
CA LYS N 722 -73.30 -52.04 -21.85
C LYS N 722 -74.17 -51.65 -23.04
N ASP N 723 -73.52 -51.45 -24.19
CA ASP N 723 -74.13 -50.88 -25.38
C ASP N 723 -75.40 -51.62 -25.80
N GLU N 724 -76.21 -50.97 -26.64
CA GLU N 724 -77.54 -51.35 -27.14
C GLU N 724 -78.55 -51.36 -25.99
N LEU N 725 -78.08 -51.19 -24.76
CA LEU N 725 -78.96 -50.96 -23.62
C LEU N 725 -78.47 -49.86 -22.67
N LEU N 726 -77.17 -49.56 -22.63
CA LEU N 726 -76.66 -48.66 -21.60
C LEU N 726 -77.08 -47.22 -21.87
N ALA N 727 -76.65 -46.66 -22.99
CA ALA N 727 -77.11 -45.32 -23.29
C ALA N 727 -78.59 -45.28 -23.58
N SER N 728 -79.26 -46.42 -23.75
CA SER N 728 -80.71 -46.43 -23.80
C SER N 728 -81.29 -45.82 -22.53
N CYS N 729 -81.05 -46.46 -21.40
CA CYS N 729 -81.51 -45.92 -20.13
C CYS N 729 -80.84 -44.60 -19.81
N LEU N 730 -79.59 -44.41 -20.22
CA LEU N 730 -78.91 -43.15 -19.98
C LEU N 730 -79.68 -42.00 -20.61
N THR N 731 -79.81 -42.02 -21.94
CA THR N 731 -80.52 -40.97 -22.67
C THR N 731 -81.97 -40.88 -22.22
N PHE N 732 -82.61 -42.03 -21.98
CA PHE N 732 -83.96 -42.04 -21.40
C PHE N 732 -84.05 -41.17 -20.17
N LEU N 733 -83.14 -41.40 -19.22
CA LEU N 733 -83.11 -40.59 -18.00
C LEU N 733 -82.84 -39.13 -18.33
N LEU N 734 -81.81 -38.89 -19.12
CA LEU N 734 -81.41 -37.53 -19.46
C LEU N 734 -82.48 -36.80 -20.27
N SER N 735 -83.30 -37.53 -21.02
CA SER N 735 -84.36 -36.93 -21.82
C SER N 735 -85.74 -37.13 -21.20
N LEU N 736 -85.80 -37.47 -19.92
CA LEU N 736 -87.08 -37.52 -19.24
C LEU N 736 -87.63 -36.11 -19.04
N PRO N 737 -88.95 -35.96 -18.96
CA PRO N 737 -89.53 -34.65 -18.71
C PRO N 737 -89.08 -34.07 -17.37
N HIS N 738 -89.32 -32.77 -17.22
CA HIS N 738 -88.80 -32.04 -16.05
C HIS N 738 -89.39 -32.57 -14.75
N ASN N 739 -90.71 -32.80 -14.71
CA ASN N 739 -91.32 -33.24 -13.46
C ASN N 739 -91.00 -34.69 -13.14
N ILE N 740 -90.75 -35.51 -14.16
CA ILE N 740 -90.37 -36.90 -13.92
C ILE N 740 -89.04 -36.94 -13.18
N ILE N 741 -88.07 -36.14 -13.63
CA ILE N 741 -86.79 -36.05 -12.92
C ILE N 741 -86.97 -35.33 -11.59
N GLU N 742 -87.93 -34.40 -11.52
CA GLU N 742 -88.10 -33.57 -10.33
C GLU N 742 -88.32 -34.40 -9.06
N LEU N 743 -88.86 -35.60 -9.19
CA LEU N 743 -89.06 -36.48 -8.05
C LEU N 743 -87.94 -37.51 -7.98
N ASP N 744 -87.34 -37.63 -6.81
CA ASP N 744 -86.25 -38.58 -6.54
C ASP N 744 -85.06 -38.34 -7.46
N VAL N 745 -84.54 -37.11 -7.38
CA VAL N 745 -83.33 -36.76 -8.15
C VAL N 745 -82.15 -37.59 -7.68
N ARG N 746 -82.13 -37.97 -6.39
CA ARG N 746 -81.00 -38.71 -5.85
C ARG N 746 -80.81 -40.03 -6.58
N ALA N 747 -81.91 -40.71 -6.93
CA ALA N 747 -81.78 -41.94 -7.70
C ALA N 747 -81.12 -41.69 -9.04
N TYR N 748 -81.38 -40.53 -9.65
CA TYR N 748 -80.78 -40.19 -10.93
C TYR N 748 -79.37 -39.63 -10.80
N VAL N 749 -78.94 -39.29 -9.59
CA VAL N 749 -77.63 -38.69 -9.34
C VAL N 749 -76.51 -39.59 -9.85
N PRO N 750 -76.32 -40.81 -9.35
CA PRO N 750 -75.15 -41.59 -9.76
C PRO N 750 -75.16 -41.93 -11.24
N ALA N 751 -76.35 -42.19 -11.79
CA ALA N 751 -76.44 -42.43 -13.22
C ALA N 751 -76.01 -41.21 -14.02
N LEU N 752 -76.40 -40.02 -13.57
CA LEU N 752 -75.98 -38.80 -14.25
C LEU N 752 -74.47 -38.65 -14.22
N GLN N 753 -73.85 -38.85 -13.05
CA GLN N 753 -72.40 -38.69 -12.98
C GLN N 753 -71.67 -39.73 -13.81
N MET N 754 -72.12 -41.00 -13.77
CA MET N 754 -71.44 -42.01 -14.57
C MET N 754 -71.60 -41.75 -16.05
N ALA N 755 -72.79 -41.31 -16.48
CA ALA N 755 -72.97 -40.93 -17.87
C ALA N 755 -72.06 -39.77 -18.26
N PHE N 756 -71.86 -38.82 -17.34
CA PHE N 756 -70.90 -37.75 -17.59
C PHE N 756 -69.50 -38.31 -17.79
N LYS N 757 -69.05 -39.18 -16.87
CA LYS N 757 -67.72 -39.75 -17.01
C LYS N 757 -67.67 -40.81 -18.10
N LEU N 758 -68.77 -41.53 -18.33
CA LEU N 758 -68.83 -42.42 -19.47
C LEU N 758 -68.88 -41.65 -20.78
N GLY N 759 -69.56 -40.51 -20.78
CA GLY N 759 -69.65 -39.68 -21.97
C GLY N 759 -68.33 -39.10 -22.41
N LEU N 760 -67.29 -39.17 -21.57
CA LEU N 760 -65.96 -38.76 -22.00
C LEU N 760 -65.47 -39.65 -23.15
N SER N 761 -65.70 -40.96 -23.05
CA SER N 761 -65.35 -41.85 -24.15
C SER N 761 -66.33 -41.72 -25.31
N TYR N 762 -67.62 -41.63 -25.01
CA TYR N 762 -68.67 -41.48 -26.03
C TYR N 762 -69.25 -40.07 -25.91
N THR N 763 -68.75 -39.17 -26.75
CA THR N 763 -69.11 -37.76 -26.64
C THR N 763 -70.61 -37.47 -26.67
N PRO N 764 -71.45 -38.13 -27.47
CA PRO N 764 -72.89 -37.83 -27.39
C PRO N 764 -73.47 -38.07 -26.02
N LEU N 765 -72.99 -39.09 -25.30
CA LEU N 765 -73.49 -39.34 -23.96
C LEU N 765 -73.15 -38.17 -23.02
N ALA N 766 -71.92 -37.66 -23.10
CA ALA N 766 -71.57 -36.50 -22.29
C ALA N 766 -72.40 -35.29 -22.69
N GLU N 767 -72.65 -35.12 -23.99
CA GLU N 767 -73.47 -34.01 -24.46
C GLU N 767 -74.85 -34.07 -23.85
N VAL N 768 -75.51 -35.23 -23.95
CA VAL N 768 -76.86 -35.37 -23.44
C VAL N 768 -76.87 -35.27 -21.92
N GLY N 769 -75.83 -35.78 -21.26
CA GLY N 769 -75.75 -35.63 -19.82
C GLY N 769 -75.64 -34.18 -19.39
N LEU N 770 -74.84 -33.38 -20.11
CA LEU N 770 -74.75 -31.97 -19.82
C LEU N 770 -76.08 -31.26 -20.06
N ASN N 771 -76.76 -31.61 -21.16
CA ASN N 771 -78.06 -31.00 -21.44
C ASN N 771 -79.06 -31.33 -20.34
N ALA N 772 -79.08 -32.57 -19.89
CA ALA N 772 -79.98 -32.96 -18.81
C ALA N 772 -79.61 -32.29 -17.51
N LEU N 773 -78.31 -32.13 -17.25
CA LEU N 773 -77.88 -31.45 -16.03
C LEU N 773 -78.38 -30.01 -16.03
N GLU N 774 -78.28 -29.33 -17.18
CA GLU N 774 -78.83 -27.99 -17.30
C GLU N 774 -80.35 -28.00 -17.10
N GLU N 775 -81.02 -28.96 -17.75
CA GLU N 775 -82.46 -29.08 -17.63
C GLU N 775 -82.90 -29.21 -16.17
N TRP N 776 -82.18 -30.03 -15.41
CA TRP N 776 -82.60 -30.34 -14.05
C TRP N 776 -82.13 -29.29 -13.07
N SER N 777 -81.06 -28.57 -13.38
CA SER N 777 -80.66 -27.45 -12.55
C SER N 777 -81.61 -26.28 -12.72
N ILE N 778 -82.13 -26.07 -13.93
CA ILE N 778 -83.04 -24.95 -14.17
C ILE N 778 -84.45 -25.30 -13.72
N TYR N 779 -84.97 -26.43 -14.20
CA TYR N 779 -86.35 -26.83 -13.90
C TYR N 779 -86.54 -27.13 -12.42
N ILE N 780 -85.84 -28.14 -11.92
CA ILE N 780 -86.09 -28.58 -10.55
C ILE N 780 -85.64 -27.52 -9.57
N ASP N 781 -86.32 -27.46 -8.43
CA ASP N 781 -86.08 -26.41 -7.44
C ASP N 781 -84.63 -26.43 -6.97
N ARG N 782 -84.10 -25.24 -6.71
CA ARG N 782 -82.73 -25.12 -6.24
C ARG N 782 -82.66 -25.35 -4.75
N HIS N 783 -83.27 -26.44 -4.29
CA HIS N 783 -83.13 -26.92 -2.92
C HIS N 783 -82.87 -28.41 -2.85
N VAL N 784 -82.76 -29.10 -3.98
CA VAL N 784 -82.47 -30.53 -3.98
C VAL N 784 -80.99 -30.80 -4.27
N MET N 785 -80.35 -29.98 -5.11
CA MET N 785 -78.95 -30.25 -5.43
C MET N 785 -77.98 -29.76 -4.36
N GLN N 786 -78.42 -28.88 -3.46
CA GLN N 786 -77.57 -28.51 -2.33
C GLN N 786 -77.23 -29.70 -1.45
N PRO N 787 -78.18 -30.54 -1.02
CA PRO N 787 -77.78 -31.82 -0.43
C PRO N 787 -77.10 -32.75 -1.42
N TYR N 788 -77.28 -32.53 -2.72
CA TYR N 788 -76.57 -33.29 -3.74
C TYR N 788 -75.28 -32.64 -4.18
N TYR N 789 -74.85 -31.57 -3.51
CA TYR N 789 -73.59 -30.92 -3.86
C TYR N 789 -72.44 -31.91 -3.89
N LYS N 790 -72.35 -32.81 -2.93
CA LYS N 790 -71.18 -33.68 -2.88
C LYS N 790 -71.35 -34.97 -3.68
N ASP N 791 -72.56 -35.54 -3.69
CA ASP N 791 -72.75 -36.76 -4.49
C ASP N 791 -72.81 -36.47 -5.99
N ILE N 792 -72.99 -35.20 -6.38
CA ILE N 792 -72.96 -34.80 -7.78
C ILE N 792 -71.65 -34.08 -8.10
N LEU N 793 -71.44 -32.92 -7.47
CA LEU N 793 -70.46 -31.95 -7.95
C LEU N 793 -69.03 -32.46 -7.94
N PRO N 794 -68.49 -33.03 -6.83
CA PRO N 794 -67.21 -33.75 -6.96
C PRO N 794 -67.29 -34.95 -7.89
N CYS N 795 -68.42 -35.65 -7.91
CA CYS N 795 -68.55 -36.81 -8.78
C CYS N 795 -68.71 -36.38 -10.24
N LEU N 796 -69.48 -35.31 -10.47
CA LEU N 796 -69.60 -34.74 -11.81
C LEU N 796 -68.32 -34.04 -12.24
N ASP N 797 -67.40 -33.79 -11.30
CA ASP N 797 -66.09 -33.25 -11.66
C ASP N 797 -65.32 -34.19 -12.56
N GLY N 798 -65.71 -35.47 -12.62
CA GLY N 798 -65.10 -36.39 -13.56
C GLY N 798 -65.26 -35.96 -15.00
N TYR N 799 -66.36 -35.27 -15.31
CA TYR N 799 -66.54 -34.65 -16.61
C TYR N 799 -66.53 -33.13 -16.55
N LEU N 800 -66.37 -32.55 -15.36
CA LEU N 800 -66.35 -31.11 -15.19
C LEU N 800 -64.96 -30.58 -14.82
N LYS N 801 -64.35 -31.12 -13.76
CA LYS N 801 -63.03 -30.69 -13.32
C LYS N 801 -61.90 -31.47 -13.95
N THR N 802 -62.03 -32.80 -14.08
CA THR N 802 -60.94 -33.61 -14.62
C THR N 802 -60.68 -33.29 -16.09
N SER N 803 -61.73 -33.06 -16.86
CA SER N 803 -61.57 -32.76 -18.28
C SER N 803 -60.87 -31.41 -18.45
N ALA N 804 -59.84 -31.39 -19.30
CA ALA N 804 -59.07 -30.17 -19.53
C ALA N 804 -58.76 -29.99 -21.01
N ALA N 845 -72.71 -35.78 -30.02
CA ALA N 845 -71.27 -35.67 -29.88
C ALA N 845 -70.87 -34.26 -29.45
N ILE N 846 -70.06 -34.17 -28.40
CA ILE N 846 -69.59 -32.90 -27.87
C ILE N 846 -68.07 -32.97 -27.79
N SER N 847 -67.40 -32.12 -28.58
CA SER N 847 -65.94 -32.14 -28.63
C SER N 847 -65.35 -31.58 -27.35
N LEU N 848 -64.12 -32.00 -27.05
CA LEU N 848 -63.49 -31.64 -25.78
C LEU N 848 -63.35 -30.13 -25.62
N GLU N 849 -62.93 -29.44 -26.68
CA GLU N 849 -62.87 -27.99 -26.61
C GLU N 849 -64.25 -27.39 -26.40
N GLU N 850 -65.24 -27.87 -27.16
CA GLU N 850 -66.60 -27.40 -26.91
C GLU N 850 -67.20 -28.02 -25.66
N ILE N 851 -66.68 -29.16 -25.20
CA ILE N 851 -67.03 -29.64 -23.85
C ILE N 851 -66.70 -28.57 -22.83
N ARG N 852 -65.47 -28.06 -22.89
CA ARG N 852 -65.05 -27.00 -21.98
C ARG N 852 -65.89 -25.74 -22.20
N ILE N 853 -66.15 -25.40 -23.47
CA ILE N 853 -66.88 -24.18 -23.78
C ILE N 853 -68.28 -24.22 -23.18
N ARG N 854 -69.00 -25.32 -23.41
CA ARG N 854 -70.37 -25.41 -22.93
C ARG N 854 -70.46 -25.64 -21.43
N VAL N 855 -69.50 -26.36 -20.84
CA VAL N 855 -69.44 -26.46 -19.39
C VAL N 855 -69.20 -25.09 -18.78
N VAL N 856 -68.29 -24.32 -19.37
CA VAL N 856 -68.06 -22.94 -18.95
C VAL N 856 -69.34 -22.12 -19.05
N GLN N 857 -70.06 -22.27 -20.16
CA GLN N 857 -71.30 -21.52 -20.34
C GLN N 857 -72.31 -21.85 -19.25
N MET N 858 -72.51 -23.14 -18.97
CA MET N 858 -73.37 -23.53 -17.86
C MET N 858 -72.91 -22.92 -16.56
N LEU N 859 -71.61 -23.02 -16.27
CA LEU N 859 -71.10 -22.59 -14.98
C LEU N 859 -71.31 -21.09 -14.79
N GLY N 860 -70.96 -20.30 -15.79
CA GLY N 860 -71.12 -18.85 -15.69
C GLY N 860 -72.55 -18.38 -15.80
N SER N 861 -73.43 -19.19 -16.39
CA SER N 861 -74.85 -18.87 -16.36
C SER N 861 -75.36 -18.84 -14.93
N LEU N 862 -74.92 -19.79 -14.11
CA LEU N 862 -75.23 -19.78 -12.69
C LEU N 862 -74.33 -18.78 -11.98
N GLY N 863 -74.61 -18.58 -10.70
CA GLY N 863 -73.82 -17.65 -9.91
C GLY N 863 -72.41 -18.15 -9.67
N GLY N 864 -71.53 -17.20 -9.35
CA GLY N 864 -70.13 -17.53 -9.14
C GLY N 864 -69.94 -18.55 -8.03
N GLN N 865 -70.73 -18.43 -6.96
CA GLN N 865 -70.67 -19.43 -5.90
C GLN N 865 -71.03 -20.80 -6.41
N ILE N 866 -72.18 -20.92 -7.07
CA ILE N 866 -72.58 -22.20 -7.65
C ILE N 866 -71.58 -22.64 -8.71
N ASN N 867 -71.07 -21.67 -9.48
CA ASN N 867 -70.09 -21.95 -10.52
C ASN N 867 -68.88 -22.66 -9.95
N LYS N 868 -68.29 -22.10 -8.90
CA LYS N 868 -67.09 -22.70 -8.33
C LYS N 868 -67.41 -23.94 -7.51
N ASN N 869 -68.63 -24.02 -6.95
CA ASN N 869 -69.03 -25.22 -6.22
C ASN N 869 -69.13 -26.42 -7.14
N LEU N 870 -69.63 -26.21 -8.37
CA LEU N 870 -69.66 -27.31 -9.34
C LEU N 870 -68.26 -27.81 -9.65
N LEU N 871 -67.23 -27.04 -9.34
CA LEU N 871 -65.84 -27.43 -9.54
C LEU N 871 -65.14 -27.62 -8.20
N THR N 872 -65.83 -28.22 -7.24
CA THR N 872 -65.27 -28.49 -5.92
C THR N 872 -65.00 -29.98 -5.79
N VAL N 873 -63.74 -30.37 -5.98
CA VAL N 873 -63.26 -31.70 -5.61
C VAL N 873 -62.05 -31.51 -4.71
N THR N 874 -62.12 -32.12 -3.52
CA THR N 874 -61.09 -31.89 -2.51
C THR N 874 -60.61 -33.16 -1.84
N SER N 875 -61.33 -34.28 -1.96
CA SER N 875 -60.89 -35.54 -1.37
C SER N 875 -59.54 -35.98 -1.89
N SER N 876 -59.14 -35.48 -3.06
CA SER N 876 -57.84 -35.79 -3.64
C SER N 876 -56.79 -34.72 -3.34
N ASP N 877 -56.84 -34.10 -2.16
CA ASP N 877 -55.85 -33.09 -1.83
C ASP N 877 -54.44 -33.66 -1.89
N GLU N 878 -54.23 -34.82 -1.27
CA GLU N 878 -52.97 -35.53 -1.41
C GLU N 878 -52.73 -36.00 -2.83
N MET N 879 -53.79 -36.17 -3.62
CA MET N 879 -53.65 -36.51 -5.02
C MET N 879 -53.66 -35.30 -5.95
N MET N 880 -54.14 -34.15 -5.48
CA MET N 880 -53.86 -32.90 -6.18
C MET N 880 -52.44 -32.43 -5.94
N LYS N 881 -51.81 -32.88 -4.85
CA LYS N 881 -50.36 -32.73 -4.74
C LYS N 881 -49.67 -33.80 -5.58
N SER N 882 -49.83 -35.07 -5.20
CA SER N 882 -49.44 -36.22 -6.01
C SER N 882 -47.96 -36.24 -6.37
N TYR N 883 -47.19 -35.27 -5.88
CA TYR N 883 -45.79 -35.15 -6.23
C TYR N 883 -44.88 -35.96 -5.31
N VAL N 884 -45.42 -36.63 -4.30
CA VAL N 884 -44.58 -37.41 -3.41
C VAL N 884 -43.85 -38.48 -4.20
N ALA N 885 -42.53 -38.52 -4.05
CA ALA N 885 -41.74 -39.48 -4.79
C ALA N 885 -42.13 -40.90 -4.40
N TRP N 886 -42.16 -41.80 -5.39
CA TRP N 886 -42.47 -43.18 -5.09
C TRP N 886 -41.48 -43.77 -4.11
N ASP N 887 -40.19 -43.58 -4.37
CA ASP N 887 -39.15 -44.01 -3.44
C ASP N 887 -37.95 -43.10 -3.65
N ARG N 888 -37.17 -42.92 -2.59
CA ARG N 888 -36.04 -42.00 -2.64
C ARG N 888 -34.93 -42.49 -3.55
N GLU N 889 -34.96 -43.76 -3.95
CA GLU N 889 -34.02 -44.30 -4.91
C GLU N 889 -34.73 -44.56 -6.23
N LYS N 890 -34.00 -44.41 -7.32
CA LYS N 890 -34.52 -44.64 -8.67
C LYS N 890 -33.73 -45.75 -9.33
N ARG N 891 -34.39 -46.48 -10.23
CA ARG N 891 -33.81 -47.67 -10.83
C ARG N 891 -33.85 -47.68 -12.35
N LEU N 892 -34.49 -46.71 -12.99
CA LEU N 892 -34.67 -46.74 -14.43
C LEU N 892 -33.54 -46.02 -15.17
N SER N 893 -32.30 -46.37 -14.84
CA SER N 893 -31.15 -45.80 -15.53
C SER N 893 -31.12 -46.25 -16.98
N PHE N 894 -30.53 -45.42 -17.84
CA PHE N 894 -30.32 -45.82 -19.23
C PHE N 894 -29.22 -44.97 -19.84
N ALA N 895 -28.09 -45.59 -20.14
CA ALA N 895 -27.00 -44.93 -20.84
C ALA N 895 -27.32 -44.88 -22.33
N VAL N 896 -27.47 -43.68 -22.88
CA VAL N 896 -27.79 -43.55 -24.31
C VAL N 896 -26.55 -43.93 -25.11
N PRO N 897 -26.64 -44.92 -26.00
CA PRO N 897 -25.45 -45.35 -26.74
C PRO N 897 -24.98 -44.28 -27.71
N PHE N 898 -23.66 -44.15 -27.83
CA PHE N 898 -23.03 -43.28 -28.81
C PHE N 898 -21.65 -43.82 -29.14
N ARG N 899 -20.91 -43.06 -29.94
CA ARG N 899 -19.56 -43.48 -30.31
C ARG N 899 -18.59 -43.29 -29.15
N GLU N 900 -18.81 -42.27 -28.32
CA GLU N 900 -17.88 -41.97 -27.24
C GLU N 900 -18.50 -41.65 -25.90
N MET N 901 -19.81 -41.36 -25.83
CA MET N 901 -20.45 -41.12 -24.54
C MET N 901 -21.69 -41.99 -24.39
N LYS N 902 -22.05 -42.26 -23.14
CA LYS N 902 -23.22 -43.06 -22.81
C LYS N 902 -24.03 -42.35 -21.73
N PRO N 903 -24.73 -41.29 -22.07
CA PRO N 903 -25.48 -40.53 -21.06
C PRO N 903 -26.56 -41.38 -20.42
N VAL N 904 -26.46 -41.55 -19.10
CA VAL N 904 -27.39 -42.37 -18.34
C VAL N 904 -28.58 -41.52 -17.91
N ILE N 905 -29.78 -42.01 -18.20
CA ILE N 905 -31.00 -41.27 -17.91
C ILE N 905 -31.91 -42.13 -17.06
N PHE N 906 -32.45 -41.55 -16.00
CA PHE N 906 -33.45 -42.22 -15.17
C PHE N 906 -34.84 -41.97 -15.72
N LEU N 907 -35.67 -43.01 -15.68
CA LEU N 907 -36.99 -42.96 -16.26
C LEU N 907 -38.10 -43.12 -15.23
N ASP N 908 -37.74 -43.27 -13.95
CA ASP N 908 -38.73 -43.56 -12.92
C ASP N 908 -39.76 -42.44 -12.78
N VAL N 909 -39.35 -41.20 -13.02
CA VAL N 909 -40.24 -40.07 -12.81
C VAL N 909 -41.36 -40.06 -13.85
N PHE N 910 -41.05 -40.44 -15.08
CA PHE N 910 -42.00 -40.27 -16.17
C PHE N 910 -43.16 -41.25 -16.09
N LEU N 911 -42.97 -42.35 -15.36
CA LEU N 911 -43.91 -43.46 -15.39
C LEU N 911 -45.35 -43.07 -15.09
N PRO N 912 -45.66 -42.27 -14.06
CA PRO N 912 -47.06 -41.89 -13.84
C PRO N 912 -47.67 -41.23 -15.06
N ARG N 913 -47.03 -40.17 -15.56
CA ARG N 913 -47.62 -39.41 -16.65
C ARG N 913 -47.71 -40.25 -17.92
N VAL N 914 -46.68 -41.05 -18.20
CA VAL N 914 -46.72 -41.86 -19.41
C VAL N 914 -47.82 -42.91 -19.30
N THR N 915 -48.05 -43.43 -18.10
CA THR N 915 -49.18 -44.34 -17.89
C THR N 915 -50.50 -43.62 -18.12
N GLU N 916 -50.59 -42.36 -17.68
CA GLU N 916 -51.81 -41.60 -17.93
C GLU N 916 -52.06 -41.46 -19.42
N LEU N 917 -51.00 -41.16 -20.18
CA LEU N 917 -51.19 -40.89 -21.60
C LEU N 917 -51.51 -42.19 -22.34
N ALA N 918 -50.84 -43.29 -21.98
CA ALA N 918 -51.24 -44.59 -22.52
C ALA N 918 -52.69 -44.89 -22.17
N LEU N 919 -53.11 -44.48 -20.99
CA LEU N 919 -54.52 -44.62 -20.61
C LEU N 919 -55.38 -43.59 -21.32
N THR N 920 -54.90 -42.36 -21.45
CA THR N 920 -55.68 -41.24 -21.96
C THR N 920 -54.91 -40.55 -23.07
N ALA N 921 -55.30 -40.80 -24.32
CA ALA N 921 -54.71 -40.08 -25.45
C ALA N 921 -55.69 -40.18 -26.62
N SER N 922 -56.29 -39.05 -26.99
CA SER N 922 -57.31 -39.04 -28.02
C SER N 922 -56.75 -39.54 -29.36
N ASP N 923 -55.58 -39.04 -29.74
CA ASP N 923 -54.95 -39.51 -30.96
C ASP N 923 -54.55 -40.98 -30.79
N ARG N 924 -55.06 -41.82 -31.67
CA ARG N 924 -54.72 -43.24 -31.60
C ARG N 924 -53.23 -43.46 -31.77
N GLN N 925 -52.56 -42.61 -32.55
CA GLN N 925 -51.10 -42.66 -32.62
C GLN N 925 -50.49 -42.46 -31.24
N THR N 926 -50.95 -41.43 -30.52
CA THR N 926 -50.39 -41.11 -29.21
C THR N 926 -50.60 -42.26 -28.24
N LYS N 927 -51.84 -42.72 -28.10
CA LYS N 927 -52.14 -43.76 -27.13
C LYS N 927 -51.45 -45.06 -27.48
N VAL N 928 -51.43 -45.42 -28.78
CA VAL N 928 -50.78 -46.65 -29.19
C VAL N 928 -49.27 -46.59 -28.93
N ALA N 929 -48.64 -45.46 -29.24
CA ALA N 929 -47.21 -45.32 -28.99
C ALA N 929 -46.91 -45.41 -27.50
N ALA N 930 -47.74 -44.77 -26.67
CA ALA N 930 -47.51 -44.85 -25.23
C ALA N 930 -47.71 -46.25 -24.71
N CYS N 931 -48.68 -46.98 -25.24
CA CYS N 931 -48.89 -48.37 -24.82
C CYS N 931 -47.72 -49.25 -25.25
N GLU N 932 -47.20 -49.05 -26.48
CA GLU N 932 -46.01 -49.76 -26.91
C GLU N 932 -44.84 -49.46 -25.98
N LEU N 933 -44.68 -48.20 -25.62
CA LEU N 933 -43.59 -47.81 -24.73
C LEU N 933 -43.76 -48.44 -23.36
N LEU N 934 -44.99 -48.49 -22.87
CA LEU N 934 -45.26 -49.18 -21.61
C LEU N 934 -44.85 -50.64 -21.70
N HIS N 935 -45.20 -51.30 -22.80
CA HIS N 935 -44.82 -52.69 -22.97
C HIS N 935 -43.30 -52.85 -23.00
N SER N 936 -42.62 -51.97 -23.73
CA SER N 936 -41.18 -52.07 -23.83
C SER N 936 -40.50 -51.83 -22.49
N MET N 937 -40.95 -50.81 -21.75
CA MET N 937 -40.35 -50.53 -20.46
C MET N 937 -40.66 -51.61 -19.44
N VAL N 938 -41.84 -52.22 -19.52
CA VAL N 938 -42.10 -53.28 -18.57
C VAL N 938 -41.24 -54.50 -18.89
N MET N 939 -41.02 -54.79 -20.18
CA MET N 939 -40.06 -55.84 -20.51
C MET N 939 -38.68 -55.47 -19.98
N PHE N 940 -38.31 -54.19 -20.10
CA PHE N 940 -37.03 -53.74 -19.59
C PHE N 940 -36.91 -53.96 -18.09
N MET N 941 -37.97 -53.65 -17.34
CA MET N 941 -37.87 -53.74 -15.89
C MET N 941 -37.97 -55.19 -15.42
N LEU N 942 -38.59 -56.06 -16.21
CA LEU N 942 -38.40 -57.49 -16.00
C LEU N 942 -36.93 -57.86 -16.18
N GLY N 943 -36.28 -57.30 -17.20
CA GLY N 943 -34.85 -57.46 -17.30
C GLY N 943 -34.11 -56.94 -16.09
N LYS N 944 -34.61 -55.83 -15.52
CA LYS N 944 -34.02 -55.23 -14.33
C LYS N 944 -34.22 -56.10 -13.10
N ALA N 945 -35.21 -56.99 -13.11
CA ALA N 945 -35.48 -57.84 -11.95
C ALA N 945 -34.29 -58.71 -11.56
N THR N 946 -33.23 -58.71 -12.37
CA THR N 946 -32.01 -59.43 -12.05
C THR N 946 -31.38 -58.94 -10.75
N PRO N 957 -37.81 -57.28 -5.47
CA PRO N 957 -38.33 -56.61 -4.28
C PRO N 957 -38.78 -55.18 -4.54
N MET N 958 -39.03 -54.86 -5.80
CA MET N 958 -39.49 -53.52 -6.18
C MET N 958 -41.00 -53.43 -6.18
N TYR N 959 -41.60 -53.87 -5.06
CA TYR N 959 -43.04 -54.06 -4.97
C TYR N 959 -43.81 -52.82 -5.42
N GLN N 960 -43.31 -51.63 -5.07
CA GLN N 960 -44.05 -50.41 -5.31
C GLN N 960 -44.24 -50.16 -6.80
N LEU N 961 -43.20 -50.40 -7.61
CA LEU N 961 -43.33 -50.25 -9.04
C LEU N 961 -44.42 -51.18 -9.58
N TYR N 962 -44.45 -52.41 -9.07
CA TYR N 962 -45.45 -53.37 -9.49
C TYR N 962 -46.85 -52.89 -9.14
N LYS N 963 -47.02 -52.39 -7.92
CA LYS N 963 -48.35 -51.94 -7.53
C LYS N 963 -48.76 -50.69 -8.27
N ARG N 964 -47.78 -49.87 -8.70
CA ARG N 964 -48.11 -48.77 -9.58
C ARG N 964 -48.60 -49.27 -10.94
N THR N 965 -47.93 -50.28 -11.49
CA THR N 965 -48.28 -50.72 -12.84
C THR N 965 -49.56 -51.54 -12.89
N PHE N 966 -49.93 -52.20 -11.81
CA PHE N 966 -51.10 -53.09 -11.85
C PHE N 966 -52.37 -52.37 -12.27
N PRO N 967 -52.80 -51.27 -11.63
CA PRO N 967 -54.07 -50.66 -12.03
C PRO N 967 -54.07 -50.17 -13.46
N VAL N 968 -52.91 -49.72 -13.95
CA VAL N 968 -52.84 -49.30 -15.34
C VAL N 968 -53.15 -50.47 -16.26
N LEU N 969 -52.57 -51.63 -15.97
CA LEU N 969 -52.89 -52.83 -16.72
C LEU N 969 -54.37 -53.15 -16.64
N LEU N 970 -54.93 -53.06 -15.43
CA LEU N 970 -56.35 -53.35 -15.23
C LEU N 970 -57.21 -52.48 -16.13
N ARG N 971 -57.00 -51.16 -16.07
CA ARG N 971 -57.85 -50.26 -16.83
C ARG N 971 -57.63 -50.42 -18.33
N LEU N 972 -56.38 -50.57 -18.76
CA LEU N 972 -56.11 -50.57 -20.20
C LEU N 972 -56.51 -51.89 -20.86
N ALA N 973 -56.40 -53.01 -20.14
CA ALA N 973 -56.70 -54.30 -20.76
C ALA N 973 -58.12 -54.37 -21.26
N CYS N 974 -59.07 -53.83 -20.49
CA CYS N 974 -60.48 -53.91 -20.83
C CYS N 974 -60.92 -52.80 -21.78
N ASP N 975 -60.00 -52.24 -22.56
CA ASP N 975 -60.38 -51.22 -23.53
C ASP N 975 -61.30 -51.83 -24.58
N VAL N 976 -62.50 -51.27 -24.73
CA VAL N 976 -63.42 -51.74 -25.75
C VAL N 976 -62.85 -51.48 -27.14
N ASP N 977 -62.11 -50.38 -27.30
CA ASP N 977 -61.46 -50.13 -28.58
C ASP N 977 -60.48 -51.24 -28.91
N GLN N 978 -60.40 -51.58 -30.19
CA GLN N 978 -59.68 -52.77 -30.60
C GLN N 978 -58.19 -52.68 -30.28
N VAL N 979 -57.63 -51.47 -30.25
CA VAL N 979 -56.18 -51.33 -30.24
C VAL N 979 -55.58 -51.80 -28.92
N THR N 980 -56.12 -51.33 -27.80
CA THR N 980 -55.47 -51.60 -26.53
C THR N 980 -55.76 -53.02 -26.04
N ARG N 981 -56.98 -53.52 -26.25
CA ARG N 981 -57.23 -54.93 -25.99
C ARG N 981 -56.40 -55.81 -26.91
N GLN N 982 -56.19 -55.37 -28.15
CA GLN N 982 -55.32 -56.09 -29.06
C GLN N 982 -53.91 -56.17 -28.51
N LEU N 983 -53.40 -55.06 -27.97
CA LEU N 983 -52.11 -55.09 -27.30
C LEU N 983 -52.13 -56.06 -26.12
N TYR N 984 -53.17 -55.97 -25.29
CA TYR N 984 -53.15 -56.69 -24.03
C TYR N 984 -53.30 -58.19 -24.19
N GLU N 985 -53.95 -58.66 -25.26
CA GLU N 985 -54.11 -60.10 -25.41
C GLU N 985 -52.73 -60.77 -25.32
N PRO N 986 -51.80 -60.52 -26.26
CA PRO N 986 -50.46 -61.06 -26.05
C PRO N 986 -49.80 -60.53 -24.80
N LEU N 987 -50.07 -59.27 -24.44
CA LEU N 987 -49.48 -58.71 -23.23
C LEU N 987 -49.94 -59.48 -22.01
N VAL N 988 -51.25 -59.69 -21.87
CA VAL N 988 -51.76 -60.36 -20.67
C VAL N 988 -51.28 -61.80 -20.62
N MET N 989 -51.41 -62.54 -21.74
CA MET N 989 -50.95 -63.92 -21.73
C MET N 989 -49.46 -64.02 -21.45
N GLN N 990 -48.68 -63.12 -22.02
CA GLN N 990 -47.23 -63.21 -21.92
C GLN N 990 -46.77 -62.83 -20.51
N LEU N 991 -47.45 -61.87 -19.88
CA LEU N 991 -47.14 -61.56 -18.49
C LEU N 991 -47.58 -62.68 -17.56
N ILE N 992 -48.68 -63.35 -17.89
CA ILE N 992 -49.07 -64.53 -17.12
C ILE N 992 -47.99 -65.59 -17.18
N HIS N 993 -47.42 -65.78 -18.36
CA HIS N 993 -46.38 -66.80 -18.51
C HIS N 993 -45.08 -66.39 -17.82
N TRP N 994 -44.75 -65.09 -17.84
CA TRP N 994 -43.66 -64.61 -17.00
C TRP N 994 -43.95 -64.88 -15.54
N PHE N 995 -45.22 -64.76 -15.14
CA PHE N 995 -45.60 -65.02 -13.76
C PHE N 995 -45.42 -66.48 -13.41
N THR N 996 -45.79 -67.37 -14.33
CA THR N 996 -45.83 -68.81 -14.09
C THR N 996 -44.47 -69.42 -13.79
N ASN N 997 -43.40 -68.63 -13.81
CA ASN N 997 -42.10 -69.16 -13.46
C ASN N 997 -42.00 -69.41 -11.96
N ASN N 998 -41.32 -70.49 -11.59
CA ASN N 998 -41.09 -70.75 -10.17
C ASN N 998 -40.30 -69.62 -9.52
N LYS N 999 -39.25 -69.15 -10.21
CA LYS N 999 -38.51 -68.00 -9.74
C LYS N 999 -39.32 -66.71 -9.80
N LYS N 1000 -40.46 -66.74 -10.48
CA LYS N 1000 -41.40 -65.62 -10.51
C LYS N 1000 -42.65 -65.95 -9.70
N PHE N 1001 -42.47 -66.64 -8.57
CA PHE N 1001 -43.56 -67.02 -7.69
C PHE N 1001 -43.41 -66.41 -6.30
N GLU N 1002 -42.75 -65.25 -6.21
CA GLU N 1002 -42.34 -64.70 -4.92
C GLU N 1002 -42.79 -63.25 -4.78
N SER N 1003 -43.87 -63.05 -4.03
CA SER N 1003 -44.27 -61.78 -3.42
C SER N 1003 -44.70 -60.71 -4.41
N GLN N 1004 -44.65 -60.96 -5.72
CA GLN N 1004 -45.13 -59.99 -6.69
C GLN N 1004 -46.26 -60.53 -7.53
N ASP N 1005 -46.06 -61.68 -8.18
CA ASP N 1005 -47.08 -62.22 -9.08
C ASP N 1005 -48.33 -62.61 -8.33
N THR N 1006 -48.18 -63.23 -7.15
CA THR N 1006 -49.35 -63.53 -6.33
C THR N 1006 -50.05 -62.25 -5.89
N VAL N 1007 -49.26 -61.27 -5.45
CA VAL N 1007 -49.82 -59.96 -5.11
C VAL N 1007 -50.49 -59.36 -6.33
N ALA N 1008 -49.83 -59.45 -7.48
CA ALA N 1008 -50.40 -58.92 -8.72
C ALA N 1008 -51.77 -59.50 -8.98
N LEU N 1009 -51.89 -60.82 -8.95
CA LEU N 1009 -53.17 -61.45 -9.26
C LEU N 1009 -54.22 -61.12 -8.22
N LEU N 1010 -53.89 -61.30 -6.93
CA LEU N 1010 -54.89 -61.05 -5.90
C LEU N 1010 -55.40 -59.62 -5.95
N GLU N 1011 -54.52 -58.68 -6.26
CA GLU N 1011 -54.98 -57.32 -6.51
C GLU N 1011 -55.87 -57.26 -7.74
N ALA N 1012 -55.38 -57.78 -8.86
CA ALA N 1012 -55.97 -57.44 -10.15
C ALA N 1012 -57.34 -58.09 -10.33
N ILE N 1013 -57.42 -59.39 -10.14
CA ILE N 1013 -58.69 -60.08 -10.38
C ILE N 1013 -59.74 -59.61 -9.39
N LEU N 1014 -59.33 -59.34 -8.15
CA LEU N 1014 -60.27 -58.84 -7.15
C LEU N 1014 -60.80 -57.47 -7.52
N ASP N 1015 -59.89 -56.57 -7.92
CA ASP N 1015 -60.30 -55.18 -8.16
C ASP N 1015 -61.08 -55.04 -9.46
N GLY N 1016 -60.76 -55.85 -10.48
CA GLY N 1016 -61.49 -55.77 -11.72
C GLY N 1016 -62.95 -56.13 -11.58
N ILE N 1017 -63.30 -56.82 -10.49
CA ILE N 1017 -64.67 -57.19 -10.21
C ILE N 1017 -65.30 -56.26 -9.19
N VAL N 1018 -64.56 -55.91 -8.13
CA VAL N 1018 -65.12 -55.07 -7.07
C VAL N 1018 -65.40 -53.65 -7.56
N ASP N 1019 -64.94 -53.30 -8.76
CA ASP N 1019 -65.22 -51.98 -9.30
C ASP N 1019 -66.72 -51.78 -9.45
N PRO N 1020 -67.25 -50.62 -9.08
CA PRO N 1020 -68.67 -50.35 -9.35
C PRO N 1020 -69.00 -50.34 -10.82
N VAL N 1021 -68.01 -50.16 -11.68
CA VAL N 1021 -68.21 -50.10 -13.12
C VAL N 1021 -67.40 -51.20 -13.80
N ASP N 1022 -67.60 -51.35 -15.11
CA ASP N 1022 -66.81 -52.26 -15.95
C ASP N 1022 -66.87 -53.69 -15.44
N SER N 1023 -68.07 -54.26 -15.48
CA SER N 1023 -68.20 -55.70 -15.28
C SER N 1023 -67.45 -56.48 -16.36
N THR N 1024 -67.22 -55.86 -17.52
CA THR N 1024 -66.35 -56.48 -18.51
C THR N 1024 -64.93 -56.61 -18.00
N LEU N 1025 -64.48 -55.66 -17.18
CA LEU N 1025 -63.20 -55.83 -16.50
C LEU N 1025 -63.25 -57.03 -15.57
N ARG N 1026 -64.40 -57.28 -14.93
CA ARG N 1026 -64.56 -58.47 -14.12
C ARG N 1026 -64.42 -59.72 -14.97
N ASP N 1027 -65.01 -59.73 -16.16
CA ASP N 1027 -64.90 -60.88 -17.06
C ASP N 1027 -63.45 -61.08 -17.50
N PHE N 1028 -62.76 -59.99 -17.83
CA PHE N 1028 -61.36 -60.09 -18.20
C PHE N 1028 -60.54 -60.65 -17.05
N CYS N 1029 -60.82 -60.21 -15.83
CA CYS N 1029 -60.13 -60.76 -14.66
C CYS N 1029 -60.49 -62.22 -14.43
N GLY N 1030 -61.68 -62.63 -14.86
CA GLY N 1030 -62.01 -64.05 -14.83
C GLY N 1030 -61.10 -64.84 -15.77
N ARG N 1031 -60.92 -64.34 -16.98
CA ARG N 1031 -59.89 -64.91 -17.86
C ARG N 1031 -58.53 -64.92 -17.17
N CYS N 1032 -58.20 -63.83 -16.48
CA CYS N 1032 -56.90 -63.71 -15.82
C CYS N 1032 -56.71 -64.81 -14.79
N ILE N 1033 -57.68 -64.98 -13.89
CA ILE N 1033 -57.55 -65.99 -12.85
C ILE N 1033 -57.52 -67.38 -13.47
N ARG N 1034 -58.37 -67.63 -14.46
CA ARG N 1034 -58.37 -68.92 -15.13
C ARG N 1034 -56.98 -69.24 -15.68
N GLU N 1035 -56.46 -68.37 -16.53
CA GLU N 1035 -55.18 -68.64 -17.18
C GLU N 1035 -54.05 -68.70 -16.18
N PHE N 1036 -54.04 -67.81 -15.19
CA PHE N 1036 -52.93 -67.77 -14.26
C PHE N 1036 -52.93 -68.97 -13.34
N LEU N 1037 -54.11 -69.37 -12.85
CA LEU N 1037 -54.17 -70.57 -12.04
C LEU N 1037 -53.76 -71.80 -12.84
N LYS N 1038 -54.22 -71.89 -14.09
CA LYS N 1038 -53.80 -72.99 -14.94
C LYS N 1038 -52.29 -73.01 -15.10
N TRP N 1039 -51.69 -71.85 -15.36
CA TRP N 1039 -50.25 -71.78 -15.56
C TRP N 1039 -49.50 -72.10 -14.27
N SER N 1040 -49.98 -71.60 -13.14
CA SER N 1040 -49.30 -71.88 -11.87
C SER N 1040 -49.33 -73.36 -11.56
N ILE N 1041 -50.48 -74.01 -11.72
CA ILE N 1041 -50.58 -75.42 -11.39
C ILE N 1041 -49.80 -76.28 -12.38
N LYS N 1042 -49.84 -75.93 -13.67
CA LYS N 1042 -49.19 -76.76 -14.68
C LYS N 1042 -47.69 -76.48 -14.79
N GLN N 1043 -47.21 -75.38 -14.22
CA GLN N 1043 -45.78 -75.08 -14.25
C GLN N 1043 -45.07 -75.71 -13.05
N ILE N 1044 -45.45 -75.30 -11.85
CA ILE N 1044 -44.88 -75.82 -10.62
C ILE N 1044 -46.02 -76.34 -9.77
N THR N 1045 -46.05 -77.65 -9.53
CA THR N 1045 -47.16 -78.25 -8.82
C THR N 1045 -47.07 -77.94 -7.33
N PRO N 1046 -48.22 -77.86 -6.64
CA PRO N 1046 -48.20 -77.59 -5.20
C PRO N 1046 -47.44 -78.64 -4.41
N GLN N 1047 -47.43 -79.89 -4.86
CA GLN N 1047 -46.77 -80.95 -4.13
C GLN N 1047 -45.26 -80.77 -4.13
N GLN N 1048 -44.68 -80.45 -5.30
CA GLN N 1048 -43.25 -80.24 -5.39
C GLN N 1048 -42.82 -78.89 -4.87
N GLN N 1049 -43.76 -78.00 -4.56
CA GLN N 1049 -43.45 -76.63 -4.16
C GLN N 1049 -44.53 -76.21 -3.16
N GLU N 1050 -44.22 -76.31 -1.87
CA GLU N 1050 -45.23 -76.16 -0.84
C GLU N 1050 -45.69 -74.73 -0.63
N LYS N 1051 -45.03 -73.76 -1.26
CA LYS N 1051 -45.52 -72.36 -1.16
C LYS N 1051 -46.63 -72.16 -2.20
N SER N 1052 -46.83 -73.13 -3.09
CA SER N 1052 -47.96 -73.06 -4.05
C SER N 1052 -49.28 -73.14 -3.28
N PRO N 1053 -49.52 -74.10 -2.35
CA PRO N 1053 -50.74 -74.11 -1.53
C PRO N 1053 -51.19 -72.75 -0.97
N VAL N 1054 -50.32 -71.74 -0.92
CA VAL N 1054 -50.74 -70.37 -0.49
C VAL N 1054 -51.28 -69.63 -1.72
N ASN N 1055 -51.62 -70.36 -2.79
CA ASN N 1055 -52.14 -69.76 -4.05
C ASN N 1055 -52.66 -70.91 -4.93
N THR N 1056 -52.64 -72.14 -4.40
CA THR N 1056 -53.10 -73.33 -5.18
C THR N 1056 -54.03 -74.16 -4.28
N LYS N 1057 -54.00 -73.90 -2.96
CA LYS N 1057 -54.93 -74.62 -2.03
C LYS N 1057 -55.63 -73.56 -1.18
N SER N 1058 -54.97 -72.43 -0.92
CA SER N 1058 -55.62 -71.35 -0.19
C SER N 1058 -56.28 -70.35 -1.12
N LEU N 1059 -56.13 -70.52 -2.43
CA LEU N 1059 -56.98 -69.80 -3.36
C LEU N 1059 -58.44 -70.09 -3.03
N PHE N 1060 -58.73 -71.32 -2.64
CA PHE N 1060 -60.09 -71.68 -2.29
C PHE N 1060 -60.53 -70.98 -1.02
N LYS N 1061 -59.63 -70.83 -0.04
CA LYS N 1061 -60.02 -70.16 1.18
C LYS N 1061 -60.19 -68.66 0.98
N ARG N 1062 -59.39 -68.04 0.10
CA ARG N 1062 -59.64 -66.63 -0.19
C ARG N 1062 -60.89 -66.46 -1.05
N LEU N 1063 -61.20 -67.44 -1.90
CA LEU N 1063 -62.48 -67.43 -2.59
C LEU N 1063 -63.64 -67.51 -1.60
N TYR N 1064 -63.48 -68.35 -0.57
CA TYR N 1064 -64.48 -68.42 0.49
C TYR N 1064 -64.56 -67.10 1.25
N SER N 1065 -63.44 -66.43 1.45
CA SER N 1065 -63.47 -65.11 2.07
C SER N 1065 -64.25 -64.12 1.22
N LEU N 1066 -64.06 -64.18 -0.10
CA LEU N 1066 -64.79 -63.28 -1.00
C LEU N 1066 -66.28 -63.58 -0.98
N ALA N 1067 -66.64 -64.86 -1.17
CA ALA N 1067 -68.04 -65.23 -1.26
C ALA N 1067 -68.75 -65.03 0.07
N LEU N 1068 -68.18 -65.56 1.15
CA LEU N 1068 -68.75 -65.36 2.48
C LEU N 1068 -68.77 -63.90 2.88
N HIS N 1069 -67.95 -63.07 2.25
CA HIS N 1069 -68.18 -61.65 2.38
C HIS N 1069 -69.47 -61.33 1.64
N PRO N 1070 -70.48 -60.78 2.31
CA PRO N 1070 -71.79 -60.61 1.67
C PRO N 1070 -71.79 -59.62 0.53
N ASN N 1071 -70.67 -58.94 0.27
CA ASN N 1071 -70.62 -57.89 -0.73
C ASN N 1071 -71.11 -58.40 -2.07
N ALA N 1072 -71.99 -57.60 -2.70
CA ALA N 1072 -72.41 -57.88 -4.06
C ALA N 1072 -71.18 -57.99 -4.96
N PHE N 1073 -70.24 -57.05 -4.80
CA PHE N 1073 -69.01 -57.11 -5.57
C PHE N 1073 -68.21 -58.36 -5.25
N LYS N 1074 -67.99 -58.64 -3.96
CA LYS N 1074 -67.10 -59.75 -3.60
C LYS N 1074 -67.76 -61.11 -3.82
N ARG N 1075 -69.02 -61.28 -3.40
CA ARG N 1075 -69.71 -62.53 -3.68
C ARG N 1075 -69.89 -62.73 -5.17
N LEU N 1076 -70.22 -61.66 -5.89
CA LEU N 1076 -70.29 -61.72 -7.34
C LEU N 1076 -68.97 -62.15 -7.94
N GLY N 1077 -67.86 -61.59 -7.45
CA GLY N 1077 -66.57 -61.95 -7.98
C GLY N 1077 -66.23 -63.40 -7.72
N ALA N 1078 -66.46 -63.87 -6.50
CA ALA N 1078 -66.21 -65.26 -6.18
C ALA N 1078 -67.01 -66.17 -7.11
N SER N 1079 -68.32 -65.92 -7.22
CA SER N 1079 -69.18 -66.76 -8.04
C SER N 1079 -68.80 -66.71 -9.51
N LEU N 1080 -68.54 -65.51 -10.03
CA LEU N 1080 -68.26 -65.36 -11.45
C LEU N 1080 -66.90 -65.94 -11.80
N ALA N 1081 -65.88 -65.68 -10.99
CA ALA N 1081 -64.57 -66.26 -11.23
C ALA N 1081 -64.62 -67.77 -11.12
N PHE N 1082 -65.41 -68.28 -10.16
CA PHE N 1082 -65.69 -69.70 -10.14
C PHE N 1082 -66.28 -70.18 -11.45
N ASN N 1083 -67.30 -69.50 -11.96
CA ASN N 1083 -67.92 -69.92 -13.20
C ASN N 1083 -66.94 -69.88 -14.36
N ASN N 1084 -66.02 -68.92 -14.33
CA ASN N 1084 -65.03 -68.79 -15.39
C ASN N 1084 -64.01 -69.93 -15.34
N ILE N 1085 -63.42 -70.14 -14.17
CA ILE N 1085 -62.38 -71.13 -13.99
C ILE N 1085 -63.01 -72.52 -13.90
N TYR N 1086 -64.33 -72.57 -13.95
CA TYR N 1086 -65.04 -73.83 -13.78
C TYR N 1086 -64.60 -74.88 -14.79
N ARG N 1087 -64.30 -74.45 -16.01
CA ARG N 1087 -63.93 -75.38 -17.07
C ARG N 1087 -62.68 -76.20 -16.73
N GLU N 1088 -61.84 -75.70 -15.82
CA GLU N 1088 -60.72 -76.47 -15.32
C GLU N 1088 -60.90 -76.92 -13.87
N PHE N 1089 -61.68 -76.19 -13.10
CA PHE N 1089 -61.91 -76.52 -11.70
C PHE N 1089 -62.70 -77.81 -11.58
N ARG N 1090 -63.61 -78.06 -12.53
CA ARG N 1090 -64.32 -79.32 -12.57
C ARG N 1090 -63.36 -80.49 -12.63
N GLU N 1091 -62.20 -80.29 -13.25
CA GLU N 1091 -61.19 -81.33 -13.39
C GLU N 1091 -60.25 -81.42 -12.19
N GLU N 1092 -60.47 -80.61 -11.16
CA GLU N 1092 -59.69 -80.71 -9.92
C GLU N 1092 -60.44 -81.55 -8.89
N GLU N 1093 -60.59 -82.84 -9.24
CA GLU N 1093 -61.35 -83.74 -8.38
C GLU N 1093 -60.66 -83.93 -7.03
N SER N 1094 -59.33 -83.94 -7.02
CA SER N 1094 -58.59 -84.24 -5.81
C SER N 1094 -58.86 -83.23 -4.69
N LEU N 1095 -59.34 -82.05 -5.03
CA LEU N 1095 -59.71 -81.05 -4.03
C LEU N 1095 -61.19 -80.75 -4.00
N VAL N 1096 -61.87 -80.85 -5.14
CA VAL N 1096 -63.34 -80.75 -5.15
C VAL N 1096 -63.94 -81.79 -4.23
N GLU N 1097 -63.32 -82.98 -4.16
CA GLU N 1097 -63.82 -84.04 -3.30
C GLU N 1097 -63.99 -83.57 -1.86
N GLN N 1098 -63.13 -82.68 -1.39
CA GLN N 1098 -63.33 -82.07 -0.09
C GLN N 1098 -64.19 -80.82 -0.18
N PHE N 1099 -64.17 -80.14 -1.33
CA PHE N 1099 -64.90 -78.89 -1.47
C PHE N 1099 -66.40 -79.07 -1.60
N VAL N 1100 -66.86 -80.27 -1.96
CA VAL N 1100 -68.29 -80.48 -2.16
C VAL N 1100 -69.06 -80.20 -0.88
N PHE N 1101 -68.44 -80.43 0.27
CA PHE N 1101 -68.96 -79.85 1.50
C PHE N 1101 -68.45 -78.42 1.65
N GLU N 1102 -67.14 -78.23 1.50
CA GLU N 1102 -66.53 -76.93 1.75
C GLU N 1102 -67.05 -75.87 0.79
N ALA N 1103 -66.72 -76.00 -0.49
CA ALA N 1103 -67.07 -74.96 -1.45
C ALA N 1103 -68.59 -74.80 -1.56
N LEU N 1104 -69.32 -75.91 -1.65
CA LEU N 1104 -70.74 -75.82 -1.90
C LEU N 1104 -71.47 -75.18 -0.72
N VAL N 1105 -71.23 -75.67 0.49
CA VAL N 1105 -71.89 -75.10 1.66
C VAL N 1105 -71.46 -73.65 1.85
N ILE N 1106 -70.17 -73.37 1.69
CA ILE N 1106 -69.68 -72.00 1.87
C ILE N 1106 -70.36 -71.07 0.88
N TYR N 1107 -70.49 -71.48 -0.37
CA TYR N 1107 -71.09 -70.60 -1.36
C TYR N 1107 -72.60 -70.57 -1.30
N MET N 1108 -73.24 -71.57 -0.68
CA MET N 1108 -74.66 -71.42 -0.39
C MET N 1108 -74.88 -70.42 0.73
N GLU N 1109 -73.99 -70.42 1.72
CA GLU N 1109 -74.00 -69.34 2.71
C GLU N 1109 -73.76 -68.00 2.04
N SER N 1110 -72.86 -67.96 1.06
CA SER N 1110 -72.63 -66.74 0.29
C SER N 1110 -73.88 -66.31 -0.46
N LEU N 1111 -74.59 -67.27 -1.03
CA LEU N 1111 -75.87 -66.99 -1.67
C LEU N 1111 -76.84 -66.37 -0.68
N ALA N 1112 -76.90 -66.94 0.53
CA ALA N 1112 -77.75 -66.40 1.58
C ALA N 1112 -77.37 -64.95 1.88
N LEU N 1113 -76.07 -64.69 2.01
CA LEU N 1113 -75.59 -63.35 2.35
C LEU N 1113 -75.89 -62.35 1.24
N ALA N 1114 -75.61 -62.72 -0.01
CA ALA N 1114 -75.83 -61.81 -1.11
C ALA N 1114 -77.31 -61.56 -1.35
N HIS N 1115 -78.16 -62.54 -1.04
CA HIS N 1115 -79.60 -62.30 -1.08
C HIS N 1115 -80.02 -61.39 0.06
N ALA N 1116 -79.39 -61.53 1.22
CA ALA N 1116 -79.63 -60.59 2.31
C ALA N 1116 -79.23 -59.17 1.90
N ASP N 1117 -78.15 -59.04 1.13
CA ASP N 1117 -77.81 -57.78 0.49
C ASP N 1117 -78.62 -57.63 -0.80
N GLU N 1118 -78.22 -56.70 -1.66
CA GLU N 1118 -78.98 -56.43 -2.87
C GLU N 1118 -79.17 -57.71 -3.69
N LYS N 1119 -80.38 -57.90 -4.19
CA LYS N 1119 -80.67 -58.93 -5.18
C LYS N 1119 -81.32 -58.20 -6.34
N SER N 1120 -80.49 -57.59 -7.18
CA SER N 1120 -80.96 -56.86 -8.35
C SER N 1120 -80.13 -57.11 -9.60
N LEU N 1121 -78.89 -57.56 -9.49
CA LEU N 1121 -78.01 -57.63 -10.65
C LEU N 1121 -77.17 -58.91 -10.58
N GLY N 1122 -76.13 -59.00 -11.40
CA GLY N 1122 -75.39 -60.22 -11.63
C GLY N 1122 -74.68 -60.85 -10.44
N THR N 1123 -74.73 -60.23 -9.26
CA THR N 1123 -74.18 -60.86 -8.07
C THR N 1123 -74.92 -62.17 -7.78
N ILE N 1124 -76.22 -62.07 -7.54
CA ILE N 1124 -77.05 -63.24 -7.28
C ILE N 1124 -77.09 -64.15 -8.50
N GLN N 1125 -77.06 -63.56 -9.70
CA GLN N 1125 -77.10 -64.36 -10.92
C GLN N 1125 -75.87 -65.25 -11.03
N GLN N 1126 -74.68 -64.67 -10.84
CA GLN N 1126 -73.46 -65.46 -10.85
C GLN N 1126 -73.41 -66.43 -9.69
N CYS N 1127 -74.00 -66.08 -8.55
CA CYS N 1127 -74.01 -67.02 -7.43
C CYS N 1127 -74.88 -68.24 -7.75
N CYS N 1128 -76.02 -68.04 -8.41
CA CYS N 1128 -76.84 -69.17 -8.81
C CYS N 1128 -76.19 -69.95 -9.95
N ASP N 1129 -75.44 -69.28 -10.82
CA ASP N 1129 -74.64 -69.99 -11.82
C ASP N 1129 -73.59 -70.85 -11.16
N ALA N 1130 -72.95 -70.33 -10.10
CA ALA N 1130 -72.01 -71.12 -9.33
C ALA N 1130 -72.70 -72.30 -8.67
N ILE N 1131 -73.92 -72.11 -8.19
CA ILE N 1131 -74.69 -73.20 -7.60
C ILE N 1131 -74.96 -74.28 -8.65
N ASP N 1132 -75.34 -73.86 -9.85
CA ASP N 1132 -75.59 -74.81 -10.93
C ASP N 1132 -74.31 -75.56 -11.31
N HIS N 1133 -73.20 -74.84 -11.37
CA HIS N 1133 -71.92 -75.49 -11.64
C HIS N 1133 -71.60 -76.51 -10.55
N LEU N 1134 -71.86 -76.14 -9.29
CA LEU N 1134 -71.59 -77.02 -8.17
C LEU N 1134 -72.42 -78.29 -8.26
N CYS N 1135 -73.72 -78.14 -8.52
CA CYS N 1135 -74.57 -79.32 -8.64
C CYS N 1135 -74.16 -80.15 -9.84
N ARG N 1136 -73.72 -79.51 -10.92
CA ARG N 1136 -73.26 -80.24 -12.09
C ARG N 1136 -72.07 -81.13 -11.74
N ILE N 1137 -71.03 -80.55 -11.13
CA ILE N 1137 -69.86 -81.35 -10.80
C ILE N 1137 -70.20 -82.39 -9.74
N ILE N 1138 -71.10 -82.07 -8.81
CA ILE N 1138 -71.49 -83.02 -7.78
C ILE N 1138 -72.13 -84.24 -8.43
N GLU N 1139 -73.04 -84.01 -9.37
CA GLU N 1139 -73.66 -85.12 -10.09
C GLU N 1139 -72.63 -85.88 -10.92
N LYS N 1140 -71.67 -85.18 -11.50
CA LYS N 1140 -70.65 -85.84 -12.31
C LYS N 1140 -69.81 -86.81 -11.48
N LYS N 1141 -69.40 -86.38 -10.28
CA LYS N 1141 -68.59 -87.20 -9.40
C LYS N 1141 -69.41 -87.83 -8.28
N HIS N 1142 -70.71 -88.01 -8.50
CA HIS N 1142 -71.61 -88.42 -7.42
C HIS N 1142 -71.27 -89.77 -6.83
N VAL N 1143 -70.50 -90.60 -7.55
CA VAL N 1143 -70.12 -91.90 -7.01
C VAL N 1143 -69.31 -91.73 -5.73
N SER N 1144 -68.28 -90.88 -5.78
CA SER N 1144 -67.49 -90.62 -4.58
C SER N 1144 -68.21 -89.66 -3.64
N LEU N 1145 -68.91 -88.68 -4.19
CA LEU N 1145 -69.45 -87.59 -3.38
C LEU N 1145 -70.64 -88.05 -2.55
N ASN N 1146 -71.57 -88.77 -3.17
CA ASN N 1146 -72.75 -89.26 -2.45
C ASN N 1146 -72.34 -90.20 -1.33
N LYS N 1147 -71.41 -91.09 -1.61
CA LYS N 1147 -71.00 -92.07 -0.63
C LYS N 1147 -70.04 -91.44 0.38
N ALA N 1148 -70.12 -91.90 1.62
CA ALA N 1148 -69.40 -91.29 2.73
C ALA N 1148 -67.92 -91.63 2.62
N LYS N 1149 -67.22 -90.92 1.74
CA LYS N 1149 -65.77 -90.98 1.66
C LYS N 1149 -65.20 -89.86 2.51
N LYS N 1150 -64.63 -90.21 3.66
CA LYS N 1150 -64.13 -89.22 4.62
C LYS N 1150 -63.07 -88.33 3.99
N ARG N 1151 -63.35 -87.02 3.94
CA ARG N 1151 -62.43 -86.03 3.40
C ARG N 1151 -62.50 -84.80 4.29
N ARG N 1152 -61.97 -83.69 3.81
CA ARG N 1152 -61.91 -82.48 4.61
C ARG N 1152 -63.29 -81.84 4.76
N LEU N 1153 -63.45 -81.07 5.84
CA LEU N 1153 -64.72 -80.49 6.23
C LEU N 1153 -64.68 -78.96 6.13
N PRO N 1154 -65.82 -78.32 5.90
CA PRO N 1154 -65.84 -76.86 5.82
C PRO N 1154 -65.72 -76.22 7.19
N ARG N 1155 -65.24 -74.98 7.20
CA ARG N 1155 -65.24 -74.19 8.42
C ARG N 1155 -66.64 -73.67 8.75
N GLY N 1156 -67.39 -73.23 7.73
CA GLY N 1156 -68.72 -72.69 7.93
C GLY N 1156 -69.82 -73.71 8.08
N PHE N 1157 -69.51 -75.00 7.91
CA PHE N 1157 -70.50 -76.06 8.03
C PHE N 1157 -70.27 -76.79 9.35
N PRO N 1158 -71.07 -76.54 10.38
CA PRO N 1158 -70.80 -77.11 11.70
C PRO N 1158 -70.74 -78.63 11.70
N PRO N 1159 -71.63 -79.35 10.95
CA PRO N 1159 -71.51 -80.82 10.95
C PRO N 1159 -70.22 -81.29 10.32
N SER N 1160 -69.33 -81.87 11.13
CA SER N 1160 -68.06 -82.40 10.65
C SER N 1160 -68.22 -83.91 10.46
N ALA N 1161 -68.86 -84.27 9.36
CA ALA N 1161 -69.16 -85.66 9.04
C ALA N 1161 -68.43 -86.06 7.76
N SER N 1162 -68.58 -87.34 7.40
CA SER N 1162 -67.96 -87.83 6.18
C SER N 1162 -68.56 -87.15 4.96
N LEU N 1163 -67.77 -87.08 3.89
CA LEU N 1163 -68.20 -86.41 2.68
C LEU N 1163 -69.22 -87.25 1.93
N CYS N 1164 -70.48 -87.14 2.33
CA CYS N 1164 -71.56 -87.91 1.75
C CYS N 1164 -72.71 -86.97 1.40
N LEU N 1165 -73.41 -87.27 0.31
CA LEU N 1165 -74.63 -86.55 0.00
C LEU N 1165 -75.69 -86.78 1.06
N LEU N 1166 -75.58 -87.85 1.84
CA LEU N 1166 -76.59 -88.16 2.85
C LEU N 1166 -76.67 -87.05 3.90
N ASP N 1167 -75.57 -86.84 4.63
CA ASP N 1167 -75.55 -85.81 5.66
C ASP N 1167 -75.76 -84.43 5.06
N LEU N 1168 -75.15 -84.16 3.91
CA LEU N 1168 -75.26 -82.85 3.30
C LEU N 1168 -76.71 -82.53 2.96
N VAL N 1169 -77.41 -83.47 2.31
CA VAL N 1169 -78.79 -83.24 1.93
C VAL N 1169 -79.69 -83.26 3.16
N LYS N 1170 -79.35 -84.04 4.18
CA LYS N 1170 -80.14 -84.00 5.41
C LYS N 1170 -80.07 -82.63 6.06
N TRP N 1171 -78.88 -82.04 6.12
CA TRP N 1171 -78.74 -80.68 6.60
C TRP N 1171 -79.44 -79.70 5.67
N LEU N 1172 -79.35 -79.93 4.37
CA LEU N 1172 -80.04 -79.10 3.40
C LEU N 1172 -81.56 -79.18 3.53
N LEU N 1173 -82.07 -80.24 4.16
CA LEU N 1173 -83.50 -80.31 4.38
C LEU N 1173 -83.96 -79.15 5.24
N ALA N 1174 -83.22 -78.84 6.31
CA ALA N 1174 -83.51 -77.65 7.10
C ALA N 1174 -82.99 -76.39 6.43
N HIS N 1175 -81.91 -76.49 5.67
CA HIS N 1175 -81.22 -75.31 5.14
C HIS N 1175 -81.46 -75.10 3.65
N CYS N 1176 -82.63 -75.51 3.15
CA CYS N 1176 -83.03 -75.26 1.78
C CYS N 1176 -84.29 -74.42 1.67
N GLY N 1177 -85.09 -74.34 2.72
CA GLY N 1177 -86.24 -73.45 2.73
C GLY N 1177 -85.91 -72.15 3.41
N ARG N 1178 -84.72 -71.64 3.11
CA ARG N 1178 -84.17 -70.51 3.84
C ARG N 1178 -85.09 -69.30 3.72
N PRO N 1179 -85.11 -68.41 4.72
CA PRO N 1179 -85.89 -67.17 4.58
C PRO N 1179 -85.25 -66.25 3.55
N GLN N 1180 -85.01 -66.80 2.36
CA GLN N 1180 -84.25 -66.10 1.32
C GLN N 1180 -84.79 -66.65 -0.01
N THR N 1181 -85.57 -65.82 -0.71
CA THR N 1181 -86.41 -66.28 -1.81
C THR N 1181 -85.62 -67.10 -2.83
N GLU N 1182 -84.64 -66.47 -3.48
CA GLU N 1182 -83.88 -67.19 -4.49
C GLU N 1182 -83.04 -68.29 -3.87
N CYS N 1183 -82.44 -68.03 -2.70
CA CYS N 1183 -81.68 -69.05 -2.00
C CYS N 1183 -82.56 -70.26 -1.72
N ARG N 1184 -83.73 -70.01 -1.14
CA ARG N 1184 -84.64 -71.10 -0.80
C ARG N 1184 -85.08 -71.86 -2.04
N HIS N 1185 -85.45 -71.14 -3.09
CA HIS N 1185 -85.97 -71.81 -4.29
C HIS N 1185 -84.89 -72.65 -4.97
N LYS N 1186 -83.71 -72.07 -5.19
CA LYS N 1186 -82.63 -72.82 -5.81
C LYS N 1186 -82.22 -73.99 -4.95
N SER N 1187 -82.11 -73.79 -3.65
CA SER N 1187 -81.72 -74.87 -2.75
C SER N 1187 -82.75 -75.99 -2.75
N ILE N 1188 -84.03 -75.63 -2.80
CA ILE N 1188 -85.09 -76.64 -2.84
C ILE N 1188 -85.03 -77.42 -4.15
N GLU N 1189 -84.81 -76.73 -5.27
CA GLU N 1189 -84.69 -77.44 -6.55
C GLU N 1189 -83.51 -78.41 -6.53
N LEU N 1190 -82.37 -77.96 -6.01
CA LEU N 1190 -81.20 -78.83 -5.93
C LEU N 1190 -81.46 -80.00 -4.97
N PHE N 1191 -82.16 -79.74 -3.87
CA PHE N 1191 -82.51 -80.79 -2.93
C PHE N 1191 -83.38 -81.85 -3.60
N TYR N 1192 -84.36 -81.40 -4.38
CA TYR N 1192 -85.18 -82.35 -5.14
C TYR N 1192 -84.34 -83.15 -6.10
N LYS N 1193 -83.41 -82.49 -6.79
CA LYS N 1193 -82.55 -83.21 -7.72
C LYS N 1193 -81.70 -84.26 -7.00
N PHE N 1194 -81.18 -83.91 -5.82
CA PHE N 1194 -80.26 -84.78 -5.13
C PHE N 1194 -80.94 -85.87 -4.32
N VAL N 1195 -82.24 -85.75 -4.06
CA VAL N 1195 -82.94 -86.81 -3.32
C VAL N 1195 -82.90 -88.14 -4.08
N PRO N 1196 -83.17 -88.21 -5.38
CA PRO N 1196 -82.82 -89.44 -6.12
C PRO N 1196 -81.33 -89.70 -6.11
N LEU N 1197 -80.50 -88.66 -6.17
CA LEU N 1197 -79.06 -88.87 -6.07
C LEU N 1197 -78.66 -89.42 -4.71
N LEU N 1198 -79.52 -89.28 -3.71
CA LEU N 1198 -79.29 -89.93 -2.44
C LEU N 1198 -79.44 -91.45 -2.60
N PRO N 1199 -78.86 -92.22 -1.68
CA PRO N 1199 -79.10 -93.67 -1.69
C PRO N 1199 -80.58 -93.98 -1.52
N GLY N 1200 -81.01 -95.06 -2.15
CA GLY N 1200 -82.42 -95.39 -2.22
C GLY N 1200 -82.99 -94.95 -3.55
N ASN N 1201 -82.57 -93.77 -4.00
CA ASN N 1201 -82.81 -93.27 -5.35
C ASN N 1201 -84.29 -93.20 -5.71
N ARG N 1202 -85.17 -93.05 -4.73
CA ARG N 1202 -86.57 -92.86 -5.04
C ARG N 1202 -86.83 -91.40 -5.41
N SER N 1203 -88.05 -91.12 -5.83
CA SER N 1203 -88.41 -89.80 -6.31
C SER N 1203 -88.29 -88.76 -5.20
N PRO N 1204 -88.11 -87.49 -5.54
CA PRO N 1204 -88.04 -86.45 -4.50
C PRO N 1204 -89.25 -86.44 -3.58
N ASN N 1205 -90.44 -86.65 -4.15
CA ASN N 1205 -91.62 -86.88 -3.31
C ASN N 1205 -91.56 -88.25 -2.65
N LEU N 1206 -91.25 -89.28 -3.44
CA LEU N 1206 -91.37 -90.65 -2.95
C LEU N 1206 -90.29 -90.99 -1.93
N TRP N 1207 -89.04 -90.61 -2.20
CA TRP N 1207 -87.97 -90.91 -1.24
C TRP N 1207 -88.15 -90.13 0.05
N LEU N 1208 -88.65 -88.89 -0.04
CA LEU N 1208 -88.93 -88.15 1.17
C LEU N 1208 -90.11 -88.76 1.94
N LYS N 1209 -91.08 -89.33 1.23
CA LYS N 1209 -92.11 -90.10 1.92
C LYS N 1209 -91.50 -91.33 2.59
N ASP N 1210 -90.52 -91.95 1.95
CA ASP N 1210 -89.85 -93.11 2.55
C ASP N 1210 -89.15 -92.73 3.84
N VAL N 1211 -88.48 -91.57 3.85
CA VAL N 1211 -87.77 -91.12 5.03
C VAL N 1211 -88.61 -90.16 5.86
N LEU N 1212 -89.92 -90.12 5.62
CA LEU N 1212 -90.82 -89.28 6.40
C LEU N 1212 -90.66 -89.49 7.89
N LYS N 1213 -90.38 -90.72 8.31
CA LYS N 1213 -90.16 -91.00 9.72
C LYS N 1213 -89.02 -90.14 10.26
N GLU N 1214 -87.98 -89.93 9.46
CA GLU N 1214 -86.90 -89.03 9.86
C GLU N 1214 -87.40 -87.60 9.97
N GLU N 1215 -88.12 -87.12 8.96
CA GLU N 1215 -88.67 -85.77 8.98
C GLU N 1215 -90.01 -85.71 9.70
N GLY N 1216 -90.33 -86.69 10.52
CA GLY N 1216 -91.61 -86.74 11.20
C GLY N 1216 -92.78 -86.74 10.23
N VAL N 1217 -94.01 -86.79 10.74
CA VAL N 1217 -95.16 -86.66 9.87
C VAL N 1217 -95.63 -85.22 9.73
N SER N 1218 -94.98 -84.26 10.41
CA SER N 1218 -95.07 -82.86 10.04
C SER N 1218 -93.79 -82.06 10.24
N PHE N 1219 -92.69 -82.67 10.70
CA PHE N 1219 -91.49 -81.88 11.02
C PHE N 1219 -91.01 -81.07 9.83
N LEU N 1220 -91.50 -81.36 8.63
CA LEU N 1220 -91.26 -80.49 7.47
C LEU N 1220 -91.75 -79.08 7.75
N ILE N 1221 -92.95 -78.94 8.33
CA ILE N 1221 -93.40 -77.61 8.72
C ILE N 1221 -92.61 -77.11 9.92
N ASN N 1222 -92.13 -78.02 10.77
CA ASN N 1222 -91.40 -77.63 11.97
C ASN N 1222 -90.12 -76.90 11.60
N THR N 1223 -89.40 -77.39 10.59
CA THR N 1223 -88.19 -76.70 10.15
C THR N 1223 -88.49 -75.47 9.31
N PHE N 1224 -89.75 -75.27 8.91
CA PHE N 1224 -90.16 -74.13 8.10
C PHE N 1224 -91.32 -73.39 8.75
N GLU N 1225 -91.20 -73.15 10.05
CA GLU N 1225 -92.17 -72.35 10.79
C GLU N 1225 -91.91 -70.86 10.52
N GLY N 1226 -91.99 -70.49 9.24
CA GLY N 1226 -91.36 -69.28 8.80
C GLY N 1226 -89.85 -69.38 8.81
N GLY N 1227 -89.31 -70.60 8.77
CA GLY N 1227 -87.90 -70.82 9.01
C GLY N 1227 -87.06 -71.14 7.80
N GLY N 1228 -86.43 -72.30 7.79
CA GLY N 1228 -85.42 -72.59 6.79
C GLY N 1228 -84.05 -72.10 7.22
N CYS N 1229 -83.02 -72.79 6.71
CA CYS N 1229 -81.66 -72.62 7.22
C CYS N 1229 -81.63 -72.78 8.73
N GLY N 1230 -82.33 -73.81 9.21
CA GLY N 1230 -82.62 -73.94 10.62
C GLY N 1230 -84.07 -73.60 10.88
N GLN N 1231 -84.38 -73.08 12.07
CA GLN N 1231 -85.74 -72.65 12.41
C GLN N 1231 -85.71 -71.25 13.01
N PRO N 1232 -85.59 -70.23 12.17
CA PRO N 1232 -85.91 -68.87 12.65
C PRO N 1232 -87.40 -68.70 12.84
N SER N 1233 -87.78 -68.11 13.97
CA SER N 1233 -89.19 -68.00 14.36
C SER N 1233 -89.86 -66.97 13.47
N GLY N 1234 -90.58 -67.46 12.45
CA GLY N 1234 -91.33 -66.60 11.56
C GLY N 1234 -92.80 -66.60 11.89
N ILE N 1235 -93.57 -67.39 11.14
CA ILE N 1235 -94.99 -67.57 11.41
C ILE N 1235 -95.23 -68.18 12.79
N LEU N 1236 -94.21 -68.78 13.39
CA LEU N 1236 -94.32 -69.43 14.70
C LEU N 1236 -94.78 -68.43 15.77
N ALA N 1237 -93.96 -67.43 16.06
CA ALA N 1237 -94.32 -66.44 17.06
C ALA N 1237 -95.14 -65.29 16.50
N GLN N 1238 -95.45 -65.31 15.20
CA GLN N 1238 -96.19 -64.26 14.54
C GLN N 1238 -97.32 -64.89 13.72
N PRO N 1239 -98.35 -65.40 14.38
CA PRO N 1239 -99.50 -65.93 13.62
C PRO N 1239 -100.15 -64.88 12.75
N THR N 1240 -100.15 -63.62 13.18
CA THR N 1240 -100.59 -62.50 12.36
C THR N 1240 -99.55 -61.39 12.46
N LEU N 1241 -99.57 -60.49 11.48
CA LEU N 1241 -98.67 -59.35 11.51
C LEU N 1241 -99.10 -58.28 12.50
N LEU N 1242 -100.29 -58.42 13.10
CA LEU N 1242 -100.74 -57.47 14.11
C LEU N 1242 -99.79 -57.39 15.29
N TYR N 1243 -98.99 -58.43 15.54
CA TYR N 1243 -98.01 -58.40 16.62
C TYR N 1243 -96.78 -57.59 16.19
N LEU N 1244 -97.06 -56.35 15.78
CA LEU N 1244 -96.04 -55.43 15.32
C LEU N 1244 -96.10 -54.17 16.17
N ARG N 1245 -94.95 -53.55 16.37
CA ARG N 1245 -94.83 -52.38 17.22
C ARG N 1245 -94.82 -51.11 16.37
N GLY N 1246 -95.31 -50.02 16.96
CA GLY N 1246 -95.44 -48.78 16.25
C GLY N 1246 -96.83 -48.61 15.67
N PRO N 1247 -97.12 -47.42 15.12
CA PRO N 1247 -98.45 -47.19 14.56
C PRO N 1247 -98.67 -47.89 13.23
N PHE N 1248 -97.61 -48.05 12.43
CA PHE N 1248 -97.72 -48.69 11.13
C PHE N 1248 -96.33 -49.05 10.65
N SER N 1249 -96.13 -50.32 10.29
CA SER N 1249 -94.84 -50.82 9.84
C SER N 1249 -94.83 -50.89 8.32
N LEU N 1250 -93.69 -50.54 7.72
CA LEU N 1250 -93.53 -50.51 6.28
C LEU N 1250 -92.66 -51.65 5.74
N GLN N 1251 -91.48 -51.83 6.32
CA GLN N 1251 -90.52 -52.81 5.82
C GLN N 1251 -90.28 -53.99 6.76
N ALA N 1252 -90.51 -53.83 8.07
CA ALA N 1252 -90.52 -55.00 8.94
C ALA N 1252 -91.62 -55.96 8.53
N THR N 1253 -92.71 -55.43 7.97
CA THR N 1253 -93.70 -56.28 7.30
C THR N 1253 -93.03 -57.12 6.23
N LEU N 1254 -92.12 -56.53 5.46
CA LEU N 1254 -91.40 -57.29 4.44
C LEU N 1254 -90.45 -58.31 5.03
N CYS N 1255 -89.88 -58.06 6.21
CA CYS N 1255 -89.02 -59.07 6.84
C CYS N 1255 -89.85 -60.27 7.31
N TRP N 1256 -90.93 -60.00 8.04
CA TRP N 1256 -91.81 -61.09 8.42
C TRP N 1256 -92.41 -61.77 7.21
N LEU N 1257 -92.59 -61.05 6.11
CA LEU N 1257 -93.08 -61.66 4.89
C LEU N 1257 -92.00 -62.43 4.16
N ASP N 1258 -90.73 -62.11 4.39
CA ASP N 1258 -89.66 -62.99 3.92
C ASP N 1258 -89.68 -64.31 4.68
N LEU N 1259 -89.92 -64.24 5.99
CA LEU N 1259 -90.12 -65.46 6.76
C LEU N 1259 -91.33 -66.24 6.24
N LEU N 1260 -92.42 -65.52 5.94
CA LEU N 1260 -93.59 -66.15 5.34
C LEU N 1260 -93.29 -66.71 3.97
N LEU N 1261 -92.45 -66.02 3.19
CA LEU N 1261 -91.99 -66.57 1.92
C LEU N 1261 -91.30 -67.90 2.13
N ALA N 1262 -90.39 -67.96 3.10
CA ALA N 1262 -89.76 -69.24 3.44
C ALA N 1262 -90.80 -70.30 3.72
N ALA N 1263 -91.64 -70.07 4.71
CA ALA N 1263 -92.61 -71.08 5.15
C ALA N 1263 -93.52 -71.50 4.00
N LEU N 1264 -94.15 -70.52 3.35
CA LEU N 1264 -95.20 -70.82 2.39
C LEU N 1264 -94.65 -71.30 1.06
N GLU N 1265 -93.46 -70.84 0.64
CA GLU N 1265 -92.81 -71.44 -0.50
C GLU N 1265 -92.50 -72.90 -0.23
N CYS N 1266 -92.01 -73.20 0.97
CA CYS N 1266 -91.77 -74.61 1.33
C CYS N 1266 -93.06 -75.41 1.22
N TYR N 1267 -94.12 -74.92 1.87
CA TYR N 1267 -95.38 -75.67 1.88
C TYR N 1267 -95.93 -75.85 0.46
N ASN N 1268 -95.92 -74.76 -0.32
CA ASN N 1268 -96.42 -74.81 -1.68
C ASN N 1268 -95.64 -75.80 -2.53
N THR N 1269 -94.31 -75.69 -2.52
CA THR N 1269 -93.50 -76.54 -3.38
C THR N 1269 -93.58 -78.01 -2.95
N PHE N 1270 -93.58 -78.27 -1.64
CA PHE N 1270 -93.68 -79.65 -1.17
C PHE N 1270 -95.04 -80.26 -1.49
N ILE N 1271 -96.12 -79.50 -1.32
CA ILE N 1271 -97.45 -80.04 -1.59
C ILE N 1271 -97.66 -80.25 -3.08
N GLY N 1272 -97.27 -79.26 -3.88
CA GLY N 1272 -97.54 -79.33 -5.32
C GLY N 1272 -96.81 -80.49 -5.99
N GLU N 1273 -95.55 -80.70 -5.62
CA GLU N 1273 -94.76 -81.81 -6.13
C GLU N 1273 -95.08 -83.12 -5.43
N ARG N 1274 -96.20 -83.18 -4.70
CA ARG N 1274 -96.61 -84.35 -3.93
C ARG N 1274 -95.55 -84.77 -2.92
N THR N 1275 -94.60 -83.88 -2.63
CA THR N 1275 -93.54 -84.22 -1.69
C THR N 1275 -94.08 -84.33 -0.28
N VAL N 1276 -95.07 -83.52 0.07
CA VAL N 1276 -95.83 -83.69 1.30
C VAL N 1276 -97.31 -83.61 0.93
N GLY N 1277 -98.14 -84.30 1.71
CA GLY N 1277 -99.57 -84.32 1.49
C GLY N 1277 -100.27 -83.09 2.03
N ALA N 1278 -101.57 -83.01 1.75
CA ALA N 1278 -102.36 -81.89 2.23
C ALA N 1278 -102.44 -81.88 3.75
N LEU N 1279 -102.68 -83.04 4.37
CA LEU N 1279 -102.69 -83.19 5.81
C LEU N 1279 -101.39 -83.76 6.35
N GLN N 1280 -100.41 -84.03 5.48
CA GLN N 1280 -99.11 -84.53 5.90
C GLN N 1280 -98.18 -83.41 6.35
N VAL N 1281 -98.63 -82.16 6.30
CA VAL N 1281 -97.86 -81.04 6.81
C VAL N 1281 -98.25 -80.68 8.24
N LEU N 1282 -99.23 -81.39 8.81
CA LEU N 1282 -99.75 -81.06 10.14
C LEU N 1282 -99.90 -82.32 11.01
N GLY N 1283 -99.06 -83.33 10.76
CA GLY N 1283 -99.15 -84.57 11.52
C GLY N 1283 -98.38 -84.57 12.83
N THR N 1284 -97.07 -84.37 12.78
CA THR N 1284 -96.25 -84.40 13.99
C THR N 1284 -96.56 -83.22 14.88
N GLU N 1285 -96.35 -82.00 14.38
CA GLU N 1285 -96.65 -80.79 15.11
C GLU N 1285 -97.44 -79.87 14.21
N ALA N 1286 -98.66 -79.54 14.61
CA ALA N 1286 -99.49 -78.61 13.83
C ALA N 1286 -98.98 -77.20 14.01
N GLN N 1287 -97.89 -76.86 13.33
CA GLN N 1287 -97.20 -75.59 13.50
C GLN N 1287 -97.57 -74.60 12.40
N SER N 1288 -98.81 -74.67 11.93
CA SER N 1288 -99.31 -73.74 10.92
C SER N 1288 -100.19 -72.72 11.63
N SER N 1289 -99.55 -71.68 12.16
CA SER N 1289 -100.26 -70.48 12.58
C SER N 1289 -100.62 -69.62 11.40
N LEU N 1290 -100.24 -70.20 10.25
CA LEU N 1290 -100.58 -69.65 8.96
C LEU N 1290 -102.09 -69.57 8.73
N LEU N 1291 -102.88 -70.34 9.49
CA LEU N 1291 -104.33 -70.17 9.40
C LEU N 1291 -104.74 -68.78 9.87
N LYS N 1292 -104.21 -68.35 11.01
CA LYS N 1292 -104.44 -67.00 11.48
C LYS N 1292 -103.86 -65.98 10.51
N ALA N 1293 -102.73 -66.31 9.88
CA ALA N 1293 -102.15 -65.42 8.88
C ALA N 1293 -103.08 -65.25 7.69
N VAL N 1294 -103.69 -66.35 7.22
CA VAL N 1294 -104.61 -66.28 6.09
C VAL N 1294 -105.84 -65.47 6.45
N ALA N 1295 -106.39 -65.68 7.64
CA ALA N 1295 -107.51 -64.85 8.09
C ALA N 1295 -107.11 -63.38 8.12
N PHE N 1296 -106.00 -63.09 8.81
CA PHE N 1296 -105.49 -61.72 8.93
C PHE N 1296 -105.30 -61.07 7.57
N PHE N 1297 -104.81 -61.83 6.60
CA PHE N 1297 -104.69 -61.32 5.24
C PHE N 1297 -106.06 -61.05 4.65
N LEU N 1298 -107.02 -61.94 4.88
CA LEU N 1298 -108.38 -61.72 4.39
C LEU N 1298 -108.94 -60.40 4.88
N GLU N 1299 -108.61 -59.99 6.10
CA GLU N 1299 -109.02 -58.64 6.49
C GLU N 1299 -108.11 -57.56 5.87
N SER N 1300 -106.80 -57.76 5.92
CA SER N 1300 -105.87 -56.66 5.64
C SER N 1300 -105.76 -56.39 4.14
N ILE N 1301 -105.31 -57.37 3.37
CA ILE N 1301 -105.03 -57.15 1.96
C ILE N 1301 -106.28 -56.97 1.13
N ALA N 1302 -107.46 -57.17 1.72
CA ALA N 1302 -108.70 -56.90 1.01
C ALA N 1302 -108.92 -55.40 0.84
N MET N 1303 -109.05 -54.67 1.94
CA MET N 1303 -109.25 -53.23 1.91
C MET N 1303 -108.29 -52.45 2.78
N HIS N 1304 -107.67 -53.06 3.79
CA HIS N 1304 -106.74 -52.35 4.64
C HIS N 1304 -105.44 -52.12 3.89
N ASP N 1305 -105.47 -51.25 2.88
CA ASP N 1305 -104.33 -51.04 2.00
C ASP N 1305 -103.38 -49.95 2.47
N ILE N 1306 -103.81 -49.09 3.40
CA ILE N 1306 -102.91 -48.10 3.97
C ILE N 1306 -102.11 -48.71 5.12
N ILE N 1307 -102.77 -49.47 5.98
CA ILE N 1307 -102.13 -50.26 7.02
C ILE N 1307 -102.71 -51.66 6.97
N ALA N 1308 -101.85 -52.66 6.93
CA ALA N 1308 -102.33 -54.03 6.80
C ALA N 1308 -102.75 -54.58 8.16
N ALA N 1309 -103.58 -53.81 8.87
CA ALA N 1309 -104.12 -54.21 10.18
C ALA N 1309 -103.03 -54.68 11.13
N GLU N 1310 -101.80 -54.23 10.92
CA GLU N 1310 -100.63 -54.79 11.60
C GLU N 1310 -99.95 -53.83 12.55
N LYS N 1311 -99.96 -52.54 12.26
CA LYS N 1311 -99.36 -51.52 13.12
C LYS N 1311 -97.86 -51.76 13.30
N PRO N 1324 -94.66 -42.92 0.67
CA PRO N 1324 -93.79 -42.73 -0.50
C PRO N 1324 -93.29 -44.05 -1.06
N GLN N 1325 -92.00 -44.11 -1.40
CA GLN N 1325 -91.42 -45.37 -1.83
C GLN N 1325 -91.48 -46.40 -0.72
N GLU N 1326 -91.47 -45.97 0.54
CA GLU N 1326 -91.70 -46.89 1.64
C GLU N 1326 -93.12 -47.46 1.58
N GLY N 1327 -94.10 -46.60 1.29
CA GLY N 1327 -95.45 -47.09 1.05
C GLY N 1327 -95.52 -48.01 -0.14
N GLU N 1328 -94.73 -47.72 -1.18
CA GLU N 1328 -94.68 -48.61 -2.34
C GLU N 1328 -94.14 -49.97 -1.96
N ARG N 1329 -93.12 -50.01 -1.11
CA ARG N 1329 -92.56 -51.31 -0.72
C ARG N 1329 -93.46 -52.03 0.25
N TYR N 1330 -94.24 -51.30 1.06
CA TYR N 1330 -95.26 -51.95 1.86
C TYR N 1330 -96.36 -52.54 0.98
N ASN N 1331 -96.74 -51.82 -0.09
CA ASN N 1331 -97.68 -52.37 -1.05
C ASN N 1331 -97.08 -53.60 -1.74
N TYR N 1332 -95.78 -53.58 -1.99
CA TYR N 1332 -95.13 -54.77 -2.53
C TYR N 1332 -95.13 -55.92 -1.52
N SER N 1333 -95.03 -55.61 -0.23
CA SER N 1333 -95.20 -56.64 0.79
C SER N 1333 -96.61 -57.22 0.74
N LYS N 1334 -97.61 -56.35 0.53
CA LYS N 1334 -98.97 -56.84 0.33
C LYS N 1334 -99.06 -57.73 -0.90
N CYS N 1335 -98.37 -57.36 -1.97
CA CYS N 1335 -98.32 -58.20 -3.16
C CYS N 1335 -97.62 -59.53 -2.87
N THR N 1336 -96.61 -59.51 -2.00
CA THR N 1336 -95.96 -60.74 -1.56
C THR N 1336 -96.96 -61.63 -0.83
N VAL N 1337 -97.75 -61.04 0.06
CA VAL N 1337 -98.84 -61.78 0.69
C VAL N 1337 -99.76 -62.39 -0.36
N VAL N 1338 -100.14 -61.57 -1.34
CA VAL N 1338 -101.04 -62.01 -2.40
C VAL N 1338 -100.49 -63.24 -3.09
N VAL N 1339 -99.29 -63.11 -3.68
CA VAL N 1339 -98.74 -64.21 -4.45
C VAL N 1339 -98.57 -65.45 -3.57
N ARG N 1340 -98.00 -65.27 -2.39
CA ARG N 1340 -97.81 -66.40 -1.48
C ARG N 1340 -99.11 -67.14 -1.22
N ILE N 1341 -100.08 -66.47 -0.61
CA ILE N 1341 -101.23 -67.22 -0.11
C ILE N 1341 -102.11 -67.71 -1.26
N MET N 1342 -102.38 -66.89 -2.28
CA MET N 1342 -103.24 -67.38 -3.35
C MET N 1342 -102.55 -68.41 -4.24
N GLU N 1343 -101.26 -68.25 -4.58
CA GLU N 1343 -100.59 -69.28 -5.36
C GLU N 1343 -100.49 -70.59 -4.58
N PHE N 1344 -100.20 -70.49 -3.28
CA PHE N 1344 -100.13 -71.69 -2.46
C PHE N 1344 -101.48 -72.39 -2.39
N THR N 1345 -102.57 -71.63 -2.23
CA THR N 1345 -103.89 -72.23 -2.21
C THR N 1345 -104.23 -72.86 -3.55
N THR N 1346 -103.87 -72.20 -4.65
CA THR N 1346 -104.07 -72.78 -5.98
C THR N 1346 -103.40 -74.15 -6.08
N THR N 1347 -102.11 -74.20 -5.74
CA THR N 1347 -101.37 -75.44 -5.90
C THR N 1347 -101.87 -76.52 -4.95
N LEU N 1348 -102.17 -76.15 -3.70
CA LEU N 1348 -102.67 -77.13 -2.74
C LEU N 1348 -104.01 -77.70 -3.19
N LEU N 1349 -104.96 -76.84 -3.54
CA LEU N 1349 -106.27 -77.30 -3.98
C LEU N 1349 -106.16 -78.14 -5.24
N ASN N 1350 -105.19 -77.83 -6.11
CA ASN N 1350 -104.95 -78.69 -7.26
C ASN N 1350 -104.37 -80.03 -6.83
N THR N 1351 -103.65 -80.07 -5.70
CA THR N 1351 -103.03 -81.30 -5.23
C THR N 1351 -103.71 -81.93 -4.03
N SER N 1352 -104.52 -81.17 -3.28
CA SER N 1352 -105.19 -81.74 -2.12
C SER N 1352 -106.28 -82.73 -2.56
N PRO N 1353 -106.50 -83.78 -1.78
CA PRO N 1353 -107.61 -84.71 -2.08
C PRO N 1353 -108.99 -84.14 -1.80
N GLU N 1354 -109.08 -82.87 -1.42
CA GLU N 1354 -110.30 -82.15 -1.07
C GLU N 1354 -110.95 -82.65 0.21
N GLY N 1355 -110.38 -83.69 0.85
CA GLY N 1355 -110.76 -83.97 2.21
C GLY N 1355 -110.32 -82.86 3.15
N TRP N 1356 -109.09 -82.40 2.99
CA TRP N 1356 -108.61 -81.19 3.66
C TRP N 1356 -108.81 -79.97 2.77
N LYS N 1357 -110.04 -79.81 2.28
CA LYS N 1357 -110.37 -78.66 1.45
C LYS N 1357 -110.55 -77.39 2.28
N LEU N 1358 -110.86 -77.54 3.57
CA LEU N 1358 -111.14 -76.41 4.44
C LEU N 1358 -109.90 -76.07 5.25
N LEU N 1359 -109.31 -74.92 4.95
CA LEU N 1359 -108.22 -74.34 5.72
C LEU N 1359 -108.69 -72.99 6.23
N LYS N 1360 -109.87 -72.98 6.85
CA LYS N 1360 -110.70 -71.79 6.98
C LYS N 1360 -111.18 -71.35 5.60
N LYS N 1361 -111.59 -72.32 4.78
CA LYS N 1361 -111.99 -72.06 3.41
C LYS N 1361 -113.22 -71.16 3.33
N ASP N 1362 -113.97 -70.99 4.41
CA ASP N 1362 -115.05 -70.02 4.40
C ASP N 1362 -114.51 -68.62 4.14
N LEU N 1363 -113.52 -68.19 4.92
CA LEU N 1363 -112.91 -66.90 4.65
C LEU N 1363 -112.09 -66.93 3.38
N CYS N 1364 -111.42 -68.05 3.08
CA CYS N 1364 -110.63 -68.14 1.87
C CYS N 1364 -111.48 -68.04 0.61
N ASN N 1365 -112.78 -68.30 0.73
CA ASN N 1365 -113.68 -68.24 -0.41
C ASN N 1365 -114.65 -67.06 -0.34
N THR N 1366 -114.69 -66.33 0.78
CA THR N 1366 -115.48 -65.11 0.87
C THR N 1366 -114.60 -63.87 0.71
N HIS N 1367 -113.56 -63.73 1.53
CA HIS N 1367 -112.72 -62.55 1.53
C HIS N 1367 -111.50 -62.68 0.64
N LEU N 1368 -110.88 -63.86 0.61
CA LEU N 1368 -109.65 -64.00 -0.17
C LEU N 1368 -109.92 -63.84 -1.67
N MET N 1369 -111.00 -64.42 -2.17
CA MET N 1369 -111.30 -64.15 -3.57
C MET N 1369 -111.96 -62.80 -3.81
N ARG N 1370 -112.47 -62.12 -2.78
CA ARG N 1370 -112.72 -60.70 -2.94
C ARG N 1370 -111.42 -59.93 -3.19
N VAL N 1371 -110.37 -60.28 -2.44
CA VAL N 1371 -109.04 -59.74 -2.71
C VAL N 1371 -108.62 -60.07 -4.14
N LEU N 1372 -108.92 -61.30 -4.56
CA LEU N 1372 -108.54 -61.74 -5.91
C LEU N 1372 -109.25 -60.92 -6.99
N VAL N 1373 -110.58 -60.80 -6.91
CA VAL N 1373 -111.32 -60.04 -7.91
C VAL N 1373 -111.08 -58.53 -7.76
N GLN N 1374 -110.46 -58.10 -6.66
CA GLN N 1374 -110.01 -56.72 -6.55
C GLN N 1374 -109.02 -56.35 -7.66
N THR N 1375 -108.60 -57.32 -8.48
CA THR N 1375 -107.94 -57.04 -9.75
C THR N 1375 -108.71 -57.54 -10.95
N LEU N 1376 -109.61 -58.52 -10.77
CA LEU N 1376 -110.37 -59.05 -11.89
C LEU N 1376 -111.46 -58.06 -12.33
N CYS N 1377 -112.40 -57.76 -11.42
CA CYS N 1377 -113.44 -56.79 -11.74
C CYS N 1377 -112.85 -55.42 -12.02
N GLU N 1378 -112.02 -54.92 -11.11
CA GLU N 1378 -111.35 -53.64 -11.30
C GLU N 1378 -110.09 -53.61 -10.44
N PRO N 1379 -108.91 -53.58 -11.06
CA PRO N 1379 -107.67 -53.55 -10.27
C PRO N 1379 -107.55 -52.29 -9.43
N ALA N 1380 -107.63 -52.45 -8.10
CA ALA N 1380 -107.58 -51.33 -7.18
C ALA N 1380 -106.41 -51.42 -6.21
N SER N 1381 -106.20 -52.58 -5.58
CA SER N 1381 -105.16 -52.74 -4.58
C SER N 1381 -104.29 -53.96 -4.79
N ILE N 1382 -104.65 -54.87 -5.68
CA ILE N 1382 -103.95 -56.14 -5.86
C ILE N 1382 -103.38 -56.15 -7.27
N GLY N 1383 -102.10 -55.81 -7.40
CA GLY N 1383 -101.46 -55.81 -8.70
C GLY N 1383 -102.12 -54.89 -9.69
N PHE N 1384 -102.56 -53.72 -9.24
CA PHE N 1384 -103.20 -52.75 -10.13
C PHE N 1384 -102.15 -51.95 -10.88
N ASN N 1385 -101.33 -51.19 -10.16
CA ASN N 1385 -100.19 -50.50 -10.74
C ASN N 1385 -98.94 -50.60 -9.87
N ILE N 1386 -99.05 -51.09 -8.63
CA ILE N 1386 -97.90 -51.28 -7.78
C ILE N 1386 -96.98 -52.32 -8.42
N GLY N 1387 -95.80 -51.88 -8.84
CA GLY N 1387 -94.90 -52.74 -9.57
C GLY N 1387 -95.19 -52.81 -11.05
N ASP N 1388 -96.49 -52.87 -11.42
CA ASP N 1388 -96.91 -53.05 -12.81
C ASP N 1388 -96.10 -54.18 -13.46
N VAL N 1389 -95.90 -55.24 -12.69
CA VAL N 1389 -94.87 -56.25 -12.96
C VAL N 1389 -95.54 -57.60 -12.77
N GLN N 1390 -94.74 -58.67 -12.77
CA GLN N 1390 -95.20 -60.05 -12.66
C GLN N 1390 -96.36 -60.23 -11.68
N VAL N 1391 -96.36 -59.47 -10.58
CA VAL N 1391 -97.50 -59.53 -9.67
C VAL N 1391 -98.74 -58.89 -10.31
N MET N 1392 -98.56 -57.73 -10.95
CA MET N 1392 -99.70 -57.06 -11.57
C MET N 1392 -100.26 -57.88 -12.72
N ALA N 1393 -99.39 -58.43 -13.57
CA ALA N 1393 -99.86 -59.24 -14.68
C ALA N 1393 -100.41 -60.57 -14.19
N HIS N 1394 -99.82 -61.14 -13.14
CA HIS N 1394 -100.26 -62.42 -12.61
C HIS N 1394 -101.54 -62.32 -11.81
N LEU N 1395 -101.92 -61.11 -11.39
CA LEU N 1395 -103.16 -60.96 -10.62
C LEU N 1395 -104.38 -61.50 -11.36
N PRO N 1396 -104.63 -61.18 -12.64
CA PRO N 1396 -105.64 -61.96 -13.38
C PRO N 1396 -105.20 -63.40 -13.62
N ASP N 1397 -103.90 -63.64 -13.80
CA ASP N 1397 -103.43 -65.01 -13.96
C ASP N 1397 -103.69 -65.84 -12.72
N VAL N 1398 -103.42 -65.29 -11.53
CA VAL N 1398 -103.75 -66.02 -10.31
C VAL N 1398 -105.24 -66.04 -10.07
N CYS N 1399 -105.99 -65.07 -10.61
CA CYS N 1399 -107.45 -65.18 -10.62
C CYS N 1399 -107.87 -66.47 -11.31
N VAL N 1400 -107.35 -66.69 -12.52
CA VAL N 1400 -107.68 -67.90 -13.27
C VAL N 1400 -107.13 -69.13 -12.57
N ASN N 1401 -105.97 -69.00 -11.94
CA ASN N 1401 -105.38 -70.12 -11.22
C ASN N 1401 -106.29 -70.59 -10.08
N LEU N 1402 -106.77 -69.65 -9.25
CA LEU N 1402 -107.67 -70.02 -8.17
C LEU N 1402 -109.00 -70.53 -8.69
N MET N 1403 -109.53 -69.93 -9.76
CA MET N 1403 -110.82 -70.44 -10.24
C MET N 1403 -110.68 -71.85 -10.79
N LYS N 1404 -109.56 -72.18 -11.44
CA LYS N 1404 -109.31 -73.56 -11.83
C LYS N 1404 -109.14 -74.47 -10.62
N ALA N 1405 -108.36 -74.03 -9.63
CA ALA N 1405 -108.06 -74.86 -8.48
C ALA N 1405 -109.30 -75.19 -7.67
N LEU N 1406 -110.17 -74.18 -7.46
CA LEU N 1406 -111.42 -74.42 -6.75
C LEU N 1406 -112.50 -74.99 -7.64
N LYS N 1407 -112.30 -74.99 -8.96
CA LYS N 1407 -113.29 -75.59 -9.86
C LYS N 1407 -113.42 -77.09 -9.61
N MET N 1408 -112.30 -77.79 -9.43
CA MET N 1408 -112.37 -79.21 -9.15
C MET N 1408 -112.69 -79.50 -7.68
N SER N 1409 -112.50 -78.52 -6.81
CA SER N 1409 -112.84 -78.68 -5.41
C SER N 1409 -114.35 -78.66 -5.23
N PRO N 1410 -114.85 -79.15 -4.10
CA PRO N 1410 -116.28 -78.98 -3.80
C PRO N 1410 -116.70 -77.53 -3.68
N TYR N 1411 -115.76 -76.60 -3.50
CA TYR N 1411 -116.07 -75.18 -3.36
C TYR N 1411 -116.29 -74.47 -4.70
N LYS N 1412 -116.43 -75.20 -5.81
CA LYS N 1412 -116.66 -74.54 -7.09
C LYS N 1412 -117.98 -73.78 -7.11
N ASP N 1413 -119.01 -74.38 -6.52
CA ASP N 1413 -120.32 -73.72 -6.46
C ASP N 1413 -120.25 -72.42 -5.67
N ILE N 1414 -119.59 -72.45 -4.51
CA ILE N 1414 -119.50 -71.24 -3.71
C ILE N 1414 -118.58 -70.22 -4.37
N LEU N 1415 -117.60 -70.68 -5.15
CA LEU N 1415 -116.81 -69.75 -5.96
C LEU N 1415 -117.68 -69.05 -6.99
N GLU N 1416 -118.54 -69.79 -7.66
CA GLU N 1416 -119.45 -69.19 -8.64
C GLU N 1416 -120.39 -68.20 -7.98
N THR N 1417 -120.92 -68.57 -6.81
CA THR N 1417 -121.79 -67.65 -6.07
C THR N 1417 -121.03 -66.39 -5.65
N HIS N 1418 -119.77 -66.55 -5.23
CA HIS N 1418 -118.98 -65.37 -4.87
C HIS N 1418 -118.72 -64.50 -6.08
N LEU N 1419 -118.49 -65.11 -7.24
CA LEU N 1419 -118.33 -64.34 -8.47
C LEU N 1419 -119.59 -63.56 -8.78
N ARG N 1420 -120.76 -64.18 -8.60
CA ARG N 1420 -122.01 -63.46 -8.77
C ARG N 1420 -122.16 -62.36 -7.72
N GLU N 1421 -121.58 -62.55 -6.53
CA GLU N 1421 -121.58 -61.50 -5.52
C GLU N 1421 -120.74 -60.31 -5.97
N LYS N 1422 -119.51 -60.57 -6.40
CA LYS N 1422 -118.61 -59.50 -6.83
C LYS N 1422 -119.03 -58.96 -8.20
N ILE N 1423 -119.23 -59.85 -9.17
CA ILE N 1423 -119.78 -59.47 -10.47
C ILE N 1423 -121.29 -59.69 -10.36
N THR N 1424 -122.04 -58.59 -10.27
CA THR N 1424 -123.46 -58.63 -9.93
C THR N 1424 -124.29 -59.42 -10.93
N ALA N 1425 -123.65 -59.93 -11.98
CA ALA N 1425 -124.24 -60.84 -12.95
C ALA N 1425 -125.24 -60.12 -13.86
N GLN N 1426 -125.51 -58.85 -13.56
CA GLN N 1426 -126.38 -58.02 -14.40
C GLN N 1426 -125.80 -56.66 -14.73
N SER N 1427 -124.90 -56.12 -13.90
CA SER N 1427 -124.25 -54.86 -14.24
C SER N 1427 -123.33 -55.01 -15.46
N ILE N 1428 -123.04 -56.25 -15.86
CA ILE N 1428 -122.29 -56.48 -17.09
C ILE N 1428 -123.04 -55.88 -18.28
N GLU N 1429 -124.36 -55.95 -18.24
CA GLU N 1429 -125.17 -55.38 -19.33
C GLU N 1429 -124.98 -53.87 -19.43
N GLU N 1430 -124.95 -53.17 -18.30
CA GLU N 1430 -124.83 -51.72 -18.29
C GLU N 1430 -123.39 -51.23 -18.35
N LEU N 1431 -122.41 -52.10 -18.17
CA LEU N 1431 -121.01 -51.71 -18.14
C LEU N 1431 -120.35 -51.79 -19.52
N CYS N 1432 -121.10 -52.15 -20.57
CA CYS N 1432 -120.51 -52.31 -21.88
C CYS N 1432 -120.11 -50.98 -22.53
N ALA N 1433 -120.82 -49.90 -22.22
CA ALA N 1433 -120.59 -48.61 -22.86
C ALA N 1433 -120.46 -47.50 -21.81
N VAL N 1434 -119.65 -47.74 -20.78
CA VAL N 1434 -119.43 -46.70 -19.78
C VAL N 1434 -118.62 -45.55 -20.35
N ASN N 1435 -117.64 -45.86 -21.21
CA ASN N 1435 -116.84 -44.83 -21.87
C ASN N 1435 -116.63 -45.23 -23.32
N LEU N 1436 -117.10 -44.39 -24.24
CA LEU N 1436 -116.94 -44.65 -25.66
C LEU N 1436 -117.29 -43.37 -26.41
N TYR N 1437 -116.99 -43.38 -27.71
CA TYR N 1437 -117.33 -42.27 -28.62
C TYR N 1437 -116.66 -40.97 -28.17
N GLY N 1438 -115.33 -41.00 -28.15
CA GLY N 1438 -114.55 -39.87 -27.74
C GLY N 1438 -113.89 -40.09 -26.39
N PRO N 1439 -112.58 -39.88 -26.31
CA PRO N 1439 -111.89 -40.07 -25.03
C PRO N 1439 -112.24 -38.97 -24.04
N ASP N 1440 -113.49 -38.98 -23.57
CA ASP N 1440 -113.96 -37.95 -22.66
C ASP N 1440 -113.20 -37.99 -21.34
N ALA N 1441 -112.96 -39.19 -20.82
CA ALA N 1441 -112.20 -39.37 -19.59
C ALA N 1441 -111.46 -40.69 -19.67
N GLN N 1442 -110.60 -40.92 -18.69
CA GLN N 1442 -109.83 -42.15 -18.62
C GLN N 1442 -110.16 -43.03 -17.42
N VAL N 1443 -110.71 -42.46 -16.35
CA VAL N 1443 -111.18 -43.28 -15.24
C VAL N 1443 -112.31 -44.19 -15.69
N ASP N 1444 -113.24 -43.67 -16.49
CA ASP N 1444 -114.29 -44.51 -17.05
C ASP N 1444 -113.72 -45.49 -18.08
N ARG N 1445 -112.74 -45.04 -18.88
CA ARG N 1445 -112.06 -45.96 -19.79
C ARG N 1445 -111.33 -47.05 -19.03
N SER N 1446 -110.66 -46.69 -17.93
CA SER N 1446 -109.99 -47.68 -17.11
C SER N 1446 -110.99 -48.66 -16.52
N ARG N 1447 -112.15 -48.18 -16.09
CA ARG N 1447 -113.18 -49.06 -15.57
C ARG N 1447 -113.71 -50.00 -16.64
N LEU N 1448 -113.88 -49.50 -17.87
CA LEU N 1448 -114.31 -50.35 -18.98
C LEU N 1448 -113.27 -51.42 -19.27
N ALA N 1449 -112.00 -51.05 -19.27
CA ALA N 1449 -110.94 -52.05 -19.48
C ALA N 1449 -110.94 -53.07 -18.36
N ALA N 1450 -111.14 -52.61 -17.11
CA ALA N 1450 -111.20 -53.52 -15.98
C ALA N 1450 -112.38 -54.49 -16.11
N VAL N 1451 -113.53 -53.98 -16.57
CA VAL N 1451 -114.71 -54.82 -16.70
C VAL N 1451 -114.53 -55.86 -17.80
N VAL N 1452 -113.98 -55.44 -18.94
CA VAL N 1452 -113.75 -56.41 -20.02
C VAL N 1452 -112.69 -57.42 -19.60
N SER N 1453 -111.70 -57.00 -18.80
CA SER N 1453 -110.74 -57.97 -18.25
C SER N 1453 -111.43 -58.94 -17.31
N ALA N 1454 -112.34 -58.45 -16.48
CA ALA N 1454 -113.11 -59.33 -15.59
C ALA N 1454 -113.85 -60.37 -16.41
N CYS N 1455 -114.56 -59.92 -17.44
CA CYS N 1455 -115.28 -60.85 -18.30
C CYS N 1455 -114.33 -61.84 -18.96
N LYS N 1456 -113.13 -61.38 -19.34
CA LYS N 1456 -112.20 -62.26 -20.01
C LYS N 1456 -111.69 -63.35 -19.07
N GLN N 1457 -111.31 -63.00 -17.84
CA GLN N 1457 -110.90 -64.04 -16.89
C GLN N 1457 -112.05 -64.98 -16.55
N LEU N 1458 -113.26 -64.45 -16.40
CA LEU N 1458 -114.40 -65.32 -16.12
C LEU N 1458 -114.68 -66.26 -17.29
N HIS N 1459 -114.44 -65.80 -18.53
CA HIS N 1459 -114.69 -66.61 -19.70
C HIS N 1459 -113.56 -67.60 -19.97
N ARG N 1460 -112.35 -67.32 -19.45
CA ARG N 1460 -111.24 -68.23 -19.65
C ARG N 1460 -111.52 -69.59 -19.00
N ALA N 1461 -112.13 -69.58 -17.82
CA ALA N 1461 -112.62 -70.82 -17.22
C ALA N 1461 -114.01 -71.20 -17.70
N GLY N 1462 -114.63 -70.37 -18.55
CA GLY N 1462 -115.96 -70.64 -19.05
C GLY N 1462 -117.09 -70.29 -18.13
N LEU N 1463 -116.80 -69.75 -16.94
CA LEU N 1463 -117.82 -69.41 -15.97
C LEU N 1463 -118.45 -68.04 -16.20
N LEU N 1464 -117.97 -67.28 -17.19
CA LEU N 1464 -118.54 -65.96 -17.44
C LEU N 1464 -120.01 -66.07 -17.83
N HIS N 1465 -120.34 -67.01 -18.72
CA HIS N 1465 -121.71 -67.14 -19.18
C HIS N 1465 -122.67 -67.52 -18.06
N ASN N 1466 -122.18 -68.19 -17.03
CA ASN N 1466 -122.98 -68.40 -15.83
C ASN N 1466 -123.22 -67.08 -15.10
N ILE N 1467 -122.16 -66.29 -14.93
CA ILE N 1467 -122.32 -64.96 -14.37
C ILE N 1467 -123.04 -64.05 -15.35
N LEU N 1468 -122.78 -64.21 -16.64
CA LEU N 1468 -123.48 -63.44 -17.65
C LEU N 1468 -124.98 -63.77 -17.58
N PRO N 1469 -125.85 -62.79 -17.83
CA PRO N 1469 -127.30 -63.08 -17.83
C PRO N 1469 -127.68 -64.10 -18.89
N SER N 1470 -128.96 -64.47 -18.92
CA SER N 1470 -129.42 -65.50 -19.84
C SER N 1470 -129.10 -65.11 -21.29
N GLN N 1471 -128.52 -66.05 -22.02
CA GLN N 1471 -128.21 -65.85 -23.44
C GLN N 1471 -129.50 -66.03 -24.22
N SER N 1472 -130.30 -64.95 -24.27
CA SER N 1472 -131.62 -65.02 -24.87
C SER N 1472 -131.60 -65.30 -26.36
N THR N 1473 -130.49 -65.03 -27.03
CA THR N 1473 -130.37 -65.24 -28.47
C THR N 1473 -129.35 -66.32 -28.76
N ASP N 1474 -129.33 -66.76 -30.03
CA ASP N 1474 -128.34 -67.75 -30.46
C ASP N 1474 -126.93 -67.24 -30.24
N LEU N 1475 -126.65 -66.03 -30.70
CA LEU N 1475 -125.45 -65.32 -30.26
C LEU N 1475 -125.68 -64.86 -28.83
N HIS N 1476 -124.61 -64.80 -28.05
CA HIS N 1476 -124.75 -64.40 -26.66
C HIS N 1476 -125.30 -62.99 -26.57
N HIS N 1477 -126.25 -62.79 -25.64
CA HIS N 1477 -126.98 -61.54 -25.58
C HIS N 1477 -126.05 -60.35 -25.35
N SER N 1478 -125.02 -60.53 -24.54
CA SER N 1478 -124.03 -59.48 -24.35
C SER N 1478 -123.34 -59.15 -25.66
N VAL N 1479 -122.98 -60.18 -26.44
CA VAL N 1479 -122.30 -59.96 -27.71
C VAL N 1479 -123.18 -59.16 -28.65
N GLY N 1480 -124.45 -59.55 -28.77
CA GLY N 1480 -125.35 -58.84 -29.66
C GLY N 1480 -125.61 -57.41 -29.24
N THR N 1481 -125.83 -57.19 -27.94
CA THR N 1481 -126.06 -55.83 -27.45
C THR N 1481 -124.85 -54.96 -27.68
N GLU N 1482 -123.65 -55.49 -27.39
CA GLU N 1482 -122.42 -54.73 -27.62
C GLU N 1482 -122.24 -54.39 -29.09
N LEU N 1483 -122.45 -55.37 -29.97
CA LEU N 1483 -122.30 -55.12 -31.41
C LEU N 1483 -123.27 -54.04 -31.87
N LEU N 1484 -124.54 -54.19 -31.51
CA LEU N 1484 -125.56 -53.23 -31.97
C LEU N 1484 -125.27 -51.84 -31.44
N SER N 1485 -124.89 -51.72 -30.16
CA SER N 1485 -124.65 -50.42 -29.58
C SER N 1485 -123.34 -49.80 -30.04
N LEU N 1486 -122.40 -50.60 -30.54
CA LEU N 1486 -121.08 -50.09 -30.87
C LEU N 1486 -120.89 -49.86 -32.38
N VAL N 1487 -121.06 -50.90 -33.19
CA VAL N 1487 -120.63 -50.81 -34.58
C VAL N 1487 -121.75 -50.34 -35.49
N TYR N 1488 -123.01 -50.54 -35.10
CA TYR N 1488 -124.13 -50.13 -35.94
C TYR N 1488 -124.80 -48.87 -35.42
N LYS N 1489 -125.25 -48.87 -34.17
CA LYS N 1489 -125.82 -47.66 -33.59
C LYS N 1489 -124.73 -46.68 -33.16
N GLY N 1490 -123.64 -47.18 -32.60
CA GLY N 1490 -122.60 -46.29 -32.10
C GLY N 1490 -121.74 -45.67 -33.18
N ILE N 1491 -121.50 -46.40 -34.28
CA ILE N 1491 -120.68 -45.86 -35.36
C ILE N 1491 -121.46 -45.03 -36.36
N ALA N 1492 -122.79 -44.97 -36.21
CA ALA N 1492 -123.61 -44.16 -37.09
C ALA N 1492 -123.79 -42.76 -36.50
N PRO N 1493 -123.43 -41.69 -37.22
CA PRO N 1493 -123.59 -40.32 -36.74
C PRO N 1493 -125.06 -39.94 -36.54
N PRO N 1501 -119.91 -40.90 -35.20
CA PRO N 1501 -119.37 -41.98 -34.38
C PRO N 1501 -118.38 -41.49 -33.33
N SER N 1502 -117.51 -40.55 -33.73
CA SER N 1502 -116.48 -40.00 -32.85
C SER N 1502 -115.63 -41.12 -32.24
N LEU N 1503 -115.31 -42.12 -33.07
CA LEU N 1503 -114.47 -43.23 -32.65
C LEU N 1503 -113.01 -42.81 -32.74
N ASP N 1504 -112.39 -42.56 -31.59
CA ASP N 1504 -110.99 -42.16 -31.51
C ASP N 1504 -110.17 -43.33 -30.99
N LEU N 1505 -108.87 -43.09 -30.82
CA LEU N 1505 -107.94 -44.18 -30.56
C LEU N 1505 -108.30 -44.95 -29.30
N SER N 1506 -108.59 -44.24 -28.21
CA SER N 1506 -109.03 -44.91 -26.98
C SER N 1506 -110.38 -45.60 -27.20
N CYS N 1507 -111.31 -44.90 -27.85
CA CYS N 1507 -112.63 -45.48 -28.10
C CYS N 1507 -112.55 -46.62 -29.10
N LYS N 1508 -111.69 -46.49 -30.12
CA LYS N 1508 -111.50 -47.59 -31.07
C LYS N 1508 -110.92 -48.82 -30.37
N GLN N 1509 -109.95 -48.60 -29.47
CA GLN N 1509 -109.40 -49.72 -28.72
C GLN N 1509 -110.45 -50.37 -27.82
N LEU N 1510 -111.26 -49.56 -27.15
CA LEU N 1510 -112.31 -50.12 -26.29
C LEU N 1510 -113.33 -50.90 -27.12
N ALA N 1511 -113.73 -50.35 -28.27
CA ALA N 1511 -114.68 -51.04 -29.13
C ALA N 1511 -114.11 -52.35 -29.67
N SER N 1512 -112.83 -52.34 -30.07
CA SER N 1512 -112.22 -53.56 -30.57
C SER N 1512 -112.10 -54.61 -29.47
N GLY N 1513 -111.76 -54.19 -28.25
CA GLY N 1513 -111.71 -55.14 -27.15
C GLY N 1513 -113.06 -55.72 -26.82
N LEU N 1514 -114.10 -54.89 -26.80
CA LEU N 1514 -115.46 -55.38 -26.56
C LEU N 1514 -115.89 -56.34 -27.67
N LEU N 1515 -115.57 -56.01 -28.92
CA LEU N 1515 -115.94 -56.85 -30.04
C LEU N 1515 -115.22 -58.19 -29.99
N GLU N 1516 -113.95 -58.18 -29.59
CA GLU N 1516 -113.21 -59.44 -29.46
C GLU N 1516 -113.74 -60.27 -28.30
N LEU N 1517 -114.12 -59.62 -27.20
CA LEU N 1517 -114.76 -60.33 -26.10
C LEU N 1517 -116.07 -60.97 -26.56
N ALA N 1518 -116.83 -60.24 -27.38
CA ALA N 1518 -118.02 -60.82 -27.99
C ALA N 1518 -117.66 -62.01 -28.87
N PHE N 1519 -116.59 -61.88 -29.66
CA PHE N 1519 -116.11 -62.97 -30.49
C PHE N 1519 -115.35 -64.02 -29.69
N ALA N 1520 -115.00 -63.72 -28.43
CA ALA N 1520 -114.54 -64.78 -27.55
C ALA N 1520 -115.66 -65.73 -27.17
N PHE N 1521 -116.90 -65.36 -27.46
CA PHE N 1521 -118.07 -66.20 -27.21
C PHE N 1521 -118.51 -66.87 -28.50
N GLY N 1522 -118.93 -68.13 -28.39
CA GLY N 1522 -119.34 -68.89 -29.55
C GLY N 1522 -120.73 -68.54 -30.03
N GLY N 1523 -121.11 -69.14 -31.16
CA GLY N 1523 -122.41 -68.90 -31.74
C GLY N 1523 -122.57 -67.57 -32.43
N LEU N 1524 -121.47 -66.94 -32.83
CA LEU N 1524 -121.50 -65.63 -33.46
C LEU N 1524 -121.28 -65.67 -34.96
N CYS N 1525 -120.84 -66.81 -35.52
CA CYS N 1525 -120.44 -66.89 -36.92
C CYS N 1525 -121.58 -66.51 -37.85
N GLU N 1526 -122.64 -67.33 -37.89
CA GLU N 1526 -123.77 -67.03 -38.74
C GLU N 1526 -124.44 -65.73 -38.34
N ARG N 1527 -124.40 -65.37 -37.05
CA ARG N 1527 -125.04 -64.14 -36.60
C ARG N 1527 -124.31 -62.92 -37.13
N LEU N 1528 -122.97 -62.92 -37.05
CA LEU N 1528 -122.23 -61.80 -37.62
C LEU N 1528 -122.32 -61.80 -39.15
N VAL N 1529 -122.43 -62.98 -39.76
CA VAL N 1529 -122.63 -63.05 -41.20
C VAL N 1529 -123.93 -62.34 -41.59
N SER N 1530 -125.02 -62.64 -40.86
CA SER N 1530 -126.28 -61.97 -41.11
C SER N 1530 -126.19 -60.48 -40.81
N LEU N 1531 -125.45 -60.11 -39.76
CA LEU N 1531 -125.32 -58.70 -39.40
C LEU N 1531 -124.62 -57.89 -40.48
N LEU N 1532 -123.51 -58.43 -41.01
CA LEU N 1532 -122.85 -57.76 -42.13
C LEU N 1532 -123.70 -57.84 -43.39
N LEU N 1533 -124.51 -58.89 -43.51
CA LEU N 1533 -125.53 -58.96 -44.55
C LEU N 1533 -126.70 -58.03 -44.27
N ASN N 1534 -126.72 -57.41 -43.09
CA ASN N 1534 -127.68 -56.37 -42.73
C ASN N 1534 -126.94 -55.03 -42.74
N PRO N 1535 -126.77 -54.41 -43.90
CA PRO N 1535 -125.96 -53.19 -43.99
C PRO N 1535 -126.78 -51.96 -43.59
N ALA N 1536 -126.44 -51.39 -42.44
CA ALA N 1536 -127.01 -50.11 -42.04
C ALA N 1536 -126.08 -49.01 -42.57
N VAL N 1537 -126.30 -47.77 -42.11
CA VAL N 1537 -125.54 -46.62 -42.60
C VAL N 1537 -124.57 -46.20 -41.52
N LEU N 1538 -123.31 -46.05 -41.90
CA LEU N 1538 -122.27 -45.49 -41.05
C LEU N 1538 -121.52 -44.41 -41.81
N SER N 1539 -121.04 -43.41 -41.08
CA SER N 1539 -120.21 -42.36 -41.65
C SER N 1539 -119.07 -42.09 -40.69
N PHE N 1553 -122.21 -45.24 -45.75
CA PHE N 1553 -121.83 -46.50 -46.35
C PHE N 1553 -122.44 -47.64 -45.56
N SER N 1554 -122.27 -48.85 -46.07
CA SER N 1554 -122.81 -50.04 -45.41
C SER N 1554 -122.20 -50.20 -44.02
N HIS N 1555 -123.07 -50.45 -43.04
CA HIS N 1555 -122.59 -50.73 -41.70
C HIS N 1555 -121.92 -52.08 -41.62
N GLY N 1556 -122.46 -53.08 -42.33
CA GLY N 1556 -121.83 -54.39 -42.33
C GLY N 1556 -120.44 -54.36 -42.97
N GLU N 1557 -120.34 -53.72 -44.13
CA GLU N 1557 -119.06 -53.64 -44.82
C GLU N 1557 -118.03 -52.87 -44.00
N TYR N 1558 -118.44 -51.72 -43.44
CA TYR N 1558 -117.51 -50.94 -42.63
C TYR N 1558 -117.12 -51.68 -41.36
N PHE N 1559 -118.06 -52.36 -40.73
CA PHE N 1559 -117.77 -53.12 -39.53
C PHE N 1559 -116.78 -54.25 -39.84
N TYR N 1560 -116.98 -54.93 -40.97
CA TYR N 1560 -116.03 -55.97 -41.36
C TYR N 1560 -114.66 -55.37 -41.63
N SER N 1561 -114.60 -54.27 -42.36
CA SER N 1561 -113.31 -53.65 -42.66
C SER N 1561 -112.61 -53.22 -41.38
N LEU N 1562 -113.36 -52.71 -40.42
CA LEU N 1562 -112.76 -52.19 -39.19
C LEU N 1562 -112.34 -53.29 -38.23
N PHE N 1563 -113.03 -54.43 -38.21
CA PHE N 1563 -112.76 -55.43 -37.19
C PHE N 1563 -112.62 -56.83 -37.76
N SER N 1564 -112.11 -56.95 -38.99
CA SER N 1564 -111.90 -58.28 -39.57
C SER N 1564 -110.96 -59.12 -38.73
N GLU N 1565 -109.96 -58.49 -38.09
CA GLU N 1565 -108.98 -59.25 -37.32
C GLU N 1565 -109.63 -60.14 -36.27
N THR N 1566 -110.78 -59.72 -35.74
CA THR N 1566 -111.55 -60.52 -34.80
C THR N 1566 -112.74 -61.21 -35.45
N ILE N 1567 -113.28 -60.62 -36.51
CA ILE N 1567 -114.44 -61.20 -37.19
C ILE N 1567 -114.06 -62.54 -37.82
N ASN N 1568 -112.95 -62.58 -38.56
CA ASN N 1568 -112.53 -63.82 -39.18
C ASN N 1568 -112.10 -64.85 -38.14
N THR N 1569 -111.51 -64.38 -37.03
CA THR N 1569 -111.15 -65.28 -35.95
C THR N 1569 -112.39 -65.94 -35.35
N GLU N 1570 -113.46 -65.16 -35.15
CA GLU N 1570 -114.71 -65.75 -34.67
C GLU N 1570 -115.29 -66.70 -35.71
N LEU N 1571 -115.22 -66.33 -36.99
CA LEU N 1571 -115.74 -67.19 -38.05
C LEU N 1571 -115.02 -68.53 -38.09
N LEU N 1572 -113.80 -68.60 -37.56
CA LEU N 1572 -113.07 -69.87 -37.50
C LEU N 1572 -113.77 -70.88 -36.59
N LYS N 1573 -114.59 -70.42 -35.64
CA LYS N 1573 -115.30 -71.34 -34.77
C LYS N 1573 -116.27 -72.22 -35.57
N ASN N 1574 -117.01 -71.61 -36.48
CA ASN N 1574 -117.95 -72.32 -37.34
C ASN N 1574 -117.75 -71.80 -38.76
N LEU N 1575 -116.81 -72.39 -39.48
CA LEU N 1575 -116.47 -71.93 -40.82
C LEU N 1575 -117.52 -72.32 -41.85
N ASP N 1576 -118.02 -73.56 -41.77
CA ASP N 1576 -118.81 -74.10 -42.86
C ASP N 1576 -120.19 -73.44 -42.94
N LEU N 1577 -120.86 -73.24 -41.80
CA LEU N 1577 -122.15 -72.58 -41.83
C LEU N 1577 -122.02 -71.13 -42.30
N ALA N 1578 -120.98 -70.43 -41.84
CA ALA N 1578 -120.79 -69.04 -42.25
C ALA N 1578 -120.49 -68.97 -43.75
N VAL N 1579 -119.69 -69.90 -44.26
CA VAL N 1579 -119.34 -69.84 -45.68
C VAL N 1579 -120.50 -70.29 -46.56
N LEU N 1580 -121.37 -71.19 -46.05
CA LEU N 1580 -122.61 -71.49 -46.76
C LEU N 1580 -123.53 -70.28 -46.80
N GLU N 1581 -123.60 -69.54 -45.69
CA GLU N 1581 -124.36 -68.30 -45.68
C GLU N 1581 -123.80 -67.30 -46.69
N LEU N 1582 -122.48 -67.19 -46.76
CA LEU N 1582 -121.86 -66.30 -47.75
C LEU N 1582 -122.16 -66.78 -49.16
N MET N 1583 -122.19 -68.10 -49.37
CA MET N 1583 -122.55 -68.63 -50.68
C MET N 1583 -123.95 -68.22 -51.08
N GLN N 1584 -124.92 -68.44 -50.19
CA GLN N 1584 -126.30 -68.14 -50.54
C GLN N 1584 -126.54 -66.64 -50.66
N SER N 1585 -125.74 -65.83 -49.98
CA SER N 1585 -125.90 -64.38 -50.04
C SER N 1585 -125.01 -63.71 -51.08
N SER N 1586 -124.12 -64.47 -51.73
CA SER N 1586 -123.28 -63.90 -52.77
C SER N 1586 -124.11 -63.40 -53.94
N VAL N 1587 -125.14 -64.15 -54.33
CA VAL N 1587 -126.09 -63.66 -55.31
C VAL N 1587 -126.90 -62.50 -54.73
N ASP N 1588 -127.23 -62.57 -53.44
CA ASP N 1588 -127.91 -61.46 -52.78
C ASP N 1588 -127.02 -60.22 -52.75
N ASN N 1589 -125.79 -60.37 -52.26
CA ASN N 1589 -124.83 -59.28 -52.16
C ASN N 1589 -123.60 -59.72 -52.93
N THR N 1590 -123.35 -59.08 -54.08
CA THR N 1590 -122.32 -59.57 -54.98
C THR N 1590 -120.92 -59.14 -54.52
N LYS N 1591 -120.68 -57.82 -54.47
CA LYS N 1591 -119.33 -57.34 -54.21
C LYS N 1591 -118.95 -57.44 -52.74
N MET N 1592 -119.89 -57.15 -51.83
CA MET N 1592 -119.55 -57.17 -50.41
C MET N 1592 -119.27 -58.58 -49.91
N VAL N 1593 -120.06 -59.55 -50.34
CA VAL N 1593 -119.82 -60.94 -49.95
C VAL N 1593 -118.49 -61.42 -50.50
N SER N 1594 -118.18 -61.07 -51.76
CA SER N 1594 -116.88 -61.43 -52.32
C SER N 1594 -115.74 -60.79 -51.56
N ALA N 1595 -115.92 -59.53 -51.15
CA ALA N 1595 -114.87 -58.84 -50.40
C ALA N 1595 -114.63 -59.49 -49.04
N VAL N 1596 -115.72 -59.81 -48.32
CA VAL N 1596 -115.53 -60.45 -47.02
C VAL N 1596 -115.00 -61.87 -47.19
N LEU N 1597 -115.34 -62.54 -48.29
CA LEU N 1597 -114.75 -63.84 -48.58
C LEU N 1597 -113.26 -63.72 -48.82
N ASN N 1598 -112.84 -62.69 -49.54
CA ASN N 1598 -111.41 -62.49 -49.77
C ASN N 1598 -110.69 -62.13 -48.47
N GLY N 1599 -111.35 -61.37 -47.61
CA GLY N 1599 -110.78 -61.10 -46.30
C GLY N 1599 -110.65 -62.36 -45.46
N MET N 1600 -111.63 -63.26 -45.54
CA MET N 1600 -111.51 -64.53 -44.84
C MET N 1600 -110.42 -65.39 -45.44
N LEU N 1601 -110.24 -65.32 -46.76
CA LEU N 1601 -109.11 -65.98 -47.39
C LEU N 1601 -107.79 -65.40 -46.90
N ASP N 1602 -107.76 -64.09 -46.67
CA ASP N 1602 -106.58 -63.46 -46.07
C ASP N 1602 -106.34 -64.02 -44.67
N GLN N 1603 -107.41 -64.19 -43.89
CA GLN N 1603 -107.28 -64.81 -42.58
C GLN N 1603 -106.70 -66.22 -42.70
N SER N 1604 -107.23 -67.01 -43.64
CA SER N 1604 -106.77 -68.38 -43.80
C SER N 1604 -105.31 -68.43 -44.24
N PHE N 1605 -104.89 -67.50 -45.10
CA PHE N 1605 -103.49 -67.42 -45.49
C PHE N 1605 -102.62 -66.96 -44.34
N ARG N 1606 -103.14 -66.10 -43.46
CA ARG N 1606 -102.42 -65.77 -42.24
C ARG N 1606 -102.22 -67.00 -41.38
N GLU N 1607 -103.23 -67.86 -41.32
CA GLU N 1607 -103.15 -69.11 -40.59
C GLU N 1607 -102.75 -70.29 -41.46
N ARG N 1608 -102.43 -70.05 -42.74
CA ARG N 1608 -102.05 -71.15 -43.63
C ARG N 1608 -100.79 -71.87 -43.17
N ALA N 1609 -99.99 -71.22 -42.32
CA ALA N 1609 -98.89 -71.89 -41.64
C ALA N 1609 -99.25 -72.29 -40.22
N ASN N 1610 -100.41 -71.85 -39.71
CA ASN N 1610 -100.83 -72.15 -38.36
C ASN N 1610 -102.08 -73.02 -38.33
N GLN N 1611 -103.16 -72.58 -38.96
CA GLN N 1611 -104.41 -73.34 -39.05
C GLN N 1611 -104.59 -73.74 -40.51
N LYS N 1612 -103.94 -74.86 -40.87
CA LYS N 1612 -104.05 -75.33 -42.25
C LYS N 1612 -105.45 -75.87 -42.53
N HIS N 1613 -105.97 -76.71 -41.64
CA HIS N 1613 -107.26 -77.34 -41.88
C HIS N 1613 -108.39 -76.33 -41.92
N GLN N 1614 -108.28 -75.23 -41.18
CA GLN N 1614 -109.29 -74.18 -41.27
C GLN N 1614 -109.38 -73.63 -42.69
N GLY N 1615 -108.24 -73.24 -43.26
CA GLY N 1615 -108.24 -72.73 -44.61
C GLY N 1615 -108.65 -73.77 -45.64
N LEU N 1616 -108.19 -75.00 -45.46
CA LEU N 1616 -108.55 -76.07 -46.39
C LEU N 1616 -110.06 -76.33 -46.39
N LYS N 1617 -110.65 -76.42 -45.20
CA LYS N 1617 -112.09 -76.65 -45.12
C LYS N 1617 -112.86 -75.45 -45.66
N LEU N 1618 -112.37 -74.23 -45.40
CA LEU N 1618 -113.01 -73.04 -45.91
C LEU N 1618 -113.02 -73.05 -47.43
N ALA N 1619 -111.88 -73.36 -48.05
CA ALA N 1619 -111.79 -73.34 -49.51
C ALA N 1619 -112.57 -74.49 -50.14
N THR N 1620 -112.53 -75.67 -49.52
CA THR N 1620 -113.31 -76.79 -50.04
C THR N 1620 -114.80 -76.49 -49.99
N THR N 1621 -115.27 -75.93 -48.88
CA THR N 1621 -116.67 -75.53 -48.80
C THR N 1621 -116.99 -74.42 -49.79
N ILE N 1622 -116.04 -73.51 -50.01
CA ILE N 1622 -116.24 -72.43 -50.98
C ILE N 1622 -116.48 -73.02 -52.36
N LEU N 1623 -115.61 -73.93 -52.79
CA LEU N 1623 -115.80 -74.55 -54.10
C LEU N 1623 -116.84 -75.66 -54.09
N GLN N 1624 -117.41 -75.98 -52.92
CA GLN N 1624 -118.55 -76.88 -52.83
C GLN N 1624 -119.87 -76.16 -53.06
N HIS N 1625 -120.15 -75.13 -52.26
CA HIS N 1625 -121.29 -74.27 -52.54
C HIS N 1625 -120.97 -73.20 -53.57
N TRP N 1626 -119.91 -73.41 -54.34
CA TRP N 1626 -119.74 -72.71 -55.61
C TRP N 1626 -120.99 -72.86 -56.46
N LYS N 1627 -121.81 -73.88 -56.18
CA LYS N 1627 -123.11 -73.98 -56.82
C LYS N 1627 -123.94 -72.72 -56.62
N LYS N 1628 -123.99 -72.20 -55.40
CA LYS N 1628 -124.71 -70.96 -55.14
C LYS N 1628 -123.84 -69.75 -55.43
N CYS N 1629 -122.53 -69.88 -55.30
CA CYS N 1629 -121.63 -68.76 -55.53
C CYS N 1629 -121.62 -68.33 -56.99
N ASP N 1630 -121.46 -69.29 -57.91
CA ASP N 1630 -121.29 -69.04 -59.33
C ASP N 1630 -122.58 -68.64 -60.03
N SER N 1631 -123.71 -68.71 -59.33
CA SER N 1631 -125.00 -68.40 -59.95
C SER N 1631 -124.98 -67.02 -60.59
N TRP N 1632 -124.23 -66.08 -60.03
CA TRP N 1632 -124.15 -64.74 -60.57
C TRP N 1632 -122.83 -64.46 -61.28
N TRP N 1633 -121.91 -65.43 -61.36
CA TRP N 1633 -120.68 -65.20 -62.11
C TRP N 1633 -120.27 -66.42 -62.95
N ALA N 1634 -121.25 -67.17 -63.45
CA ALA N 1634 -120.93 -68.27 -64.35
C ALA N 1634 -120.26 -67.76 -65.61
N LYS N 1635 -121.01 -67.00 -66.42
CA LYS N 1635 -120.47 -66.38 -67.63
C LYS N 1635 -120.92 -64.94 -67.83
N ASP N 1636 -122.06 -64.53 -67.28
CA ASP N 1636 -122.66 -63.24 -67.57
C ASP N 1636 -122.18 -62.12 -66.66
N SER N 1637 -121.39 -62.43 -65.64
CA SER N 1637 -121.06 -61.45 -64.62
C SER N 1637 -120.17 -60.34 -65.20
N PRO N 1638 -120.22 -59.15 -64.62
CA PRO N 1638 -119.37 -58.04 -65.10
C PRO N 1638 -117.90 -58.34 -64.91
N LEU N 1639 -117.08 -57.41 -65.42
CA LEU N 1639 -115.64 -57.58 -65.37
C LEU N 1639 -115.11 -57.61 -63.94
N GLU N 1640 -115.58 -56.68 -63.09
CA GLU N 1640 -115.07 -56.60 -61.74
C GLU N 1640 -115.41 -57.86 -60.94
N THR N 1641 -116.62 -58.39 -61.12
CA THR N 1641 -117.02 -59.60 -60.42
C THR N 1641 -116.20 -60.80 -60.87
N LYS N 1642 -115.96 -60.94 -62.17
CA LYS N 1642 -115.13 -62.03 -62.65
C LYS N 1642 -113.71 -61.91 -62.14
N MET N 1643 -113.16 -60.69 -62.13
CA MET N 1643 -111.81 -60.48 -61.60
C MET N 1643 -111.76 -60.86 -60.13
N ALA N 1644 -112.75 -60.42 -59.36
CA ALA N 1644 -112.77 -60.72 -57.93
C ALA N 1644 -112.88 -62.22 -57.66
N VAL N 1645 -113.76 -62.90 -58.40
CA VAL N 1645 -113.96 -64.32 -58.15
C VAL N 1645 -112.75 -65.13 -58.58
N LEU N 1646 -112.11 -64.74 -59.69
CA LEU N 1646 -110.93 -65.48 -60.12
C LEU N 1646 -109.74 -65.22 -59.19
N ALA N 1647 -109.62 -64.00 -58.67
CA ALA N 1647 -108.61 -63.74 -57.65
C ALA N 1647 -108.90 -64.55 -56.39
N LEU N 1648 -110.18 -64.67 -56.04
CA LEU N 1648 -110.56 -65.50 -54.90
C LEU N 1648 -110.18 -66.96 -55.12
N LEU N 1649 -110.42 -67.46 -56.33
CA LEU N 1649 -110.04 -68.85 -56.65
C LEU N 1649 -108.53 -69.04 -56.59
N ALA N 1650 -107.77 -68.09 -57.14
CA ALA N 1650 -106.31 -68.18 -57.07
C ALA N 1650 -105.83 -68.12 -55.63
N LYS N 1651 -106.47 -67.28 -54.81
CA LYS N 1651 -106.15 -67.24 -53.39
C LYS N 1651 -106.45 -68.57 -52.72
N ILE N 1652 -107.55 -69.22 -53.13
CA ILE N 1652 -107.86 -70.56 -52.64
C ILE N 1652 -106.75 -71.53 -53.00
N LEU N 1653 -106.28 -71.47 -54.25
CA LEU N 1653 -105.18 -72.31 -54.67
C LEU N 1653 -103.95 -72.05 -53.82
N GLN N 1654 -103.69 -70.78 -53.51
CA GLN N 1654 -102.57 -70.43 -52.63
C GLN N 1654 -102.76 -71.02 -51.24
N ILE N 1655 -103.99 -71.03 -50.75
CA ILE N 1655 -104.29 -71.49 -49.39
C ILE N 1655 -104.48 -73.00 -49.40
N ASP N 1656 -105.48 -73.48 -50.13
CA ASP N 1656 -105.79 -74.90 -50.19
C ASP N 1656 -105.11 -75.53 -51.40
N SER N 1657 -104.61 -76.75 -51.21
CA SER N 1657 -103.99 -77.48 -52.29
C SER N 1657 -104.96 -77.62 -53.46
N SER N 1658 -104.61 -77.00 -54.59
CA SER N 1658 -105.52 -76.95 -55.73
C SER N 1658 -105.81 -78.34 -56.27
N VAL N 1659 -104.77 -79.19 -56.38
CA VAL N 1659 -104.96 -80.51 -56.97
C VAL N 1659 -105.97 -81.34 -56.18
N SER N 1660 -106.16 -81.02 -54.90
CA SER N 1660 -107.06 -81.81 -54.07
C SER N 1660 -108.52 -81.53 -54.38
N PHE N 1661 -108.85 -80.33 -54.86
CA PHE N 1661 -110.25 -79.98 -55.03
C PHE N 1661 -110.56 -79.41 -56.41
N ASN N 1662 -109.57 -78.81 -57.05
CA ASN N 1662 -109.75 -78.15 -58.33
C ASN N 1662 -109.82 -79.15 -59.48
N THR N 1663 -109.49 -80.42 -59.25
CA THR N 1663 -109.50 -81.40 -60.32
C THR N 1663 -110.93 -81.71 -60.76
N SER N 1664 -111.74 -82.25 -59.86
CA SER N 1664 -113.16 -82.46 -60.13
C SER N 1664 -114.03 -82.25 -58.90
N HIS N 1665 -113.46 -81.83 -57.78
CA HIS N 1665 -114.10 -81.99 -56.49
C HIS N 1665 -115.05 -80.83 -56.17
N GLY N 1666 -116.12 -81.15 -55.44
CA GLY N 1666 -117.11 -80.17 -55.08
C GLY N 1666 -117.82 -79.62 -56.30
N SER N 1667 -118.15 -78.34 -56.25
CA SER N 1667 -118.74 -77.64 -57.38
C SER N 1667 -117.69 -77.05 -58.31
N PHE N 1668 -116.52 -77.67 -58.38
CA PHE N 1668 -115.46 -77.18 -59.27
C PHE N 1668 -115.92 -76.92 -60.69
N PRO N 1669 -116.60 -77.84 -61.39
CA PRO N 1669 -116.90 -77.58 -62.82
C PRO N 1669 -117.72 -76.32 -63.04
N GLU N 1670 -118.57 -75.97 -62.08
CA GLU N 1670 -119.32 -74.72 -62.19
C GLU N 1670 -118.38 -73.51 -62.13
N VAL N 1671 -117.31 -73.59 -61.34
CA VAL N 1671 -116.28 -72.57 -61.37
C VAL N 1671 -115.46 -72.67 -62.66
N PHE N 1672 -115.28 -73.89 -63.17
CA PHE N 1672 -114.56 -74.11 -64.42
C PHE N 1672 -115.27 -73.44 -65.58
N THR N 1673 -116.59 -73.28 -65.47
CA THR N 1673 -117.31 -72.48 -66.46
C THR N 1673 -116.78 -71.05 -66.48
N THR N 1674 -116.66 -70.42 -65.31
CA THR N 1674 -116.09 -69.08 -65.25
C THR N 1674 -114.61 -69.07 -65.63
N TYR N 1675 -113.92 -70.18 -65.39
CA TYR N 1675 -112.52 -70.29 -65.82
C TYR N 1675 -112.42 -70.28 -67.34
N ILE N 1676 -113.28 -71.05 -68.02
CA ILE N 1676 -113.32 -71.04 -69.47
C ILE N 1676 -113.72 -69.66 -69.97
N SER N 1677 -114.63 -68.99 -69.26
CA SER N 1677 -114.96 -67.61 -69.60
C SER N 1677 -113.71 -66.73 -69.54
N LEU N 1678 -113.00 -66.76 -68.41
CA LEU N 1678 -111.77 -65.98 -68.28
C LEU N 1678 -110.80 -66.29 -69.39
N LEU N 1679 -110.76 -67.55 -69.84
CA LEU N 1679 -109.91 -67.91 -70.97
C LEU N 1679 -110.41 -67.31 -72.27
N ALA N 1680 -111.73 -67.16 -72.43
CA ALA N 1680 -112.28 -66.74 -73.71
C ALA N 1680 -113.19 -65.52 -73.62
N ASP N 1681 -113.98 -65.41 -72.56
CA ASP N 1681 -114.97 -64.35 -72.45
C ASP N 1681 -114.29 -62.99 -72.38
N THR N 1682 -114.91 -62.00 -73.04
CA THR N 1682 -114.41 -60.64 -72.99
C THR N 1682 -114.69 -59.99 -71.63
N LYS N 1683 -115.79 -60.37 -70.99
CA LYS N 1683 -116.13 -59.81 -69.67
C LYS N 1683 -115.23 -60.31 -68.56
N LEU N 1684 -114.17 -61.03 -68.90
CA LEU N 1684 -113.07 -61.33 -67.99
C LEU N 1684 -111.80 -60.76 -68.60
N ASP N 1685 -111.04 -60.02 -67.78
CA ASP N 1685 -109.96 -59.20 -68.32
C ASP N 1685 -108.84 -60.07 -68.89
N LEU N 1686 -108.14 -59.52 -69.88
CA LEU N 1686 -107.00 -60.22 -70.46
C LEU N 1686 -105.91 -60.43 -69.42
N HIS N 1687 -105.64 -59.42 -68.58
CA HIS N 1687 -104.72 -59.62 -67.48
C HIS N 1687 -105.30 -60.58 -66.45
N LEU N 1688 -106.63 -60.61 -66.29
CA LEU N 1688 -107.24 -61.63 -65.44
C LEU N 1688 -106.99 -63.01 -66.01
N LYS N 1689 -107.12 -63.16 -67.33
CA LYS N 1689 -106.81 -64.44 -67.96
C LYS N 1689 -105.35 -64.82 -67.76
N GLY N 1690 -104.45 -63.84 -67.89
CA GLY N 1690 -103.04 -64.11 -67.65
C GLY N 1690 -102.77 -64.53 -66.21
N GLN N 1691 -103.42 -63.87 -65.25
CA GLN N 1691 -103.29 -64.25 -63.85
C GLN N 1691 -103.77 -65.67 -63.63
N ALA N 1692 -104.91 -66.02 -64.22
CA ALA N 1692 -105.41 -67.39 -64.09
C ALA N 1692 -104.43 -68.40 -64.66
N VAL N 1693 -103.93 -68.13 -65.88
CA VAL N 1693 -103.09 -69.10 -66.56
C VAL N 1693 -101.69 -69.16 -65.96
N THR N 1694 -101.31 -68.16 -65.18
CA THR N 1694 -100.02 -68.19 -64.50
C THR N 1694 -100.11 -68.65 -63.05
N LEU N 1695 -101.30 -68.65 -62.46
CA LEU N 1695 -101.48 -69.13 -61.10
C LEU N 1695 -101.99 -70.57 -61.03
N LEU N 1696 -102.70 -71.03 -62.06
CA LEU N 1696 -102.99 -72.45 -62.18
C LEU N 1696 -101.74 -73.32 -62.20
N PRO N 1697 -100.61 -72.92 -62.84
CA PRO N 1697 -99.39 -73.76 -62.79
C PRO N 1697 -99.00 -74.29 -61.42
N PHE N 1698 -99.56 -73.71 -60.35
CA PHE N 1698 -99.51 -74.39 -59.07
C PHE N 1698 -100.15 -75.77 -59.15
N PHE N 1699 -101.13 -75.93 -60.06
CA PHE N 1699 -101.74 -77.22 -60.35
C PHE N 1699 -101.80 -77.52 -61.84
N THR N 1700 -101.69 -76.52 -62.72
CA THR N 1700 -101.84 -76.71 -64.15
C THR N 1700 -100.81 -77.66 -64.74
N SER N 1701 -99.79 -78.06 -63.98
CA SER N 1701 -98.86 -79.07 -64.44
C SER N 1701 -99.60 -80.38 -64.68
N LEU N 1702 -99.63 -80.81 -65.94
CA LEU N 1702 -100.24 -82.08 -66.34
C LEU N 1702 -101.71 -82.15 -65.98
N THR N 1703 -102.51 -81.28 -66.60
CA THR N 1703 -103.97 -81.31 -66.47
C THR N 1703 -104.56 -81.98 -67.71
N GLY N 1704 -104.74 -83.31 -67.60
CA GLY N 1704 -105.31 -84.06 -68.72
C GLY N 1704 -106.75 -83.67 -69.01
N GLY N 1705 -107.53 -83.43 -67.95
CA GLY N 1705 -108.94 -83.13 -68.13
C GLY N 1705 -109.21 -81.81 -68.86
N SER N 1706 -108.26 -80.88 -68.81
CA SER N 1706 -108.41 -79.59 -69.49
C SER N 1706 -107.42 -79.43 -70.62
N LEU N 1707 -106.89 -80.53 -71.17
CA LEU N 1707 -105.89 -80.44 -72.22
C LEU N 1707 -106.46 -79.76 -73.46
N GLU N 1708 -107.64 -80.20 -73.91
CA GLU N 1708 -108.24 -79.62 -75.11
C GLU N 1708 -108.70 -78.19 -74.86
N GLU N 1709 -109.21 -77.90 -73.66
CA GLU N 1709 -109.60 -76.54 -73.33
C GLU N 1709 -108.40 -75.61 -73.37
N LEU N 1710 -107.28 -76.04 -72.79
CA LEU N 1710 -106.06 -75.26 -72.87
C LEU N 1710 -105.60 -75.10 -74.31
N ARG N 1711 -105.69 -76.17 -75.11
CA ARG N 1711 -105.32 -76.07 -76.52
C ARG N 1711 -106.11 -74.98 -77.23
N ARG N 1712 -107.44 -75.04 -77.12
CA ARG N 1712 -108.28 -74.10 -77.85
C ARG N 1712 -108.07 -72.67 -77.36
N VAL N 1713 -107.97 -72.48 -76.03
CA VAL N 1713 -107.83 -71.12 -75.53
C VAL N 1713 -106.45 -70.55 -75.84
N LEU N 1714 -105.41 -71.38 -75.75
CA LEU N 1714 -104.07 -70.94 -76.14
C LEU N 1714 -104.04 -70.54 -77.61
N GLU N 1715 -104.66 -71.34 -78.48
CA GLU N 1715 -104.65 -71.02 -79.90
C GLU N 1715 -105.42 -69.73 -80.18
N GLN N 1716 -106.61 -69.60 -79.61
CA GLN N 1716 -107.42 -68.42 -79.89
C GLN N 1716 -106.80 -67.16 -79.30
N LEU N 1717 -105.98 -67.31 -78.25
CA LEU N 1717 -105.31 -66.13 -77.70
C LEU N 1717 -104.05 -65.79 -78.50
N ILE N 1718 -103.29 -66.80 -78.92
CA ILE N 1718 -102.06 -66.55 -79.68
C ILE N 1718 -102.32 -66.23 -81.14
N VAL N 1719 -103.58 -66.31 -81.59
CA VAL N 1719 -103.88 -65.78 -82.91
C VAL N 1719 -104.33 -64.32 -82.83
N ALA N 1720 -105.03 -63.94 -81.75
CA ALA N 1720 -105.62 -62.57 -81.66
C ALA N 1720 -105.01 -61.77 -80.51
N HIS N 1721 -105.49 -61.99 -79.27
CA HIS N 1721 -105.01 -61.22 -78.09
C HIS N 1721 -103.49 -61.03 -78.19
N PHE N 1722 -102.73 -62.12 -78.17
CA PHE N 1722 -101.26 -62.03 -78.43
C PHE N 1722 -101.12 -62.40 -79.91
N PRO N 1723 -101.12 -61.45 -80.86
CA PRO N 1723 -101.16 -61.80 -82.28
C PRO N 1723 -99.88 -62.23 -83.00
N MET N 1724 -99.82 -61.99 -84.30
CA MET N 1724 -98.67 -62.41 -85.10
C MET N 1724 -97.46 -61.54 -84.86
N GLN N 1725 -97.64 -60.22 -84.77
CA GLN N 1725 -96.52 -59.30 -84.69
C GLN N 1725 -96.78 -58.24 -83.63
N SER N 1726 -95.71 -57.79 -82.98
CA SER N 1726 -95.77 -56.78 -81.92
C SER N 1726 -95.25 -55.42 -82.36
N ARG N 1727 -94.30 -55.38 -83.30
CA ARG N 1727 -93.64 -54.14 -83.63
C ARG N 1727 -94.59 -53.11 -84.22
N GLU N 1728 -95.63 -53.56 -84.93
CA GLU N 1728 -96.60 -52.62 -85.46
C GLU N 1728 -97.42 -51.96 -84.35
N PHE N 1729 -97.49 -52.59 -83.18
CA PHE N 1729 -98.21 -52.00 -82.06
C PHE N 1729 -97.33 -50.94 -81.41
N PRO N 1730 -97.73 -49.68 -81.41
CA PRO N 1730 -96.94 -48.64 -80.74
C PRO N 1730 -96.99 -48.83 -79.24
N PRO N 1731 -95.84 -48.94 -78.57
CA PRO N 1731 -95.83 -49.00 -77.11
C PRO N 1731 -96.59 -47.84 -76.50
N GLY N 1732 -97.68 -48.15 -75.80
CA GLY N 1732 -98.59 -47.14 -75.28
C GLY N 1732 -99.99 -47.20 -75.87
N THR N 1733 -100.25 -48.05 -76.86
CA THR N 1733 -101.58 -48.23 -77.39
C THR N 1733 -102.22 -49.47 -76.75
N PRO N 1734 -103.56 -49.53 -76.69
CA PRO N 1734 -104.19 -50.76 -76.17
C PRO N 1734 -103.81 -52.01 -76.92
N ARG N 1735 -103.49 -51.91 -78.20
CA ARG N 1735 -103.03 -53.08 -78.95
C ARG N 1735 -101.70 -53.60 -78.40
N PHE N 1736 -100.76 -52.70 -78.15
CA PHE N 1736 -99.49 -53.11 -77.57
C PHE N 1736 -99.67 -53.60 -76.15
N ASN N 1737 -100.61 -53.00 -75.41
CA ASN N 1737 -100.94 -53.48 -74.07
C ASN N 1737 -101.45 -54.91 -74.13
N ASN N 1738 -102.30 -55.22 -75.11
CA ASN N 1738 -102.74 -56.60 -75.29
C ASN N 1738 -101.57 -57.50 -75.64
N TYR N 1739 -100.69 -57.03 -76.54
CA TYR N 1739 -99.56 -57.87 -76.98
C TYR N 1739 -98.63 -58.20 -75.82
N VAL N 1740 -98.47 -57.28 -74.87
CA VAL N 1740 -97.62 -57.56 -73.70
C VAL N 1740 -98.36 -58.34 -72.62
N ASP N 1741 -99.63 -58.01 -72.38
CA ASP N 1741 -100.43 -58.67 -71.31
C ASP N 1741 -100.80 -60.10 -71.70
N CYS N 1742 -100.55 -60.49 -72.95
CA CYS N 1742 -101.01 -61.83 -73.39
C CYS N 1742 -99.82 -62.69 -73.81
N MET N 1743 -98.84 -62.11 -74.53
CA MET N 1743 -97.63 -62.87 -74.87
C MET N 1743 -96.83 -63.12 -73.60
N LYS N 1744 -96.53 -62.06 -72.83
CA LYS N 1744 -95.70 -62.21 -71.61
C LYS N 1744 -96.44 -63.04 -70.54
N LYS N 1745 -97.77 -62.91 -70.43
CA LYS N 1745 -98.45 -63.76 -69.45
C LYS N 1745 -98.54 -65.23 -69.87
N PHE N 1746 -98.92 -65.55 -71.12
CA PHE N 1746 -98.71 -66.93 -71.56
C PHE N 1746 -97.23 -67.36 -71.52
N LEU N 1747 -96.27 -66.45 -71.72
CA LEU N 1747 -94.87 -66.86 -71.52
C LEU N 1747 -94.62 -67.38 -70.11
N ASP N 1748 -94.99 -66.59 -69.10
CA ASP N 1748 -94.74 -67.02 -67.74
C ASP N 1748 -95.65 -68.18 -67.33
N ALA N 1749 -96.82 -68.31 -67.97
CA ALA N 1749 -97.67 -69.46 -67.76
C ALA N 1749 -96.98 -70.74 -68.24
N LEU N 1750 -96.36 -70.69 -69.42
CA LEU N 1750 -95.58 -71.83 -69.88
C LEU N 1750 -94.35 -72.05 -69.01
N GLU N 1751 -93.80 -70.95 -68.47
CA GLU N 1751 -92.66 -71.06 -67.55
C GLU N 1751 -93.00 -71.89 -66.33
N LEU N 1752 -94.10 -71.54 -65.65
CA LEU N 1752 -94.44 -72.20 -64.40
C LEU N 1752 -95.31 -73.44 -64.58
N SER N 1753 -95.85 -73.67 -65.78
CA SER N 1753 -96.81 -74.74 -65.96
C SER N 1753 -96.15 -76.11 -66.06
N GLN N 1754 -94.94 -76.16 -66.61
CA GLN N 1754 -94.24 -77.43 -66.87
C GLN N 1754 -95.06 -78.33 -67.79
N SER N 1755 -95.85 -77.73 -68.67
CA SER N 1755 -96.74 -78.47 -69.56
C SER N 1755 -96.19 -78.45 -70.97
N PRO N 1756 -95.80 -79.60 -71.54
CA PRO N 1756 -95.29 -79.61 -72.92
C PRO N 1756 -96.30 -79.13 -73.95
N MET N 1757 -97.59 -79.35 -73.72
CA MET N 1757 -98.61 -78.89 -74.66
C MET N 1757 -98.59 -77.37 -74.80
N LEU N 1758 -98.65 -76.67 -73.66
CA LEU N 1758 -98.57 -75.22 -73.70
C LEU N 1758 -97.23 -74.76 -74.26
N LEU N 1759 -96.16 -75.50 -73.99
CA LEU N 1759 -94.85 -75.12 -74.51
C LEU N 1759 -94.83 -75.16 -76.03
N GLU N 1760 -95.35 -76.23 -76.63
CA GLU N 1760 -95.35 -76.30 -78.09
C GLU N 1760 -96.35 -75.31 -78.71
N LEU N 1761 -97.50 -75.11 -78.07
CA LEU N 1761 -98.44 -74.13 -78.58
C LEU N 1761 -97.87 -72.72 -78.51
N MET N 1762 -97.01 -72.46 -77.52
CA MET N 1762 -96.35 -71.17 -77.43
C MET N 1762 -95.22 -71.06 -78.45
N THR N 1763 -94.51 -72.17 -78.70
CA THR N 1763 -93.48 -72.18 -79.73
C THR N 1763 -94.07 -71.92 -81.11
N GLU N 1764 -95.33 -72.31 -81.31
CA GLU N 1764 -96.00 -72.06 -82.60
C GLU N 1764 -95.94 -70.59 -82.97
N VAL N 1765 -96.19 -69.69 -82.02
CA VAL N 1765 -96.05 -68.26 -82.29
C VAL N 1765 -94.64 -67.75 -81.99
N LEU N 1766 -93.85 -68.47 -81.21
CA LEU N 1766 -92.43 -68.15 -81.07
C LEU N 1766 -91.74 -68.11 -82.41
N CYS N 1767 -92.05 -69.07 -83.28
CA CYS N 1767 -91.21 -69.30 -84.46
C CYS N 1767 -91.85 -68.87 -85.77
N ARG N 1768 -93.13 -68.49 -85.78
CA ARG N 1768 -93.73 -68.03 -87.03
C ARG N 1768 -93.10 -66.71 -87.48
N GLU N 1769 -92.71 -65.86 -86.52
CA GLU N 1769 -91.90 -64.69 -86.80
C GLU N 1769 -90.77 -64.62 -85.80
N GLN N 1770 -89.74 -63.86 -86.15
CA GLN N 1770 -88.53 -63.77 -85.34
C GLN N 1770 -88.60 -62.54 -84.43
N GLN N 1771 -88.39 -62.77 -83.13
CA GLN N 1771 -88.33 -61.71 -82.13
C GLN N 1771 -89.58 -60.84 -82.15
N HIS N 1772 -90.73 -61.47 -82.36
CA HIS N 1772 -92.02 -60.82 -82.17
C HIS N 1772 -92.68 -61.26 -80.88
N VAL N 1773 -92.07 -62.19 -80.15
CA VAL N 1773 -92.63 -62.81 -78.96
C VAL N 1773 -91.79 -62.51 -77.73
N MET N 1774 -90.82 -61.60 -77.83
CA MET N 1774 -89.82 -61.36 -76.79
C MET N 1774 -89.08 -62.67 -76.45
N GLU N 1775 -88.34 -63.14 -77.46
CA GLU N 1775 -87.66 -64.42 -77.36
C GLU N 1775 -86.62 -64.46 -76.25
N GLU N 1776 -86.16 -63.31 -75.78
CA GLU N 1776 -85.27 -63.30 -74.62
C GLU N 1776 -86.00 -63.82 -73.38
N LEU N 1777 -87.29 -63.51 -73.26
CA LEU N 1777 -88.10 -64.10 -72.21
C LEU N 1777 -88.18 -65.62 -72.39
N PHE N 1778 -88.32 -66.08 -73.63
CA PHE N 1778 -88.28 -67.50 -73.92
C PHE N 1778 -86.98 -68.11 -73.39
N GLN N 1779 -85.84 -67.53 -73.75
CA GLN N 1779 -84.55 -68.12 -73.39
C GLN N 1779 -84.37 -68.13 -71.88
N SER N 1780 -84.69 -67.03 -71.20
CA SER N 1780 -84.55 -66.99 -69.76
C SER N 1780 -85.48 -67.99 -69.08
N SER N 1781 -86.73 -68.09 -69.54
CA SER N 1781 -87.67 -69.03 -68.97
C SER N 1781 -87.23 -70.46 -69.19
N PHE N 1782 -86.63 -70.76 -70.34
CA PHE N 1782 -86.21 -72.13 -70.60
C PHE N 1782 -84.94 -72.47 -69.83
N ARG N 1783 -84.05 -71.50 -69.61
CA ARG N 1783 -82.97 -71.71 -68.65
C ARG N 1783 -83.54 -72.05 -67.27
N ARG N 1784 -84.55 -71.28 -66.84
CA ARG N 1784 -85.15 -71.52 -65.53
C ARG N 1784 -85.79 -72.90 -65.45
N ILE N 1785 -86.50 -73.30 -66.50
CA ILE N 1785 -87.18 -74.59 -66.50
C ILE N 1785 -86.16 -75.73 -66.51
N ALA N 1786 -85.16 -75.62 -67.38
CA ALA N 1786 -84.12 -76.64 -67.45
C ALA N 1786 -83.36 -76.76 -66.15
N ARG N 1787 -83.22 -75.65 -65.42
CA ARG N 1787 -82.61 -75.69 -64.10
C ARG N 1787 -83.59 -76.19 -63.04
N ARG N 1788 -84.88 -76.10 -63.31
CA ARG N 1788 -85.93 -76.38 -62.33
C ARG N 1788 -86.75 -77.62 -62.65
N GLY N 1789 -87.06 -77.87 -63.92
CA GLY N 1789 -87.96 -78.95 -64.25
C GLY N 1789 -87.39 -80.31 -63.89
N SER N 1790 -88.28 -81.23 -63.55
CA SER N 1790 -87.87 -82.59 -63.24
C SER N 1790 -87.39 -83.31 -64.49
N CYS N 1791 -86.61 -84.36 -64.30
CA CYS N 1791 -86.06 -85.11 -65.41
C CYS N 1791 -87.16 -85.57 -66.36
N VAL N 1792 -88.22 -86.17 -65.82
CA VAL N 1792 -89.32 -86.62 -66.66
C VAL N 1792 -90.05 -85.43 -67.30
N THR N 1793 -90.24 -84.35 -66.54
CA THR N 1793 -90.88 -83.17 -67.11
C THR N 1793 -90.04 -82.56 -68.22
N GLN N 1794 -88.73 -82.46 -68.00
CA GLN N 1794 -87.84 -81.93 -69.03
C GLN N 1794 -87.86 -82.81 -70.27
N VAL N 1795 -87.85 -84.13 -70.09
CA VAL N 1795 -87.92 -85.04 -71.23
C VAL N 1795 -89.23 -84.86 -71.99
N GLY N 1796 -90.34 -84.72 -71.26
CA GLY N 1796 -91.62 -84.52 -71.94
C GLY N 1796 -91.66 -83.25 -72.75
N LEU N 1797 -91.21 -82.15 -72.15
CA LEU N 1797 -91.17 -80.88 -72.87
C LEU N 1797 -90.25 -80.97 -74.09
N LEU N 1798 -89.08 -81.59 -73.92
CA LEU N 1798 -88.13 -81.73 -75.02
C LEU N 1798 -88.70 -82.57 -76.14
N GLU N 1799 -89.37 -83.67 -75.81
CA GLU N 1799 -89.95 -84.52 -76.84
C GLU N 1799 -91.07 -83.78 -77.58
N SER N 1800 -91.89 -83.02 -76.85
CA SER N 1800 -92.96 -82.27 -77.50
C SER N 1800 -92.39 -81.25 -78.48
N VAL N 1801 -91.41 -80.46 -78.02
CA VAL N 1801 -90.85 -79.44 -78.90
C VAL N 1801 -90.11 -80.10 -80.06
N TYR N 1802 -89.45 -81.24 -79.84
CA TYR N 1802 -88.81 -81.92 -80.95
C TYR N 1802 -89.82 -82.40 -81.98
N GLU N 1803 -90.92 -83.00 -81.53
CA GLU N 1803 -91.92 -83.52 -82.45
C GLU N 1803 -92.55 -82.40 -83.27
N MET N 1804 -92.84 -81.27 -82.64
CA MET N 1804 -93.33 -80.13 -83.42
C MET N 1804 -92.19 -79.37 -84.10
N PHE N 1805 -90.95 -79.81 -83.88
CA PHE N 1805 -89.76 -79.14 -84.39
C PHE N 1805 -89.27 -79.71 -85.71
N ARG N 1806 -88.90 -80.99 -85.74
CA ARG N 1806 -88.25 -81.54 -86.92
C ARG N 1806 -89.22 -82.20 -87.88
N LYS N 1807 -90.53 -82.14 -87.58
CA LYS N 1807 -91.52 -82.85 -88.36
C LYS N 1807 -91.41 -82.48 -89.84
N ASP N 1808 -91.57 -83.47 -90.70
CA ASP N 1808 -91.38 -83.28 -92.13
C ASP N 1808 -92.51 -82.39 -92.65
N ASP N 1809 -92.19 -81.11 -92.79
CA ASP N 1809 -93.17 -80.12 -93.19
C ASP N 1809 -92.54 -79.17 -94.21
N PRO N 1810 -93.01 -79.17 -95.45
CA PRO N 1810 -92.49 -78.19 -96.43
C PRO N 1810 -92.69 -76.77 -95.92
N ARG N 1811 -91.59 -76.11 -95.59
CA ARG N 1811 -91.63 -74.82 -94.92
C ARG N 1811 -90.21 -74.27 -94.88
N LEU N 1812 -90.10 -72.99 -94.53
CA LEU N 1812 -88.80 -72.42 -94.24
C LEU N 1812 -88.23 -73.10 -93.01
N SER N 1813 -87.17 -73.89 -93.20
CA SER N 1813 -86.64 -74.66 -92.09
C SER N 1813 -85.88 -73.82 -91.08
N PHE N 1814 -85.69 -72.53 -91.35
CA PHE N 1814 -85.24 -71.64 -90.29
C PHE N 1814 -86.22 -71.64 -89.13
N THR N 1815 -87.52 -71.57 -89.44
CA THR N 1815 -88.54 -71.74 -88.40
C THR N 1815 -88.57 -73.17 -87.88
N ARG N 1816 -88.44 -74.15 -88.79
CA ARG N 1816 -88.45 -75.55 -88.39
C ARG N 1816 -87.28 -75.91 -87.49
N GLN N 1817 -86.26 -75.06 -87.43
CA GLN N 1817 -85.14 -75.23 -86.51
C GLN N 1817 -85.24 -74.32 -85.30
N SER N 1818 -85.72 -73.09 -85.47
CA SER N 1818 -85.98 -72.20 -84.35
C SER N 1818 -87.04 -72.78 -83.43
N PHE N 1819 -87.79 -73.78 -83.89
CA PHE N 1819 -88.70 -74.50 -83.03
C PHE N 1819 -88.03 -74.97 -81.73
N VAL N 1820 -86.73 -75.27 -81.79
CA VAL N 1820 -85.95 -75.50 -80.58
C VAL N 1820 -84.77 -74.55 -80.45
N ASP N 1821 -84.35 -73.87 -81.51
CA ASP N 1821 -83.27 -72.90 -81.37
C ASP N 1821 -83.67 -71.73 -80.48
N ARG N 1822 -84.92 -71.28 -80.58
CA ARG N 1822 -85.46 -70.30 -79.64
C ARG N 1822 -86.11 -70.95 -78.43
N SER N 1823 -86.24 -72.28 -78.40
CA SER N 1823 -86.98 -72.94 -77.34
C SER N 1823 -86.25 -74.07 -76.66
N LEU N 1824 -85.08 -74.48 -77.16
CA LEU N 1824 -84.38 -75.61 -76.53
C LEU N 1824 -82.92 -75.31 -76.26
N LEU N 1825 -82.30 -74.42 -77.03
CA LEU N 1825 -80.86 -74.21 -76.91
C LEU N 1825 -80.48 -73.82 -75.48
N THR N 1826 -81.18 -72.83 -74.92
CA THR N 1826 -80.99 -72.52 -73.51
C THR N 1826 -81.53 -73.64 -72.62
N LEU N 1827 -82.60 -74.32 -73.06
CA LEU N 1827 -83.09 -75.48 -72.33
C LEU N 1827 -82.09 -76.62 -72.37
N LEU N 1828 -81.55 -76.92 -73.56
CA LEU N 1828 -80.56 -78.00 -73.68
C LEU N 1828 -79.31 -77.69 -72.87
N TRP N 1829 -78.83 -76.45 -72.94
CA TRP N 1829 -77.58 -76.11 -72.26
C TRP N 1829 -77.73 -76.00 -70.74
N HIS N 1830 -78.96 -76.01 -70.23
CA HIS N 1830 -79.20 -75.88 -68.79
C HIS N 1830 -79.98 -77.04 -68.20
N CYS N 1831 -80.31 -78.06 -69.00
CA CYS N 1831 -81.13 -79.17 -68.52
C CYS N 1831 -80.28 -80.17 -67.74
N SER N 1832 -80.97 -81.04 -67.00
CA SER N 1832 -80.30 -82.11 -66.26
C SER N 1832 -79.72 -83.13 -67.23
N LEU N 1833 -78.51 -83.60 -66.93
CA LEU N 1833 -77.80 -84.47 -67.85
C LEU N 1833 -78.51 -85.80 -68.07
N ASP N 1834 -79.28 -86.25 -67.07
CA ASP N 1834 -80.04 -87.48 -67.27
C ASP N 1834 -81.15 -87.26 -68.30
N ALA N 1835 -81.94 -86.19 -68.13
CA ALA N 1835 -82.96 -85.87 -69.12
C ALA N 1835 -82.34 -85.50 -70.46
N LEU N 1836 -81.20 -84.80 -70.43
CA LEU N 1836 -80.49 -84.48 -71.66
C LEU N 1836 -80.12 -85.75 -72.41
N ARG N 1837 -79.53 -86.71 -71.71
CA ARG N 1837 -79.13 -87.97 -72.35
C ARG N 1837 -80.34 -88.75 -72.85
N GLU N 1838 -81.42 -88.77 -72.07
CA GLU N 1838 -82.63 -89.46 -72.50
C GLU N 1838 -83.18 -88.88 -73.79
N PHE N 1839 -83.35 -87.55 -73.82
CA PHE N 1839 -83.88 -86.90 -75.01
C PHE N 1839 -82.95 -87.05 -76.20
N PHE N 1840 -81.65 -86.92 -75.98
CA PHE N 1840 -80.69 -87.04 -77.07
C PHE N 1840 -80.66 -88.45 -77.63
N SER N 1841 -80.76 -89.46 -76.76
CA SER N 1841 -80.85 -90.84 -77.24
C SER N 1841 -82.15 -91.07 -77.99
N THR N 1842 -83.23 -90.43 -77.57
CA THR N 1842 -84.50 -90.54 -78.29
C THR N 1842 -84.38 -89.95 -79.70
N ILE N 1843 -83.69 -88.81 -79.82
CA ILE N 1843 -83.70 -88.06 -81.08
C ILE N 1843 -82.46 -88.28 -81.93
N VAL N 1844 -81.52 -89.13 -81.48
CA VAL N 1844 -80.28 -89.29 -82.22
C VAL N 1844 -80.53 -89.90 -83.60
N VAL N 1845 -81.37 -90.93 -83.69
CA VAL N 1845 -81.62 -91.56 -84.99
C VAL N 1845 -82.40 -90.62 -85.90
N ASP N 1846 -83.33 -89.86 -85.34
CA ASP N 1846 -84.07 -88.88 -86.13
C ASP N 1846 -83.17 -87.77 -86.61
N ALA N 1847 -82.08 -87.51 -85.88
CA ALA N 1847 -81.06 -86.60 -86.38
C ALA N 1847 -80.25 -87.26 -87.50
N ILE N 1848 -79.86 -88.51 -87.30
CA ILE N 1848 -78.94 -89.19 -88.22
C ILE N 1848 -79.57 -89.36 -89.59
N ASP N 1849 -80.86 -89.74 -89.64
CA ASP N 1849 -81.47 -90.02 -90.94
C ASP N 1849 -81.46 -88.79 -91.82
N VAL N 1850 -81.74 -87.61 -91.25
CA VAL N 1850 -81.65 -86.38 -92.03
C VAL N 1850 -80.18 -86.04 -92.30
N LEU N 1851 -79.30 -86.27 -91.32
CA LEU N 1851 -77.91 -85.84 -91.46
C LEU N 1851 -77.19 -86.56 -92.59
N LYS N 1852 -77.40 -87.87 -92.71
CA LYS N 1852 -76.66 -88.66 -93.68
C LYS N 1852 -76.91 -88.16 -95.11
N SER N 1853 -78.14 -88.26 -95.59
CA SER N 1853 -78.49 -87.75 -96.91
C SER N 1853 -80.00 -87.52 -96.92
N ARG N 1854 -80.41 -86.26 -96.80
CA ARG N 1854 -81.82 -85.90 -96.86
C ARG N 1854 -82.11 -84.70 -97.75
N PHE N 1855 -81.12 -83.89 -98.10
CA PHE N 1855 -81.31 -82.76 -98.98
C PHE N 1855 -81.55 -83.24 -100.42
N THR N 1856 -82.09 -82.35 -101.24
CA THR N 1856 -82.47 -82.68 -102.61
C THR N 1856 -81.58 -81.99 -103.65
N LYS N 1857 -81.52 -80.66 -103.64
CA LYS N 1857 -80.72 -79.91 -104.61
C LYS N 1857 -80.64 -78.44 -104.23
N GLU N 1860 -84.63 -77.70 -104.10
CA GLU N 1860 -85.81 -76.87 -103.91
C GLU N 1860 -85.94 -76.46 -102.45
N SER N 1861 -87.15 -76.05 -102.06
CA SER N 1861 -87.41 -75.73 -100.65
C SER N 1861 -87.15 -76.93 -99.75
N THR N 1862 -87.37 -78.14 -100.26
CA THR N 1862 -87.08 -79.34 -99.48
C THR N 1862 -85.59 -79.47 -99.20
N PHE N 1863 -84.75 -79.13 -100.20
CA PHE N 1863 -83.31 -79.12 -99.98
C PHE N 1863 -82.95 -78.28 -98.76
N ASP N 1864 -83.30 -77.00 -98.80
CA ASP N 1864 -82.98 -76.11 -97.68
C ASP N 1864 -83.65 -76.57 -96.40
N THR N 1865 -84.82 -77.21 -96.52
CA THR N 1865 -85.51 -77.74 -95.34
C THR N 1865 -84.62 -78.73 -94.60
N GLN N 1866 -84.25 -79.82 -95.27
CA GLN N 1866 -83.41 -80.82 -94.61
C GLN N 1866 -82.00 -80.29 -94.36
N ILE N 1867 -81.52 -79.32 -95.14
CA ILE N 1867 -80.20 -78.74 -94.90
C ILE N 1867 -80.20 -78.00 -93.56
N THR N 1868 -81.26 -77.24 -93.28
CA THR N 1868 -81.31 -76.51 -92.01
C THR N 1868 -81.62 -77.45 -90.86
N LYS N 1869 -82.43 -78.50 -91.12
CA LYS N 1869 -82.52 -79.61 -90.18
C LYS N 1869 -81.12 -80.13 -89.83
N LYS N 1870 -80.25 -80.21 -90.84
CA LYS N 1870 -78.90 -80.72 -90.62
C LYS N 1870 -78.03 -79.72 -89.85
N MET N 1871 -78.19 -78.42 -90.12
CA MET N 1871 -77.51 -77.44 -89.25
C MET N 1871 -77.90 -77.65 -87.81
N GLY N 1872 -79.21 -77.75 -87.55
CA GLY N 1872 -79.66 -77.93 -86.18
C GLY N 1872 -79.15 -79.22 -85.55
N TYR N 1873 -79.15 -80.31 -86.33
CA TYR N 1873 -78.67 -81.58 -85.81
C TYR N 1873 -77.18 -81.52 -85.49
N TYR N 1874 -76.38 -80.92 -86.38
CA TYR N 1874 -74.96 -80.79 -86.12
C TYR N 1874 -74.72 -79.94 -84.88
N LYS N 1875 -75.49 -78.86 -84.72
CA LYS N 1875 -75.27 -77.96 -83.59
C LYS N 1875 -75.70 -78.61 -82.28
N ILE N 1876 -76.79 -79.38 -82.28
CA ILE N 1876 -77.17 -80.07 -81.05
C ILE N 1876 -76.16 -81.17 -80.74
N LEU N 1877 -75.59 -81.81 -81.75
CA LEU N 1877 -74.49 -82.74 -81.51
C LEU N 1877 -73.32 -82.02 -80.86
N ASP N 1878 -72.99 -80.83 -81.34
CA ASP N 1878 -71.90 -80.06 -80.77
C ASP N 1878 -72.17 -79.70 -79.30
N VAL N 1879 -73.41 -79.27 -79.01
CA VAL N 1879 -73.70 -78.88 -77.63
C VAL N 1879 -73.75 -80.10 -76.72
N MET N 1880 -74.16 -81.26 -77.24
CA MET N 1880 -74.06 -82.50 -76.46
C MET N 1880 -72.61 -82.82 -76.16
N TYR N 1881 -71.74 -82.77 -77.17
CA TYR N 1881 -70.36 -83.17 -76.99
C TYR N 1881 -69.60 -82.19 -76.08
N SER N 1882 -69.88 -80.90 -76.21
CA SER N 1882 -69.23 -79.91 -75.37
C SER N 1882 -69.63 -80.07 -73.90
N ARG N 1883 -70.90 -80.36 -73.65
CA ARG N 1883 -71.38 -80.54 -72.28
C ARG N 1883 -70.88 -81.87 -71.72
N ASP N 1887 -68.28 -86.04 -75.12
CA ASP N 1887 -69.06 -86.19 -73.90
C ASP N 1887 -69.17 -87.65 -73.47
N ASP N 1888 -70.35 -88.21 -73.65
CA ASP N 1888 -70.65 -89.59 -73.27
C ASP N 1888 -70.63 -90.55 -74.46
N VAL N 1889 -70.21 -90.09 -75.63
CA VAL N 1889 -70.31 -90.87 -76.85
C VAL N 1889 -68.97 -91.41 -77.33
N HIS N 1890 -67.85 -90.89 -76.83
CA HIS N 1890 -66.53 -91.32 -77.28
C HIS N 1890 -66.15 -92.63 -76.58
N ALA N 1891 -66.95 -93.66 -76.85
CA ALA N 1891 -66.73 -94.99 -76.31
C ALA N 1891 -67.53 -95.98 -77.11
N LYS N 1892 -67.11 -97.26 -77.06
CA LYS N 1892 -67.86 -98.32 -77.72
C LYS N 1892 -69.24 -98.47 -77.09
N GLU N 1893 -69.31 -98.43 -75.76
CA GLU N 1893 -70.58 -98.40 -75.04
C GLU N 1893 -70.82 -96.96 -74.60
N SER N 1894 -71.81 -96.32 -75.20
CA SER N 1894 -72.10 -94.91 -74.97
C SER N 1894 -73.46 -94.77 -74.29
N LYS N 1895 -73.62 -93.65 -73.57
CA LYS N 1895 -74.89 -93.38 -72.91
C LYS N 1895 -76.02 -93.28 -73.93
N ILE N 1896 -75.76 -92.61 -75.06
CA ILE N 1896 -76.68 -92.63 -76.20
C ILE N 1896 -76.24 -93.84 -77.04
N ASN N 1897 -76.92 -94.96 -76.84
CA ASN N 1897 -76.47 -96.25 -77.36
C ASN N 1897 -76.96 -96.52 -78.78
N GLN N 1898 -77.79 -95.65 -79.35
CA GLN N 1898 -78.28 -95.87 -80.70
C GLN N 1898 -77.23 -95.59 -81.76
N VAL N 1899 -76.10 -94.98 -81.40
CA VAL N 1899 -75.00 -94.78 -82.33
C VAL N 1899 -74.17 -96.03 -82.52
N PHE N 1900 -74.57 -97.15 -81.91
CA PHE N 1900 -73.85 -98.41 -82.05
C PHE N 1900 -74.76 -99.58 -81.76
N ASN N 1909 -68.04 -95.02 -81.86
CA ASN N 1909 -69.07 -95.98 -82.26
C ASN N 1909 -69.14 -96.11 -83.77
N GLU N 1910 -69.79 -97.18 -84.24
CA GLU N 1910 -69.86 -97.43 -85.68
C GLU N 1910 -70.66 -96.34 -86.39
N LEU N 1911 -71.87 -96.05 -85.89
CA LEU N 1911 -72.62 -94.94 -86.46
C LEU N 1911 -71.95 -93.62 -86.15
N THR N 1912 -71.29 -93.51 -84.99
CA THR N 1912 -70.51 -92.32 -84.69
C THR N 1912 -69.37 -92.16 -85.70
N LYS N 1913 -68.69 -93.24 -86.04
CA LYS N 1913 -67.62 -93.15 -87.05
C LYS N 1913 -68.18 -92.79 -88.41
N THR N 1914 -69.33 -93.37 -88.77
CA THR N 1914 -69.97 -93.03 -90.05
C THR N 1914 -70.34 -91.55 -90.10
N LEU N 1915 -70.89 -91.03 -89.01
CA LEU N 1915 -71.23 -89.62 -88.95
C LEU N 1915 -69.99 -88.73 -88.98
N ILE N 1916 -68.91 -89.19 -88.35
CA ILE N 1916 -67.65 -88.43 -88.41
C ILE N 1916 -67.13 -88.37 -89.83
N LYS N 1917 -67.19 -89.48 -90.56
CA LYS N 1917 -66.78 -89.48 -91.96
C LYS N 1917 -67.69 -88.58 -92.79
N LEU N 1918 -68.99 -88.63 -92.53
CA LEU N 1918 -69.92 -87.76 -93.24
C LEU N 1918 -69.62 -86.29 -92.98
N CYS N 1919 -69.38 -85.94 -91.72
CA CYS N 1919 -69.01 -84.57 -91.40
C CYS N 1919 -67.72 -84.17 -92.09
N TYR N 1920 -66.73 -85.08 -92.12
CA TYR N 1920 -65.47 -84.80 -92.78
C TYR N 1920 -65.68 -84.48 -94.26
N ASP N 1921 -66.44 -85.33 -94.95
CA ASP N 1921 -66.71 -85.04 -96.36
C ASP N 1921 -67.71 -83.91 -96.53
N ALA N 1922 -68.32 -83.43 -95.44
CA ALA N 1922 -69.31 -82.36 -95.51
C ALA N 1922 -68.68 -80.98 -95.39
N PHE N 1923 -67.94 -80.73 -94.29
CA PHE N 1923 -67.37 -79.39 -94.15
C PHE N 1923 -66.29 -79.14 -95.19
N THR N 1924 -65.55 -80.19 -95.55
CA THR N 1924 -64.59 -80.08 -96.64
C THR N 1924 -65.31 -79.80 -97.96
N GLU N 1925 -66.52 -80.33 -98.11
CA GLU N 1925 -67.27 -80.13 -99.34
C GLU N 1925 -67.60 -78.65 -99.54
N ASN N 1926 -67.46 -78.20 -100.78
CA ASN N 1926 -67.78 -76.83 -101.13
C ASN N 1926 -69.30 -76.63 -101.17
N MET N 1927 -69.71 -75.38 -101.25
CA MET N 1927 -71.12 -75.01 -101.35
C MET N 1927 -71.84 -75.77 -102.46
N LEU N 1933 -80.55 -71.26 -100.60
CA LEU N 1933 -80.31 -72.62 -100.15
C LEU N 1933 -78.84 -73.01 -100.30
N LEU N 1934 -78.14 -72.34 -101.22
CA LEU N 1934 -76.69 -72.52 -101.31
C LEU N 1934 -76.00 -72.02 -100.05
N GLU N 1935 -76.42 -70.85 -99.56
CA GLU N 1935 -75.89 -70.37 -98.29
C GLU N 1935 -76.25 -71.32 -97.16
N ARG N 1936 -77.41 -71.96 -97.26
CA ARG N 1936 -77.74 -73.01 -96.30
C ARG N 1936 -76.82 -74.20 -96.45
N ARG N 1937 -76.39 -74.52 -97.68
CA ARG N 1937 -75.42 -75.60 -97.86
C ARG N 1937 -74.09 -75.25 -97.21
N ARG N 1938 -73.64 -73.99 -97.37
CA ARG N 1938 -72.42 -73.56 -96.69
C ARG N 1938 -72.58 -73.62 -95.17
N LEU N 1939 -73.75 -73.23 -94.68
CA LEU N 1939 -74.02 -73.32 -93.25
C LEU N 1939 -74.04 -74.77 -92.80
N TYR N 1940 -74.46 -75.68 -93.69
CA TYR N 1940 -74.39 -77.11 -93.41
C TYR N 1940 -72.95 -77.56 -93.30
N HIS N 1941 -72.10 -77.06 -94.19
CA HIS N 1941 -70.67 -77.37 -94.10
C HIS N 1941 -70.09 -76.88 -92.77
N CYS N 1942 -70.44 -75.65 -92.38
CA CYS N 1942 -69.89 -75.11 -91.14
C CYS N 1942 -70.42 -75.86 -89.92
N ALA N 1943 -71.70 -76.23 -89.95
CA ALA N 1943 -72.27 -77.01 -88.86
C ALA N 1943 -71.65 -78.39 -88.79
N ALA N 1944 -71.38 -79.00 -89.95
CA ALA N 1944 -70.67 -80.28 -89.97
C ALA N 1944 -69.27 -80.13 -89.39
N TYR N 1945 -68.61 -79.02 -89.69
CA TYR N 1945 -67.29 -78.77 -89.08
C TYR N 1945 -67.41 -78.60 -87.57
N ASN N 1946 -68.46 -77.94 -87.11
CA ASN N 1946 -68.68 -77.80 -85.67
C ASN N 1946 -68.89 -79.17 -85.03
N CYS N 1947 -69.68 -80.02 -85.67
CA CYS N 1947 -69.88 -81.37 -85.17
C CYS N 1947 -68.57 -82.16 -85.16
N ALA N 1948 -67.76 -82.00 -86.20
CA ALA N 1948 -66.47 -82.67 -86.26
C ALA N 1948 -65.55 -82.18 -85.15
N ILE N 1949 -65.58 -80.88 -84.87
CA ILE N 1949 -64.79 -80.32 -83.78
C ILE N 1949 -65.24 -80.88 -82.44
N SER N 1950 -66.57 -80.95 -82.22
CA SER N 1950 -67.07 -81.50 -80.97
C SER N 1950 -66.78 -83.00 -80.87
N VAL N 1951 -66.65 -83.68 -82.01
CA VAL N 1951 -66.15 -85.04 -82.02
C VAL N 1951 -64.68 -85.06 -81.62
N ILE N 1952 -63.91 -84.07 -82.09
CA ILE N 1952 -62.54 -83.90 -81.63
C ILE N 1952 -62.52 -83.65 -80.13
N CYS N 1953 -63.52 -82.91 -79.63
CA CYS N 1953 -63.70 -82.80 -78.19
C CYS N 1953 -64.00 -84.15 -77.55
N CYS N 1954 -64.59 -85.08 -78.32
CA CYS N 1954 -64.84 -86.42 -77.83
C CYS N 1954 -63.62 -87.32 -78.05
N VAL N 1955 -63.20 -87.47 -79.30
CA VAL N 1955 -61.99 -88.21 -79.65
C VAL N 1955 -61.14 -87.33 -80.56
N LEU N 1959 -55.03 -85.37 -84.72
CA LEU N 1959 -53.92 -84.44 -84.76
C LEU N 1959 -54.16 -83.31 -85.74
N LYS N 1960 -54.77 -83.63 -86.89
CA LYS N 1960 -54.96 -82.65 -87.95
C LYS N 1960 -56.41 -82.45 -88.35
N PHE N 1961 -57.35 -83.12 -87.67
CA PHE N 1961 -58.80 -83.02 -87.93
C PHE N 1961 -59.15 -83.20 -89.41
N TYR N 1962 -58.24 -83.80 -90.19
CA TYR N 1962 -58.45 -84.09 -91.61
C TYR N 1962 -58.82 -82.83 -92.39
N GLN N 1963 -57.89 -81.88 -92.42
CA GLN N 1963 -58.11 -80.65 -93.19
C GLN N 1963 -57.96 -80.89 -94.68
N GLY N 1964 -57.28 -81.95 -95.08
CA GLY N 1964 -57.02 -82.18 -96.50
C GLY N 1964 -58.29 -82.57 -97.24
N PHE N 1965 -58.44 -82.00 -98.43
CA PHE N 1965 -59.62 -82.24 -99.26
C PHE N 1965 -59.36 -81.67 -100.66
N LEU N 1966 -60.29 -81.94 -101.57
CA LEU N 1966 -60.25 -81.40 -102.92
C LEU N 1966 -61.42 -80.45 -103.18
N PHE N 1967 -62.64 -80.91 -102.94
CA PHE N 1967 -63.83 -80.08 -103.16
C PHE N 1967 -64.63 -79.95 -101.87
N PRO N 1971 -60.92 -75.74 -95.79
CA PRO N 1971 -62.25 -75.55 -96.39
C PRO N 1971 -63.10 -74.54 -95.62
N GLU N 1972 -62.45 -73.58 -94.97
CA GLU N 1972 -63.17 -72.61 -94.15
C GLU N 1972 -64.09 -71.74 -95.00
N LYS N 1973 -63.62 -71.32 -96.17
CA LYS N 1973 -64.46 -70.54 -97.07
C LYS N 1973 -65.67 -71.33 -97.57
N ASN N 1974 -65.56 -72.67 -97.61
CA ASN N 1974 -66.74 -73.48 -97.92
C ASN N 1974 -67.76 -73.43 -96.79
N LEU N 1975 -67.29 -73.20 -95.56
CA LEU N 1975 -68.17 -73.16 -94.40
C LEU N 1975 -68.95 -71.86 -94.31
N LEU N 1976 -68.41 -70.77 -94.84
CA LEU N 1976 -68.91 -69.44 -94.55
C LEU N 1976 -69.35 -68.73 -95.82
N ILE N 1977 -70.25 -67.78 -95.64
CA ILE N 1977 -70.72 -66.94 -96.73
C ILE N 1977 -69.82 -65.73 -96.86
N PHE N 1978 -69.77 -65.16 -98.05
CA PHE N 1978 -68.97 -63.99 -98.33
C PHE N 1978 -69.86 -62.75 -98.35
N GLU N 1979 -69.30 -61.62 -98.78
CA GLU N 1979 -70.02 -60.35 -98.92
C GLU N 1979 -70.53 -59.85 -97.57
N ASN N 1980 -70.06 -60.46 -96.48
CA ASN N 1980 -70.34 -59.97 -95.13
C ASN N 1980 -69.26 -58.94 -94.77
N LEU N 1981 -69.33 -57.80 -95.45
CA LEU N 1981 -68.31 -56.78 -95.31
C LEU N 1981 -68.42 -56.12 -93.94
N ILE N 1982 -67.30 -56.07 -93.23
CA ILE N 1982 -67.24 -55.45 -91.91
C ILE N 1982 -66.52 -54.09 -91.96
N ASP N 1983 -66.42 -53.48 -93.15
CA ASP N 1983 -65.77 -52.20 -93.31
C ASP N 1983 -66.42 -51.18 -92.37
N LEU N 1984 -65.69 -50.78 -91.34
CA LEU N 1984 -66.29 -50.01 -90.24
C LEU N 1984 -65.18 -49.36 -89.43
N LYS N 1985 -65.57 -48.42 -88.59
CA LYS N 1985 -64.71 -47.81 -87.58
C LYS N 1985 -65.48 -47.74 -86.27
N ARG N 1986 -64.74 -47.59 -85.18
CA ARG N 1986 -65.36 -47.51 -83.86
C ARG N 1986 -66.01 -46.14 -83.64
N MET N 2085 -62.58 -53.82 -81.91
CA MET N 2085 -63.51 -54.68 -81.19
C MET N 2085 -64.88 -54.69 -81.85
N ASP N 2086 -64.91 -54.44 -83.16
CA ASP N 2086 -66.15 -54.46 -83.93
C ASP N 2086 -66.26 -55.69 -84.82
N GLU N 2087 -65.19 -56.03 -85.55
CA GLU N 2087 -65.18 -57.25 -86.34
C GLU N 2087 -65.17 -58.49 -85.47
N LEU N 2088 -64.78 -58.36 -84.20
CA LEU N 2088 -64.49 -59.51 -83.35
C LEU N 2088 -65.70 -60.35 -83.01
N ASN N 2089 -66.90 -59.97 -83.46
CA ASN N 2089 -68.11 -60.73 -83.18
C ASN N 2089 -69.04 -60.87 -84.38
N ARG N 2090 -68.67 -60.32 -85.53
CA ARG N 2090 -69.59 -60.33 -86.68
C ARG N 2090 -69.70 -61.71 -87.30
N HIS N 2091 -68.58 -62.40 -87.49
CA HIS N 2091 -68.59 -63.76 -88.04
C HIS N 2091 -68.56 -64.77 -86.89
N GLU N 2092 -69.70 -64.87 -86.19
CA GLU N 2092 -69.76 -65.47 -84.86
C GLU N 2092 -69.16 -66.86 -84.78
N CYS N 2093 -68.79 -67.43 -85.92
CA CYS N 2093 -68.11 -68.72 -85.98
C CYS N 2093 -66.69 -68.70 -85.40
N MET N 2094 -66.22 -67.59 -84.85
CA MET N 2094 -64.99 -67.63 -84.06
C MET N 2094 -65.10 -68.65 -82.94
N ALA N 2095 -66.19 -68.58 -82.18
CA ALA N 2095 -66.32 -69.42 -80.98
C ALA N 2095 -66.05 -70.89 -81.25
N PRO N 2096 -66.62 -71.54 -82.27
CA PRO N 2096 -66.18 -72.91 -82.57
C PRO N 2096 -64.71 -72.98 -82.95
N LEU N 2097 -64.28 -72.18 -83.93
CA LEU N 2097 -62.91 -72.26 -84.43
C LEU N 2097 -61.91 -71.81 -83.37
N THR N 2098 -62.13 -70.63 -82.78
CA THR N 2098 -61.21 -70.13 -81.76
C THR N 2098 -61.18 -71.05 -80.56
N ALA N 2099 -62.35 -71.52 -80.12
CA ALA N 2099 -62.40 -72.43 -78.99
C ALA N 2099 -61.62 -73.71 -79.29
N LEU N 2100 -61.82 -74.28 -80.48
CA LEU N 2100 -61.10 -75.49 -80.86
C LEU N 2100 -59.59 -75.26 -80.84
N VAL N 2101 -59.13 -74.20 -81.51
CA VAL N 2101 -57.69 -74.01 -81.65
C VAL N 2101 -57.06 -73.70 -80.29
N LYS N 2102 -57.68 -72.83 -79.50
CA LYS N 2102 -57.12 -72.50 -78.20
C LYS N 2102 -57.14 -73.71 -77.27
N HIS N 2103 -58.23 -74.48 -77.28
CA HIS N 2103 -58.33 -75.63 -76.40
C HIS N 2103 -57.30 -76.70 -76.77
N MET N 2104 -57.13 -76.96 -78.07
CA MET N 2104 -56.13 -77.94 -78.45
C MET N 2104 -54.73 -77.44 -78.15
N HIS N 2105 -54.49 -76.14 -78.29
CA HIS N 2105 -53.18 -75.59 -77.93
C HIS N 2105 -52.91 -75.78 -76.45
N ARG N 2106 -53.92 -75.59 -75.60
CA ARG N 2106 -53.75 -75.86 -74.18
C ARG N 2106 -53.49 -77.35 -73.94
N SER N 2107 -54.24 -78.21 -74.62
CA SER N 2107 -54.11 -79.64 -74.42
C SER N 2107 -52.95 -80.22 -75.21
N LEU N 2108 -53.00 -80.11 -76.53
CA LEU N 2108 -51.96 -80.64 -77.40
C LEU N 2108 -50.78 -79.68 -77.47
N LEU N 2122 -45.64 -77.24 -85.51
CA LEU N 2122 -46.20 -76.60 -86.70
C LEU N 2122 -46.89 -77.62 -87.60
N PRO N 2123 -48.14 -77.96 -87.27
CA PRO N 2123 -48.88 -78.93 -88.09
C PRO N 2123 -49.13 -78.42 -89.51
N SER N 2124 -49.73 -79.29 -90.31
CA SER N 2124 -50.00 -78.94 -91.71
C SER N 2124 -51.17 -77.98 -91.84
N TRP N 2125 -52.21 -78.16 -91.02
CA TRP N 2125 -53.41 -77.33 -91.15
C TRP N 2125 -53.14 -75.88 -90.78
N MET N 2126 -52.23 -75.62 -89.83
CA MET N 2126 -51.94 -74.22 -89.53
C MET N 2126 -51.10 -73.58 -90.63
N LYS N 2127 -50.35 -74.39 -91.39
CA LYS N 2127 -49.73 -73.87 -92.60
C LYS N 2127 -50.78 -73.61 -93.69
N PHE N 2128 -51.82 -74.43 -93.75
CA PHE N 2128 -52.95 -74.12 -94.60
C PHE N 2128 -53.59 -72.80 -94.20
N LEU N 2129 -53.72 -72.57 -92.89
CA LEU N 2129 -54.23 -71.29 -92.39
C LEU N 2129 -53.30 -70.14 -92.76
N HIS N 2130 -51.98 -70.38 -92.68
CA HIS N 2130 -51.01 -69.42 -93.19
C HIS N 2130 -51.32 -69.05 -94.63
N GLY N 2131 -51.51 -70.07 -95.48
CA GLY N 2131 -51.77 -69.81 -96.88
C GLY N 2131 -53.07 -69.05 -97.11
N LYS N 2132 -54.12 -69.40 -96.36
CA LYS N 2132 -55.41 -68.75 -96.53
C LYS N 2132 -55.36 -67.30 -96.06
N LEU N 2133 -54.84 -67.06 -94.86
CA LEU N 2133 -54.83 -65.71 -94.31
C LEU N 2133 -53.88 -64.80 -95.09
N GLY N 2134 -52.66 -65.28 -95.37
CA GLY N 2134 -51.72 -64.48 -96.14
C GLY N 2134 -52.20 -64.18 -97.54
N ASN N 2135 -53.10 -65.00 -98.07
CA ASN N 2135 -53.68 -64.74 -99.38
C ASN N 2135 -54.75 -63.68 -99.27
N PRO N 2136 -54.62 -62.55 -99.98
CA PRO N 2136 -55.76 -61.63 -100.10
C PRO N 2136 -56.74 -62.04 -101.18
N ILE N 2137 -56.40 -63.01 -102.02
CA ILE N 2137 -57.29 -63.47 -103.07
C ILE N 2137 -58.41 -64.36 -102.52
N VAL N 2138 -58.25 -64.90 -101.32
CA VAL N 2138 -59.37 -65.51 -100.63
C VAL N 2138 -60.34 -64.36 -100.40
N PRO N 2139 -61.65 -64.61 -100.31
CA PRO N 2139 -62.60 -63.50 -100.18
C PRO N 2139 -62.21 -62.60 -99.01
N LEU N 2140 -62.29 -61.29 -99.25
CA LEU N 2140 -61.92 -60.34 -98.20
C LEU N 2140 -62.72 -60.54 -96.94
N ASN N 2141 -63.93 -61.13 -97.06
CA ASN N 2141 -64.66 -61.58 -95.89
C ASN N 2141 -63.88 -62.66 -95.17
N ILE N 2142 -63.39 -63.65 -95.92
CA ILE N 2142 -62.56 -64.70 -95.33
C ILE N 2142 -61.25 -64.12 -94.82
N ARG N 2143 -60.70 -63.14 -95.54
CA ARG N 2143 -59.45 -62.51 -95.11
C ARG N 2143 -59.62 -61.82 -93.76
N LEU N 2144 -60.69 -61.04 -93.60
CA LEU N 2144 -60.93 -60.37 -92.32
C LEU N 2144 -61.32 -61.36 -91.23
N PHE N 2145 -62.02 -62.45 -91.59
CA PHE N 2145 -62.33 -63.46 -90.59
C PHE N 2145 -61.08 -64.12 -90.07
N LEU N 2146 -60.14 -64.45 -90.95
CA LEU N 2146 -58.86 -65.01 -90.51
C LEU N 2146 -58.05 -63.98 -89.72
N ALA N 2147 -58.14 -62.71 -90.11
CA ALA N 2147 -57.47 -61.66 -89.34
C ALA N 2147 -58.00 -61.57 -87.92
N LYS N 2148 -59.33 -61.63 -87.76
CA LYS N 2148 -59.88 -61.61 -86.42
C LYS N 2148 -59.70 -62.92 -85.68
N LEU N 2149 -59.50 -64.03 -86.40
CA LEU N 2149 -59.12 -65.28 -85.74
C LEU N 2149 -57.72 -65.16 -85.14
N VAL N 2150 -56.75 -64.70 -85.93
CA VAL N 2150 -55.40 -64.52 -85.41
C VAL N 2150 -55.37 -63.41 -84.36
N ILE N 2151 -56.30 -62.46 -84.42
CA ILE N 2151 -56.41 -61.46 -83.37
C ILE N 2151 -56.90 -62.11 -82.07
N ASN N 2152 -57.94 -62.94 -82.17
CA ASN N 2152 -58.47 -63.61 -80.99
C ASN N 2152 -57.50 -64.64 -80.43
N THR N 2153 -56.90 -65.45 -81.30
CA THR N 2153 -56.08 -66.57 -80.87
C THR N 2153 -54.60 -66.38 -81.21
N GLU N 2154 -54.11 -65.15 -81.11
CA GLU N 2154 -52.69 -64.90 -81.37
C GLU N 2154 -51.80 -65.68 -80.40
N GLU N 2155 -52.33 -66.01 -79.22
CA GLU N 2155 -51.58 -66.85 -78.29
C GLU N 2155 -51.32 -68.23 -78.90
N VAL N 2156 -52.27 -68.76 -79.67
CA VAL N 2156 -52.03 -70.00 -80.37
C VAL N 2156 -50.97 -69.81 -81.44
N PHE N 2157 -50.96 -68.66 -82.09
CA PHE N 2157 -49.98 -68.34 -83.10
C PHE N 2157 -48.79 -67.58 -82.55
N ARG N 2158 -48.76 -67.31 -81.25
CA ARG N 2158 -47.59 -66.65 -80.65
C ARG N 2158 -46.30 -67.42 -80.87
N PRO N 2159 -46.22 -68.74 -80.63
CA PRO N 2159 -45.00 -69.47 -81.01
C PRO N 2159 -44.74 -69.45 -82.50
N TYR N 2160 -45.77 -69.34 -83.32
CA TYR N 2160 -45.62 -69.30 -84.77
C TYR N 2160 -45.68 -67.88 -85.33
N ALA N 2161 -45.78 -66.87 -84.46
CA ALA N 2161 -45.89 -65.50 -84.93
C ALA N 2161 -44.70 -65.09 -85.78
N LYS N 2162 -43.54 -65.71 -85.54
CA LYS N 2162 -42.41 -65.49 -86.44
C LYS N 2162 -42.75 -65.97 -87.85
N HIS N 2163 -43.39 -67.12 -87.95
CA HIS N 2163 -43.88 -67.60 -89.24
C HIS N 2163 -45.07 -66.77 -89.72
N TRP N 2164 -45.90 -66.29 -88.79
CA TRP N 2164 -47.08 -65.52 -89.14
C TRP N 2164 -46.76 -64.08 -89.54
N LEU N 2165 -45.50 -63.65 -89.40
CA LEU N 2165 -45.15 -62.29 -89.79
C LEU N 2165 -45.40 -62.07 -91.27
N SER N 2166 -45.01 -63.03 -92.12
CA SER N 2166 -45.20 -62.85 -93.56
C SER N 2166 -46.66 -62.75 -93.97
N PRO N 2167 -47.57 -63.65 -93.56
CA PRO N 2167 -48.99 -63.41 -93.89
C PRO N 2167 -49.53 -62.15 -93.24
N LEU N 2168 -49.04 -61.80 -92.04
CA LEU N 2168 -49.50 -60.60 -91.36
C LEU N 2168 -49.14 -59.34 -92.14
N LEU N 2169 -47.91 -59.28 -92.65
CA LEU N 2169 -47.48 -58.10 -93.40
C LEU N 2169 -48.13 -58.08 -94.79
N GLN N 2170 -48.33 -59.26 -95.39
CA GLN N 2170 -48.87 -59.31 -96.74
C GLN N 2170 -50.29 -58.77 -96.80
N LEU N 2171 -51.14 -59.16 -95.86
CA LEU N 2171 -52.55 -58.81 -95.89
C LEU N 2171 -52.83 -57.65 -94.95
N ALA N 2172 -53.74 -56.77 -95.37
CA ALA N 2172 -54.29 -55.64 -94.61
C ALA N 2172 -53.27 -54.57 -94.29
N ALA N 2173 -52.02 -54.70 -94.73
CA ALA N 2173 -51.06 -53.61 -94.56
C ALA N 2173 -51.51 -52.38 -95.32
N SER N 2174 -51.96 -52.57 -96.56
CA SER N 2174 -52.54 -51.49 -97.34
C SER N 2174 -53.91 -51.81 -97.92
N GLU N 2175 -54.28 -53.08 -98.06
CA GLU N 2175 -55.58 -53.45 -98.58
C GLU N 2175 -56.64 -53.37 -97.48
N ASN N 2176 -57.82 -52.91 -97.85
CA ASN N 2176 -58.89 -52.71 -96.89
C ASN N 2176 -59.59 -54.02 -96.56
N TYR N 2184 -60.56 -50.19 -89.22
CA TYR N 2184 -60.65 -50.62 -87.83
C TYR N 2184 -60.32 -52.10 -87.66
N MET N 2185 -60.63 -52.91 -88.68
CA MET N 2185 -60.08 -54.26 -88.71
C MET N 2185 -58.56 -54.22 -88.73
N VAL N 2186 -58.00 -53.36 -89.58
CA VAL N 2186 -56.56 -53.14 -89.58
C VAL N 2186 -56.12 -52.53 -88.25
N VAL N 2187 -57.02 -51.82 -87.57
CA VAL N 2187 -56.68 -51.28 -86.26
C VAL N 2187 -56.44 -52.40 -85.26
N GLU N 2188 -57.37 -53.37 -85.20
CA GLU N 2188 -57.10 -54.52 -84.33
C GLU N 2188 -55.92 -55.33 -84.81
N ILE N 2189 -55.70 -55.38 -86.13
CA ILE N 2189 -54.57 -56.13 -86.67
C ILE N 2189 -53.26 -55.54 -86.17
N VAL N 2190 -53.11 -54.22 -86.31
CA VAL N 2190 -51.89 -53.57 -85.84
C VAL N 2190 -51.82 -53.58 -84.31
N ALA N 2191 -52.98 -53.61 -83.64
CA ALA N 2191 -52.98 -53.74 -82.19
C ALA N 2191 -52.38 -55.09 -81.77
N THR N 2192 -52.76 -56.16 -82.46
CA THR N 2192 -52.17 -57.46 -82.18
C THR N 2192 -50.71 -57.52 -82.64
N ILE N 2193 -50.36 -56.76 -83.67
CA ILE N 2193 -48.96 -56.62 -84.04
C ILE N 2193 -48.16 -56.04 -82.88
N LEU N 2194 -48.69 -54.98 -82.27
CA LEU N 2194 -48.11 -54.38 -81.08
C LEU N 2194 -48.47 -55.14 -79.81
N SER N 2195 -49.08 -56.32 -79.95
CA SER N 2195 -49.21 -57.24 -78.83
C SER N 2195 -48.05 -58.22 -78.73
N TRP N 2196 -47.24 -58.33 -79.79
CA TRP N 2196 -46.06 -59.16 -79.79
C TRP N 2196 -44.84 -58.27 -80.02
N THR N 2197 -43.91 -58.28 -79.06
CA THR N 2197 -42.76 -57.39 -79.14
C THR N 2197 -41.90 -57.72 -80.36
N GLY N 2198 -41.51 -58.99 -80.50
CA GLY N 2198 -40.69 -59.41 -81.61
C GLY N 2198 -41.24 -60.63 -82.32
N LEU N 2199 -42.23 -61.27 -81.70
CA LEU N 2199 -42.83 -62.46 -82.29
C LEU N 2199 -43.50 -62.12 -83.62
N ALA N 2200 -44.35 -61.09 -83.63
CA ALA N 2200 -45.04 -60.64 -84.84
C ALA N 2200 -44.89 -59.13 -84.93
N THR N 2201 -43.88 -58.67 -85.67
CA THR N 2201 -43.67 -57.23 -85.85
C THR N 2201 -42.97 -57.02 -87.19
N PRO N 2202 -43.37 -56.00 -87.96
CA PRO N 2202 -42.75 -55.75 -89.27
C PRO N 2202 -41.38 -55.07 -89.16
N THR N 2203 -40.42 -55.80 -88.59
CA THR N 2203 -39.06 -55.31 -88.43
C THR N 2203 -38.08 -56.39 -88.86
N GLY N 2204 -37.00 -55.98 -89.52
CA GLY N 2204 -35.91 -56.85 -89.88
C GLY N 2204 -35.97 -57.44 -91.28
N VAL N 2205 -37.09 -57.32 -91.96
CA VAL N 2205 -37.26 -57.90 -93.30
C VAL N 2205 -37.42 -56.75 -94.29
N PRO N 2206 -36.95 -56.88 -95.53
CA PRO N 2206 -37.34 -55.88 -96.54
C PRO N 2206 -38.83 -55.85 -96.82
N LYS N 2207 -39.48 -57.01 -96.85
CA LYS N 2207 -40.89 -57.07 -97.24
C LYS N 2207 -41.83 -56.59 -96.14
N ASP N 2208 -41.53 -56.86 -94.86
CA ASP N 2208 -42.38 -56.29 -93.83
C ASP N 2208 -42.14 -54.79 -93.71
N GLU N 2209 -40.92 -54.34 -94.02
CA GLU N 2209 -40.67 -52.90 -94.15
C GLU N 2209 -41.52 -52.29 -95.27
N VAL N 2210 -41.63 -53.00 -96.39
CA VAL N 2210 -42.48 -52.54 -97.48
C VAL N 2210 -43.94 -52.47 -97.03
N LEU N 2211 -44.39 -53.49 -96.31
CA LEU N 2211 -45.76 -53.48 -95.81
C LEU N 2211 -45.99 -52.34 -94.83
N ALA N 2212 -45.00 -52.07 -93.97
CA ALA N 2212 -45.09 -50.95 -93.04
C ALA N 2212 -45.15 -49.62 -93.77
N ASN N 2213 -44.34 -49.47 -94.83
CA ASN N 2213 -44.40 -48.25 -95.63
C ASN N 2213 -45.77 -48.10 -96.29
N ARG N 2214 -46.31 -49.21 -96.81
CA ARG N 2214 -47.66 -49.19 -97.37
C ARG N 2214 -48.67 -48.72 -96.34
N LEU N 2215 -48.58 -49.26 -95.13
CA LEU N 2215 -49.53 -48.90 -94.08
C LEU N 2215 -49.38 -47.43 -93.68
N LEU N 2216 -48.15 -46.95 -93.56
CA LEU N 2216 -47.94 -45.56 -93.18
C LEU N 2216 -48.45 -44.61 -94.25
N ASN N 2217 -48.21 -44.92 -95.53
CA ASN N 2217 -48.72 -44.07 -96.59
C ASN N 2217 -50.24 -44.13 -96.70
N PHE N 2218 -50.82 -45.30 -96.41
CA PHE N 2218 -52.25 -45.47 -96.42
C PHE N 2218 -52.93 -44.80 -95.24
N LEU N 2219 -52.21 -44.62 -94.12
CA LEU N 2219 -52.80 -44.00 -92.94
C LEU N 2219 -52.59 -42.50 -92.91
N MET N 2220 -51.39 -42.01 -93.26
CA MET N 2220 -51.13 -40.58 -93.21
C MET N 2220 -52.02 -39.81 -94.17
N LYS N 2221 -52.52 -40.47 -95.22
CA LYS N 2221 -53.55 -39.88 -96.06
C LYS N 2221 -54.94 -40.00 -95.44
N HIS N 2222 -55.07 -40.79 -94.37
CA HIS N 2222 -56.37 -41.11 -93.81
C HIS N 2222 -56.45 -40.94 -92.29
N VAL N 2223 -55.37 -40.56 -91.63
CA VAL N 2223 -55.41 -40.43 -90.17
C VAL N 2223 -55.97 -39.06 -89.79
N PHE N 2224 -57.29 -38.98 -89.75
CA PHE N 2224 -58.03 -37.80 -89.34
C PHE N 2224 -59.50 -38.20 -89.24
N HIS N 2225 -60.22 -37.57 -88.31
CA HIS N 2225 -61.60 -37.93 -88.09
C HIS N 2225 -62.29 -36.79 -87.36
N PRO N 2226 -63.61 -36.70 -87.46
CA PRO N 2226 -64.39 -35.99 -86.44
C PRO N 2226 -64.47 -36.85 -85.19
N LYS N 2227 -65.32 -36.46 -84.22
CA LYS N 2227 -65.45 -37.21 -82.98
C LYS N 2227 -64.10 -37.27 -82.25
N ARG N 2228 -63.73 -36.09 -81.74
CA ARG N 2228 -62.40 -35.79 -81.22
C ARG N 2228 -61.76 -36.94 -80.43
N ALA N 2229 -62.57 -37.72 -79.72
CA ALA N 2229 -62.03 -38.87 -79.00
C ALA N 2229 -61.41 -39.88 -79.97
N VAL N 2230 -62.18 -40.32 -80.97
CA VAL N 2230 -61.66 -41.33 -81.88
C VAL N 2230 -60.64 -40.72 -82.84
N PHE N 2231 -60.77 -39.44 -83.19
CA PHE N 2231 -59.75 -38.78 -84.00
C PHE N 2231 -58.42 -38.75 -83.26
N ARG N 2232 -58.46 -38.39 -81.97
CA ARG N 2232 -57.26 -38.43 -81.16
C ARG N 2232 -56.76 -39.86 -81.00
N HIS N 2233 -57.65 -40.84 -80.98
CA HIS N 2233 -57.19 -42.23 -80.97
C HIS N 2233 -56.43 -42.58 -82.24
N ASN N 2234 -56.92 -42.08 -83.40
CA ASN N 2234 -56.19 -42.26 -84.65
C ASN N 2234 -54.81 -41.61 -84.56
N LEU N 2235 -54.76 -40.39 -84.01
CA LEU N 2235 -53.47 -39.72 -83.85
C LEU N 2235 -52.56 -40.50 -82.90
N GLU N 2236 -53.14 -41.11 -81.86
CA GLU N 2236 -52.36 -41.95 -80.96
C GLU N 2236 -51.80 -43.16 -81.68
N ILE N 2237 -52.61 -43.78 -82.53
CA ILE N 2237 -52.13 -44.92 -83.32
C ILE N 2237 -50.97 -44.50 -84.21
N ILE N 2238 -51.11 -43.34 -84.86
CA ILE N 2238 -50.04 -42.83 -85.72
C ILE N 2238 -48.78 -42.57 -84.91
N LYS N 2239 -48.94 -41.95 -83.74
CA LYS N 2239 -47.81 -41.65 -82.87
C LYS N 2239 -47.10 -42.93 -82.43
N THR N 2240 -47.88 -43.93 -82.03
CA THR N 2240 -47.30 -45.20 -81.60
C THR N 2240 -46.56 -45.87 -82.75
N LEU N 2241 -47.14 -45.84 -83.94
CA LEU N 2241 -46.46 -46.41 -85.11
C LEU N 2241 -45.15 -45.69 -85.38
N VAL N 2242 -45.16 -44.36 -85.31
CA VAL N 2242 -43.96 -43.58 -85.59
C VAL N 2242 -42.87 -43.88 -84.56
N GLU N 2243 -43.25 -43.92 -83.28
CA GLU N 2243 -42.28 -43.96 -82.19
C GLU N 2243 -42.03 -45.37 -81.66
N CYS N 2244 -42.60 -46.40 -82.29
CA CYS N 2244 -42.43 -47.76 -81.81
C CYS N 2244 -41.26 -48.46 -82.50
N TRP N 2245 -41.33 -48.57 -83.83
CA TRP N 2245 -40.27 -49.23 -84.60
C TRP N 2245 -39.28 -48.22 -85.18
N LYS N 2246 -39.78 -47.25 -85.95
CA LYS N 2246 -38.99 -46.13 -86.44
C LYS N 2246 -37.83 -46.59 -87.33
N ASP N 2247 -37.86 -47.85 -87.75
CA ASP N 2247 -36.80 -48.43 -88.57
C ASP N 2247 -37.27 -48.85 -89.95
N CYS N 2248 -38.36 -49.60 -90.03
CA CYS N 2248 -38.89 -50.07 -91.29
C CYS N 2248 -39.88 -49.11 -91.93
N LEU N 2249 -40.18 -47.99 -91.27
CA LEU N 2249 -41.08 -47.01 -91.83
C LEU N 2249 -40.33 -46.07 -92.78
N SER N 2250 -41.07 -45.51 -93.75
CA SER N 2250 -40.50 -44.58 -94.71
C SER N 2250 -41.50 -43.44 -94.92
N ILE N 2251 -41.37 -42.39 -94.12
CA ILE N 2251 -42.17 -41.18 -94.32
C ILE N 2251 -41.53 -40.40 -95.46
N PRO N 2252 -42.26 -40.12 -96.54
CA PRO N 2252 -41.66 -39.41 -97.67
C PRO N 2252 -41.16 -38.02 -97.31
N TYR N 2253 -41.72 -37.40 -96.28
CA TYR N 2253 -41.39 -36.03 -95.86
C TYR N 2253 -41.68 -35.01 -96.95
N ARG N 2254 -42.30 -35.43 -98.04
CA ARG N 2254 -42.72 -34.54 -99.11
C ARG N 2254 -44.23 -34.31 -99.13
N LEU N 2255 -45.02 -35.35 -98.80
CA LEU N 2255 -46.46 -35.15 -98.69
C LEU N 2255 -46.79 -34.24 -97.51
N ILE N 2256 -46.25 -34.56 -96.34
CA ILE N 2256 -46.42 -33.69 -95.17
C ILE N 2256 -45.83 -32.32 -95.44
N PHE N 2257 -44.78 -32.25 -96.27
CA PHE N 2257 -44.31 -30.98 -96.78
C PHE N 2257 -45.39 -30.24 -97.55
N GLU N 2258 -46.18 -30.96 -98.35
CA GLU N 2258 -47.18 -30.36 -99.21
C GLU N 2258 -48.61 -30.58 -98.74
N LYS N 2259 -48.82 -31.27 -97.61
CA LYS N 2259 -50.17 -31.48 -97.13
C LYS N 2259 -50.86 -30.17 -96.75
N PHE N 2260 -50.10 -29.14 -96.39
CA PHE N 2260 -50.65 -27.84 -96.03
C PHE N 2260 -49.54 -26.80 -95.94
N ASP N 2269 -57.99 -23.42 -90.09
CA ASP N 2269 -56.62 -23.51 -90.58
C ASP N 2269 -56.12 -24.96 -90.58
N ASN N 2270 -54.85 -25.14 -90.88
CA ASN N 2270 -54.23 -26.46 -90.83
C ASN N 2270 -53.73 -26.79 -89.43
N SER N 2271 -54.60 -26.62 -88.44
CA SER N 2271 -54.18 -26.84 -87.05
C SER N 2271 -53.91 -28.31 -86.78
N VAL N 2272 -54.81 -29.19 -87.22
CA VAL N 2272 -54.65 -30.62 -86.95
C VAL N 2272 -53.40 -31.15 -87.64
N GLY N 2273 -53.15 -30.71 -88.87
CA GLY N 2273 -51.96 -31.17 -89.57
C GLY N 2273 -50.67 -30.74 -88.91
N ILE N 2274 -50.62 -29.49 -88.44
CA ILE N 2274 -49.41 -28.99 -87.78
C ILE N 2274 -49.21 -29.68 -86.45
N GLN N 2275 -50.29 -29.92 -85.70
CA GLN N 2275 -50.17 -30.68 -84.46
C GLN N 2275 -49.68 -32.09 -84.74
N LEU N 2276 -50.19 -32.72 -85.80
CA LEU N 2276 -49.71 -34.05 -86.17
C LEU N 2276 -48.23 -34.03 -86.53
N LEU N 2277 -47.80 -33.01 -87.27
CA LEU N 2277 -46.39 -32.88 -87.61
C LEU N 2277 -45.54 -32.75 -86.36
N GLY N 2278 -45.95 -31.90 -85.43
CA GLY N 2278 -45.21 -31.76 -84.18
C GLY N 2278 -45.14 -33.07 -83.43
N ILE N 2279 -46.26 -33.79 -83.36
CA ILE N 2279 -46.32 -35.06 -82.63
C ILE N 2279 -45.37 -36.08 -83.27
N VAL N 2280 -45.41 -36.20 -84.59
CA VAL N 2280 -44.62 -37.25 -85.25
C VAL N 2280 -43.13 -36.88 -85.25
N MET N 2281 -42.80 -35.61 -85.50
CA MET N 2281 -41.40 -35.21 -85.58
C MET N 2281 -40.79 -35.02 -84.20
N ALA N 2282 -41.60 -35.00 -83.15
CA ALA N 2282 -41.04 -35.13 -81.80
C ALA N 2282 -40.17 -36.37 -81.69
N ASN N 2283 -40.58 -37.44 -82.35
CA ASN N 2283 -39.73 -38.62 -82.49
C ASN N 2283 -38.50 -38.28 -83.31
N ASP N 2284 -37.37 -38.90 -82.97
CA ASP N 2284 -36.13 -38.67 -83.69
C ASP N 2284 -36.28 -39.25 -85.10
N LEU N 2285 -36.46 -38.36 -86.07
CA LEU N 2285 -36.76 -38.72 -87.44
C LEU N 2285 -35.80 -37.99 -88.36
N PRO N 2286 -35.60 -38.49 -89.58
CA PRO N 2286 -34.84 -37.75 -90.57
C PRO N 2286 -35.45 -36.37 -90.78
N PRO N 2287 -34.62 -35.34 -90.98
CA PRO N 2287 -35.13 -33.96 -90.96
C PRO N 2287 -36.17 -33.67 -92.02
N TYR N 2288 -35.84 -33.90 -93.29
CA TYR N 2288 -36.77 -33.58 -94.36
C TYR N 2288 -36.40 -34.34 -95.62
N ASP N 2289 -37.38 -34.42 -96.51
CA ASP N 2289 -37.25 -34.98 -97.85
C ASP N 2289 -38.38 -34.43 -98.71
N PRO N 2290 -38.35 -33.14 -99.04
CA PRO N 2290 -39.44 -32.47 -99.77
C PRO N 2290 -39.63 -33.02 -101.18
N SER N 2297 -35.33 -30.20 -96.94
CA SER N 2297 -34.99 -28.92 -97.56
C SER N 2297 -36.20 -27.98 -97.56
N GLU N 2298 -37.06 -28.14 -98.56
CA GLU N 2298 -38.25 -27.31 -98.63
C GLU N 2298 -39.31 -27.72 -97.62
N TYR N 2299 -39.21 -28.94 -97.09
CA TYR N 2299 -40.10 -29.33 -95.99
C TYR N 2299 -39.90 -28.41 -94.79
N PHE N 2300 -38.66 -28.02 -94.52
CA PHE N 2300 -38.38 -27.03 -93.49
C PHE N 2300 -39.12 -25.73 -93.78
N GLN N 2301 -39.04 -25.25 -95.03
CA GLN N 2301 -39.68 -23.99 -95.37
C GLN N 2301 -41.19 -24.07 -95.22
N ALA N 2302 -41.79 -25.18 -95.66
CA ALA N 2302 -43.24 -25.34 -95.54
C ALA N 2302 -43.64 -25.38 -94.07
N LEU N 2303 -42.86 -26.08 -93.23
CA LEU N 2303 -43.19 -26.16 -91.82
C LEU N 2303 -43.05 -24.81 -91.14
N VAL N 2304 -42.04 -24.02 -91.53
CA VAL N 2304 -41.90 -22.67 -90.99
C VAL N 2304 -43.06 -21.80 -91.45
N ASN N 2305 -43.52 -21.99 -92.69
CA ASN N 2305 -44.64 -21.22 -93.21
C ASN N 2305 -45.95 -21.58 -92.49
N ASN N 2306 -46.13 -22.86 -92.15
CA ASN N 2306 -47.42 -23.36 -91.71
C ASN N 2306 -47.95 -22.64 -90.48
N MET N 2307 -47.07 -22.07 -89.64
CA MET N 2307 -47.54 -21.37 -88.45
C MET N 2307 -48.29 -20.09 -88.77
N SER N 2308 -48.29 -19.65 -90.03
CA SER N 2308 -49.05 -18.47 -90.42
C SER N 2308 -50.55 -18.69 -90.27
N PHE N 2309 -51.03 -19.89 -90.60
CA PHE N 2309 -52.46 -20.17 -90.57
C PHE N 2309 -52.96 -20.30 -89.14
N VAL N 2310 -53.30 -19.18 -88.52
CA VAL N 2310 -53.53 -19.13 -87.07
C VAL N 2310 -55.02 -19.04 -86.76
N ARG N 2311 -55.85 -19.59 -87.64
CA ARG N 2311 -57.29 -19.53 -87.44
C ARG N 2311 -57.71 -20.20 -86.13
N TYR N 2312 -57.06 -21.31 -85.78
CA TYR N 2312 -57.39 -22.04 -84.55
C TYR N 2312 -56.37 -21.79 -83.45
N LYS N 2313 -55.70 -20.65 -83.49
CA LYS N 2313 -54.97 -20.06 -82.35
C LYS N 2313 -54.03 -21.05 -81.67
N GLU N 2314 -53.55 -22.06 -82.40
CA GLU N 2314 -52.59 -22.98 -81.82
C GLU N 2314 -51.43 -23.35 -82.74
N VAL N 2315 -51.52 -23.07 -84.04
CA VAL N 2315 -50.54 -23.61 -84.99
C VAL N 2315 -49.15 -23.04 -84.72
N TYR N 2316 -49.09 -21.76 -84.33
CA TYR N 2316 -47.80 -21.12 -84.09
C TYR N 2316 -47.05 -21.79 -82.96
N ALA N 2317 -47.74 -22.09 -81.86
CA ALA N 2317 -47.09 -22.72 -80.71
C ALA N 2317 -46.57 -24.11 -81.06
N ALA N 2318 -47.41 -24.93 -81.69
CA ALA N 2318 -46.98 -26.29 -82.04
C ALA N 2318 -45.83 -26.26 -83.04
N ALA N 2319 -45.91 -25.37 -84.04
CA ALA N 2319 -44.84 -25.26 -85.02
C ALA N 2319 -43.55 -24.83 -84.35
N ALA N 2320 -43.61 -23.83 -83.46
CA ALA N 2320 -42.41 -23.38 -82.78
C ALA N 2320 -41.83 -24.50 -81.91
N GLU N 2321 -42.69 -25.25 -81.23
CA GLU N 2321 -42.22 -26.34 -80.39
C GLU N 2321 -41.48 -27.39 -81.22
N VAL N 2322 -42.10 -27.83 -82.32
CA VAL N 2322 -41.46 -28.87 -83.13
C VAL N 2322 -40.18 -28.35 -83.78
N LEU N 2323 -40.15 -27.07 -84.17
CA LEU N 2323 -38.93 -26.49 -84.69
C LEU N 2323 -37.83 -26.49 -83.64
N GLY N 2324 -38.18 -26.15 -82.40
CA GLY N 2324 -37.21 -26.24 -81.32
C GLY N 2324 -36.72 -27.66 -81.11
N LEU N 2325 -37.61 -28.64 -81.29
CA LEU N 2325 -37.21 -30.04 -81.20
C LEU N 2325 -36.18 -30.38 -82.28
N ILE N 2326 -36.48 -30.02 -83.53
CA ILE N 2326 -35.61 -30.40 -84.64
C ILE N 2326 -34.27 -29.68 -84.54
N LEU N 2327 -34.29 -28.37 -84.26
CA LEU N 2327 -33.06 -27.62 -84.12
C LEU N 2327 -32.23 -28.11 -82.94
N ARG N 2328 -32.86 -28.75 -81.96
CA ARG N 2328 -32.14 -29.32 -80.84
C ARG N 2328 -31.38 -30.59 -81.21
N TYR N 2329 -31.72 -31.20 -82.34
CA TYR N 2329 -30.92 -32.32 -82.82
C TYR N 2329 -29.51 -31.84 -83.13
N GLU N 2338 -29.63 -28.27 -88.17
CA GLU N 2338 -29.29 -27.34 -89.25
C GLU N 2338 -29.49 -25.93 -88.69
N GLU N 2339 -28.80 -24.95 -89.26
CA GLU N 2339 -28.73 -23.62 -88.66
C GLU N 2339 -29.55 -22.55 -89.38
N SER N 2340 -29.85 -22.72 -90.67
CA SER N 2340 -30.67 -21.70 -91.34
C SER N 2340 -32.11 -21.71 -90.84
N LEU N 2341 -32.61 -22.86 -90.38
CA LEU N 2341 -33.96 -22.89 -89.85
C LEU N 2341 -34.11 -22.02 -88.61
N CYS N 2342 -33.17 -22.10 -87.67
CA CYS N 2342 -33.29 -21.30 -86.46
C CYS N 2342 -33.23 -19.81 -86.78
N GLU N 2343 -32.32 -19.42 -87.67
CA GLU N 2343 -32.24 -18.03 -88.08
C GLU N 2343 -33.52 -17.58 -88.78
N LEU N 2344 -34.06 -18.43 -89.67
CA LEU N 2344 -35.29 -18.09 -90.38
C LEU N 2344 -36.46 -17.92 -89.41
N VAL N 2345 -36.58 -18.84 -88.45
CA VAL N 2345 -37.68 -18.78 -87.50
C VAL N 2345 -37.57 -17.55 -86.63
N ALA N 2346 -36.35 -17.24 -86.15
CA ALA N 2346 -36.17 -16.03 -85.36
C ALA N 2346 -36.46 -14.79 -86.19
N LYS N 2347 -36.07 -14.80 -87.46
CA LYS N 2347 -36.34 -13.67 -88.35
C LYS N 2347 -37.84 -13.44 -88.49
N GLN N 2348 -38.59 -14.50 -88.81
CA GLN N 2348 -40.03 -14.32 -88.99
C GLN N 2348 -40.70 -13.97 -87.66
N LEU N 2349 -40.20 -14.53 -86.56
CA LEU N 2349 -40.69 -14.14 -85.23
C LEU N 2349 -40.55 -12.65 -85.02
N LYS N 2350 -39.35 -12.11 -85.24
CA LYS N 2350 -39.14 -10.68 -85.10
C LYS N 2350 -39.99 -9.89 -86.08
N GLN N 2351 -40.23 -10.46 -87.27
CA GLN N 2351 -41.05 -9.78 -88.27
C GLN N 2351 -42.46 -9.57 -87.77
N HIS N 2352 -43.10 -10.64 -87.30
CA HIS N 2352 -44.49 -10.54 -86.91
C HIS N 2352 -44.68 -10.28 -85.43
N GLN N 2353 -43.58 -10.12 -84.67
CA GLN N 2353 -43.69 -9.70 -83.29
C GLN N 2353 -44.09 -8.24 -83.15
N ASN N 2354 -44.10 -7.48 -84.24
CA ASN N 2354 -44.46 -6.08 -84.19
C ASN N 2354 -45.94 -5.84 -84.41
N THR N 2355 -46.65 -6.77 -85.05
CA THR N 2355 -48.09 -6.63 -85.23
C THR N 2355 -48.85 -7.73 -84.49
N MET N 2356 -48.57 -9.00 -84.78
CA MET N 2356 -49.23 -10.11 -84.08
C MET N 2356 -48.31 -10.69 -83.00
N GLU N 2357 -47.94 -9.81 -82.08
CA GLU N 2357 -47.02 -10.15 -81.00
C GLU N 2357 -47.60 -11.14 -80.00
N ASP N 2358 -48.93 -11.30 -79.96
CA ASP N 2358 -49.53 -12.20 -78.99
C ASP N 2358 -49.16 -13.66 -79.29
N LYS N 2359 -49.54 -14.14 -80.47
CA LYS N 2359 -49.16 -15.50 -80.86
C LYS N 2359 -47.66 -15.63 -80.99
N PHE N 2360 -46.99 -14.55 -81.40
CA PHE N 2360 -45.53 -14.47 -81.26
C PHE N 2360 -45.05 -14.94 -79.90
N ILE N 2361 -45.47 -14.24 -78.84
CA ILE N 2361 -44.93 -14.57 -77.52
C ILE N 2361 -45.42 -15.93 -77.06
N VAL N 2362 -46.61 -16.34 -77.49
CA VAL N 2362 -47.10 -17.66 -77.10
C VAL N 2362 -46.22 -18.75 -77.69
N CYS N 2363 -45.98 -18.70 -78.99
CA CYS N 2363 -45.10 -19.68 -79.61
C CYS N 2363 -43.66 -19.52 -79.15
N LEU N 2364 -43.26 -18.32 -78.75
CA LEU N 2364 -41.90 -18.12 -78.25
C LEU N 2364 -41.71 -18.81 -76.90
N ASN N 2365 -42.69 -18.68 -76.01
CA ASN N 2365 -42.64 -19.44 -74.76
C ASN N 2365 -42.80 -20.92 -75.02
N LYS N 2366 -43.48 -21.29 -76.09
CA LYS N 2366 -43.58 -22.71 -76.45
C LYS N 2366 -42.27 -23.27 -76.96
N VAL N 2367 -41.48 -22.46 -77.65
CA VAL N 2367 -40.24 -22.95 -78.24
C VAL N 2367 -39.05 -22.80 -77.31
N THR N 2368 -39.10 -21.85 -76.36
CA THR N 2368 -37.96 -21.67 -75.47
C THR N 2368 -37.70 -22.93 -74.66
N LYS N 2369 -38.77 -23.58 -74.19
CA LYS N 2369 -38.61 -24.92 -73.61
C LYS N 2369 -38.17 -25.91 -74.68
N SER N 2370 -38.73 -25.81 -75.89
CA SER N 2370 -38.32 -26.66 -76.98
C SER N 2370 -36.91 -26.36 -77.46
N PHE N 2371 -36.48 -25.11 -77.39
CA PHE N 2371 -35.11 -24.71 -77.71
C PHE N 2371 -34.76 -23.42 -77.00
N PRO N 2372 -34.03 -23.51 -75.89
CA PRO N 2372 -33.60 -22.31 -75.17
C PRO N 2372 -32.78 -21.34 -76.02
N PRO N 2373 -31.88 -21.82 -76.90
CA PRO N 2373 -31.06 -20.86 -77.65
C PRO N 2373 -31.85 -19.87 -78.50
N LEU N 2374 -33.01 -20.28 -79.04
CA LEU N 2374 -33.79 -19.37 -79.87
C LEU N 2374 -34.27 -18.15 -79.11
N ALA N 2375 -34.47 -18.26 -77.79
CA ALA N 2375 -34.87 -17.11 -76.99
C ALA N 2375 -33.78 -16.06 -76.89
N ASP N 2376 -32.55 -16.38 -77.30
CA ASP N 2376 -31.42 -15.47 -77.19
C ASP N 2376 -31.40 -14.41 -78.28
N ARG N 2377 -32.53 -14.17 -78.96
CA ARG N 2377 -32.63 -13.08 -79.90
C ARG N 2377 -33.77 -12.10 -79.59
N PHE N 2378 -34.52 -12.33 -78.51
CA PHE N 2378 -35.68 -11.51 -78.22
C PHE N 2378 -35.73 -11.15 -76.74
N MET N 2379 -34.59 -10.85 -76.14
CA MET N 2379 -34.60 -10.26 -74.80
C MET N 2379 -35.28 -8.91 -74.83
N ASN N 2380 -34.95 -8.09 -75.82
CA ASN N 2380 -35.54 -6.78 -75.95
C ASN N 2380 -37.04 -6.88 -76.19
N ALA N 2381 -37.46 -7.87 -76.98
CA ALA N 2381 -38.88 -8.03 -77.26
C ALA N 2381 -39.68 -8.23 -75.98
N VAL N 2382 -39.23 -9.14 -75.12
CA VAL N 2382 -39.96 -9.40 -73.88
C VAL N 2382 -39.82 -8.22 -72.92
N PHE N 2383 -38.62 -7.63 -72.84
CA PHE N 2383 -38.43 -6.50 -71.93
C PHE N 2383 -39.21 -5.27 -72.39
N PHE N 2384 -39.34 -5.09 -73.71
CA PHE N 2384 -40.21 -4.05 -74.23
C PHE N 2384 -41.68 -4.39 -74.07
N LEU N 2385 -41.99 -5.63 -73.69
CA LEU N 2385 -43.37 -6.07 -73.53
C LEU N 2385 -43.71 -6.58 -72.13
N LEU N 2386 -42.72 -6.91 -71.31
CA LEU N 2386 -43.03 -7.40 -69.96
C LEU N 2386 -43.78 -6.37 -69.13
N PRO N 2387 -43.40 -5.09 -69.08
CA PRO N 2387 -44.26 -4.09 -68.45
C PRO N 2387 -45.40 -3.64 -69.33
N LYS N 2388 -45.59 -4.30 -70.48
CA LYS N 2388 -46.82 -4.20 -71.26
C LYS N 2388 -47.66 -5.46 -71.20
N PHE N 2389 -47.06 -6.60 -70.83
CA PHE N 2389 -47.76 -7.87 -70.71
C PHE N 2389 -48.10 -8.10 -69.25
N HIS N 2390 -49.38 -8.34 -68.98
CA HIS N 2390 -49.86 -8.40 -67.61
C HIS N 2390 -50.75 -9.59 -67.30
N GLY N 2391 -51.28 -10.28 -68.31
CA GLY N 2391 -52.06 -11.47 -68.05
C GLY N 2391 -51.18 -12.69 -67.96
N VAL N 2392 -51.66 -13.82 -68.49
CA VAL N 2392 -50.81 -14.98 -68.65
C VAL N 2392 -49.66 -14.67 -69.59
N LEU N 2393 -49.77 -13.59 -70.36
CA LEU N 2393 -48.61 -13.09 -71.11
C LEU N 2393 -47.45 -12.84 -70.17
N LYS N 2394 -47.73 -12.29 -68.98
CA LYS N 2394 -46.70 -12.13 -67.97
C LYS N 2394 -46.13 -13.48 -67.55
N THR N 2395 -46.99 -14.49 -67.40
CA THR N 2395 -46.51 -15.82 -67.06
C THR N 2395 -45.56 -16.37 -68.12
N LEU N 2396 -45.92 -16.21 -69.40
CA LEU N 2396 -45.08 -16.71 -70.47
C LEU N 2396 -43.76 -15.95 -70.54
N CYS N 2397 -43.81 -14.64 -70.24
CA CYS N 2397 -42.58 -13.87 -70.13
C CYS N 2397 -41.70 -14.42 -69.02
N LEU N 2398 -42.31 -14.79 -67.90
CA LEU N 2398 -41.55 -15.42 -66.82
C LEU N 2398 -40.93 -16.73 -67.28
N GLU N 2399 -41.69 -17.54 -68.03
CA GLU N 2399 -41.16 -18.79 -68.55
C GLU N 2399 -39.93 -18.53 -69.41
N VAL N 2400 -40.04 -17.59 -70.34
CA VAL N 2400 -38.94 -17.30 -71.26
C VAL N 2400 -37.74 -16.78 -70.48
N VAL N 2401 -37.97 -15.89 -69.52
CA VAL N 2401 -36.88 -15.35 -68.72
C VAL N 2401 -36.18 -16.46 -67.96
N LEU N 2402 -36.96 -17.34 -67.34
CA LEU N 2402 -36.39 -18.44 -66.57
C LEU N 2402 -35.57 -19.37 -67.46
N CYS N 2403 -36.09 -19.68 -68.64
CA CYS N 2403 -35.38 -20.58 -69.54
C CYS N 2403 -34.08 -19.97 -70.05
N ARG N 2404 -34.01 -18.64 -70.12
CA ARG N 2404 -32.82 -17.95 -70.59
C ARG N 2404 -32.40 -16.86 -69.63
N VAL N 2405 -32.53 -17.12 -68.32
CA VAL N 2405 -31.99 -16.20 -67.33
C VAL N 2405 -30.49 -16.10 -67.49
N GLU N 2406 -29.83 -17.20 -67.87
CA GLU N 2406 -28.42 -17.12 -68.27
C GLU N 2406 -28.25 -16.21 -69.48
N GLY N 2407 -29.29 -16.07 -70.30
CA GLY N 2407 -29.24 -15.15 -71.41
C GLY N 2407 -29.18 -13.70 -70.97
N MET N 2408 -29.58 -13.42 -69.73
CA MET N 2408 -29.49 -12.07 -69.16
C MET N 2408 -28.36 -12.06 -68.13
N THR N 2409 -27.23 -11.47 -68.49
CA THR N 2409 -26.15 -11.32 -67.53
C THR N 2409 -26.58 -10.43 -66.36
N GLU N 2410 -27.23 -9.31 -66.66
CA GLU N 2410 -27.84 -8.45 -65.66
C GLU N 2410 -29.32 -8.32 -65.99
N LEU N 2411 -30.16 -8.84 -65.11
CA LEU N 2411 -31.59 -8.70 -65.24
C LEU N 2411 -32.26 -8.29 -63.94
N TYR N 2412 -31.50 -7.99 -62.89
CA TYR N 2412 -32.07 -7.39 -61.71
C TYR N 2412 -32.64 -6.01 -62.02
N PHE N 2413 -32.05 -5.33 -63.00
CA PHE N 2413 -32.59 -4.05 -63.43
C PHE N 2413 -33.94 -4.21 -64.13
N GLN N 2414 -34.22 -5.39 -64.69
CA GLN N 2414 -35.58 -5.68 -65.10
C GLN N 2414 -36.51 -5.63 -63.89
N LEU N 2415 -36.13 -6.32 -62.81
CA LEU N 2415 -36.91 -6.25 -61.58
C LEU N 2415 -37.11 -4.82 -61.13
N LYS N 2416 -36.08 -3.99 -61.28
CA LYS N 2416 -36.22 -2.57 -61.01
C LYS N 2416 -37.27 -1.94 -61.93
N SER N 2417 -37.26 -2.30 -63.21
CA SER N 2417 -38.17 -1.70 -64.18
C SER N 2417 -39.47 -2.47 -64.35
N LYS N 2418 -39.43 -3.80 -64.26
CA LYS N 2418 -40.60 -4.62 -64.47
C LYS N 2418 -41.37 -4.89 -63.18
N ASP N 2419 -40.89 -4.37 -62.06
CA ASP N 2419 -41.60 -4.42 -60.78
C ASP N 2419 -41.88 -5.88 -60.35
N PHE N 2420 -40.78 -6.57 -60.04
CA PHE N 2420 -40.85 -7.88 -59.41
C PHE N 2420 -41.80 -7.87 -58.21
N VAL N 2421 -41.83 -6.75 -57.48
CA VAL N 2421 -42.67 -6.64 -56.30
C VAL N 2421 -44.13 -6.78 -56.67
N GLN N 2422 -44.57 -6.07 -57.72
CA GLN N 2422 -45.96 -6.14 -58.11
C GLN N 2422 -46.34 -7.55 -58.56
N VAL N 2423 -45.39 -8.25 -59.17
CA VAL N 2423 -45.62 -9.66 -59.51
C VAL N 2423 -45.80 -10.47 -58.24
N MET N 2424 -45.01 -10.16 -57.22
CA MET N 2424 -45.19 -10.83 -55.94
C MET N 2424 -46.53 -10.54 -55.32
N ARG N 2425 -47.11 -9.36 -55.61
CA ARG N 2425 -48.46 -9.10 -55.15
C ARG N 2425 -49.46 -10.06 -55.80
N HIS N 2426 -49.22 -10.42 -57.06
CA HIS N 2426 -50.10 -11.35 -57.75
C HIS N 2426 -50.08 -12.72 -57.07
N ARG N 2427 -51.23 -13.38 -57.05
CA ARG N 2427 -51.38 -14.70 -56.42
C ARG N 2427 -51.35 -15.75 -57.52
N ASP N 2428 -50.20 -16.39 -57.69
CA ASP N 2428 -50.09 -17.53 -58.59
C ASP N 2428 -48.87 -18.33 -58.19
N ASP N 2429 -49.08 -19.55 -57.70
CA ASP N 2429 -47.97 -20.46 -57.48
C ASP N 2429 -47.16 -20.59 -58.77
N GLU N 2430 -47.84 -20.59 -59.91
CA GLU N 2430 -47.14 -20.57 -61.19
C GLU N 2430 -46.25 -19.34 -61.30
N ARG N 2431 -46.86 -18.15 -61.32
CA ARG N 2431 -46.08 -16.93 -61.56
C ARG N 2431 -45.06 -16.70 -60.44
N GLN N 2432 -45.54 -16.71 -59.20
CA GLN N 2432 -44.63 -16.43 -58.08
C GLN N 2432 -43.55 -17.48 -57.98
N LYS N 2433 -43.91 -18.76 -58.15
CA LYS N 2433 -42.92 -19.83 -58.04
C LYS N 2433 -41.86 -19.72 -59.13
N VAL N 2434 -42.27 -19.42 -60.36
CA VAL N 2434 -41.26 -19.32 -61.41
C VAL N 2434 -40.40 -18.09 -61.21
N CYS N 2435 -40.96 -17.02 -60.63
CA CYS N 2435 -40.12 -15.90 -60.25
C CYS N 2435 -39.10 -16.31 -59.21
N LEU N 2436 -39.53 -17.09 -58.22
CA LEU N 2436 -38.62 -17.60 -57.21
C LEU N 2436 -37.54 -18.45 -57.84
N ASP N 2437 -37.90 -19.29 -58.81
CA ASP N 2437 -36.93 -20.11 -59.50
C ASP N 2437 -35.97 -19.27 -60.31
N ILE N 2438 -36.45 -18.19 -60.92
CA ILE N 2438 -35.57 -17.27 -61.62
C ILE N 2438 -34.53 -16.70 -60.65
N ILE N 2439 -35.00 -16.26 -59.49
CA ILE N 2439 -34.08 -15.75 -58.48
C ILE N 2439 -33.10 -16.84 -58.07
N TYR N 2440 -33.60 -18.07 -57.92
CA TYR N 2440 -32.76 -19.21 -57.58
C TYR N 2440 -31.64 -19.39 -58.60
N LYS N 2441 -31.97 -19.22 -59.87
CA LYS N 2441 -30.96 -19.26 -60.91
C LYS N 2441 -29.97 -18.10 -60.75
N MET N 2442 -30.47 -16.92 -60.41
CA MET N 2442 -29.63 -15.74 -60.40
C MET N 2442 -29.16 -15.29 -59.01
N MET N 2443 -29.70 -15.87 -57.93
CA MET N 2443 -29.13 -15.56 -56.62
C MET N 2443 -27.69 -16.05 -56.43
N PRO N 2444 -27.19 -17.10 -57.11
CA PRO N 2444 -25.74 -17.29 -57.08
C PRO N 2444 -24.98 -16.09 -57.62
N LYS N 2445 -25.53 -15.42 -58.62
CA LYS N 2445 -24.93 -14.21 -59.17
C LYS N 2445 -25.48 -12.94 -58.56
N LEU N 2446 -26.50 -13.04 -57.71
CA LEU N 2446 -27.12 -11.85 -57.15
C LEU N 2446 -26.20 -11.21 -56.11
N LYS N 2447 -26.19 -9.87 -56.10
CA LYS N 2447 -25.42 -9.14 -55.11
C LYS N 2447 -26.12 -9.22 -53.76
N PRO N 2448 -25.36 -9.35 -52.66
CA PRO N 2448 -26.00 -9.50 -51.35
C PRO N 2448 -26.94 -8.37 -50.99
N VAL N 2449 -26.59 -7.14 -51.36
CA VAL N 2449 -27.48 -6.01 -51.09
C VAL N 2449 -28.78 -6.16 -51.88
N GLU N 2450 -28.67 -6.43 -53.17
CA GLU N 2450 -29.86 -6.75 -53.94
C GLU N 2450 -30.51 -8.02 -53.42
N LEU N 2451 -29.71 -8.93 -52.86
CA LEU N 2451 -30.25 -10.21 -52.40
C LEU N 2451 -31.22 -10.01 -51.24
N ARG N 2452 -30.79 -9.31 -50.19
CA ARG N 2452 -31.75 -9.08 -49.11
C ARG N 2452 -32.77 -8.02 -49.47
N GLU N 2453 -32.45 -7.13 -50.42
CA GLU N 2453 -33.48 -6.25 -50.96
C GLU N 2453 -34.64 -7.05 -51.51
N LEU N 2454 -34.35 -8.09 -52.29
CA LEU N 2454 -35.39 -8.97 -52.80
C LEU N 2454 -35.96 -9.84 -51.69
N LEU N 2455 -35.16 -10.17 -50.68
CA LEU N 2455 -35.64 -10.98 -49.56
C LEU N 2455 -36.75 -10.28 -48.80
N ASN N 2456 -36.62 -8.97 -48.59
CA ASN N 2456 -37.57 -8.25 -47.76
C ASN N 2456 -39.03 -8.46 -48.18
N PRO N 2457 -39.40 -8.38 -49.46
CA PRO N 2457 -40.78 -8.73 -49.82
C PRO N 2457 -41.04 -10.23 -49.83
N VAL N 2458 -40.00 -11.06 -49.90
CA VAL N 2458 -40.20 -12.50 -49.98
C VAL N 2458 -40.70 -13.06 -48.65
N VAL N 2459 -40.15 -12.56 -47.53
CA VAL N 2459 -40.33 -13.22 -46.24
C VAL N 2459 -41.79 -13.28 -45.84
N GLU N 2460 -42.60 -12.32 -46.29
CA GLU N 2460 -44.02 -12.31 -45.93
C GLU N 2460 -44.79 -13.46 -46.56
N PHE N 2461 -44.23 -14.08 -47.61
CA PHE N 2461 -44.95 -15.12 -48.33
C PHE N 2461 -44.92 -16.46 -47.62
N VAL N 2462 -44.11 -16.61 -46.58
CA VAL N 2462 -43.99 -17.89 -45.90
C VAL N 2462 -45.34 -18.32 -45.36
N SER N 2463 -45.51 -19.64 -45.21
CA SER N 2463 -46.75 -20.24 -44.72
C SER N 2463 -47.93 -19.90 -45.63
N HIS N 2464 -47.77 -20.26 -46.90
CA HIS N 2464 -48.91 -20.09 -47.77
C HIS N 2464 -49.47 -21.45 -48.20
N PRO N 2465 -50.79 -21.55 -48.41
CA PRO N 2465 -51.39 -22.86 -48.73
C PRO N 2465 -50.89 -23.46 -50.03
N SER N 2466 -50.08 -22.73 -50.79
CA SER N 2466 -49.52 -23.28 -52.02
C SER N 2466 -48.67 -24.51 -51.73
N THR N 2467 -47.78 -24.41 -50.74
CA THR N 2467 -46.93 -25.51 -50.28
C THR N 2467 -46.03 -26.04 -51.38
N THR N 2468 -46.11 -25.46 -52.57
CA THR N 2468 -45.26 -25.83 -53.68
C THR N 2468 -44.38 -24.67 -54.12
N CYS N 2469 -44.96 -23.50 -54.39
CA CYS N 2469 -44.17 -22.29 -54.40
C CYS N 2469 -43.62 -22.01 -53.02
N ARG N 2470 -44.41 -22.31 -51.99
CA ARG N 2470 -43.89 -22.25 -50.63
C ARG N 2470 -42.68 -23.16 -50.48
N GLU N 2471 -42.81 -24.40 -50.95
CA GLU N 2471 -41.67 -25.32 -50.90
C GLU N 2471 -40.49 -24.77 -51.67
N GLN N 2472 -40.75 -24.15 -52.83
CA GLN N 2472 -39.67 -23.61 -53.65
C GLN N 2472 -38.92 -22.50 -52.90
N MET N 2473 -39.66 -21.59 -52.28
CA MET N 2473 -38.98 -20.53 -51.54
C MET N 2473 -38.30 -21.06 -50.30
N TYR N 2474 -38.80 -22.16 -49.72
CA TYR N 2474 -38.07 -22.76 -48.61
C TYR N 2474 -36.77 -23.39 -49.10
N ASN N 2475 -36.80 -23.94 -50.32
CA ASN N 2475 -35.56 -24.37 -50.96
C ASN N 2475 -34.61 -23.19 -51.13
N ILE N 2476 -35.17 -22.04 -51.51
CA ILE N 2476 -34.37 -20.83 -51.63
C ILE N 2476 -33.71 -20.51 -50.28
N LEU N 2477 -34.49 -20.57 -49.21
CA LEU N 2477 -33.99 -20.19 -47.90
C LEU N 2477 -32.91 -21.14 -47.42
N MET N 2478 -33.11 -22.44 -47.61
CA MET N 2478 -32.08 -23.40 -47.21
C MET N 2478 -30.83 -23.27 -48.09
N TRP N 2479 -31.02 -22.99 -49.38
CA TRP N 2479 -29.88 -22.77 -50.26
C TRP N 2479 -29.06 -21.56 -49.81
N ILE N 2480 -29.75 -20.50 -49.42
CA ILE N 2480 -29.06 -19.31 -48.91
C ILE N 2480 -28.29 -19.67 -47.64
N HIS N 2481 -28.97 -20.29 -46.68
CA HIS N 2481 -28.31 -20.68 -45.44
C HIS N 2481 -27.22 -21.71 -45.67
N ASP N 2482 -27.17 -22.32 -46.86
CA ASP N 2482 -26.13 -23.26 -47.20
C ASP N 2482 -24.92 -22.60 -47.83
N ASN N 2483 -25.12 -21.67 -48.77
CA ASN N 2483 -23.98 -21.12 -49.51
C ASN N 2483 -23.93 -19.61 -49.63
N TYR N 2484 -25.04 -18.90 -49.48
CA TYR N 2484 -25.01 -17.44 -49.58
C TYR N 2484 -25.37 -16.75 -48.28
N ARG N 2485 -26.49 -17.13 -47.65
CA ARG N 2485 -26.76 -16.66 -46.29
C ARG N 2485 -26.05 -17.51 -45.25
N ASP N 2486 -25.33 -18.54 -45.68
CA ASP N 2486 -24.61 -19.48 -44.84
C ASP N 2486 -23.83 -18.78 -43.75
N PRO N 2487 -23.64 -19.40 -42.59
CA PRO N 2487 -22.98 -18.73 -41.47
C PRO N 2487 -21.56 -18.26 -41.76
N GLU N 2488 -20.96 -18.72 -42.85
CA GLU N 2488 -19.61 -18.28 -43.19
C GLU N 2488 -19.60 -17.00 -44.02
N SER N 2489 -20.67 -16.72 -44.76
CA SER N 2489 -20.77 -15.49 -45.54
C SER N 2489 -21.28 -14.31 -44.71
N GLU N 2490 -21.24 -14.42 -43.38
CA GLU N 2490 -21.71 -13.36 -42.49
C GLU N 2490 -20.59 -12.33 -42.30
N THR N 2491 -20.52 -11.39 -43.23
CA THR N 2491 -19.54 -10.33 -43.18
C THR N 2491 -20.13 -8.95 -42.94
N ASP N 2492 -21.43 -8.77 -43.20
CA ASP N 2492 -22.10 -7.50 -42.97
C ASP N 2492 -23.47 -7.76 -42.38
N ASN N 2493 -24.03 -6.72 -41.76
CA ASN N 2493 -25.35 -6.84 -41.15
C ASN N 2493 -26.39 -7.33 -42.15
N ASP N 2494 -26.20 -6.98 -43.42
CA ASP N 2494 -26.97 -7.58 -44.51
C ASP N 2494 -27.00 -9.10 -44.36
N SER N 2495 -25.82 -9.71 -44.37
CA SER N 2495 -25.72 -11.17 -44.34
C SER N 2495 -26.30 -11.74 -43.06
N GLN N 2496 -26.03 -11.10 -41.92
CA GLN N 2496 -26.55 -11.61 -40.66
C GLN N 2496 -28.07 -11.58 -40.62
N GLU N 2497 -28.67 -10.49 -41.12
CA GLU N 2497 -30.12 -10.42 -41.20
C GLU N 2497 -30.67 -11.50 -42.12
N ILE N 2498 -30.02 -11.72 -43.27
CA ILE N 2498 -30.48 -12.75 -44.19
C ILE N 2498 -30.44 -14.11 -43.50
N PHE N 2499 -29.35 -14.39 -42.80
CA PHE N 2499 -29.20 -15.70 -42.17
C PHE N 2499 -30.20 -15.88 -41.03
N LYS N 2500 -30.46 -14.82 -40.26
CA LYS N 2500 -31.48 -14.90 -39.22
C LYS N 2500 -32.83 -15.21 -39.82
N LEU N 2501 -33.20 -14.50 -40.89
CA LEU N 2501 -34.48 -14.76 -41.55
C LEU N 2501 -34.55 -16.18 -42.05
N ALA N 2502 -33.49 -16.64 -42.71
CA ALA N 2502 -33.49 -17.98 -43.29
C ALA N 2502 -33.58 -19.05 -42.20
N LYS N 2503 -32.81 -18.89 -41.13
CA LYS N 2503 -32.85 -19.88 -40.06
C LYS N 2503 -34.22 -19.93 -39.41
N ASP N 2504 -34.84 -18.76 -39.19
CA ASP N 2504 -36.17 -18.76 -38.59
C ASP N 2504 -37.20 -19.40 -39.49
N VAL N 2505 -37.20 -19.07 -40.78
CA VAL N 2505 -38.21 -19.64 -41.66
C VAL N 2505 -37.99 -21.14 -41.84
N LEU N 2506 -36.74 -21.60 -41.86
CA LEU N 2506 -36.52 -23.05 -41.93
C LEU N 2506 -36.88 -23.71 -40.61
N ILE N 2507 -36.75 -23.01 -39.49
CA ILE N 2507 -37.27 -23.51 -38.23
C ILE N 2507 -38.77 -23.75 -38.33
N GLN N 2508 -39.49 -22.77 -38.87
CA GLN N 2508 -40.91 -22.96 -39.14
C GLN N 2508 -41.15 -24.02 -40.20
N GLY N 2509 -40.13 -24.34 -41.01
CA GLY N 2509 -40.23 -25.44 -41.94
C GLY N 2509 -40.00 -26.81 -41.34
N LEU N 2510 -39.40 -26.86 -40.14
CA LEU N 2510 -39.34 -28.14 -39.45
C LEU N 2510 -40.72 -28.72 -39.18
N ILE N 2511 -41.76 -27.88 -39.20
CA ILE N 2511 -43.10 -28.31 -38.79
C ILE N 2511 -44.03 -28.33 -39.99
N ASP N 2512 -43.48 -28.65 -41.16
CA ASP N 2512 -44.30 -28.73 -42.37
C ASP N 2512 -45.45 -29.71 -42.18
N GLU N 2513 -46.64 -29.32 -42.62
CA GLU N 2513 -47.71 -30.29 -42.74
C GLU N 2513 -47.35 -31.35 -43.78
N ASN N 2514 -46.40 -31.05 -44.65
CA ASN N 2514 -45.75 -32.06 -45.49
C ASN N 2514 -44.71 -32.77 -44.65
N PRO N 2515 -44.97 -34.00 -44.22
CA PRO N 2515 -43.97 -34.72 -43.41
C PRO N 2515 -42.66 -34.93 -44.13
N GLY N 2516 -42.70 -35.17 -45.45
CA GLY N 2516 -41.47 -35.33 -46.19
C GLY N 2516 -40.67 -34.04 -46.27
N LEU N 2517 -41.37 -32.91 -46.46
CA LEU N 2517 -40.68 -31.63 -46.55
C LEU N 2517 -40.00 -31.28 -45.24
N GLN N 2518 -40.74 -31.35 -44.14
CA GLN N 2518 -40.14 -31.10 -42.83
C GLN N 2518 -39.10 -32.14 -42.49
N LEU N 2519 -39.25 -33.36 -43.00
CA LEU N 2519 -38.25 -34.40 -42.76
C LEU N 2519 -36.93 -34.05 -43.42
N ILE N 2520 -36.98 -33.66 -44.70
CA ILE N 2520 -35.77 -33.26 -45.39
C ILE N 2520 -35.22 -31.97 -44.77
N ILE N 2521 -36.09 -31.12 -44.24
CA ILE N 2521 -35.63 -29.95 -43.52
C ILE N 2521 -34.88 -30.35 -42.26
N ARG N 2522 -35.39 -31.35 -41.55
CA ARG N 2522 -34.69 -31.90 -40.39
C ARG N 2522 -33.35 -32.45 -40.78
N ASN N 2523 -33.28 -33.17 -41.92
CA ASN N 2523 -32.02 -33.70 -42.39
C ASN N 2523 -31.05 -32.57 -42.72
N PHE N 2524 -31.54 -31.54 -43.39
CA PHE N 2524 -30.77 -30.36 -43.71
C PHE N 2524 -30.18 -29.73 -42.45
N TRP N 2525 -31.00 -29.58 -41.43
CA TRP N 2525 -30.55 -28.97 -40.20
C TRP N 2525 -29.54 -29.87 -39.48
N SER N 2526 -29.99 -31.05 -39.07
CA SER N 2526 -29.15 -32.01 -38.36
C SER N 2526 -27.80 -32.23 -39.04
N HIS N 2527 -27.70 -31.89 -40.32
CA HIS N 2527 -26.42 -31.97 -41.02
C HIS N 2527 -25.37 -31.16 -40.28
N GLU N 2528 -24.17 -31.75 -40.16
CA GLU N 2528 -23.11 -31.16 -39.36
C GLU N 2528 -22.78 -29.74 -39.80
N THR N 2529 -23.04 -29.41 -41.07
CA THR N 2529 -22.91 -28.03 -41.51
C THR N 2529 -23.92 -27.15 -40.78
N ARG N 2530 -25.21 -27.45 -40.94
CA ARG N 2530 -26.23 -26.64 -40.30
C ARG N 2530 -26.24 -26.86 -38.79
N LEU N 2531 -26.23 -28.12 -38.37
CA LEU N 2531 -26.18 -28.46 -36.96
C LEU N 2531 -25.01 -29.40 -36.73
N PRO N 2532 -23.97 -28.97 -36.02
CA PRO N 2532 -22.72 -29.74 -35.99
C PRO N 2532 -22.90 -31.12 -35.40
N SER N 2533 -22.09 -32.06 -35.89
CA SER N 2533 -22.35 -33.48 -35.69
C SER N 2533 -22.29 -33.86 -34.22
N ASN N 2534 -21.27 -33.40 -33.50
CA ASN N 2534 -21.06 -33.84 -32.12
C ASN N 2534 -22.28 -33.51 -31.27
N THR N 2535 -22.67 -34.46 -30.42
CA THR N 2535 -23.83 -34.25 -29.56
C THR N 2535 -23.65 -32.99 -28.72
N LEU N 2536 -22.44 -32.77 -28.21
CA LEU N 2536 -22.20 -31.58 -27.41
C LEU N 2536 -22.39 -30.31 -28.23
N ASP N 2537 -21.70 -30.22 -29.37
CA ASP N 2537 -21.81 -29.00 -30.16
C ASP N 2537 -23.15 -28.92 -30.88
N ARG N 2538 -23.75 -30.07 -31.20
CA ARG N 2538 -25.13 -30.05 -31.67
C ARG N 2538 -26.03 -29.40 -30.65
N LEU N 2539 -25.88 -29.80 -29.38
CA LEU N 2539 -26.65 -29.19 -28.32
C LEU N 2539 -26.39 -27.70 -28.24
N LEU N 2540 -25.12 -27.31 -28.33
CA LEU N 2540 -24.78 -25.89 -28.24
C LEU N 2540 -25.43 -25.09 -29.36
N ALA N 2541 -25.41 -25.63 -30.58
CA ALA N 2541 -26.08 -24.96 -31.69
C ALA N 2541 -27.58 -24.89 -31.45
N LEU N 2542 -28.17 -25.95 -30.90
CA LEU N 2542 -29.60 -25.93 -30.58
C LEU N 2542 -29.92 -24.83 -29.59
N ASN N 2543 -29.07 -24.65 -28.58
CA ASN N 2543 -29.28 -23.58 -27.61
C ASN N 2543 -29.29 -22.22 -28.27
N SER N 2544 -28.55 -22.08 -29.36
CA SER N 2544 -28.46 -20.82 -30.09
C SER N 2544 -29.43 -20.74 -31.26
N LEU N 2545 -30.28 -21.76 -31.45
CA LEU N 2545 -31.13 -21.82 -32.62
C LEU N 2545 -32.61 -21.61 -32.32
N TYR N 2546 -32.98 -21.43 -31.06
CA TYR N 2546 -34.40 -21.27 -30.72
C TYR N 2546 -35.00 -20.07 -31.42
N SER N 2547 -36.21 -20.25 -31.94
CA SER N 2547 -37.04 -19.22 -32.55
C SER N 2547 -38.07 -18.71 -31.56
N PRO N 2548 -38.29 -17.40 -31.50
CA PRO N 2548 -39.12 -16.82 -30.43
C PRO N 2548 -40.54 -17.33 -30.37
N LYS N 2549 -40.90 -18.22 -31.29
CA LYS N 2549 -42.26 -18.69 -31.45
C LYS N 2549 -42.41 -20.19 -31.33
N ILE N 2550 -41.33 -20.92 -31.07
CA ILE N 2550 -41.34 -22.38 -31.16
C ILE N 2550 -41.19 -23.06 -29.82
N GLU N 2551 -41.05 -22.29 -28.73
CA GLU N 2551 -40.87 -22.90 -27.41
C GLU N 2551 -41.94 -23.93 -27.10
N VAL N 2552 -43.10 -23.85 -27.74
CA VAL N 2552 -44.11 -24.89 -27.61
C VAL N 2552 -43.56 -26.21 -28.12
N HIS N 2553 -42.88 -26.18 -29.26
CA HIS N 2553 -42.34 -27.39 -29.88
C HIS N 2553 -40.83 -27.33 -30.04
N PHE N 2554 -40.18 -26.30 -29.52
CA PHE N 2554 -38.74 -26.23 -29.59
C PHE N 2554 -38.11 -27.42 -28.88
N LEU N 2555 -38.62 -27.75 -27.69
CA LEU N 2555 -38.12 -28.91 -26.97
C LEU N 2555 -38.37 -30.19 -27.75
N SER N 2556 -39.56 -30.31 -28.35
CA SER N 2556 -39.89 -31.51 -29.11
C SER N 2556 -38.93 -31.71 -30.27
N LEU N 2557 -38.69 -30.66 -31.05
CA LEU N 2557 -37.81 -30.78 -32.20
C LEU N 2557 -36.36 -30.98 -31.77
N ALA N 2558 -35.96 -30.35 -30.67
CA ALA N 2558 -34.61 -30.56 -30.17
C ALA N 2558 -34.41 -32.01 -29.77
N THR N 2559 -35.39 -32.58 -29.06
CA THR N 2559 -35.34 -34.00 -28.72
C THR N 2559 -35.29 -34.85 -29.99
N ASN N 2560 -36.06 -34.47 -31.00
CA ASN N 2560 -36.04 -35.20 -32.26
C ASN N 2560 -34.64 -35.24 -32.84
N PHE N 2561 -33.99 -34.07 -32.92
CA PHE N 2561 -32.65 -34.00 -33.48
C PHE N 2561 -31.66 -34.80 -32.64
N LEU N 2562 -31.74 -34.65 -31.32
CA LEU N 2562 -30.82 -35.34 -30.43
C LEU N 2562 -30.96 -36.85 -30.56
N LEU N 2563 -32.19 -37.33 -30.65
CA LEU N 2563 -32.42 -38.76 -30.73
C LEU N 2563 -32.06 -39.31 -32.10
N GLU N 2564 -32.31 -38.53 -33.16
CA GLU N 2564 -31.92 -38.99 -34.47
C GLU N 2564 -30.42 -38.98 -34.66
N MET N 2565 -29.68 -38.21 -33.85
CA MET N 2565 -28.23 -38.40 -33.87
C MET N 2565 -27.85 -39.79 -33.41
N THR N 2566 -28.55 -40.30 -32.38
CA THR N 2566 -28.26 -41.63 -31.85
C THR N 2566 -28.35 -42.72 -32.91
N SER N 2567 -28.85 -42.40 -34.10
CA SER N 2567 -28.88 -43.39 -35.17
C SER N 2567 -27.49 -43.90 -35.49
N MET N 2568 -26.50 -43.02 -35.50
CA MET N 2568 -25.13 -43.44 -35.77
C MET N 2568 -24.60 -44.40 -34.71
N SER N 2569 -25.16 -44.35 -33.50
CA SER N 2569 -24.71 -45.21 -32.41
C SER N 2569 -24.88 -46.66 -32.83
N PRO N 2570 -23.79 -47.39 -33.09
CA PRO N 2570 -23.95 -48.75 -33.61
C PRO N 2570 -24.31 -49.75 -32.53
N ASP N 2571 -25.12 -49.30 -31.58
CA ASP N 2571 -25.85 -50.16 -30.68
C ASP N 2571 -27.29 -49.71 -30.48
N TYR N 2572 -27.59 -48.44 -30.76
CA TYR N 2572 -28.97 -47.97 -30.73
C TYR N 2572 -29.93 -48.79 -31.58
N PRO N 2573 -29.60 -49.22 -32.79
CA PRO N 2573 -30.48 -50.16 -33.50
C PRO N 2573 -30.38 -51.59 -33.00
N ASN N 2574 -29.52 -51.86 -32.03
CA ASN N 2574 -29.31 -53.18 -31.49
C ASN N 2574 -30.21 -53.42 -30.28
N PRO N 2575 -30.41 -54.67 -29.89
CA PRO N 2575 -31.14 -54.94 -28.65
C PRO N 2575 -30.36 -54.54 -27.43
N MET N 2576 -31.08 -54.16 -26.37
CA MET N 2576 -30.44 -53.89 -25.10
C MET N 2576 -30.27 -55.13 -24.24
N PHE N 2577 -31.09 -56.16 -24.48
CA PHE N 2577 -31.01 -57.39 -23.73
C PHE N 2577 -30.77 -58.55 -24.71
N GLU N 2578 -30.02 -59.54 -24.24
CA GLU N 2578 -29.77 -60.73 -25.03
C GLU N 2578 -29.93 -62.00 -24.20
N HIS N 2579 -30.48 -61.89 -22.99
CA HIS N 2579 -30.59 -63.00 -22.06
C HIS N 2579 -32.01 -63.04 -21.52
N PRO N 2580 -32.96 -63.51 -22.31
CA PRO N 2580 -34.36 -63.50 -21.87
C PRO N 2580 -34.59 -64.43 -20.69
N LEU N 2581 -35.26 -63.91 -19.67
CA LEU N 2581 -35.68 -64.76 -18.56
C LEU N 2581 -36.67 -65.81 -19.03
N SER N 2582 -37.63 -65.43 -19.86
CA SER N 2582 -38.59 -66.34 -20.44
C SER N 2582 -38.51 -66.18 -21.96
N GLU N 2583 -38.07 -67.24 -22.63
CA GLU N 2583 -37.73 -67.18 -24.05
C GLU N 2583 -38.68 -68.07 -24.84
N CYS N 2584 -39.31 -67.49 -25.86
CA CYS N 2584 -40.20 -68.23 -26.74
C CYS N 2584 -40.16 -67.59 -28.12
N GLU N 2585 -41.04 -68.06 -29.01
CA GLU N 2585 -41.10 -67.50 -30.35
C GLU N 2585 -41.54 -66.05 -30.30
N PHE N 2586 -40.86 -65.20 -31.08
CA PHE N 2586 -41.14 -63.76 -31.11
C PHE N 2586 -41.30 -63.32 -32.55
N GLN N 2587 -42.54 -63.18 -33.01
CA GLN N 2587 -42.84 -62.67 -34.33
C GLN N 2587 -43.76 -61.47 -34.21
N GLU N 2588 -43.72 -60.62 -35.24
CA GLU N 2588 -44.50 -59.39 -35.23
C GLU N 2588 -45.98 -59.68 -35.03
N TYR N 2589 -46.62 -58.88 -34.17
CA TYR N 2589 -48.02 -59.04 -33.85
C TYR N 2589 -48.87 -58.07 -34.66
N THR N 2590 -50.05 -58.52 -35.04
CA THR N 2590 -50.96 -57.75 -35.89
C THR N 2590 -52.02 -57.04 -35.04
N ILE N 2591 -52.66 -56.05 -35.65
CA ILE N 2591 -53.69 -55.25 -34.99
C ILE N 2591 -54.63 -54.70 -36.03
N ASP N 2592 -55.92 -54.65 -35.70
CA ASP N 2592 -56.93 -54.08 -36.57
C ASP N 2592 -57.00 -52.56 -36.39
N SER N 2593 -57.06 -51.85 -37.52
CA SER N 2593 -57.00 -50.40 -37.55
C SER N 2593 -58.07 -49.83 -38.48
N ASP N 2594 -59.31 -50.26 -38.27
CA ASP N 2594 -60.42 -49.72 -39.05
C ASP N 2594 -60.54 -48.22 -38.84
N TRP N 2595 -61.03 -47.53 -39.87
CA TRP N 2595 -61.09 -46.07 -39.84
C TRP N 2595 -61.93 -45.58 -38.66
N VAL N 2769 -53.89 -45.82 -37.13
CA VAL N 2769 -52.67 -45.70 -36.33
C VAL N 2769 -51.59 -46.56 -36.97
N VAL N 2770 -50.39 -46.00 -37.10
CA VAL N 2770 -49.23 -46.69 -37.66
C VAL N 2770 -48.35 -47.19 -36.53
N LEU N 2771 -47.77 -48.37 -36.72
CA LEU N 2771 -47.02 -49.04 -35.66
C LEU N 2771 -45.65 -48.40 -35.46
N TYR N 2772 -45.21 -48.38 -34.20
CA TYR N 2772 -43.86 -47.96 -33.84
C TYR N 2772 -43.10 -49.03 -33.09
N ARG N 2773 -43.80 -50.08 -32.64
CA ARG N 2773 -43.22 -51.25 -31.99
C ARG N 2773 -43.84 -52.48 -32.61
N SER N 2774 -43.02 -53.27 -33.31
CA SER N 2774 -43.51 -54.35 -34.13
C SER N 2774 -44.17 -55.46 -33.31
N TYR N 2775 -43.88 -55.55 -32.02
CA TYR N 2775 -44.41 -56.61 -31.18
C TYR N 2775 -43.98 -57.99 -31.71
N ARG N 2776 -42.67 -58.25 -31.65
CA ARG N 2776 -42.17 -59.59 -31.91
C ARG N 2776 -42.62 -60.47 -30.75
N HIS N 2777 -43.76 -61.12 -30.93
CA HIS N 2777 -44.57 -61.60 -29.82
C HIS N 2777 -44.58 -63.11 -29.74
N GLY N 2778 -45.00 -63.61 -28.58
CA GLY N 2778 -45.15 -65.03 -28.37
C GLY N 2778 -45.60 -65.37 -26.96
N ASP N 2779 -45.29 -66.60 -26.53
CA ASP N 2779 -45.77 -67.07 -25.23
C ASP N 2779 -45.06 -66.36 -24.09
N LEU N 2780 -43.76 -66.16 -24.20
CA LEU N 2780 -42.95 -65.67 -23.11
C LEU N 2780 -42.46 -64.26 -23.38
N PRO N 2781 -42.16 -63.48 -22.34
CA PRO N 2781 -41.73 -62.09 -22.53
C PRO N 2781 -40.32 -62.00 -23.09
N ASP N 2782 -40.21 -61.46 -24.30
CA ASP N 2782 -38.91 -61.10 -24.85
C ASP N 2782 -38.38 -59.86 -24.14
N ILE N 2783 -37.05 -59.73 -24.16
CA ILE N 2783 -36.39 -58.49 -23.76
C ILE N 2783 -35.36 -58.04 -24.80
N GLN N 2784 -35.22 -58.77 -25.90
CA GLN N 2784 -34.24 -58.50 -26.93
C GLN N 2784 -34.70 -57.44 -27.92
N ILE N 2785 -35.64 -56.58 -27.52
CA ILE N 2785 -36.07 -55.50 -28.40
C ILE N 2785 -34.92 -54.51 -28.59
N LYS N 2786 -35.00 -53.77 -29.70
CA LYS N 2786 -33.95 -52.81 -29.99
C LYS N 2786 -34.09 -51.58 -29.11
N HIS N 2787 -32.97 -50.90 -28.88
CA HIS N 2787 -33.04 -49.57 -28.29
C HIS N 2787 -33.89 -48.66 -29.17
N SER N 2788 -33.71 -48.77 -30.49
CA SER N 2788 -34.50 -47.99 -31.43
C SER N 2788 -35.98 -48.30 -31.28
N SER N 2789 -36.30 -49.58 -31.11
CA SER N 2789 -37.70 -50.01 -31.05
C SER N 2789 -38.45 -49.35 -29.92
N LEU N 2790 -37.76 -48.90 -28.88
CA LEU N 2790 -38.37 -48.10 -27.83
C LEU N 2790 -38.21 -46.61 -28.08
N ILE N 2791 -37.05 -46.19 -28.55
CA ILE N 2791 -36.76 -44.77 -28.67
C ILE N 2791 -37.71 -44.12 -29.68
N THR N 2792 -37.92 -44.76 -30.83
CA THR N 2792 -38.78 -44.16 -31.84
C THR N 2792 -40.19 -43.91 -31.33
N PRO N 2793 -40.88 -44.86 -30.69
CA PRO N 2793 -42.14 -44.48 -30.02
C PRO N 2793 -41.91 -43.43 -28.95
N LEU N 2794 -40.79 -43.53 -28.23
CA LEU N 2794 -40.46 -42.55 -27.22
C LEU N 2794 -40.27 -41.17 -27.84
N GLN N 2795 -39.56 -41.11 -28.96
CA GLN N 2795 -39.37 -39.82 -29.63
C GLN N 2795 -40.70 -39.27 -30.12
N ALA N 2796 -41.56 -40.14 -30.64
CA ALA N 2796 -42.85 -39.68 -31.16
C ALA N 2796 -43.71 -39.11 -30.05
N VAL N 2797 -43.78 -39.80 -28.91
CA VAL N 2797 -44.60 -39.28 -27.81
C VAL N 2797 -43.98 -38.02 -27.24
N ALA N 2798 -42.65 -37.93 -27.21
CA ALA N 2798 -42.00 -36.71 -26.75
C ALA N 2798 -42.37 -35.53 -27.64
N GLN N 2799 -42.22 -35.70 -28.95
CA GLN N 2799 -42.55 -34.63 -29.88
C GLN N 2799 -44.04 -34.37 -29.96
N ARG N 2800 -44.86 -35.28 -29.43
CA ARG N 2800 -46.30 -35.06 -29.40
C ARG N 2800 -46.79 -34.55 -28.06
N ASP N 2801 -46.27 -35.08 -26.95
CA ASP N 2801 -46.69 -34.63 -25.63
C ASP N 2801 -45.71 -33.60 -25.10
N PRO N 2802 -46.12 -32.36 -24.88
CA PRO N 2802 -45.17 -31.32 -24.48
C PRO N 2802 -44.68 -31.46 -23.05
N ILE N 2803 -45.54 -31.88 -22.13
CA ILE N 2803 -45.14 -32.00 -20.74
C ILE N 2803 -44.12 -33.12 -20.57
N ILE N 2804 -44.41 -34.29 -21.15
CA ILE N 2804 -43.42 -35.34 -21.16
C ILE N 2804 -42.21 -34.91 -21.98
N ALA N 2805 -42.41 -34.09 -23.01
CA ALA N 2805 -41.28 -33.59 -23.77
C ALA N 2805 -40.31 -32.81 -22.88
N LYS N 2806 -40.83 -31.91 -22.06
CA LYS N 2806 -39.95 -31.10 -21.21
C LYS N 2806 -39.34 -31.94 -20.10
N GLN N 2807 -40.11 -32.89 -19.56
CA GLN N 2807 -39.52 -33.78 -18.55
C GLN N 2807 -38.36 -34.57 -19.14
N LEU N 2808 -38.57 -35.15 -20.32
CA LEU N 2808 -37.50 -35.90 -20.98
C LEU N 2808 -36.34 -35.00 -21.32
N PHE N 2809 -36.62 -33.77 -21.75
CA PHE N 2809 -35.55 -32.85 -22.12
C PHE N 2809 -34.70 -32.51 -20.91
N SER N 2810 -35.34 -32.23 -19.78
CA SER N 2810 -34.59 -31.95 -18.56
C SER N 2810 -33.75 -33.15 -18.16
N SER N 2811 -34.34 -34.35 -18.19
CA SER N 2811 -33.58 -35.54 -17.80
C SER N 2811 -32.39 -35.77 -18.72
N LEU N 2812 -32.61 -35.69 -20.03
CA LEU N 2812 -31.53 -35.92 -20.98
C LEU N 2812 -30.46 -34.85 -20.85
N PHE N 2813 -30.87 -33.60 -20.65
CA PHE N 2813 -29.88 -32.53 -20.51
C PHE N 2813 -29.02 -32.75 -19.28
N SER N 2814 -29.65 -33.15 -18.17
CA SER N 2814 -28.87 -33.45 -16.98
C SER N 2814 -27.91 -34.61 -17.23
N GLY N 2815 -28.39 -35.66 -17.91
CA GLY N 2815 -27.50 -36.76 -18.24
C GLY N 2815 -26.33 -36.32 -19.09
N ILE N 2816 -26.58 -35.41 -20.02
CA ILE N 2816 -25.50 -34.81 -20.80
C ILE N 2816 -24.53 -34.09 -19.87
N LEU N 2817 -25.07 -33.42 -18.85
CA LEU N 2817 -24.22 -32.73 -17.88
C LEU N 2817 -23.30 -33.72 -17.19
N LYS N 2818 -23.85 -34.86 -16.76
CA LYS N 2818 -22.98 -35.90 -16.22
C LYS N 2818 -21.96 -36.37 -17.24
N GLU N 2819 -22.35 -36.41 -18.52
CA GLU N 2819 -21.40 -36.80 -19.54
C GLU N 2819 -20.22 -35.85 -19.59
N MET N 2820 -20.48 -34.55 -19.51
CA MET N 2820 -19.36 -33.61 -19.39
C MET N 2820 -18.68 -33.69 -18.04
N ASP N 2821 -19.31 -34.31 -17.05
CA ASP N 2821 -18.71 -34.38 -15.73
C ASP N 2821 -17.50 -35.32 -15.67
N LYS N 2822 -17.22 -36.06 -16.75
CA LYS N 2822 -16.14 -37.03 -16.72
C LYS N 2822 -14.79 -36.37 -16.47
N PHE N 2823 -14.31 -35.56 -17.41
CA PHE N 2823 -13.01 -34.92 -17.25
C PHE N 2823 -12.94 -33.53 -17.88
N LYS N 2824 -14.07 -32.96 -18.25
CA LYS N 2824 -14.07 -31.77 -19.10
C LYS N 2824 -13.66 -30.53 -18.31
N THR N 2825 -13.11 -29.55 -19.03
CA THR N 2825 -12.55 -28.36 -18.39
C THR N 2825 -13.65 -27.44 -17.89
N LEU N 2826 -13.53 -27.02 -16.62
CA LEU N 2826 -14.52 -26.13 -16.04
C LEU N 2826 -14.56 -24.77 -16.71
N SER N 2827 -13.48 -24.35 -17.37
CA SER N 2827 -13.53 -23.14 -18.17
C SER N 2827 -14.60 -23.25 -19.23
N GLU N 2828 -14.56 -24.34 -20.01
CA GLU N 2828 -15.59 -24.59 -21.00
C GLU N 2828 -16.96 -24.70 -20.34
N LYS N 2829 -17.02 -25.31 -19.15
CA LYS N 2829 -18.29 -25.48 -18.48
C LYS N 2829 -18.93 -24.13 -18.14
N ASN N 2830 -18.15 -23.22 -17.57
CA ASN N 2830 -18.72 -21.92 -17.22
C ASN N 2830 -19.00 -21.09 -18.45
N ASN N 2831 -18.20 -21.25 -19.52
CA ASN N 2831 -18.54 -20.57 -20.77
C ASN N 2831 -19.90 -21.05 -21.29
N ILE N 2832 -20.11 -22.36 -21.25
CA ILE N 2832 -21.38 -22.93 -21.71
C ILE N 2832 -22.52 -22.44 -20.83
N THR N 2833 -22.32 -22.41 -19.51
CA THR N 2833 -23.37 -21.93 -18.63
C THR N 2833 -23.67 -20.46 -18.88
N GLN N 2834 -22.65 -19.66 -19.15
CA GLN N 2834 -22.86 -18.26 -19.47
C GLN N 2834 -23.70 -18.11 -20.74
N LYS N 2835 -23.28 -18.79 -21.82
CA LYS N 2835 -24.05 -18.67 -23.06
C LYS N 2835 -25.44 -19.26 -22.90
N LEU N 2836 -25.60 -20.24 -22.02
CA LEU N 2836 -26.91 -20.80 -21.75
C LEU N 2836 -27.79 -19.85 -20.98
N LEU N 2837 -27.23 -19.10 -20.03
CA LEU N 2837 -27.99 -18.06 -19.36
C LEU N 2837 -28.40 -16.98 -20.35
N GLN N 2838 -27.49 -16.61 -21.25
CA GLN N 2838 -27.84 -15.67 -22.31
C GLN N 2838 -28.97 -16.22 -23.17
N ASP N 2839 -28.89 -17.51 -23.50
CA ASP N 2839 -29.95 -18.15 -24.27
C ASP N 2839 -31.26 -18.11 -23.52
N PHE N 2840 -31.22 -18.35 -22.21
CA PHE N 2840 -32.43 -18.31 -21.40
C PHE N 2840 -33.04 -16.93 -21.42
N ASN N 2841 -32.19 -15.90 -21.36
CA ASN N 2841 -32.68 -14.53 -21.51
C ASN N 2841 -33.36 -14.35 -22.85
N ARG N 2842 -32.67 -14.72 -23.93
CA ARG N 2842 -33.25 -14.57 -25.26
C ARG N 2842 -34.52 -15.40 -25.42
N PHE N 2843 -34.69 -16.43 -24.61
CA PHE N 2843 -35.96 -17.15 -24.60
C PHE N 2843 -37.04 -16.31 -23.92
N LEU N 2844 -36.78 -15.96 -22.65
CA LEU N 2844 -37.76 -15.21 -21.87
C LEU N 2844 -38.03 -13.84 -22.47
N ASN N 2845 -36.98 -13.19 -22.98
CA ASN N 2845 -37.18 -11.88 -23.60
C ASN N 2845 -38.05 -11.98 -24.85
N THR N 2846 -37.81 -12.98 -25.68
CA THR N 2846 -38.51 -13.10 -26.95
C THR N 2846 -39.80 -13.90 -26.87
N THR N 2847 -40.14 -14.46 -25.71
CA THR N 2847 -41.42 -15.11 -25.53
C THR N 2847 -42.41 -14.15 -24.90
N PHE N 2848 -43.66 -14.26 -25.31
CA PHE N 2848 -44.74 -13.46 -24.76
C PHE N 2848 -45.92 -14.28 -24.30
N SER N 2849 -46.15 -15.46 -24.88
CA SER N 2849 -47.09 -16.40 -24.27
C SER N 2849 -46.51 -17.03 -23.02
N PHE N 2850 -45.17 -17.16 -22.95
CA PHE N 2850 -44.48 -17.75 -21.81
C PHE N 2850 -44.99 -19.17 -21.55
N PHE N 2851 -44.71 -20.04 -22.52
CA PHE N 2851 -45.15 -21.43 -22.54
C PHE N 2851 -44.93 -22.09 -21.17
N PRO N 2852 -46.00 -22.38 -20.44
CA PRO N 2852 -45.85 -22.88 -19.07
C PRO N 2852 -44.99 -24.14 -19.02
N PRO N 2853 -45.13 -25.08 -19.97
CA PRO N 2853 -44.16 -26.19 -19.97
C PRO N 2853 -42.73 -25.73 -20.25
N PHE N 2854 -42.53 -24.91 -21.29
CA PHE N 2854 -41.19 -24.43 -21.58
C PHE N 2854 -40.64 -23.61 -20.43
N VAL N 2855 -41.47 -22.73 -19.86
CA VAL N 2855 -41.02 -21.90 -18.75
C VAL N 2855 -40.64 -22.76 -17.56
N SER N 2856 -41.47 -23.76 -17.24
CA SER N 2856 -41.17 -24.65 -16.12
C SER N 2856 -39.89 -25.43 -16.37
N CYS N 2857 -39.69 -25.88 -17.60
CA CYS N 2857 -38.47 -26.64 -17.92
C CYS N 2857 -37.24 -25.76 -17.71
N ILE N 2858 -37.30 -24.52 -18.20
CA ILE N 2858 -36.18 -23.61 -18.00
C ILE N 2858 -35.95 -23.37 -16.51
N GLN N 2859 -37.03 -23.18 -15.76
CA GLN N 2859 -36.91 -22.92 -14.33
C GLN N 2859 -36.22 -24.07 -13.61
N ASP N 2860 -36.69 -25.30 -13.84
CA ASP N 2860 -36.08 -26.43 -13.15
C ASP N 2860 -34.65 -26.65 -13.61
N ILE N 2861 -34.38 -26.49 -14.90
CA ILE N 2861 -33.02 -26.62 -15.41
C ILE N 2861 -32.10 -25.66 -14.69
N SER N 2862 -32.57 -24.43 -14.47
CA SER N 2862 -31.83 -23.51 -13.63
C SER N 2862 -31.71 -24.03 -12.20
N CYS N 2863 -32.77 -24.67 -11.70
CA CYS N 2863 -32.78 -25.14 -10.31
C CYS N 2863 -31.64 -26.11 -10.05
N GLN N 2864 -31.48 -27.11 -10.91
CA GLN N 2864 -30.55 -28.19 -10.60
C GLN N 2864 -29.08 -27.79 -10.74
N HIS N 2865 -28.77 -26.59 -11.21
CA HIS N 2865 -27.40 -26.25 -11.57
C HIS N 2865 -27.05 -24.86 -11.07
N ALA N 2866 -25.97 -24.79 -10.28
CA ALA N 2866 -25.61 -23.55 -9.62
C ALA N 2866 -25.27 -22.45 -10.61
N ALA N 2867 -24.44 -22.76 -11.60
CA ALA N 2867 -24.15 -21.79 -12.65
C ALA N 2867 -25.40 -21.41 -13.42
N LEU N 2868 -26.42 -22.28 -13.40
CA LEU N 2868 -27.72 -21.94 -13.95
C LEU N 2868 -28.64 -21.30 -12.93
N LEU N 2869 -28.28 -21.33 -11.65
CA LEU N 2869 -29.04 -20.62 -10.62
C LEU N 2869 -28.84 -19.11 -10.67
N SER N 2870 -28.10 -18.62 -11.67
CA SER N 2870 -27.75 -17.21 -11.76
C SER N 2870 -28.80 -16.39 -12.50
N LEU N 2871 -30.05 -16.83 -12.49
CA LEU N 2871 -31.09 -16.15 -13.26
C LEU N 2871 -31.38 -14.78 -12.69
N ASP N 2872 -31.94 -13.94 -13.55
CA ASP N 2872 -32.52 -12.68 -13.09
C ASP N 2872 -33.77 -12.99 -12.28
N PRO N 2873 -33.83 -12.59 -11.01
CA PRO N 2873 -35.07 -12.82 -10.24
C PRO N 2873 -36.29 -12.18 -10.88
N ALA N 2874 -36.12 -10.99 -11.46
CA ALA N 2874 -37.23 -10.34 -12.15
C ALA N 2874 -37.68 -11.16 -13.35
N ALA N 2875 -36.73 -11.70 -14.11
CA ALA N 2875 -37.07 -12.47 -15.30
C ALA N 2875 -37.86 -13.72 -14.93
N VAL N 2876 -37.37 -14.49 -13.95
CA VAL N 2876 -38.06 -15.70 -13.55
C VAL N 2876 -39.40 -15.38 -12.91
N SER N 2877 -39.46 -14.26 -12.18
CA SER N 2877 -40.73 -13.83 -11.60
C SER N 2877 -41.76 -13.57 -12.69
N ALA N 2878 -41.38 -12.79 -13.71
CA ALA N 2878 -42.30 -12.49 -14.80
C ALA N 2878 -42.70 -13.76 -15.55
N GLY N 2879 -41.73 -14.66 -15.77
CA GLY N 2879 -42.05 -15.90 -16.45
C GLY N 2879 -43.06 -16.74 -15.69
N CYS N 2880 -42.86 -16.88 -14.38
CA CYS N 2880 -43.82 -17.59 -13.56
C CYS N 2880 -45.19 -16.93 -13.62
N LEU N 2881 -45.23 -15.61 -13.46
CA LEU N 2881 -46.49 -14.90 -13.41
C LEU N 2881 -47.27 -15.04 -14.72
N ALA N 2882 -46.57 -14.91 -15.84
CA ALA N 2882 -47.23 -15.07 -17.14
C ALA N 2882 -47.58 -16.51 -17.42
N SER N 2883 -46.86 -17.46 -16.83
CA SER N 2883 -47.14 -18.87 -17.02
C SER N 2883 -47.96 -19.48 -15.89
N LEU N 2884 -48.34 -18.68 -14.89
CA LEU N 2884 -49.02 -19.18 -13.70
C LEU N 2884 -48.21 -20.28 -13.01
N GLN N 2885 -46.90 -20.29 -13.25
CA GLN N 2885 -45.99 -21.27 -12.66
C GLN N 2885 -45.25 -20.67 -11.47
N GLN N 2886 -45.96 -19.86 -10.69
CA GLN N 2886 -45.36 -19.18 -9.55
C GLN N 2886 -44.60 -20.11 -8.61
N PRO N 2887 -45.18 -21.20 -8.09
CA PRO N 2887 -44.46 -21.98 -7.07
C PRO N 2887 -43.18 -22.61 -7.56
N VAL N 2888 -43.10 -22.97 -8.83
CA VAL N 2888 -41.86 -23.54 -9.36
C VAL N 2888 -40.73 -22.53 -9.27
N GLY N 2889 -40.99 -21.30 -9.72
CA GLY N 2889 -40.03 -20.24 -9.56
C GLY N 2889 -39.82 -19.83 -8.11
N ILE N 2890 -40.81 -20.06 -7.25
CA ILE N 2890 -40.63 -19.81 -5.83
C ILE N 2890 -39.59 -20.78 -5.27
N ARG N 2891 -39.69 -22.06 -5.63
CA ARG N 2891 -38.68 -23.03 -5.21
C ARG N 2891 -37.32 -22.66 -5.80
N LEU N 2892 -37.29 -22.29 -7.08
CA LEU N 2892 -36.05 -21.88 -7.71
C LEU N 2892 -35.40 -20.72 -6.96
N LEU N 2893 -36.18 -19.68 -6.69
CA LEU N 2893 -35.67 -18.52 -5.96
C LEU N 2893 -35.33 -18.86 -4.52
N GLU N 2894 -36.02 -19.82 -3.91
CA GLU N 2894 -35.64 -20.28 -2.58
C GLU N 2894 -34.24 -20.87 -2.61
N GLU N 2895 -33.97 -21.73 -3.60
CA GLU N 2895 -32.61 -22.24 -3.76
C GLU N 2895 -31.62 -21.12 -4.01
N ALA N 2896 -32.03 -20.11 -4.77
CA ALA N 2896 -31.17 -18.97 -5.04
C ALA N 2896 -30.82 -18.21 -3.76
N LEU N 2897 -31.82 -17.98 -2.89
CA LEU N 2897 -31.55 -17.28 -1.63
C LEU N 2897 -30.69 -18.12 -0.70
N LEU N 2898 -31.05 -19.39 -0.49
CA LEU N 2898 -30.26 -20.22 0.40
C LEU N 2898 -28.86 -20.47 -0.14
N ARG N 2899 -28.66 -20.23 -1.43
CA ARG N 2899 -27.32 -20.26 -2.01
C ARG N 2899 -26.44 -19.20 -1.36
N PRO N 2918 -29.64 -9.59 -7.57
CA PRO N 2918 -29.00 -9.63 -6.25
C PRO N 2918 -29.91 -10.22 -5.19
N ASP N 2919 -29.32 -10.59 -4.04
CA ASP N 2919 -30.09 -11.22 -2.97
C ASP N 2919 -31.26 -10.36 -2.53
N VAL N 2920 -31.10 -9.03 -2.54
CA VAL N 2920 -32.21 -8.16 -2.22
C VAL N 2920 -33.26 -8.20 -3.32
N LEU N 2921 -32.81 -8.22 -4.59
CA LEU N 2921 -33.76 -8.39 -5.69
C LEU N 2921 -34.43 -9.75 -5.64
N ARG N 2922 -33.67 -10.79 -5.29
CA ARG N 2922 -34.27 -12.10 -5.09
C ARG N 2922 -35.33 -12.05 -4.01
N TRP N 2923 -35.03 -11.37 -2.90
CA TRP N 2923 -35.98 -11.24 -1.80
C TRP N 2923 -37.24 -10.52 -2.26
N VAL N 2924 -37.08 -9.41 -2.99
CA VAL N 2924 -38.24 -8.62 -3.37
C VAL N 2924 -39.08 -9.36 -4.42
N GLU N 2925 -38.43 -10.15 -5.29
CA GLU N 2925 -39.21 -10.92 -6.25
C GLU N 2925 -39.96 -12.05 -5.57
N LEU N 2926 -39.32 -12.72 -4.62
CA LEU N 2926 -40.02 -13.72 -3.82
C LEU N 2926 -41.20 -13.10 -3.09
N ALA N 2927 -41.02 -11.88 -2.58
CA ALA N 2927 -42.11 -11.17 -1.91
C ALA N 2927 -43.23 -10.83 -2.88
N LYS N 2928 -42.89 -10.41 -4.10
CA LYS N 2928 -43.90 -10.10 -5.10
C LYS N 2928 -44.74 -11.33 -5.41
N LEU N 2929 -44.09 -12.48 -5.62
CA LEU N 2929 -44.85 -13.69 -5.89
C LEU N 2929 -45.62 -14.16 -4.67
N TYR N 2930 -45.09 -13.96 -3.46
CA TYR N 2930 -45.84 -14.31 -2.26
C TYR N 2930 -47.11 -13.48 -2.15
N ARG N 2931 -47.01 -12.18 -2.45
CA ARG N 2931 -48.19 -11.35 -2.49
C ARG N 2931 -49.16 -11.83 -3.56
N SER N 2932 -48.63 -12.18 -4.74
CA SER N 2932 -49.49 -12.64 -5.82
C SER N 2932 -50.27 -13.89 -5.43
N ILE N 2933 -49.60 -14.84 -4.78
CA ILE N 2933 -50.26 -16.07 -4.37
C ILE N 2933 -50.99 -15.87 -3.05
N GLY N 2934 -50.35 -15.22 -2.09
CA GLY N 2934 -50.96 -15.01 -0.80
C GLY N 2934 -50.16 -15.55 0.37
N GLU N 2935 -48.83 -15.68 0.20
CA GLU N 2935 -47.97 -16.09 1.30
C GLU N 2935 -47.68 -14.91 2.21
N TYR N 2936 -48.76 -14.25 2.64
CA TYR N 2936 -48.67 -13.03 3.42
C TYR N 2936 -48.05 -13.26 4.78
N ASP N 2937 -47.99 -14.51 5.25
CA ASP N 2937 -47.36 -14.80 6.52
C ASP N 2937 -45.84 -14.75 6.40
N VAL N 2938 -45.28 -15.59 5.51
CA VAL N 2938 -43.86 -15.49 5.20
C VAL N 2938 -43.53 -14.12 4.64
N LEU N 2939 -44.50 -13.48 3.98
CA LEU N 2939 -44.30 -12.10 3.51
C LEU N 2939 -44.13 -11.14 4.69
N ARG N 2940 -44.94 -11.31 5.74
CA ARG N 2940 -44.76 -10.54 6.96
C ARG N 2940 -43.38 -10.79 7.56
N GLY N 2941 -42.98 -12.07 7.63
CA GLY N 2941 -41.67 -12.39 8.14
C GLY N 2941 -40.55 -11.75 7.35
N ILE N 2942 -40.69 -11.74 6.02
CA ILE N 2942 -39.64 -11.18 5.17
C ILE N 2942 -39.58 -9.66 5.32
N PHE N 2943 -40.73 -8.99 5.27
CA PHE N 2943 -40.75 -7.54 5.41
C PHE N 2943 -40.59 -7.08 6.85
N THR N 2944 -40.45 -7.99 7.81
CA THR N 2944 -40.04 -7.59 9.13
C THR N 2944 -38.61 -7.96 9.45
N SER N 2945 -38.01 -8.92 8.74
CA SER N 2945 -36.67 -9.38 9.06
C SER N 2945 -35.66 -9.23 7.94
N GLU N 2946 -35.98 -9.69 6.73
CA GLU N 2946 -34.95 -9.81 5.69
C GLU N 2946 -34.56 -8.46 5.11
N ILE N 2947 -35.51 -7.78 4.46
CA ILE N 2947 -35.22 -6.56 3.74
C ILE N 2947 -36.21 -5.48 4.14
N GLY N 2948 -37.27 -5.88 4.84
CA GLY N 2948 -38.30 -4.94 5.22
C GLY N 2948 -37.98 -4.23 6.51
N THR N 2949 -37.48 -3.00 6.39
CA THR N 2949 -37.21 -2.14 7.54
C THR N 2949 -38.22 -1.02 7.69
N LYS N 2950 -39.05 -0.78 6.68
CA LYS N 2950 -40.02 0.30 6.71
C LYS N 2950 -41.17 -0.08 7.66
N GLN N 2951 -42.18 0.77 7.71
CA GLN N 2951 -43.41 0.46 8.44
C GLN N 2951 -44.66 0.68 7.60
N ILE N 2952 -44.66 1.69 6.73
CA ILE N 2952 -45.78 1.86 5.80
C ILE N 2952 -45.95 0.61 4.95
N THR N 2953 -44.85 0.00 4.52
CA THR N 2953 -44.94 -1.30 3.87
C THR N 2953 -45.57 -2.33 4.79
N GLN N 2954 -45.14 -2.36 6.05
CA GLN N 2954 -45.64 -3.35 7.00
C GLN N 2954 -47.04 -3.03 7.52
N SER N 2955 -47.36 -1.76 7.73
CA SER N 2955 -48.73 -1.42 8.10
C SER N 2955 -49.68 -1.71 6.95
N ALA N 2956 -49.26 -1.46 5.72
CA ALA N 2956 -50.05 -1.87 4.57
C ALA N 2956 -50.11 -3.38 4.43
N LEU N 2957 -49.07 -4.09 4.88
CA LEU N 2957 -49.13 -5.54 4.97
C LEU N 2957 -50.23 -5.98 5.91
N LEU N 2958 -50.32 -5.32 7.07
CA LEU N 2958 -51.41 -5.59 7.99
C LEU N 2958 -52.74 -5.28 7.35
N ALA N 2959 -52.81 -4.19 6.59
CA ALA N 2959 -54.03 -3.85 5.87
C ALA N 2959 -54.43 -4.93 4.88
N GLU N 2960 -53.47 -5.48 4.13
CA GLU N 2960 -53.75 -6.51 3.16
C GLU N 2960 -54.12 -7.84 3.82
N ALA N 2961 -53.46 -8.17 4.93
CA ALA N 2961 -53.89 -9.33 5.72
C ALA N 2961 -55.27 -9.10 6.30
N ARG N 2962 -55.54 -7.88 6.75
CA ARG N 2962 -56.90 -7.48 7.09
C ARG N 2962 -57.71 -7.07 5.87
N SER N 2963 -57.10 -7.10 4.68
CA SER N 2963 -57.78 -6.93 3.39
C SER N 2963 -58.41 -5.55 3.23
N ASP N 2964 -58.26 -4.67 4.22
CA ASP N 2964 -58.72 -3.29 4.06
C ASP N 2964 -57.62 -2.50 3.37
N TYR N 2965 -57.57 -2.66 2.05
CA TYR N 2965 -56.53 -2.01 1.25
C TYR N 2965 -56.63 -0.50 1.28
N SER N 2966 -57.77 0.04 1.73
CA SER N 2966 -57.98 1.48 1.71
C SER N 2966 -56.84 2.21 2.40
N GLU N 2967 -56.62 1.90 3.68
CA GLU N 2967 -55.56 2.59 4.40
C GLU N 2967 -54.16 2.10 3.99
N ALA N 2968 -54.06 0.93 3.38
CA ALA N 2968 -52.79 0.53 2.77
C ALA N 2968 -52.39 1.50 1.67
N ALA N 2969 -53.30 1.76 0.74
CA ALA N 2969 -53.04 2.74 -0.31
C ALA N 2969 -52.91 4.14 0.26
N LYS N 2970 -53.62 4.43 1.36
CA LYS N 2970 -53.43 5.72 2.02
C LYS N 2970 -51.99 5.87 2.50
N GLN N 2971 -51.44 4.83 3.13
CA GLN N 2971 -50.04 4.86 3.54
C GLN N 2971 -49.12 5.03 2.34
N TYR N 2972 -49.39 4.28 1.27
CA TYR N 2972 -48.47 4.27 0.13
C TYR N 2972 -48.53 5.60 -0.61
N ASP N 2973 -49.69 5.98 -1.14
CA ASP N 2973 -49.81 7.26 -1.82
C ASP N 2973 -49.46 8.42 -0.89
N GLU N 2974 -49.54 8.20 0.42
CA GLU N 2974 -49.02 9.17 1.38
C GLU N 2974 -47.52 9.33 1.22
N ALA N 2975 -46.78 8.23 1.24
CA ALA N 2975 -45.32 8.24 1.10
C ALA N 2975 -44.93 7.21 0.05
N LEU N 2976 -45.03 7.59 -1.22
CA LEU N 2976 -44.55 6.77 -2.32
C LEU N 2976 -43.73 7.64 -3.26
N ASN N 2977 -44.11 8.91 -3.37
CA ASN N 2977 -43.33 9.87 -4.15
C ASN N 2977 -42.06 10.28 -3.43
N LYS N 2978 -42.08 10.34 -2.10
CA LYS N 2978 -40.87 10.56 -1.34
C LYS N 2978 -40.03 9.29 -1.34
N GLN N 2979 -38.72 9.46 -1.48
CA GLN N 2979 -37.80 8.34 -1.60
C GLN N 2979 -37.00 8.07 -0.33
N ASP N 2980 -36.83 9.08 0.52
CA ASP N 2980 -36.12 8.87 1.78
C ASP N 2980 -36.93 7.96 2.69
N TRP N 2981 -36.24 6.99 3.30
CA TRP N 2981 -36.89 6.02 4.18
C TRP N 2981 -35.87 5.56 5.22
N VAL N 2982 -36.33 4.69 6.12
CA VAL N 2982 -35.42 4.11 7.10
C VAL N 2982 -34.39 3.23 6.42
N ASP N 2983 -34.77 2.55 5.34
CA ASP N 2983 -33.84 1.83 4.49
C ASP N 2983 -33.08 2.75 3.56
N GLY N 2984 -33.12 4.06 3.80
CA GLY N 2984 -32.56 5.02 2.86
C GLY N 2984 -33.39 5.05 1.61
N GLU N 2985 -32.87 4.47 0.53
CA GLU N 2985 -33.64 4.30 -0.69
C GLU N 2985 -34.18 2.89 -0.75
N PRO N 2986 -35.48 2.68 -0.61
CA PRO N 2986 -36.04 1.35 -0.86
C PRO N 2986 -35.90 0.99 -2.32
N THR N 2987 -35.79 -0.30 -2.59
CA THR N 2987 -35.60 -0.77 -3.96
C THR N 2987 -36.74 -0.29 -4.84
N GLU N 2988 -36.41 0.10 -6.08
CA GLU N 2988 -37.44 0.50 -7.02
C GLU N 2988 -38.45 -0.61 -7.26
N ALA N 2989 -38.05 -1.86 -7.05
CA ALA N 2989 -39.01 -2.94 -7.02
C ALA N 2989 -40.02 -2.74 -5.88
N GLU N 2990 -39.54 -2.33 -4.71
CA GLU N 2990 -40.48 -2.01 -3.63
C GLU N 2990 -41.30 -0.78 -3.96
N LYS N 2991 -40.73 0.18 -4.70
CA LYS N 2991 -41.47 1.37 -5.07
C LYS N 2991 -42.64 1.04 -5.99
N ASP N 2992 -42.36 0.29 -7.07
CA ASP N 2992 -43.47 -0.09 -7.94
C ASP N 2992 -44.36 -1.14 -7.29
N PHE N 2993 -43.87 -1.84 -6.26
CA PHE N 2993 -44.73 -2.67 -5.44
C PHE N 2993 -45.74 -1.82 -4.67
N TRP N 2994 -45.29 -0.70 -4.11
CA TRP N 2994 -46.20 0.22 -3.44
C TRP N 2994 -47.20 0.80 -4.44
N GLU N 2995 -46.72 1.15 -5.64
CA GLU N 2995 -47.61 1.65 -6.68
C GLU N 2995 -48.66 0.60 -7.03
N LEU N 2996 -48.23 -0.65 -7.21
CA LEU N 2996 -49.14 -1.73 -7.52
C LEU N 2996 -50.11 -2.01 -6.37
N ALA N 2997 -49.69 -1.77 -5.13
CA ALA N 2997 -50.59 -1.96 -4.00
C ALA N 2997 -51.65 -0.88 -3.96
N SER N 2998 -51.28 0.37 -4.26
CA SER N 2998 -52.28 1.42 -4.38
C SER N 2998 -53.27 1.13 -5.51
N LEU N 2999 -52.75 0.64 -6.64
CA LEU N 2999 -53.63 0.25 -7.74
C LEU N 2999 -54.53 -0.92 -7.35
N ASP N 3000 -53.99 -1.88 -6.62
CA ASP N 3000 -54.77 -3.04 -6.18
C ASP N 3000 -55.85 -2.62 -5.19
N CYS N 3001 -55.56 -1.61 -4.37
CA CYS N 3001 -56.60 -1.02 -3.54
C CYS N 3001 -57.70 -0.42 -4.39
N TYR N 3002 -57.35 0.58 -5.20
CA TYR N 3002 -58.37 1.33 -5.92
C TYR N 3002 -59.05 0.50 -6.99
N ASN N 3003 -58.54 -0.69 -7.30
CA ASN N 3003 -59.25 -1.69 -8.07
C ASN N 3003 -60.11 -2.57 -7.18
N HIS N 3004 -59.60 -2.93 -6.00
CA HIS N 3004 -60.42 -3.67 -5.04
C HIS N 3004 -61.65 -2.87 -4.64
N LEU N 3005 -61.44 -1.61 -4.26
CA LEU N 3005 -62.55 -0.72 -4.04
C LEU N 3005 -63.17 -0.31 -5.38
N ALA N 3006 -64.40 0.17 -5.31
CA ALA N 3006 -65.06 0.65 -6.52
C ALA N 3006 -64.52 1.98 -7.01
N GLU N 3007 -63.43 2.43 -6.40
CA GLU N 3007 -62.82 3.72 -6.72
C GLU N 3007 -62.03 3.64 -8.03
N TRP N 3008 -62.78 3.46 -9.13
CA TRP N 3008 -62.16 3.44 -10.44
C TRP N 3008 -61.61 4.81 -10.82
N LYS N 3009 -62.26 5.88 -10.37
CA LYS N 3009 -61.70 7.22 -10.59
C LYS N 3009 -60.35 7.35 -9.91
N SER N 3010 -60.23 6.92 -8.66
CA SER N 3010 -58.94 6.94 -8.01
C SER N 3010 -58.06 5.80 -8.49
N LEU N 3011 -58.65 4.76 -9.10
CA LEU N 3011 -57.82 3.75 -9.76
C LEU N 3011 -57.05 4.37 -10.91
N GLU N 3012 -57.72 5.13 -11.77
CA GLU N 3012 -57.02 5.87 -12.82
C GLU N 3012 -56.11 6.95 -12.23
N TYR N 3013 -56.54 7.56 -11.12
CA TYR N 3013 -55.72 8.61 -10.50
C TYR N 3013 -54.40 8.07 -9.99
N CYS N 3014 -54.42 6.91 -9.32
CA CYS N 3014 -53.19 6.28 -8.87
C CYS N 3014 -52.44 5.63 -10.02
N SER N 3015 -53.14 5.31 -11.11
CA SER N 3015 -52.46 4.91 -12.33
C SER N 3015 -51.62 6.05 -12.88
N THR N 3016 -52.15 7.27 -12.83
CA THR N 3016 -51.54 8.41 -13.50
C THR N 3016 -50.52 9.13 -12.62
N ALA N 3017 -50.96 9.65 -11.47
CA ALA N 3017 -50.15 10.58 -10.69
C ALA N 3017 -49.59 9.99 -9.40
N SER N 3018 -50.36 9.16 -8.69
CA SER N 3018 -49.92 8.70 -7.37
C SER N 3018 -48.67 7.81 -7.45
N ILE N 3019 -48.37 7.26 -8.62
CA ILE N 3019 -47.15 6.50 -8.81
C ILE N 3019 -45.95 7.46 -8.71
N ASP N 3020 -44.76 6.90 -8.52
CA ASP N 3020 -43.57 7.73 -8.53
C ASP N 3020 -43.42 8.42 -9.88
N SER N 3021 -42.90 9.65 -9.86
CA SER N 3021 -42.85 10.48 -11.05
C SER N 3021 -41.70 10.04 -11.96
N GLU N 3022 -41.74 8.76 -12.33
CA GLU N 3022 -40.80 8.17 -13.26
C GLU N 3022 -41.36 8.07 -14.67
N ASN N 3023 -42.58 8.56 -14.90
CA ASN N 3023 -43.24 8.45 -16.20
C ASN N 3023 -44.38 9.46 -16.24
N PRO N 3024 -44.76 9.94 -17.42
CA PRO N 3024 -45.92 10.81 -17.51
C PRO N 3024 -47.17 10.06 -17.11
N PRO N 3025 -48.21 10.78 -16.66
CA PRO N 3025 -49.38 10.12 -16.06
C PRO N 3025 -50.07 9.09 -16.94
N ASP N 3026 -50.54 9.52 -18.11
CA ASP N 3026 -51.23 8.59 -19.01
C ASP N 3026 -50.23 7.62 -19.62
N LEU N 3027 -50.75 6.48 -20.09
CA LEU N 3027 -49.90 5.46 -20.69
C LEU N 3027 -50.56 4.87 -21.94
N ASN N 3028 -49.70 4.48 -22.87
CA ASN N 3028 -50.08 3.89 -24.14
C ASN N 3028 -48.96 2.95 -24.57
N LYS N 3029 -48.92 2.59 -25.86
CA LYS N 3029 -47.85 1.74 -26.35
C LYS N 3029 -46.48 2.36 -26.11
N ILE N 3030 -46.39 3.69 -26.13
CA ILE N 3030 -45.13 4.37 -25.80
C ILE N 3030 -44.79 4.30 -24.32
N TRP N 3031 -45.64 3.65 -23.52
CA TRP N 3031 -45.38 3.47 -22.10
C TRP N 3031 -45.17 2.01 -21.72
N SER N 3032 -45.28 1.08 -22.67
CA SER N 3032 -45.08 -0.33 -22.35
C SER N 3032 -43.64 -0.63 -22.00
N GLU N 3033 -42.70 0.18 -22.48
CA GLU N 3033 -41.27 -0.09 -22.24
C GLU N 3033 -40.94 -0.18 -20.75
N PRO N 3034 -41.40 0.73 -19.89
CA PRO N 3034 -41.28 0.48 -18.45
C PRO N 3034 -42.06 -0.78 -18.07
N PHE N 3035 -41.39 -1.66 -17.31
CA PHE N 3035 -41.98 -2.96 -17.01
C PHE N 3035 -43.11 -2.84 -16.00
N TYR N 3036 -43.00 -1.92 -15.05
CA TYR N 3036 -44.07 -1.70 -14.09
C TYR N 3036 -45.34 -1.27 -14.80
N GLN N 3037 -45.22 -0.47 -15.86
CA GLN N 3037 -46.40 -0.11 -16.65
C GLN N 3037 -47.02 -1.33 -17.31
N GLU N 3038 -46.17 -2.26 -17.79
CA GLU N 3038 -46.69 -3.52 -18.31
C GLU N 3038 -47.49 -4.26 -17.24
N THR N 3039 -46.98 -4.29 -16.01
CA THR N 3039 -47.74 -4.88 -14.92
C THR N 3039 -49.05 -4.15 -14.70
N TYR N 3040 -49.03 -2.82 -14.81
CA TYR N 3040 -50.23 -2.02 -14.56
C TYR N 3040 -51.28 -2.20 -15.65
N LEU N 3041 -50.87 -2.64 -16.84
CA LEU N 3041 -51.78 -2.69 -17.98
C LEU N 3041 -53.10 -3.39 -17.69
N PRO N 3042 -53.15 -4.58 -17.09
CA PRO N 3042 -54.46 -5.15 -16.72
C PRO N 3042 -55.24 -4.23 -15.79
N TYR N 3043 -54.57 -3.63 -14.79
CA TYR N 3043 -55.22 -2.63 -13.96
C TYR N 3043 -55.64 -1.42 -14.79
N MET N 3044 -54.90 -1.11 -15.85
CA MET N 3044 -55.23 0.07 -16.64
C MET N 3044 -56.54 -0.16 -17.38
N ILE N 3045 -56.67 -1.32 -18.02
CA ILE N 3045 -57.90 -1.68 -18.70
C ILE N 3045 -59.05 -1.78 -17.70
N ARG N 3046 -58.79 -2.36 -16.52
CA ARG N 3046 -59.81 -2.42 -15.49
C ARG N 3046 -60.32 -1.03 -15.14
N SER N 3047 -59.39 -0.11 -14.85
CA SER N 3047 -59.77 1.25 -14.46
C SER N 3047 -60.59 1.91 -15.54
N LYS N 3048 -60.09 1.91 -16.78
CA LYS N 3048 -60.77 2.64 -17.84
C LYS N 3048 -62.12 1.99 -18.19
N LEU N 3049 -62.17 0.66 -18.22
CA LEU N 3049 -63.42 -0.04 -18.51
C LEU N 3049 -64.47 0.25 -17.44
N LYS N 3050 -64.07 0.27 -16.17
CA LYS N 3050 -65.04 0.56 -15.12
C LYS N 3050 -65.44 2.03 -15.12
N LEU N 3051 -64.51 2.94 -15.45
CA LEU N 3051 -64.87 4.35 -15.58
C LEU N 3051 -65.91 4.56 -16.67
N LEU N 3052 -65.73 3.88 -17.81
CA LEU N 3052 -66.76 3.93 -18.84
C LEU N 3052 -68.04 3.24 -18.37
N LEU N 3053 -67.90 2.18 -17.57
CA LEU N 3053 -69.07 1.51 -17.00
C LEU N 3053 -69.70 2.33 -15.89
N GLN N 3054 -68.95 3.26 -15.31
CA GLN N 3054 -69.49 4.13 -14.28
C GLN N 3054 -70.61 5.00 -14.82
N GLN N 3059 -60.03 9.82 -24.34
CA GLN N 3059 -59.92 8.57 -23.59
C GLN N 3059 -58.64 7.83 -23.96
N SER N 3060 -57.70 7.76 -23.02
CA SER N 3060 -56.45 7.05 -23.27
C SER N 3060 -56.66 5.56 -23.44
N LEU N 3061 -57.80 5.02 -22.99
CA LEU N 3061 -58.08 3.61 -23.18
C LEU N 3061 -58.13 3.25 -24.66
N LEU N 3062 -58.94 3.98 -25.43
CA LEU N 3062 -59.02 3.70 -26.86
C LEU N 3062 -57.71 4.00 -27.56
N THR N 3063 -56.97 5.01 -27.08
CA THR N 3063 -55.65 5.29 -27.62
C THR N 3063 -54.75 4.06 -27.50
N PHE N 3064 -54.70 3.46 -26.30
CA PHE N 3064 -53.89 2.26 -26.13
C PHE N 3064 -54.51 1.06 -26.84
N ILE N 3065 -55.82 1.04 -27.06
CA ILE N 3065 -56.43 -0.06 -27.81
C ILE N 3065 -55.94 -0.04 -29.25
N ASP N 3066 -56.01 1.12 -29.90
CA ASP N 3066 -55.51 1.21 -31.26
C ASP N 3066 -54.00 0.99 -31.29
N LYS N 3067 -53.27 1.49 -30.30
CA LYS N 3067 -51.85 1.20 -30.20
C LYS N 3067 -51.59 -0.28 -29.95
N ALA N 3068 -52.59 -1.01 -29.47
CA ALA N 3068 -52.49 -2.45 -29.28
C ALA N 3068 -52.74 -3.21 -30.57
N MET N 3069 -53.69 -2.76 -31.40
CA MET N 3069 -53.75 -3.30 -32.75
C MET N 3069 -52.51 -2.90 -33.55
N HIS N 3070 -51.92 -1.75 -33.25
CA HIS N 3070 -50.68 -1.32 -33.89
C HIS N 3070 -49.54 -2.09 -33.24
N GLY N 3071 -49.18 -3.21 -33.85
CA GLY N 3071 -48.25 -4.15 -33.24
C GLY N 3071 -49.02 -5.35 -32.72
N GLU N 3072 -49.02 -6.43 -33.49
CA GLU N 3072 -49.87 -7.57 -33.17
C GLU N 3072 -49.45 -8.27 -31.88
N LEU N 3073 -48.22 -8.03 -31.40
CA LEU N 3073 -47.83 -8.56 -30.10
C LEU N 3073 -48.70 -7.97 -29.00
N GLN N 3074 -48.94 -6.65 -29.05
CA GLN N 3074 -49.78 -6.00 -28.06
C GLN N 3074 -51.19 -6.60 -28.06
N LYS N 3075 -51.80 -6.70 -29.25
CA LYS N 3075 -53.15 -7.23 -29.35
C LYS N 3075 -53.19 -8.69 -28.91
N ALA N 3076 -52.17 -9.46 -29.27
CA ALA N 3076 -52.14 -10.87 -28.89
C ALA N 3076 -52.08 -11.02 -27.38
N ILE N 3077 -51.22 -10.24 -26.72
CA ILE N 3077 -51.12 -10.32 -25.26
C ILE N 3077 -52.42 -9.87 -24.62
N LEU N 3078 -53.01 -8.79 -25.13
CA LEU N 3078 -54.26 -8.28 -24.56
C LEU N 3078 -55.38 -9.31 -24.67
N GLU N 3079 -55.51 -9.94 -25.83
CA GLU N 3079 -56.51 -10.98 -26.01
C GLU N 3079 -56.20 -12.23 -25.20
N LEU N 3080 -54.91 -12.49 -24.94
CA LEU N 3080 -54.55 -13.61 -24.08
C LEU N 3080 -54.95 -13.35 -22.64
N HIS N 3081 -54.88 -12.10 -22.19
CA HIS N 3081 -55.02 -11.79 -20.77
C HIS N 3081 -56.14 -10.82 -20.43
N TYR N 3082 -56.69 -10.11 -21.42
CA TYR N 3082 -57.75 -9.14 -21.13
C TYR N 3082 -58.84 -9.15 -22.19
N SER N 3083 -59.02 -10.25 -22.92
CA SER N 3083 -60.00 -10.29 -24.00
C SER N 3083 -61.41 -10.07 -23.48
N GLN N 3084 -61.72 -10.63 -22.30
CA GLN N 3084 -63.03 -10.41 -21.70
C GLN N 3084 -63.24 -8.94 -21.32
N GLU N 3085 -62.18 -8.26 -20.88
CA GLU N 3085 -62.30 -6.82 -20.63
C GLU N 3085 -62.61 -6.07 -21.91
N LEU N 3086 -61.97 -6.46 -23.01
CA LEU N 3086 -62.28 -5.85 -24.31
C LEU N 3086 -63.72 -6.14 -24.72
N SER N 3087 -64.19 -7.35 -24.45
CA SER N 3087 -65.57 -7.71 -24.76
C SER N 3087 -66.55 -6.85 -23.98
N LEU N 3088 -66.32 -6.70 -22.69
CA LEU N 3088 -67.18 -5.85 -21.87
C LEU N 3088 -67.12 -4.40 -22.33
N LEU N 3089 -65.92 -3.93 -22.70
CA LEU N 3089 -65.77 -2.58 -23.21
C LEU N 3089 -66.62 -2.38 -24.46
N TYR N 3090 -66.33 -3.13 -25.52
CA TYR N 3090 -67.00 -2.92 -26.80
C TYR N 3090 -68.45 -3.38 -26.78
N LEU N 3091 -68.88 -4.11 -25.76
CA LEU N 3091 -70.30 -4.32 -25.53
C LEU N 3091 -70.92 -3.08 -24.89
N LEU N 3092 -70.16 -2.42 -24.02
CA LEU N 3092 -70.55 -1.12 -23.50
C LEU N 3092 -70.34 -0.03 -24.55
N GLN N 3093 -69.29 -0.14 -25.36
CA GLN N 3093 -69.06 0.83 -26.43
C GLN N 3093 -70.07 0.69 -27.57
N ASP N 3094 -70.97 -0.29 -27.49
CA ASP N 3094 -72.12 -0.45 -28.39
C ASP N 3094 -71.70 -0.93 -29.78
N ASP N 3095 -70.40 -1.05 -30.03
CA ASP N 3095 -69.92 -1.80 -31.19
C ASP N 3095 -69.78 -3.28 -30.81
N VAL N 3096 -70.95 -3.87 -30.57
CA VAL N 3096 -71.05 -5.19 -29.95
C VAL N 3096 -70.57 -6.32 -30.84
N ASP N 3097 -70.47 -6.11 -32.15
CA ASP N 3097 -69.86 -7.12 -33.00
C ASP N 3097 -68.40 -7.31 -32.62
N ARG N 3098 -67.69 -6.22 -32.36
CA ARG N 3098 -66.32 -6.33 -31.85
C ARG N 3098 -66.29 -7.00 -30.49
N ALA N 3099 -67.29 -6.72 -29.66
CA ALA N 3099 -67.35 -7.38 -28.34
C ALA N 3099 -67.52 -8.88 -28.49
N LYS N 3100 -68.37 -9.32 -29.41
CA LYS N 3100 -68.55 -10.74 -29.66
C LYS N 3100 -67.27 -11.36 -30.20
N TYR N 3101 -66.58 -10.65 -31.11
CA TYR N 3101 -65.28 -11.09 -31.58
C TYR N 3101 -64.33 -11.30 -30.40
N TYR N 3102 -64.25 -10.32 -29.52
CA TYR N 3102 -63.36 -10.39 -28.38
C TYR N 3102 -63.76 -11.53 -27.45
N ILE N 3103 -65.05 -11.78 -27.31
CA ILE N 3103 -65.49 -12.80 -26.35
C ILE N 3103 -65.20 -14.20 -26.88
N GLN N 3104 -65.37 -14.43 -28.19
CA GLN N 3104 -64.98 -15.73 -28.72
C GLN N 3104 -63.47 -15.92 -28.66
N ASN N 3105 -62.71 -14.87 -28.98
CA ASN N 3105 -61.26 -14.96 -28.87
C ASN N 3105 -60.84 -15.21 -27.43
N GLY N 3106 -61.53 -14.59 -26.47
CA GLY N 3106 -61.23 -14.81 -25.07
C GLY N 3106 -61.58 -16.19 -24.58
N ILE N 3107 -62.68 -16.76 -25.07
CA ILE N 3107 -63.01 -18.14 -24.74
C ILE N 3107 -61.91 -19.08 -25.24
N GLN N 3108 -61.47 -18.87 -26.48
CA GLN N 3108 -60.39 -19.70 -27.01
C GLN N 3108 -59.10 -19.50 -26.22
N SER N 3109 -58.79 -18.26 -25.87
CA SER N 3109 -57.58 -17.97 -25.10
C SER N 3109 -57.64 -18.62 -23.72
N PHE N 3110 -58.79 -18.54 -23.06
CA PHE N 3110 -58.96 -19.19 -21.77
C PHE N 3110 -58.77 -20.70 -21.87
N MET N 3111 -59.39 -21.31 -22.87
CA MET N 3111 -59.25 -22.76 -23.04
C MET N 3111 -57.79 -23.13 -23.28
N GLN N 3112 -57.12 -22.41 -24.18
CA GLN N 3112 -55.75 -22.74 -24.53
C GLN N 3112 -54.80 -22.49 -23.37
N ASN N 3113 -55.01 -21.41 -22.63
CA ASN N 3113 -54.16 -21.12 -21.47
C ASN N 3113 -54.36 -22.18 -20.39
N TYR N 3114 -55.62 -22.51 -20.09
CA TYR N 3114 -55.87 -23.53 -19.07
C TYR N 3114 -55.31 -24.87 -19.47
N SER N 3115 -55.32 -25.19 -20.77
CA SER N 3115 -54.65 -26.39 -21.25
C SER N 3115 -53.13 -26.30 -21.03
N SER N 3116 -52.54 -25.16 -21.39
CA SER N 3116 -51.09 -25.01 -21.28
C SER N 3116 -50.67 -24.81 -19.83
N ILE N 3117 -51.40 -23.98 -19.08
CA ILE N 3117 -51.05 -23.72 -17.69
C ILE N 3117 -51.37 -24.93 -16.84
N ASP N 3118 -50.41 -25.33 -16.00
CA ASP N 3118 -50.57 -26.53 -15.19
C ASP N 3118 -51.76 -26.40 -14.26
N VAL N 3119 -52.57 -27.47 -14.20
CA VAL N 3119 -53.73 -27.48 -13.33
C VAL N 3119 -53.37 -27.94 -11.92
N LEU N 3120 -52.28 -28.71 -11.77
CA LEU N 3120 -51.88 -29.19 -10.46
C LEU N 3120 -51.59 -28.04 -9.51
N LEU N 3121 -51.18 -26.89 -10.04
CA LEU N 3121 -51.15 -25.66 -9.26
C LEU N 3121 -52.60 -25.21 -9.11
N HIS N 3122 -53.28 -25.81 -8.13
CA HIS N 3122 -54.73 -25.68 -8.04
C HIS N 3122 -55.17 -24.23 -7.89
N GLN N 3123 -54.37 -23.41 -7.22
CA GLN N 3123 -54.71 -21.99 -7.15
C GLN N 3123 -54.65 -21.34 -8.52
N SER N 3124 -53.63 -21.70 -9.32
CA SER N 3124 -53.53 -21.15 -10.67
C SER N 3124 -54.73 -21.57 -11.52
N ARG N 3125 -55.11 -22.85 -11.43
CA ARG N 3125 -56.27 -23.33 -12.18
C ARG N 3125 -57.54 -22.64 -11.70
N LEU N 3126 -57.68 -22.45 -10.40
CA LEU N 3126 -58.86 -21.78 -9.86
C LEU N 3126 -58.95 -20.35 -10.34
N THR N 3127 -57.82 -19.64 -10.33
CA THR N 3127 -57.80 -18.27 -10.84
C THR N 3127 -58.12 -18.24 -12.34
N LYS N 3128 -57.61 -19.22 -13.08
CA LYS N 3128 -57.94 -19.33 -14.50
C LYS N 3128 -59.45 -19.48 -14.70
N LEU N 3129 -60.06 -20.35 -13.92
CA LEU N 3129 -61.50 -20.59 -14.06
C LEU N 3129 -62.34 -19.53 -13.38
N GLN N 3130 -61.73 -18.57 -12.69
CA GLN N 3130 -62.49 -17.43 -12.17
C GLN N 3130 -62.92 -16.46 -13.27
N SER N 3131 -62.33 -16.56 -14.46
CA SER N 3131 -62.70 -15.74 -15.60
C SER N 3131 -63.96 -16.22 -16.30
N VAL N 3132 -64.53 -17.33 -15.84
CA VAL N 3132 -65.70 -17.93 -16.48
C VAL N 3132 -66.87 -16.96 -16.49
N GLN N 3133 -67.08 -16.21 -15.41
CA GLN N 3133 -68.32 -15.46 -15.23
C GLN N 3133 -68.48 -14.40 -16.31
N ALA N 3134 -67.44 -13.60 -16.55
CA ALA N 3134 -67.54 -12.53 -17.54
C ALA N 3134 -67.64 -13.08 -18.95
N LEU N 3135 -66.87 -14.14 -19.25
CA LEU N 3135 -66.93 -14.76 -20.57
C LEU N 3135 -68.35 -15.23 -20.87
N THR N 3136 -68.95 -15.98 -19.94
CA THR N 3136 -70.31 -16.44 -20.13
C THR N 3136 -71.28 -15.27 -20.19
N GLU N 3137 -71.07 -14.25 -19.36
CA GLU N 3137 -71.90 -13.06 -19.39
C GLU N 3137 -71.99 -12.50 -20.80
N ILE N 3138 -70.84 -12.12 -21.36
CA ILE N 3138 -70.83 -11.47 -22.66
C ILE N 3138 -71.34 -12.41 -23.75
N GLN N 3139 -70.86 -13.65 -23.74
CA GLN N 3139 -71.26 -14.59 -24.79
C GLN N 3139 -72.76 -14.86 -24.78
N GLU N 3140 -73.30 -15.21 -23.61
CA GLU N 3140 -74.71 -15.56 -23.52
C GLU N 3140 -75.61 -14.34 -23.68
N PHE N 3141 -75.18 -13.17 -23.23
CA PHE N 3141 -75.98 -11.97 -23.46
C PHE N 3141 -76.04 -11.64 -24.94
N ILE N 3142 -74.92 -11.78 -25.65
CA ILE N 3142 -74.94 -11.55 -27.10
C ILE N 3142 -75.82 -12.59 -27.80
N SER N 3143 -75.70 -13.86 -27.40
CA SER N 3143 -76.49 -14.90 -28.03
C SER N 3143 -77.99 -14.71 -27.79
N PHE N 3144 -78.37 -14.32 -26.57
CA PHE N 3144 -79.77 -14.18 -26.21
C PHE N 3144 -80.36 -12.83 -26.59
N ILE N 3145 -79.53 -11.84 -26.91
CA ILE N 3145 -80.02 -10.51 -27.23
C ILE N 3145 -80.92 -10.51 -28.47
N SER N 3146 -80.93 -11.60 -29.22
CA SER N 3146 -81.89 -11.72 -30.32
C SER N 3146 -83.32 -11.60 -29.84
N LYS N 3147 -83.60 -12.06 -28.63
CA LYS N 3147 -84.91 -11.89 -28.00
C LYS N 3147 -84.91 -10.54 -27.30
N GLN N 3148 -85.28 -9.49 -28.04
CA GLN N 3148 -85.29 -8.13 -27.53
C GLN N 3148 -86.66 -7.69 -27.03
N GLY N 3149 -87.65 -8.58 -27.01
CA GLY N 3149 -88.95 -8.21 -26.47
C GLY N 3149 -88.90 -7.94 -24.98
N ASN N 3150 -88.21 -8.80 -24.24
CA ASN N 3150 -88.03 -8.61 -22.79
C ASN N 3150 -86.71 -7.90 -22.52
N LEU N 3151 -86.59 -6.70 -23.07
CA LEU N 3151 -85.33 -5.95 -23.00
C LEU N 3151 -85.47 -4.59 -22.35
N SER N 3152 -86.63 -3.93 -22.48
CA SER N 3152 -86.91 -2.70 -21.76
C SER N 3152 -88.11 -2.77 -20.84
N SER N 3153 -88.99 -3.76 -21.01
CA SER N 3153 -90.18 -3.84 -20.18
C SER N 3153 -89.79 -4.07 -18.72
N GLN N 3154 -90.80 -4.02 -17.85
CA GLN N 3154 -90.56 -4.16 -16.42
C GLN N 3154 -90.67 -5.59 -15.92
N VAL N 3155 -91.14 -6.52 -16.74
CA VAL N 3155 -91.11 -7.93 -16.35
C VAL N 3155 -89.67 -8.45 -16.33
N PRO N 3156 -88.73 -7.92 -17.14
CA PRO N 3156 -87.32 -8.16 -16.83
C PRO N 3156 -86.77 -7.23 -15.75
N LEU N 3157 -87.62 -6.39 -15.17
CA LEU N 3157 -87.22 -5.51 -14.07
C LEU N 3157 -87.79 -5.98 -12.73
N LYS N 3158 -89.12 -6.14 -12.64
CA LYS N 3158 -89.73 -6.50 -11.37
C LYS N 3158 -89.24 -7.86 -10.87
N ARG N 3159 -89.17 -8.84 -11.76
CA ARG N 3159 -88.75 -10.18 -11.34
C ARG N 3159 -87.24 -10.35 -11.36
N LEU N 3160 -86.52 -9.54 -12.14
CA LEU N 3160 -85.12 -9.79 -12.46
C LEU N 3160 -84.20 -8.73 -11.87
N LEU N 3161 -84.72 -7.79 -11.11
CA LEU N 3161 -83.87 -6.84 -10.41
C LEU N 3161 -83.34 -7.43 -9.11
N ASN N 3162 -84.22 -8.10 -8.35
CA ASN N 3162 -83.75 -8.84 -7.18
C ASN N 3162 -82.70 -9.86 -7.58
N THR N 3163 -82.73 -10.32 -8.83
CA THR N 3163 -81.71 -11.20 -9.38
C THR N 3163 -80.33 -10.55 -9.40
N TRP N 3164 -80.24 -9.22 -9.33
CA TRP N 3164 -78.94 -8.57 -9.23
C TRP N 3164 -78.10 -9.18 -8.11
N THR N 3165 -78.72 -9.42 -6.95
CA THR N 3165 -78.02 -9.77 -5.73
C THR N 3165 -78.59 -11.02 -5.11
N ASN N 3166 -78.81 -12.05 -5.93
CA ASN N 3166 -79.18 -13.36 -5.42
C ASN N 3166 -78.02 -14.35 -5.41
N ARG N 3167 -77.26 -14.41 -6.49
CA ARG N 3167 -76.18 -15.38 -6.62
C ARG N 3167 -74.84 -14.70 -6.31
N TYR N 3168 -74.60 -14.46 -5.02
CA TYR N 3168 -73.33 -13.88 -4.58
C TYR N 3168 -72.59 -14.83 -3.66
N PRO N 3169 -71.32 -15.12 -3.95
CA PRO N 3169 -70.52 -16.05 -3.15
C PRO N 3169 -70.08 -15.50 -1.80
N ASP N 3170 -69.11 -16.18 -1.18
CA ASP N 3170 -68.27 -15.58 -0.16
C ASP N 3170 -66.87 -15.36 -0.72
N ALA N 3171 -66.19 -14.35 -0.17
CA ALA N 3171 -64.89 -13.96 -0.72
C ALA N 3171 -63.82 -15.02 -0.49
N LYS N 3172 -63.99 -15.87 0.52
CA LYS N 3172 -62.99 -16.90 0.78
C LYS N 3172 -62.84 -17.84 -0.42
N MET N 3173 -63.96 -18.25 -1.01
CA MET N 3173 -63.95 -19.09 -2.19
C MET N 3173 -64.02 -18.30 -3.49
N ASP N 3174 -64.16 -16.99 -3.42
CA ASP N 3174 -64.24 -16.12 -4.61
C ASP N 3174 -63.47 -14.83 -4.33
N PRO N 3175 -62.26 -14.67 -4.87
CA PRO N 3175 -61.49 -13.46 -4.58
C PRO N 3175 -62.23 -12.20 -5.01
N MET N 3176 -62.06 -11.14 -4.24
CA MET N 3176 -62.96 -9.99 -4.37
C MET N 3176 -62.68 -9.17 -5.62
N ASN N 3177 -61.53 -9.36 -6.26
CA ASN N 3177 -61.40 -8.88 -7.63
C ASN N 3177 -62.40 -9.60 -8.55
N ILE N 3178 -62.57 -10.91 -8.35
CA ILE N 3178 -63.62 -11.62 -9.08
C ILE N 3178 -65.00 -11.23 -8.58
N TRP N 3179 -65.11 -10.74 -7.34
CA TRP N 3179 -66.33 -10.04 -6.95
C TRP N 3179 -66.60 -8.83 -7.82
N ASP N 3180 -65.60 -7.98 -8.04
CA ASP N 3180 -65.81 -6.84 -8.91
C ASP N 3180 -66.19 -7.31 -10.32
N ASP N 3181 -65.51 -8.35 -10.79
CA ASP N 3181 -65.85 -8.99 -12.06
C ASP N 3181 -67.33 -9.34 -12.12
N ILE N 3182 -67.78 -10.21 -11.21
CA ILE N 3182 -69.14 -10.72 -11.27
C ILE N 3182 -70.17 -9.64 -11.00
N ILE N 3183 -69.81 -8.62 -10.22
CA ILE N 3183 -70.72 -7.50 -9.99
C ILE N 3183 -70.92 -6.74 -11.30
N THR N 3184 -69.83 -6.45 -12.00
CA THR N 3184 -69.96 -5.83 -13.32
C THR N 3184 -70.77 -6.72 -14.24
N ASN N 3185 -70.53 -8.03 -14.19
CA ASN N 3185 -71.24 -8.96 -15.06
C ASN N 3185 -72.74 -8.88 -14.82
N ARG N 3186 -73.17 -9.03 -13.56
CA ARG N 3186 -74.59 -9.09 -13.25
C ARG N 3186 -75.28 -7.74 -13.43
N CYS N 3187 -74.61 -6.65 -13.03
CA CYS N 3187 -75.18 -5.33 -13.26
C CYS N 3187 -75.35 -5.09 -14.76
N PHE N 3188 -74.37 -5.51 -15.55
CA PHE N 3188 -74.49 -5.37 -17.00
C PHE N 3188 -75.64 -6.21 -17.54
N PHE N 3189 -75.71 -7.49 -17.14
CA PHE N 3189 -76.86 -8.34 -17.44
C PHE N 3189 -78.16 -7.59 -17.25
N LEU N 3190 -78.43 -7.22 -16.01
CA LEU N 3190 -79.77 -6.84 -15.60
C LEU N 3190 -80.01 -5.34 -15.65
N SER N 3191 -79.06 -4.59 -16.21
CA SER N 3191 -79.31 -3.22 -16.65
C SER N 3191 -79.52 -3.17 -18.15
N LYS N 3192 -78.78 -3.99 -18.91
CA LYS N 3192 -78.98 -4.05 -20.34
C LYS N 3192 -80.24 -4.83 -20.73
N ILE N 3193 -80.63 -5.82 -19.94
CA ILE N 3193 -81.83 -6.60 -20.22
C ILE N 3193 -83.09 -5.93 -19.70
N GLU N 3194 -82.97 -4.93 -18.83
CA GLU N 3194 -84.13 -4.20 -18.34
C GLU N 3194 -84.39 -2.91 -19.10
N GLU N 3195 -83.46 -2.47 -19.96
CA GLU N 3195 -83.60 -1.22 -20.68
C GLU N 3195 -83.16 -1.41 -22.14
N LYS N 3196 -83.36 -0.35 -22.92
CA LYS N 3196 -83.08 -0.27 -24.36
C LYS N 3196 -83.70 -1.47 -25.11
N LEU N 3197 -85.04 -1.40 -25.21
CA LEU N 3197 -85.81 -2.39 -25.96
C LEU N 3197 -85.20 -2.73 -27.32
N ASP N 3226 -90.18 -2.39 -7.23
CA ASP N 3226 -90.27 -3.27 -8.38
C ASP N 3226 -89.54 -2.66 -9.59
N ILE N 3227 -89.44 -1.33 -9.60
CA ILE N 3227 -88.87 -0.62 -10.73
C ILE N 3227 -87.66 0.19 -10.28
N SER N 3228 -87.88 1.11 -9.33
CA SER N 3228 -86.80 1.93 -8.78
C SER N 3228 -86.45 1.54 -7.34
N SER N 3229 -87.47 1.37 -6.50
CA SER N 3229 -87.22 0.94 -5.13
C SER N 3229 -86.54 -0.43 -5.11
N LEU N 3230 -86.93 -1.31 -6.02
CA LEU N 3230 -86.28 -2.62 -6.08
C LEU N 3230 -84.84 -2.51 -6.51
N ILE N 3231 -84.53 -1.64 -7.49
CA ILE N 3231 -83.14 -1.42 -7.88
C ILE N 3231 -82.33 -0.87 -6.71
N ARG N 3232 -82.91 0.05 -5.94
CA ARG N 3232 -82.21 0.57 -4.77
C ARG N 3232 -81.99 -0.53 -3.73
N SER N 3233 -82.99 -1.39 -3.54
CA SER N 3233 -82.86 -2.52 -2.63
C SER N 3233 -81.74 -3.45 -3.10
N CYS N 3234 -81.62 -3.65 -4.40
CA CYS N 3234 -80.58 -4.53 -4.92
C CYS N 3234 -79.20 -3.89 -4.81
N LYS N 3235 -79.10 -2.59 -5.03
CA LYS N 3235 -77.86 -1.90 -4.71
C LYS N 3235 -77.48 -2.13 -3.26
N PHE N 3236 -78.45 -1.99 -2.37
CA PHE N 3236 -78.20 -2.11 -0.93
C PHE N 3236 -77.79 -3.53 -0.57
N SER N 3237 -78.44 -4.54 -1.17
CA SER N 3237 -78.09 -5.92 -0.91
C SER N 3237 -76.74 -6.30 -1.50
N MET N 3238 -76.41 -5.75 -2.67
CA MET N 3238 -75.05 -5.89 -3.19
C MET N 3238 -74.05 -5.31 -2.23
N LYS N 3239 -74.40 -4.20 -1.57
CA LYS N 3239 -73.52 -3.66 -0.54
C LYS N 3239 -73.36 -4.62 0.63
N MET N 3240 -74.45 -5.21 1.15
CA MET N 3240 -74.26 -6.17 2.24
C MET N 3240 -73.44 -7.37 1.80
N LYS N 3241 -73.57 -7.79 0.55
CA LYS N 3241 -72.76 -8.92 0.08
C LYS N 3241 -71.29 -8.53 -0.04
N MET N 3242 -71.02 -7.30 -0.49
CA MET N 3242 -69.67 -6.76 -0.37
C MET N 3242 -69.20 -6.83 1.07
N ILE N 3243 -70.09 -6.51 2.00
CA ILE N 3243 -69.73 -6.49 3.42
C ILE N 3243 -69.34 -7.89 3.88
N ASP N 3244 -70.17 -8.88 3.53
CA ASP N 3244 -69.93 -10.25 3.97
C ASP N 3244 -68.65 -10.78 3.36
N SER N 3245 -68.47 -10.57 2.06
CA SER N 3245 -67.24 -11.01 1.40
C SER N 3245 -66.02 -10.36 2.05
N ALA N 3246 -66.08 -9.05 2.27
CA ALA N 3246 -64.96 -8.33 2.85
C ALA N 3246 -64.64 -8.82 4.25
N ARG N 3247 -65.68 -9.04 5.07
CA ARG N 3247 -65.46 -9.40 6.47
C ARG N 3247 -64.95 -10.83 6.59
N LYS N 3248 -65.47 -11.75 5.77
CA LYS N 3248 -64.90 -13.10 5.76
C LYS N 3248 -63.47 -13.08 5.25
N GLN N 3249 -63.12 -12.09 4.44
CA GLN N 3249 -61.74 -11.83 4.07
C GLN N 3249 -61.06 -10.83 5.02
N ASN N 3250 -61.77 -10.39 6.07
CA ASN N 3250 -61.36 -9.46 7.12
C ASN N 3250 -61.39 -8.00 6.66
N ASN N 3251 -61.72 -7.72 5.40
CA ASN N 3251 -61.71 -6.35 4.88
C ASN N 3251 -62.80 -5.54 5.59
N PHE N 3252 -62.39 -4.48 6.29
CA PHE N 3252 -63.36 -3.62 6.95
C PHE N 3252 -63.77 -2.46 6.06
N SER N 3253 -62.94 -2.11 5.08
CA SER N 3253 -63.27 -0.98 4.21
C SER N 3253 -64.48 -1.29 3.33
N LEU N 3254 -64.37 -2.31 2.47
CA LEU N 3254 -65.48 -2.73 1.64
C LEU N 3254 -66.69 -3.15 2.46
N ALA N 3255 -66.48 -3.59 3.70
CA ALA N 3255 -67.58 -3.98 4.57
C ALA N 3255 -68.30 -2.80 5.19
N MET N 3256 -67.61 -1.70 5.46
CA MET N 3256 -68.22 -0.65 6.27
C MET N 3256 -68.47 0.63 5.50
N LYS N 3257 -67.50 1.10 4.71
CA LYS N 3257 -67.68 2.35 4.00
C LYS N 3257 -68.81 2.24 2.98
N LEU N 3258 -68.92 1.09 2.32
CA LEU N 3258 -69.94 0.92 1.28
C LEU N 3258 -71.35 1.08 1.85
N LEU N 3259 -71.61 0.49 3.02
CA LEU N 3259 -72.96 0.63 3.56
C LEU N 3259 -73.11 1.89 4.40
N LYS N 3260 -72.01 2.54 4.78
CA LYS N 3260 -72.15 3.88 5.33
C LYS N 3260 -72.49 4.89 4.26
N GLU N 3261 -72.09 4.63 3.01
CA GLU N 3261 -72.62 5.40 1.89
C GLU N 3261 -74.12 5.17 1.74
N LEU N 3262 -74.56 3.93 1.82
CA LEU N 3262 -75.98 3.59 1.79
C LEU N 3262 -76.55 3.47 3.19
N HIS N 3263 -76.29 4.47 4.03
CA HIS N 3263 -76.85 4.49 5.37
C HIS N 3263 -78.28 5.05 5.34
N LYS N 3264 -78.43 6.29 4.88
CA LYS N 3264 -79.74 6.87 4.65
C LYS N 3264 -80.25 6.62 3.25
N GLU N 3265 -79.43 6.04 2.36
CA GLU N 3265 -79.98 5.48 1.14
C GLU N 3265 -80.83 4.27 1.43
N SER N 3266 -80.66 3.66 2.60
CA SER N 3266 -81.52 2.61 3.09
C SER N 3266 -82.79 3.14 3.74
N LYS N 3267 -82.92 4.46 3.90
CA LYS N 3267 -84.05 5.03 4.60
C LYS N 3267 -85.37 4.92 3.84
N THR N 3268 -85.32 4.65 2.53
CA THR N 3268 -86.56 4.56 1.76
C THR N 3268 -87.41 3.38 2.23
N ARG N 3269 -86.77 2.24 2.50
CA ARG N 3269 -87.47 1.04 2.94
C ARG N 3269 -87.01 0.66 4.34
N ASP N 3270 -87.95 0.16 5.15
CA ASP N 3270 -87.64 -0.20 6.52
C ASP N 3270 -86.73 -1.42 6.61
N ASP N 3271 -86.89 -2.40 5.72
CA ASP N 3271 -86.01 -3.56 5.74
C ASP N 3271 -84.57 -3.15 5.42
N TRP N 3272 -84.40 -2.19 4.51
CA TRP N 3272 -83.07 -1.66 4.28
C TRP N 3272 -82.51 -1.02 5.54
N LEU N 3273 -83.35 -0.29 6.27
CA LEU N 3273 -82.88 0.36 7.49
C LEU N 3273 -82.45 -0.65 8.54
N VAL N 3274 -83.23 -1.72 8.73
CA VAL N 3274 -82.86 -2.72 9.72
C VAL N 3274 -81.61 -3.48 9.27
N SER N 3275 -81.45 -3.70 7.96
CA SER N 3275 -80.23 -4.32 7.47
C SER N 3275 -79.02 -3.42 7.64
N TRP N 3276 -79.18 -2.11 7.48
CA TRP N 3276 -78.10 -1.17 7.77
C TRP N 3276 -77.76 -1.18 9.26
N VAL N 3277 -78.78 -1.32 10.11
CA VAL N 3277 -78.54 -1.49 11.54
C VAL N 3277 -77.75 -2.77 11.81
N GLN N 3278 -78.07 -3.85 11.09
CA GLN N 3278 -77.32 -5.09 11.25
C GLN N 3278 -75.88 -4.93 10.78
N SER N 3279 -75.66 -4.16 9.70
CA SER N 3279 -74.30 -3.89 9.25
C SER N 3279 -73.54 -3.06 10.28
N TYR N 3280 -74.22 -2.10 10.91
CA TYR N 3280 -73.55 -1.34 11.97
C TYR N 3280 -73.28 -2.22 13.18
N CYS N 3281 -74.12 -3.23 13.43
CA CYS N 3281 -73.82 -4.22 14.44
C CYS N 3281 -72.58 -5.01 14.07
N ARG N 3282 -72.47 -5.37 12.79
CA ARG N 3282 -71.28 -6.04 12.28
C ARG N 3282 -70.04 -5.17 12.49
N LEU N 3283 -70.20 -3.86 12.36
CA LEU N 3283 -69.12 -2.94 12.70
C LEU N 3283 -68.79 -3.01 14.19
N SER N 3284 -69.81 -2.85 15.03
CA SER N 3284 -69.62 -2.77 16.47
C SER N 3284 -69.04 -4.04 17.05
N HIS N 3285 -69.22 -5.17 16.36
CA HIS N 3285 -68.73 -6.44 16.85
C HIS N 3285 -67.43 -6.87 16.17
N CYS N 3286 -67.21 -6.48 14.92
CA CYS N 3286 -65.90 -6.65 14.31
C CYS N 3286 -64.89 -5.68 14.93
N ARG N 3287 -65.34 -4.48 15.25
CA ARG N 3287 -64.52 -3.52 15.99
C ARG N 3287 -64.60 -3.74 17.50
N SER N 3288 -65.42 -4.69 17.95
CA SER N 3288 -65.40 -5.06 19.37
C SER N 3288 -64.07 -5.67 19.78
N ARG N 3289 -63.29 -6.17 18.81
CA ARG N 3289 -61.91 -6.54 19.10
C ARG N 3289 -61.12 -5.33 19.60
N SER N 3290 -61.34 -4.18 18.96
CA SER N 3290 -60.84 -2.90 19.48
C SER N 3290 -61.78 -2.49 20.61
N GLN N 3291 -61.52 -3.02 21.80
CA GLN N 3291 -62.42 -2.81 22.94
C GLN N 3291 -62.49 -1.34 23.36
N GLY N 3292 -61.53 -0.52 22.93
CA GLY N 3292 -61.57 0.89 23.26
C GLY N 3292 -62.70 1.63 22.57
N CYS N 3293 -63.01 1.27 21.32
CA CYS N 3293 -64.08 1.89 20.57
C CYS N 3293 -65.36 1.07 20.56
N SER N 3294 -65.34 -0.11 21.17
CA SER N 3294 -66.52 -0.97 21.16
C SER N 3294 -67.69 -0.33 21.91
N GLU N 3295 -67.42 0.28 23.05
CA GLU N 3295 -68.50 0.91 23.81
C GLU N 3295 -69.05 2.13 23.09
N GLN N 3296 -68.23 2.81 22.28
CA GLN N 3296 -68.73 3.92 21.49
C GLN N 3296 -69.62 3.43 20.36
N VAL N 3297 -69.17 2.41 19.62
CA VAL N 3297 -69.93 1.96 18.45
C VAL N 3297 -71.20 1.25 18.88
N LEU N 3298 -71.17 0.52 20.00
CA LEU N 3298 -72.34 -0.23 20.43
C LEU N 3298 -73.46 0.69 20.89
N THR N 3299 -73.12 1.87 21.42
CA THR N 3299 -74.14 2.84 21.80
C THR N 3299 -74.91 3.34 20.58
N VAL N 3300 -74.17 3.71 19.51
CA VAL N 3300 -74.82 4.13 18.28
C VAL N 3300 -75.61 2.97 17.68
N LEU N 3301 -75.11 1.74 17.83
CA LEU N 3301 -75.86 0.57 17.39
C LEU N 3301 -77.17 0.44 18.15
N LYS N 3302 -77.13 0.67 19.46
CA LYS N 3302 -78.36 0.65 20.26
C LYS N 3302 -79.33 1.71 19.77
N THR N 3303 -78.83 2.92 19.51
CA THR N 3303 -79.69 3.99 19.06
C THR N 3303 -80.34 3.68 17.71
N VAL N 3304 -79.55 3.17 16.76
CA VAL N 3304 -80.09 2.88 15.44
C VAL N 3304 -81.04 1.69 15.48
N SER N 3305 -80.78 0.74 16.40
CA SER N 3305 -81.68 -0.42 16.52
C SER N 3305 -82.89 -0.09 17.36
N LEU N 3306 -82.69 0.20 18.64
CA LEU N 3306 -83.79 0.51 19.55
C LEU N 3306 -83.35 1.47 20.65
N VAL N 3312 -82.14 6.79 16.55
CA VAL N 3312 -83.12 6.63 15.48
C VAL N 3312 -83.54 5.16 15.32
N SER N 3313 -84.75 4.86 15.79
CA SER N 3313 -85.28 3.50 15.79
C SER N 3313 -86.65 3.45 15.13
N SER N 3314 -86.81 4.17 14.02
CA SER N 3314 -88.02 4.11 13.22
C SER N 3314 -87.97 3.03 12.16
N TYR N 3315 -87.16 1.99 12.38
CA TYR N 3315 -86.84 1.02 11.34
C TYR N 3315 -87.62 -0.28 11.47
N LEU N 3316 -88.08 -0.62 12.68
CA LEU N 3316 -88.77 -1.88 12.92
C LEU N 3316 -90.15 -1.93 12.29
N SER N 3317 -90.56 -0.93 11.52
CA SER N 3317 -91.87 -0.91 10.90
C SER N 3317 -92.01 -1.92 9.77
N LYS N 3318 -90.92 -2.55 9.33
CA LYS N 3318 -91.00 -3.47 8.21
C LYS N 3318 -91.90 -4.66 8.51
N ASN N 3319 -91.65 -5.35 9.62
CA ASN N 3319 -92.40 -6.53 10.02
C ASN N 3319 -91.95 -6.94 11.41
N ILE N 3320 -92.54 -8.03 11.91
CA ILE N 3320 -92.08 -8.60 13.17
C ILE N 3320 -90.68 -9.19 13.03
N LEU N 3321 -90.26 -9.54 11.80
CA LEU N 3321 -88.89 -9.95 11.58
C LEU N 3321 -87.93 -8.79 11.79
N ALA N 3322 -88.32 -7.59 11.39
CA ALA N 3322 -87.51 -6.42 11.68
C ALA N 3322 -87.39 -6.19 13.19
N PHE N 3323 -88.49 -6.37 13.92
CA PHE N 3323 -88.42 -6.25 15.38
C PHE N 3323 -87.53 -7.31 15.98
N ARG N 3324 -87.60 -8.55 15.49
CA ARG N 3324 -86.74 -9.60 16.00
C ARG N 3324 -85.28 -9.31 15.71
N ASP N 3325 -84.97 -8.77 14.53
CA ASP N 3325 -83.59 -8.47 14.18
C ASP N 3325 -83.05 -7.30 14.98
N GLN N 3326 -83.89 -6.28 15.22
CA GLN N 3326 -83.45 -5.18 16.06
C GLN N 3326 -83.30 -5.61 17.52
N ASN N 3327 -84.12 -6.56 17.97
CA ASN N 3327 -83.93 -7.12 19.30
C ASN N 3327 -82.63 -7.91 19.38
N ILE N 3328 -82.32 -8.67 18.32
CA ILE N 3328 -81.03 -9.35 18.25
C ILE N 3328 -79.88 -8.35 18.34
N LEU N 3329 -79.97 -7.27 17.56
CA LEU N 3329 -78.92 -6.26 17.57
C LEU N 3329 -78.81 -5.61 18.95
N LEU N 3330 -79.95 -5.30 19.57
CA LEU N 3330 -79.95 -4.64 20.87
C LEU N 3330 -79.37 -5.55 21.95
N GLY N 3331 -79.86 -6.79 22.02
CA GLY N 3331 -79.31 -7.73 22.97
C GLY N 3331 -77.86 -8.07 22.75
N THR N 3332 -77.42 -8.07 21.48
CA THR N 3332 -76.01 -8.30 21.19
C THR N 3332 -75.16 -7.11 21.64
N THR N 3333 -75.64 -5.90 21.41
CA THR N 3333 -75.01 -4.72 21.99
C THR N 3333 -74.87 -4.87 23.49
N TYR N 3334 -75.98 -5.21 24.15
CA TYR N 3334 -75.99 -5.27 25.60
C TYR N 3334 -75.03 -6.32 26.10
N ARG N 3335 -75.04 -7.51 25.47
CA ARG N 3335 -74.20 -8.59 25.94
C ARG N 3335 -72.71 -8.31 25.69
N ILE N 3336 -72.38 -7.75 24.52
CA ILE N 3336 -70.97 -7.49 24.21
C ILE N 3336 -70.43 -6.41 25.14
N ILE N 3337 -71.16 -5.30 25.27
CA ILE N 3337 -70.70 -4.24 26.15
C ILE N 3337 -70.76 -4.66 27.61
N ALA N 3338 -71.63 -5.61 27.96
CA ALA N 3338 -71.69 -6.11 29.33
C ALA N 3338 -70.50 -6.99 29.64
N ASN N 3339 -70.08 -7.82 28.67
CA ASN N 3339 -68.83 -8.56 28.83
C ASN N 3339 -67.65 -7.61 28.94
N ALA N 3340 -67.67 -6.54 28.14
CA ALA N 3340 -66.59 -5.55 28.21
C ALA N 3340 -66.53 -4.90 29.59
N LEU N 3341 -67.68 -4.50 30.13
CA LEU N 3341 -67.73 -3.83 31.43
C LEU N 3341 -67.70 -4.79 32.60
N SER N 3342 -67.74 -6.11 32.35
CA SER N 3342 -67.45 -7.09 33.39
C SER N 3342 -65.96 -7.43 33.42
N SER N 3343 -65.34 -7.56 32.25
CA SER N 3343 -63.89 -7.70 32.19
C SER N 3343 -63.20 -6.43 32.70
N GLU N 3344 -63.73 -5.26 32.34
CA GLU N 3344 -63.24 -3.99 32.87
C GLU N 3344 -64.10 -3.60 34.06
N PRO N 3345 -63.57 -3.68 35.29
CA PRO N 3345 -64.41 -3.43 36.47
C PRO N 3345 -65.05 -2.05 36.48
N ALA N 3346 -64.36 -1.03 35.96
CA ALA N 3346 -64.93 0.30 35.85
C ALA N 3346 -64.65 0.96 34.50
N CYS N 3347 -63.73 0.45 33.71
CA CYS N 3347 -63.37 1.06 32.44
C CYS N 3347 -64.45 0.82 31.40
N LEU N 3348 -64.45 1.66 30.36
CA LEU N 3348 -65.37 1.67 29.23
C LEU N 3348 -66.79 2.08 29.60
N ALA N 3349 -67.09 2.30 30.88
CA ALA N 3349 -68.43 2.70 31.27
C ALA N 3349 -68.67 4.19 31.11
N GLU N 3350 -67.61 4.99 31.11
CA GLU N 3350 -67.74 6.43 30.96
C GLU N 3350 -66.75 7.06 29.98
N ILE N 3351 -65.78 6.30 29.46
CA ILE N 3351 -64.81 6.85 28.53
C ILE N 3351 -65.35 6.79 27.11
N GLU N 3352 -66.16 7.79 26.76
CA GLU N 3352 -66.80 7.90 25.45
C GLU N 3352 -67.45 9.28 25.39
N GLU N 3353 -68.05 9.59 24.25
CA GLU N 3353 -68.83 10.81 24.14
C GLU N 3353 -70.03 10.73 25.07
N ASP N 3354 -70.45 11.89 25.58
CA ASP N 3354 -71.55 11.93 26.54
C ASP N 3354 -72.81 11.30 25.96
N LYS N 3355 -73.03 11.49 24.66
CA LYS N 3355 -74.13 10.78 23.99
C LYS N 3355 -73.99 9.28 24.19
N ALA N 3356 -72.81 8.73 23.90
CA ALA N 3356 -72.57 7.31 24.16
C ALA N 3356 -72.49 7.03 25.65
N ARG N 3357 -71.90 7.95 26.43
CA ARG N 3357 -71.73 7.73 27.87
C ARG N 3357 -73.06 7.61 28.58
N ARG N 3358 -74.15 8.09 27.98
CA ARG N 3358 -75.48 7.88 28.53
C ARG N 3358 -76.34 6.94 27.70
N ILE N 3359 -75.96 6.69 26.44
CA ILE N 3359 -76.65 5.66 25.66
C ILE N 3359 -76.34 4.28 26.22
N LEU N 3360 -75.11 4.09 26.71
CA LEU N 3360 -74.78 2.83 27.40
C LEU N 3360 -75.71 2.60 28.57
N GLU N 3361 -76.02 3.66 29.33
CA GLU N 3361 -77.02 3.56 30.38
C GLU N 3361 -78.40 3.31 29.80
N LEU N 3362 -78.73 3.92 28.67
CA LEU N 3362 -79.92 3.53 27.94
C LEU N 3362 -79.80 2.11 27.41
N SER N 3363 -78.59 1.72 26.99
CA SER N 3363 -78.27 0.36 26.60
C SER N 3363 -78.26 -0.60 27.77
N GLY N 3364 -78.22 -0.09 29.01
CA GLY N 3364 -78.21 -0.91 30.18
C GLY N 3364 -79.04 -0.30 31.29
N SER N 3365 -78.44 -0.16 32.46
CA SER N 3365 -79.07 0.53 33.59
C SER N 3365 -78.52 1.94 33.71
N SER N 3366 -79.39 2.89 34.02
CA SER N 3366 -79.01 4.28 34.15
C SER N 3366 -78.28 4.47 35.49
N SER N 3367 -76.95 4.48 35.43
CA SER N 3367 -76.14 4.68 36.62
C SER N 3367 -74.76 5.18 36.17
N GLU N 3368 -73.81 5.20 37.09
CA GLU N 3368 -72.44 5.58 36.76
C GLU N 3368 -71.43 4.49 37.06
N ASP N 3369 -71.55 3.81 38.19
CA ASP N 3369 -70.68 2.67 38.46
C ASP N 3369 -71.00 1.53 37.50
N SER N 3370 -69.95 0.90 36.98
CA SER N 3370 -70.13 -0.13 35.98
C SER N 3370 -70.75 -1.41 36.53
N GLU N 3371 -70.80 -1.59 37.85
CA GLU N 3371 -71.44 -2.78 38.40
C GLU N 3371 -72.96 -2.72 38.23
N LYS N 3372 -73.56 -1.58 38.57
CA LYS N 3372 -74.99 -1.41 38.29
C LYS N 3372 -75.24 -1.39 36.80
N VAL N 3373 -74.30 -0.83 36.02
CA VAL N 3373 -74.43 -0.82 34.57
C VAL N 3373 -74.49 -2.25 34.03
N ILE N 3374 -73.60 -3.12 34.51
CA ILE N 3374 -73.60 -4.49 34.01
C ILE N 3374 -74.81 -5.26 34.53
N ALA N 3375 -75.25 -5.00 35.76
CA ALA N 3375 -76.46 -5.67 36.24
C ALA N 3375 -77.65 -5.35 35.34
N GLY N 3376 -77.89 -4.04 35.11
CA GLY N 3376 -78.96 -3.65 34.21
C GLY N 3376 -78.73 -4.11 32.79
N LEU N 3377 -77.48 -4.19 32.36
CA LEU N 3377 -77.18 -4.68 31.02
C LEU N 3377 -77.57 -6.14 30.88
N TYR N 3378 -77.25 -6.95 31.90
CA TYR N 3378 -77.63 -8.36 31.84
C TYR N 3378 -79.14 -8.50 31.81
N GLN N 3379 -79.84 -7.76 32.68
CA GLN N 3379 -81.30 -7.86 32.71
C GLN N 3379 -81.90 -7.43 31.37
N ARG N 3380 -81.45 -6.29 30.84
CA ARG N 3380 -82.02 -5.77 29.60
C ARG N 3380 -81.66 -6.63 28.40
N ALA N 3381 -80.44 -7.17 28.35
CA ALA N 3381 -80.08 -8.10 27.28
C ALA N 3381 -80.91 -9.36 27.34
N PHE N 3382 -81.13 -9.90 28.54
CA PHE N 3382 -82.03 -11.04 28.68
C PHE N 3382 -83.41 -10.70 28.15
N GLN N 3383 -83.97 -9.57 28.57
CA GLN N 3383 -85.31 -9.20 28.14
C GLN N 3383 -85.39 -9.00 26.63
N HIS N 3384 -84.41 -8.32 26.04
CA HIS N 3384 -84.48 -7.98 24.63
C HIS N 3384 -84.17 -9.18 23.74
N LEU N 3385 -83.27 -10.05 24.15
CA LEU N 3385 -83.07 -11.28 23.43
C LEU N 3385 -84.26 -12.22 23.58
N SER N 3386 -84.97 -12.14 24.71
CA SER N 3386 -86.23 -12.86 24.82
C SER N 3386 -87.27 -12.30 23.85
N GLU N 3387 -87.34 -10.98 23.72
CA GLU N 3387 -88.23 -10.38 22.73
C GLU N 3387 -87.85 -10.82 21.32
N ALA N 3388 -86.55 -10.91 21.05
CA ALA N 3388 -86.10 -11.47 19.78
C ALA N 3388 -86.57 -12.90 19.61
N VAL N 3389 -86.52 -13.69 20.68
CA VAL N 3389 -87.03 -15.06 20.65
C VAL N 3389 -88.50 -15.08 20.26
N GLN N 3390 -89.32 -14.28 20.95
CA GLN N 3390 -90.76 -14.31 20.68
C GLN N 3390 -91.08 -13.81 19.27
N ALA N 3391 -90.42 -12.74 18.83
CA ALA N 3391 -90.65 -12.24 17.48
C ALA N 3391 -90.05 -13.13 16.41
N ALA N 3392 -89.10 -14.00 16.77
CA ALA N 3392 -88.53 -14.96 15.85
C ALA N 3392 -89.25 -16.30 15.85
N GLU N 3393 -90.17 -16.52 16.80
CA GLU N 3393 -90.96 -17.74 16.78
C GLU N 3393 -91.68 -17.91 15.46
N GLU N 3394 -92.01 -16.81 14.80
CA GLU N 3394 -92.44 -16.86 13.40
C GLU N 3394 -91.33 -17.44 12.56
N GLY N 3408 -84.20 -17.84 12.23
CA GLY N 3408 -84.09 -16.77 13.22
C GLY N 3408 -84.59 -17.16 14.59
N VAL N 3409 -85.52 -18.12 14.65
CA VAL N 3409 -86.01 -18.59 15.95
C VAL N 3409 -84.87 -19.20 16.76
N ILE N 3410 -84.09 -20.11 16.15
CA ILE N 3410 -82.98 -20.70 16.87
C ILE N 3410 -81.83 -19.72 16.98
N ASP N 3411 -81.72 -18.77 16.06
CA ASP N 3411 -80.71 -17.73 16.19
C ASP N 3411 -80.94 -16.91 17.46
N ALA N 3412 -82.18 -16.47 17.69
CA ALA N 3412 -82.49 -15.75 18.93
C ALA N 3412 -82.34 -16.67 20.14
N TYR N 3413 -82.82 -17.92 20.02
CA TYR N 3413 -82.61 -18.92 21.05
C TYR N 3413 -81.18 -18.94 21.54
N MET N 3414 -80.24 -19.23 20.64
CA MET N 3414 -78.85 -19.40 21.01
C MET N 3414 -78.13 -18.10 21.30
N THR N 3415 -78.55 -16.98 20.70
CA THR N 3415 -78.01 -15.69 21.11
C THR N 3415 -78.30 -15.44 22.58
N LEU N 3416 -79.56 -15.61 22.98
CA LEU N 3416 -79.93 -15.40 24.38
C LEU N 3416 -79.27 -16.45 25.28
N ALA N 3417 -79.22 -17.70 24.84
CA ALA N 3417 -78.60 -18.76 25.64
C ALA N 3417 -77.12 -18.50 25.86
N ASP N 3418 -76.41 -18.05 24.82
CA ASP N 3418 -74.98 -17.78 24.96
C ASP N 3418 -74.74 -16.51 25.76
N PHE N 3419 -75.63 -15.51 25.64
CA PHE N 3419 -75.60 -14.39 26.57
C PHE N 3419 -75.67 -14.87 28.01
N CYS N 3420 -76.64 -15.73 28.31
CA CYS N 3420 -76.78 -16.22 29.67
C CYS N 3420 -75.58 -17.06 30.08
N ASP N 3421 -75.02 -17.84 29.16
CA ASP N 3421 -73.78 -18.58 29.43
C ASP N 3421 -72.64 -17.67 29.82
N GLN N 3422 -72.37 -16.65 29.01
CA GLN N 3422 -71.25 -15.77 29.28
C GLN N 3422 -71.49 -14.94 30.54
N GLN N 3423 -72.76 -14.69 30.86
CA GLN N 3423 -73.07 -14.05 32.13
C GLN N 3423 -72.74 -14.98 33.29
N LEU N 3424 -73.16 -16.24 33.19
CA LEU N 3424 -72.85 -17.24 34.20
C LEU N 3424 -71.35 -17.30 34.44
N ARG N 3425 -70.58 -17.50 33.36
CA ARG N 3425 -69.13 -17.56 33.50
C ARG N 3425 -68.56 -16.25 34.04
N LYS N 3426 -69.08 -15.12 33.57
CA LYS N 3426 -68.64 -13.83 34.09
C LYS N 3426 -69.03 -13.62 35.55
N GLU N 3427 -69.91 -14.47 36.09
CA GLU N 3427 -70.34 -14.38 37.47
C GLU N 3427 -69.95 -15.58 38.31
N GLU N 3428 -69.80 -16.76 37.70
CA GLU N 3428 -69.41 -17.96 38.42
C GLU N 3428 -67.91 -18.23 38.34
N GLU N 3429 -67.14 -17.35 37.71
CA GLU N 3429 -65.69 -17.53 37.61
C GLU N 3429 -65.03 -17.27 38.96
N LEU N 3439 -77.51 -11.57 39.52
CA LEU N 3439 -76.24 -11.96 38.92
C LEU N 3439 -75.83 -13.38 39.34
N GLN N 3440 -76.08 -13.70 40.61
CA GLN N 3440 -75.76 -15.04 41.11
C GLN N 3440 -76.78 -16.07 40.66
N ALA N 3441 -78.03 -15.65 40.45
CA ALA N 3441 -79.04 -16.53 39.87
C ALA N 3441 -78.97 -16.58 38.35
N TYR N 3442 -78.19 -15.68 37.74
CA TYR N 3442 -78.01 -15.63 36.29
C TYR N 3442 -77.41 -16.92 35.74
N PRO N 3443 -76.51 -17.62 36.45
CA PRO N 3443 -76.12 -18.96 35.95
C PRO N 3443 -77.28 -19.95 35.87
N ALA N 3444 -78.13 -20.00 36.89
CA ALA N 3444 -79.30 -20.87 36.81
C ALA N 3444 -80.19 -20.45 35.65
N LEU N 3445 -80.45 -19.14 35.55
CA LEU N 3445 -81.17 -18.58 34.40
C LEU N 3445 -80.53 -19.03 33.09
N VAL N 3446 -79.20 -19.09 33.06
CA VAL N 3446 -78.50 -19.59 31.89
C VAL N 3446 -78.91 -21.03 31.63
N VAL N 3447 -79.01 -21.83 32.69
CA VAL N 3447 -79.43 -23.22 32.50
C VAL N 3447 -80.80 -23.29 31.81
N GLU N 3448 -81.78 -22.54 32.35
CA GLU N 3448 -83.11 -22.63 31.74
C GLU N 3448 -83.10 -22.12 30.29
N LYS N 3449 -82.41 -21.01 30.04
CA LYS N 3449 -82.42 -20.44 28.69
C LYS N 3449 -81.67 -21.31 27.70
N MET N 3450 -80.54 -21.90 28.11
CA MET N 3450 -79.83 -22.84 27.27
C MET N 3450 -80.71 -24.02 26.90
N LEU N 3451 -81.40 -24.59 27.89
CA LEU N 3451 -82.29 -25.72 27.62
C LEU N 3451 -83.40 -25.33 26.65
N LYS N 3452 -84.01 -24.17 26.87
CA LYS N 3452 -85.08 -23.73 25.99
C LYS N 3452 -84.58 -23.53 24.56
N ALA N 3453 -83.39 -22.96 24.42
CA ALA N 3453 -82.79 -22.79 23.10
C ALA N 3453 -82.48 -24.14 22.46
N LEU N 3454 -82.07 -25.11 23.28
CA LEU N 3454 -81.65 -26.40 22.75
C LEU N 3454 -82.84 -27.23 22.26
N LYS N 3455 -83.96 -27.16 22.99
CA LYS N 3455 -85.07 -28.07 22.71
C LYS N 3455 -85.60 -27.91 21.29
N LEU N 3456 -85.57 -26.69 20.74
CA LEU N 3456 -86.02 -26.48 19.37
C LEU N 3456 -84.86 -26.43 18.39
N ASN N 3457 -84.17 -27.57 18.28
CA ASN N 3457 -83.33 -27.93 17.14
C ASN N 3457 -82.22 -26.89 16.91
N SER N 3458 -81.34 -26.79 17.90
CA SER N 3458 -80.16 -25.94 17.76
C SER N 3458 -79.07 -26.49 18.68
N ASN N 3459 -77.84 -26.55 18.17
CA ASN N 3459 -76.75 -27.23 18.87
C ASN N 3459 -75.82 -26.27 19.60
N GLU N 3460 -75.98 -24.96 19.43
CA GLU N 3460 -74.99 -24.01 19.94
C GLU N 3460 -74.88 -24.06 21.45
N ALA N 3461 -75.99 -24.17 22.17
CA ALA N 3461 -75.91 -24.32 23.62
C ALA N 3461 -75.50 -25.73 24.03
N ARG N 3462 -75.52 -26.69 23.10
CA ARG N 3462 -74.92 -27.98 23.37
C ARG N 3462 -73.40 -27.92 23.28
N LEU N 3463 -72.88 -27.05 22.40
CA LEU N 3463 -71.47 -26.70 22.50
C LEU N 3463 -71.17 -26.03 23.83
N LYS N 3464 -72.18 -25.39 24.41
CA LYS N 3464 -72.12 -24.85 25.77
C LYS N 3464 -72.66 -25.82 26.81
N PHE N 3465 -73.06 -27.02 26.41
CA PHE N 3465 -73.60 -27.98 27.36
C PHE N 3465 -72.62 -28.37 28.46
N PRO N 3466 -71.30 -28.42 28.26
CA PRO N 3466 -70.41 -28.57 29.42
C PRO N 3466 -70.66 -27.50 30.47
N ARG N 3467 -70.72 -26.24 30.03
CA ARG N 3467 -71.06 -25.15 30.95
C ARG N 3467 -72.46 -25.34 31.52
N LEU N 3468 -73.41 -25.77 30.69
CA LEU N 3468 -74.78 -25.90 31.13
C LEU N 3468 -74.88 -26.92 32.26
N LEU N 3469 -74.27 -28.08 32.08
CA LEU N 3469 -74.33 -29.13 33.10
C LEU N 3469 -73.52 -28.75 34.32
N GLN N 3470 -72.37 -28.10 34.15
CA GLN N 3470 -71.60 -27.72 35.33
C GLN N 3470 -72.32 -26.67 36.16
N ILE N 3471 -73.04 -25.75 35.51
CA ILE N 3471 -73.83 -24.78 36.24
C ILE N 3471 -75.00 -25.46 36.94
N ILE N 3472 -75.70 -26.37 36.25
CA ILE N 3472 -76.86 -27.00 36.88
C ILE N 3472 -76.43 -27.88 38.03
N GLU N 3473 -75.22 -28.45 37.97
CA GLU N 3473 -74.68 -29.18 39.11
C GLU N 3473 -74.34 -28.24 40.25
N ARG N 3474 -73.63 -27.14 39.94
CA ARG N 3474 -73.18 -26.23 40.98
C ARG N 3474 -74.33 -25.39 41.54
N TYR N 3475 -75.30 -25.03 40.69
CA TYR N 3475 -76.38 -24.13 41.05
C TYR N 3475 -77.71 -24.88 41.00
N PRO N 3476 -78.18 -25.40 42.13
CA PRO N 3476 -79.50 -26.05 42.15
C PRO N 3476 -80.66 -25.09 42.02
N GLU N 3477 -80.42 -23.77 41.97
CA GLU N 3477 -81.48 -22.83 41.66
C GLU N 3477 -82.16 -23.20 40.34
N GLU N 3478 -81.36 -23.63 39.36
CA GLU N 3478 -81.86 -24.40 38.23
C GLU N 3478 -81.64 -25.87 38.59
N THR N 3479 -82.69 -26.53 39.02
CA THR N 3479 -82.58 -27.90 39.50
C THR N 3479 -82.14 -28.83 38.37
N LEU N 3480 -81.39 -29.87 38.73
CA LEU N 3480 -80.94 -30.85 37.74
C LEU N 3480 -82.11 -31.51 37.04
N SER N 3481 -83.28 -31.53 37.69
CA SER N 3481 -84.49 -32.05 37.08
C SER N 3481 -84.85 -31.30 35.81
N LEU N 3482 -84.32 -30.09 35.63
CA LEU N 3482 -84.58 -29.32 34.42
C LEU N 3482 -84.14 -30.07 33.18
N MET N 3483 -82.88 -30.52 33.14
CA MET N 3483 -82.43 -31.24 31.95
C MET N 3483 -82.57 -32.74 32.07
N THR N 3484 -82.45 -33.31 33.28
CA THR N 3484 -82.47 -34.76 33.41
C THR N 3484 -83.68 -35.35 32.69
N LYS N 3485 -84.85 -34.74 32.89
CA LYS N 3485 -86.04 -35.13 32.13
C LYS N 3485 -86.05 -34.57 30.72
N GLU N 3486 -85.46 -33.39 30.49
CA GLU N 3486 -85.49 -32.78 29.17
C GLU N 3486 -84.65 -33.51 28.14
N ILE N 3487 -83.61 -34.23 28.55
CA ILE N 3487 -82.78 -34.93 27.57
C ILE N 3487 -83.60 -36.02 26.88
N SER N 3488 -84.60 -36.57 27.58
CA SER N 3488 -85.50 -37.52 26.93
C SER N 3488 -86.22 -36.88 25.76
N SER N 3489 -86.67 -35.63 25.93
CA SER N 3489 -87.26 -34.85 24.84
C SER N 3489 -86.12 -34.35 23.95
N VAL N 3490 -85.64 -35.24 23.10
CA VAL N 3490 -84.49 -34.92 22.24
C VAL N 3490 -84.95 -33.96 21.14
N PRO N 3491 -84.29 -32.81 20.99
CA PRO N 3491 -84.56 -31.96 19.82
C PRO N 3491 -84.17 -32.67 18.53
N CYS N 3492 -82.89 -33.03 18.44
CA CYS N 3492 -82.35 -33.84 17.36
C CYS N 3492 -81.38 -34.87 17.91
N TRP N 3493 -81.72 -35.44 19.07
CA TRP N 3493 -80.79 -36.27 19.82
C TRP N 3493 -79.46 -35.55 20.00
N GLN N 3494 -79.54 -34.33 20.54
CA GLN N 3494 -78.38 -33.46 20.64
C GLN N 3494 -77.47 -33.94 21.76
N PHE N 3495 -76.48 -33.11 22.09
CA PHE N 3495 -75.50 -33.42 23.13
C PHE N 3495 -74.71 -34.68 22.79
N ILE N 3496 -74.46 -34.88 21.50
CA ILE N 3496 -73.81 -36.10 21.03
C ILE N 3496 -72.40 -36.20 21.59
N SER N 3497 -71.61 -35.13 21.44
CA SER N 3497 -70.30 -35.09 22.06
C SER N 3497 -70.37 -34.78 23.55
N TRP N 3498 -71.57 -34.89 24.14
CA TRP N 3498 -71.77 -34.60 25.54
C TRP N 3498 -72.66 -35.63 26.23
N ILE N 3499 -72.93 -36.78 25.59
CA ILE N 3499 -73.49 -37.88 26.36
C ILE N 3499 -72.48 -38.42 27.35
N SER N 3500 -71.20 -38.03 27.22
CA SER N 3500 -70.24 -38.26 28.30
C SER N 3500 -70.56 -37.40 29.51
N HIS N 3501 -70.92 -36.13 29.29
CA HIS N 3501 -71.44 -35.31 30.38
C HIS N 3501 -72.73 -35.91 30.93
N MET N 3502 -73.55 -36.49 30.05
CA MET N 3502 -74.73 -37.22 30.50
C MET N 3502 -74.38 -38.42 31.38
N VAL N 3503 -73.33 -39.16 31.02
CA VAL N 3503 -72.90 -40.29 31.83
C VAL N 3503 -72.37 -39.80 33.18
N ALA N 3504 -71.68 -38.66 33.17
CA ALA N 3504 -71.26 -38.05 34.43
C ALA N 3504 -72.45 -37.67 35.29
N LEU N 3505 -73.50 -37.12 34.66
CA LEU N 3505 -74.73 -36.81 35.39
C LEU N 3505 -75.37 -38.09 35.94
N LEU N 3506 -75.38 -39.16 35.14
CA LEU N 3506 -75.82 -40.46 35.61
C LEU N 3506 -74.92 -41.01 36.70
N ASP N 3507 -73.72 -40.44 36.84
CA ASP N 3507 -72.91 -40.66 38.04
C ASP N 3507 -73.29 -39.67 39.13
N LYS N 3508 -73.71 -38.46 38.76
CA LYS N 3508 -74.13 -37.46 39.73
C LYS N 3508 -75.54 -37.79 40.22
N ASP N 3509 -76.14 -36.85 40.96
CA ASP N 3509 -77.45 -37.05 41.55
C ASP N 3509 -78.54 -36.99 40.48
N GLN N 3510 -79.78 -37.27 40.90
CA GLN N 3510 -80.94 -37.28 40.01
C GLN N 3510 -80.73 -38.23 38.83
N ALA N 3511 -80.13 -39.39 39.11
CA ALA N 3511 -79.78 -40.31 38.04
C ALA N 3511 -80.97 -41.12 37.52
N VAL N 3512 -82.07 -41.21 38.26
CA VAL N 3512 -83.26 -41.79 37.66
C VAL N 3512 -84.01 -40.75 36.83
N ALA N 3513 -83.94 -39.48 37.24
CA ALA N 3513 -84.56 -38.42 36.46
C ALA N 3513 -83.89 -38.26 35.10
N VAL N 3514 -82.65 -38.73 34.95
CA VAL N 3514 -81.95 -38.72 33.67
C VAL N 3514 -81.76 -40.12 33.13
N GLN N 3515 -82.12 -41.15 33.90
CA GLN N 3515 -81.81 -42.52 33.52
C GLN N 3515 -82.64 -42.99 32.33
N HIS N 3516 -83.88 -42.53 32.21
CA HIS N 3516 -84.68 -42.92 31.05
C HIS N 3516 -84.08 -42.33 29.77
N SER N 3517 -83.63 -41.07 29.82
CA SER N 3517 -82.97 -40.48 28.67
C SER N 3517 -81.65 -41.18 28.37
N VAL N 3518 -80.90 -41.54 29.42
CA VAL N 3518 -79.63 -42.26 29.23
C VAL N 3518 -79.89 -43.60 28.56
N GLU N 3519 -80.90 -44.32 29.01
CA GLU N 3519 -81.25 -45.60 28.41
C GLU N 3519 -81.71 -45.42 26.97
N GLU N 3520 -82.49 -44.38 26.70
CA GLU N 3520 -82.90 -44.08 25.32
C GLU N 3520 -81.67 -43.90 24.44
N ILE N 3521 -80.76 -43.03 24.86
CA ILE N 3521 -79.58 -42.73 24.05
C ILE N 3521 -78.72 -43.98 23.85
N THR N 3522 -78.53 -44.76 24.91
CA THR N 3522 -77.64 -45.91 24.84
C THR N 3522 -78.27 -47.05 24.04
N ASP N 3523 -79.40 -47.57 24.51
CA ASP N 3523 -80.07 -48.68 23.83
C ASP N 3523 -80.46 -48.32 22.40
N ASN N 3524 -80.68 -47.03 22.11
CA ASN N 3524 -80.98 -46.63 20.74
C ASN N 3524 -79.78 -46.88 19.83
N TYR N 3525 -78.56 -46.60 20.32
CA TYR N 3525 -77.37 -46.73 19.51
C TYR N 3525 -76.15 -47.03 20.37
N PRO N 3526 -75.98 -48.27 20.85
CA PRO N 3526 -74.85 -48.56 21.73
C PRO N 3526 -73.63 -49.06 20.97
N GLN N 3527 -72.56 -49.41 21.69
CA GLN N 3527 -71.38 -49.99 21.01
C GLN N 3527 -70.88 -49.01 19.93
N ALA N 3528 -71.39 -47.77 19.92
CA ALA N 3528 -70.84 -46.74 19.02
C ALA N 3528 -69.70 -46.10 19.81
N ILE N 3529 -69.80 -44.82 20.17
CA ILE N 3529 -68.75 -44.32 21.10
C ILE N 3529 -68.89 -45.25 22.29
N VAL N 3530 -67.80 -45.88 22.74
CA VAL N 3530 -67.97 -46.97 23.75
C VAL N 3530 -67.13 -46.79 25.01
N TYR N 3531 -65.82 -46.72 24.87
CA TYR N 3531 -64.87 -46.80 26.00
C TYR N 3531 -65.14 -46.02 27.29
N PRO N 3532 -65.03 -44.67 27.40
CA PRO N 3532 -64.93 -44.03 28.72
C PRO N 3532 -66.19 -44.06 29.59
N PHE N 3533 -67.24 -44.77 29.19
CA PHE N 3533 -68.45 -44.85 29.99
C PHE N 3533 -68.52 -46.13 30.81
N ILE N 3534 -68.41 -47.29 30.15
CA ILE N 3534 -68.38 -48.52 30.92
C ILE N 3534 -66.96 -48.80 31.43
N ILE N 3535 -65.93 -48.26 30.76
CA ILE N 3535 -64.62 -48.23 31.40
C ILE N 3535 -64.67 -47.37 32.65
N SER N 3536 -65.44 -46.29 32.62
CA SER N 3536 -65.71 -45.55 33.85
C SER N 3536 -66.46 -46.41 34.85
N SER N 3537 -67.45 -47.18 34.39
CA SER N 3537 -68.17 -48.09 35.27
C SER N 3537 -67.24 -49.12 35.90
N GLU N 3538 -66.14 -49.46 35.24
CA GLU N 3538 -65.12 -50.28 35.86
C GLU N 3538 -64.48 -49.58 37.06
N SER N 3539 -64.57 -48.25 37.11
CA SER N 3539 -64.08 -47.47 38.24
C SER N 3539 -65.18 -46.68 38.93
N TYR N 3540 -66.36 -46.52 38.30
CA TYR N 3540 -67.47 -45.79 38.89
C TYR N 3540 -68.12 -46.65 39.96
N SER N 3541 -67.58 -46.59 41.17
CA SER N 3541 -68.14 -47.27 42.32
C SER N 3541 -68.91 -46.24 43.12
N PHE N 3542 -70.23 -46.16 42.88
CA PHE N 3542 -71.04 -45.11 43.48
C PHE N 3542 -71.32 -45.42 44.95
N LYS N 3543 -72.09 -46.49 45.19
CA LYS N 3543 -72.27 -47.06 46.52
C LYS N 3543 -72.66 -46.01 47.56
N ASP N 3544 -73.55 -45.09 47.17
CA ASP N 3544 -74.05 -44.08 48.09
C ASP N 3544 -75.53 -44.24 48.41
N THR N 3545 -76.28 -45.03 47.65
CA THR N 3545 -77.64 -45.45 47.96
C THR N 3545 -78.65 -44.31 47.91
N SER N 3546 -78.18 -43.08 47.70
CA SER N 3546 -79.09 -41.96 47.43
C SER N 3546 -79.25 -41.79 45.93
N THR N 3547 -78.14 -41.50 45.25
CA THR N 3547 -78.03 -41.70 43.81
C THR N 3547 -77.26 -42.97 43.48
N GLY N 3548 -76.65 -43.61 44.47
CA GLY N 3548 -75.91 -44.83 44.22
C GLY N 3548 -76.80 -45.95 43.69
N HIS N 3549 -78.00 -46.10 44.26
CA HIS N 3549 -78.97 -46.99 43.66
C HIS N 3549 -79.33 -46.53 42.26
N LYS N 3550 -79.56 -45.23 42.09
CA LYS N 3550 -79.90 -44.69 40.78
C LYS N 3550 -78.74 -44.87 39.80
N ASN N 3551 -77.52 -44.55 40.26
CA ASN N 3551 -76.36 -44.68 39.39
C ASN N 3551 -76.13 -46.13 39.00
N LYS N 3552 -76.27 -47.06 39.95
CA LYS N 3552 -76.05 -48.46 39.67
C LYS N 3552 -77.13 -49.03 38.77
N GLU N 3553 -78.38 -48.61 38.93
CA GLU N 3553 -79.43 -49.02 38.00
C GLU N 3553 -79.13 -48.53 36.60
N PHE N 3554 -78.69 -47.28 36.47
CA PHE N 3554 -78.33 -46.75 35.16
C PHE N 3554 -77.20 -47.56 34.54
N VAL N 3555 -76.15 -47.84 35.32
CA VAL N 3555 -74.99 -48.56 34.80
C VAL N 3555 -75.37 -50.00 34.45
N ALA N 3556 -76.24 -50.62 35.25
CA ALA N 3556 -76.71 -51.97 34.94
C ALA N 3556 -77.49 -51.99 33.64
N ARG N 3557 -78.35 -50.99 33.41
CA ARG N 3557 -79.06 -50.90 32.14
C ARG N 3557 -78.08 -50.69 30.99
N ILE N 3558 -77.05 -49.88 31.21
CA ILE N 3558 -76.03 -49.64 30.18
C ILE N 3558 -75.32 -50.94 29.83
N LYS N 3559 -74.93 -51.71 30.85
CA LYS N 3559 -74.26 -52.98 30.59
C LYS N 3559 -75.21 -53.98 29.92
N SER N 3560 -76.49 -53.96 30.29
CA SER N 3560 -77.46 -54.83 29.64
C SER N 3560 -77.75 -54.42 28.21
N LYS N 3561 -77.43 -53.17 27.84
CA LYS N 3561 -77.55 -52.77 26.44
C LYS N 3561 -76.65 -53.60 25.56
N LEU N 3562 -75.44 -53.91 26.02
CA LEU N 3562 -74.54 -54.80 25.29
C LEU N 3562 -75.09 -56.22 25.18
N GLY N 3566 -73.96 -61.15 24.55
CA GLY N 3566 -74.01 -62.31 23.68
C GLY N 3566 -72.64 -62.66 23.15
N VAL N 3567 -72.41 -62.45 21.86
CA VAL N 3567 -71.04 -62.45 21.36
C VAL N 3567 -70.28 -61.27 21.95
N ILE N 3568 -71.01 -60.26 22.44
CA ILE N 3568 -70.39 -59.16 23.16
C ILE N 3568 -69.75 -59.64 24.45
N GLN N 3569 -70.37 -60.63 25.12
CA GLN N 3569 -69.73 -61.22 26.30
C GLN N 3569 -68.45 -61.95 25.92
N ASP N 3570 -68.48 -62.67 24.79
CA ASP N 3570 -67.25 -63.29 24.29
C ASP N 3570 -66.19 -62.24 24.03
N PHE N 3571 -66.58 -61.08 23.50
CA PHE N 3571 -65.62 -60.02 23.27
C PHE N 3571 -65.15 -59.40 24.59
N ILE N 3572 -66.02 -59.37 25.60
CA ILE N 3572 -65.61 -58.90 26.93
C ILE N 3572 -64.52 -59.79 27.48
N ASN N 3573 -64.72 -61.10 27.38
CA ASN N 3573 -63.70 -62.04 27.84
C ASN N 3573 -62.45 -61.98 26.97
N ALA N 3574 -62.61 -61.67 25.69
CA ALA N 3574 -61.45 -61.45 24.83
C ALA N 3574 -60.64 -60.24 25.27
N LEU N 3575 -61.32 -59.15 25.63
CA LEU N 3575 -60.63 -57.98 26.17
C LEU N 3575 -59.95 -58.32 27.50
N ASP N 3576 -60.64 -59.10 28.33
CA ASP N 3576 -60.02 -59.63 29.55
C ASP N 3576 -58.79 -60.47 29.22
N GLN N 3577 -58.80 -61.13 28.07
CA GLN N 3577 -57.65 -61.91 27.61
C GLN N 3577 -56.95 -61.24 26.44
N LEU N 3578 -56.91 -59.91 26.42
CA LEU N 3578 -56.16 -59.17 25.42
C LEU N 3578 -55.23 -58.13 26.01
N SER N 3579 -55.61 -57.49 27.11
CA SER N 3579 -54.73 -56.54 27.77
C SER N 3579 -53.43 -57.22 28.19
N ASN N 3580 -52.32 -56.53 27.99
CA ASN N 3580 -51.02 -57.12 28.29
C ASN N 3580 -50.90 -57.40 29.78
N PRO N 3581 -50.64 -58.65 30.18
CA PRO N 3581 -50.47 -58.93 31.60
C PRO N 3581 -49.18 -58.37 32.17
N GLU N 3582 -48.18 -58.11 31.32
CA GLU N 3582 -46.92 -57.57 31.81
C GLU N 3582 -47.09 -56.16 32.36
N LEU N 3583 -47.90 -55.33 31.68
CA LEU N 3583 -48.05 -53.95 32.11
C LEU N 3583 -48.66 -53.86 33.50
N LEU N 3584 -49.80 -54.52 33.70
CA LEU N 3584 -50.44 -54.48 35.02
C LEU N 3584 -49.67 -55.32 36.03
N PHE N 3585 -48.92 -56.32 35.56
CA PHE N 3585 -48.04 -57.07 36.46
C PHE N 3585 -46.97 -56.15 37.05
N LYS N 3586 -46.33 -55.34 36.21
CA LYS N 3586 -45.33 -54.39 36.70
C LYS N 3586 -45.97 -53.29 37.53
N ASP N 3587 -47.19 -52.88 37.16
CA ASP N 3587 -47.91 -51.90 37.98
C ASP N 3587 -48.14 -52.43 39.38
N TRP N 3588 -48.67 -53.66 39.49
CA TRP N 3588 -48.80 -54.34 40.76
C TRP N 3588 -47.48 -54.42 41.49
N SER N 3589 -46.41 -54.76 40.77
CA SER N 3589 -45.10 -54.88 41.38
C SER N 3589 -44.72 -53.58 42.09
N ASN N 3590 -44.80 -52.46 41.38
CA ASN N 3590 -44.44 -51.18 41.96
C ASN N 3590 -45.36 -50.83 43.12
N ASP N 3591 -46.67 -50.99 42.93
CA ASP N 3591 -47.64 -50.58 43.94
C ASP N 3591 -47.43 -51.36 45.24
N VAL N 3592 -47.36 -52.68 45.15
CA VAL N 3592 -47.21 -53.50 46.35
C VAL N 3592 -45.83 -53.33 46.96
N ARG N 3593 -44.78 -53.25 46.13
CA ARG N 3593 -43.44 -53.07 46.67
C ARG N 3593 -43.33 -51.76 47.45
N ALA N 3594 -44.04 -50.73 47.00
CA ALA N 3594 -44.06 -49.48 47.77
C ALA N 3594 -44.98 -49.59 48.98
N GLU N 3595 -46.11 -50.30 48.85
CA GLU N 3595 -47.14 -50.28 49.89
C GLU N 3595 -46.73 -51.12 51.09
N LEU N 3596 -46.21 -52.33 50.87
CA LEU N 3596 -45.80 -53.16 51.99
C LEU N 3596 -44.63 -52.51 52.74
N ALA N 3597 -43.72 -51.87 52.01
CA ALA N 3597 -42.67 -51.09 52.66
C ALA N 3597 -43.27 -49.93 53.44
N LYS N 3598 -44.29 -49.28 52.88
CA LYS N 3598 -44.97 -48.18 53.57
C LYS N 3598 -45.94 -48.71 54.61
N LYS N 3603 -47.48 -56.47 53.79
CA LYS N 3603 -48.76 -55.90 54.22
C LYS N 3603 -49.90 -56.83 53.88
N LYS N 3604 -51.13 -56.41 54.22
CA LYS N 3604 -52.32 -57.19 53.96
C LYS N 3604 -53.24 -56.57 52.92
N ASN N 3605 -53.40 -55.25 52.92
CA ASN N 3605 -54.20 -54.59 51.88
C ASN N 3605 -53.55 -54.71 50.52
N ILE N 3606 -52.25 -55.01 50.45
CA ILE N 3606 -51.59 -55.24 49.18
C ILE N 3606 -52.14 -56.48 48.50
N GLU N 3607 -52.62 -57.45 49.27
CA GLU N 3607 -52.99 -58.75 48.71
C GLU N 3607 -54.22 -58.63 47.82
N LYS N 3608 -55.28 -58.00 48.32
CA LYS N 3608 -56.60 -58.09 47.70
C LYS N 3608 -56.56 -57.71 46.23
N MET N 3609 -55.86 -56.61 45.92
CA MET N 3609 -55.71 -56.21 44.52
C MET N 3609 -54.95 -57.26 43.73
N TYR N 3610 -53.95 -57.89 44.35
CA TYR N 3610 -53.20 -58.94 43.67
C TYR N 3610 -54.10 -60.10 43.28
N GLU N 3611 -54.91 -60.59 44.22
CA GLU N 3611 -55.79 -61.72 43.87
C GLU N 3611 -56.83 -61.29 42.84
N ARG N 3612 -57.42 -60.10 42.99
CA ARG N 3612 -58.49 -59.72 42.07
C ARG N 3612 -57.98 -59.56 40.65
N MET N 3613 -56.75 -59.07 40.48
CA MET N 3613 -56.22 -59.02 39.13
C MET N 3613 -55.75 -60.38 38.65
N TYR N 3614 -55.29 -61.24 39.57
CA TYR N 3614 -54.84 -62.58 39.18
C TYR N 3614 -56.00 -63.46 38.74
N ALA N 3615 -57.22 -63.15 39.18
CA ALA N 3615 -58.38 -63.92 38.74
C ALA N 3615 -58.78 -63.53 37.32
N ALA N 3616 -59.06 -62.25 37.07
CA ALA N 3616 -59.54 -61.79 35.78
C ALA N 3616 -58.51 -62.00 34.66
N LEU N 3617 -57.40 -61.28 34.72
CA LEU N 3617 -56.36 -61.39 33.70
C LEU N 3617 -55.27 -62.38 34.10
N GLY N 3618 -55.68 -63.56 34.56
CA GLY N 3618 -54.74 -64.58 34.96
C GLY N 3618 -55.15 -65.98 34.51
N ASP N 3619 -56.32 -66.07 33.89
CA ASP N 3619 -56.78 -67.39 33.50
C ASP N 3619 -56.85 -67.50 31.98
N PRO N 3620 -56.56 -68.68 31.43
CA PRO N 3620 -56.72 -68.87 29.99
C PRO N 3620 -58.11 -69.37 29.64
N LYS N 3621 -59.03 -69.26 30.61
CA LYS N 3621 -60.36 -69.85 30.51
C LYS N 3621 -61.44 -68.82 30.21
N ALA N 3622 -61.15 -67.83 29.37
CA ALA N 3622 -62.15 -66.86 28.98
C ALA N 3622 -62.31 -66.87 27.46
N PRO N 3623 -63.53 -66.92 26.93
CA PRO N 3623 -63.71 -67.00 25.49
C PRO N 3623 -63.11 -65.78 24.79
N GLY N 3624 -62.19 -66.05 23.87
CA GLY N 3624 -61.43 -65.00 23.24
C GLY N 3624 -60.13 -64.82 23.99
N LEU N 3625 -59.03 -65.32 23.42
CA LEU N 3625 -57.75 -65.30 24.12
C LEU N 3625 -56.65 -65.53 23.09
N GLY N 3626 -55.78 -64.54 22.91
CA GLY N 3626 -54.77 -64.64 21.87
C GLY N 3626 -53.85 -65.82 22.10
N ALA N 3627 -53.42 -66.46 21.01
CA ALA N 3627 -52.48 -67.57 21.11
C ALA N 3627 -51.19 -67.14 21.79
N PHE N 3628 -50.72 -65.92 21.49
CA PHE N 3628 -49.66 -65.30 22.28
C PHE N 3628 -49.99 -65.38 23.76
N ARG N 3629 -51.10 -64.74 24.14
CA ARG N 3629 -51.49 -64.75 25.54
C ARG N 3629 -51.93 -66.14 25.99
N ARG N 3630 -52.39 -66.99 25.08
CA ARG N 3630 -52.63 -68.39 25.41
C ARG N 3630 -51.39 -69.01 26.05
N LYS N 3631 -50.30 -69.04 25.29
CA LYS N 3631 -49.05 -69.61 25.81
C LYS N 3631 -48.49 -68.80 26.96
N PHE N 3632 -48.69 -67.48 26.95
CA PHE N 3632 -48.20 -66.66 28.04
C PHE N 3632 -48.86 -67.02 29.36
N ILE N 3633 -50.18 -67.19 29.36
CA ILE N 3633 -50.86 -67.65 30.56
C ILE N 3633 -50.55 -69.11 30.86
N GLN N 3634 -50.27 -69.94 29.84
CA GLN N 3634 -49.85 -71.30 30.11
C GLN N 3634 -48.57 -71.32 30.94
N THR N 3635 -47.61 -70.46 30.59
CA THR N 3635 -46.41 -70.32 31.41
C THR N 3635 -46.69 -69.55 32.70
N PHE N 3636 -47.71 -68.69 32.68
CA PHE N 3636 -48.05 -67.88 33.84
C PHE N 3636 -48.69 -68.72 34.94
N GLY N 3637 -49.29 -69.86 34.58
CA GLY N 3637 -50.09 -70.61 35.55
C GLY N 3637 -49.29 -71.14 36.72
N LYS N 3638 -48.12 -71.70 36.45
CA LYS N 3638 -47.29 -72.23 37.53
C LYS N 3638 -46.85 -71.11 38.47
N GLU N 3639 -46.42 -69.98 37.90
CA GLU N 3639 -45.99 -68.86 38.74
C GLU N 3639 -47.16 -68.28 39.52
N PHE N 3640 -48.36 -68.32 38.93
CA PHE N 3640 -49.56 -67.89 39.64
C PHE N 3640 -49.85 -68.82 40.81
N ASP N 3641 -49.67 -70.12 40.61
CA ASP N 3641 -49.96 -71.07 41.67
C ASP N 3641 -48.93 -71.02 42.78
N LYS N 3642 -47.67 -70.70 42.46
CA LYS N 3642 -46.63 -70.78 43.48
C LYS N 3642 -46.50 -69.49 44.31
N HIS N 3643 -46.43 -68.32 43.65
CA HIS N 3643 -46.20 -67.07 44.36
C HIS N 3643 -47.19 -65.97 44.01
N PHE N 3644 -48.05 -66.17 43.02
CA PHE N 3644 -48.92 -65.11 42.52
C PHE N 3644 -50.39 -65.35 42.79
N GLY N 3645 -50.79 -66.55 43.22
CA GLY N 3645 -52.15 -66.73 43.71
C GLY N 3645 -52.43 -65.87 44.92
N LYS N 3646 -51.50 -65.87 45.88
CA LYS N 3646 -51.53 -64.85 46.94
C LYS N 3646 -51.07 -63.51 46.41
N GLY N 3647 -50.24 -63.50 45.38
CA GLY N 3647 -49.72 -62.26 44.85
C GLY N 3647 -48.74 -61.60 45.82
N GLY N 3648 -48.85 -60.29 45.93
CA GLY N 3648 -48.00 -59.53 46.82
C GLY N 3648 -48.82 -58.75 47.84
N SER N 3657 -40.45 -56.05 53.78
CA SER N 3657 -40.16 -56.87 52.62
C SER N 3657 -40.75 -58.27 52.77
N ASP N 3658 -42.06 -58.33 53.01
CA ASP N 3658 -42.72 -59.60 53.22
C ASP N 3658 -43.13 -60.24 51.90
N PHE N 3659 -43.91 -59.53 51.09
CA PHE N 3659 -44.44 -60.05 49.85
C PHE N 3659 -43.76 -59.48 48.61
N ASN N 3660 -42.79 -58.57 48.79
CA ASN N 3660 -42.14 -57.97 47.62
C ASN N 3660 -41.16 -58.92 46.95
N ASP N 3661 -40.58 -59.86 47.69
CA ASP N 3661 -39.68 -60.84 47.08
C ASP N 3661 -40.44 -61.76 46.14
N ILE N 3662 -41.64 -62.19 46.57
CA ILE N 3662 -42.52 -62.97 45.69
C ILE N 3662 -42.78 -62.19 44.41
N THR N 3663 -43.11 -60.91 44.56
CA THR N 3663 -43.26 -60.01 43.42
C THR N 3663 -42.01 -60.02 42.55
N ASN N 3664 -40.84 -60.00 43.18
CA ASN N 3664 -39.59 -59.88 42.43
C ASN N 3664 -39.37 -61.10 41.53
N MET N 3665 -39.43 -62.30 42.09
CA MET N 3665 -39.14 -63.41 41.17
C MET N 3665 -40.33 -63.71 40.27
N LEU N 3666 -41.55 -63.28 40.64
CA LEU N 3666 -42.64 -63.35 39.67
C LEU N 3666 -42.35 -62.46 38.47
N LEU N 3667 -41.88 -61.24 38.71
CA LEU N 3667 -41.49 -60.35 37.61
C LEU N 3667 -40.40 -60.99 36.77
N LEU N 3668 -39.38 -61.55 37.43
CA LEU N 3668 -38.28 -62.15 36.69
C LEU N 3668 -38.76 -63.29 35.81
N LYS N 3669 -39.62 -64.16 36.34
CA LYS N 3669 -40.09 -65.29 35.54
C LYS N 3669 -41.06 -64.86 34.45
N MET N 3670 -41.85 -63.80 34.70
CA MET N 3670 -42.74 -63.31 33.65
C MET N 3670 -41.95 -62.72 32.49
N ASN N 3671 -40.87 -62.01 32.80
CA ASN N 3671 -39.96 -61.56 31.75
C ASN N 3671 -39.28 -62.75 31.09
N LYS N 3672 -39.02 -63.82 31.84
CA LYS N 3672 -38.43 -65.02 31.26
C LYS N 3672 -39.36 -65.68 30.25
N ASP N 3673 -40.66 -65.68 30.52
CA ASP N 3673 -41.61 -66.39 29.65
C ASP N 3673 -41.58 -65.84 28.23
N SER N 3674 -42.02 -64.59 28.06
CA SER N 3674 -42.00 -63.88 26.78
C SER N 3674 -42.39 -64.79 25.62
N LYS N 3675 -43.59 -65.35 25.72
CA LYS N 3675 -44.02 -66.36 24.77
C LYS N 3675 -44.21 -65.76 23.38
N PRO N 3676 -43.99 -66.57 22.32
CA PRO N 3676 -44.09 -66.03 20.97
C PRO N 3676 -45.52 -65.68 20.63
N PRO N 3677 -45.73 -64.75 19.69
CA PRO N 3677 -47.09 -64.34 19.35
C PRO N 3677 -47.81 -65.34 18.46
N GLY N 3678 -49.14 -65.26 18.50
CA GLY N 3678 -50.00 -66.06 17.64
C GLY N 3678 -51.22 -65.29 17.20
N ASN N 3679 -51.44 -65.20 15.89
CA ASN N 3679 -52.48 -64.35 15.32
C ASN N 3679 -53.41 -65.18 14.43
N LEU N 3680 -53.67 -66.42 14.80
CA LEU N 3680 -54.55 -67.29 14.06
C LEU N 3680 -55.98 -67.12 14.55
N LYS N 3681 -56.88 -68.01 14.10
CA LYS N 3681 -58.24 -67.98 14.60
C LYS N 3681 -58.29 -68.21 16.11
N GLU N 3682 -57.24 -68.82 16.67
CA GLU N 3682 -57.12 -69.00 18.11
C GLU N 3682 -56.91 -67.68 18.84
N CYS N 3683 -56.63 -66.59 18.14
CA CYS N 3683 -56.48 -65.30 18.81
C CYS N 3683 -57.75 -64.91 19.55
N SER N 3684 -58.90 -65.20 18.97
CA SER N 3684 -60.19 -65.07 19.64
C SER N 3684 -61.14 -66.04 19.00
N PRO N 3685 -61.25 -67.27 19.53
CA PRO N 3685 -61.82 -68.38 18.76
C PRO N 3685 -63.23 -68.15 18.24
N TRP N 3686 -64.20 -67.90 19.13
CA TRP N 3686 -65.59 -67.87 18.71
C TRP N 3686 -65.92 -66.71 17.79
N MET N 3687 -65.10 -65.65 17.77
CA MET N 3687 -65.36 -64.51 16.90
C MET N 3687 -64.49 -64.50 15.66
N SER N 3688 -63.27 -65.04 15.74
CA SER N 3688 -62.40 -65.09 14.57
C SER N 3688 -63.01 -65.92 13.45
N ASP N 3689 -63.61 -67.05 13.80
CA ASP N 3689 -64.36 -67.88 12.85
C ASP N 3689 -65.85 -67.91 13.18
N PHE N 3690 -66.39 -66.77 13.58
CA PHE N 3690 -67.78 -66.66 14.02
C PHE N 3690 -68.74 -67.14 12.92
N LYS N 3691 -69.42 -68.26 13.17
CA LYS N 3691 -70.35 -68.79 12.19
C LYS N 3691 -71.61 -67.94 12.10
N VAL N 3692 -72.34 -68.13 11.01
CA VAL N 3692 -73.56 -67.36 10.76
C VAL N 3692 -74.68 -67.87 11.67
N GLU N 3693 -75.42 -66.93 12.25
CA GLU N 3693 -76.54 -67.22 13.12
C GLU N 3693 -77.79 -66.54 12.57
N PHE N 3694 -78.89 -66.64 13.32
CA PHE N 3694 -80.16 -66.04 12.93
C PHE N 3694 -80.67 -65.13 14.03
N LEU N 3695 -81.16 -63.95 13.62
CA LEU N 3695 -81.79 -62.98 14.52
C LEU N 3695 -80.81 -62.54 15.61
N ARG N 3696 -79.76 -61.85 15.19
CA ARG N 3696 -78.74 -61.33 16.08
C ARG N 3696 -78.63 -59.82 15.93
N ASN N 3697 -78.04 -59.18 16.93
CA ASN N 3697 -77.95 -57.72 16.97
C ASN N 3697 -76.90 -57.20 16.00
N GLU N 3698 -77.11 -55.98 15.53
CA GLU N 3698 -76.18 -55.31 14.62
C GLU N 3698 -75.17 -54.49 15.40
N LEU N 3699 -73.95 -54.41 14.85
CA LEU N 3699 -72.85 -53.71 15.50
C LEU N 3699 -72.24 -52.70 14.54
N GLU N 3700 -71.59 -51.69 15.11
CA GLU N 3700 -71.02 -50.58 14.34
C GLU N 3700 -69.67 -50.19 14.92
N ILE N 3701 -68.99 -49.31 14.21
CA ILE N 3701 -67.63 -48.90 14.60
C ILE N 3701 -67.69 -48.16 15.93
N PRO N 3702 -66.80 -48.42 16.87
CA PRO N 3702 -66.74 -47.62 18.09
C PRO N 3702 -66.22 -46.22 17.81
N GLY N 3703 -66.46 -45.32 18.77
CA GLY N 3703 -66.07 -43.93 18.63
C GLY N 3703 -66.83 -43.15 17.59
N GLN N 3704 -68.14 -43.38 17.47
CA GLN N 3704 -68.95 -42.76 16.43
C GLN N 3704 -69.73 -41.55 16.91
N TYR N 3705 -69.78 -41.29 18.22
CA TYR N 3705 -70.60 -40.20 18.76
C TYR N 3705 -69.83 -38.89 18.68
N ASP N 3706 -69.98 -38.19 17.56
CA ASP N 3706 -69.28 -36.93 17.35
C ASP N 3706 -70.13 -35.87 16.65
N GLY N 3707 -71.41 -36.13 16.38
CA GLY N 3707 -72.22 -35.16 15.69
C GLY N 3707 -72.47 -33.91 16.49
N ARG N 3708 -72.76 -32.83 15.77
CA ARG N 3708 -73.04 -31.53 16.38
C ARG N 3708 -74.55 -31.44 16.64
N GLY N 3709 -75.00 -32.21 17.62
CA GLY N 3709 -76.40 -32.23 17.97
C GLY N 3709 -77.30 -32.98 17.03
N LYS N 3710 -76.75 -33.57 15.96
CA LYS N 3710 -77.56 -34.32 15.03
C LYS N 3710 -77.89 -35.67 15.68
N PRO N 3711 -78.89 -36.40 15.16
CA PRO N 3711 -79.31 -37.65 15.79
C PRO N 3711 -78.15 -38.58 16.09
N LEU N 3712 -78.35 -39.43 17.11
CA LEU N 3712 -77.32 -40.27 17.71
C LEU N 3712 -76.51 -41.00 16.63
N PRO N 3713 -75.25 -40.63 16.43
CA PRO N 3713 -74.44 -41.28 15.41
C PRO N 3713 -73.88 -42.62 15.83
N GLU N 3714 -74.48 -43.69 15.32
CA GLU N 3714 -73.91 -45.02 15.30
C GLU N 3714 -74.05 -45.60 13.91
N TYR N 3715 -74.17 -44.72 12.92
CA TYR N 3715 -74.46 -45.06 11.53
C TYR N 3715 -73.26 -45.62 10.80
N HIS N 3716 -72.22 -46.01 11.54
CA HIS N 3716 -71.01 -46.55 10.92
C HIS N 3716 -71.35 -47.81 10.12
N VAL N 3717 -70.49 -48.11 9.15
CA VAL N 3717 -70.69 -49.30 8.32
C VAL N 3717 -70.72 -50.52 9.22
N ARG N 3718 -71.70 -51.40 8.97
CA ARG N 3718 -72.09 -52.41 9.96
C ARG N 3718 -70.94 -53.35 10.29
N ILE N 3719 -70.85 -53.70 11.57
CA ILE N 3719 -69.90 -54.69 12.07
C ILE N 3719 -70.66 -56.00 12.26
N ALA N 3720 -70.25 -57.06 11.56
CA ALA N 3720 -70.95 -58.33 11.65
C ALA N 3720 -70.02 -59.50 11.96
N GLY N 3721 -68.82 -59.51 11.37
CA GLY N 3721 -67.94 -60.65 11.52
C GLY N 3721 -66.50 -60.29 11.80
N PHE N 3722 -65.59 -61.23 11.60
CA PHE N 3722 -64.17 -61.00 11.83
C PHE N 3722 -63.37 -61.72 10.75
N ASP N 3723 -62.37 -61.04 10.20
CA ASP N 3723 -61.46 -61.62 9.22
C ASP N 3723 -60.09 -61.79 9.87
N GLU N 3724 -59.52 -62.98 9.73
CA GLU N 3724 -58.21 -63.25 10.29
C GLU N 3724 -57.07 -62.73 9.43
N ARG N 3725 -57.38 -61.90 8.42
CA ARG N 3725 -56.34 -61.20 7.68
C ARG N 3725 -55.75 -60.13 8.57
N VAL N 3726 -54.95 -60.55 9.55
CA VAL N 3726 -54.57 -59.73 10.68
C VAL N 3726 -53.24 -59.06 10.40
N THR N 3727 -53.17 -57.75 10.62
CA THR N 3727 -51.96 -56.96 10.42
C THR N 3727 -51.36 -56.64 11.78
N VAL N 3728 -50.28 -57.34 12.14
CA VAL N 3728 -49.63 -57.17 13.43
C VAL N 3728 -48.38 -56.33 13.20
N MET N 3729 -48.51 -55.03 13.40
CA MET N 3729 -47.36 -54.14 13.38
C MET N 3729 -46.77 -54.02 14.77
N ALA N 3730 -45.47 -53.74 14.82
CA ALA N 3730 -44.77 -53.69 16.09
C ALA N 3730 -45.16 -52.45 16.89
N SER N 3731 -45.40 -52.63 18.18
CA SER N 3731 -45.67 -51.54 19.10
C SER N 3731 -45.37 -52.04 20.52
N LEU N 3732 -45.83 -51.29 21.52
CA LEU N 3732 -45.81 -51.83 22.88
C LEU N 3732 -46.64 -53.10 22.98
N ARG N 3733 -47.63 -53.24 22.11
CA ARG N 3733 -48.51 -54.41 22.08
C ARG N 3733 -48.19 -55.38 20.95
N ARG N 3734 -47.68 -54.88 19.82
CA ARG N 3734 -47.73 -55.59 18.55
C ARG N 3734 -49.19 -55.97 18.27
N PRO N 3735 -50.05 -54.97 18.06
CA PRO N 3735 -51.48 -55.25 18.05
C PRO N 3735 -51.92 -56.01 16.80
N LYS N 3736 -53.05 -56.69 16.94
CA LYS N 3736 -53.59 -57.54 15.89
C LYS N 3736 -54.70 -56.77 15.17
N ARG N 3737 -54.56 -56.64 13.84
CA ARG N 3737 -55.53 -55.88 13.04
C ARG N 3737 -56.53 -56.85 12.43
N ILE N 3738 -57.43 -57.33 13.29
CA ILE N 3738 -58.53 -58.17 12.82
C ILE N 3738 -59.48 -57.32 11.98
N ILE N 3739 -59.82 -57.80 10.80
CA ILE N 3739 -60.72 -57.10 9.91
C ILE N 3739 -62.14 -57.58 10.16
N ILE N 3740 -63.08 -56.64 10.21
CA ILE N 3740 -64.49 -56.93 10.46
C ILE N 3740 -65.27 -56.61 9.20
N ARG N 3741 -65.89 -57.62 8.61
CA ARG N 3741 -66.74 -57.41 7.44
C ARG N 3741 -68.21 -57.54 7.84
N GLY N 3742 -69.00 -56.52 7.48
CA GLY N 3742 -70.39 -56.46 7.87
C GLY N 3742 -71.33 -56.83 6.72
N HIS N 3743 -72.61 -56.92 7.07
CA HIS N 3743 -73.64 -57.28 6.11
C HIS N 3743 -73.80 -56.24 5.01
N ASP N 3744 -73.32 -55.02 5.24
CA ASP N 3744 -73.42 -53.94 4.26
C ASP N 3744 -72.22 -53.89 3.32
N GLU N 3745 -71.63 -55.05 3.02
CA GLU N 3745 -70.70 -55.27 1.90
C GLU N 3745 -69.32 -54.66 2.12
N ARG N 3746 -69.00 -54.21 3.32
CA ARG N 3746 -67.73 -53.56 3.59
C ARG N 3746 -66.99 -54.28 4.73
N GLU N 3747 -65.68 -54.11 4.75
CA GLU N 3747 -64.81 -54.65 5.80
C GLU N 3747 -64.34 -53.53 6.72
N HIS N 3748 -63.77 -53.94 7.87
CA HIS N 3748 -63.33 -53.00 8.90
C HIS N 3748 -62.09 -53.56 9.58
N PRO N 3749 -60.89 -53.17 9.15
CA PRO N 3749 -59.69 -53.59 9.86
C PRO N 3749 -59.59 -52.89 11.22
N PHE N 3750 -59.68 -53.67 12.28
CA PHE N 3750 -59.71 -53.14 13.64
C PHE N 3750 -58.45 -53.56 14.37
N LEU N 3751 -57.75 -52.59 14.95
CA LEU N 3751 -56.51 -52.78 15.66
C LEU N 3751 -56.68 -52.32 17.10
N VAL N 3752 -55.73 -52.71 17.96
CA VAL N 3752 -55.81 -52.45 19.39
C VAL N 3752 -54.51 -51.78 19.84
N LYS N 3753 -54.41 -51.55 21.15
CA LYS N 3753 -53.22 -51.01 21.77
C LYS N 3753 -53.01 -51.68 23.12
N GLY N 3754 -51.76 -51.68 23.58
CA GLY N 3754 -51.39 -52.45 24.75
C GLY N 3754 -51.86 -51.90 26.08
N GLY N 3755 -52.87 -52.54 26.67
CA GLY N 3755 -53.28 -52.26 28.04
C GLY N 3755 -53.42 -50.80 28.37
N GLU N 3756 -54.45 -50.14 27.83
CA GLU N 3756 -54.60 -48.70 27.96
C GLU N 3756 -55.96 -48.35 28.57
N ASP N 3757 -55.98 -47.27 29.33
CA ASP N 3757 -57.19 -46.71 29.90
C ASP N 3757 -57.65 -45.52 29.07
N LEU N 3758 -58.97 -45.37 28.95
CA LEU N 3758 -59.52 -44.32 28.09
C LEU N 3758 -60.48 -43.37 28.81
N ARG N 3759 -60.58 -43.44 30.14
CA ARG N 3759 -61.34 -42.43 30.86
C ARG N 3759 -60.74 -41.04 30.63
N GLN N 3760 -59.42 -40.96 30.70
CA GLN N 3760 -58.72 -39.73 30.34
C GLN N 3760 -58.75 -39.48 28.84
N ASP N 3761 -58.91 -40.53 28.04
CA ASP N 3761 -59.00 -40.34 26.59
C ASP N 3761 -60.33 -39.72 26.18
N GLN N 3762 -61.35 -39.76 27.04
CA GLN N 3762 -62.53 -38.94 26.82
C GLN N 3762 -62.16 -37.46 26.79
N ARG N 3763 -61.40 -37.02 27.81
CA ARG N 3763 -60.92 -35.65 27.83
C ARG N 3763 -59.94 -35.40 26.69
N VAL N 3764 -59.17 -36.43 26.31
CA VAL N 3764 -58.26 -36.29 25.17
C VAL N 3764 -59.06 -35.99 23.91
N GLU N 3765 -60.17 -36.68 23.69
CA GLU N 3765 -61.01 -36.43 22.52
C GLU N 3765 -61.68 -35.06 22.61
N GLN N 3766 -62.14 -34.67 23.80
CA GLN N 3766 -62.75 -33.35 23.95
C GLN N 3766 -61.75 -32.24 23.59
N LEU N 3767 -60.55 -32.31 24.17
CA LEU N 3767 -59.51 -31.36 23.84
C LEU N 3767 -59.13 -31.44 22.38
N PHE N 3768 -59.04 -32.67 21.84
CA PHE N 3768 -58.78 -32.88 20.43
C PHE N 3768 -59.73 -32.05 19.58
N GLN N 3769 -61.03 -32.27 19.75
CA GLN N 3769 -62.00 -31.61 18.89
C GLN N 3769 -61.96 -30.10 19.07
N VAL N 3770 -62.04 -29.62 20.31
CA VAL N 3770 -62.14 -28.17 20.52
C VAL N 3770 -60.84 -27.46 20.12
N MET N 3771 -59.71 -27.98 20.60
CA MET N 3771 -58.40 -27.41 20.30
C MET N 3771 -58.11 -27.42 18.80
N ASN N 3772 -58.19 -28.59 18.16
CA ASN N 3772 -57.94 -28.65 16.73
C ASN N 3772 -58.98 -27.87 15.94
N GLY N 3773 -60.16 -27.68 16.49
CA GLY N 3773 -61.12 -26.80 15.86
C GLY N 3773 -60.58 -25.40 15.80
N ILE N 3774 -60.43 -24.78 16.97
CA ILE N 3774 -60.02 -23.38 17.01
C ILE N 3774 -58.60 -23.19 16.52
N LEU N 3775 -57.87 -24.27 16.21
CA LEU N 3775 -56.48 -24.17 15.83
C LEU N 3775 -56.13 -24.74 14.45
N ALA N 3776 -57.08 -25.30 13.69
CA ALA N 3776 -56.66 -26.18 12.59
C ALA N 3776 -57.03 -25.69 11.19
N GLN N 3777 -58.31 -25.53 10.84
CA GLN N 3777 -58.63 -25.40 9.41
C GLN N 3777 -59.79 -24.49 9.03
N ASP N 3778 -60.22 -23.51 9.84
CA ASP N 3778 -61.40 -22.69 9.47
C ASP N 3778 -61.41 -22.31 7.99
N SER N 3779 -62.53 -22.60 7.31
CA SER N 3779 -62.55 -22.55 5.85
C SER N 3779 -62.28 -21.13 5.33
N ALA N 3780 -62.98 -20.14 5.88
CA ALA N 3780 -62.89 -18.79 5.35
C ALA N 3780 -61.49 -18.20 5.49
N CYS N 3781 -60.76 -18.57 6.53
CA CYS N 3781 -59.43 -18.05 6.82
C CYS N 3781 -58.49 -19.19 7.20
N SER N 3782 -58.41 -20.21 6.34
CA SER N 3782 -57.58 -21.38 6.62
C SER N 3782 -56.12 -21.01 6.82
N GLN N 3783 -55.68 -19.85 6.33
CA GLN N 3783 -54.35 -19.35 6.65
C GLN N 3783 -54.22 -18.86 8.08
N ARG N 3784 -55.25 -19.05 8.91
CA ARG N 3784 -55.15 -18.73 10.33
C ARG N 3784 -55.85 -19.74 11.24
N ALA N 3785 -56.58 -20.71 10.67
CA ALA N 3785 -56.92 -21.96 11.37
C ALA N 3785 -57.77 -21.70 12.63
N LEU N 3786 -59.00 -21.23 12.40
CA LEU N 3786 -59.86 -20.81 13.50
C LEU N 3786 -60.98 -21.78 13.87
N GLN N 3787 -61.34 -22.73 13.01
CA GLN N 3787 -62.52 -23.56 13.27
C GLN N 3787 -62.38 -24.94 12.65
N LEU N 3788 -62.94 -25.94 13.34
CA LEU N 3788 -62.98 -27.33 12.91
C LEU N 3788 -63.72 -28.12 13.99
N ARG N 3789 -64.17 -29.32 13.64
CA ARG N 3789 -64.68 -30.28 14.60
C ARG N 3789 -64.23 -31.67 14.19
N THR N 3790 -63.77 -32.45 15.17
CA THR N 3790 -63.25 -33.79 14.91
C THR N 3790 -64.01 -34.79 15.77
N TYR N 3791 -63.79 -36.07 15.49
CA TYR N 3791 -64.47 -37.13 16.20
C TYR N 3791 -64.04 -37.17 17.66
N SER N 3792 -65.00 -37.43 18.54
CA SER N 3792 -64.69 -37.53 19.98
C SER N 3792 -65.29 -38.83 20.51
N VAL N 3793 -64.49 -39.68 21.16
CA VAL N 3793 -65.07 -40.90 21.77
C VAL N 3793 -65.91 -40.44 22.96
N MET N 3796 -70.64 -44.79 25.50
CA MET N 3796 -71.94 -45.38 25.89
C MET N 3796 -71.67 -46.74 26.57
N THR N 3797 -71.11 -47.72 25.84
CA THR N 3797 -70.92 -49.09 26.39
C THR N 3797 -69.51 -49.57 26.02
N SER N 3798 -68.52 -49.55 26.93
CA SER N 3798 -67.13 -49.76 26.55
C SER N 3798 -66.87 -51.11 25.91
N ARG N 3799 -67.77 -52.08 26.08
CA ARG N 3799 -67.39 -53.46 25.77
C ARG N 3799 -67.46 -53.76 24.28
N LEU N 3800 -66.82 -52.92 23.48
CA LEU N 3800 -66.45 -53.22 22.10
C LEU N 3800 -65.16 -52.43 21.83
N GLY N 3801 -64.03 -53.09 22.05
CA GLY N 3801 -62.74 -52.40 22.14
C GLY N 3801 -61.84 -52.65 20.95
N LEU N 3802 -61.33 -51.57 20.37
CA LEU N 3802 -60.30 -51.64 19.33
C LEU N 3802 -59.65 -50.28 19.23
N ILE N 3803 -58.37 -50.20 19.58
CA ILE N 3803 -57.65 -48.93 19.50
C ILE N 3803 -56.66 -48.99 18.34
N GLU N 3804 -57.10 -48.59 17.17
CA GLU N 3804 -56.28 -48.74 15.98
C GLU N 3804 -55.17 -47.70 15.94
N TRP N 3805 -53.93 -48.17 15.81
CA TRP N 3805 -52.79 -47.31 15.60
C TRP N 3805 -52.95 -46.54 14.28
N LEU N 3806 -52.09 -45.55 14.07
CA LEU N 3806 -52.08 -44.75 12.86
C LEU N 3806 -51.76 -45.57 11.59
N GLU N 3807 -51.63 -46.88 11.75
CA GLU N 3807 -51.55 -47.84 10.64
C GLU N 3807 -50.31 -47.61 9.77
N ASN N 3808 -49.16 -47.68 10.43
CA ASN N 3808 -47.85 -47.77 9.78
C ASN N 3808 -47.58 -46.55 8.90
N THR N 3809 -47.61 -45.39 9.54
CA THR N 3809 -47.15 -44.14 8.96
C THR N 3809 -45.87 -43.70 9.66
N VAL N 3810 -44.90 -43.24 8.86
CA VAL N 3810 -43.56 -43.05 9.38
C VAL N 3810 -43.56 -41.97 10.45
N THR N 3811 -42.95 -42.28 11.59
CA THR N 3811 -42.82 -41.32 12.67
C THR N 3811 -41.76 -40.29 12.31
N LEU N 3812 -41.93 -39.07 12.83
CA LEU N 3812 -40.95 -38.02 12.59
C LEU N 3812 -39.56 -38.47 13.01
N LYS N 3813 -39.45 -39.13 14.17
CA LYS N 3813 -38.17 -39.69 14.58
C LYS N 3813 -37.75 -40.82 13.65
N ASP N 3814 -38.69 -41.67 13.24
CA ASP N 3814 -38.38 -42.70 12.26
C ASP N 3814 -38.01 -42.09 10.91
N LEU N 3815 -38.72 -41.02 10.53
CA LEU N 3815 -38.37 -40.32 9.29
C LEU N 3815 -36.94 -39.79 9.36
N LEU N 3816 -36.53 -39.28 10.52
CA LEU N 3816 -35.14 -38.86 10.69
C LEU N 3816 -34.20 -40.05 10.58
N LEU N 3817 -34.47 -41.11 11.35
CA LEU N 3817 -33.59 -42.28 11.35
C LEU N 3817 -33.37 -42.80 9.93
N ASN N 3818 -34.42 -42.78 9.11
CA ASN N 3818 -34.25 -43.04 7.69
C ASN N 3818 -33.43 -41.95 7.03
N THR N 3819 -33.62 -40.70 7.45
CA THR N 3819 -33.06 -39.56 6.73
C THR N 3819 -31.54 -39.54 6.82
N MET N 3820 -31.00 -39.42 8.02
CA MET N 3820 -29.54 -39.36 8.12
C MET N 3820 -28.97 -40.73 7.82
N SER N 3821 -27.91 -40.77 7.02
CA SER N 3821 -27.37 -42.02 6.54
C SER N 3821 -26.74 -42.80 7.70
N GLN N 3822 -26.24 -44.00 7.39
CA GLN N 3822 -25.67 -44.86 8.42
C GLN N 3822 -24.45 -44.20 9.06
N GLU N 3823 -23.67 -43.45 8.28
CA GLU N 3823 -22.53 -42.75 8.86
C GLU N 3823 -22.98 -41.53 9.66
N GLU N 3824 -24.08 -40.91 9.26
CA GLU N 3824 -24.62 -39.79 10.04
C GLU N 3824 -25.27 -40.28 11.33
N LYS N 3825 -25.89 -41.46 11.29
CA LYS N 3825 -26.32 -42.11 12.53
C LYS N 3825 -25.13 -42.49 13.39
N ALA N 3826 -24.05 -42.96 12.76
CA ALA N 3826 -22.84 -43.33 13.50
C ALA N 3826 -22.13 -42.11 14.06
N ALA N 3827 -22.44 -40.91 13.60
CA ALA N 3827 -21.88 -39.71 14.18
C ALA N 3827 -22.32 -39.52 15.62
N TYR N 3828 -23.37 -40.21 16.05
CA TYR N 3828 -23.84 -40.16 17.43
C TYR N 3828 -22.89 -40.90 18.36
N ALA N 3834 -20.42 -37.09 18.67
CA ALA N 3834 -21.35 -37.94 19.39
C ALA N 3834 -22.34 -37.10 20.20
N PRO N 3835 -23.33 -36.52 19.52
CA PRO N 3835 -24.25 -35.58 20.19
C PRO N 3835 -24.94 -36.19 21.39
N PRO N 3836 -25.39 -37.45 21.34
CA PRO N 3836 -25.95 -38.03 22.57
C PRO N 3836 -24.90 -38.32 23.63
N CYS N 3837 -23.75 -38.89 23.23
CA CYS N 3837 -22.69 -39.15 24.18
C CYS N 3837 -22.13 -37.84 24.73
N GLU N 3838 -21.95 -36.84 23.86
CA GLU N 3838 -21.52 -35.53 24.33
C GLU N 3838 -22.53 -34.94 25.30
N TYR N 3839 -23.82 -35.06 24.99
CA TYR N 3839 -24.85 -34.57 25.89
C TYR N 3839 -24.75 -35.22 27.25
N LYS N 3840 -24.75 -36.56 27.28
CA LYS N 3840 -24.76 -37.28 28.55
C LYS N 3840 -23.50 -36.99 29.35
N ASP N 3841 -22.34 -36.96 28.68
CA ASP N 3841 -21.10 -36.63 29.37
C ASP N 3841 -21.15 -35.23 29.96
N TRP N 3842 -21.67 -34.25 29.19
CA TRP N 3842 -21.75 -32.90 29.70
C TRP N 3842 -22.68 -32.82 30.91
N LEU N 3843 -23.81 -33.53 30.86
CA LEU N 3843 -24.71 -33.53 32.01
C LEU N 3843 -24.04 -34.14 33.24
N THR N 3844 -23.39 -35.29 33.07
CA THR N 3844 -22.91 -36.06 34.20
C THR N 3844 -21.65 -35.46 34.82
N LYS N 3845 -20.75 -34.92 33.99
CA LYS N 3845 -19.48 -34.41 34.51
C LYS N 3845 -19.67 -33.24 35.46
N MET N 3846 -20.73 -32.46 35.27
CA MET N 3846 -20.97 -31.27 36.07
C MET N 3846 -22.31 -31.33 36.79
N ASP N 3851 -30.78 -41.24 33.34
CA ASP N 3851 -31.24 -41.35 34.72
C ASP N 3851 -31.81 -40.03 35.23
N VAL N 3852 -32.64 -40.09 36.26
CA VAL N 3852 -33.18 -38.88 36.86
C VAL N 3852 -32.07 -38.05 37.47
N GLY N 3853 -30.98 -38.69 37.89
CA GLY N 3853 -29.82 -37.97 38.38
C GLY N 3853 -29.12 -37.14 37.33
N ALA N 3854 -29.33 -37.44 36.04
CA ALA N 3854 -28.80 -36.59 34.99
C ALA N 3854 -29.39 -35.19 35.08
N TYR N 3855 -30.68 -35.08 35.41
CA TYR N 3855 -31.30 -33.78 35.65
C TYR N 3855 -30.53 -32.99 36.70
N MET N 3856 -30.30 -33.61 37.86
CA MET N 3856 -29.59 -32.93 38.94
C MET N 3856 -28.19 -32.52 38.47
N LEU N 3857 -27.47 -33.44 37.86
CA LEU N 3857 -26.09 -33.17 37.46
C LEU N 3857 -26.02 -32.04 36.45
N MET N 3858 -26.92 -32.05 35.45
CA MET N 3858 -26.90 -31.00 34.44
C MET N 3858 -27.28 -29.66 35.04
N TYR N 3859 -28.22 -29.65 36.00
CA TYR N 3859 -28.73 -28.39 36.51
C TYR N 3859 -27.99 -27.85 37.72
N LYS N 3860 -27.03 -28.59 38.27
CA LYS N 3860 -26.26 -28.05 39.40
C LYS N 3860 -25.56 -26.76 39.01
N GLY N 3861 -24.78 -26.81 37.94
CA GLY N 3861 -24.09 -25.63 37.44
C GLY N 3861 -24.84 -24.91 36.35
N ALA N 3862 -26.01 -24.35 36.67
CA ALA N 3862 -26.80 -23.67 35.67
C ALA N 3862 -26.01 -22.52 35.05
N ASN N 3863 -25.61 -22.68 33.80
CA ASN N 3863 -24.73 -21.73 33.13
C ASN N 3863 -25.09 -21.73 31.65
N ARG N 3864 -25.58 -20.60 31.15
CA ARG N 3864 -25.96 -20.53 29.74
C ARG N 3864 -24.76 -20.66 28.82
N THR N 3865 -23.60 -20.15 29.23
CA THR N 3865 -22.42 -20.17 28.34
C THR N 3865 -22.02 -21.60 27.98
N GLU N 3866 -21.64 -22.39 28.99
CA GLU N 3866 -21.21 -23.76 28.74
C GLU N 3866 -22.32 -24.60 28.14
N THR N 3867 -23.57 -24.37 28.56
CA THR N 3867 -24.68 -25.14 28.02
C THR N 3867 -24.85 -24.88 26.53
N VAL N 3868 -24.82 -23.60 26.13
CA VAL N 3868 -24.95 -23.25 24.72
C VAL N 3868 -23.78 -23.80 23.92
N THR N 3869 -22.56 -23.70 24.47
CA THR N 3869 -21.39 -24.19 23.74
C THR N 3869 -21.49 -25.70 23.52
N SER N 3870 -21.86 -26.45 24.57
CA SER N 3870 -21.98 -27.89 24.44
C SER N 3870 -23.11 -28.28 23.49
N PHE N 3871 -24.24 -27.58 23.57
CA PHE N 3871 -25.36 -27.86 22.68
C PHE N 3871 -24.98 -27.59 21.23
N ARG N 3872 -24.25 -26.50 20.98
CA ARG N 3872 -23.81 -26.21 19.62
C ARG N 3872 -22.77 -27.22 19.16
N LYS N 3873 -21.92 -27.71 20.06
CA LYS N 3873 -21.00 -28.78 19.70
C LYS N 3873 -21.77 -30.02 19.25
N ARG N 3874 -22.80 -30.41 20.01
CA ARG N 3874 -23.60 -31.56 19.63
C ARG N 3874 -24.33 -31.31 18.31
N GLU N 3875 -24.86 -30.11 18.12
CA GLU N 3875 -25.57 -29.78 16.90
C GLU N 3875 -24.64 -29.77 15.70
N SER N 3876 -23.36 -29.47 15.91
CA SER N 3876 -22.38 -29.59 14.83
C SER N 3876 -22.04 -31.05 14.57
N LYS N 3877 -21.99 -31.87 15.62
CA LYS N 3877 -21.74 -33.29 15.43
C LYS N 3877 -22.86 -33.94 14.63
N VAL N 3878 -24.11 -33.63 14.95
CA VAL N 3878 -25.26 -34.14 14.21
C VAL N 3878 -25.39 -33.33 12.93
N PRO N 3879 -25.79 -33.92 11.81
CA PRO N 3879 -26.02 -33.13 10.59
C PRO N 3879 -27.21 -32.20 10.76
N ALA N 3880 -27.32 -31.27 9.81
CA ALA N 3880 -28.41 -30.30 9.76
C ALA N 3880 -29.22 -30.52 8.49
N ASP N 3881 -30.31 -29.75 8.37
CA ASP N 3881 -31.22 -29.84 7.23
C ASP N 3881 -31.72 -31.26 7.02
N LEU N 3882 -31.92 -31.97 8.14
CA LEU N 3882 -32.45 -33.33 8.07
C LEU N 3882 -33.82 -33.34 7.41
N LEU N 3883 -34.76 -32.58 8.00
CA LEU N 3883 -36.11 -32.53 7.46
C LEU N 3883 -36.16 -31.79 6.13
N LYS N 3884 -35.24 -30.85 5.91
CA LYS N 3884 -35.22 -30.13 4.65
C LYS N 3884 -34.95 -31.07 3.49
N ARG N 3885 -33.88 -31.85 3.56
CA ARG N 3885 -33.60 -32.81 2.51
C ARG N 3885 -34.57 -33.98 2.55
N ALA N 3886 -35.17 -34.27 3.71
CA ALA N 3886 -36.23 -35.27 3.77
C ALA N 3886 -37.40 -34.86 2.90
N PHE N 3887 -37.79 -33.58 2.96
CA PHE N 3887 -38.81 -33.07 2.06
C PHE N 3887 -38.32 -33.00 0.62
N VAL N 3888 -37.02 -32.72 0.43
CA VAL N 3888 -36.47 -32.68 -0.92
C VAL N 3888 -36.66 -34.02 -1.62
N ARG N 3889 -36.30 -35.11 -0.95
CA ARG N 3889 -36.36 -36.42 -1.57
C ARG N 3889 -37.71 -37.10 -1.47
N MET N 3890 -38.46 -36.85 -0.40
CA MET N 3890 -39.80 -37.43 -0.28
C MET N 3890 -40.74 -36.91 -1.34
N SER N 3891 -40.73 -35.59 -1.56
CA SER N 3891 -41.45 -34.97 -2.67
C SER N 3891 -40.37 -34.41 -3.59
N THR N 3892 -39.87 -35.26 -4.48
CA THR N 3892 -38.75 -34.89 -5.33
C THR N 3892 -39.12 -33.82 -6.35
N SER N 3893 -40.40 -33.63 -6.62
CA SER N 3893 -40.81 -32.64 -7.60
C SER N 3893 -40.52 -31.23 -7.09
N PRO N 3894 -40.16 -30.32 -7.98
CA PRO N 3894 -40.05 -28.91 -7.58
C PRO N 3894 -41.41 -28.37 -7.17
N GLU N 3895 -41.39 -27.35 -6.32
CA GLU N 3895 -42.56 -26.68 -5.74
C GLU N 3895 -43.47 -27.68 -5.03
N ALA N 3896 -42.99 -28.92 -4.87
CA ALA N 3896 -43.63 -29.93 -4.05
C ALA N 3896 -42.95 -30.03 -2.70
N PHE N 3897 -41.63 -30.10 -2.71
CA PHE N 3897 -40.84 -29.71 -1.55
C PHE N 3897 -41.42 -28.47 -0.89
N LEU N 3898 -41.65 -27.43 -1.69
CA LEU N 3898 -42.16 -26.17 -1.17
C LEU N 3898 -43.53 -26.31 -0.54
N ALA N 3899 -44.48 -26.90 -1.28
CA ALA N 3899 -45.85 -26.98 -0.80
C ALA N 3899 -45.96 -27.87 0.43
N LEU N 3900 -45.26 -29.00 0.42
CA LEU N 3900 -45.30 -29.90 1.56
C LEU N 3900 -44.62 -29.28 2.78
N ARG N 3901 -43.54 -28.51 2.57
CA ARG N 3901 -42.94 -27.80 3.69
C ARG N 3901 -43.88 -26.75 4.25
N SER N 3902 -44.63 -26.05 3.39
CA SER N 3902 -45.60 -25.07 3.88
C SER N 3902 -46.70 -25.75 4.69
N HIS N 3903 -47.26 -26.83 4.15
CA HIS N 3903 -48.31 -27.54 4.86
C HIS N 3903 -47.79 -28.11 6.17
N PHE N 3904 -46.56 -28.62 6.17
CA PHE N 3904 -46.00 -29.16 7.40
C PHE N 3904 -45.63 -28.06 8.38
N ALA N 3905 -45.31 -26.86 7.89
CA ALA N 3905 -45.11 -25.74 8.81
C ALA N 3905 -46.41 -25.38 9.50
N SER N 3906 -47.51 -25.37 8.77
CA SER N 3906 -48.82 -25.15 9.39
C SER N 3906 -49.12 -26.25 10.41
N SER N 3907 -48.91 -27.51 10.01
CA SER N 3907 -49.20 -28.63 10.91
C SER N 3907 -48.26 -28.64 12.10
N HIS N 3908 -47.03 -28.16 11.95
CA HIS N 3908 -46.08 -28.14 13.05
C HIS N 3908 -46.37 -27.01 14.01
N ALA N 3909 -46.82 -25.85 13.50
CA ALA N 3909 -47.36 -24.84 14.39
C ALA N 3909 -48.52 -25.41 15.20
N LEU N 3910 -49.42 -26.13 14.53
CA LEU N 3910 -50.56 -26.73 15.23
C LEU N 3910 -50.08 -27.71 16.30
N ILE N 3911 -49.13 -28.58 15.95
CA ILE N 3911 -48.71 -29.62 16.89
C ILE N 3911 -47.94 -29.01 18.06
N CYS N 3912 -47.14 -27.97 17.80
CA CYS N 3912 -46.39 -27.34 18.88
C CYS N 3912 -47.32 -26.61 19.84
N ILE N 3913 -48.25 -25.82 19.31
CA ILE N 3913 -49.19 -25.14 20.19
C ILE N 3913 -50.07 -26.14 20.93
N SER N 3914 -50.42 -27.26 20.28
CA SER N 3914 -51.24 -28.26 20.97
C SER N 3914 -50.47 -28.90 22.12
N HIS N 3915 -49.23 -29.32 21.86
CA HIS N 3915 -48.44 -29.97 22.89
C HIS N 3915 -48.10 -29.03 24.02
N TRP N 3916 -47.97 -27.73 23.73
CA TRP N 3916 -47.82 -26.76 24.82
C TRP N 3916 -49.13 -26.58 25.59
N ILE N 3917 -50.24 -26.46 24.87
CA ILE N 3917 -51.54 -26.25 25.52
C ILE N 3917 -51.89 -27.45 26.39
N LEU N 3918 -51.80 -28.65 25.82
CA LEU N 3918 -52.05 -29.85 26.59
C LEU N 3918 -50.93 -30.14 27.58
N GLY N 3919 -49.83 -29.40 27.52
CA GLY N 3919 -48.74 -29.58 28.47
C GLY N 3919 -48.13 -30.96 28.42
N ILE N 3920 -47.96 -31.51 27.22
CA ILE N 3920 -47.50 -32.88 27.07
C ILE N 3920 -45.98 -32.90 27.23
N GLY N 3921 -45.50 -33.63 28.22
CA GLY N 3921 -44.08 -33.73 28.47
C GLY N 3921 -43.40 -34.75 27.58
N ASP N 3922 -42.06 -34.73 27.64
CA ASP N 3922 -41.21 -35.64 26.87
C ASP N 3922 -41.57 -35.60 25.39
N ARG N 3923 -41.42 -34.43 24.80
CA ARG N 3923 -41.79 -34.19 23.41
C ARG N 3923 -40.68 -34.58 22.45
N HIS N 3924 -40.17 -35.80 22.61
CA HIS N 3924 -39.21 -36.33 21.66
C HIS N 3924 -39.89 -36.59 20.32
N LEU N 3925 -39.08 -36.61 19.26
CA LEU N 3925 -39.64 -36.78 17.92
C LEU N 3925 -40.32 -38.12 17.74
N ASN N 3926 -40.05 -39.08 18.61
CA ASN N 3926 -40.78 -40.34 18.58
C ASN N 3926 -42.26 -40.13 18.90
N ASN N 3927 -42.58 -39.14 19.73
CA ASN N 3927 -43.96 -38.79 20.03
C ASN N 3927 -44.58 -37.87 18.99
N PHE N 3928 -43.81 -37.45 17.99
CA PHE N 3928 -44.30 -36.62 16.89
C PHE N 3928 -44.36 -37.46 15.63
N MET N 3929 -45.52 -37.45 14.97
CA MET N 3929 -45.76 -38.28 13.80
C MET N 3929 -45.97 -37.39 12.59
N VAL N 3930 -45.48 -37.83 11.43
CA VAL N 3930 -45.52 -37.05 10.21
C VAL N 3930 -46.21 -37.85 9.10
N ALA N 3931 -47.12 -37.18 8.40
CA ALA N 3931 -47.85 -37.76 7.29
C ALA N 3931 -47.06 -37.61 6.00
N MET N 3932 -47.26 -38.53 5.06
CA MET N 3932 -46.44 -38.56 3.86
C MET N 3932 -47.03 -37.75 2.71
N GLU N 3933 -48.34 -37.84 2.50
CA GLU N 3933 -48.97 -37.37 1.28
C GLU N 3933 -49.44 -35.93 1.34
N THR N 3934 -49.49 -35.32 2.52
CA THR N 3934 -49.93 -33.94 2.65
C THR N 3934 -49.05 -33.07 3.53
N GLY N 3935 -48.25 -33.65 4.43
CA GLY N 3935 -47.41 -32.83 5.29
C GLY N 3935 -48.08 -32.48 6.61
N GLY N 3936 -48.55 -33.49 7.34
CA GLY N 3936 -49.18 -33.29 8.63
C GLY N 3936 -48.27 -33.65 9.79
N VAL N 3937 -48.55 -33.03 10.94
CA VAL N 3937 -47.82 -33.30 12.17
C VAL N 3937 -48.84 -33.60 13.26
N ILE N 3938 -48.80 -34.82 13.79
CA ILE N 3938 -49.75 -35.27 14.80
C ILE N 3938 -48.98 -35.93 15.94
N GLY N 3939 -49.30 -35.53 17.18
CA GLY N 3939 -48.67 -36.13 18.34
C GLY N 3939 -49.25 -37.49 18.66
N ILE N 3940 -48.66 -38.14 19.67
CA ILE N 3940 -49.06 -39.49 20.05
C ILE N 3940 -48.55 -39.76 21.46
N ASP N 3941 -49.16 -40.74 22.13
CA ASP N 3941 -48.74 -41.21 23.45
C ASP N 3941 -48.80 -40.08 24.48
N PHE N 3942 -50.02 -39.65 24.75
CA PHE N 3942 -50.27 -38.61 25.76
C PHE N 3942 -50.00 -39.21 27.13
N GLY N 3943 -48.81 -38.97 27.66
CA GLY N 3943 -48.44 -39.48 28.97
C GLY N 3943 -48.51 -38.40 30.03
N HIS N 3944 -48.29 -37.15 29.62
CA HIS N 3944 -48.36 -36.02 30.54
C HIS N 3944 -49.36 -35.01 29.98
N ALA N 3945 -50.18 -34.44 30.87
CA ALA N 3945 -51.17 -33.45 30.48
C ALA N 3945 -51.00 -32.21 31.34
N PHE N 3946 -51.16 -31.04 30.69
CA PHE N 3946 -51.08 -29.74 31.35
C PHE N 3946 -49.77 -29.58 32.12
N GLY N 3947 -48.74 -30.32 31.74
CA GLY N 3947 -47.52 -30.38 32.53
C GLY N 3947 -47.80 -31.00 33.89
N SER N 3948 -48.18 -32.27 33.90
CA SER N 3948 -48.50 -32.94 35.16
C SER N 3948 -47.29 -33.17 36.03
N ALA N 3949 -46.08 -33.05 35.48
CA ALA N 3949 -44.85 -33.02 36.28
C ALA N 3949 -44.30 -31.60 36.19
N THR N 3950 -44.82 -30.74 37.06
CA THR N 3950 -44.55 -29.31 37.00
C THR N 3950 -43.79 -28.77 38.21
N GLN N 3951 -44.26 -28.94 39.46
CA GLN N 3951 -43.47 -28.43 40.57
C GLN N 3951 -43.08 -29.45 41.64
N PHE N 3952 -44.02 -30.17 42.24
CA PHE N 3952 -43.80 -30.64 43.61
C PHE N 3952 -42.84 -31.83 43.71
N LEU N 3953 -43.23 -32.98 43.18
CA LEU N 3953 -42.40 -34.18 43.35
C LEU N 3953 -41.12 -34.07 42.54
N PRO N 3954 -40.09 -34.88 42.86
CA PRO N 3954 -38.76 -34.66 42.27
C PRO N 3954 -38.70 -34.69 40.75
N VAL N 3955 -39.13 -35.78 40.11
CA VAL N 3955 -38.87 -35.99 38.69
C VAL N 3955 -39.66 -35.00 37.84
N PRO N 3956 -38.98 -34.14 37.06
CA PRO N 3956 -39.70 -33.16 36.24
C PRO N 3956 -39.92 -33.59 34.80
N GLU N 3957 -41.06 -33.20 34.24
CA GLU N 3957 -41.34 -33.34 32.81
C GLU N 3957 -41.99 -32.03 32.37
N LEU N 3958 -41.20 -31.16 31.74
CA LEU N 3958 -41.57 -29.76 31.56
C LEU N 3958 -41.68 -29.32 30.10
N MET N 3959 -41.20 -30.12 29.16
CA MET N 3959 -41.00 -29.63 27.81
C MET N 3959 -42.34 -29.49 27.09
N PRO N 3960 -42.70 -28.29 26.60
CA PRO N 3960 -44.02 -28.11 25.99
C PRO N 3960 -44.18 -28.83 24.66
N PHE N 3961 -43.25 -28.61 23.73
CA PHE N 3961 -43.33 -29.20 22.40
C PHE N 3961 -41.91 -29.41 21.88
N ARG N 3962 -41.77 -29.64 20.58
CA ARG N 3962 -40.48 -29.87 19.96
C ARG N 3962 -40.15 -28.76 18.97
N LEU N 3963 -38.99 -28.13 19.16
CA LEU N 3963 -38.51 -27.11 18.23
C LEU N 3963 -37.00 -27.03 18.41
N THR N 3964 -36.26 -27.63 17.47
CA THR N 3964 -34.81 -27.69 17.58
C THR N 3964 -34.12 -27.15 16.33
N ARG N 3965 -32.80 -27.35 16.24
CA ARG N 3965 -32.04 -26.82 15.12
C ARG N 3965 -32.47 -27.44 13.80
N GLN N 3966 -32.92 -28.69 13.81
CA GLN N 3966 -33.43 -29.29 12.58
C GLN N 3966 -34.73 -28.65 12.14
N PHE N 3967 -35.58 -28.26 13.09
CA PHE N 3967 -36.77 -27.48 12.73
C PHE N 3967 -36.37 -26.11 12.20
N ILE N 3968 -35.33 -25.51 12.78
CA ILE N 3968 -34.79 -24.27 12.23
C ILE N 3968 -34.34 -24.47 10.79
N ASN N 3969 -33.75 -25.64 10.52
CA ASN N 3969 -33.41 -25.99 9.14
C ASN N 3969 -34.66 -26.13 8.29
N LEU N 3970 -35.74 -26.65 8.87
CA LEU N 3970 -37.02 -26.68 8.16
C LEU N 3970 -37.53 -25.28 7.91
N MET N 3971 -37.53 -24.43 8.94
CA MET N 3971 -37.89 -23.02 8.76
C MET N 3971 -36.66 -22.18 8.46
N LEU N 3972 -35.84 -22.64 7.53
CA LEU N 3972 -34.60 -21.95 7.18
C LEU N 3972 -34.84 -20.76 6.24
N PRO N 3973 -35.47 -20.95 5.06
CA PRO N 3973 -35.59 -19.81 4.14
C PRO N 3973 -36.70 -18.85 4.56
N MET N 3974 -37.79 -19.39 5.11
CA MET N 3974 -38.88 -18.57 5.59
C MET N 3974 -38.59 -18.19 7.04
N LYS N 3975 -39.57 -17.59 7.72
CA LYS N 3975 -39.32 -17.03 9.04
C LYS N 3975 -40.29 -17.57 10.06
N GLU N 3976 -39.80 -17.70 11.30
CA GLU N 3976 -40.71 -17.94 12.42
C GLU N 3976 -41.77 -16.85 12.51
N THR N 3977 -41.40 -15.62 12.15
CA THR N 3977 -42.37 -14.54 11.97
C THR N 3977 -43.18 -14.70 10.70
N GLY N 3978 -43.01 -15.80 9.98
CA GLY N 3978 -43.77 -16.04 8.77
C GLY N 3978 -45.03 -16.84 9.03
N LEU N 3979 -45.07 -18.07 8.53
CA LEU N 3979 -46.23 -18.93 8.75
C LEU N 3979 -46.42 -19.23 10.23
N MET N 3980 -45.32 -19.51 10.95
CA MET N 3980 -45.42 -19.95 12.33
C MET N 3980 -46.13 -18.90 13.18
N TYR N 3981 -45.60 -17.66 13.15
CA TYR N 3981 -46.14 -16.58 13.95
C TYR N 3981 -47.58 -16.27 13.54
N SER N 3982 -47.85 -16.21 12.24
CA SER N 3982 -49.20 -15.87 11.80
C SER N 3982 -50.21 -16.91 12.27
N ILE N 3983 -49.96 -18.18 11.99
CA ILE N 3983 -50.90 -19.22 12.38
C ILE N 3983 -51.13 -19.19 13.89
N MET N 3984 -50.06 -19.24 14.67
CA MET N 3984 -50.21 -19.42 16.10
C MET N 3984 -50.82 -18.17 16.75
N VAL N 3985 -50.41 -16.98 16.29
CA VAL N 3985 -50.93 -15.74 16.86
C VAL N 3985 -52.40 -15.57 16.52
N HIS N 3986 -52.78 -15.83 15.27
CA HIS N 3986 -54.19 -15.69 14.89
C HIS N 3986 -55.06 -16.69 15.66
N ALA N 3987 -54.59 -17.92 15.81
CA ALA N 3987 -55.40 -18.91 16.51
C ALA N 3987 -55.45 -18.62 18.01
N LEU N 3988 -54.37 -18.05 18.56
CA LEU N 3988 -54.40 -17.63 19.96
C LEU N 3988 -55.35 -16.46 20.17
N ARG N 3989 -55.43 -15.57 19.18
CA ARG N 3989 -56.43 -14.51 19.20
C ARG N 3989 -57.84 -15.09 19.15
N ALA N 3990 -58.02 -16.17 18.37
CA ALA N 3990 -59.30 -16.86 18.35
C ALA N 3990 -59.64 -17.44 19.72
N PHE N 3991 -58.65 -18.05 20.38
CA PHE N 3991 -58.81 -18.45 21.78
C PHE N 3991 -59.27 -17.29 22.64
N ARG N 3992 -58.60 -16.14 22.51
CA ARG N 3992 -58.94 -14.98 23.32
C ARG N 3992 -60.37 -14.52 23.07
N SER N 3993 -60.80 -14.53 21.80
CA SER N 3993 -62.14 -14.07 21.46
C SER N 3993 -63.20 -15.00 22.04
N ASP N 3994 -62.98 -16.31 21.95
CA ASP N 3994 -63.96 -17.31 22.41
C ASP N 3994 -63.29 -18.31 23.33
N PRO N 3995 -63.06 -17.96 24.60
CA PRO N 3995 -62.62 -18.94 25.58
C PRO N 3995 -63.73 -19.54 26.43
N GLY N 3996 -64.96 -19.01 26.32
CA GLY N 3996 -66.04 -19.50 27.17
C GLY N 3996 -66.40 -20.94 26.88
N LEU N 3997 -66.55 -21.28 25.60
CA LEU N 3997 -66.75 -22.69 25.24
C LEU N 3997 -65.52 -23.52 25.59
N LEU N 3998 -64.34 -22.95 25.38
CA LEU N 3998 -63.12 -23.60 25.83
C LEU N 3998 -63.13 -23.77 27.35
N THR N 3999 -63.56 -22.75 28.08
CA THR N 3999 -63.71 -22.85 29.52
C THR N 3999 -64.59 -24.03 29.90
N ASN N 4000 -65.78 -24.11 29.28
CA ASN N 4000 -66.71 -25.19 29.59
C ASN N 4000 -66.11 -26.55 29.27
N THR N 4001 -65.42 -26.66 28.13
CA THR N 4001 -64.90 -27.94 27.68
C THR N 4001 -63.77 -28.43 28.58
N MET N 4002 -62.80 -27.57 28.89
CA MET N 4002 -61.63 -28.05 29.62
C MET N 4002 -61.70 -27.79 31.11
N ASP N 4003 -62.81 -27.23 31.62
CA ASP N 4003 -62.99 -27.19 33.07
C ASP N 4003 -63.53 -28.53 33.60
N VAL N 4004 -64.28 -29.25 32.79
CA VAL N 4004 -64.78 -30.57 33.15
C VAL N 4004 -63.73 -31.61 32.78
N PHE N 4005 -62.54 -31.14 32.41
CA PHE N 4005 -61.42 -32.05 32.18
C PHE N 4005 -61.17 -32.95 33.37
N VAL N 4006 -61.08 -32.35 34.56
CA VAL N 4006 -60.94 -33.12 35.79
C VAL N 4006 -62.22 -33.10 36.62
N LYS N 4007 -63.12 -32.13 36.39
CA LYS N 4007 -64.36 -32.07 37.14
C LYS N 4007 -65.22 -33.31 36.91
N GLU N 4008 -65.27 -33.79 35.67
CA GLU N 4008 -66.02 -35.01 35.38
C GLU N 4008 -65.41 -36.18 36.16
N PRO N 4009 -66.23 -37.03 36.77
CA PRO N 4009 -65.71 -38.01 37.73
C PRO N 4009 -64.92 -39.16 37.13
N SER N 4010 -64.74 -39.22 35.80
CA SER N 4010 -63.93 -40.28 35.21
C SER N 4010 -62.49 -39.86 34.99
N PHE N 4011 -62.17 -38.56 35.06
CA PHE N 4011 -60.81 -38.09 34.86
C PHE N 4011 -60.33 -37.22 36.02
N ASP N 4012 -60.83 -37.49 37.22
CA ASP N 4012 -60.22 -36.93 38.42
C ASP N 4012 -58.80 -37.48 38.53
N TRP N 4013 -57.92 -36.71 39.17
CA TRP N 4013 -56.49 -37.04 39.13
C TRP N 4013 -56.23 -38.48 39.59
N LYS N 4014 -56.97 -38.94 40.60
CA LYS N 4014 -56.88 -40.34 40.99
C LYS N 4014 -57.29 -41.25 39.84
N ASN N 4015 -58.41 -40.93 39.18
CA ASN N 4015 -58.82 -41.67 38.00
C ASN N 4015 -57.98 -41.29 36.79
N PHE N 4016 -57.49 -40.04 36.74
CA PHE N 4016 -56.67 -39.61 35.62
C PHE N 4016 -55.35 -40.35 35.56
N GLU N 4017 -54.84 -40.81 36.71
CA GLU N 4017 -53.59 -41.53 36.74
C GLU N 4017 -53.66 -42.88 36.03
N GLN N 4018 -54.88 -43.37 35.72
CA GLN N 4018 -54.98 -44.60 34.94
C GLN N 4018 -54.35 -44.43 33.56
N LYS N 4019 -54.41 -43.23 32.99
CA LYS N 4019 -53.75 -42.98 31.72
C LYS N 4019 -52.25 -43.25 31.83
N MET N 4020 -51.60 -42.64 32.82
CA MET N 4020 -50.17 -42.89 33.02
C MET N 4020 -49.90 -44.35 33.39
N LEU N 4021 -50.83 -44.98 34.10
CA LEU N 4021 -50.63 -46.36 34.53
C LEU N 4021 -50.69 -47.34 33.37
N LYS N 4022 -51.53 -47.06 32.37
CA LYS N 4022 -51.78 -48.04 31.31
C LYS N 4022 -51.34 -47.56 29.93
N LYS N 4023 -51.78 -46.38 29.49
CA LYS N 4023 -51.39 -45.89 28.17
C LYS N 4023 -49.89 -45.65 28.10
N GLY N 4024 -49.33 -44.98 29.11
CA GLY N 4024 -47.94 -44.57 29.08
C GLY N 4024 -47.01 -45.43 29.90
N GLY N 4025 -46.63 -44.95 31.08
CA GLY N 4025 -45.69 -45.68 31.91
C GLY N 4025 -44.74 -44.81 32.71
N SER N 4026 -44.76 -43.49 32.47
CA SER N 4026 -43.89 -42.57 33.19
C SER N 4026 -44.33 -42.30 34.62
N TRP N 4027 -45.51 -42.80 35.02
CA TRP N 4027 -46.04 -42.53 36.35
C TRP N 4027 -46.64 -43.79 36.98
N ILE N 4028 -46.30 -44.98 36.46
CA ILE N 4028 -46.89 -46.21 36.98
C ILE N 4028 -46.48 -46.44 38.43
N GLN N 4029 -45.19 -46.32 38.72
CA GLN N 4029 -44.70 -46.63 40.06
C GLN N 4029 -45.18 -45.62 41.09
N GLU N 4030 -45.47 -44.39 40.67
CA GLU N 4030 -45.91 -43.34 41.58
C GLU N 4030 -47.44 -43.28 41.56
N ILE N 4031 -48.05 -44.41 41.91
CA ILE N 4031 -49.50 -44.56 41.79
C ILE N 4031 -50.25 -43.77 42.85
N ASN N 4032 -49.55 -43.28 43.88
CA ASN N 4032 -50.22 -42.53 44.94
C ASN N 4032 -50.85 -41.26 44.39
N VAL N 4033 -51.91 -40.80 45.05
CA VAL N 4033 -52.59 -39.60 44.58
C VAL N 4033 -51.66 -38.40 44.71
N ALA N 4034 -51.55 -37.64 43.63
CA ALA N 4034 -50.69 -36.47 43.56
C ALA N 4034 -51.47 -35.26 43.04
N GLU N 4035 -52.72 -35.14 43.48
CA GLU N 4035 -53.56 -34.02 43.06
C GLU N 4035 -53.23 -32.79 43.89
N LYS N 4036 -51.94 -32.44 43.95
CA LYS N 4036 -51.55 -31.22 44.63
C LYS N 4036 -52.06 -29.99 43.87
N ASN N 4037 -51.82 -29.95 42.55
CA ASN N 4037 -52.50 -28.99 41.67
C ASN N 4037 -52.91 -29.75 40.41
N TRP N 4038 -54.09 -30.38 40.46
CA TRP N 4038 -54.76 -30.91 39.29
C TRP N 4038 -56.17 -30.36 39.22
N TYR N 4039 -56.36 -29.19 39.80
CA TYR N 4039 -57.64 -28.56 40.06
C TYR N 4039 -58.27 -28.04 38.78
N PRO N 4040 -59.59 -28.16 38.64
CA PRO N 4040 -60.25 -27.57 37.47
C PRO N 4040 -60.07 -26.07 37.38
N ARG N 4041 -60.12 -25.37 38.51
CA ARG N 4041 -59.89 -23.93 38.48
C ARG N 4041 -58.42 -23.60 38.18
N GLN N 4042 -57.48 -24.41 38.67
CA GLN N 4042 -56.09 -24.25 38.25
C GLN N 4042 -55.97 -24.36 36.73
N LYS N 4043 -56.58 -25.40 36.16
CA LYS N 4043 -56.49 -25.62 34.73
C LYS N 4043 -57.13 -24.47 33.95
N ILE N 4044 -58.32 -24.02 34.36
CA ILE N 4044 -59.00 -22.98 33.59
C ILE N 4044 -58.29 -21.64 33.73
N CYS N 4045 -57.80 -21.30 34.93
CA CYS N 4045 -57.08 -20.04 35.07
C CYS N 4045 -55.78 -20.05 34.27
N TYR N 4046 -55.08 -21.19 34.25
CA TYR N 4046 -53.87 -21.27 33.45
C TYR N 4046 -54.18 -21.20 31.96
N ALA N 4047 -55.27 -21.84 31.53
CA ALA N 4047 -55.68 -21.76 30.14
C ALA N 4047 -56.04 -20.33 29.75
N LYS N 4048 -56.74 -19.61 30.63
CA LYS N 4048 -57.09 -18.22 30.35
C LYS N 4048 -55.83 -17.36 30.26
N ARG N 4049 -54.89 -17.55 31.18
CA ARG N 4049 -53.70 -16.72 31.18
C ARG N 4049 -52.71 -17.09 30.08
N LYS N 4050 -52.80 -18.29 29.52
CA LYS N 4050 -51.88 -18.70 28.47
C LYS N 4050 -52.48 -18.59 27.07
N LEU N 4051 -53.81 -18.54 26.94
CA LEU N 4051 -54.47 -18.54 25.64
C LEU N 4051 -55.17 -17.23 25.32
N ALA N 4052 -55.90 -16.65 26.27
CA ALA N 4052 -56.53 -15.36 26.04
C ALA N 4052 -55.50 -14.24 25.91
N GLY N 4053 -54.25 -14.49 26.30
CA GLY N 4053 -53.20 -13.51 26.18
C GLY N 4053 -52.88 -12.83 27.48
N ALA N 4054 -51.82 -13.29 28.14
CA ALA N 4054 -51.42 -12.72 29.43
C ALA N 4054 -49.95 -13.04 29.65
N ASN N 4055 -49.51 -12.85 30.89
CA ASN N 4055 -48.10 -13.02 31.23
C ASN N 4055 -47.69 -14.48 31.07
N PRO N 4056 -46.50 -14.74 30.49
CA PRO N 4056 -45.91 -16.08 30.60
C PRO N 4056 -45.54 -16.44 32.02
N ALA N 4057 -45.91 -15.60 32.98
CA ALA N 4057 -45.93 -16.04 34.36
C ALA N 4057 -46.89 -17.22 34.52
N VAL N 4058 -47.83 -17.38 33.60
CA VAL N 4058 -48.61 -18.61 33.55
C VAL N 4058 -47.80 -19.74 32.93
N ILE N 4059 -46.87 -19.42 32.02
CA ILE N 4059 -45.90 -20.43 31.62
C ILE N 4059 -45.05 -20.81 32.82
N THR N 4060 -44.73 -19.83 33.67
CA THR N 4060 -44.07 -20.11 34.93
C THR N 4060 -44.94 -20.93 35.88
N CYS N 4061 -46.26 -20.79 35.80
CA CYS N 4061 -47.15 -21.60 36.62
C CYS N 4061 -47.20 -23.03 36.12
N ASP N 4062 -47.37 -23.22 34.82
CA ASP N 4062 -47.31 -24.53 34.18
C ASP N 4062 -45.93 -25.15 34.31
N GLU N 4063 -44.91 -24.35 34.62
CA GLU N 4063 -43.57 -24.83 34.93
C GLU N 4063 -43.36 -25.08 36.41
N LEU N 4064 -44.12 -24.42 37.29
CA LEU N 4064 -43.87 -24.50 38.72
C LEU N 4064 -45.12 -24.54 39.61
N LEU N 4065 -46.32 -24.83 39.07
CA LEU N 4065 -47.49 -24.77 39.95
C LEU N 4065 -48.57 -25.82 39.67
N LEU N 4066 -48.26 -26.94 39.00
CA LEU N 4066 -49.24 -28.01 38.85
C LEU N 4066 -48.76 -29.36 39.38
N GLY N 4067 -47.55 -29.78 39.01
CA GLY N 4067 -47.12 -31.15 39.23
C GLY N 4067 -45.88 -31.41 40.07
N HIS N 4068 -44.79 -31.81 39.41
CA HIS N 4068 -43.66 -32.49 40.06
C HIS N 4068 -42.35 -32.08 39.40
N GLU N 4069 -41.61 -31.16 40.04
CA GLU N 4069 -40.26 -30.77 39.64
C GLU N 4069 -39.28 -30.53 40.79
N LYS N 4070 -39.73 -30.29 42.05
CA LYS N 4070 -38.94 -29.56 43.07
C LYS N 4070 -37.63 -30.23 43.43
N ALA N 4071 -37.21 -31.31 42.80
CA ALA N 4071 -35.88 -31.88 43.02
C ALA N 4071 -34.82 -30.79 42.98
N PRO N 4072 -33.68 -30.96 43.66
CA PRO N 4072 -32.68 -29.88 43.77
C PRO N 4072 -32.28 -29.25 42.45
N ALA N 4073 -31.65 -28.08 42.53
CA ALA N 4073 -31.44 -27.17 41.41
C ALA N 4073 -32.76 -26.65 40.86
N PHE N 4074 -33.80 -26.61 41.70
CA PHE N 4074 -35.07 -26.03 41.28
C PHE N 4074 -34.92 -24.55 40.97
N ARG N 4075 -34.11 -23.84 41.77
CA ARG N 4075 -33.77 -22.46 41.41
C ARG N 4075 -33.02 -22.41 40.09
N ASP N 4076 -32.08 -23.35 39.88
CA ASP N 4076 -31.44 -23.47 38.59
C ASP N 4076 -32.45 -23.84 37.51
N TYR N 4077 -33.42 -24.70 37.85
CA TYR N 4077 -34.50 -25.01 36.93
C TYR N 4077 -35.20 -23.76 36.44
N VAL N 4078 -35.59 -22.89 37.37
CA VAL N 4078 -36.29 -21.66 37.01
C VAL N 4078 -35.37 -20.73 36.22
N ALA N 4079 -34.11 -20.61 36.66
CA ALA N 4079 -33.18 -19.70 36.00
C ALA N 4079 -32.95 -20.08 34.55
N VAL N 4080 -32.78 -21.38 34.29
CA VAL N 4080 -32.62 -21.83 32.91
C VAL N 4080 -33.93 -21.71 32.15
N ALA N 4081 -35.05 -22.00 32.81
CA ALA N 4081 -36.35 -21.88 32.15
C ALA N 4081 -36.62 -20.43 31.74
N ARG N 4082 -36.49 -19.50 32.69
CA ARG N 4082 -36.77 -18.10 32.41
C ARG N 4082 -35.59 -17.43 31.69
N ASP N 4086 -31.15 -15.28 32.89
CA ASP N 4086 -29.84 -15.19 32.26
C ASP N 4086 -29.94 -14.57 30.87
N HIS N 4087 -29.27 -15.18 29.90
CA HIS N 4087 -29.27 -14.70 28.52
C HIS N 4087 -30.25 -15.47 27.64
N ASN N 4088 -31.33 -16.00 28.22
CA ASN N 4088 -32.31 -16.70 27.43
C ASN N 4088 -32.95 -15.74 26.43
N ILE N 4089 -33.32 -16.26 25.26
CA ILE N 4089 -33.90 -15.40 24.23
C ILE N 4089 -35.30 -14.97 24.60
N ARG N 4090 -35.82 -15.39 25.75
CA ARG N 4090 -36.92 -14.70 26.41
C ARG N 4090 -36.50 -13.97 27.68
N ALA N 4091 -35.32 -14.29 28.23
CA ALA N 4091 -34.76 -13.45 29.29
C ALA N 4091 -34.19 -12.17 28.71
N GLN N 4092 -33.51 -12.25 27.56
CA GLN N 4092 -33.10 -11.06 26.85
C GLN N 4092 -34.31 -10.28 26.35
N GLU N 4093 -35.33 -10.98 25.86
CA GLU N 4093 -36.62 -10.39 25.62
C GLU N 4093 -37.30 -10.07 26.95
N PRO N 4094 -38.35 -9.25 26.92
CA PRO N 4094 -39.15 -9.09 28.14
C PRO N 4094 -39.61 -10.43 28.68
N GLU N 4095 -39.14 -10.80 29.88
CA GLU N 4095 -39.42 -12.13 30.40
C GLU N 4095 -40.89 -12.30 30.75
N SER N 4096 -41.49 -11.28 31.36
CA SER N 4096 -42.87 -11.36 31.84
C SER N 4096 -43.59 -10.07 31.50
N GLY N 4097 -44.80 -9.91 32.03
CA GLY N 4097 -45.61 -8.75 31.75
C GLY N 4097 -45.93 -8.64 30.27
N LEU N 4098 -46.38 -9.75 29.68
CA LEU N 4098 -46.42 -9.91 28.24
C LEU N 4098 -47.84 -10.18 27.75
N SER N 4099 -48.01 -10.02 26.44
CA SER N 4099 -49.24 -10.37 25.75
C SER N 4099 -49.13 -11.81 25.25
N GLU N 4100 -50.06 -12.21 24.37
CA GLU N 4100 -50.04 -13.57 23.86
C GLU N 4100 -48.90 -13.78 22.86
N GLU N 4101 -48.57 -12.75 22.06
CA GLU N 4101 -47.53 -12.90 21.05
C GLU N 4101 -46.15 -12.98 21.69
N THR N 4102 -45.87 -12.09 22.64
CA THR N 4102 -44.61 -12.18 23.37
C THR N 4102 -44.57 -13.41 24.27
N GLN N 4103 -45.73 -13.93 24.66
CA GLN N 4103 -45.74 -15.23 25.33
C GLN N 4103 -45.38 -16.34 24.35
N VAL N 4104 -45.81 -16.21 23.09
CA VAL N 4104 -45.35 -17.12 22.05
C VAL N 4104 -43.84 -17.05 21.91
N LYS N 4105 -43.29 -15.84 21.99
CA LYS N 4105 -41.84 -15.69 21.94
C LYS N 4105 -41.18 -16.35 23.15
N CYS N 4106 -41.80 -16.25 24.32
CA CYS N 4106 -41.29 -16.95 25.50
C CYS N 4106 -41.30 -18.46 25.29
N LEU N 4107 -42.37 -18.97 24.70
CA LEU N 4107 -42.44 -20.40 24.38
C LEU N 4107 -41.38 -20.78 23.37
N MET N 4108 -41.12 -19.92 22.38
CA MET N 4108 -40.08 -20.16 21.41
C MET N 4108 -38.72 -20.25 22.10
N ASP N 4109 -38.48 -19.37 23.08
CA ASP N 4109 -37.29 -19.51 23.91
C ASP N 4109 -37.26 -20.86 24.60
N GLN N 4110 -38.34 -21.20 25.30
CA GLN N 4110 -38.38 -22.46 26.06
C GLN N 4110 -38.18 -23.66 25.15
N ALA N 4111 -38.46 -23.51 23.85
CA ALA N 4111 -38.30 -24.59 22.89
C ALA N 4111 -36.90 -24.67 22.30
N THR N 4112 -36.41 -23.56 21.72
CA THR N 4112 -35.19 -23.58 20.91
C THR N 4112 -34.03 -22.82 21.55
N ASP N 4113 -34.10 -22.51 22.83
CA ASP N 4113 -32.95 -21.89 23.49
C ASP N 4113 -31.82 -22.90 23.64
N PRO N 4114 -30.63 -22.63 23.12
CA PRO N 4114 -29.51 -23.56 23.36
C PRO N 4114 -29.21 -23.76 24.84
N ASN N 4115 -29.47 -22.74 25.68
CA ASN N 4115 -29.36 -22.94 27.11
C ASN N 4115 -30.34 -23.99 27.60
N ILE N 4116 -31.59 -23.92 27.15
CA ILE N 4116 -32.59 -24.87 27.61
C ILE N 4116 -32.43 -26.22 26.92
N LEU N 4117 -31.95 -26.22 25.68
CA LEU N 4117 -31.75 -27.48 24.96
C LEU N 4117 -30.55 -28.25 25.49
N GLY N 4118 -29.46 -27.57 25.82
CA GLY N 4118 -28.24 -28.25 26.23
C GLY N 4118 -28.25 -28.81 27.63
N ARG N 4119 -29.26 -28.50 28.44
CA ARG N 4119 -29.41 -29.07 29.76
C ARG N 4119 -30.87 -29.46 30.02
N THR N 4120 -31.53 -30.00 29.01
CA THR N 4120 -32.83 -30.62 29.20
C THR N 4120 -32.65 -32.14 29.22
N TRP N 4121 -33.76 -32.87 29.19
CA TRP N 4121 -33.69 -34.32 29.26
C TRP N 4121 -33.00 -34.88 28.02
N GLU N 4122 -32.08 -35.81 28.25
CA GLU N 4122 -31.41 -36.48 27.13
C GLU N 4122 -32.37 -37.39 26.37
N GLY N 4123 -33.27 -38.06 27.08
CA GLY N 4123 -34.29 -38.86 26.42
C GLY N 4123 -35.22 -38.06 25.52
N TRP N 4124 -35.27 -36.74 25.70
CA TRP N 4124 -35.97 -35.86 24.80
C TRP N 4124 -35.22 -35.66 23.48
N GLU N 4125 -33.96 -36.10 23.41
CA GLU N 4125 -33.09 -35.97 22.23
C GLU N 4125 -32.88 -34.52 21.83
N PRO N 4126 -32.32 -33.68 22.70
CA PRO N 4126 -32.13 -32.27 22.31
C PRO N 4126 -30.92 -32.05 21.42
N TRP N 4127 -29.91 -32.92 21.51
CA TRP N 4127 -28.67 -32.73 20.78
C TRP N 4127 -28.87 -32.66 19.27
N MET N 4128 -29.98 -33.19 18.76
CA MET N 4128 -30.28 -33.10 17.34
C MET N 4128 -31.15 -31.88 17.05
N TYR O 32 -58.71 3.76 -85.70
CA TYR O 32 -57.46 3.01 -85.52
C TYR O 32 -56.73 3.41 -84.25
N SER O 33 -56.72 2.51 -83.26
CA SER O 33 -55.86 2.73 -82.11
C SER O 33 -54.41 2.67 -82.54
N GLY O 34 -53.60 3.59 -82.01
CA GLY O 34 -52.23 3.58 -82.48
C GLY O 34 -51.83 4.94 -83.03
N ARG O 35 -50.83 5.54 -82.38
CA ARG O 35 -50.32 6.85 -82.73
C ARG O 35 -48.80 6.79 -82.62
N ASP O 36 -48.16 7.96 -82.59
CA ASP O 36 -46.74 8.05 -82.33
C ASP O 36 -46.52 8.60 -80.94
N SER O 37 -45.92 7.80 -80.06
CA SER O 37 -45.55 8.24 -78.73
C SER O 37 -44.17 8.89 -78.78
N LEU O 38 -44.06 10.11 -78.26
CA LEU O 38 -42.84 10.90 -78.33
C LEU O 38 -42.36 11.22 -76.93
N ILE O 39 -41.06 11.14 -76.72
CA ILE O 39 -40.44 11.53 -75.46
C ILE O 39 -39.38 12.58 -75.74
N PHE O 40 -39.15 13.44 -74.76
CA PHE O 40 -38.15 14.50 -74.88
C PHE O 40 -36.90 14.07 -74.11
N LEU O 41 -36.03 13.33 -74.80
CA LEU O 41 -34.75 12.90 -74.24
C LEU O 41 -33.70 13.89 -74.72
N VAL O 42 -33.44 14.91 -73.91
CA VAL O 42 -32.54 16.00 -74.26
C VAL O 42 -31.25 15.85 -73.46
N ASP O 43 -30.11 15.94 -74.15
CA ASP O 43 -28.83 15.77 -73.50
C ASP O 43 -28.44 17.00 -72.71
N ALA O 44 -27.85 16.78 -71.54
CA ALA O 44 -27.16 17.82 -70.79
C ALA O 44 -25.68 17.45 -70.76
N SER O 45 -24.98 17.81 -71.83
CA SER O 45 -23.53 17.67 -71.91
C SER O 45 -22.90 19.03 -72.14
N LYS O 46 -23.54 20.07 -71.59
CA LYS O 46 -23.29 21.48 -71.89
C LYS O 46 -23.20 21.74 -73.40
N ALA O 47 -23.81 20.85 -74.18
CA ALA O 47 -24.10 21.11 -75.59
C ALA O 47 -25.36 21.95 -75.74
N MET O 48 -26.07 22.18 -74.65
CA MET O 48 -27.16 23.13 -74.58
C MET O 48 -26.73 24.49 -74.05
N PHE O 49 -25.50 24.62 -73.55
CA PHE O 49 -25.09 25.79 -72.79
C PHE O 49 -24.12 26.69 -73.55
N GLU O 50 -23.90 26.45 -74.83
CA GLU O 50 -23.01 27.31 -75.60
C GLU O 50 -23.75 28.56 -76.08
N LEU O 57 -27.06 32.58 -78.72
CA LEU O 57 -27.89 31.97 -77.68
C LEU O 57 -27.42 30.55 -77.38
N THR O 58 -27.49 30.18 -76.11
CA THR O 58 -27.17 28.81 -75.73
C THR O 58 -28.20 27.87 -76.35
N PRO O 59 -27.78 26.68 -76.79
CA PRO O 59 -28.75 25.73 -77.36
C PRO O 59 -29.85 25.31 -76.40
N PHE O 60 -29.65 25.48 -75.08
CA PHE O 60 -30.69 25.09 -74.14
C PHE O 60 -31.96 25.90 -74.33
N ASP O 61 -31.82 27.23 -74.45
CA ASP O 61 -33.00 28.08 -74.52
C ASP O 61 -33.80 27.82 -75.79
N MET O 62 -33.10 27.69 -76.93
CA MET O 62 -33.78 27.40 -78.19
C MET O 62 -34.37 26.00 -78.19
N SER O 63 -33.68 25.02 -77.59
CA SER O 63 -34.25 23.69 -77.48
C SER O 63 -35.51 23.70 -76.61
N ILE O 64 -35.49 24.46 -75.52
CA ILE O 64 -36.67 24.55 -74.66
C ILE O 64 -37.82 25.23 -75.38
N GLN O 65 -37.52 26.25 -76.18
CA GLN O 65 -38.56 26.86 -77.01
C GLN O 65 -39.14 25.83 -77.98
N CYS O 66 -38.27 25.02 -78.59
CA CYS O 66 -38.74 23.96 -79.48
C CYS O 66 -39.69 23.01 -78.76
N ILE O 67 -39.29 22.52 -77.58
CA ILE O 67 -40.09 21.52 -76.87
C ILE O 67 -41.39 22.14 -76.37
N GLN O 68 -41.34 23.38 -75.88
CA GLN O 68 -42.55 24.04 -75.42
C GLN O 68 -43.53 24.28 -76.57
N SER O 69 -43.01 24.69 -77.73
CA SER O 69 -43.87 24.86 -78.90
C SER O 69 -44.49 23.53 -79.33
N VAL O 70 -43.70 22.46 -79.28
CA VAL O 70 -44.22 21.13 -79.61
C VAL O 70 -45.32 20.73 -78.64
N TYR O 71 -45.11 20.98 -77.35
CA TYR O 71 -46.13 20.68 -76.36
C TYR O 71 -47.37 21.54 -76.53
N ILE O 72 -47.19 22.80 -76.94
CA ILE O 72 -48.32 23.67 -77.24
C ILE O 72 -49.12 23.12 -78.41
N SER O 73 -48.43 22.63 -79.44
CA SER O 73 -49.11 21.96 -80.53
C SER O 73 -49.86 20.73 -80.03
N LYS O 74 -49.20 19.92 -79.20
CA LYS O 74 -49.76 18.63 -78.83
C LYS O 74 -50.96 18.77 -77.90
N ILE O 75 -50.93 19.74 -76.99
CA ILE O 75 -52.06 19.97 -76.09
C ILE O 75 -53.28 20.38 -76.89
N ILE O 76 -53.08 21.17 -77.96
CA ILE O 76 -54.20 21.59 -78.80
C ILE O 76 -54.47 20.62 -79.93
N SER O 77 -53.67 19.56 -80.07
CA SER O 77 -53.85 18.59 -81.15
C SER O 77 -54.26 17.21 -80.64
N SER O 78 -53.48 16.63 -79.73
CA SER O 78 -53.71 15.23 -79.36
C SER O 78 -53.24 14.98 -77.94
N ASP O 79 -54.15 14.53 -77.08
CA ASP O 79 -53.78 13.97 -75.79
C ASP O 79 -53.51 12.48 -75.86
N ARG O 80 -53.93 11.81 -76.95
CA ARG O 80 -53.58 10.40 -77.13
C ARG O 80 -52.08 10.24 -77.20
N ASP O 81 -51.40 11.10 -77.95
CA ASP O 81 -49.95 11.16 -77.91
C ASP O 81 -49.51 11.66 -76.54
N LEU O 82 -48.51 11.01 -75.96
CA LEU O 82 -48.03 11.34 -74.64
C LEU O 82 -46.64 11.97 -74.73
N LEU O 83 -46.38 12.90 -73.82
CA LEU O 83 -45.16 13.70 -73.83
C LEU O 83 -44.37 13.43 -72.56
N ALA O 84 -43.09 13.11 -72.71
CA ALA O 84 -42.22 12.78 -71.59
C ALA O 84 -41.10 13.80 -71.49
N VAL O 85 -41.15 14.63 -70.46
CA VAL O 85 -40.07 15.59 -70.19
C VAL O 85 -39.10 14.89 -69.24
N VAL O 86 -38.21 14.11 -69.83
CA VAL O 86 -37.19 13.36 -69.08
C VAL O 86 -35.86 13.63 -69.74
N PHE O 87 -35.02 14.44 -69.12
CA PHE O 87 -33.75 14.86 -69.68
C PHE O 87 -32.60 14.14 -69.00
N TYR O 88 -31.53 13.93 -69.76
CA TYR O 88 -30.37 13.22 -69.28
C TYR O 88 -29.13 14.09 -69.43
N GLY O 89 -27.97 13.52 -69.06
CA GLY O 89 -26.77 14.30 -68.92
C GLY O 89 -26.71 15.09 -67.63
N THR O 90 -27.62 14.81 -66.70
CA THR O 90 -27.84 15.67 -65.55
C THR O 90 -26.78 15.49 -64.48
N GLU O 91 -26.79 16.39 -63.50
CA GLU O 91 -26.00 16.19 -62.31
C GLU O 91 -26.70 15.30 -61.29
N LYS O 92 -27.95 14.92 -61.56
CA LYS O 92 -28.72 14.07 -60.68
C LYS O 92 -29.12 12.78 -61.42
N ASP O 93 -29.48 11.77 -60.65
CA ASP O 93 -29.94 10.50 -61.20
C ASP O 93 -31.45 10.35 -61.09
N LYS O 94 -32.18 11.45 -61.30
CA LYS O 94 -33.63 11.46 -61.13
C LYS O 94 -34.28 10.67 -62.27
N ASN O 95 -34.53 9.39 -62.04
CA ASN O 95 -35.29 8.57 -62.96
C ASN O 95 -35.72 7.30 -62.22
N SER O 96 -36.55 6.50 -62.90
CA SER O 96 -37.16 5.34 -62.25
C SER O 96 -36.12 4.38 -61.71
N VAL O 97 -35.18 3.96 -62.56
CA VAL O 97 -34.10 3.07 -62.13
C VAL O 97 -32.93 3.85 -61.57
N ASN O 98 -32.96 5.19 -61.63
CA ASN O 98 -31.95 6.07 -61.06
C ASN O 98 -30.56 5.77 -61.65
N PHE O 99 -30.45 5.97 -62.95
CA PHE O 99 -29.18 5.82 -63.63
C PHE O 99 -28.46 7.16 -63.76
N LYS O 100 -27.23 7.09 -64.28
CA LYS O 100 -26.33 8.24 -64.24
C LYS O 100 -26.82 9.37 -65.13
N ASN O 101 -26.87 10.57 -64.55
CA ASN O 101 -27.10 11.79 -65.31
C ASN O 101 -28.43 11.75 -66.05
N ILE O 102 -29.50 11.53 -65.30
CA ILE O 102 -30.86 11.50 -65.85
C ILE O 102 -31.78 12.27 -64.91
N TYR O 103 -32.66 13.09 -65.49
CA TYR O 103 -33.64 13.83 -64.71
C TYR O 103 -35.02 13.64 -65.33
N VAL O 104 -36.03 13.56 -64.48
CA VAL O 104 -37.42 13.43 -64.90
C VAL O 104 -38.16 14.67 -64.44
N LEU O 105 -38.83 15.34 -65.37
CA LEU O 105 -39.60 16.53 -65.09
C LEU O 105 -41.09 16.32 -65.27
N GLN O 106 -41.51 15.87 -66.47
CA GLN O 106 -42.90 15.53 -66.75
C GLN O 106 -42.88 14.30 -67.65
N GLU O 107 -43.00 13.13 -67.05
CA GLU O 107 -42.90 11.87 -67.76
C GLU O 107 -44.03 11.73 -68.78
N LEU O 108 -44.00 10.62 -69.52
CA LEU O 108 -44.97 10.36 -70.59
C LEU O 108 -46.39 10.56 -70.09
N ASP O 109 -47.07 11.56 -70.63
CA ASP O 109 -48.44 11.86 -70.23
C ASP O 109 -49.10 12.66 -71.33
N ASN O 110 -50.42 12.74 -71.27
CA ASN O 110 -51.13 13.61 -72.18
C ASN O 110 -50.60 15.04 -72.02
N PRO O 111 -50.40 15.76 -73.12
CA PRO O 111 -49.83 17.11 -73.02
C PRO O 111 -50.68 18.00 -72.13
N GLY O 112 -50.07 19.04 -71.60
CA GLY O 112 -50.79 19.94 -70.73
C GLY O 112 -49.92 21.11 -70.31
N ALA O 113 -50.51 21.98 -69.50
CA ALA O 113 -49.79 23.14 -68.99
C ALA O 113 -48.70 22.79 -68.00
N LYS O 114 -48.67 21.56 -67.50
CA LYS O 114 -47.63 21.17 -66.55
C LYS O 114 -46.25 21.28 -67.18
N ARG O 115 -46.06 20.64 -68.33
CA ARG O 115 -44.80 20.73 -69.04
C ARG O 115 -44.56 22.14 -69.58
N ILE O 116 -45.64 22.83 -69.98
CA ILE O 116 -45.50 24.20 -70.47
C ILE O 116 -44.86 25.08 -69.41
N LEU O 117 -45.38 25.03 -68.18
CA LEU O 117 -44.81 25.85 -67.11
C LEU O 117 -43.46 25.33 -66.65
N GLU O 118 -43.27 24.01 -66.65
CA GLU O 118 -41.97 23.46 -66.25
C GLU O 118 -40.86 23.93 -67.17
N LEU O 119 -41.14 23.98 -68.48
CA LEU O 119 -40.15 24.50 -69.42
C LEU O 119 -40.14 26.02 -69.47
N ASP O 120 -41.24 26.66 -69.08
CA ASP O 120 -41.31 28.12 -69.10
C ASP O 120 -40.47 28.71 -67.98
N GLN O 121 -40.43 28.04 -66.83
CA GLN O 121 -39.59 28.52 -65.73
C GLN O 121 -38.10 28.43 -66.04
N PHE O 122 -37.73 27.72 -67.11
CA PHE O 122 -36.32 27.53 -67.45
C PHE O 122 -35.97 27.99 -68.86
N LYS O 123 -36.93 28.46 -69.65
CA LYS O 123 -36.65 28.81 -71.04
C LYS O 123 -35.65 29.96 -71.14
N GLY O 124 -35.81 30.98 -70.31
CA GLY O 124 -34.95 32.14 -70.40
C GLY O 124 -33.52 31.82 -70.01
N GLN O 125 -32.63 32.78 -70.30
CA GLN O 125 -31.24 32.60 -69.90
C GLN O 125 -31.10 32.55 -68.39
N GLN O 126 -31.84 33.39 -67.68
CA GLN O 126 -31.95 33.23 -66.23
C GLN O 126 -32.68 31.93 -65.89
N GLY O 127 -33.69 31.59 -66.70
CA GLY O 127 -34.30 30.28 -66.56
C GLY O 127 -33.31 29.16 -66.83
N GLN O 128 -32.44 29.37 -67.82
CA GLN O 128 -31.42 28.38 -68.11
C GLN O 128 -30.46 28.21 -66.94
N LYS O 129 -30.02 29.31 -66.32
CA LYS O 129 -29.06 29.21 -65.24
C LYS O 129 -29.69 28.60 -63.99
N ARG O 130 -30.92 28.99 -63.65
CA ARG O 130 -31.58 28.35 -62.52
C ARG O 130 -31.84 26.87 -62.80
N PHE O 131 -32.21 26.54 -64.04
CA PHE O 131 -32.33 25.16 -64.47
C PHE O 131 -31.05 24.39 -64.21
N GLN O 132 -29.93 24.92 -64.68
CA GLN O 132 -28.63 24.30 -64.41
C GLN O 132 -28.32 24.25 -62.93
N ASP O 133 -28.92 25.14 -62.13
CA ASP O 133 -28.73 25.08 -60.69
C ASP O 133 -29.45 23.88 -60.08
N MET O 134 -30.78 23.85 -60.17
CA MET O 134 -31.49 22.76 -59.51
C MET O 134 -31.40 21.45 -60.29
N MET O 135 -31.36 21.51 -61.63
CA MET O 135 -31.20 20.25 -62.36
C MET O 135 -29.75 19.80 -62.34
N GLY O 136 -28.86 20.59 -62.90
CA GLY O 136 -27.47 20.24 -63.02
C GLY O 136 -26.89 20.75 -64.32
N HIS O 137 -25.58 20.59 -64.45
CA HIS O 137 -24.87 20.94 -65.67
C HIS O 137 -24.53 19.67 -66.45
N GLY O 138 -23.73 19.83 -67.50
CA GLY O 138 -23.26 18.69 -68.27
C GLY O 138 -22.44 17.72 -67.42
N SER O 139 -22.76 16.44 -67.50
CA SER O 139 -22.11 15.43 -66.67
C SER O 139 -21.87 14.18 -67.51
N ASP O 140 -21.10 13.25 -66.92
CA ASP O 140 -20.80 11.99 -67.55
C ASP O 140 -21.80 10.91 -67.14
N TYR O 141 -21.96 9.93 -68.00
CA TYR O 141 -22.96 8.87 -67.83
C TYR O 141 -22.69 7.80 -68.88
N SER O 142 -23.56 6.80 -68.93
CA SER O 142 -23.55 5.79 -69.99
C SER O 142 -24.83 5.94 -70.80
N LEU O 143 -24.66 6.03 -72.12
CA LEU O 143 -25.83 6.17 -72.99
C LEU O 143 -26.71 4.93 -72.96
N SER O 144 -26.12 3.77 -72.68
CA SER O 144 -26.94 2.58 -72.48
C SER O 144 -27.92 2.77 -71.35
N GLU O 145 -27.53 3.51 -70.31
CA GLU O 145 -28.43 3.76 -69.20
C GLU O 145 -29.65 4.55 -69.65
N VAL O 146 -29.43 5.65 -70.37
CA VAL O 146 -30.54 6.50 -70.77
C VAL O 146 -31.41 5.79 -71.80
N LEU O 147 -30.80 4.98 -72.68
CA LEU O 147 -31.61 4.22 -73.63
C LEU O 147 -32.42 3.13 -72.93
N TRP O 148 -31.87 2.52 -71.89
CA TRP O 148 -32.64 1.58 -71.08
C TRP O 148 -33.82 2.28 -70.41
N VAL O 149 -33.58 3.49 -69.90
CA VAL O 149 -34.68 4.24 -69.28
C VAL O 149 -35.75 4.56 -70.32
N CYS O 150 -35.34 4.92 -71.54
CA CYS O 150 -36.29 5.16 -72.61
C CYS O 150 -37.08 3.91 -72.94
N ALA O 151 -36.41 2.76 -72.99
CA ALA O 151 -37.10 1.50 -73.24
C ALA O 151 -38.11 1.20 -72.14
N ASN O 152 -37.75 1.46 -70.89
CA ASN O 152 -38.69 1.29 -69.79
C ASN O 152 -39.88 2.21 -69.95
N LEU O 153 -39.64 3.46 -70.33
CA LEU O 153 -40.73 4.43 -70.50
C LEU O 153 -41.68 3.98 -71.59
N PHE O 154 -41.13 3.53 -72.72
CA PHE O 154 -41.99 3.11 -73.84
C PHE O 154 -42.67 1.77 -73.57
N SER O 155 -42.11 0.94 -72.70
CA SER O 155 -42.72 -0.33 -72.35
C SER O 155 -43.61 -0.24 -71.12
N ASP O 156 -43.65 0.92 -70.47
CA ASP O 156 -44.53 1.10 -69.32
C ASP O 156 -45.89 1.65 -69.71
N VAL O 157 -45.94 2.47 -70.77
CA VAL O 157 -47.22 2.92 -71.30
C VAL O 157 -48.02 1.72 -71.78
N GLN O 158 -49.33 1.78 -71.64
CA GLN O 158 -50.21 0.68 -71.98
C GLN O 158 -51.24 1.10 -73.03
N PHE O 159 -50.77 1.83 -74.04
CA PHE O 159 -51.59 2.25 -75.17
C PHE O 159 -51.10 1.53 -76.42
N LYS O 160 -52.03 0.96 -77.19
CA LYS O 160 -51.67 0.49 -78.52
C LYS O 160 -51.20 1.69 -79.31
N MET O 161 -49.92 1.73 -79.65
CA MET O 161 -49.27 2.94 -80.15
C MET O 161 -48.62 2.59 -81.47
N SER O 162 -49.07 3.24 -82.55
CA SER O 162 -48.62 2.85 -83.88
C SER O 162 -47.12 3.09 -84.06
N HIS O 163 -46.62 4.21 -83.56
CA HIS O 163 -45.22 4.57 -83.73
C HIS O 163 -44.65 5.05 -82.40
N LYS O 164 -43.32 5.06 -82.33
CA LYS O 164 -42.62 5.57 -81.16
C LYS O 164 -41.47 6.44 -81.66
N ARG O 165 -41.29 7.60 -81.03
CA ARG O 165 -40.27 8.54 -81.46
C ARG O 165 -39.57 9.12 -80.25
N ILE O 166 -38.28 9.42 -80.41
CA ILE O 166 -37.46 10.06 -79.39
C ILE O 166 -36.77 11.26 -80.03
N MET O 167 -36.86 12.40 -79.39
CA MET O 167 -36.14 13.59 -79.85
C MET O 167 -34.92 13.83 -78.98
N LEU O 168 -33.95 14.54 -79.53
CA LEU O 168 -32.69 14.79 -78.84
C LEU O 168 -32.04 16.02 -79.46
N PHE O 169 -31.37 16.80 -78.61
CA PHE O 169 -30.70 18.02 -79.03
C PHE O 169 -29.26 18.03 -78.54
N THR O 170 -28.37 18.54 -79.38
CA THR O 170 -26.96 18.70 -79.04
C THR O 170 -26.37 19.76 -79.94
N ASN O 171 -25.43 20.54 -79.39
CA ASN O 171 -24.72 21.51 -80.23
C ASN O 171 -23.86 20.80 -81.25
N GLU O 172 -23.10 19.80 -80.82
CA GLU O 172 -22.25 19.00 -81.70
C GLU O 172 -22.31 17.56 -81.21
N ASP O 173 -21.51 16.69 -81.84
CA ASP O 173 -21.42 15.31 -81.39
C ASP O 173 -20.81 15.25 -79.99
N ASN O 174 -21.62 14.89 -79.01
CA ASN O 174 -21.15 14.83 -77.63
C ASN O 174 -19.99 13.85 -77.44
N PRO O 175 -20.04 12.61 -77.99
CA PRO O 175 -18.85 11.77 -77.82
C PRO O 175 -17.68 12.24 -78.67
N ALA O 181 -17.76 0.97 -76.62
CA ALA O 181 -18.00 1.07 -75.19
C ALA O 181 -19.11 2.08 -74.90
N LYS O 182 -18.70 3.33 -74.65
CA LYS O 182 -19.67 4.38 -74.34
C LYS O 182 -20.67 4.57 -75.47
N ALA O 183 -20.24 4.32 -76.71
CA ALA O 183 -21.11 4.49 -77.87
C ALA O 183 -21.50 3.18 -78.55
N SER O 184 -20.66 2.15 -78.50
CA SER O 184 -20.98 0.89 -79.15
C SER O 184 -22.22 0.25 -78.52
N ARG O 185 -22.24 0.14 -77.20
CA ARG O 185 -23.44 -0.33 -76.51
C ARG O 185 -24.60 0.62 -76.77
N ALA O 186 -24.31 1.92 -76.81
CA ALA O 186 -25.35 2.90 -77.11
C ALA O 186 -25.93 2.68 -78.50
N ARG O 187 -25.06 2.47 -79.50
CA ARG O 187 -25.56 2.23 -80.85
C ARG O 187 -26.35 0.94 -80.92
N THR O 188 -25.89 -0.10 -80.23
CA THR O 188 -26.63 -1.36 -80.20
C THR O 188 -28.02 -1.17 -79.60
N LYS O 189 -28.09 -0.47 -78.46
CA LYS O 189 -29.38 -0.27 -77.80
C LYS O 189 -30.30 0.60 -78.64
N ALA O 190 -29.74 1.63 -79.29
CA ALA O 190 -30.56 2.47 -80.16
C ALA O 190 -31.10 1.67 -81.34
N GLY O 191 -30.27 0.81 -81.93
CA GLY O 191 -30.77 -0.06 -82.99
C GLY O 191 -31.87 -0.97 -82.52
N ASP O 192 -31.71 -1.55 -81.33
CA ASP O 192 -32.75 -2.42 -80.78
C ASP O 192 -34.04 -1.66 -80.55
N LEU O 193 -33.95 -0.43 -80.02
CA LEU O 193 -35.14 0.38 -79.83
C LEU O 193 -35.80 0.69 -81.18
N ARG O 194 -35.00 0.97 -82.20
CA ARG O 194 -35.54 1.16 -83.54
C ARG O 194 -36.27 -0.09 -84.01
N ASP O 195 -35.75 -1.26 -83.67
CA ASP O 195 -36.45 -2.50 -83.97
C ASP O 195 -37.79 -2.56 -83.25
N THR O 196 -37.88 -1.98 -82.05
CA THR O 196 -39.12 -1.92 -81.30
C THR O 196 -40.05 -0.81 -81.79
N GLY O 197 -39.82 -0.26 -82.97
CA GLY O 197 -40.67 0.79 -83.49
C GLY O 197 -40.37 2.17 -82.96
N ILE O 198 -39.30 2.33 -82.20
CA ILE O 198 -38.94 3.63 -81.62
C ILE O 198 -38.11 4.40 -82.64
N PHE O 199 -38.52 5.63 -82.92
CA PHE O 199 -37.78 6.49 -83.81
C PHE O 199 -36.88 7.43 -83.01
N LEU O 200 -35.75 7.79 -83.61
CA LEU O 200 -34.77 8.67 -82.99
C LEU O 200 -34.67 9.97 -83.77
N ASP O 201 -34.73 11.09 -83.05
CA ASP O 201 -34.63 12.41 -83.66
C ASP O 201 -33.49 13.18 -83.00
N LEU O 202 -32.60 13.72 -83.81
CA LEU O 202 -31.47 14.50 -83.32
C LEU O 202 -31.03 15.46 -84.40
N MET O 203 -30.72 16.69 -84.00
CA MET O 203 -30.08 17.66 -84.88
C MET O 203 -28.95 18.32 -84.10
N HIS O 204 -27.80 18.49 -84.75
CA HIS O 204 -26.66 19.12 -84.11
C HIS O 204 -26.70 20.62 -84.36
N LEU O 205 -26.70 21.39 -83.28
CA LEU O 205 -26.93 22.83 -83.33
C LEU O 205 -25.65 23.63 -83.56
N LYS O 206 -24.62 23.01 -84.14
CA LYS O 206 -23.40 23.74 -84.46
C LYS O 206 -23.68 24.85 -85.47
N PHE O 211 -26.48 21.16 -90.50
CA PHE O 211 -25.92 19.85 -90.83
C PHE O 211 -24.41 19.95 -91.04
N ASP O 212 -23.70 20.33 -89.98
CA ASP O 212 -22.25 20.49 -90.06
C ASP O 212 -21.48 19.54 -89.16
N ILE O 213 -21.70 19.56 -87.85
CA ILE O 213 -20.80 18.92 -86.88
C ILE O 213 -21.62 18.00 -85.98
N SER O 214 -21.72 16.73 -86.37
CA SER O 214 -22.19 15.66 -85.49
C SER O 214 -21.35 14.41 -85.71
N LEU O 215 -20.03 14.61 -85.86
CA LEU O 215 -19.17 13.57 -86.42
C LEU O 215 -19.20 12.29 -85.59
N PHE O 216 -19.00 12.40 -84.29
CA PHE O 216 -19.05 11.22 -83.43
C PHE O 216 -20.45 10.66 -83.28
N TYR O 217 -21.47 11.40 -83.71
CA TYR O 217 -22.85 10.95 -83.60
C TYR O 217 -23.46 10.52 -84.93
N ARG O 218 -22.70 10.58 -86.03
CA ARG O 218 -23.24 10.17 -87.32
C ARG O 218 -23.62 8.69 -87.30
N ASP O 219 -22.73 7.85 -86.79
CA ASP O 219 -23.05 6.44 -86.62
C ASP O 219 -24.14 6.26 -85.56
N ILE O 220 -24.09 7.06 -84.50
CA ILE O 220 -25.04 6.92 -83.41
C ILE O 220 -26.45 7.30 -83.87
N ILE O 221 -26.58 8.39 -84.62
CA ILE O 221 -27.89 8.84 -85.06
C ILE O 221 -28.50 7.83 -86.04
N SER O 222 -29.82 7.73 -86.03
CA SER O 222 -30.53 6.84 -86.93
C SER O 222 -30.46 7.38 -88.36
N LYS O 238 -33.26 23.15 -88.24
CA LYS O 238 -34.33 22.41 -88.90
C LYS O 238 -35.50 22.20 -87.95
N LEU O 239 -35.41 22.82 -86.77
CA LEU O 239 -36.46 22.76 -85.77
C LEU O 239 -37.44 23.91 -85.87
N GLU O 240 -37.29 24.78 -86.88
CA GLU O 240 -38.19 25.91 -87.05
C GLU O 240 -39.64 25.45 -87.24
N ASP O 241 -39.84 24.32 -87.93
CA ASP O 241 -41.17 23.74 -88.01
C ASP O 241 -41.66 23.33 -86.62
N LEU O 242 -40.78 22.74 -85.82
CA LEU O 242 -41.13 22.35 -84.46
C LEU O 242 -41.42 23.56 -83.58
N LEU O 243 -41.05 24.75 -84.03
CA LEU O 243 -41.35 25.99 -83.30
C LEU O 243 -42.82 26.39 -83.52
N ARG O 244 -43.70 25.46 -83.19
CA ARG O 244 -45.16 25.64 -83.22
C ARG O 244 -45.69 25.87 -84.63
N LYS O 245 -44.94 25.49 -85.67
CA LYS O 245 -45.50 25.54 -87.01
C LYS O 245 -46.68 24.60 -87.14
N VAL O 246 -46.57 23.40 -86.58
CA VAL O 246 -47.71 22.52 -86.38
C VAL O 246 -48.43 22.96 -85.11
N ARG O 247 -49.77 22.99 -85.18
CA ARG O 247 -50.55 23.45 -84.04
C ARG O 247 -52.01 23.10 -84.27
N ALA O 248 -52.65 22.54 -83.24
CA ALA O 248 -54.12 22.45 -83.15
C ALA O 248 -54.71 21.65 -84.31
N LYS O 249 -54.38 20.36 -84.32
CA LYS O 249 -54.96 19.42 -85.28
C LYS O 249 -55.42 18.17 -84.55
N GLU O 250 -56.74 17.99 -84.46
CA GLU O 250 -57.31 16.86 -83.74
C GLU O 250 -56.97 15.55 -84.43
N THR O 251 -56.75 14.51 -83.64
CA THR O 251 -56.38 13.18 -84.13
C THR O 251 -57.40 12.17 -83.61
N ARG O 252 -58.49 12.00 -84.36
CA ARG O 252 -59.44 10.94 -84.09
C ARG O 252 -59.58 10.08 -85.34
N LYS O 253 -59.74 8.78 -85.13
CA LYS O 253 -59.80 7.83 -86.23
C LYS O 253 -61.05 6.94 -86.18
N ARG O 254 -62.08 7.35 -85.45
CA ARG O 254 -63.31 6.59 -85.33
C ARG O 254 -64.43 7.31 -86.07
N ALA O 255 -65.27 6.54 -86.76
CA ALA O 255 -66.31 7.15 -87.58
C ALA O 255 -67.35 6.09 -87.94
N LEU O 256 -68.35 6.52 -88.71
CA LEU O 256 -69.51 5.69 -89.03
C LEU O 256 -69.09 4.46 -89.81
N SER O 257 -69.87 3.38 -89.62
CA SER O 257 -69.67 2.19 -90.43
C SER O 257 -69.96 2.50 -91.90
N ARG O 258 -69.22 1.83 -92.78
CA ARG O 258 -69.32 2.12 -94.20
C ARG O 258 -70.72 1.83 -94.73
N LEU O 259 -71.19 2.69 -95.63
CA LEU O 259 -72.53 2.56 -96.18
C LEU O 259 -72.54 1.59 -97.36
N LYS O 260 -73.72 0.99 -97.61
CA LYS O 260 -73.81 -0.04 -98.68
C LYS O 260 -74.32 0.57 -99.98
N LEU O 261 -73.43 0.74 -100.96
CA LEU O 261 -73.82 1.31 -102.28
C LEU O 261 -74.68 0.30 -103.04
N LYS O 262 -75.99 0.58 -103.18
CA LYS O 262 -76.88 -0.31 -103.98
C LYS O 262 -76.60 -0.04 -105.45
N LEU O 263 -75.36 -0.22 -105.88
CA LEU O 263 -74.95 0.04 -107.25
C LEU O 263 -75.82 -0.71 -108.25
N ASN O 264 -76.32 -1.87 -107.87
CA ASN O 264 -77.25 -2.61 -108.70
C ASN O 264 -78.16 -3.41 -107.77
N LYS O 265 -78.83 -4.42 -108.31
CA LYS O 265 -79.82 -5.19 -107.56
C LYS O 265 -79.32 -6.53 -107.06
N ASP O 266 -78.03 -6.83 -107.21
CA ASP O 266 -77.50 -8.10 -106.71
C ASP O 266 -76.22 -7.96 -105.89
N ILE O 267 -75.43 -6.91 -106.10
CA ILE O 267 -74.18 -6.71 -105.36
C ILE O 267 -74.17 -5.30 -104.81
N VAL O 268 -73.84 -5.17 -103.52
CA VAL O 268 -73.71 -3.89 -102.85
C VAL O 268 -72.31 -3.78 -102.26
N ILE O 269 -71.75 -2.58 -102.30
CA ILE O 269 -70.36 -2.35 -101.94
C ILE O 269 -70.27 -1.26 -100.89
N SER O 270 -69.44 -1.49 -99.87
CA SER O 270 -69.23 -0.52 -98.82
C SER O 270 -68.53 0.72 -99.38
N VAL O 271 -68.89 1.88 -98.83
CA VAL O 271 -68.24 3.14 -99.16
C VAL O 271 -67.72 3.75 -97.87
N GLY O 272 -66.44 4.14 -97.88
CA GLY O 272 -65.79 4.65 -96.68
C GLY O 272 -66.01 6.13 -96.46
N ILE O 273 -66.92 6.44 -95.54
CA ILE O 273 -67.24 7.82 -95.18
C ILE O 273 -66.83 7.98 -93.72
N TYR O 274 -65.61 8.45 -93.50
CA TYR O 274 -65.07 8.61 -92.16
C TYR O 274 -64.93 10.10 -91.85
N ASN O 275 -65.79 10.60 -90.97
CA ASN O 275 -65.68 11.99 -90.51
C ASN O 275 -64.69 12.01 -89.36
N LEU O 276 -63.41 11.82 -89.70
CA LEU O 276 -62.35 11.79 -88.69
C LEU O 276 -61.39 12.95 -88.78
N VAL O 277 -61.23 13.57 -89.95
CA VAL O 277 -60.30 14.68 -90.14
C VAL O 277 -61.09 15.87 -90.65
N GLN O 278 -62.40 15.86 -90.41
CA GLN O 278 -63.26 16.96 -90.83
C GLN O 278 -63.11 18.12 -89.84
N LYS O 279 -64.05 19.06 -89.91
CA LYS O 279 -63.95 20.32 -89.17
C LYS O 279 -63.74 20.07 -87.67
N ALA O 280 -62.79 20.80 -87.11
CA ALA O 280 -62.53 20.81 -85.67
C ALA O 280 -62.74 22.22 -85.13
N LEU O 281 -63.27 22.31 -83.92
CA LEU O 281 -63.66 23.58 -83.34
C LEU O 281 -63.26 23.58 -81.86
N LYS O 282 -63.84 24.53 -81.11
CA LYS O 282 -63.52 24.72 -79.71
C LYS O 282 -63.72 23.44 -78.91
N PRO O 283 -63.01 23.29 -77.79
CA PRO O 283 -63.21 22.14 -76.92
C PRO O 283 -64.61 22.15 -76.33
N PRO O 284 -65.07 21.03 -75.76
CA PRO O 284 -66.43 20.97 -75.22
C PRO O 284 -66.60 21.91 -74.05
N PRO O 285 -67.51 22.88 -74.16
CA PRO O 285 -67.81 23.72 -73.00
C PRO O 285 -68.68 22.98 -72.00
N ILE O 286 -68.07 22.50 -70.91
CA ILE O 286 -68.79 21.72 -69.91
C ILE O 286 -69.28 22.65 -68.82
N LYS O 287 -70.53 22.47 -68.40
CA LYS O 287 -71.17 23.39 -67.47
C LYS O 287 -70.58 23.25 -66.08
N LEU O 288 -69.32 23.65 -65.92
CA LEU O 288 -68.66 23.57 -64.62
C LEU O 288 -69.34 24.49 -63.63
N TYR O 289 -69.13 24.21 -62.35
CA TYR O 289 -69.71 25.04 -61.29
C TYR O 289 -69.06 26.42 -61.32
N ARG O 290 -69.87 27.46 -61.17
CA ARG O 290 -69.34 28.82 -61.23
C ARG O 290 -68.42 29.12 -60.06
N GLU O 291 -68.43 28.30 -59.01
CA GLU O 291 -67.59 28.50 -57.85
C GLU O 291 -66.33 27.62 -57.88
N THR O 292 -66.53 26.31 -57.99
CA THR O 292 -65.42 25.36 -57.93
C THR O 292 -65.07 24.74 -59.27
N ASN O 293 -65.75 25.14 -60.35
CA ASN O 293 -65.44 24.68 -61.71
C ASN O 293 -65.61 23.17 -61.84
N GLU O 294 -66.77 22.67 -61.42
CA GLU O 294 -67.09 21.27 -61.58
C GLU O 294 -68.46 21.14 -62.26
N PRO O 295 -68.62 20.18 -63.16
CA PRO O 295 -69.79 20.16 -64.03
C PRO O 295 -71.07 19.84 -63.27
N VAL O 296 -72.19 20.00 -63.98
CA VAL O 296 -73.52 19.70 -63.47
C VAL O 296 -74.13 18.63 -64.35
N LYS O 297 -75.13 17.93 -63.80
CA LYS O 297 -75.76 16.83 -64.53
C LYS O 297 -76.87 17.29 -65.45
N THR O 298 -77.47 18.46 -65.21
CA THR O 298 -78.47 19.05 -66.09
C THR O 298 -79.64 18.09 -66.33
N LYS O 299 -80.36 17.83 -65.24
CA LYS O 299 -81.54 16.97 -65.33
C LYS O 299 -82.58 17.68 -66.17
N THR O 300 -82.75 17.21 -67.42
CA THR O 300 -83.65 17.85 -68.36
C THR O 300 -84.39 16.80 -69.17
N ARG O 301 -85.67 17.03 -69.38
CA ARG O 301 -86.53 16.20 -70.23
C ARG O 301 -87.89 16.88 -70.28
N THR O 302 -88.77 16.35 -71.13
CA THR O 302 -90.14 16.82 -71.17
C THR O 302 -90.81 16.56 -69.82
N PHE O 303 -90.95 17.61 -69.02
CA PHE O 303 -91.54 17.48 -67.70
C PHE O 303 -92.90 18.16 -67.67
N ASN O 304 -93.61 17.95 -66.58
CA ASN O 304 -95.00 18.33 -66.46
C ASN O 304 -95.18 19.44 -65.44
N THR O 305 -96.09 20.36 -65.72
CA THR O 305 -96.56 21.34 -64.75
C THR O 305 -98.05 21.22 -64.46
N SER O 306 -98.86 20.92 -65.48
CA SER O 306 -100.27 20.65 -65.22
C SER O 306 -100.44 19.37 -64.42
N THR O 307 -99.56 18.41 -64.59
CA THR O 307 -99.57 17.19 -63.80
C THR O 307 -98.32 17.00 -62.94
N GLY O 308 -97.28 17.80 -63.15
CA GLY O 308 -96.09 17.71 -62.33
C GLY O 308 -95.16 16.57 -62.70
N GLY O 309 -93.87 16.73 -62.41
CA GLY O 309 -92.91 15.67 -62.67
C GLY O 309 -92.51 15.60 -64.14
N LEU O 310 -91.83 14.51 -64.47
CA LEU O 310 -91.34 14.26 -65.82
C LEU O 310 -92.28 13.29 -66.52
N LEU O 311 -92.67 13.63 -67.75
CA LEU O 311 -93.55 12.78 -68.52
C LEU O 311 -92.87 11.48 -68.90
N LEU O 312 -93.59 10.38 -68.77
CA LEU O 312 -93.10 9.05 -69.11
C LEU O 312 -93.26 8.79 -70.60
N PRO O 313 -92.46 7.89 -71.17
CA PRO O 313 -92.58 7.60 -72.61
C PRO O 313 -93.95 7.10 -73.00
N SER O 314 -94.64 6.35 -72.14
CA SER O 314 -96.00 5.95 -72.43
C SER O 314 -96.97 7.12 -72.45
N ASP O 315 -96.56 8.29 -71.96
CA ASP O 315 -97.40 9.47 -71.92
C ASP O 315 -96.97 10.56 -72.88
N THR O 316 -95.95 10.31 -73.71
CA THR O 316 -95.44 11.29 -74.66
C THR O 316 -95.81 10.86 -76.08
N LYS O 317 -96.50 11.73 -76.79
CA LYS O 317 -96.88 11.50 -78.18
C LYS O 317 -96.36 12.62 -79.05
N ARG O 318 -95.81 12.25 -80.20
CA ARG O 318 -95.27 13.22 -81.15
C ARG O 318 -96.32 13.51 -82.22
N SER O 319 -96.58 14.79 -82.44
CA SER O 319 -97.57 15.22 -83.42
C SER O 319 -96.90 16.14 -84.45
N GLN O 320 -97.69 16.54 -85.43
CA GLN O 320 -97.26 17.51 -86.43
C GLN O 320 -98.40 18.51 -86.64
N ILE O 321 -98.10 19.79 -86.41
CA ILE O 321 -99.10 20.84 -86.59
C ILE O 321 -99.16 21.20 -88.08
N TYR O 322 -100.04 20.53 -88.81
CA TYR O 322 -100.16 20.71 -90.25
C TYR O 322 -101.60 21.06 -90.59
N GLY O 323 -101.77 21.80 -91.68
CA GLY O 323 -103.10 22.24 -92.07
C GLY O 323 -103.73 23.12 -91.02
N SER O 324 -104.70 22.56 -90.28
CA SER O 324 -105.37 23.28 -89.22
C SER O 324 -105.31 22.58 -87.87
N ARG O 325 -104.60 21.47 -87.74
CA ARG O 325 -104.57 20.71 -86.51
C ARG O 325 -103.17 20.16 -86.25
N GLN O 326 -102.90 19.86 -84.98
CA GLN O 326 -101.69 19.14 -84.59
C GLN O 326 -101.95 17.66 -84.78
N ILE O 327 -101.42 17.10 -85.86
CA ILE O 327 -101.72 15.72 -86.23
C ILE O 327 -101.00 14.78 -85.28
N ILE O 328 -101.74 14.27 -84.29
CA ILE O 328 -101.13 13.46 -83.24
C ILE O 328 -100.81 12.07 -83.80
N LEU O 329 -99.54 11.72 -83.81
CA LEU O 329 -99.09 10.38 -84.11
C LEU O 329 -98.40 9.79 -82.89
N GLU O 330 -97.90 8.58 -83.02
CA GLU O 330 -97.14 7.93 -81.97
C GLU O 330 -95.65 8.13 -82.24
N LYS O 331 -94.85 7.91 -81.19
CA LYS O 331 -93.40 8.00 -81.35
C LYS O 331 -92.87 6.93 -82.29
N GLU O 332 -93.45 5.72 -82.24
CA GLU O 332 -93.02 4.65 -83.13
C GLU O 332 -93.17 5.08 -84.59
N GLU O 333 -94.36 5.54 -84.97
CA GLU O 333 -94.55 6.07 -86.31
C GLU O 333 -93.68 7.28 -86.55
N THR O 334 -93.51 8.12 -85.52
CA THR O 334 -92.70 9.32 -85.64
C THR O 334 -91.29 9.00 -86.14
N GLU O 335 -90.61 8.07 -85.47
CA GLU O 335 -89.22 7.79 -85.84
C GLU O 335 -89.08 6.70 -86.90
N GLU O 336 -90.14 5.94 -87.20
CA GLU O 336 -90.05 5.01 -88.32
C GLU O 336 -90.46 5.64 -89.64
N LEU O 337 -91.10 6.81 -89.61
CA LEU O 337 -91.41 7.55 -90.82
C LEU O 337 -90.15 8.06 -91.52
N LYS O 338 -89.06 8.20 -90.77
CA LYS O 338 -87.84 8.82 -91.35
C LYS O 338 -87.28 7.96 -92.49
N ARG O 339 -87.72 6.70 -92.61
CA ARG O 339 -87.11 5.82 -93.65
C ARG O 339 -87.98 5.78 -94.92
N PHE O 340 -87.34 5.74 -96.09
CA PHE O 340 -88.09 5.56 -97.35
C PHE O 340 -87.72 4.17 -97.86
N ASP O 341 -86.57 3.66 -97.41
CA ASP O 341 -86.09 2.31 -97.84
C ASP O 341 -85.15 1.73 -96.79
N ASP O 342 -83.84 1.74 -97.06
CA ASP O 342 -82.86 1.14 -96.16
C ASP O 342 -81.61 2.00 -96.04
N PRO O 343 -80.77 1.73 -95.03
CA PRO O 343 -79.48 2.42 -94.93
C PRO O 343 -78.58 2.12 -96.12
N GLY O 344 -77.71 3.07 -96.47
CA GLY O 344 -76.74 2.84 -97.56
C GLY O 344 -76.81 3.87 -98.69
N LEU O 345 -76.14 3.59 -99.82
CA LEU O 345 -76.12 4.51 -100.98
C LEU O 345 -76.92 3.89 -102.13
N MET O 346 -78.26 3.99 -102.08
CA MET O 346 -79.13 3.39 -103.14
C MET O 346 -78.87 4.09 -104.47
N LEU O 347 -78.20 3.42 -105.42
CA LEU O 347 -77.82 4.09 -106.69
C LEU O 347 -78.96 4.03 -107.72
N MET O 348 -79.49 5.18 -108.14
CA MET O 348 -80.48 5.22 -109.20
C MET O 348 -79.84 4.99 -110.56
N GLY O 349 -78.67 5.57 -110.79
CA GLY O 349 -77.97 5.42 -112.04
C GLY O 349 -76.86 6.42 -112.22
N PHE O 350 -76.80 7.05 -113.39
CA PHE O 350 -75.75 8.01 -113.70
C PHE O 350 -76.38 9.31 -114.18
N LYS O 351 -75.90 10.43 -113.64
CA LYS O 351 -76.38 11.74 -114.05
C LYS O 351 -75.24 12.53 -114.65
N PRO O 352 -75.36 13.01 -115.90
CA PRO O 352 -74.28 13.80 -116.49
C PRO O 352 -73.96 15.03 -115.64
N LEU O 353 -72.67 15.33 -115.54
CA LEU O 353 -72.21 16.45 -114.73
C LEU O 353 -72.68 17.79 -115.27
N VAL O 354 -73.13 17.84 -116.53
CA VAL O 354 -73.63 19.09 -117.08
C VAL O 354 -74.89 19.54 -116.35
N LEU O 355 -75.64 18.61 -115.78
CA LEU O 355 -76.88 18.94 -115.07
C LEU O 355 -76.62 19.03 -113.56
N LEU O 356 -75.76 19.98 -113.20
CA LEU O 356 -75.52 20.35 -111.81
C LEU O 356 -75.74 21.85 -111.68
N LYS O 357 -76.57 22.24 -110.71
CA LYS O 357 -76.90 23.66 -110.54
C LYS O 357 -75.66 24.47 -110.20
N LYS O 358 -74.82 23.94 -109.30
CA LYS O 358 -73.51 24.45 -108.90
C LYS O 358 -73.61 25.85 -108.31
N HIS O 359 -74.81 26.41 -108.28
CA HIS O 359 -75.15 27.53 -107.43
C HIS O 359 -76.00 27.08 -106.26
N HIS O 360 -76.35 25.80 -106.22
CA HIS O 360 -76.93 25.17 -105.05
C HIS O 360 -76.01 24.14 -104.43
N TYR O 361 -74.88 23.82 -105.08
CA TYR O 361 -73.82 23.03 -104.46
C TYR O 361 -73.08 23.93 -103.47
N LEU O 362 -73.81 24.30 -102.42
CA LEU O 362 -73.36 25.31 -101.48
C LEU O 362 -73.32 24.84 -100.04
N ARG O 363 -74.04 23.77 -99.70
CA ARG O 363 -74.11 23.29 -98.34
C ARG O 363 -72.75 22.69 -97.95
N PRO O 364 -72.58 22.29 -96.68
CA PRO O 364 -71.37 21.54 -96.34
C PRO O 364 -71.24 20.25 -97.13
N SER O 365 -70.24 20.16 -97.99
CA SER O 365 -70.03 19.01 -98.84
C SER O 365 -68.86 18.18 -98.32
N LEU O 366 -68.92 16.87 -98.58
CA LEU O 366 -67.87 15.96 -98.15
C LEU O 366 -67.43 15.07 -99.32
N PHE O 367 -66.60 14.08 -99.03
CA PHE O 367 -66.10 13.15 -100.04
C PHE O 367 -66.86 11.84 -99.98
N VAL O 368 -66.80 11.08 -101.08
CA VAL O 368 -67.41 9.76 -101.16
C VAL O 368 -66.32 8.78 -101.57
N TYR O 369 -65.80 8.03 -100.60
CA TYR O 369 -64.75 7.07 -100.87
C TYR O 369 -65.27 5.65 -100.65
N PRO O 370 -64.75 4.67 -101.40
CA PRO O 370 -65.08 3.26 -101.11
C PRO O 370 -64.52 2.79 -99.77
N GLU O 371 -64.73 1.51 -99.46
CA GLU O 371 -64.12 0.93 -98.27
C GLU O 371 -63.90 -0.55 -98.56
N GLU O 372 -62.65 -0.91 -98.85
CA GLU O 372 -62.31 -2.29 -99.15
C GLU O 372 -62.15 -3.09 -97.86
N SER O 373 -63.17 -3.05 -97.02
CA SER O 373 -63.18 -3.77 -95.75
C SER O 373 -64.42 -4.63 -95.59
N LEU O 374 -65.57 -4.17 -96.09
CA LEU O 374 -66.82 -4.92 -95.96
C LEU O 374 -67.03 -5.88 -97.12
N VAL O 375 -66.72 -5.43 -98.34
CA VAL O 375 -66.83 -6.29 -99.51
C VAL O 375 -65.48 -6.35 -100.19
N ILE O 376 -65.18 -7.50 -100.79
CA ILE O 376 -63.93 -7.66 -101.53
C ILE O 376 -63.92 -6.74 -102.74
N GLY O 377 -65.07 -6.52 -103.35
CA GLY O 377 -65.18 -5.76 -104.58
C GLY O 377 -65.14 -4.26 -104.46
N SER O 378 -64.99 -3.72 -103.25
CA SER O 378 -64.84 -2.27 -103.12
C SER O 378 -63.66 -1.77 -103.93
N SER O 379 -62.46 -2.19 -103.54
CA SER O 379 -61.25 -1.73 -104.23
C SER O 379 -61.26 -2.13 -105.70
N THR O 380 -61.67 -3.36 -106.00
CA THR O 380 -61.69 -3.89 -107.36
C THR O 380 -62.59 -3.06 -108.27
N LEU O 381 -63.89 -3.05 -107.95
CA LEU O 381 -64.86 -2.39 -108.82
C LEU O 381 -64.66 -0.88 -108.81
N PHE O 382 -64.25 -0.30 -107.68
CA PHE O 382 -64.00 1.13 -107.66
C PHE O 382 -62.77 1.50 -108.46
N SER O 383 -61.74 0.66 -108.47
CA SER O 383 -60.58 0.90 -109.32
C SER O 383 -60.99 0.87 -110.78
N ALA O 384 -61.77 -0.14 -111.18
CA ALA O 384 -62.25 -0.19 -112.56
C ALA O 384 -63.13 1.01 -112.89
N LEU O 385 -64.01 1.39 -111.96
CA LEU O 385 -64.92 2.50 -112.19
C LEU O 385 -64.17 3.81 -112.36
N LEU O 386 -63.18 4.07 -111.51
CA LEU O 386 -62.41 5.30 -111.65
C LEU O 386 -61.44 5.24 -112.83
N ILE O 387 -61.06 4.05 -113.27
CA ILE O 387 -60.31 3.92 -114.52
C ILE O 387 -61.18 4.35 -115.69
N LYS O 388 -62.45 3.96 -115.68
CA LYS O 388 -63.36 4.32 -116.76
C LYS O 388 -64.12 5.62 -116.53
N CYS O 389 -63.89 6.29 -115.40
CA CYS O 389 -64.49 7.61 -115.17
C CYS O 389 -63.97 8.64 -116.14
N LEU O 390 -62.80 8.41 -116.75
CA LEU O 390 -62.24 9.38 -117.68
C LEU O 390 -63.14 9.57 -118.89
N GLU O 391 -63.72 8.48 -119.40
CA GLU O 391 -64.60 8.57 -120.55
C GLU O 391 -66.03 8.95 -120.18
N LYS O 392 -66.32 9.14 -118.90
CA LYS O 392 -67.66 9.48 -118.46
C LYS O 392 -67.73 10.93 -118.00
N GLU O 393 -68.78 11.62 -118.41
CA GLU O 393 -69.11 12.94 -117.93
C GLU O 393 -70.26 12.91 -116.93
N VAL O 394 -70.53 11.74 -116.36
CA VAL O 394 -71.66 11.55 -115.47
C VAL O 394 -71.14 11.33 -114.05
N ALA O 395 -72.08 11.20 -113.11
CA ALA O 395 -71.78 10.93 -111.72
C ALA O 395 -72.67 9.81 -111.21
N ALA O 396 -72.15 9.04 -110.25
CA ALA O 396 -72.94 7.96 -109.68
C ALA O 396 -74.10 8.55 -108.89
N LEU O 397 -75.30 8.42 -109.45
CA LEU O 397 -76.51 9.03 -108.90
C LEU O 397 -77.01 8.16 -107.75
N CYS O 398 -76.65 8.54 -106.53
CA CYS O 398 -76.91 7.73 -105.35
C CYS O 398 -77.87 8.42 -104.39
N ARG O 399 -78.70 7.63 -103.72
CA ARG O 399 -79.49 8.09 -102.60
C ARG O 399 -78.77 7.70 -101.31
N TYR O 400 -78.75 8.63 -100.35
CA TYR O 400 -77.81 8.54 -99.24
C TYR O 400 -78.56 8.39 -97.91
N THR O 401 -78.40 7.23 -97.28
CA THR O 401 -78.89 6.99 -95.93
C THR O 401 -77.74 6.54 -95.03
N PRO O 402 -77.22 7.41 -94.15
CA PRO O 402 -76.15 6.97 -93.25
C PRO O 402 -76.54 5.84 -92.32
N ARG O 403 -77.81 5.70 -92.00
CA ARG O 403 -78.27 4.61 -91.15
C ARG O 403 -79.74 4.35 -91.44
N ARG O 404 -80.37 3.57 -90.58
CA ARG O 404 -81.78 3.25 -90.74
C ARG O 404 -82.65 4.42 -90.30
N ASN O 405 -83.83 4.50 -90.91
CA ASN O 405 -84.76 5.62 -90.72
C ASN O 405 -84.06 6.94 -91.05
N ILE O 406 -83.65 7.06 -92.31
CA ILE O 406 -83.01 8.26 -92.82
C ILE O 406 -83.66 8.61 -94.15
N PRO O 407 -83.94 9.88 -94.43
CA PRO O 407 -84.41 10.26 -95.76
C PRO O 407 -83.24 10.32 -96.72
N PRO O 408 -83.20 9.43 -97.71
CA PRO O 408 -82.11 9.47 -98.69
C PRO O 408 -82.08 10.78 -99.44
N TYR O 409 -80.86 11.23 -99.74
CA TYR O 409 -80.63 12.46 -100.49
C TYR O 409 -80.05 12.11 -101.85
N PHE O 410 -80.57 12.74 -102.91
CA PHE O 410 -80.06 12.50 -104.25
C PHE O 410 -78.64 13.04 -104.35
N VAL O 411 -77.68 12.14 -104.56
CA VAL O 411 -76.27 12.49 -104.55
C VAL O 411 -75.65 12.09 -105.89
N ALA O 412 -74.94 13.04 -106.50
CA ALA O 412 -74.16 12.78 -107.69
C ALA O 412 -72.70 12.59 -107.28
N LEU O 413 -72.13 11.45 -107.66
CA LEU O 413 -70.76 11.11 -107.26
C LEU O 413 -69.82 11.57 -108.36
N VAL O 414 -69.37 12.81 -108.27
CA VAL O 414 -68.40 13.34 -109.22
C VAL O 414 -67.07 12.62 -109.01
N PRO O 415 -66.48 12.05 -110.05
CA PRO O 415 -65.22 11.31 -109.86
C PRO O 415 -64.08 12.20 -109.40
N GLN O 416 -63.65 12.02 -108.16
CA GLN O 416 -62.47 12.70 -107.62
C GLN O 416 -61.43 11.61 -107.37
N GLU O 417 -60.63 11.32 -108.38
CA GLU O 417 -59.66 10.24 -108.33
C GLU O 417 -58.40 10.67 -107.61
N GLU O 418 -57.55 9.69 -107.30
CA GLU O 418 -56.35 9.94 -106.52
C GLU O 418 -55.40 10.89 -107.24
N GLU O 419 -54.92 11.89 -106.51
CA GLU O 419 -53.86 12.77 -107.01
C GLU O 419 -52.50 12.29 -106.47
N LEU O 420 -52.13 11.09 -106.92
CA LEU O 420 -50.88 10.47 -106.50
C LEU O 420 -49.71 11.25 -107.09
N ASP O 421 -49.04 12.03 -106.26
CA ASP O 421 -47.92 12.85 -106.69
C ASP O 421 -46.67 11.98 -106.78
N ASP O 422 -45.50 12.63 -106.89
CA ASP O 422 -44.24 11.88 -106.93
C ASP O 422 -44.09 10.97 -105.72
N GLN O 423 -44.53 11.45 -104.55
CA GLN O 423 -44.58 10.62 -103.35
C GLN O 423 -45.92 9.94 -103.16
N LYS O 424 -46.83 10.09 -104.12
CA LYS O 424 -48.16 9.45 -104.08
C LYS O 424 -48.94 9.87 -102.85
N ILE O 425 -48.93 11.17 -102.56
CA ILE O 425 -49.70 11.68 -101.44
C ILE O 425 -51.17 11.54 -101.74
N GLN O 426 -51.94 11.03 -100.77
CA GLN O 426 -53.35 10.72 -100.99
C GLN O 426 -54.21 11.99 -100.90
N VAL O 427 -53.87 12.97 -101.73
CA VAL O 427 -54.69 14.15 -101.91
C VAL O 427 -55.84 13.80 -102.86
N THR O 428 -57.07 14.14 -102.45
CA THR O 428 -58.27 13.76 -103.18
C THR O 428 -58.23 12.26 -103.45
N PRO O 429 -58.44 11.44 -102.43
CA PRO O 429 -58.18 10.00 -102.55
C PRO O 429 -59.05 9.37 -103.62
N PRO O 430 -58.68 8.20 -104.15
CA PRO O 430 -59.40 7.68 -105.32
C PRO O 430 -60.82 7.24 -104.99
N GLY O 431 -61.77 8.08 -105.36
CA GLY O 431 -63.17 7.83 -105.08
C GLY O 431 -64.04 8.84 -105.80
N PHE O 432 -65.04 9.37 -105.11
CA PHE O 432 -65.92 10.36 -105.69
C PHE O 432 -66.14 11.48 -104.69
N GLN O 433 -66.57 12.64 -105.19
CA GLN O 433 -66.93 13.77 -104.36
C GLN O 433 -68.43 14.01 -104.44
N LEU O 434 -69.02 14.33 -103.29
CA LEU O 434 -70.46 14.48 -103.19
C LEU O 434 -70.90 15.76 -103.90
N VAL O 435 -71.71 15.61 -104.95
CA VAL O 435 -72.28 16.75 -105.66
C VAL O 435 -73.70 16.96 -105.17
N PHE O 436 -74.01 18.21 -104.82
CA PHE O 436 -75.32 18.52 -104.29
C PHE O 436 -76.36 18.56 -105.39
N LEU O 437 -77.40 17.74 -105.24
CA LEU O 437 -78.59 17.82 -106.09
C LEU O 437 -79.67 18.49 -105.26
N PRO O 438 -79.96 19.77 -105.52
CA PRO O 438 -80.77 20.54 -104.58
C PRO O 438 -82.24 20.16 -104.59
N PHE O 439 -83.03 20.94 -103.86
CA PHE O 439 -84.47 20.79 -103.80
C PHE O 439 -85.05 22.20 -103.76
N ALA O 440 -86.30 22.35 -103.33
CA ALA O 440 -86.96 23.65 -103.49
C ALA O 440 -87.40 24.29 -102.17
N ASP O 441 -86.50 24.37 -101.17
CA ASP O 441 -86.93 24.91 -99.89
C ASP O 441 -85.93 25.77 -99.12
N ASP O 442 -84.72 26.03 -99.62
CA ASP O 442 -83.74 26.61 -98.71
C ASP O 442 -82.92 27.78 -99.25
N LYS O 443 -82.81 27.92 -100.56
CA LYS O 443 -81.87 28.88 -101.11
C LYS O 443 -82.38 30.30 -100.99
N ARG O 444 -81.50 31.23 -100.61
CA ARG O 444 -81.83 32.63 -100.54
C ARG O 444 -81.95 33.22 -101.94
N LYS O 445 -82.94 32.78 -102.71
CA LYS O 445 -83.07 33.25 -104.09
C LYS O 445 -83.65 34.65 -104.13
N MET O 446 -83.05 35.50 -104.96
CA MET O 446 -83.59 36.79 -105.33
C MET O 446 -83.96 36.76 -106.80
N PRO O 447 -84.90 37.59 -107.24
CA PRO O 447 -85.33 37.55 -108.64
C PRO O 447 -84.17 37.76 -109.60
N PHE O 448 -84.16 36.98 -110.68
CA PHE O 448 -83.07 37.05 -111.64
C PHE O 448 -83.17 38.29 -112.50
N THR O 449 -82.01 38.82 -112.89
CA THR O 449 -81.93 39.98 -113.77
C THR O 449 -80.73 39.78 -114.69
N GLU O 450 -80.97 39.27 -115.89
CA GLU O 450 -79.92 39.03 -116.87
C GLU O 450 -80.10 39.86 -118.12
N LYS O 451 -80.70 41.04 -118.00
CA LYS O 451 -80.63 42.01 -119.09
C LYS O 451 -79.25 42.63 -119.22
N ILE O 452 -78.36 42.36 -118.27
CA ILE O 452 -77.02 42.93 -118.25
C ILE O 452 -76.01 41.88 -118.70
N MET O 453 -75.35 42.15 -119.82
CA MET O 453 -74.29 41.31 -120.36
C MET O 453 -72.94 42.01 -120.19
N ALA O 454 -71.91 41.41 -120.75
CA ALA O 454 -70.56 41.95 -120.66
C ALA O 454 -70.33 43.01 -121.72
N THR O 455 -69.56 44.05 -121.36
CA THR O 455 -69.15 45.06 -122.31
C THR O 455 -67.63 45.05 -122.46
N PRO O 456 -67.12 45.16 -123.68
CA PRO O 456 -65.67 44.96 -123.88
C PRO O 456 -64.80 45.90 -123.08
N GLU O 457 -65.18 47.17 -122.99
CA GLU O 457 -64.38 48.12 -122.21
C GLU O 457 -64.34 47.71 -120.75
N GLN O 458 -65.51 47.38 -120.18
CA GLN O 458 -65.56 47.02 -118.77
C GLN O 458 -64.84 45.70 -118.52
N VAL O 459 -65.06 44.69 -119.37
CA VAL O 459 -64.41 43.41 -119.13
C VAL O 459 -62.90 43.57 -119.22
N GLY O 460 -62.41 44.31 -120.21
CA GLY O 460 -60.97 44.54 -120.31
C GLY O 460 -60.43 45.33 -119.12
N LYS O 461 -61.19 46.33 -118.67
CA LYS O 461 -60.73 47.16 -117.57
C LYS O 461 -60.62 46.36 -116.28
N MET O 462 -61.67 45.63 -115.92
CA MET O 462 -61.57 44.81 -114.71
C MET O 462 -60.60 43.65 -114.88
N LYS O 463 -60.44 43.12 -116.10
CA LYS O 463 -59.44 42.08 -116.31
C LYS O 463 -58.04 42.62 -116.00
N ALA O 464 -57.67 43.74 -116.60
CA ALA O 464 -56.39 44.36 -116.28
C ALA O 464 -56.32 44.76 -114.81
N ILE O 465 -57.47 45.00 -114.19
CA ILE O 465 -57.49 45.34 -112.76
C ILE O 465 -57.13 44.15 -111.89
N VAL O 466 -57.59 42.95 -112.26
CA VAL O 466 -57.55 41.83 -111.33
C VAL O 466 -56.79 40.61 -111.86
N GLU O 467 -56.60 40.45 -113.17
CA GLU O 467 -56.06 39.20 -113.69
C GLU O 467 -54.66 38.90 -113.17
N LYS O 468 -53.94 39.92 -112.68
CA LYS O 468 -52.62 39.68 -112.10
C LYS O 468 -52.70 38.77 -110.89
N LEU O 469 -53.69 38.99 -110.02
CA LEU O 469 -53.83 38.19 -108.81
C LEU O 469 -54.39 36.83 -109.18
N ARG O 470 -53.50 35.86 -109.38
CA ARG O 470 -53.88 34.49 -109.70
C ARG O 470 -53.42 33.59 -108.56
N PHE O 471 -54.38 33.04 -107.81
CA PHE O 471 -54.09 32.16 -106.70
C PHE O 471 -54.14 30.71 -107.15
N THR O 472 -53.88 29.80 -106.21
CA THR O 472 -53.91 28.37 -106.46
C THR O 472 -54.95 27.61 -105.66
N TYR O 473 -55.64 28.28 -104.73
CA TYR O 473 -56.66 27.66 -103.88
C TYR O 473 -56.09 26.44 -103.14
N ARG O 474 -55.18 26.73 -102.22
CA ARG O 474 -54.79 25.73 -101.24
C ARG O 474 -55.96 25.52 -100.28
N SER O 475 -56.52 24.31 -100.29
CA SER O 475 -57.76 24.06 -99.56
C SER O 475 -57.62 24.34 -98.07
N ASP O 476 -56.45 24.09 -97.50
CA ASP O 476 -56.21 24.31 -96.08
C ASP O 476 -55.42 25.57 -95.79
N SER O 477 -55.29 26.46 -96.78
CA SER O 477 -54.50 27.68 -96.58
C SER O 477 -55.10 28.57 -95.50
N PHE O 478 -56.41 28.76 -95.51
CA PHE O 478 -57.07 29.62 -94.55
C PHE O 478 -57.12 28.97 -93.18
N GLU O 479 -57.25 29.79 -92.15
CA GLU O 479 -57.37 29.32 -90.77
C GLU O 479 -58.76 29.66 -90.25
N ASN O 480 -59.41 28.70 -89.62
CA ASN O 480 -60.71 28.96 -89.03
C ASN O 480 -60.56 29.97 -87.90
N PRO O 481 -61.39 31.02 -87.88
CA PRO O 481 -61.24 32.04 -86.83
C PRO O 481 -61.49 31.48 -85.45
N VAL O 482 -62.67 30.87 -85.26
CA VAL O 482 -63.06 30.40 -83.93
C VAL O 482 -62.11 29.31 -83.43
N LEU O 483 -61.82 28.33 -84.28
CA LEU O 483 -61.05 27.16 -83.85
C LEU O 483 -59.66 27.54 -83.38
N GLN O 484 -58.83 28.06 -84.29
CA GLN O 484 -57.47 28.43 -83.93
C GLN O 484 -57.45 29.57 -82.93
N GLN O 485 -58.38 30.53 -83.08
CA GLN O 485 -58.53 31.62 -82.12
C GLN O 485 -58.61 31.08 -80.69
N HIS O 486 -59.63 30.26 -80.41
CA HIS O 486 -59.83 29.77 -79.06
C HIS O 486 -58.80 28.73 -78.65
N PHE O 487 -58.18 28.03 -79.59
CA PHE O 487 -57.14 27.08 -79.19
C PHE O 487 -55.90 27.80 -78.70
N ARG O 488 -55.47 28.83 -79.42
CA ARG O 488 -54.36 29.64 -78.94
C ARG O 488 -54.79 30.47 -77.72
N ASN O 489 -56.08 30.78 -77.61
CA ASN O 489 -56.56 31.41 -76.39
C ASN O 489 -56.47 30.46 -75.20
N LEU O 490 -56.70 29.17 -75.43
CA LEU O 490 -56.46 28.15 -74.41
C LEU O 490 -54.97 28.10 -74.05
N GLU O 491 -54.11 28.19 -75.06
CA GLU O 491 -52.68 28.31 -74.82
C GLU O 491 -52.38 29.49 -73.90
N ALA O 492 -53.00 30.64 -74.16
CA ALA O 492 -52.79 31.81 -73.33
C ALA O 492 -53.34 31.61 -71.92
N LEU O 493 -54.49 30.96 -71.80
CA LEU O 493 -55.03 30.62 -70.49
C LEU O 493 -54.05 29.79 -69.69
N ALA O 494 -53.41 28.81 -70.34
CA ALA O 494 -52.34 28.07 -69.69
C ALA O 494 -51.19 29.00 -69.32
N LEU O 495 -50.84 29.92 -70.21
CA LEU O 495 -49.81 30.91 -69.92
C LEU O 495 -50.31 32.01 -68.99
N ASP O 496 -51.63 32.08 -68.75
CA ASP O 496 -52.23 33.11 -67.91
C ASP O 496 -51.87 34.51 -68.44
N LEU O 497 -52.31 34.77 -69.66
CA LEU O 497 -51.90 35.97 -70.38
C LEU O 497 -53.06 36.45 -71.23
N MET O 498 -52.78 37.32 -72.19
CA MET O 498 -53.81 38.08 -72.89
C MET O 498 -54.47 37.22 -73.95
N GLU O 499 -55.26 37.82 -74.82
CA GLU O 499 -55.63 37.14 -76.04
C GLU O 499 -54.39 37.04 -76.92
N PRO O 500 -53.87 35.84 -77.18
CA PRO O 500 -52.55 35.73 -77.82
C PRO O 500 -52.50 36.28 -79.23
N GLU O 501 -53.35 35.77 -80.11
CA GLU O 501 -53.37 36.18 -81.50
C GLU O 501 -54.71 35.77 -82.11
N GLN O 502 -55.07 36.45 -83.19
CA GLN O 502 -56.39 36.31 -83.80
C GLN O 502 -56.33 35.43 -85.03
N ALA O 503 -57.30 34.53 -85.14
CA ALA O 503 -57.50 33.70 -86.32
C ALA O 503 -58.65 34.27 -87.14
N VAL O 504 -58.55 34.11 -88.46
CA VAL O 504 -59.53 34.68 -89.37
C VAL O 504 -59.53 33.86 -90.65
N ASP O 505 -60.69 33.74 -91.27
CA ASP O 505 -60.79 33.11 -92.58
C ASP O 505 -60.36 34.10 -93.66
N LEU O 506 -59.20 34.71 -93.48
CA LEU O 506 -58.64 35.69 -94.41
C LEU O 506 -59.71 36.68 -94.87
N THR O 507 -60.68 36.97 -94.00
CA THR O 507 -61.86 37.72 -94.41
C THR O 507 -61.57 39.18 -94.67
N LEU O 508 -60.42 39.68 -94.22
CA LEU O 508 -59.95 40.98 -94.67
C LEU O 508 -59.30 40.82 -96.03
N PRO O 509 -59.83 41.46 -97.08
CA PRO O 509 -59.25 41.29 -98.42
C PRO O 509 -57.82 41.81 -98.47
N LYS O 510 -57.00 41.12 -99.26
CA LYS O 510 -55.59 41.48 -99.40
C LYS O 510 -55.28 42.16 -100.73
N VAL O 511 -56.05 41.87 -101.78
CA VAL O 511 -55.77 42.46 -103.09
C VAL O 511 -56.14 43.94 -103.10
N GLU O 512 -57.21 44.31 -102.40
CA GLU O 512 -57.69 45.69 -102.42
C GLU O 512 -56.64 46.67 -101.93
N ALA O 513 -55.75 46.21 -101.04
CA ALA O 513 -54.65 47.05 -100.59
C ALA O 513 -53.49 47.09 -101.58
N MET O 514 -53.48 46.18 -102.57
CA MET O 514 -52.40 46.09 -103.53
C MET O 514 -52.88 45.84 -104.95
N ASN O 515 -54.18 45.89 -105.21
CA ASN O 515 -54.67 45.83 -106.58
C ASN O 515 -54.20 47.02 -107.38
N LYS O 516 -54.24 48.22 -106.78
CA LYS O 516 -53.65 49.38 -107.42
C LYS O 516 -52.14 49.27 -107.49
N ARG O 517 -51.54 48.53 -106.55
CA ARG O 517 -50.11 48.24 -106.64
C ARG O 517 -49.80 47.37 -107.85
N LEU O 518 -50.68 46.42 -108.16
CA LEU O 518 -50.53 45.62 -109.37
C LEU O 518 -51.12 46.29 -110.60
N GLY O 519 -51.68 47.49 -110.44
CA GLY O 519 -52.24 48.22 -111.57
C GLY O 519 -53.74 48.03 -111.73
N SER O 520 -54.49 48.23 -110.65
CA SER O 520 -55.95 48.14 -110.75
C SER O 520 -56.49 49.24 -111.65
N LEU O 521 -57.49 48.88 -112.45
CA LEU O 521 -58.16 49.83 -113.33
C LEU O 521 -59.60 50.10 -112.93
N VAL O 522 -60.23 49.23 -112.14
CA VAL O 522 -61.59 49.48 -111.70
C VAL O 522 -61.65 50.71 -110.81
N ASP O 523 -60.67 50.87 -109.92
CA ASP O 523 -60.56 52.12 -109.17
C ASP O 523 -60.17 53.27 -110.09
N GLU O 524 -59.27 53.00 -111.05
CA GLU O 524 -58.83 54.04 -111.97
C GLU O 524 -59.96 54.47 -112.90
N PHE O 525 -60.73 53.53 -113.42
CA PHE O 525 -61.81 53.80 -114.36
C PHE O 525 -63.15 53.61 -113.64
N LYS O 526 -63.79 54.71 -113.29
CA LYS O 526 -65.08 54.69 -112.62
C LYS O 526 -66.18 54.89 -113.65
N GLU O 527 -67.17 53.99 -113.64
CA GLU O 527 -68.28 54.10 -114.57
C GLU O 527 -69.28 55.18 -114.21
N LEU O 528 -69.15 55.79 -113.03
CA LEU O 528 -70.07 56.83 -112.59
C LEU O 528 -69.36 57.71 -111.58
N VAL O 529 -69.81 58.96 -111.49
CA VAL O 529 -69.32 59.85 -110.43
C VAL O 529 -69.71 59.29 -109.06
N TYR O 530 -70.94 58.81 -108.94
CA TYR O 530 -71.29 57.94 -107.82
C TYR O 530 -70.48 56.66 -107.95
N PRO O 531 -70.04 56.07 -106.84
CA PRO O 531 -69.31 54.80 -106.92
C PRO O 531 -70.05 53.81 -107.80
N PRO O 532 -69.43 53.39 -108.91
CA PRO O 532 -70.22 52.68 -109.95
C PRO O 532 -70.97 51.49 -109.43
N ASP O 533 -70.40 50.75 -108.50
CA ASP O 533 -71.08 49.66 -107.81
C ASP O 533 -71.12 49.92 -106.31
N TYR O 534 -71.41 51.17 -105.95
CA TYR O 534 -71.45 51.64 -104.55
C TYR O 534 -70.33 51.06 -103.69
N ASN P 6 -99.94 39.58 -98.96
CA ASN P 6 -99.28 38.28 -98.86
C ASN P 6 -100.27 37.15 -99.06
N LYS P 7 -101.01 37.18 -100.17
CA LYS P 7 -102.02 36.17 -100.45
C LYS P 7 -102.22 36.04 -101.94
N ALA P 8 -102.56 34.83 -102.38
CA ALA P 8 -102.84 34.53 -103.78
C ALA P 8 -104.30 34.13 -103.92
N ALA P 9 -105.00 34.79 -104.83
CA ALA P 9 -106.43 34.55 -105.04
C ALA P 9 -106.66 33.56 -106.17
N VAL P 10 -106.10 32.35 -106.00
CA VAL P 10 -106.40 31.25 -106.91
C VAL P 10 -107.87 30.87 -106.71
N VAL P 11 -108.44 30.19 -107.71
CA VAL P 11 -109.83 29.78 -107.64
C VAL P 11 -110.04 28.52 -108.48
N LEU P 12 -110.95 27.66 -108.02
CA LEU P 12 -111.27 26.39 -108.65
C LEU P 12 -112.68 26.45 -109.24
N CYS P 13 -112.91 25.65 -110.28
CA CYS P 13 -114.23 25.53 -110.89
C CYS P 13 -114.43 24.07 -111.31
N MET P 14 -115.06 23.29 -110.46
CA MET P 14 -115.27 21.87 -110.71
C MET P 14 -116.67 21.64 -111.24
N ASP P 15 -117.02 20.36 -111.40
CA ASP P 15 -118.34 19.98 -111.86
C ASP P 15 -119.25 19.54 -110.71
N THR P 19 -122.94 10.78 -117.43
CA THR P 19 -122.59 11.88 -118.33
C THR P 19 -121.31 12.57 -117.86
N MET P 20 -121.12 12.64 -116.54
CA MET P 20 -119.95 13.28 -115.98
C MET P 20 -118.96 12.30 -115.36
N SER P 21 -119.40 11.10 -115.01
CA SER P 21 -118.54 10.08 -114.42
C SER P 21 -117.75 9.31 -115.46
N ASN P 22 -117.94 9.60 -116.74
CA ASN P 22 -117.23 8.92 -117.81
C ASN P 22 -116.54 9.90 -118.75
N GLU P 28 -110.49 6.68 -119.78
CA GLU P 28 -110.50 7.20 -118.41
C GLU P 28 -111.62 8.21 -118.22
N SER P 29 -111.93 8.51 -116.96
CA SER P 29 -112.98 9.45 -116.63
C SER P 29 -112.38 10.81 -116.31
N PRO P 30 -112.83 11.89 -116.97
CA PRO P 30 -112.33 13.23 -116.61
C PRO P 30 -112.65 13.61 -115.17
N PHE P 31 -113.78 13.16 -114.63
CA PHE P 31 -114.16 13.55 -113.27
C PHE P 31 -113.17 13.03 -112.24
N GLU P 32 -112.80 11.74 -112.35
CA GLU P 32 -111.88 11.17 -111.37
C GLU P 32 -110.52 11.85 -111.43
N GLN P 33 -110.04 12.14 -112.64
CA GLN P 33 -108.76 12.83 -112.78
C GLN P 33 -108.83 14.24 -112.20
N ALA P 34 -109.92 14.97 -112.46
CA ALA P 34 -110.05 16.31 -111.91
C ALA P 34 -110.12 16.29 -110.39
N LYS P 35 -110.88 15.34 -109.83
CA LYS P 35 -110.94 15.19 -108.38
C LYS P 35 -109.57 14.86 -107.81
N LYS P 36 -108.83 13.99 -108.49
CA LYS P 36 -107.48 13.64 -108.04
C LYS P 36 -106.58 14.87 -108.02
N VAL P 37 -106.62 15.67 -109.08
CA VAL P 37 -105.70 16.81 -109.15
C VAL P 37 -106.10 17.89 -108.15
N ILE P 38 -107.40 18.08 -107.91
CA ILE P 38 -107.78 19.12 -106.94
C ILE P 38 -107.50 18.66 -105.51
N THR P 39 -107.71 17.37 -105.21
CA THR P 39 -107.32 16.86 -103.89
C THR P 39 -105.82 16.98 -103.71
N MET P 40 -105.04 16.67 -104.76
CA MET P 40 -103.63 16.98 -104.77
C MET P 40 -103.36 18.44 -104.43
N PHE P 41 -104.03 19.34 -105.12
CA PHE P 41 -103.76 20.76 -104.95
C PHE P 41 -103.96 21.17 -103.50
N VAL P 42 -105.12 20.82 -102.93
CA VAL P 42 -105.41 21.22 -101.56
C VAL P 42 -104.47 20.52 -100.58
N GLN P 43 -104.20 19.23 -100.78
CA GLN P 43 -103.32 18.53 -99.85
C GLN P 43 -101.91 19.10 -99.89
N ARG P 44 -101.44 19.50 -101.07
CA ARG P 44 -100.11 20.10 -101.17
C ARG P 44 -100.07 21.50 -100.59
N GLN P 45 -101.17 22.26 -100.70
CA GLN P 45 -101.18 23.58 -100.09
C GLN P 45 -101.34 23.50 -98.57
N VAL P 46 -101.84 22.37 -98.06
CA VAL P 46 -102.01 22.26 -96.61
C VAL P 46 -100.85 21.55 -95.92
N PHE P 47 -100.13 20.66 -96.62
CA PHE P 47 -98.97 20.02 -96.00
C PHE P 47 -97.90 21.03 -95.66
N ALA P 48 -97.50 21.83 -96.63
CA ALA P 48 -96.61 22.95 -96.33
C ALA P 48 -97.35 24.14 -95.75
N GLU P 49 -98.66 24.01 -95.56
CA GLU P 49 -99.51 25.11 -95.09
C GLU P 49 -99.35 26.33 -96.00
N ASN P 50 -99.30 26.07 -97.30
CA ASN P 50 -99.17 27.13 -98.29
C ASN P 50 -100.41 28.01 -98.26
N LYS P 51 -100.20 29.32 -98.38
CA LYS P 51 -101.27 30.31 -98.27
C LYS P 51 -101.63 30.80 -99.66
N ASP P 52 -102.56 30.10 -100.31
CA ASP P 52 -103.11 30.51 -101.60
C ASP P 52 -104.60 30.21 -101.56
N GLU P 53 -105.41 31.20 -101.17
CA GLU P 53 -106.84 31.00 -101.06
C GLU P 53 -107.43 30.56 -102.40
N ILE P 54 -108.36 29.63 -102.34
CA ILE P 54 -109.04 29.12 -103.54
C ILE P 54 -110.53 29.08 -103.28
N ALA P 55 -111.31 29.55 -104.27
CA ALA P 55 -112.75 29.41 -104.28
C ALA P 55 -113.15 28.27 -105.21
N LEU P 56 -114.37 27.78 -105.03
CA LEU P 56 -114.82 26.63 -105.80
C LEU P 56 -116.31 26.73 -106.08
N VAL P 57 -116.68 26.70 -107.36
CA VAL P 57 -118.07 26.66 -107.80
C VAL P 57 -118.22 25.49 -108.77
N LEU P 58 -119.22 24.65 -108.53
CA LEU P 58 -119.43 23.43 -109.30
C LEU P 58 -120.48 23.64 -110.37
N PHE P 59 -120.21 23.17 -111.58
CA PHE P 59 -121.17 23.20 -112.68
C PHE P 59 -121.69 21.79 -112.90
N GLY P 60 -122.98 21.59 -112.71
CA GLY P 60 -123.57 20.27 -112.86
C GLY P 60 -124.17 19.77 -111.57
N THR P 61 -123.54 20.12 -110.44
CA THR P 61 -124.10 19.80 -109.14
C THR P 61 -125.49 20.43 -109.04
N ASP P 62 -126.52 19.59 -108.94
CA ASP P 62 -127.88 20.03 -109.18
C ASP P 62 -128.29 21.14 -108.22
N GLY P 63 -128.93 22.17 -108.76
CA GLY P 63 -129.35 23.30 -107.97
C GLY P 63 -128.71 24.61 -108.42
N THR P 64 -129.52 25.61 -108.72
CA THR P 64 -129.03 26.92 -109.12
C THR P 64 -128.93 27.82 -107.89
N ASP P 65 -127.99 27.45 -107.02
CA ASP P 65 -127.84 28.08 -105.70
C ASP P 65 -126.51 28.82 -105.58
N ASN P 66 -126.12 29.55 -106.62
CA ASN P 66 -124.90 30.32 -106.57
C ASN P 66 -125.07 31.56 -105.70
N PRO P 67 -124.00 32.04 -105.06
CA PRO P 67 -124.10 33.31 -104.33
C PRO P 67 -124.44 34.48 -105.23
N LEU P 68 -123.97 34.46 -106.48
CA LEU P 68 -124.24 35.51 -107.45
C LEU P 68 -124.65 34.84 -108.76
N SER P 69 -125.95 34.74 -109.00
CA SER P 69 -126.50 34.14 -110.20
C SER P 69 -127.05 35.24 -111.11
N GLY P 70 -126.67 35.20 -112.38
CA GLY P 70 -127.15 36.17 -113.34
C GLY P 70 -128.53 35.81 -113.87
N GLY P 71 -129.55 36.02 -113.04
CA GLY P 71 -130.90 35.64 -113.41
C GLY P 71 -131.23 34.18 -113.22
N ASP P 72 -130.41 33.44 -112.47
CA ASP P 72 -130.58 32.02 -112.21
C ASP P 72 -130.54 31.18 -113.48
N GLN P 73 -130.05 31.73 -114.59
CA GLN P 73 -129.83 30.93 -115.79
C GLN P 73 -128.65 29.98 -115.62
N TYR P 74 -127.88 30.13 -114.55
CA TYR P 74 -126.75 29.25 -114.23
C TYR P 74 -127.34 27.92 -113.74
N GLN P 75 -127.80 27.12 -114.68
CA GLN P 75 -128.47 25.87 -114.34
C GLN P 75 -127.46 24.90 -113.72
N ASN P 76 -127.87 24.25 -112.64
CA ASN P 76 -127.10 23.16 -112.03
C ASN P 76 -125.74 23.62 -111.53
N ILE P 77 -125.61 24.90 -111.21
CA ILE P 77 -124.35 25.47 -110.74
C ILE P 77 -124.43 25.63 -109.23
N THR P 78 -123.50 24.99 -108.52
CA THR P 78 -123.47 25.01 -107.07
C THR P 78 -122.09 25.42 -106.60
N VAL P 79 -122.04 26.38 -105.68
CA VAL P 79 -120.78 26.80 -105.09
C VAL P 79 -120.39 25.84 -103.97
N HIS P 80 -119.11 25.50 -103.90
CA HIS P 80 -118.59 24.65 -102.82
C HIS P 80 -117.92 25.47 -101.74
N ARG P 81 -116.88 26.23 -102.11
CA ARG P 81 -116.16 27.08 -101.17
C ARG P 81 -115.89 28.42 -101.81
N HIS P 82 -115.96 29.48 -101.01
CA HIS P 82 -115.57 30.81 -101.47
C HIS P 82 -114.05 30.92 -101.44
N LEU P 83 -113.53 32.12 -101.71
CA LEU P 83 -112.08 32.33 -101.73
C LEU P 83 -111.57 32.24 -100.29
N MET P 84 -111.05 31.06 -99.93
CA MET P 84 -110.65 30.79 -98.56
C MET P 84 -109.36 29.97 -98.55
N LEU P 85 -108.64 30.09 -97.45
CA LEU P 85 -107.30 29.51 -97.36
C LEU P 85 -107.36 27.99 -97.38
N PRO P 86 -106.39 27.33 -98.00
CA PRO P 86 -106.36 25.85 -97.96
C PRO P 86 -105.95 25.33 -96.60
N ASP P 87 -106.89 24.74 -95.89
CA ASP P 87 -106.64 24.04 -94.64
C ASP P 87 -107.10 22.59 -94.80
N PHE P 88 -106.91 21.79 -93.73
CA PHE P 88 -107.41 20.43 -93.76
C PHE P 88 -108.92 20.39 -93.95
N ASP P 89 -109.62 21.41 -93.45
CA ASP P 89 -111.06 21.51 -93.67
C ASP P 89 -111.37 21.62 -95.15
N LEU P 90 -110.67 22.52 -95.86
CA LEU P 90 -110.87 22.64 -97.30
C LEU P 90 -110.45 21.37 -98.02
N LEU P 91 -109.34 20.77 -97.57
CA LEU P 91 -108.89 19.51 -98.16
C LEU P 91 -109.98 18.45 -98.13
N GLU P 92 -110.56 18.22 -96.95
CA GLU P 92 -111.59 17.19 -96.83
C GLU P 92 -112.89 17.61 -97.50
N ASP P 93 -113.21 18.91 -97.52
CA ASP P 93 -114.42 19.37 -98.19
C ASP P 93 -114.35 19.11 -99.69
N ILE P 94 -113.21 19.48 -100.31
CA ILE P 94 -113.04 19.22 -101.74
C ILE P 94 -112.94 17.72 -102.00
N GLU P 95 -112.34 16.96 -101.08
CA GLU P 95 -112.26 15.52 -101.24
C GLU P 95 -113.63 14.87 -101.25
N SER P 96 -114.53 15.32 -100.37
CA SER P 96 -115.76 14.59 -100.10
C SER P 96 -116.99 15.21 -100.76
N LYS P 97 -117.20 16.52 -100.60
CA LYS P 97 -118.48 17.12 -100.97
C LYS P 97 -118.75 17.01 -102.47
N ILE P 98 -117.75 17.26 -103.31
CA ILE P 98 -117.98 17.36 -104.74
C ILE P 98 -118.25 15.96 -105.31
N GLN P 99 -119.40 15.82 -105.94
CA GLN P 99 -119.84 14.62 -106.63
C GLN P 99 -120.34 14.99 -108.02
N PRO P 100 -120.27 14.08 -108.98
CA PRO P 100 -120.72 14.41 -110.33
C PRO P 100 -122.19 14.77 -110.36
N GLY P 101 -122.53 15.77 -111.19
CA GLY P 101 -123.91 16.17 -111.33
C GLY P 101 -124.71 15.19 -112.17
N SER P 102 -126.04 15.29 -112.04
CA SER P 102 -126.94 14.41 -112.76
C SER P 102 -127.25 14.94 -114.16
N GLN P 103 -127.81 16.14 -114.25
CA GLN P 103 -128.09 16.77 -115.53
C GLN P 103 -127.05 17.84 -115.83
N GLN P 104 -126.89 18.14 -117.12
CA GLN P 104 -125.76 18.92 -117.58
C GLN P 104 -125.88 20.39 -117.18
N ALA P 105 -124.74 21.08 -117.19
CA ALA P 105 -124.67 22.48 -116.84
C ALA P 105 -123.56 23.14 -117.65
N ASP P 106 -123.58 24.47 -117.68
CA ASP P 106 -122.57 25.26 -118.38
C ASP P 106 -121.48 25.65 -117.40
N PHE P 107 -120.25 25.20 -117.67
CA PHE P 107 -119.13 25.53 -116.79
C PHE P 107 -118.79 27.01 -116.81
N LEU P 108 -119.18 27.73 -117.86
CA LEU P 108 -118.97 29.17 -117.88
C LEU P 108 -119.79 29.86 -116.78
N ASP P 109 -120.93 29.29 -116.41
CA ASP P 109 -121.69 29.84 -115.29
C ASP P 109 -120.92 29.71 -113.98
N ALA P 110 -120.32 28.54 -113.74
CA ALA P 110 -119.47 28.37 -112.57
C ALA P 110 -118.27 29.30 -112.63
N LEU P 111 -117.75 29.52 -113.83
CA LEU P 111 -116.65 30.48 -114.00
C LEU P 111 -117.10 31.88 -113.59
N ILE P 112 -118.30 32.29 -114.01
CA ILE P 112 -118.81 33.62 -113.63
C ILE P 112 -118.95 33.72 -112.12
N VAL P 113 -119.52 32.68 -111.50
CA VAL P 113 -119.75 32.72 -110.05
C VAL P 113 -118.42 32.81 -109.31
N SER P 114 -117.46 31.99 -109.71
CA SER P 114 -116.15 32.01 -109.06
C SER P 114 -115.44 33.35 -109.27
N MET P 115 -115.49 33.90 -110.48
CA MET P 115 -114.86 35.19 -110.74
C MET P 115 -115.52 36.29 -109.93
N ASP P 116 -116.85 36.23 -109.77
CA ASP P 116 -117.54 37.21 -108.93
C ASP P 116 -117.13 37.08 -107.47
N VAL P 117 -116.94 35.84 -107.00
CA VAL P 117 -116.43 35.64 -105.65
C VAL P 117 -115.06 36.25 -105.50
N ILE P 118 -114.19 36.06 -106.50
CA ILE P 118 -112.85 36.64 -106.45
C ILE P 118 -112.93 38.16 -106.49
N GLN P 119 -113.87 38.71 -107.25
CA GLN P 119 -114.07 40.16 -107.26
C GLN P 119 -114.46 40.66 -105.87
N HIS P 120 -115.41 39.98 -105.23
CA HIS P 120 -115.86 40.40 -103.91
C HIS P 120 -114.73 40.32 -102.88
N GLU P 121 -113.95 39.25 -102.92
CA GLU P 121 -112.89 39.09 -101.94
C GLU P 121 -111.72 40.04 -102.20
N THR P 122 -111.29 40.14 -103.47
CA THR P 122 -110.16 41.00 -103.80
C THR P 122 -110.47 42.46 -103.55
N ILE P 123 -111.68 42.89 -103.88
CA ILE P 123 -112.10 44.26 -103.58
C ILE P 123 -112.54 44.29 -102.13
N GLY P 124 -111.60 44.59 -101.23
CA GLY P 124 -111.87 44.57 -99.81
C GLY P 124 -110.75 43.93 -99.00
N LYS P 125 -110.04 42.99 -99.61
CA LYS P 125 -108.94 42.31 -98.97
C LYS P 125 -107.68 42.43 -99.82
N LYS P 126 -106.53 42.44 -99.15
CA LYS P 126 -105.24 42.62 -99.82
C LYS P 126 -104.81 41.28 -100.41
N PHE P 127 -104.85 41.18 -101.73
CA PHE P 127 -104.41 39.99 -102.46
C PHE P 127 -103.24 40.38 -103.35
N GLU P 128 -102.12 39.70 -103.18
CA GLU P 128 -100.93 39.96 -103.98
C GLU P 128 -100.89 39.13 -105.26
N LYS P 129 -101.83 38.22 -105.46
CA LYS P 129 -101.87 37.39 -106.66
C LYS P 129 -103.30 36.93 -106.90
N ARG P 130 -103.67 36.83 -108.18
CA ARG P 130 -104.97 36.34 -108.59
C ARG P 130 -104.78 35.31 -109.69
N HIS P 131 -105.36 34.12 -109.49
CA HIS P 131 -105.24 33.03 -110.45
C HIS P 131 -106.55 32.29 -110.53
N ILE P 132 -106.72 31.49 -111.59
CA ILE P 132 -107.89 30.64 -111.72
C ILE P 132 -107.47 29.25 -112.14
N GLU P 133 -107.29 28.36 -111.16
CA GLU P 133 -106.96 26.96 -111.44
C GLU P 133 -108.26 26.25 -111.80
N ILE P 134 -108.51 26.09 -113.10
CA ILE P 134 -109.77 25.56 -113.59
C ILE P 134 -109.53 24.17 -114.17
N PHE P 135 -110.33 23.21 -113.74
CA PHE P 135 -110.28 21.85 -114.26
C PHE P 135 -111.71 21.38 -114.50
N THR P 136 -112.22 21.61 -115.70
CA THR P 136 -113.59 21.26 -116.06
C THR P 136 -113.59 20.02 -116.93
N ASP P 137 -114.43 19.04 -116.58
CA ASP P 137 -114.49 17.80 -117.34
C ASP P 137 -115.07 17.98 -118.73
N LEU P 138 -115.73 19.11 -118.98
CA LEU P 138 -116.19 19.48 -120.33
C LEU P 138 -117.20 18.50 -120.91
N SER P 139 -117.59 17.49 -120.13
CA SER P 139 -118.57 16.52 -120.60
C SER P 139 -120.01 17.03 -120.48
N SER P 140 -120.22 18.11 -119.75
CA SER P 140 -121.55 18.67 -119.58
C SER P 140 -121.92 19.56 -120.75
N ARG P 141 -123.20 19.54 -121.12
CA ARG P 141 -123.70 20.38 -122.20
C ARG P 141 -123.40 21.85 -121.90
N PHE P 142 -122.87 22.56 -122.89
CA PHE P 142 -122.42 23.93 -122.72
C PHE P 142 -123.14 24.84 -123.71
N SER P 143 -123.46 26.05 -123.24
CA SER P 143 -124.07 27.08 -124.07
C SER P 143 -123.14 28.28 -124.15
N LYS P 144 -122.88 28.76 -125.36
CA LYS P 144 -121.99 29.90 -125.58
C LYS P 144 -122.84 31.07 -126.06
N SER P 145 -123.44 31.78 -125.11
CA SER P 145 -124.20 32.99 -125.41
C SER P 145 -123.92 34.13 -124.45
N GLN P 146 -123.20 33.88 -123.35
CA GLN P 146 -122.97 34.85 -122.29
C GLN P 146 -121.54 35.37 -122.31
N LEU P 147 -121.01 35.62 -123.52
CA LEU P 147 -119.60 35.98 -123.66
C LEU P 147 -119.28 37.28 -122.93
N ASP P 148 -120.17 38.26 -123.01
CA ASP P 148 -119.91 39.56 -122.38
C ASP P 148 -119.74 39.40 -120.87
N ILE P 149 -120.66 38.70 -120.21
CA ILE P 149 -120.56 38.60 -118.77
C ILE P 149 -119.42 37.68 -118.34
N ILE P 150 -119.13 36.62 -119.11
CA ILE P 150 -118.02 35.75 -118.72
C ILE P 150 -116.70 36.49 -118.84
N ILE P 151 -116.51 37.27 -119.92
CA ILE P 151 -115.27 38.03 -120.04
C ILE P 151 -115.21 39.14 -118.99
N HIS P 152 -116.35 39.76 -118.68
CA HIS P 152 -116.41 40.75 -117.62
C HIS P 152 -115.96 40.14 -116.29
N SER P 153 -116.52 38.99 -115.93
CA SER P 153 -116.16 38.33 -114.68
C SER P 153 -114.69 37.94 -114.68
N LEU P 154 -114.19 37.41 -115.80
CA LEU P 154 -112.80 37.00 -115.86
C LEU P 154 -111.85 38.17 -115.68
N LYS P 155 -112.16 39.32 -116.28
CA LYS P 155 -111.24 40.44 -116.26
C LYS P 155 -111.40 41.36 -115.06
N LYS P 156 -112.53 41.33 -114.36
CA LYS P 156 -112.70 42.24 -113.22
C LYS P 156 -111.85 41.82 -112.03
N CYS P 157 -111.83 40.53 -111.70
CA CYS P 157 -111.08 40.04 -110.56
C CYS P 157 -109.61 39.77 -110.90
N ASP P 158 -109.23 39.87 -112.17
CA ASP P 158 -107.84 39.74 -112.61
C ASP P 158 -107.26 38.37 -112.30
N ILE P 159 -108.13 37.36 -112.15
CA ILE P 159 -107.67 36.00 -111.87
C ILE P 159 -107.18 35.39 -113.17
N SER P 160 -105.93 34.93 -113.17
CA SER P 160 -105.34 34.32 -114.35
C SER P 160 -106.05 33.01 -114.65
N LEU P 161 -106.84 32.98 -115.73
CA LEU P 161 -107.64 31.81 -116.09
C LEU P 161 -106.69 30.69 -116.51
N GLN P 162 -106.48 29.73 -115.62
CA GLN P 162 -105.64 28.57 -115.90
C GLN P 162 -106.56 27.36 -116.02
N PHE P 163 -107.08 27.17 -117.23
CA PHE P 163 -107.98 26.05 -117.50
C PHE P 163 -107.17 24.83 -117.93
N PHE P 164 -107.70 23.65 -117.61
CA PHE P 164 -107.06 22.39 -117.95
C PHE P 164 -108.06 21.47 -118.64
N LEU P 165 -107.55 20.65 -119.55
CA LEU P 165 -108.36 19.80 -120.41
C LEU P 165 -108.52 18.41 -119.81
N PRO P 166 -109.67 17.77 -120.04
CA PRO P 166 -109.85 16.39 -119.55
C PRO P 166 -108.79 15.42 -120.05
N PHE P 167 -108.34 15.57 -121.29
CA PHE P 167 -107.35 14.68 -121.85
C PHE P 167 -106.38 15.43 -122.77
N LYS P 195 -106.39 15.45 -128.68
CA LYS P 195 -106.49 15.96 -127.31
C LYS P 195 -107.45 15.12 -126.47
N GLY P 196 -107.89 13.98 -127.02
CA GLY P 196 -108.75 13.08 -126.30
C GLY P 196 -110.04 13.72 -125.82
N ILE P 197 -110.67 14.53 -126.66
CA ILE P 197 -111.85 15.30 -126.28
C ILE P 197 -113.00 14.93 -127.20
N THR P 198 -114.18 14.76 -126.61
CA THR P 198 -115.40 14.50 -127.37
C THR P 198 -115.94 15.81 -127.94
N GLU P 199 -117.07 15.72 -128.65
CA GLU P 199 -117.66 16.91 -129.24
C GLU P 199 -118.06 17.91 -128.17
N GLN P 200 -118.69 17.45 -127.09
CA GLN P 200 -118.99 18.33 -125.97
C GLN P 200 -117.70 18.88 -125.36
N GLN P 201 -116.71 18.00 -125.16
CA GLN P 201 -115.43 18.46 -124.64
C GLN P 201 -114.74 19.41 -125.61
N LYS P 202 -114.85 19.13 -126.92
CA LYS P 202 -114.24 20.02 -127.91
C LYS P 202 -114.87 21.41 -127.88
N GLU P 203 -116.21 21.48 -127.78
CA GLU P 203 -116.85 22.78 -127.76
C GLU P 203 -116.60 23.51 -126.45
N GLY P 204 -116.50 22.78 -125.33
CA GLY P 204 -116.08 23.40 -124.09
C GLY P 204 -114.68 23.97 -124.18
N LEU P 205 -113.76 23.21 -124.78
CA LEU P 205 -112.40 23.70 -124.97
C LEU P 205 -112.37 24.93 -125.84
N GLU P 206 -113.16 24.95 -126.92
CA GLU P 206 -113.11 26.11 -127.81
C GLU P 206 -113.75 27.34 -127.17
N ILE P 207 -114.82 27.17 -126.38
CA ILE P 207 -115.41 28.33 -125.73
C ILE P 207 -114.48 28.87 -124.64
N VAL P 208 -113.86 27.98 -123.87
CA VAL P 208 -112.95 28.47 -122.84
C VAL P 208 -111.72 29.11 -123.49
N LYS P 209 -111.27 28.57 -124.62
CA LYS P 209 -110.11 29.14 -125.29
C LYS P 209 -110.42 30.50 -125.89
N MET P 210 -111.63 30.68 -126.43
CA MET P 210 -111.97 32.00 -126.97
C MET P 210 -112.15 33.01 -125.85
N VAL P 211 -112.75 32.59 -124.72
CA VAL P 211 -112.91 33.54 -123.63
C VAL P 211 -111.56 33.90 -123.01
N MET P 212 -110.61 32.95 -122.97
CA MET P 212 -109.29 33.29 -122.44
C MET P 212 -108.45 34.12 -123.41
N ILE P 213 -108.58 33.90 -124.73
CA ILE P 213 -107.87 34.77 -125.65
C ILE P 213 -108.48 36.15 -125.69
N SER P 214 -109.78 36.27 -125.37
CA SER P 214 -110.34 37.59 -125.11
C SER P 214 -109.90 38.12 -123.74
N LEU P 215 -109.49 37.24 -122.84
CA LEU P 215 -108.98 37.64 -121.53
C LEU P 215 -107.46 37.74 -121.50
N GLU P 216 -106.76 36.63 -121.75
CA GLU P 216 -105.30 36.60 -121.68
C GLU P 216 -104.67 36.29 -123.03
N GLY P 217 -105.04 35.17 -123.66
CA GLY P 217 -104.41 34.77 -124.91
C GLY P 217 -104.20 33.28 -125.01
N GLU P 218 -103.15 32.88 -125.74
CA GLU P 218 -102.85 31.46 -125.90
C GLU P 218 -102.07 30.89 -124.74
N ASP P 219 -101.70 31.70 -123.75
CA ASP P 219 -101.03 31.17 -122.56
C ASP P 219 -101.90 30.14 -121.86
N GLY P 220 -103.22 30.37 -121.83
CA GLY P 220 -104.12 29.38 -121.30
C GLY P 220 -104.05 28.06 -122.06
N LEU P 221 -104.04 28.13 -123.40
CA LEU P 221 -103.89 26.92 -124.20
C LEU P 221 -102.58 26.23 -123.88
N ASP P 222 -101.52 27.00 -123.64
CA ASP P 222 -100.24 26.41 -123.25
C ASP P 222 -100.36 25.67 -121.92
N GLU P 223 -101.05 26.26 -120.95
CA GLU P 223 -101.24 25.60 -119.67
C GLU P 223 -102.44 24.65 -119.67
N ILE P 224 -103.23 24.63 -120.73
CA ILE P 224 -104.28 23.61 -120.86
C ILE P 224 -103.62 22.25 -121.00
N TYR P 225 -103.87 21.37 -120.03
CA TYR P 225 -103.22 20.07 -119.98
C TYR P 225 -104.26 19.00 -119.71
N SER P 226 -103.95 17.77 -120.11
CA SER P 226 -104.77 16.63 -119.74
C SER P 226 -104.86 16.53 -118.23
N PHE P 227 -106.05 16.18 -117.73
CA PHE P 227 -106.25 16.09 -116.29
C PHE P 227 -105.30 15.06 -115.67
N SER P 228 -105.13 13.92 -116.33
CA SER P 228 -104.09 12.98 -115.97
C SER P 228 -102.87 13.23 -116.86
N GLU P 229 -101.85 12.39 -116.68
CA GLU P 229 -100.63 12.45 -117.50
C GLU P 229 -99.95 13.81 -117.39
N SER P 230 -100.33 14.75 -118.26
CA SER P 230 -99.65 16.05 -118.29
C SER P 230 -99.83 16.79 -116.98
N LEU P 231 -101.02 16.75 -116.39
CA LEU P 231 -101.23 17.33 -115.07
C LEU P 231 -100.82 16.40 -113.95
N ARG P 232 -100.55 15.12 -114.26
CA ARG P 232 -100.16 14.18 -113.22
C ARG P 232 -98.78 14.50 -112.65
N LYS P 233 -97.91 15.15 -113.44
CA LYS P 233 -96.60 15.56 -112.92
C LYS P 233 -96.76 16.56 -111.78
N LEU P 234 -97.69 17.50 -111.92
CA LEU P 234 -98.02 18.37 -110.80
C LEU P 234 -98.78 17.61 -109.73
N CYS P 235 -99.46 16.53 -110.11
CA CYS P 235 -100.33 15.79 -109.21
C CYS P 235 -99.59 14.82 -108.30
N VAL P 236 -98.28 15.00 -108.12
CA VAL P 236 -97.51 14.10 -107.27
C VAL P 236 -96.66 14.82 -106.23
N PHE P 237 -96.37 16.12 -106.38
CA PHE P 237 -95.58 16.84 -105.39
C PHE P 237 -96.13 18.26 -105.28
N LYS P 238 -95.37 19.13 -104.62
CA LYS P 238 -95.81 20.48 -104.28
C LYS P 238 -94.74 21.49 -104.67
N LYS P 239 -95.19 22.70 -105.00
CA LYS P 239 -94.32 23.85 -105.20
C LYS P 239 -94.43 24.76 -103.98
N ILE P 240 -93.30 25.09 -103.38
CA ILE P 240 -93.26 25.62 -102.02
C ILE P 240 -92.05 26.53 -101.85
N GLU P 241 -92.17 27.51 -100.96
CA GLU P 241 -91.11 28.47 -100.69
C GLU P 241 -91.37 29.08 -99.32
N ARG P 242 -90.31 29.62 -98.72
CA ARG P 242 -90.36 30.16 -97.36
C ARG P 242 -90.38 31.69 -97.39
N HIS P 243 -91.39 32.27 -96.75
CA HIS P 243 -91.49 33.72 -96.67
C HIS P 243 -90.35 34.30 -95.86
N SER P 244 -89.75 35.37 -96.38
CA SER P 244 -88.73 36.14 -95.69
C SER P 244 -88.61 37.48 -96.42
N ILE P 245 -87.64 38.29 -96.03
CA ILE P 245 -87.37 39.52 -96.76
C ILE P 245 -85.88 39.79 -96.73
N HIS P 246 -85.45 40.88 -97.38
CA HIS P 246 -84.04 41.17 -97.56
C HIS P 246 -83.30 41.23 -96.25
N TRP P 247 -82.15 40.55 -96.19
CA TRP P 247 -81.20 40.66 -95.09
C TRP P 247 -79.84 40.88 -95.74
N PRO P 248 -79.50 42.12 -96.06
CA PRO P 248 -78.39 42.38 -96.99
C PRO P 248 -77.02 42.13 -96.37
N CYS P 249 -76.04 41.99 -97.26
CA CYS P 249 -74.63 41.89 -96.91
C CYS P 249 -73.85 42.96 -97.64
N ARG P 250 -72.52 42.90 -97.60
CA ARG P 250 -71.68 43.91 -98.23
C ARG P 250 -70.45 43.26 -98.83
N LEU P 251 -70.39 43.17 -100.16
CA LEU P 251 -69.21 42.62 -100.80
C LEU P 251 -68.11 43.69 -100.73
N THR P 252 -67.37 43.71 -99.62
CA THR P 252 -66.48 44.83 -99.31
C THR P 252 -65.06 44.53 -99.80
N ILE P 253 -64.90 44.57 -101.11
CA ILE P 253 -63.57 44.61 -101.73
C ILE P 253 -63.24 46.07 -102.00
N GLY P 254 -62.17 46.57 -101.40
CA GLY P 254 -61.84 47.98 -101.48
C GLY P 254 -62.95 48.84 -100.91
N LEU P 257 -66.66 48.74 -101.74
CA LEU P 257 -67.71 48.07 -102.49
C LEU P 257 -68.67 47.42 -101.51
N SER P 258 -69.84 47.04 -102.02
CA SER P 258 -70.85 46.35 -101.22
C SER P 258 -71.63 45.42 -102.14
N ILE P 259 -72.77 44.92 -101.65
CA ILE P 259 -73.61 44.02 -102.43
C ILE P 259 -75.05 44.20 -101.98
N ARG P 260 -75.98 44.03 -102.93
CA ARG P 260 -77.42 44.08 -102.66
C ARG P 260 -77.98 42.67 -102.84
N ILE P 261 -78.52 42.11 -101.76
CA ILE P 261 -79.04 40.75 -101.74
C ILE P 261 -80.32 40.74 -100.91
N ALA P 262 -80.90 39.54 -100.77
CA ALA P 262 -82.11 39.36 -99.98
C ALA P 262 -82.08 37.97 -99.36
N ALA P 263 -82.81 37.83 -98.25
CA ALA P 263 -82.88 36.57 -97.52
C ALA P 263 -84.18 35.86 -97.86
N TYR P 264 -84.07 34.61 -98.31
CA TYR P 264 -85.22 33.78 -98.66
C TYR P 264 -84.83 32.33 -98.48
N LYS P 265 -85.74 31.44 -98.85
CA LYS P 265 -85.48 30.00 -98.90
C LYS P 265 -86.33 29.44 -100.03
N SER P 266 -85.75 29.39 -101.24
CA SER P 266 -86.54 29.11 -102.43
C SER P 266 -86.18 27.80 -103.11
N ILE P 267 -84.93 27.60 -103.55
CA ILE P 267 -84.58 26.39 -104.27
C ILE P 267 -83.25 25.84 -103.78
N LEU P 268 -83.29 24.91 -102.83
CA LEU P 268 -82.10 24.29 -102.29
C LEU P 268 -82.53 23.01 -101.56
N GLN P 269 -81.53 22.18 -101.23
CA GLN P 269 -81.79 20.83 -100.75
C GLN P 269 -82.82 20.81 -99.63
N GLU P 270 -83.60 19.73 -99.59
CA GLU P 270 -84.75 19.61 -98.71
C GLU P 270 -84.32 19.59 -97.25
N ARG P 271 -85.17 20.15 -96.39
CA ARG P 271 -84.92 20.23 -94.97
C ARG P 271 -86.21 19.89 -94.23
N VAL P 272 -86.15 19.90 -92.90
CA VAL P 272 -87.32 19.61 -92.08
C VAL P 272 -88.32 20.75 -92.21
N LYS P 273 -89.58 20.39 -92.47
CA LYS P 273 -90.64 21.39 -92.52
C LYS P 273 -90.99 21.88 -91.12
N LYS P 274 -91.49 20.98 -90.28
CA LYS P 274 -91.84 21.28 -88.91
C LYS P 274 -91.35 20.13 -88.04
N THR P 275 -90.64 20.45 -86.97
CA THR P 275 -90.19 19.41 -86.06
C THR P 275 -91.39 18.72 -85.42
N TRP P 276 -91.21 17.45 -85.07
CA TRP P 276 -92.31 16.67 -84.52
C TRP P 276 -92.81 17.30 -83.23
N THR P 277 -94.00 17.88 -83.27
CA THR P 277 -94.55 18.59 -82.12
C THR P 277 -95.02 17.57 -81.11
N VAL P 278 -94.18 17.28 -80.12
CA VAL P 278 -94.53 16.34 -79.07
C VAL P 278 -95.73 16.89 -78.32
N VAL P 279 -96.75 16.07 -78.14
CA VAL P 279 -97.98 16.49 -77.48
C VAL P 279 -98.30 15.52 -76.36
N ASP P 280 -99.05 16.03 -75.38
CA ASP P 280 -99.45 15.20 -74.25
C ASP P 280 -100.40 14.10 -74.71
N ALA P 281 -100.23 12.91 -74.14
CA ALA P 281 -101.18 11.83 -74.38
C ALA P 281 -102.56 12.13 -73.80
N LYS P 282 -102.66 13.13 -72.94
CA LYS P 282 -103.92 13.52 -72.31
C LYS P 282 -104.67 14.61 -73.07
N THR P 283 -103.96 15.45 -73.82
CA THR P 283 -104.57 16.60 -74.46
C THR P 283 -104.26 16.70 -75.95
N LEU P 284 -103.18 16.06 -76.42
CA LEU P 284 -102.69 16.22 -77.80
C LEU P 284 -102.31 17.67 -78.07
N LYS P 285 -101.95 18.40 -77.02
CA LYS P 285 -101.51 19.77 -77.11
C LYS P 285 -100.29 19.92 -76.20
N LYS P 286 -99.88 21.17 -75.96
CA LYS P 286 -98.69 21.46 -75.16
C LYS P 286 -99.14 21.92 -73.78
N GLU P 287 -99.36 20.96 -72.88
CA GLU P 287 -99.63 21.25 -71.48
C GLU P 287 -98.54 20.73 -70.57
N ASP P 288 -98.17 19.45 -70.71
CA ASP P 288 -97.03 18.87 -70.02
C ASP P 288 -95.84 18.66 -70.94
N ILE P 289 -95.83 19.31 -72.10
CA ILE P 289 -94.73 19.22 -73.04
C ILE P 289 -93.86 20.46 -72.82
N GLN P 290 -92.94 20.35 -71.87
CA GLN P 290 -91.94 21.39 -71.63
C GLN P 290 -90.77 20.77 -70.87
N LYS P 291 -89.61 21.41 -70.99
CA LYS P 291 -88.36 20.89 -70.45
C LYS P 291 -87.90 21.71 -69.26
N GLU P 292 -87.40 21.02 -68.24
CA GLU P 292 -86.85 21.66 -67.05
C GLU P 292 -85.33 21.64 -67.10
N THR P 293 -84.73 22.48 -66.25
CA THR P 293 -83.30 22.46 -66.03
C THR P 293 -83.05 22.35 -64.53
N VAL P 294 -82.29 21.33 -64.14
CA VAL P 294 -81.95 21.13 -62.75
C VAL P 294 -80.47 21.36 -62.48
N TYR P 295 -79.60 21.10 -63.45
CA TYR P 295 -78.17 21.32 -63.31
C TYR P 295 -77.63 20.61 -62.07
N CYS P 296 -78.00 19.34 -61.93
CA CYS P 296 -77.59 18.58 -60.77
C CYS P 296 -76.07 18.57 -60.66
N LEU P 297 -75.53 19.27 -59.67
CA LEU P 297 -74.09 19.42 -59.50
C LEU P 297 -73.44 18.05 -59.40
N ASN P 298 -72.66 17.67 -60.41
CA ASN P 298 -72.08 16.34 -60.45
C ASN P 298 -70.98 16.21 -59.39
N ASP P 299 -71.35 15.71 -58.22
CA ASP P 299 -70.45 15.66 -57.08
C ASP P 299 -70.17 14.22 -56.68
N ASP P 301 -73.98 14.21 -54.33
CA ASP P 301 -73.93 14.36 -55.78
C ASP P 301 -75.26 14.82 -56.34
N GLU P 302 -76.33 14.51 -55.62
CA GLU P 302 -77.68 14.89 -56.05
C GLU P 302 -77.92 16.39 -55.97
N THR P 303 -77.00 17.14 -55.37
CA THR P 303 -77.13 18.58 -55.30
C THR P 303 -77.22 19.17 -56.70
N GLU P 304 -78.08 20.17 -56.84
CA GLU P 304 -78.37 20.79 -58.13
C GLU P 304 -77.73 22.17 -58.21
N VAL P 305 -77.79 22.75 -59.41
CA VAL P 305 -77.24 24.08 -59.66
C VAL P 305 -78.29 24.91 -60.39
N LEU P 306 -78.14 26.21 -60.28
CA LEU P 306 -79.02 27.13 -60.98
C LEU P 306 -78.39 27.53 -62.31
N LYS P 307 -79.09 28.41 -63.04
CA LYS P 307 -78.60 28.82 -64.35
C LYS P 307 -77.27 29.56 -64.24
N GLU P 308 -77.12 30.41 -63.23
CA GLU P 308 -75.85 31.09 -63.02
C GLU P 308 -74.76 30.12 -62.57
N ASP P 309 -75.14 29.05 -61.86
CA ASP P 309 -74.19 28.14 -61.23
C ASP P 309 -73.48 27.24 -62.21
N ILE P 310 -73.56 27.48 -63.51
CA ILE P 310 -72.83 26.72 -64.50
C ILE P 310 -71.89 27.65 -65.24
N ILE P 311 -70.62 27.27 -65.33
CA ILE P 311 -69.64 27.96 -66.16
C ILE P 311 -69.17 26.96 -67.20
N GLN P 312 -69.31 27.32 -68.48
CA GLN P 312 -69.10 26.37 -69.57
C GLN P 312 -67.62 26.04 -69.73
N GLY P 313 -67.06 25.33 -68.75
CA GLY P 313 -65.64 25.05 -68.79
C GLY P 313 -65.24 24.31 -70.05
N PHE P 314 -64.15 24.77 -70.66
CA PHE P 314 -63.68 24.22 -71.93
C PHE P 314 -62.54 23.24 -71.66
N ARG P 315 -62.55 22.13 -72.38
CA ARG P 315 -61.56 21.07 -72.19
C ARG P 315 -60.25 21.52 -72.82
N TYR P 316 -59.44 22.25 -72.05
CA TYR P 316 -58.10 22.58 -72.51
C TYR P 316 -57.24 21.32 -72.42
N GLY P 317 -57.48 20.38 -73.32
CA GLY P 317 -56.68 19.17 -73.36
C GLY P 317 -56.70 18.38 -72.07
N SER P 318 -55.57 18.43 -71.34
CA SER P 318 -55.44 17.63 -70.12
C SER P 318 -56.41 18.07 -69.03
N ASP P 319 -56.82 19.33 -69.03
CA ASP P 319 -57.68 19.85 -67.98
C ASP P 319 -58.78 20.71 -68.58
N ILE P 320 -59.91 20.77 -67.88
CA ILE P 320 -60.99 21.67 -68.24
C ILE P 320 -60.69 23.03 -67.63
N VAL P 321 -60.38 24.00 -68.48
CA VAL P 321 -60.18 25.37 -67.98
C VAL P 321 -61.53 25.93 -67.53
N PRO P 322 -61.60 26.62 -66.39
CA PRO P 322 -62.86 27.29 -66.04
C PRO P 322 -63.12 28.43 -67.00
N PHE P 323 -64.08 28.25 -67.90
CA PHE P 323 -64.23 29.15 -69.02
C PHE P 323 -65.70 29.49 -69.22
N SER P 324 -65.98 30.76 -69.46
CA SER P 324 -67.31 31.24 -69.77
C SER P 324 -67.23 32.23 -70.93
N LYS P 325 -68.38 32.74 -71.36
CA LYS P 325 -68.39 33.74 -72.41
C LYS P 325 -67.67 35.02 -71.99
N VAL P 326 -67.66 35.33 -70.70
CA VAL P 326 -66.85 36.44 -70.21
C VAL P 326 -65.37 36.19 -70.48
N ASP P 327 -64.93 34.93 -70.32
CA ASP P 327 -63.59 34.56 -70.73
C ASP P 327 -63.45 34.59 -72.24
N GLU P 328 -64.52 34.26 -72.97
CA GLU P 328 -64.48 34.29 -74.43
C GLU P 328 -64.30 35.70 -74.96
N GLU P 329 -64.74 36.71 -74.20
CA GLU P 329 -64.56 38.09 -74.63
C GLU P 329 -63.11 38.38 -74.98
N GLN P 330 -62.18 37.84 -74.19
CA GLN P 330 -60.75 37.95 -74.46
C GLN P 330 -60.20 36.67 -75.09
N MET P 331 -61.08 35.80 -75.59
CA MET P 331 -60.66 34.54 -76.18
C MET P 331 -61.44 34.21 -77.45
N LYS P 332 -61.98 35.23 -78.10
CA LYS P 332 -62.79 35.05 -79.30
C LYS P 332 -62.24 35.89 -80.43
N TYR P 333 -62.87 35.77 -81.60
CA TYR P 333 -62.56 36.59 -82.75
C TYR P 333 -63.79 37.38 -83.17
N LYS P 334 -63.61 38.66 -83.43
CA LYS P 334 -64.70 39.51 -83.89
C LYS P 334 -64.87 39.36 -85.39
N SER P 335 -66.12 39.22 -85.83
CA SER P 335 -66.41 39.07 -87.24
C SER P 335 -66.22 40.39 -87.98
N GLU P 336 -66.12 40.29 -89.30
CA GLU P 336 -65.93 41.47 -90.14
C GLU P 336 -67.28 42.05 -90.59
N GLY P 337 -68.16 42.26 -89.63
CA GLY P 337 -69.49 42.75 -89.93
C GLY P 337 -70.26 41.79 -90.83
N LYS P 338 -71.18 42.35 -91.59
CA LYS P 338 -71.92 41.59 -92.59
C LYS P 338 -71.29 41.76 -93.97
N CYS P 339 -70.00 41.41 -94.05
CA CYS P 339 -69.23 41.62 -95.27
C CYS P 339 -69.35 40.41 -96.17
N PHE P 340 -69.59 40.66 -97.46
CA PHE P 340 -69.55 39.66 -98.51
C PHE P 340 -68.29 39.79 -99.36
N SER P 341 -67.22 40.32 -98.75
CA SER P 341 -66.02 40.71 -99.48
C SER P 341 -65.38 39.50 -100.17
N VAL P 342 -64.39 39.79 -101.01
CA VAL P 342 -63.58 38.77 -101.66
C VAL P 342 -62.13 39.02 -101.28
N LEU P 343 -61.43 37.95 -100.88
CA LEU P 343 -60.08 38.07 -100.35
C LEU P 343 -59.00 37.82 -101.39
N GLY P 344 -59.22 36.89 -102.32
CA GLY P 344 -58.23 36.58 -103.32
C GLY P 344 -58.89 36.01 -104.56
N PHE P 345 -58.13 35.96 -105.64
CA PHE P 345 -58.61 35.49 -106.94
C PHE P 345 -57.76 34.31 -107.39
N CYS P 346 -58.42 33.20 -107.69
CA CYS P 346 -57.76 31.95 -108.04
C CYS P 346 -58.22 31.46 -109.40
N LYS P 347 -57.43 30.56 -109.98
CA LYS P 347 -57.86 29.87 -111.19
C LYS P 347 -59.04 28.97 -110.88
N SER P 348 -60.00 28.93 -111.81
CA SER P 348 -61.21 28.14 -111.59
C SER P 348 -60.96 26.64 -111.58
N SER P 349 -59.79 26.20 -112.02
CA SER P 349 -59.53 24.76 -112.13
C SER P 349 -59.29 24.11 -110.78
N GLN P 350 -58.85 24.87 -109.77
CA GLN P 350 -58.45 24.28 -108.50
C GLN P 350 -59.63 23.91 -107.61
N VAL P 351 -60.82 24.43 -107.89
CA VAL P 351 -61.94 24.26 -106.96
C VAL P 351 -62.34 22.77 -106.86
N GLN P 352 -62.94 22.42 -105.73
CA GLN P 352 -63.37 21.05 -105.45
C GLN P 352 -64.83 21.06 -105.02
N ARG P 353 -65.62 20.18 -105.63
CA ARG P 353 -67.03 20.07 -105.26
C ARG P 353 -67.18 19.56 -103.83
N ARG P 354 -66.34 18.61 -103.43
CA ARG P 354 -66.38 18.12 -102.05
C ARG P 354 -66.04 19.21 -101.05
N PHE P 355 -65.25 20.20 -101.45
CA PHE P 355 -64.88 21.30 -100.57
C PHE P 355 -65.83 22.47 -100.68
N PHE P 356 -67.12 22.19 -100.49
CA PHE P 356 -68.17 23.20 -100.55
C PHE P 356 -68.87 23.27 -99.19
N MET P 357 -68.98 24.48 -98.65
CA MET P 357 -69.66 24.72 -97.39
C MET P 357 -70.47 26.01 -97.48
N GLY P 358 -71.47 26.12 -96.60
CA GLY P 358 -72.35 27.27 -96.50
C GLY P 358 -73.80 26.83 -96.46
N ASN P 359 -74.71 27.80 -96.48
CA ASN P 359 -76.13 27.46 -96.64
C ASN P 359 -76.88 28.43 -97.56
N GLN P 360 -76.19 29.21 -98.38
CA GLN P 360 -76.82 29.86 -99.52
C GLN P 360 -75.74 30.18 -100.54
N VAL P 361 -76.18 30.68 -101.69
CA VAL P 361 -75.30 31.31 -102.67
C VAL P 361 -75.87 32.68 -103.01
N LEU P 362 -75.04 33.70 -102.89
CA LEU P 362 -75.47 35.07 -103.19
C LEU P 362 -75.44 35.26 -104.69
N LYS P 363 -76.58 35.00 -105.32
CA LYS P 363 -76.73 35.19 -106.77
C LYS P 363 -76.84 36.68 -107.04
N VAL P 364 -75.67 37.33 -107.16
CA VAL P 364 -75.60 38.77 -107.30
C VAL P 364 -76.05 39.18 -108.70
N PHE P 365 -77.28 39.66 -108.81
CA PHE P 365 -77.83 40.15 -110.06
C PHE P 365 -77.56 41.65 -110.19
N ALA P 366 -78.25 42.30 -111.13
CA ALA P 366 -78.13 43.75 -111.27
C ALA P 366 -78.49 44.44 -109.97
N ALA P 367 -77.66 45.37 -109.55
CA ALA P 367 -77.81 46.01 -108.26
C ALA P 367 -78.98 47.01 -108.27
N ARG P 368 -79.38 47.42 -107.08
CA ARG P 368 -80.52 48.31 -106.92
C ARG P 368 -80.12 49.74 -107.25
N ASP P 369 -80.94 50.41 -108.08
CA ASP P 369 -80.80 51.81 -108.45
C ASP P 369 -79.37 52.21 -108.79
N ASP P 370 -78.58 51.29 -109.35
CA ASP P 370 -77.20 51.57 -109.75
C ASP P 370 -76.94 50.81 -111.05
N GLU P 371 -77.16 51.50 -112.17
CA GLU P 371 -76.95 50.87 -113.47
C GLU P 371 -75.48 50.62 -113.76
N ALA P 372 -74.61 51.54 -113.33
CA ALA P 372 -73.18 51.29 -113.42
C ALA P 372 -72.80 50.02 -112.65
N ALA P 373 -73.44 49.80 -111.50
CA ALA P 373 -73.23 48.56 -110.76
C ALA P 373 -73.66 47.35 -111.59
N ALA P 374 -74.81 47.46 -112.27
CA ALA P 374 -75.30 46.32 -113.05
C ALA P 374 -74.34 45.98 -114.19
N VAL P 375 -73.94 46.98 -114.96
CA VAL P 375 -73.06 46.71 -116.10
C VAL P 375 -71.70 46.24 -115.62
N ALA P 376 -71.17 46.85 -114.55
CA ALA P 376 -69.89 46.40 -114.00
C ALA P 376 -69.97 44.97 -113.51
N LEU P 377 -71.06 44.62 -112.84
CA LEU P 377 -71.23 43.26 -112.32
C LEU P 377 -71.29 42.24 -113.44
N SER P 378 -72.11 42.51 -114.47
CA SER P 378 -72.22 41.56 -115.57
C SER P 378 -70.90 41.40 -116.31
N SER P 379 -70.26 42.54 -116.63
CA SER P 379 -68.98 42.49 -117.33
C SER P 379 -67.93 41.78 -116.49
N LEU P 380 -67.92 42.03 -115.18
CA LEU P 380 -66.90 41.44 -114.32
C LEU P 380 -67.10 39.94 -114.15
N ILE P 381 -68.34 39.48 -113.98
CA ILE P 381 -68.56 38.04 -113.85
C ILE P 381 -68.22 37.34 -115.15
N HIS P 382 -68.58 37.93 -116.30
CA HIS P 382 -68.23 37.31 -117.56
C HIS P 382 -66.73 37.31 -117.80
N ALA P 383 -66.04 38.40 -117.43
CA ALA P 383 -64.60 38.48 -117.61
C ALA P 383 -63.87 37.52 -116.68
N LEU P 384 -64.36 37.35 -115.45
CA LEU P 384 -63.77 36.38 -114.54
C LEU P 384 -64.01 34.95 -115.01
N ASP P 385 -65.16 34.69 -115.62
CA ASP P 385 -65.38 33.39 -116.26
C ASP P 385 -64.39 33.17 -117.39
N ASP P 386 -64.14 34.22 -118.19
CA ASP P 386 -63.15 34.12 -119.25
C ASP P 386 -61.76 33.85 -118.69
N LEU P 387 -61.38 34.55 -117.63
CA LEU P 387 -60.07 34.38 -117.01
C LEU P 387 -59.98 33.11 -116.17
N ASP P 388 -61.12 32.50 -115.86
CA ASP P 388 -61.20 31.45 -114.84
C ASP P 388 -60.70 31.93 -113.49
N MET P 389 -60.64 33.25 -113.30
CA MET P 389 -60.06 33.85 -112.11
C MET P 389 -61.14 33.96 -111.04
N VAL P 390 -61.49 32.81 -110.48
CA VAL P 390 -62.52 32.77 -109.45
C VAL P 390 -62.00 33.42 -108.18
N ALA P 391 -62.83 34.26 -107.57
CA ALA P 391 -62.45 34.98 -106.37
C ALA P 391 -62.79 34.17 -105.12
N ILE P 392 -62.03 34.40 -104.06
CA ILE P 392 -62.25 33.78 -102.76
C ILE P 392 -63.06 34.79 -101.94
N VAL P 393 -64.36 34.52 -101.78
CA VAL P 393 -65.29 35.48 -101.21
C VAL P 393 -65.06 35.52 -99.70
N ARG P 394 -64.38 36.57 -99.24
CA ARG P 394 -64.13 36.80 -97.82
C ARG P 394 -65.43 37.29 -97.18
N TYR P 395 -66.28 36.35 -96.83
CA TYR P 395 -67.62 36.67 -96.36
C TYR P 395 -67.71 36.66 -94.85
N ALA P 396 -68.71 37.38 -94.33
CA ALA P 396 -69.10 37.29 -92.93
C ALA P 396 -70.59 37.60 -92.83
N TYR P 397 -71.33 36.74 -92.13
CA TYR P 397 -72.78 36.91 -92.02
C TYR P 397 -73.13 38.20 -91.31
N ASP P 398 -72.57 38.40 -90.12
CA ASP P 398 -72.72 39.64 -89.35
C ASP P 398 -71.74 39.56 -88.19
N LYS P 399 -71.80 40.57 -87.31
CA LYS P 399 -70.94 40.57 -86.13
C LYS P 399 -71.28 39.42 -85.19
N ARG P 400 -72.56 39.02 -85.14
CA ARG P 400 -72.96 37.92 -84.28
C ARG P 400 -72.47 36.58 -84.79
N ALA P 401 -72.31 36.44 -86.11
CA ALA P 401 -71.75 35.22 -86.69
C ALA P 401 -70.23 35.38 -86.85
N ASN P 402 -69.62 34.50 -87.64
CA ASN P 402 -68.17 34.47 -87.80
C ASN P 402 -67.76 34.79 -89.23
N PRO P 403 -66.56 35.33 -89.44
CA PRO P 403 -66.10 35.61 -90.80
C PRO P 403 -65.74 34.32 -91.53
N GLN P 404 -65.78 34.40 -92.86
CA GLN P 404 -65.69 33.21 -93.71
C GLN P 404 -64.82 33.48 -94.93
N VAL P 405 -64.50 32.39 -95.63
CA VAL P 405 -64.01 32.46 -97.00
C VAL P 405 -65.15 32.03 -97.93
N GLY P 406 -64.91 32.14 -99.23
CA GLY P 406 -65.88 31.68 -100.20
C GLY P 406 -65.28 31.40 -101.56
N VAL P 407 -66.13 31.15 -102.54
CA VAL P 407 -65.71 31.00 -103.93
C VAL P 407 -66.56 31.95 -104.76
N ALA P 408 -66.05 32.34 -105.92
CA ALA P 408 -66.75 33.27 -106.81
C ALA P 408 -66.58 32.80 -108.25
N PHE P 409 -67.53 31.99 -108.71
CA PHE P 409 -67.60 31.60 -110.10
C PHE P 409 -69.02 31.82 -110.62
N PRO P 410 -69.18 32.40 -111.80
CA PRO P 410 -70.53 32.67 -112.31
C PRO P 410 -71.21 31.43 -112.84
N HIS P 411 -72.51 31.33 -112.55
CA HIS P 411 -73.35 30.24 -113.03
C HIS P 411 -74.24 30.81 -114.12
N ILE P 412 -73.93 30.47 -115.37
CA ILE P 412 -74.65 30.98 -116.53
C ILE P 412 -75.77 29.99 -116.86
N LYS P 413 -77.00 30.47 -116.88
CA LYS P 413 -78.15 29.62 -117.22
C LYS P 413 -79.05 30.31 -118.22
N HIS P 414 -80.21 29.73 -118.50
CA HIS P 414 -81.15 30.33 -119.44
C HIS P 414 -81.86 31.54 -118.85
N ASN P 415 -82.03 31.60 -117.53
CA ASN P 415 -82.69 32.71 -116.88
C ASN P 415 -81.73 33.56 -116.06
N TYR P 416 -80.95 32.93 -115.17
CA TYR P 416 -80.07 33.63 -114.25
C TYR P 416 -78.62 33.27 -114.52
N GLU P 417 -77.79 34.29 -114.70
CA GLU P 417 -76.37 34.15 -115.07
C GLU P 417 -75.56 35.10 -114.19
N CYS P 418 -75.13 34.63 -113.03
CA CYS P 418 -74.38 35.48 -112.12
C CYS P 418 -73.54 34.62 -111.19
N LEU P 419 -72.97 35.25 -110.17
CA LEU P 419 -71.90 34.67 -109.36
C LEU P 419 -72.44 33.60 -108.42
N VAL P 420 -71.55 32.69 -108.02
CA VAL P 420 -71.83 31.67 -107.02
C VAL P 420 -70.86 31.85 -105.86
N TYR P 421 -71.40 31.88 -104.64
CA TYR P 421 -70.60 31.99 -103.43
C TYR P 421 -70.76 30.73 -102.60
N VAL P 422 -69.71 29.92 -102.52
CA VAL P 422 -69.67 28.75 -101.66
C VAL P 422 -68.40 28.80 -100.82
N GLN P 423 -68.54 28.61 -99.51
CA GLN P 423 -67.38 28.68 -98.63
C GLN P 423 -66.39 27.57 -98.92
N LEU P 424 -65.12 27.88 -98.77
CA LEU P 424 -64.00 27.00 -99.05
C LEU P 424 -63.40 26.48 -97.75
N PRO P 425 -62.69 25.35 -97.81
CA PRO P 425 -62.16 24.74 -96.57
C PRO P 425 -61.04 25.53 -95.92
N PHE P 426 -60.58 25.03 -94.77
CA PHE P 426 -59.47 25.60 -94.03
C PHE P 426 -58.57 24.45 -93.61
N MET P 427 -57.61 24.72 -92.71
CA MET P 427 -56.75 23.64 -92.22
C MET P 427 -57.53 22.57 -91.49
N GLU P 428 -58.73 22.88 -91.00
CA GLU P 428 -59.55 21.90 -90.30
C GLU P 428 -60.63 21.28 -91.19
N ASP P 429 -60.98 21.91 -92.31
CA ASP P 429 -62.01 21.39 -93.21
C ASP P 429 -61.42 20.52 -94.30
N LEU P 430 -60.29 19.87 -94.04
CA LEU P 430 -59.69 18.97 -95.02
C LEU P 430 -60.44 17.65 -94.97
N ARG P 431 -61.54 17.58 -95.72
CA ARG P 431 -62.31 16.35 -95.84
C ARG P 431 -61.48 15.35 -96.64
N GLN P 432 -60.84 14.42 -95.94
CA GLN P 432 -59.90 13.50 -96.54
C GLN P 432 -60.15 12.11 -95.99
N TYR P 433 -60.18 11.12 -96.88
CA TYR P 433 -60.46 9.74 -96.51
C TYR P 433 -59.23 8.88 -96.75
N MET P 434 -58.81 8.16 -95.72
CA MET P 434 -57.64 7.28 -95.78
C MET P 434 -58.14 5.84 -95.85
N PHE P 435 -58.07 5.24 -97.04
CA PHE P 435 -58.46 3.86 -97.24
C PHE P 435 -57.54 3.27 -98.31
N SER P 436 -57.91 2.12 -98.85
CA SER P 436 -57.13 1.48 -99.89
C SER P 436 -57.23 2.26 -101.19
N SER P 437 -56.08 2.54 -101.81
CA SER P 437 -56.07 3.22 -103.09
C SER P 437 -56.56 2.29 -104.19
N LEU P 438 -57.09 2.89 -105.26
CA LEU P 438 -57.83 2.14 -106.26
C LEU P 438 -56.96 1.69 -107.43
N LYS P 439 -56.40 2.64 -108.18
CA LYS P 439 -55.77 2.31 -109.45
C LYS P 439 -54.46 1.53 -109.25
N ASN P 440 -53.66 1.95 -108.28
CA ASN P 440 -52.40 1.25 -108.01
C ASN P 440 -52.61 -0.13 -107.41
N SER P 441 -53.83 -0.46 -107.01
CA SER P 441 -54.10 -1.74 -106.37
C SER P 441 -54.02 -2.88 -107.38
N LYS P 442 -52.82 -3.41 -107.59
CA LYS P 442 -52.67 -4.60 -108.42
C LYS P 442 -53.23 -5.84 -107.73
N LYS P 443 -53.32 -5.82 -106.40
CA LYS P 443 -53.97 -6.90 -105.68
C LYS P 443 -55.43 -7.02 -106.09
N TYR P 444 -56.07 -5.90 -106.44
CA TYR P 444 -57.42 -5.86 -106.98
C TYR P 444 -57.37 -5.04 -108.26
N ALA P 445 -56.95 -5.69 -109.34
CA ALA P 445 -56.85 -5.08 -110.67
C ALA P 445 -57.72 -5.91 -111.60
N PRO P 446 -58.97 -5.55 -111.78
CA PRO P 446 -59.94 -6.43 -112.44
C PRO P 446 -59.75 -6.45 -113.95
N THR P 447 -60.62 -7.18 -114.63
CA THR P 447 -60.48 -7.43 -116.06
C THR P 447 -60.83 -6.17 -116.86
N GLU P 448 -60.77 -6.31 -118.18
CA GLU P 448 -60.98 -5.19 -119.10
C GLU P 448 -62.26 -5.28 -119.90
N ALA P 449 -62.85 -6.47 -120.04
CA ALA P 449 -64.22 -6.53 -120.52
C ALA P 449 -65.16 -5.79 -119.59
N GLN P 450 -64.84 -5.80 -118.30
CA GLN P 450 -65.53 -4.94 -117.34
C GLN P 450 -65.40 -3.47 -117.72
N LEU P 451 -64.28 -3.08 -118.31
CA LEU P 451 -64.08 -1.67 -118.64
C LEU P 451 -65.05 -1.21 -119.71
N ASN P 452 -65.14 -1.95 -120.82
CA ASN P 452 -66.13 -1.64 -121.85
C ASN P 452 -67.54 -1.81 -121.31
N ALA P 453 -67.74 -2.76 -120.40
CA ALA P 453 -69.03 -2.91 -119.73
C ALA P 453 -69.41 -1.63 -119.00
N VAL P 454 -68.45 -1.06 -118.25
CA VAL P 454 -68.69 0.17 -117.51
C VAL P 454 -68.97 1.32 -118.47
N ASP P 455 -68.22 1.37 -119.57
CA ASP P 455 -68.43 2.43 -120.55
C ASP P 455 -69.85 2.41 -121.10
N ALA P 456 -70.30 1.23 -121.55
CA ALA P 456 -71.66 1.13 -122.09
C ALA P 456 -72.71 1.35 -121.00
N LEU P 457 -72.42 0.93 -119.77
CA LEU P 457 -73.33 1.18 -118.66
C LEU P 457 -73.51 2.67 -118.43
N ILE P 458 -72.39 3.42 -118.45
CA ILE P 458 -72.43 4.86 -118.31
C ILE P 458 -73.24 5.48 -119.45
N ASP P 459 -73.01 5.02 -120.69
CA ASP P 459 -73.77 5.53 -121.81
C ASP P 459 -75.26 5.27 -121.64
N SER P 460 -75.62 4.17 -120.99
CA SER P 460 -77.03 3.82 -120.82
C SER P 460 -77.63 4.42 -119.55
N MET P 461 -77.01 4.18 -118.37
CA MET P 461 -77.45 4.88 -117.16
C MET P 461 -77.29 6.35 -117.20
N SER P 462 -76.96 7.05 -118.29
CA SER P 462 -76.99 8.50 -118.17
C SER P 462 -78.43 8.94 -117.98
N LEU P 463 -78.86 9.05 -116.72
CA LEU P 463 -80.26 9.25 -116.37
C LEU P 463 -80.67 10.70 -116.35
N ALA P 464 -79.97 11.55 -117.11
CA ALA P 464 -80.39 12.92 -117.34
C ALA P 464 -80.11 13.25 -118.80
N LYS P 465 -81.11 13.79 -119.49
CA LYS P 465 -80.90 14.17 -120.88
C LYS P 465 -79.87 15.28 -120.97
N LYS P 466 -78.91 15.12 -121.87
CA LYS P 466 -77.89 16.15 -122.07
C LYS P 466 -78.56 17.42 -122.57
N ASP P 467 -78.06 18.56 -122.10
CA ASP P 467 -78.69 19.84 -122.41
C ASP P 467 -78.69 20.09 -123.92
N GLU P 468 -79.85 20.49 -124.43
CA GLU P 468 -80.01 20.74 -125.85
C GLU P 468 -79.66 22.19 -126.18
N LYS P 469 -79.85 22.57 -127.44
CA LYS P 469 -79.54 23.93 -127.87
C LYS P 469 -80.50 24.95 -127.28
N THR P 470 -81.67 24.53 -126.81
CA THR P 470 -82.65 25.42 -126.23
C THR P 470 -82.48 25.57 -124.72
N ASP P 471 -81.28 25.30 -124.20
CA ASP P 471 -81.00 25.36 -122.76
C ASP P 471 -81.95 24.46 -121.99
N THR P 472 -82.26 23.29 -122.55
CA THR P 472 -83.19 22.34 -121.96
C THR P 472 -82.44 21.48 -120.96
N LEU P 473 -82.43 21.93 -119.70
CA LEU P 473 -81.80 21.18 -118.62
C LEU P 473 -82.70 20.02 -118.21
N GLU P 474 -82.85 19.03 -119.09
CA GLU P 474 -83.77 17.93 -118.88
C GLU P 474 -83.10 16.81 -118.10
N ASP P 475 -83.85 16.22 -117.17
CA ASP P 475 -83.39 15.12 -116.34
C ASP P 475 -84.36 13.96 -116.47
N LEU P 476 -83.83 12.76 -116.74
CA LEU P 476 -84.68 11.57 -116.73
C LEU P 476 -85.08 11.19 -115.31
N PHE P 477 -84.25 11.55 -114.33
CA PHE P 477 -84.59 11.47 -112.91
C PHE P 477 -84.31 12.84 -112.31
N PRO P 478 -85.22 13.80 -112.49
CA PRO P 478 -84.99 15.15 -111.96
C PRO P 478 -84.84 15.15 -110.45
N THR P 479 -83.71 15.67 -109.98
CA THR P 479 -83.36 15.73 -108.57
C THR P 479 -83.25 17.17 -108.06
N THR P 480 -82.74 18.07 -108.88
CA THR P 480 -82.46 19.43 -108.44
C THR P 480 -83.74 20.16 -108.04
N LYS P 481 -84.83 19.92 -108.77
CA LYS P 481 -86.08 20.61 -108.51
C LYS P 481 -87.11 19.75 -107.78
N ILE P 482 -87.27 18.49 -108.20
CA ILE P 482 -88.25 17.59 -107.59
C ILE P 482 -87.77 17.16 -106.22
N PRO P 483 -88.66 17.12 -105.21
CA PRO P 483 -88.21 16.89 -103.82
C PRO P 483 -87.62 15.53 -103.53
N ASN P 484 -87.40 15.26 -102.24
CA ASN P 484 -86.88 13.94 -101.78
C ASN P 484 -88.04 12.95 -101.63
N PRO P 485 -87.84 11.66 -101.27
CA PRO P 485 -88.96 10.73 -101.03
C PRO P 485 -89.48 10.55 -99.60
N ARG P 486 -88.82 11.13 -98.59
CA ARG P 486 -89.26 10.86 -97.18
C ARG P 486 -89.99 12.07 -96.58
N PHE P 487 -89.73 13.28 -97.06
CA PHE P 487 -90.53 14.45 -96.59
C PHE P 487 -91.92 14.28 -97.20
N GLN P 488 -91.97 13.83 -98.46
CA GLN P 488 -93.22 13.48 -99.12
C GLN P 488 -93.86 12.27 -98.48
N ARG P 489 -93.04 11.38 -97.92
CA ARG P 489 -93.58 10.29 -97.11
C ARG P 489 -94.31 10.82 -95.89
N LEU P 490 -93.74 11.85 -95.24
CA LEU P 490 -94.41 12.50 -94.12
C LEU P 490 -95.70 13.16 -94.58
N PHE P 491 -95.68 13.78 -95.77
CA PHE P 491 -96.89 14.39 -96.31
C PHE P 491 -97.99 13.35 -96.50
N GLN P 492 -97.63 12.19 -97.06
CA GLN P 492 -98.61 11.11 -97.22
C GLN P 492 -99.10 10.60 -95.87
N CYS P 493 -98.18 10.44 -94.91
CA CYS P 493 -98.56 9.93 -93.59
C CYS P 493 -99.48 10.90 -92.88
N LEU P 494 -99.22 12.20 -93.00
CA LEU P 494 -100.06 13.20 -92.37
C LEU P 494 -101.41 13.33 -93.07
N LEU P 495 -101.45 13.15 -94.39
CA LEU P 495 -102.73 13.01 -95.06
C LEU P 495 -103.49 11.80 -94.52
N HIS P 496 -102.77 10.68 -94.32
CA HIS P 496 -103.38 9.47 -93.80
C HIS P 496 -103.96 9.68 -92.41
N ARG P 497 -103.22 10.38 -91.55
CA ARG P 497 -103.61 10.60 -90.16
C ARG P 497 -104.54 11.79 -89.97
N ALA P 498 -104.69 12.65 -90.97
CA ALA P 498 -105.62 13.77 -90.91
C ALA P 498 -106.96 13.44 -91.54
N LEU P 499 -106.95 12.82 -92.73
CA LEU P 499 -108.18 12.33 -93.31
C LEU P 499 -108.83 11.28 -92.42
N HIS P 500 -108.02 10.53 -91.68
CA HIS P 500 -108.52 9.56 -90.71
C HIS P 500 -107.47 9.37 -89.60
N PRO P 501 -107.71 9.91 -88.41
CA PRO P 501 -106.72 9.75 -87.32
C PRO P 501 -106.49 8.31 -86.91
N ARG P 502 -107.36 7.38 -87.31
CA ARG P 502 -107.12 5.96 -87.08
C ARG P 502 -106.42 5.29 -88.25
N GLU P 503 -106.04 6.06 -89.26
CA GLU P 503 -105.17 5.58 -90.33
C GLU P 503 -103.73 5.99 -90.00
N PRO P 504 -102.95 5.13 -89.37
CA PRO P 504 -101.62 5.54 -88.89
C PRO P 504 -100.64 5.80 -90.01
N LEU P 505 -100.51 4.87 -90.95
CA LEU P 505 -99.39 4.91 -91.88
C LEU P 505 -99.81 4.37 -93.25
N PRO P 506 -99.72 5.20 -94.29
CA PRO P 506 -100.09 4.76 -95.64
C PRO P 506 -98.93 4.06 -96.31
N PRO P 507 -99.09 3.60 -97.55
CA PRO P 507 -97.94 3.01 -98.27
C PRO P 507 -96.84 4.04 -98.48
N ILE P 508 -95.64 3.53 -98.71
CA ILE P 508 -94.48 4.39 -98.92
C ILE P 508 -94.72 5.30 -100.10
N GLN P 509 -94.26 6.55 -99.98
CA GLN P 509 -94.47 7.54 -101.03
C GLN P 509 -93.66 7.15 -102.25
N GLN P 510 -94.35 6.59 -103.25
CA GLN P 510 -93.72 6.22 -104.51
C GLN P 510 -93.49 7.41 -105.42
N HIS P 511 -93.66 8.63 -104.90
CA HIS P 511 -93.43 9.85 -105.68
C HIS P 511 -92.06 9.84 -106.33
N ILE P 512 -91.02 9.55 -105.56
CA ILE P 512 -89.70 9.40 -106.15
C ILE P 512 -89.52 8.00 -106.74
N TRP P 513 -90.11 6.99 -106.08
CA TRP P 513 -89.80 5.61 -106.44
C TRP P 513 -90.16 5.29 -107.89
N ASN P 514 -91.32 5.74 -108.35
CA ASN P 514 -91.72 5.46 -109.73
C ASN P 514 -90.78 6.14 -110.72
N MET P 515 -90.41 7.38 -110.45
CA MET P 515 -89.54 8.16 -111.34
C MET P 515 -88.07 8.11 -110.94
N LEU P 516 -87.73 7.50 -109.80
CA LEU P 516 -86.35 7.37 -109.35
C LEU P 516 -85.71 6.06 -109.76
N ASN P 517 -86.13 5.48 -110.87
CA ASN P 517 -85.52 4.26 -111.37
C ASN P 517 -85.10 4.45 -112.82
N PRO P 518 -83.98 3.82 -113.23
CA PRO P 518 -83.57 3.92 -114.62
C PRO P 518 -84.59 3.27 -115.53
N PRO P 519 -84.77 3.80 -116.74
CA PRO P 519 -85.70 3.16 -117.68
C PRO P 519 -85.25 1.74 -118.01
N ALA P 520 -86.23 0.88 -118.30
CA ALA P 520 -85.91 -0.50 -118.63
C ALA P 520 -85.03 -0.60 -119.87
N GLU P 521 -85.13 0.38 -120.77
CA GLU P 521 -84.34 0.34 -122.00
C GLU P 521 -82.85 0.43 -121.70
N VAL P 522 -82.45 1.39 -120.88
CA VAL P 522 -81.03 1.57 -120.59
C VAL P 522 -80.51 0.41 -119.76
N THR P 523 -81.32 -0.11 -118.83
CA THR P 523 -80.91 -1.28 -118.07
C THR P 523 -80.70 -2.48 -118.98
N THR P 524 -81.60 -2.69 -119.95
CA THR P 524 -81.41 -3.78 -120.90
C THR P 524 -80.17 -3.56 -121.76
N LYS P 525 -79.91 -2.30 -122.14
CA LYS P 525 -78.72 -1.99 -122.91
C LYS P 525 -77.45 -2.33 -122.14
N SER P 526 -77.44 -2.02 -120.84
CA SER P 526 -76.29 -2.36 -120.01
C SER P 526 -76.28 -3.81 -119.55
N GLN P 527 -77.37 -4.54 -119.78
CA GLN P 527 -77.47 -5.90 -119.26
C GLN P 527 -76.27 -6.75 -119.67
N ILE P 528 -75.92 -6.73 -120.96
CA ILE P 528 -74.71 -7.43 -121.40
C ILE P 528 -73.46 -6.81 -120.77
N PRO P 529 -73.29 -5.48 -120.75
CA PRO P 529 -72.26 -4.91 -119.86
C PRO P 529 -72.44 -5.32 -118.41
N LEU P 530 -73.68 -5.33 -117.91
CA LEU P 530 -73.92 -5.82 -116.56
C LEU P 530 -73.60 -7.29 -116.44
N SER P 531 -73.83 -8.07 -117.50
CA SER P 531 -73.46 -9.48 -117.49
C SER P 531 -71.95 -9.63 -117.31
N LYS P 532 -71.18 -8.85 -118.06
CA LYS P 532 -69.71 -8.90 -117.89
C LYS P 532 -69.31 -8.47 -116.50
N ILE P 533 -69.94 -7.41 -115.98
CA ILE P 533 -69.60 -6.90 -114.66
C ILE P 533 -69.83 -7.97 -113.60
N LYS P 534 -70.99 -8.62 -113.65
CA LYS P 534 -71.31 -9.61 -112.63
C LYS P 534 -70.53 -10.90 -112.81
N THR P 535 -70.17 -11.25 -114.05
CA THR P 535 -69.42 -12.47 -114.29
C THR P 535 -67.93 -12.30 -114.11
N LEU P 536 -67.43 -11.07 -113.96
CA LEU P 536 -66.01 -10.85 -113.83
C LEU P 536 -65.57 -10.20 -112.52
N PHE P 537 -66.47 -9.55 -111.79
CA PHE P 537 -66.10 -8.86 -110.55
C PHE P 537 -66.34 -9.77 -109.35
N PRO P 538 -65.33 -10.02 -108.52
CA PRO P 538 -65.55 -10.74 -107.26
C PRO P 538 -65.77 -9.81 -106.08
N LEU P 539 -66.68 -10.20 -105.20
CA LEU P 539 -66.96 -9.45 -103.98
C LEU P 539 -67.71 -10.36 -103.01
N ILE P 540 -67.95 -9.85 -101.81
CA ILE P 540 -68.61 -10.60 -100.74
C ILE P 540 -69.78 -9.77 -100.22
N GLU P 541 -70.40 -10.27 -99.15
CA GLU P 541 -71.64 -9.71 -98.63
C GLU P 541 -71.40 -8.40 -97.88
N ALA P 542 -72.49 -7.81 -97.41
CA ALA P 542 -72.46 -6.54 -96.66
C ALA P 542 -73.15 -6.71 -95.31
N LYS P 543 -73.43 -5.61 -94.62
CA LYS P 543 -73.94 -5.65 -93.26
C LYS P 543 -75.03 -4.58 -93.12
N LYS P 544 -75.35 -4.23 -91.88
CA LYS P 544 -76.49 -3.38 -91.52
C LYS P 544 -77.80 -4.06 -91.91
N LYS P 545 -78.03 -5.21 -91.29
CA LYS P 545 -79.21 -6.04 -91.56
C LYS P 545 -80.24 -5.75 -90.47
N ASP P 546 -81.26 -4.97 -90.82
CA ASP P 546 -82.34 -4.68 -89.88
C ASP P 546 -83.45 -5.71 -90.03
N GLN P 547 -83.57 -6.61 -89.05
CA GLN P 547 -84.59 -7.63 -89.06
C GLN P 547 -85.77 -7.19 -88.19
N VAL P 548 -86.72 -8.10 -88.00
CA VAL P 548 -87.85 -7.83 -87.12
C VAL P 548 -87.34 -7.64 -85.70
N THR P 549 -87.85 -6.61 -85.02
CA THR P 549 -87.31 -6.27 -83.71
C THR P 549 -87.66 -7.31 -82.66
N ALA P 550 -88.83 -7.94 -82.75
CA ALA P 550 -89.24 -8.91 -81.74
C ALA P 550 -89.87 -10.10 -82.45
N GLN P 551 -90.53 -10.96 -81.68
CA GLN P 551 -91.12 -12.19 -82.19
C GLN P 551 -92.63 -12.00 -82.40
N GLU P 552 -92.98 -11.13 -83.34
CA GLU P 552 -94.39 -10.89 -83.62
C GLU P 552 -95.07 -12.15 -84.13
N ILE P 553 -96.39 -12.16 -84.04
CA ILE P 553 -97.16 -13.26 -84.60
C ILE P 553 -96.94 -13.30 -86.10
N PHE P 554 -96.26 -14.35 -86.58
CA PHE P 554 -95.94 -14.47 -87.99
C PHE P 554 -96.46 -15.80 -88.53
N CYS S 10 41.59 84.12 95.97
CA CYS S 10 41.75 85.45 95.39
C CYS S 10 41.69 85.38 93.87
N SER S 11 40.99 84.36 93.35
CA SER S 11 40.88 84.20 91.92
C SER S 11 40.19 85.39 91.28
N LEU S 12 39.01 85.75 91.78
CA LEU S 12 38.25 86.85 91.18
C LEU S 12 38.82 88.22 91.55
N LEU S 13 39.50 88.36 92.69
CA LEU S 13 40.14 89.63 92.98
C LEU S 13 41.27 89.91 92.00
N ARG S 14 42.15 88.94 91.79
CA ARG S 14 43.20 89.11 90.81
C ARG S 14 42.64 89.21 89.40
N LEU S 15 41.51 88.53 89.14
CA LEU S 15 40.84 88.68 87.86
C LEU S 15 40.35 90.11 87.65
N GLN S 16 39.73 90.69 88.67
CA GLN S 16 39.31 92.09 88.59
C GLN S 16 40.51 93.00 88.39
N GLU S 17 41.61 92.74 89.10
CA GLU S 17 42.79 93.58 88.97
C GLU S 17 43.37 93.51 87.56
N THR S 18 43.49 92.30 87.01
CA THR S 18 44.07 92.15 85.68
C THR S 18 43.15 92.70 84.59
N LEU S 19 41.86 92.38 84.68
CA LEU S 19 40.87 92.94 83.77
C LEU S 19 40.70 94.44 83.92
N SER S 20 41.18 95.01 85.03
CA SER S 20 41.25 96.45 85.21
C SER S 20 42.63 97.02 84.90
N ALA S 21 43.60 96.17 84.58
CA ALA S 21 44.95 96.61 84.24
C ALA S 21 45.29 96.42 82.77
N ALA S 22 44.85 95.31 82.17
CA ALA S 22 45.18 94.97 80.79
C ALA S 22 44.08 95.36 79.81
N ASP S 23 43.34 96.43 80.08
CA ASP S 23 42.23 96.86 79.22
C ASP S 23 42.33 98.35 78.94
N ARG S 24 43.50 98.81 78.48
CA ARG S 24 43.81 100.24 78.52
C ARG S 24 42.80 101.09 77.77
N CYS S 25 42.74 101.00 76.45
CA CYS S 25 41.59 101.59 75.75
C CYS S 25 40.90 100.58 74.85
N GLY S 26 41.62 100.09 73.85
CA GLY S 26 41.11 99.07 72.95
C GLY S 26 42.24 98.20 72.42
N ALA S 27 43.39 98.27 73.09
CA ALA S 27 44.62 97.77 72.50
C ALA S 27 44.52 96.29 72.18
N ALA S 28 45.10 95.90 71.04
CA ALA S 28 45.06 94.50 70.62
C ALA S 28 45.73 93.61 71.65
N LEU S 29 46.90 94.00 72.13
CA LEU S 29 47.55 93.25 73.19
C LEU S 29 46.75 93.27 74.47
N ALA S 30 46.15 94.42 74.80
CA ALA S 30 45.29 94.52 75.98
C ALA S 30 44.17 93.48 75.93
N GLY S 31 43.32 93.58 74.90
CA GLY S 31 42.21 92.65 74.78
C GLY S 31 42.62 91.21 74.62
N HIS S 32 43.77 90.98 73.98
CA HIS S 32 44.24 89.61 73.80
C HIS S 32 44.67 89.00 75.13
N GLN S 33 45.41 89.76 75.95
CA GLN S 33 45.72 89.29 77.29
C GLN S 33 44.45 89.07 78.09
N LEU S 34 43.50 89.99 77.97
CA LEU S 34 42.22 89.85 78.67
C LEU S 34 41.55 88.53 78.30
N ILE S 35 41.43 88.27 76.99
CA ILE S 35 40.69 87.10 76.54
C ILE S 35 41.45 85.81 76.89
N ARG S 36 42.78 85.81 76.81
CA ARG S 36 43.52 84.61 77.17
C ARG S 36 43.38 84.28 78.65
N GLY S 37 43.66 85.26 79.52
CA GLY S 37 43.55 85.00 80.95
C GLY S 37 42.13 84.68 81.35
N LEU S 38 41.15 85.36 80.75
CA LEU S 38 39.76 85.15 81.10
C LEU S 38 39.25 83.82 80.58
N GLY S 39 39.75 83.34 79.44
CA GLY S 39 39.41 82.01 78.99
C GLY S 39 40.01 80.94 79.89
N GLN S 40 41.24 81.15 80.34
CA GLN S 40 41.83 80.21 81.28
C GLN S 40 41.02 80.15 82.58
N GLU S 41 40.62 81.30 83.10
CA GLU S 41 39.80 81.31 84.32
C GLU S 41 38.40 80.79 84.05
N CYS S 42 37.88 80.99 82.84
CA CYS S 42 36.54 80.50 82.49
C CYS S 42 36.53 78.98 82.45
N VAL S 43 37.48 78.37 81.74
CA VAL S 43 37.58 76.93 81.77
C VAL S 43 37.91 76.45 83.18
N LEU S 44 38.56 77.30 83.98
CA LEU S 44 38.68 77.04 85.41
C LEU S 44 37.39 77.35 86.17
N SER S 45 36.57 78.28 85.66
CA SER S 45 35.36 78.68 86.37
C SER S 45 34.37 77.53 86.46
N SER S 46 34.20 76.77 85.37
CA SER S 46 33.26 75.67 85.38
C SER S 46 33.76 74.48 86.19
N SER S 47 35.04 74.45 86.56
CA SER S 47 35.60 73.45 87.47
C SER S 47 36.34 74.19 88.57
N PRO S 48 35.62 74.90 89.44
CA PRO S 48 36.28 75.79 90.41
C PRO S 48 36.60 75.10 91.73
N ALA S 49 37.10 75.87 92.69
CA ALA S 49 37.32 75.42 94.04
C ALA S 49 36.34 76.11 94.98
N VAL S 50 35.83 75.37 95.97
CA VAL S 50 34.88 75.94 96.92
C VAL S 50 35.54 77.05 97.73
N LEU S 51 36.78 76.84 98.16
CA LEU S 51 37.50 77.89 98.89
C LEU S 51 37.71 79.11 98.00
N ALA S 52 37.95 78.90 96.71
CA ALA S 52 38.05 80.00 95.78
C ALA S 52 36.74 80.79 95.74
N LEU S 53 35.61 80.09 95.75
CA LEU S 53 34.31 80.76 95.76
C LEU S 53 34.11 81.56 97.04
N GLN S 54 34.45 80.97 98.19
CA GLN S 54 34.28 81.69 99.45
C GLN S 54 35.15 82.93 99.50
N THR S 55 36.39 82.83 98.99
CA THR S 55 37.25 83.99 98.90
C THR S 55 36.68 85.02 97.93
N SER S 56 36.16 84.57 96.80
CA SER S 56 35.85 85.42 95.67
C SER S 56 34.39 85.84 95.59
N LEU S 57 33.60 85.57 96.63
CA LEU S 57 32.22 86.05 96.62
C LEU S 57 32.16 87.58 96.50
N VAL S 58 32.91 88.30 97.34
CA VAL S 58 32.96 89.75 97.23
C VAL S 58 33.72 90.17 95.98
N PHE S 59 34.75 89.41 95.60
CA PHE S 59 35.49 89.74 94.39
C PHE S 59 34.65 89.54 93.13
N SER S 60 33.56 88.79 93.21
CA SER S 60 32.61 88.73 92.09
C SER S 60 31.93 90.08 91.90
N ARG S 61 31.50 90.70 93.00
CA ARG S 61 31.04 92.08 92.95
C ARG S 61 32.10 93.00 92.36
N ASP S 62 33.32 92.92 92.92
CA ASP S 62 34.40 93.80 92.47
C ASP S 62 34.67 93.64 90.98
N PHE S 63 34.76 92.40 90.53
CA PHE S 63 34.98 92.03 89.14
C PHE S 63 33.82 92.57 88.31
N GLY S 64 32.63 91.99 88.47
CA GLY S 64 31.47 92.38 87.68
C GLY S 64 31.17 93.85 87.67
N LEU S 65 31.76 94.60 88.61
CA LEU S 65 31.67 96.04 88.57
C LEU S 65 32.74 96.66 87.68
N LEU S 66 34.01 96.36 87.96
CA LEU S 66 35.09 97.05 87.26
C LEU S 66 35.29 96.51 85.84
N VAL S 67 35.13 95.21 85.66
CA VAL S 67 35.24 94.62 84.32
C VAL S 67 34.10 95.11 83.43
N PHE S 68 33.07 95.70 84.03
CA PHE S 68 32.01 96.38 83.31
C PHE S 68 32.31 97.85 83.06
N VAL S 69 32.54 98.60 84.13
CA VAL S 69 32.62 100.05 84.04
C VAL S 69 33.90 100.47 83.33
N ARG S 70 35.02 99.84 83.69
CA ARG S 70 36.30 100.31 83.18
C ARG S 70 36.46 100.09 81.68
N LYS S 71 35.80 99.09 81.11
CA LYS S 71 35.87 98.93 79.67
C LYS S 71 35.29 100.16 78.99
N SER S 72 33.99 100.36 79.15
CA SER S 72 33.29 101.56 78.67
C SER S 72 33.56 101.83 77.19
N LEU S 73 34.13 100.85 76.49
CA LEU S 73 34.59 101.05 75.13
C LEU S 73 34.20 99.85 74.28
N ASN S 74 33.93 100.10 73.02
CA ASN S 74 33.29 99.13 72.13
C ASN S 74 34.29 98.41 71.22
N SER S 75 35.55 98.34 71.63
CA SER S 75 36.55 97.68 70.81
C SER S 75 36.30 96.17 70.77
N ILE S 76 36.74 95.55 69.68
CA ILE S 76 36.65 94.10 69.56
C ILE S 76 37.48 93.44 70.66
N GLU S 77 38.63 94.02 70.97
CA GLU S 77 39.42 93.57 72.11
C GLU S 77 38.62 93.66 73.40
N PHE S 78 37.68 94.61 73.48
CA PHE S 78 36.73 94.65 74.58
C PHE S 78 35.48 93.83 74.30
N ARG S 79 35.12 93.65 73.02
CA ARG S 79 34.00 92.78 72.68
C ARG S 79 34.21 91.38 73.27
N GLU S 80 35.27 90.71 72.82
CA GLU S 80 35.53 89.35 73.28
C GLU S 80 35.82 89.33 74.78
N CYS S 81 36.45 90.38 75.29
CA CYS S 81 36.71 90.48 76.72
C CYS S 81 35.41 90.42 77.52
N ARG S 82 34.46 91.29 77.18
CA ARG S 82 33.17 91.32 77.88
C ARG S 82 32.39 90.04 77.65
N GLU S 83 32.48 89.48 76.45
CA GLU S 83 31.80 88.21 76.17
C GLU S 83 32.29 87.13 77.12
N GLU S 84 33.61 86.97 77.23
CA GLU S 84 34.11 85.96 78.15
C GLU S 84 33.91 86.33 79.60
N ILE S 85 33.80 87.63 79.92
CA ILE S 85 33.40 88.03 81.27
C ILE S 85 32.03 87.44 81.60
N LEU S 86 31.07 87.66 80.70
CA LEU S 86 29.71 87.17 80.93
C LEU S 86 29.68 85.65 80.97
N LYS S 87 30.42 85.00 80.07
CA LYS S 87 30.47 83.54 80.06
C LYS S 87 31.09 83.00 81.35
N PHE S 88 32.19 83.61 81.78
CA PHE S 88 32.87 83.20 83.00
C PHE S 88 31.96 83.32 84.20
N LEU S 89 31.25 84.44 84.31
CA LEU S 89 30.38 84.63 85.47
C LEU S 89 29.15 83.72 85.39
N CYS S 90 28.64 83.48 84.19
CA CYS S 90 27.49 82.60 84.04
C CYS S 90 27.83 81.18 84.46
N ILE S 91 29.00 80.68 84.06
CA ILE S 91 29.40 79.35 84.51
C ILE S 91 30.05 79.38 85.89
N PHE S 92 30.32 80.57 86.42
CA PHE S 92 30.64 80.74 87.82
C PHE S 92 29.39 80.67 88.68
N LEU S 93 28.23 80.84 88.08
CA LEU S 93 26.97 80.66 88.80
C LEU S 93 26.20 79.41 88.38
N GLU S 94 26.66 78.73 87.32
CA GLU S 94 25.89 77.57 86.76
C GLU S 94 25.32 76.64 87.84
N LYS S 95 26.15 75.89 88.56
CA LYS S 95 25.63 74.89 89.54
C LYS S 95 26.72 74.57 90.58
N MET S 96 27.02 75.51 91.47
CA MET S 96 28.00 75.23 92.56
C MET S 96 27.56 75.97 93.82
N GLY S 97 26.39 76.63 93.77
CA GLY S 97 25.85 77.31 94.96
C GLY S 97 25.32 78.70 94.63
N GLN S 98 24.00 78.91 94.78
CA GLN S 98 23.43 80.23 94.58
C GLN S 98 23.82 81.21 95.68
N LYS S 99 24.88 80.93 96.42
CA LYS S 99 25.30 81.75 97.54
C LYS S 99 25.76 83.15 97.11
N ILE S 100 25.80 83.40 95.80
CA ILE S 100 26.15 84.72 95.29
C ILE S 100 24.99 85.70 95.44
N ALA S 101 23.88 85.27 96.05
CA ALA S 101 22.68 86.10 96.14
C ALA S 101 22.94 87.51 96.68
N PRO S 102 23.74 87.73 97.73
CA PRO S 102 24.08 89.11 98.09
C PRO S 102 24.76 89.88 96.98
N TYR S 103 25.60 89.21 96.19
CA TYR S 103 26.26 89.81 95.04
C TYR S 103 25.51 89.54 93.74
N SER S 104 24.55 88.62 93.75
CA SER S 104 23.76 88.38 92.55
C SER S 104 22.95 89.60 92.17
N VAL S 105 22.37 90.29 93.15
CA VAL S 105 21.60 91.50 92.85
C VAL S 105 22.53 92.60 92.33
N GLU S 106 23.74 92.70 92.87
CA GLU S 106 24.68 93.73 92.42
C GLU S 106 25.14 93.48 91.00
N ILE S 107 25.58 92.25 90.70
CA ILE S 107 25.96 91.93 89.34
C ILE S 107 24.73 91.99 88.42
N LYS S 108 23.54 91.77 88.97
CA LYS S 108 22.32 91.93 88.19
C LYS S 108 22.09 93.39 87.80
N ASN S 109 22.37 94.31 88.71
CA ASN S 109 22.30 95.73 88.37
C ASN S 109 23.36 96.09 87.33
N THR S 110 24.56 95.54 87.50
CA THR S 110 25.58 95.68 86.45
C THR S 110 25.04 95.17 85.12
N CYS S 111 24.21 94.11 85.15
CA CYS S 111 23.62 93.57 83.93
C CYS S 111 22.54 94.49 83.36
N THR S 112 21.75 95.10 84.24
CA THR S 112 20.81 96.15 83.78
C THR S 112 21.56 97.18 82.96
N SER S 113 22.72 97.61 83.47
CA SER S 113 23.55 98.52 82.71
C SER S 113 24.25 97.82 81.54
N VAL S 114 24.40 96.50 81.59
CA VAL S 114 25.02 95.75 80.49
C VAL S 114 24.16 95.85 79.25
N TYR S 115 22.85 95.61 79.40
CA TYR S 115 21.98 95.77 78.24
C TYR S 115 21.93 97.22 77.78
N THR S 116 22.22 98.16 78.67
CA THR S 116 22.42 99.55 78.30
C THR S 116 23.89 99.88 78.08
N LYS S 117 24.73 98.87 77.88
CA LYS S 117 26.14 99.05 77.58
C LYS S 117 26.40 98.77 76.10
N ASP S 118 27.68 98.77 75.73
CA ASP S 118 28.09 98.73 74.33
C ASP S 118 27.59 97.49 73.60
N ARG S 119 27.24 96.43 74.33
CA ARG S 119 26.67 95.25 73.70
C ARG S 119 25.39 95.57 72.95
N ALA S 120 24.63 96.56 73.41
CA ALA S 120 23.47 97.01 72.65
C ALA S 120 23.89 97.69 71.35
N ALA S 121 24.96 98.49 71.40
CA ALA S 121 25.42 99.21 70.21
C ALA S 121 26.20 98.32 69.26
N LYS S 122 26.93 97.33 69.77
CA LYS S 122 27.82 96.49 68.97
C LYS S 122 27.47 95.02 69.19
N CYS S 123 26.19 94.71 68.97
CA CYS S 123 25.68 93.36 69.06
C CYS S 123 26.65 92.34 68.49
N LYS S 124 27.07 91.41 69.33
CA LYS S 124 27.99 90.35 68.94
C LYS S 124 27.81 89.19 69.92
N ILE S 125 28.76 88.26 69.91
CA ILE S 125 28.79 87.18 70.90
C ILE S 125 28.81 87.80 72.31
N PRO S 126 29.44 88.96 72.51
CA PRO S 126 29.16 89.72 73.75
C PRO S 126 27.68 89.83 74.06
N ALA S 127 26.85 90.20 73.08
CA ALA S 127 25.41 90.28 73.31
C ALA S 127 24.81 88.90 73.54
N LEU S 128 25.37 87.87 72.91
CA LEU S 128 24.90 86.51 73.16
C LEU S 128 25.08 86.12 74.62
N ASP S 129 26.25 86.45 75.19
CA ASP S 129 26.48 86.13 76.59
C ASP S 129 25.72 87.09 77.51
N LEU S 130 25.47 88.32 77.04
CA LEU S 130 24.48 89.18 77.69
C LEU S 130 23.17 88.43 77.86
N LEU S 131 22.71 87.78 76.79
CA LEU S 131 21.43 87.09 76.83
C LEU S 131 21.49 85.79 77.63
N ILE S 132 22.65 85.12 77.67
CA ILE S 132 22.73 83.95 78.55
C ILE S 132 22.71 84.38 80.02
N LYS S 133 23.31 85.53 80.35
CA LYS S 133 23.16 86.04 81.70
C LYS S 133 21.73 86.51 81.96
N LEU S 134 21.05 87.00 80.94
CA LEU S 134 19.63 87.29 81.06
C LEU S 134 18.84 86.03 81.37
N LEU S 135 19.18 84.93 80.71
CA LEU S 135 18.66 83.61 81.10
C LEU S 135 18.90 83.34 82.57
N GLN S 136 20.14 83.50 83.01
CA GLN S 136 20.48 83.25 84.41
C GLN S 136 19.56 84.04 85.34
N THR S 137 19.46 85.36 85.10
CA THR S 137 18.68 86.22 85.98
C THR S 137 17.19 85.90 85.92
N PHE S 138 16.66 85.62 84.72
CA PHE S 138 15.22 85.45 84.59
C PHE S 138 14.76 84.08 85.09
N ARG S 139 15.57 83.04 84.91
CA ARG S 139 15.15 81.68 85.20
C ARG S 139 16.02 80.99 86.23
N SER S 140 17.34 81.04 86.08
CA SER S 140 18.22 80.27 86.95
C SER S 140 18.19 80.82 88.37
N SER S 141 18.64 82.06 88.54
CA SER S 141 18.48 82.75 89.81
C SER S 141 17.10 83.38 89.85
N ARG S 142 16.27 82.95 90.80
CA ARG S 142 14.92 83.48 90.91
C ARG S 142 14.53 83.58 92.38
N LEU S 143 13.74 84.62 92.68
CA LEU S 143 13.14 84.84 93.99
C LEU S 143 14.15 85.18 95.08
N MET S 144 15.40 85.47 94.71
CA MET S 144 16.35 86.06 95.66
C MET S 144 16.74 87.49 95.29
N ASP S 145 16.70 87.85 94.01
CA ASP S 145 16.84 89.25 93.62
C ASP S 145 15.91 89.61 92.46
N GLU S 146 14.86 88.82 92.23
CA GLU S 146 13.95 89.02 91.11
C GLU S 146 12.72 89.84 91.49
N PHE S 147 12.68 90.36 92.71
CA PHE S 147 11.66 91.32 93.09
C PHE S 147 12.09 92.75 92.77
N LYS S 148 13.39 93.00 92.73
CA LYS S 148 13.96 94.28 92.35
C LYS S 148 14.14 94.43 90.86
N ILE S 149 13.72 93.44 90.07
CA ILE S 149 13.91 93.49 88.63
C ILE S 149 12.68 94.10 87.99
N GLY S 150 11.86 94.78 88.78
CA GLY S 150 10.84 95.64 88.19
C GLY S 150 11.46 96.67 87.27
N GLU S 151 12.59 97.24 87.68
CA GLU S 151 13.34 98.15 86.82
C GLU S 151 13.83 97.45 85.56
N LEU S 152 14.33 96.22 85.71
CA LEU S 152 14.80 95.47 84.55
C LEU S 152 13.67 95.24 83.55
N PHE S 153 12.52 94.80 84.06
CA PHE S 153 11.39 94.48 83.21
C PHE S 153 10.82 95.74 82.55
N SER S 154 10.77 96.85 83.30
CA SER S 154 10.30 98.10 82.70
C SER S 154 11.23 98.58 81.60
N LYS S 155 12.55 98.55 81.84
CA LYS S 155 13.50 98.96 80.82
C LYS S 155 13.45 98.05 79.61
N PHE S 156 13.24 96.76 79.84
CA PHE S 156 13.16 95.82 78.72
C PHE S 156 11.87 96.00 77.92
N TYR S 157 10.75 96.32 78.58
CA TYR S 157 9.55 96.67 77.83
C TYR S 157 9.76 97.96 77.04
N GLY S 158 10.45 98.94 77.64
CA GLY S 158 10.71 100.18 76.93
C GLY S 158 11.54 99.98 75.68
N GLU S 159 12.59 99.17 75.77
CA GLU S 159 13.38 98.86 74.59
C GLU S 159 12.65 97.91 73.64
N LEU S 160 11.70 97.13 74.16
CA LEU S 160 10.81 96.35 73.30
C LEU S 160 9.96 97.25 72.42
N ALA S 161 9.46 98.36 72.99
CA ALA S 161 8.71 99.32 72.20
C ALA S 161 9.54 99.84 71.03
N LEU S 162 10.84 100.02 71.24
CA LEU S 162 11.73 100.48 70.18
C LEU S 162 11.68 99.51 69.01
N LYS S 163 11.56 100.06 67.80
CA LYS S 163 11.40 99.26 66.60
C LYS S 163 12.72 98.71 66.07
N LYS S 164 13.85 99.22 66.56
CA LYS S 164 15.15 98.91 65.97
C LYS S 164 15.43 97.40 65.94
N LYS S 165 15.45 96.84 64.73
CA LYS S 165 15.83 95.46 64.51
C LYS S 165 17.18 95.35 63.82
N ILE S 166 17.86 96.48 63.62
CA ILE S 166 19.22 96.52 63.09
C ILE S 166 20.14 95.66 63.96
N PRO S 167 20.00 95.66 65.32
CA PRO S 167 20.73 94.67 66.13
C PRO S 167 20.72 93.28 65.53
N ASP S 168 21.90 92.67 65.48
CA ASP S 168 22.12 91.44 64.73
C ASP S 168 21.40 90.27 65.39
N THR S 169 21.54 89.09 64.78
CA THR S 169 20.96 87.88 65.35
C THR S 169 21.54 87.56 66.72
N VAL S 170 22.70 88.13 67.04
CA VAL S 170 23.25 88.01 68.38
C VAL S 170 22.42 88.80 69.38
N LEU S 171 21.93 89.98 68.99
CA LEU S 171 20.87 90.65 69.74
C LEU S 171 19.49 90.26 69.24
N GLU S 172 19.41 89.33 68.31
CA GLU S 172 18.21 88.53 68.16
C GLU S 172 18.34 87.18 68.84
N LYS S 173 19.33 87.03 69.71
CA LYS S 173 19.33 85.94 70.67
C LYS S 173 18.50 86.27 71.88
N VAL S 174 17.59 87.23 71.64
CA VAL S 174 16.71 87.79 72.65
C VAL S 174 15.50 86.88 72.81
N TYR S 175 15.58 85.66 72.29
CA TYR S 175 14.64 84.61 72.62
C TYR S 175 14.25 84.67 74.11
N GLU S 176 15.25 84.86 74.97
CA GLU S 176 15.06 84.77 76.41
C GLU S 176 14.85 86.12 77.05
N LEU S 177 15.46 87.18 76.51
CA LEU S 177 15.08 88.53 76.90
C LEU S 177 13.59 88.75 76.68
N LEU S 178 13.03 88.14 75.64
CA LEU S 178 11.62 88.17 75.33
C LEU S 178 10.80 87.37 76.35
N GLY S 179 11.32 86.23 76.80
CA GLY S 179 10.66 85.47 77.83
C GLY S 179 10.66 86.20 79.15
N LEU S 180 9.48 86.68 79.58
CA LEU S 180 9.36 87.54 80.76
C LEU S 180 8.86 86.69 81.92
N LEU S 181 9.78 86.19 82.73
CA LEU S 181 9.44 85.28 83.82
C LEU S 181 10.09 85.63 85.16
N GLY S 182 11.16 86.42 85.18
CA GLY S 182 11.90 86.62 86.42
C GLY S 182 11.09 87.29 87.51
N GLU S 183 10.34 88.33 87.15
CA GLU S 183 9.70 89.18 88.15
C GLU S 183 8.47 88.48 88.73
N VAL S 184 7.68 89.23 89.49
CA VAL S 184 6.50 88.71 90.19
C VAL S 184 5.32 88.65 89.23
N HIS S 185 5.58 88.92 87.95
CA HIS S 185 4.58 88.89 86.89
C HIS S 185 3.45 89.87 87.17
N PRO S 186 3.71 91.18 87.10
CA PRO S 186 2.63 92.15 87.32
C PRO S 186 1.68 92.23 86.15
N SER S 187 0.74 93.18 86.17
CA SER S 187 -0.12 93.39 85.01
C SER S 187 0.67 93.84 83.79
N GLU S 188 1.91 94.29 83.98
CA GLU S 188 2.77 94.59 82.85
C GLU S 188 3.08 93.33 82.04
N MET S 189 2.85 92.14 82.61
CA MET S 189 2.79 90.94 81.78
C MET S 189 1.80 91.15 80.64
N ILE S 190 0.57 91.55 80.97
CA ILE S 190 -0.46 91.76 79.95
C ILE S 190 -0.12 92.97 79.10
N ASN S 191 0.43 94.02 79.72
CA ASN S 191 0.80 95.21 78.96
C ASN S 191 1.79 94.90 77.86
N ASN S 192 2.81 94.10 78.18
CA ASN S 192 3.70 93.57 77.16
C ASN S 192 2.95 92.65 76.20
N ALA S 193 2.12 91.76 76.77
CA ALA S 193 1.53 90.67 76.00
C ALA S 193 0.65 91.18 74.87
N GLU S 194 0.05 92.35 75.03
CA GLU S 194 -0.70 92.93 73.91
C GLU S 194 0.17 93.04 72.66
N ASN S 195 1.26 93.83 72.77
CA ASN S 195 2.17 94.01 71.66
C ASN S 195 2.81 92.69 71.25
N LEU S 196 3.17 91.86 72.22
CA LEU S 196 3.85 90.60 71.93
C LEU S 196 2.95 89.66 71.14
N PHE S 197 1.67 89.59 71.49
CA PHE S 197 0.76 88.67 70.83
C PHE S 197 0.38 89.17 69.44
N ARG S 198 0.20 90.47 69.27
CA ARG S 198 -0.01 90.95 67.89
C ARG S 198 1.24 90.75 67.04
N ALA S 199 2.43 90.91 67.64
CA ALA S 199 3.66 90.59 66.94
C ALA S 199 3.72 89.11 66.59
N PHE S 200 3.22 88.26 67.48
CA PHE S 200 3.14 86.83 67.17
C PHE S 200 2.22 86.57 65.99
N LEU S 201 1.08 87.25 65.94
CA LEU S 201 0.18 87.07 64.81
C LEU S 201 0.87 87.47 63.51
N GLY S 202 1.55 88.62 63.51
CA GLY S 202 2.28 89.02 62.32
C GLY S 202 3.39 88.05 61.94
N GLU S 203 4.15 87.59 62.94
CA GLU S 203 5.23 86.65 62.69
C GLU S 203 4.70 85.33 62.13
N LEU S 204 3.60 84.84 62.68
CA LEU S 204 3.01 83.61 62.19
C LEU S 204 2.49 83.77 60.76
N LYS S 205 1.90 84.92 60.46
CA LYS S 205 1.51 85.22 59.08
C LYS S 205 2.73 85.17 58.17
N THR S 206 3.85 85.71 58.63
CA THR S 206 5.08 85.63 57.83
C THR S 206 5.56 84.19 57.68
N GLN S 207 5.52 83.42 58.77
CA GLN S 207 6.02 82.04 58.74
C GLN S 207 5.22 81.18 57.79
N MET S 208 3.89 81.28 57.83
CA MET S 208 3.07 80.49 56.94
C MET S 208 3.27 80.90 55.48
N THR S 209 3.77 82.11 55.24
CA THR S 209 4.27 82.50 53.92
C THR S 209 5.77 82.31 53.83
N SER S 210 6.23 81.08 54.09
CA SER S 210 7.65 80.78 53.92
C SER S 210 7.93 80.28 52.50
N ALA S 211 7.40 81.02 51.53
CA ALA S 211 7.67 80.78 50.12
C ALA S 211 7.85 82.05 49.31
N VAL S 212 7.52 83.21 49.86
CA VAL S 212 7.55 84.48 49.13
C VAL S 212 8.82 85.22 49.50
N ARG S 213 9.86 84.47 49.87
CA ARG S 213 11.12 85.01 50.39
C ARG S 213 10.92 85.77 51.69
N GLU S 214 9.85 85.45 52.42
CA GLU S 214 9.64 85.96 53.77
C GLU S 214 9.34 84.80 54.72
N PRO S 215 10.29 83.88 54.90
CA PRO S 215 10.07 82.80 55.88
C PRO S 215 10.28 83.31 57.29
N LYS S 216 11.27 84.18 57.47
CA LYS S 216 11.56 84.89 58.72
C LYS S 216 11.86 83.94 59.88
N LEU S 217 12.01 82.65 59.61
CA LEU S 217 12.18 81.63 60.65
C LEU S 217 13.44 81.75 61.49
N PRO S 218 14.65 82.02 60.91
CA PRO S 218 15.89 81.64 61.60
C PRO S 218 16.03 82.16 63.03
N VAL S 219 16.06 83.48 63.22
CA VAL S 219 16.40 83.98 64.54
C VAL S 219 15.29 84.85 65.11
N LEU S 220 14.57 85.57 64.25
CA LEU S 220 13.55 86.49 64.76
C LEU S 220 12.25 85.75 65.10
N ALA S 221 11.79 84.91 64.18
CA ALA S 221 10.68 84.02 64.52
C ALA S 221 11.05 83.15 65.70
N GLY S 222 12.33 82.82 65.86
CA GLY S 222 12.76 82.11 67.06
C GLY S 222 12.59 82.93 68.33
N CYS S 223 12.99 84.21 68.28
CA CYS S 223 12.74 85.11 69.40
C CYS S 223 11.27 85.07 69.79
N LEU S 224 10.40 85.23 68.80
CA LEU S 224 8.98 85.30 69.10
C LEU S 224 8.43 83.95 69.56
N LYS S 225 8.97 82.85 69.03
CA LYS S 225 8.58 81.52 69.49
C LYS S 225 8.95 81.33 70.95
N GLY S 226 10.16 81.76 71.34
CA GLY S 226 10.55 81.65 72.73
C GLY S 226 9.69 82.50 73.64
N LEU S 227 9.38 83.73 73.21
CA LEU S 227 8.52 84.57 74.03
C LEU S 227 7.15 83.94 74.17
N SER S 228 6.63 83.36 73.09
CA SER S 228 5.34 82.69 73.13
C SER S 228 5.38 81.50 74.09
N SER S 229 6.46 80.72 74.02
CA SER S 229 6.58 79.55 74.89
C SER S 229 6.58 79.97 76.35
N LEU S 230 7.29 81.04 76.69
CA LEU S 230 7.33 81.44 78.09
C LEU S 230 6.04 82.15 78.52
N LEU S 231 5.44 82.92 77.62
CA LEU S 231 4.37 83.86 77.99
C LEU S 231 2.98 83.26 77.81
N CYS S 232 2.71 82.67 76.65
CA CYS S 232 1.36 82.22 76.35
C CYS S 232 0.87 81.15 77.32
N ASN S 233 1.78 80.40 77.93
CA ASN S 233 1.35 79.33 78.83
C ASN S 233 0.70 79.86 80.10
N PHE S 234 0.96 81.12 80.48
CA PHE S 234 0.35 81.69 81.66
C PHE S 234 -0.41 82.99 81.39
N THR S 235 -0.49 83.42 80.13
CA THR S 235 -1.27 84.59 79.77
C THR S 235 -1.97 84.33 78.45
N LYS S 236 -3.16 84.93 78.29
CA LYS S 236 -3.92 84.90 77.04
C LYS S 236 -4.23 83.46 76.63
N SER S 237 -5.08 82.82 77.44
CA SER S 237 -5.46 81.44 77.23
C SER S 237 -6.31 81.30 75.96
N MET S 238 -6.81 80.08 75.73
CA MET S 238 -7.54 79.75 74.51
C MET S 238 -8.89 80.45 74.54
N GLU S 239 -8.86 81.75 74.22
CA GLU S 239 -10.07 82.56 74.19
C GLU S 239 -10.07 83.54 73.02
N GLU S 240 -9.10 83.45 72.12
CA GLU S 240 -8.95 84.42 71.05
C GLU S 240 -8.27 83.74 69.87
N ASP S 241 -7.81 84.55 68.91
CA ASP S 241 -7.23 84.09 67.65
C ASP S 241 -5.82 83.53 67.75
N PRO S 242 -4.85 84.23 68.36
CA PRO S 242 -3.44 83.85 68.15
C PRO S 242 -3.09 82.42 68.53
N GLN S 243 -3.75 81.85 69.55
CA GLN S 243 -3.45 80.48 69.93
C GLN S 243 -3.74 79.51 68.79
N THR S 244 -4.97 79.55 68.26
CA THR S 244 -5.29 78.69 67.13
C THR S 244 -4.57 79.12 65.86
N SER S 245 -4.19 80.41 65.75
CA SER S 245 -3.42 80.86 64.61
C SER S 245 -2.07 80.17 64.55
N ARG S 246 -1.36 80.11 65.68
CA ARG S 246 -0.11 79.36 65.72
C ARG S 246 -0.35 77.86 65.59
N GLU S 247 -1.44 77.37 66.20
CA GLU S 247 -1.76 75.96 66.13
C GLU S 247 -1.95 75.50 64.69
N ILE S 248 -2.50 76.35 63.84
CA ILE S 248 -2.73 76.02 62.45
C ILE S 248 -1.50 76.33 61.59
N PHE S 249 -0.87 77.50 61.81
CA PHE S 249 0.30 77.86 61.01
C PHE S 249 1.49 76.96 61.27
N ASN S 250 1.49 76.22 62.37
CA ASN S 250 2.50 75.17 62.52
C ASN S 250 2.34 74.10 61.45
N PHE S 251 1.10 73.82 61.05
CA PHE S 251 0.84 72.82 60.02
C PHE S 251 1.42 73.25 58.68
N VAL S 252 1.11 74.48 58.26
CA VAL S 252 1.61 74.97 56.97
C VAL S 252 3.06 75.41 57.07
N LEU S 253 3.49 75.89 58.23
CA LEU S 253 4.88 76.32 58.42
C LEU S 253 5.53 75.52 59.55
N GLN S 259 14.21 71.25 60.42
CA GLN S 259 15.26 71.86 59.62
C GLN S 259 16.47 70.93 59.52
N ILE S 260 17.19 71.03 58.42
CA ILE S 260 18.38 70.22 58.16
C ILE S 260 19.53 71.15 57.84
N ASP S 261 20.55 71.16 58.71
CA ASP S 261 21.76 71.94 58.44
C ASP S 261 23.05 71.18 58.77
N LEU S 262 22.96 69.97 59.32
CA LEU S 262 24.11 69.09 59.56
C LEU S 262 25.03 69.62 60.66
N LYS S 263 25.90 68.76 61.21
CA LYS S 263 26.91 69.17 62.23
C LYS S 263 26.31 69.58 63.59
N ARG S 264 26.66 68.89 64.69
CA ARG S 264 26.19 69.27 66.05
C ARG S 264 24.70 69.59 66.08
N TYR S 265 23.84 68.58 65.85
CA TYR S 265 22.36 68.73 65.86
C TYR S 265 21.88 69.70 66.95
N ALA S 266 21.15 70.78 66.59
CA ALA S 266 20.75 71.79 67.61
C ALA S 266 19.68 72.80 67.15
N VAL S 267 19.32 72.90 65.86
CA VAL S 267 18.41 73.96 65.43
C VAL S 267 16.92 73.67 65.71
N PRO S 268 16.30 72.65 65.11
CA PRO S 268 14.83 72.68 64.96
C PRO S 268 14.02 72.41 66.23
N SER S 269 14.60 71.78 67.25
CA SER S 269 13.82 71.00 68.21
C SER S 269 12.81 71.84 69.00
N ALA S 270 12.97 73.16 69.03
CA ALA S 270 12.15 73.99 69.92
C ALA S 270 10.71 74.12 69.46
N GLY S 271 10.45 74.03 68.15
CA GLY S 271 9.13 74.32 67.63
C GLY S 271 8.06 73.39 68.14
N LEU S 272 8.40 72.13 68.40
CA LEU S 272 7.42 71.15 68.86
C LEU S 272 7.25 71.15 70.37
N ARG S 273 8.32 71.42 71.12
CA ARG S 273 8.13 71.66 72.55
C ARG S 273 7.33 72.93 72.79
N LEU S 274 7.34 73.87 71.84
CA LEU S 274 6.43 75.00 71.94
C LEU S 274 4.98 74.53 72.03
N PHE S 275 4.58 73.61 71.15
CA PHE S 275 3.22 73.08 71.24
C PHE S 275 3.05 72.19 72.47
N ALA S 276 4.07 71.41 72.81
CA ALA S 276 3.99 70.58 74.01
C ALA S 276 3.65 71.43 75.23
N LEU S 277 4.21 72.63 75.30
CA LEU S 277 3.80 73.61 76.31
C LEU S 277 2.45 74.22 76.00
N HIS S 278 2.08 74.36 74.73
CA HIS S 278 0.84 75.00 74.32
C HIS S 278 -0.27 74.00 74.04
N ALA S 279 -0.02 72.70 74.23
CA ALA S 279 -1.10 71.73 74.07
C ALA S 279 -2.20 71.96 75.09
N SER S 280 -1.81 72.32 76.32
CA SER S 280 -2.80 72.76 77.31
C SER S 280 -3.43 74.10 76.92
N GLN S 281 -2.79 74.86 76.05
CA GLN S 281 -3.31 76.16 75.63
C GLN S 281 -4.24 76.07 74.44
N PHE S 282 -4.48 74.89 73.89
CA PHE S 282 -5.35 74.70 72.73
C PHE S 282 -6.56 73.84 73.09
N SER S 283 -7.12 74.06 74.27
CA SER S 283 -8.31 73.32 74.68
C SER S 283 -9.54 73.81 73.90
N THR S 284 -10.59 73.00 73.94
CA THR S 284 -11.83 73.24 73.20
C THR S 284 -11.60 73.38 71.70
N CYS S 285 -10.46 72.90 71.22
CA CYS S 285 -10.11 72.95 69.80
C CYS S 285 -9.59 71.61 69.30
N LEU S 286 -9.70 70.56 70.12
CA LEU S 286 -9.25 69.22 69.74
C LEU S 286 -10.41 68.27 69.44
N LEU S 287 -11.63 68.59 69.87
CA LEU S 287 -12.80 67.85 69.42
C LEU S 287 -12.93 67.96 67.91
N ASP S 288 -13.15 69.16 67.41
CA ASP S 288 -12.91 69.45 66.01
C ASP S 288 -11.41 69.59 65.77
N ASN S 289 -11.01 69.50 64.50
CA ASN S 289 -9.61 69.56 64.12
C ASN S 289 -8.78 68.50 64.82
N TYR S 290 -9.39 67.36 65.16
CA TYR S 290 -8.71 66.32 65.91
C TYR S 290 -7.53 65.76 65.12
N VAL S 291 -7.60 65.83 63.79
CA VAL S 291 -6.53 65.29 62.95
C VAL S 291 -5.50 66.34 62.60
N SER S 292 -5.84 67.64 62.69
CA SER S 292 -4.89 68.69 62.30
C SER S 292 -3.68 68.71 63.22
N LEU S 293 -3.91 68.60 64.53
CA LEU S 293 -2.79 68.58 65.47
C LEU S 293 -1.94 67.34 65.28
N PHE S 294 -2.59 66.18 65.10
CA PHE S 294 -1.83 64.95 64.91
C PHE S 294 -0.98 65.04 63.65
N GLU S 295 -1.52 65.60 62.58
CA GLU S 295 -0.78 65.69 61.33
C GLU S 295 0.34 66.72 61.39
N VAL S 296 0.13 67.85 62.08
CA VAL S 296 1.24 68.80 62.22
C VAL S 296 2.36 68.20 63.06
N LEU S 297 2.02 67.51 64.16
CA LEU S 297 3.06 66.88 64.96
C LEU S 297 3.78 65.79 64.17
N LEU S 298 3.05 65.02 63.36
CA LEU S 298 3.68 63.98 62.57
C LEU S 298 4.60 64.57 61.50
N LYS S 299 4.14 65.61 60.80
CA LYS S 299 4.97 66.24 59.77
C LYS S 299 6.15 66.97 60.36
N TRP S 300 6.07 67.41 61.61
CA TRP S 300 7.21 68.04 62.26
C TRP S 300 8.17 67.05 62.90
N CYS S 301 7.70 65.84 63.24
CA CYS S 301 8.61 64.75 63.57
C CYS S 301 9.14 64.04 62.33
N ALA S 302 8.62 64.39 61.16
CA ALA S 302 9.16 63.88 59.90
C ALA S 302 10.38 64.66 59.44
N HIS S 303 10.76 65.72 60.14
CA HIS S 303 11.91 66.53 59.76
C HIS S 303 13.20 65.88 60.25
N THR S 304 14.32 66.57 60.02
CA THR S 304 15.62 66.12 60.48
C THR S 304 15.72 66.31 62.00
N ASN S 305 16.90 66.05 62.55
CA ASN S 305 17.20 66.38 63.94
C ASN S 305 16.25 65.65 64.90
N VAL S 306 16.45 64.34 64.96
CA VAL S 306 15.60 63.41 65.71
C VAL S 306 15.28 63.90 67.12
N GLU S 307 16.10 64.82 67.65
CA GLU S 307 15.68 65.53 68.85
C GLU S 307 14.36 66.26 68.63
N LEU S 308 14.18 66.83 67.43
CA LEU S 308 12.88 67.39 67.07
C LEU S 308 11.82 66.31 66.98
N LYS S 309 12.20 65.09 66.56
CA LYS S 309 11.25 63.99 66.53
C LYS S 309 10.73 63.66 67.92
N LYS S 310 11.63 63.52 68.89
CA LYS S 310 11.19 63.23 70.24
C LYS S 310 10.53 64.44 70.89
N ALA S 311 10.87 65.66 70.45
CA ALA S 311 10.08 66.82 70.88
C ALA S 311 8.65 66.71 70.39
N ALA S 312 8.45 66.27 69.14
CA ALA S 312 7.11 66.01 68.65
C ALA S 312 6.44 64.89 69.41
N LEU S 313 7.20 63.87 69.81
CA LEU S 313 6.62 62.78 70.58
C LEU S 313 6.16 63.26 71.96
N SER S 314 6.94 64.14 72.58
CA SER S 314 6.51 64.77 73.83
C SER S 314 5.28 65.64 73.61
N ALA S 315 5.26 66.38 72.51
CA ALA S 315 4.08 67.18 72.17
C ALA S 315 2.87 66.29 71.94
N LEU S 316 3.08 65.11 71.37
CA LEU S 316 2.00 64.14 71.18
C LEU S 316 1.53 63.56 72.49
N GLU S 317 2.44 63.37 73.45
CA GLU S 317 2.02 62.96 74.79
C GLU S 317 1.19 64.05 75.45
N SER S 318 1.57 65.32 75.25
CA SER S 318 0.77 66.43 75.76
C SER S 318 -0.59 66.47 75.08
N PHE S 319 -0.63 66.20 73.78
CA PHE S 319 -1.90 66.09 73.05
C PHE S 319 -2.75 64.96 73.61
N LEU S 320 -2.13 63.84 73.93
CA LEU S 320 -2.84 62.71 74.53
C LEU S 320 -3.40 63.09 75.89
N LYS S 321 -2.62 63.84 76.68
CA LYS S 321 -3.13 64.32 77.96
C LYS S 321 -4.34 65.24 77.76
N GLN S 322 -4.26 66.13 76.76
CA GLN S 322 -5.38 67.05 76.51
C GLN S 322 -6.62 66.28 76.07
N VAL S 323 -6.47 65.30 75.18
CA VAL S 323 -7.61 64.49 74.76
C VAL S 323 -8.01 63.46 75.81
N SER S 324 -7.24 63.32 76.87
CA SER S 324 -7.71 62.64 78.06
C SER S 324 -8.42 63.60 79.02
N ASN S 325 -8.22 64.90 78.84
CA ASN S 325 -8.88 65.92 79.65
C ASN S 325 -10.08 66.54 78.94
N MET S 326 -9.87 67.11 77.75
CA MET S 326 -10.94 67.86 77.12
C MET S 326 -11.89 66.98 76.33
N VAL S 327 -11.40 65.88 75.75
CA VAL S 327 -12.31 64.91 75.15
C VAL S 327 -13.18 64.30 76.25
N ALA S 328 -12.66 64.24 77.47
CA ALA S 328 -13.44 63.83 78.64
C ALA S 328 -14.51 64.84 79.01
N LYS S 329 -14.67 65.92 78.24
CA LYS S 329 -15.78 66.85 78.46
C LYS S 329 -16.55 67.19 77.18
N ASN S 330 -16.20 66.60 76.05
CA ASN S 330 -16.90 66.94 74.81
C ASN S 330 -18.26 66.24 74.72
N ALA S 331 -19.09 66.74 73.81
CA ALA S 331 -20.48 66.29 73.71
C ALA S 331 -20.58 64.86 73.17
N GLU S 332 -19.62 64.43 72.34
CA GLU S 332 -19.64 63.10 71.75
C GLU S 332 -18.79 62.11 72.53
N MET S 333 -18.84 62.22 73.87
CA MET S 333 -18.07 61.39 74.78
C MET S 333 -17.93 59.94 74.30
N HIS S 334 -19.07 59.25 74.21
CA HIS S 334 -19.05 57.87 73.74
C HIS S 334 -18.60 57.79 72.30
N LYS S 335 -19.05 58.72 71.46
CA LYS S 335 -18.59 58.76 70.08
C LYS S 335 -17.11 59.08 69.99
N ASN S 336 -16.63 60.04 70.80
CA ASN S 336 -15.20 60.29 70.87
C ASN S 336 -14.43 59.01 71.16
N LYS S 337 -14.85 58.27 72.18
CA LYS S 337 -14.21 56.99 72.50
C LYS S 337 -14.25 56.08 71.28
N LEU S 338 -15.47 55.66 70.88
CA LEU S 338 -15.63 54.61 69.88
C LEU S 338 -15.09 54.98 68.51
N GLN S 339 -14.79 56.25 68.26
CA GLN S 339 -14.21 56.67 67.00
C GLN S 339 -12.71 56.91 67.06
N TYR S 340 -12.24 57.75 67.99
CA TYR S 340 -10.85 58.16 68.00
C TYR S 340 -9.96 57.36 68.93
N PHE S 341 -10.51 56.57 69.85
CA PHE S 341 -9.70 55.95 70.89
C PHE S 341 -9.66 54.43 70.81
N MET S 342 -10.58 53.80 70.06
CA MET S 342 -10.44 52.37 69.77
C MET S 342 -9.15 52.10 69.01
N GLU S 343 -8.79 52.99 68.09
CA GLU S 343 -7.62 52.79 67.24
C GLU S 343 -6.36 52.56 68.05
N GLN S 344 -6.25 53.17 69.23
CA GLN S 344 -5.10 52.93 70.09
C GLN S 344 -4.95 51.44 70.38
N PHE S 345 -5.94 50.83 71.04
CA PHE S 345 -5.86 49.40 71.31
C PHE S 345 -5.72 48.60 70.02
N TYR S 346 -6.57 48.87 69.04
CA TYR S 346 -6.72 48.00 67.89
C TYR S 346 -5.61 48.15 66.85
N GLY S 347 -4.70 49.11 67.03
CA GLY S 347 -3.52 49.15 66.18
C GLY S 347 -2.60 47.97 66.41
N ILE S 348 -2.49 47.52 67.66
CA ILE S 348 -1.65 46.39 68.02
C ILE S 348 -2.54 45.17 68.23
N ILE S 349 -3.76 45.39 68.72
CA ILE S 349 -4.71 44.31 68.95
C ILE S 349 -5.20 43.76 67.63
N ASN S 356 11.18 52.63 71.39
CA ASN S 356 10.42 52.56 72.64
C ASN S 356 9.76 53.89 72.95
N LYS S 357 10.31 54.96 72.35
CA LYS S 357 9.78 56.31 72.54
C LYS S 357 8.31 56.37 72.13
N GLU S 358 8.04 56.18 70.84
CA GLU S 358 6.67 56.16 70.36
C GLU S 358 5.91 54.94 70.87
N LEU S 359 6.61 53.85 71.19
CA LEU S 359 5.95 52.71 71.83
C LEU S 359 5.39 53.10 73.19
N SER S 360 6.20 53.77 74.01
CA SER S 360 5.72 54.23 75.31
C SER S 360 4.64 55.31 75.16
N ILE S 361 4.75 56.14 74.12
CA ILE S 361 3.69 57.10 73.83
C ILE S 361 2.39 56.37 73.54
N ALA S 362 2.45 55.29 72.76
CA ALA S 362 1.27 54.49 72.47
C ALA S 362 0.71 53.86 73.74
N ILE S 363 1.59 53.35 74.61
CA ILE S 363 1.12 52.73 75.85
C ILE S 363 0.41 53.77 76.72
N ARG S 364 0.97 54.99 76.79
CA ARG S 364 0.32 56.05 77.53
C ARG S 364 -1.02 56.41 76.92
N GLY S 365 -1.11 56.40 75.59
CA GLY S 365 -2.39 56.63 74.94
C GLY S 365 -3.40 55.55 75.27
N TYR S 366 -2.94 54.29 75.33
CA TYR S 366 -3.83 53.20 75.72
C TYR S 366 -4.35 53.42 77.14
N GLY S 367 -3.47 53.89 78.04
CA GLY S 367 -3.91 54.17 79.39
C GLY S 367 -4.91 55.31 79.45
N LEU S 368 -4.65 56.40 78.73
CA LEU S 368 -5.55 57.54 78.71
C LEU S 368 -6.84 57.25 77.95
N PHE S 369 -6.87 56.15 77.19
CA PHE S 369 -8.09 55.75 76.50
C PHE S 369 -9.25 55.54 77.48
N ALA S 370 -8.95 55.13 78.71
CA ALA S 370 -9.98 54.82 79.69
C ALA S 370 -10.73 56.06 80.17
N GLY S 371 -10.24 57.27 79.85
CA GLY S 371 -10.89 58.49 80.26
C GLY S 371 -12.33 58.57 79.79
N PRO S 372 -12.55 58.55 78.47
CA PRO S 372 -13.93 58.48 77.96
C PRO S 372 -14.68 57.24 78.43
N CYS S 373 -13.99 56.13 78.69
CA CYS S 373 -14.68 54.91 79.11
C CYS S 373 -15.13 54.97 80.57
N LYS S 374 -14.58 55.89 81.37
CA LYS S 374 -15.05 56.03 82.75
C LYS S 374 -16.48 56.55 82.78
N VAL S 375 -16.75 57.63 82.06
CA VAL S 375 -18.08 58.24 82.08
C VAL S 375 -19.10 57.34 81.38
N ILE S 376 -18.75 56.83 80.21
CA ILE S 376 -19.65 56.04 79.38
C ILE S 376 -18.98 54.70 79.09
N ASN S 377 -19.79 53.63 79.05
CA ASN S 377 -19.28 52.27 78.85
C ASN S 377 -18.27 51.90 79.93
N ALA S 378 -18.62 52.20 81.18
CA ALA S 378 -17.77 51.82 82.30
C ALA S 378 -17.65 50.30 82.43
N LYS S 379 -18.59 49.55 81.87
CA LYS S 379 -18.48 48.10 81.84
C LYS S 379 -17.27 47.65 81.02
N ASP S 380 -16.92 48.40 79.98
CA ASP S 380 -15.77 48.03 79.18
C ASP S 380 -14.47 48.16 79.95
N VAL S 381 -14.45 48.99 81.00
CA VAL S 381 -13.19 49.37 81.64
C VAL S 381 -12.61 48.20 82.43
N ASP S 382 -13.44 47.49 83.19
CA ASP S 382 -12.89 46.36 83.94
C ASP S 382 -12.51 45.22 83.01
N PHE S 383 -13.26 45.03 81.92
CA PHE S 383 -12.91 44.02 80.93
C PHE S 383 -11.56 44.33 80.28
N MET S 384 -11.33 45.59 79.92
CA MET S 384 -10.05 45.95 79.34
C MET S 384 -8.93 45.91 80.38
N TYR S 385 -9.24 46.14 81.65
CA TYR S 385 -8.26 45.92 82.70
C TYR S 385 -7.86 44.45 82.77
N VAL S 386 -8.83 43.54 82.69
CA VAL S 386 -8.53 42.11 82.67
C VAL S 386 -7.67 41.77 81.47
N GLU S 387 -8.04 42.30 80.31
CA GLU S 387 -7.28 42.04 79.08
C GLU S 387 -5.86 42.55 79.21
N LEU S 388 -5.68 43.76 79.73
CA LEU S 388 -4.35 44.33 79.89
C LEU S 388 -3.52 43.55 80.91
N ILE S 389 -4.16 43.04 81.98
CA ILE S 389 -3.44 42.18 82.91
C ILE S 389 -2.91 40.95 82.20
N GLN S 390 -3.77 40.31 81.39
CA GLN S 390 -3.30 39.17 80.61
C GLN S 390 -2.13 39.56 79.71
N ARG S 391 -2.29 40.66 78.97
CA ARG S 391 -1.26 41.06 78.02
C ARG S 391 0.08 41.30 78.72
N CYS S 392 0.07 42.07 79.81
CA CYS S 392 1.31 42.37 80.51
C CYS S 392 1.89 41.11 81.15
N LYS S 393 1.06 40.16 81.55
CA LYS S 393 1.59 38.88 82.00
C LYS S 393 2.32 38.17 80.88
N GLN S 394 1.78 38.22 79.67
CA GLN S 394 2.53 37.70 78.53
C GLN S 394 3.50 38.72 77.95
N MET S 395 3.54 39.94 78.48
CA MET S 395 4.46 40.96 78.02
C MET S 395 5.60 41.25 79.00
N PHE S 396 5.36 41.06 80.29
CA PHE S 396 6.36 41.28 81.32
C PHE S 396 6.98 40.01 81.87
N LEU S 397 6.16 39.01 82.21
CA LEU S 397 6.71 37.77 82.77
C LEU S 397 7.53 37.00 81.74
N THR S 398 7.46 37.37 80.47
CA THR S 398 8.31 36.76 79.45
C THR S 398 9.74 37.26 79.62
N GLN S 399 10.42 36.76 80.66
CA GLN S 399 11.77 37.20 80.98
C GLN S 399 12.81 36.42 80.19
N ASP S 405 14.07 42.66 81.48
CA ASP S 405 14.78 42.80 80.22
C ASP S 405 13.95 43.61 79.22
N ARG S 406 12.64 43.39 79.26
CA ARG S 406 11.68 44.13 78.43
C ARG S 406 11.10 45.33 79.17
N VAL S 407 11.88 45.90 80.10
CA VAL S 407 11.35 46.86 81.06
C VAL S 407 11.48 48.29 80.56
N TYR S 408 11.78 48.46 79.28
CA TYR S 408 11.90 49.81 78.73
C TYR S 408 10.56 50.47 78.49
N GLN S 409 9.49 49.70 78.33
CA GLN S 409 8.14 50.24 78.26
C GLN S 409 7.26 49.72 79.39
N MET S 410 7.76 48.82 80.22
CA MET S 410 6.94 48.29 81.31
C MET S 410 6.46 49.37 82.28
N PRO S 411 7.27 50.35 82.70
CA PRO S 411 6.69 51.46 83.47
C PRO S 411 5.63 52.24 82.72
N SER S 412 5.72 52.33 81.39
CA SER S 412 4.62 52.93 80.63
C SER S 412 3.37 52.06 80.72
N PHE S 413 3.55 50.74 80.74
CA PHE S 413 2.43 49.85 81.03
C PHE S 413 1.87 50.10 82.42
N LEU S 414 2.76 50.33 83.40
CA LEU S 414 2.31 50.68 84.74
C LEU S 414 1.50 51.96 84.73
N GLN S 415 1.96 52.96 83.98
CA GLN S 415 1.24 54.24 83.90
C GLN S 415 -0.12 54.05 83.25
N SER S 416 -0.18 53.21 82.21
CA SER S 416 -1.44 52.96 81.52
C SER S 416 -2.43 52.23 82.42
N VAL S 417 -1.97 51.17 83.09
CA VAL S 417 -2.84 50.45 84.02
C VAL S 417 -3.22 51.35 85.19
N ALA S 418 -2.34 52.29 85.55
CA ALA S 418 -2.65 53.25 86.59
C ALA S 418 -3.79 54.17 86.17
N SER S 419 -3.71 54.73 84.97
CA SER S 419 -4.75 55.61 84.47
C SER S 419 -6.08 54.86 84.33
N VAL S 420 -6.04 53.64 83.80
CA VAL S 420 -7.29 52.90 83.66
C VAL S 420 -7.85 52.53 85.03
N LEU S 421 -6.99 52.24 86.01
CA LEU S 421 -7.47 51.96 87.36
C LEU S 421 -8.16 53.19 87.97
N LEU S 422 -7.54 54.36 87.82
CA LEU S 422 -8.20 55.57 88.30
C LEU S 422 -9.46 55.87 87.47
N TYR S 423 -9.43 55.56 86.18
CA TYR S 423 -10.59 55.74 85.30
C TYR S 423 -11.52 54.54 85.32
N LEU S 424 -11.49 53.74 86.37
CA LEU S 424 -12.36 52.57 86.50
C LEU S 424 -13.13 52.68 87.80
N ASP S 425 -14.46 52.61 87.71
CA ASP S 425 -15.32 52.62 88.88
C ASP S 425 -15.47 51.24 89.50
N THR S 426 -15.34 50.17 88.71
CA THR S 426 -15.49 48.80 89.17
C THR S 426 -14.16 48.07 88.95
N VAL S 427 -13.25 48.20 89.90
CA VAL S 427 -11.94 47.56 89.79
C VAL S 427 -12.11 46.05 89.86
N PRO S 428 -11.43 45.28 89.01
CA PRO S 428 -11.50 43.81 89.14
C PRO S 428 -10.49 43.28 90.15
N GLU S 429 -10.99 42.69 91.24
CA GLU S 429 -10.12 42.01 92.19
C GLU S 429 -9.77 40.60 91.75
N VAL S 430 -10.15 40.22 90.53
CA VAL S 430 -9.76 38.94 89.96
C VAL S 430 -8.25 38.81 89.86
N TYR S 431 -7.55 39.91 89.55
CA TYR S 431 -6.11 39.87 89.41
C TYR S 431 -5.39 40.73 90.45
N THR S 432 -6.01 40.93 91.62
CA THR S 432 -5.30 41.60 92.70
C THR S 432 -4.03 40.85 93.11
N PRO S 433 -4.04 39.52 93.30
CA PRO S 433 -2.73 38.83 93.44
C PRO S 433 -1.84 39.03 92.24
N VAL S 434 -2.43 39.00 91.04
CA VAL S 434 -1.66 39.25 89.82
C VAL S 434 -1.17 40.68 89.80
N LEU S 435 -2.01 41.63 90.20
CA LEU S 435 -1.62 43.04 90.22
C LEU S 435 -0.45 43.26 91.17
N GLU S 436 -0.52 42.71 92.37
CA GLU S 436 0.56 42.91 93.34
C GLU S 436 1.84 42.20 92.91
N HIS S 437 1.71 40.99 92.35
CA HIS S 437 2.85 40.29 91.75
C HIS S 437 3.55 41.17 90.72
N LEU S 438 2.76 41.68 89.76
CA LEU S 438 3.31 42.49 88.68
C LEU S 438 3.95 43.76 89.23
N VAL S 439 3.29 44.41 90.19
CA VAL S 439 3.80 45.67 90.72
C VAL S 439 5.13 45.46 91.43
N VAL S 440 5.21 44.44 92.29
CA VAL S 440 6.42 44.28 93.09
C VAL S 440 7.59 43.83 92.22
N MET S 441 7.39 42.84 91.35
CA MET S 441 8.49 42.48 90.46
C MET S 441 8.67 43.42 89.27
N GLN S 442 7.83 44.43 89.11
CA GLN S 442 8.07 45.45 88.11
C GLN S 442 8.90 46.59 88.67
N ILE S 443 8.58 47.02 89.89
CA ILE S 443 9.44 47.97 90.58
C ILE S 443 10.76 47.30 90.96
N ASP S 444 10.77 45.97 91.05
CA ASP S 444 12.02 45.24 91.26
C ASP S 444 13.06 45.57 90.20
N SER S 445 12.61 45.91 88.99
CA SER S 445 13.49 46.34 87.91
C SER S 445 13.77 47.83 87.94
N PHE S 446 13.69 48.45 89.12
CA PHE S 446 13.97 49.89 89.22
C PHE S 446 15.36 50.24 88.71
N PRO S 447 16.43 49.49 88.99
CA PRO S 447 17.68 49.72 88.27
C PRO S 447 17.52 49.43 86.79
N GLN S 448 18.33 50.10 85.98
CA GLN S 448 18.27 50.10 84.51
C GLN S 448 17.07 50.85 83.96
N TYR S 449 16.21 51.37 84.82
CA TYR S 449 15.18 52.30 84.39
C TYR S 449 15.83 53.66 84.25
N SER S 450 15.65 54.31 83.09
CA SER S 450 16.19 55.64 82.92
C SER S 450 15.48 56.60 83.87
N PRO S 451 16.14 57.68 84.28
CA PRO S 451 15.54 58.58 85.28
C PRO S 451 14.16 59.09 84.86
N LYS S 452 13.98 59.43 83.59
CA LYS S 452 12.64 59.75 83.10
C LYS S 452 11.73 58.52 83.20
N MET S 453 12.27 57.33 82.98
CA MET S 453 11.43 56.15 82.95
C MET S 453 11.13 55.72 84.39
N GLN S 454 12.06 56.00 85.30
CA GLN S 454 11.80 55.89 86.73
C GLN S 454 10.73 56.89 87.18
N LEU S 455 10.73 58.09 86.61
CA LEU S 455 9.67 59.04 86.91
C LEU S 455 8.33 58.54 86.39
N VAL S 456 8.34 57.89 85.23
CA VAL S 456 7.13 57.19 84.75
C VAL S 456 6.70 56.16 85.77
N CYS S 457 7.66 55.40 86.32
CA CYS S 457 7.36 54.45 87.39
C CYS S 457 6.67 55.14 88.56
N CYS S 458 7.25 56.22 89.06
CA CYS S 458 6.72 56.85 90.27
C CYS S 458 5.34 57.44 90.03
N ARG S 459 5.14 58.07 88.87
CA ARG S 459 3.80 58.56 88.53
C ARG S 459 2.80 57.43 88.42
N ALA S 460 3.21 56.31 87.81
CA ALA S 460 2.34 55.16 87.72
C ALA S 460 1.95 54.64 89.09
N ILE S 461 2.90 54.57 90.01
CA ILE S 461 2.62 54.01 91.32
C ILE S 461 1.75 54.95 92.16
N VAL S 462 1.98 56.27 92.05
CA VAL S 462 1.10 57.18 92.77
C VAL S 462 -0.31 57.13 92.19
N LYS S 463 -0.43 56.96 90.87
CA LYS S 463 -1.75 56.86 90.26
C LYS S 463 -2.46 55.57 90.68
N VAL S 464 -1.74 54.44 90.71
CA VAL S 464 -2.38 53.20 91.17
C VAL S 464 -2.74 53.32 92.65
N PHE S 465 -1.93 54.00 93.44
CA PHE S 465 -2.22 54.12 94.87
C PHE S 465 -3.45 55.00 95.08
N LEU S 466 -3.63 56.03 94.25
CA LEU S 466 -4.90 56.76 94.30
C LEU S 466 -6.08 55.89 93.87
N ALA S 467 -5.90 55.11 92.81
CA ALA S 467 -6.99 54.26 92.33
C ALA S 467 -7.44 53.28 93.40
N LEU S 468 -6.49 52.53 93.98
CA LEU S 468 -6.80 51.62 95.07
C LEU S 468 -7.10 52.36 96.37
N ALA S 469 -6.82 53.67 96.45
CA ALA S 469 -7.26 54.44 97.60
C ALA S 469 -8.76 54.68 97.57
N ALA S 470 -9.36 54.63 96.39
CA ALA S 470 -10.82 54.63 96.26
C ALA S 470 -11.44 53.33 96.73
N LYS S 471 -10.63 52.38 97.19
CA LYS S 471 -11.10 51.13 97.78
C LYS S 471 -10.51 51.01 99.18
N GLY S 472 -11.32 50.56 100.13
CA GLY S 472 -10.91 50.48 101.50
C GLY S 472 -9.79 49.48 101.76
N PRO S 473 -10.11 48.19 101.66
CA PRO S 473 -9.07 47.17 101.92
C PRO S 473 -8.00 47.13 100.84
N VAL S 474 -8.35 47.44 99.59
CA VAL S 474 -7.38 47.41 98.50
C VAL S 474 -6.36 48.53 98.66
N LEU S 475 -6.69 49.58 99.39
CA LEU S 475 -5.72 50.64 99.66
C LEU S 475 -4.51 50.11 100.42
N ARG S 476 -4.74 49.16 101.32
CA ARG S 476 -3.67 48.69 102.20
C ARG S 476 -3.09 47.36 101.73
N ASN S 477 -3.92 46.46 101.21
CA ASN S 477 -3.46 45.09 100.96
C ASN S 477 -2.38 45.04 99.89
N CYS S 478 -2.63 45.68 98.74
CA CYS S 478 -1.67 45.63 97.65
C CYS S 478 -0.36 46.30 98.04
N ILE S 479 -0.44 47.46 98.68
CA ILE S 479 0.77 48.17 99.05
C ILE S 479 1.58 47.38 100.07
N SER S 480 0.90 46.78 101.06
CA SER S 480 1.61 45.97 102.03
C SER S 480 2.28 44.77 101.38
N THR S 481 1.57 44.09 100.47
CA THR S 481 2.16 42.92 99.83
C THR S 481 3.38 43.30 99.00
N VAL S 482 3.27 44.38 98.21
CA VAL S 482 4.37 44.73 97.33
C VAL S 482 5.58 45.21 98.13
N VAL S 483 5.35 46.00 99.19
CA VAL S 483 6.49 46.45 99.99
C VAL S 483 7.09 45.28 100.76
N HIS S 484 6.26 44.34 101.22
CA HIS S 484 6.77 43.14 101.88
C HIS S 484 7.68 42.35 100.95
N GLN S 485 7.20 42.04 99.74
CA GLN S 485 7.99 41.25 98.82
C GLN S 485 9.25 41.99 98.38
N GLY S 486 9.13 43.31 98.14
CA GLY S 486 10.30 44.08 97.77
C GLY S 486 11.35 44.13 98.86
N LEU S 487 10.93 44.31 100.11
CA LEU S 487 11.86 44.30 101.22
C LEU S 487 12.52 42.94 101.38
N ILE S 488 11.74 41.86 101.25
CA ILE S 488 12.29 40.52 101.34
C ILE S 488 13.34 40.31 100.25
N ARG S 489 13.07 40.80 99.04
CA ARG S 489 14.02 40.67 97.95
C ARG S 489 15.29 41.49 98.21
N ILE S 490 15.12 42.74 98.61
CA ILE S 490 16.27 43.66 98.69
C ILE S 490 17.16 43.32 99.87
N CYS S 491 16.56 43.17 101.06
CA CYS S 491 17.37 43.02 102.27
C CYS S 491 18.23 41.78 102.20
N SER S 492 17.65 40.65 101.75
CA SER S 492 18.37 39.39 101.70
C SER S 492 19.68 39.47 100.94
N LYS S 493 19.87 40.50 100.13
CA LYS S 493 21.14 40.69 99.45
C LYS S 493 22.25 40.92 100.48
N PRO S 494 23.37 40.21 100.38
CA PRO S 494 24.38 40.28 101.43
C PRO S 494 25.23 41.54 101.31
N VAL S 495 25.99 41.79 102.40
CA VAL S 495 26.91 42.92 102.46
C VAL S 495 28.26 42.49 101.87
N VAL S 496 29.12 43.46 101.59
CA VAL S 496 30.41 43.22 100.95
C VAL S 496 31.51 43.49 101.97
N LEU S 497 32.42 42.53 102.13
CA LEU S 497 33.55 42.70 103.03
C LEU S 497 34.58 43.63 102.41
N PRO S 498 35.00 44.70 103.10
CA PRO S 498 36.00 45.64 102.58
C PRO S 498 37.43 45.13 102.73
N TRP S 519 16.23 46.07 84.43
CA TRP S 519 16.32 44.81 85.17
C TRP S 519 17.75 44.50 85.58
N LYS S 520 18.23 45.19 86.60
CA LYS S 520 19.54 44.95 87.19
C LYS S 520 19.36 44.59 88.67
N VAL S 521 20.48 44.47 89.37
CA VAL S 521 20.43 44.14 90.80
C VAL S 521 19.93 45.37 91.56
N PRO S 522 18.80 45.26 92.25
CA PRO S 522 18.27 46.41 92.99
C PRO S 522 18.68 46.41 94.45
N THR S 523 18.62 47.58 95.08
CA THR S 523 18.70 47.67 96.53
C THR S 523 18.18 49.04 96.91
N TYR S 524 17.35 49.13 97.95
CA TYR S 524 16.40 50.23 98.02
C TYR S 524 16.99 51.51 98.62
N LYS S 525 18.31 51.67 98.53
CA LYS S 525 18.86 53.02 98.58
C LYS S 525 18.58 53.78 97.28
N ASP S 526 18.44 53.05 96.17
CA ASP S 526 18.03 53.69 94.92
C ASP S 526 16.53 53.80 94.77
N TYR S 527 15.77 52.94 95.45
CA TYR S 527 14.31 53.01 95.47
C TYR S 527 13.80 54.24 96.20
N VAL S 528 14.68 54.97 96.90
CA VAL S 528 14.24 56.09 97.73
C VAL S 528 13.53 57.14 96.89
N ASP S 529 13.86 57.24 95.60
CA ASP S 529 13.20 58.18 94.72
C ASP S 529 11.71 57.86 94.62
N LEU S 530 11.40 56.69 94.06
CA LEU S 530 10.00 56.30 93.88
C LEU S 530 9.27 56.18 95.20
N PHE S 531 9.91 55.53 96.19
CA PHE S 531 9.25 55.27 97.47
C PHE S 531 8.98 56.56 98.23
N ARG S 532 9.98 57.45 98.30
CA ARG S 532 9.80 58.72 98.99
C ARG S 532 8.91 59.68 98.23
N HIS S 533 8.82 59.53 96.90
CA HIS S 533 7.78 60.24 96.16
C HIS S 533 6.40 59.73 96.55
N LEU S 534 6.27 58.42 96.76
CA LEU S 534 4.99 57.87 97.20
C LEU S 534 4.62 58.36 98.59
N LEU S 535 5.54 58.30 99.54
CA LEU S 535 5.23 58.75 100.89
C LEU S 535 5.00 60.25 100.95
N SER S 536 5.79 61.04 100.22
CA SER S 536 5.52 62.46 100.06
C SER S 536 4.86 62.68 98.70
N SER S 537 3.58 62.32 98.62
CA SER S 537 2.83 62.42 97.37
C SER S 537 1.61 63.30 97.43
N ASP S 538 1.08 63.61 98.62
CA ASP S 538 -0.17 64.36 98.72
C ASP S 538 -0.11 65.66 97.94
N GLN S 539 1.04 66.34 97.99
CA GLN S 539 1.23 67.59 97.25
C GLN S 539 0.99 67.42 95.75
N MET S 540 1.20 66.22 95.22
CA MET S 540 0.79 65.89 93.86
C MET S 540 -0.27 64.81 93.80
N MET S 541 -0.55 64.13 94.91
CA MET S 541 -1.68 63.22 94.94
C MET S 541 -2.99 63.96 94.75
N ASP S 542 -3.06 65.21 95.22
CA ASP S 542 -4.23 66.04 94.92
C ASP S 542 -4.37 66.28 93.43
N SER S 543 -3.26 66.56 92.74
CA SER S 543 -3.31 66.73 91.29
C SER S 543 -3.73 65.44 90.61
N ILE S 544 -3.23 64.31 91.11
CA ILE S 544 -3.63 63.01 90.57
C ILE S 544 -5.14 62.81 90.76
N LEU S 545 -5.67 63.28 91.88
CA LEU S 545 -7.12 63.31 92.07
C LEU S 545 -7.79 64.17 91.00
N ALA S 546 -7.19 65.32 90.71
CA ALA S 546 -7.73 66.18 89.65
C ALA S 546 -7.67 65.49 88.30
N ASP S 547 -6.57 64.81 88.00
CA ASP S 547 -6.45 64.06 86.74
C ASP S 547 -6.76 62.58 86.95
N SER S 559 -2.78 62.31 105.69
CA SER S 559 -3.98 61.87 105.00
C SER S 559 -3.76 60.52 104.32
N LEU S 560 -3.89 60.50 102.99
CA LEU S 560 -3.64 59.28 102.24
C LEU S 560 -2.19 58.83 102.40
N ASN S 561 -1.26 59.78 102.37
CA ASN S 561 0.14 59.45 102.62
C ASN S 561 0.32 58.92 104.04
N HIS S 562 -0.48 59.40 104.99
CA HIS S 562 -0.43 58.84 106.33
C HIS S 562 -0.93 57.41 106.37
N LEU S 563 -1.94 57.07 105.56
CA LEU S 563 -2.40 55.69 105.47
C LEU S 563 -1.33 54.80 104.83
N LEU S 564 -0.64 55.33 103.82
CA LEU S 564 0.50 54.62 103.26
C LEU S 564 1.57 54.40 104.32
N TYR S 565 1.82 55.40 105.15
CA TYR S 565 2.75 55.27 106.27
C TYR S 565 2.29 54.17 107.23
N ASP S 566 1.00 54.17 107.57
CA ASP S 566 0.42 53.13 108.40
C ASP S 566 0.77 51.74 107.87
N GLU S 567 0.33 51.46 106.64
CA GLU S 567 0.45 50.11 106.13
C GLU S 567 1.91 49.72 105.88
N PHE S 568 2.72 50.68 105.42
CA PHE S 568 4.14 50.40 105.22
C PHE S 568 4.83 50.10 106.54
N VAL S 569 4.45 50.80 107.61
CA VAL S 569 5.03 50.52 108.91
C VAL S 569 4.61 49.14 109.40
N LYS S 570 3.35 48.77 109.16
CA LYS S 570 2.93 47.41 109.54
C LYS S 570 3.74 46.35 108.80
N SER S 571 3.95 46.57 107.50
CA SER S 571 4.72 45.62 106.72
C SER S 571 6.18 45.55 107.18
N VAL S 572 6.79 46.70 107.43
CA VAL S 572 8.19 46.67 107.86
C VAL S 572 8.29 46.06 109.26
N LEU S 573 7.25 46.23 110.09
CA LEU S 573 7.23 45.59 111.40
C LEU S 573 7.17 44.08 111.28
N LYS S 574 6.31 43.57 110.40
CA LYS S 574 6.24 42.12 110.23
C LYS S 574 7.55 41.59 109.65
N ILE S 575 8.20 42.37 108.78
CA ILE S 575 9.51 41.97 108.26
C ILE S 575 10.53 41.91 109.39
N VAL S 576 10.56 42.94 110.23
CA VAL S 576 11.54 43.00 111.31
C VAL S 576 11.35 41.84 112.28
N GLU S 577 10.10 41.57 112.66
CA GLU S 577 9.84 40.46 113.57
C GLU S 577 10.11 39.12 112.91
N LYS S 578 9.94 39.02 111.60
CA LYS S 578 10.11 37.73 110.93
C LYS S 578 11.57 37.35 110.78
N LEU S 579 12.43 38.31 110.42
CA LEU S 579 13.84 38.00 110.17
C LEU S 579 14.52 37.49 111.43
N ASP S 580 15.33 36.44 111.26
CA ASP S 580 16.08 35.87 112.37
C ASP S 580 17.22 36.80 112.76
N LEU S 581 17.58 36.78 114.04
CA LEU S 581 18.60 37.66 114.59
C LEU S 581 19.52 36.89 115.54
N THR S 582 19.87 35.66 115.19
CA THR S 582 20.67 34.80 116.06
C THR S 582 22.15 34.91 115.70
N LEU S 583 22.98 35.16 116.71
CA LEU S 583 24.41 35.33 116.51
C LEU S 583 25.17 34.75 117.70
N GLU S 584 26.41 34.33 117.45
CA GLU S 584 27.33 33.94 118.49
C GLU S 584 28.26 35.10 118.80
N ILE S 585 29.29 34.86 119.62
CA ILE S 585 30.27 35.87 119.96
C ILE S 585 31.68 35.49 119.52
N GLN S 586 31.89 34.26 119.06
CA GLN S 586 33.20 33.82 118.62
C GLN S 586 33.09 32.67 117.62
N ALA S 610 35.34 40.72 122.07
CA ALA S 610 35.47 39.67 121.08
C ALA S 610 35.02 40.15 119.70
N ASN S 611 34.91 39.22 118.75
CA ASN S 611 34.46 39.55 117.41
C ASN S 611 32.97 39.24 117.27
N LEU S 612 32.46 39.42 116.06
CA LEU S 612 31.07 39.14 115.73
C LEU S 612 30.98 37.84 114.96
N HIS S 613 30.17 36.90 115.47
CA HIS S 613 29.97 35.60 114.85
C HIS S 613 28.48 35.37 114.68
N PRO S 614 27.89 35.91 113.60
CA PRO S 614 26.46 35.70 113.37
C PRO S 614 26.14 34.24 113.09
N ALA S 615 25.24 33.67 113.87
CA ALA S 615 24.76 32.32 113.62
C ALA S 615 24.02 32.25 112.29
N LYS S 616 23.37 33.34 111.90
CA LYS S 616 22.66 33.45 110.63
C LYS S 616 23.18 34.70 109.94
N PRO S 617 24.38 34.64 109.36
CA PRO S 617 24.98 35.85 108.77
C PRO S 617 24.13 36.47 107.67
N LYS S 618 23.44 35.66 106.86
CA LYS S 618 22.56 36.22 105.84
C LYS S 618 21.39 36.96 106.47
N ASP S 619 20.85 36.43 107.57
CA ASP S 619 19.77 37.11 108.26
C ASP S 619 20.23 38.46 108.81
N PHE S 620 21.42 38.49 109.43
CA PHE S 620 21.93 39.75 109.97
C PHE S 620 22.25 40.73 108.84
N SER S 621 22.79 40.24 107.73
CA SER S 621 23.07 41.12 106.61
C SER S 621 21.78 41.71 106.03
N ALA S 622 20.74 40.88 105.92
CA ALA S 622 19.44 41.39 105.48
C ALA S 622 18.91 42.43 106.45
N PHE S 623 19.03 42.17 107.76
CA PHE S 623 18.53 43.10 108.76
C PHE S 623 19.25 44.43 108.67
N ILE S 624 20.58 44.41 108.58
CA ILE S 624 21.32 45.66 108.52
C ILE S 624 21.06 46.38 107.21
N ASN S 625 20.91 45.63 106.10
CA ASN S 625 20.58 46.25 104.83
C ASN S 625 19.26 47.01 104.94
N LEU S 626 18.22 46.35 105.45
CA LEU S 626 16.94 47.04 105.55
C LEU S 626 17.03 48.21 106.53
N VAL S 627 17.79 48.05 107.62
CA VAL S 627 17.90 49.11 108.62
C VAL S 627 18.51 50.36 108.00
N GLU S 628 19.65 50.21 107.34
CA GLU S 628 20.34 51.37 106.78
C GLU S 628 19.68 51.91 105.53
N PHE S 629 18.85 51.10 104.86
CA PHE S 629 18.25 51.57 103.63
C PHE S 629 16.88 52.19 103.86
N CYS S 630 16.20 51.82 104.95
CA CYS S 630 14.96 52.49 105.33
C CYS S 630 15.18 53.61 106.33
N ARG S 631 16.31 53.62 107.03
CA ARG S 631 16.67 54.81 107.78
C ARG S 631 16.92 55.99 106.86
N GLU S 632 17.11 55.73 105.57
CA GLU S 632 17.09 56.77 104.56
C GLU S 632 15.68 57.11 104.11
N ILE S 633 14.70 56.28 104.46
CA ILE S 633 13.30 56.51 104.09
C ILE S 633 12.53 57.21 105.20
N LEU S 634 12.72 56.75 106.44
CA LEU S 634 11.90 57.21 107.56
C LEU S 634 11.94 58.72 107.78
N PRO S 635 13.10 59.37 107.84
CA PRO S 635 13.10 60.83 108.10
C PRO S 635 12.47 61.65 107.00
N GLU S 636 12.31 61.10 105.79
CA GLU S 636 11.72 61.87 104.71
C GLU S 636 10.29 62.29 105.03
N LYS S 637 9.51 61.38 105.62
CA LYS S 637 8.20 61.77 106.11
C LYS S 637 8.31 62.49 107.44
N GLN S 638 7.27 63.24 107.77
CA GLN S 638 7.28 64.03 108.99
C GLN S 638 7.20 63.14 110.21
N ALA S 639 7.77 63.61 111.31
CA ALA S 639 7.56 62.93 112.59
C ALA S 639 6.10 63.01 113.02
N GLU S 640 5.36 64.00 112.52
CA GLU S 640 3.91 63.99 112.66
C GLU S 640 3.31 62.83 111.88
N PHE S 641 3.80 62.60 110.66
CA PHE S 641 3.49 61.38 109.93
C PHE S 641 4.15 60.16 110.55
N PHE S 642 4.88 60.35 111.65
CA PHE S 642 5.46 59.27 112.44
C PHE S 642 5.00 59.30 113.88
N GLU S 643 4.32 60.36 114.31
CA GLU S 643 3.85 60.45 115.69
C GLU S 643 2.95 59.30 116.12
N PRO S 644 2.01 58.80 115.30
CA PRO S 644 1.23 57.62 115.72
C PRO S 644 2.11 56.41 116.01
N TRP S 645 3.40 56.51 115.77
CA TRP S 645 4.34 55.44 116.05
C TRP S 645 5.47 55.82 116.99
N VAL S 646 5.58 57.09 117.39
CA VAL S 646 6.69 57.49 118.23
C VAL S 646 6.59 56.90 119.63
N TYR S 647 5.43 56.35 119.99
CA TYR S 647 5.35 55.52 121.19
C TYR S 647 5.01 54.08 120.87
N SER S 648 3.86 53.84 120.22
CA SER S 648 3.33 52.48 120.11
C SER S 648 4.28 51.56 119.35
N PHE S 649 4.49 51.86 118.07
CA PHE S 649 5.41 51.06 117.26
C PHE S 649 6.82 51.10 117.83
N SER S 650 7.25 52.27 118.29
CA SER S 650 8.56 52.35 118.92
C SER S 650 8.60 51.60 120.25
N TYR S 651 7.47 51.46 120.94
CA TYR S 651 7.48 50.63 122.15
C TYR S 651 7.56 49.16 121.79
N GLU S 652 6.94 48.74 120.68
CA GLU S 652 7.17 47.38 120.19
C GLU S 652 8.64 47.17 119.88
N LEU S 653 9.27 48.16 119.24
CA LEU S 653 10.70 48.11 119.01
C LEU S 653 11.49 48.06 120.31
N ILE S 654 11.00 48.75 121.35
CA ILE S 654 11.60 48.63 122.68
C ILE S 654 11.55 47.19 123.14
N LEU S 655 10.42 46.53 122.91
CA LEU S 655 10.28 45.12 123.30
C LEU S 655 11.30 44.26 122.57
N GLN S 656 11.37 44.37 121.24
CA GLN S 656 12.33 43.53 120.51
C GLN S 656 13.76 43.87 120.90
N SER S 657 14.04 45.13 121.21
CA SER S 657 15.38 45.52 121.67
C SER S 657 15.69 44.87 123.02
N THR S 658 14.73 44.89 123.94
CA THR S 658 14.93 44.24 125.22
C THR S 658 15.12 42.73 125.06
N ARG S 659 14.55 42.16 124.00
CA ARG S 659 14.83 40.76 123.70
C ARG S 659 16.30 40.55 123.33
N LEU S 660 16.82 41.38 122.41
CA LEU S 660 18.19 41.25 121.92
C LEU S 660 18.85 42.63 121.93
N PRO S 661 19.30 43.10 123.10
CA PRO S 661 19.90 44.44 123.17
C PRO S 661 21.37 44.46 122.79
N LEU S 662 21.73 43.80 121.68
CA LEU S 662 23.10 43.85 121.18
C LEU S 662 23.14 43.98 119.66
N ILE S 663 22.09 44.50 119.04
CA ILE S 663 21.97 44.53 117.58
C ILE S 663 22.12 45.96 117.10
N SER S 664 23.05 46.17 116.16
CA SER S 664 23.30 47.52 115.64
C SER S 664 22.09 48.06 114.89
N GLY S 665 21.40 47.21 114.14
CA GLY S 665 20.24 47.66 113.39
C GLY S 665 19.13 48.18 114.29
N PHE S 666 18.90 47.51 115.42
CA PHE S 666 17.98 48.04 116.42
C PHE S 666 18.36 49.46 116.81
N TYR S 667 19.63 49.68 117.12
CA TYR S 667 20.07 51.00 117.58
C TYR S 667 19.93 52.04 116.48
N LYS S 668 20.19 51.66 115.23
CA LYS S 668 20.13 52.64 114.15
C LYS S 668 18.68 53.01 113.82
N LEU S 669 17.80 52.01 113.76
CA LEU S 669 16.38 52.30 113.55
C LEU S 669 15.81 53.12 114.68
N LEU S 670 16.12 52.75 115.93
CA LEU S 670 15.67 53.54 117.06
C LEU S 670 16.33 54.91 117.08
N SER S 671 17.53 55.04 116.51
CA SER S 671 18.18 56.34 116.40
C SER S 671 17.37 57.26 115.51
N ILE S 672 16.98 56.79 114.32
CA ILE S 672 16.17 57.64 113.46
C ILE S 672 14.78 57.86 114.07
N THR S 673 14.25 56.84 114.76
CA THR S 673 12.94 56.99 115.40
C THR S 673 12.97 58.08 116.45
N VAL S 674 13.99 58.09 117.30
CA VAL S 674 14.07 59.11 118.34
C VAL S 674 14.55 60.44 117.79
N ARG S 675 15.22 60.45 116.63
CA ARG S 675 15.47 61.71 115.95
C ARG S 675 14.16 62.36 115.53
N ASN S 676 13.25 61.57 114.95
CA ASN S 676 11.92 62.08 114.65
C ASN S 676 11.18 62.48 115.93
N ALA S 677 11.30 61.66 116.97
CA ALA S 677 10.62 61.95 118.23
C ALA S 677 11.06 63.30 118.79
N LYS S 678 12.37 63.54 118.86
CA LYS S 678 12.86 64.83 119.32
C LYS S 678 12.54 65.94 118.34
N LYS S 679 12.34 65.59 117.06
CA LYS S 679 11.82 66.57 116.10
C LYS S 679 10.41 66.99 116.48
N ILE S 680 9.64 66.10 117.12
CA ILE S 680 8.34 66.46 117.66
C ILE S 680 8.32 66.49 119.18
N LYS S 681 9.42 66.12 119.84
CA LYS S 681 9.56 66.20 121.29
C LYS S 681 8.43 65.44 122.00
N TYR S 682 8.17 64.22 121.55
CA TYR S 682 7.08 63.44 122.11
C TYR S 682 7.38 63.06 123.57
N PHE S 683 8.56 62.48 123.81
CA PHE S 683 8.93 62.14 125.18
C PHE S 683 9.17 63.40 125.99
N GLU S 684 8.74 63.37 127.25
CA GLU S 684 8.83 64.52 128.15
C GLU S 684 9.30 64.08 129.53
N GLY S 685 10.20 63.11 129.59
CA GLY S 685 10.67 62.59 130.85
C GLY S 685 10.74 61.08 130.87
N ASP S 697 -2.28 62.61 129.03
CA ASP S 697 -2.79 61.25 129.18
C ASP S 697 -1.83 60.38 130.00
N PRO S 698 -2.39 59.44 130.75
CA PRO S 698 -1.51 58.48 131.46
C PRO S 698 -0.64 57.67 130.51
N GLU S 699 -1.11 57.44 129.29
CA GLU S 699 -0.28 56.78 128.29
C GLU S 699 0.98 57.59 128.00
N LYS S 700 0.91 58.91 128.10
CA LYS S 700 2.10 59.73 127.87
C LYS S 700 3.15 59.46 128.94
N TYR S 701 2.74 59.43 130.20
CA TYR S 701 3.69 59.14 131.29
C TYR S 701 4.18 57.70 131.21
N SER S 702 3.31 56.78 130.80
CA SER S 702 3.76 55.41 130.58
C SER S 702 4.82 55.35 129.50
N CYS S 703 4.62 56.07 128.41
CA CYS S 703 5.63 56.18 127.36
C CYS S 703 6.93 56.75 127.89
N PHE S 704 6.84 57.82 128.69
CA PHE S 704 8.04 58.46 129.20
C PHE S 704 8.84 57.50 130.07
N ALA S 705 8.17 56.83 131.01
CA ALA S 705 8.86 55.89 131.88
C ALA S 705 9.41 54.70 131.10
N LEU S 706 8.62 54.17 130.15
CA LEU S 706 9.06 53.02 129.38
C LEU S 706 10.28 53.37 128.52
N PHE S 707 10.29 54.57 127.94
CA PHE S 707 11.44 54.96 127.13
C PHE S 707 12.64 55.34 127.97
N VAL S 708 12.44 55.85 129.19
CA VAL S 708 13.58 56.03 130.09
C VAL S 708 14.21 54.68 130.42
N LYS S 709 13.38 53.69 130.75
CA LYS S 709 13.91 52.35 130.99
C LYS S 709 14.55 51.77 129.74
N PHE S 710 13.98 52.06 128.58
CA PHE S 710 14.55 51.61 127.32
C PHE S 710 15.95 52.19 127.12
N GLY S 711 16.10 53.49 127.38
CA GLY S 711 17.41 54.11 127.28
C GLY S 711 18.39 53.54 128.28
N LYS S 712 17.93 53.26 129.51
CA LYS S 712 18.82 52.67 130.51
C LYS S 712 19.27 51.28 130.11
N GLU S 713 18.36 50.45 129.60
CA GLU S 713 18.73 49.10 129.19
C GLU S 713 19.54 49.09 127.91
N VAL S 714 19.45 50.15 127.10
CA VAL S 714 20.37 50.30 125.98
C VAL S 714 21.76 50.70 126.47
N ALA S 715 21.83 51.66 127.38
CA ALA S 715 23.11 52.19 127.85
C ALA S 715 23.82 51.27 128.83
N VAL S 716 23.12 50.28 129.41
CA VAL S 716 23.79 49.35 130.30
C VAL S 716 24.74 48.47 129.51
N LYS S 717 24.43 48.22 128.24
CA LYS S 717 25.32 47.54 127.30
C LYS S 717 26.07 48.51 126.41
N MET S 718 26.02 49.81 126.69
CA MET S 718 26.67 50.79 125.83
C MET S 718 28.17 50.56 125.74
N LYS S 719 28.82 50.40 126.89
CA LYS S 719 30.27 50.21 126.89
C LYS S 719 30.67 48.81 126.45
N GLN S 720 29.73 48.00 125.95
CA GLN S 720 30.00 46.60 125.67
C GLN S 720 29.77 46.24 124.21
N TYR S 721 30.13 47.12 123.30
CA TYR S 721 29.87 46.91 121.89
C TYR S 721 31.16 47.08 121.09
N LYS S 722 31.10 46.73 119.81
CA LYS S 722 32.25 46.70 118.93
C LYS S 722 32.03 47.67 117.77
N ASP S 723 32.93 47.60 116.79
CA ASP S 723 32.85 48.48 115.62
C ASP S 723 31.52 48.30 114.91
N GLU S 724 30.92 49.42 114.52
CA GLU S 724 29.61 49.52 113.87
C GLU S 724 28.47 49.09 114.80
N LEU S 725 28.77 48.68 116.02
CA LEU S 725 27.76 48.31 117.01
C LEU S 725 27.68 49.31 118.15
N LEU S 726 28.82 49.71 118.71
CA LEU S 726 28.82 50.82 119.65
C LEU S 726 28.47 52.12 118.94
N ALA S 727 28.94 52.28 117.71
CA ALA S 727 28.59 53.46 116.94
C ALA S 727 27.08 53.54 116.70
N SER S 728 26.46 52.41 116.36
CA SER S 728 25.02 52.37 116.21
C SER S 728 24.31 52.72 117.52
N CYS S 729 24.82 52.17 118.62
CA CYS S 729 24.13 52.34 119.90
C CYS S 729 24.22 53.78 120.39
N LEU S 730 25.37 54.43 120.17
CA LEU S 730 25.49 55.85 120.50
C LEU S 730 24.68 56.70 119.53
N THR S 731 24.64 56.33 118.25
CA THR S 731 23.76 57.00 117.31
C THR S 731 22.32 56.97 117.81
N PHE S 732 21.91 55.86 118.41
CA PHE S 732 20.61 55.81 119.04
C PHE S 732 20.54 56.75 120.24
N LEU S 733 21.49 56.61 121.17
CA LEU S 733 21.36 57.27 122.47
C LEU S 733 21.37 58.79 122.31
N LEU S 734 22.37 59.33 121.63
CA LEU S 734 22.47 60.78 121.47
C LEU S 734 21.42 61.36 120.55
N SER S 735 20.68 60.51 119.82
CA SER S 735 19.58 60.99 119.00
C SER S 735 18.29 61.13 119.79
N LEU S 736 18.26 60.72 121.05
CA LEU S 736 17.12 60.99 121.90
C LEU S 736 17.02 62.50 122.19
N PRO S 737 15.84 62.98 122.52
CA PRO S 737 15.72 64.35 123.04
C PRO S 737 16.35 64.46 124.42
N HIS S 738 16.63 65.70 124.82
CA HIS S 738 16.96 65.94 126.22
C HIS S 738 15.79 65.66 127.14
N ASN S 739 14.57 65.70 126.62
CA ASN S 739 13.38 65.58 127.46
C ASN S 739 13.31 64.21 128.13
N ILE S 740 13.60 63.14 127.38
CA ILE S 740 13.62 61.80 127.97
C ILE S 740 14.73 61.70 129.00
N ILE S 741 15.83 62.44 128.81
CA ILE S 741 16.97 62.38 129.71
C ILE S 741 17.16 63.71 130.42
N GLU S 742 16.07 64.45 130.64
CA GLU S 742 16.13 65.55 131.59
C GLU S 742 16.54 65.03 132.96
N LEU S 743 15.97 63.91 133.38
CA LEU S 743 16.48 63.13 134.49
C LEU S 743 17.55 62.18 133.97
N ASP S 744 18.67 62.09 134.70
CA ASP S 744 19.80 61.23 134.33
C ASP S 744 20.34 61.60 132.95
N VAL S 745 20.89 62.82 132.89
CA VAL S 745 21.63 63.23 131.69
C VAL S 745 22.84 62.33 131.48
N ARG S 746 23.32 61.68 132.55
CA ARG S 746 24.46 60.79 132.46
C ARG S 746 24.13 59.44 131.82
N ALA S 747 22.85 59.17 131.54
CA ALA S 747 22.48 57.87 130.99
C ALA S 747 23.17 57.61 129.65
N TYR S 748 23.18 58.61 128.77
CA TYR S 748 23.75 58.47 127.44
C TYR S 748 25.13 59.10 127.33
N VAL S 749 25.69 59.58 128.45
CA VAL S 749 27.04 60.15 128.41
C VAL S 749 28.09 59.12 128.02
N PRO S 750 28.08 57.88 128.54
CA PRO S 750 29.08 56.91 128.08
C PRO S 750 29.03 56.64 126.59
N ALA S 751 27.86 56.79 125.97
CA ALA S 751 27.77 56.69 124.52
C ALA S 751 28.70 57.69 123.86
N LEU S 752 28.60 58.96 124.27
CA LEU S 752 29.53 59.97 123.78
C LEU S 752 30.96 59.66 124.18
N GLN S 753 31.14 59.04 125.35
CA GLN S 753 32.47 58.68 125.83
C GLN S 753 33.19 57.81 124.81
N MET S 754 32.63 56.62 124.52
CA MET S 754 33.34 55.79 123.56
C MET S 754 33.13 56.23 122.12
N ALA S 755 32.15 57.11 121.85
CA ALA S 755 32.09 57.74 120.54
C ALA S 755 33.35 58.54 120.27
N PHE S 756 33.71 59.43 121.20
CA PHE S 756 34.93 60.21 121.08
C PHE S 756 36.17 59.35 121.27
N LYS S 757 36.06 58.23 121.98
CA LYS S 757 37.19 57.32 122.09
C LYS S 757 37.51 56.66 120.75
N LEU S 758 36.49 56.13 120.08
CA LEU S 758 36.71 55.35 118.86
C LEU S 758 36.84 56.22 117.62
N GLY S 759 36.28 57.43 117.63
CA GLY S 759 36.31 58.22 116.42
C GLY S 759 37.58 59.00 116.15
N LEU S 760 38.60 58.85 117.00
CA LEU S 760 39.84 59.59 116.78
C LEU S 760 40.47 59.22 115.45
N SER S 761 40.41 57.95 115.06
CA SER S 761 40.78 57.50 113.73
C SER S 761 39.56 57.23 112.86
N TYR S 762 38.37 57.62 113.33
CA TYR S 762 37.11 57.34 112.64
C TYR S 762 36.35 58.67 112.52
N THR S 763 36.41 59.27 111.33
CA THR S 763 35.93 60.63 111.05
C THR S 763 34.52 60.94 111.54
N PRO S 764 33.58 59.97 111.63
CA PRO S 764 32.26 60.30 112.21
C PRO S 764 32.28 60.79 113.65
N LEU S 765 33.46 60.81 114.29
CA LEU S 765 33.57 61.45 115.60
C LEU S 765 33.04 62.87 115.56
N ALA S 766 33.67 63.72 114.74
CA ALA S 766 33.39 65.15 114.77
C ALA S 766 31.95 65.46 114.38
N GLU S 767 31.24 64.50 113.78
CA GLU S 767 29.84 64.66 113.41
C GLU S 767 28.90 64.16 114.49
N VAL S 768 29.01 62.89 114.88
CA VAL S 768 28.05 62.31 115.81
C VAL S 768 28.24 62.89 117.21
N GLY S 769 29.50 63.11 117.63
CA GLY S 769 29.71 63.77 118.90
C GLY S 769 29.27 65.22 118.91
N LEU S 770 29.42 65.90 117.77
CA LEU S 770 28.87 67.25 117.64
C LEU S 770 27.36 67.23 117.81
N ASN S 771 26.70 66.24 117.22
CA ASN S 771 25.25 66.10 117.41
C ASN S 771 24.91 65.86 118.88
N ALA S 772 25.65 64.99 119.55
CA ALA S 772 25.41 64.70 120.97
C ALA S 772 25.59 65.95 121.82
N LEU S 773 26.67 66.69 121.57
CA LEU S 773 26.96 67.88 122.34
C LEU S 773 25.89 68.94 122.09
N GLU S 774 25.46 69.11 120.84
CA GLU S 774 24.33 69.98 120.56
C GLU S 774 23.10 69.55 121.35
N GLU S 775 22.81 68.24 121.35
CA GLU S 775 21.66 67.71 122.06
C GLU S 775 21.64 68.17 123.52
N TRP S 776 22.63 67.74 124.31
CA TRP S 776 22.62 68.17 125.71
C TRP S 776 22.77 69.68 125.86
N SER S 777 23.76 70.28 125.20
CA SER S 777 24.10 71.67 125.48
C SER S 777 22.94 72.61 125.19
N ILE S 778 22.22 72.40 124.09
CA ILE S 778 21.15 73.31 123.69
C ILE S 778 19.79 72.82 124.18
N TYR S 779 19.48 71.54 123.97
CA TYR S 779 18.16 71.04 124.31
C TYR S 779 17.88 71.13 125.80
N ILE S 780 18.88 70.81 126.64
CA ILE S 780 18.78 70.98 128.07
C ILE S 780 19.77 72.06 128.49
N ASP S 781 19.57 72.59 129.70
CA ASP S 781 20.43 73.66 130.20
C ASP S 781 21.86 73.15 130.38
N ARG S 782 22.81 74.03 130.11
CA ARG S 782 24.22 73.70 130.30
C ARG S 782 24.57 73.50 131.77
N HIS S 783 23.76 74.04 132.69
CA HIS S 783 24.07 73.97 134.11
C HIS S 783 23.96 72.55 134.65
N VAL S 784 23.32 71.64 133.94
CA VAL S 784 23.31 70.25 134.38
C VAL S 784 24.54 69.50 133.88
N MET S 785 25.12 69.92 132.74
CA MET S 785 26.42 69.42 132.33
C MET S 785 27.56 70.07 133.10
N GLN S 786 27.32 71.22 133.72
CA GLN S 786 28.35 71.89 134.51
C GLN S 786 28.96 70.99 135.59
N PRO S 787 28.20 70.22 136.36
CA PRO S 787 28.85 69.33 137.35
C PRO S 787 29.80 68.32 136.75
N TYR S 788 29.49 67.77 135.57
CA TYR S 788 30.30 66.69 135.02
C TYR S 788 31.02 67.12 133.74
N TYR S 789 31.50 68.36 133.70
CA TYR S 789 32.48 68.71 132.68
C TYR S 789 33.74 67.88 132.86
N LYS S 790 34.09 67.54 134.10
CA LYS S 790 35.21 66.65 134.36
C LYS S 790 34.95 65.24 133.85
N ASP S 791 33.70 64.91 133.53
CA ASP S 791 33.37 63.64 132.90
C ASP S 791 33.23 63.74 131.38
N ILE S 792 32.87 64.92 130.88
CA ILE S 792 32.78 65.08 129.43
C ILE S 792 34.17 65.27 128.80
N LEU S 793 35.11 65.88 129.52
CA LEU S 793 36.45 66.02 128.96
C LEU S 793 37.18 64.69 128.74
N PRO S 794 36.91 63.62 129.48
CA PRO S 794 37.41 62.31 129.04
C PRO S 794 37.00 61.95 127.62
N CYS S 795 35.79 62.32 127.19
CA CYS S 795 35.47 62.20 125.77
C CYS S 795 35.77 63.48 125.01
N LEU S 796 35.55 64.65 125.62
CA LEU S 796 35.94 65.89 124.96
C LEU S 796 37.44 66.03 124.80
N ASP S 797 38.23 65.02 125.20
CA ASP S 797 39.60 64.92 124.75
C ASP S 797 39.68 64.88 123.23
N GLY S 798 38.62 64.40 122.59
CA GLY S 798 38.51 64.53 121.15
C GLY S 798 38.31 65.98 120.74
N TYR S 799 38.27 66.19 119.41
CA TYR S 799 38.19 67.51 118.78
C TYR S 799 39.52 68.25 118.90
N LEU S 800 40.46 67.70 119.65
CA LEU S 800 41.78 68.29 119.73
C LEU S 800 42.62 67.96 118.51
N LYS S 801 42.42 66.79 117.92
CA LYS S 801 43.08 66.40 116.69
C LYS S 801 42.21 66.65 115.47
N THR S 802 40.89 66.52 115.60
CA THR S 802 39.96 66.82 114.52
C THR S 802 39.63 68.31 114.60
N SER S 803 40.65 69.12 114.43
CA SER S 803 40.51 70.57 114.54
C SER S 803 41.45 71.29 113.57
N PHE S 826 39.26 68.54 79.77
CA PHE S 826 37.95 68.65 80.40
C PHE S 826 37.71 70.08 80.87
N ASN S 827 38.53 70.53 81.82
CA ASN S 827 38.53 71.91 82.27
C ASN S 827 39.72 72.70 81.75
N LYS S 828 40.43 72.16 80.75
CA LYS S 828 41.63 72.81 80.23
C LYS S 828 41.21 73.92 79.27
N VAL S 829 42.18 74.46 78.53
CA VAL S 829 42.03 75.67 77.71
C VAL S 829 40.75 75.64 76.88
N VAL S 830 40.30 74.45 76.51
CA VAL S 830 39.06 74.29 75.74
C VAL S 830 37.91 74.04 76.71
N LEU S 831 36.89 74.89 76.64
CA LEU S 831 35.73 74.81 77.52
C LEU S 831 34.72 73.90 76.84
N LYS S 832 34.90 72.59 77.02
CA LYS S 832 34.08 71.63 76.29
C LYS S 832 32.73 71.42 76.96
N HIS S 833 32.05 72.52 77.29
CA HIS S 833 30.72 72.53 77.89
C HIS S 833 30.73 71.92 79.29
N LEU S 834 31.86 71.34 79.69
CA LEU S 834 32.04 70.72 80.99
C LEU S 834 30.82 69.84 81.31
N LYS S 835 30.66 68.79 80.49
CA LYS S 835 29.41 68.03 80.48
C LYS S 835 29.08 67.44 81.84
N LYS S 836 30.10 67.12 82.65
CA LYS S 836 29.83 66.66 84.01
C LYS S 836 29.13 67.74 84.82
N THR S 837 29.56 68.99 84.68
CA THR S 837 28.83 70.09 85.29
C THR S 837 27.45 70.23 84.68
N LYS S 838 27.34 70.04 83.36
CA LYS S 838 26.04 70.07 82.70
C LYS S 838 25.15 68.94 83.19
N ASN S 839 25.72 67.76 83.39
CA ASN S 839 24.97 66.56 83.76
C ASN S 839 25.52 66.01 85.06
N LEU S 840 24.96 66.43 86.18
CA LEU S 840 25.39 65.95 87.49
C LEU S 840 24.21 65.33 88.25
N SER S 847 29.68 67.27 104.39
CA SER S 847 30.93 68.03 104.37
C SER S 847 31.51 68.17 105.77
N LEU S 848 32.71 67.64 105.98
CA LEU S 848 33.36 67.68 107.27
C LEU S 848 34.01 69.03 107.56
N GLU S 849 34.11 69.92 106.57
CA GLU S 849 34.73 71.22 106.80
C GLU S 849 33.90 72.04 107.79
N GLU S 850 32.61 72.19 107.54
CA GLU S 850 31.75 72.89 108.50
C GLU S 850 31.63 72.12 109.80
N ILE S 851 31.75 70.79 109.72
CA ILE S 851 31.76 69.97 110.94
C ILE S 851 32.91 70.39 111.83
N ARG S 852 34.11 70.48 111.27
CA ARG S 852 35.28 70.91 112.05
C ARG S 852 35.19 72.39 112.43
N ILE S 853 34.49 73.20 111.61
CA ILE S 853 34.27 74.59 111.96
C ILE S 853 33.47 74.69 113.26
N ARG S 854 32.37 73.93 113.35
CA ARG S 854 31.63 73.90 114.59
C ARG S 854 32.40 73.20 115.71
N VAL S 855 33.28 72.26 115.34
CA VAL S 855 34.13 71.61 116.33
C VAL S 855 35.02 72.63 117.03
N VAL S 856 35.70 73.47 116.25
CA VAL S 856 36.56 74.49 116.84
C VAL S 856 35.73 75.59 117.49
N GLN S 857 34.54 75.87 116.95
CA GLN S 857 33.58 76.76 117.61
C GLN S 857 33.36 76.35 119.05
N MET S 858 32.86 75.13 119.26
CA MET S 858 32.56 74.69 120.63
C MET S 858 33.83 74.40 121.42
N LEU S 859 34.93 74.04 120.76
CA LEU S 859 36.19 73.90 121.48
C LEU S 859 36.62 75.20 122.11
N GLY S 860 36.49 76.31 121.38
CA GLY S 860 36.72 77.62 122.00
C GLY S 860 35.68 77.93 123.05
N SER S 861 34.41 77.63 122.76
CA SER S 861 33.33 77.99 123.67
C SER S 861 33.47 77.29 125.02
N LEU S 862 34.10 76.13 125.05
CA LEU S 862 34.40 75.48 126.32
C LEU S 862 35.19 76.40 127.23
N GLY S 863 36.28 76.96 126.73
CA GLY S 863 37.11 77.83 127.53
C GLY S 863 37.88 77.06 128.60
N GLY S 864 38.60 77.82 129.42
CA GLY S 864 39.41 77.21 130.46
C GLY S 864 38.58 76.49 131.50
N GLN S 865 37.42 77.04 131.85
CA GLN S 865 36.57 76.43 132.87
C GLN S 865 36.28 74.97 132.54
N ILE S 866 35.98 74.68 131.29
CA ILE S 866 35.68 73.31 130.90
C ILE S 866 36.96 72.54 130.56
N ASN S 867 37.90 73.17 129.87
CA ASN S 867 39.06 72.43 129.37
C ASN S 867 40.12 72.16 130.43
N LYS S 868 40.01 72.76 131.62
CA LYS S 868 40.86 72.36 132.72
C LYS S 868 40.49 70.98 133.22
N ASN S 869 39.27 70.53 132.93
CA ASN S 869 38.92 69.14 133.20
C ASN S 869 39.73 68.19 132.34
N LEU S 870 40.09 68.61 131.13
CA LEU S 870 41.09 67.89 130.35
C LEU S 870 42.42 67.90 131.07
N LEU S 871 42.78 69.03 131.69
CA LEU S 871 43.99 69.13 132.48
C LEU S 871 43.82 68.45 133.83
N MET S 879 51.09 68.80 136.51
CA MET S 879 50.78 67.39 136.75
C MET S 879 51.76 66.48 136.01
N MET S 880 51.27 65.30 135.62
CA MET S 880 52.10 64.38 134.85
C MET S 880 52.47 64.98 133.50
N LYS S 881 51.52 65.65 132.85
CA LYS S 881 51.67 66.30 131.54
C LYS S 881 52.46 65.46 130.54
N SER S 882 52.35 64.13 130.66
CA SER S 882 52.75 63.16 129.63
C SER S 882 54.23 63.27 129.26
N TYR S 883 55.09 63.14 130.27
CA TYR S 883 56.51 62.89 130.05
C TYR S 883 57.21 62.47 131.34
N VAL S 884 58.01 61.41 131.26
CA VAL S 884 58.69 60.87 132.44
C VAL S 884 60.16 60.62 132.10
N ALA S 885 60.60 61.12 130.93
CA ALA S 885 61.94 60.84 130.41
C ALA S 885 62.14 59.32 130.27
N TRP S 886 61.37 58.76 129.33
CA TRP S 886 61.16 57.32 129.19
C TRP S 886 62.41 56.51 129.51
N ASP S 887 63.52 56.82 128.85
CA ASP S 887 64.81 56.20 129.15
C ASP S 887 65.75 57.26 129.71
N ARG S 888 66.30 57.00 130.89
CA ARG S 888 67.19 57.97 131.52
C ARG S 888 68.44 58.20 130.67
N GLU S 889 69.04 57.11 130.17
CA GLU S 889 70.22 57.18 129.34
C GLU S 889 69.94 56.54 127.98
N LYS S 890 70.35 57.22 126.92
CA LYS S 890 70.12 56.74 125.56
C LYS S 890 71.11 55.61 125.28
N ARG S 891 70.79 54.43 125.82
CA ARG S 891 71.63 53.24 125.67
C ARG S 891 71.51 52.60 124.29
N LEU S 892 70.88 53.28 123.33
CA LEU S 892 70.79 52.77 121.97
C LEU S 892 72.07 53.09 121.20
N SER S 893 73.21 52.71 121.77
CA SER S 893 74.49 52.97 121.11
C SER S 893 74.65 52.07 119.89
N PHE S 894 75.02 52.66 118.76
CA PHE S 894 75.24 51.89 117.54
C PHE S 894 76.21 52.71 116.67
N ALA S 895 77.48 52.34 116.70
CA ALA S 895 78.51 53.02 115.92
C ALA S 895 78.71 52.21 114.63
N VAL S 896 77.87 52.49 113.65
CA VAL S 896 77.94 51.75 112.38
C VAL S 896 79.24 52.10 111.66
N PRO S 897 80.06 51.13 111.28
CA PRO S 897 81.28 51.44 110.54
C PRO S 897 80.98 52.11 109.21
N PHE S 898 81.87 53.03 108.84
CA PHE S 898 81.81 53.71 107.56
C PHE S 898 83.22 53.80 107.00
N ARG S 899 83.35 54.46 105.86
CA ARG S 899 84.69 54.71 105.30
C ARG S 899 85.48 55.68 106.15
N GLU S 900 84.82 56.57 106.89
CA GLU S 900 85.50 57.58 107.68
C GLU S 900 84.96 57.76 109.09
N MET S 901 83.83 57.13 109.44
CA MET S 901 83.05 57.60 110.58
C MET S 901 82.40 56.42 111.29
N LYS S 902 82.14 56.62 112.59
CA LYS S 902 81.36 55.69 113.41
C LYS S 902 80.25 56.47 114.10
N PRO S 903 79.21 56.86 113.36
CA PRO S 903 78.16 57.69 113.95
C PRO S 903 77.41 56.97 115.06
N VAL S 904 77.00 57.73 116.07
CA VAL S 904 76.22 57.20 117.19
C VAL S 904 74.74 57.41 116.89
N ILE S 905 73.92 56.48 117.36
CA ILE S 905 72.52 56.39 117.00
C ILE S 905 71.66 56.74 118.22
N PHE S 906 70.66 57.59 118.02
CA PHE S 906 69.74 58.02 119.07
C PHE S 906 68.33 58.06 118.49
N LEU S 907 67.53 57.04 118.80
CA LEU S 907 66.17 56.94 118.27
C LEU S 907 65.10 56.83 119.34
N ASP S 908 65.43 57.06 120.61
CA ASP S 908 64.41 57.01 121.65
C ASP S 908 63.40 58.14 121.49
N VAL S 909 63.82 59.25 120.86
CA VAL S 909 62.90 60.34 120.58
C VAL S 909 61.83 59.91 119.59
N PHE S 910 62.14 58.93 118.73
CA PHE S 910 61.15 58.42 117.79
C PHE S 910 59.98 57.75 118.48
N LEU S 911 60.22 57.14 119.65
CA LEU S 911 59.23 56.26 120.26
C LEU S 911 57.89 56.95 120.53
N PRO S 912 57.82 58.12 121.18
CA PRO S 912 56.49 58.72 121.41
C PRO S 912 55.76 59.08 120.12
N ARG S 913 56.44 59.77 119.20
CA ARG S 913 55.80 60.18 117.96
C ARG S 913 55.41 58.97 117.11
N VAL S 914 56.29 57.97 117.03
CA VAL S 914 55.92 56.80 116.23
C VAL S 914 54.80 56.02 116.89
N THR S 915 54.74 55.99 118.22
CA THR S 915 53.61 55.32 118.87
C THR S 915 52.31 56.03 118.57
N GLU S 916 52.29 57.37 118.64
CA GLU S 916 51.06 58.07 118.33
C GLU S 916 50.70 57.94 116.85
N LEU S 917 51.71 57.85 115.97
CA LEU S 917 51.44 57.66 114.54
C LEU S 917 50.87 56.28 114.27
N ALA S 918 51.45 55.25 114.88
CA ALA S 918 51.03 53.88 114.59
C ALA S 918 49.68 53.56 115.21
N LEU S 919 49.47 53.95 116.46
CA LEU S 919 48.23 53.59 117.15
C LEU S 919 47.03 54.24 116.49
N THR S 920 47.14 55.51 116.12
CA THR S 920 46.06 56.25 115.46
C THR S 920 46.63 56.94 114.22
N ALA S 921 46.02 56.67 113.07
CA ALA S 921 46.44 57.32 111.83
C ALA S 921 45.35 57.11 110.78
N SER S 922 45.45 57.89 109.70
CA SER S 922 44.67 57.71 108.50
C SER S 922 45.64 57.40 107.36
N ASP S 923 45.13 57.39 106.12
CA ASP S 923 45.95 57.14 104.94
C ASP S 923 46.66 55.78 105.07
N ARG S 924 45.85 54.73 105.00
CA ARG S 924 46.25 53.36 105.29
C ARG S 924 47.65 53.03 104.82
N GLN S 925 48.07 53.57 103.67
CA GLN S 925 49.48 53.49 103.30
C GLN S 925 50.37 54.05 104.41
N THR S 926 50.19 55.34 104.72
CA THR S 926 51.00 55.95 105.77
C THR S 926 50.68 55.36 107.14
N LYS S 927 49.44 54.96 107.38
CA LYS S 927 49.06 54.39 108.66
C LYS S 927 49.82 53.09 108.93
N VAL S 928 49.77 52.15 107.98
CA VAL S 928 50.49 50.90 108.10
C VAL S 928 52.00 51.15 108.10
N ALA S 929 52.45 52.15 107.34
CA ALA S 929 53.87 52.49 107.37
C ALA S 929 54.30 52.93 108.77
N ALA S 930 53.47 53.71 109.45
CA ALA S 930 53.79 54.13 110.81
C ALA S 930 53.71 52.97 111.79
N CYS S 931 52.76 52.05 111.58
CA CYS S 931 52.68 50.87 112.44
C CYS S 931 53.93 50.01 112.31
N GLU S 932 54.34 49.74 111.07
CA GLU S 932 55.58 49.03 110.83
C GLU S 932 56.78 49.83 111.32
N LEU S 933 56.69 51.15 111.28
CA LEU S 933 57.74 52.00 111.82
C LEU S 933 57.94 51.76 113.30
N LEU S 934 56.83 51.77 114.05
CA LEU S 934 56.90 51.46 115.47
C LEU S 934 57.47 50.07 115.70
N HIS S 935 56.95 49.08 114.97
CA HIS S 935 57.42 47.71 115.18
C HIS S 935 58.91 47.59 114.89
N SER S 936 59.37 48.17 113.77
CA SER S 936 60.76 48.07 113.38
C SER S 936 61.67 48.74 114.39
N MET S 937 61.32 49.96 114.82
CA MET S 937 62.23 50.64 115.73
C MET S 937 62.19 50.07 117.14
N VAL S 938 61.02 49.60 117.61
CA VAL S 938 61.00 48.96 118.92
C VAL S 938 61.80 47.66 118.88
N MET S 939 61.75 46.94 117.76
CA MET S 939 62.58 45.76 117.59
C MET S 939 64.06 46.13 117.58
N PHE S 940 64.41 47.21 116.87
CA PHE S 940 65.80 47.63 116.80
C PHE S 940 66.33 48.06 118.16
N MET S 941 65.50 48.71 118.99
CA MET S 941 65.96 49.05 120.33
C MET S 941 66.02 47.85 121.25
N LEU S 942 65.05 46.94 121.20
CA LEU S 942 65.14 45.75 122.04
C LEU S 942 66.29 44.84 121.63
N GLY S 943 66.81 45.01 120.42
CA GLY S 943 67.99 44.24 120.03
C GLY S 943 69.31 44.96 120.22
N LYS S 944 69.38 46.21 119.77
CA LYS S 944 70.59 47.02 119.85
C LYS S 944 70.94 47.45 121.26
N ALA S 945 70.04 47.24 122.23
CA ALA S 945 70.37 47.52 123.61
C ALA S 945 71.56 46.73 124.10
N THR S 946 71.88 45.61 123.43
CA THR S 946 73.13 44.90 123.68
C THR S 946 74.26 45.54 122.89
N GLN S 947 74.42 46.86 123.01
CA GLN S 947 75.51 47.53 122.34
C GLN S 947 76.86 47.06 122.88
N MET S 948 76.96 46.92 124.20
CA MET S 948 78.14 46.36 124.84
C MET S 948 77.69 45.35 125.89
N PRO S 949 78.04 44.08 125.74
CA PRO S 949 77.63 43.07 126.72
C PRO S 949 78.16 43.41 128.10
N GLU S 950 77.25 43.48 129.07
CA GLU S 950 77.60 43.84 130.44
C GLU S 950 76.87 42.90 131.39
N GLY S 951 77.42 42.78 132.59
CA GLY S 951 76.82 41.91 133.60
C GLY S 951 75.48 42.45 134.07
N GLY S 952 74.65 41.54 134.56
CA GLY S 952 73.33 41.90 135.06
C GLY S 952 72.22 41.18 134.33
N GLN S 953 71.47 40.37 135.05
CA GLN S 953 70.35 39.58 134.51
C GLN S 953 70.90 38.71 133.38
N GLY S 954 70.17 38.53 132.28
CA GLY S 954 70.69 37.78 131.15
C GLY S 954 71.56 38.64 130.26
N ALA S 955 72.63 39.19 130.83
CA ALA S 955 73.52 40.13 130.16
C ALA S 955 72.79 41.40 129.71
N PRO S 956 71.64 41.69 130.34
CA PRO S 956 70.83 42.87 130.05
C PRO S 956 70.53 42.97 128.55
N PRO S 957 69.73 42.06 127.98
CA PRO S 957 69.46 42.13 126.54
C PRO S 957 68.71 43.40 126.16
N MET S 958 67.53 43.59 126.74
CA MET S 958 66.77 44.82 126.61
C MET S 958 66.07 45.18 127.91
N TYR S 959 66.67 44.80 129.05
CA TYR S 959 65.96 44.84 130.32
C TYR S 959 65.53 46.25 130.70
N GLN S 960 66.41 47.23 130.50
CA GLN S 960 66.06 48.60 130.86
C GLN S 960 65.04 49.18 129.87
N LEU S 961 65.27 48.99 128.57
CA LEU S 961 64.32 49.46 127.58
C LEU S 961 62.97 48.77 127.75
N TYR S 962 62.98 47.48 128.06
CA TYR S 962 61.73 46.79 128.39
C TYR S 962 61.09 47.39 129.64
N LYS S 963 61.90 47.69 130.66
CA LYS S 963 61.36 48.30 131.87
C LYS S 963 60.64 49.59 131.54
N ARG S 964 61.17 50.37 130.60
CA ARG S 964 60.48 51.61 130.21
C ARG S 964 59.25 51.32 129.36
N THR S 965 59.33 50.35 128.45
CA THR S 965 58.38 50.23 127.35
C THR S 965 57.31 49.17 127.60
N PHE S 966 57.33 48.50 128.77
CA PHE S 966 56.36 47.45 129.10
C PHE S 966 54.93 47.88 128.79
N PRO S 967 54.41 48.96 129.39
CA PRO S 967 53.02 49.35 129.04
C PRO S 967 52.87 49.75 127.59
N VAL S 968 53.89 50.41 127.02
CA VAL S 968 53.83 50.80 125.62
C VAL S 968 53.84 49.57 124.72
N LEU S 969 54.78 48.66 124.98
CA LEU S 969 54.85 47.42 124.20
C LEU S 969 53.53 46.67 124.27
N LEU S 970 52.93 46.62 125.45
CA LEU S 970 51.66 45.91 125.61
C LEU S 970 50.55 46.60 124.82
N ARG S 971 50.23 47.85 125.19
CA ARG S 971 49.07 48.52 124.62
C ARG S 971 49.24 48.82 123.14
N LEU S 972 50.44 48.69 122.59
CA LEU S 972 50.56 48.73 121.14
C LEU S 972 50.47 47.34 120.52
N ALA S 973 51.03 46.33 121.18
CA ALA S 973 50.94 44.96 120.66
C ALA S 973 49.49 44.50 120.58
N CYS S 974 48.71 44.78 121.62
CA CYS S 974 47.28 44.51 121.62
C CYS S 974 46.55 45.83 121.52
N ASP S 975 45.87 46.06 120.40
CA ASP S 975 45.14 47.31 120.20
C ASP S 975 44.07 47.08 119.14
N VAL S 976 43.08 47.97 119.12
CA VAL S 976 41.90 47.81 118.27
C VAL S 976 42.21 48.50 116.95
N ASP S 977 42.83 47.76 116.05
CA ASP S 977 43.06 48.17 114.67
C ASP S 977 43.50 46.94 113.90
N GLN S 978 42.96 46.79 112.68
CA GLN S 978 43.23 45.59 111.90
C GLN S 978 44.71 45.41 111.63
N VAL S 979 45.36 46.45 111.09
CA VAL S 979 46.75 46.30 110.69
C VAL S 979 47.68 46.24 111.89
N THR S 980 47.44 47.07 112.91
CA THR S 980 48.29 47.01 114.10
C THR S 980 48.20 45.63 114.75
N ARG S 981 46.98 45.11 114.89
CA ARG S 981 46.82 43.79 115.47
C ARG S 981 47.49 42.72 114.62
N GLN S 982 47.35 42.81 113.29
CA GLN S 982 47.90 41.76 112.44
C GLN S 982 49.42 41.80 112.36
N LEU S 983 50.03 42.98 112.48
CA LEU S 983 51.49 43.06 112.43
C LEU S 983 52.14 42.96 113.81
N TYR S 984 51.39 43.18 114.88
CA TYR S 984 51.87 42.89 116.23
C TYR S 984 51.47 41.50 116.68
N GLU S 985 50.71 40.78 115.86
CA GLU S 985 50.56 39.34 116.07
C GLU S 985 51.90 38.63 116.16
N PRO S 986 52.87 38.86 115.27
CA PRO S 986 54.23 38.38 115.57
C PRO S 986 54.75 38.92 116.89
N LEU S 987 54.48 40.19 117.18
CA LEU S 987 54.95 40.76 118.44
C LEU S 987 54.28 40.10 119.64
N VAL S 988 52.95 39.88 119.58
CA VAL S 988 52.28 39.29 120.74
C VAL S 988 52.69 37.83 120.93
N MET S 989 52.87 37.08 119.83
CA MET S 989 53.27 35.69 120.00
C MET S 989 54.73 35.57 120.44
N GLN S 990 55.58 36.48 119.97
CA GLN S 990 56.93 36.56 120.49
C GLN S 990 56.92 36.90 121.98
N LEU S 991 56.01 37.79 122.37
CA LEU S 991 55.85 38.12 123.79
C LEU S 991 55.46 36.89 124.59
N ILE S 992 54.52 36.09 124.07
CA ILE S 992 54.08 34.89 124.76
C ILE S 992 55.24 33.92 124.91
N HIS S 993 56.00 33.72 123.83
CA HIS S 993 57.09 32.75 123.87
C HIS S 993 58.25 33.22 124.74
N TRP S 994 58.54 34.52 124.73
CA TRP S 994 59.73 35.03 125.40
C TRP S 994 59.47 35.34 126.87
N PHE S 995 58.41 36.09 127.17
CA PHE S 995 58.17 36.50 128.54
C PHE S 995 57.84 35.31 129.45
N THR S 996 57.75 34.11 128.89
CA THR S 996 57.87 32.87 129.65
C THR S 996 58.76 31.89 128.91
N ASN S 997 59.91 32.37 128.44
CA ASN S 997 60.83 31.54 127.66
C ASN S 997 61.62 30.61 128.55
N ASN S 998 61.75 29.35 128.10
CA ASN S 998 62.57 28.39 128.83
C ASN S 998 64.06 28.69 128.71
N LYS S 999 64.47 29.32 127.60
CA LYS S 999 65.89 29.67 127.45
C LYS S 999 66.32 30.71 128.47
N LYS S 1000 65.51 31.75 128.65
CA LYS S 1000 65.80 32.82 129.61
C LYS S 1000 64.56 33.08 130.45
N PHE S 1001 64.62 32.70 131.73
CA PHE S 1001 63.49 32.88 132.63
C PHE S 1001 63.94 33.35 134.02
N GLU S 1002 65.17 33.85 134.15
CA GLU S 1002 65.76 34.14 135.46
C GLU S 1002 66.25 35.58 135.50
N SER S 1003 65.69 36.36 136.42
CA SER S 1003 66.14 37.66 136.90
C SER S 1003 65.90 38.80 135.90
N GLN S 1004 65.44 38.53 134.68
CA GLN S 1004 65.05 39.62 133.80
C GLN S 1004 63.70 39.34 133.16
N ASP S 1005 63.40 38.05 132.97
CA ASP S 1005 62.17 37.68 132.28
C ASP S 1005 60.97 37.74 133.22
N THR S 1006 61.20 37.76 134.54
CA THR S 1006 60.11 37.96 135.48
C THR S 1006 59.59 39.39 135.41
N VAL S 1007 60.49 40.37 135.43
CA VAL S 1007 60.10 41.75 135.21
C VAL S 1007 59.53 41.92 133.81
N ALA S 1008 60.02 41.12 132.85
CA ALA S 1008 59.43 41.11 131.52
C ALA S 1008 57.96 40.72 131.58
N LEU S 1009 57.67 39.51 132.07
CA LEU S 1009 56.29 39.04 132.14
C LEU S 1009 55.43 39.92 133.02
N LEU S 1010 56.04 40.71 133.91
CA LEU S 1010 55.30 41.76 134.61
C LEU S 1010 54.55 42.65 133.63
N GLU S 1011 55.12 42.89 132.45
CA GLU S 1011 54.37 43.52 131.36
C GLU S 1011 53.12 42.72 131.03
N ALA S 1012 53.29 41.41 130.79
CA ALA S 1012 52.15 40.60 130.38
C ALA S 1012 51.06 40.58 131.45
N ILE S 1013 51.42 40.84 132.70
CA ILE S 1013 50.43 40.85 133.77
C ILE S 1013 49.45 42.00 133.62
N LEU S 1014 49.89 43.14 133.07
CA LEU S 1014 49.18 44.41 133.18
C LEU S 1014 48.34 44.76 131.93
N ASP S 1015 47.74 43.77 131.27
CA ASP S 1015 47.04 44.06 130.02
C ASP S 1015 45.60 44.52 130.22
N GLY S 1016 44.76 43.69 130.81
CA GLY S 1016 43.35 44.02 130.89
C GLY S 1016 42.63 43.52 132.13
N ILE S 1017 43.36 43.25 133.21
CA ILE S 1017 42.75 42.68 134.40
C ILE S 1017 41.69 43.62 134.97
N VAL S 1018 41.94 44.93 134.94
CA VAL S 1018 40.99 45.92 135.43
C VAL S 1018 40.85 47.05 134.41
N ASP S 1019 39.79 46.99 133.61
CA ASP S 1019 39.45 48.01 132.63
C ASP S 1019 38.01 47.87 132.14
N PRO S 1020 37.25 48.98 132.14
CA PRO S 1020 35.80 48.87 131.90
C PRO S 1020 35.38 48.75 130.45
N VAL S 1021 36.11 49.40 129.54
CA VAL S 1021 35.65 49.56 128.16
C VAL S 1021 36.60 48.86 127.20
N ASP S 1022 36.28 48.94 125.90
CA ASP S 1022 37.02 48.27 124.83
C ASP S 1022 37.03 46.76 125.04
N SER S 1023 35.82 46.20 124.92
CA SER S 1023 35.63 44.76 125.17
C SER S 1023 36.44 43.88 124.23
N THR S 1024 36.65 44.31 122.99
CA THR S 1024 37.41 43.49 122.05
C THR S 1024 38.89 43.49 122.40
N LEU S 1025 39.44 44.62 122.84
CA LEU S 1025 40.81 44.63 123.35
C LEU S 1025 40.93 43.75 124.58
N ARG S 1026 39.90 43.74 125.42
CA ARG S 1026 39.91 42.86 126.58
C ARG S 1026 39.88 41.40 126.18
N ASP S 1027 39.10 41.05 125.15
CA ASP S 1027 39.10 39.67 124.68
C ASP S 1027 40.46 39.29 124.12
N PHE S 1028 41.10 40.21 123.39
CA PHE S 1028 42.44 39.93 122.87
C PHE S 1028 43.44 39.75 124.00
N CYS S 1029 43.41 40.61 125.02
CA CYS S 1029 44.37 40.44 126.11
C CYS S 1029 44.02 39.23 126.96
N GLY S 1030 42.75 38.84 127.00
CA GLY S 1030 42.37 37.61 127.68
C GLY S 1030 42.92 36.38 126.99
N ARG S 1031 42.81 36.31 125.66
CA ARG S 1031 43.46 35.21 124.97
C ARG S 1031 44.97 35.31 125.07
N CYS S 1032 45.51 36.53 125.16
CA CYS S 1032 46.94 36.69 125.38
C CYS S 1032 47.36 36.08 126.72
N ILE S 1033 46.59 36.32 127.77
CA ILE S 1033 46.88 35.75 129.08
C ILE S 1033 46.73 34.24 129.07
N ARG S 1034 45.64 33.74 128.48
CA ARG S 1034 45.43 32.30 128.45
C ARG S 1034 46.48 31.60 127.62
N GLU S 1035 47.05 32.30 126.63
CA GLU S 1035 48.17 31.75 125.88
C GLU S 1035 49.45 31.82 126.70
N PHE S 1036 49.67 32.94 127.40
CA PHE S 1036 50.95 33.15 128.06
C PHE S 1036 51.14 32.23 129.26
N LEU S 1037 50.13 32.11 130.12
CA LEU S 1037 50.35 31.32 131.32
C LEU S 1037 50.29 29.82 130.99
N LYS S 1038 49.47 29.43 130.02
CA LYS S 1038 49.53 28.08 129.51
C LYS S 1038 50.87 27.81 128.83
N TRP S 1039 51.47 28.84 128.22
CA TRP S 1039 52.80 28.74 127.65
C TRP S 1039 53.84 28.52 128.76
N SER S 1040 53.65 29.19 129.89
CA SER S 1040 54.49 28.94 131.06
C SER S 1040 54.31 27.52 131.56
N ILE S 1041 53.09 27.00 131.49
CA ILE S 1041 52.84 25.61 131.87
C ILE S 1041 53.59 24.67 130.92
N LYS S 1042 53.55 24.97 129.63
CA LYS S 1042 54.07 24.03 128.63
C LYS S 1042 55.59 24.12 128.48
N GLN S 1043 56.09 25.26 128.00
CA GLN S 1043 57.51 25.34 127.65
C GLN S 1043 58.39 25.59 128.88
N ILE S 1044 57.87 26.29 129.88
CA ILE S 1044 58.60 26.45 131.14
C ILE S 1044 58.32 25.25 132.02
N THR S 1045 59.37 24.58 132.47
CA THR S 1045 59.22 23.55 133.48
C THR S 1045 58.62 24.18 134.73
N PRO S 1046 57.59 23.57 135.33
CA PRO S 1046 56.96 24.20 136.50
C PRO S 1046 57.94 24.60 137.58
N GLN S 1047 59.00 23.82 137.78
CA GLN S 1047 60.03 24.20 138.74
C GLN S 1047 60.80 25.43 138.27
N GLN S 1048 61.07 25.53 136.96
CA GLN S 1048 61.69 26.72 136.42
C GLN S 1048 60.83 27.96 136.64
N GLN S 1049 59.51 27.77 136.78
CA GLN S 1049 58.63 28.91 137.01
C GLN S 1049 58.47 29.19 138.50
N GLU S 1050 58.60 28.15 139.34
CA GLU S 1050 58.55 28.36 140.79
C GLU S 1050 59.66 29.27 141.25
N LYS S 1051 60.87 29.11 140.70
CA LYS S 1051 61.97 30.00 141.06
C LYS S 1051 61.68 31.44 140.63
N SER S 1052 60.84 31.62 139.61
CA SER S 1052 60.35 32.95 139.30
C SER S 1052 59.41 33.43 140.41
N PRO S 1053 59.46 34.71 140.76
CA PRO S 1053 58.52 35.23 141.78
C PRO S 1053 57.07 35.05 141.38
N VAL S 1054 56.76 35.15 140.09
CA VAL S 1054 55.42 34.90 139.58
C VAL S 1054 55.43 33.53 138.93
N ASN S 1055 54.77 32.56 139.57
CA ASN S 1055 54.63 31.22 139.02
C ASN S 1055 53.16 30.90 138.88
N THR S 1056 52.87 29.73 138.31
CA THR S 1056 51.48 29.31 138.17
C THR S 1056 50.79 29.25 139.52
N LYS S 1057 51.50 28.79 140.55
CA LYS S 1057 50.94 28.78 141.90
C LYS S 1057 50.65 30.20 142.38
N SER S 1058 51.66 31.09 142.29
CA SER S 1058 51.43 32.49 142.65
C SER S 1058 50.46 33.15 141.68
N LEU S 1059 50.43 32.71 140.43
CA LEU S 1059 49.42 33.21 139.51
C LEU S 1059 48.02 32.93 140.03
N PHE S 1060 47.76 31.68 140.41
CA PHE S 1060 46.44 31.34 140.95
C PHE S 1060 46.17 32.10 142.24
N LYS S 1061 47.19 32.22 143.10
CA LYS S 1061 47.02 32.95 144.35
C LYS S 1061 46.63 34.41 144.10
N ARG S 1062 47.31 35.06 143.17
CA ARG S 1062 47.01 36.46 142.88
C ARG S 1062 45.66 36.60 142.19
N LEU S 1063 45.27 35.65 141.34
CA LEU S 1063 43.93 35.69 140.77
C LEU S 1063 42.88 35.51 141.85
N TYR S 1064 43.14 34.66 142.84
CA TYR S 1064 42.25 34.55 143.99
C TYR S 1064 42.14 35.88 144.72
N SER S 1065 43.28 36.54 144.92
CA SER S 1065 43.26 37.85 145.58
C SER S 1065 42.44 38.86 144.78
N LEU S 1066 42.63 38.88 143.46
CA LEU S 1066 41.89 39.80 142.60
C LEU S 1066 40.39 39.54 142.69
N ALA S 1067 39.99 38.27 142.63
CA ALA S 1067 38.58 37.93 142.78
C ALA S 1067 38.07 38.28 144.17
N LEU S 1068 38.96 38.34 145.16
CA LEU S 1068 38.59 38.65 146.53
C LEU S 1068 38.77 40.13 146.89
N HIS S 1069 39.41 40.92 146.03
CA HIS S 1069 39.60 42.32 146.34
C HIS S 1069 38.26 43.03 146.40
N PRO S 1070 38.04 43.92 147.37
CA PRO S 1070 36.83 44.74 147.35
C PRO S 1070 36.90 45.77 146.23
N ASN S 1071 36.22 45.46 145.15
CA ASN S 1071 36.17 46.26 143.93
C ASN S 1071 35.19 45.59 142.98
N ALA S 1072 34.48 46.40 142.21
CA ALA S 1072 33.51 45.84 141.27
C ALA S 1072 34.21 45.01 140.20
N PHE S 1073 35.09 45.66 139.44
CA PHE S 1073 35.53 45.11 138.15
C PHE S 1073 36.09 43.70 138.30
N LYS S 1074 37.03 43.50 139.22
CA LYS S 1074 37.69 42.21 139.35
C LYS S 1074 36.69 41.12 139.72
N ARG S 1075 35.84 41.39 140.70
CA ARG S 1075 34.92 40.38 141.21
C ARG S 1075 33.87 40.01 140.16
N LEU S 1076 33.22 41.02 139.56
CA LEU S 1076 32.24 40.73 138.52
C LEU S 1076 32.89 40.01 137.34
N GLY S 1077 34.08 40.44 136.96
CA GLY S 1077 34.85 39.84 135.91
C GLY S 1077 34.98 38.36 136.13
N ALA S 1078 35.64 38.02 137.23
CA ALA S 1078 35.75 36.66 137.68
C ALA S 1078 34.43 35.96 137.48
N SER S 1079 33.45 36.44 138.25
CA SER S 1079 32.29 35.65 138.62
C SER S 1079 31.47 35.28 137.40
N LEU S 1080 31.32 36.18 136.44
CA LEU S 1080 30.40 35.81 135.37
C LEU S 1080 30.94 35.99 133.96
N ALA S 1081 32.26 36.28 133.77
CA ALA S 1081 32.77 35.95 132.44
C ALA S 1081 34.23 35.51 132.40
N PHE S 1082 34.80 34.88 133.44
CA PHE S 1082 35.96 34.10 133.01
C PHE S 1082 35.53 32.74 132.46
N ASN S 1083 34.22 32.51 132.38
CA ASN S 1083 33.66 31.35 131.69
C ASN S 1083 34.01 31.33 130.20
N ASN S 1084 34.67 32.38 129.69
CA ASN S 1084 34.88 32.55 128.26
C ASN S 1084 36.27 32.10 127.81
N ILE S 1085 37.32 32.64 128.44
CA ILE S 1085 38.69 32.44 127.96
C ILE S 1085 39.37 31.33 128.74
N TYR S 1086 38.57 30.44 129.33
CA TYR S 1086 39.07 29.33 130.13
C TYR S 1086 39.82 28.29 129.31
N ARG S 1087 39.73 28.36 127.97
CA ARG S 1087 40.14 27.29 127.07
C ARG S 1087 41.47 26.63 127.44
N GLU S 1088 42.38 27.39 128.06
CA GLU S 1088 43.68 26.87 128.45
C GLU S 1088 43.66 26.13 129.79
N PHE S 1089 42.79 26.52 130.72
CA PHE S 1089 42.91 26.03 132.09
C PHE S 1089 42.34 24.63 132.28
N ARG S 1090 41.53 24.14 131.34
CA ARG S 1090 41.12 22.74 131.39
C ARG S 1090 42.25 21.81 131.01
N GLU S 1091 43.29 22.33 130.36
CA GLU S 1091 44.47 21.55 129.99
C GLU S 1091 45.40 21.30 131.16
N GLU S 1092 45.18 21.96 132.30
CA GLU S 1092 46.03 21.82 133.47
C GLU S 1092 45.42 20.80 134.42
N GLU S 1093 46.24 19.86 134.89
CA GLU S 1093 45.80 18.78 135.77
C GLU S 1093 46.48 18.83 137.13
N SER S 1094 47.81 18.91 137.16
CA SER S 1094 48.52 18.89 138.44
C SER S 1094 48.27 20.16 139.24
N LEU S 1095 48.39 21.32 138.59
CA LEU S 1095 48.23 22.57 139.33
C LEU S 1095 46.79 22.78 139.76
N VAL S 1096 45.83 22.33 138.95
CA VAL S 1096 44.43 22.41 139.39
C VAL S 1096 44.19 21.43 140.54
N GLU S 1097 44.77 20.23 140.47
CA GLU S 1097 44.67 19.33 141.61
C GLU S 1097 45.25 19.99 142.87
N GLN S 1098 46.27 20.83 142.69
CA GLN S 1098 46.78 21.64 143.78
C GLN S 1098 45.92 22.86 144.06
N PHE S 1099 45.07 23.28 143.12
CA PHE S 1099 44.24 24.48 143.30
C PHE S 1099 42.86 24.28 142.65
N VAL S 1100 41.92 23.73 143.41
CA VAL S 1100 40.50 23.79 143.04
C VAL S 1100 39.63 24.29 144.18
N PHE S 1101 39.66 23.60 145.32
CA PHE S 1101 38.62 23.82 146.33
C PHE S 1101 38.79 25.18 147.01
N GLU S 1102 40.03 25.59 147.27
CA GLU S 1102 40.27 26.95 147.69
C GLU S 1102 39.85 27.93 146.59
N ALA S 1103 40.09 27.56 145.32
CA ALA S 1103 39.56 28.36 144.23
C ALA S 1103 38.03 28.36 144.25
N LEU S 1104 37.42 27.21 144.54
CA LEU S 1104 35.96 27.15 144.68
C LEU S 1104 35.47 28.20 145.67
N VAL S 1105 36.02 28.21 146.88
CA VAL S 1105 35.50 29.14 147.88
C VAL S 1105 35.85 30.58 147.53
N ILE S 1106 37.06 30.82 147.01
CA ILE S 1106 37.47 32.19 146.69
C ILE S 1106 36.57 32.78 145.61
N TYR S 1107 36.38 32.04 144.51
CA TYR S 1107 35.56 32.56 143.43
C TYR S 1107 34.07 32.48 143.74
N MET S 1108 33.66 31.63 144.68
CA MET S 1108 32.27 31.65 145.14
C MET S 1108 32.00 32.92 145.95
N GLU S 1109 32.94 33.31 146.80
CA GLU S 1109 32.82 34.60 147.48
C GLU S 1109 32.94 35.76 146.50
N SER S 1110 33.72 35.57 145.42
CA SER S 1110 33.75 36.58 144.36
C SER S 1110 32.38 36.70 143.69
N LEU S 1111 31.71 35.56 143.46
CA LEU S 1111 30.34 35.59 142.96
C LEU S 1111 29.42 36.31 143.93
N ALA S 1112 29.58 36.05 145.23
CA ALA S 1112 28.72 36.67 146.24
C ALA S 1112 28.91 38.18 146.28
N LEU S 1113 30.16 38.64 146.32
CA LEU S 1113 30.44 40.07 146.36
C LEU S 1113 30.34 40.72 144.99
N ALA S 1114 30.12 39.93 143.93
CA ALA S 1114 30.00 40.43 142.58
C ALA S 1114 28.58 40.41 142.04
N HIS S 1115 27.67 39.71 142.72
CA HIS S 1115 26.25 39.76 142.37
C HIS S 1115 25.49 40.80 143.17
N ALA S 1116 26.17 41.51 144.08
CA ALA S 1116 25.60 42.63 144.81
C ALA S 1116 25.95 43.97 144.20
N ASP S 1117 26.67 43.98 143.08
CA ASP S 1117 27.04 45.20 142.39
C ASP S 1117 26.80 45.00 140.90
N GLU S 1118 27.34 45.91 140.07
CA GLU S 1118 27.11 45.84 138.63
C GLU S 1118 27.65 44.53 138.06
N LYS S 1119 26.95 44.03 137.04
CA LYS S 1119 27.28 42.75 136.42
C LYS S 1119 27.25 42.84 134.89
N SER S 1120 27.33 44.05 134.34
CA SER S 1120 27.16 44.26 132.91
C SER S 1120 28.32 45.01 132.28
N LEU S 1121 29.47 45.06 132.94
CA LEU S 1121 30.60 45.86 132.48
C LEU S 1121 31.41 45.05 131.46
N GLY S 1122 32.63 45.51 131.17
CA GLY S 1122 33.46 44.83 130.20
C GLY S 1122 34.62 44.09 130.80
N THR S 1123 35.05 44.49 132.00
CA THR S 1123 36.11 43.79 132.70
C THR S 1123 35.77 42.32 132.92
N ILE S 1124 34.56 41.92 132.52
CA ILE S 1124 34.10 40.53 132.81
C ILE S 1124 34.89 39.48 132.01
N GLN S 1125 35.12 39.67 130.71
CA GLN S 1125 35.72 38.61 129.86
C GLN S 1125 37.22 38.38 130.10
N GLN S 1126 37.64 38.03 131.33
CA GLN S 1126 39.07 37.70 131.64
C GLN S 1126 39.32 37.76 133.14
N CYS S 1127 39.30 36.62 133.86
CA CYS S 1127 39.66 36.69 135.31
C CYS S 1127 39.56 35.39 136.13
N CYS S 1128 38.41 35.12 136.76
CA CYS S 1128 38.26 34.08 137.79
C CYS S 1128 36.86 33.47 137.89
N ASP S 1129 36.28 33.07 136.75
CA ASP S 1129 35.20 32.08 136.74
C ASP S 1129 35.76 30.67 136.61
N ALA S 1130 37.00 30.49 137.07
CA ALA S 1130 37.65 29.21 136.95
C ALA S 1130 36.90 28.12 137.70
N ILE S 1131 36.00 28.50 138.61
CA ILE S 1131 35.21 27.49 139.32
C ILE S 1131 33.96 27.12 138.54
N ASP S 1132 33.33 28.09 137.86
CA ASP S 1132 32.24 27.75 136.96
C ASP S 1132 32.74 26.92 135.79
N HIS S 1133 34.06 26.90 135.57
CA HIS S 1133 34.65 25.91 134.67
C HIS S 1133 35.28 24.71 135.37
N LEU S 1134 35.57 24.82 136.66
CA LEU S 1134 35.99 23.65 137.43
C LEU S 1134 34.84 22.66 137.55
N CYS S 1135 33.62 23.14 137.72
CA CYS S 1135 32.48 22.22 137.67
C CYS S 1135 32.39 21.54 136.31
N ARG S 1136 32.94 22.17 135.27
CA ARG S 1136 33.03 21.51 133.97
C ARG S 1136 34.13 20.46 133.94
N ILE S 1137 35.29 20.75 134.54
CA ILE S 1137 36.45 19.87 134.41
C ILE S 1137 36.61 18.88 135.57
N ILE S 1138 35.67 18.85 136.52
CA ILE S 1138 35.75 17.89 137.61
C ILE S 1138 35.19 16.53 137.19
N GLU S 1139 34.26 16.50 136.22
CA GLU S 1139 33.92 15.22 135.61
C GLU S 1139 35.17 14.57 135.02
N LYS S 1140 36.15 15.37 134.60
CA LYS S 1140 37.47 14.87 134.26
C LYS S 1140 38.31 14.58 135.51
N LYS S 1141 38.19 15.42 136.56
CA LYS S 1141 39.05 15.33 137.74
C LYS S 1141 38.18 15.38 138.99
N HIS S 1142 37.69 14.21 139.43
CA HIS S 1142 36.90 14.15 140.66
C HIS S 1142 37.43 13.06 141.58
N VAL S 1143 38.05 12.02 141.02
CA VAL S 1143 38.60 10.96 141.85
C VAL S 1143 39.73 11.49 142.73
N SER S 1144 40.52 12.43 142.19
CA SER S 1144 41.51 13.13 143.00
C SER S 1144 40.90 14.26 143.81
N LEU S 1145 39.63 14.57 143.59
CA LEU S 1145 38.94 15.63 144.31
C LEU S 1145 37.91 15.13 145.29
N ASN S 1146 37.33 13.95 145.08
CA ASN S 1146 36.41 13.39 146.05
C ASN S 1146 37.11 13.14 147.37
N LYS S 1147 38.30 12.56 147.32
CA LYS S 1147 39.10 12.40 148.51
C LYS S 1147 39.66 13.74 148.97
N ALA S 1148 39.78 13.89 150.29
CA ALA S 1148 40.32 15.12 150.86
C ALA S 1148 41.80 15.26 150.47
N LYS S 1149 42.13 16.38 149.83
CA LYS S 1149 43.49 16.65 149.40
C LYS S 1149 43.95 17.98 149.98
N LYS S 1150 45.23 18.04 150.34
CA LYS S 1150 45.80 19.22 150.99
C LYS S 1150 46.23 20.22 149.92
N ARG S 1151 45.26 21.02 149.47
CA ARG S 1151 45.51 22.12 148.57
C ARG S 1151 45.72 23.39 149.40
N ARG S 1152 45.71 24.56 148.76
CA ARG S 1152 45.80 25.80 149.51
C ARG S 1152 44.62 25.93 150.47
N LEU S 1153 44.89 26.49 151.64
CA LEU S 1153 43.86 26.61 152.67
C LEU S 1153 42.69 27.45 152.14
N PRO S 1154 41.46 26.95 152.22
CA PRO S 1154 40.32 27.70 151.69
C PRO S 1154 40.00 28.92 152.53
N ARG S 1155 39.36 29.90 151.90
CA ARG S 1155 38.93 31.12 152.59
C ARG S 1155 37.44 31.12 152.88
N GLY S 1156 36.59 30.87 151.87
CA GLY S 1156 35.16 30.82 152.10
C GLY S 1156 34.71 29.58 152.85
N PHE S 1157 35.55 28.55 152.88
CA PHE S 1157 35.31 27.32 153.64
C PHE S 1157 35.90 27.50 155.04
N PRO S 1158 35.09 27.80 156.04
CA PRO S 1158 35.62 28.20 157.35
C PRO S 1158 36.51 27.16 158.01
N PRO S 1159 36.12 25.87 158.09
CA PRO S 1159 36.97 24.94 158.85
C PRO S 1159 38.23 24.58 158.07
N SER S 1160 39.37 24.68 158.74
CA SER S 1160 40.66 24.37 158.12
C SER S 1160 40.81 22.86 158.08
N ALA S 1161 40.24 22.25 157.05
CA ALA S 1161 40.27 20.81 156.87
C ALA S 1161 40.82 20.48 155.48
N SER S 1162 41.31 19.26 155.33
CA SER S 1162 41.78 18.80 154.04
C SER S 1162 40.66 18.91 153.01
N LEU S 1163 40.99 19.46 151.85
CA LEU S 1163 39.98 19.89 150.88
C LEU S 1163 39.32 18.67 150.26
N CYS S 1164 38.13 18.34 150.77
CA CYS S 1164 37.33 17.23 150.28
C CYS S 1164 36.10 17.76 149.55
N LEU S 1165 35.72 17.08 148.47
CA LEU S 1165 34.57 17.54 147.70
C LEU S 1165 33.31 17.56 148.57
N LEU S 1166 33.14 16.55 149.42
CA LEU S 1166 32.00 16.55 150.33
C LEU S 1166 32.02 17.77 151.24
N ASP S 1167 33.19 18.09 151.79
CA ASP S 1167 33.29 19.23 152.71
C ASP S 1167 32.97 20.54 152.00
N LEU S 1168 33.55 20.75 150.83
CA LEU S 1168 33.32 22.00 150.10
C LEU S 1168 31.87 22.13 149.66
N VAL S 1169 31.28 21.04 149.18
CA VAL S 1169 29.91 21.12 148.70
C VAL S 1169 28.92 21.25 149.86
N LYS S 1170 29.20 20.64 151.01
CA LYS S 1170 28.33 20.87 152.16
C LYS S 1170 28.50 22.29 152.71
N TRP S 1171 29.69 22.87 152.58
CA TRP S 1171 29.85 24.29 152.86
C TRP S 1171 28.99 25.13 151.92
N LEU S 1172 29.00 24.79 150.63
CA LEU S 1172 28.19 25.52 149.67
C LEU S 1172 26.70 25.39 149.99
N LEU S 1173 26.28 24.20 150.42
CA LEU S 1173 24.91 24.01 150.89
C LEU S 1173 24.63 24.89 152.10
N ALA S 1174 25.55 24.93 153.05
CA ALA S 1174 25.42 25.86 154.18
C ALA S 1174 25.49 27.31 153.70
N HIS S 1175 26.21 27.56 152.61
CA HIS S 1175 26.29 28.89 152.01
C HIS S 1175 25.30 29.06 150.87
N CYS S 1176 24.26 28.24 150.83
CA CYS S 1176 23.13 28.49 149.96
C CYS S 1176 22.25 29.57 150.60
N GLY S 1177 21.23 30.01 149.88
CA GLY S 1177 20.39 31.08 150.39
C GLY S 1177 21.09 32.41 150.53
N ARG S 1178 22.15 32.63 149.77
CA ARG S 1178 22.89 33.87 149.85
C ARG S 1178 21.99 35.04 149.45
N PRO S 1179 22.15 36.22 150.04
CA PRO S 1179 21.29 37.35 149.65
C PRO S 1179 21.33 37.64 148.17
N GLN S 1180 22.49 37.51 147.55
CA GLN S 1180 22.61 37.65 146.10
C GLN S 1180 21.87 36.50 145.43
N THR S 1181 20.76 36.81 144.76
CA THR S 1181 19.90 35.76 144.22
C THR S 1181 20.62 34.93 143.16
N GLU S 1182 21.43 35.58 142.31
CA GLU S 1182 22.16 34.82 141.30
C GLU S 1182 23.29 34.01 141.91
N CYS S 1183 24.02 34.58 142.87
CA CYS S 1183 25.04 33.81 143.56
C CYS S 1183 24.42 32.67 144.36
N ARG S 1184 23.25 32.92 144.97
CA ARG S 1184 22.54 31.84 145.63
C ARG S 1184 22.16 30.74 144.66
N HIS S 1185 21.69 31.12 143.47
CA HIS S 1185 21.33 30.12 142.47
C HIS S 1185 22.55 29.31 142.06
N LYS S 1186 23.69 29.99 141.87
CA LYS S 1186 24.96 29.30 141.64
C LYS S 1186 25.22 28.29 142.75
N SER S 1187 25.10 28.73 144.01
CA SER S 1187 25.38 27.85 145.15
C SER S 1187 24.46 26.64 145.15
N ILE S 1188 23.15 26.87 145.00
CA ILE S 1188 22.18 25.79 145.15
C ILE S 1188 22.29 24.80 144.01
N GLU S 1189 22.43 25.28 142.77
CA GLU S 1189 22.52 24.36 141.65
C GLU S 1189 23.85 23.63 141.65
N LEU S 1190 24.94 24.33 141.98
CA LEU S 1190 26.24 23.66 142.06
C LEU S 1190 26.23 22.59 143.15
N PHE S 1191 25.66 22.90 144.31
CA PHE S 1191 25.57 21.90 145.38
C PHE S 1191 24.72 20.71 144.95
N TYR S 1192 23.57 20.98 144.31
CA TYR S 1192 22.70 19.88 143.91
C TYR S 1192 23.38 18.98 142.88
N LYS S 1193 24.06 19.57 141.90
CA LYS S 1193 24.72 18.76 140.89
C LYS S 1193 25.99 18.11 141.43
N PHE S 1194 26.55 18.65 142.52
CA PHE S 1194 27.72 18.04 143.14
C PHE S 1194 27.37 16.98 144.16
N VAL S 1195 26.10 16.93 144.59
CA VAL S 1195 25.66 15.82 145.44
C VAL S 1195 26.01 14.47 144.83
N PRO S 1196 25.78 14.21 143.54
CA PRO S 1196 26.36 12.99 142.94
C PRO S 1196 27.87 12.95 143.01
N LEU S 1197 28.54 14.09 142.84
CA LEU S 1197 29.99 14.12 142.84
C LEU S 1197 30.60 13.90 144.22
N LEU S 1198 29.78 13.92 145.27
CA LEU S 1198 30.33 13.80 146.62
C LEU S 1198 30.86 12.39 146.87
N PRO S 1199 31.90 12.27 147.71
CA PRO S 1199 32.28 10.95 148.20
C PRO S 1199 31.22 10.40 149.13
N GLY S 1200 31.29 9.10 149.36
CA GLY S 1200 30.25 8.43 150.12
C GLY S 1200 29.14 7.98 149.19
N ASN S 1201 28.08 8.80 149.09
CA ASN S 1201 27.08 8.60 148.05
C ASN S 1201 27.76 8.67 146.69
N ARG S 1202 27.81 7.53 145.98
CA ARG S 1202 28.65 7.41 144.79
C ARG S 1202 28.30 8.44 143.72
N SER S 1203 27.12 8.34 143.12
CA SER S 1203 26.63 9.46 142.34
C SER S 1203 25.10 9.58 142.36
N PRO S 1204 24.44 9.55 143.53
CA PRO S 1204 23.02 9.87 143.56
C PRO S 1204 22.77 11.32 143.98
N ASN S 1205 21.52 11.76 143.92
CA ASN S 1205 21.10 12.95 144.64
C ASN S 1205 20.81 12.65 146.11
N LEU S 1206 21.27 11.51 146.60
CA LEU S 1206 20.89 10.99 147.90
C LEU S 1206 21.69 11.59 149.05
N TRP S 1207 22.79 12.29 148.79
CA TRP S 1207 23.44 13.02 149.87
C TRP S 1207 22.58 14.20 150.32
N LEU S 1208 21.95 14.89 149.38
CA LEU S 1208 20.95 15.90 149.73
C LEU S 1208 19.76 15.25 150.43
N LYS S 1209 19.39 14.04 150.04
CA LYS S 1209 18.35 13.32 150.78
C LYS S 1209 18.78 13.04 152.22
N ASP S 1210 20.03 12.64 152.42
CA ASP S 1210 20.53 12.37 153.76
C ASP S 1210 20.53 13.63 154.60
N VAL S 1211 20.99 14.75 154.03
CA VAL S 1211 20.99 15.99 154.80
C VAL S 1211 19.56 16.48 155.03
N LEU S 1212 18.62 16.10 154.16
CA LEU S 1212 17.21 16.30 154.47
C LEU S 1212 16.79 15.50 155.69
N LYS S 1213 17.17 14.23 155.72
CA LYS S 1213 16.76 13.35 156.83
C LYS S 1213 17.35 13.84 158.15
N GLU S 1214 18.60 14.28 158.15
CA GLU S 1214 19.28 14.67 159.38
C GLU S 1214 19.13 16.15 159.71
N GLU S 1215 18.95 17.01 158.70
CA GLU S 1215 18.88 18.45 158.90
C GLU S 1215 17.55 19.02 158.43
N GLY S 1216 16.46 18.25 158.56
CA GLY S 1216 15.17 18.72 158.11
C GLY S 1216 14.74 20.02 158.76
N VAL S 1217 15.21 20.26 159.98
CA VAL S 1217 14.97 21.55 160.63
C VAL S 1217 16.16 22.49 160.47
N SER S 1218 17.35 21.96 160.15
CA SER S 1218 18.51 22.81 159.93
C SER S 1218 18.53 23.42 158.53
N PHE S 1219 17.71 22.90 157.61
CA PHE S 1219 17.52 23.58 156.33
C PHE S 1219 16.94 24.97 156.54
N LEU S 1220 16.30 25.19 157.68
CA LEU S 1220 15.62 26.46 157.97
C LEU S 1220 16.52 27.67 157.77
N ILE S 1221 17.60 27.76 158.55
CA ILE S 1221 18.29 29.02 158.74
C ILE S 1221 19.60 29.12 157.97
N ASN S 1222 20.17 28.01 157.50
CA ASN S 1222 21.47 28.04 156.85
C ASN S 1222 21.40 27.71 155.36
N THR S 1223 20.84 26.55 155.00
CA THR S 1223 20.70 26.22 153.59
C THR S 1223 19.73 27.17 152.90
N PHE S 1224 18.53 27.30 153.46
CA PHE S 1224 17.60 28.35 153.07
C PHE S 1224 17.89 29.62 153.88
N GLU S 1225 19.09 30.15 153.65
CA GLU S 1225 19.63 31.27 154.41
C GLU S 1225 18.80 32.52 154.22
N GLY S 1226 17.83 32.46 153.31
CA GLY S 1226 16.99 33.62 153.05
C GLY S 1226 16.15 34.00 154.24
N GLY S 1227 15.71 35.26 154.23
CA GLY S 1227 14.92 35.80 155.32
C GLY S 1227 15.76 36.21 156.50
N GLY S 1228 16.88 35.53 156.72
CA GLY S 1228 17.71 35.80 157.86
C GLY S 1228 19.18 36.05 157.57
N CYS S 1229 19.67 35.63 156.41
CA CYS S 1229 21.10 35.65 156.11
C CYS S 1229 21.88 35.00 157.24
N GLY S 1230 21.38 33.85 157.69
CA GLY S 1230 21.69 33.34 159.00
C GLY S 1230 20.49 33.61 159.88
N GLN S 1231 20.71 33.80 161.17
CA GLN S 1231 19.61 34.16 162.06
C GLN S 1231 19.26 35.65 162.07
N PRO S 1232 20.24 36.59 162.12
CA PRO S 1232 19.90 37.97 162.52
C PRO S 1232 18.78 38.64 161.72
N SER S 1233 18.76 38.49 160.40
CA SER S 1233 17.67 39.12 159.65
C SER S 1233 16.35 38.41 159.83
N GLY S 1234 16.32 37.22 160.43
CA GLY S 1234 15.07 36.62 160.80
C GLY S 1234 14.25 37.47 161.73
N ILE S 1235 14.91 38.36 162.47
CA ILE S 1235 14.25 39.33 163.33
C ILE S 1235 14.44 40.75 162.83
N LEU S 1236 15.65 41.09 162.39
CA LEU S 1236 15.93 42.45 161.93
C LEU S 1236 15.15 42.79 160.67
N ALA S 1237 14.94 41.81 159.79
CA ALA S 1237 14.27 42.07 158.53
C ALA S 1237 12.75 41.89 158.62
N GLN S 1238 12.21 41.71 159.82
CA GLN S 1238 10.76 41.74 159.97
C GLN S 1238 10.17 43.08 159.55
N PRO S 1239 10.63 44.24 160.08
CA PRO S 1239 10.12 45.51 159.57
C PRO S 1239 10.70 45.85 158.21
N THR S 1240 12.01 45.61 158.04
CA THR S 1240 12.69 45.98 156.82
C THR S 1240 12.41 44.97 155.71
N SER S 1249 14.95 53.89 154.38
CA SER S 1249 16.15 53.14 154.05
C SER S 1249 15.81 51.75 153.52
N LEU S 1250 15.41 51.68 152.25
CA LEU S 1250 14.98 50.43 151.65
C LEU S 1250 16.12 49.44 151.40
N GLN S 1251 17.37 49.84 151.67
CA GLN S 1251 18.49 48.93 151.45
C GLN S 1251 18.38 47.69 152.33
N ALA S 1252 17.97 47.86 153.59
CA ALA S 1252 17.71 46.70 154.43
C ALA S 1252 16.51 45.90 153.92
N THR S 1253 15.46 46.59 153.49
CA THR S 1253 14.33 45.90 152.90
C THR S 1253 14.71 45.21 151.59
N LEU S 1254 15.54 45.86 150.78
CA LEU S 1254 15.99 45.22 149.54
C LEU S 1254 16.84 43.98 149.84
N CYS S 1255 17.67 44.06 150.88
CA CYS S 1255 18.44 42.89 151.29
C CYS S 1255 17.52 41.77 151.74
N TRP S 1256 16.47 42.10 152.51
CA TRP S 1256 15.50 41.09 152.89
C TRP S 1256 14.79 40.52 151.67
N LEU S 1257 14.48 41.37 150.68
CA LEU S 1257 13.78 40.92 149.49
C LEU S 1257 14.63 39.94 148.69
N ASP S 1258 15.91 40.26 148.47
CA ASP S 1258 16.75 39.35 147.72
C ASP S 1258 17.09 38.10 148.53
N LEU S 1259 17.18 38.23 149.85
CA LEU S 1259 17.34 37.07 150.71
C LEU S 1259 16.15 36.12 150.57
N LEU S 1260 14.95 36.68 150.59
CA LEU S 1260 13.72 35.89 150.42
C LEU S 1260 13.64 35.29 149.02
N LEU S 1261 14.08 36.06 148.02
CA LEU S 1261 14.27 35.52 146.67
C LEU S 1261 15.13 34.26 146.72
N ALA S 1262 16.25 34.36 147.41
CA ALA S 1262 17.16 33.22 147.55
C ALA S 1262 16.45 32.04 148.19
N ALA S 1263 15.76 32.30 149.31
CA ALA S 1263 15.13 31.22 150.07
C ALA S 1263 14.10 30.48 149.22
N LEU S 1264 13.17 31.21 148.61
CA LEU S 1264 12.12 30.53 147.88
C LEU S 1264 12.52 30.10 146.48
N GLU S 1265 13.60 30.64 145.91
CA GLU S 1265 14.10 30.05 144.68
C GLU S 1265 14.88 28.78 144.95
N CYS S 1266 15.57 28.69 146.09
CA CYS S 1266 16.10 27.40 146.52
C CYS S 1266 14.97 26.43 146.79
N TYR S 1267 13.88 26.91 147.40
CA TYR S 1267 12.67 26.10 147.53
C TYR S 1267 12.21 25.58 146.18
N ASN S 1268 12.09 26.46 145.19
CA ASN S 1268 11.73 26.05 143.84
C ASN S 1268 12.64 24.93 143.35
N THR S 1269 13.94 25.24 143.24
CA THR S 1269 14.90 24.32 142.64
C THR S 1269 15.04 23.00 143.41
N PHE S 1270 14.64 22.97 144.69
CA PHE S 1270 14.84 21.78 145.50
C PHE S 1270 13.55 20.97 145.68
N ILE S 1271 12.47 21.60 146.15
CA ILE S 1271 11.22 20.86 146.30
C ILE S 1271 10.65 20.48 144.94
N GLY S 1272 10.87 21.31 143.91
CA GLY S 1272 10.50 20.90 142.57
C GLY S 1272 11.29 19.70 142.12
N GLU S 1273 12.57 19.62 142.51
CA GLU S 1273 13.39 18.44 142.28
C GLU S 1273 12.97 17.27 143.16
N ARG S 1274 12.12 17.50 144.16
CA ARG S 1274 11.72 16.50 145.15
C ARG S 1274 12.92 16.00 145.94
N THR S 1275 14.06 16.67 145.80
CA THR S 1275 15.27 16.25 146.49
C THR S 1275 15.30 16.71 147.94
N VAL S 1276 14.42 17.65 148.31
CA VAL S 1276 14.27 18.07 149.70
C VAL S 1276 12.79 17.96 150.03
N GLY S 1277 12.51 17.89 151.34
CA GLY S 1277 11.14 17.77 151.79
C GLY S 1277 10.30 18.97 151.44
N ALA S 1278 9.39 18.81 150.48
CA ALA S 1278 8.48 19.91 150.13
C ALA S 1278 7.53 20.21 151.29
N LEU S 1279 7.22 19.21 152.12
CA LEU S 1279 6.37 19.45 153.28
C LEU S 1279 7.12 20.10 154.42
N GLN S 1280 8.46 20.06 154.39
CA GLN S 1280 9.25 20.65 155.45
C GLN S 1280 9.12 22.17 155.49
N VAL S 1281 8.89 22.80 154.33
CA VAL S 1281 8.97 24.25 154.20
C VAL S 1281 8.03 24.96 155.15
N LEU S 1282 6.95 24.28 155.58
CA LEU S 1282 6.01 24.85 156.52
C LEU S 1282 5.62 23.77 157.51
N GLY S 1283 6.12 23.88 158.74
CA GLY S 1283 5.80 22.91 159.78
C GLY S 1283 7.03 22.37 160.49
N THR S 1284 8.10 22.13 159.76
CA THR S 1284 9.37 21.71 160.37
C THR S 1284 10.48 22.72 160.14
N GLU S 1285 10.74 23.10 158.88
CA GLU S 1285 11.64 24.18 158.55
C GLU S 1285 10.84 25.42 158.16
N ALA S 1286 9.71 25.63 158.84
CA ALA S 1286 8.82 26.74 158.54
C ALA S 1286 9.61 28.03 158.54
N GLN S 1287 9.76 28.63 157.36
CA GLN S 1287 10.83 29.57 157.12
C GLN S 1287 10.50 30.95 157.67
N SER S 1288 11.53 31.63 158.18
CA SER S 1288 11.41 33.05 158.45
C SER S 1288 10.99 33.78 157.18
N SER S 1289 11.62 33.43 156.05
CA SER S 1289 11.18 33.93 154.75
C SER S 1289 9.70 33.66 154.54
N LEU S 1290 9.30 32.39 154.54
CA LEU S 1290 7.93 32.04 154.19
C LEU S 1290 6.91 32.75 155.09
N LEU S 1291 6.90 32.42 156.38
CA LEU S 1291 5.88 32.97 157.27
C LEU S 1291 6.03 34.47 157.43
N LYS S 1292 7.25 34.93 157.76
CA LYS S 1292 7.48 36.34 158.01
C LYS S 1292 7.12 37.19 156.79
N ALA S 1293 7.66 36.84 155.63
CA ALA S 1293 7.40 37.60 154.42
C ALA S 1293 5.96 37.51 153.98
N VAL S 1294 5.29 36.36 154.14
CA VAL S 1294 3.88 36.30 153.78
C VAL S 1294 3.07 37.21 154.69
N ALA S 1295 3.46 37.30 155.96
CA ALA S 1295 2.81 38.25 156.86
C ALA S 1295 3.05 39.69 156.41
N PHE S 1296 4.28 40.00 155.99
CA PHE S 1296 4.66 41.37 155.69
C PHE S 1296 4.44 41.75 154.23
N PHE S 1297 3.91 40.86 153.41
CA PHE S 1297 3.57 41.24 152.04
C PHE S 1297 2.35 42.14 151.99
N LEU S 1298 1.49 42.08 153.02
CA LEU S 1298 0.42 43.06 153.13
C LEU S 1298 1.00 44.45 153.39
N GLU S 1299 2.18 44.52 154.01
CA GLU S 1299 2.86 45.78 154.24
C GLU S 1299 3.98 46.05 153.24
N SER S 1300 4.25 45.13 152.32
CA SER S 1300 5.25 45.35 151.28
C SER S 1300 4.69 45.20 149.88
N ILE S 1301 3.98 44.11 149.59
CA ILE S 1301 3.62 43.74 148.22
C ILE S 1301 2.33 44.43 147.82
N ALA S 1302 2.35 45.06 146.63
CA ALA S 1302 1.19 45.54 145.89
C ALA S 1302 0.48 46.71 146.55
N MET S 1303 0.86 47.12 147.76
CA MET S 1303 0.21 48.26 148.39
C MET S 1303 1.24 49.29 148.82
N HIS S 1304 2.40 48.83 149.28
CA HIS S 1304 3.36 49.68 150.00
C HIS S 1304 4.70 49.62 149.26
N ASP S 1305 4.87 50.51 148.29
CA ASP S 1305 6.10 50.58 147.51
C ASP S 1305 7.04 51.68 147.97
N ILE S 1306 6.54 52.67 148.71
CA ILE S 1306 7.40 53.75 149.17
C ILE S 1306 8.41 53.24 150.20
N ILE S 1307 7.92 52.45 151.16
CA ILE S 1307 8.78 51.89 152.20
C ILE S 1307 8.12 50.59 152.64
N ALA S 1308 8.82 49.78 153.43
CA ALA S 1308 8.28 48.54 153.96
C ALA S 1308 7.90 48.66 155.43
N ALA S 1309 7.54 49.88 155.87
CA ALA S 1309 7.19 50.17 157.26
C ALA S 1309 8.36 49.87 158.20
N GLU S 1310 9.58 49.90 157.67
CA GLU S 1310 10.76 49.74 158.51
C GLU S 1310 11.04 50.98 159.35
N LYS S 1311 10.89 52.17 158.74
CA LYS S 1311 11.12 53.44 159.41
C LYS S 1311 12.51 53.52 160.02
N CYS S 1312 13.50 53.01 159.29
CA CYS S 1312 14.89 53.03 159.71
C CYS S 1312 15.73 53.85 158.74
N PHE S 1313 15.17 54.97 158.27
CA PHE S 1313 15.84 55.84 157.31
C PHE S 1313 17.16 56.37 157.85
N THR S 1322 9.92 54.02 147.18
CA THR S 1322 9.77 55.35 146.60
C THR S 1322 11.03 55.72 145.83
N SER S 1323 10.93 56.71 144.94
CA SER S 1323 12.03 57.05 144.07
C SER S 1323 13.31 57.44 144.80
N PRO S 1324 13.31 58.24 145.87
CA PRO S 1324 14.57 58.46 146.61
C PRO S 1324 15.15 57.19 147.19
N GLN S 1325 14.31 56.24 147.59
CA GLN S 1325 14.74 54.94 148.07
C GLN S 1325 14.78 53.90 146.96
N GLU S 1326 14.83 54.32 145.70
CA GLU S 1326 14.82 53.43 144.54
C GLU S 1326 13.61 52.50 144.57
N GLY S 1327 12.43 53.11 144.70
CA GLY S 1327 11.20 52.35 144.77
C GLY S 1327 10.84 51.62 143.49
N GLU S 1328 11.31 52.10 142.34
CA GLU S 1328 11.04 51.39 141.09
C GLU S 1328 11.70 50.03 141.08
N ARG S 1329 13.01 49.98 141.34
CA ARG S 1329 13.68 48.69 141.42
C ARG S 1329 13.30 47.95 142.70
N TYR S 1330 12.89 48.67 143.74
CA TYR S 1330 12.38 48.02 144.94
C TYR S 1330 11.15 47.18 144.63
N ASN S 1331 10.20 47.76 143.90
CA ASN S 1331 9.02 47.00 143.51
C ASN S 1331 9.31 46.02 142.39
N TYR S 1332 10.34 46.26 141.58
CA TYR S 1332 10.79 45.23 140.65
C TYR S 1332 11.24 43.98 141.40
N SER S 1333 12.06 44.17 142.43
CA SER S 1333 12.46 43.04 143.27
C SER S 1333 11.28 42.46 144.03
N LYS S 1334 10.31 43.31 144.39
CA LYS S 1334 9.11 42.81 145.06
C LYS S 1334 8.29 41.91 144.13
N CYS S 1335 8.16 42.30 142.85
CA CYS S 1335 7.47 41.45 141.90
C CYS S 1335 8.27 40.19 141.59
N THR S 1336 9.59 40.27 141.61
CA THR S 1336 10.40 39.07 141.49
C THR S 1336 10.17 38.15 142.68
N VAL S 1337 10.02 38.72 143.88
CA VAL S 1337 9.62 37.95 145.05
C VAL S 1337 8.26 37.31 144.82
N VAL S 1338 7.33 38.07 144.27
CA VAL S 1338 5.97 37.57 144.04
C VAL S 1338 6.01 36.37 143.09
N VAL S 1339 6.77 36.49 142.01
CA VAL S 1339 6.84 35.39 141.05
C VAL S 1339 7.59 34.20 141.67
N ARG S 1340 8.60 34.45 142.51
CA ARG S 1340 9.26 33.34 143.18
C ARG S 1340 8.33 32.61 144.13
N ILE S 1341 7.54 33.34 144.91
CA ILE S 1341 6.64 32.68 145.87
C ILE S 1341 5.53 31.95 145.13
N MET S 1342 5.03 32.52 144.03
CA MET S 1342 4.00 31.84 143.26
C MET S 1342 4.56 30.64 142.51
N GLU S 1343 5.82 30.70 142.07
CA GLU S 1343 6.46 29.52 141.51
C GLU S 1343 6.67 28.45 142.57
N PHE S 1344 7.00 28.87 143.79
CA PHE S 1344 7.10 27.93 144.90
C PHE S 1344 5.76 27.24 145.15
N THR S 1345 4.67 28.01 145.09
CA THR S 1345 3.34 27.42 145.24
C THR S 1345 3.03 26.47 144.08
N THR S 1346 3.39 26.85 142.85
CA THR S 1346 3.15 25.97 141.71
C THR S 1346 3.91 24.67 141.85
N THR S 1347 5.17 24.74 142.28
CA THR S 1347 5.93 23.53 142.53
C THR S 1347 5.29 22.69 143.64
N LEU S 1348 4.91 23.35 144.74
CA LEU S 1348 4.34 22.68 145.89
C LEU S 1348 3.00 22.01 145.57
N LEU S 1349 2.27 22.49 144.58
CA LEU S 1349 0.98 21.92 144.23
C LEU S 1349 0.98 21.10 142.95
N ASN S 1350 2.04 21.17 142.13
CA ASN S 1350 2.11 20.41 140.89
C ASN S 1350 3.29 19.45 140.87
N THR S 1351 4.51 19.93 141.11
CA THR S 1351 5.66 19.02 141.16
C THR S 1351 5.49 18.04 142.31
N SER S 1352 5.24 18.55 143.52
CA SER S 1352 4.61 17.76 144.55
C SER S 1352 3.10 17.93 144.41
N PRO S 1353 2.31 16.86 144.45
CA PRO S 1353 0.88 16.99 144.18
C PRO S 1353 0.13 17.78 145.23
N GLU S 1354 -1.19 17.84 145.13
CA GLU S 1354 -1.98 18.64 146.06
C GLU S 1354 -1.94 18.12 147.48
N GLY S 1355 -1.16 17.10 147.84
CA GLY S 1355 -1.00 16.75 149.24
C GLY S 1355 -0.36 17.86 150.05
N TRP S 1356 0.22 18.85 149.39
CA TRP S 1356 0.78 20.03 150.04
C TRP S 1356 -0.19 21.21 150.01
N LYS S 1357 -1.44 20.97 149.62
CA LYS S 1357 -2.47 21.98 149.83
C LYS S 1357 -2.65 22.32 151.31
N LEU S 1358 -2.23 21.41 152.21
CA LEU S 1358 -2.18 21.77 153.62
C LEU S 1358 -1.22 22.93 153.86
N LEU S 1359 -0.03 22.88 153.25
CA LEU S 1359 0.86 24.04 153.32
C LEU S 1359 0.28 25.23 152.59
N LYS S 1360 -0.45 24.98 151.49
CA LYS S 1360 -1.14 26.07 150.81
C LYS S 1360 -2.07 26.83 151.75
N LYS S 1361 -2.78 26.11 152.61
CA LYS S 1361 -3.49 26.78 153.69
C LYS S 1361 -2.52 27.40 154.69
N ASP S 1362 -1.41 26.71 154.97
CA ASP S 1362 -0.40 27.18 155.92
C ASP S 1362 0.25 28.47 155.43
N LEU S 1363 -0.17 28.94 154.25
CA LEU S 1363 0.10 30.33 153.89
C LEU S 1363 -0.53 31.31 154.86
N CYS S 1364 -1.50 30.86 155.66
CA CYS S 1364 -2.07 31.61 156.78
C CYS S 1364 -2.83 32.85 156.35
N ASN S 1365 -2.22 34.03 156.52
CA ASN S 1365 -2.90 35.28 156.23
C ASN S 1365 -3.33 35.35 154.78
N THR S 1366 -2.60 34.68 153.89
CA THR S 1366 -2.92 34.61 152.47
C THR S 1366 -3.11 36.00 151.87
N HIS S 1367 -2.01 36.77 151.90
CA HIS S 1367 -1.92 37.94 151.03
C HIS S 1367 -2.15 37.55 149.59
N LEU S 1368 -1.99 36.26 149.28
CA LEU S 1368 -2.32 35.75 147.96
C LEU S 1368 -3.74 36.13 147.57
N MET S 1369 -4.69 36.05 148.50
CA MET S 1369 -6.07 36.46 148.24
C MET S 1369 -6.11 37.77 147.49
N ARG S 1370 -5.23 38.70 147.86
CA ARG S 1370 -5.20 40.03 147.27
C ARG S 1370 -4.28 40.11 146.05
N VAL S 1371 -3.15 39.40 146.08
CA VAL S 1371 -2.08 39.69 145.13
C VAL S 1371 -2.07 38.72 143.95
N LEU S 1372 -2.56 37.49 144.15
CA LEU S 1372 -2.55 36.53 143.05
C LEU S 1372 -3.45 37.00 141.92
N VAL S 1373 -4.66 37.45 142.26
CA VAL S 1373 -5.57 37.96 141.24
C VAL S 1373 -5.03 39.27 140.67
N GLN S 1374 -4.31 40.06 141.48
CA GLN S 1374 -3.66 41.24 140.95
C GLN S 1374 -2.68 40.86 139.84
N THR S 1375 -1.87 39.83 140.07
CA THR S 1375 -0.95 39.36 139.05
C THR S 1375 -1.69 38.80 137.85
N LEU S 1376 -2.80 38.09 138.08
CA LEU S 1376 -3.58 37.55 136.98
C LEU S 1376 -4.09 38.66 136.07
N CYS S 1377 -4.79 39.64 136.65
CA CYS S 1377 -5.46 40.66 135.88
C CYS S 1377 -4.50 41.73 135.39
N GLU S 1378 -3.81 42.38 136.33
CA GLU S 1378 -2.91 43.50 136.03
C GLU S 1378 -1.57 43.17 136.66
N PRO S 1379 -0.77 42.33 136.00
CA PRO S 1379 0.48 41.85 136.65
C PRO S 1379 1.43 42.97 137.06
N ALA S 1380 1.42 44.09 136.34
CA ALA S 1380 2.26 45.22 136.70
C ALA S 1380 1.63 46.11 137.76
N SER S 1381 0.38 45.86 138.16
CA SER S 1381 -0.30 46.68 139.15
C SER S 1381 -0.08 46.21 140.58
N ILE S 1382 1.02 45.51 140.84
CA ILE S 1382 1.45 45.26 142.20
C ILE S 1382 2.54 46.26 142.61
N GLY S 1383 2.61 47.40 141.93
CA GLY S 1383 3.55 48.46 142.24
C GLY S 1383 4.25 49.01 141.01
N PHE S 1384 5.46 49.50 141.17
CA PHE S 1384 6.22 50.00 140.03
C PHE S 1384 6.50 48.88 139.02
N ASN S 1385 7.06 47.77 139.50
CA ASN S 1385 7.23 46.56 138.70
C ASN S 1385 7.99 46.83 137.41
N ILE S 1386 9.05 47.64 137.53
CA ILE S 1386 9.86 48.04 136.38
C ILE S 1386 10.74 46.88 135.94
N GLY S 1387 11.34 47.01 134.75
CA GLY S 1387 12.35 46.08 134.32
C GLY S 1387 12.25 45.60 132.89
N ASP S 1388 11.02 45.45 132.37
CA ASP S 1388 10.78 44.81 131.07
C ASP S 1388 11.41 43.42 131.04
N VAL S 1389 11.25 42.70 132.15
CA VAL S 1389 11.96 41.45 132.41
C VAL S 1389 11.00 40.39 132.94
N GLN S 1390 11.56 39.28 133.41
CA GLN S 1390 10.84 38.12 133.92
C GLN S 1390 9.64 38.47 134.81
N VAL S 1391 9.71 39.64 135.47
CA VAL S 1391 8.57 40.08 136.28
C VAL S 1391 7.32 40.20 135.43
N MET S 1392 7.46 40.63 134.19
CA MET S 1392 6.35 40.67 133.24
C MET S 1392 6.35 39.50 132.26
N ALA S 1393 7.53 39.03 131.82
CA ALA S 1393 7.57 37.97 130.83
C ALA S 1393 7.04 36.66 131.39
N HIS S 1394 7.26 36.40 132.68
CA HIS S 1394 6.94 35.10 133.26
C HIS S 1394 5.55 35.03 133.88
N LEU S 1395 5.01 36.14 134.39
CA LEU S 1395 3.76 36.06 135.14
C LEU S 1395 2.60 35.42 134.39
N PRO S 1396 2.35 35.68 133.09
CA PRO S 1396 1.16 35.08 132.46
C PRO S 1396 1.09 33.55 132.57
N ASP S 1397 2.11 32.85 132.06
CA ASP S 1397 2.02 31.38 132.04
C ASP S 1397 2.24 30.77 133.41
N VAL S 1398 3.12 31.36 134.24
CA VAL S 1398 3.30 30.80 135.57
C VAL S 1398 2.04 31.01 136.40
N CYS S 1399 1.32 32.10 136.17
CA CYS S 1399 0.03 32.28 136.84
C CYS S 1399 -1.04 31.37 136.26
N VAL S 1400 -0.94 31.00 134.98
CA VAL S 1400 -1.80 29.94 134.47
C VAL S 1400 -1.57 28.66 135.25
N ASN S 1401 -0.29 28.30 135.43
CA ASN S 1401 0.05 27.12 136.22
C ASN S 1401 -0.45 27.25 137.65
N LEU S 1402 -0.31 28.44 138.24
CA LEU S 1402 -0.74 28.66 139.62
C LEU S 1402 -2.26 28.55 139.74
N MET S 1403 -3.00 29.05 138.76
CA MET S 1403 -4.45 28.91 138.77
C MET S 1403 -4.87 27.46 138.62
N LYS S 1404 -4.17 26.69 137.77
CA LYS S 1404 -4.47 25.27 137.68
C LYS S 1404 -4.19 24.57 139.02
N ALA S 1405 -3.07 24.91 139.64
CA ALA S 1405 -2.72 24.32 140.93
C ALA S 1405 -3.74 24.67 142.01
N LEU S 1406 -4.19 25.93 142.03
CA LEU S 1406 -5.14 26.36 143.04
C LEU S 1406 -6.54 25.83 142.76
N LYS S 1407 -6.86 25.55 141.49
CA LYS S 1407 -8.08 24.81 141.19
C LYS S 1407 -7.98 23.40 141.74
N MET S 1408 -6.82 22.76 141.57
CA MET S 1408 -6.61 21.46 142.21
C MET S 1408 -6.46 21.60 143.71
N SER S 1409 -5.99 22.76 144.18
CA SER S 1409 -5.97 23.08 145.59
C SER S 1409 -7.37 23.50 146.06
N PRO S 1410 -7.63 23.47 147.36
CA PRO S 1410 -8.89 24.06 147.86
C PRO S 1410 -8.93 25.57 147.74
N TYR S 1411 -7.81 26.23 147.47
CA TYR S 1411 -7.79 27.69 147.34
C TYR S 1411 -8.38 28.18 146.03
N LYS S 1412 -9.02 27.31 145.24
CA LYS S 1412 -9.76 27.80 144.09
C LYS S 1412 -10.91 28.70 144.53
N ASP S 1413 -11.43 28.49 145.73
CA ASP S 1413 -12.43 29.41 146.28
C ASP S 1413 -11.85 30.81 146.43
N ILE S 1414 -10.68 30.91 147.06
CA ILE S 1414 -10.00 32.19 147.20
C ILE S 1414 -9.75 32.80 145.83
N LEU S 1415 -9.22 31.99 144.91
CA LEU S 1415 -8.87 32.49 143.59
C LEU S 1415 -10.10 33.05 142.87
N GLU S 1416 -11.18 32.26 142.80
CA GLU S 1416 -12.36 32.69 142.07
C GLU S 1416 -13.06 33.86 142.74
N THR S 1417 -13.15 33.85 144.08
CA THR S 1417 -13.81 34.94 144.78
C THR S 1417 -13.08 36.25 144.56
N HIS S 1418 -11.76 36.28 144.81
CA HIS S 1418 -11.03 37.52 144.60
C HIS S 1418 -10.87 37.85 143.12
N LEU S 1419 -11.00 36.85 142.25
CA LEU S 1419 -10.98 37.10 140.82
C LEU S 1419 -12.23 37.85 140.38
N ARG S 1420 -13.40 37.40 140.86
CA ARG S 1420 -14.63 38.16 140.64
C ARG S 1420 -14.57 39.50 141.35
N GLU S 1421 -13.84 39.57 142.47
CA GLU S 1421 -13.66 40.83 143.19
C GLU S 1421 -12.97 41.87 142.32
N LYS S 1422 -11.83 41.52 141.74
CA LYS S 1422 -11.09 42.48 140.93
C LYS S 1422 -11.83 42.80 139.64
N ILE S 1423 -12.28 41.77 138.91
CA ILE S 1423 -13.03 41.96 137.67
C ILE S 1423 -14.18 40.95 137.66
N THR S 1424 -15.37 41.42 137.31
CA THR S 1424 -16.55 40.57 137.25
C THR S 1424 -16.63 39.78 135.94
N ALA S 1425 -15.71 40.04 135.01
CA ALA S 1425 -15.67 39.51 133.65
C ALA S 1425 -16.82 40.07 132.80
N GLN S 1426 -17.70 40.89 133.38
CA GLN S 1426 -18.62 41.71 132.62
C GLN S 1426 -18.29 43.19 132.71
N SER S 1427 -17.55 43.60 133.74
CA SER S 1427 -17.04 44.97 133.80
C SER S 1427 -16.00 45.23 132.73
N ILE S 1428 -15.44 44.18 132.13
CA ILE S 1428 -14.55 44.33 130.99
C ILE S 1428 -15.29 44.93 129.79
N GLU S 1429 -16.61 44.76 129.74
CA GLU S 1429 -17.40 45.23 128.60
C GLU S 1429 -17.34 46.75 128.45
N GLU S 1430 -17.27 47.48 129.57
CA GLU S 1430 -17.27 48.94 129.53
C GLU S 1430 -15.88 49.55 129.49
N LEU S 1431 -14.82 48.73 129.47
CA LEU S 1431 -13.47 49.26 129.30
C LEU S 1431 -13.22 49.75 127.87
N CYS S 1432 -14.13 49.47 126.95
CA CYS S 1432 -13.98 49.85 125.54
C CYS S 1432 -15.07 50.82 125.09
N ALA S 1433 -15.81 51.43 126.00
CA ALA S 1433 -16.91 52.32 125.67
C ALA S 1433 -16.48 53.78 125.72
N VAL S 1434 -15.24 54.07 125.31
CA VAL S 1434 -14.71 55.42 125.35
C VAL S 1434 -14.42 55.89 123.93
N ASN S 1435 -15.24 55.44 122.98
CA ASN S 1435 -15.11 55.81 121.56
C ASN S 1435 -13.72 55.40 121.04
N LEU S 1436 -13.51 54.09 121.01
CA LEU S 1436 -12.25 53.54 120.52
C LEU S 1436 -12.10 53.85 119.03
N TYR S 1437 -10.96 53.44 118.48
CA TYR S 1437 -10.53 53.84 117.14
C TYR S 1437 -10.47 55.37 117.07
N GLY S 1438 -10.06 55.97 118.18
CA GLY S 1438 -9.92 57.40 118.30
C GLY S 1438 -9.21 57.74 119.61
N PRO S 1439 -8.21 58.62 119.54
CA PRO S 1439 -7.39 58.90 120.74
C PRO S 1439 -8.14 59.67 121.80
N ASP S 1440 -9.01 58.98 122.54
CA ASP S 1440 -9.79 59.60 123.60
C ASP S 1440 -9.36 59.16 125.00
N ALA S 1441 -9.36 57.86 125.26
CA ALA S 1441 -8.92 57.32 126.54
C ALA S 1441 -8.21 56.01 126.28
N GLN S 1442 -6.95 55.92 126.71
CA GLN S 1442 -6.11 54.78 126.40
C GLN S 1442 -5.62 54.01 127.62
N VAL S 1443 -5.51 54.66 128.77
CA VAL S 1443 -5.13 53.93 129.99
C VAL S 1443 -6.19 52.90 130.35
N ASP S 1444 -7.47 53.27 130.20
CA ASP S 1444 -8.53 52.27 130.33
C ASP S 1444 -8.43 51.22 129.24
N ARG S 1445 -8.05 51.62 128.03
CA ARG S 1445 -7.80 50.65 126.97
C ARG S 1445 -6.59 49.78 127.29
N SER S 1446 -5.58 50.35 127.93
CA SER S 1446 -4.44 49.53 128.37
C SER S 1446 -4.87 48.50 129.38
N ARG S 1447 -5.70 48.89 130.35
CA ARG S 1447 -6.24 47.93 131.31
C ARG S 1447 -7.14 46.91 130.61
N LEU S 1448 -7.85 47.33 129.57
CA LEU S 1448 -8.66 46.40 128.79
C LEU S 1448 -7.79 45.34 128.13
N ALA S 1449 -6.67 45.75 127.53
CA ALA S 1449 -5.76 44.78 126.94
C ALA S 1449 -5.16 43.87 128.01
N ALA S 1450 -4.83 44.44 129.17
CA ALA S 1450 -4.26 43.65 130.25
C ALA S 1450 -5.25 42.60 130.76
N VAL S 1451 -6.53 42.97 130.88
CA VAL S 1451 -7.52 42.00 131.33
C VAL S 1451 -7.89 41.03 130.21
N VAL S 1452 -7.70 41.41 128.95
CA VAL S 1452 -7.79 40.43 127.87
C VAL S 1452 -6.71 39.36 128.02
N SER S 1453 -5.48 39.79 128.28
CA SER S 1453 -4.41 38.84 128.56
C SER S 1453 -4.74 38.01 129.80
N ALA S 1454 -5.36 38.65 130.79
CA ALA S 1454 -5.77 37.94 132.01
C ALA S 1454 -6.77 36.85 131.69
N CYS S 1455 -7.79 37.16 130.88
CA CYS S 1455 -8.79 36.17 130.52
C CYS S 1455 -8.20 35.07 129.66
N LYS S 1456 -7.21 35.40 128.82
CA LYS S 1456 -6.48 34.37 128.10
C LYS S 1456 -5.79 33.43 129.07
N GLN S 1457 -5.16 33.99 130.11
CA GLN S 1457 -4.55 33.16 131.16
C GLN S 1457 -5.60 32.30 131.85
N LEU S 1458 -6.76 32.88 132.16
CA LEU S 1458 -7.82 32.15 132.84
C LEU S 1458 -8.28 30.96 132.02
N HIS S 1459 -8.51 31.18 130.72
CA HIS S 1459 -8.91 30.09 129.85
C HIS S 1459 -7.82 29.04 129.73
N ARG S 1460 -6.56 29.48 129.63
CA ARG S 1460 -5.44 28.54 129.60
C ARG S 1460 -5.36 27.73 130.88
N ALA S 1461 -5.83 28.28 132.00
CA ALA S 1461 -5.85 27.57 133.28
C ALA S 1461 -7.22 26.96 133.59
N GLY S 1462 -8.19 27.10 132.70
CA GLY S 1462 -9.50 26.50 132.91
C GLY S 1462 -10.52 27.37 133.61
N LEU S 1463 -10.23 28.65 133.83
CA LEU S 1463 -11.17 29.55 134.47
C LEU S 1463 -12.12 30.16 133.44
N LEU S 1464 -12.95 29.30 132.86
CA LEU S 1464 -13.88 29.72 131.82
C LEU S 1464 -15.24 30.12 132.37
N HIS S 1465 -15.64 29.58 133.52
CA HIS S 1465 -16.95 29.87 134.10
C HIS S 1465 -16.93 30.25 135.57
N ASN S 1466 -15.87 29.92 136.31
CA ASN S 1466 -15.75 30.40 137.68
C ASN S 1466 -15.61 31.92 137.74
N ILE S 1467 -15.22 32.55 136.63
CA ILE S 1467 -15.13 34.00 136.52
C ILE S 1467 -16.13 34.55 135.51
N LEU S 1468 -16.18 33.97 134.32
CA LEU S 1468 -16.94 34.57 133.25
C LEU S 1468 -18.42 34.25 133.42
N PRO S 1469 -19.29 35.25 133.54
CA PRO S 1469 -20.73 34.98 133.49
C PRO S 1469 -21.10 34.55 132.08
N SER S 1470 -20.76 33.31 131.74
CA SER S 1470 -20.90 32.84 130.37
C SER S 1470 -22.33 33.00 129.88
N GLN S 1471 -22.47 33.44 128.65
CA GLN S 1471 -23.79 33.67 128.07
C GLN S 1471 -24.57 32.37 128.02
N SER S 1472 -25.90 32.49 128.02
CA SER S 1472 -26.74 31.30 127.96
C SER S 1472 -26.43 30.48 126.71
N THR S 1473 -26.30 31.15 125.57
CA THR S 1473 -25.81 30.49 124.37
C THR S 1473 -24.30 30.34 124.43
N ASP S 1474 -23.79 29.41 123.63
CA ASP S 1474 -22.34 29.31 123.47
C ASP S 1474 -21.74 30.59 122.90
N LEU S 1475 -22.55 31.39 122.22
CA LEU S 1475 -22.10 32.66 121.67
C LEU S 1475 -21.80 33.59 122.82
N HIS S 1476 -20.52 33.71 123.17
CA HIS S 1476 -20.10 34.55 124.30
C HIS S 1476 -20.22 36.02 123.87
N HIS S 1477 -21.46 36.50 123.88
CA HIS S 1477 -21.74 37.87 123.47
C HIS S 1477 -21.05 38.89 124.36
N SER S 1478 -20.69 38.51 125.59
CA SER S 1478 -20.02 39.42 126.51
C SER S 1478 -18.73 39.96 125.91
N VAL S 1479 -18.13 39.22 124.98
CA VAL S 1479 -17.04 39.74 124.16
C VAL S 1479 -17.40 39.79 122.68
N GLY S 1480 -18.35 38.96 122.23
CA GLY S 1480 -18.70 38.94 120.83
C GLY S 1480 -19.36 40.23 120.36
N THR S 1481 -20.25 40.80 121.18
CA THR S 1481 -20.93 42.02 120.78
C THR S 1481 -19.94 43.18 120.66
N GLU S 1482 -18.93 43.23 121.53
CA GLU S 1482 -17.87 44.23 121.38
C GLU S 1482 -17.06 43.95 120.12
N LEU S 1483 -16.64 42.70 119.94
CA LEU S 1483 -15.86 42.34 118.76
C LEU S 1483 -16.57 42.77 117.47
N LEU S 1484 -17.89 42.65 117.45
CA LEU S 1484 -18.65 43.10 116.28
C LEU S 1484 -18.71 44.63 116.23
N SER S 1485 -19.27 45.25 117.27
CA SER S 1485 -19.68 46.65 117.18
C SER S 1485 -18.49 47.60 117.14
N LEU S 1486 -17.48 47.36 117.98
CA LEU S 1486 -16.40 48.34 118.14
C LEU S 1486 -15.69 48.60 116.82
N VAL S 1487 -15.28 47.54 116.12
CA VAL S 1487 -14.71 47.68 114.79
C VAL S 1487 -15.78 47.87 113.73
N TYR S 1488 -17.03 47.57 114.06
CA TYR S 1488 -18.14 47.77 113.13
C TYR S 1488 -18.56 49.24 113.09
N LYS S 1489 -18.96 49.78 114.25
CA LYS S 1489 -19.42 51.16 114.30
C LYS S 1489 -18.26 52.15 114.18
N GLY S 1490 -17.05 51.72 114.53
CA GLY S 1490 -15.90 52.61 114.47
C GLY S 1490 -15.52 53.05 113.07
N ILE S 1491 -16.07 52.40 112.04
CA ILE S 1491 -15.74 52.74 110.67
C ILE S 1491 -16.92 53.37 109.92
N ALA S 1492 -18.15 53.05 110.28
CA ALA S 1492 -19.31 53.60 109.60
C ALA S 1492 -20.23 54.33 110.58
N SER S 1502 -13.26 55.07 110.60
CA SER S 1502 -12.07 55.37 111.39
C SER S 1502 -11.38 54.07 111.84
N LEU S 1503 -10.05 54.06 111.81
CA LEU S 1503 -9.27 52.91 112.20
C LEU S 1503 -8.12 53.34 113.08
N ASP S 1504 -7.67 52.44 113.94
CA ASP S 1504 -6.56 52.71 114.85
C ASP S 1504 -5.89 51.40 115.21
N LEU S 1505 -4.56 51.40 115.22
CA LEU S 1505 -3.82 50.17 115.48
C LEU S 1505 -4.07 49.67 116.91
N SER S 1506 -4.14 50.58 117.87
CA SER S 1506 -4.39 50.17 119.25
C SER S 1506 -5.76 49.53 119.41
N CYS S 1507 -6.78 50.13 118.81
CA CYS S 1507 -8.11 49.54 118.88
C CYS S 1507 -8.25 48.34 117.94
N LYS S 1508 -7.47 48.29 116.86
CA LYS S 1508 -7.42 47.08 116.05
C LYS S 1508 -6.89 45.91 116.86
N GLN S 1509 -5.80 46.12 117.61
CA GLN S 1509 -5.30 45.04 118.45
C GLN S 1509 -6.18 44.80 119.66
N LEU S 1510 -6.96 45.80 120.09
CA LEU S 1510 -7.98 45.54 121.12
C LEU S 1510 -9.06 44.61 120.59
N ALA S 1511 -9.52 44.82 119.36
CA ALA S 1511 -10.45 43.88 118.75
C ALA S 1511 -9.79 42.52 118.53
N SER S 1512 -8.49 42.51 118.25
CA SER S 1512 -7.75 41.25 118.18
C SER S 1512 -7.75 40.54 119.53
N GLY S 1513 -7.62 41.30 120.61
CA GLY S 1513 -7.72 40.71 121.93
C GLY S 1513 -9.12 40.19 122.23
N LEU S 1514 -10.13 40.89 121.73
CA LEU S 1514 -11.50 40.37 121.81
C LEU S 1514 -11.61 39.03 121.08
N LEU S 1515 -10.95 38.92 119.92
CA LEU S 1515 -10.88 37.64 119.21
C LEU S 1515 -10.14 36.59 120.04
N GLU S 1516 -9.08 37.01 120.73
CA GLU S 1516 -8.36 36.11 121.62
C GLU S 1516 -9.28 35.57 122.71
N LEU S 1517 -10.10 36.43 123.29
CA LEU S 1517 -11.04 36.00 124.31
C LEU S 1517 -12.14 35.12 123.71
N ALA S 1518 -12.53 35.38 122.47
CA ALA S 1518 -13.45 34.49 121.77
C ALA S 1518 -12.86 33.10 121.63
N PHE S 1519 -11.56 33.02 121.32
CA PHE S 1519 -10.87 31.73 121.40
C PHE S 1519 -10.90 31.19 122.81
N ALA S 1520 -10.69 32.06 123.79
CA ALA S 1520 -10.70 31.66 125.20
C ALA S 1520 -12.06 31.17 125.63
N PHE S 1521 -13.12 31.86 125.20
CA PHE S 1521 -14.50 31.51 125.53
C PHE S 1521 -15.20 31.25 124.19
N GLY S 1522 -15.15 29.99 123.75
CA GLY S 1522 -15.64 29.63 122.45
C GLY S 1522 -17.15 29.70 122.34
N GLY S 1523 -17.62 29.38 121.14
CA GLY S 1523 -19.03 29.43 120.81
C GLY S 1523 -19.42 30.61 119.94
N LEU S 1524 -18.58 31.63 119.84
CA LEU S 1524 -18.81 32.76 118.94
C LEU S 1524 -18.53 32.42 117.49
N CYS S 1525 -18.18 31.17 117.19
CA CYS S 1525 -17.85 30.80 115.81
C CYS S 1525 -19.03 31.03 114.88
N GLU S 1526 -20.20 30.52 115.25
CA GLU S 1526 -21.36 30.69 114.39
C GLU S 1526 -21.85 32.14 114.36
N ARG S 1527 -21.70 32.86 115.47
CA ARG S 1527 -22.03 34.28 115.46
C ARG S 1527 -21.17 35.03 114.47
N LEU S 1528 -19.86 34.76 114.46
CA LEU S 1528 -18.98 35.42 113.51
C LEU S 1528 -19.25 34.94 112.09
N VAL S 1529 -19.64 33.68 111.92
CA VAL S 1529 -20.01 33.18 110.59
C VAL S 1529 -21.20 33.97 110.04
N SER S 1530 -22.22 34.15 110.87
CA SER S 1530 -23.38 34.93 110.45
C SER S 1530 -23.02 36.38 110.20
N LEU S 1531 -22.19 36.97 111.07
CA LEU S 1531 -21.85 38.38 110.93
C LEU S 1531 -20.93 38.64 109.74
N LEU S 1532 -20.13 37.66 109.34
CA LEU S 1532 -19.19 37.87 108.25
C LEU S 1532 -19.88 38.29 106.97
N LEU S 1533 -21.15 37.98 106.83
CA LEU S 1533 -21.96 38.46 105.71
C LEU S 1533 -22.74 39.72 106.09
N ASN S 1534 -22.05 40.77 106.53
CA ASN S 1534 -22.74 42.01 106.86
C ASN S 1534 -23.27 42.67 105.60
N PRO S 1535 -24.58 42.92 105.51
CA PRO S 1535 -25.07 43.83 104.46
C PRO S 1535 -24.79 45.29 104.77
N ALA S 1536 -24.48 45.61 106.03
CA ALA S 1536 -24.12 46.97 106.40
C ALA S 1536 -22.86 47.40 105.67
N VAL S 1537 -22.89 48.59 105.11
CA VAL S 1537 -21.84 49.10 104.24
C VAL S 1537 -21.31 50.41 104.79
N LEU S 1538 -19.99 50.57 104.74
CA LEU S 1538 -19.39 51.85 105.12
C LEU S 1538 -19.79 52.91 104.10
N SER S 1539 -20.07 54.11 104.59
CA SER S 1539 -20.55 55.22 103.76
C SER S 1539 -19.43 56.25 103.64
N THR S 1540 -18.84 56.35 102.45
CA THR S 1540 -17.87 57.40 102.14
C THR S 1540 -17.84 57.70 100.63
N VAL S 1550 -15.35 57.64 98.45
CA VAL S 1550 -14.53 56.86 97.54
C VAL S 1550 -15.00 55.41 97.44
N ILE S 1551 -15.38 54.79 98.56
CA ILE S 1551 -15.66 53.36 98.58
C ILE S 1551 -16.93 53.08 99.39
N HIS S 1552 -17.53 51.93 99.11
CA HIS S 1552 -18.67 51.42 99.89
C HIS S 1552 -18.47 49.91 100.01
N PHE S 1553 -17.89 49.47 101.13
CA PHE S 1553 -17.64 48.06 101.37
C PHE S 1553 -18.40 47.59 102.61
N SER S 1554 -18.70 46.29 102.64
CA SER S 1554 -19.43 45.70 103.74
C SER S 1554 -18.56 45.64 104.99
N HIS S 1555 -19.11 45.07 106.06
CA HIS S 1555 -18.42 45.07 107.34
C HIS S 1555 -17.79 43.74 107.71
N GLY S 1556 -18.39 42.61 107.34
CA GLY S 1556 -17.76 41.33 107.63
C GLY S 1556 -16.45 41.14 106.88
N GLU S 1557 -16.43 41.51 105.60
CA GLU S 1557 -15.19 41.46 104.84
C GLU S 1557 -14.17 42.43 105.41
N TYR S 1558 -14.61 43.54 106.00
CA TYR S 1558 -13.66 44.46 106.62
C TYR S 1558 -13.11 43.89 107.92
N PHE S 1559 -13.95 43.19 108.69
CA PHE S 1559 -13.46 42.50 109.88
C PHE S 1559 -12.41 41.49 109.50
N TYR S 1560 -12.64 40.75 108.42
CA TYR S 1560 -11.63 39.82 107.93
C TYR S 1560 -10.37 40.56 107.50
N SER S 1561 -10.53 41.65 106.74
CA SER S 1561 -9.37 42.38 106.25
C SER S 1561 -8.50 42.86 107.40
N LEU S 1562 -9.12 43.36 108.47
CA LEU S 1562 -8.35 43.75 109.64
C LEU S 1562 -7.91 42.54 110.46
N PHE S 1563 -8.67 41.46 110.46
CA PHE S 1563 -8.46 40.34 111.36
C PHE S 1563 -8.56 39.01 110.61
N SER S 1564 -7.86 38.93 109.47
CA SER S 1564 -7.90 37.71 108.66
C SER S 1564 -7.28 36.54 109.40
N GLU S 1565 -6.13 36.74 110.03
CA GLU S 1565 -5.46 35.61 110.67
C GLU S 1565 -6.14 35.19 111.96
N THR S 1566 -6.70 36.13 112.71
CA THR S 1566 -7.45 35.76 113.90
C THR S 1566 -8.71 34.97 113.52
N ILE S 1567 -9.42 35.44 112.49
CA ILE S 1567 -10.58 34.69 111.99
C ILE S 1567 -10.14 33.33 111.49
N ASN S 1568 -8.98 33.26 110.86
CA ASN S 1568 -8.45 31.98 110.39
C ASN S 1568 -8.19 31.04 111.56
N THR S 1569 -7.58 31.56 112.63
CA THR S 1569 -7.31 30.75 113.82
C THR S 1569 -8.60 30.28 114.46
N GLU S 1570 -9.63 31.12 114.47
CA GLU S 1570 -10.95 30.69 114.93
C GLU S 1570 -11.47 29.55 114.06
N LEU S 1571 -11.28 29.65 112.74
CA LEU S 1571 -11.74 28.61 111.84
C LEU S 1571 -10.96 27.31 112.03
N LEU S 1572 -9.71 27.39 112.49
CA LEU S 1572 -8.98 26.16 112.82
C LEU S 1572 -9.71 25.34 113.88
N LYS S 1573 -10.35 26.01 114.85
CA LYS S 1573 -11.12 25.29 115.84
C LYS S 1573 -12.32 24.58 115.21
N ASN S 1574 -13.06 25.30 114.37
CA ASN S 1574 -14.20 24.72 113.64
C ASN S 1574 -13.71 24.35 112.24
N LEU S 1575 -13.10 23.17 112.16
CA LEU S 1575 -12.34 22.80 110.96
C LEU S 1575 -13.23 22.78 109.71
N ASP S 1576 -14.41 22.17 109.81
CA ASP S 1576 -15.29 22.12 108.65
C ASP S 1576 -16.77 22.34 108.95
N LEU S 1577 -17.20 22.36 110.21
CA LEU S 1577 -18.61 22.52 110.53
C LEU S 1577 -19.15 23.87 110.05
N ALA S 1578 -18.63 24.96 110.62
CA ALA S 1578 -19.01 26.28 110.15
C ALA S 1578 -18.54 26.50 108.71
N VAL S 1579 -17.45 25.85 108.32
CA VAL S 1579 -17.01 25.89 106.93
C VAL S 1579 -18.07 25.28 106.03
N LEU S 1580 -18.63 24.13 106.41
CA LEU S 1580 -19.72 23.56 105.64
C LEU S 1580 -20.96 24.43 105.68
N GLU S 1581 -21.23 25.07 106.82
CA GLU S 1581 -22.37 25.97 106.92
C GLU S 1581 -22.25 27.12 105.92
N LEU S 1582 -21.07 27.71 105.82
CA LEU S 1582 -20.82 28.74 104.81
C LEU S 1582 -20.89 28.14 103.41
N MET S 1583 -20.40 26.91 103.25
CA MET S 1583 -20.42 26.26 101.94
C MET S 1583 -21.83 26.09 101.42
N GLN S 1584 -22.77 25.75 102.29
CA GLN S 1584 -24.17 25.68 101.88
C GLN S 1584 -24.68 27.07 101.48
N SER S 1585 -24.29 28.10 102.23
CA SER S 1585 -24.62 29.47 101.89
C SER S 1585 -23.61 30.08 100.92
N SER S 1586 -22.63 29.32 100.47
CA SER S 1586 -21.64 29.80 99.52
C SER S 1586 -22.18 29.92 98.11
N VAL S 1587 -23.34 29.30 97.82
CA VAL S 1587 -23.85 29.25 96.45
C VAL S 1587 -24.06 30.65 95.89
N ASP S 1588 -24.39 31.61 96.75
CA ASP S 1588 -24.53 33.01 96.35
C ASP S 1588 -23.42 33.87 96.93
N ASN S 1589 -23.22 33.85 98.24
CA ASN S 1589 -22.12 34.57 98.88
C ASN S 1589 -20.85 33.78 98.63
N THR S 1590 -20.10 34.19 97.60
CA THR S 1590 -18.91 33.48 97.16
C THR S 1590 -17.62 34.19 97.54
N LYS S 1591 -17.55 35.50 97.31
CA LYS S 1591 -16.28 36.23 97.49
C LYS S 1591 -15.80 36.15 98.94
N MET S 1592 -16.72 36.19 99.90
CA MET S 1592 -16.31 36.21 101.30
C MET S 1592 -15.93 34.82 101.80
N VAL S 1593 -16.75 33.82 101.46
CA VAL S 1593 -16.38 32.45 101.79
C VAL S 1593 -15.11 32.05 101.05
N SER S 1594 -14.93 32.53 99.81
CA SER S 1594 -13.68 32.30 99.12
C SER S 1594 -12.51 33.01 99.80
N ALA S 1595 -12.76 34.20 100.35
CA ALA S 1595 -11.70 34.92 101.05
C ALA S 1595 -11.23 34.14 102.27
N VAL S 1596 -12.18 33.68 103.10
CA VAL S 1596 -11.80 32.92 104.28
C VAL S 1596 -11.24 31.55 103.88
N LEU S 1597 -11.73 30.98 102.78
CA LEU S 1597 -11.19 29.72 102.30
C LEU S 1597 -9.74 29.87 101.92
N ASN S 1598 -9.42 30.85 101.08
CA ASN S 1598 -8.03 31.11 100.74
C ASN S 1598 -7.22 31.51 101.94
N GLY S 1599 -7.85 32.09 102.97
CA GLY S 1599 -7.15 32.29 104.23
C GLY S 1599 -6.69 30.98 104.82
N MET S 1600 -7.59 30.00 104.88
CA MET S 1600 -7.19 28.63 105.22
C MET S 1600 -6.04 28.14 104.35
N LEU S 1601 -6.20 28.27 103.04
CA LEU S 1601 -5.26 27.64 102.10
C LEU S 1601 -3.86 28.22 102.25
N ASP S 1602 -3.75 29.55 102.18
CA ASP S 1602 -2.45 30.19 102.29
C ASP S 1602 -1.93 30.24 103.73
N GLN S 1603 -2.79 30.06 104.74
CA GLN S 1603 -2.30 29.93 106.09
C GLN S 1603 -1.60 28.59 106.28
N SER S 1604 -2.29 27.50 105.91
CA SER S 1604 -1.66 26.19 105.96
C SER S 1604 -0.49 26.07 105.00
N PHE S 1605 -0.52 26.82 103.88
CA PHE S 1605 0.66 26.93 103.04
C PHE S 1605 1.79 27.61 103.79
N ARG S 1606 1.48 28.70 104.50
CA ARG S 1606 2.46 29.32 105.38
C ARG S 1606 2.73 28.45 106.60
N GLU S 1607 1.71 27.73 107.07
CA GLU S 1607 1.85 26.79 108.18
C GLU S 1607 2.40 25.45 107.66
N ARG S 1608 3.50 25.54 106.93
CA ARG S 1608 4.20 24.37 106.43
C ARG S 1608 5.48 24.07 107.19
N ALA S 1609 6.03 25.06 107.91
CA ALA S 1609 7.25 24.84 108.68
C ALA S 1609 7.02 23.81 109.77
N ASN S 1610 5.90 23.93 110.50
CA ASN S 1610 5.60 22.94 111.54
C ASN S 1610 5.17 21.62 110.93
N GLN S 1611 4.08 21.63 110.16
CA GLN S 1611 3.62 20.45 109.45
C GLN S 1611 2.57 20.86 108.44
N LYS S 1612 2.61 20.23 107.27
CA LYS S 1612 1.61 20.43 106.24
C LYS S 1612 0.38 19.56 106.46
N HIS S 1613 0.40 18.71 107.49
CA HIS S 1613 -0.65 17.71 107.69
C HIS S 1613 -1.95 18.33 108.18
N GLN S 1614 -1.88 19.42 108.95
CA GLN S 1614 -3.08 20.16 109.31
C GLN S 1614 -3.80 20.62 108.05
N GLY S 1615 -3.05 21.23 107.13
CA GLY S 1615 -3.61 21.60 105.85
C GLY S 1615 -4.06 20.40 105.03
N LEU S 1616 -3.34 19.28 105.14
CA LEU S 1616 -3.76 18.06 104.45
C LEU S 1616 -5.16 17.64 104.90
N LYS S 1617 -5.39 17.58 106.21
CA LYS S 1617 -6.69 17.15 106.72
C LYS S 1617 -7.77 18.17 106.38
N LEU S 1618 -7.47 19.46 106.52
CA LEU S 1618 -8.47 20.48 106.20
C LEU S 1618 -8.82 20.45 104.72
N ALA S 1619 -7.81 20.25 103.86
CA ALA S 1619 -8.05 20.17 102.42
C ALA S 1619 -8.83 18.90 102.07
N THR S 1620 -8.58 17.80 102.78
CA THR S 1620 -9.39 16.60 102.56
C THR S 1620 -10.85 16.85 102.93
N THR S 1621 -11.08 17.52 104.05
CA THR S 1621 -12.46 17.80 104.46
C THR S 1621 -13.15 18.74 103.46
N ILE S 1622 -12.45 19.78 103.01
CA ILE S 1622 -13.06 20.67 102.03
C ILE S 1622 -13.19 19.97 100.68
N LEU S 1623 -12.36 18.97 100.40
CA LEU S 1623 -12.55 18.18 99.18
C LEU S 1623 -13.80 17.31 99.30
N GLN S 1624 -14.10 16.83 100.51
CA GLN S 1624 -15.39 16.19 100.75
C GLN S 1624 -16.52 17.17 100.51
N HIS S 1625 -16.36 18.42 100.98
CA HIS S 1625 -17.38 19.45 100.86
C HIS S 1625 -17.38 20.11 99.47
N TRP S 1626 -16.51 19.66 98.58
CA TRP S 1626 -16.38 20.27 97.25
C TRP S 1626 -17.71 20.31 96.51
N LYS S 1627 -18.44 19.21 96.49
CA LYS S 1627 -19.61 19.09 95.63
C LYS S 1627 -20.88 19.68 96.23
N LYS S 1628 -20.77 20.48 97.31
CA LYS S 1628 -21.95 21.13 97.85
C LYS S 1628 -22.53 22.14 96.87
N CYS S 1629 -21.67 22.89 96.18
CA CYS S 1629 -22.09 23.88 95.20
C CYS S 1629 -21.59 23.45 93.82
N ASP S 1630 -22.47 22.85 93.03
CA ASP S 1630 -22.14 22.42 91.69
C ASP S 1630 -22.54 23.45 90.63
N SER S 1631 -23.02 24.61 91.05
CA SER S 1631 -23.40 25.71 90.16
C SER S 1631 -22.21 26.44 89.60
N TRP S 1632 -21.03 25.85 89.77
CA TRP S 1632 -19.77 26.49 89.42
C TRP S 1632 -18.92 25.59 88.55
N TRP S 1633 -17.64 25.92 88.41
CA TRP S 1633 -16.63 25.10 87.72
C TRP S 1633 -17.07 24.68 86.32
N ALA S 1634 -17.92 25.48 85.70
CA ALA S 1634 -18.40 25.24 84.34
C ALA S 1634 -18.90 26.59 83.80
N LYS S 1635 -19.66 26.55 82.71
CA LYS S 1635 -20.32 27.76 82.25
C LYS S 1635 -21.56 28.02 83.08
N ASP S 1636 -21.41 28.03 84.39
CA ASP S 1636 -22.48 28.31 85.33
C ASP S 1636 -22.07 29.26 86.44
N SER S 1637 -20.77 29.53 86.59
CA SER S 1637 -20.20 30.44 87.57
C SER S 1637 -19.63 31.67 86.87
N PRO S 1638 -19.77 32.85 87.48
CA PRO S 1638 -19.18 34.07 86.89
C PRO S 1638 -17.68 33.97 86.78
N LEU S 1639 -17.10 34.94 86.05
CA LEU S 1639 -15.65 34.97 85.87
C LEU S 1639 -14.94 35.06 87.22
N GLU S 1640 -15.46 35.88 88.13
CA GLU S 1640 -14.91 35.90 89.48
C GLU S 1640 -15.09 34.55 90.17
N THR S 1641 -16.25 33.93 90.00
CA THR S 1641 -16.43 32.61 90.61
C THR S 1641 -15.68 31.52 89.87
N LYS S 1642 -15.48 31.67 88.56
CA LYS S 1642 -14.61 30.73 87.84
C LYS S 1642 -13.19 30.80 88.36
N MET S 1643 -12.64 32.02 88.48
CA MET S 1643 -11.28 32.12 89.01
C MET S 1643 -11.24 31.71 90.46
N ALA S 1644 -12.34 31.86 91.20
CA ALA S 1644 -12.39 31.36 92.56
C ALA S 1644 -12.28 29.83 92.58
N VAL S 1645 -13.13 29.15 91.82
CA VAL S 1645 -13.12 27.69 91.84
C VAL S 1645 -11.82 27.15 91.26
N LEU S 1646 -11.10 27.95 90.47
CA LEU S 1646 -9.78 27.55 90.00
C LEU S 1646 -8.72 27.80 91.06
N ALA S 1647 -8.59 29.05 91.51
CA ALA S 1647 -7.47 29.47 92.35
C ALA S 1647 -7.58 28.87 93.75
N LEU S 1648 -8.80 28.71 94.27
CA LEU S 1648 -8.93 28.11 95.59
C LEU S 1648 -8.49 26.65 95.58
N LEU S 1649 -8.84 25.91 94.53
CA LEU S 1649 -8.31 24.56 94.40
C LEU S 1649 -6.80 24.58 94.20
N ALA S 1650 -6.31 25.57 93.46
CA ALA S 1650 -4.88 25.71 93.28
C ALA S 1650 -4.15 25.93 94.60
N LYS S 1651 -4.70 26.77 95.47
CA LYS S 1651 -4.09 26.99 96.78
C LYS S 1651 -4.33 25.81 97.71
N ILE S 1652 -5.40 25.06 97.50
CA ILE S 1652 -5.58 23.80 98.22
C ILE S 1652 -4.42 22.87 97.93
N LEU S 1653 -4.06 22.75 96.66
CA LEU S 1653 -2.92 21.93 96.28
C LEU S 1653 -1.59 22.60 96.61
N GLN S 1654 -1.60 23.93 96.78
CA GLN S 1654 -0.44 24.67 97.26
C GLN S 1654 -0.20 24.46 98.74
N ILE S 1655 -1.23 24.09 99.50
CA ILE S 1655 -1.06 23.79 100.91
C ILE S 1655 0.01 22.73 101.11
N ASP S 1656 -0.05 21.68 100.30
CA ASP S 1656 0.90 20.57 100.30
C ASP S 1656 1.75 20.63 99.03
N SER S 1657 2.56 19.59 98.84
CA SER S 1657 3.37 19.49 97.64
C SER S 1657 2.48 19.29 96.41
N SER S 1658 2.99 19.76 95.26
CA SER S 1658 2.26 19.63 94.01
C SER S 1658 2.12 18.19 93.55
N VAL S 1659 2.95 17.28 94.05
CA VAL S 1659 2.82 15.88 93.66
C VAL S 1659 1.55 15.26 94.27
N SER S 1660 1.19 15.68 95.47
CA SER S 1660 0.06 15.10 96.17
C SER S 1660 -1.26 15.48 95.50
N PHE S 1661 -2.29 14.68 95.75
CA PHE S 1661 -3.62 14.86 95.18
C PHE S 1661 -3.57 14.87 93.65
N ASN S 1662 -3.11 13.75 93.10
CA ASN S 1662 -3.14 13.51 91.66
C ASN S 1662 -3.82 12.20 91.29
N THR S 1663 -3.95 11.27 92.21
CA THR S 1663 -4.66 10.00 92.00
C THR S 1663 -5.81 9.97 93.00
N SER S 1664 -6.83 9.15 92.69
CA SER S 1664 -8.04 9.04 93.48
C SER S 1664 -7.72 8.95 94.98
N HIS S 1665 -8.23 9.92 95.74
CA HIS S 1665 -7.95 10.05 97.17
C HIS S 1665 -9.25 10.28 97.94
N GLY S 1666 -10.26 9.45 97.66
CA GLY S 1666 -11.54 9.62 98.32
C GLY S 1666 -12.45 10.54 97.55
N SER S 1667 -12.49 11.81 97.94
CA SER S 1667 -13.22 12.83 97.20
C SER S 1667 -12.40 13.41 96.06
N PHE S 1668 -11.17 12.94 95.86
CA PHE S 1668 -10.39 13.41 94.72
C PHE S 1668 -11.00 13.07 93.36
N PRO S 1669 -11.58 11.88 93.13
CA PRO S 1669 -12.10 11.60 91.78
C PRO S 1669 -13.11 12.61 91.26
N GLU S 1670 -14.01 13.11 92.11
CA GLU S 1670 -15.02 14.05 91.63
C GLU S 1670 -14.39 15.39 91.25
N VAL S 1671 -13.52 15.93 92.11
CA VAL S 1671 -12.85 17.19 91.79
C VAL S 1671 -11.91 17.01 90.62
N PHE S 1672 -11.39 15.80 90.42
CA PHE S 1672 -10.48 15.53 89.32
C PHE S 1672 -11.22 15.47 87.99
N THR S 1673 -12.39 14.83 87.97
CA THR S 1673 -13.23 14.89 86.78
C THR S 1673 -13.68 16.32 86.50
N THR S 1674 -14.01 17.06 87.56
CA THR S 1674 -14.33 18.47 87.39
C THR S 1674 -13.16 19.26 86.81
N TYR S 1675 -11.94 18.93 87.24
CA TYR S 1675 -10.75 19.59 86.72
C TYR S 1675 -10.50 19.20 85.27
N ILE S 1676 -10.77 17.95 84.92
CA ILE S 1676 -10.71 17.53 83.53
C ILE S 1676 -11.66 18.36 82.68
N SER S 1677 -12.89 18.53 83.17
CA SER S 1677 -13.87 19.34 82.45
C SER S 1677 -13.42 20.80 82.37
N LEU S 1678 -12.86 21.33 83.45
CA LEU S 1678 -12.42 22.72 83.46
C LEU S 1678 -11.29 22.94 82.46
N LEU S 1679 -10.36 22.00 82.36
CA LEU S 1679 -9.38 22.05 81.29
C LEU S 1679 -10.05 21.97 79.93
N ALA S 1680 -11.05 21.08 79.81
CA ALA S 1680 -11.83 20.98 78.59
C ALA S 1680 -12.71 22.21 78.37
N ASP S 1681 -12.90 23.04 79.40
CA ASP S 1681 -13.74 24.22 79.27
C ASP S 1681 -13.03 25.26 78.40
N THR S 1682 -13.35 25.29 77.11
CA THR S 1682 -12.77 26.27 76.21
C THR S 1682 -13.16 27.69 76.59
N LYS S 1683 -14.21 27.85 77.38
CA LYS S 1683 -14.63 29.19 77.79
C LYS S 1683 -13.56 29.89 78.61
N LEU S 1684 -12.75 29.12 79.34
CA LEU S 1684 -11.62 29.70 80.04
C LEU S 1684 -10.62 30.26 79.05
N ASP S 1685 -10.00 31.38 79.41
CA ASP S 1685 -8.97 31.98 78.57
C ASP S 1685 -7.80 31.03 78.44
N LEU S 1686 -7.06 31.16 77.33
CA LEU S 1686 -5.87 30.34 77.16
C LEU S 1686 -4.88 30.57 78.30
N HIS S 1687 -4.82 31.79 78.83
CA HIS S 1687 -4.12 32.02 80.08
C HIS S 1687 -4.76 31.23 81.22
N LEU S 1688 -6.10 31.28 81.32
CA LEU S 1688 -6.78 30.50 82.33
C LEU S 1688 -6.67 29.01 82.06
N LYS S 1689 -6.71 28.60 80.79
CA LYS S 1689 -6.50 27.20 80.46
C LYS S 1689 -5.14 26.73 80.94
N GLY S 1690 -4.09 27.50 80.67
CA GLY S 1690 -2.76 27.13 81.13
C GLY S 1690 -2.62 27.18 82.63
N GLN S 1691 -3.27 28.14 83.28
CA GLN S 1691 -3.23 28.19 84.73
C GLN S 1691 -3.92 26.99 85.36
N ALA S 1692 -4.93 26.45 84.66
CA ALA S 1692 -5.52 25.18 85.09
C ALA S 1692 -4.60 24.01 84.73
N VAL S 1693 -3.84 24.14 83.64
CA VAL S 1693 -2.86 23.12 83.29
C VAL S 1693 -1.79 23.02 84.36
N THR S 1694 -1.49 24.12 85.03
CA THR S 1694 -0.39 24.21 85.99
C THR S 1694 -0.40 23.08 87.01
N LEU S 1695 -1.52 22.35 87.11
CA LEU S 1695 -1.58 21.11 87.85
C LEU S 1695 -0.97 19.94 87.07
N LEU S 1696 -0.26 20.22 85.98
CA LEU S 1696 0.39 19.16 85.22
C LEU S 1696 1.44 18.39 86.01
N PRO S 1697 2.31 19.02 86.81
CA PRO S 1697 3.28 18.22 87.58
C PRO S 1697 2.64 17.18 88.48
N PHE S 1698 1.35 17.33 88.79
CA PHE S 1698 0.63 16.29 89.50
C PHE S 1698 0.64 15.00 88.70
N PHE S 1699 0.47 15.10 87.38
CA PHE S 1699 0.34 13.93 86.52
C PHE S 1699 1.58 13.71 85.69
N LEU S 1707 -4.76 11.76 85.08
CA LEU S 1707 -4.61 10.33 84.85
C LEU S 1707 -4.63 10.02 83.35
N GLU S 1708 -5.42 9.02 82.98
CA GLU S 1708 -5.52 8.61 81.58
C GLU S 1708 -6.59 9.38 80.84
N GLU S 1709 -7.81 9.44 81.38
CA GLU S 1709 -8.90 10.16 80.73
C GLU S 1709 -8.67 11.66 80.71
N LEU S 1710 -7.81 12.18 81.59
CA LEU S 1710 -7.48 13.61 81.56
C LEU S 1710 -6.76 13.98 80.27
N ARG S 1711 -6.02 13.03 79.70
CA ARG S 1711 -5.24 13.30 78.49
C ARG S 1711 -6.13 13.69 77.31
N ARG S 1712 -7.33 13.11 77.22
CA ARG S 1712 -8.12 13.18 75.99
C ARG S 1712 -8.53 14.61 75.66
N VAL S 1713 -9.14 15.31 76.62
CA VAL S 1713 -9.67 16.64 76.34
C VAL S 1713 -8.53 17.63 76.09
N LEU S 1714 -7.45 17.53 76.88
CA LEU S 1714 -6.30 18.39 76.65
C LEU S 1714 -5.72 18.15 75.27
N GLU S 1715 -5.70 16.90 74.81
CA GLU S 1715 -5.18 16.59 73.49
C GLU S 1715 -5.86 17.43 72.41
N GLN S 1716 -7.20 17.49 72.44
CA GLN S 1716 -7.91 18.23 71.41
C GLN S 1716 -7.87 19.73 71.63
N LEU S 1717 -7.88 20.20 72.88
CA LEU S 1717 -7.88 21.65 73.07
C LEU S 1717 -6.53 22.29 72.78
N ILE S 1718 -5.43 21.67 73.24
CA ILE S 1718 -4.12 22.27 72.97
C ILE S 1718 -3.88 22.36 71.47
N VAL S 1719 -4.47 21.45 70.70
CA VAL S 1719 -4.47 21.60 69.25
C VAL S 1719 -5.23 22.85 68.85
N ALA S 1720 -6.38 23.08 69.48
CA ALA S 1720 -7.31 24.13 69.10
C ALA S 1720 -6.77 25.53 69.31
N HIS S 1721 -5.55 25.71 69.80
CA HIS S 1721 -4.98 27.03 70.05
C HIS S 1721 -3.96 27.46 69.01
N PHE S 1722 -3.11 26.54 68.55
CA PHE S 1722 -2.12 26.85 67.52
C PHE S 1722 -1.96 25.62 66.63
N PRO S 1723 -2.28 25.72 65.33
CA PRO S 1723 -2.35 24.50 64.50
C PRO S 1723 -1.02 23.77 64.40
N MET S 1724 -0.07 24.45 63.75
CA MET S 1724 1.29 23.94 63.57
C MET S 1724 2.33 25.03 63.78
N GLN S 1725 1.94 26.30 63.69
CA GLN S 1725 2.86 27.42 63.67
C GLN S 1725 2.14 28.55 64.38
N SER S 1726 2.56 28.83 65.62
CA SER S 1726 1.90 29.88 66.39
C SER S 1726 1.96 31.22 65.69
N ARG S 1727 2.92 31.41 64.78
CA ARG S 1727 3.11 32.60 63.97
C ARG S 1727 1.93 32.90 63.07
N GLU S 1728 0.89 32.05 63.13
CA GLU S 1728 -0.39 32.40 62.54
C GLU S 1728 -0.86 33.76 63.01
N PHE S 1729 -0.66 34.06 64.30
CA PHE S 1729 -0.90 35.29 65.03
C PHE S 1729 0.31 36.21 64.97
N PRO S 1730 0.08 37.51 65.07
CA PRO S 1730 1.20 38.46 65.03
C PRO S 1730 2.20 38.18 66.14
N PRO S 1731 3.42 37.79 65.80
CA PRO S 1731 4.39 37.42 66.83
C PRO S 1731 4.71 38.59 67.75
N GLY S 1732 4.96 38.25 69.02
CA GLY S 1732 5.20 39.24 70.04
C GLY S 1732 3.95 39.67 70.79
N THR S 1733 2.80 39.64 70.12
CA THR S 1733 1.56 39.99 70.80
C THR S 1733 1.25 38.95 71.87
N PRO S 1734 0.72 39.37 73.02
CA PRO S 1734 0.38 38.40 74.06
C PRO S 1734 -0.64 37.37 73.63
N ARG S 1735 -1.54 37.71 72.70
CA ARG S 1735 -2.42 36.70 72.12
C ARG S 1735 -1.61 35.65 71.37
N PHE S 1736 -0.60 36.08 70.62
CA PHE S 1736 0.42 35.16 70.13
C PHE S 1736 1.15 34.46 71.27
N ASN S 1737 1.53 35.22 72.31
CA ASN S 1737 2.37 34.68 73.36
C ASN S 1737 1.67 33.59 74.16
N ASN S 1738 0.34 33.54 74.13
CA ASN S 1738 -0.37 32.49 74.85
C ASN S 1738 -0.04 31.11 74.29
N TYR S 1739 0.12 31.02 72.97
CA TYR S 1739 0.41 29.73 72.35
C TYR S 1739 1.72 29.15 72.87
N VAL S 1740 2.77 29.98 72.91
CA VAL S 1740 4.05 29.50 73.44
C VAL S 1740 4.03 29.42 74.96
N ASP S 1741 3.19 30.20 75.63
CA ASP S 1741 3.06 30.07 77.07
C ASP S 1741 2.44 28.73 77.44
N CYS S 1742 1.63 28.16 76.55
CA CYS S 1742 1.17 26.80 76.77
C CYS S 1742 2.35 25.86 76.98
N MET S 1743 3.30 25.87 76.05
CA MET S 1743 4.46 24.99 76.20
C MET S 1743 5.38 25.46 77.32
N LYS S 1744 5.36 26.75 77.64
CA LYS S 1744 6.09 27.22 78.80
C LYS S 1744 5.58 26.56 80.07
N LYS S 1745 4.25 26.44 80.19
CA LYS S 1745 3.67 25.75 81.33
C LYS S 1745 3.83 24.24 81.21
N PHE S 1746 4.00 23.72 80.00
CA PHE S 1746 4.21 22.28 79.85
C PHE S 1746 5.64 21.88 80.21
N LEU S 1747 6.60 22.76 79.97
CA LEU S 1747 8.01 22.38 80.04
C LEU S 1747 8.48 22.22 81.48
N ASP S 1748 8.09 23.14 82.36
CA ASP S 1748 8.48 22.98 83.76
C ASP S 1748 7.87 21.72 84.36
N ALA S 1749 6.64 21.38 83.94
CA ALA S 1749 6.03 20.13 84.38
C ALA S 1749 6.80 18.93 83.86
N LEU S 1750 7.15 18.93 82.58
CA LEU S 1750 7.94 17.83 82.03
C LEU S 1750 9.32 17.75 82.65
N GLU S 1751 9.83 18.86 83.19
CA GLU S 1751 11.06 18.79 83.96
C GLU S 1751 10.82 18.16 85.32
N LEU S 1752 9.73 18.53 85.98
CA LEU S 1752 9.41 17.97 87.28
C LEU S 1752 8.76 16.59 87.14
N SER S 1753 7.63 16.52 86.45
CA SER S 1753 6.92 15.25 86.31
C SER S 1753 7.71 14.25 85.47
N GLN S 1754 8.54 14.75 84.54
CA GLN S 1754 9.38 13.93 83.67
C GLN S 1754 8.63 12.72 83.12
N SER S 1755 7.38 12.94 82.76
CA SER S 1755 6.52 11.84 82.32
C SER S 1755 6.71 11.57 80.83
N PRO S 1756 6.76 10.30 80.43
CA PRO S 1756 6.70 10.00 78.99
C PRO S 1756 5.41 10.49 78.36
N MET S 1757 4.34 10.56 79.14
CA MET S 1757 3.08 11.08 78.62
C MET S 1757 3.23 12.54 78.22
N LEU S 1758 3.80 13.37 79.11
CA LEU S 1758 4.10 14.75 78.75
C LEU S 1758 5.09 14.82 77.61
N LEU S 1759 6.11 13.95 77.65
CA LEU S 1759 7.13 13.94 76.61
C LEU S 1759 6.50 13.77 75.24
N GLU S 1760 5.67 12.74 75.07
CA GLU S 1760 4.99 12.52 73.81
C GLU S 1760 3.90 13.55 73.56
N LEU S 1761 3.41 14.21 74.61
CA LEU S 1761 2.46 15.30 74.41
C LEU S 1761 3.09 16.44 73.63
N MET S 1762 4.23 16.93 74.10
CA MET S 1762 4.85 18.09 73.44
C MET S 1762 5.91 17.74 72.41
N THR S 1763 6.29 16.47 72.26
CA THR S 1763 7.24 16.13 71.20
C THR S 1763 6.60 16.28 69.83
N GLU S 1764 5.40 15.73 69.65
CA GLU S 1764 4.68 15.95 68.40
C GLU S 1764 4.29 17.41 68.25
N VAL S 1765 4.16 18.15 69.35
CA VAL S 1765 4.00 19.59 69.25
C VAL S 1765 5.21 20.21 68.58
N LEU S 1766 6.41 19.77 68.98
CA LEU S 1766 7.60 20.15 68.22
C LEU S 1766 7.56 19.62 66.80
N CYS S 1767 6.87 18.50 66.58
CA CYS S 1767 6.92 17.85 65.28
C CYS S 1767 5.85 18.38 64.32
N ARG S 1768 5.78 19.71 64.20
CA ARG S 1768 5.09 20.36 63.10
C ARG S 1768 5.98 21.33 62.33
N GLU S 1769 6.67 22.21 63.04
CA GLU S 1769 7.46 23.27 62.43
C GLU S 1769 8.74 23.40 63.24
N GLN S 1770 9.43 24.53 63.06
CA GLN S 1770 10.62 24.85 63.85
C GLN S 1770 10.36 26.13 64.64
N GLN S 1771 10.74 26.11 65.92
CA GLN S 1771 10.65 27.26 66.82
C GLN S 1771 9.21 27.72 67.03
N HIS S 1772 8.24 26.87 66.67
CA HIS S 1772 6.85 27.10 66.98
C HIS S 1772 6.49 26.64 68.39
N VAL S 1773 7.45 26.08 69.11
CA VAL S 1773 7.21 25.48 70.42
C VAL S 1773 8.14 26.21 71.41
N MET S 1774 8.51 27.43 71.06
CA MET S 1774 9.53 28.17 71.80
C MET S 1774 10.77 27.28 71.93
N GLU S 1775 11.19 26.73 70.79
CA GLU S 1775 12.08 25.57 70.81
C GLU S 1775 13.42 25.88 71.45
N GLU S 1776 13.97 27.06 71.18
CA GLU S 1776 15.26 27.43 71.76
C GLU S 1776 15.28 27.22 73.27
N LEU S 1777 14.13 27.33 73.93
CA LEU S 1777 14.02 26.87 75.30
C LEU S 1777 13.45 25.46 75.39
N PHE S 1778 12.69 25.03 74.39
CA PHE S 1778 12.03 23.73 74.44
C PHE S 1778 13.03 22.59 74.52
N GLN S 1779 13.82 22.40 73.45
CA GLN S 1779 14.81 21.34 73.54
C GLN S 1779 15.96 21.66 74.48
N SER S 1780 16.15 22.92 74.89
CA SER S 1780 17.11 23.19 75.96
C SER S 1780 16.64 22.56 77.27
N SER S 1781 15.37 22.78 77.62
CA SER S 1781 14.78 22.08 78.75
C SER S 1781 14.82 20.57 78.54
N PHE S 1782 14.71 20.14 77.29
CA PHE S 1782 14.83 18.70 77.02
C PHE S 1782 16.24 18.19 77.33
N ARG S 1783 17.26 18.99 77.05
CA ARG S 1783 18.61 18.64 77.51
C ARG S 1783 18.64 18.54 79.02
N ARG S 1784 18.09 19.55 79.69
CA ARG S 1784 18.16 19.59 81.15
C ARG S 1784 17.37 18.47 81.80
N ILE S 1785 16.38 17.91 81.11
CA ILE S 1785 15.67 16.75 81.63
C ILE S 1785 16.27 15.43 81.14
N ALA S 1786 17.08 15.46 80.08
CA ALA S 1786 17.76 14.24 79.65
C ALA S 1786 18.74 13.75 80.70
N ARG S 1787 19.28 14.66 81.51
CA ARG S 1787 19.99 14.25 82.71
C ARG S 1787 19.03 13.84 83.81
N ARG S 1788 17.82 14.38 83.80
CA ARG S 1788 16.85 14.12 84.85
C ARG S 1788 16.07 12.84 84.56
N GLY S 1789 15.16 12.49 85.46
CA GLY S 1789 14.36 11.30 85.32
C GLY S 1789 15.11 10.04 85.72
N SER S 1790 14.42 9.12 86.39
CA SER S 1790 15.05 7.86 86.72
C SER S 1790 15.32 7.06 85.46
N CYS S 1791 16.33 6.18 85.53
CA CYS S 1791 16.69 5.39 84.36
C CYS S 1791 15.50 4.61 83.83
N VAL S 1792 14.64 4.11 84.72
CA VAL S 1792 13.41 3.49 84.29
C VAL S 1792 12.47 4.52 83.65
N THR S 1793 12.39 5.71 84.25
CA THR S 1793 11.61 6.78 83.62
C THR S 1793 12.21 7.18 82.30
N GLN S 1794 13.54 7.25 82.22
CA GLN S 1794 14.20 7.58 80.97
C GLN S 1794 13.87 6.54 79.90
N VAL S 1795 13.92 5.26 80.24
CA VAL S 1795 13.63 4.22 79.27
C VAL S 1795 12.14 4.26 78.88
N GLY S 1796 11.27 4.57 79.83
CA GLY S 1796 9.86 4.72 79.50
C GLY S 1796 9.64 5.84 78.50
N LEU S 1797 10.29 6.98 78.71
CA LEU S 1797 10.26 8.05 77.72
C LEU S 1797 10.79 7.56 76.38
N LEU S 1798 11.91 6.83 76.43
CA LEU S 1798 12.57 6.37 75.20
C LEU S 1798 11.65 5.49 74.38
N GLU S 1799 10.98 4.55 75.03
CA GLU S 1799 10.08 3.67 74.28
C GLU S 1799 8.79 4.39 73.91
N SER S 1800 8.40 5.40 74.69
CA SER S 1800 7.23 6.19 74.31
C SER S 1800 7.47 6.91 72.99
N VAL S 1801 8.66 7.47 72.81
CA VAL S 1801 8.98 8.14 71.55
C VAL S 1801 9.79 7.25 70.62
N TYR S 1802 9.88 5.96 70.92
CA TYR S 1802 10.48 5.03 69.97
C TYR S 1802 9.65 4.94 68.70
N GLU S 1803 8.33 4.81 68.86
CA GLU S 1803 7.47 4.60 67.70
C GLU S 1803 7.25 5.88 66.90
N MET S 1804 7.43 7.05 67.52
CA MET S 1804 7.10 8.29 66.83
C MET S 1804 8.01 8.51 65.63
N PHE S 1805 9.24 7.98 65.68
CA PHE S 1805 10.08 8.01 64.48
C PHE S 1805 9.41 7.27 63.33
N ARG S 1806 8.62 6.24 63.64
CA ARG S 1806 7.80 5.58 62.64
C ARG S 1806 6.51 6.37 62.43
N THR S 1815 9.05 15.63 58.24
CA THR S 1815 9.42 14.39 57.57
C THR S 1815 9.53 13.24 58.57
N ARG S 1816 9.79 12.04 58.07
CA ARG S 1816 9.91 10.87 58.93
C ARG S 1816 11.11 11.01 59.87
N GLN S 1817 12.25 11.43 59.35
CA GLN S 1817 13.43 11.56 60.20
C GLN S 1817 13.30 12.73 61.17
N SER S 1818 12.71 13.83 60.71
CA SER S 1818 12.61 15.03 61.54
C SER S 1818 11.85 14.76 62.83
N PHE S 1819 11.05 13.70 62.86
CA PHE S 1819 10.53 13.17 64.12
C PHE S 1819 11.65 13.01 65.13
N VAL S 1820 12.57 12.11 64.82
CA VAL S 1820 13.58 11.70 65.80
C VAL S 1820 14.68 12.75 65.92
N ASP S 1821 15.01 13.41 64.79
CA ASP S 1821 16.20 14.25 64.74
C ASP S 1821 16.14 15.36 65.79
N ARG S 1822 15.11 16.19 65.72
CA ARG S 1822 15.07 17.40 66.53
C ARG S 1822 15.00 17.09 68.02
N SER S 1823 14.37 15.98 68.38
CA SER S 1823 14.01 15.72 69.77
C SER S 1823 14.85 14.62 70.40
N LEU S 1824 14.82 13.41 69.83
CA LEU S 1824 15.46 12.28 70.48
C LEU S 1824 16.96 12.48 70.60
N LEU S 1825 17.61 12.84 69.49
CA LEU S 1825 19.07 12.85 69.44
C LEU S 1825 19.65 13.65 70.59
N THR S 1826 18.99 14.76 70.94
CA THR S 1826 19.34 15.49 72.15
C THR S 1826 19.44 14.56 73.34
N LEU S 1827 18.32 13.94 73.71
CA LEU S 1827 18.28 13.10 74.90
C LEU S 1827 19.28 11.97 74.79
N LEU S 1828 19.35 11.34 73.62
CA LEU S 1828 20.32 10.27 73.38
C LEU S 1828 21.72 10.73 73.73
N TRP S 1829 22.06 11.97 73.39
CA TRP S 1829 23.35 12.50 73.81
C TRP S 1829 23.40 12.68 75.32
N HIS S 1830 22.34 13.23 75.90
CA HIS S 1830 22.37 13.63 77.30
C HIS S 1830 21.65 12.66 78.24
N CYS S 1831 21.18 11.53 77.73
CA CYS S 1831 20.62 10.53 78.63
C CYS S 1831 21.73 9.91 79.46
N SER S 1832 21.37 9.46 80.66
CA SER S 1832 22.31 8.74 81.51
C SER S 1832 22.79 7.49 80.78
N LEU S 1833 24.08 7.18 80.94
CA LEU S 1833 24.63 6.04 80.22
C LEU S 1833 24.32 4.75 80.96
N ASP S 1834 23.08 4.59 81.36
CA ASP S 1834 22.51 3.32 81.78
C ASP S 1834 21.17 3.05 81.14
N ALA S 1835 20.33 4.08 81.00
CA ALA S 1835 19.07 3.92 80.28
C ALA S 1835 19.33 3.69 78.80
N LEU S 1836 20.30 4.40 78.23
CA LEU S 1836 20.73 4.09 76.89
C LEU S 1836 21.44 2.74 76.82
N ARG S 1837 22.15 2.36 77.87
CA ARG S 1837 22.64 0.99 77.96
C ARG S 1837 21.49 0.00 78.05
N GLU S 1838 20.40 0.39 78.71
CA GLU S 1838 19.21 -0.45 78.75
C GLU S 1838 18.64 -0.65 77.37
N PHE S 1839 18.55 0.42 76.57
CA PHE S 1839 18.04 0.25 75.21
C PHE S 1839 19.05 -0.47 74.33
N PHE S 1840 20.35 -0.31 74.60
CA PHE S 1840 21.35 -1.15 73.97
C PHE S 1840 21.05 -2.62 74.18
N SER S 1841 20.83 -3.01 75.43
CA SER S 1841 20.37 -4.38 75.69
C SER S 1841 19.08 -4.67 74.94
N THR S 1842 18.22 -3.66 74.80
CA THR S 1842 17.02 -3.82 73.98
C THR S 1842 17.36 -3.95 72.50
N ILE S 1843 18.44 -3.31 72.05
CA ILE S 1843 18.78 -3.34 70.64
C ILE S 1843 20.11 -4.03 70.40
N VAL S 1844 20.42 -5.04 71.21
CA VAL S 1844 21.60 -5.87 70.96
C VAL S 1844 21.53 -6.46 69.57
N VAL S 1845 20.33 -6.83 69.11
CA VAL S 1845 20.12 -7.29 67.76
C VAL S 1845 18.99 -6.50 67.10
N ASP S 1846 18.23 -5.77 67.92
CA ASP S 1846 17.11 -5.00 67.41
C ASP S 1846 17.56 -3.85 66.51
N ALA S 1847 18.83 -3.49 66.54
CA ALA S 1847 19.32 -2.45 65.65
C ALA S 1847 19.90 -3.02 64.36
N ILE S 1848 20.60 -4.16 64.45
CA ILE S 1848 21.22 -4.74 63.27
C ILE S 1848 20.16 -5.14 62.26
N ASP S 1849 19.12 -5.84 62.71
CA ASP S 1849 18.07 -6.28 61.81
C ASP S 1849 17.33 -5.09 61.19
N VAL S 1850 16.97 -4.11 62.02
CA VAL S 1850 16.21 -2.98 61.51
C VAL S 1850 17.05 -2.13 60.56
N LEU S 1851 18.39 -2.20 60.69
CA LEU S 1851 19.26 -1.38 59.87
C LEU S 1851 18.99 -1.54 58.38
N LYS S 1852 18.63 -2.74 57.95
CA LYS S 1852 18.39 -2.99 56.53
C LYS S 1852 17.24 -2.16 55.98
N THR S 1862 7.06 6.98 49.13
CA THR S 1862 7.19 5.52 49.19
C THR S 1862 8.63 5.13 49.49
N PHE S 1863 9.43 5.01 48.43
CA PHE S 1863 10.83 4.63 48.61
C PHE S 1863 11.58 5.69 49.41
N ASP S 1864 11.19 6.96 49.25
CA ASP S 1864 11.72 8.01 50.11
C ASP S 1864 11.37 7.74 51.57
N THR S 1865 10.14 7.31 51.83
CA THR S 1865 9.74 7.02 53.20
C THR S 1865 10.56 5.87 53.79
N GLN S 1866 10.81 4.84 52.99
CA GLN S 1866 11.66 3.74 53.45
C GLN S 1866 13.07 4.23 53.75
N ILE S 1867 13.65 4.96 52.79
CA ILE S 1867 15.03 5.38 52.96
C ILE S 1867 15.17 6.43 54.05
N THR S 1868 14.08 7.10 54.45
CA THR S 1868 14.16 7.98 55.61
C THR S 1868 14.64 7.21 56.84
N LYS S 1869 13.97 6.11 57.16
CA LYS S 1869 14.42 5.29 58.29
C LYS S 1869 15.73 4.59 57.95
N LYS S 1870 15.87 4.08 56.73
CA LYS S 1870 17.08 3.40 56.32
C LYS S 1870 18.32 4.24 56.55
N MET S 1871 18.19 5.56 56.37
CA MET S 1871 19.28 6.50 56.47
C MET S 1871 19.39 7.13 57.84
N GLY S 1872 18.25 7.36 58.50
CA GLY S 1872 18.27 7.75 59.89
C GLY S 1872 18.98 6.73 60.75
N TYR S 1873 19.04 5.48 60.32
CA TYR S 1873 19.88 4.52 61.03
C TYR S 1873 21.33 5.02 61.10
N TYR S 1874 22.01 5.12 59.95
CA TYR S 1874 23.37 5.65 59.96
C TYR S 1874 23.45 7.02 60.61
N LYS S 1875 22.39 7.82 60.50
CA LYS S 1875 22.46 9.18 61.00
C LYS S 1875 22.40 9.25 62.52
N ILE S 1876 21.54 8.45 63.16
CA ILE S 1876 21.22 8.64 64.57
C ILE S 1876 21.68 7.47 65.42
N LEU S 1877 21.56 6.23 64.93
CA LEU S 1877 21.90 5.07 65.74
C LEU S 1877 23.35 5.10 66.18
N ASP S 1878 24.20 5.84 65.46
CA ASP S 1878 25.59 6.01 65.82
C ASP S 1878 25.79 6.77 67.13
N VAL S 1879 24.76 7.44 67.64
CA VAL S 1879 24.93 8.22 68.87
C VAL S 1879 25.19 7.30 70.05
N MET S 1880 24.63 6.09 70.03
CA MET S 1880 24.90 5.15 71.11
C MET S 1880 26.37 4.74 71.14
N TYR S 1881 27.07 4.83 70.02
CA TYR S 1881 28.49 4.50 70.02
C TYR S 1881 29.28 5.41 70.94
N SER S 1882 28.96 6.70 70.94
CA SER S 1882 29.71 7.67 71.73
C SER S 1882 29.66 7.33 73.22
N ARG S 1883 28.62 6.63 73.66
CA ARG S 1883 28.44 6.36 75.08
C ARG S 1883 29.54 5.49 75.68
N LEU S 1884 29.62 4.23 75.25
CA LEU S 1884 30.43 3.24 75.93
C LEU S 1884 30.78 2.14 74.93
N PRO S 1885 31.85 1.36 75.20
CA PRO S 1885 32.19 0.21 74.37
C PRO S 1885 31.43 -1.05 74.77
N ASN S 1909 25.65 -7.01 73.58
CA ASN S 1909 26.46 -7.55 74.66
C ASN S 1909 27.71 -8.21 74.11
N GLU S 1910 27.57 -9.46 73.69
CA GLU S 1910 28.62 -10.18 73.01
C GLU S 1910 28.45 -10.18 71.49
N LEU S 1911 27.41 -9.51 70.97
CA LEU S 1911 27.17 -9.41 69.54
C LEU S 1911 27.47 -8.00 69.01
N THR S 1912 28.24 -7.21 69.77
CA THR S 1912 28.47 -5.82 69.39
C THR S 1912 29.34 -5.71 68.14
N LYS S 1913 30.43 -6.49 68.10
CA LYS S 1913 31.43 -6.34 67.04
C LYS S 1913 30.96 -6.86 65.70
N THR S 1914 29.80 -7.54 65.65
CA THR S 1914 29.32 -8.08 64.38
C THR S 1914 29.02 -6.97 63.38
N LEU S 1915 28.42 -5.89 63.85
CA LEU S 1915 27.88 -4.84 62.98
C LEU S 1915 28.91 -3.81 62.56
N ILE S 1916 30.16 -3.94 63.00
CA ILE S 1916 31.12 -2.84 62.86
C ILE S 1916 31.39 -2.54 61.39
N LYS S 1917 31.55 -3.58 60.57
CA LYS S 1917 32.02 -3.40 59.20
C LYS S 1917 30.99 -2.74 58.30
N LEU S 1918 29.75 -2.58 58.75
CA LEU S 1918 28.67 -2.11 57.89
C LEU S 1918 28.71 -0.61 57.64
N CYS S 1919 29.78 0.07 58.02
CA CYS S 1919 29.82 1.52 58.00
C CYS S 1919 30.58 2.08 56.79
N TYR S 1920 31.86 1.72 56.64
CA TYR S 1920 32.67 2.33 55.60
C TYR S 1920 32.35 1.79 54.21
N ASP S 1921 31.48 0.78 54.13
CA ASP S 1921 30.95 0.32 52.85
C ASP S 1921 30.24 1.43 52.09
N ALA S 1922 30.10 2.61 52.69
CA ALA S 1922 29.22 3.66 52.19
C ALA S 1922 29.95 4.78 51.46
N PHE S 1923 31.22 5.04 51.77
CA PHE S 1923 31.88 6.25 51.28
C PHE S 1923 31.99 6.28 49.76
N THR S 1924 32.80 5.39 49.18
CA THR S 1924 32.89 5.33 47.72
C THR S 1924 31.58 4.87 47.10
N GLU S 1925 30.74 4.22 47.88
CA GLU S 1925 29.42 3.82 47.42
C GLU S 1925 28.62 5.03 46.95
N ASN S 1926 28.00 4.91 45.78
CA ASN S 1926 27.21 5.99 45.21
C ASN S 1926 25.79 6.00 45.79
N LEU S 1934 17.01 10.69 45.46
CA LEU S 1934 17.71 11.61 44.56
C LEU S 1934 18.72 12.42 45.35
N GLU S 1935 18.23 13.30 46.22
CA GLU S 1935 19.07 13.92 47.23
C GLU S 1935 19.56 12.91 48.24
N ARG S 1936 18.99 11.70 48.22
CA ARG S 1936 19.40 10.64 49.13
C ARG S 1936 20.87 10.30 49.00
N ARG S 1937 21.51 10.60 47.87
CA ARG S 1937 22.95 10.37 47.79
C ARG S 1937 23.73 11.31 48.71
N ARG S 1938 23.40 12.60 48.73
CA ARG S 1938 24.07 13.50 49.67
C ARG S 1938 23.62 13.23 51.10
N LEU S 1939 22.34 12.89 51.28
CA LEU S 1939 21.87 12.52 52.60
C LEU S 1939 22.55 11.25 53.10
N TYR S 1940 22.87 10.32 52.20
CA TYR S 1940 23.67 9.16 52.51
C TYR S 1940 25.11 9.54 52.82
N HIS S 1941 25.65 10.52 52.09
CA HIS S 1941 26.96 11.04 52.41
C HIS S 1941 27.03 11.49 53.86
N CYS S 1942 26.06 12.31 54.28
CA CYS S 1942 26.09 12.79 55.65
C CYS S 1942 25.74 11.68 56.65
N ALA S 1943 24.89 10.73 56.25
CA ALA S 1943 24.59 9.61 57.15
C ALA S 1943 25.84 8.78 57.44
N ALA S 1944 26.56 8.38 56.38
CA ALA S 1944 27.80 7.64 56.56
C ALA S 1944 28.85 8.49 57.27
N TYR S 1945 28.89 9.78 56.94
CA TYR S 1945 29.69 10.77 57.65
C TYR S 1945 29.53 10.64 59.17
N ASN S 1946 28.30 10.82 59.65
CA ASN S 1946 28.05 10.77 61.07
C ASN S 1946 28.34 9.39 61.64
N CYS S 1947 27.90 8.35 60.94
CA CYS S 1947 28.09 6.99 61.42
C CYS S 1947 29.57 6.68 61.63
N ALA S 1948 30.39 6.96 60.62
CA ALA S 1948 31.81 6.71 60.73
C ALA S 1948 32.44 7.57 61.81
N ILE S 1949 32.14 8.88 61.81
CA ILE S 1949 32.77 9.76 62.78
C ILE S 1949 32.49 9.28 64.19
N SER S 1950 31.27 8.79 64.44
CA SER S 1950 31.00 8.14 65.71
C SER S 1950 31.88 6.90 65.88
N VAL S 1951 31.67 5.90 65.02
CA VAL S 1951 32.20 4.57 65.27
C VAL S 1951 33.71 4.51 65.30
N ILE S 1952 34.40 5.58 64.90
CA ILE S 1952 35.86 5.59 65.08
C ILE S 1952 36.26 5.83 66.53
N CYS S 1953 35.36 6.34 67.37
CA CYS S 1953 35.77 6.90 68.65
C CYS S 1953 36.48 5.88 69.53
N CYS S 1954 35.94 4.67 69.66
CA CYS S 1954 36.53 3.69 70.56
C CYS S 1954 36.87 2.36 69.88
N VAL S 1955 36.63 2.23 68.58
CA VAL S 1955 36.92 1.00 67.85
C VAL S 1955 37.94 1.32 66.77
N PHE S 1956 38.99 0.50 66.69
CA PHE S 1956 40.15 0.75 65.82
C PHE S 1956 40.78 2.11 66.08
N ASN S 1957 40.44 2.73 67.22
CA ASN S 1957 40.83 4.10 67.48
C ASN S 1957 42.34 4.27 67.62
N GLU S 1958 43.10 3.18 67.75
CA GLU S 1958 44.53 3.31 67.88
C GLU S 1958 45.17 3.75 66.57
N LEU S 1959 44.72 3.18 65.45
CA LEU S 1959 45.40 3.33 64.16
C LEU S 1959 44.63 2.50 63.14
N LYS S 1960 44.99 2.68 61.87
CA LYS S 1960 44.72 1.71 60.80
C LYS S 1960 43.25 1.26 60.82
N PHE S 1961 42.38 2.22 60.55
CA PHE S 1961 40.96 2.06 60.80
C PHE S 1961 40.40 1.11 59.74
N TYR S 1962 40.94 -0.12 59.72
CA TYR S 1962 40.97 -0.95 58.53
C TYR S 1962 41.41 -0.02 57.41
N GLN S 1963 42.43 0.78 57.71
CA GLN S 1963 42.76 2.00 56.97
C GLN S 1963 44.19 2.44 57.22
N ARG S 2090 29.58 29.64 56.79
CA ARG S 2090 29.01 28.87 57.90
C ARG S 2090 28.36 27.60 57.39
N HIS S 2091 29.00 26.46 57.63
CA HIS S 2091 28.51 25.16 57.21
C HIS S 2091 28.66 24.19 58.38
N GLU S 2092 27.54 23.60 58.79
CA GLU S 2092 27.46 22.92 60.08
C GLU S 2092 27.34 21.40 59.95
N CYS S 2093 27.39 20.87 58.73
CA CYS S 2093 27.56 19.44 58.52
C CYS S 2093 29.02 19.04 58.50
N MET S 2094 29.85 19.86 59.12
CA MET S 2094 31.28 19.89 58.86
C MET S 2094 32.06 19.92 60.17
N ALA S 2095 31.38 20.34 61.25
CA ALA S 2095 32.01 20.31 62.57
C ALA S 2095 32.35 18.91 63.06
N PRO S 2096 31.49 17.87 62.89
CA PRO S 2096 31.89 16.53 63.34
C PRO S 2096 33.19 16.07 62.69
N LEU S 2097 33.50 16.62 61.52
CA LEU S 2097 34.83 16.44 60.97
C LEU S 2097 35.90 16.92 61.94
N THR S 2098 35.74 18.12 62.47
CA THR S 2098 36.71 18.64 63.43
C THR S 2098 36.72 17.82 64.71
N ALA S 2099 35.55 17.33 65.11
CA ALA S 2099 35.49 16.46 66.28
C ALA S 2099 36.32 15.20 66.07
N LEU S 2100 36.18 14.58 64.89
CA LEU S 2100 36.98 13.39 64.61
C LEU S 2100 38.45 13.72 64.43
N VAL S 2101 38.75 14.93 63.97
CA VAL S 2101 40.14 15.37 63.92
C VAL S 2101 40.73 15.43 65.32
N LYS S 2102 39.97 15.98 66.26
CA LYS S 2102 40.41 15.97 67.65
C LYS S 2102 40.57 14.55 68.13
N HIS S 2103 39.64 13.68 67.78
CA HIS S 2103 39.71 12.29 68.23
C HIS S 2103 40.98 11.61 67.71
N MET S 2104 41.28 11.80 66.43
CA MET S 2104 42.49 11.18 65.88
C MET S 2104 43.74 11.81 66.47
N HIS S 2105 43.73 13.13 66.68
CA HIS S 2105 44.86 13.78 67.32
C HIS S 2105 45.05 13.29 68.74
N ARG S 2106 43.99 12.79 69.37
CA ARG S 2106 44.16 12.11 70.65
C ARG S 2106 45.11 10.93 70.50
N SER S 2107 44.98 10.18 69.40
CA SER S 2107 45.95 9.14 69.11
C SER S 2107 47.31 9.73 68.79
N LEU S 2108 47.35 10.95 68.28
CA LEU S 2108 48.62 11.62 68.03
C LEU S 2108 49.37 11.87 69.33
N ARG S 2120 55.04 10.17 56.00
CA ARG S 2120 55.12 10.65 57.37
C ARG S 2120 53.74 11.09 57.85
N ASP S 2121 52.81 11.22 56.91
CA ASP S 2121 51.40 11.44 57.20
C ASP S 2121 50.72 10.10 57.49
N LEU S 2122 49.46 10.17 57.93
CA LEU S 2122 48.87 9.00 58.57
C LEU S 2122 47.88 8.30 57.64
N PRO S 2123 47.72 6.99 57.79
CA PRO S 2123 46.86 6.22 56.88
C PRO S 2123 45.38 6.39 57.10
N SER S 2124 44.95 7.00 58.21
CA SER S 2124 43.54 7.11 58.51
C SER S 2124 42.88 8.14 57.61
N TRP S 2125 42.97 7.91 56.30
CA TRP S 2125 42.42 8.76 55.25
C TRP S 2125 43.05 10.14 55.18
N MET S 2126 44.01 10.46 56.05
CA MET S 2126 44.55 11.81 56.01
C MET S 2126 45.75 11.93 55.08
N LYS S 2127 46.45 10.84 54.80
CA LYS S 2127 47.31 10.83 53.62
C LYS S 2127 46.50 10.78 52.35
N PHE S 2128 45.31 10.19 52.42
CA PHE S 2128 44.35 10.32 51.32
C PHE S 2128 44.00 11.79 51.09
N LEU S 2129 43.78 12.53 52.17
CA LEU S 2129 43.60 13.98 52.00
C LEU S 2129 44.90 14.67 51.65
N HIS S 2130 46.05 14.11 52.03
CA HIS S 2130 47.31 14.69 51.61
C HIS S 2130 47.43 14.67 50.09
N GLY S 2131 47.08 13.54 49.49
CA GLY S 2131 46.96 13.49 48.04
C GLY S 2131 45.82 14.35 47.50
N LYS S 2132 44.74 14.45 48.27
CA LYS S 2132 43.60 15.27 47.85
C LYS S 2132 44.02 16.73 47.68
N LEU S 2133 44.83 17.23 48.60
CA LEU S 2133 45.39 18.58 48.46
C LEU S 2133 46.23 18.70 47.19
N GLY S 2134 46.77 17.59 46.70
CA GLY S 2134 47.52 17.63 45.46
C GLY S 2134 46.65 18.02 44.27
N ASN S 2135 45.43 17.49 44.21
CA ASN S 2135 44.59 17.74 43.04
C ASN S 2135 43.88 19.08 43.18
N PRO S 2136 43.99 19.96 42.18
CA PRO S 2136 43.15 21.17 42.19
C PRO S 2136 41.80 20.93 41.52
N ILE S 2137 41.16 19.81 41.88
CA ILE S 2137 39.90 19.43 41.26
C ILE S 2137 38.80 19.20 42.29
N VAL S 2138 39.13 19.12 43.57
CA VAL S 2138 38.16 18.95 44.64
C VAL S 2138 37.00 19.93 44.44
N PRO S 2139 35.76 19.46 44.46
CA PRO S 2139 34.63 20.38 44.24
C PRO S 2139 34.56 21.40 45.36
N LEU S 2140 34.04 22.59 45.02
CA LEU S 2140 33.76 23.58 46.05
C LEU S 2140 32.89 23.00 47.15
N ASN S 2141 31.94 22.14 46.79
CA ASN S 2141 31.14 21.47 47.81
C ASN S 2141 31.98 20.57 48.69
N ILE S 2142 33.19 20.22 48.24
CA ILE S 2142 34.09 19.39 49.05
C ILE S 2142 35.33 20.21 49.43
N ARG S 2143 35.71 21.15 48.58
CA ARG S 2143 36.82 22.04 48.93
C ARG S 2143 36.49 22.87 50.15
N LEU S 2144 35.24 23.31 50.28
CA LEU S 2144 34.81 23.98 51.50
C LEU S 2144 34.97 23.07 52.70
N PHE S 2145 34.54 21.81 52.58
CA PHE S 2145 34.72 20.85 53.66
C PHE S 2145 36.19 20.71 54.04
N LEU S 2146 37.08 20.82 53.05
CA LEU S 2146 38.50 20.90 53.38
C LEU S 2146 38.79 22.14 54.21
N ALA S 2147 38.29 23.30 53.76
CA ALA S 2147 38.80 24.60 54.18
C ALA S 2147 38.89 24.75 55.71
N LYS S 2148 37.74 24.74 56.39
CA LYS S 2148 37.82 25.02 57.82
C LYS S 2148 38.44 23.86 58.58
N LEU S 2149 38.33 22.64 58.06
CA LEU S 2149 39.04 21.52 58.69
C LEU S 2149 40.55 21.73 58.64
N VAL S 2150 41.08 22.13 57.49
CA VAL S 2150 42.51 22.35 57.43
C VAL S 2150 42.88 23.57 58.25
N ILE S 2151 41.95 24.51 58.41
CA ILE S 2151 42.15 25.61 59.35
C ILE S 2151 42.32 25.06 60.76
N ASN S 2152 41.46 24.13 61.15
CA ASN S 2152 41.50 23.53 62.47
C ASN S 2152 42.63 22.51 62.62
N THR S 2153 43.26 22.11 61.53
CA THR S 2153 44.38 21.19 61.60
C THR S 2153 45.72 21.85 61.39
N GLU S 2154 45.75 23.13 61.05
CA GLU S 2154 47.03 23.80 60.85
C GLU S 2154 47.90 23.67 62.10
N GLU S 2155 47.30 23.68 63.27
CA GLU S 2155 48.08 23.58 64.50
C GLU S 2155 48.47 22.12 64.79
N VAL S 2156 47.60 21.16 64.46
CA VAL S 2156 47.94 19.78 64.79
C VAL S 2156 49.09 19.30 63.92
N PHE S 2157 49.12 19.71 62.65
CA PHE S 2157 50.24 19.34 61.79
C PHE S 2157 51.28 20.45 61.70
N ARG S 2158 51.40 21.28 62.73
CA ARG S 2158 52.51 22.23 62.77
C ARG S 2158 53.86 21.55 62.55
N PRO S 2159 54.19 20.43 63.21
CA PRO S 2159 55.39 19.69 62.78
C PRO S 2159 55.05 18.73 61.66
N TYR S 2160 54.17 19.16 60.76
CA TYR S 2160 54.00 18.55 59.46
C TYR S 2160 53.68 19.59 58.39
N ALA S 2161 53.49 20.85 58.77
CA ALA S 2161 53.22 21.89 57.80
C ALA S 2161 54.38 22.08 56.83
N LYS S 2162 55.58 21.67 57.23
CA LYS S 2162 56.70 21.64 56.30
C LYS S 2162 56.39 20.71 55.13
N HIS S 2163 55.80 19.55 55.41
CA HIS S 2163 55.30 18.70 54.35
C HIS S 2163 54.06 19.28 53.70
N TRP S 2164 53.25 20.02 54.46
CA TRP S 2164 52.07 20.68 53.95
C TRP S 2164 52.37 21.98 53.23
N LEU S 2165 53.59 22.51 53.39
CA LEU S 2165 53.95 23.83 52.88
C LEU S 2165 53.43 24.07 51.47
N SER S 2166 53.89 23.26 50.52
CA SER S 2166 53.33 23.33 49.17
C SER S 2166 51.86 22.92 49.13
N PRO S 2167 51.44 21.81 49.76
CA PRO S 2167 50.00 21.53 49.83
C PRO S 2167 49.19 22.65 50.46
N LEU S 2168 49.82 23.54 51.23
CA LEU S 2168 49.13 24.71 51.74
C LEU S 2168 49.06 25.84 50.72
N LEU S 2169 49.68 25.68 49.55
CA LEU S 2169 49.70 26.74 48.55
C LEU S 2169 48.55 26.61 47.55
N GLN S 2170 48.48 25.49 46.84
CA GLN S 2170 47.51 25.34 45.76
C GLN S 2170 46.09 25.53 46.26
N LEU S 2171 45.84 25.25 47.54
CA LEU S 2171 44.55 25.56 48.13
C LEU S 2171 44.28 27.06 48.07
N ALA S 2172 45.29 27.87 48.39
CA ALA S 2172 45.16 29.31 48.23
C ALA S 2172 45.46 29.75 46.80
N ALA S 2173 46.37 29.06 46.14
CA ALA S 2173 46.74 29.44 44.77
C ALA S 2173 45.56 29.21 43.83
N SER S 2174 45.27 30.22 43.00
CA SER S 2174 44.17 30.16 42.06
C SER S 2174 42.86 29.79 42.77
N GLU S 2175 42.65 30.39 43.93
CA GLU S 2175 41.49 30.06 44.73
C GLU S 2175 40.22 30.64 44.13
N ASN S 2176 39.15 29.86 44.17
CA ASN S 2176 37.86 30.30 43.66
C ASN S 2176 36.74 29.74 44.52
N GLY S 2179 28.72 29.68 48.08
CA GLY S 2179 29.09 29.51 49.47
C GLY S 2179 29.03 30.81 50.26
N GLU S 2180 29.76 30.82 51.39
CA GLU S 2180 29.78 32.01 52.25
C GLU S 2180 30.47 33.19 51.61
N GLY S 2181 31.21 32.99 50.52
CA GLY S 2181 31.89 34.06 49.85
C GLY S 2181 33.36 33.79 49.65
N ILE S 2182 33.81 33.82 48.40
CA ILE S 2182 35.22 33.57 48.10
C ILE S 2182 36.09 34.60 48.80
N HIS S 2183 35.71 35.87 48.69
CA HIS S 2183 36.36 36.90 49.49
C HIS S 2183 36.29 36.57 50.97
N TYR S 2184 35.13 36.12 51.42
CA TYR S 2184 34.90 35.89 52.85
C TYR S 2184 35.76 34.75 53.35
N MET S 2185 35.76 33.63 52.63
CA MET S 2185 36.60 32.50 53.02
C MET S 2185 38.08 32.84 52.90
N VAL S 2186 38.46 33.61 51.89
CA VAL S 2186 39.86 34.04 51.76
C VAL S 2186 40.26 34.86 52.97
N VAL S 2187 39.41 35.80 53.38
CA VAL S 2187 39.67 36.62 54.54
C VAL S 2187 39.87 35.75 55.76
N GLU S 2188 39.01 34.76 55.94
CA GLU S 2188 39.14 33.87 57.09
C GLU S 2188 40.44 33.07 57.03
N ILE S 2189 40.79 32.56 55.85
CA ILE S 2189 41.87 31.60 55.77
C ILE S 2189 43.23 32.25 55.82
N VAL S 2190 43.37 33.49 55.33
CA VAL S 2190 44.69 34.10 55.29
C VAL S 2190 45.20 34.37 56.70
N ALA S 2191 44.33 34.85 57.58
CA ALA S 2191 44.66 35.08 58.98
C ALA S 2191 44.72 33.79 59.77
N THR S 2192 44.68 32.66 59.09
CA THR S 2192 45.10 31.37 59.64
C THR S 2192 46.39 30.88 59.01
N ILE S 2193 46.58 31.15 57.73
CA ILE S 2193 47.81 30.77 57.03
C ILE S 2193 49.00 31.48 57.66
N LEU S 2194 48.84 32.75 57.97
CA LEU S 2194 49.99 33.48 58.47
C LEU S 2194 50.38 33.11 59.89
N SER S 2195 49.76 32.10 60.51
CA SER S 2195 50.06 31.78 61.91
C SER S 2195 51.51 31.38 62.08
N TRP S 2196 51.96 30.42 61.29
CA TRP S 2196 53.33 29.95 61.38
C TRP S 2196 54.27 30.87 60.61
N THR S 2197 55.52 30.93 61.07
CA THR S 2197 56.55 31.71 60.41
C THR S 2197 57.65 30.83 59.85
N GLY S 2198 58.30 30.02 60.68
CA GLY S 2198 59.34 29.14 60.23
C GLY S 2198 58.85 27.74 59.98
N LEU S 2199 57.65 27.43 60.47
CA LEU S 2199 57.08 26.11 60.26
C LEU S 2199 56.83 25.86 58.79
N ALA S 2200 56.34 26.88 58.08
CA ALA S 2200 56.21 26.80 56.63
C ALA S 2200 56.32 28.23 56.09
N THR S 2201 56.85 28.36 54.90
CA THR S 2201 56.95 29.67 54.26
C THR S 2201 57.07 29.49 52.75
N PRO S 2202 56.34 30.28 51.97
CA PRO S 2202 56.38 30.12 50.50
C PRO S 2202 57.66 30.69 49.89
N THR S 2203 58.77 30.01 50.17
CA THR S 2203 60.04 30.34 49.55
C THR S 2203 60.84 29.12 49.12
N GLY S 2204 60.35 27.91 49.38
CA GLY S 2204 61.12 26.72 49.03
C GLY S 2204 61.29 26.58 47.53
N VAL S 2205 60.22 26.78 46.78
CA VAL S 2205 60.28 26.73 45.32
C VAL S 2205 59.90 28.09 44.78
N PRO S 2206 60.53 28.58 43.71
CA PRO S 2206 60.06 29.83 43.10
C PRO S 2206 58.62 29.76 42.64
N LYS S 2207 58.10 28.55 42.39
CA LYS S 2207 56.69 28.39 42.06
C LYS S 2207 55.81 28.97 43.16
N ASP S 2208 56.05 28.57 44.42
CA ASP S 2208 55.20 29.06 45.49
C ASP S 2208 55.36 30.55 45.69
N GLU S 2209 56.59 31.06 45.54
CA GLU S 2209 56.81 32.50 45.68
C GLU S 2209 56.04 33.28 44.62
N VAL S 2210 56.10 32.82 43.37
CA VAL S 2210 55.42 33.55 42.31
C VAL S 2210 53.91 33.41 42.43
N LEU S 2211 53.42 32.25 42.89
CA LEU S 2211 52.00 32.12 43.12
C LEU S 2211 51.53 33.02 44.24
N ALA S 2212 52.34 33.13 45.31
CA ALA S 2212 52.03 34.04 46.40
C ALA S 2212 52.02 35.48 45.91
N ASN S 2213 52.98 35.85 45.06
CA ASN S 2213 52.99 37.19 44.49
C ASN S 2213 51.75 37.43 43.65
N ARG S 2214 51.35 36.42 42.87
CA ARG S 2214 50.16 36.53 42.03
C ARG S 2214 48.92 36.75 42.87
N LEU S 2215 48.75 35.96 43.92
CA LEU S 2215 47.61 36.12 44.80
C LEU S 2215 47.68 37.42 45.58
N LEU S 2216 48.90 37.90 45.87
CA LEU S 2216 49.06 39.21 46.48
C LEU S 2216 48.56 40.29 45.55
N ASN S 2217 48.89 40.18 44.27
CA ASN S 2217 48.35 41.12 43.30
C ASN S 2217 46.84 41.04 43.27
N PHE S 2218 46.29 39.83 43.34
CA PHE S 2218 44.84 39.66 43.42
C PHE S 2218 44.27 40.45 44.59
N LEU S 2219 44.82 40.24 45.78
CA LEU S 2219 44.27 40.89 46.97
C LEU S 2219 44.39 42.41 46.86
N MET S 2220 45.58 42.90 46.49
CA MET S 2220 45.77 44.34 46.38
C MET S 2220 44.98 44.93 45.22
N LYS S 2221 44.45 44.09 44.34
CA LYS S 2221 43.38 44.51 43.45
C LYS S 2221 42.04 44.56 44.17
N HIS S 2222 41.82 43.64 45.10
CA HIS S 2222 40.50 43.47 45.70
C HIS S 2222 40.38 44.06 47.09
N VAL S 2223 41.48 44.27 47.81
CA VAL S 2223 41.40 44.62 49.22
C VAL S 2223 40.84 46.02 49.39
N PHE S 2224 39.60 46.10 49.88
CA PHE S 2224 38.93 47.38 50.09
C PHE S 2224 37.64 47.15 50.87
N HIS S 2225 37.23 48.18 51.60
CA HIS S 2225 35.90 48.24 52.17
C HIS S 2225 35.46 49.69 52.25
N PRO S 2226 34.19 49.98 51.97
CA PRO S 2226 33.65 51.32 52.23
C PRO S 2226 33.14 51.51 53.65
N LYS S 2227 33.38 50.56 54.55
CA LYS S 2227 32.78 50.55 55.87
C LYS S 2227 33.58 51.35 56.90
N ARG S 2228 34.74 51.90 56.51
CA ARG S 2228 35.55 52.84 57.29
C ARG S 2228 36.11 52.19 58.54
N ALA S 2229 35.70 50.96 58.83
CA ALA S 2229 36.19 50.21 59.98
C ALA S 2229 36.83 48.89 59.55
N VAL S 2230 36.09 48.03 58.85
CA VAL S 2230 36.68 46.81 58.33
C VAL S 2230 37.58 47.08 57.14
N PHE S 2231 37.54 48.28 56.58
CA PHE S 2231 38.57 48.68 55.65
C PHE S 2231 39.90 48.92 56.38
N ARG S 2232 39.83 49.48 57.59
CA ARG S 2232 41.02 49.50 58.42
C ARG S 2232 41.49 48.08 58.72
N HIS S 2233 40.56 47.14 58.85
CA HIS S 2233 40.96 45.74 58.98
C HIS S 2233 41.58 45.23 57.69
N ASN S 2234 41.14 45.73 56.54
CA ASN S 2234 41.81 45.38 55.28
C ASN S 2234 43.24 45.88 55.29
N LEU S 2235 43.44 47.10 55.79
CA LEU S 2235 44.79 47.61 55.97
C LEU S 2235 45.58 46.72 56.91
N GLU S 2236 44.93 46.23 57.97
CA GLU S 2236 45.61 45.31 58.88
C GLU S 2236 45.97 44.02 58.18
N ILE S 2237 45.10 43.54 57.29
CA ILE S 2237 45.40 42.35 56.51
C ILE S 2237 46.64 42.59 55.65
N ILE S 2238 46.67 43.74 54.98
CA ILE S 2238 47.80 44.07 54.12
C ILE S 2238 49.08 44.17 54.94
N LYS S 2239 48.99 44.82 56.10
CA LYS S 2239 50.16 44.96 56.97
C LYS S 2239 50.64 43.61 57.46
N THR S 2240 49.73 42.73 57.84
CA THR S 2240 50.11 41.40 58.27
C THR S 2240 50.82 40.64 57.15
N LEU S 2241 50.27 40.71 55.93
CA LEU S 2241 50.85 39.94 54.85
C LEU S 2241 52.19 40.51 54.40
N VAL S 2242 52.36 41.83 54.49
CA VAL S 2242 53.62 42.41 54.02
C VAL S 2242 54.76 42.08 54.99
N GLU S 2243 54.45 41.97 56.30
CA GLU S 2243 55.40 41.42 57.25
C GLU S 2243 55.06 39.98 57.63
N CYS S 2244 54.46 39.22 56.72
CA CYS S 2244 54.10 37.84 57.04
C CYS S 2244 55.33 36.93 56.97
N TRP S 2245 55.91 36.80 55.78
CA TRP S 2245 57.03 35.90 55.56
C TRP S 2245 58.11 36.66 54.81
N LYS S 2246 57.73 37.71 54.08
CA LYS S 2246 58.64 38.67 53.49
C LYS S 2246 59.56 38.04 52.45
N ASP S 2247 59.38 36.74 52.20
CA ASP S 2247 60.12 36.02 51.17
C ASP S 2247 59.25 35.65 49.98
N CYS S 2248 57.97 35.39 50.22
CA CYS S 2248 57.00 35.12 49.16
C CYS S 2248 56.43 36.39 48.57
N LEU S 2249 57.00 37.55 48.90
CA LEU S 2249 56.47 38.84 48.49
C LEU S 2249 57.44 39.54 47.56
N SER S 2250 56.92 40.09 46.47
CA SER S 2250 57.71 40.83 45.51
C SER S 2250 56.99 42.13 45.18
N ILE S 2251 57.76 43.19 44.97
CA ILE S 2251 57.22 44.53 44.78
C ILE S 2251 57.49 44.94 43.34
N PRO S 2252 56.49 44.98 42.46
CA PRO S 2252 56.72 45.45 41.09
C PRO S 2252 56.89 46.95 40.99
N TYR S 2253 56.47 47.71 42.01
CA TYR S 2253 56.53 49.17 42.02
C TYR S 2253 55.77 49.79 40.84
N ARG S 2254 54.85 49.04 40.24
CA ARG S 2254 54.05 49.53 39.13
C ARG S 2254 52.56 49.50 39.44
N LEU S 2255 52.02 48.36 39.83
CA LEU S 2255 50.59 48.25 40.08
C LEU S 2255 50.18 49.11 41.26
N ILE S 2256 50.94 49.07 42.34
CA ILE S 2256 50.68 49.97 43.45
C ILE S 2256 50.78 51.41 42.97
N PHE S 2257 51.80 51.71 42.15
CA PHE S 2257 51.97 53.07 41.66
C PHE S 2257 50.75 53.53 40.87
N GLU S 2258 50.33 52.73 39.89
CA GLU S 2258 49.14 53.08 39.13
C GLU S 2258 47.90 53.12 39.99
N LYS S 2259 47.95 52.54 41.19
CA LYS S 2259 46.82 52.64 42.09
C LYS S 2259 46.81 53.96 42.87
N PHE S 2260 47.90 54.29 43.58
CA PHE S 2260 47.90 55.54 44.30
C PHE S 2260 48.23 56.76 43.45
N SER S 2261 48.76 56.57 42.25
CA SER S 2261 48.78 57.69 41.32
C SER S 2261 47.36 58.06 40.90
N GLY S 2262 46.53 57.05 40.64
CA GLY S 2262 45.13 57.17 40.29
C GLY S 2262 44.89 58.22 39.23
N LYS S 2263 43.74 58.89 39.34
CA LYS S 2263 43.44 60.04 38.50
C LYS S 2263 43.84 61.35 39.15
N ASP S 2264 44.47 61.30 40.32
CA ASP S 2264 44.80 62.49 41.11
C ASP S 2264 43.58 63.40 41.29
N PRO S 2265 42.50 62.91 41.91
CA PRO S 2265 41.34 63.78 42.16
C PRO S 2265 41.39 64.41 43.53
N ASN S 2266 40.39 65.23 43.84
CA ASN S 2266 40.29 65.80 45.18
C ASN S 2266 40.00 64.73 46.22
N SER S 2267 39.18 63.73 45.88
CA SER S 2267 38.71 62.75 46.83
C SER S 2267 39.83 61.78 47.22
N LYS S 2268 39.52 60.94 48.21
CA LYS S 2268 40.49 60.02 48.80
C LYS S 2268 40.37 58.62 48.17
N ASP S 2269 40.53 58.55 46.85
CA ASP S 2269 40.41 57.27 46.17
C ASP S 2269 41.77 56.56 46.07
N ASN S 2270 42.78 57.24 45.54
CA ASN S 2270 44.09 56.65 45.37
C ASN S 2270 44.90 56.63 46.67
N SER S 2271 44.40 57.26 47.73
CA SER S 2271 45.08 57.21 49.02
C SER S 2271 45.24 55.80 49.55
N VAL S 2272 44.56 54.82 48.93
CA VAL S 2272 44.76 53.43 49.31
C VAL S 2272 46.22 53.03 49.10
N GLY S 2273 46.77 53.32 47.93
CA GLY S 2273 48.17 53.01 47.70
C GLY S 2273 49.10 53.90 48.50
N ILE S 2274 48.63 55.09 48.88
CA ILE S 2274 49.40 55.95 49.77
C ILE S 2274 49.58 55.26 51.12
N GLN S 2275 48.50 54.74 51.68
CA GLN S 2275 48.60 53.97 52.91
C GLN S 2275 49.39 52.68 52.69
N LEU S 2276 49.30 52.11 51.50
CA LEU S 2276 50.11 50.95 51.18
C LEU S 2276 51.59 51.27 51.31
N LEU S 2277 52.00 52.41 50.77
CA LEU S 2277 53.39 52.84 50.91
C LEU S 2277 53.72 53.19 52.35
N GLY S 2278 52.76 53.77 53.08
CA GLY S 2278 52.98 54.05 54.48
C GLY S 2278 53.25 52.81 55.29
N ILE S 2279 52.58 51.71 54.94
CA ILE S 2279 52.89 50.42 55.57
C ILE S 2279 54.16 49.80 54.98
N VAL S 2280 54.54 50.18 53.76
CA VAL S 2280 55.84 49.78 53.25
C VAL S 2280 56.95 50.32 54.13
N MET S 2281 56.75 51.54 54.65
CA MET S 2281 57.67 52.08 55.64
C MET S 2281 57.68 51.29 56.94
N ALA S 2282 56.57 50.65 57.30
CA ALA S 2282 56.61 49.72 58.41
C ALA S 2282 57.55 48.56 58.12
N ASN S 2283 57.73 48.23 56.84
CA ASN S 2283 58.74 47.28 56.40
C ASN S 2283 60.06 48.00 56.20
N ASP S 2284 61.04 47.27 55.69
CA ASP S 2284 62.33 47.83 55.29
C ASP S 2284 62.43 48.03 53.79
N LEU S 2285 61.31 47.88 53.07
CA LEU S 2285 61.34 47.99 51.62
C LEU S 2285 61.71 49.41 51.20
N PRO S 2286 62.41 49.56 50.08
CA PRO S 2286 62.69 50.90 49.56
C PRO S 2286 61.41 51.65 49.29
N PRO S 2287 61.39 52.97 49.51
CA PRO S 2287 60.18 53.74 49.20
C PRO S 2287 59.74 53.59 47.76
N TYR S 2288 60.69 53.60 46.83
CA TYR S 2288 60.45 53.14 45.47
C TYR S 2288 61.80 52.64 44.95
N ASP S 2289 62.04 51.35 45.06
CA ASP S 2289 63.20 50.78 44.41
C ASP S 2289 63.02 50.93 42.91
N PRO S 2290 63.98 51.53 42.20
CA PRO S 2290 63.76 51.85 40.79
C PRO S 2290 63.31 50.66 39.96
N GLN S 2291 64.07 49.56 40.00
CA GLN S 2291 63.83 48.34 39.22
C GLN S 2291 63.28 48.64 37.83
N CYS S 2292 62.04 49.13 37.75
CA CYS S 2292 61.53 49.67 36.50
C CYS S 2292 62.09 51.05 36.21
N GLY S 2293 62.27 51.86 37.26
CA GLY S 2293 62.76 53.22 37.09
C GLY S 2293 61.84 54.00 36.19
N ILE S 2294 60.53 53.90 36.44
CA ILE S 2294 59.52 54.35 35.49
C ILE S 2294 59.74 55.82 35.16
N GLN S 2295 59.57 56.69 36.15
CA GLN S 2295 60.03 58.07 36.01
C GLN S 2295 60.69 58.63 37.27
N SER S 2296 60.37 58.12 38.46
CA SER S 2296 60.97 58.53 39.72
C SER S 2296 60.72 60.01 40.03
N SER S 2297 59.99 60.70 39.15
CA SER S 2297 59.63 62.10 39.39
C SER S 2297 58.12 62.28 39.44
N GLU S 2298 57.40 61.95 38.37
CA GLU S 2298 55.94 61.91 38.46
C GLU S 2298 55.51 60.79 39.39
N TYR S 2299 56.34 59.76 39.52
CA TYR S 2299 56.11 58.71 40.51
C TYR S 2299 55.79 59.30 41.87
N PHE S 2300 56.34 60.48 42.16
CA PHE S 2300 56.06 61.21 43.38
C PHE S 2300 55.50 62.60 43.12
N GLN S 2301 55.52 63.08 41.87
CA GLN S 2301 54.78 64.29 41.56
C GLN S 2301 53.28 64.05 41.68
N ALA S 2302 52.82 62.83 41.41
CA ALA S 2302 51.42 62.51 41.69
C ALA S 2302 51.11 62.69 43.17
N LEU S 2303 52.04 62.33 44.04
CA LEU S 2303 51.82 62.45 45.48
C LEU S 2303 51.91 63.90 45.95
N VAL S 2304 52.86 64.67 45.43
CA VAL S 2304 52.87 66.09 45.79
C VAL S 2304 51.64 66.78 45.22
N ASN S 2305 51.12 66.27 44.11
CA ASN S 2305 49.90 66.81 43.54
C ASN S 2305 48.71 66.47 44.43
N ASN S 2306 48.73 65.28 45.04
CA ASN S 2306 47.81 64.97 46.12
C ASN S 2306 47.94 65.95 47.26
N MET S 2307 49.18 66.30 47.59
CA MET S 2307 49.45 67.33 48.59
C MET S 2307 48.98 68.71 48.12
N SER S 2308 48.67 68.85 46.84
CA SER S 2308 48.13 70.09 46.32
C SER S 2308 46.61 70.16 46.34
N PHE S 2309 45.92 69.02 46.30
CA PHE S 2309 44.45 68.99 46.25
C PHE S 2309 43.89 69.44 47.58
N VAL S 2310 43.34 70.66 47.61
CA VAL S 2310 42.69 71.16 48.81
C VAL S 2310 41.25 70.67 48.83
N ARG S 2311 41.04 69.48 49.37
CA ARG S 2311 39.69 68.92 49.45
C ARG S 2311 39.30 68.52 50.86
N TYR S 2312 40.22 67.92 51.62
CA TYR S 2312 39.92 67.47 52.97
C TYR S 2312 41.23 67.30 53.73
N LYS S 2313 41.10 66.94 55.00
CA LYS S 2313 42.25 66.85 55.88
C LYS S 2313 43.26 65.82 55.39
N GLU S 2314 42.79 64.66 54.94
CA GLU S 2314 43.69 63.60 54.50
C GLU S 2314 44.30 63.89 53.14
N VAL S 2315 43.62 64.67 52.30
CA VAL S 2315 44.02 64.79 50.90
C VAL S 2315 45.42 65.37 50.78
N TYR S 2316 45.67 66.47 51.46
CA TYR S 2316 46.84 67.29 51.17
C TYR S 2316 47.58 67.67 52.44
N ALA S 2317 47.50 66.83 53.47
CA ALA S 2317 48.30 66.98 54.67
C ALA S 2317 49.02 65.70 55.07
N ALA S 2318 48.38 64.54 54.90
CA ALA S 2318 48.91 63.31 55.48
C ALA S 2318 50.15 62.82 54.74
N ALA S 2319 50.10 62.81 53.40
CA ALA S 2319 51.17 62.17 52.64
C ALA S 2319 52.45 62.99 52.62
N ALA S 2320 52.44 64.19 53.21
CA ALA S 2320 53.68 64.97 53.27
C ALA S 2320 54.75 64.24 54.08
N GLU S 2321 54.36 63.64 55.21
CA GLU S 2321 55.33 62.91 56.01
C GLU S 2321 55.81 61.66 55.31
N VAL S 2322 54.92 60.92 54.65
CA VAL S 2322 55.37 59.71 53.97
C VAL S 2322 56.29 60.08 52.82
N LEU S 2323 56.02 61.20 52.14
CA LEU S 2323 56.90 61.66 51.07
C LEU S 2323 58.25 62.09 51.62
N GLY S 2324 58.26 62.78 52.76
CA GLY S 2324 59.52 63.19 53.36
C GLY S 2324 60.36 61.99 53.79
N LEU S 2325 59.71 60.95 54.31
CA LEU S 2325 60.44 59.72 54.62
C LEU S 2325 60.90 59.02 53.35
N ILE S 2326 60.09 59.09 52.29
CA ILE S 2326 60.48 58.53 51.01
C ILE S 2326 61.78 59.15 50.54
N LEU S 2327 61.84 60.48 50.55
CA LEU S 2327 63.00 61.18 50.03
C LEU S 2327 64.19 61.09 50.99
N ARG S 2328 63.93 61.28 52.29
CA ARG S 2328 65.00 61.13 53.27
C ARG S 2328 65.55 59.71 53.28
N TYR S 2329 64.71 58.74 52.98
CA TYR S 2329 65.11 57.35 52.99
C TYR S 2329 64.86 56.72 51.64
N VAL S 2330 65.08 57.49 50.57
CA VAL S 2330 65.17 56.90 49.25
C VAL S 2330 66.29 55.87 49.28
N MET S 2331 65.99 54.66 48.81
CA MET S 2331 66.78 53.46 49.09
C MET S 2331 67.36 53.52 50.50
N GLU S 2332 66.51 53.87 51.46
CA GLU S 2332 66.82 53.80 52.89
C GLU S 2332 67.99 54.70 53.28
N ARG S 2333 68.05 55.88 52.67
CA ARG S 2333 69.00 56.94 53.02
C ARG S 2333 70.44 56.54 52.72
N LYS S 2334 70.69 55.32 52.24
CA LYS S 2334 72.04 54.97 51.81
C LYS S 2334 72.49 55.83 50.64
N ASN S 2335 71.54 56.45 49.94
CA ASN S 2335 71.86 57.41 48.89
C ASN S 2335 70.70 58.39 48.79
N ILE S 2336 70.99 59.57 48.25
CA ILE S 2336 69.98 60.58 47.94
C ILE S 2336 70.14 60.99 46.49
N LEU S 2337 69.05 60.94 45.73
CA LEU S 2337 69.07 61.40 44.35
C LEU S 2337 67.82 62.16 43.94
N GLU S 2338 66.82 62.29 44.82
CA GLU S 2338 65.61 63.03 44.50
C GLU S 2338 65.57 64.40 45.16
N GLU S 2339 66.72 65.07 45.22
CA GLU S 2339 66.72 66.47 45.66
C GLU S 2339 65.90 67.34 44.73
N SER S 2340 65.77 66.93 43.46
CA SER S 2340 64.81 67.58 42.58
C SER S 2340 63.40 67.48 43.15
N LEU S 2341 63.03 66.31 43.66
CA LEU S 2341 61.78 66.22 44.38
C LEU S 2341 61.84 66.97 45.71
N CYS S 2342 63.03 67.06 46.32
CA CYS S 2342 63.17 67.84 47.54
C CYS S 2342 62.91 69.33 47.30
N GLU S 2343 63.00 69.78 46.05
CA GLU S 2343 62.62 71.14 45.70
C GLU S 2343 61.21 71.25 45.14
N LEU S 2344 60.74 70.19 44.48
CA LEU S 2344 59.34 70.14 44.09
C LEU S 2344 58.44 70.19 45.32
N VAL S 2345 58.88 69.59 46.42
CA VAL S 2345 58.10 69.67 47.66
C VAL S 2345 58.23 71.05 48.29
N ALA S 2346 59.36 71.73 48.10
CA ALA S 2346 59.45 73.12 48.55
C ALA S 2346 58.46 73.98 47.77
N LYS S 2347 58.33 73.73 46.47
CA LYS S 2347 57.26 74.33 45.69
C LYS S 2347 55.90 74.00 46.28
N GLN S 2348 55.65 72.71 46.53
CA GLN S 2348 54.37 72.27 47.07
C GLN S 2348 54.03 73.00 48.37
N LEU S 2349 55.05 73.27 49.19
CA LEU S 2349 54.84 74.09 50.37
C LEU S 2349 54.52 75.53 49.99
N LYS S 2350 55.27 76.08 49.04
CA LYS S 2350 55.06 77.46 48.63
C LYS S 2350 53.88 77.56 47.66
N GLN S 2351 53.98 76.90 46.52
CA GLN S 2351 52.83 76.84 45.62
C GLN S 2351 51.69 76.08 46.27
N HIS S 2352 50.47 76.56 46.06
CA HIS S 2352 49.22 75.92 46.43
C HIS S 2352 49.17 75.45 47.89
N GLN S 2353 50.10 75.90 48.73
CA GLN S 2353 49.95 75.69 50.17
C GLN S 2353 50.23 76.97 50.94
N ASN S 2354 51.15 77.79 50.44
CA ASN S 2354 51.38 79.09 51.07
C ASN S 2354 50.20 80.01 50.87
N THR S 2355 49.44 79.82 49.79
CA THR S 2355 48.23 80.60 49.56
C THR S 2355 47.17 80.35 50.63
N MET S 2356 47.28 79.22 51.33
CA MET S 2356 46.35 78.89 52.41
C MET S 2356 47.03 78.68 53.75
N GLU S 2357 48.35 78.41 53.76
CA GLU S 2357 49.23 78.46 54.92
C GLU S 2357 48.75 77.64 56.11
N ASP S 2358 47.69 76.84 55.92
CA ASP S 2358 47.24 75.97 56.99
C ASP S 2358 47.81 74.57 56.81
N LYS S 2359 47.66 74.00 55.62
CA LYS S 2359 48.36 72.76 55.30
C LYS S 2359 49.78 73.00 54.82
N PHE S 2360 50.16 74.24 54.52
CA PHE S 2360 51.58 74.53 54.31
C PHE S 2360 52.38 74.21 55.57
N ILE S 2361 51.96 74.77 56.70
CA ILE S 2361 52.64 74.52 57.95
C ILE S 2361 52.43 73.08 58.41
N VAL S 2362 51.25 72.50 58.15
CA VAL S 2362 51.00 71.12 58.52
C VAL S 2362 51.94 70.18 57.77
N CYS S 2363 52.02 70.35 56.45
CA CYS S 2363 52.92 69.52 55.64
C CYS S 2363 54.37 69.77 55.98
N LEU S 2364 54.73 71.02 56.31
CA LEU S 2364 56.10 71.31 56.70
C LEU S 2364 56.44 70.62 58.03
N ASN S 2365 55.47 70.55 58.95
CA ASN S 2365 55.71 69.80 60.18
C ASN S 2365 55.78 68.31 59.91
N LYS S 2366 54.95 67.82 58.99
CA LYS S 2366 55.01 66.41 58.59
C LYS S 2366 56.41 66.07 58.09
N VAL S 2367 56.90 66.84 57.13
CA VAL S 2367 58.21 66.60 56.56
C VAL S 2367 59.29 66.90 57.58
N THR S 2368 59.00 67.77 58.56
CA THR S 2368 59.99 68.09 59.62
C THR S 2368 60.34 66.81 60.38
N LYS S 2369 59.39 65.88 60.53
CA LYS S 2369 59.68 64.57 61.16
C LYS S 2369 59.77 63.52 60.06
N SER S 2370 60.10 63.96 58.83
CA SER S 2370 60.16 63.03 57.68
C SER S 2370 61.34 63.38 56.78
N PHE S 2371 61.73 64.65 56.69
CA PHE S 2371 62.88 65.15 55.88
C PHE S 2371 63.33 66.50 56.49
N PRO S 2372 63.90 66.60 57.73
CA PRO S 2372 64.24 67.89 58.33
C PRO S 2372 65.02 68.81 57.40
N PRO S 2373 65.95 68.29 56.54
CA PRO S 2373 66.75 69.22 55.71
C PRO S 2373 65.96 70.04 54.70
N LEU S 2374 64.63 70.00 54.76
CA LEU S 2374 63.81 70.85 53.90
C LEU S 2374 63.44 72.17 54.58
N ALA S 2375 63.06 72.13 55.86
CA ALA S 2375 62.57 73.34 56.53
C ALA S 2375 63.69 74.31 56.88
N ASP S 2376 64.95 73.94 56.67
CA ASP S 2376 66.01 74.94 56.72
C ASP S 2376 65.79 76.01 55.65
N ARG S 2377 65.12 75.64 54.56
CA ARG S 2377 64.77 76.56 53.49
C ARG S 2377 63.54 77.40 53.84
N PHE S 2378 62.87 77.11 54.95
CA PHE S 2378 61.71 77.87 55.40
C PHE S 2378 61.91 78.41 56.81
N MET S 2379 63.13 78.32 57.33
CA MET S 2379 63.47 79.08 58.53
C MET S 2379 63.09 80.55 58.38
N ASN S 2380 63.38 81.13 57.21
CA ASN S 2380 62.98 82.50 56.96
C ASN S 2380 61.47 82.66 56.96
N ALA S 2381 60.76 81.66 56.42
CA ALA S 2381 59.28 81.72 56.35
C ALA S 2381 58.71 81.74 57.77
N VAL S 2382 59.18 80.85 58.66
CA VAL S 2382 58.63 80.78 60.04
C VAL S 2382 59.07 82.03 60.82
N PHE S 2383 60.07 82.75 60.31
CA PHE S 2383 60.51 84.02 60.96
C PHE S 2383 60.01 85.21 60.12
N PHE S 2384 59.04 84.96 59.24
CA PHE S 2384 58.49 86.04 58.37
C PHE S 2384 56.96 86.07 58.43
N LEU S 2385 56.32 84.91 58.63
CA LEU S 2385 54.83 84.92 58.57
C LEU S 2385 54.18 84.14 59.72
N LEU S 2386 54.84 84.04 60.88
CA LEU S 2386 54.13 83.40 62.00
C LEU S 2386 52.90 84.19 62.45
N PRO S 2387 52.95 85.53 62.65
CA PRO S 2387 51.76 86.22 63.19
C PRO S 2387 50.55 86.15 62.28
N LYS S 2388 50.69 85.54 61.10
CA LYS S 2388 49.50 85.26 60.28
C LYS S 2388 48.55 84.32 61.01
N PHE S 2389 49.08 83.30 61.67
CA PHE S 2389 48.25 82.36 62.41
C PHE S 2389 47.69 83.01 63.66
N HIS S 2390 46.49 82.56 64.06
CA HIS S 2390 45.85 83.08 65.24
C HIS S 2390 45.19 82.02 66.10
N GLY S 2391 45.24 80.75 65.71
CA GLY S 2391 44.59 79.70 66.47
C GLY S 2391 45.46 78.49 66.71
N VAL S 2392 44.95 77.32 66.33
CA VAL S 2392 45.68 76.08 66.54
C VAL S 2392 47.01 76.10 65.78
N LEU S 2393 47.06 76.81 64.65
CA LEU S 2393 48.29 76.88 63.89
C LEU S 2393 49.42 77.53 64.67
N LYS S 2394 49.10 78.36 65.66
CA LYS S 2394 50.15 78.90 66.52
C LYS S 2394 50.84 77.80 67.29
N THR S 2395 50.07 76.94 67.97
CA THR S 2395 50.66 75.82 68.68
C THR S 2395 51.29 74.82 67.71
N LEU S 2396 50.75 74.71 66.50
CA LEU S 2396 51.33 73.81 65.52
C LEU S 2396 52.71 74.30 65.09
N CYS S 2397 52.85 75.62 64.89
CA CYS S 2397 54.17 76.19 64.61
C CYS S 2397 55.10 76.05 65.81
N LEU S 2398 54.55 76.15 67.02
CA LEU S 2398 55.34 75.86 68.20
C LEU S 2398 55.88 74.45 68.16
N GLU S 2399 55.05 73.50 67.71
CA GLU S 2399 55.50 72.13 67.55
C GLU S 2399 56.54 72.00 66.46
N VAL S 2400 56.37 72.75 65.36
CA VAL S 2400 57.36 72.74 64.29
C VAL S 2400 58.72 73.20 64.82
N VAL S 2401 58.72 74.29 65.59
CA VAL S 2401 59.94 74.75 66.24
C VAL S 2401 60.47 73.68 67.18
N LEU S 2402 59.56 73.02 67.91
CA LEU S 2402 59.94 71.86 68.70
C LEU S 2402 60.47 70.74 67.82
N CYS S 2403 60.04 70.69 66.56
CA CYS S 2403 60.48 69.66 65.63
C CYS S 2403 61.71 70.05 64.82
N ARG S 2404 62.13 71.30 64.87
CA ARG S 2404 63.31 71.74 64.11
C ARG S 2404 64.54 71.65 65.00
N VAL S 2405 65.60 71.02 64.48
CA VAL S 2405 66.83 70.81 65.22
C VAL S 2405 67.97 71.65 64.67
N GLU S 2406 68.09 71.72 63.33
CA GLU S 2406 69.20 72.40 62.67
C GLU S 2406 68.98 73.90 62.53
N GLY S 2407 68.18 74.50 63.42
CA GLY S 2407 67.90 75.92 63.40
C GLY S 2407 68.93 76.81 64.06
N MET S 2408 70.11 76.28 64.37
CA MET S 2408 71.13 77.10 65.03
C MET S 2408 71.75 78.15 64.13
N THR S 2409 71.41 78.16 62.84
CA THR S 2409 71.84 79.24 61.96
C THR S 2409 71.47 80.58 62.55
N GLU S 2410 70.22 80.74 62.96
CA GLU S 2410 69.78 81.86 63.78
C GLU S 2410 68.79 81.33 64.80
N LEU S 2411 68.97 81.67 66.06
CA LEU S 2411 68.12 81.17 67.13
C LEU S 2411 67.34 82.26 67.83
N TYR S 2412 67.98 83.35 68.26
CA TYR S 2412 67.29 84.36 69.11
C TYR S 2412 66.38 85.28 68.29
N PHE S 2413 66.94 86.00 67.31
CA PHE S 2413 66.16 86.96 66.48
C PHE S 2413 64.88 86.31 65.95
N GLN S 2414 64.89 85.00 65.71
CA GLN S 2414 63.64 84.31 65.29
C GLN S 2414 62.56 84.53 66.35
N LEU S 2415 62.84 84.16 67.61
CA LEU S 2415 61.85 84.31 68.72
C LEU S 2415 61.78 85.78 69.16
N LYS S 2416 62.72 86.61 68.71
CA LYS S 2416 62.69 88.04 69.00
C LYS S 2416 61.65 88.75 68.16
N SER S 2417 61.55 88.41 66.87
CA SER S 2417 60.52 88.97 66.02
C SER S 2417 59.18 88.26 66.18
N LYS S 2418 59.16 87.08 66.79
CA LYS S 2418 57.94 86.29 66.91
C LYS S 2418 57.46 86.13 68.35
N ASP S 2419 58.23 86.57 69.34
CA ASP S 2419 57.81 86.59 70.73
C ASP S 2419 57.48 85.18 71.23
N PHE S 2420 58.48 84.29 71.16
CA PHE S 2420 58.32 82.96 71.75
C PHE S 2420 58.22 83.06 73.27
N VAL S 2421 58.91 84.03 73.87
CA VAL S 2421 58.99 84.11 75.33
C VAL S 2421 57.61 84.27 75.93
N GLN S 2422 56.70 84.96 75.24
CA GLN S 2422 55.35 85.13 75.74
C GLN S 2422 54.61 83.80 75.80
N VAL S 2423 54.63 83.06 74.69
CA VAL S 2423 53.84 81.82 74.63
C VAL S 2423 54.48 80.74 75.49
N MET S 2424 55.79 80.79 75.70
CA MET S 2424 56.42 79.90 76.66
C MET S 2424 56.46 80.48 78.06
N ARG S 2425 55.83 81.64 78.28
CA ARG S 2425 55.51 82.06 79.63
C ARG S 2425 54.17 81.49 80.06
N HIS S 2426 53.24 81.33 79.12
CA HIS S 2426 51.93 80.73 79.43
C HIS S 2426 52.10 79.26 79.79
N ARG S 2427 51.19 78.79 80.66
CA ARG S 2427 51.28 77.44 81.24
C ARG S 2427 50.02 76.64 80.88
N ASP S 2428 50.06 76.00 79.72
CA ASP S 2428 49.12 74.93 79.37
C ASP S 2428 49.94 73.73 78.96
N ASP S 2429 49.58 72.55 79.49
CA ASP S 2429 50.30 71.29 79.14
C ASP S 2429 50.62 71.26 77.63
N GLU S 2430 49.63 71.55 76.78
CA GLU S 2430 49.85 71.56 75.31
C GLU S 2430 50.94 72.58 74.95
N ARG S 2431 50.76 73.84 75.38
CA ARG S 2431 51.77 74.91 75.11
C ARG S 2431 52.83 74.91 76.23
N GLN S 2432 53.02 73.78 76.93
CA GLN S 2432 54.08 73.65 77.96
C GLN S 2432 55.08 72.68 77.36
N LYS S 2433 54.59 71.74 76.57
CA LYS S 2433 55.56 70.89 75.87
C LYS S 2433 56.42 71.72 74.92
N VAL S 2434 55.78 72.53 74.07
CA VAL S 2434 56.55 73.40 73.18
C VAL S 2434 57.20 74.53 73.96
N CYS S 2435 56.62 74.92 75.09
CA CYS S 2435 57.26 75.82 76.02
C CYS S 2435 58.65 75.33 76.42
N LEU S 2436 58.72 74.09 76.87
CA LEU S 2436 59.86 73.60 77.64
C LEU S 2436 60.83 72.78 76.81
N ASP S 2437 60.34 71.81 76.05
CA ASP S 2437 61.26 70.97 75.29
C ASP S 2437 61.93 71.73 74.17
N ILE S 2438 61.31 72.81 73.68
CA ILE S 2438 62.00 73.68 72.73
C ILE S 2438 63.26 74.25 73.36
N ILE S 2439 63.14 74.72 74.60
CA ILE S 2439 64.32 75.22 75.32
C ILE S 2439 65.30 74.07 75.56
N TYR S 2440 64.78 72.92 75.95
CA TYR S 2440 65.64 71.78 76.28
C TYR S 2440 66.45 71.31 75.07
N LYS S 2441 65.92 71.53 73.87
CA LYS S 2441 66.61 71.09 72.66
C LYS S 2441 67.98 71.75 72.52
N MET S 2442 67.99 73.07 72.32
CA MET S 2442 69.22 73.80 72.06
C MET S 2442 69.81 74.42 73.31
N MET S 2443 69.36 73.99 74.48
CA MET S 2443 69.90 74.48 75.75
C MET S 2443 71.42 74.38 75.86
N PRO S 2444 72.09 73.26 75.49
CA PRO S 2444 73.56 73.26 75.58
C PRO S 2444 74.21 74.35 74.74
N LYS S 2445 73.56 74.79 73.67
CA LYS S 2445 74.08 75.82 72.79
C LYS S 2445 73.50 77.20 73.09
N LEU S 2446 72.64 77.31 74.10
CA LEU S 2446 72.00 78.59 74.41
C LEU S 2446 72.98 79.56 75.03
N LYS S 2447 72.82 80.84 74.69
CA LYS S 2447 73.70 81.85 75.23
C LYS S 2447 73.38 82.10 76.71
N PRO S 2448 74.38 82.37 77.54
CA PRO S 2448 74.10 82.64 78.96
C PRO S 2448 73.15 83.81 79.18
N VAL S 2449 73.25 84.86 78.37
CA VAL S 2449 72.32 85.97 78.48
C VAL S 2449 70.93 85.55 78.00
N GLU S 2450 70.88 84.82 76.87
CA GLU S 2450 69.60 84.34 76.37
C GLU S 2450 68.97 83.34 77.32
N LEU S 2451 69.78 82.42 77.85
CA LEU S 2451 69.25 81.48 78.84
C LEU S 2451 68.80 82.20 80.11
N ARG S 2452 69.52 83.25 80.51
CA ARG S 2452 69.13 83.99 81.70
C ARG S 2452 67.78 84.69 81.49
N GLU S 2453 67.59 85.30 80.33
CA GLU S 2453 66.35 86.01 80.06
C GLU S 2453 65.21 85.09 79.64
N LEU S 2454 65.50 83.82 79.34
CA LEU S 2454 64.49 82.88 78.86
C LEU S 2454 64.10 81.83 79.88
N LEU S 2455 64.97 81.53 80.85
CA LEU S 2455 64.73 80.44 81.79
C LEU S 2455 63.78 80.81 82.92
N ASN S 2456 63.55 82.11 83.13
CA ASN S 2456 62.72 82.54 84.25
C ASN S 2456 61.32 81.94 84.21
N PRO S 2457 60.58 81.96 83.08
CA PRO S 2457 59.31 81.23 83.07
C PRO S 2457 59.46 79.73 83.26
N VAL S 2458 60.58 79.16 82.81
CA VAL S 2458 60.74 77.70 82.84
C VAL S 2458 60.75 77.20 84.28
N VAL S 2459 61.59 77.80 85.13
CA VAL S 2459 61.71 77.33 86.51
C VAL S 2459 60.47 77.58 87.34
N GLU S 2460 59.51 78.35 86.82
CA GLU S 2460 58.24 78.56 87.49
C GLU S 2460 57.42 77.28 87.57
N PHE S 2461 57.78 76.26 86.82
CA PHE S 2461 56.96 75.07 86.63
C PHE S 2461 57.22 74.00 87.68
N VAL S 2462 58.04 74.28 88.69
CA VAL S 2462 58.30 73.29 89.72
C VAL S 2462 57.06 73.12 90.60
N SER S 2463 56.93 71.92 91.18
CA SER S 2463 55.80 71.54 92.01
C SER S 2463 54.45 71.72 91.31
N HIS S 2464 54.47 71.88 89.98
CA HIS S 2464 53.23 72.04 89.25
C HIS S 2464 52.50 70.71 89.16
N PRO S 2465 51.19 70.68 89.42
CA PRO S 2465 50.43 69.44 89.29
C PRO S 2465 50.28 69.02 87.82
N SER S 2466 51.40 68.93 87.12
CA SER S 2466 51.41 68.53 85.72
C SER S 2466 52.80 68.01 85.40
N THR S 2467 52.88 66.74 85.01
CA THR S 2467 54.18 66.15 84.70
C THR S 2467 54.84 66.81 83.51
N THR S 2468 54.07 67.44 82.62
CA THR S 2468 54.66 68.16 81.50
C THR S 2468 55.53 69.29 82.02
N CYS S 2469 54.92 70.25 82.72
CA CYS S 2469 55.65 71.40 83.23
C CYS S 2469 56.83 70.97 84.08
N ARG S 2470 56.55 70.28 85.18
CA ARG S 2470 57.61 69.88 86.11
C ARG S 2470 58.68 69.06 85.42
N GLU S 2471 58.28 68.03 84.66
CA GLU S 2471 59.24 67.08 84.13
C GLU S 2471 60.12 67.69 83.05
N GLN S 2472 59.53 68.47 82.13
CA GLN S 2472 60.37 69.09 81.10
C GLN S 2472 61.25 70.19 81.69
N MET S 2473 60.73 70.92 82.69
CA MET S 2473 61.58 71.84 83.41
C MET S 2473 62.74 71.11 84.07
N TYR S 2474 62.49 69.92 84.62
CA TYR S 2474 63.57 69.13 85.19
C TYR S 2474 64.56 68.74 84.11
N ASN S 2475 64.07 68.31 82.95
CA ASN S 2475 64.97 67.98 81.85
C ASN S 2475 65.92 69.14 81.56
N ILE S 2476 65.38 70.35 81.51
CA ILE S 2476 66.20 71.53 81.28
C ILE S 2476 67.17 71.76 82.43
N LEU S 2477 66.65 71.80 83.66
CA LEU S 2477 67.41 72.33 84.77
C LEU S 2477 68.39 71.33 85.37
N MET S 2478 68.15 70.03 85.20
CA MET S 2478 69.14 69.03 85.62
C MET S 2478 70.44 69.24 84.86
N TRP S 2479 70.35 69.29 83.53
CA TRP S 2479 71.53 69.52 82.71
C TRP S 2479 72.11 70.90 82.98
N ILE S 2480 71.26 71.91 83.20
CA ILE S 2480 71.78 73.23 83.52
C ILE S 2480 72.61 73.18 84.81
N HIS S 2481 72.09 72.49 85.83
CA HIS S 2481 72.77 72.37 87.11
C HIS S 2481 74.02 71.51 87.03
N ASP S 2482 74.09 70.58 86.08
CA ASP S 2482 75.24 69.70 85.96
C ASP S 2482 76.28 70.18 84.95
N ASN S 2483 75.94 71.15 84.10
CA ASN S 2483 76.81 71.53 83.00
C ASN S 2483 77.06 73.03 83.00
N TYR S 2484 76.04 73.81 83.35
CA TYR S 2484 76.13 75.27 83.39
C TYR S 2484 76.40 75.77 84.80
N ARG S 2485 77.18 75.02 85.57
CA ARG S 2485 77.48 75.40 86.95
C ARG S 2485 78.31 76.69 87.03
N ASP S 2486 78.87 77.13 85.91
CA ASP S 2486 79.65 78.36 85.87
C ASP S 2486 78.81 79.55 86.33
N THR S 2491 82.65 81.75 83.61
CA THR S 2491 81.75 81.83 84.75
C THR S 2491 80.95 83.13 84.68
N ASP S 2492 80.04 83.20 83.71
CA ASP S 2492 79.25 84.41 83.52
C ASP S 2492 78.30 84.60 84.71
N ASN S 2493 78.13 85.86 85.12
CA ASN S 2493 77.21 86.17 86.20
C ASN S 2493 75.79 85.73 85.88
N ASP S 2494 75.39 85.91 84.62
CA ASP S 2494 74.12 85.34 84.18
C ASP S 2494 74.14 83.82 84.24
N SER S 2495 75.27 83.21 83.85
CA SER S 2495 75.39 81.76 83.98
C SER S 2495 75.37 81.33 85.43
N GLN S 2496 76.02 82.09 86.32
CA GLN S 2496 75.96 81.78 87.74
C GLN S 2496 74.54 81.87 88.26
N GLU S 2497 73.80 82.89 87.84
CA GLU S 2497 72.40 83.02 88.23
C GLU S 2497 71.58 81.85 87.70
N ILE S 2498 71.86 81.42 86.48
CA ILE S 2498 71.15 80.29 85.89
C ILE S 2498 71.41 79.02 86.68
N PHE S 2499 72.68 78.79 87.06
CA PHE S 2499 73.01 77.60 87.83
C PHE S 2499 72.40 77.65 89.23
N LYS S 2500 72.41 78.82 89.87
CA LYS S 2500 71.80 78.96 91.18
C LYS S 2500 70.29 78.74 91.10
N LEU S 2501 69.67 79.25 90.04
CA LEU S 2501 68.25 79.02 89.81
C LEU S 2501 67.98 77.54 89.61
N ALA S 2502 68.85 76.85 88.88
CA ALA S 2502 68.70 75.40 88.71
C ALA S 2502 68.77 74.69 90.05
N LYS S 2503 69.77 75.04 90.87
CA LYS S 2503 69.89 74.44 92.19
C LYS S 2503 68.64 74.65 93.00
N ASP S 2504 68.16 75.90 93.06
CA ASP S 2504 66.97 76.20 93.86
C ASP S 2504 65.75 75.46 93.35
N VAL S 2505 65.52 75.49 92.03
CA VAL S 2505 64.31 74.92 91.47
C VAL S 2505 64.31 73.40 91.52
N LEU S 2506 65.47 72.76 91.46
CA LEU S 2506 65.51 71.31 91.63
C LEU S 2506 65.53 70.88 93.08
N ILE S 2507 65.94 71.77 94.00
CA ILE S 2507 65.68 71.51 95.41
C ILE S 2507 64.19 71.58 95.69
N GLN S 2508 63.50 72.52 95.03
CA GLN S 2508 62.04 72.50 95.05
C GLN S 2508 61.52 71.22 94.42
N GLY S 2509 62.14 70.78 93.32
CA GLY S 2509 61.79 69.52 92.71
C GLY S 2509 62.14 68.32 93.54
N LEU S 2510 63.04 68.47 94.51
CA LEU S 2510 63.28 67.38 95.45
C LEU S 2510 62.05 67.09 96.29
N ILE S 2511 61.06 67.99 96.27
CA ILE S 2511 59.70 67.67 96.67
C ILE S 2511 58.88 67.54 95.39
N ASP S 2512 58.79 66.33 94.85
CA ASP S 2512 58.06 66.07 93.62
C ASP S 2512 56.76 65.36 93.94
N GLU S 2513 55.65 65.90 93.42
CA GLU S 2513 54.37 65.21 93.52
C GLU S 2513 54.42 63.88 92.79
N ASN S 2514 55.13 63.81 91.67
CA ASN S 2514 55.26 62.57 90.94
C ASN S 2514 56.28 61.67 91.64
N PRO S 2515 55.91 60.48 92.08
CA PRO S 2515 56.90 59.59 92.71
C PRO S 2515 58.05 59.22 91.78
N GLY S 2516 57.79 59.07 90.48
CA GLY S 2516 58.88 58.86 89.55
C GLY S 2516 59.82 60.05 89.48
N LEU S 2517 59.24 61.25 89.40
CA LEU S 2517 60.04 62.46 89.44
C LEU S 2517 60.78 62.60 90.76
N GLN S 2518 60.12 62.23 91.87
CA GLN S 2518 60.76 62.29 93.17
C GLN S 2518 61.96 61.36 93.25
N LEU S 2519 61.79 60.12 92.79
CA LEU S 2519 62.90 59.18 92.81
C LEU S 2519 64.04 59.61 91.90
N ILE S 2520 63.70 60.09 90.70
CA ILE S 2520 64.74 60.49 89.77
C ILE S 2520 65.49 61.71 90.27
N ILE S 2521 64.80 62.64 90.94
CA ILE S 2521 65.49 63.80 91.49
C ILE S 2521 66.26 63.45 92.76
N ARG S 2522 65.82 62.44 93.52
CA ARG S 2522 66.62 61.94 94.63
C ARG S 2522 67.92 61.33 94.12
N ASN S 2523 67.84 60.55 93.04
CA ASN S 2523 69.05 59.98 92.45
C ASN S 2523 69.93 61.08 91.86
N PHE S 2524 69.32 62.11 91.28
CA PHE S 2524 70.07 63.24 90.74
C PHE S 2524 70.83 63.96 91.84
N TRP S 2525 70.17 64.22 92.97
CA TRP S 2525 70.81 64.96 94.05
C TRP S 2525 71.87 64.12 94.75
N SER S 2526 71.57 62.85 95.01
CA SER S 2526 72.53 61.97 95.66
C SER S 2526 73.78 61.72 94.81
N HIS S 2527 73.74 62.08 93.53
CA HIS S 2527 74.87 61.89 92.64
C HIS S 2527 76.04 62.78 93.06
N GLU S 2528 77.24 62.37 92.64
CA GLU S 2528 78.46 63.05 93.07
C GLU S 2528 78.49 64.51 92.64
N THR S 2529 78.05 64.80 91.41
CA THR S 2529 78.01 66.17 90.94
C THR S 2529 77.14 67.06 91.83
N ARG S 2530 76.16 66.48 92.52
CA ARG S 2530 75.27 67.22 93.39
C ARG S 2530 75.54 66.97 94.86
N LEU S 2531 75.63 65.71 95.26
CA LEU S 2531 76.14 65.32 96.59
C LEU S 2531 77.39 64.48 96.38
N PRO S 2532 78.59 65.08 96.46
CA PRO S 2532 79.82 64.31 96.25
C PRO S 2532 79.87 63.09 97.17
N SER S 2533 80.24 61.95 96.57
CA SER S 2533 79.84 60.64 97.09
C SER S 2533 80.27 60.42 98.54
N ASN S 2534 81.31 61.10 99.00
CA ASN S 2534 81.71 60.95 100.39
C ASN S 2534 80.59 61.41 101.31
N THR S 2535 80.41 60.69 102.42
CA THR S 2535 79.35 61.02 103.36
C THR S 2535 79.52 62.44 103.90
N LEU S 2536 80.74 62.80 104.27
CA LEU S 2536 81.01 64.19 104.64
C LEU S 2536 80.79 65.12 103.47
N ASP S 2537 81.21 64.72 102.28
CA ASP S 2537 81.02 65.55 101.10
C ASP S 2537 79.53 65.71 100.76
N ARG S 2538 78.77 64.62 100.84
CA ARG S 2538 77.33 64.72 100.62
C ARG S 2538 76.68 65.63 101.67
N LEU S 2539 77.10 65.50 102.93
CA LEU S 2539 76.57 66.36 103.97
C LEU S 2539 76.88 67.82 103.70
N LEU S 2540 78.12 68.13 103.33
CA LEU S 2540 78.51 69.51 103.05
C LEU S 2540 77.74 70.05 101.85
N ALA S 2541 77.56 69.24 100.81
CA ALA S 2541 76.80 69.68 99.65
C ALA S 2541 75.37 69.99 100.03
N LEU S 2542 74.69 69.06 100.73
CA LEU S 2542 73.31 69.31 101.11
C LEU S 2542 73.20 70.48 102.08
N ASN S 2543 74.25 70.78 102.83
CA ASN S 2543 74.30 72.06 103.56
C ASN S 2543 74.29 73.23 102.58
N SER S 2544 75.10 73.14 101.53
CA SER S 2544 75.06 74.16 100.48
C SER S 2544 73.79 74.06 99.65
N LEU S 2545 73.29 72.85 99.41
CA LEU S 2545 72.06 72.63 98.64
C LEU S 2545 70.86 72.95 99.53
N TYR S 2546 70.47 74.22 99.52
CA TYR S 2546 69.33 74.68 100.30
C TYR S 2546 68.48 75.62 99.47
N SER S 2547 67.19 75.62 99.75
CA SER S 2547 66.25 76.57 99.15
C SER S 2547 65.42 77.20 100.25
N PRO S 2548 65.25 78.53 100.23
CA PRO S 2548 64.40 79.16 101.24
C PRO S 2548 62.97 78.65 101.22
N LYS S 2549 62.45 78.31 100.04
CA LYS S 2549 61.11 77.75 99.97
C LYS S 2549 61.07 76.32 100.50
N ILE S 2550 62.20 75.60 100.41
CA ILE S 2550 62.28 74.23 100.90
C ILE S 2550 62.73 74.30 102.35
N GLU S 2551 61.75 74.39 103.25
CA GLU S 2551 62.03 74.37 104.68
C GLU S 2551 61.17 73.30 105.36
N VAL S 2552 59.94 73.12 104.87
CA VAL S 2552 59.01 72.19 105.51
C VAL S 2552 59.52 70.76 105.41
N HIS S 2553 59.88 70.33 104.21
CA HIS S 2553 60.44 69.00 104.00
C HIS S 2553 61.95 68.98 104.10
N PHE S 2554 62.58 70.13 104.35
CA PHE S 2554 64.03 70.16 104.51
C PHE S 2554 64.46 69.20 105.61
N LEU S 2555 63.67 69.08 106.68
CA LEU S 2555 63.94 68.08 107.69
C LEU S 2555 63.83 66.68 107.10
N SER S 2556 62.70 66.39 106.44
CA SER S 2556 62.47 65.06 105.90
C SER S 2556 63.51 64.70 104.84
N LEU S 2557 63.74 65.58 103.87
CA LEU S 2557 64.70 65.35 102.81
C LEU S 2557 66.12 65.25 103.34
N ALA S 2558 66.50 66.15 104.25
CA ALA S 2558 67.84 66.10 104.84
C ALA S 2558 68.05 64.81 105.61
N THR S 2559 67.05 64.37 106.38
CA THR S 2559 67.16 63.12 107.11
C THR S 2559 67.26 61.94 106.16
N ASN S 2560 66.45 61.94 105.09
CA ASN S 2560 66.48 60.84 104.14
C ASN S 2560 67.83 60.75 103.45
N PHE S 2561 68.42 61.88 103.08
CA PHE S 2561 69.75 61.82 102.47
C PHE S 2561 70.83 61.47 103.48
N LEU S 2562 70.80 62.08 104.66
CA LEU S 2562 71.77 61.77 105.70
C LEU S 2562 71.70 60.32 106.14
N LEU S 2563 70.58 59.65 105.89
CA LEU S 2563 70.53 58.20 106.06
C LEU S 2563 70.89 57.46 104.78
N GLU S 2564 70.73 58.10 103.62
CA GLU S 2564 71.34 57.59 102.39
C GLU S 2564 72.85 57.70 102.43
N MET S 2565 73.41 58.37 103.45
CA MET S 2565 74.83 58.25 103.74
C MET S 2565 75.22 56.78 103.85
N THR S 2566 74.35 55.97 104.47
CA THR S 2566 74.56 54.53 104.60
C THR S 2566 74.10 53.83 103.33
N SER S 2567 74.96 53.91 102.31
CA SER S 2567 74.71 53.18 101.08
C SER S 2567 75.98 52.47 100.63
N MET S 2568 77.13 52.91 101.12
CA MET S 2568 78.40 52.25 100.85
C MET S 2568 79.09 51.77 102.14
N SER S 2569 78.34 51.68 103.24
CA SER S 2569 78.95 51.29 104.51
C SER S 2569 79.51 49.87 104.40
N PRO S 2570 80.65 49.59 105.04
CA PRO S 2570 81.18 48.22 104.99
C PRO S 2570 80.25 47.19 105.58
N ASP S 2571 79.48 47.57 106.61
CA ASP S 2571 78.49 46.70 107.20
C ASP S 2571 77.08 47.02 106.73
N TYR S 2572 76.95 47.82 105.68
CA TYR S 2572 75.63 48.13 105.13
C TYR S 2572 74.80 46.89 104.82
N PRO S 2573 75.34 45.80 104.25
CA PRO S 2573 74.53 44.58 104.12
C PRO S 2573 74.58 43.70 105.35
N ASN S 2574 75.06 44.25 106.49
CA ASN S 2574 75.16 43.38 107.65
C ASN S 2574 73.98 43.56 108.59
N PRO S 2575 73.55 42.49 109.26
CA PRO S 2575 72.44 42.62 110.21
C PRO S 2575 72.86 43.34 111.48
N MET S 2576 71.85 43.79 112.22
CA MET S 2576 72.12 44.42 113.52
C MET S 2576 72.75 43.42 114.48
N PHE S 2577 72.14 42.25 114.61
CA PHE S 2577 72.69 41.17 115.42
C PHE S 2577 72.33 39.84 114.80
N GLU S 2578 73.34 39.04 114.47
CA GLU S 2578 73.09 37.67 114.04
C GLU S 2578 72.46 36.85 115.15
N HIS S 2579 72.77 37.18 116.40
CA HIS S 2579 72.13 36.52 117.54
C HIS S 2579 70.87 37.30 117.92
N PRO S 2580 69.69 36.68 117.88
CA PRO S 2580 68.48 37.38 118.33
C PRO S 2580 68.44 37.54 119.84
N LEU S 2581 67.31 37.99 120.37
CA LEU S 2581 67.17 38.17 121.82
C LEU S 2581 67.62 36.92 122.56
N SER S 2582 67.17 35.75 122.10
CA SER S 2582 67.81 34.48 122.40
C SER S 2582 67.94 33.71 121.10
N GLU S 2583 69.03 32.96 120.98
CA GLU S 2583 69.45 32.42 119.68
C GLU S 2583 68.36 31.54 119.07
N CYS S 2584 67.86 31.98 117.91
CA CYS S 2584 66.85 31.26 117.14
C CYS S 2584 66.85 31.84 115.73
N GLU S 2585 66.19 31.13 114.81
CA GLU S 2585 66.07 31.58 113.43
C GLU S 2585 64.60 31.67 113.05
N PHE S 2586 64.29 32.66 112.20
CA PHE S 2586 62.94 33.17 112.16
C PHE S 2586 62.49 33.29 110.71
N GLN S 2587 61.25 32.86 110.44
CA GLN S 2587 60.73 32.95 109.09
C GLN S 2587 60.30 34.38 108.77
N GLU S 2588 60.50 34.79 107.52
CA GLU S 2588 60.16 36.13 107.11
C GLU S 2588 58.66 36.28 106.89
N TYR S 2589 57.94 36.70 107.93
CA TYR S 2589 56.50 36.86 107.86
C TYR S 2589 56.13 38.06 107.01
N THR S 2590 54.90 38.05 106.50
CA THR S 2590 54.33 39.17 105.75
C THR S 2590 53.12 39.73 106.50
N ILE S 2591 52.85 41.01 106.25
CA ILE S 2591 51.76 41.72 106.92
C ILE S 2591 50.73 42.12 105.88
N ASP S 2592 49.47 41.79 106.13
CA ASP S 2592 48.40 42.14 105.22
C ASP S 2592 48.18 43.66 105.18
N SER S 2593 47.90 44.17 103.98
CA SER S 2593 47.48 45.55 103.79
C SER S 2593 46.21 45.53 102.97
N ASP S 2594 45.09 45.94 103.57
CA ASP S 2594 43.79 45.84 102.92
C ASP S 2594 43.06 47.16 103.05
N TRP S 2595 41.86 47.21 102.49
CA TRP S 2595 41.03 48.40 102.52
C TRP S 2595 40.08 48.32 103.72
N ARG S 2596 40.66 48.48 104.90
CA ARG S 2596 39.90 48.39 106.15
C ARG S 2596 40.55 49.32 107.16
N PHE S 2597 39.91 50.46 107.41
CA PHE S 2597 40.38 51.43 108.38
C PHE S 2597 39.87 51.04 109.78
N ARG S 2598 40.04 51.95 110.74
CA ARG S 2598 39.53 51.71 112.08
C ARG S 2598 38.00 51.73 112.05
N SER S 2599 37.39 50.63 112.50
CA SER S 2599 35.95 50.44 112.49
C SER S 2599 35.36 50.59 111.09
N THR S 2600 34.03 50.55 110.99
CA THR S 2600 33.31 50.64 109.73
C THR S 2600 33.87 49.68 108.68
N VAL S 2601 34.39 48.54 109.13
CA VAL S 2601 34.98 47.55 108.24
C VAL S 2601 34.50 46.17 108.67
N LEU S 2602 33.95 45.41 107.71
CA LEU S 2602 33.51 44.05 107.96
C LEU S 2602 34.62 43.03 107.76
N THR S 2603 35.81 43.48 107.35
CA THR S 2603 36.94 42.57 107.15
C THR S 2603 38.26 43.32 107.31
N GLY S 2721 53.38 36.06 63.98
CA GLY S 2721 52.60 35.44 62.93
C GLY S 2721 51.38 34.73 63.47
N ARG S 2722 51.55 34.05 64.61
CA ARG S 2722 50.45 33.34 65.23
C ARG S 2722 49.32 34.28 65.61
N THR S 2723 49.63 35.57 65.74
CA THR S 2723 48.64 36.60 65.98
C THR S 2723 47.75 36.86 64.77
N ASP S 2724 47.96 36.17 63.65
CA ASP S 2724 47.06 36.33 62.51
C ASP S 2724 45.65 35.90 62.88
N LEU S 2725 45.51 34.75 63.55
CA LEU S 2725 44.20 34.32 63.99
C LEU S 2725 43.68 35.22 65.11
N LEU S 2726 44.59 35.78 65.90
CA LEU S 2726 44.19 36.77 66.90
C LEU S 2726 43.53 37.96 66.23
N ARG S 2727 44.10 38.43 65.12
CA ARG S 2727 43.46 39.49 64.35
C ARG S 2727 42.14 39.02 63.76
N LEU S 2728 42.11 37.80 63.23
CA LEU S 2728 40.90 37.29 62.60
C LEU S 2728 39.73 37.28 63.58
N ARG S 2729 39.99 36.85 64.82
CA ARG S 2729 38.96 36.84 65.84
C ARG S 2729 38.71 38.22 66.43
N ARG S 2730 39.73 39.07 66.47
CA ARG S 2730 39.51 40.46 66.88
C ARG S 2730 38.80 41.24 65.78
N ARG S 2731 39.00 40.84 64.53
CA ARG S 2731 38.25 41.38 63.39
C ARG S 2731 37.13 40.44 62.97
N PHE S 2732 36.60 39.65 63.91
CA PHE S 2732 35.53 38.70 63.62
C PHE S 2732 34.21 39.37 63.27
N MET S 2733 34.15 40.70 63.33
CA MET S 2733 32.93 41.44 62.99
C MET S 2733 32.73 41.57 61.48
N ARG S 2734 33.43 40.73 60.70
CA ARG S 2734 33.31 40.78 59.25
C ARG S 2734 31.92 40.40 58.76
N ASP S 2735 31.10 39.80 59.62
CA ASP S 2735 29.71 39.49 59.25
C ASP S 2735 28.77 40.64 59.59
N GLN S 2736 29.15 41.83 59.12
CA GLN S 2736 28.34 43.06 59.20
C GLN S 2736 27.60 43.19 60.54
N GLU S 2737 28.38 43.20 61.62
CA GLU S 2737 27.81 43.35 62.95
C GLU S 2737 28.37 44.58 63.66
N LYS S 2738 28.41 45.72 62.97
CA LYS S 2738 28.88 46.96 63.55
C LYS S 2738 28.02 47.39 64.74
N LEU S 2739 26.75 46.98 64.79
CA LEU S 2739 25.83 47.42 65.83
C LEU S 2739 26.25 46.99 67.23
N SER S 2740 27.16 46.03 67.36
CA SER S 2740 27.59 45.55 68.66
C SER S 2740 28.19 46.68 69.49
N LEU S 2741 29.30 47.26 69.03
CA LEU S 2741 29.91 48.37 69.75
C LEU S 2741 29.01 49.59 69.76
N MET S 2742 28.19 49.76 68.71
CA MET S 2742 27.24 50.86 68.68
C MET S 2742 26.35 50.83 69.92
N TYR S 2743 25.58 49.75 70.07
CA TYR S 2743 24.69 49.63 71.23
C TYR S 2743 25.48 49.52 72.53
N ALA S 2744 26.68 48.94 72.48
CA ALA S 2744 27.51 48.89 73.67
C ALA S 2744 27.75 50.28 74.22
N ARG S 2745 28.43 51.12 73.44
CA ARG S 2745 28.67 52.50 73.86
C ARG S 2745 27.37 53.23 74.14
N LYS S 2746 26.32 52.94 73.36
CA LYS S 2746 25.04 53.62 73.50
C LYS S 2746 24.42 53.39 74.87
N GLY S 2747 24.06 52.15 75.18
CA GLY S 2747 23.41 51.85 76.43
C GLY S 2747 24.30 51.26 77.51
N VAL S 2748 25.10 50.25 77.15
CA VAL S 2748 25.87 49.51 78.15
C VAL S 2748 26.96 50.39 78.73
N ALA S 2749 27.57 51.25 77.90
CA ALA S 2749 28.62 52.12 78.41
C ALA S 2749 28.09 53.09 79.45
N GLU S 2750 26.81 53.44 79.39
CA GLU S 2750 26.25 54.33 80.40
C GLU S 2750 26.35 53.73 81.79
N GLN S 2751 26.43 52.40 81.89
CA GLN S 2751 26.71 51.73 83.15
C GLN S 2751 28.18 51.36 83.32
N LYS S 2752 28.87 51.09 82.22
CA LYS S 2752 30.29 50.72 82.30
C LYS S 2752 31.14 51.88 82.80
N ARG S 2753 30.89 53.10 82.31
CA ARG S 2753 31.76 54.23 82.59
C ARG S 2753 31.69 54.70 84.04
N GLU S 2754 30.71 54.21 84.81
CA GLU S 2754 30.60 54.57 86.22
C GLU S 2754 31.58 53.82 87.11
N LYS S 2755 32.38 52.93 86.54
CA LYS S 2755 33.36 52.20 87.32
C LYS S 2755 34.39 53.14 87.95
N GLU S 2756 34.81 54.17 87.22
CA GLU S 2756 35.77 55.11 87.78
C GLU S 2756 35.14 55.94 88.90
N ILE S 2757 33.86 56.29 88.77
CA ILE S 2757 33.16 56.98 89.85
C ILE S 2757 33.09 56.09 91.08
N LYS S 2758 32.76 54.81 90.87
CA LYS S 2758 32.71 53.87 92.00
C LYS S 2758 34.08 53.71 92.65
N SER S 2759 35.14 53.67 91.84
CA SER S 2759 36.49 53.60 92.39
C SER S 2759 36.81 54.84 93.20
N GLU S 2760 36.42 56.02 92.71
CA GLU S 2760 36.65 57.26 93.45
C GLU S 2760 35.93 57.23 94.79
N LEU S 2761 34.69 56.72 94.80
CA LEU S 2761 33.96 56.57 96.06
C LEU S 2761 34.68 55.59 96.99
N LYS S 2762 35.19 54.49 96.44
CA LYS S 2762 35.91 53.50 97.25
C LYS S 2762 37.19 54.08 97.82
N MET S 2763 37.79 55.07 97.14
CA MET S 2763 39.05 55.66 97.59
C MET S 2763 39.00 56.23 99.00
N LYS S 2764 37.83 56.25 99.65
CA LYS S 2764 37.78 56.58 101.07
C LYS S 2764 38.75 55.71 101.86
N GLN S 2765 38.69 54.40 101.64
CA GLN S 2765 39.73 53.51 102.14
C GLN S 2765 40.96 53.64 101.25
N ASP S 2766 42.13 53.62 101.88
CA ASP S 2766 43.37 53.80 101.13
C ASP S 2766 43.85 52.48 100.54
N ALA S 2767 44.77 52.58 99.59
CA ALA S 2767 45.25 51.43 98.83
C ALA S 2767 46.27 50.63 99.66
N GLN S 2768 46.97 49.73 98.99
CA GLN S 2768 47.92 48.85 99.65
C GLN S 2768 49.10 49.65 100.22
N VAL S 2769 49.97 48.95 100.94
CA VAL S 2769 51.04 49.59 101.70
C VAL S 2769 52.37 48.92 101.37
N VAL S 2770 53.44 49.69 101.48
CA VAL S 2770 54.81 49.19 101.33
C VAL S 2770 55.43 49.06 102.70
N LEU S 2771 56.21 48.00 102.90
CA LEU S 2771 56.89 47.74 104.16
C LEU S 2771 58.39 47.92 104.01
N TYR S 2772 59.04 48.30 105.11
CA TYR S 2772 60.48 48.58 105.13
C TYR S 2772 61.24 47.63 106.03
N ARG S 2773 60.62 46.56 106.52
CA ARG S 2773 61.27 45.68 107.48
C ARG S 2773 61.27 44.23 107.00
N SER S 2774 61.65 43.32 107.89
CA SER S 2774 61.78 41.89 107.62
C SER S 2774 60.94 41.10 108.61
N TYR S 2775 59.66 41.44 108.69
CA TYR S 2775 58.71 40.85 109.63
C TYR S 2775 58.95 39.36 109.82
N ARG S 2776 59.08 38.94 111.08
CA ARG S 2776 59.39 37.56 111.40
C ARG S 2776 58.43 37.07 112.47
N HIS S 2777 57.64 36.05 112.12
CA HIS S 2777 56.64 35.48 113.02
C HIS S 2777 57.22 34.23 113.67
N GLY S 2778 58.34 34.42 114.37
CA GLY S 2778 59.06 33.33 114.99
C GLY S 2778 58.98 33.40 116.51
N ASP S 2779 59.68 32.46 117.15
CA ASP S 2779 59.54 32.27 118.59
C ASP S 2779 59.83 33.55 119.37
N LEU S 2780 60.94 34.21 119.06
CA LEU S 2780 61.46 35.32 119.82
C LEU S 2780 61.57 36.56 118.94
N PRO S 2781 61.63 37.75 119.55
CA PRO S 2781 61.78 38.97 118.74
C PRO S 2781 63.05 38.93 117.91
N ASP S 2782 62.89 39.02 116.61
CA ASP S 2782 64.03 39.04 115.69
C ASP S 2782 64.87 40.28 115.91
N ILE S 2783 66.17 40.16 115.61
CA ILE S 2783 67.10 41.27 115.64
C ILE S 2783 67.85 41.43 114.33
N GLN S 2784 67.64 40.53 113.38
CA GLN S 2784 68.53 40.38 112.23
C GLN S 2784 68.26 41.37 111.10
N ILE S 2785 67.60 42.50 111.37
CA ILE S 2785 67.47 43.53 110.34
C ILE S 2785 68.85 44.01 109.93
N LYS S 2786 69.09 44.05 108.62
CA LYS S 2786 70.35 44.52 108.10
C LYS S 2786 70.42 46.04 108.19
N HIS S 2787 71.61 46.59 107.95
CA HIS S 2787 71.74 48.05 107.90
C HIS S 2787 70.89 48.63 106.77
N SER S 2788 70.70 47.88 105.69
CA SER S 2788 69.71 48.27 104.70
C SER S 2788 68.31 48.17 105.28
N SER S 2789 67.99 47.04 105.91
CA SER S 2789 66.72 46.86 106.59
C SER S 2789 66.63 47.66 107.88
N LEU S 2790 67.72 48.30 108.30
CA LEU S 2790 67.65 49.28 109.37
C LEU S 2790 67.33 50.66 108.82
N ILE S 2791 68.00 51.05 107.73
CA ILE S 2791 67.80 52.40 107.20
C ILE S 2791 66.43 52.55 106.57
N THR S 2792 65.94 51.53 105.86
CA THR S 2792 64.65 51.69 105.18
C THR S 2792 63.51 52.05 106.14
N PRO S 2793 63.33 51.40 107.30
CA PRO S 2793 62.39 51.95 108.27
C PRO S 2793 62.91 53.22 108.92
N LEU S 2794 64.22 53.35 109.10
CA LEU S 2794 64.76 54.58 109.67
C LEU S 2794 64.74 55.73 108.67
N GLN S 2795 64.72 55.44 107.38
CA GLN S 2795 64.52 56.49 106.40
C GLN S 2795 63.05 56.79 106.17
N ALA S 2796 62.17 55.83 106.44
CA ALA S 2796 60.75 56.13 106.50
C ALA S 2796 60.44 57.05 107.67
N VAL S 2797 60.99 56.74 108.85
CA VAL S 2797 60.83 57.63 110.00
C VAL S 2797 61.62 58.91 109.78
N ALA S 2798 62.57 58.90 108.84
CA ALA S 2798 63.24 60.13 108.47
C ALA S 2798 62.38 61.02 107.58
N GLN S 2799 61.26 60.50 107.08
CA GLN S 2799 60.43 61.21 106.12
C GLN S 2799 58.94 61.16 106.40
N ARG S 2800 58.45 60.21 107.20
CA ARG S 2800 57.01 59.99 107.31
C ARG S 2800 56.30 61.21 107.90
N ASP S 2801 56.88 61.81 108.93
CA ASP S 2801 56.23 62.91 109.62
C ASP S 2801 57.23 64.03 109.87
N PRO S 2802 56.78 65.28 109.87
CA PRO S 2802 57.69 66.38 110.21
C PRO S 2802 58.29 66.28 111.60
N ILE S 2803 57.55 65.74 112.57
CA ILE S 2803 58.08 65.64 113.93
C ILE S 2803 59.21 64.62 114.00
N ILE S 2804 59.01 63.45 113.39
CA ILE S 2804 60.08 62.44 113.35
C ILE S 2804 61.23 62.86 112.44
N ALA S 2805 60.94 63.59 111.37
CA ALA S 2805 62.02 64.17 110.57
C ALA S 2805 62.85 65.13 111.41
N LYS S 2806 62.18 65.97 112.21
CA LYS S 2806 62.88 66.83 113.15
C LYS S 2806 63.62 66.02 114.20
N GLN S 2807 63.05 64.90 114.63
CA GLN S 2807 63.73 64.03 115.59
C GLN S 2807 65.06 63.55 115.04
N LEU S 2808 65.06 63.04 113.80
CA LEU S 2808 66.29 62.50 113.26
C LEU S 2808 67.26 63.60 112.86
N PHE S 2809 66.73 64.76 112.48
CA PHE S 2809 67.58 65.89 112.10
C PHE S 2809 67.96 66.76 113.28
N SER S 2810 67.55 66.39 114.49
CA SER S 2810 68.01 67.05 115.71
C SER S 2810 68.81 66.12 116.59
N SER S 2811 68.26 64.99 117.03
CA SER S 2811 68.97 64.10 117.94
C SER S 2811 70.01 63.26 117.19
N LEU S 2812 69.58 62.55 116.15
CA LEU S 2812 70.55 61.85 115.32
C LEU S 2812 71.47 62.82 114.62
N PHE S 2813 71.07 64.09 114.48
CA PHE S 2813 71.97 65.11 113.95
C PHE S 2813 73.01 65.52 114.99
N SER S 2814 72.62 65.58 116.26
CA SER S 2814 73.61 65.72 117.32
C SER S 2814 74.58 64.57 117.28
N GLY S 2815 74.09 63.37 117.04
CA GLY S 2815 74.98 62.21 116.90
C GLY S 2815 75.92 62.34 115.71
N ILE S 2816 75.38 62.76 114.56
CA ILE S 2816 76.19 62.86 113.35
C ILE S 2816 77.28 63.92 113.54
N LEU S 2817 76.94 65.03 114.20
CA LEU S 2817 77.93 66.07 114.47
C LEU S 2817 78.96 65.63 115.51
N LYS S 2818 78.51 64.99 116.59
CA LYS S 2818 79.45 64.56 117.62
C LYS S 2818 80.33 63.42 117.14
N GLU S 2819 79.96 62.75 116.05
CA GLU S 2819 80.83 61.74 115.46
C GLU S 2819 81.50 62.21 114.17
N MET S 2820 81.27 63.46 113.74
CA MET S 2820 82.18 64.11 112.79
C MET S 2820 83.63 64.00 113.24
N ASP S 2821 83.88 63.99 114.56
CA ASP S 2821 85.25 63.97 115.06
C ASP S 2821 86.01 62.69 114.68
N LYS S 2822 85.30 61.65 114.22
CA LYS S 2822 85.99 60.46 113.74
C LYS S 2822 86.88 60.78 112.54
N PHE S 2823 86.52 61.81 111.78
CA PHE S 2823 87.31 62.21 110.62
C PHE S 2823 87.56 63.71 110.53
N LYS S 2824 86.86 64.55 111.29
CA LYS S 2824 87.05 65.99 111.27
C LYS S 2824 87.69 66.45 112.57
N THR S 2825 88.79 67.19 112.46
CA THR S 2825 89.45 67.74 113.63
C THR S 2825 88.68 68.97 114.13
N LEU S 2826 89.12 69.49 115.27
CA LEU S 2826 88.40 70.59 115.91
C LEU S 2826 88.45 71.87 115.08
N SER S 2827 89.53 72.09 114.34
CA SER S 2827 89.63 73.30 113.52
C SER S 2827 88.61 73.27 112.39
N GLU S 2828 88.53 72.15 111.66
CA GLU S 2828 87.54 72.04 110.60
C GLU S 2828 86.14 72.04 111.16
N LYS S 2829 85.94 71.39 112.31
CA LYS S 2829 84.62 71.38 112.94
C LYS S 2829 84.19 72.80 113.33
N ASN S 2830 85.13 73.61 113.83
CA ASN S 2830 84.78 74.98 114.20
C ASN S 2830 84.56 75.86 112.99
N ASN S 2831 85.33 75.64 111.92
CA ASN S 2831 85.08 76.39 110.69
C ASN S 2831 83.70 76.09 110.13
N ILE S 2832 83.34 74.80 110.10
CA ILE S 2832 81.99 74.40 109.72
C ILE S 2832 80.97 74.96 110.71
N THR S 2833 81.36 75.10 111.97
CA THR S 2833 80.45 75.67 112.97
C THR S 2833 80.11 77.12 112.65
N GLN S 2834 81.11 77.94 112.35
CA GLN S 2834 80.83 79.33 111.98
C GLN S 2834 80.08 79.42 110.66
N LYS S 2835 80.47 78.60 109.67
CA LYS S 2835 79.74 78.57 108.41
C LYS S 2835 78.28 78.22 108.63
N LEU S 2836 78.02 77.26 109.51
CA LEU S 2836 76.65 76.83 109.79
C LEU S 2836 75.93 77.78 110.73
N LEU S 2837 76.65 78.60 111.49
CA LEU S 2837 75.99 79.70 112.20
C LEU S 2837 75.46 80.73 111.21
N GLN S 2838 76.26 81.06 110.20
CA GLN S 2838 75.77 81.89 109.11
C GLN S 2838 74.61 81.22 108.39
N ASP S 2839 74.72 79.92 108.13
CA ASP S 2839 73.66 79.18 107.47
C ASP S 2839 72.40 79.11 108.32
N PHE S 2840 72.56 79.08 109.65
CA PHE S 2840 71.40 79.08 110.54
C PHE S 2840 70.71 80.45 110.53
N ASN S 2841 71.51 81.52 110.51
CA ASN S 2841 70.93 82.85 110.32
C ASN S 2841 70.16 82.91 109.01
N ARG S 2842 70.69 82.28 107.97
CA ARG S 2842 69.99 82.21 106.69
C ARG S 2842 68.69 81.41 106.82
N PHE S 2843 68.75 80.21 107.40
CA PHE S 2843 67.61 79.33 107.50
C PHE S 2843 66.53 79.88 108.42
N LEU S 2844 66.88 80.82 109.29
CA LEU S 2844 65.88 81.50 110.12
C LEU S 2844 65.48 82.86 109.56
N ASN S 2845 66.21 83.38 108.56
CA ASN S 2845 65.93 84.68 107.98
C ASN S 2845 65.64 84.62 106.49
N THR S 2846 66.47 83.93 105.71
CA THR S 2846 66.29 83.91 104.26
C THR S 2846 64.97 83.25 103.88
N THR S 2847 64.60 82.16 104.54
CA THR S 2847 63.32 81.54 104.26
C THR S 2847 62.20 82.40 104.83
N PHE S 2848 61.03 82.30 104.20
CA PHE S 2848 59.83 82.97 104.70
C PHE S 2848 58.94 82.03 105.48
N SER S 2849 59.13 80.72 105.34
CA SER S 2849 58.29 79.72 105.99
C SER S 2849 58.94 79.36 107.33
N PHE S 2850 58.36 79.87 108.43
CA PHE S 2850 58.79 79.50 109.77
C PHE S 2850 58.08 78.20 110.15
N PHE S 2851 58.46 77.13 109.47
CA PHE S 2851 57.88 75.82 109.73
C PHE S 2851 58.27 75.39 111.13
N PRO S 2852 57.31 75.14 112.04
CA PRO S 2852 57.65 74.91 113.44
C PRO S 2852 58.63 73.75 113.62
N PRO S 2853 58.39 72.58 113.00
CA PRO S 2853 59.43 71.54 113.09
C PRO S 2853 60.76 71.97 112.51
N PHE S 2854 60.76 72.70 111.40
CA PHE S 2854 62.02 73.06 110.74
C PHE S 2854 62.83 74.04 111.57
N VAL S 2855 62.25 75.18 111.91
CA VAL S 2855 62.98 76.17 112.70
C VAL S 2855 63.29 75.63 114.08
N SER S 2856 62.37 74.84 114.66
CA SER S 2856 62.63 74.25 115.96
C SER S 2856 63.82 73.30 115.89
N CYS S 2857 63.92 72.52 114.81
CA CYS S 2857 65.05 71.62 114.66
C CYS S 2857 66.36 72.38 114.49
N ILE S 2858 66.33 73.46 113.72
CA ILE S 2858 67.54 74.27 113.54
C ILE S 2858 68.01 74.85 114.86
N GLN S 2859 67.06 75.41 115.63
CA GLN S 2859 67.42 75.99 116.92
C GLN S 2859 67.86 74.92 117.91
N ASP S 2860 67.27 73.72 117.82
CA ASP S 2860 67.69 72.61 118.67
C ASP S 2860 69.11 72.17 118.33
N ILE S 2861 69.45 72.17 117.04
CA ILE S 2861 70.82 71.86 116.65
C ILE S 2861 71.77 72.91 117.20
N SER S 2862 71.40 74.19 117.09
CA SER S 2862 72.27 75.25 117.58
C SER S 2862 72.48 75.16 119.09
N CYS S 2863 71.41 74.92 119.85
CA CYS S 2863 71.53 74.79 121.29
C CYS S 2863 72.15 73.47 121.70
N GLN S 2864 72.13 72.47 120.82
CA GLN S 2864 72.68 71.15 121.15
C GLN S 2864 74.19 71.19 121.25
N HIS S 2865 74.84 71.98 120.40
CA HIS S 2865 76.29 72.01 120.30
C HIS S 2865 76.76 73.38 120.79
N ALA S 2866 77.67 73.38 121.77
CA ALA S 2866 78.15 74.63 122.35
C ALA S 2866 78.85 75.48 121.30
N ALA S 2867 79.51 74.85 120.32
CA ALA S 2867 80.07 75.61 119.21
C ALA S 2867 78.97 76.31 118.42
N LEU S 2868 77.87 75.60 118.15
CA LEU S 2868 76.73 76.21 117.47
C LEU S 2868 75.88 77.06 118.41
N LEU S 2869 76.18 77.06 119.71
CA LEU S 2869 75.44 77.90 120.64
C LEU S 2869 75.63 79.38 120.36
N SER S 2870 76.69 79.74 119.64
CA SER S 2870 76.97 81.14 119.34
C SER S 2870 76.14 81.62 118.16
N LEU S 2871 74.83 81.44 118.24
CA LEU S 2871 73.91 81.89 117.21
C LEU S 2871 73.23 83.19 117.63
N ASP S 2872 72.63 83.86 116.66
CA ASP S 2872 71.94 85.11 116.93
C ASP S 2872 70.67 84.83 117.74
N PRO S 2873 70.53 85.40 118.94
CA PRO S 2873 69.29 85.18 119.72
C PRO S 2873 68.05 85.74 119.04
N ALA S 2874 68.18 86.83 118.29
CA ALA S 2874 67.01 87.50 117.74
C ALA S 2874 66.30 86.63 116.71
N ALA S 2875 67.04 86.11 115.74
CA ALA S 2875 66.44 85.26 114.71
C ALA S 2875 65.84 83.99 115.29
N VAL S 2876 66.53 83.35 116.23
CA VAL S 2876 66.00 82.16 116.89
C VAL S 2876 64.74 82.44 117.69
N SER S 2877 64.72 83.54 118.44
CA SER S 2877 63.52 83.90 119.19
C SER S 2877 62.37 84.20 118.25
N ALA S 2878 62.63 84.90 117.14
CA ALA S 2878 61.58 85.18 116.17
C ALA S 2878 61.04 83.89 115.54
N GLY S 2879 61.94 82.97 115.18
CA GLY S 2879 61.50 81.73 114.59
C GLY S 2879 60.72 80.85 115.55
N CYS S 2880 61.11 80.86 116.82
CA CYS S 2880 60.40 80.05 117.81
C CYS S 2880 59.04 80.65 118.14
N LEU S 2881 58.98 81.98 118.29
CA LEU S 2881 57.73 82.62 118.68
C LEU S 2881 56.73 82.62 117.53
N ALA S 2882 57.20 82.90 116.31
CA ALA S 2882 56.30 82.93 115.15
C ALA S 2882 55.74 81.56 114.84
N SER S 2883 56.55 80.51 115.01
CA SER S 2883 56.14 79.13 114.77
C SER S 2883 55.55 78.47 116.00
N LEU S 2884 55.35 79.23 117.08
CA LEU S 2884 54.87 78.69 118.36
C LEU S 2884 55.80 77.61 118.89
N GLN S 2885 57.09 77.77 118.65
CA GLN S 2885 58.12 76.86 119.16
C GLN S 2885 58.91 77.50 120.30
N GLN S 2886 58.23 78.26 121.17
CA GLN S 2886 58.83 78.94 122.30
C GLN S 2886 59.79 78.05 123.10
N PRO S 2887 59.46 76.77 123.34
CA PRO S 2887 60.41 75.92 124.09
C PRO S 2887 61.81 75.87 123.50
N VAL S 2888 61.96 75.76 122.18
CA VAL S 2888 63.30 75.57 121.61
C VAL S 2888 64.05 76.89 121.54
N GLY S 2889 63.36 78.00 121.28
CA GLY S 2889 64.01 79.29 121.36
C GLY S 2889 64.46 79.61 122.76
N ILE S 2890 63.62 79.30 123.75
CA ILE S 2890 64.03 79.46 125.15
C ILE S 2890 65.20 78.52 125.46
N ARG S 2891 65.20 77.32 124.86
CA ARG S 2891 66.31 76.40 125.08
C ARG S 2891 67.62 76.97 124.57
N LEU S 2892 67.62 77.55 123.37
CA LEU S 2892 68.84 78.20 122.89
C LEU S 2892 69.23 79.36 123.77
N LEU S 2893 68.27 80.24 124.09
CA LEU S 2893 68.58 81.44 124.85
C LEU S 2893 68.82 81.17 126.33
N GLU S 2894 68.70 79.91 126.75
CA GLU S 2894 69.10 79.48 128.09
C GLU S 2894 70.41 78.69 128.08
N GLU S 2895 70.62 77.81 127.11
CA GLU S 2895 71.90 77.11 127.00
C GLU S 2895 73.02 78.09 126.70
N ALA S 2896 72.84 78.94 125.68
CA ALA S 2896 73.85 79.97 125.42
C ALA S 2896 73.91 80.99 126.55
N LEU S 2897 72.81 81.16 127.27
CA LEU S 2897 72.80 82.04 128.43
C LEU S 2897 73.76 81.53 129.50
N LEU S 2898 73.62 80.25 129.87
CA LEU S 2898 74.52 79.65 130.85
C LEU S 2898 75.94 79.53 130.30
N ARG S 2899 76.07 79.39 128.98
CA ARG S 2899 77.41 79.38 128.37
C ARG S 2899 78.09 80.73 128.54
N LEU S 2900 77.35 81.82 128.37
CA LEU S 2900 77.92 83.16 128.43
C LEU S 2900 77.79 83.80 129.81
N LEU S 2901 76.67 83.57 130.49
CA LEU S 2901 76.43 84.11 131.83
C LEU S 2901 76.50 85.64 131.87
N LEU S 2916 79.04 90.81 134.10
CA LEU S 2916 78.64 89.91 133.02
C LEU S 2916 78.82 90.60 131.67
N PRO S 2917 79.06 89.82 130.62
CA PRO S 2917 79.24 90.40 129.28
C PRO S 2917 77.95 91.03 128.79
N PRO S 2918 78.03 91.93 127.82
CA PRO S 2918 76.81 92.57 127.29
C PRO S 2918 75.99 91.64 126.40
N ASP S 2919 75.73 90.42 126.88
CA ASP S 2919 74.83 89.50 126.20
C ASP S 2919 73.40 89.67 126.64
N VAL S 2920 73.03 90.87 127.10
CA VAL S 2920 71.72 91.11 127.69
C VAL S 2920 70.59 90.89 126.71
N LEU S 2921 70.89 90.77 125.42
CA LEU S 2921 69.83 90.57 124.42
C LEU S 2921 69.11 89.25 124.66
N ARG S 2922 69.85 88.14 124.73
CA ARG S 2922 69.21 86.86 125.02
C ARG S 2922 68.73 86.81 126.47
N TRP S 2923 69.47 87.45 127.37
CA TRP S 2923 69.07 87.54 128.78
C TRP S 2923 67.66 88.10 128.90
N VAL S 2924 67.36 89.13 128.11
CA VAL S 2924 66.07 89.80 128.23
C VAL S 2924 65.02 89.16 127.33
N GLU S 2925 65.42 88.57 126.21
CA GLU S 2925 64.46 87.88 125.35
C GLU S 2925 63.97 86.58 125.98
N LEU S 2926 64.76 85.95 126.84
CA LEU S 2926 64.25 84.82 127.61
C LEU S 2926 63.08 85.25 128.48
N ALA S 2927 63.24 86.36 129.19
CA ALA S 2927 62.14 86.89 130.01
C ALA S 2927 61.00 87.41 129.15
N LYS S 2928 61.31 87.91 127.95
CA LYS S 2928 60.26 88.34 127.03
C LYS S 2928 59.40 87.16 126.58
N LEU S 2929 60.04 86.04 126.25
CA LEU S 2929 59.30 84.83 125.92
C LEU S 2929 58.54 84.30 127.13
N TYR S 2930 59.09 84.48 128.33
CA TYR S 2930 58.34 84.13 129.54
C TYR S 2930 57.08 84.98 129.66
N ARG S 2931 57.21 86.29 129.44
CA ARG S 2931 56.07 87.19 129.57
C ARG S 2931 55.05 86.96 128.46
N SER S 2932 55.50 86.49 127.30
CA SER S 2932 54.57 86.16 126.22
C SER S 2932 53.64 85.01 126.63
N ILE S 2933 54.18 84.03 127.35
CA ILE S 2933 53.38 82.89 127.78
C ILE S 2933 52.78 83.07 129.17
N GLY S 2934 52.86 84.28 129.75
CA GLY S 2934 52.16 84.57 130.98
C GLY S 2934 52.99 84.68 132.24
N GLU S 2935 54.15 85.33 132.16
CA GLU S 2935 55.01 85.54 133.31
C GLU S 2935 55.14 87.02 133.61
N TYR S 2936 55.26 87.37 134.90
CA TYR S 2936 55.33 88.76 135.32
C TYR S 2936 56.47 89.08 136.30
N ASP S 2937 56.99 88.10 137.05
CA ASP S 2937 57.96 88.42 138.10
C ASP S 2937 59.40 88.21 137.68
N VAL S 2938 59.68 87.34 136.71
CA VAL S 2938 61.03 87.28 136.14
C VAL S 2938 61.36 88.59 135.47
N LEU S 2939 60.35 89.35 135.05
CA LEU S 2939 60.57 90.69 134.55
C LEU S 2939 61.26 91.55 135.60
N ARG S 2940 60.85 91.44 136.86
CA ARG S 2940 61.52 92.16 137.94
C ARG S 2940 63.00 91.80 138.01
N GLY S 2941 63.32 90.51 137.89
CA GLY S 2941 64.68 90.05 138.01
C GLY S 2941 65.52 90.17 136.76
N ILE S 2942 64.94 90.58 135.64
CA ILE S 2942 65.70 90.71 134.39
C ILE S 2942 65.68 92.15 133.91
N PHE S 2943 64.49 92.68 133.60
CA PHE S 2943 64.37 93.95 132.91
C PHE S 2943 64.88 95.13 133.74
N THR S 2944 64.99 94.97 135.06
CA THR S 2944 65.43 96.07 135.90
C THR S 2944 66.38 95.69 137.03
N SER S 2945 66.64 94.39 137.25
CA SER S 2945 67.49 94.01 138.37
C SER S 2945 68.96 94.16 138.00
N GLU S 2946 69.42 93.40 137.01
CA GLU S 2946 70.79 93.50 136.54
C GLU S 2946 70.95 93.47 135.03
N ILE S 2947 70.05 92.82 134.29
CA ILE S 2947 70.06 92.92 132.83
C ILE S 2947 69.63 94.31 132.40
N GLY S 2948 68.56 94.83 133.00
CA GLY S 2948 68.19 96.21 132.79
C GLY S 2948 68.77 97.09 133.89
N THR S 2949 69.17 98.30 133.50
CA THR S 2949 69.87 99.21 134.40
C THR S 2949 68.95 100.24 135.07
N LYS S 2950 67.91 100.68 134.37
CA LYS S 2950 67.08 101.75 134.91
C LYS S 2950 66.16 101.25 136.00
N GLN S 2951 65.55 102.19 136.72
CA GLN S 2951 64.76 101.89 137.91
C GLN S 2951 63.28 102.20 137.77
N ILE S 2952 62.89 103.10 136.87
CA ILE S 2952 61.46 103.30 136.64
C ILE S 2952 60.81 102.03 136.10
N THR S 2953 61.61 101.17 135.45
CA THR S 2953 61.13 99.85 135.09
C THR S 2953 60.70 99.07 136.32
N GLN S 2954 61.52 99.09 137.38
CA GLN S 2954 61.12 98.44 138.63
C GLN S 2954 59.92 99.14 139.26
N SER S 2955 59.88 100.48 139.17
CA SER S 2955 58.77 101.23 139.76
C SER S 2955 57.44 100.83 139.13
N ALA S 2956 57.43 100.63 137.81
CA ALA S 2956 56.21 100.18 137.15
C ALA S 2956 55.99 98.67 137.32
N LEU S 2957 57.08 97.90 137.40
CA LEU S 2957 56.98 96.46 137.48
C LEU S 2957 56.50 95.98 138.85
N LEU S 2958 56.72 96.77 139.89
CA LEU S 2958 56.19 96.38 141.20
C LEU S 2958 54.67 96.34 141.15
N ALA S 2959 54.05 97.28 140.45
CA ALA S 2959 52.61 97.23 140.25
C ALA S 2959 52.22 96.16 139.24
N GLU S 2960 52.96 96.07 138.12
CA GLU S 2960 52.56 95.18 137.04
C GLU S 2960 52.63 93.72 137.46
N ALA S 2961 53.74 93.31 138.08
CA ALA S 2961 53.91 91.93 138.50
C ALA S 2961 52.90 91.55 139.58
N ARG S 2962 52.63 92.47 140.51
CA ARG S 2962 51.57 92.25 141.49
C ARG S 2962 50.18 92.44 140.91
N SER S 2963 50.09 92.53 139.58
CA SER S 2963 48.83 92.65 138.85
C SER S 2963 48.10 93.96 139.15
N ASP S 2964 48.81 94.95 139.68
CA ASP S 2964 48.26 96.29 139.82
C ASP S 2964 48.47 97.05 138.52
N TYR S 2965 47.44 97.78 138.11
CA TYR S 2965 47.51 98.60 136.91
C TYR S 2965 47.01 100.02 137.11
N SER S 2966 46.38 100.33 138.24
CA SER S 2966 46.01 101.72 138.52
C SER S 2966 47.25 102.55 138.81
N GLU S 2967 48.11 102.06 139.70
CA GLU S 2967 49.42 102.69 139.88
C GLU S 2967 50.30 102.45 138.67
N ALA S 2968 50.25 101.23 138.12
CA ALA S 2968 51.00 100.94 136.90
C ALA S 2968 50.51 101.77 135.72
N ALA S 2969 49.26 102.24 135.75
CA ALA S 2969 48.82 103.17 134.71
C ALA S 2969 49.75 104.38 134.62
N LYS S 2970 49.86 105.12 135.72
CA LYS S 2970 50.72 106.30 135.74
C LYS S 2970 52.19 105.93 135.56
N GLN S 2971 52.64 104.87 136.25
CA GLN S 2971 54.05 104.50 136.19
C GLN S 2971 54.45 104.15 134.77
N TYR S 2972 53.63 103.37 134.08
CA TYR S 2972 53.95 102.92 132.74
C TYR S 2972 53.67 103.99 131.69
N ASP S 2973 52.72 104.90 131.96
CA ASP S 2973 52.55 106.04 131.06
C ASP S 2973 53.78 106.95 131.09
N GLU S 2974 54.29 107.24 132.30
CA GLU S 2974 55.50 108.03 132.37
C GLU S 2974 56.71 107.27 131.86
N ALA S 2975 56.68 105.93 131.95
CA ALA S 2975 57.75 105.13 131.38
C ALA S 2975 57.75 105.21 129.86
N LEU S 2976 56.58 105.05 129.23
CA LEU S 2976 56.50 105.12 127.78
C LEU S 2976 56.79 106.53 127.28
N ASN S 2977 56.43 107.54 128.07
CA ASN S 2977 56.72 108.92 127.71
C ASN S 2977 58.15 109.32 128.04
N LYS S 2978 58.90 108.47 128.75
CA LYS S 2978 60.28 108.78 129.15
C LYS S 2978 61.24 108.09 128.18
N GLN S 2979 61.53 108.78 127.07
CA GLN S 2979 62.54 108.27 126.16
C GLN S 2979 63.93 108.33 126.76
N ASP S 2980 64.23 109.38 127.53
CA ASP S 2980 65.46 109.41 128.29
C ASP S 2980 65.42 108.36 129.39
N TRP S 2981 66.58 107.92 129.83
CA TRP S 2981 66.69 106.81 130.77
C TRP S 2981 67.11 107.31 132.14
N VAL S 2982 66.73 106.53 133.16
CA VAL S 2982 66.96 106.94 134.55
C VAL S 2982 68.45 107.08 134.82
N ASP S 2983 69.24 106.06 134.48
CA ASP S 2983 70.68 106.08 134.68
C ASP S 2983 71.47 105.96 133.39
N GLY S 2984 70.81 106.00 132.23
CA GLY S 2984 71.51 105.83 130.98
C GLY S 2984 71.59 104.37 130.58
N GLU S 2985 72.73 103.96 130.03
CA GLU S 2985 72.93 102.61 129.51
C GLU S 2985 71.81 102.21 128.56
N PRO S 2986 71.68 102.86 127.41
CA PRO S 2986 70.58 102.54 126.50
C PRO S 2986 70.77 101.20 125.83
N THR S 2987 70.02 100.20 126.27
CA THR S 2987 70.10 98.85 125.72
C THR S 2987 68.69 98.35 125.44
N GLU S 2988 68.59 97.47 124.43
CA GLU S 2988 67.30 96.91 124.06
C GLU S 2988 66.71 96.03 125.16
N ALA S 2989 67.52 95.66 126.16
CA ALA S 2989 67.00 94.90 127.29
C ALA S 2989 65.99 95.71 128.09
N GLU S 2990 66.11 97.04 128.04
CA GLU S 2990 65.21 97.90 128.81
C GLU S 2990 64.68 99.06 127.99
N LYS S 2991 65.14 99.23 126.74
CA LYS S 2991 64.59 100.26 125.87
C LYS S 2991 63.11 100.00 125.56
N ASP S 2992 62.79 98.79 125.13
CA ASP S 2992 61.43 98.50 124.66
C ASP S 2992 60.46 98.37 125.82
N PHE S 2993 60.91 97.84 126.96
CA PHE S 2993 60.00 97.42 128.02
C PHE S 2993 59.17 98.58 128.55
N TRP S 2994 59.79 99.77 128.69
CA TRP S 2994 59.10 100.91 129.27
C TRP S 2994 57.75 101.17 128.60
N GLU S 2995 57.69 101.02 127.28
CA GLU S 2995 56.45 101.17 126.54
C GLU S 2995 55.72 99.86 126.33
N LEU S 2996 56.44 98.75 126.13
CA LEU S 2996 55.79 97.47 125.85
C LEU S 2996 54.94 97.02 127.03
N ALA S 2997 55.52 97.01 128.24
CA ALA S 2997 54.75 96.61 129.40
C ALA S 2997 53.72 97.66 129.77
N SER S 2998 53.96 98.92 129.42
CA SER S 2998 52.92 99.93 129.55
C SER S 2998 51.70 99.55 128.73
N LEU S 2999 51.94 99.16 127.49
CA LEU S 2999 50.85 98.74 126.61
C LEU S 2999 50.17 97.49 127.15
N ASP S 3000 50.99 96.57 127.67
CA ASP S 3000 50.47 95.31 128.19
C ASP S 3000 49.58 95.53 129.40
N CYS S 3001 49.97 96.43 130.31
CA CYS S 3001 49.16 96.69 131.49
C CYS S 3001 47.93 97.54 131.15
N TYR S 3002 48.06 98.49 130.23
CA TYR S 3002 46.88 99.22 129.78
C TYR S 3002 45.90 98.32 129.04
N ASN S 3003 46.38 97.23 128.45
CA ASN S 3003 45.47 96.22 127.94
C ASN S 3003 44.91 95.38 129.09
N HIS S 3004 45.73 95.10 130.11
CA HIS S 3004 45.24 94.45 131.31
C HIS S 3004 44.21 95.31 132.02
N LEU S 3005 44.47 96.61 132.12
CA LEU S 3005 43.45 97.54 132.60
C LEU S 3005 42.44 97.67 131.47
N ALA S 3006 41.51 96.72 131.41
CA ALA S 3006 40.73 96.47 130.21
C ALA S 3006 39.75 97.61 129.97
N GLU S 3007 40.28 98.79 129.69
CA GLU S 3007 39.50 99.98 129.44
C GLU S 3007 40.02 100.63 128.16
N TRP S 3008 39.12 100.93 127.23
CA TRP S 3008 39.52 101.70 126.06
C TRP S 3008 40.06 103.06 126.46
N LYS S 3009 39.63 103.57 127.63
CA LYS S 3009 40.24 104.77 128.18
C LYS S 3009 41.71 104.54 128.52
N SER S 3010 42.00 103.43 129.20
CA SER S 3010 43.39 103.07 129.43
C SER S 3010 44.10 102.72 128.12
N LEU S 3011 43.35 102.17 127.17
CA LEU S 3011 43.96 101.91 125.87
C LEU S 3011 44.21 103.18 125.07
N GLU S 3012 43.64 104.31 125.48
CA GLU S 3012 44.06 105.59 124.91
C GLU S 3012 45.50 105.92 125.31
N TYR S 3013 45.83 105.72 126.58
CA TYR S 3013 47.24 105.79 126.99
C TYR S 3013 48.06 104.72 126.27
N CYS S 3014 47.45 103.55 126.06
CA CYS S 3014 48.07 102.51 125.26
C CYS S 3014 48.20 102.89 123.78
N SER S 3015 47.56 103.97 123.36
CA SER S 3015 47.73 104.45 121.99
C SER S 3015 48.93 105.38 121.85
N THR S 3016 49.24 106.15 122.90
CA THR S 3016 50.44 106.99 122.96
C THR S 3016 50.48 108.04 121.86
N ALA S 3017 49.43 108.12 121.03
CA ALA S 3017 49.35 109.08 119.93
C ALA S 3017 50.56 108.97 119.00
N SER S 3018 51.04 107.74 118.80
CA SER S 3018 52.12 107.45 117.86
C SER S 3018 53.39 108.25 118.19
N ILE S 3019 53.94 107.95 119.37
CA ILE S 3019 55.16 108.60 119.82
C ILE S 3019 56.38 107.95 119.17
N ASP S 3020 57.53 108.58 119.36
CA ASP S 3020 58.89 108.19 118.97
C ASP S 3020 59.17 108.43 117.49
N SER S 3021 58.15 108.67 116.66
CA SER S 3021 58.29 109.14 115.29
C SER S 3021 59.49 108.52 114.57
N GLU S 3022 59.62 107.20 114.70
CA GLU S 3022 60.76 106.52 114.10
C GLU S 3022 60.47 106.14 112.65
N LYS S 3029 48.72 101.78 108.03
CA LYS S 3029 50.16 101.53 108.11
C LYS S 3029 50.88 102.71 108.76
N ILE S 3030 50.10 103.72 109.18
CA ILE S 3030 50.69 104.90 109.80
C ILE S 3030 51.44 104.52 111.06
N TRP S 3031 50.83 103.68 111.90
CA TRP S 3031 51.51 103.16 113.08
C TRP S 3031 52.56 102.12 112.75
N SER S 3032 52.59 101.63 111.51
CA SER S 3032 53.53 100.60 111.09
C SER S 3032 54.81 101.16 110.49
N GLU S 3033 54.92 102.49 110.38
CA GLU S 3033 56.12 103.07 109.80
C GLU S 3033 57.29 103.04 110.78
N PRO S 3034 57.15 103.55 112.01
CA PRO S 3034 58.30 103.51 112.93
C PRO S 3034 58.64 102.10 113.35
N PHE S 3035 59.94 101.87 113.56
CA PHE S 3035 60.41 100.56 114.00
C PHE S 3035 60.12 100.33 115.48
N TYR S 3036 60.25 101.37 116.30
CA TYR S 3036 59.78 101.27 117.68
C TYR S 3036 58.30 100.98 117.71
N GLN S 3037 57.51 101.78 116.99
CA GLN S 3037 56.07 101.59 116.91
C GLN S 3037 55.67 100.28 116.23
N GLU S 3038 56.58 99.67 115.46
CA GLU S 3038 56.30 98.36 114.90
C GLU S 3038 56.09 97.32 115.99
N THR S 3039 56.91 97.38 117.05
CA THR S 3039 56.70 96.52 118.20
C THR S 3039 55.40 96.87 118.93
N TYR S 3040 55.05 98.16 118.95
CA TYR S 3040 53.83 98.60 119.60
C TYR S 3040 52.65 98.66 118.65
N LEU S 3041 52.73 97.98 117.51
CA LEU S 3041 51.83 98.25 116.39
C LEU S 3041 50.36 98.02 116.73
N PRO S 3042 49.93 96.87 117.28
CA PRO S 3042 48.51 96.74 117.62
C PRO S 3042 48.08 97.65 118.76
N TYR S 3043 48.97 97.87 119.72
CA TYR S 3043 48.61 98.67 120.90
C TYR S 3043 48.35 100.12 120.53
N MET S 3044 49.08 100.66 119.55
CA MET S 3044 48.90 102.05 119.17
C MET S 3044 47.50 102.32 118.66
N ILE S 3045 46.94 101.38 117.89
CA ILE S 3045 45.55 101.50 117.45
C ILE S 3045 44.56 100.92 118.45
N ARG S 3046 45.04 100.20 119.48
CA ARG S 3046 44.15 99.51 120.40
C ARG S 3046 43.13 100.44 121.04
N SER S 3047 43.50 101.71 121.26
CA SER S 3047 42.57 102.66 121.85
C SER S 3047 41.23 102.67 121.13
N LYS S 3048 41.28 102.79 119.82
CA LYS S 3048 40.06 102.83 119.02
C LYS S 3048 39.66 101.44 118.53
N LEU S 3049 40.60 100.50 118.54
CA LEU S 3049 40.30 99.11 118.17
C LEU S 3049 39.34 98.48 119.17
N LYS S 3050 39.53 98.74 120.46
CA LYS S 3050 38.61 98.18 121.45
C LYS S 3050 37.28 98.92 121.43
N LEU S 3051 37.30 100.19 121.01
CA LEU S 3051 36.04 100.89 120.76
C LEU S 3051 35.27 100.24 119.62
N LEU S 3052 35.99 99.84 118.56
CA LEU S 3052 35.39 99.04 117.49
C LEU S 3052 34.84 97.74 118.03
N LEU S 3053 35.61 97.07 118.89
CA LEU S 3053 35.20 95.79 119.43
C LEU S 3053 33.95 95.91 120.30
N GLN S 3054 33.80 97.01 121.04
CA GLN S 3054 32.67 97.18 121.93
C GLN S 3054 31.48 97.86 121.28
N GLY S 3055 31.63 98.39 120.06
CA GLY S 3055 30.51 98.99 119.38
C GLY S 3055 30.77 100.33 118.70
N GLU S 3056 31.66 101.13 119.28
CA GLU S 3056 31.95 102.45 118.72
C GLU S 3056 32.62 102.30 117.36
N ALA S 3057 32.09 103.02 116.37
CA ALA S 3057 32.54 102.91 114.98
C ALA S 3057 33.39 104.13 114.65
N ASP S 3058 34.68 104.03 114.95
CA ASP S 3058 35.62 105.09 114.68
C ASP S 3058 36.82 104.68 113.82
N GLN S 3059 37.18 103.39 113.82
CA GLN S 3059 38.05 102.82 112.79
C GLN S 3059 39.43 103.46 112.74
N SER S 3060 40.21 103.26 113.81
CA SER S 3060 41.65 103.42 113.67
C SER S 3060 42.28 102.22 112.96
N LEU S 3061 41.53 101.13 112.80
CA LEU S 3061 42.04 99.93 112.16
C LEU S 3061 41.86 99.95 110.65
N LEU S 3062 40.88 100.73 110.16
CA LEU S 3062 40.58 100.71 108.73
C LEU S 3062 41.77 101.14 107.89
N THR S 3063 42.33 102.32 108.20
CA THR S 3063 43.52 102.79 107.49
C THR S 3063 44.72 101.89 107.78
N PHE S 3064 44.87 101.48 109.04
CA PHE S 3064 45.97 100.62 109.43
C PHE S 3064 46.04 99.35 108.59
N ILE S 3065 44.89 98.79 108.21
CA ILE S 3065 44.86 97.59 107.38
C ILE S 3065 44.94 97.94 105.91
N ASP S 3066 44.20 98.97 105.47
CA ASP S 3066 44.14 99.29 104.04
C ASP S 3066 45.51 99.70 103.51
N LYS S 3067 46.23 100.55 104.25
CA LYS S 3067 47.56 100.96 103.82
C LYS S 3067 48.56 99.82 103.91
N ALA S 3068 48.23 98.75 104.62
CA ALA S 3068 49.13 97.63 104.82
C ALA S 3068 48.93 96.50 103.81
N MET S 3069 47.96 96.65 102.90
CA MET S 3069 47.79 95.66 101.85
C MET S 3069 48.97 95.63 100.89
N HIS S 3070 49.78 96.68 100.88
CA HIS S 3070 51.00 96.73 100.08
C HIS S 3070 52.16 96.39 101.01
N GLY S 3071 52.38 95.11 101.20
CA GLY S 3071 53.39 94.63 102.13
C GLY S 3071 52.81 93.53 103.00
N GLU S 3072 53.59 92.46 103.17
CA GLU S 3072 53.15 91.29 103.92
C GLU S 3072 53.44 91.39 105.41
N LEU S 3073 54.09 92.47 105.87
CA LEU S 3073 54.37 92.63 107.29
C LEU S 3073 53.10 92.76 108.12
N GLN S 3074 52.01 93.21 107.51
CA GLN S 3074 50.74 93.32 108.22
C GLN S 3074 49.59 92.69 107.47
N LYS S 3075 49.63 92.69 106.13
CA LYS S 3075 48.55 92.09 105.35
C LYS S 3075 48.54 90.58 105.50
N ALA S 3076 49.70 89.94 105.39
CA ALA S 3076 49.76 88.48 105.38
C ALA S 3076 49.34 87.89 106.72
N ILE S 3077 49.66 88.56 107.81
CA ILE S 3077 49.39 88.04 109.15
C ILE S 3077 47.91 88.15 109.48
N LEU S 3078 47.12 88.69 108.54
CA LEU S 3078 45.68 88.80 108.76
C LEU S 3078 44.99 87.46 108.56
N GLU S 3079 45.10 86.90 107.36
CA GLU S 3079 44.28 85.75 106.99
C GLU S 3079 44.58 84.53 107.85
N LEU S 3080 45.81 84.44 108.38
CA LEU S 3080 46.22 83.27 109.14
C LEU S 3080 46.44 83.55 110.62
N HIS S 3081 46.97 84.70 110.99
CA HIS S 3081 47.38 84.96 112.36
C HIS S 3081 46.45 85.96 113.06
N TYR S 3082 46.29 87.16 112.51
CA TYR S 3082 45.43 88.17 113.12
C TYR S 3082 44.24 88.38 112.18
N SER S 3083 43.25 87.50 112.31
CA SER S 3083 42.09 87.54 111.44
C SER S 3083 40.98 88.44 111.96
N GLN S 3084 41.04 88.86 113.22
CA GLN S 3084 40.01 89.75 113.74
C GLN S 3084 40.08 91.12 113.09
N GLU S 3085 41.27 91.56 112.69
CA GLU S 3085 41.39 92.85 112.02
C GLU S 3085 40.66 92.83 110.68
N LEU S 3086 40.91 91.82 109.87
CA LEU S 3086 40.22 91.68 108.59
C LEU S 3086 38.73 91.42 108.80
N SER S 3087 38.38 90.68 109.85
CA SER S 3087 36.98 90.46 110.17
C SER S 3087 36.27 91.76 110.48
N LEU S 3088 36.91 92.66 111.24
CA LEU S 3088 36.38 94.00 111.45
C LEU S 3088 36.27 94.77 110.14
N LEU S 3089 37.32 94.72 109.32
CA LEU S 3089 37.33 95.52 108.11
C LEU S 3089 36.18 95.13 107.18
N TYR S 3090 35.92 93.83 107.04
CA TYR S 3090 34.84 93.38 106.19
C TYR S 3090 33.51 93.22 106.94
N LEU S 3091 33.51 93.40 108.26
CA LEU S 3091 32.27 93.43 109.02
C LEU S 3091 31.69 94.83 109.09
N LEU S 3092 32.52 95.85 108.89
CA LEU S 3092 32.00 97.19 108.69
C LEU S 3092 31.00 97.22 107.53
N GLN S 3093 31.26 96.41 106.50
CA GLN S 3093 30.33 96.21 105.41
C GLN S 3093 29.49 94.95 105.59
N ASP S 3094 29.67 94.23 106.70
CA ASP S 3094 29.01 92.95 106.93
C ASP S 3094 29.33 91.96 105.81
N ASP S 3095 30.56 92.05 105.30
CA ASP S 3095 31.02 91.19 104.20
C ASP S 3095 31.73 89.99 104.81
N VAL S 3096 30.92 89.10 105.40
CA VAL S 3096 31.46 87.94 106.10
C VAL S 3096 31.88 86.82 105.17
N ASP S 3097 31.59 86.92 103.86
CA ASP S 3097 31.95 85.86 102.93
C ASP S 3097 33.44 85.54 103.00
N ARG S 3098 34.28 86.56 103.12
CA ARG S 3098 35.70 86.39 103.34
C ARG S 3098 36.15 86.76 104.75
N ALA S 3099 35.44 87.66 105.43
CA ALA S 3099 35.79 87.98 106.80
C ALA S 3099 35.68 86.75 107.70
N LYS S 3100 34.53 86.06 107.64
CA LYS S 3100 34.36 84.84 108.41
C LYS S 3100 35.23 83.71 107.88
N TYR S 3101 35.44 83.66 106.56
CA TYR S 3101 36.31 82.65 106.00
C TYR S 3101 37.72 82.76 106.57
N TYR S 3102 38.24 83.98 106.65
CA TYR S 3102 39.58 84.19 107.18
C TYR S 3102 39.63 84.17 108.70
N ILE S 3103 38.52 84.48 109.38
CA ILE S 3103 38.48 84.27 110.82
C ILE S 3103 38.58 82.78 111.13
N GLN S 3104 37.91 81.95 110.32
CA GLN S 3104 38.04 80.51 110.49
C GLN S 3104 39.42 80.01 110.05
N ASN S 3105 40.02 80.66 109.05
CA ASN S 3105 41.39 80.32 108.69
C ASN S 3105 42.34 80.61 109.85
N GLY S 3106 42.15 81.76 110.51
CA GLY S 3106 42.94 82.04 111.70
C GLY S 3106 42.70 81.05 112.81
N ILE S 3107 41.44 80.62 112.99
CA ILE S 3107 41.14 79.61 114.00
C ILE S 3107 41.85 78.30 113.67
N GLN S 3108 41.86 77.91 112.40
CA GLN S 3108 42.56 76.70 111.99
C GLN S 3108 44.07 76.81 112.20
N SER S 3109 44.64 77.97 111.87
CA SER S 3109 46.06 78.18 112.12
C SER S 3109 46.38 78.12 113.59
N PHE S 3110 45.49 78.64 114.44
CA PHE S 3110 45.68 78.51 115.88
C PHE S 3110 45.44 77.09 116.36
N MET S 3111 44.62 76.30 115.67
CA MET S 3111 44.55 74.88 115.96
C MET S 3111 45.89 74.23 115.72
N GLN S 3112 46.52 74.54 114.59
CA GLN S 3112 47.84 74.01 114.28
C GLN S 3112 48.88 74.47 115.31
N ASN S 3113 48.82 75.75 115.70
CA ASN S 3113 49.76 76.28 116.68
C ASN S 3113 49.55 75.64 118.06
N TYR S 3114 48.30 75.48 118.47
CA TYR S 3114 47.98 74.86 119.75
C TYR S 3114 48.41 73.39 119.77
N SER S 3115 48.27 72.70 118.64
CA SER S 3115 48.84 71.37 118.52
C SER S 3115 50.36 71.42 118.64
N SER S 3116 50.99 72.43 118.03
CA SER S 3116 52.42 72.62 118.19
C SER S 3116 52.78 73.06 119.60
N ILE S 3117 51.84 73.65 120.34
CA ILE S 3117 52.09 74.02 121.73
C ILE S 3117 52.09 72.75 122.58
N ASP S 3118 53.17 72.56 123.34
CA ASP S 3118 53.30 71.34 124.13
C ASP S 3118 52.31 71.30 125.28
N VAL S 3119 51.92 70.08 125.66
CA VAL S 3119 51.01 69.90 126.78
C VAL S 3119 51.64 70.37 128.08
N LEU S 3120 52.94 70.11 128.25
CA LEU S 3120 53.61 70.46 129.49
C LEU S 3120 53.75 71.97 129.67
N LEU S 3121 53.69 72.73 128.58
CA LEU S 3121 53.60 74.18 128.70
C LEU S 3121 52.19 74.54 129.17
N HIS S 3122 51.89 74.22 130.42
CA HIS S 3122 50.54 74.46 130.94
C HIS S 3122 50.18 75.93 130.86
N GLN S 3123 51.15 76.83 131.02
CA GLN S 3123 50.88 78.24 130.78
C GLN S 3123 50.48 78.48 129.33
N SER S 3124 51.23 77.91 128.39
CA SER S 3124 50.86 78.01 126.98
C SER S 3124 49.63 77.16 126.67
N ARG S 3125 49.54 75.98 127.28
CA ARG S 3125 48.35 75.14 127.11
C ARG S 3125 47.08 75.89 127.47
N LEU S 3126 47.13 76.72 128.51
CA LEU S 3126 45.96 77.48 128.91
C LEU S 3126 45.78 78.73 128.04
N THR S 3127 46.88 79.47 127.80
CA THR S 3127 46.75 80.74 127.09
C THR S 3127 46.32 80.53 125.64
N LYS S 3128 46.84 79.50 124.97
CA LYS S 3128 46.46 79.26 123.58
C LYS S 3128 45.03 78.75 123.50
N LEU S 3129 44.60 77.91 124.45
CA LEU S 3129 43.22 77.45 124.43
C LEU S 3129 42.25 78.59 124.73
N GLN S 3130 42.64 79.54 125.59
CA GLN S 3130 41.77 80.69 125.79
C GLN S 3130 41.88 81.68 124.65
N SER S 3131 42.97 81.66 123.89
CA SER S 3131 42.98 82.36 122.61
C SER S 3131 41.99 81.73 121.65
N VAL S 3132 41.83 80.40 121.71
CA VAL S 3132 40.78 79.73 120.95
C VAL S 3132 39.41 80.12 121.46
N GLN S 3133 39.28 80.31 122.78
CA GLN S 3133 38.03 80.83 123.34
C GLN S 3133 37.73 82.23 122.81
N ALA S 3134 38.76 83.08 122.75
CA ALA S 3134 38.62 84.39 122.12
C ALA S 3134 38.31 84.26 120.65
N LEU S 3135 38.76 83.17 120.01
CA LEU S 3135 38.42 82.92 118.62
C LEU S 3135 36.95 82.59 118.45
N THR S 3136 36.41 81.72 119.32
CA THR S 3136 34.99 81.39 119.21
C THR S 3136 34.14 82.60 119.60
N GLU S 3137 34.67 83.50 120.43
CA GLU S 3137 33.97 84.75 120.71
C GLU S 3137 34.13 85.77 119.60
N ILE S 3138 35.23 85.76 118.85
CA ILE S 3138 35.35 86.62 117.68
C ILE S 3138 34.52 86.07 116.53
N GLN S 3139 34.16 84.79 116.58
CA GLN S 3139 33.05 84.31 115.77
C GLN S 3139 31.72 84.75 116.36
N GLU S 3140 31.59 84.72 117.69
CA GLU S 3140 30.48 85.35 118.40
C GLU S 3140 30.61 86.87 118.41
N PHE S 3141 31.53 87.38 117.59
CA PHE S 3141 31.68 88.79 117.26
C PHE S 3141 31.20 89.10 115.85
N ILE S 3142 31.10 88.09 114.99
CA ILE S 3142 30.75 88.27 113.59
C ILE S 3142 29.64 87.34 113.14
N SER S 3143 29.20 86.39 113.97
CA SER S 3143 28.23 85.38 113.55
C SER S 3143 26.89 86.02 113.21
N PHE S 3144 26.34 86.81 114.13
CA PHE S 3144 25.01 87.38 113.94
C PHE S 3144 25.00 88.87 114.30
N ILE S 3145 25.93 89.62 113.71
CA ILE S 3145 25.85 91.08 113.76
C ILE S 3145 24.48 91.53 113.29
N SER S 3146 24.15 91.21 112.04
CA SER S 3146 22.78 91.30 111.53
C SER S 3146 22.65 90.21 110.47
N LYS S 3147 22.23 89.04 110.89
CA LYS S 3147 22.16 87.90 109.98
C LYS S 3147 20.80 87.21 110.00
N GLN S 3148 20.16 87.11 111.16
CA GLN S 3148 18.84 86.51 111.27
C GLN S 3148 17.76 87.45 111.75
N GLY S 3149 18.12 88.55 112.42
CA GLY S 3149 17.15 89.52 112.88
C GLY S 3149 16.97 89.52 114.39
N ASN S 3150 17.64 90.46 115.06
CA ASN S 3150 17.46 90.67 116.48
C ASN S 3150 17.40 92.13 116.86
N LEU S 3151 17.76 93.04 115.94
CA LEU S 3151 17.95 94.45 116.28
C LEU S 3151 16.64 95.13 116.67
N SER S 3152 15.61 94.99 115.85
CA SER S 3152 14.32 95.61 116.11
C SER S 3152 13.34 94.66 116.78
N SER S 3153 13.76 93.45 117.14
CA SER S 3153 12.91 92.46 117.75
C SER S 3153 13.32 92.19 119.18
N GLN S 3154 12.32 91.89 120.02
CA GLN S 3154 12.58 91.52 121.41
C GLN S 3154 13.23 90.16 121.42
N VAL S 3155 14.52 90.12 121.76
CA VAL S 3155 15.31 88.89 121.65
C VAL S 3155 15.99 88.59 122.97
N PRO S 3156 15.26 88.12 123.99
CA PRO S 3156 15.92 87.71 125.24
C PRO S 3156 16.91 86.60 125.06
N LEU S 3157 16.78 85.79 123.99
CA LEU S 3157 17.79 84.78 123.69
C LEU S 3157 19.14 85.43 123.36
N LYS S 3158 19.13 86.67 122.85
CA LYS S 3158 20.38 87.36 122.63
C LYS S 3158 21.12 87.58 123.93
N ARG S 3159 20.40 87.93 124.99
CA ARG S 3159 20.92 87.98 126.35
C ARG S 3159 21.11 86.60 126.96
N LEU S 3160 20.91 85.54 126.17
CA LEU S 3160 21.25 84.19 126.61
C LEU S 3160 22.55 83.66 125.99
N LEU S 3161 22.92 84.17 124.82
CA LEU S 3161 24.23 83.83 124.26
C LEU S 3161 25.35 84.36 125.13
N ASN S 3162 25.22 85.60 125.62
CA ASN S 3162 26.18 86.14 126.56
C ASN S 3162 25.96 85.64 127.99
N THR S 3163 24.87 84.90 128.22
CA THR S 3163 24.68 84.25 129.51
C THR S 3163 25.64 83.07 129.64
N TRP S 3164 25.52 82.34 130.76
CA TRP S 3164 26.50 81.32 131.12
C TRP S 3164 27.90 81.93 131.20
N THR S 3165 27.95 83.19 131.66
CA THR S 3165 29.18 83.99 131.67
C THR S 3165 29.77 84.13 130.27
N ASN S 3166 28.91 84.09 129.26
CA ASN S 3166 29.30 84.11 127.85
C ASN S 3166 30.45 83.14 127.58
N ARG S 3167 30.19 81.87 127.89
CA ARG S 3167 31.13 80.78 127.67
C ARG S 3167 32.44 81.00 128.44
N TYR S 3168 32.31 80.98 129.77
CA TYR S 3168 33.42 80.69 130.66
C TYR S 3168 34.63 81.60 130.46
N PRO S 3169 34.58 82.81 131.02
CA PRO S 3169 35.59 83.83 130.71
C PRO S 3169 36.95 83.61 131.35
N ASP S 3170 37.21 82.37 131.80
CA ASP S 3170 38.56 81.91 132.12
C ASP S 3170 39.14 82.66 133.32
N ALA S 3171 38.51 82.46 134.47
CA ALA S 3171 38.87 83.15 135.70
C ALA S 3171 40.17 82.60 136.29
N LYS S 3172 40.77 83.42 137.16
CA LYS S 3172 41.85 83.05 138.09
C LYS S 3172 43.18 82.87 137.38
N MET S 3173 43.14 82.81 136.04
CA MET S 3173 44.32 82.72 135.17
C MET S 3173 43.94 83.35 133.85
N ASP S 3174 44.85 83.27 132.86
CA ASP S 3174 44.51 83.68 131.50
C ASP S 3174 43.99 85.12 131.48
N PRO S 3175 44.90 86.10 131.59
CA PRO S 3175 44.51 87.46 132.02
C PRO S 3175 43.51 88.20 131.15
N MET S 3176 43.25 89.46 131.54
CA MET S 3176 42.12 90.29 131.15
C MET S 3176 41.81 90.27 129.64
N ASN S 3177 42.79 89.90 128.83
CA ASN S 3177 42.56 89.83 127.39
C ASN S 3177 41.39 88.90 127.06
N ILE S 3178 41.41 87.69 127.61
CA ILE S 3178 40.36 86.73 127.30
C ILE S 3178 39.03 87.13 127.94
N TRP S 3179 39.07 87.66 129.17
CA TRP S 3179 37.87 88.25 129.77
C TRP S 3179 37.22 89.28 128.85
N ASP S 3180 38.00 90.23 128.35
CA ASP S 3180 37.41 91.26 127.52
C ASP S 3180 36.94 90.69 126.19
N ASP S 3181 37.67 89.72 125.62
CA ASP S 3181 37.20 89.05 124.41
C ASP S 3181 35.91 88.29 124.62
N ILE S 3182 35.65 87.84 125.84
CA ILE S 3182 34.40 87.13 126.13
C ILE S 3182 33.18 88.03 125.93
N ILE S 3183 33.20 89.20 126.56
CA ILE S 3183 32.00 90.02 126.65
C ILE S 3183 31.99 91.11 125.59
N THR S 3184 33.17 91.67 125.25
CA THR S 3184 33.23 92.71 124.23
C THR S 3184 32.77 92.20 122.88
N ASN S 3185 33.10 90.94 122.58
CA ASN S 3185 32.75 90.35 121.29
C ASN S 3185 31.23 90.24 121.14
N ARG S 3186 30.55 89.87 122.22
CA ARG S 3186 29.09 89.88 122.20
C ARG S 3186 28.53 91.29 122.29
N CYS S 3187 29.25 92.22 122.88
CA CYS S 3187 28.75 93.59 122.97
C CYS S 3187 28.83 94.33 121.65
N PHE S 3188 29.73 93.96 120.77
CA PHE S 3188 29.62 94.45 119.39
C PHE S 3188 28.32 94.00 118.76
N PHE S 3189 27.96 92.73 118.94
CA PHE S 3189 26.63 92.27 118.52
C PHE S 3189 25.57 93.17 119.11
N LEU S 3190 25.60 93.35 120.44
CA LEU S 3190 24.57 94.12 121.14
C LEU S 3190 24.43 95.53 120.58
N SER S 3191 25.56 96.22 120.39
CA SER S 3191 25.55 97.49 119.68
C SER S 3191 24.97 97.34 118.27
N LYS S 3192 25.08 96.14 117.68
CA LYS S 3192 24.39 95.82 116.44
C LYS S 3192 23.10 95.04 116.68
N ILE S 3193 22.41 95.29 117.80
CA ILE S 3193 21.07 94.79 118.08
C ILE S 3193 20.10 95.94 118.35
N GLU S 3194 20.35 97.13 117.80
CA GLU S 3194 19.45 98.24 118.02
C GLU S 3194 19.33 99.11 116.77
N GLU S 3195 19.58 98.55 115.59
CA GLU S 3195 19.62 99.36 114.38
C GLU S 3195 18.53 99.03 113.36
N LYS S 3196 18.48 97.79 112.86
CA LYS S 3196 17.70 97.53 111.65
C LYS S 3196 16.60 96.50 111.80
N LEU S 3197 16.90 95.32 112.34
CA LEU S 3197 15.94 94.21 112.27
C LEU S 3197 16.02 93.25 113.44
N ASP S 3226 13.87 98.44 127.12
CA ASP S 3226 13.73 97.85 125.79
C ASP S 3226 15.00 97.12 125.39
N ILE S 3227 15.12 96.80 124.10
CA ILE S 3227 16.31 96.12 123.60
C ILE S 3227 17.54 97.01 123.75
N SER S 3228 17.37 98.32 123.62
CA SER S 3228 18.48 99.23 123.92
C SER S 3228 18.88 99.12 125.39
N SER S 3229 17.89 99.08 126.28
CA SER S 3229 18.19 98.89 127.70
C SER S 3229 18.80 97.51 127.94
N LEU S 3230 18.35 96.50 127.20
CA LEU S 3230 18.83 95.15 127.44
C LEU S 3230 20.24 94.92 126.88
N ILE S 3231 20.64 95.70 125.87
CA ILE S 3231 22.03 95.66 125.43
C ILE S 3231 22.90 96.52 126.33
N ARG S 3232 22.34 97.62 126.86
CA ARG S 3232 23.03 98.35 127.92
C ARG S 3232 23.27 97.47 129.13
N SER S 3233 22.37 96.51 129.39
CA SER S 3233 22.55 95.59 130.49
C SER S 3233 23.82 94.77 130.33
N CYS S 3234 24.08 94.26 129.13
CA CYS S 3234 25.28 93.47 128.94
C CYS S 3234 26.51 94.33 128.67
N LYS S 3235 26.36 95.62 128.34
CA LYS S 3235 27.50 96.52 128.46
C LYS S 3235 27.85 96.77 129.93
N PHE S 3236 26.83 96.88 130.78
CA PHE S 3236 27.06 96.86 132.21
C PHE S 3236 27.75 95.56 132.60
N SER S 3237 27.40 94.47 131.91
CA SER S 3237 28.10 93.19 132.11
C SER S 3237 29.55 93.25 131.63
N MET S 3238 29.83 93.98 130.55
CA MET S 3238 31.21 94.33 130.23
C MET S 3238 31.94 94.79 131.47
N LYS S 3239 31.39 95.84 132.06
CA LYS S 3239 32.07 96.51 133.14
C LYS S 3239 32.13 95.62 134.39
N MET S 3240 31.08 94.82 134.61
CA MET S 3240 31.09 93.89 135.74
C MET S 3240 32.15 92.80 135.57
N LYS S 3241 32.31 92.26 134.37
CA LYS S 3241 33.29 91.21 134.15
C LYS S 3241 34.71 91.74 134.21
N MET S 3242 34.95 92.92 133.61
CA MET S 3242 36.29 93.50 133.66
C MET S 3242 36.60 94.09 135.03
N ILE S 3243 35.58 94.24 135.88
CA ILE S 3243 35.81 94.43 137.30
C ILE S 3243 36.14 93.11 137.99
N ASP S 3244 35.35 92.07 137.69
CA ASP S 3244 35.42 90.80 138.41
C ASP S 3244 36.74 90.09 138.18
N SER S 3245 37.27 90.16 136.96
CA SER S 3245 38.59 89.58 136.70
C SER S 3245 39.69 90.26 137.49
N ALA S 3246 39.47 91.49 137.95
CA ALA S 3246 40.46 92.14 138.80
C ALA S 3246 40.57 91.47 140.16
N ARG S 3247 39.53 90.74 140.57
CA ARG S 3247 39.53 90.01 141.84
C ARG S 3247 39.77 88.52 141.64
N LYS S 3248 39.09 87.90 140.68
CA LYS S 3248 39.29 86.47 140.42
C LYS S 3248 40.71 86.19 139.94
N GLN S 3249 41.17 86.95 138.95
CA GLN S 3249 42.56 86.86 138.52
C GLN S 3249 43.48 87.72 139.37
N ASN S 3250 42.96 88.36 140.41
CA ASN S 3250 43.73 89.12 141.37
C ASN S 3250 44.43 90.32 140.73
N ASN S 3251 43.85 90.87 139.66
CA ASN S 3251 44.39 92.10 139.07
C ASN S 3251 44.10 93.24 140.03
N PHE S 3252 45.12 93.64 140.79
CA PHE S 3252 44.93 94.56 141.91
C PHE S 3252 44.43 95.94 141.47
N SER S 3253 44.24 96.12 140.17
CA SER S 3253 43.57 97.31 139.64
C SER S 3253 42.18 96.92 139.15
N LEU S 3254 41.16 97.56 139.71
CA LEU S 3254 39.80 97.36 139.23
C LEU S 3254 39.59 98.28 138.03
N ALA S 3255 38.34 98.47 137.64
CA ALA S 3255 38.00 99.41 136.58
C ALA S 3255 38.16 100.84 137.08
N MET S 3256 38.83 101.67 136.28
CA MET S 3256 39.02 103.07 136.67
C MET S 3256 37.75 103.89 136.41
N LYS S 3257 37.07 103.63 135.29
CA LYS S 3257 36.00 104.51 134.84
C LYS S 3257 34.73 104.39 135.69
N LEU S 3258 34.51 103.23 136.32
CA LEU S 3258 33.23 102.96 136.96
C LEU S 3258 32.87 103.98 138.03
N LEU S 3259 33.85 104.42 138.82
CA LEU S 3259 33.55 105.38 139.88
C LEU S 3259 32.94 106.67 139.34
N LYS S 3260 33.14 106.97 138.07
CA LYS S 3260 32.60 108.17 137.45
C LYS S 3260 31.44 107.92 136.51
N GLU S 3261 31.50 106.86 135.69
CA GLU S 3261 30.49 106.62 134.68
C GLU S 3261 29.36 105.71 135.13
N LEU S 3262 29.38 105.25 136.38
CA LEU S 3262 28.18 104.64 136.96
C LEU S 3262 27.05 105.64 137.10
N HIS S 3263 27.35 106.92 137.13
CA HIS S 3263 26.33 107.96 137.06
C HIS S 3263 26.15 108.51 135.64
N LYS S 3264 26.95 108.05 134.68
CA LYS S 3264 26.85 108.55 133.32
C LYS S 3264 25.68 107.90 132.58
N GLU S 3265 25.74 106.58 132.41
CA GLU S 3265 24.64 105.82 131.82
C GLU S 3265 23.53 105.54 132.83
N SER S 3266 23.64 106.09 134.03
CA SER S 3266 22.58 105.95 135.03
C SER S 3266 21.29 106.59 134.56
N LYS S 3267 21.39 107.74 133.88
CA LYS S 3267 20.21 108.39 133.32
C LYS S 3267 19.59 107.57 132.19
N THR S 3268 20.37 106.75 131.49
CA THR S 3268 19.80 105.89 130.47
C THR S 3268 18.84 104.87 131.08
N ARG S 3269 19.23 104.29 132.21
CA ARG S 3269 18.35 103.40 132.95
C ARG S 3269 18.83 103.34 134.40
N ASP S 3270 17.88 103.28 135.33
CA ASP S 3270 18.19 103.40 136.75
C ASP S 3270 19.03 102.26 137.29
N ASP S 3271 19.14 101.15 136.56
CA ASP S 3271 19.99 100.05 137.01
C ASP S 3271 21.44 100.49 137.13
N TRP S 3272 21.88 101.35 136.21
CA TRP S 3272 23.27 101.80 136.22
C TRP S 3272 23.52 102.76 137.38
N LEU S 3273 22.48 103.44 137.85
CA LEU S 3273 22.61 104.27 139.05
C LEU S 3273 22.75 103.42 140.29
N VAL S 3274 21.92 102.39 140.42
CA VAL S 3274 21.97 101.54 141.61
C VAL S 3274 23.21 100.64 141.61
N SER S 3275 23.81 100.39 140.45
CA SER S 3275 25.07 99.65 140.42
C SER S 3275 26.24 100.47 140.93
N TRP S 3276 26.07 101.78 141.15
CA TRP S 3276 27.15 102.62 141.64
C TRP S 3276 27.60 102.24 143.04
N VAL S 3277 26.78 101.53 143.81
CA VAL S 3277 27.09 101.16 145.18
C VAL S 3277 27.66 99.75 145.29
N GLN S 3278 27.89 99.08 144.17
CA GLN S 3278 28.45 97.73 144.21
C GLN S 3278 29.56 97.52 143.19
N SER S 3279 29.54 98.32 142.12
CA SER S 3279 30.41 98.03 140.97
C SER S 3279 31.86 98.37 141.26
N TYR S 3280 32.15 99.65 141.52
CA TYR S 3280 33.50 100.11 141.81
C TYR S 3280 34.00 99.66 143.18
N CYS S 3281 33.12 99.07 143.99
CA CYS S 3281 33.47 98.76 145.38
C CYS S 3281 34.58 97.72 145.46
N ARG S 3282 34.69 96.84 144.47
CA ARG S 3282 35.71 95.80 144.53
C ARG S 3282 37.11 96.33 144.30
N LEU S 3283 37.27 97.62 144.00
CA LEU S 3283 38.61 98.17 143.84
C LEU S 3283 39.36 98.18 145.17
N SER S 3284 38.68 98.55 146.25
CA SER S 3284 39.29 98.48 147.57
C SER S 3284 39.68 97.06 147.92
N HIS S 3285 38.89 96.08 147.48
CA HIS S 3285 39.29 94.68 147.63
C HIS S 3285 40.56 94.40 146.83
N CYS S 3286 40.64 94.96 145.61
CA CYS S 3286 41.83 94.84 144.79
C CYS S 3286 42.97 95.72 145.28
N ARG S 3287 42.72 96.67 146.18
CA ARG S 3287 43.78 97.52 146.70
C ARG S 3287 44.70 96.78 147.67
N SER S 3288 44.37 95.54 148.04
CA SER S 3288 45.21 94.77 148.94
C SER S 3288 46.47 94.28 148.24
N ARG S 3289 47.37 95.20 147.89
CA ARG S 3289 48.57 94.88 147.15
C ARG S 3289 49.82 94.89 148.02
N SER S 3290 50.10 96.01 148.69
CA SER S 3290 51.22 96.12 149.62
C SER S 3290 50.76 96.48 151.02
N GLN S 3291 49.95 97.53 151.16
CA GLN S 3291 49.38 97.96 152.43
C GLN S 3291 47.89 98.20 152.25
N GLY S 3292 47.22 97.21 151.65
CA GLY S 3292 45.82 97.39 151.26
C GLY S 3292 44.89 97.67 152.41
N CYS S 3293 45.28 97.32 153.63
CA CYS S 3293 44.46 97.65 154.79
C CYS S 3293 44.28 99.15 154.92
N SER S 3294 45.36 99.91 154.72
CA SER S 3294 45.25 101.36 154.71
C SER S 3294 44.92 101.91 153.33
N GLU S 3295 45.36 101.21 152.27
CA GLU S 3295 45.13 101.70 150.91
C GLU S 3295 43.64 101.71 150.58
N GLN S 3296 42.90 100.70 151.02
CA GLN S 3296 41.47 100.64 150.77
C GLN S 3296 40.71 101.76 151.47
N VAL S 3297 41.28 102.34 152.53
CA VAL S 3297 40.62 103.43 153.22
C VAL S 3297 40.58 104.69 152.36
N LEU S 3298 41.49 104.82 151.39
CA LEU S 3298 41.46 105.97 150.49
C LEU S 3298 40.18 105.99 149.66
N THR S 3299 39.76 104.82 149.16
CA THR S 3299 38.47 104.66 148.49
C THR S 3299 37.82 103.40 149.05
N VAL S 3300 37.03 103.58 150.12
CA VAL S 3300 36.48 102.47 150.86
C VAL S 3300 35.33 101.84 150.08
N LEU S 3301 35.63 100.79 149.34
CA LEU S 3301 34.64 100.11 148.51
C LEU S 3301 33.82 101.12 147.71
N LYS S 3302 34.52 101.80 146.81
CA LYS S 3302 33.95 102.87 145.99
C LYS S 3302 33.44 104.01 146.88
N THR S 3303 34.36 104.55 147.68
CA THR S 3303 34.10 105.72 148.53
C THR S 3303 32.87 105.50 149.41
N VAL S 3304 32.97 104.50 150.28
CA VAL S 3304 31.92 104.14 151.23
C VAL S 3304 30.66 103.78 150.46
N SER S 3305 30.81 102.91 149.46
CA SER S 3305 29.70 102.40 148.64
C SER S 3305 28.84 103.55 148.12
N LEU S 3306 29.49 104.64 147.71
CA LEU S 3306 28.81 105.86 147.28
C LEU S 3306 27.79 106.33 148.31
N LEU S 3307 28.18 106.20 149.59
CA LEU S 3307 27.39 106.71 150.71
C LEU S 3307 25.99 106.10 150.74
N ASP S 3308 25.93 104.77 150.77
CA ASP S 3308 24.67 104.05 150.85
C ASP S 3308 24.32 103.65 152.29
N GLU S 3309 25.07 104.13 153.27
CA GLU S 3309 24.76 103.81 154.66
C GLU S 3309 23.41 104.38 155.07
N ASN S 3310 23.00 105.49 154.45
CA ASN S 3310 21.69 106.05 154.74
C ASN S 3310 20.55 105.13 154.30
N ASN S 3311 20.77 104.32 153.26
CA ASN S 3311 19.80 103.32 152.82
C ASN S 3311 20.51 101.97 152.81
N VAL S 3312 20.53 101.29 153.95
CA VAL S 3312 21.21 100.01 154.06
C VAL S 3312 20.57 99.03 153.09
N SER S 3313 21.35 98.58 152.11
CA SER S 3313 20.86 97.75 151.01
C SER S 3313 19.70 98.42 150.28
N SER S 3314 19.82 99.74 150.09
CA SER S 3314 18.85 100.53 149.33
C SER S 3314 17.44 100.41 149.92
N TYR S 3315 17.32 100.88 151.17
CA TYR S 3315 16.04 100.87 151.89
C TYR S 3315 15.44 99.48 151.98
N LEU S 3316 16.31 98.48 152.19
CA LEU S 3316 15.93 97.07 152.32
C LEU S 3316 15.23 96.54 151.07
N SER S 3317 15.31 97.25 149.94
CA SER S 3317 14.63 96.79 148.73
C SER S 3317 15.30 95.54 148.17
N LYS S 3318 16.62 95.41 148.36
CA LYS S 3318 17.34 94.25 147.86
C LYS S 3318 16.89 92.99 148.59
N ASN S 3319 16.66 91.92 147.83
CA ASN S 3319 16.21 90.66 148.43
C ASN S 3319 17.34 90.03 149.23
N ILE S 3320 17.05 88.86 149.80
CA ILE S 3320 17.91 88.28 150.84
C ILE S 3320 19.32 88.04 150.31
N LEU S 3321 19.45 87.54 149.08
CA LEU S 3321 20.78 87.33 148.51
C LEU S 3321 21.47 88.65 148.21
N ALA S 3322 20.75 89.59 147.59
CA ALA S 3322 21.32 90.91 147.36
C ALA S 3322 21.51 91.66 148.67
N PHE S 3323 20.66 91.40 149.67
CA PHE S 3323 20.89 91.93 151.00
C PHE S 3323 22.21 91.45 151.57
N ARG S 3324 22.48 90.15 151.42
CA ARG S 3324 23.76 89.58 151.86
C ARG S 3324 24.92 90.21 151.12
N ASP S 3325 24.79 90.36 149.79
CA ASP S 3325 25.88 90.92 149.00
C ASP S 3325 26.16 92.37 149.38
N GLN S 3326 25.11 93.16 149.56
CA GLN S 3326 25.31 94.56 149.93
C GLN S 3326 25.92 94.67 151.32
N ASN S 3327 25.48 93.82 152.26
CA ASN S 3327 26.11 93.83 153.58
C ASN S 3327 27.55 93.37 153.51
N ILE S 3328 27.88 92.50 152.55
CA ILE S 3328 29.27 92.18 152.27
C ILE S 3328 30.00 93.42 151.79
N LEU S 3329 29.31 94.29 151.08
CA LEU S 3329 29.86 95.60 150.75
C LEU S 3329 29.47 96.68 151.77
N LEU S 3330 28.68 96.32 152.79
CA LEU S 3330 28.31 97.26 153.85
C LEU S 3330 28.84 96.85 155.21
N GLY S 3331 28.53 95.64 155.68
CA GLY S 3331 28.97 95.20 157.00
C GLY S 3331 30.39 94.68 157.01
N THR S 3332 30.77 93.95 155.96
CA THR S 3332 32.15 93.51 155.84
C THR S 3332 33.09 94.70 155.73
N THR S 3333 32.68 95.74 155.00
CA THR S 3333 33.51 96.94 154.95
C THR S 3333 33.46 97.72 156.26
N TYR S 3334 32.35 97.60 157.01
CA TYR S 3334 32.33 98.13 158.37
C TYR S 3334 33.46 97.52 159.19
N ARG S 3335 33.53 96.18 159.19
CA ARG S 3335 34.59 95.51 159.93
C ARG S 3335 35.96 95.86 159.37
N ILE S 3336 36.06 95.98 158.03
CA ILE S 3336 37.35 96.26 157.41
C ILE S 3336 37.88 97.60 157.89
N ILE S 3337 37.03 98.62 157.91
CA ILE S 3337 37.48 99.94 158.36
C ILE S 3337 37.72 99.94 159.87
N ALA S 3338 36.88 99.24 160.63
CA ALA S 3338 37.09 99.16 162.07
C ALA S 3338 38.41 98.47 162.41
N ASN S 3339 38.82 97.49 161.60
CA ASN S 3339 40.11 96.85 161.79
C ASN S 3339 41.25 97.75 161.35
N ALA S 3340 41.07 98.44 160.21
CA ALA S 3340 42.11 99.35 159.72
C ALA S 3340 42.34 100.49 160.70
N LEU S 3341 41.34 100.84 161.50
CA LEU S 3341 41.51 101.87 162.52
C LEU S 3341 41.92 101.33 163.88
N SER S 3342 41.49 100.12 164.24
CA SER S 3342 41.94 99.54 165.50
C SER S 3342 43.41 99.12 165.43
N SER S 3343 43.78 98.45 164.34
CA SER S 3343 45.18 98.04 164.16
C SER S 3343 46.06 99.20 163.74
N GLU S 3344 45.52 100.13 162.95
CA GLU S 3344 46.27 101.28 162.45
C GLU S 3344 45.48 102.56 162.71
N PRO S 3345 45.48 103.05 163.96
CA PRO S 3345 44.80 104.33 164.23
C PRO S 3345 45.37 105.47 163.43
N ALA S 3346 46.67 105.47 163.16
CA ALA S 3346 47.29 106.41 162.23
C ALA S 3346 47.28 105.86 160.81
N CYS S 3347 46.08 105.51 160.34
CA CYS S 3347 45.94 104.91 159.03
C CYS S 3347 46.28 105.93 157.94
N LEU S 3348 46.54 105.41 156.73
CA LEU S 3348 46.96 106.26 155.63
C LEU S 3348 45.87 107.27 155.28
N ALA S 3349 44.61 106.83 155.24
CA ALA S 3349 43.49 107.71 154.94
C ALA S 3349 42.64 108.03 156.17
N GLU S 3350 43.11 107.68 157.36
CA GLU S 3350 42.40 108.08 158.58
C GLU S 3350 42.47 109.59 158.76
N ILE S 3351 43.69 110.15 158.66
CA ILE S 3351 43.84 111.60 158.78
C ILE S 3351 43.22 112.31 157.59
N GLU S 3352 43.43 111.78 156.39
CA GLU S 3352 42.89 112.39 155.18
C GLU S 3352 41.37 112.18 155.16
N GLU S 3353 40.62 113.28 155.34
CA GLU S 3353 39.16 113.22 155.30
C GLU S 3353 38.73 113.34 153.84
N ASP S 3354 38.93 112.25 153.11
CA ASP S 3354 38.58 112.18 151.70
C ASP S 3354 37.10 111.81 151.56
N LYS S 3355 36.68 111.50 150.34
CA LYS S 3355 35.31 111.06 150.11
C LYS S 3355 35.02 109.73 150.79
N ALA S 3356 36.06 108.96 151.12
CA ALA S 3356 35.91 107.67 151.76
C ALA S 3356 36.01 107.74 153.28
N ARG S 3357 36.06 108.93 153.85
CA ARG S 3357 36.13 109.10 155.30
C ARG S 3357 34.77 109.02 155.96
N ARG S 3358 33.69 108.93 155.18
CA ARG S 3358 32.36 108.80 155.77
C ARG S 3358 32.22 107.48 156.52
N ILE S 3359 32.80 106.40 155.99
CA ILE S 3359 32.81 105.13 156.71
C ILE S 3359 33.53 105.28 158.03
N LEU S 3360 34.52 106.18 158.09
CA LEU S 3360 35.20 106.47 159.34
C LEU S 3360 34.34 107.31 160.28
N GLU S 3361 33.50 108.18 159.72
CA GLU S 3361 32.74 109.14 160.51
C GLU S 3361 31.24 108.86 160.49
N LEU S 3362 30.62 108.80 159.30
CA LEU S 3362 29.17 108.67 159.22
C LEU S 3362 28.68 107.35 159.80
N SER S 3363 29.38 106.25 159.49
CA SER S 3363 28.97 104.95 160.00
C SER S 3363 29.31 104.76 161.47
N GLY S 3364 30.07 105.67 162.07
CA GLY S 3364 30.40 105.59 163.48
C GLY S 3364 31.30 104.42 163.84
N GLU S 3368 34.51 110.84 167.50
CA GLU S 3368 35.49 110.48 166.49
C GLU S 3368 36.70 109.79 167.09
N ASP S 3369 36.56 109.36 168.35
CA ASP S 3369 37.63 108.61 169.00
C ASP S 3369 37.87 107.29 168.27
N SER S 3370 39.14 106.89 168.19
CA SER S 3370 39.49 105.67 167.48
C SER S 3370 38.76 104.46 168.06
N GLU S 3371 38.80 104.31 169.39
CA GLU S 3371 38.10 103.19 170.01
C GLU S 3371 36.60 103.29 169.84
N LYS S 3372 36.04 104.50 169.99
CA LYS S 3372 34.60 104.67 169.81
C LYS S 3372 34.19 104.39 168.37
N VAL S 3373 34.96 104.88 167.40
CA VAL S 3373 34.65 104.65 166.00
C VAL S 3373 34.73 103.16 165.67
N ILE S 3374 35.78 102.49 166.14
CA ILE S 3374 35.89 101.07 165.84
C ILE S 3374 34.79 100.29 166.56
N ALA S 3375 34.39 100.71 167.75
CA ALA S 3375 33.32 100.00 168.45
C ALA S 3375 31.99 100.13 167.73
N GLY S 3376 31.64 101.35 167.30
CA GLY S 3376 30.41 101.52 166.55
C GLY S 3376 30.44 100.82 165.21
N LEU S 3377 31.58 100.89 164.51
CA LEU S 3377 31.73 100.18 163.25
C LEU S 3377 31.68 98.68 163.44
N TYR S 3378 32.23 98.18 164.55
CA TYR S 3378 32.16 96.75 164.84
C TYR S 3378 30.72 96.33 165.10
N GLN S 3379 29.97 97.13 165.86
CA GLN S 3379 28.57 96.80 166.12
C GLN S 3379 27.79 96.76 164.81
N ARG S 3380 27.98 97.77 163.96
CA ARG S 3380 27.28 97.78 162.68
C ARG S 3380 27.74 96.65 161.77
N ALA S 3381 29.03 96.31 161.81
CA ALA S 3381 29.55 95.19 161.03
C ALA S 3381 28.91 93.88 161.47
N PHE S 3382 28.84 93.64 162.78
CA PHE S 3382 28.21 92.43 163.26
C PHE S 3382 26.74 92.39 162.88
N GLN S 3383 26.04 93.52 163.04
CA GLN S 3383 24.61 93.55 162.71
C GLN S 3383 24.38 93.28 161.23
N HIS S 3384 25.18 93.88 160.36
CA HIS S 3384 24.99 93.70 158.93
C HIS S 3384 25.51 92.37 158.42
N LEU S 3385 26.49 91.76 159.09
CA LEU S 3385 26.94 90.43 158.69
C LEU S 3385 25.96 89.37 159.15
N SER S 3386 25.36 89.54 160.33
CA SER S 3386 24.16 88.76 160.63
C SER S 3386 23.08 89.02 159.61
N GLU S 3387 23.01 90.27 159.11
CA GLU S 3387 22.15 90.57 157.97
C GLU S 3387 22.73 90.05 156.67
N ALA S 3388 24.06 89.91 156.59
CA ALA S 3388 24.66 89.26 155.43
C ALA S 3388 24.52 87.74 155.50
N VAL S 3389 24.28 87.19 156.68
CA VAL S 3389 24.11 85.75 156.82
C VAL S 3389 22.75 85.48 157.44
N GLN S 3390 21.76 86.30 157.07
CA GLN S 3390 20.38 86.02 157.45
C GLN S 3390 19.65 85.18 156.41
N ALA S 3391 20.34 84.76 155.35
CA ALA S 3391 19.71 84.03 154.25
C ALA S 3391 20.23 82.59 154.14
N ALA S 3392 21.55 82.40 154.14
CA ALA S 3392 22.16 81.10 153.87
C ALA S 3392 22.99 80.60 155.04
N GLU S 3393 22.42 80.65 156.25
CA GLU S 3393 23.15 80.23 157.45
C GLU S 3393 23.66 78.79 157.32
N GLU S 3394 22.77 77.87 156.94
CA GLU S 3394 23.09 76.45 156.91
C GLU S 3394 23.77 76.09 155.58
N GLU S 3395 25.01 76.52 155.46
CA GLU S 3395 25.82 76.24 154.27
C GLU S 3395 27.29 76.44 154.54
N ALA S 3407 32.29 76.72 151.29
CA ALA S 3407 31.02 77.41 151.11
C ALA S 3407 31.22 78.93 151.11
N GLY S 3408 30.45 79.62 150.27
CA GLY S 3408 30.53 81.07 150.20
C GLY S 3408 30.05 81.77 151.45
N VAL S 3409 29.27 81.09 152.28
CA VAL S 3409 28.85 81.66 153.56
C VAL S 3409 30.05 81.81 154.48
N ILE S 3410 31.04 80.92 154.37
CA ILE S 3410 32.24 81.04 155.17
C ILE S 3410 33.02 82.29 154.81
N ASP S 3411 32.83 82.82 153.59
CA ASP S 3411 33.48 84.07 153.22
C ASP S 3411 32.97 85.22 154.08
N ALA S 3412 31.65 85.29 154.28
CA ALA S 3412 31.11 86.27 155.22
C ALA S 3412 31.46 85.89 156.66
N TYR S 3413 31.63 84.60 156.94
CA TYR S 3413 31.97 84.19 158.29
C TYR S 3413 33.38 84.59 158.67
N MET S 3414 34.29 84.69 157.69
CA MET S 3414 35.64 85.16 157.97
C MET S 3414 35.65 86.61 158.44
N THR S 3415 34.53 87.32 158.26
CA THR S 3415 34.35 88.64 158.85
C THR S 3415 33.31 88.65 159.96
N LEU S 3416 32.56 87.57 160.14
CA LEU S 3416 31.50 87.49 161.13
C LEU S 3416 31.96 86.84 162.44
N ALA S 3417 32.69 85.72 162.36
CA ALA S 3417 33.22 85.04 163.53
C ALA S 3417 34.65 85.47 163.85
N ASP S 3418 35.50 85.61 162.83
CA ASP S 3418 36.75 86.30 163.06
C ASP S 3418 36.52 87.73 163.51
N PHE S 3419 35.33 88.27 163.27
CA PHE S 3419 34.88 89.47 163.95
C PHE S 3419 35.09 89.38 165.46
N CYS S 3420 34.41 88.44 166.11
CA CYS S 3420 34.56 88.35 167.56
C CYS S 3420 35.95 87.90 167.94
N ASP S 3421 36.62 87.14 167.07
CA ASP S 3421 38.02 86.82 167.32
C ASP S 3421 38.85 88.08 167.48
N GLN S 3422 38.68 89.04 166.55
CA GLN S 3422 39.37 90.31 166.64
C GLN S 3422 38.89 91.12 167.83
N GLN S 3423 37.61 91.02 168.17
CA GLN S 3423 37.07 91.71 169.34
C GLN S 3423 37.80 91.27 170.60
N LEU S 3424 37.97 89.96 170.77
CA LEU S 3424 38.63 89.44 171.97
C LEU S 3424 40.14 89.62 171.91
N ARG S 3425 40.74 89.60 170.72
CA ARG S 3425 42.18 89.80 170.59
C ARG S 3425 42.56 91.28 170.52
N LYS S 3426 41.59 92.19 170.57
CA LYS S 3426 41.93 93.61 170.58
C LYS S 3426 42.54 94.02 171.92
N GLU S 3427 42.15 93.36 173.01
CA GLU S 3427 42.62 93.68 174.34
C GLU S 3427 43.84 92.88 174.77
N GLU S 3428 44.27 91.91 173.98
CA GLU S 3428 45.39 91.05 174.36
C GLU S 3428 46.02 90.48 173.09
N GLU S 3429 46.83 89.44 173.25
CA GLU S 3429 47.46 88.76 172.11
C GLU S 3429 46.40 88.19 171.17
N ALA S 3441 25.37 85.77 172.93
CA ALA S 3441 26.00 87.04 173.28
C ALA S 3441 26.55 87.75 172.04
N TYR S 3442 27.09 88.95 172.25
CA TYR S 3442 27.64 89.72 171.13
C TYR S 3442 28.79 88.99 170.44
N PRO S 3443 29.77 88.42 171.14
CA PRO S 3443 30.78 87.59 170.46
C PRO S 3443 30.46 86.10 170.40
N ALA S 3444 29.22 85.70 170.67
CA ALA S 3444 28.89 84.28 170.83
C ALA S 3444 28.14 83.71 169.62
N LEU S 3445 27.03 84.32 169.22
CA LEU S 3445 26.24 83.77 168.12
C LEU S 3445 26.96 83.81 166.78
N VAL S 3446 27.99 84.64 166.65
CA VAL S 3446 28.74 84.69 165.40
C VAL S 3446 29.45 83.37 165.14
N VAL S 3447 30.09 82.80 166.15
CA VAL S 3447 30.77 81.53 165.95
C VAL S 3447 29.76 80.39 165.84
N GLU S 3448 28.57 80.51 166.44
CA GLU S 3448 27.57 79.48 166.21
C GLU S 3448 27.06 79.51 164.78
N LYS S 3449 26.95 80.70 164.17
CA LYS S 3449 26.66 80.77 162.75
C LYS S 3449 27.78 80.17 161.92
N MET S 3450 29.04 80.48 162.27
CA MET S 3450 30.16 79.94 161.52
C MET S 3450 30.21 78.42 161.62
N LEU S 3451 29.85 77.87 162.78
CA LEU S 3451 29.73 76.42 162.93
C LEU S 3451 28.48 75.87 162.27
N LYS S 3452 27.44 76.68 162.10
CA LYS S 3452 26.27 76.27 161.33
C LYS S 3452 26.64 76.04 159.88
N ALA S 3453 27.48 76.92 159.31
CA ALA S 3453 28.08 76.59 158.03
C ALA S 3453 29.02 75.40 158.16
N LEU S 3454 29.81 75.38 159.23
CA LEU S 3454 30.74 74.29 159.51
C LEU S 3454 30.02 73.02 159.97
N LYS S 3455 28.73 73.12 160.31
CA LYS S 3455 27.90 71.94 160.46
C LYS S 3455 28.05 71.03 159.26
N LEU S 3456 27.72 71.54 158.07
CA LEU S 3456 28.01 70.83 156.84
C LEU S 3456 29.52 70.77 156.61
N ASN S 3457 29.95 69.73 155.90
CA ASN S 3457 31.36 69.59 155.55
C ASN S 3457 31.82 70.79 154.71
N SER S 3458 32.71 71.59 155.30
CA SER S 3458 33.13 72.84 154.67
C SER S 3458 34.56 73.14 155.11
N ASN S 3459 35.52 72.87 154.23
CA ASN S 3459 36.94 72.92 154.62
C ASN S 3459 37.36 74.32 155.05
N GLU S 3460 36.82 75.35 154.39
CA GLU S 3460 37.21 76.72 154.75
C GLU S 3460 36.82 77.05 156.18
N ALA S 3461 35.60 76.65 156.59
CA ALA S 3461 35.23 76.81 157.99
C ALA S 3461 35.96 75.81 158.87
N ARG S 3462 36.32 74.64 158.33
CA ARG S 3462 37.11 73.68 159.08
C ARG S 3462 38.48 74.23 159.44
N LEU S 3463 39.02 75.15 158.63
CA LEU S 3463 40.26 75.83 159.00
C LEU S 3463 40.10 76.58 160.32
N LYS S 3464 38.91 77.11 160.58
CA LYS S 3464 38.64 77.88 161.79
C LYS S 3464 37.84 77.11 162.82
N PHE S 3465 37.73 75.79 162.66
CA PHE S 3465 37.21 74.99 163.77
C PHE S 3465 38.15 75.12 164.97
N PRO S 3466 39.48 75.03 164.80
CA PRO S 3466 40.36 75.33 165.95
C PRO S 3466 40.14 76.72 166.52
N ARG S 3467 39.76 77.68 165.68
CA ARG S 3467 39.39 79.00 166.19
C ARG S 3467 38.23 78.88 167.17
N LEU S 3468 37.22 78.08 166.85
CA LEU S 3468 36.17 77.78 167.82
C LEU S 3468 36.74 77.11 169.07
N LEU S 3469 37.58 76.09 168.87
CA LEU S 3469 38.04 75.27 169.99
C LEU S 3469 38.76 76.12 171.02
N GLN S 3470 39.45 77.17 170.58
CA GLN S 3470 40.17 78.04 171.51
C GLN S 3470 39.40 79.29 171.90
N ILE S 3471 38.51 79.79 171.04
CA ILE S 3471 37.74 80.97 171.39
C ILE S 3471 36.71 80.64 172.47
N ILE S 3472 36.16 79.43 172.46
CA ILE S 3472 35.24 79.05 173.52
C ILE S 3472 35.98 78.89 174.84
N GLU S 3473 37.23 78.44 174.80
CA GLU S 3473 38.07 78.46 176.00
C GLU S 3473 38.30 79.89 176.48
N ARG S 3474 38.70 80.77 175.57
CA ARG S 3474 39.00 82.15 175.95
C ARG S 3474 37.77 82.85 176.49
N TYR S 3475 36.62 82.65 175.85
CA TYR S 3475 35.35 83.21 176.29
C TYR S 3475 34.29 82.12 176.25
N PRO S 3476 33.82 81.64 177.40
CA PRO S 3476 32.80 80.59 177.40
C PRO S 3476 31.41 81.11 177.11
N GLU S 3477 31.31 82.38 176.71
CA GLU S 3477 30.02 82.95 176.34
C GLU S 3477 29.44 82.28 175.10
N GLU S 3478 30.28 81.67 174.26
CA GLU S 3478 29.81 80.92 173.10
C GLU S 3478 29.93 79.41 173.29
N THR S 3479 29.80 78.91 174.52
CA THR S 3479 29.54 77.49 174.69
C THR S 3479 28.20 77.11 174.07
N LEU S 3480 27.24 78.04 174.08
CA LEU S 3480 25.96 77.80 173.43
C LEU S 3480 26.14 77.52 171.95
N SER S 3481 27.21 78.04 171.34
CA SER S 3481 27.51 77.73 169.95
C SER S 3481 27.68 76.24 169.74
N LEU S 3482 27.97 75.50 170.82
CA LEU S 3482 28.11 74.06 170.75
C LEU S 3482 26.80 73.35 171.08
N MET S 3483 26.03 73.87 172.04
CA MET S 3483 24.73 73.25 172.34
C MET S 3483 23.70 73.46 171.23
N THR S 3484 23.89 74.45 170.35
CA THR S 3484 22.96 74.63 169.25
C THR S 3484 22.93 73.42 168.32
N LYS S 3485 24.09 72.84 168.04
CA LYS S 3485 24.24 71.81 167.02
C LYS S 3485 25.08 70.65 167.53
N GLU S 3486 24.73 70.15 168.72
CA GLU S 3486 25.48 69.07 169.34
C GLU S 3486 25.55 67.84 168.44
N ILE S 3487 24.40 67.23 168.18
CA ILE S 3487 24.37 66.01 167.37
C ILE S 3487 24.30 66.34 165.89
N SER S 3488 23.68 67.48 165.56
CA SER S 3488 23.42 67.83 164.16
C SER S 3488 24.67 68.32 163.43
N SER S 3489 25.79 68.53 164.13
CA SER S 3489 26.98 69.11 163.53
C SER S 3489 27.56 68.25 162.41
N VAL S 3490 26.95 67.11 162.13
CA VAL S 3490 27.40 66.23 161.05
C VAL S 3490 26.24 65.80 160.15
N PRO S 3491 25.73 66.68 159.30
CA PRO S 3491 24.83 66.21 158.23
C PRO S 3491 25.62 65.42 157.20
N CYS S 3492 26.82 65.90 156.90
CA CYS S 3492 27.79 65.20 156.08
C CYS S 3492 29.03 64.91 156.91
N TRP S 3493 29.58 63.71 156.76
CA TRP S 3493 30.70 63.26 157.58
C TRP S 3493 31.91 64.14 157.30
N GLN S 3494 32.29 64.94 158.28
CA GLN S 3494 33.32 65.95 158.15
C GLN S 3494 34.38 65.78 159.23
N PHE S 3495 35.26 66.77 159.35
CA PHE S 3495 36.27 66.81 160.41
C PHE S 3495 37.19 65.61 160.38
N ILE S 3496 37.66 65.23 159.19
CA ILE S 3496 38.54 64.08 159.01
C ILE S 3496 39.97 64.52 158.71
N SER S 3497 40.15 65.50 157.81
CA SER S 3497 41.48 66.00 157.50
C SER S 3497 42.11 66.72 158.69
N TRP S 3498 41.31 67.13 159.67
CA TRP S 3498 41.81 67.74 160.90
C TRP S 3498 41.21 67.02 162.10
N ILE S 3499 41.04 65.71 161.99
CA ILE S 3499 40.62 64.85 163.09
C ILE S 3499 41.66 64.94 164.18
N SER S 3500 42.90 65.29 163.80
CA SER S 3500 43.94 65.59 164.77
C SER S 3500 43.55 66.81 165.62
N HIS S 3501 42.93 67.81 165.00
CA HIS S 3501 42.46 68.97 165.76
C HIS S 3501 41.18 68.66 166.54
N MET S 3502 40.43 67.64 166.16
CA MET S 3502 39.19 67.32 166.85
C MET S 3502 39.43 67.01 168.32
N VAL S 3503 40.50 66.27 168.63
CA VAL S 3503 40.77 65.85 170.00
C VAL S 3503 40.86 67.03 170.96
N ALA S 3504 41.13 68.23 170.44
CA ALA S 3504 41.20 69.40 171.32
C ALA S 3504 39.88 69.63 172.04
N LEU S 3505 38.83 69.98 171.30
CA LEU S 3505 37.53 70.16 171.93
C LEU S 3505 36.90 68.84 172.34
N LEU S 3506 37.37 67.72 171.78
CA LEU S 3506 36.91 66.42 172.24
C LEU S 3506 37.46 66.08 173.62
N ASP S 3507 38.49 66.81 174.07
CA ASP S 3507 38.98 66.72 175.43
C ASP S 3507 38.81 68.01 176.22
N LYS S 3508 38.24 69.05 175.61
CA LYS S 3508 37.93 70.30 176.30
C LYS S 3508 36.49 70.30 176.78
N ASP S 3509 36.28 70.80 177.99
CA ASP S 3509 34.96 70.77 178.62
C ASP S 3509 34.16 72.03 178.32
N GLN S 3510 34.08 72.40 177.04
CA GLN S 3510 33.17 73.46 176.62
C GLN S 3510 31.77 72.88 176.41
N ALA S 3511 31.65 71.96 175.46
CA ALA S 3511 30.46 71.12 175.35
C ALA S 3511 30.87 69.90 174.53
N VAL S 3512 31.01 68.75 175.20
CA VAL S 3512 31.49 67.55 174.52
C VAL S 3512 30.49 67.06 173.46
N ALA S 3513 29.21 67.38 173.62
CA ALA S 3513 28.19 66.86 172.72
C ALA S 3513 28.30 67.41 171.31
N VAL S 3514 28.90 68.59 171.13
CA VAL S 3514 29.08 69.12 169.78
C VAL S 3514 30.10 68.32 169.00
N GLN S 3515 31.01 67.62 169.69
CA GLN S 3515 31.98 66.76 169.03
C GLN S 3515 31.35 65.50 168.46
N HIS S 3516 30.02 65.38 168.50
CA HIS S 3516 29.34 64.29 167.83
C HIS S 3516 29.39 64.41 166.32
N SER S 3517 30.13 65.39 165.79
CA SER S 3517 30.41 65.43 164.36
C SER S 3517 31.10 64.15 163.92
N VAL S 3518 31.89 63.54 164.80
CA VAL S 3518 32.52 62.25 164.51
C VAL S 3518 31.73 61.07 165.06
N GLU S 3519 30.57 61.33 165.68
CA GLU S 3519 29.76 60.23 166.19
C GLU S 3519 29.26 59.33 165.06
N GLU S 3520 28.67 59.94 164.03
CA GLU S 3520 28.21 59.15 162.89
C GLU S 3520 29.38 58.54 162.13
N ILE S 3521 30.52 59.23 162.10
CA ILE S 3521 31.70 58.67 161.45
C ILE S 3521 32.14 57.39 162.14
N THR S 3522 32.23 57.42 163.47
CA THR S 3522 32.67 56.24 164.20
C THR S 3522 31.60 55.17 164.29
N ASP S 3523 30.32 55.54 164.14
CA ASP S 3523 29.26 54.54 164.23
C ASP S 3523 29.05 53.83 162.90
N ASN S 3524 28.97 54.58 161.80
CA ASN S 3524 28.64 53.98 160.51
C ASN S 3524 29.87 53.56 159.74
N TYR S 3525 30.83 54.48 159.57
CA TYR S 3525 32.01 54.21 158.76
C TYR S 3525 33.09 53.56 159.60
N PRO S 3526 33.58 52.38 159.25
CA PRO S 3526 34.65 51.75 160.06
C PRO S 3526 35.97 52.50 160.00
N GLN S 3527 36.18 53.35 159.00
CA GLN S 3527 37.46 53.99 158.78
C GLN S 3527 37.47 55.42 159.31
N ALA S 3528 38.68 55.93 159.56
CA ALA S 3528 38.94 57.27 160.07
C ALA S 3528 38.52 57.44 161.53
N ILE S 3529 38.74 56.41 162.35
CA ILE S 3529 38.56 56.50 163.80
C ILE S 3529 39.85 56.21 164.56
N VAL S 3530 40.88 55.68 163.90
CA VAL S 3530 42.13 55.34 164.56
C VAL S 3530 42.77 56.59 165.16
N TYR S 3531 42.35 57.76 164.69
CA TYR S 3531 42.90 59.03 165.15
C TYR S 3531 42.30 59.45 166.49
N PRO S 3532 41.00 59.30 166.74
CA PRO S 3532 40.50 59.42 168.11
C PRO S 3532 40.41 58.12 168.90
N PHE S 3533 40.74 56.97 168.31
CA PHE S 3533 40.48 55.69 168.97
C PHE S 3533 41.38 55.48 170.17
N ILE S 3534 42.69 55.38 169.94
CA ILE S 3534 43.66 55.26 171.02
C ILE S 3534 44.29 56.61 171.34
N ILE S 3535 44.41 57.46 170.32
CA ILE S 3535 45.16 58.70 170.44
C ILE S 3535 44.43 59.69 171.34
N SER S 3536 43.09 59.76 171.22
CA SER S 3536 42.32 60.66 172.06
C SER S 3536 42.36 60.26 173.52
N SER S 3537 42.70 59.00 173.83
CA SER S 3537 42.89 58.60 175.22
C SER S 3537 44.03 59.38 175.85
N GLU S 3538 45.15 59.52 175.13
CA GLU S 3538 46.23 60.39 175.59
C GLU S 3538 45.97 61.86 175.27
N SER S 3539 45.05 62.14 174.36
CA SER S 3539 44.68 63.50 173.98
C SER S 3539 45.89 64.30 173.46
N THR S 3545 37.65 64.22 184.36
CA THR S 3545 38.01 65.02 185.53
C THR S 3545 36.77 65.54 186.23
N SER S 3546 36.88 66.72 186.84
CA SER S 3546 35.73 67.33 187.50
C SER S 3546 34.67 67.73 186.48
N THR S 3547 35.08 68.44 185.42
CA THR S 3547 34.20 68.80 184.33
C THR S 3547 34.56 68.09 183.02
N GLY S 3548 35.83 67.70 182.86
CA GLY S 3548 36.26 66.93 181.71
C GLY S 3548 35.86 65.47 181.74
N HIS S 3549 35.14 65.04 182.78
CA HIS S 3549 34.62 63.68 182.79
C HIS S 3549 33.68 63.44 181.63
N LYS S 3550 33.00 64.49 181.15
CA LYS S 3550 32.27 64.40 179.89
C LYS S 3550 33.22 64.15 178.72
N ASN S 3551 34.38 64.81 178.70
CA ASN S 3551 35.37 64.51 177.69
C ASN S 3551 35.96 63.12 177.84
N LYS S 3552 36.08 62.62 179.07
CA LYS S 3552 36.56 61.26 179.27
C LYS S 3552 35.54 60.23 178.78
N GLU S 3553 34.26 60.45 179.07
CA GLU S 3553 33.25 59.54 178.53
C GLU S 3553 33.15 59.68 177.02
N PHE S 3554 33.49 60.86 176.48
CA PHE S 3554 33.49 61.01 175.03
C PHE S 3554 34.66 60.28 174.38
N VAL S 3555 35.86 60.31 174.98
CA VAL S 3555 36.96 59.53 174.42
C VAL S 3555 36.66 58.05 174.56
N ALA S 3556 36.03 57.64 175.66
CA ALA S 3556 35.62 56.25 175.81
C ALA S 3556 34.59 55.87 174.74
N ARG S 3557 33.67 56.76 174.43
CA ARG S 3557 32.67 56.50 173.39
C ARG S 3557 33.32 56.40 172.02
N ILE S 3558 34.26 57.30 171.72
CA ILE S 3558 34.90 57.30 170.41
C ILE S 3558 35.84 56.11 170.26
N LYS S 3559 36.33 55.57 171.37
CA LYS S 3559 37.11 54.34 171.29
C LYS S 3559 36.26 53.09 171.44
N SER S 3560 34.98 53.24 171.79
CA SER S 3560 34.10 52.09 171.94
C SER S 3560 33.11 51.95 170.79
N LYS S 3561 32.80 53.05 170.10
CA LYS S 3561 31.85 52.99 168.98
C LYS S 3561 32.45 52.38 167.73
N LEU S 3562 33.69 51.87 167.75
CA LEU S 3562 34.25 51.24 166.56
C LEU S 3562 33.58 49.90 166.32
N ASP S 3563 32.45 49.92 165.61
CA ASP S 3563 31.73 48.70 165.31
C ASP S 3563 32.57 47.77 164.44
N GLN S 3564 32.54 46.48 164.76
CA GLN S 3564 33.32 45.43 164.11
C GLN S 3564 34.76 45.87 163.87
N GLY S 3565 35.31 46.66 164.80
CA GLY S 3565 36.66 47.15 164.70
C GLY S 3565 37.42 47.02 166.01
N GLY S 3566 37.05 46.02 166.81
CA GLY S 3566 37.76 45.78 168.06
C GLY S 3566 39.18 45.30 167.85
N VAL S 3567 39.48 44.77 166.66
CA VAL S 3567 40.85 44.38 166.33
C VAL S 3567 41.77 45.59 166.37
N ILE S 3568 41.23 46.78 166.06
CA ILE S 3568 42.06 47.99 165.96
C ILE S 3568 42.73 48.30 167.29
N GLN S 3569 42.12 47.87 168.41
CA GLN S 3569 42.75 48.07 169.72
C GLN S 3569 44.14 47.44 169.75
N ASP S 3570 44.20 46.11 169.63
CA ASP S 3570 45.48 45.42 169.65
C ASP S 3570 46.30 45.76 168.40
N PHE S 3571 45.64 46.22 167.33
CA PHE S 3571 46.35 46.67 166.13
C PHE S 3571 47.22 47.88 166.43
N ILE S 3572 46.66 48.92 167.05
CA ILE S 3572 47.44 50.08 167.42
C ILE S 3572 48.42 49.74 168.53
N ASN S 3573 48.00 48.89 169.47
CA ASN S 3573 48.91 48.48 170.54
C ASN S 3573 50.11 47.70 170.01
N ALA S 3574 49.98 47.08 168.84
CA ALA S 3574 51.10 46.40 168.19
C ALA S 3574 51.85 47.31 167.22
N LEU S 3575 51.16 48.29 166.63
CA LEU S 3575 51.86 49.36 165.92
C LEU S 3575 52.81 50.09 166.84
N ASP S 3576 52.47 50.14 168.13
CA ASP S 3576 53.42 50.64 169.13
C ASP S 3576 54.71 49.85 169.11
N GLN S 3577 54.61 48.54 168.92
CA GLN S 3577 55.80 47.69 168.82
C GLN S 3577 56.41 47.68 167.43
N LEU S 3578 55.68 48.15 166.41
CA LEU S 3578 56.28 48.30 165.10
C LEU S 3578 57.37 49.36 165.11
N SER S 3579 57.26 50.33 166.02
CA SER S 3579 58.35 51.27 166.24
C SER S 3579 59.46 50.60 167.04
N ASN S 3580 60.62 51.24 167.07
CA ASN S 3580 61.77 50.68 167.74
C ASN S 3580 61.53 50.62 169.25
N PRO S 3581 61.81 49.48 169.89
CA PRO S 3581 61.77 49.45 171.36
C PRO S 3581 62.78 50.38 171.98
N GLU S 3582 63.92 50.58 171.34
CA GLU S 3582 64.88 51.56 171.80
C GLU S 3582 64.32 52.97 171.71
N LEU S 3583 63.45 53.24 170.72
CA LEU S 3583 62.78 54.53 170.67
C LEU S 3583 61.81 54.71 171.83
N LEU S 3584 61.10 53.65 172.21
CA LEU S 3584 60.26 53.71 173.40
C LEU S 3584 61.10 53.98 174.64
N PHE S 3585 62.26 53.32 174.74
CA PHE S 3585 63.14 53.55 175.88
C PHE S 3585 63.67 54.98 175.87
N LYS S 3586 63.97 55.53 174.69
CA LYS S 3586 64.32 56.94 174.59
C LYS S 3586 63.19 57.80 175.16
N ASP S 3587 61.95 57.50 174.77
CA ASP S 3587 60.80 58.20 175.34
C ASP S 3587 60.75 58.04 176.85
N TRP S 3588 61.33 56.96 177.38
CA TRP S 3588 61.46 56.78 178.81
C TRP S 3588 62.80 57.23 179.36
N SER S 3589 63.87 57.21 178.57
CA SER S 3589 65.21 57.50 179.05
C SER S 3589 65.87 58.67 178.34
N ASN S 3590 65.86 58.71 177.01
CA ASN S 3590 66.62 59.69 176.25
C ASN S 3590 65.74 60.78 175.66
N ASP S 3591 64.74 60.42 174.86
CA ASP S 3591 63.79 61.40 174.35
C ASP S 3591 62.84 61.88 175.44
N VAL S 3592 63.02 61.43 176.68
CA VAL S 3592 62.17 61.81 177.80
C VAL S 3592 62.56 63.22 178.24
N ARG S 3593 63.58 63.79 177.61
CA ARG S 3593 63.93 65.18 177.90
C ARG S 3593 62.78 66.12 177.54
N ALA S 3594 61.91 65.70 176.60
CA ALA S 3594 60.74 66.47 176.26
C ALA S 3594 59.54 66.12 177.12
N GLU S 3595 59.45 64.87 177.58
CA GLU S 3595 58.31 64.45 178.38
C GLU S 3595 58.49 64.82 179.85
N LEU S 3596 59.49 64.23 180.51
CA LEU S 3596 59.72 64.51 181.92
C LEU S 3596 60.28 65.90 182.13
N ALA S 3597 61.28 66.29 181.35
CA ALA S 3597 61.93 67.59 181.51
C ALA S 3597 61.31 68.63 180.59
N VAL S 3601 52.84 66.28 182.32
CA VAL S 3601 53.76 65.42 181.59
C VAL S 3601 54.67 64.66 182.54
N ASN S 3602 54.35 64.74 183.83
CA ASN S 3602 55.10 64.03 184.88
C ASN S 3602 54.12 63.17 185.66
N LYS S 3603 54.37 61.87 185.68
CA LYS S 3603 53.52 60.87 186.33
C LYS S 3603 52.09 60.85 185.78
N LYS S 3604 51.84 61.57 184.69
CA LYS S 3604 50.62 61.44 183.91
C LYS S 3604 50.89 61.02 182.48
N ASN S 3605 51.93 61.58 181.86
CA ASN S 3605 52.49 61.03 180.63
C ASN S 3605 53.60 60.03 180.89
N ILE S 3606 54.42 60.23 181.91
CA ILE S 3606 55.46 59.26 182.26
C ILE S 3606 54.84 57.99 182.82
N GLU S 3607 53.79 58.12 183.63
CA GLU S 3607 53.10 56.95 184.14
C GLU S 3607 52.45 56.15 183.00
N LYS S 3608 51.84 56.86 182.04
CA LYS S 3608 51.31 56.19 180.87
C LYS S 3608 52.42 55.54 180.06
N MET S 3609 53.56 56.20 179.95
CA MET S 3609 54.74 55.62 179.31
C MET S 3609 55.08 54.29 179.94
N TYR S 3610 55.22 54.26 181.27
CA TYR S 3610 55.66 53.06 181.95
C TYR S 3610 54.59 51.98 181.90
N GLU S 3611 53.31 52.34 181.96
CA GLU S 3611 52.25 51.34 181.87
C GLU S 3611 52.22 50.71 180.48
N ARG S 3612 52.29 51.52 179.43
CA ARG S 3612 52.31 51.00 178.08
C ARG S 3612 53.55 50.16 177.83
N MET S 3613 54.70 50.56 178.40
CA MET S 3613 55.92 49.80 178.19
C MET S 3613 55.90 48.50 178.98
N TYR S 3614 55.31 48.50 180.16
CA TYR S 3614 55.09 47.25 180.88
C TYR S 3614 54.13 46.34 180.15
N ALA S 3615 53.19 46.88 179.40
CA ALA S 3615 52.29 46.07 178.59
C ALA S 3615 52.92 45.58 177.30
N ALA S 3616 53.91 46.31 176.76
CA ALA S 3616 54.54 45.93 175.50
C ALA S 3616 55.83 45.15 175.69
N LEU S 3617 56.83 45.74 176.32
CA LEU S 3617 58.16 45.16 176.50
C LEU S 3617 58.35 44.54 177.89
N GLY S 3618 57.89 45.22 178.94
CA GLY S 3618 58.15 44.74 180.29
C GLY S 3618 57.61 43.34 180.53
N ASP S 3619 56.38 43.08 180.11
CA ASP S 3619 55.84 41.73 180.18
C ASP S 3619 56.44 40.87 179.06
N PRO S 3620 56.48 39.55 179.25
CA PRO S 3620 57.02 38.68 178.19
C PRO S 3620 56.23 38.72 176.89
N LYS S 3621 54.98 39.17 176.92
CA LYS S 3621 54.15 39.24 175.72
C LYS S 3621 54.01 40.68 175.24
N ALA S 3622 53.61 40.82 173.99
CA ALA S 3622 53.29 42.10 173.39
C ALA S 3622 52.01 41.96 172.59
N PRO S 3623 51.31 43.07 172.34
CA PRO S 3623 50.18 43.04 171.41
C PRO S 3623 50.61 42.50 170.05
N GLY S 3624 49.75 41.66 169.47
CA GLY S 3624 50.10 40.94 168.27
C GLY S 3624 50.97 39.74 168.56
N LEU S 3625 51.41 39.10 167.48
CA LEU S 3625 52.21 37.88 167.56
C LEU S 3625 53.49 38.05 166.76
N GLY S 3626 54.20 39.14 167.00
CA GLY S 3626 55.42 39.45 166.27
C GLY S 3626 56.55 38.47 166.45
N ALA S 3627 57.69 38.76 165.83
CA ALA S 3627 58.87 37.91 165.96
C ALA S 3627 60.10 38.74 166.32
N PHE S 3628 60.14 40.00 165.87
CA PHE S 3628 61.32 40.83 166.10
C PHE S 3628 61.39 41.28 167.55
N ARG S 3629 60.40 42.06 168.00
CA ARG S 3629 60.37 42.48 169.39
C ARG S 3629 59.81 41.42 170.32
N ARG S 3630 59.14 40.40 169.77
CA ARG S 3630 58.54 39.36 170.61
C ARG S 3630 59.61 38.63 171.41
N LYS S 3631 60.79 38.43 170.83
CA LYS S 3631 61.92 37.95 171.62
C LYS S 3631 62.54 39.06 172.47
N PHE S 3632 62.55 40.29 171.93
CA PHE S 3632 63.17 41.40 172.66
C PHE S 3632 62.43 41.71 173.94
N ILE S 3633 61.09 41.66 173.89
CA ILE S 3633 60.30 41.96 175.08
C ILE S 3633 60.62 40.97 176.20
N GLN S 3634 60.56 39.67 175.89
CA GLN S 3634 60.78 38.64 176.90
C GLN S 3634 62.23 38.56 177.33
N THR S 3635 63.16 39.06 176.51
CA THR S 3635 64.56 39.04 176.93
C THR S 3635 64.95 40.25 177.76
N PHE S 3636 64.33 41.41 177.52
CA PHE S 3636 64.87 42.62 178.14
C PHE S 3636 63.88 43.57 178.79
N GLY S 3637 62.57 43.43 178.59
CA GLY S 3637 61.65 44.31 179.30
C GLY S 3637 61.64 44.06 180.80
N LYS S 3638 61.71 42.78 181.20
CA LYS S 3638 61.82 42.46 182.62
C LYS S 3638 63.11 43.02 183.20
N GLU S 3639 64.22 42.92 182.46
CA GLU S 3639 65.47 43.51 182.91
C GLU S 3639 65.36 45.02 183.02
N PHE S 3640 64.69 45.65 182.06
CA PHE S 3640 64.37 47.08 182.16
C PHE S 3640 63.67 47.39 183.48
N ASP S 3641 62.65 46.61 183.82
CA ASP S 3641 61.93 46.82 185.06
C ASP S 3641 62.80 46.55 186.30
N LYS S 3642 63.77 45.64 186.19
CA LYS S 3642 64.62 45.30 187.33
C LYS S 3642 65.42 46.48 187.84
N HIS S 3643 66.35 46.99 187.03
CA HIS S 3643 67.27 48.01 187.51
C HIS S 3643 66.55 49.32 187.80
N PHE S 3644 65.66 49.74 186.90
CA PHE S 3644 64.97 51.02 187.02
C PHE S 3644 63.51 50.85 186.64
N GLY S 3645 62.65 50.73 187.66
CA GLY S 3645 61.22 50.65 187.44
C GLY S 3645 60.51 51.90 187.85
N LYS S 3646 61.10 53.06 187.53
CA LYS S 3646 60.51 54.35 187.89
C LYS S 3646 59.13 54.49 187.26
N GLY S 3647 58.15 54.89 188.07
CA GLY S 3647 56.78 55.00 187.61
C GLY S 3647 56.07 53.66 187.56
N SER S 3657 66.17 60.56 182.78
CA SER S 3657 66.93 61.09 183.90
C SER S 3657 67.99 60.10 184.35
N ASP S 3658 68.50 60.31 185.57
CA ASP S 3658 69.50 59.39 186.12
C ASP S 3658 68.93 57.99 186.30
N PHE S 3659 67.69 57.90 186.77
CA PHE S 3659 67.02 56.62 186.97
C PHE S 3659 66.40 56.08 185.69
N ASN S 3660 66.78 56.60 184.53
CA ASN S 3660 66.17 56.16 183.28
C ASN S 3660 67.19 55.76 182.23
N ASP S 3661 68.34 56.45 182.16
CA ASP S 3661 69.20 56.36 180.98
C ASP S 3661 69.77 54.95 180.79
N ILE S 3662 70.15 54.28 181.88
CA ILE S 3662 70.76 52.96 181.76
C ILE S 3662 69.80 51.96 181.16
N THR S 3663 68.49 52.18 181.34
CA THR S 3663 67.51 51.27 180.73
C THR S 3663 67.61 51.30 179.21
N ASN S 3664 67.81 52.48 178.62
CA ASN S 3664 67.90 52.58 177.17
C ASN S 3664 69.08 51.80 176.64
N MET S 3665 70.25 51.94 177.27
CA MET S 3665 71.42 51.17 176.85
C MET S 3665 71.29 49.69 177.20
N LEU S 3666 70.35 49.34 178.08
CA LEU S 3666 70.06 47.92 178.31
C LEU S 3666 69.54 47.27 177.03
N LEU S 3667 68.87 48.03 176.16
CA LEU S 3667 68.36 47.51 174.90
C LEU S 3667 69.24 47.86 173.71
N LEU S 3668 69.73 49.10 173.64
CA LEU S 3668 70.46 49.50 172.43
C LEU S 3668 71.86 48.91 172.35
N LYS S 3669 72.34 48.24 173.39
CA LYS S 3669 73.68 47.66 173.34
C LYS S 3669 73.73 46.37 172.52
N MET S 3670 72.59 45.75 172.22
CA MET S 3670 72.55 44.69 171.23
C MET S 3670 71.46 45.00 170.20
N ASN S 3671 71.71 44.58 168.96
CA ASN S 3671 70.76 44.73 167.87
C ASN S 3671 70.34 46.19 167.68
N LYS S 3672 69.18 46.56 168.22
CA LYS S 3672 68.62 47.90 168.08
C LYS S 3672 68.45 48.28 166.61
N ASP S 3673 67.60 47.51 165.93
CA ASP S 3673 67.35 47.67 164.50
C ASP S 3673 65.89 48.07 164.27
N SER S 3674 65.68 48.85 163.21
CA SER S 3674 64.34 49.28 162.82
C SER S 3674 63.78 48.30 161.78
N LYS S 3675 63.68 47.04 162.20
CA LYS S 3675 63.26 45.95 161.33
C LYS S 3675 61.97 45.33 161.86
N PRO S 3676 60.82 45.66 161.28
CA PRO S 3676 59.60 44.96 161.65
C PRO S 3676 59.70 43.49 161.29
N PRO S 3677 58.94 42.63 161.98
CA PRO S 3677 59.11 41.18 161.76
C PRO S 3677 58.65 40.75 160.38
N GLY S 3678 59.47 41.05 159.37
CA GLY S 3678 59.16 40.72 158.00
C GLY S 3678 58.18 41.69 157.38
N ASN S 3679 58.10 41.65 156.04
CA ASN S 3679 57.10 42.44 155.35
C ASN S 3679 55.70 41.98 155.72
N LEU S 3680 55.47 40.67 155.73
CA LEU S 3680 54.24 40.10 156.25
C LEU S 3680 54.35 40.13 157.77
N LYS S 3681 54.09 41.31 158.33
CA LYS S 3681 54.42 41.62 159.72
C LYS S 3681 53.63 40.74 160.68
N GLU S 3682 54.35 39.94 161.47
CA GLU S 3682 53.69 39.14 162.50
C GLU S 3682 53.21 40.00 163.66
N CYS S 3683 53.84 41.16 163.89
CA CYS S 3683 53.45 42.02 165.01
C CYS S 3683 52.03 42.54 164.84
N SER S 3684 51.69 42.97 163.63
CA SER S 3684 50.37 43.53 163.41
C SER S 3684 49.32 42.45 163.51
N PRO S 3685 48.31 42.62 164.37
CA PRO S 3685 47.31 41.55 164.61
C PRO S 3685 46.34 41.34 163.46
N TRP S 3686 46.50 42.05 162.35
CA TRP S 3686 45.68 41.85 161.17
C TRP S 3686 46.55 41.65 159.92
N MET S 3687 47.86 41.75 160.05
CA MET S 3687 48.77 41.57 158.92
C MET S 3687 49.05 40.09 158.68
N SER S 3688 49.68 39.42 159.65
CA SER S 3688 49.99 38.00 159.55
C SER S 3688 48.94 37.14 160.24
N ASP S 3689 48.81 37.29 161.56
CA ASP S 3689 47.74 36.64 162.29
C ASP S 3689 46.42 37.36 162.02
N PHE S 3690 45.37 36.58 161.78
CA PHE S 3690 44.06 37.12 161.46
C PHE S 3690 44.17 38.11 160.28
N LYS S 3691 44.51 37.55 159.13
CA LYS S 3691 44.76 38.35 157.93
C LYS S 3691 43.43 38.91 157.43
N VAL S 3692 43.47 39.56 156.26
CA VAL S 3692 42.31 40.24 155.71
C VAL S 3692 41.11 39.31 155.63
N GLU S 3693 40.05 39.67 156.33
CA GLU S 3693 38.83 38.87 156.38
C GLU S 3693 37.66 39.79 156.66
N PHE S 3694 36.46 39.29 156.39
CA PHE S 3694 35.23 40.03 156.66
C PHE S 3694 34.80 39.95 158.12
N LEU S 3695 35.52 39.17 158.94
CA LEU S 3695 35.15 39.04 160.35
C LEU S 3695 35.28 40.36 161.09
N ARG S 3696 36.34 41.11 160.83
CA ARG S 3696 36.57 42.38 161.50
C ARG S 3696 36.75 43.51 160.50
N ASN S 3697 37.14 44.70 160.99
CA ASN S 3697 37.30 45.85 160.13
C ASN S 3697 38.43 45.64 159.13
N GLU S 3698 38.17 45.98 157.88
CA GLU S 3698 39.20 45.95 156.83
C GLU S 3698 39.96 47.26 156.90
N LEU S 3699 41.01 47.28 157.72
CA LEU S 3699 41.79 48.50 157.92
C LEU S 3699 42.52 48.87 156.63
N GLU S 3700 42.89 50.15 156.55
CA GLU S 3700 43.57 50.70 155.39
C GLU S 3700 44.91 51.29 155.82
N ILE S 3701 45.56 51.99 154.90
CA ILE S 3701 46.88 52.58 155.11
C ILE S 3701 46.80 53.67 156.17
N PRO S 3702 47.59 53.58 157.25
CA PRO S 3702 47.61 54.66 158.25
C PRO S 3702 48.37 55.86 157.73
N GLY S 3703 47.74 57.03 157.78
CA GLY S 3703 48.34 58.26 157.32
C GLY S 3703 47.85 58.76 155.98
N GLN S 3704 46.63 58.41 155.57
CA GLN S 3704 46.07 58.91 154.33
C GLN S 3704 44.59 59.27 154.48
N TYR S 3705 44.18 59.63 155.68
CA TYR S 3705 42.78 59.98 155.97
C TYR S 3705 42.62 61.49 156.13
N ASP S 3706 43.36 62.26 155.33
CA ASP S 3706 43.25 63.72 155.34
C ASP S 3706 42.13 64.12 154.39
N GLY S 3707 40.90 63.86 154.81
CA GLY S 3707 39.72 64.08 154.00
C GLY S 3707 38.96 65.31 154.47
N ARG S 3708 38.66 66.20 153.51
CA ARG S 3708 37.97 67.46 153.79
C ARG S 3708 36.46 67.23 153.74
N GLY S 3709 35.98 66.45 154.72
CA GLY S 3709 34.56 66.19 154.84
C GLY S 3709 34.00 65.20 153.86
N LYS S 3710 34.80 64.23 153.42
CA LYS S 3710 34.33 63.24 152.46
C LYS S 3710 33.86 61.99 153.21
N PRO S 3711 32.60 61.59 153.05
CA PRO S 3711 32.15 60.34 153.69
C PRO S 3711 32.93 59.14 153.17
N LEU S 3712 33.21 58.20 154.08
CA LEU S 3712 34.00 57.04 153.73
C LEU S 3712 33.13 55.99 153.04
N PRO S 3713 33.43 55.59 151.81
CA PRO S 3713 32.65 54.54 151.16
C PRO S 3713 32.83 53.21 151.87
N GLU S 3714 31.78 52.39 151.82
CA GLU S 3714 31.80 51.09 152.49
C GLU S 3714 32.71 50.11 151.74
N TYR S 3715 32.61 50.06 150.42
CA TYR S 3715 33.44 49.19 149.60
C TYR S 3715 34.72 49.87 149.16
N HIS S 3716 35.06 51.01 149.77
CA HIS S 3716 36.25 51.77 149.40
C HIS S 3716 37.50 50.91 149.45
N VAL S 3717 38.49 51.29 148.65
CA VAL S 3717 39.75 50.54 148.60
C VAL S 3717 40.33 50.41 150.00
N ARG S 3718 40.75 49.19 150.33
CA ARG S 3718 41.34 48.92 151.63
C ARG S 3718 42.22 47.68 151.49
N ILE S 3719 42.81 47.25 152.60
CA ILE S 3719 43.81 46.19 152.56
C ILE S 3719 43.09 44.85 152.32
N ALA S 3720 43.39 44.23 151.18
CA ALA S 3720 42.98 42.85 150.91
C ALA S 3720 44.09 42.23 150.06
N GLY S 3721 44.82 41.29 150.65
CA GLY S 3721 46.08 40.87 150.06
C GLY S 3721 47.17 41.77 150.59
N PHE S 3722 48.41 41.28 150.62
CA PHE S 3722 49.48 42.02 151.27
C PHE S 3722 50.65 42.23 150.32
N ASP S 3723 51.07 43.49 150.18
CA ASP S 3723 52.26 43.88 149.44
C ASP S 3723 53.10 44.84 150.26
N GLU S 3724 53.18 44.59 151.57
CA GLU S 3724 53.88 45.48 152.48
C GLU S 3724 55.38 45.46 152.19
N ARG S 3725 56.01 46.63 152.33
CA ARG S 3725 57.45 46.76 152.26
C ARG S 3725 57.89 47.67 153.41
N VAL S 3726 58.47 47.09 154.45
CA VAL S 3726 58.85 47.85 155.65
C VAL S 3726 60.14 48.61 155.38
N THR S 3727 60.00 49.84 154.93
CA THR S 3727 61.15 50.69 154.58
C THR S 3727 61.29 51.78 155.63
N VAL S 3728 62.34 51.70 156.42
CA VAL S 3728 62.64 52.68 157.46
C VAL S 3728 63.90 53.42 157.02
N MET S 3729 63.72 54.54 156.33
CA MET S 3729 64.84 55.38 155.96
C MET S 3729 65.24 56.27 157.15
N ALA S 3730 66.31 57.02 156.96
CA ALA S 3730 66.92 57.81 158.02
C ALA S 3730 66.46 59.25 157.95
N SER S 3731 66.02 59.79 159.08
CA SER S 3731 65.68 61.20 159.22
C SER S 3731 65.73 61.55 160.71
N LEU S 3732 65.24 62.73 161.06
CA LEU S 3732 65.30 63.19 162.44
C LEU S 3732 64.46 62.31 163.36
N ARG S 3733 63.26 61.92 162.92
CA ARG S 3733 62.31 61.21 163.76
C ARG S 3733 62.25 59.71 163.47
N ARG S 3734 63.22 59.18 162.71
CA ARG S 3734 63.30 57.75 162.39
C ARG S 3734 62.02 57.29 161.71
N PRO S 3735 61.79 57.68 160.45
CA PRO S 3735 60.51 57.38 159.78
C PRO S 3735 60.30 55.89 159.61
N LYS S 3736 59.26 55.37 160.28
CA LYS S 3736 58.83 53.99 160.08
C LYS S 3736 57.83 53.98 158.91
N ARG S 3737 58.34 54.34 157.74
CA ARG S 3737 57.52 54.46 156.54
C ARG S 3737 57.19 53.08 155.98
N ILE S 3738 56.39 52.31 156.72
CA ILE S 3738 55.95 51.01 156.24
C ILE S 3738 55.05 51.20 155.02
N ILE S 3739 55.35 50.47 153.96
CA ILE S 3739 54.63 50.61 152.69
C ILE S 3739 53.37 49.75 152.82
N ILE S 3740 52.32 50.34 153.38
CA ILE S 3740 51.05 49.65 153.55
C ILE S 3740 50.32 49.60 152.22
N ARG S 3741 49.80 48.42 151.86
CA ARG S 3741 49.18 48.20 150.56
C ARG S 3741 47.74 47.76 150.77
N GLY S 3742 46.84 48.31 149.95
CA GLY S 3742 45.44 47.93 150.00
C GLY S 3742 45.15 46.72 149.13
N HIS S 3743 43.88 46.56 148.76
CA HIS S 3743 43.53 45.52 147.80
C HIS S 3743 44.07 45.83 146.42
N ASP S 3744 44.21 47.12 146.09
CA ASP S 3744 44.99 47.51 144.91
C ASP S 3744 46.47 47.22 145.10
N GLU S 3745 46.90 46.97 146.33
CA GLU S 3745 48.29 46.66 146.65
C GLU S 3745 49.23 47.77 146.18
N ARG S 3746 48.86 49.02 146.48
CA ARG S 3746 49.63 50.18 146.07
C ARG S 3746 50.68 50.53 147.13
N GLU S 3747 51.73 51.19 146.69
CA GLU S 3747 52.83 51.56 147.58
C GLU S 3747 52.48 52.84 148.34
N HIS S 3748 52.64 52.79 149.66
CA HIS S 3748 52.36 53.95 150.52
C HIS S 3748 53.29 53.94 151.72
N PRO S 3749 54.54 54.34 151.53
CA PRO S 3749 55.42 54.55 152.69
C PRO S 3749 55.06 55.83 153.43
N PHE S 3750 54.44 55.70 154.59
CA PHE S 3750 53.96 56.84 155.34
C PHE S 3750 54.73 56.95 156.66
N LEU S 3751 55.17 58.17 156.97
CA LEU S 3751 56.11 58.38 158.07
C LEU S 3751 55.40 58.16 159.40
N VAL S 3752 55.50 56.95 159.92
CA VAL S 3752 55.13 56.67 161.30
C VAL S 3752 56.27 57.21 162.17
N LYS S 3753 56.06 58.38 162.76
CA LYS S 3753 57.13 59.03 163.52
C LYS S 3753 57.59 58.12 164.65
N GLY S 3754 58.90 58.10 164.87
CA GLY S 3754 59.49 57.19 165.83
C GLY S 3754 59.18 57.55 167.26
N GLY S 3755 60.04 57.13 168.18
CA GLY S 3755 59.79 57.37 169.59
C GLY S 3755 59.75 58.85 169.94
N GLU S 3756 58.54 59.35 170.19
CA GLU S 3756 58.30 60.74 170.54
C GLU S 3756 56.80 60.90 170.79
N ASP S 3757 56.43 62.07 171.28
CA ASP S 3757 55.04 62.44 171.49
C ASP S 3757 54.66 63.54 170.51
N LEU S 3758 53.66 63.29 169.68
CA LEU S 3758 53.16 64.31 168.79
C LEU S 3758 52.09 65.17 169.43
N ARG S 3759 51.95 65.15 170.76
CA ARG S 3759 50.89 65.90 171.42
C ARG S 3759 50.98 67.38 171.09
N GLN S 3760 52.19 67.93 171.07
CA GLN S 3760 52.38 69.26 170.47
C GLN S 3760 52.12 69.20 168.97
N ASP S 3761 52.74 68.24 168.29
CA ASP S 3761 52.61 68.17 166.83
C ASP S 3761 51.18 67.94 166.41
N GLN S 3762 50.43 67.14 167.17
CA GLN S 3762 49.05 66.81 166.80
C GLN S 3762 48.22 68.07 166.56
N ARG S 3763 48.52 69.15 167.28
CA ARG S 3763 47.86 70.42 167.02
C ARG S 3763 48.65 71.29 166.04
N VAL S 3764 49.98 71.36 166.20
CA VAL S 3764 50.75 72.33 165.43
C VAL S 3764 50.81 71.95 163.95
N GLU S 3765 51.04 70.67 163.64
CA GLU S 3765 51.10 70.25 162.24
C GLU S 3765 49.72 70.27 161.58
N GLN S 3766 48.66 70.01 162.35
CA GLN S 3766 47.33 70.19 161.81
C GLN S 3766 47.06 71.66 161.49
N LEU S 3767 47.59 72.56 162.32
CA LEU S 3767 47.54 73.98 161.97
C LEU S 3767 48.40 74.28 160.74
N PHE S 3768 49.51 73.57 160.59
CA PHE S 3768 50.29 73.66 159.35
C PHE S 3768 49.39 73.38 158.16
N GLN S 3769 48.64 72.27 158.25
CA GLN S 3769 47.71 71.90 157.19
C GLN S 3769 46.65 72.99 156.98
N VAL S 3770 46.13 73.54 158.07
CA VAL S 3770 45.09 74.57 157.98
C VAL S 3770 45.62 75.79 157.21
N MET S 3771 46.78 76.31 157.62
CA MET S 3771 47.24 77.53 156.98
C MET S 3771 47.84 77.23 155.60
N ASN S 3772 48.26 75.99 155.34
CA ASN S 3772 48.62 75.61 153.98
C ASN S 3772 47.39 75.61 153.07
N GLY S 3773 46.24 75.16 153.58
CA GLY S 3773 45.01 75.33 152.85
C GLY S 3773 44.67 76.79 152.64
N ILE S 3774 44.96 77.62 153.64
CA ILE S 3774 44.78 79.07 153.50
C ILE S 3774 45.73 79.64 152.45
N LEU S 3775 46.87 78.99 152.24
CA LEU S 3775 47.89 79.49 151.31
C LEU S 3775 47.35 79.71 149.90
N ALA S 3776 46.27 79.02 149.53
CA ALA S 3776 45.60 79.24 148.26
C ALA S 3776 44.14 79.65 148.44
N GLN S 3777 43.79 80.12 149.64
CA GLN S 3777 42.41 80.53 149.91
C GLN S 3777 42.10 81.94 149.44
N ASP S 3778 43.11 82.70 149.02
CA ASP S 3778 42.93 84.06 148.54
C ASP S 3778 43.41 84.17 147.11
N SER S 3779 42.83 85.11 146.35
CA SER S 3779 43.25 85.33 144.98
C SER S 3779 44.71 85.73 144.91
N ALA S 3780 45.14 86.64 145.80
CA ALA S 3780 46.56 86.96 145.89
C ALA S 3780 47.36 85.75 146.34
N CYS S 3781 46.86 85.03 147.34
CA CYS S 3781 47.58 83.86 147.84
C CYS S 3781 47.68 82.76 146.81
N SER S 3782 46.60 82.52 146.06
CA SER S 3782 46.54 81.42 145.10
C SER S 3782 46.94 81.83 143.69
N GLN S 3783 47.27 83.10 143.45
CA GLN S 3783 47.67 83.51 142.10
C GLN S 3783 48.97 82.83 141.70
N ARG S 3784 49.90 82.70 142.63
CA ARG S 3784 51.06 81.85 142.44
C ARG S 3784 50.80 80.43 142.93
N ALA S 3785 49.58 80.14 143.35
CA ALA S 3785 49.13 78.79 143.72
C ALA S 3785 49.96 78.22 144.87
N LEU S 3786 49.95 78.95 145.99
CA LEU S 3786 50.77 78.55 147.13
C LEU S 3786 50.15 77.37 147.85
N GLN S 3787 50.92 76.29 147.98
CA GLN S 3787 50.47 75.09 148.67
C GLN S 3787 51.67 74.37 149.26
N LEU S 3788 51.70 74.24 150.58
CA LEU S 3788 52.50 73.24 151.25
C LEU S 3788 51.59 72.07 151.64
N ARG S 3789 52.17 70.90 151.81
CA ARG S 3789 51.39 69.70 152.09
C ARG S 3789 50.51 69.92 153.33
N THR S 3790 49.24 69.58 153.19
CA THR S 3790 48.29 69.65 154.29
C THR S 3790 48.15 68.25 154.89
N TYR S 3791 48.50 68.13 156.16
CA TYR S 3791 48.53 66.82 156.81
C TYR S 3791 48.16 66.98 158.27
N SER S 3792 47.43 65.99 158.79
CA SER S 3792 47.10 65.90 160.20
C SER S 3792 47.94 64.80 160.82
N VAL S 3793 48.62 65.12 161.92
CA VAL S 3793 49.53 64.17 162.56
C VAL S 3793 48.91 63.73 163.87
N VAL S 3794 49.20 62.50 164.26
CA VAL S 3794 48.60 61.90 165.46
C VAL S 3794 49.61 61.01 166.16
N PRO S 3795 49.84 61.18 167.45
CA PRO S 3795 50.63 60.23 168.23
C PRO S 3795 49.77 59.05 168.68
N MET S 3796 50.01 57.88 168.08
CA MET S 3796 49.26 56.69 168.49
C MET S 3796 49.37 56.45 169.99
N THR S 3797 50.55 56.69 170.55
CA THR S 3797 50.77 56.77 171.98
C THR S 3797 51.64 57.98 172.26
N SER S 3798 51.84 58.29 173.54
CA SER S 3798 52.76 59.37 173.88
C SER S 3798 54.20 59.03 173.55
N ARG S 3799 54.50 57.75 173.27
CA ARG S 3799 55.84 57.31 172.90
C ARG S 3799 55.90 56.94 171.42
N LEU S 3800 54.97 57.46 170.62
CA LEU S 3800 54.89 57.11 169.21
C LEU S 3800 54.26 58.29 168.47
N GLY S 3801 54.47 58.31 167.15
CA GLY S 3801 53.93 59.37 166.33
C GLY S 3801 53.70 58.89 164.91
N LEU S 3802 53.07 59.77 164.12
CA LEU S 3802 52.79 59.47 162.72
C LEU S 3802 52.47 60.76 162.00
N ILE S 3803 53.17 61.03 160.90
CA ILE S 3803 52.86 62.14 160.03
C ILE S 3803 52.54 61.57 158.65
N GLU S 3804 51.73 62.30 157.90
CA GLU S 3804 51.33 61.86 156.57
C GLU S 3804 52.42 62.23 155.56
N TRP S 3805 52.79 61.26 154.73
CA TRP S 3805 53.96 61.36 153.87
C TRP S 3805 53.54 61.63 152.43
N LEU S 3806 54.52 62.07 151.64
CA LEU S 3806 54.32 62.35 150.22
C LEU S 3806 54.83 61.22 149.35
N GLU S 3807 56.10 60.86 149.49
CA GLU S 3807 56.75 59.81 148.72
C GLU S 3807 56.64 60.09 147.21
N ASN S 3808 57.09 61.28 146.83
CA ASN S 3808 57.07 61.68 145.43
C ASN S 3808 58.35 62.42 145.01
N THR S 3809 59.45 62.25 145.75
CA THR S 3809 60.71 62.87 145.42
C THR S 3809 61.84 61.96 145.84
N VAL S 3810 63.07 62.39 145.57
CA VAL S 3810 64.27 61.68 145.98
C VAL S 3810 65.13 62.65 146.79
N THR S 3811 65.88 62.13 147.76
CA THR S 3811 66.67 62.97 148.63
C THR S 3811 67.77 63.68 147.84
N LEU S 3812 68.18 64.84 148.35
CA LEU S 3812 69.15 65.66 147.63
C LEU S 3812 70.54 65.04 147.62
N LYS S 3813 70.83 64.13 148.55
CA LYS S 3813 72.05 63.34 148.43
C LYS S 3813 72.00 62.47 147.17
N ASP S 3814 70.88 61.80 146.94
CA ASP S 3814 70.72 61.03 145.72
C ASP S 3814 70.49 61.92 144.50
N LEU S 3815 69.95 63.12 144.70
CA LEU S 3815 69.90 64.09 143.61
C LEU S 3815 71.31 64.47 143.15
N LEU S 3816 72.21 64.68 144.11
CA LEU S 3816 73.62 64.84 143.79
C LEU S 3816 74.18 63.60 143.12
N LEU S 3817 73.78 62.42 143.59
CA LEU S 3817 74.28 61.17 143.04
C LEU S 3817 73.91 61.02 141.57
N ASN S 3818 72.67 61.37 141.20
CA ASN S 3818 72.19 61.08 139.86
C ASN S 3818 72.33 62.23 138.87
N THR S 3819 72.44 63.48 139.34
CA THR S 3819 72.69 64.57 138.40
C THR S 3819 74.16 64.65 138.02
N MET S 3820 75.03 64.90 139.00
CA MET S 3820 76.47 64.83 138.79
C MET S 3820 77.01 63.57 139.47
N SER S 3821 78.34 63.45 139.49
CA SER S 3821 78.98 62.23 139.97
C SER S 3821 78.58 61.94 141.42
N GLN S 3822 78.22 60.67 141.67
CA GLN S 3822 77.83 60.26 143.01
C GLN S 3822 79.01 60.13 143.95
N GLU S 3823 80.20 59.86 143.42
CA GLU S 3823 81.39 59.80 144.27
C GLU S 3823 81.65 61.14 144.94
N GLU S 3824 81.52 62.23 144.18
CA GLU S 3824 81.54 63.55 144.80
C GLU S 3824 80.38 63.71 145.77
N LYS S 3825 79.18 63.28 145.35
CA LYS S 3825 77.98 63.43 146.17
C LYS S 3825 78.14 62.81 147.55
N ALA S 3826 78.97 61.76 147.66
CA ALA S 3826 79.24 61.15 148.95
C ALA S 3826 80.45 61.80 149.63
N ALA S 3827 81.61 61.76 148.95
CA ALA S 3827 82.84 62.17 149.60
C ALA S 3827 82.83 63.65 149.98
N TYR S 3828 82.55 64.53 149.01
CA TYR S 3828 82.65 65.96 149.29
C TYR S 3828 81.57 66.42 150.25
N LEU S 3829 80.41 65.78 150.23
CA LEU S 3829 79.35 66.12 151.18
C LEU S 3829 79.66 65.60 152.58
N SER S 3830 80.45 64.52 152.69
CA SER S 3830 80.72 63.90 153.98
C SER S 3830 82.01 64.40 154.63
N ASP S 3831 83.15 64.17 153.99
CA ASP S 3831 84.41 64.40 154.68
C ASP S 3831 84.80 65.88 154.76
N PRO S 3832 85.02 66.60 153.62
CA PRO S 3832 85.45 68.00 153.70
C PRO S 3832 84.27 68.97 153.69
N ARG S 3833 83.32 68.76 154.61
CA ARG S 3833 82.13 69.60 154.68
C ARG S 3833 82.10 70.46 155.93
N ALA S 3834 82.20 69.84 157.11
CA ALA S 3834 82.22 70.61 158.35
C ALA S 3834 83.60 71.16 158.69
N PRO S 3835 84.67 70.35 158.68
CA PRO S 3835 85.98 70.86 159.13
C PRO S 3835 86.46 72.08 158.37
N PRO S 3836 86.58 72.05 157.03
CA PRO S 3836 87.32 73.13 156.36
C PRO S 3836 86.62 74.48 156.42
N CYS S 3837 85.28 74.51 156.50
CA CYS S 3837 84.52 75.75 156.47
C CYS S 3837 83.72 75.98 157.74
N GLU S 3838 82.89 75.02 158.14
CA GLU S 3838 81.94 75.26 159.22
C GLU S 3838 82.64 75.29 160.58
N TYR S 3839 83.64 74.45 160.78
CA TYR S 3839 84.40 74.50 162.03
C TYR S 3839 85.27 75.75 162.10
N LYS S 3840 85.75 76.23 160.95
CA LYS S 3840 86.43 77.52 160.91
C LYS S 3840 85.47 78.65 161.26
N ASP S 3841 84.22 78.55 160.78
CA ASP S 3841 83.19 79.48 161.21
C ASP S 3841 82.98 79.42 162.72
N TRP S 3842 83.01 78.21 163.29
CA TRP S 3842 83.00 78.06 164.74
C TRP S 3842 84.24 78.69 165.36
N LEU S 3843 85.40 78.48 164.73
CA LEU S 3843 86.65 79.02 165.23
C LEU S 3843 86.74 80.52 164.96
N ASP S 3851 79.99 69.35 165.43
CA ASP S 3851 80.17 68.38 166.50
C ASP S 3851 80.24 69.05 167.86
N VAL S 3852 80.71 68.31 168.86
CA VAL S 3852 80.86 68.85 170.20
C VAL S 3852 82.29 69.32 170.41
N GLY S 3853 82.45 70.36 171.24
CA GLY S 3853 83.76 70.90 171.53
C GLY S 3853 84.27 71.82 170.44
N ALA S 3854 84.66 71.23 169.30
CA ALA S 3854 85.16 72.04 168.18
C ALA S 3854 84.06 72.94 167.62
N TYR S 3855 82.83 72.43 167.52
CA TYR S 3855 81.71 73.20 167.01
C TYR S 3855 80.72 73.57 168.11
N MET S 3856 81.02 73.25 169.37
CA MET S 3856 80.14 73.62 170.47
C MET S 3856 79.99 75.13 170.57
N LEU S 3857 81.10 75.85 170.43
CA LEU S 3857 81.14 77.30 170.52
C LEU S 3857 80.94 77.98 169.16
N MET S 3858 80.27 77.31 168.22
CA MET S 3858 80.10 77.87 166.88
C MET S 3858 79.33 79.18 166.93
N TYR S 3859 78.26 79.23 167.71
CA TYR S 3859 77.49 80.47 167.84
C TYR S 3859 78.25 81.52 168.63
N LYS S 3860 79.16 81.09 169.51
CA LYS S 3860 80.10 82.03 170.11
C LYS S 3860 81.09 82.54 169.07
N GLY S 3861 81.44 81.71 168.10
CA GLY S 3861 82.25 82.11 166.96
C GLY S 3861 81.47 82.76 165.85
N ALA S 3862 80.16 82.94 166.02
CA ALA S 3862 79.31 83.63 165.06
C ALA S 3862 79.16 85.09 165.49
N ASN S 3863 79.19 85.99 164.52
CA ASN S 3863 79.24 87.42 164.78
C ASN S 3863 78.49 88.14 163.66
N ARG S 3864 78.71 89.45 163.55
CA ARG S 3864 78.04 90.24 162.53
C ARG S 3864 78.61 89.95 161.14
N THR S 3865 79.92 89.84 161.03
CA THR S 3865 80.58 89.70 159.73
C THR S 3865 80.72 88.26 159.29
N GLU S 3866 80.26 87.29 160.08
CA GLU S 3866 80.43 85.90 159.70
C GLU S 3866 79.44 85.45 158.63
N THR S 3867 78.44 86.26 158.29
CA THR S 3867 77.46 85.86 157.29
C THR S 3867 78.11 85.64 155.93
N VAL S 3868 78.62 86.72 155.34
CA VAL S 3868 79.19 86.63 154.00
C VAL S 3868 80.49 85.84 154.00
N THR S 3869 81.32 86.05 155.03
CA THR S 3869 82.57 85.30 155.12
C THR S 3869 82.31 83.81 155.22
N SER S 3870 81.34 83.43 156.06
CA SER S 3870 80.99 82.02 156.20
C SER S 3870 80.37 81.48 154.91
N PHE S 3871 79.55 82.28 154.23
CA PHE S 3871 78.99 81.83 152.96
C PHE S 3871 80.08 81.56 151.94
N ARG S 3872 81.11 82.42 151.91
CA ARG S 3872 82.26 82.16 151.04
C ARG S 3872 83.02 80.91 151.47
N LYS S 3873 83.20 80.72 152.78
CA LYS S 3873 83.92 79.56 153.27
C LYS S 3873 83.22 78.26 152.90
N ARG S 3874 81.89 78.22 153.05
CA ARG S 3874 81.11 77.01 152.82
C ARG S 3874 81.04 76.61 151.35
N GLU S 3875 81.44 77.48 150.44
CA GLU S 3875 81.46 77.12 149.02
C GLU S 3875 82.51 76.07 148.72
N SER S 3876 83.63 76.08 149.44
CA SER S 3876 84.71 75.13 149.23
C SER S 3876 84.48 73.80 149.94
N LYS S 3877 83.39 73.67 150.70
CA LYS S 3877 83.10 72.45 151.44
C LYS S 3877 81.86 71.73 150.90
N VAL S 3878 81.34 72.15 149.75
CA VAL S 3878 80.16 71.54 149.16
C VAL S 3878 80.18 71.81 147.66
N PRO S 3879 79.65 70.92 146.83
CA PRO S 3879 79.43 71.28 145.43
C PRO S 3879 78.52 72.49 145.32
N ALA S 3880 78.88 73.40 144.43
CA ALA S 3880 78.13 74.63 144.22
C ALA S 3880 77.19 74.46 143.03
N ASP S 3881 76.02 75.09 143.13
CA ASP S 3881 74.97 75.01 142.12
C ASP S 3881 74.47 73.58 141.93
N LEU S 3882 74.54 72.76 142.98
CA LEU S 3882 73.95 71.42 142.92
C LEU S 3882 72.44 71.49 142.70
N LEU S 3883 71.77 72.43 143.37
CA LEU S 3883 70.37 72.67 143.06
C LEU S 3883 70.19 73.19 141.65
N LYS S 3884 71.13 74.03 141.19
CA LYS S 3884 71.09 74.50 139.80
C LYS S 3884 71.28 73.35 138.82
N ARG S 3885 72.24 72.45 139.11
CA ARG S 3885 72.45 71.30 138.24
C ARG S 3885 71.33 70.27 138.34
N ALA S 3886 70.51 70.35 139.38
CA ALA S 3886 69.32 69.49 139.45
C ALA S 3886 68.31 69.82 138.37
N PHE S 3887 68.27 71.08 137.92
CA PHE S 3887 67.28 71.52 136.95
C PHE S 3887 67.39 70.77 135.62
N VAL S 3888 68.56 70.19 135.32
CA VAL S 3888 68.72 69.45 134.07
C VAL S 3888 68.30 67.99 134.21
N ARG S 3889 68.14 67.49 135.43
CA ARG S 3889 67.79 66.09 135.63
C ARG S 3889 66.38 65.81 135.14
N MET S 3890 65.41 66.62 135.56
CA MET S 3890 64.02 66.41 135.18
C MET S 3890 63.74 66.98 133.79
N SER S 3891 64.57 66.59 132.83
CA SER S 3891 64.46 67.07 131.45
C SER S 3891 64.36 65.89 130.51
N THR S 3892 63.26 65.83 129.74
CA THR S 3892 63.16 64.91 128.62
C THR S 3892 63.08 65.64 127.28
N SER S 3893 62.90 66.95 127.30
CA SER S 3893 62.78 67.77 126.10
C SER S 3893 63.15 69.19 126.47
N PRO S 3894 63.48 70.03 125.49
CA PRO S 3894 63.70 71.46 125.80
C PRO S 3894 62.52 72.09 126.49
N GLU S 3895 61.29 71.70 126.11
CA GLU S 3895 60.11 72.18 126.83
C GLU S 3895 60.08 71.65 128.26
N ALA S 3896 60.33 70.35 128.43
CA ALA S 3896 60.35 69.78 129.77
C ALA S 3896 61.45 70.42 130.62
N PHE S 3897 62.63 70.61 130.03
CA PHE S 3897 63.73 71.33 130.67
C PHE S 3897 63.37 72.79 130.95
N LEU S 3898 62.20 73.25 130.52
CA LEU S 3898 61.70 74.56 130.96
C LEU S 3898 60.72 74.37 132.11
N ALA S 3899 59.62 73.69 131.86
CA ALA S 3899 58.49 73.69 132.79
C ALA S 3899 58.77 72.86 134.05
N LEU S 3900 59.33 71.65 133.89
CA LEU S 3900 59.52 70.80 135.06
C LEU S 3900 60.52 71.42 136.03
N ARG S 3901 61.63 71.96 135.51
CA ARG S 3901 62.60 72.63 136.36
C ARG S 3901 62.08 73.96 136.89
N SER S 3902 61.21 74.65 136.14
CA SER S 3902 60.60 75.87 136.68
C SER S 3902 59.74 75.55 137.90
N HIS S 3903 58.96 74.47 137.82
CA HIS S 3903 58.15 74.08 138.98
C HIS S 3903 59.03 73.54 140.12
N PHE S 3904 60.13 72.86 139.78
CA PHE S 3904 61.14 72.52 140.76
C PHE S 3904 61.61 73.76 141.53
N ALA S 3905 61.92 74.84 140.81
CA ALA S 3905 62.33 76.08 141.46
C ALA S 3905 61.19 76.67 142.28
N SER S 3906 59.97 76.61 141.77
CA SER S 3906 58.84 77.26 142.42
C SER S 3906 58.47 76.59 143.74
N SER S 3907 58.61 75.26 143.83
CA SER S 3907 58.18 74.54 145.03
C SER S 3907 58.90 75.03 146.28
N HIS S 3908 60.16 75.44 146.13
CA HIS S 3908 60.92 75.96 147.26
C HIS S 3908 60.17 77.08 147.95
N ALA S 3909 59.92 78.18 147.25
CA ALA S 3909 59.14 79.29 147.81
C ALA S 3909 57.68 78.92 148.02
N LEU S 3910 57.18 77.87 147.36
CA LEU S 3910 55.82 77.42 147.60
C LEU S 3910 55.66 76.91 149.01
N ILE S 3911 56.69 76.28 149.57
CA ILE S 3911 56.71 75.88 150.96
C ILE S 3911 57.24 76.99 151.86
N CYS S 3912 58.25 77.74 151.40
CA CYS S 3912 59.00 78.65 152.26
C CYS S 3912 58.16 79.79 152.81
N ILE S 3913 57.14 80.23 152.07
CA ILE S 3913 56.29 81.31 152.59
C ILE S 3913 55.54 80.84 153.82
N SER S 3914 55.17 79.57 153.86
CA SER S 3914 54.34 79.03 154.92
C SER S 3914 55.13 78.57 156.13
N HIS S 3915 56.11 77.68 155.94
CA HIS S 3915 56.71 77.00 157.09
C HIS S 3915 57.61 77.91 157.91
N TRP S 3916 57.96 79.09 157.41
CA TRP S 3916 58.64 80.08 158.25
C TRP S 3916 57.76 80.49 159.42
N ILE S 3917 56.53 80.89 159.12
CA ILE S 3917 55.56 81.19 160.16
C ILE S 3917 55.22 79.94 160.95
N LEU S 3918 55.15 78.80 160.26
CA LEU S 3918 54.84 77.54 160.93
C LEU S 3918 55.92 77.15 161.93
N GLY S 3919 57.15 77.60 161.72
CA GLY S 3919 58.21 77.36 162.68
C GLY S 3919 58.83 75.98 162.60
N ILE S 3920 59.41 75.64 161.46
CA ILE S 3920 60.04 74.34 161.27
C ILE S 3920 61.47 74.40 161.81
N GLY S 3921 61.81 73.47 162.70
CA GLY S 3921 63.12 73.42 163.30
C GLY S 3921 64.03 72.36 162.70
N ASP S 3922 63.68 71.88 161.50
CA ASP S 3922 64.51 70.90 160.83
C ASP S 3922 65.85 71.51 160.42
N ARG S 3923 66.82 70.64 160.16
CA ARG S 3923 68.19 71.09 159.90
C ARG S 3923 68.67 70.74 158.49
N HIS S 3924 68.64 69.47 158.10
CA HIS S 3924 69.42 69.00 156.97
C HIS S 3924 68.86 69.52 155.65
N LEU S 3925 69.74 69.54 154.64
CA LEU S 3925 69.35 69.96 153.29
C LEU S 3925 68.35 68.98 152.67
N ASN S 3926 68.40 67.72 153.08
CA ASN S 3926 67.62 66.66 152.45
C ASN S 3926 66.12 66.86 152.63
N ASN S 3927 65.72 67.94 153.31
CA ASN S 3927 64.32 68.25 153.50
C ASN S 3927 63.65 68.82 152.25
N PHE S 3928 64.42 69.10 151.21
CA PHE S 3928 63.86 69.63 149.97
C PHE S 3928 63.26 68.49 149.14
N MET S 3929 62.95 68.81 147.88
CA MET S 3929 62.33 67.87 146.97
C MET S 3929 62.91 68.09 145.57
N VAL S 3930 62.60 67.17 144.67
CA VAL S 3930 63.01 67.30 143.27
C VAL S 3930 61.78 67.05 142.40
N ALA S 3931 61.84 67.62 141.18
CA ALA S 3931 60.75 67.43 140.23
C ALA S 3931 60.87 66.07 139.56
N MET S 3932 59.80 65.28 139.64
CA MET S 3932 59.73 63.98 139.00
C MET S 3932 58.70 63.94 137.88
N GLU S 3933 57.46 64.30 138.18
CA GLU S 3933 56.41 64.46 137.18
C GLU S 3933 55.89 65.88 137.07
N THR S 3934 55.75 66.58 138.19
CA THR S 3934 55.29 67.96 138.19
C THR S 3934 56.14 68.89 139.07
N GLY S 3935 56.88 68.37 140.03
CA GLY S 3935 57.66 69.20 140.93
C GLY S 3935 56.87 69.66 142.14
N GLY S 3936 56.08 68.76 142.71
CA GLY S 3936 55.24 69.11 143.83
C GLY S 3936 56.01 69.33 145.12
N VAL S 3937 55.32 69.92 146.09
CA VAL S 3937 55.91 70.20 147.38
C VAL S 3937 55.95 68.93 148.22
N ILE S 3938 57.13 68.62 148.76
CA ILE S 3938 57.32 67.41 149.56
C ILE S 3938 58.20 67.74 150.75
N GLY S 3939 57.58 67.88 151.93
CA GLY S 3939 58.35 68.11 153.14
C GLY S 3939 58.90 66.81 153.69
N ILE S 3940 60.11 66.88 154.23
CA ILE S 3940 60.81 65.71 154.75
C ILE S 3940 61.03 65.90 156.24
N ASP S 3941 60.52 64.95 157.04
CA ASP S 3941 60.76 64.89 158.48
C ASP S 3941 60.34 66.18 159.19
N PHE S 3942 59.04 66.48 159.10
CA PHE S 3942 58.48 67.64 159.80
C PHE S 3942 58.21 67.25 161.25
N GLY S 3943 59.30 67.04 161.99
CA GLY S 3943 59.19 66.60 163.36
C GLY S 3943 59.31 67.71 164.39
N HIS S 3944 59.72 68.89 163.95
CA HIS S 3944 59.80 70.06 164.81
C HIS S 3944 58.69 71.04 164.47
N ALA S 3945 58.28 71.82 165.47
CA ALA S 3945 57.12 72.67 165.33
C ALA S 3945 57.28 73.90 166.21
N PHE S 3946 56.51 74.94 165.88
CA PHE S 3946 56.45 76.20 166.62
C PHE S 3946 57.78 76.93 166.67
N GLY S 3947 58.73 76.56 165.82
CA GLY S 3947 60.05 77.18 165.86
C GLY S 3947 60.79 76.87 167.15
N SER S 3948 60.78 75.61 167.55
CA SER S 3948 61.41 75.18 168.80
C SER S 3948 62.92 75.34 168.65
N ALA S 3949 63.46 76.40 169.25
CA ALA S 3949 64.82 76.74 168.87
C ALA S 3949 65.79 76.97 170.03
N THR S 3950 65.32 77.56 171.16
CA THR S 3950 66.24 77.82 172.28
C THR S 3950 65.57 77.54 173.64
N GLN S 3951 65.51 76.26 174.04
CA GLN S 3951 65.32 75.91 175.44
C GLN S 3951 66.07 74.64 175.90
N PHE S 3952 66.32 73.68 174.99
CA PHE S 3952 66.69 72.38 175.55
C PHE S 3952 67.93 71.71 174.95
N LEU S 3953 68.14 71.77 173.63
CA LEU S 3953 69.09 70.83 173.03
C LEU S 3953 70.25 71.54 172.34
N PRO S 3954 71.41 70.88 172.23
CA PRO S 3954 72.62 71.58 171.77
C PRO S 3954 72.88 71.57 170.26
N VAL S 3955 71.92 71.19 169.42
CA VAL S 3955 72.16 71.14 167.98
C VAL S 3955 71.08 71.91 167.23
N PRO S 3956 71.06 73.24 167.32
CA PRO S 3956 69.96 74.00 166.74
C PRO S 3956 70.20 74.46 165.31
N GLU S 3957 69.09 74.59 164.59
CA GLU S 3957 69.06 75.13 163.24
C GLU S 3957 68.41 76.51 163.33
N LEU S 3958 69.24 77.55 163.26
CA LEU S 3958 68.77 78.92 163.41
C LEU S 3958 67.99 79.43 162.20
N MET S 3959 67.69 78.53 161.28
CA MET S 3959 66.97 78.90 160.07
C MET S 3959 65.56 79.37 160.38
N PRO S 3960 65.10 80.47 159.76
CA PRO S 3960 63.67 80.78 159.80
C PRO S 3960 62.89 80.01 158.75
N PHE S 3961 63.51 79.77 157.59
CA PHE S 3961 62.86 79.03 156.51
C PHE S 3961 63.95 78.42 155.64
N ARG S 3962 63.53 77.59 154.69
CA ARG S 3962 64.47 76.89 153.81
C ARG S 3962 65.11 77.90 152.87
N LEU S 3963 66.31 78.36 153.21
CA LEU S 3963 67.06 79.29 152.38
C LEU S 3963 68.50 78.82 152.24
N THR S 3964 68.68 77.58 151.84
CA THR S 3964 69.99 77.09 151.44
C THR S 3964 70.65 78.08 150.48
N ARG S 3965 71.91 78.41 150.76
CA ARG S 3965 72.64 79.32 149.90
C ARG S 3965 72.80 78.77 148.50
N GLN S 3966 72.63 77.46 148.33
CA GLN S 3966 72.67 76.86 147.00
C GLN S 3966 71.46 77.26 146.16
N PHE S 3967 70.30 77.46 146.81
CA PHE S 3967 69.14 77.93 146.07
C PHE S 3967 69.36 79.34 145.53
N ILE S 3968 70.23 80.13 146.17
CA ILE S 3968 70.53 81.46 145.66
C ILE S 3968 71.18 81.37 144.29
N ASN S 3969 71.85 80.25 143.99
CA ASN S 3969 72.53 80.05 142.72
C ASN S 3969 71.80 79.05 141.82
N LEU S 3970 70.48 78.95 141.94
CA LEU S 3970 69.75 77.97 141.13
C LEU S 3970 69.80 78.33 139.66
N MET S 3971 69.80 79.62 139.34
CA MET S 3971 69.86 80.14 137.98
C MET S 3971 70.57 81.49 137.98
N LEU S 3972 71.33 81.73 136.92
CA LEU S 3972 71.83 83.08 136.68
C LEU S 3972 70.72 84.11 136.45
N PRO S 3973 69.66 83.84 135.67
CA PRO S 3973 68.63 84.87 135.48
C PRO S 3973 67.96 85.33 136.76
N MET S 3974 67.70 84.44 137.71
CA MET S 3974 66.92 84.77 138.89
C MET S 3974 67.75 84.53 140.15
N LYS S 3975 67.72 85.50 141.07
CA LYS S 3975 68.62 85.56 142.21
C LYS S 3975 67.85 85.86 143.49
N GLU S 3976 66.79 85.09 143.75
CA GLU S 3976 65.92 85.14 144.93
C GLU S 3976 64.92 86.30 144.85
N THR S 3977 65.01 87.18 143.84
CA THR S 3977 64.09 88.30 143.71
C THR S 3977 63.26 88.24 142.42
N GLY S 3978 63.26 87.10 141.73
CA GLY S 3978 62.55 86.99 140.47
C GLY S 3978 61.42 85.98 140.48
N LEU S 3979 61.63 84.85 139.80
CA LEU S 3979 60.56 83.87 139.61
C LEU S 3979 59.99 83.38 140.93
N MET S 3980 60.86 82.99 141.87
CA MET S 3980 60.36 82.48 143.14
C MET S 3980 59.86 83.59 144.04
N TYR S 3981 60.10 84.86 143.69
CA TYR S 3981 59.64 85.95 144.55
C TYR S 3981 58.12 86.09 144.52
N SER S 3982 57.51 85.91 143.34
CA SER S 3982 56.05 85.92 143.27
C SER S 3982 55.47 84.80 144.11
N ILE S 3983 56.08 83.62 144.05
CA ILE S 3983 55.68 82.51 144.91
C ILE S 3983 55.83 82.84 146.39
N MET S 3984 56.95 83.44 146.78
CA MET S 3984 57.27 83.71 148.16
C MET S 3984 56.49 84.89 148.73
N VAL S 3985 55.91 85.73 147.87
CA VAL S 3985 55.18 86.90 148.30
C VAL S 3985 53.68 86.66 148.33
N HIS S 3986 53.16 85.88 147.36
CA HIS S 3986 51.73 85.86 147.08
C HIS S 3986 50.91 85.44 148.29
N ALA S 3987 51.36 84.44 149.04
CA ALA S 3987 50.61 83.95 150.19
C ALA S 3987 50.68 84.88 151.40
N LEU S 3988 51.78 85.61 151.57
CA LEU S 3988 51.92 86.48 152.73
C LEU S 3988 50.95 87.65 152.71
N ARG S 3989 50.42 88.00 151.53
CA ARG S 3989 49.59 89.20 151.41
C ARG S 3989 48.30 89.09 152.24
N ALA S 3990 47.83 87.88 152.50
CA ALA S 3990 46.59 87.70 153.23
C ALA S 3990 46.78 86.89 154.50
N PHE S 3991 47.79 87.25 155.30
CA PHE S 3991 48.12 86.55 156.54
C PHE S 3991 47.86 87.44 157.75
N ARG S 3992 46.76 88.18 157.74
CA ARG S 3992 46.41 89.07 158.84
C ARG S 3992 45.22 88.60 159.67
N SER S 3993 44.37 87.74 159.13
CA SER S 3993 43.31 87.11 159.91
C SER S 3993 43.71 85.75 160.45
N ASP S 3994 44.62 85.06 159.78
CA ASP S 3994 45.18 83.83 160.33
C ASP S 3994 45.84 83.98 161.69
N PRO S 3995 46.56 85.08 162.01
CA PRO S 3995 47.19 85.18 163.34
C PRO S 3995 46.27 84.88 164.51
N GLY S 3996 44.96 85.10 164.37
CA GLY S 3996 44.03 84.72 165.42
C GLY S 3996 44.09 83.25 165.76
N LEU S 3997 44.48 82.41 164.81
CA LEU S 3997 44.64 80.98 165.08
C LEU S 3997 45.88 80.72 165.93
N LEU S 3998 47.05 81.12 165.42
CA LEU S 3998 48.31 80.85 166.11
C LEU S 3998 48.40 81.49 167.48
N THR S 3999 47.57 82.48 167.78
CA THR S 3999 47.55 83.06 169.12
C THR S 3999 47.09 82.04 170.16
N ASN S 4000 46.25 81.09 169.78
CA ASN S 4000 45.72 80.20 170.81
C ASN S 4000 45.81 78.72 170.48
N THR S 4001 45.60 78.32 169.22
CA THR S 4001 45.36 76.92 168.90
C THR S 4001 46.59 76.16 168.41
N MET S 4002 47.78 76.76 168.48
CA MET S 4002 48.99 75.99 168.24
C MET S 4002 49.52 75.35 169.51
N ASP S 4003 49.22 75.95 170.66
CA ASP S 4003 49.53 75.42 171.98
C ASP S 4003 48.24 75.37 172.80
N VAL S 4004 47.22 74.75 172.22
CA VAL S 4004 45.82 74.93 172.63
C VAL S 4004 45.69 74.80 174.15
N PHE S 4005 46.04 73.65 174.70
CA PHE S 4005 46.00 73.55 176.16
C PHE S 4005 47.37 73.85 176.75
N VAL S 4006 48.35 72.99 176.50
CA VAL S 4006 49.76 73.32 176.74
C VAL S 4006 50.55 72.81 175.54
N LYS S 4007 49.92 71.91 174.77
CA LYS S 4007 50.56 71.23 173.64
C LYS S 4007 51.86 70.57 174.05
N GLU S 4008 51.75 69.61 174.98
CA GLU S 4008 52.89 68.79 175.40
C GLU S 4008 54.07 69.65 175.84
N PRO S 4009 54.03 70.22 177.05
CA PRO S 4009 55.12 71.11 177.48
C PRO S 4009 56.46 70.40 177.43
N SER S 4010 57.49 71.17 177.06
CA SER S 4010 58.88 70.75 176.85
C SER S 4010 59.06 69.89 175.60
N PHE S 4011 57.99 69.63 174.83
CA PHE S 4011 58.17 68.90 173.58
C PHE S 4011 58.96 69.69 172.55
N ASP S 4012 59.13 71.00 172.77
CA ASP S 4012 60.02 71.79 171.92
C ASP S 4012 61.44 71.26 171.94
N TRP S 4013 61.81 70.49 172.97
CA TRP S 4013 63.09 69.78 172.93
C TRP S 4013 63.17 68.86 171.71
N LYS S 4014 62.03 68.33 171.27
CA LYS S 4014 61.97 67.46 170.10
C LYS S 4014 61.03 67.96 169.02
N ASN S 4015 60.07 68.81 169.35
CA ASN S 4015 59.13 69.33 168.37
C ASN S 4015 59.26 70.85 168.24
N TRP S 4038 58.33 73.92 177.77
CA TRP S 4038 58.02 75.24 177.24
C TRP S 4038 56.60 75.68 177.58
N TYR S 4039 56.46 76.89 178.07
CA TYR S 4039 55.15 77.44 178.38
C TYR S 4039 54.37 77.68 177.09
N PRO S 4040 53.08 77.29 177.06
CA PRO S 4040 52.28 77.54 175.86
C PRO S 4040 52.17 79.01 175.51
N ARG S 4041 52.16 79.89 176.51
CA ARG S 4041 52.04 81.33 176.24
C ARG S 4041 53.23 81.84 175.43
N GLN S 4042 54.44 81.37 175.77
CA GLN S 4042 55.62 81.81 175.04
C GLN S 4042 55.52 81.47 173.56
N LYS S 4043 55.18 80.22 173.24
CA LYS S 4043 55.14 79.81 171.84
C LYS S 4043 53.96 80.42 171.11
N ILE S 4044 52.80 80.58 171.76
CA ILE S 4044 51.69 81.21 171.06
C ILE S 4044 52.01 82.68 170.78
N CYS S 4045 52.68 83.36 171.71
CA CYS S 4045 53.11 84.73 171.44
C CYS S 4045 54.13 84.78 170.30
N TYR S 4046 55.06 83.83 170.27
CA TYR S 4046 56.04 83.78 169.19
C TYR S 4046 55.35 83.57 167.84
N ALA S 4047 54.39 82.65 167.78
CA ALA S 4047 53.68 82.39 166.54
C ALA S 4047 52.80 83.57 166.13
N LYS S 4048 52.20 84.26 167.12
CA LYS S 4048 51.43 85.47 166.82
C LYS S 4048 52.33 86.54 166.23
N ARG S 4049 53.55 86.70 166.76
CA ARG S 4049 54.50 87.61 166.16
C ARG S 4049 54.87 87.17 164.75
N LYS S 4050 55.10 85.87 164.56
CA LYS S 4050 55.51 85.36 163.26
C LYS S 4050 54.47 85.62 162.19
N LEU S 4051 53.19 85.40 162.50
CA LEU S 4051 52.14 85.47 161.50
C LEU S 4051 51.44 86.82 161.43
N ALA S 4052 51.48 87.62 162.50
CA ALA S 4052 50.84 88.93 162.48
C ALA S 4052 51.52 89.90 161.54
N GLY S 4053 52.80 89.68 161.24
CA GLY S 4053 53.52 90.57 160.34
C GLY S 4053 54.44 91.53 161.08
N ALA S 4054 55.72 91.20 161.10
CA ALA S 4054 56.73 92.05 161.73
C ALA S 4054 58.07 91.76 161.07
N ASN S 4055 59.12 92.39 161.58
CA ASN S 4055 60.45 92.20 161.02
C ASN S 4055 60.85 90.74 161.12
N PRO S 4056 60.98 90.04 159.98
CA PRO S 4056 61.40 88.64 160.02
C PRO S 4056 62.75 88.46 160.68
N ALA S 4057 63.62 89.47 160.60
CA ALA S 4057 64.84 89.44 161.41
C ALA S 4057 64.50 89.48 162.89
N VAL S 4058 63.62 90.39 163.29
CA VAL S 4058 63.18 90.44 164.68
C VAL S 4058 62.29 89.24 165.01
N ILE S 4059 61.51 88.76 164.03
CA ILE S 4059 60.70 87.57 164.25
C ILE S 4059 61.58 86.36 164.55
N THR S 4060 62.74 86.29 163.88
CA THR S 4060 63.59 85.11 164.02
C THR S 4060 64.22 85.02 165.39
N CYS S 4061 64.43 86.14 166.09
CA CYS S 4061 65.01 86.05 167.43
C CYS S 4061 64.01 85.46 168.42
N ASP S 4062 62.77 85.93 168.39
CA ASP S 4062 61.76 85.34 169.26
C ASP S 4062 61.44 83.90 168.87
N GLU S 4063 61.56 83.57 167.59
CA GLU S 4063 61.50 82.16 167.19
C GLU S 4063 62.67 81.38 167.79
N LEU S 4064 63.86 81.98 167.78
CA LEU S 4064 65.07 81.39 168.32
C LEU S 4064 65.25 81.66 169.81
N LEU S 4065 64.18 81.95 170.51
CA LEU S 4065 64.22 82.14 171.96
C LEU S 4065 63.60 80.99 172.75
N LEU S 4066 63.11 79.94 172.10
CA LEU S 4066 62.44 78.88 172.85
C LEU S 4066 62.50 77.55 172.11
N GLY S 4067 63.02 76.48 172.74
CA GLY S 4067 63.04 75.13 172.12
C GLY S 4067 64.32 74.28 172.23
N HIS S 4068 65.47 74.69 171.65
CA HIS S 4068 66.75 73.91 171.64
C HIS S 4068 67.93 74.79 172.06
N GLU S 4069 68.15 75.07 173.36
CA GLU S 4069 69.20 76.05 173.76
C GLU S 4069 70.51 75.43 174.24
N LYS S 4070 70.61 74.12 174.38
CA LYS S 4070 71.85 73.56 174.98
C LYS S 4070 73.13 74.03 174.28
N ALA S 4071 73.09 74.41 172.98
CA ALA S 4071 74.34 74.90 172.45
C ALA S 4071 74.67 76.26 173.04
N PRO S 4072 75.95 76.54 173.35
CA PRO S 4072 76.30 77.81 173.97
C PRO S 4072 76.00 79.02 173.11
N ALA S 4073 76.24 80.22 173.66
CA ALA S 4073 75.92 81.49 173.02
C ALA S 4073 74.42 81.58 172.71
N PHE S 4074 73.63 81.56 173.79
CA PHE S 4074 72.20 81.72 173.66
C PHE S 4074 71.82 83.08 173.09
N ARG S 4075 72.66 84.10 173.31
CA ARG S 4075 72.42 85.42 172.73
C ARG S 4075 72.69 85.46 171.24
N ASP S 4076 73.47 84.53 170.71
CA ASP S 4076 73.67 84.45 169.27
C ASP S 4076 72.39 84.07 168.54
N TYR S 4077 71.49 83.33 169.20
CA TYR S 4077 70.23 82.99 168.56
C TYR S 4077 69.40 84.23 168.25
N VAL S 4078 69.53 85.26 169.08
CA VAL S 4078 68.78 86.50 168.87
C VAL S 4078 69.62 87.60 168.24
N ALA S 4079 70.95 87.44 168.18
CA ALA S 4079 71.79 88.47 167.59
C ALA S 4079 71.79 88.38 166.06
N VAL S 4080 72.25 87.26 165.52
CA VAL S 4080 72.28 87.10 164.07
C VAL S 4080 70.89 86.95 163.49
N ALA S 4081 69.90 86.53 164.29
CA ALA S 4081 68.55 86.43 163.79
C ALA S 4081 68.02 87.79 163.35
N ARG S 4082 68.28 88.83 164.14
CA ARG S 4082 67.92 90.20 163.79
C ARG S 4082 68.78 90.76 162.69
N GLY S 4083 69.63 89.94 162.08
CA GLY S 4083 70.53 90.38 161.05
C GLY S 4083 71.94 90.59 161.57
N SER S 4084 72.93 90.11 160.83
CA SER S 4084 74.33 90.24 161.24
C SER S 4084 75.09 91.20 160.34
N LYS S 4085 75.11 90.97 159.04
CA LYS S 4085 75.76 91.89 158.12
C LYS S 4085 74.84 93.06 157.79
N ASP S 4086 75.46 94.18 157.41
CA ASP S 4086 74.70 95.32 156.92
C ASP S 4086 73.91 94.94 155.67
N HIS S 4087 74.53 94.13 154.80
CA HIS S 4087 73.85 93.59 153.62
C HIS S 4087 72.67 92.69 153.99
N ASN S 4088 72.53 92.34 155.26
CA ASN S 4088 71.34 91.67 155.77
C ASN S 4088 70.39 92.63 156.47
N ILE S 4089 70.91 93.43 157.41
CA ILE S 4089 70.05 94.29 158.23
C ILE S 4089 69.47 95.47 157.46
N ARG S 4090 69.97 95.78 156.26
CA ARG S 4090 69.40 96.93 155.56
C ARG S 4090 67.97 96.66 155.09
N ALA S 4091 67.58 95.39 154.98
CA ALA S 4091 66.18 95.04 154.86
C ALA S 4091 65.52 94.82 156.22
N GLN S 4092 66.31 94.64 157.27
CA GLN S 4092 65.79 94.54 158.63
C GLN S 4092 65.59 95.88 159.29
N GLU S 4093 65.94 96.98 158.62
CA GLU S 4093 65.71 98.31 159.16
C GLU S 4093 64.25 98.56 159.52
N PRO S 4094 63.25 98.20 158.69
CA PRO S 4094 61.85 98.32 159.15
C PRO S 4094 61.53 97.26 160.19
N GLU S 4095 62.06 97.43 161.39
CA GLU S 4095 61.87 96.45 162.45
C GLU S 4095 60.45 96.51 163.00
N SER S 4096 59.91 95.33 163.32
CA SER S 4096 58.57 95.19 163.91
C SER S 4096 57.51 95.83 163.01
N GLY S 4097 57.38 95.27 161.80
CA GLY S 4097 56.37 95.73 160.87
C GLY S 4097 56.93 96.24 159.56
N LEU S 4098 56.61 95.54 158.47
CA LEU S 4098 57.07 95.92 157.14
C LEU S 4098 56.20 95.18 156.13
N SER S 4099 56.30 95.61 154.87
CA SER S 4099 55.48 95.04 153.82
C SER S 4099 55.83 93.57 153.59
N GLU S 4100 54.84 92.81 153.12
CA GLU S 4100 55.03 91.37 152.94
C GLU S 4100 56.14 91.07 151.95
N GLU S 4101 56.23 91.87 150.88
CA GLU S 4101 57.39 91.77 149.98
C GLU S 4101 58.68 92.00 150.74
N THR S 4102 58.74 93.07 151.54
CA THR S 4102 59.92 93.29 152.36
C THR S 4102 60.02 92.28 153.48
N GLN S 4103 58.89 91.73 153.94
CA GLN S 4103 58.94 90.68 154.95
C GLN S 4103 59.67 89.45 154.42
N VAL S 4104 59.39 89.03 153.20
CA VAL S 4104 60.09 87.89 152.65
C VAL S 4104 61.48 88.27 152.12
N LYS S 4105 61.71 89.56 151.83
CA LYS S 4105 63.04 89.99 151.44
C LYS S 4105 64.00 89.93 152.64
N CYS S 4106 63.69 90.70 153.69
CA CYS S 4106 64.48 90.62 154.92
C CYS S 4106 64.46 89.22 155.51
N LEU S 4107 63.36 88.48 155.30
CA LEU S 4107 63.31 87.09 155.72
C LEU S 4107 64.37 86.28 154.99
N MET S 4108 64.56 86.54 153.70
CA MET S 4108 65.65 85.93 152.97
C MET S 4108 66.95 86.70 153.11
N ASP S 4109 66.92 87.91 153.68
CA ASP S 4109 68.12 88.73 153.80
C ASP S 4109 68.72 88.70 155.21
N GLN S 4110 67.95 89.14 156.21
CA GLN S 4110 68.46 89.25 157.57
C GLN S 4110 67.96 88.16 158.50
N ALA S 4111 66.82 87.56 158.21
CA ALA S 4111 66.31 86.49 159.03
C ALA S 4111 67.03 85.17 158.79
N THR S 4112 67.45 84.90 157.54
CA THR S 4112 68.03 83.61 157.19
C THR S 4112 69.53 83.67 156.96
N ASP S 4113 70.00 84.54 156.06
CA ASP S 4113 71.42 84.55 155.70
C ASP S 4113 72.36 84.67 156.89
N PRO S 4114 72.14 85.57 157.86
CA PRO S 4114 73.05 85.62 159.01
C PRO S 4114 73.07 84.34 159.84
N ASN S 4115 71.96 83.62 159.94
CA ASN S 4115 71.89 82.47 160.82
C ASN S 4115 71.65 81.16 160.08
N ILE S 4116 70.69 81.11 159.15
CA ILE S 4116 70.44 79.87 158.43
C ILE S 4116 71.67 79.43 157.66
N LEU S 4117 72.39 80.39 157.09
CA LEU S 4117 73.61 80.06 156.36
C LEU S 4117 74.80 79.87 157.30
N GLY S 4118 75.19 80.94 157.99
CA GLY S 4118 76.42 80.92 158.76
C GLY S 4118 76.27 80.50 160.21
N ARG S 4119 75.41 81.18 160.95
CA ARG S 4119 75.25 80.93 162.38
C ARG S 4119 74.19 79.84 162.60
N THR S 4120 74.54 78.63 162.17
CA THR S 4120 73.70 77.46 162.36
C THR S 4120 74.58 76.26 162.62
N TRP S 4121 73.96 75.17 163.07
CA TRP S 4121 74.73 73.98 163.36
C TRP S 4121 75.18 73.31 162.07
N GLU S 4122 76.27 72.55 162.17
CA GLU S 4122 76.75 71.79 161.02
C GLU S 4122 75.78 70.69 160.61
N GLY S 4123 74.85 70.32 161.49
CA GLY S 4123 73.80 69.39 161.12
C GLY S 4123 72.75 69.99 160.22
N TRP S 4124 72.72 71.32 160.10
CA TRP S 4124 71.86 72.00 159.14
C TRP S 4124 72.33 71.80 157.70
N GLU S 4125 73.52 71.23 157.51
CA GLU S 4125 74.21 71.25 156.23
C GLU S 4125 74.38 72.70 155.76
N PRO S 4126 75.05 73.54 156.56
CA PRO S 4126 75.19 74.95 156.18
C PRO S 4126 75.94 75.17 154.88
N TRP S 4127 76.84 74.27 154.51
CA TRP S 4127 77.50 74.37 153.22
C TRP S 4127 76.48 74.23 152.08
N MET S 4128 75.59 73.24 152.18
CA MET S 4128 74.53 73.09 151.22
C MET S 4128 73.22 73.57 151.81
N TYR T 32 35.10 88.25 44.35
CA TYR T 32 36.52 88.48 44.59
C TYR T 32 36.76 89.65 45.53
N SER T 33 37.83 89.57 46.31
CA SER T 33 38.26 90.65 47.17
C SER T 33 39.78 90.70 47.16
N GLY T 34 40.32 91.88 47.44
CA GLY T 34 41.76 92.02 47.50
C GLY T 34 42.25 93.34 48.06
N ARG T 35 43.14 93.26 49.05
CA ARG T 35 43.72 94.44 49.69
C ARG T 35 45.20 94.52 49.36
N ASP T 36 45.77 95.69 49.61
CA ASP T 36 47.20 95.93 49.41
C ASP T 36 47.84 96.26 50.75
N SER T 37 49.11 95.90 50.88
CA SER T 37 49.90 96.23 52.05
C SER T 37 51.30 96.61 51.58
N LEU T 38 51.69 97.86 51.85
CA LEU T 38 52.92 98.41 51.32
C LEU T 38 53.69 99.11 52.42
N ILE T 39 55.00 98.84 52.48
CA ILE T 39 55.90 99.47 53.44
C ILE T 39 56.71 100.51 52.71
N PHE T 40 56.81 101.71 53.28
CA PHE T 40 57.56 102.79 52.65
C PHE T 40 59.00 102.76 53.16
N LEU T 41 59.81 101.90 52.54
CA LEU T 41 61.25 101.88 52.79
C LEU T 41 61.87 103.16 52.25
N VAL T 42 62.45 103.96 53.14
CA VAL T 42 63.27 105.11 52.76
C VAL T 42 64.50 105.12 53.65
N ASP T 43 65.66 105.37 53.06
CA ASP T 43 66.90 105.39 53.81
C ASP T 43 66.87 106.52 54.84
N ALA T 44 67.80 106.46 55.78
CA ALA T 44 68.06 107.64 56.61
C ALA T 44 69.52 107.70 57.05
N SER T 45 70.45 107.19 56.25
CA SER T 45 71.79 106.94 56.78
C SER T 45 72.66 108.19 56.80
N LYS T 46 73.12 108.64 55.63
CA LYS T 46 73.94 109.85 55.60
C LYS T 46 73.63 110.81 54.45
N ALA T 47 73.22 110.32 53.28
CA ALA T 47 72.96 111.18 52.13
C ALA T 47 71.47 111.41 51.92
N MET T 48 70.69 111.37 53.00
CA MET T 48 69.24 111.28 52.93
C MET T 48 68.61 112.66 53.16
N PHE T 49 69.42 113.71 53.19
CA PHE T 49 68.95 115.06 53.53
C PHE T 49 69.57 116.11 52.60
N GLU T 50 69.59 115.84 51.29
CA GLU T 50 70.20 116.75 50.33
C GLU T 50 69.24 117.02 49.17
N SER T 51 69.62 117.98 48.33
CA SER T 51 68.71 118.50 47.29
C SER T 51 68.33 117.47 46.24
N GLN T 52 69.07 116.36 46.13
CA GLN T 52 68.72 115.22 45.27
C GLN T 52 68.86 115.50 43.79
N SER T 53 69.45 116.63 43.41
CA SER T 53 69.49 117.07 42.01
C SER T 53 68.09 117.09 41.40
N GLU T 54 67.08 117.26 42.23
CA GLU T 54 65.69 117.27 41.80
C GLU T 54 64.96 118.41 42.49
N ASP T 55 63.85 118.83 41.88
CA ASP T 55 63.04 119.91 42.43
C ASP T 55 62.53 119.57 43.82
N GLU T 56 62.17 118.32 44.05
CA GLU T 56 61.64 117.86 45.32
C GLU T 56 62.66 118.01 46.44
N LEU T 57 62.21 117.77 47.66
CA LEU T 57 62.92 118.19 48.87
C LEU T 57 64.10 117.25 49.15
N THR T 58 64.63 117.35 50.36
CA THR T 58 65.64 116.41 50.81
C THR T 58 65.03 115.01 50.92
N PRO T 59 65.82 113.97 50.67
CA PRO T 59 65.23 112.64 50.44
C PRO T 59 64.30 112.17 51.55
N PHE T 60 64.63 112.43 52.81
CA PHE T 60 63.74 111.96 53.86
C PHE T 60 62.58 112.92 54.09
N ASP T 61 62.84 114.23 54.03
CA ASP T 61 61.75 115.20 54.06
C ASP T 61 60.79 114.97 52.91
N MET T 62 61.31 114.89 51.68
CA MET T 62 60.40 114.66 50.56
C MET T 62 59.87 113.23 50.57
N SER T 63 60.55 112.30 51.23
CA SER T 63 60.01 110.96 51.37
C SER T 63 58.75 110.98 52.22
N ILE T 64 58.80 111.70 53.34
CA ILE T 64 57.60 111.91 54.14
C ILE T 64 56.55 112.66 53.33
N GLN T 65 56.99 113.65 52.54
CA GLN T 65 56.05 114.39 51.69
C GLN T 65 55.36 113.49 50.67
N CYS T 66 56.12 112.60 50.04
CA CYS T 66 55.61 111.75 48.97
C CYS T 66 54.70 110.65 49.52
N ILE T 67 55.09 110.04 50.64
CA ILE T 67 54.20 109.08 51.28
C ILE T 67 52.98 109.79 51.84
N GLN T 68 53.11 111.08 52.19
CA GLN T 68 51.95 111.86 52.55
C GLN T 68 51.04 112.09 51.37
N SER T 69 51.62 112.32 50.19
CA SER T 69 50.81 112.48 48.98
C SER T 69 50.05 111.20 48.65
N VAL T 70 50.73 110.05 48.74
CA VAL T 70 50.04 108.80 48.49
C VAL T 70 49.02 108.53 49.60
N TYR T 71 49.28 109.01 50.82
CA TYR T 71 48.29 108.92 51.88
C TYR T 71 47.04 109.74 51.54
N ILE T 72 47.24 110.98 51.11
CA ILE T 72 46.13 111.85 50.76
C ILE T 72 45.34 111.27 49.60
N SER T 73 46.03 110.59 48.68
CA SER T 73 45.34 109.85 47.64
C SER T 73 44.50 108.73 48.23
N LYS T 74 45.15 107.78 48.91
CA LYS T 74 44.48 106.57 49.39
C LYS T 74 43.42 106.85 50.46
N ILE T 75 43.40 108.06 51.02
CA ILE T 75 42.30 108.42 51.91
C ILE T 75 40.96 108.28 51.19
N ILE T 76 40.90 108.74 49.94
CA ILE T 76 39.69 108.66 49.13
C ILE T 76 39.88 107.75 47.92
N SER T 77 41.07 107.76 47.31
CA SER T 77 41.29 106.97 46.10
C SER T 77 41.16 105.47 46.37
N SER T 78 41.76 104.99 47.46
CA SER T 78 41.65 103.57 47.80
C SER T 78 41.87 103.44 49.31
N ASP T 79 40.79 103.25 50.06
CA ASP T 79 40.85 103.21 51.51
C ASP T 79 40.91 101.79 52.06
N ARG T 80 41.42 100.83 51.29
CA ARG T 80 41.55 99.46 51.73
C ARG T 80 42.91 98.89 51.36
N ASP T 81 43.94 99.72 51.41
CA ASP T 81 45.32 99.29 51.14
C ASP T 81 46.21 99.70 52.30
N LEU T 82 46.84 98.72 52.93
CA LEU T 82 47.71 99.02 54.06
C LEU T 82 48.97 99.73 53.60
N LEU T 83 49.31 100.82 54.28
CA LEU T 83 50.50 101.59 53.96
C LEU T 83 51.28 101.86 55.24
N ALA T 84 52.58 101.58 55.23
CA ALA T 84 53.40 101.64 56.42
C ALA T 84 54.76 102.24 56.10
N VAL T 85 55.44 102.69 57.16
CA VAL T 85 56.79 103.22 57.05
C VAL T 85 57.68 102.52 58.08
N VAL T 86 58.70 101.83 57.60
CA VAL T 86 59.77 101.28 58.43
C VAL T 86 61.09 101.71 57.82
N PHE T 87 62.00 102.21 58.66
CA PHE T 87 63.10 103.04 58.20
C PHE T 87 64.43 102.32 58.42
N TYR T 88 65.24 102.24 57.37
CA TYR T 88 66.59 101.70 57.48
C TYR T 88 67.60 102.83 57.55
N GLY T 89 68.43 102.79 58.59
CA GLY T 89 69.28 103.91 58.93
C GLY T 89 68.66 104.69 60.06
N THR T 90 69.12 104.45 61.29
CA THR T 90 68.45 105.01 62.45
C THR T 90 69.38 104.93 63.65
N GLU T 91 69.55 106.06 64.34
CA GLU T 91 70.43 106.08 65.52
C GLU T 91 69.83 105.27 66.66
N LYS T 92 68.53 105.44 66.92
CA LYS T 92 67.85 104.81 68.05
C LYS T 92 66.85 103.78 67.52
N ASP T 93 67.21 102.51 67.63
CA ASP T 93 66.40 101.46 67.03
C ASP T 93 65.05 101.36 67.72
N LYS T 94 63.99 101.19 66.92
CA LYS T 94 62.63 101.02 67.42
C LYS T 94 61.94 99.99 66.53
N ASN T 95 62.03 98.72 66.93
CA ASN T 95 61.40 97.64 66.19
C ASN T 95 61.35 96.41 67.09
N SER T 96 60.52 95.44 66.69
CA SER T 96 60.26 94.27 67.53
C SER T 96 61.53 93.46 67.77
N VAL T 97 62.31 93.22 66.70
CA VAL T 97 63.55 92.47 66.84
C VAL T 97 64.73 93.36 67.24
N ASN T 98 64.53 94.68 67.28
CA ASN T 98 65.55 95.63 67.73
C ASN T 98 66.83 95.51 66.91
N PHE T 99 66.68 95.30 65.61
CA PHE T 99 67.84 95.28 64.73
C PHE T 99 68.38 96.69 64.52
N LYS T 100 69.65 96.77 64.16
CA LYS T 100 70.36 98.04 64.09
C LYS T 100 69.83 98.92 62.97
N ASN T 101 69.71 100.22 63.27
CA ASN T 101 69.36 101.24 62.28
C ASN T 101 67.98 100.99 61.66
N ILE T 102 67.06 100.50 62.48
CA ILE T 102 65.68 100.24 62.05
C ILE T 102 64.75 101.10 62.89
N TYR T 103 63.88 101.85 62.21
CA TYR T 103 62.89 102.67 62.88
C TYR T 103 61.53 102.47 62.23
N VAL T 104 60.49 102.49 63.07
CA VAL T 104 59.11 102.35 62.64
C VAL T 104 58.34 103.59 63.10
N LEU T 105 57.60 104.20 62.20
CA LEU T 105 56.72 105.32 62.52
C LEU T 105 55.25 104.95 62.41
N GLN T 106 54.84 104.36 61.29
CA GLN T 106 53.45 104.00 61.06
C GLN T 106 53.39 102.60 60.47
N GLU T 107 52.53 101.76 61.01
CA GLU T 107 52.41 100.37 60.60
C GLU T 107 51.44 100.26 59.42
N LEU T 108 51.20 99.03 58.97
CA LEU T 108 50.40 98.80 57.76
C LEU T 108 48.96 99.21 58.02
N ASP T 109 48.54 100.32 57.43
CA ASP T 109 47.20 100.84 57.65
C ASP T 109 46.81 101.74 56.49
N ASN T 110 45.51 101.96 56.38
CA ASN T 110 44.99 102.95 55.44
C ASN T 110 45.15 104.36 56.03
N PRO T 111 45.40 105.35 55.19
CA PRO T 111 45.58 106.71 55.70
C PRO T 111 44.27 107.32 56.18
N GLY T 112 44.41 108.22 57.16
CA GLY T 112 43.29 108.94 57.74
C GLY T 112 43.81 110.10 58.54
N ALA T 113 42.88 110.95 58.99
CA ALA T 113 43.27 112.20 59.65
C ALA T 113 44.25 111.96 60.79
N LYS T 114 44.05 110.91 61.58
CA LYS T 114 45.03 110.55 62.59
C LYS T 114 46.34 110.09 61.96
N ARG T 115 46.25 109.25 60.91
CA ARG T 115 47.46 108.84 60.20
C ARG T 115 48.15 110.03 59.57
N ILE T 116 47.37 110.96 59.00
CA ILE T 116 47.97 112.11 58.34
C ILE T 116 48.63 113.03 59.37
N LEU T 117 48.03 113.17 60.55
CA LEU T 117 48.69 113.93 61.61
C LEU T 117 49.99 113.25 62.03
N GLU T 118 49.95 111.93 62.20
CA GLU T 118 51.13 111.18 62.60
C GLU T 118 52.26 111.37 61.60
N LEU T 119 51.93 111.32 60.31
CA LEU T 119 52.96 111.44 59.28
C LEU T 119 53.39 112.89 59.07
N ASP T 120 52.46 113.84 59.22
CA ASP T 120 52.71 115.25 58.99
C ASP T 120 53.42 115.92 60.16
N GLN T 121 53.52 115.22 61.30
CA GLN T 121 54.48 115.68 62.30
C GLN T 121 55.90 115.66 61.76
N PHE T 122 56.14 114.91 60.68
CA PHE T 122 57.43 114.87 60.02
C PHE T 122 57.37 115.36 58.57
N LYS T 123 56.26 115.97 58.17
CA LYS T 123 56.10 116.37 56.78
C LYS T 123 57.03 117.54 56.44
N GLY T 124 57.20 117.76 55.13
CA GLY T 124 57.96 118.88 54.63
C GLY T 124 59.41 118.90 55.10
N GLN T 125 60.04 120.05 54.85
CA GLN T 125 61.42 120.24 55.27
C GLN T 125 61.53 120.52 56.77
N GLN T 126 60.44 120.89 57.43
CA GLN T 126 60.48 121.13 58.87
C GLN T 126 60.82 119.86 59.63
N GLY T 127 60.65 118.70 59.02
CA GLY T 127 60.97 117.45 59.68
C GLY T 127 62.44 117.12 59.72
N GLN T 128 63.30 117.95 59.12
CA GLN T 128 64.73 117.70 59.09
C GLN T 128 65.30 117.50 60.48
N LYS T 129 65.06 118.46 61.38
CA LYS T 129 65.59 118.37 62.73
C LYS T 129 64.98 117.20 63.50
N ARG T 130 63.71 116.91 63.25
CA ARG T 130 63.09 115.74 63.88
C ARG T 130 63.79 114.46 63.44
N PHE T 131 64.12 114.37 62.16
CA PHE T 131 64.83 113.19 61.66
C PHE T 131 66.20 113.08 62.30
N GLN T 132 66.88 114.21 62.45
CA GLN T 132 68.21 114.18 63.08
C GLN T 132 68.11 113.78 64.54
N ASP T 133 67.06 114.21 65.24
CA ASP T 133 66.98 114.05 66.69
C ASP T 133 66.34 112.73 67.10
N MET T 134 65.07 112.52 66.75
CA MET T 134 64.34 111.36 67.27
C MET T 134 64.47 110.11 66.42
N MET T 135 65.10 110.21 65.24
CA MET T 135 65.24 109.06 64.38
C MET T 135 66.70 108.93 63.98
N GLY T 136 67.42 110.05 63.98
CA GLY T 136 68.86 110.04 63.84
C GLY T 136 69.34 109.93 62.42
N HIS T 137 70.65 110.13 62.26
CA HIS T 137 71.30 109.99 60.96
C HIS T 137 72.77 109.66 61.21
N GLY T 138 73.44 109.20 60.16
CA GLY T 138 74.80 108.70 60.28
C GLY T 138 74.90 107.22 60.55
N SER T 139 73.78 106.54 60.75
CA SER T 139 73.78 105.11 61.01
C SER T 139 73.99 104.33 59.72
N ASP T 140 74.20 103.03 59.87
CA ASP T 140 74.41 102.13 58.74
C ASP T 140 73.05 101.70 58.22
N TYR T 141 72.66 102.24 57.05
CA TYR T 141 71.39 101.89 56.44
C TYR T 141 71.27 100.38 56.30
N SER T 142 70.27 99.81 56.98
CA SER T 142 70.11 98.37 57.09
C SER T 142 68.82 97.97 56.38
N LEU T 143 68.92 97.80 55.06
CA LEU T 143 67.77 97.32 54.28
C LEU T 143 67.39 95.90 54.70
N SER T 144 68.39 95.09 55.04
CA SER T 144 68.14 93.71 55.45
C SER T 144 67.31 93.67 56.71
N GLU T 145 67.66 94.52 57.69
CA GLU T 145 67.12 94.38 59.04
C GLU T 145 65.74 94.99 59.17
N VAL T 146 65.29 95.77 58.20
CA VAL T 146 63.91 96.27 58.21
C VAL T 146 62.92 95.12 58.08
N LEU T 147 63.13 94.26 57.09
CA LEU T 147 62.13 93.24 56.78
C LEU T 147 61.97 92.23 57.90
N TRP T 148 62.92 92.13 58.82
CA TRP T 148 62.78 91.20 59.93
C TRP T 148 61.64 91.60 60.86
N VAL T 149 61.55 92.89 61.20
CA VAL T 149 60.41 93.37 61.98
C VAL T 149 59.20 93.61 61.10
N CYS T 150 59.42 93.99 59.84
CA CYS T 150 58.33 94.13 58.89
C CYS T 150 57.61 92.81 58.66
N ALA T 151 58.27 91.69 58.97
CA ALA T 151 57.65 90.37 58.89
C ALA T 151 56.37 90.32 59.69
N ASN T 152 56.38 90.89 60.90
CA ASN T 152 55.17 90.96 61.70
C ASN T 152 54.16 91.98 61.18
N LEU T 153 54.57 92.84 60.25
CA LEU T 153 53.65 93.80 59.65
C LEU T 153 52.91 93.21 58.45
N PHE T 154 53.64 92.64 57.50
CA PHE T 154 53.01 92.03 56.34
C PHE T 154 52.14 90.84 56.72
N SER T 155 52.41 90.22 57.87
CA SER T 155 51.63 89.09 58.36
C SER T 155 50.48 89.51 59.28
N ASP T 156 49.94 90.71 59.07
CA ASP T 156 48.87 91.24 59.91
C ASP T 156 47.50 91.12 59.25
N VAL T 157 47.36 91.56 58.01
CA VAL T 157 46.06 91.57 57.34
C VAL T 157 45.59 90.13 57.13
N GLN T 158 44.38 89.84 57.57
CA GLN T 158 43.76 88.54 57.37
C GLN T 158 42.63 88.58 56.35
N PHE T 159 42.33 89.74 55.79
CA PHE T 159 41.35 89.84 54.73
C PHE T 159 41.87 89.17 53.46
N LYS T 160 41.00 89.08 52.46
CA LYS T 160 41.42 88.56 51.16
C LYS T 160 42.50 89.47 50.59
N MET T 161 43.72 88.93 50.47
CA MET T 161 44.91 89.73 50.20
C MET T 161 45.22 89.68 48.72
N SER T 162 45.29 90.85 48.09
CA SER T 162 45.59 90.92 46.66
C SER T 162 47.09 90.83 46.42
N HIS T 163 47.84 91.79 46.94
CA HIS T 163 49.28 91.82 46.72
C HIS T 163 49.92 92.76 47.74
N LYS T 164 51.16 92.43 48.12
CA LYS T 164 51.94 93.23 49.05
C LYS T 164 53.22 93.70 48.38
N ARG T 165 53.60 94.95 48.68
CA ARG T 165 54.62 95.65 47.91
C ARG T 165 55.60 96.33 48.84
N ILE T 166 56.85 96.46 48.36
CA ILE T 166 57.87 97.28 48.99
C ILE T 166 58.35 98.31 47.97
N MET T 167 58.31 99.58 48.34
CA MET T 167 58.90 100.66 47.56
C MET T 167 60.17 101.14 48.27
N LEU T 168 60.94 101.99 47.58
CA LEU T 168 62.19 102.44 48.17
C LEU T 168 62.63 103.77 47.58
N PHE T 169 63.06 104.68 48.47
CA PHE T 169 63.72 105.93 48.12
C PHE T 169 65.06 106.01 48.84
N THR T 170 66.13 106.25 48.08
CA THR T 170 67.45 106.41 48.69
C THR T 170 68.38 107.14 47.73
N ASN T 171 69.41 107.76 48.31
CA ASN T 171 70.55 108.25 47.55
C ASN T 171 71.59 107.19 47.29
N GLU T 172 71.42 106.01 47.88
CA GLU T 172 72.46 104.98 47.86
C GLU T 172 72.55 104.38 46.46
N ASP T 173 73.22 105.13 45.57
CA ASP T 173 73.50 104.61 44.24
C ASP T 173 74.35 103.36 44.29
N ASN T 174 75.21 103.26 45.31
CA ASN T 174 75.95 102.04 45.62
C ASN T 174 75.64 101.71 47.08
N PRO T 175 74.49 101.08 47.34
CA PRO T 175 74.06 100.88 48.72
C PRO T 175 74.77 99.73 49.41
N HIS T 176 76.10 99.64 49.23
CA HIS T 176 76.85 98.58 49.88
C HIS T 176 78.23 99.06 50.34
N GLY T 177 78.36 100.34 50.69
CA GLY T 177 79.57 100.80 51.33
C GLY T 177 79.81 100.20 52.69
N ASN T 178 78.79 99.57 53.28
CA ASN T 178 78.90 98.90 54.56
C ASN T 178 79.37 97.46 54.35
N ASP T 179 79.25 96.63 55.39
CA ASP T 179 79.76 95.26 55.35
C ASP T 179 79.06 94.42 54.29
N SER T 180 79.82 93.54 53.66
CA SER T 180 79.26 92.60 52.68
C SER T 180 78.35 91.58 53.34
N ALA T 181 78.49 91.35 54.65
CA ALA T 181 77.53 90.52 55.35
C ALA T 181 76.14 91.12 55.27
N LYS T 182 76.03 92.45 55.38
CA LYS T 182 74.77 93.11 55.15
C LYS T 182 74.30 92.97 53.70
N ALA T 183 75.23 92.86 52.75
CA ALA T 183 74.83 92.61 51.36
C ALA T 183 74.20 91.23 51.21
N SER T 184 74.83 90.21 51.82
CA SER T 184 74.24 88.87 51.80
C SER T 184 72.89 88.86 52.51
N ARG T 185 72.79 89.57 53.63
CA ARG T 185 71.52 89.68 54.33
C ARG T 185 70.46 90.36 53.46
N ALA T 186 70.87 91.39 52.71
CA ALA T 186 69.93 92.09 51.84
C ALA T 186 69.43 91.19 50.73
N ARG T 187 70.32 90.40 50.13
CA ARG T 187 69.88 89.41 49.15
C ARG T 187 68.91 88.42 49.78
N THR T 188 69.22 87.97 50.99
CA THR T 188 68.37 87.00 51.67
C THR T 188 66.98 87.58 51.94
N LYS T 189 66.92 88.82 52.40
CA LYS T 189 65.63 89.43 52.74
C LYS T 189 64.85 89.84 51.49
N ALA T 190 65.55 90.20 50.41
CA ALA T 190 64.86 90.37 49.13
C ALA T 190 64.23 89.07 48.67
N GLY T 191 64.97 87.97 48.80
CA GLY T 191 64.38 86.68 48.51
C GLY T 191 63.22 86.33 49.43
N ASP T 192 63.32 86.76 50.70
CA ASP T 192 62.26 86.50 51.66
C ASP T 192 60.97 87.22 51.27
N LEU T 193 61.09 88.51 50.91
CA LEU T 193 59.92 89.26 50.47
C LEU T 193 59.38 88.68 49.16
N ARG T 194 60.27 88.28 48.25
CA ARG T 194 59.80 87.67 47.00
C ARG T 194 59.03 86.39 47.27
N ASP T 195 59.50 85.57 48.22
CA ASP T 195 58.75 84.39 48.62
C ASP T 195 57.42 84.77 49.25
N THR T 196 57.39 85.87 50.00
CA THR T 196 56.17 86.36 50.62
C THR T 196 55.16 86.86 49.58
N GLY T 197 55.57 87.01 48.33
CA GLY T 197 54.73 87.65 47.32
C GLY T 197 55.06 89.10 47.09
N ILE T 198 56.19 89.58 47.62
CA ILE T 198 56.50 91.00 47.61
C ILE T 198 57.51 91.29 46.51
N PHE T 199 57.53 92.52 46.04
CA PHE T 199 58.57 92.99 45.13
C PHE T 199 59.10 94.31 45.67
N LEU T 200 60.34 94.31 46.12
CA LEU T 200 60.95 95.54 46.66
C LEU T 200 61.30 96.44 45.49
N ASP T 201 60.66 97.61 45.43
CA ASP T 201 60.79 98.53 44.31
C ASP T 201 61.80 99.60 44.69
N LEU T 202 63.06 99.38 44.30
CA LEU T 202 64.10 100.38 44.50
C LEU T 202 64.26 101.17 43.20
N MET T 203 64.22 102.50 43.31
CA MET T 203 64.21 103.36 42.14
C MET T 203 65.21 104.49 42.31
N HIS T 204 65.49 105.18 41.19
CA HIS T 204 66.53 106.19 41.14
C HIS T 204 66.05 107.47 41.83
N LEU T 205 66.05 107.40 43.17
CA LEU T 205 65.76 108.61 43.94
C LEU T 205 66.89 109.63 43.79
N LYS T 206 68.14 109.15 43.76
CA LYS T 206 69.29 110.05 43.72
C LYS T 206 69.31 110.87 42.44
N LYS T 207 69.20 110.21 41.30
CA LYS T 207 69.25 110.90 40.02
C LYS T 207 68.24 110.30 39.06
N PRO T 208 67.30 111.10 38.55
CA PRO T 208 66.29 110.56 37.64
C PRO T 208 66.92 110.02 36.36
N GLY T 209 66.31 108.96 35.83
CA GLY T 209 66.75 108.39 34.57
C GLY T 209 68.05 107.63 34.66
N GLY T 210 68.25 106.68 33.74
CA GLY T 210 69.45 105.87 33.71
C GLY T 210 69.61 104.89 34.85
N PHE T 211 68.80 105.00 35.90
CA PHE T 211 68.88 104.12 37.06
C PHE T 211 70.29 104.09 37.62
N ASP T 212 70.88 105.27 37.79
CA ASP T 212 72.20 105.38 38.40
C ASP T 212 72.20 104.88 39.84
N ILE T 213 71.02 104.83 40.47
CA ILE T 213 70.89 104.21 41.78
C ILE T 213 71.19 102.72 41.68
N SER T 214 71.53 102.12 42.83
CA SER T 214 71.70 100.68 42.96
C SER T 214 72.76 100.15 41.99
N LEU T 215 73.99 100.58 42.22
CA LEU T 215 75.10 100.06 41.41
C LEU T 215 75.27 98.56 41.55
N PHE T 216 74.77 97.98 42.64
CA PHE T 216 74.77 96.53 42.81
C PHE T 216 73.39 95.91 42.69
N TYR T 217 72.36 96.53 43.29
CA TYR T 217 71.03 95.93 43.31
C TYR T 217 70.42 95.79 41.93
N ARG T 218 70.92 96.52 40.93
CA ARG T 218 70.31 96.51 39.60
C ARG T 218 70.35 95.11 38.96
N ASP T 219 71.20 94.21 39.46
CA ASP T 219 71.23 92.86 38.92
C ASP T 219 70.01 92.05 39.37
N ILE T 220 69.60 92.21 40.63
CA ILE T 220 68.52 91.42 41.18
C ILE T 220 67.26 92.25 41.46
N ILE T 221 67.40 93.56 41.67
CA ILE T 221 66.27 94.42 42.00
C ILE T 221 66.21 95.54 40.97
N SER T 222 65.15 95.55 40.17
CA SER T 222 64.92 96.59 39.16
C SER T 222 66.10 96.73 38.20
N SER T 237 59.05 107.86 36.52
CA SER T 237 59.68 107.90 37.83
C SER T 237 58.66 108.26 38.90
N LYS T 238 58.67 107.50 40.00
CA LYS T 238 57.79 107.77 41.14
C LYS T 238 58.33 108.88 42.03
N LEU T 239 59.32 109.64 41.55
CA LEU T 239 59.81 110.80 42.29
C LEU T 239 58.66 111.74 42.61
N GLU T 240 57.88 112.11 41.60
CA GLU T 240 56.73 112.98 41.75
C GLU T 240 55.44 112.35 41.23
N ASP T 241 55.51 111.19 40.58
CA ASP T 241 54.29 110.49 40.18
C ASP T 241 53.43 110.17 41.39
N LEU T 242 54.06 109.67 42.46
CA LEU T 242 53.34 109.47 43.71
C LEU T 242 52.96 110.80 44.36
N LEU T 243 53.74 111.86 44.11
CA LEU T 243 53.40 113.17 44.60
C LEU T 243 52.17 113.75 43.91
N ARG T 244 51.74 113.16 42.79
CA ARG T 244 50.55 113.65 42.10
C ARG T 244 49.29 113.50 42.94
N LYS T 245 49.31 112.60 43.92
CA LYS T 245 48.24 112.41 44.92
C LYS T 245 46.85 112.55 44.31
N VAL T 246 46.59 111.72 43.30
CA VAL T 246 45.26 111.67 42.69
C VAL T 246 44.33 110.91 43.62
N ARG T 247 43.17 111.49 43.88
CA ARG T 247 42.24 110.99 44.90
C ARG T 247 40.83 111.17 44.37
N ALA T 248 39.86 111.16 45.29
CA ALA T 248 38.44 111.26 44.99
C ALA T 248 37.94 110.03 44.24
N LYS T 249 38.10 108.86 44.84
CA LYS T 249 37.48 107.61 44.41
C LYS T 249 36.57 107.12 45.54
N GLU T 250 36.04 105.90 45.38
CA GLU T 250 35.25 105.28 46.43
C GLU T 250 36.07 104.20 47.14
N THR T 251 35.49 103.68 48.22
CA THR T 251 36.14 102.66 49.06
C THR T 251 35.45 101.33 48.80
N ARG T 252 36.18 100.38 48.26
CA ARG T 252 35.67 99.04 47.99
C ARG T 252 36.58 98.01 48.65
N LYS T 253 35.98 97.15 49.47
CA LYS T 253 36.66 95.97 49.99
C LYS T 253 36.01 94.69 49.50
N ARG T 254 34.68 94.64 49.52
CA ARG T 254 33.89 93.49 49.08
C ARG T 254 32.44 93.97 49.14
N ALA T 255 31.57 93.28 48.40
CA ALA T 255 30.19 93.71 48.33
C ALA T 255 29.36 93.03 49.42
N LEU T 256 28.04 93.02 49.28
CA LEU T 256 27.17 92.66 50.39
C LEU T 256 25.88 92.03 49.90
N SER T 257 25.61 90.80 50.34
CA SER T 257 24.37 90.06 50.06
C SER T 257 24.17 89.79 48.56
N ARG T 258 25.01 88.90 48.03
CA ARG T 258 25.04 88.51 46.61
C ARG T 258 23.67 88.39 45.93
N LEU T 259 23.57 88.92 44.71
CA LEU T 259 22.45 88.67 43.81
C LEU T 259 22.86 87.87 42.58
N LYS T 260 21.85 87.47 41.82
CA LYS T 260 21.97 86.41 40.83
C LYS T 260 21.17 86.75 39.59
N LEU T 261 21.81 86.78 38.43
CA LEU T 261 21.09 86.95 37.17
C LEU T 261 20.44 85.65 36.74
N LYS T 262 19.36 85.80 35.95
CA LYS T 262 18.73 84.70 35.21
C LYS T 262 18.45 85.28 33.82
N LEU T 263 19.32 84.97 32.87
CA LEU T 263 19.34 85.68 31.60
C LEU T 263 18.23 85.23 30.64
N ASN T 264 17.36 84.33 31.07
CA ASN T 264 16.09 84.03 30.42
C ASN T 264 15.34 83.03 31.29
N LYS T 265 14.06 82.85 30.99
CA LYS T 265 13.27 81.86 31.71
C LYS T 265 13.63 80.43 31.33
N ASP T 266 14.41 80.23 30.28
CA ASP T 266 14.83 78.89 29.89
C ASP T 266 16.06 78.42 30.66
N ILE T 267 17.10 79.26 30.72
CA ILE T 267 18.35 78.92 31.38
C ILE T 267 18.80 80.11 32.22
N VAL T 268 19.23 79.84 33.45
CA VAL T 268 19.66 80.87 34.38
C VAL T 268 21.18 80.90 34.41
N ILE T 269 21.72 82.11 34.55
CA ILE T 269 23.16 82.32 34.56
C ILE T 269 23.51 83.17 35.77
N SER T 270 24.12 82.55 36.78
CA SER T 270 24.59 83.29 37.94
C SER T 270 25.69 84.26 37.54
N VAL T 271 25.82 85.34 38.31
CA VAL T 271 26.77 86.41 38.03
C VAL T 271 27.29 86.97 39.34
N GLY T 272 28.21 87.92 39.23
CA GLY T 272 28.71 88.63 40.38
C GLY T 272 28.41 90.11 40.36
N ILE T 273 27.50 90.55 41.22
CA ILE T 273 27.22 91.96 41.41
C ILE T 273 28.02 92.44 42.62
N TYR T 274 28.77 93.52 42.43
CA TYR T 274 29.53 94.13 43.51
C TYR T 274 29.15 95.60 43.65
N ASN T 275 29.48 96.18 44.80
CA ASN T 275 29.05 97.52 45.16
C ASN T 275 30.24 98.36 45.59
N LEU T 276 30.47 99.46 44.88
CA LEU T 276 31.30 100.54 45.40
C LEU T 276 30.75 101.92 45.05
N VAL T 277 29.66 102.00 44.29
CA VAL T 277 29.12 103.27 43.80
C VAL T 277 27.67 103.38 44.26
N GLN T 278 27.28 104.60 44.63
CA GLN T 278 25.92 104.87 45.12
C GLN T 278 25.27 105.98 44.33
N LYS T 279 24.15 106.48 44.82
CA LYS T 279 23.56 107.70 44.27
C LYS T 279 24.54 108.85 44.44
N ALA T 280 24.31 109.95 43.72
CA ALA T 280 25.24 111.07 43.74
C ALA T 280 25.21 111.79 45.08
N LEU T 281 26.24 111.56 45.90
CA LEU T 281 26.45 112.35 47.10
C LEU T 281 27.90 112.16 47.54
N LYS T 282 28.35 113.06 48.40
CA LYS T 282 29.61 112.84 49.10
C LYS T 282 29.42 111.74 50.14
N PRO T 283 30.48 110.99 50.45
CA PRO T 283 30.32 109.79 51.28
C PRO T 283 29.68 110.12 52.61
N PRO T 284 28.85 109.21 53.14
CA PRO T 284 28.07 109.50 54.34
C PRO T 284 28.97 109.85 55.52
N PRO T 285 28.58 110.83 56.33
CA PRO T 285 29.38 111.18 57.50
C PRO T 285 28.93 110.46 58.76
N ILE T 286 29.90 110.20 59.63
CA ILE T 286 29.63 109.71 60.97
C ILE T 286 29.50 110.95 61.86
N LYS T 287 28.27 111.36 62.13
CA LYS T 287 28.02 112.64 62.77
C LYS T 287 28.58 112.66 64.19
N LEU T 288 29.23 113.78 64.53
CA LEU T 288 29.88 113.96 65.83
C LEU T 288 29.19 115.09 66.59
N TYR T 289 29.70 115.35 67.80
CA TYR T 289 29.19 116.44 68.62
C TYR T 289 29.63 117.78 68.04
N ARG T 290 28.68 118.71 67.93
CA ARG T 290 28.98 120.01 67.35
C ARG T 290 30.13 120.71 68.06
N GLU T 291 30.28 120.48 69.36
CA GLU T 291 31.33 121.09 70.16
C GLU T 291 32.45 120.12 70.50
N THR T 292 32.13 118.98 71.10
CA THR T 292 33.13 118.05 71.61
C THR T 292 33.48 116.94 70.63
N ASN T 293 32.88 116.94 69.44
CA ASN T 293 33.12 115.92 68.41
C ASN T 293 32.78 114.51 68.88
N GLU T 294 32.07 114.39 69.99
CA GLU T 294 31.53 113.10 70.39
C GLU T 294 30.52 112.62 69.36
N PRO T 295 30.65 111.40 68.84
CA PRO T 295 29.80 110.98 67.72
C PRO T 295 28.32 111.02 68.08
N VAL T 296 27.53 111.64 67.21
CA VAL T 296 26.09 111.81 67.39
C VAL T 296 25.38 110.94 66.37
N LYS T 297 24.49 110.08 66.86
CA LYS T 297 23.74 109.16 66.01
C LYS T 297 22.40 109.75 65.60
N THR T 298 21.81 109.14 64.58
CA THR T 298 20.40 109.31 64.25
C THR T 298 19.78 107.93 64.17
N LYS T 299 18.65 107.74 64.85
CA LYS T 299 18.03 106.43 64.99
C LYS T 299 16.65 106.48 64.33
N THR T 300 16.58 106.03 63.08
CA THR T 300 15.29 105.92 62.41
C THR T 300 14.47 104.81 63.05
N ARG T 301 13.23 105.13 63.41
CA ARG T 301 12.38 104.19 64.11
C ARG T 301 10.94 104.62 63.94
N THR T 302 10.03 103.67 64.17
CA THR T 302 8.62 104.02 64.23
C THR T 302 8.36 104.87 65.46
N PHE T 303 7.37 105.76 65.37
CA PHE T 303 7.05 106.66 66.46
C PHE T 303 5.64 107.14 66.28
N ASN T 304 5.19 107.99 67.20
CA ASN T 304 3.84 108.52 67.15
C ASN T 304 3.71 109.73 68.05
N THR T 305 2.93 110.71 67.59
CA THR T 305 2.54 111.84 68.42
C THR T 305 1.29 111.56 69.22
N SER T 306 0.57 110.48 68.91
CA SER T 306 -0.64 110.15 69.65
C SER T 306 -0.33 109.64 71.05
N THR T 307 0.69 108.78 71.18
CA THR T 307 1.01 108.20 72.47
C THR T 307 2.44 108.54 72.89
N GLY T 308 3.33 108.76 71.92
CA GLY T 308 4.74 108.99 72.18
C GLY T 308 5.51 107.70 72.36
N GLY T 309 4.99 106.79 73.18
CA GLY T 309 5.61 105.48 73.33
C GLY T 309 5.62 104.74 72.00
N LEU T 310 6.75 104.14 71.67
CA LEU T 310 6.88 103.42 70.42
C LEU T 310 5.99 102.19 70.40
N LEU T 311 5.52 101.82 69.21
CA LEU T 311 4.65 100.68 69.03
C LEU T 311 5.34 99.62 68.18
N LEU T 312 5.10 98.36 68.50
CA LEU T 312 5.62 97.28 67.67
C LEU T 312 4.96 97.35 66.29
N PRO T 313 5.71 97.05 65.22
CA PRO T 313 5.19 97.27 63.86
C PRO T 313 4.08 96.32 63.44
N SER T 314 3.64 95.40 64.30
CA SER T 314 2.62 94.44 63.91
C SER T 314 1.27 95.11 63.69
N ASP T 315 0.91 96.08 64.53
CA ASP T 315 -0.39 96.72 64.45
C ASP T 315 -0.38 98.01 63.64
N THR T 316 0.74 98.35 63.01
CA THR T 316 0.86 99.58 62.24
C THR T 316 1.09 99.25 60.78
N LYS T 317 0.41 99.97 59.90
CA LYS T 317 0.51 99.78 58.46
C LYS T 317 1.02 101.06 57.81
N ARG T 318 1.90 100.91 56.84
CA ARG T 318 2.37 102.06 56.07
C ARG T 318 1.24 102.61 55.22
N SER T 319 1.17 103.93 55.11
CA SER T 319 0.09 104.58 54.38
C SER T 319 0.66 105.50 53.30
N GLN T 320 0.09 105.40 52.11
CA GLN T 320 0.39 106.30 51.01
C GLN T 320 -0.69 107.37 50.92
N ILE T 321 -0.51 108.30 49.98
CA ILE T 321 -1.62 109.07 49.41
C ILE T 321 -1.41 109.00 47.91
N TYR T 322 -2.05 108.01 47.28
CA TYR T 322 -1.89 107.78 45.86
C TYR T 322 -3.28 107.51 45.28
N GLY T 323 -3.43 107.73 43.97
CA GLY T 323 -4.72 107.57 43.36
C GLY T 323 -5.75 108.50 43.95
N SER T 324 -6.66 107.95 44.76
CA SER T 324 -7.69 108.75 45.40
C SER T 324 -7.80 108.54 46.91
N ARG T 325 -7.02 107.64 47.49
CA ARG T 325 -7.24 107.26 48.89
C ARG T 325 -5.91 106.92 49.55
N GLN T 326 -5.90 107.02 50.87
CA GLN T 326 -4.72 106.70 51.68
C GLN T 326 -4.52 105.19 51.70
N ILE T 327 -3.42 104.73 51.11
CA ILE T 327 -3.16 103.30 50.94
C ILE T 327 -2.57 102.78 52.25
N ILE T 328 -3.43 102.33 53.16
CA ILE T 328 -3.00 101.73 54.42
C ILE T 328 -2.46 100.34 54.08
N LEU T 329 -1.16 100.14 54.26
CA LEU T 329 -0.48 98.95 53.76
C LEU T 329 0.49 98.44 54.80
N GLU T 330 0.30 97.18 55.21
CA GLU T 330 1.17 96.57 56.21
C GLU T 330 2.59 96.40 55.65
N LYS T 331 3.58 96.39 56.54
CA LYS T 331 4.97 96.29 56.13
C LYS T 331 5.20 95.03 55.28
N GLU T 332 4.77 93.88 55.77
CA GLU T 332 4.86 92.66 54.98
C GLU T 332 4.03 92.79 53.71
N GLU T 333 2.85 93.40 53.81
CA GLU T 333 2.08 93.70 52.61
C GLU T 333 2.80 94.71 51.73
N THR T 334 3.38 95.74 52.34
CA THR T 334 4.05 96.78 51.55
C THR T 334 5.17 96.19 50.71
N GLU T 335 5.96 95.28 51.28
CA GLU T 335 6.97 94.59 50.49
C GLU T 335 6.35 93.61 49.50
N GLU T 336 5.33 92.88 49.94
CA GLU T 336 4.72 91.86 49.08
C GLU T 336 3.85 92.48 48.00
N LEU T 337 3.08 93.52 48.35
CA LEU T 337 2.26 94.23 47.40
C LEU T 337 3.03 95.32 46.67
N LYS T 338 4.34 95.14 46.59
CA LYS T 338 5.21 95.95 45.76
C LYS T 338 5.98 95.14 44.72
N ARG T 339 6.19 93.85 44.96
CA ARG T 339 7.19 93.04 44.28
C ARG T 339 6.54 92.18 43.20
N PHE T 340 7.26 92.00 42.08
CA PHE T 340 6.90 90.95 41.14
C PHE T 340 7.06 89.58 41.79
N ASP T 341 8.22 89.33 42.37
CA ASP T 341 8.60 88.03 42.89
C ASP T 341 9.74 88.21 43.89
N ASP T 342 10.41 87.12 44.23
CA ASP T 342 11.48 87.12 45.22
C ASP T 342 12.70 87.89 44.69
N PRO T 343 13.58 88.32 45.59
CA PRO T 343 14.77 89.06 45.16
C PRO T 343 15.64 88.27 44.19
N GLY T 344 16.21 88.98 43.24
CA GLY T 344 17.05 88.37 42.23
C GLY T 344 17.24 89.34 41.07
N LEU T 345 17.67 88.76 39.94
CA LEU T 345 17.85 89.51 38.70
C LEU T 345 17.05 88.77 37.63
N MET T 346 15.76 89.07 37.55
CA MET T 346 14.82 88.37 36.69
C MET T 346 14.78 89.00 35.31
N LEU T 347 14.19 88.26 34.36
CA LEU T 347 14.19 88.69 32.97
C LEU T 347 13.00 88.11 32.22
N MET T 348 12.53 88.88 31.23
CA MET T 348 11.61 88.40 30.21
C MET T 348 12.19 88.45 28.80
N GLY T 349 12.73 89.58 28.37
CA GLY T 349 13.20 89.73 26.99
C GLY T 349 14.64 90.20 26.89
N PHE T 350 14.94 90.91 25.80
CA PHE T 350 16.26 91.52 25.60
C PHE T 350 16.08 92.93 25.09
N LYS T 351 16.88 93.86 25.62
CA LYS T 351 16.73 95.28 25.33
C LYS T 351 18.03 95.85 24.78
N PRO T 352 18.03 96.44 23.60
CA PRO T 352 19.24 97.08 23.07
C PRO T 352 19.47 98.45 23.72
N LEU T 353 20.47 99.15 23.20
CA LEU T 353 20.80 100.50 23.69
C LEU T 353 20.05 101.55 22.87
N VAL T 354 18.74 101.35 22.71
CA VAL T 354 17.89 102.33 22.03
C VAL T 354 16.66 102.63 22.89
N LEU T 355 15.89 101.58 23.22
CA LEU T 355 14.77 101.74 24.13
C LEU T 355 15.24 101.83 25.57
N LEU T 356 16.42 101.29 25.87
CA LEU T 356 17.18 101.79 26.99
C LEU T 356 17.63 103.19 26.61
N LYS T 357 16.97 104.19 27.16
CA LYS T 357 17.14 105.58 26.76
C LYS T 357 17.93 106.33 27.82
N LYS T 358 18.14 107.62 27.57
CA LYS T 358 18.85 108.46 28.52
C LYS T 358 18.06 109.73 28.81
N HIS T 359 17.32 110.23 27.82
CA HIS T 359 16.44 111.36 28.06
C HIS T 359 15.33 110.94 29.03
N HIS T 360 14.80 109.75 28.84
CA HIS T 360 14.17 108.99 29.91
C HIS T 360 15.22 108.06 30.47
N TYR T 361 15.37 108.04 31.80
CA TYR T 361 16.37 107.19 32.44
C TYR T 361 16.16 107.24 33.94
N LEU T 362 16.92 106.42 34.66
CA LEU T 362 16.70 106.18 36.08
C LEU T 362 17.92 106.39 36.96
N ARG T 363 17.82 105.92 38.21
CA ARG T 363 18.80 105.99 39.30
C ARG T 363 20.18 105.51 38.86
N PRO T 364 21.23 105.88 39.60
CA PRO T 364 22.58 105.42 39.23
C PRO T 364 22.69 103.91 39.20
N SER T 365 23.56 103.42 38.32
CA SER T 365 23.72 102.02 38.00
C SER T 365 24.66 101.31 38.98
N LEU T 366 24.82 100.02 38.75
CA LEU T 366 25.87 99.19 39.35
C LEU T 366 26.54 98.40 38.22
N PHE T 367 27.41 97.47 38.60
CA PHE T 367 28.15 96.69 37.63
C PHE T 367 28.01 95.20 37.92
N VAL T 368 27.84 94.41 36.86
CA VAL T 368 27.75 92.97 36.94
C VAL T 368 29.02 92.38 36.36
N TYR T 369 29.66 91.48 37.11
CA TYR T 369 30.86 90.82 36.66
C TYR T 369 30.61 89.32 36.55
N PRO T 370 31.27 88.64 35.61
CA PRO T 370 31.11 87.18 35.51
C PRO T 370 31.52 86.50 36.80
N GLU T 371 30.68 85.57 37.25
CA GLU T 371 30.85 84.86 38.52
C GLU T 371 29.75 83.81 38.57
N GLU T 372 29.90 82.84 39.47
CA GLU T 372 28.96 81.74 39.61
C GLU T 372 28.42 81.78 41.04
N SER T 373 27.32 82.49 41.22
CA SER T 373 26.75 82.65 42.56
C SER T 373 26.20 81.31 43.08
N LEU T 374 25.24 80.72 42.36
CA LEU T 374 24.77 79.38 42.72
C LEU T 374 24.65 78.45 41.53
N VAL T 375 24.90 78.94 40.31
CA VAL T 375 24.73 78.15 39.10
C VAL T 375 26.11 77.87 38.51
N ILE T 376 26.43 76.60 38.35
CA ILE T 376 27.76 76.20 37.90
C ILE T 376 27.88 76.37 36.39
N GLY T 377 29.05 76.81 35.95
CA GLY T 377 29.27 77.09 34.55
C GLY T 377 28.58 78.34 34.05
N SER T 378 28.05 79.16 34.96
CA SER T 378 27.39 80.39 34.54
C SER T 378 28.34 81.32 33.81
N SER T 379 29.59 81.38 34.28
CA SER T 379 30.58 82.22 33.62
C SER T 379 30.80 81.80 32.17
N THR T 380 30.67 80.51 31.87
CA THR T 380 30.92 80.02 30.52
C THR T 380 29.99 80.70 29.51
N LEU T 381 28.70 80.82 29.85
CA LEU T 381 27.77 81.50 28.96
C LEU T 381 27.84 83.01 29.12
N PHE T 382 27.98 83.49 30.35
CA PHE T 382 27.95 84.92 30.60
C PHE T 382 29.11 85.62 29.88
N SER T 383 30.32 85.09 30.02
CA SER T 383 31.48 85.66 29.35
C SER T 383 31.34 85.59 27.84
N ALA T 384 30.82 84.47 27.32
CA ALA T 384 30.57 84.36 25.89
C ALA T 384 29.61 85.43 25.41
N LEU T 385 28.67 85.87 26.25
CA LEU T 385 27.78 86.97 25.88
C LEU T 385 28.47 88.33 25.86
N LEU T 386 29.69 88.45 26.41
CA LEU T 386 30.32 89.76 26.56
C LEU T 386 31.11 90.14 25.32
N ILE T 387 32.13 89.34 24.97
CA ILE T 387 32.95 89.66 23.81
C ILE T 387 32.16 89.45 22.52
N LYS T 388 31.35 88.41 22.46
CA LYS T 388 30.55 88.10 21.28
C LYS T 388 29.35 89.05 21.26
N CYS T 389 29.54 90.22 20.67
CA CYS T 389 28.48 91.19 20.51
C CYS T 389 28.44 91.76 19.10
N LEU T 390 29.18 91.17 18.16
CA LEU T 390 29.21 91.70 16.79
C LEU T 390 27.84 91.64 16.15
N GLU T 391 27.11 90.54 16.37
CA GLU T 391 25.74 90.41 15.87
C GLU T 391 24.76 90.09 16.99
N LYS T 392 25.21 90.11 18.24
CA LYS T 392 24.31 90.23 19.40
C LYS T 392 24.07 91.71 19.70
N GLU T 393 23.63 92.44 18.68
CA GLU T 393 23.53 93.89 18.78
C GLU T 393 22.54 94.34 19.85
N VAL T 394 21.62 93.48 20.25
CA VAL T 394 20.70 93.81 21.34
C VAL T 394 21.45 93.60 22.66
N ALA T 395 21.47 94.64 23.48
CA ALA T 395 22.14 94.57 24.77
C ALA T 395 21.40 93.59 25.69
N ALA T 396 22.11 93.14 26.73
CA ALA T 396 21.47 92.29 27.71
C ALA T 396 20.39 93.06 28.45
N LEU T 397 19.40 92.34 28.95
CA LEU T 397 18.26 92.92 29.63
C LEU T 397 18.01 92.15 30.91
N CYS T 398 17.36 92.82 31.86
CA CYS T 398 16.99 92.20 33.13
C CYS T 398 15.98 93.12 33.83
N ARG T 399 15.43 92.61 34.91
CA ARG T 399 14.72 93.44 35.88
C ARG T 399 15.33 93.16 37.25
N TYR T 400 15.74 94.23 37.93
CA TYR T 400 16.72 94.16 39.01
C TYR T 400 16.02 94.31 40.36
N THR T 401 16.22 93.32 41.23
CA THR T 401 15.74 93.41 42.61
C THR T 401 16.94 93.56 43.53
N PRO T 402 17.43 94.78 43.76
CA PRO T 402 18.65 94.93 44.56
C PRO T 402 18.46 94.67 46.04
N ARG T 403 17.22 94.74 46.55
CA ARG T 403 17.03 94.79 48.00
C ARG T 403 15.93 93.86 48.50
N ARG T 404 15.53 94.05 49.76
CA ARG T 404 14.63 93.13 50.44
C ARG T 404 13.21 93.25 49.89
N ASN T 405 12.72 92.16 49.30
CA ASN T 405 11.30 91.99 48.97
C ASN T 405 10.76 93.19 48.18
N ILE T 406 11.40 93.47 47.06
CA ILE T 406 11.02 94.60 46.22
C ILE T 406 10.88 94.12 44.79
N PRO T 407 10.15 94.85 43.96
CA PRO T 407 9.98 94.43 42.57
C PRO T 407 11.29 94.49 41.82
N PRO T 408 11.49 93.63 40.84
CA PRO T 408 12.66 93.75 39.96
C PRO T 408 12.56 94.96 39.05
N TYR T 409 13.39 95.97 39.31
CA TYR T 409 13.42 97.16 38.49
C TYR T 409 14.00 96.83 37.12
N PHE T 410 13.25 97.12 36.06
CA PHE T 410 13.67 96.74 34.72
C PHE T 410 15.00 97.39 34.38
N VAL T 411 15.94 96.57 33.88
CA VAL T 411 17.31 97.01 33.66
C VAL T 411 17.83 96.36 32.39
N ALA T 412 18.02 97.16 31.35
CA ALA T 412 18.85 96.72 30.24
C ALA T 412 20.30 96.75 30.66
N LEU T 413 21.08 95.79 30.18
CA LEU T 413 22.49 95.71 30.52
C LEU T 413 23.30 95.94 29.25
N VAL T 414 23.90 97.12 29.16
CA VAL T 414 24.78 97.43 28.03
C VAL T 414 25.92 96.42 28.00
N PRO T 415 26.29 95.87 26.85
CA PRO T 415 27.35 94.86 26.83
C PRO T 415 28.69 95.46 27.18
N GLN T 416 29.19 95.15 28.37
CA GLN T 416 30.53 95.57 28.76
C GLN T 416 31.53 94.70 28.01
N GLU T 417 31.55 94.81 26.69
CA GLU T 417 32.41 93.97 25.88
C GLU T 417 33.86 94.24 26.20
N GLU T 418 34.66 93.18 26.23
CA GLU T 418 36.08 93.30 26.54
C GLU T 418 36.78 93.90 25.31
N GLU T 419 36.84 95.23 25.29
CA GLU T 419 37.66 95.94 24.33
C GLU T 419 39.11 95.72 24.73
N LEU T 420 39.65 94.55 24.40
CA LEU T 420 40.85 94.04 25.02
C LEU T 420 42.02 95.02 24.85
N ASP T 421 42.71 95.29 25.94
CA ASP T 421 43.95 96.04 25.96
C ASP T 421 45.09 95.12 26.33
N ASP T 422 46.30 95.46 25.85
CA ASP T 422 47.45 94.59 26.07
C ASP T 422 47.83 94.48 27.54
N GLN T 423 47.41 95.41 28.38
CA GLN T 423 47.72 95.40 29.81
C GLN T 423 46.71 94.62 30.63
N LYS T 424 45.75 93.97 29.98
CA LYS T 424 44.69 93.16 30.61
C LYS T 424 43.74 93.99 31.46
N ILE T 425 43.87 95.31 31.47
CA ILE T 425 42.94 96.19 32.17
C ILE T 425 41.83 96.54 31.19
N GLN T 426 40.60 96.17 31.54
CA GLN T 426 39.47 96.33 30.64
C GLN T 426 38.62 97.51 31.08
N VAL T 427 38.69 98.61 30.32
CA VAL T 427 37.69 99.66 30.47
C VAL T 427 36.33 99.08 30.12
N THR T 428 35.32 99.43 30.91
CA THR T 428 34.05 98.71 30.90
C THR T 428 34.38 97.23 31.11
N PRO T 429 34.72 96.83 32.34
CA PRO T 429 35.24 95.49 32.55
C PRO T 429 34.25 94.45 32.08
N PRO T 430 34.73 93.27 31.69
CA PRO T 430 33.81 92.25 31.14
C PRO T 430 32.67 91.99 32.10
N GLY T 431 31.47 91.92 31.55
CA GLY T 431 30.27 91.81 32.35
C GLY T 431 29.17 92.68 31.79
N PHE T 432 28.37 93.28 32.66
CA PHE T 432 27.28 94.14 32.22
C PHE T 432 27.07 95.25 33.23
N GLN T 433 26.46 96.34 32.76
CA GLN T 433 26.10 97.46 33.62
C GLN T 433 24.64 97.35 34.01
N LEU T 434 24.35 97.53 35.31
CA LEU T 434 22.99 97.49 35.81
C LEU T 434 22.30 98.83 35.58
N VAL T 435 22.35 99.31 34.34
CA VAL T 435 21.78 100.61 34.00
C VAL T 435 20.27 100.45 33.88
N PHE T 436 19.55 101.11 34.79
CA PHE T 436 18.12 100.88 34.92
C PHE T 436 17.37 101.38 33.70
N LEU T 437 16.38 100.60 33.27
CA LEU T 437 15.60 100.97 32.11
C LEU T 437 14.76 102.21 32.39
N PRO T 438 14.58 103.07 31.38
CA PRO T 438 13.73 104.26 31.55
C PRO T 438 12.29 103.86 31.76
N PHE T 439 11.76 104.16 32.95
CA PHE T 439 10.36 103.86 33.22
C PHE T 439 9.46 104.67 32.30
N ALA T 440 8.20 104.23 32.21
CA ALA T 440 7.19 105.00 31.49
C ALA T 440 6.90 106.30 32.18
N ASP T 441 7.38 106.38 33.41
CA ASP T 441 7.27 107.57 34.24
C ASP T 441 8.58 108.36 34.25
N ASP T 442 9.47 108.06 33.31
CA ASP T 442 10.72 108.80 33.13
C ASP T 442 10.64 109.78 31.97
N LYS T 443 9.44 110.09 31.51
CA LYS T 443 9.21 110.91 30.34
C LYS T 443 8.82 112.32 30.80
N ARG T 444 8.39 113.14 29.84
CA ARG T 444 7.84 114.45 30.16
C ARG T 444 6.56 114.65 29.36
N LYS T 445 5.54 115.20 30.01
CA LYS T 445 4.33 115.56 29.29
C LYS T 445 4.60 116.80 28.45
N MET T 446 4.19 116.75 27.19
CA MET T 446 4.69 117.71 26.23
C MET T 446 3.67 118.79 25.91
N PRO T 447 4.14 120.00 25.62
CA PRO T 447 3.34 120.93 24.82
C PRO T 447 3.34 120.47 23.37
N PHE T 448 2.83 121.29 22.44
CA PHE T 448 2.87 120.90 21.04
C PHE T 448 4.30 120.97 20.53
N THR T 449 5.08 119.92 20.80
CA THR T 449 6.50 119.88 20.46
C THR T 449 6.73 118.80 19.41
N GLU T 450 7.53 119.13 18.41
CA GLU T 450 7.90 118.18 17.36
C GLU T 450 9.29 118.52 16.85
N LYS T 451 10.24 117.61 17.06
CA LYS T 451 11.62 117.83 16.66
C LYS T 451 11.81 117.30 15.24
N ILE T 452 11.71 118.21 14.27
CA ILE T 452 11.91 117.89 12.86
C ILE T 452 13.36 118.23 12.49
N MET T 453 13.90 117.47 11.54
CA MET T 453 15.27 117.71 11.05
C MET T 453 15.25 119.02 10.29
N ALA T 454 15.59 120.10 10.99
CA ALA T 454 15.40 121.45 10.48
C ALA T 454 16.45 121.77 9.42
N THR T 455 16.47 123.03 9.00
CA THR T 455 17.36 123.46 7.93
C THR T 455 18.83 123.33 8.37
N PRO T 456 19.73 122.93 7.46
CA PRO T 456 21.13 122.74 7.86
C PRO T 456 21.89 124.04 8.04
N GLU T 457 21.37 125.18 7.58
CA GLU T 457 22.08 126.43 7.78
C GLU T 457 22.19 126.80 9.25
N GLN T 458 21.32 126.26 10.10
CA GLN T 458 21.53 126.38 11.54
C GLN T 458 22.83 125.69 11.94
N VAL T 459 23.06 124.50 11.41
CA VAL T 459 24.22 123.69 11.77
C VAL T 459 25.25 123.76 10.65
N GLY T 460 25.19 124.83 9.86
CA GLY T 460 26.09 124.97 8.72
C GLY T 460 27.55 125.04 9.09
N LYS T 461 27.86 125.41 10.33
CA LYS T 461 29.25 125.48 10.78
C LYS T 461 29.51 124.89 12.15
N MET T 462 28.48 124.60 12.95
CA MET T 462 28.73 124.14 14.32
C MET T 462 29.36 122.76 14.35
N LYS T 463 29.13 121.94 13.31
CA LYS T 463 29.46 120.52 13.39
C LYS T 463 30.94 120.30 13.69
N ALA T 464 31.80 120.69 12.74
CA ALA T 464 33.24 120.48 12.93
C ALA T 464 33.78 121.35 14.06
N ILE T 465 33.26 122.56 14.21
CA ILE T 465 33.77 123.48 15.22
C ILE T 465 33.60 122.89 16.61
N VAL T 466 32.46 122.25 16.89
CA VAL T 466 32.25 121.60 18.18
C VAL T 466 32.81 120.19 18.25
N GLU T 467 33.02 119.53 17.11
CA GLU T 467 33.65 118.22 17.11
C GLU T 467 35.16 118.30 17.24
N LYS T 468 35.73 119.49 17.14
CA LYS T 468 37.18 119.66 17.20
C LYS T 468 37.77 119.22 18.55
N LEU T 469 36.96 119.17 19.62
CA LEU T 469 37.49 118.83 20.94
C LEU T 469 37.54 117.31 21.10
N ARG T 470 38.74 116.79 21.30
CA ARG T 470 38.92 115.42 21.77
C ARG T 470 39.24 115.40 23.26
N PHE T 471 38.28 115.86 24.05
CA PHE T 471 38.46 115.93 25.49
C PHE T 471 38.40 114.53 26.11
N THR T 472 38.98 114.41 27.30
CA THR T 472 39.01 113.13 28.01
C THR T 472 37.61 112.81 28.49
N TYR T 473 36.85 112.09 27.68
CA TYR T 473 35.48 111.69 28.00
C TYR T 473 35.47 110.26 28.54
N ARG T 474 36.09 110.08 29.69
CA ARG T 474 36.21 108.80 30.35
C ARG T 474 35.42 108.82 31.65
N SER T 475 35.07 107.63 32.14
CA SER T 475 34.32 107.53 33.38
C SER T 475 35.11 108.13 34.54
N ASP T 476 36.39 107.81 34.63
CA ASP T 476 37.27 108.39 35.66
C ASP T 476 38.04 109.58 35.10
N SER T 477 37.29 110.55 34.58
CA SER T 477 37.86 111.77 34.03
C SER T 477 37.29 113.02 34.71
N PHE T 478 36.62 112.85 35.85
CA PHE T 478 36.02 113.96 36.56
C PHE T 478 36.06 113.65 38.05
N GLU T 479 35.89 114.69 38.86
CA GLU T 479 35.68 114.50 40.30
C GLU T 479 34.89 115.66 40.87
N ASN T 480 33.76 115.33 41.48
CA ASN T 480 32.86 116.32 42.05
C ASN T 480 33.55 117.06 43.20
N PRO T 481 33.53 118.40 43.21
CA PRO T 481 34.07 119.12 44.38
C PRO T 481 33.36 118.75 45.66
N VAL T 482 32.06 118.46 45.60
CA VAL T 482 31.36 117.89 46.74
C VAL T 482 31.98 116.54 47.11
N LEU T 483 32.51 115.82 46.12
CA LEU T 483 33.16 114.55 46.37
C LEU T 483 34.68 114.65 46.42
N GLN T 484 35.26 115.73 45.88
CA GLN T 484 36.71 115.91 45.91
C GLN T 484 37.14 117.13 46.70
N GLN T 485 36.59 118.32 46.43
CA GLN T 485 37.01 119.51 47.15
C GLN T 485 36.55 119.46 48.60
N HIS T 486 35.42 118.80 48.86
CA HIS T 486 35.01 118.58 50.24
C HIS T 486 36.07 117.80 51.00
N PHE T 487 36.69 116.81 50.35
CA PHE T 487 37.75 116.06 50.99
C PHE T 487 39.07 116.82 51.04
N ARG T 488 39.30 117.74 50.09
CA ARG T 488 40.43 118.65 50.22
C ARG T 488 40.27 119.52 51.47
N ASN T 489 39.06 120.00 51.70
CA ASN T 489 38.76 120.72 52.93
C ASN T 489 38.93 119.82 54.15
N LEU T 490 38.51 118.56 54.03
CA LEU T 490 38.69 117.61 55.12
C LEU T 490 40.17 117.30 55.34
N GLU T 491 40.98 117.35 54.28
CA GLU T 491 42.40 117.05 54.39
C GLU T 491 43.24 118.28 54.72
N ALA T 492 42.62 119.44 54.90
CA ALA T 492 43.34 120.65 55.28
C ALA T 492 43.07 121.04 56.73
N LEU T 493 41.81 121.31 57.10
CA LEU T 493 41.51 121.83 58.42
C LEU T 493 41.68 120.80 59.52
N ALA T 494 41.39 119.52 59.26
CA ALA T 494 41.66 118.48 60.25
C ALA T 494 43.16 118.33 60.49
N LEU T 495 43.98 118.77 59.54
CA LEU T 495 45.43 118.72 59.64
C LEU T 495 45.97 120.11 59.96
N ASP T 496 47.30 120.23 59.96
CA ASP T 496 47.95 121.53 60.11
C ASP T 496 48.10 122.22 58.76
N LEU T 497 47.00 122.31 58.02
CA LEU T 497 46.97 122.93 56.70
C LEU T 497 45.85 123.96 56.69
N MET T 498 46.18 125.20 56.33
CA MET T 498 45.21 126.27 56.40
C MET T 498 44.15 126.12 55.31
N GLU T 499 44.58 125.86 54.08
CA GLU T 499 43.67 125.88 52.95
C GLU T 499 43.64 124.53 52.24
N PRO T 500 42.51 124.18 51.64
CA PRO T 500 42.41 122.85 51.01
C PRO T 500 43.25 122.76 49.77
N GLU T 501 43.95 121.64 49.63
CA GLU T 501 44.82 121.38 48.48
C GLU T 501 44.07 120.51 47.47
N GLN T 502 43.46 121.15 46.48
CA GLN T 502 42.60 120.48 45.51
C GLN T 502 43.43 119.63 44.55
N ALA T 503 42.99 118.40 44.33
CA ALA T 503 43.38 117.68 43.13
C ALA T 503 42.65 118.30 41.94
N VAL T 504 43.27 118.22 40.76
CA VAL T 504 42.75 118.92 39.60
C VAL T 504 41.40 118.29 39.22
N ASP T 505 40.31 119.02 39.48
CA ASP T 505 38.98 118.51 39.23
C ASP T 505 38.46 118.97 37.88
N LEU T 506 37.96 118.01 37.10
CA LEU T 506 37.46 118.27 35.76
C LEU T 506 35.95 118.42 35.72
N THR T 507 35.35 118.86 36.83
CA THR T 507 33.92 119.13 36.90
C THR T 507 33.60 120.62 36.98
N LEU T 508 34.42 121.39 37.67
CA LEU T 508 34.24 122.83 37.68
C LEU T 508 34.50 123.39 36.28
N PRO T 509 33.70 124.36 35.83
CA PRO T 509 33.82 124.84 34.45
C PRO T 509 35.22 125.33 34.12
N LYS T 510 35.73 124.90 32.97
CA LYS T 510 37.05 125.26 32.49
C LYS T 510 36.91 126.19 31.29
N VAL T 511 37.61 127.32 31.33
CA VAL T 511 37.40 128.36 30.33
C VAL T 511 38.33 128.19 29.13
N GLU T 512 39.59 127.83 29.37
CA GLU T 512 40.58 127.77 28.29
C GLU T 512 40.75 126.39 27.69
N ALA T 513 40.33 125.33 28.38
CA ALA T 513 40.37 124.00 27.79
C ALA T 513 39.36 123.83 26.66
N MET T 514 38.45 124.79 26.49
CA MET T 514 37.41 124.72 25.49
C MET T 514 37.78 125.41 24.18
N ASN T 515 38.97 125.98 24.09
CA ASN T 515 39.35 126.79 22.93
C ASN T 515 40.63 126.34 22.26
N ASN U 6 -0.50 120.99 26.32
CA ASN U 6 -0.22 120.45 27.65
C ASN U 6 -1.49 119.90 28.30
N LYS U 7 -2.64 120.41 27.86
CA LYS U 7 -3.92 120.03 28.45
C LYS U 7 -4.86 119.55 27.36
N ALA U 8 -5.37 118.33 27.52
CA ALA U 8 -6.35 117.75 26.60
C ALA U 8 -7.46 117.10 27.42
N ALA U 9 -8.69 117.25 26.95
CA ALA U 9 -9.87 116.78 27.67
C ALA U 9 -10.52 115.63 26.95
N VAL U 10 -10.99 114.64 27.72
CA VAL U 10 -11.64 113.44 27.20
C VAL U 10 -12.93 113.21 27.96
N VAL U 11 -13.92 112.64 27.27
CA VAL U 11 -15.21 112.32 27.87
C VAL U 11 -15.55 110.86 27.54
N LEU U 12 -15.89 110.08 28.56
CA LEU U 12 -16.35 108.71 28.36
C LEU U 12 -17.88 108.67 28.35
N CYS U 13 -18.44 109.31 27.32
CA CYS U 13 -19.89 109.36 27.15
C CYS U 13 -20.38 108.01 26.61
N MET U 14 -20.55 107.07 27.54
CA MET U 14 -20.89 105.69 27.19
C MET U 14 -22.41 105.51 27.23
N ASP U 15 -23.00 105.21 26.08
CA ASP U 15 -24.44 105.02 25.97
C ASP U 15 -24.89 103.85 26.83
N VAL U 16 -26.20 103.64 26.88
CA VAL U 16 -26.75 102.40 27.39
C VAL U 16 -27.69 101.89 26.30
N GLY U 17 -27.32 102.14 25.05
CA GLY U 17 -28.12 101.68 23.94
C GLY U 17 -28.29 100.17 23.97
N PHE U 18 -29.47 99.71 23.54
CA PHE U 18 -29.82 98.30 23.68
C PHE U 18 -28.83 97.40 22.95
N THR U 19 -28.34 97.83 21.78
CA THR U 19 -27.58 96.92 20.94
C THR U 19 -26.13 96.74 21.38
N MET U 20 -25.62 97.58 22.29
CA MET U 20 -24.23 97.36 22.70
C MET U 20 -24.14 96.17 23.64
N SER U 21 -25.16 95.96 24.47
CA SER U 21 -25.23 94.79 25.32
C SER U 21 -25.62 93.54 24.55
N ASN U 22 -26.44 93.68 23.51
CA ASN U 22 -26.73 92.57 22.62
C ASN U 22 -25.43 92.07 22.01
N SER U 23 -25.16 90.78 22.16
CA SER U 23 -23.91 90.20 21.69
C SER U 23 -23.94 90.19 20.17
N ILE U 24 -23.29 91.19 19.57
CA ILE U 24 -23.25 91.29 18.11
C ILE U 24 -22.45 90.12 17.56
N PRO U 25 -22.96 89.40 16.55
CA PRO U 25 -22.27 88.19 16.09
C PRO U 25 -20.85 88.48 15.62
N GLY U 26 -19.94 87.56 15.94
CA GLY U 26 -18.56 87.64 15.52
C GLY U 26 -17.62 88.27 16.52
N ILE U 27 -18.13 88.93 17.56
CA ILE U 27 -17.28 89.63 18.53
C ILE U 27 -18.09 89.83 19.81
N GLU U 28 -17.39 90.13 20.90
CA GLU U 28 -18.03 90.41 22.16
C GLU U 28 -18.94 91.64 22.04
N SER U 29 -19.88 91.74 22.97
CA SER U 29 -20.82 92.86 22.97
C SER U 29 -20.07 94.17 23.19
N PRO U 30 -20.45 95.23 22.48
CA PRO U 30 -19.80 96.53 22.69
C PRO U 30 -19.87 97.02 24.13
N PHE U 31 -20.95 96.72 24.85
CA PHE U 31 -21.06 97.17 26.24
C PHE U 31 -19.95 96.59 27.10
N GLU U 32 -19.76 95.27 27.05
CA GLU U 32 -18.76 94.62 27.88
C GLU U 32 -17.37 95.11 27.56
N GLN U 33 -17.01 95.15 26.27
CA GLN U 33 -15.67 95.57 25.90
C GLN U 33 -15.42 97.04 26.25
N ALA U 34 -16.42 97.89 26.02
CA ALA U 34 -16.26 99.31 26.32
C ALA U 34 -16.05 99.53 27.81
N LYS U 35 -16.91 98.94 28.63
CA LYS U 35 -16.76 99.10 30.08
C LYS U 35 -15.45 98.49 30.58
N LYS U 36 -15.04 97.37 29.99
CA LYS U 36 -13.82 96.71 30.45
C LYS U 36 -12.56 97.46 30.03
N VAL U 37 -12.60 98.21 28.92
CA VAL U 37 -11.43 99.00 28.58
C VAL U 37 -11.41 100.30 29.36
N ILE U 38 -12.58 100.88 29.68
CA ILE U 38 -12.54 102.10 30.48
C ILE U 38 -12.42 101.83 31.97
N THR U 39 -12.53 100.57 32.40
CA THR U 39 -12.07 100.22 33.75
C THR U 39 -10.57 100.41 33.86
N MET U 40 -9.82 100.01 32.83
CA MET U 40 -8.38 100.26 32.82
C MET U 40 -8.09 101.70 32.42
N PHE U 41 -9.06 102.38 31.80
CA PHE U 41 -8.94 103.82 31.57
C PHE U 41 -9.33 104.64 32.79
N VAL U 42 -10.19 104.11 33.66
CA VAL U 42 -10.55 104.86 34.86
C VAL U 42 -9.47 104.74 35.93
N GLN U 43 -8.71 103.64 35.94
CA GLN U 43 -7.48 103.60 36.70
C GLN U 43 -6.37 104.40 36.02
N ARG U 44 -6.47 104.58 34.70
CA ARG U 44 -5.52 105.40 33.95
C ARG U 44 -5.54 106.84 34.41
N GLN U 45 -6.47 107.21 35.27
CA GLN U 45 -6.69 108.60 35.62
C GLN U 45 -5.63 109.17 36.57
N VAL U 46 -4.46 108.54 36.72
CA VAL U 46 -3.67 108.80 37.91
C VAL U 46 -2.22 109.23 37.69
N PHE U 47 -1.59 108.89 36.55
CA PHE U 47 -0.13 109.01 36.54
C PHE U 47 0.54 109.73 35.37
N ALA U 48 -0.19 110.23 34.37
CA ALA U 48 0.43 111.07 33.30
C ALA U 48 -0.53 112.20 32.94
N GLU U 49 -0.86 113.07 33.89
CA GLU U 49 -1.86 114.17 33.73
C GLU U 49 -2.34 114.57 32.33
N ASN U 50 -3.61 114.31 32.03
CA ASN U 50 -4.27 114.84 30.81
C ASN U 50 -5.49 115.47 31.49
N LYS U 51 -5.97 116.63 31.05
CA LYS U 51 -7.02 117.25 31.86
C LYS U 51 -8.36 116.92 31.21
N ASP U 52 -8.88 115.74 31.53
CA ASP U 52 -10.04 115.19 30.83
C ASP U 52 -11.36 115.45 31.54
N GLU U 53 -11.41 115.27 32.86
CA GLU U 53 -12.65 115.42 33.64
C GLU U 53 -13.75 114.53 33.03
N ILE U 54 -13.49 113.23 33.13
CA ILE U 54 -14.33 112.24 32.45
C ILE U 54 -15.78 112.40 32.86
N ALA U 55 -16.66 112.45 31.86
CA ALA U 55 -18.11 112.54 32.08
C ALA U 55 -18.73 111.25 31.56
N LEU U 56 -18.99 110.31 32.46
CA LEU U 56 -19.58 109.02 32.11
C LEU U 56 -21.10 109.15 32.15
N VAL U 57 -21.64 109.72 31.06
CA VAL U 57 -23.08 109.79 30.88
C VAL U 57 -23.56 108.46 30.32
N LEU U 58 -24.49 107.82 31.04
CA LEU U 58 -24.96 106.48 30.68
C LEU U 58 -26.35 106.60 30.07
N PHE U 59 -26.39 106.91 28.77
CA PHE U 59 -27.63 107.23 28.08
C PHE U 59 -28.14 106.02 27.31
N GLY U 60 -29.35 105.57 27.65
CA GLY U 60 -29.95 104.45 26.96
C GLY U 60 -30.79 103.54 27.83
N THR U 61 -30.56 103.54 29.14
CA THR U 61 -31.33 102.65 30.00
C THR U 61 -32.73 103.22 30.22
N ASP U 62 -33.59 102.39 30.81
CA ASP U 62 -34.94 102.82 31.12
C ASP U 62 -34.92 104.00 32.08
N GLY U 63 -35.72 105.00 31.78
CA GLY U 63 -35.72 106.24 32.54
C GLY U 63 -34.87 107.32 31.88
N THR U 64 -35.21 108.57 32.19
CA THR U 64 -34.54 109.72 31.60
C THR U 64 -33.99 110.60 32.71
N ASP U 65 -32.67 110.68 32.80
CA ASP U 65 -31.97 111.48 33.81
C ASP U 65 -30.96 112.38 33.08
N ASN U 66 -31.33 113.64 32.89
CA ASN U 66 -30.49 114.60 32.19
C ASN U 66 -30.33 115.86 33.03
N PRO U 67 -29.17 116.53 32.94
CA PRO U 67 -29.08 117.91 33.43
C PRO U 67 -30.02 118.84 32.69
N LEU U 68 -30.26 118.60 31.41
CA LEU U 68 -31.25 119.30 30.60
C LEU U 68 -32.14 118.22 30.00
N SER U 69 -33.33 118.02 30.58
CA SER U 69 -34.17 116.90 30.16
C SER U 69 -34.80 117.14 28.79
N GLY U 70 -35.21 118.37 28.50
CA GLY U 70 -35.86 118.65 27.23
C GLY U 70 -37.21 118.00 27.08
N GLY U 71 -37.97 117.91 28.17
CA GLY U 71 -39.33 117.37 28.10
C GLY U 71 -39.41 115.92 27.67
N ASP U 72 -38.49 115.08 28.15
CA ASP U 72 -38.45 113.65 27.87
C ASP U 72 -38.24 113.36 26.38
N GLN U 73 -38.06 114.42 25.58
CA GLN U 73 -37.63 114.21 24.20
C GLN U 73 -36.27 113.54 24.16
N TYR U 74 -35.38 113.92 25.07
CA TYR U 74 -34.08 113.28 25.20
C TYR U 74 -34.32 111.89 25.76
N GLN U 75 -34.22 110.87 24.89
CA GLN U 75 -34.74 109.55 25.19
C GLN U 75 -33.70 108.70 25.92
N ASN U 76 -34.04 108.24 27.12
CA ASN U 76 -33.33 107.21 27.89
C ASN U 76 -31.97 107.64 28.38
N ILE U 77 -31.69 108.94 28.48
CA ILE U 77 -30.40 109.40 29.00
C ILE U 77 -30.41 109.33 30.52
N THR U 78 -29.39 108.68 31.09
CA THR U 78 -29.21 108.62 32.55
C THR U 78 -27.74 108.90 32.85
N VAL U 79 -27.42 110.19 33.05
CA VAL U 79 -26.06 110.59 33.33
C VAL U 79 -25.62 110.04 34.68
N HIS U 80 -24.38 109.55 34.75
CA HIS U 80 -23.81 109.04 35.98
C HIS U 80 -22.64 109.87 36.48
N ARG U 81 -21.75 110.30 35.59
CA ARG U 81 -20.69 111.24 35.90
C ARG U 81 -20.87 112.49 35.05
N HIS U 82 -20.88 113.66 35.71
CA HIS U 82 -21.10 114.93 35.03
C HIS U 82 -19.80 115.67 34.74
N LEU U 83 -19.04 115.98 35.79
CA LEU U 83 -17.79 116.72 35.64
C LEU U 83 -16.92 116.41 36.85
N MET U 84 -15.96 115.51 36.67
CA MET U 84 -15.06 115.11 37.76
C MET U 84 -13.95 114.23 37.18
N LEU U 85 -12.79 114.28 37.83
CA LEU U 85 -11.63 113.53 37.36
C LEU U 85 -11.58 112.19 38.10
N PRO U 86 -11.76 111.06 37.42
CA PRO U 86 -11.84 109.78 38.12
C PRO U 86 -10.52 109.30 38.70
N ASP U 87 -10.55 108.13 39.31
CA ASP U 87 -9.40 107.47 39.90
C ASP U 87 -9.70 105.98 40.01
N PHE U 88 -8.92 105.27 40.83
CA PHE U 88 -9.18 103.87 41.10
C PHE U 88 -10.50 103.65 41.85
N ASP U 89 -11.09 104.72 42.39
CA ASP U 89 -12.35 104.58 43.11
C ASP U 89 -13.54 104.32 42.20
N LEU U 90 -13.41 104.59 40.90
CA LEU U 90 -14.53 104.48 39.97
C LEU U 90 -14.49 103.21 39.12
N LEU U 91 -13.67 102.23 39.51
CA LEU U 91 -13.77 100.92 38.87
C LEU U 91 -15.16 100.32 39.02
N GLU U 92 -15.75 100.45 40.21
CA GLU U 92 -17.14 100.04 40.37
C GLU U 92 -18.08 100.91 39.54
N ASP U 93 -17.82 102.22 39.50
CA ASP U 93 -18.62 103.14 38.69
C ASP U 93 -18.73 102.65 37.25
N ILE U 94 -17.61 102.19 36.69
CA ILE U 94 -17.61 101.81 35.29
C ILE U 94 -17.96 100.34 35.06
N GLU U 95 -17.60 99.43 35.97
CA GLU U 95 -17.82 98.00 35.78
C GLU U 95 -19.12 97.53 36.43
N SER U 96 -19.28 97.79 37.72
CA SER U 96 -20.46 97.33 38.45
C SER U 96 -21.58 98.34 38.43
N LYS U 97 -21.28 99.61 38.73
CA LYS U 97 -22.29 100.65 38.73
C LYS U 97 -22.53 101.19 37.34
N ILE U 98 -22.78 100.30 36.38
CA ILE U 98 -23.03 100.67 35.00
C ILE U 98 -24.30 99.97 34.53
N GLN U 99 -24.95 100.55 33.53
CA GLN U 99 -26.20 100.02 33.03
C GLN U 99 -25.96 99.30 31.72
N PRO U 100 -26.15 97.99 31.65
CA PRO U 100 -26.08 97.30 30.36
C PRO U 100 -27.21 97.75 29.45
N GLY U 101 -26.95 97.73 28.15
CA GLY U 101 -27.90 98.21 27.17
C GLY U 101 -29.24 97.51 27.19
N SER U 102 -30.31 98.29 27.35
CA SER U 102 -31.68 97.78 27.34
C SER U 102 -32.55 98.48 26.30
N GLN U 103 -32.37 99.79 26.11
CA GLN U 103 -33.06 100.54 25.07
C GLN U 103 -32.07 101.51 24.46
N GLN U 104 -32.39 102.01 23.28
CA GLN U 104 -31.52 102.95 22.59
C GLN U 104 -31.82 104.38 23.01
N ALA U 105 -30.77 105.19 23.06
CA ALA U 105 -30.87 106.61 23.36
C ALA U 105 -30.69 107.42 22.09
N ASP U 106 -31.51 108.45 21.93
CA ASP U 106 -31.40 109.30 20.76
C ASP U 106 -30.08 110.06 20.77
N PHE U 107 -29.48 110.18 19.59
CA PHE U 107 -28.18 110.81 19.46
C PHE U 107 -28.25 112.28 19.11
N LEU U 108 -29.36 112.75 18.52
CA LEU U 108 -29.59 114.18 18.43
C LEU U 108 -29.93 114.77 19.78
N ASP U 109 -30.12 113.91 20.80
CA ASP U 109 -30.64 114.32 22.09
C ASP U 109 -29.59 114.17 23.21
N ALA U 110 -29.02 112.98 23.36
CA ALA U 110 -28.03 112.76 24.43
C ALA U 110 -26.80 113.62 24.22
N LEU U 111 -26.39 113.80 22.97
CA LEU U 111 -25.16 114.52 22.69
C LEU U 111 -25.29 116.01 22.96
N ILE U 112 -26.51 116.52 23.11
CA ILE U 112 -26.68 117.86 23.67
C ILE U 112 -26.24 117.89 25.14
N VAL U 113 -26.60 116.86 25.90
CA VAL U 113 -26.07 116.74 27.26
C VAL U 113 -24.55 116.59 27.22
N SER U 114 -24.04 115.86 26.22
CA SER U 114 -22.59 115.70 26.09
C SER U 114 -21.91 117.05 25.88
N MET U 115 -22.44 117.86 24.96
CA MET U 115 -21.84 119.17 24.72
C MET U 115 -22.01 120.08 25.92
N ASP U 116 -23.10 119.93 26.68
CA ASP U 116 -23.29 120.71 27.89
C ASP U 116 -22.22 120.38 28.93
N VAL U 117 -21.95 119.09 29.15
CA VAL U 117 -20.90 118.74 30.10
C VAL U 117 -19.53 119.14 29.56
N ILE U 118 -19.36 119.16 28.24
CA ILE U 118 -18.13 119.67 27.64
C ILE U 118 -17.94 121.14 27.99
N GLN U 119 -19.00 121.93 27.87
CA GLN U 119 -18.91 123.34 28.26
C GLN U 119 -18.63 123.47 29.75
N HIS U 120 -19.23 122.61 30.57
CA HIS U 120 -18.94 122.61 32.00
C HIS U 120 -17.48 122.26 32.28
N GLU U 121 -16.85 121.50 31.38
CA GLU U 121 -15.47 121.05 31.61
C GLU U 121 -14.52 122.21 31.81
N THR U 122 -14.57 123.21 30.91
CA THR U 122 -13.55 124.25 30.85
C THR U 122 -13.57 125.19 32.05
N ILE U 123 -14.43 124.96 33.04
CA ILE U 123 -14.48 125.85 34.20
C ILE U 123 -13.20 125.72 35.03
N GLY U 124 -12.73 124.49 35.23
CA GLY U 124 -11.57 124.30 36.09
C GLY U 124 -10.31 124.98 35.55
N LYS U 125 -10.02 124.77 34.27
CA LYS U 125 -8.90 125.42 33.62
C LYS U 125 -9.08 125.32 32.12
N LYS U 126 -8.33 126.15 31.39
CA LYS U 126 -8.42 126.17 29.94
C LYS U 126 -7.94 124.85 29.36
N PHE U 127 -8.69 124.32 28.40
CA PHE U 127 -8.33 123.12 27.67
C PHE U 127 -8.13 123.46 26.20
N GLU U 128 -7.00 123.03 25.65
CA GLU U 128 -6.75 123.23 24.23
C GLU U 128 -7.69 122.40 23.36
N LYS U 129 -8.33 121.39 23.94
CA LYS U 129 -9.28 120.55 23.20
C LYS U 129 -10.15 119.81 24.19
N ARG U 130 -11.21 119.20 23.66
CA ARG U 130 -12.06 118.27 24.38
C ARG U 130 -12.29 117.04 23.52
N HIS U 131 -12.29 115.86 24.14
CA HIS U 131 -12.55 114.62 23.44
C HIS U 131 -13.80 113.96 24.01
N ILE U 132 -14.50 113.24 23.15
CA ILE U 132 -15.68 112.46 23.52
C ILE U 132 -15.47 111.03 23.04
N GLU U 133 -15.91 110.09 23.86
CA GLU U 133 -15.87 108.67 23.52
C GLU U 133 -17.31 108.17 23.56
N ILE U 134 -17.99 108.22 22.42
CA ILE U 134 -19.34 107.67 22.29
C ILE U 134 -19.19 106.17 22.09
N PHE U 135 -19.52 105.40 23.13
CA PHE U 135 -19.39 103.94 23.06
C PHE U 135 -20.64 103.30 22.48
N THR U 136 -21.09 103.82 21.34
CA THR U 136 -22.35 103.39 20.73
C THR U 136 -22.10 102.90 19.31
N ASP U 137 -22.79 101.81 18.95
CA ASP U 137 -22.80 101.37 17.56
C ASP U 137 -23.76 102.17 16.70
N LEU U 138 -24.57 103.04 17.29
CA LEU U 138 -25.50 103.90 16.56
C LEU U 138 -26.47 103.07 15.72
N SER U 139 -27.27 102.27 16.42
CA SER U 139 -28.27 101.39 15.82
C SER U 139 -29.52 101.45 16.68
N SER U 140 -30.43 100.49 16.47
CA SER U 140 -31.65 100.37 17.28
C SER U 140 -32.49 101.65 17.19
N ARG U 141 -33.06 101.85 16.00
CA ARG U 141 -33.75 103.08 15.65
C ARG U 141 -32.77 104.24 15.66
N PHE U 142 -31.78 104.17 14.78
CA PHE U 142 -30.80 105.22 14.57
C PHE U 142 -31.14 106.00 13.30
N SER U 143 -30.42 107.09 13.09
CA SER U 143 -30.59 107.92 11.91
C SER U 143 -29.22 108.30 11.36
N LYS U 144 -29.19 108.60 10.05
CA LYS U 144 -27.95 109.06 9.43
C LYS U 144 -27.49 110.38 10.04
N SER U 145 -28.42 111.24 10.43
CA SER U 145 -28.10 112.53 11.03
C SER U 145 -28.75 112.61 12.41
N GLN U 146 -28.08 112.03 13.40
CA GLN U 146 -28.40 112.23 14.80
C GLN U 146 -27.18 112.60 15.63
N LEU U 147 -26.03 111.99 15.35
CA LEU U 147 -24.78 112.45 15.93
C LEU U 147 -24.25 113.69 15.23
N ASP U 148 -24.97 114.18 14.21
CA ASP U 148 -24.57 115.41 13.54
C ASP U 148 -24.53 116.59 14.50
N ILE U 149 -25.36 116.57 15.55
CA ILE U 149 -25.35 117.67 16.51
C ILE U 149 -24.02 117.71 17.25
N ILE U 150 -23.45 116.55 17.58
CA ILE U 150 -22.19 116.56 18.31
C ILE U 150 -21.02 116.64 17.36
N ILE U 151 -21.20 116.28 16.08
CA ILE U 151 -20.23 116.65 15.07
C ILE U 151 -20.17 118.17 14.90
N HIS U 152 -21.34 118.82 14.99
CA HIS U 152 -21.37 120.28 15.04
C HIS U 152 -20.65 120.80 16.28
N SER U 153 -20.83 120.12 17.42
CA SER U 153 -20.05 120.47 18.60
C SER U 153 -18.56 120.36 18.35
N LEU U 154 -18.14 119.29 17.66
CA LEU U 154 -16.76 119.16 17.21
C LEU U 154 -16.33 120.36 16.39
N LYS U 155 -17.18 120.78 15.46
CA LYS U 155 -16.86 121.93 14.62
C LYS U 155 -16.73 123.20 15.47
N LYS U 156 -17.48 123.29 16.56
CA LYS U 156 -17.49 124.50 17.37
C LYS U 156 -16.54 124.47 18.56
N CYS U 157 -16.16 123.27 19.05
CA CYS U 157 -15.29 123.21 20.22
C CYS U 157 -14.22 122.13 20.13
N ASP U 158 -13.85 121.69 18.92
CA ASP U 158 -12.81 120.69 18.72
C ASP U 158 -13.10 119.42 19.52
N ILE U 159 -14.32 118.93 19.40
CA ILE U 159 -14.81 117.81 20.21
C ILE U 159 -14.46 116.53 19.44
N SER U 160 -13.24 116.04 19.65
CA SER U 160 -12.80 114.83 18.97
C SER U 160 -13.59 113.61 19.47
N LEU U 161 -14.06 112.81 18.53
CA LEU U 161 -15.02 111.74 18.79
C LEU U 161 -14.43 110.40 18.39
N GLN U 162 -14.38 109.47 19.34
CA GLN U 162 -13.92 108.11 19.11
C GLN U 162 -14.97 107.13 19.64
N PHE U 163 -15.22 106.08 18.87
CA PHE U 163 -16.06 104.97 19.33
C PHE U 163 -15.16 103.79 19.65
N PHE U 164 -15.33 103.22 20.84
CA PHE U 164 -14.59 102.03 21.25
C PHE U 164 -15.38 100.80 20.82
N LEU U 165 -15.24 100.46 19.54
CA LEU U 165 -15.81 99.24 19.00
C LEU U 165 -15.13 98.05 19.68
N PRO U 166 -15.81 96.90 19.75
CA PRO U 166 -15.14 95.67 20.22
C PRO U 166 -13.85 95.41 19.48
N PHE U 167 -13.74 95.93 18.27
CA PHE U 167 -12.48 95.98 17.52
C PHE U 167 -11.89 97.38 17.65
N SER U 168 -10.56 97.45 17.64
CA SER U 168 -9.89 98.74 17.68
C SER U 168 -10.24 99.55 16.44
N LEU U 169 -10.58 100.82 16.66
CA LEU U 169 -10.99 101.70 15.57
C LEU U 169 -9.90 102.74 15.30
N GLY U 170 -9.81 103.14 14.04
CA GLY U 170 -8.82 104.12 13.61
C GLY U 170 -9.41 105.48 13.32
N GLY U 181 6.41 96.67 22.90
CA GLY U 181 5.92 96.33 21.57
C GLY U 181 4.48 95.89 21.56
N PRO U 182 3.92 95.71 20.36
CA PRO U 182 2.51 95.30 20.25
C PRO U 182 2.27 93.88 20.73
N PHE U 183 3.08 92.93 20.28
CA PHE U 183 2.86 91.51 20.57
C PHE U 183 3.69 91.07 21.77
N ARG U 184 3.47 91.72 22.90
CA ARG U 184 4.12 91.29 24.13
C ARG U 184 3.42 90.05 24.66
N LEU U 185 2.18 90.22 25.11
CA LEU U 185 1.22 89.12 25.23
C LEU U 185 -0.16 89.78 25.17
N GLY U 186 -0.74 89.81 23.97
CA GLY U 186 -1.96 90.58 23.77
C GLY U 186 -1.77 92.03 24.16
N GLY U 187 -0.66 92.62 23.76
CA GLY U 187 -0.30 93.96 24.18
C GLY U 187 -0.97 95.06 23.39
N HIS U 188 -0.17 96.03 22.91
CA HIS U 188 -0.73 97.16 22.18
C HIS U 188 -1.46 96.71 20.93
N GLY U 189 -2.67 97.23 20.74
CA GLY U 189 -3.42 96.99 19.52
C GLY U 189 -3.69 98.27 18.77
N PRO U 190 -3.04 98.45 17.62
CA PRO U 190 -3.22 99.69 16.84
C PRO U 190 -4.61 99.79 16.23
N SER U 191 -5.04 98.75 15.52
CA SER U 191 -6.35 98.77 14.88
C SER U 191 -6.80 97.33 14.64
N PHE U 192 -8.11 97.17 14.47
CA PHE U 192 -8.72 95.88 14.20
C PHE U 192 -9.82 96.07 13.16
N PRO U 193 -10.15 95.03 12.39
CA PRO U 193 -11.18 95.18 11.35
C PRO U 193 -12.52 95.58 11.94
N LEU U 194 -13.21 96.48 11.24
CA LEU U 194 -14.48 97.04 11.69
C LEU U 194 -15.69 96.37 11.07
N LYS U 195 -15.50 95.36 10.21
CA LYS U 195 -16.59 94.76 9.47
C LYS U 195 -17.18 93.53 10.16
N GLY U 196 -16.72 93.20 11.35
CA GLY U 196 -17.26 92.05 12.08
C GLY U 196 -18.36 92.44 13.04
N ILE U 197 -19.07 93.52 12.73
CA ILE U 197 -20.05 94.09 13.64
C ILE U 197 -21.40 94.22 12.92
N THR U 198 -22.41 94.73 13.62
CA THR U 198 -23.74 94.86 13.04
C THR U 198 -23.73 95.80 11.83
N GLU U 199 -24.49 95.42 10.80
CA GLU U 199 -24.57 96.24 9.59
C GLU U 199 -25.29 97.56 9.85
N GLN U 200 -26.18 97.61 10.85
CA GLN U 200 -26.85 98.85 11.19
C GLN U 200 -25.87 99.89 11.71
N GLN U 201 -24.75 99.44 12.27
CA GLN U 201 -23.75 100.37 12.80
C GLN U 201 -23.12 101.22 11.71
N LYS U 202 -22.78 100.61 10.57
CA LYS U 202 -21.84 101.25 9.64
C LYS U 202 -22.29 102.64 9.21
N GLU U 203 -23.60 102.88 9.13
CA GLU U 203 -24.09 104.18 8.70
C GLU U 203 -23.62 105.29 9.64
N GLY U 204 -23.86 105.13 10.94
CA GLY U 204 -23.33 106.08 11.91
C GLY U 204 -21.87 105.92 12.22
N LEU U 205 -21.31 104.73 11.92
CA LEU U 205 -19.88 104.53 12.09
C LEU U 205 -19.09 105.40 11.14
N GLU U 206 -19.58 105.56 9.91
CA GLU U 206 -18.93 106.40 8.91
C GLU U 206 -18.95 107.87 9.34
N ILE U 207 -19.59 108.16 10.47
CA ILE U 207 -19.56 109.49 11.04
C ILE U 207 -18.80 109.55 12.37
N VAL U 208 -18.90 108.49 13.19
CA VAL U 208 -18.25 108.52 14.50
C VAL U 208 -16.78 108.14 14.43
N LYS U 209 -16.39 107.21 13.55
CA LYS U 209 -15.01 106.77 13.48
C LYS U 209 -14.17 107.64 12.55
N MET U 210 -14.80 108.32 11.59
CA MET U 210 -14.06 109.21 10.69
C MET U 210 -13.47 110.40 11.41
N VAL U 211 -13.89 110.66 12.65
CA VAL U 211 -13.39 111.80 13.39
C VAL U 211 -11.89 111.67 13.65
N MET U 212 -11.44 110.46 14.00
CA MET U 212 -10.02 110.23 14.24
C MET U 212 -9.19 110.58 13.01
N ILE U 213 -9.64 110.16 11.82
CA ILE U 213 -8.92 110.51 10.59
C ILE U 213 -9.22 111.93 10.13
N SER U 214 -10.14 112.63 10.78
CA SER U 214 -10.44 114.02 10.45
C SER U 214 -9.96 114.98 11.54
N LEU U 215 -10.41 114.81 12.78
CA LEU U 215 -9.97 115.67 13.89
C LEU U 215 -9.99 114.84 15.17
N GLU U 216 -8.84 114.26 15.50
CA GLU U 216 -8.69 113.48 16.73
C GLU U 216 -8.14 114.30 17.88
N GLY U 217 -7.78 115.56 17.65
CA GLY U 217 -7.23 116.40 18.68
C GLY U 217 -5.78 116.08 18.97
N GLU U 218 -5.18 116.86 19.88
CA GLU U 218 -3.78 116.66 20.22
C GLU U 218 -3.57 115.32 20.92
N ASP U 219 -4.57 114.85 21.68
CA ASP U 219 -4.45 113.54 22.32
C ASP U 219 -4.50 112.42 21.31
N GLY U 220 -5.36 112.56 20.29
CA GLY U 220 -5.46 111.54 19.26
C GLY U 220 -4.34 111.56 18.24
N LEU U 221 -3.68 112.70 18.07
CA LEU U 221 -2.56 112.76 17.12
C LEU U 221 -1.42 111.86 17.56
N ASP U 222 -1.08 111.87 18.85
CA ASP U 222 -0.02 111.00 19.34
C ASP U 222 -0.41 109.52 19.20
N GLU U 223 -1.65 109.18 19.53
CA GLU U 223 -2.12 107.82 19.40
C GLU U 223 -3.64 107.82 19.31
N ILE U 224 -4.18 107.03 18.38
CA ILE U 224 -5.62 106.91 18.23
C ILE U 224 -6.18 106.11 19.40
N TYR U 225 -7.32 106.55 19.94
CA TYR U 225 -7.93 105.85 21.06
C TYR U 225 -8.50 104.53 20.58
N SER U 226 -7.70 103.47 20.66
CA SER U 226 -8.08 102.15 20.17
C SER U 226 -8.46 101.26 21.35
N PHE U 227 -9.08 100.12 21.01
CA PHE U 227 -9.58 99.18 22.02
C PHE U 227 -8.50 98.83 23.03
N SER U 228 -7.27 98.59 22.56
CA SER U 228 -6.18 98.22 23.45
C SER U 228 -5.38 99.41 23.96
N GLU U 229 -5.44 100.56 23.27
CA GLU U 229 -4.70 101.72 23.72
C GLU U 229 -5.24 102.29 25.03
N SER U 230 -6.49 101.99 25.37
CA SER U 230 -7.07 102.37 26.65
C SER U 230 -6.85 101.32 27.72
N LEU U 231 -5.80 100.50 27.57
CA LEU U 231 -5.59 99.38 28.47
C LEU U 231 -4.16 99.27 28.99
N ARG U 232 -3.33 100.32 28.84
CA ARG U 232 -1.90 100.21 29.07
C ARG U 232 -1.39 101.06 30.22
N LYS U 233 -1.64 102.37 30.20
CA LYS U 233 -0.96 103.30 31.08
C LYS U 233 -1.94 104.03 31.99
N LEU U 234 -1.38 104.94 32.80
CA LEU U 234 -2.13 105.82 33.68
C LEU U 234 -1.78 107.26 33.32
N CYS U 235 -2.78 108.06 32.94
CA CYS U 235 -2.47 109.24 32.14
C CYS U 235 -3.32 110.47 32.48
N VAL U 236 -3.80 110.62 33.71
CA VAL U 236 -4.63 111.80 34.00
C VAL U 236 -4.27 112.52 35.30
N PHE U 237 -3.52 111.97 36.26
CA PHE U 237 -3.27 112.72 37.50
C PHE U 237 -1.80 112.93 37.83
N LYS U 238 -0.91 112.01 37.45
CA LYS U 238 0.54 112.17 37.60
C LYS U 238 0.94 112.51 39.03
N LYS U 239 0.85 111.49 39.90
CA LYS U 239 1.27 111.68 41.28
C LYS U 239 2.79 111.89 41.27
N ILE U 240 3.19 113.01 40.67
CA ILE U 240 4.55 113.40 40.37
C ILE U 240 4.49 114.86 39.98
N GLU U 241 5.64 115.54 39.94
CA GLU U 241 5.75 116.85 39.33
C GLU U 241 4.87 116.97 38.09
N ARG U 242 4.10 118.05 38.03
CA ARG U 242 3.49 118.47 36.76
C ARG U 242 4.55 119.20 35.95
N HIS U 243 4.14 119.94 34.92
CA HIS U 243 5.13 120.67 34.13
C HIS U 243 5.93 121.56 35.08
N SER U 244 7.17 121.17 35.34
CA SER U 244 7.84 121.52 36.57
C SER U 244 8.57 122.87 36.44
N ILE U 245 9.44 123.13 37.41
CA ILE U 245 10.14 124.40 37.49
C ILE U 245 10.83 124.72 36.19
N HIS U 246 10.63 125.95 35.70
CA HIS U 246 11.46 126.45 34.62
C HIS U 246 12.90 126.50 35.09
N TRP U 247 13.82 126.05 34.24
CA TRP U 247 15.23 125.94 34.62
C TRP U 247 16.08 126.63 33.56
N PRO U 248 16.06 127.96 33.52
CA PRO U 248 16.88 128.68 32.54
C PRO U 248 18.33 128.79 33.00
N CYS U 249 19.21 128.06 32.32
CA CYS U 249 20.62 128.05 32.69
C CYS U 249 21.48 128.14 31.43
N ARG U 250 22.71 128.61 31.62
CA ARG U 250 23.61 128.90 30.51
C ARG U 250 24.44 127.69 30.13
N LEU U 251 24.90 127.68 28.89
CA LEU U 251 25.82 126.68 28.38
C LEU U 251 27.17 127.36 28.10
N THR U 252 28.23 126.83 28.69
CA THR U 252 29.54 127.49 28.69
C THR U 252 30.55 126.62 27.93
N ILE U 253 30.74 126.91 26.64
CA ILE U 253 31.76 126.26 25.83
C ILE U 253 32.35 127.28 24.87
N GLY U 254 33.67 127.47 24.94
CA GLY U 254 34.33 128.33 23.96
C GLY U 254 33.99 129.80 24.12
N SER U 255 34.12 130.54 23.03
CA SER U 255 33.91 131.98 23.04
C SER U 255 33.07 132.55 21.90
N ASN U 256 32.94 131.88 20.76
CA ASN U 256 32.48 132.56 19.54
C ASN U 256 31.51 131.71 18.70
N LEU U 257 30.51 131.07 19.31
CA LEU U 257 29.42 130.45 18.55
C LEU U 257 28.26 130.14 19.49
N SER U 258 27.13 130.85 19.35
CA SER U 258 26.05 130.73 20.32
C SER U 258 25.37 129.37 20.23
N ILE U 259 25.50 128.58 21.31
CA ILE U 259 24.87 127.27 21.42
C ILE U 259 24.33 127.12 22.85
N ARG U 260 23.13 126.58 22.98
CA ARG U 260 22.55 126.31 24.29
C ARG U 260 21.81 124.98 24.30
N ILE U 261 22.01 124.20 25.35
CA ILE U 261 21.16 123.08 25.69
C ILE U 261 20.81 123.21 27.17
N ALA U 262 19.54 122.95 27.52
CA ALA U 262 19.09 123.08 28.89
C ALA U 262 18.15 121.94 29.23
N ALA U 263 18.32 121.37 30.41
CA ALA U 263 17.66 120.12 30.81
C ALA U 263 16.45 120.42 31.68
N TYR U 264 15.35 119.71 31.44
CA TYR U 264 14.12 119.92 32.19
C TYR U 264 13.38 118.59 32.33
N LYS U 265 12.41 118.59 33.24
CA LYS U 265 11.53 117.44 33.44
C LYS U 265 10.16 117.92 33.89
N SER U 266 9.13 117.16 33.54
CA SER U 266 7.84 117.26 34.22
C SER U 266 7.50 115.95 34.92
N ILE U 267 7.45 114.83 34.19
CA ILE U 267 7.27 113.54 34.85
C ILE U 267 8.63 113.09 35.32
N LEU U 268 9.06 113.59 36.48
CA LEU U 268 10.37 113.29 37.01
C LEU U 268 10.47 111.81 37.37
N GLN U 269 11.67 111.38 37.78
CA GLN U 269 11.84 110.02 38.27
C GLN U 269 10.90 109.81 39.45
N GLU U 270 9.90 108.96 39.27
CA GLU U 270 8.77 108.88 40.20
C GLU U 270 9.17 108.10 41.46
N ARG U 271 9.99 108.74 42.27
CA ARG U 271 10.22 108.25 43.63
C ARG U 271 8.96 108.44 44.45
N VAL U 272 8.83 107.66 45.51
CA VAL U 272 7.63 107.75 46.33
C VAL U 272 7.77 108.96 47.26
N LYS U 273 7.35 110.12 46.76
CA LYS U 273 7.48 111.37 47.50
C LYS U 273 6.41 111.50 48.57
N LYS U 274 5.18 111.09 48.27
CA LYS U 274 4.21 110.81 49.32
C LYS U 274 4.51 109.40 49.81
N THR U 275 5.51 109.32 50.68
CA THR U 275 6.09 108.05 51.07
C THR U 275 5.09 107.24 51.91
N TRP U 276 5.46 105.98 52.15
CA TRP U 276 4.63 105.08 52.94
C TRP U 276 4.69 105.46 54.41
N THR U 277 4.13 106.62 54.77
CA THR U 277 4.16 107.05 56.15
C THR U 277 3.35 106.09 57.03
N VAL U 278 3.90 105.79 58.20
CA VAL U 278 3.35 104.76 59.06
C VAL U 278 2.08 105.29 59.73
N VAL U 279 1.03 104.48 59.72
CA VAL U 279 -0.18 104.76 60.47
C VAL U 279 -0.53 103.51 61.27
N ASP U 280 -1.26 103.71 62.36
CA ASP U 280 -1.75 102.58 63.13
C ASP U 280 -2.90 101.93 62.36
N ALA U 281 -2.84 100.61 62.21
CA ALA U 281 -3.78 99.91 61.34
C ALA U 281 -5.21 100.09 61.80
N LYS U 282 -5.43 100.31 63.10
CA LYS U 282 -6.78 100.48 63.62
C LYS U 282 -7.30 101.90 63.50
N THR U 283 -6.45 102.86 63.13
CA THR U 283 -6.88 104.25 62.97
C THR U 283 -6.68 104.81 61.58
N LEU U 284 -5.77 104.25 60.78
CA LEU U 284 -5.48 104.74 59.43
C LEU U 284 -5.09 106.22 59.44
N LYS U 285 -4.41 106.66 60.50
CA LYS U 285 -4.08 108.07 60.68
C LYS U 285 -2.58 108.22 60.90
N LYS U 286 -1.94 109.03 60.05
CA LYS U 286 -0.56 109.40 60.30
C LYS U 286 -0.45 110.45 61.39
N GLU U 287 -1.57 111.09 61.74
CA GLU U 287 -1.60 111.94 62.93
C GLU U 287 -1.46 111.11 64.21
N ASP U 288 -1.77 109.82 64.14
CA ASP U 288 -1.66 108.92 65.27
C ASP U 288 -0.35 108.14 65.28
N ILE U 289 0.35 108.05 64.14
CA ILE U 289 1.64 107.39 64.06
C ILE U 289 2.54 108.21 63.14
N GLN U 290 3.72 108.62 63.64
CA GLN U 290 4.64 109.45 62.89
C GLN U 290 5.96 108.72 62.71
N LYS U 291 6.40 108.59 61.46
CA LYS U 291 7.69 107.98 61.16
C LYS U 291 8.74 109.08 61.01
N GLU U 292 9.79 108.99 61.82
CA GLU U 292 10.86 109.99 61.78
C GLU U 292 12.14 109.37 62.32
N THR U 293 13.27 110.00 61.99
CA THR U 293 14.57 109.58 62.46
C THR U 293 14.93 110.36 63.71
N VAL U 294 15.12 109.65 64.82
CA VAL U 294 15.35 110.28 66.12
C VAL U 294 16.85 110.25 66.40
N TYR U 295 17.44 111.43 66.54
CA TYR U 295 18.88 111.52 66.76
C TYR U 295 19.27 110.95 68.12
N CYS U 296 20.50 110.45 68.21
CA CYS U 296 21.01 109.85 69.43
C CYS U 296 22.51 110.16 69.53
N LEU U 297 23.12 109.70 70.61
CA LEU U 297 24.55 109.80 70.82
C LEU U 297 25.18 108.42 70.72
N ASN U 298 26.47 108.39 70.38
CA ASN U 298 27.22 107.13 70.30
C ASN U 298 27.71 106.76 71.69
N ASP U 299 26.76 106.45 72.56
CA ASP U 299 27.02 106.06 73.93
C ASP U 299 26.80 104.55 74.07
N ASP U 300 26.93 104.08 75.32
CA ASP U 300 26.76 102.65 75.58
C ASP U 300 25.34 102.19 75.24
N ASP U 301 24.33 102.99 75.62
CA ASP U 301 22.94 102.66 75.32
C ASP U 301 22.34 103.61 74.30
N GLU U 302 23.15 104.07 73.34
CA GLU U 302 22.74 104.99 72.28
C GLU U 302 21.79 106.08 72.80
N THR U 303 22.31 106.86 73.74
CA THR U 303 21.51 107.88 74.40
C THR U 303 20.93 108.85 73.39
N GLU U 304 19.62 109.10 73.50
CA GLU U 304 18.93 109.96 72.55
C GLU U 304 19.29 111.43 72.82
N VAL U 305 19.71 112.13 71.77
CA VAL U 305 19.96 113.55 71.81
C VAL U 305 19.33 114.20 70.58
N LEU U 306 19.47 115.52 70.47
CA LEU U 306 18.85 116.26 69.39
C LEU U 306 19.86 116.49 68.28
N LYS U 307 19.47 117.32 67.30
CA LYS U 307 20.37 117.78 66.26
C LYS U 307 21.10 119.06 66.65
N GLU U 308 20.94 119.50 67.90
CA GLU U 308 21.67 120.68 68.36
C GLU U 308 23.18 120.45 68.34
N ASP U 309 23.61 119.26 68.77
CA ASP U 309 25.02 118.92 68.83
C ASP U 309 25.51 118.24 67.57
N ILE U 310 24.89 118.54 66.43
CA ILE U 310 25.19 117.80 65.21
C ILE U 310 26.43 118.38 64.55
N ILE U 311 27.28 117.51 64.04
CA ILE U 311 28.37 117.89 63.14
C ILE U 311 28.77 116.64 62.38
N GLN U 312 28.93 116.76 61.07
CA GLN U 312 29.08 115.59 60.20
C GLN U 312 30.54 115.18 60.11
N GLY U 313 30.87 114.01 60.66
CA GLY U 313 32.20 113.47 60.51
C GLY U 313 32.29 112.51 59.33
N PHE U 314 32.73 113.02 58.20
CA PHE U 314 32.75 112.23 56.97
C PHE U 314 33.90 111.24 56.98
N ARG U 315 33.71 110.13 56.28
CA ARG U 315 34.68 109.03 56.30
C ARG U 315 35.93 109.47 55.55
N TYR U 316 36.72 110.31 56.20
CA TYR U 316 37.96 110.83 55.64
C TYR U 316 39.04 109.78 55.87
N GLY U 317 39.11 108.82 54.95
CA GLY U 317 40.07 107.74 55.08
C GLY U 317 39.81 106.94 56.33
N SER U 318 40.88 106.66 57.07
CA SER U 318 40.76 105.97 58.36
C SER U 318 40.51 106.95 59.50
N ASP U 319 39.51 107.81 59.30
CA ASP U 319 39.13 108.81 60.29
C ASP U 319 37.86 109.49 59.80
N ILE U 320 37.20 110.19 60.71
CA ILE U 320 35.99 110.94 60.42
C ILE U 320 36.20 112.38 60.88
N VAL U 321 36.24 113.30 59.93
CA VAL U 321 36.48 114.70 60.21
C VAL U 321 35.14 115.41 60.41
N PRO U 322 34.87 115.95 61.60
CA PRO U 322 33.56 116.58 61.84
C PRO U 322 33.40 117.92 61.15
N PHE U 323 32.66 117.93 60.04
CA PHE U 323 32.28 119.14 59.32
C PHE U 323 30.79 119.04 59.03
N SER U 324 29.99 119.79 59.78
CA SER U 324 28.55 119.75 59.59
C SER U 324 28.18 120.29 58.21
N LYS U 325 26.95 120.01 57.78
CA LYS U 325 26.52 120.39 56.44
C LYS U 325 26.54 121.90 56.24
N VAL U 326 26.53 122.68 57.31
CA VAL U 326 26.68 124.13 57.21
C VAL U 326 28.12 124.51 57.50
N ASP U 327 28.81 123.71 58.33
CA ASP U 327 30.23 123.92 58.55
C ASP U 327 31.03 123.67 57.28
N GLU U 328 30.76 122.56 56.60
CA GLU U 328 31.38 122.32 55.30
C GLU U 328 30.88 123.29 54.25
N GLU U 329 29.67 123.82 54.39
CA GLU U 329 29.17 124.82 53.46
C GLU U 329 30.08 126.04 53.43
N GLN U 330 30.49 126.51 54.61
CA GLN U 330 31.50 127.56 54.67
C GLN U 330 32.90 127.02 54.42
N MET U 331 33.11 125.71 54.57
CA MET U 331 34.43 125.11 54.40
C MET U 331 34.65 124.60 52.97
N LYS U 332 33.81 123.68 52.50
CA LYS U 332 33.97 123.12 51.18
C LYS U 332 33.06 123.85 50.18
N TYR U 333 33.01 123.34 48.96
CA TYR U 333 32.28 123.97 47.87
C TYR U 333 31.19 123.04 47.34
N LYS U 334 30.07 123.64 46.95
CA LYS U 334 28.99 122.95 46.25
C LYS U 334 28.54 123.84 45.11
N SER U 335 27.83 123.25 44.15
CA SER U 335 27.33 124.01 43.01
C SER U 335 26.02 124.68 43.40
N GLU U 336 26.05 125.99 43.60
CA GLU U 336 24.86 126.75 43.96
C GLU U 336 24.14 127.22 42.71
N GLY U 337 22.81 127.26 42.79
CA GLY U 337 22.03 127.83 41.72
C GLY U 337 22.07 127.02 40.44
N LYS U 338 21.79 127.72 39.34
CA LYS U 338 21.68 127.11 38.02
C LYS U 338 23.05 127.04 37.37
N CYS U 339 23.57 125.82 37.21
CA CYS U 339 24.85 125.60 36.52
C CYS U 339 24.66 124.51 35.49
N PHE U 340 24.93 124.82 34.22
CA PHE U 340 24.93 123.84 33.15
C PHE U 340 26.11 124.07 32.22
N SER U 341 27.29 124.30 32.80
CA SER U 341 28.49 124.43 32.01
C SER U 341 29.01 123.06 31.60
N VAL U 342 29.40 122.95 30.34
CA VAL U 342 29.95 121.71 29.79
C VAL U 342 31.44 121.64 30.14
N LEU U 343 31.94 120.41 30.31
CA LEU U 343 33.31 120.18 30.77
C LEU U 343 34.20 119.57 29.70
N GLY U 344 33.71 119.39 28.49
CA GLY U 344 34.51 118.87 27.42
C GLY U 344 33.63 118.30 26.32
N PHE U 345 34.31 117.77 25.29
CA PHE U 345 33.62 117.25 24.12
C PHE U 345 34.43 116.07 23.57
N CYS U 346 33.72 115.05 23.12
CA CYS U 346 34.32 113.86 22.52
C CYS U 346 33.18 113.03 21.93
N LYS U 347 33.51 111.83 21.45
CA LYS U 347 32.51 110.89 20.95
C LYS U 347 31.99 110.03 22.10
N SER U 348 30.71 109.67 21.99
CA SER U 348 30.04 108.88 23.02
C SER U 348 30.51 107.43 23.10
N SER U 349 31.50 107.04 22.28
CA SER U 349 31.97 105.66 22.29
C SER U 349 32.64 105.30 23.62
N GLN U 350 33.42 106.22 24.19
CA GLN U 350 34.13 105.92 25.43
C GLN U 350 33.17 105.69 26.58
N VAL U 351 32.37 106.69 26.91
CA VAL U 351 31.37 106.60 27.97
C VAL U 351 30.00 106.58 27.31
N GLN U 352 29.22 105.55 27.58
CA GLN U 352 27.97 105.26 26.89
C GLN U 352 26.85 105.15 27.90
N ARG U 353 25.70 104.62 27.44
CA ARG U 353 24.59 104.35 28.34
C ARG U 353 25.00 103.43 29.47
N ARG U 354 26.03 102.62 29.25
CA ARG U 354 26.59 101.80 30.33
C ARG U 354 27.08 102.68 31.48
N PHE U 355 27.68 103.81 31.17
CA PHE U 355 28.26 104.71 32.17
C PHE U 355 27.52 106.04 32.21
N PHE U 356 26.20 106.00 32.18
CA PHE U 356 25.36 107.15 32.42
C PHE U 356 24.54 106.89 33.68
N MET U 357 24.69 107.76 34.68
CA MET U 357 24.08 107.54 35.99
C MET U 357 23.45 108.83 36.48
N GLY U 358 22.98 108.81 37.71
CA GLY U 358 22.40 109.97 38.37
C GLY U 358 20.89 109.91 38.39
N ASN U 359 20.32 110.21 39.56
CA ASN U 359 18.87 110.26 39.71
C ASN U 359 18.26 111.50 39.08
N GLN U 360 19.06 112.52 38.77
CA GLN U 360 18.58 113.72 38.11
C GLN U 360 18.65 113.54 36.59
N VAL U 361 17.82 112.63 36.09
CA VAL U 361 17.71 112.40 34.66
C VAL U 361 16.73 113.43 34.10
N LEU U 362 17.24 114.32 33.25
CA LEU U 362 16.45 115.41 32.69
C LEU U 362 16.53 115.39 31.17
N LYS U 363 15.38 115.52 30.53
CA LYS U 363 15.33 115.73 29.09
C LYS U 363 15.72 117.17 28.79
N VAL U 364 16.56 117.36 27.77
CA VAL U 364 17.06 118.69 27.44
C VAL U 364 16.13 119.32 26.41
N PHE U 365 15.61 120.51 26.73
CA PHE U 365 14.74 121.26 25.85
C PHE U 365 15.29 122.66 25.63
N ALA U 366 14.52 123.48 24.91
CA ALA U 366 14.75 124.91 24.81
C ALA U 366 14.05 125.57 26.00
N ALA U 367 13.85 126.89 25.93
CA ALA U 367 13.18 127.61 27.00
C ALA U 367 11.80 127.03 27.28
N ARG U 368 11.30 127.31 28.48
CA ARG U 368 10.06 126.72 28.94
C ARG U 368 8.84 127.46 28.39
N ASP U 369 7.81 126.69 28.03
CA ASP U 369 6.57 127.19 27.45
C ASP U 369 6.81 127.98 26.17
N ASP U 370 7.96 127.77 25.51
CA ASP U 370 8.31 128.43 24.26
C ASP U 370 8.98 127.40 23.36
N GLU U 371 8.17 126.74 22.53
CA GLU U 371 8.67 125.76 21.58
C GLU U 371 9.01 126.36 20.22
N ALA U 372 8.98 127.68 20.10
CA ALA U 372 9.48 128.32 18.90
C ALA U 372 10.99 128.10 18.76
N ALA U 373 11.71 128.15 19.89
CA ALA U 373 13.13 127.81 19.91
C ALA U 373 13.38 126.31 19.79
N ALA U 374 12.33 125.49 19.91
CA ALA U 374 12.49 124.05 19.75
C ALA U 374 12.88 123.66 18.34
N VAL U 375 12.58 124.47 17.32
CA VAL U 375 13.04 124.15 15.98
C VAL U 375 14.54 124.33 15.87
N ALA U 376 15.09 125.38 16.49
CA ALA U 376 16.54 125.55 16.54
C ALA U 376 17.18 124.44 17.37
N LEU U 377 16.54 124.07 18.48
CA LEU U 377 17.03 122.94 19.27
C LEU U 377 17.03 121.65 18.45
N SER U 378 15.99 121.43 17.64
CA SER U 378 15.93 120.23 16.81
C SER U 378 16.99 120.27 15.72
N SER U 379 17.26 121.45 15.16
CA SER U 379 18.34 121.56 14.18
C SER U 379 19.69 121.21 14.81
N LEU U 380 19.94 121.73 16.02
CA LEU U 380 21.17 121.37 16.72
C LEU U 380 21.22 119.89 17.02
N ILE U 381 20.10 119.31 17.45
CA ILE U 381 20.03 117.89 17.76
C ILE U 381 20.29 117.07 16.51
N HIS U 382 19.87 117.57 15.35
CA HIS U 382 20.12 116.87 14.08
C HIS U 382 21.61 116.64 13.88
N ALA U 383 22.41 117.71 13.98
CA ALA U 383 23.85 117.59 13.82
C ALA U 383 24.47 116.78 14.95
N LEU U 384 23.98 116.95 16.19
CA LEU U 384 24.55 116.23 17.31
C LEU U 384 24.34 114.72 17.18
N ASP U 385 23.15 114.32 16.72
CA ASP U 385 22.91 112.91 16.43
C ASP U 385 23.73 112.44 15.25
N ASP U 386 23.89 113.30 14.23
CA ASP U 386 24.73 112.96 13.09
C ASP U 386 26.19 112.76 13.52
N LEU U 387 26.68 113.62 14.41
CA LEU U 387 28.04 113.51 14.89
C LEU U 387 28.20 112.58 16.09
N ASP U 388 27.10 112.13 16.68
CA ASP U 388 27.13 111.36 17.93
C ASP U 388 27.95 112.09 18.98
N MET U 389 27.74 113.40 19.06
CA MET U 389 28.66 114.31 19.74
C MET U 389 28.06 114.67 21.10
N VAL U 390 28.85 114.54 22.16
CA VAL U 390 28.36 114.69 23.52
C VAL U 390 28.96 115.93 24.16
N ALA U 391 28.14 116.67 24.88
CA ALA U 391 28.56 117.81 25.69
C ALA U 391 28.50 117.38 27.15
N ILE U 392 29.66 117.18 27.77
CA ILE U 392 29.72 116.64 29.12
C ILE U 392 29.59 117.81 30.10
N VAL U 393 28.43 117.90 30.74
CA VAL U 393 27.94 119.16 31.31
C VAL U 393 27.74 119.02 32.81
N ARG U 394 28.25 119.99 33.57
CA ARG U 394 28.04 120.05 35.01
C ARG U 394 26.69 120.68 35.28
N TYR U 395 25.79 119.92 35.90
CA TYR U 395 24.44 120.38 36.19
C TYR U 395 24.31 120.82 37.63
N ALA U 396 23.44 121.79 37.85
CA ALA U 396 23.08 122.21 39.20
C ALA U 396 21.72 122.90 39.14
N TYR U 397 20.71 122.29 39.76
CA TYR U 397 19.43 122.95 39.92
C TYR U 397 19.42 123.89 41.12
N ASP U 398 20.17 123.55 42.17
CA ASP U 398 20.23 124.35 43.38
C ASP U 398 21.54 124.04 44.09
N LYS U 399 21.75 124.67 45.25
CA LYS U 399 22.93 124.36 46.05
C LYS U 399 22.92 122.91 46.52
N ARG U 400 21.73 122.33 46.66
CA ARG U 400 21.63 120.90 46.95
C ARG U 400 22.24 120.08 45.82
N ALA U 401 22.03 120.50 44.57
CA ALA U 401 22.60 119.82 43.41
C ALA U 401 24.11 120.05 43.41
N ASN U 402 24.87 118.98 43.66
CA ASN U 402 26.31 119.05 43.66
C ASN U 402 26.83 119.27 42.23
N PRO U 403 28.07 119.78 42.08
CA PRO U 403 28.63 119.89 40.73
C PRO U 403 28.80 118.52 40.11
N GLN U 404 28.01 118.24 39.08
CA GLN U 404 27.90 116.89 38.52
C GLN U 404 27.97 116.95 37.01
N VAL U 405 29.07 116.45 36.44
CA VAL U 405 29.19 116.38 34.99
C VAL U 405 28.13 115.43 34.45
N GLY U 406 27.44 115.87 33.41
CA GLY U 406 26.43 115.05 32.76
C GLY U 406 26.83 114.74 31.34
N VAL U 407 25.90 114.25 30.53
CA VAL U 407 26.18 113.93 29.14
C VAL U 407 25.08 114.49 28.25
N ALA U 408 25.48 115.10 27.15
CA ALA U 408 24.57 115.44 26.07
C ALA U 408 24.56 114.34 25.00
N PHE U 409 24.34 113.11 25.47
CA PHE U 409 24.34 111.96 24.58
C PHE U 409 23.23 112.08 23.55
N PRO U 410 23.53 111.92 22.28
CA PRO U 410 22.47 112.03 21.24
C PRO U 410 21.46 110.90 21.35
N HIS U 411 20.22 111.22 21.72
CA HIS U 411 19.16 110.24 21.76
C HIS U 411 18.43 110.19 20.42
N ILE U 412 17.99 109.01 20.03
CA ILE U 412 17.30 108.80 18.77
C ILE U 412 15.97 108.12 19.08
N LYS U 413 14.87 108.76 18.68
CA LYS U 413 13.53 108.18 18.84
C LYS U 413 12.56 108.97 17.97
N HIS U 414 11.83 108.25 17.11
CA HIS U 414 10.85 108.92 16.27
C HIS U 414 9.65 109.40 17.07
N ASN U 415 9.38 108.77 18.21
CA ASN U 415 8.30 109.25 19.08
C ASN U 415 8.59 110.65 19.58
N TYR U 416 9.82 110.89 20.03
CA TYR U 416 10.24 112.23 20.44
C TYR U 416 11.76 112.30 20.37
N GLU U 417 12.28 113.05 19.41
CA GLU U 417 13.71 113.33 19.37
C GLU U 417 14.04 114.35 20.44
N CYS U 418 15.00 114.03 21.30
CA CYS U 418 15.35 114.92 22.40
C CYS U 418 16.81 114.69 22.77
N LEU U 419 17.43 115.75 23.26
CA LEU U 419 18.78 115.67 23.79
C LEU U 419 18.70 115.38 25.28
N VAL U 420 19.73 114.74 25.83
CA VAL U 420 19.61 114.11 27.14
C VAL U 420 20.39 114.93 28.15
N TYR U 421 20.07 114.73 29.42
CA TYR U 421 21.00 115.01 30.51
C TYR U 421 21.01 113.80 31.43
N VAL U 422 22.16 113.11 31.50
CA VAL U 422 22.39 112.05 32.47
C VAL U 422 23.76 112.29 33.09
N GLN U 423 23.79 112.30 34.43
CA GLN U 423 25.03 112.62 35.13
C GLN U 423 26.13 111.62 34.79
N LEU U 424 27.30 112.14 34.46
CA LEU U 424 28.42 111.28 34.16
C LEU U 424 29.08 110.77 35.44
N PRO U 425 29.73 109.62 35.37
CA PRO U 425 30.57 109.19 36.49
C PRO U 425 31.80 110.07 36.61
N PHE U 426 32.26 110.24 37.84
CA PHE U 426 33.55 110.82 38.12
C PHE U 426 34.54 109.68 38.28
N MET U 427 35.78 109.99 38.65
CA MET U 427 36.64 108.91 39.12
C MET U 427 36.13 108.31 40.42
N GLU U 428 35.41 109.10 41.23
CA GLU U 428 34.74 108.51 42.39
C GLU U 428 33.57 107.64 41.96
N ASP U 429 32.72 108.13 41.06
CA ASP U 429 31.59 107.35 40.58
C ASP U 429 32.01 106.23 39.64
N LEU U 430 33.28 106.21 39.21
CA LEU U 430 33.79 105.09 38.44
C LEU U 430 33.65 103.80 39.23
N ARG U 431 33.22 102.74 38.55
CA ARG U 431 32.93 101.45 39.19
C ARG U 431 33.79 100.36 38.54
N GLN U 432 34.95 100.13 39.13
CA GLN U 432 35.91 99.12 38.66
C GLN U 432 36.12 98.14 39.81
N TYR U 433 35.53 96.94 39.70
CA TYR U 433 35.55 95.98 40.79
C TYR U 433 36.63 94.90 40.59
N MET U 434 36.56 94.17 39.49
CA MET U 434 37.57 93.19 39.13
C MET U 434 38.19 93.57 37.80
N PHE U 435 39.51 93.43 37.73
CA PHE U 435 40.31 93.93 36.62
C PHE U 435 40.81 92.77 35.75
N SER U 436 40.13 91.63 35.81
CA SER U 436 40.52 90.45 35.07
C SER U 436 39.90 90.48 33.67
N SER U 437 40.69 90.10 32.67
CA SER U 437 40.26 90.15 31.29
C SER U 437 39.34 88.96 31.00
N LEU U 438 38.97 88.79 29.73
CA LEU U 438 38.02 87.75 29.36
C LEU U 438 38.54 86.73 28.37
N LYS U 439 39.55 87.05 27.56
CA LYS U 439 40.26 85.99 26.84
C LYS U 439 41.45 85.48 27.67
N ASN U 440 41.17 85.08 28.91
CA ASN U 440 42.22 84.60 29.80
C ASN U 440 41.86 83.24 30.42
N SER U 441 40.58 83.00 30.65
CA SER U 441 40.12 81.79 31.33
C SER U 441 39.20 80.99 30.42
N LYS U 442 39.17 79.68 30.65
CA LYS U 442 38.30 78.79 29.87
C LYS U 442 36.82 79.09 30.13
N LYS U 443 36.47 79.44 31.38
CA LYS U 443 35.12 79.91 31.65
C LYS U 443 34.91 81.33 31.14
N TYR U 444 35.98 82.08 30.90
CA TYR U 444 35.89 83.42 30.34
C TYR U 444 36.02 83.41 28.83
N ALA U 445 37.14 82.93 28.30
CA ALA U 445 37.26 82.79 26.86
C ALA U 445 36.41 81.62 26.38
N PRO U 446 35.78 81.75 25.22
CA PRO U 446 34.92 80.67 24.72
C PRO U 446 35.70 79.38 24.51
N THR U 447 35.08 78.27 24.86
CA THR U 447 35.65 76.94 24.72
C THR U 447 34.69 76.06 23.93
N GLU U 448 34.99 74.76 23.86
CA GLU U 448 34.12 73.84 23.15
C GLU U 448 32.76 73.69 23.81
N ALA U 449 32.64 74.08 25.08
CA ALA U 449 31.33 74.24 25.70
C ALA U 449 30.74 75.62 25.44
N GLN U 450 31.54 76.56 24.93
CA GLN U 450 31.09 77.92 24.69
C GLN U 450 31.22 78.35 23.23
N LEU U 451 32.39 78.14 22.61
CA LEU U 451 32.69 78.80 21.34
C LEU U 451 31.72 78.38 20.25
N ASN U 452 31.56 77.08 20.03
CA ASN U 452 30.55 76.61 19.10
C ASN U 452 29.15 76.88 19.65
N ALA U 453 28.99 76.75 20.97
CA ALA U 453 27.71 77.05 21.60
C ALA U 453 27.34 78.52 21.44
N VAL U 454 28.32 79.42 21.62
CA VAL U 454 28.02 80.84 21.43
C VAL U 454 27.85 81.17 19.95
N ASP U 455 28.53 80.43 19.07
CA ASP U 455 28.33 80.63 17.63
C ASP U 455 26.89 80.29 17.24
N ALA U 456 26.37 79.19 17.79
CA ALA U 456 24.94 78.91 17.64
C ALA U 456 24.09 79.88 18.45
N LEU U 457 24.70 80.58 19.42
CA LEU U 457 24.00 81.53 20.29
C LEU U 457 24.12 82.97 19.81
N ILE U 458 25.18 83.31 19.08
CA ILE U 458 25.37 84.69 18.62
C ILE U 458 24.38 85.07 17.53
N ASP U 459 23.64 84.10 16.99
CA ASP U 459 22.66 84.33 15.94
C ASP U 459 21.25 84.09 16.47
N SER U 460 20.34 85.00 16.12
CA SER U 460 18.90 84.89 16.35
C SER U 460 18.51 84.97 17.82
N MET U 461 19.47 85.05 18.74
CA MET U 461 19.15 85.12 20.16
C MET U 461 18.75 86.52 20.60
N SER U 462 19.20 87.56 19.89
CA SER U 462 18.96 88.92 20.31
C SER U 462 17.49 89.29 20.19
N LEU U 463 16.75 89.16 21.29
CA LEU U 463 15.33 89.50 21.27
C LEU U 463 15.14 90.98 20.92
N ALA U 464 13.90 91.33 20.60
CA ALA U 464 13.57 92.63 20.03
C ALA U 464 14.32 92.84 18.72
N LYS U 465 14.12 91.90 17.80
CA LYS U 465 14.77 91.97 16.49
C LYS U 465 14.13 93.06 15.64
N LYS U 466 14.56 93.13 14.39
CA LYS U 466 14.06 94.14 13.45
C LYS U 466 12.65 93.73 13.03
N ASP U 467 11.70 93.96 13.94
CA ASP U 467 10.32 93.54 13.74
C ASP U 467 9.36 94.71 13.61
N GLU U 468 9.33 95.61 14.60
CA GLU U 468 8.46 96.77 14.56
C GLU U 468 9.31 98.04 14.58
N LYS U 469 8.75 99.12 14.02
CA LYS U 469 9.48 100.37 13.87
C LYS U 469 8.72 101.56 14.45
N THR U 470 8.02 101.38 15.57
CA THR U 470 7.40 102.53 16.24
C THR U 470 8.47 103.51 16.72
N ASP U 471 9.59 102.99 17.20
CA ASP U 471 10.80 103.77 17.39
C ASP U 471 11.99 102.86 17.12
N THR U 472 13.15 103.49 16.89
CA THR U 472 14.32 102.79 16.37
C THR U 472 14.67 101.57 17.19
N LEU U 473 14.62 100.40 16.55
CA LEU U 473 14.91 99.11 17.19
C LEU U 473 14.07 98.94 18.45
N GLU U 474 12.75 99.00 18.28
CA GLU U 474 11.85 98.95 19.43
C GLU U 474 11.95 97.61 20.12
N ASP U 475 11.80 97.63 21.45
CA ASP U 475 11.77 96.42 22.24
C ASP U 475 10.35 96.13 22.69
N LEU U 476 10.03 94.83 22.77
CA LEU U 476 8.78 94.38 23.36
C LEU U 476 8.90 94.22 24.87
N PHE U 477 9.87 94.93 25.45
CA PHE U 477 10.05 95.16 26.88
C PHE U 477 10.05 96.67 27.09
N PRO U 478 9.05 97.40 26.55
CA PRO U 478 9.20 98.87 26.45
C PRO U 478 8.97 99.57 27.78
N THR U 479 10.02 99.61 28.59
CA THR U 479 9.91 100.25 29.89
C THR U 479 9.59 101.73 29.75
N THR U 480 9.96 102.35 28.62
CA THR U 480 9.49 103.70 28.34
C THR U 480 7.97 103.76 28.23
N LYS U 481 7.32 102.61 28.02
CA LYS U 481 5.88 102.49 28.13
C LYS U 481 5.45 101.59 29.29
N ILE U 482 6.39 100.98 30.00
CA ILE U 482 6.12 100.13 31.15
C ILE U 482 6.53 100.91 32.40
N PRO U 483 5.60 101.33 33.24
CA PRO U 483 5.97 102.13 34.43
C PRO U 483 6.79 101.36 35.45
N ASN U 484 7.09 102.03 36.55
CA ASN U 484 7.89 101.45 37.63
C ASN U 484 7.24 100.17 38.13
N PRO U 485 7.96 99.05 38.19
CA PRO U 485 7.37 97.83 38.78
C PRO U 485 6.90 98.04 40.20
N ARG U 486 7.64 98.84 40.98
CA ARG U 486 7.12 99.29 42.26
C ARG U 486 5.80 100.02 42.07
N PHE U 487 5.76 100.94 41.11
CA PHE U 487 4.49 101.59 40.80
C PHE U 487 3.55 100.71 39.98
N GLN U 488 4.02 99.63 39.35
CA GLN U 488 3.09 98.68 38.76
C GLN U 488 2.26 98.00 39.83
N ARG U 489 2.94 97.44 40.84
CA ARG U 489 2.19 96.86 41.94
C ARG U 489 1.54 97.92 42.82
N LEU U 490 2.00 99.17 42.76
CA LEU U 490 1.24 100.24 43.40
C LEU U 490 -0.02 100.57 42.60
N PHE U 491 0.02 100.41 41.28
CA PHE U 491 -1.19 100.53 40.47
C PHE U 491 -2.20 99.48 40.88
N GLN U 492 -1.75 98.23 41.02
CA GLN U 492 -2.70 97.19 41.46
C GLN U 492 -3.15 97.40 42.90
N CYS U 493 -2.25 97.89 43.75
CA CYS U 493 -2.62 98.18 45.13
C CYS U 493 -3.69 99.26 45.19
N LEU U 494 -3.55 100.29 44.36
CA LEU U 494 -4.62 101.28 44.23
C LEU U 494 -5.88 100.67 43.65
N LEU U 495 -5.73 99.79 42.66
CA LEU U 495 -6.89 99.18 41.99
C LEU U 495 -7.78 98.47 42.99
N HIS U 496 -7.19 97.71 43.91
CA HIS U 496 -7.97 96.89 44.81
C HIS U 496 -7.84 97.30 46.27
N ARG U 497 -7.30 98.49 46.55
CA ARG U 497 -7.29 99.05 47.90
C ARG U 497 -7.77 100.49 47.95
N ALA U 498 -7.42 101.30 46.94
CA ALA U 498 -7.90 102.68 46.92
C ALA U 498 -9.42 102.72 46.84
N LEU U 499 -10.03 101.72 46.20
CA LEU U 499 -11.48 101.67 46.13
C LEU U 499 -12.06 101.00 47.38
N HIS U 500 -11.34 100.03 47.95
CA HIS U 500 -11.73 99.42 49.23
C HIS U 500 -10.45 99.09 50.00
N PRO U 501 -10.14 99.87 51.04
CA PRO U 501 -8.85 99.72 51.72
C PRO U 501 -8.72 98.49 52.59
N ARG U 502 -9.82 97.77 52.84
CA ARG U 502 -9.83 96.62 53.75
C ARG U 502 -10.11 95.32 53.01
N GLU U 503 -9.51 95.15 51.83
CA GLU U 503 -9.65 93.94 51.04
C GLU U 503 -8.28 93.46 50.59
N PRO U 504 -8.11 92.16 50.36
CA PRO U 504 -6.82 91.65 49.92
C PRO U 504 -6.46 92.15 48.53
N LEU U 505 -5.16 92.17 48.25
CA LEU U 505 -4.75 92.70 46.96
C LEU U 505 -4.34 91.58 46.01
N PRO U 506 -4.64 91.73 44.72
CA PRO U 506 -4.21 90.75 43.73
C PRO U 506 -2.71 90.83 43.52
N PRO U 507 -2.07 89.99 42.65
CA PRO U 507 -0.64 90.13 42.39
C PRO U 507 -0.31 91.44 41.66
N ILE U 508 0.91 91.56 41.13
CA ILE U 508 1.32 92.78 40.39
C ILE U 508 0.20 93.21 39.44
N GLN U 509 -0.61 92.26 38.92
CA GLN U 509 -1.79 92.49 38.02
C GLN U 509 -1.65 91.57 36.80
N GLN U 510 -2.72 90.85 36.44
CA GLN U 510 -2.67 90.01 35.22
C GLN U 510 -2.21 90.90 34.06
N HIS U 511 -2.59 92.19 34.09
CA HIS U 511 -2.22 93.14 33.04
C HIS U 511 -0.72 93.44 33.07
N ILE U 512 -0.18 93.67 34.26
CA ILE U 512 1.26 93.88 34.39
C ILE U 512 2.02 92.63 34.00
N TRP U 513 1.40 91.46 34.10
CA TRP U 513 1.96 90.23 33.56
C TRP U 513 1.50 89.94 32.14
N ASN U 514 0.62 90.79 31.58
CA ASN U 514 0.12 90.62 30.22
C ASN U 514 0.84 91.56 29.24
N MET U 515 0.79 92.86 29.51
CA MET U 515 1.39 93.86 28.64
C MET U 515 2.83 94.19 29.02
N LEU U 516 3.54 93.26 29.64
CA LEU U 516 4.98 93.37 29.87
C LEU U 516 5.78 92.24 29.24
N ASN U 517 5.13 91.25 28.65
CA ASN U 517 5.76 90.01 28.22
C ASN U 517 6.77 90.23 27.11
N PRO U 518 7.75 89.35 26.97
CA PRO U 518 8.80 89.55 25.97
C PRO U 518 8.29 89.32 24.56
N PRO U 519 9.09 89.62 23.53
CA PRO U 519 8.66 89.33 22.16
C PRO U 519 8.69 87.83 21.88
N ALA U 520 7.50 87.23 21.80
CA ALA U 520 7.39 85.85 21.36
C ALA U 520 7.71 85.69 19.89
N GLU U 521 7.70 86.78 19.12
CA GLU U 521 8.07 86.72 17.71
C GLU U 521 9.54 86.36 17.53
N VAL U 522 10.42 86.90 18.39
CA VAL U 522 11.83 86.58 18.29
C VAL U 522 12.10 85.18 18.83
N THR U 523 11.24 84.70 19.74
CA THR U 523 11.38 83.33 20.22
C THR U 523 11.22 82.34 19.07
N THR U 524 10.45 82.69 18.05
CA THR U 524 10.29 81.81 16.89
C THR U 524 11.62 81.54 16.21
N LYS U 525 12.48 82.55 16.11
CA LYS U 525 13.81 82.38 15.54
C LYS U 525 14.84 81.90 16.54
N SER U 526 14.62 82.13 17.84
CA SER U 526 15.59 81.78 18.86
C SER U 526 15.36 80.40 19.47
N GLN U 527 14.25 79.73 19.14
CA GLN U 527 13.94 78.46 19.79
C GLN U 527 14.85 77.33 19.32
N ILE U 528 15.12 77.27 18.02
CA ILE U 528 15.83 76.12 17.44
C ILE U 528 17.25 75.99 18.00
N PRO U 529 18.08 77.05 18.02
CA PRO U 529 19.44 76.87 18.56
C PRO U 529 19.47 76.76 20.07
N LEU U 530 18.40 77.15 20.77
CA LEU U 530 18.42 77.22 22.23
C LEU U 530 18.66 75.86 22.86
N SER U 531 18.17 74.79 22.25
CA SER U 531 18.41 73.45 22.80
C SER U 531 19.90 73.13 22.82
N LYS U 532 20.59 73.34 21.70
CA LYS U 532 22.02 73.11 21.66
C LYS U 532 22.76 74.06 22.59
N ILE U 533 22.30 75.32 22.67
CA ILE U 533 22.95 76.29 23.55
C ILE U 533 22.88 75.83 25.00
N LYS U 534 21.71 75.38 25.44
CA LYS U 534 21.56 74.97 26.83
C LYS U 534 22.23 73.62 27.11
N THR U 535 22.27 72.73 26.12
CA THR U 535 22.93 71.45 26.35
C THR U 535 24.45 71.58 26.34
N LEU U 536 24.98 72.53 25.59
CA LEU U 536 26.43 72.71 25.49
C LEU U 536 26.98 73.69 26.51
N PHE U 537 26.21 74.72 26.88
CA PHE U 537 26.66 75.58 27.98
C PHE U 537 26.35 74.93 29.31
N PRO U 538 27.34 74.73 30.17
CA PRO U 538 27.05 74.22 31.52
C PRO U 538 26.34 75.28 32.36
N LEU U 539 25.09 75.03 32.72
CA LEU U 539 24.30 75.99 33.48
C LEU U 539 23.53 75.27 34.58
N ILE U 540 24.22 74.38 35.27
CA ILE U 540 23.61 73.58 36.33
C ILE U 540 23.75 74.31 37.67
N GLU U 541 22.84 74.01 38.58
CA GLU U 541 22.86 74.61 39.90
C GLU U 541 24.03 74.05 40.72
N ASN U 593 -8.00 28.23 66.29
CA ASN U 593 -7.03 28.83 65.38
C ASN U 593 -6.58 27.87 64.27
N PRO U 594 -6.44 26.58 64.55
CA PRO U 594 -6.41 25.61 63.44
C PRO U 594 -7.68 25.64 62.61
N ALA U 595 -8.78 26.08 63.21
CA ALA U 595 -10.05 26.25 62.51
C ALA U 595 -10.49 27.70 62.45
N GLU U 596 -10.58 28.37 63.59
CA GLU U 596 -11.28 29.65 63.71
C GLU U 596 -10.38 30.86 63.54
N ASN U 597 -9.09 30.68 63.25
CA ASN U 597 -8.21 31.85 63.11
C ASN U 597 -8.64 32.72 61.95
N PHE U 598 -9.03 32.11 60.83
CA PHE U 598 -9.41 32.85 59.64
C PHE U 598 -10.82 32.55 59.15
N ARG U 599 -11.58 31.71 59.86
CA ARG U 599 -12.96 31.47 59.47
C ARG U 599 -13.76 32.77 59.47
N VAL U 600 -13.54 33.61 60.49
CA VAL U 600 -14.14 34.94 60.49
C VAL U 600 -13.53 35.79 59.37
N LEU U 601 -12.25 35.60 59.08
CA LEU U 601 -11.56 36.43 58.09
C LEU U 601 -12.17 36.28 56.70
N VAL U 602 -12.51 35.05 56.31
CA VAL U 602 -12.96 34.81 54.94
C VAL U 602 -14.30 35.50 54.69
N LYS U 603 -15.19 35.51 55.68
CA LYS U 603 -16.47 36.21 55.56
C LYS U 603 -16.38 37.66 56.00
N GLN U 604 -15.23 38.10 56.51
CA GLN U 604 -15.06 39.51 56.83
C GLN U 604 -15.09 40.39 55.59
N LYS U 605 -14.49 39.92 54.49
CA LYS U 605 -14.42 40.72 53.26
C LYS U 605 -15.08 40.04 52.07
N LYS U 606 -15.56 38.81 52.21
CA LYS U 606 -16.29 38.11 51.14
C LYS U 606 -15.44 37.99 49.88
N ALA U 607 -14.34 37.27 49.99
CA ALA U 607 -13.44 37.04 48.87
C ALA U 607 -13.04 35.58 48.85
N SER U 608 -12.12 35.24 47.93
CA SER U 608 -11.67 33.86 47.80
C SER U 608 -10.93 33.41 49.05
N PHE U 609 -10.05 34.26 49.58
CA PHE U 609 -9.30 33.98 50.81
C PHE U 609 -8.58 32.64 50.72
N GLU U 610 -8.01 32.36 49.55
CA GLU U 610 -7.16 31.18 49.42
C GLU U 610 -5.94 31.27 50.32
N GLU U 611 -5.38 32.48 50.45
CA GLU U 611 -4.27 32.68 51.38
C GLU U 611 -4.71 32.41 52.82
N ALA U 612 -5.91 32.86 53.19
CA ALA U 612 -6.46 32.49 54.50
C ALA U 612 -6.77 31.01 54.55
N SER U 613 -7.28 30.45 53.45
CA SER U 613 -7.57 29.02 53.38
C SER U 613 -6.33 28.17 53.66
N ASN U 614 -5.15 28.71 53.32
CA ASN U 614 -3.92 27.95 53.45
C ASN U 614 -3.62 27.54 54.88
N GLN U 615 -4.17 28.25 55.88
CA GLN U 615 -3.95 27.83 57.27
C GLN U 615 -4.49 26.44 57.53
N LEU U 616 -5.77 26.22 57.21
CA LEU U 616 -6.31 24.88 57.39
C LEU U 616 -5.91 23.93 56.27
N ILE U 617 -5.50 24.44 55.12
CA ILE U 617 -4.88 23.57 54.13
C ILE U 617 -3.62 22.94 54.70
N ASN U 618 -2.79 23.74 55.36
CA ASN U 618 -1.62 23.23 56.08
C ASN U 618 -2.06 22.33 57.23
N HIS U 619 -3.11 22.71 57.94
CA HIS U 619 -3.58 21.91 59.08
C HIS U 619 -4.08 20.55 58.66
N ILE U 620 -4.57 20.41 57.43
CA ILE U 620 -5.00 19.09 56.95
C ILE U 620 -3.85 18.34 56.26
N GLU U 621 -2.88 19.05 55.67
CA GLU U 621 -1.81 18.36 54.97
C GLU U 621 -0.58 18.11 55.83
N GLN U 622 -0.28 18.99 56.79
CA GLN U 622 0.92 18.80 57.61
C GLN U 622 0.68 17.63 58.55
N PHE U 623 0.90 16.42 58.05
CA PHE U 623 0.64 15.22 58.83
C PHE U 623 1.70 14.14 58.63
N LEU U 624 2.69 14.37 57.76
CA LEU U 624 3.80 13.43 57.65
C LEU U 624 4.63 13.42 58.93
N ASP U 625 4.97 14.60 59.44
CA ASP U 625 5.77 14.71 60.65
C ASP U 625 4.92 14.91 61.90
N THR U 626 3.60 14.90 61.79
CA THR U 626 2.72 15.12 62.93
C THR U 626 1.99 13.82 63.27
N ASN U 627 2.21 13.32 64.48
CA ASN U 627 1.48 12.17 65.00
C ASN U 627 0.27 12.58 65.83
N GLU U 628 -0.03 13.88 65.91
CA GLU U 628 -1.11 14.38 66.75
C GLU U 628 -2.45 14.03 66.10
N THR U 629 -3.16 13.08 66.70
CA THR U 629 -4.51 12.77 66.24
C THR U 629 -5.49 13.92 66.43
N PRO U 630 -5.54 14.62 67.57
CA PRO U 630 -6.44 15.78 67.67
C PRO U 630 -6.15 16.85 66.64
N TYR U 631 -4.87 17.05 66.30
CA TYR U 631 -4.52 17.88 65.14
C TYR U 631 -5.29 17.43 63.91
N PHE U 632 -5.37 16.12 63.69
CA PHE U 632 -5.91 15.59 62.44
C PHE U 632 -7.44 15.65 62.44
N MET U 633 -8.06 15.41 63.60
CA MET U 633 -9.51 15.55 63.69
C MET U 633 -9.95 17.01 63.60
N LYS U 634 -9.21 17.92 64.24
CA LYS U 634 -9.55 19.32 64.00
C LYS U 634 -9.17 19.75 62.59
N SER U 635 -8.27 19.02 61.93
CA SER U 635 -8.02 19.27 60.52
C SER U 635 -9.23 18.96 59.66
N ILE U 636 -9.82 17.78 59.86
CA ILE U 636 -11.03 17.46 59.09
C ILE U 636 -12.14 18.44 59.47
N ASP U 637 -12.23 18.78 60.76
CA ASP U 637 -13.26 19.73 61.21
C ASP U 637 -13.11 21.07 60.52
N CYS U 638 -11.90 21.63 60.53
CA CYS U 638 -11.69 22.95 59.93
C CYS U 638 -11.91 22.92 58.43
N ILE U 639 -11.41 21.89 57.75
CA ILE U 639 -11.57 21.87 56.30
C ILE U 639 -13.06 21.75 55.92
N ARG U 640 -13.82 20.90 56.61
CA ARG U 640 -15.23 20.76 56.25
C ARG U 640 -16.05 21.99 56.65
N ALA U 641 -15.76 22.57 57.81
CA ALA U 641 -16.51 23.75 58.24
C ALA U 641 -16.19 24.95 57.36
N PHE U 642 -14.94 25.13 56.97
CA PHE U 642 -14.64 26.19 56.01
C PHE U 642 -15.13 25.84 54.61
N ARG U 643 -15.32 24.56 54.31
CA ARG U 643 -15.97 24.19 53.06
C ARG U 643 -17.40 24.70 53.03
N GLU U 644 -18.17 24.42 54.10
CA GLU U 644 -19.53 24.96 54.15
C GLU U 644 -19.54 26.47 54.30
N GLU U 645 -18.49 27.04 54.89
CA GLU U 645 -18.37 28.50 54.93
C GLU U 645 -18.16 29.07 53.52
N ALA U 646 -17.38 28.39 52.70
CA ALA U 646 -17.23 28.80 51.32
C ALA U 646 -18.56 28.70 50.58
N ILE U 647 -19.35 27.67 50.89
CA ILE U 647 -20.72 27.62 50.40
C ILE U 647 -21.51 28.82 50.91
N LYS U 648 -21.20 29.31 52.11
CA LYS U 648 -22.08 30.24 52.81
C LYS U 648 -22.28 31.60 52.13
N PHE U 649 -21.24 32.43 52.05
CA PHE U 649 -21.51 33.84 51.82
C PHE U 649 -21.30 34.33 50.39
N SER U 650 -20.06 34.29 49.89
CA SER U 650 -19.78 34.81 48.56
C SER U 650 -18.79 33.97 47.77
N GLU U 651 -18.04 33.09 48.41
CA GLU U 651 -17.05 32.26 47.75
C GLU U 651 -17.61 30.89 47.37
N GLU U 652 -18.90 30.84 47.02
CA GLU U 652 -19.51 29.60 46.54
C GLU U 652 -18.81 29.09 45.30
N GLN U 653 -18.10 29.96 44.58
CA GLN U 653 -17.27 29.56 43.46
C GLN U 653 -15.77 29.71 43.75
N ARG U 654 -15.41 30.47 44.78
CA ARG U 654 -14.00 30.80 45.00
C ARG U 654 -13.27 29.69 45.76
N PHE U 655 -13.65 29.45 47.02
CA PHE U 655 -13.00 28.39 47.77
C PHE U 655 -13.68 27.04 47.61
N ASN U 656 -14.92 27.01 47.11
CA ASN U 656 -15.59 25.73 46.90
C ASN U 656 -14.77 24.81 46.01
N ASN U 657 -14.13 25.37 44.97
CA ASN U 657 -13.23 24.62 44.13
C ASN U 657 -11.76 24.82 44.50
N PHE U 658 -11.47 25.65 45.50
CA PHE U 658 -10.12 25.65 46.07
C PHE U 658 -9.90 24.45 46.97
N LEU U 659 -10.94 24.02 47.69
CA LEU U 659 -10.88 22.80 48.47
C LEU U 659 -10.90 21.55 47.58
N LYS U 660 -11.13 21.73 46.28
CA LYS U 660 -11.05 20.61 45.34
C LYS U 660 -9.70 19.92 45.37
N ALA U 661 -8.65 20.62 45.79
CA ALA U 661 -7.35 19.97 45.96
C ALA U 661 -7.41 18.87 47.01
N LEU U 662 -8.22 19.06 48.06
CA LEU U 662 -8.36 18.07 49.12
C LEU U 662 -8.94 16.76 48.64
N GLN U 663 -9.32 16.65 47.37
CA GLN U 663 -9.67 15.35 46.80
C GLN U 663 -8.49 14.38 46.85
N GLU U 664 -7.30 14.87 46.50
CA GLU U 664 -6.12 14.02 46.41
C GLU U 664 -4.98 14.47 47.30
N LYS U 665 -4.89 15.77 47.64
CA LYS U 665 -3.77 16.25 48.43
C LYS U 665 -3.76 15.62 49.83
N VAL U 666 -4.94 15.26 50.35
CA VAL U 666 -5.01 14.52 51.59
C VAL U 666 -5.18 13.02 51.34
N GLU U 667 -5.57 12.62 50.12
CA GLU U 667 -5.71 11.21 49.81
C GLU U 667 -4.37 10.50 49.66
N ILE U 668 -3.26 11.20 49.87
CA ILE U 668 -1.94 10.60 49.66
C ILE U 668 -1.17 10.71 50.98
N LYS U 669 -1.89 10.63 52.10
CA LYS U 669 -1.25 10.58 53.42
C LYS U 669 -0.70 9.17 53.66
N GLN U 670 0.29 8.81 52.84
CA GLN U 670 0.82 7.46 52.82
C GLN U 670 1.76 7.29 54.00
N LEU U 671 1.21 6.84 55.13
CA LEU U 671 1.96 6.65 56.36
C LEU U 671 1.42 5.44 57.09
N ASN U 672 2.06 5.09 58.21
CA ASN U 672 1.46 4.16 59.14
C ASN U 672 0.24 4.74 59.82
N HIS U 673 0.10 6.07 59.78
CA HIS U 673 -1.05 6.80 60.30
C HIS U 673 -1.52 7.75 59.19
N PHE U 674 -2.73 7.52 58.67
CA PHE U 674 -3.14 8.06 57.37
C PHE U 674 -4.51 8.76 57.45
N TRP U 675 -5.07 9.04 56.28
CA TRP U 675 -6.17 9.98 56.11
C TRP U 675 -7.55 9.33 56.13
N GLU U 676 -7.70 8.17 56.78
CA GLU U 676 -9.01 7.52 56.84
C GLU U 676 -10.03 8.43 57.50
N ILE U 677 -9.60 9.20 58.50
CA ILE U 677 -10.51 10.11 59.20
C ILE U 677 -10.95 11.24 58.27
N VAL U 678 -10.08 11.67 57.35
CA VAL U 678 -10.51 12.61 56.32
C VAL U 678 -11.51 11.95 55.38
N VAL U 679 -11.27 10.69 55.03
CA VAL U 679 -12.15 9.99 54.08
C VAL U 679 -13.55 9.88 54.65
N GLN U 680 -13.67 9.48 55.91
CA GLN U 680 -14.98 9.16 56.46
C GLN U 680 -15.86 10.40 56.61
N ASP U 681 -15.26 11.57 56.84
CA ASP U 681 -16.03 12.78 57.13
C ASP U 681 -16.05 13.78 55.98
N GLY U 682 -15.63 13.38 54.79
CA GLY U 682 -15.70 14.27 53.64
C GLY U 682 -16.87 13.97 52.74
N ILE U 683 -17.56 12.86 53.02
CA ILE U 683 -18.67 12.42 52.17
C ILE U 683 -19.83 13.40 52.20
N THR U 684 -19.87 14.31 53.18
CA THR U 684 -20.98 15.25 53.29
C THR U 684 -20.88 16.36 52.26
N LEU U 685 -19.83 17.20 52.38
CA LEU U 685 -19.66 18.33 51.48
C LEU U 685 -18.17 18.68 51.43
N ILE U 686 -17.50 18.22 50.37
CA ILE U 686 -16.16 18.69 50.03
C ILE U 686 -16.12 19.29 48.62
N THR U 687 -16.86 18.71 47.69
CA THR U 687 -16.89 19.21 46.32
C THR U 687 -17.46 20.62 46.27
N LYS U 688 -17.07 21.36 45.23
CA LYS U 688 -17.58 22.71 45.04
C LYS U 688 -19.11 22.69 44.95
N GLU U 689 -19.75 23.66 45.61
CA GLU U 689 -21.21 23.71 45.66
C GLU U 689 -21.62 25.19 45.65
N GLU U 690 -21.87 25.70 44.44
CA GLU U 690 -22.43 27.03 44.26
C GLU U 690 -23.89 26.99 43.88
N ALA U 691 -24.24 26.14 42.91
CA ALA U 691 -25.61 25.93 42.49
C ALA U 691 -25.69 24.59 41.79
N SER U 692 -26.91 24.10 41.60
CA SER U 692 -27.12 22.86 40.89
C SER U 692 -26.55 22.96 39.47
N GLY U 693 -25.94 21.88 39.01
CA GLY U 693 -25.23 21.89 37.75
C GLY U 693 -23.84 21.32 37.88
N SER U 694 -22.82 22.16 37.70
CA SER U 694 -21.44 21.71 37.84
C SER U 694 -21.19 21.13 39.23
N SER U 695 -21.82 21.72 40.26
CA SER U 695 -21.61 21.25 41.63
C SER U 695 -22.05 19.81 41.80
N VAL U 696 -23.29 19.49 41.42
CA VAL U 696 -23.83 18.17 41.68
C VAL U 696 -23.13 17.12 40.83
N THR U 697 -22.79 17.46 39.58
CA THR U 697 -22.10 16.50 38.72
C THR U 697 -20.65 16.31 39.16
N ALA U 698 -20.06 17.31 39.81
CA ALA U 698 -18.71 17.16 40.34
C ALA U 698 -18.70 16.48 41.69
N GLU U 699 -19.84 16.43 42.39
CA GLU U 699 -19.91 15.70 43.66
C GLU U 699 -19.44 14.26 43.46
N GLU U 700 -20.03 13.56 42.47
CA GLU U 700 -19.62 12.18 42.22
C GLU U 700 -18.15 12.09 41.86
N ALA U 701 -17.56 13.18 41.37
CA ALA U 701 -16.13 13.20 41.08
C ALA U 701 -15.29 13.45 42.33
N LYS U 702 -15.85 14.05 43.37
CA LYS U 702 -15.06 14.34 44.57
C LYS U 702 -15.72 13.99 45.90
N LYS U 703 -17.05 13.89 45.96
CA LYS U 703 -17.75 13.97 47.25
C LYS U 703 -17.21 12.99 48.29
N PHE U 704 -16.73 11.83 47.87
CA PHE U 704 -16.30 10.79 48.80
C PHE U 704 -14.78 10.63 48.84
N LEU U 705 -14.05 11.75 48.76
CA LEU U 705 -12.59 11.77 48.73
C LEU U 705 -12.05 10.99 47.54
N ALA U 706 -12.92 10.63 46.60
CA ALA U 706 -12.54 9.87 45.42
C ALA U 706 -13.67 9.98 44.41
N PRO U 707 -13.38 9.94 43.11
CA PRO U 707 -14.47 9.93 42.12
C PRO U 707 -15.36 8.72 42.30
N LYS U 708 -16.63 8.98 42.65
CA LYS U 708 -17.57 7.91 42.95
C LYS U 708 -18.96 8.23 42.41
N MET X 1 4.71 147.29 -4.94
CA MET X 1 4.94 148.12 -6.11
C MET X 1 3.70 148.04 -7.00
N GLU X 2 3.30 146.80 -7.33
CA GLU X 2 2.14 146.62 -8.20
C GLU X 2 0.85 147.08 -7.54
N GLU X 3 0.74 146.95 -6.22
CA GLU X 3 -0.44 147.45 -5.53
C GLU X 3 -0.58 148.96 -5.66
N LEU X 4 0.56 149.67 -5.76
CA LEU X 4 0.53 151.12 -5.88
C LEU X 4 0.08 151.57 -7.27
N GLU X 5 0.54 150.88 -8.32
CA GLU X 5 0.24 151.28 -9.69
C GLU X 5 -1.00 150.60 -10.27
N GLN X 6 -1.58 149.63 -9.57
CA GLN X 6 -2.79 148.99 -10.08
C GLN X 6 -4.01 149.89 -9.95
N GLY X 7 -3.98 150.82 -9.01
CA GLY X 7 -5.07 151.75 -8.83
C GLY X 7 -5.06 152.94 -9.76
N LEU X 8 -4.08 153.03 -10.66
CA LEU X 8 -3.88 154.15 -11.58
C LEU X 8 -5.17 154.59 -12.26
N LEU X 9 -6.13 153.67 -12.39
CA LEU X 9 -7.41 153.96 -13.00
C LEU X 9 -8.37 154.69 -12.07
N MET X 10 -7.88 155.28 -10.97
CA MET X 10 -8.80 155.92 -10.03
C MET X 10 -9.50 157.11 -10.67
N GLN X 11 -8.83 157.80 -11.58
CA GLN X 11 -9.33 159.03 -12.18
C GLN X 11 -9.13 159.01 -13.68
N PRO X 12 -9.98 159.72 -14.43
CA PRO X 12 -9.82 159.79 -15.88
C PRO X 12 -8.59 160.62 -16.26
N TRP X 13 -8.31 160.64 -17.56
CA TRP X 13 -7.14 161.34 -18.06
C TRP X 13 -7.25 162.84 -17.83
N ALA X 14 -6.09 163.48 -17.71
CA ALA X 14 -5.99 164.93 -17.57
C ALA X 14 -5.26 165.49 -18.79
N TRP X 15 -5.82 166.54 -19.38
CA TRP X 15 -5.26 167.12 -20.58
C TRP X 15 -4.08 168.03 -20.25
N LEU X 16 -3.03 167.94 -21.07
CA LEU X 16 -1.91 168.86 -20.92
C LEU X 16 -2.32 170.24 -21.37
N GLN X 17 -2.02 171.24 -20.55
CA GLN X 17 -2.46 172.62 -20.80
C GLN X 17 -1.45 173.31 -21.71
N LEU X 18 -1.64 173.14 -23.01
CA LEU X 18 -0.82 173.85 -23.99
C LEU X 18 -1.69 174.52 -25.04
N ALA X 19 -2.84 173.93 -25.34
CA ALA X 19 -3.82 174.47 -26.29
C ALA X 19 -3.24 174.66 -27.69
N GLU X 20 -2.14 173.99 -28.02
CA GLU X 20 -1.54 174.09 -29.34
C GLU X 20 -1.52 172.76 -30.08
N ASN X 21 -0.97 171.71 -29.47
CA ASN X 21 -0.88 170.39 -30.08
C ASN X 21 -1.51 169.37 -29.15
N SER X 22 -2.22 168.41 -29.74
CA SER X 22 -2.92 167.39 -28.95
C SER X 22 -1.89 166.47 -28.31
N LEU X 23 -1.60 166.70 -27.04
CA LEU X 23 -0.64 165.91 -26.29
C LEU X 23 -1.35 165.23 -25.13
N LEU X 24 -1.02 163.96 -24.90
CA LEU X 24 -1.65 163.17 -23.85
C LEU X 24 -0.66 162.99 -22.70
N ALA X 25 -1.10 163.37 -21.50
CA ALA X 25 -0.30 163.20 -20.28
C ALA X 25 -1.18 162.58 -19.20
N LYS X 26 -0.56 161.79 -18.33
CA LYS X 26 -1.27 161.13 -17.25
C LYS X 26 -1.00 161.84 -15.92
N VAL X 27 -1.98 161.76 -15.03
CA VAL X 27 -1.87 162.32 -13.68
C VAL X 27 -2.10 161.20 -12.68
N PHE X 28 -1.26 161.14 -11.65
CA PHE X 28 -1.32 160.10 -10.64
C PHE X 28 -1.49 160.74 -9.28
N ILE X 29 -2.67 160.59 -8.70
CA ILE X 29 -2.99 161.18 -7.39
C ILE X 29 -2.83 160.07 -6.36
N THR X 30 -1.63 159.96 -5.81
CA THR X 30 -1.34 158.96 -4.78
C THR X 30 -0.11 159.41 -4.00
N LYS X 31 -0.19 159.34 -2.68
CA LYS X 31 0.94 159.71 -1.84
C LYS X 31 2.09 158.73 -2.02
N GLN X 32 3.31 159.26 -1.95
CA GLN X 32 4.53 158.42 -2.14
C GLN X 32 4.45 157.68 -3.49
N GLY X 33 4.17 158.42 -4.58
CA GLY X 33 4.08 157.80 -5.92
C GLY X 33 3.63 158.81 -6.97
N TYR X 34 4.06 158.64 -8.22
CA TYR X 34 3.64 159.54 -9.32
C TYR X 34 3.75 158.81 -10.66
N ALA X 35 3.22 159.42 -11.74
CA ALA X 35 3.28 158.80 -13.09
C ALA X 35 3.21 159.91 -14.13
N LEU X 36 4.36 160.42 -14.58
CA LEU X 36 4.39 161.49 -15.57
C LEU X 36 4.89 160.95 -16.90
N LEU X 37 4.24 161.36 -17.98
CA LEU X 37 4.64 160.98 -19.33
C LEU X 37 4.54 162.20 -20.23
N VAL X 38 5.55 162.38 -21.08
CA VAL X 38 5.59 163.46 -22.05
C VAL X 38 5.38 162.87 -23.43
N SER X 39 4.31 163.30 -24.10
CA SER X 39 3.96 162.83 -25.43
C SER X 39 3.76 164.06 -26.32
N ASP X 40 4.85 164.53 -26.93
CA ASP X 40 4.82 165.73 -27.74
C ASP X 40 4.69 165.42 -29.23
N LEU X 41 4.30 164.20 -29.58
CA LEU X 41 4.05 163.75 -30.95
C LEU X 41 5.31 163.75 -31.82
N GLN X 42 6.47 164.06 -31.25
CA GLN X 42 7.74 163.92 -31.94
C GLN X 42 8.69 162.95 -31.26
N GLN X 43 8.72 162.93 -29.93
CA GLN X 43 9.51 161.94 -29.19
C GLN X 43 8.81 161.75 -27.85
N VAL X 44 8.00 160.71 -27.75
CA VAL X 44 7.23 160.45 -26.53
C VAL X 44 8.14 159.78 -25.52
N TRP X 45 8.45 160.51 -24.44
CA TRP X 45 9.35 160.01 -23.41
C TRP X 45 8.52 159.41 -22.28
N HIS X 46 8.78 158.14 -21.97
CA HIS X 46 8.13 157.43 -20.88
C HIS X 46 9.08 157.46 -19.69
N GLU X 47 8.73 158.25 -18.67
CA GLU X 47 9.63 158.50 -17.54
C GLU X 47 9.79 157.28 -16.63
N GLN X 48 9.00 156.23 -16.83
CA GLN X 48 9.14 155.02 -16.02
C GLN X 48 10.39 154.25 -16.44
N VAL X 49 11.55 154.73 -15.99
CA VAL X 49 12.85 154.17 -16.34
C VAL X 49 13.63 153.90 -15.06
N ASP X 50 14.86 153.43 -15.23
CA ASP X 50 15.75 153.11 -14.12
C ASP X 50 16.79 154.21 -13.95
N THR X 51 17.66 154.03 -12.96
CA THR X 51 18.70 154.99 -12.62
C THR X 51 20.04 154.67 -13.27
N SER X 52 20.11 153.65 -14.13
CA SER X 52 21.38 153.26 -14.73
C SER X 52 21.78 154.18 -15.87
N VAL X 53 20.93 154.27 -16.90
CA VAL X 53 21.28 155.05 -18.07
C VAL X 53 21.08 156.56 -17.84
N VAL X 54 20.24 156.93 -16.87
CA VAL X 54 19.97 158.35 -16.63
C VAL X 54 21.08 159.02 -15.83
N SER X 55 21.83 158.27 -15.04
CA SER X 55 22.83 158.82 -14.12
C SER X 55 24.03 159.45 -14.83
N GLN X 56 24.10 159.54 -16.16
CA GLN X 56 25.27 160.11 -16.83
C GLN X 56 25.09 161.57 -17.23
N ARG X 57 23.85 162.03 -17.43
CA ARG X 57 23.60 163.43 -17.74
C ARG X 57 22.96 164.19 -16.58
N ALA X 58 22.21 163.51 -15.73
CA ALA X 58 21.48 164.16 -14.64
C ALA X 58 22.38 164.71 -13.55
N LYS X 59 23.70 164.47 -13.60
CA LYS X 59 24.61 164.96 -12.57
C LYS X 59 25.65 165.91 -13.14
N GLU X 60 25.36 166.56 -14.27
CA GLU X 60 26.29 167.49 -14.89
C GLU X 60 26.15 168.91 -14.36
N LEU X 61 25.18 169.17 -13.50
CA LEU X 61 24.95 170.51 -12.95
C LEU X 61 25.06 170.53 -11.43
N ASN X 62 25.67 169.51 -10.83
CA ASN X 62 25.85 169.44 -9.39
C ASN X 62 27.32 169.25 -9.07
N LYS X 63 27.81 170.01 -8.09
CA LYS X 63 29.23 169.99 -7.73
C LYS X 63 29.45 169.43 -6.33
N ARG X 64 28.81 170.00 -5.30
CA ARG X 64 29.01 169.56 -3.93
C ARG X 64 27.70 169.40 -3.16
N LEU X 65 26.55 169.51 -3.82
CA LEU X 65 25.26 169.33 -3.18
C LEU X 65 24.46 168.29 -3.96
N THR X 66 23.56 167.61 -3.25
CA THR X 66 22.74 166.56 -3.82
C THR X 66 21.28 166.74 -3.43
N ALA X 67 20.39 166.22 -4.26
CA ALA X 67 18.96 166.27 -4.06
C ALA X 67 18.35 164.90 -4.30
N PRO X 68 17.28 164.55 -3.59
CA PRO X 68 16.64 163.26 -3.80
C PRO X 68 16.12 163.11 -5.21
N PRO X 69 16.30 161.94 -5.83
CA PRO X 69 15.77 161.73 -7.18
C PRO X 69 14.25 161.81 -7.24
N ALA X 70 13.58 161.48 -6.13
CA ALA X 70 12.10 161.45 -6.13
C ALA X 70 11.54 162.87 -5.95
N ALA X 71 12.41 163.84 -5.65
CA ALA X 71 11.95 165.23 -5.40
C ALA X 71 11.16 165.76 -6.60
N PHE X 72 11.72 165.63 -7.81
CA PHE X 72 11.08 166.19 -9.04
C PHE X 72 9.71 165.51 -9.29
N LEU X 73 9.66 164.18 -9.15
CA LEU X 73 8.40 163.44 -9.43
C LEU X 73 7.35 163.81 -8.37
N CYS X 74 7.78 163.96 -7.11
CA CYS X 74 6.84 164.32 -6.01
C CYS X 74 6.73 165.85 -5.89
N HIS X 75 6.97 166.56 -7.00
CA HIS X 75 6.86 168.05 -7.00
C HIS X 75 5.77 168.46 -8.00
N LEU X 76 6.00 168.18 -9.29
CA LEU X 76 5.03 168.52 -10.33
C LEU X 76 3.65 167.94 -10.02
N ASP X 77 3.60 166.65 -9.72
CA ASP X 77 2.30 166.02 -9.44
C ASP X 77 1.73 166.45 -8.10
N ASN X 78 2.57 166.87 -7.15
CA ASN X 78 2.05 167.33 -5.88
C ASN X 78 1.45 168.73 -6.00
N LEU X 79 2.07 169.61 -6.80
CA LEU X 79 1.53 170.96 -6.93
C LEU X 79 0.24 170.97 -7.72
N LEU X 80 -0.04 169.93 -8.52
CA LEU X 80 -1.28 169.88 -9.28
C LEU X 80 -2.46 169.39 -8.45
N ARG X 81 -2.20 168.79 -7.28
CA ARG X 81 -3.30 168.32 -6.43
C ARG X 81 -4.23 169.43 -5.95
N PRO X 82 -3.75 170.55 -5.41
CA PRO X 82 -4.67 171.61 -4.99
C PRO X 82 -4.96 172.66 -6.06
N LEU X 83 -4.52 172.46 -7.30
CA LEU X 83 -4.74 173.41 -8.38
C LEU X 83 -5.86 172.98 -9.33
N LEU X 84 -5.96 171.68 -9.62
CA LEU X 84 -6.96 171.16 -10.53
C LEU X 84 -8.09 170.43 -9.81
N LYS X 85 -7.76 169.47 -8.96
CA LYS X 85 -8.78 168.70 -8.24
C LYS X 85 -9.09 169.36 -6.89
N GLU X 92 -3.19 182.10 -19.18
CA GLU X 92 -3.03 181.40 -20.44
C GLU X 92 -1.94 180.34 -20.34
N ALA X 93 -2.33 179.12 -19.97
CA ALA X 93 -1.40 178.00 -19.85
C ALA X 93 -1.18 177.42 -21.25
N THR X 94 -0.22 178.00 -21.96
CA THR X 94 0.11 177.59 -23.32
C THR X 94 1.56 177.11 -23.37
N PHE X 95 1.75 175.89 -23.85
CA PHE X 95 3.08 175.32 -24.05
C PHE X 95 3.27 175.01 -25.53
N SER X 96 4.50 175.16 -26.00
CA SER X 96 4.81 174.93 -27.40
C SER X 96 5.91 173.89 -27.53
N CYS X 97 5.65 172.88 -28.36
CA CYS X 97 6.64 171.84 -28.64
C CYS X 97 6.45 171.40 -30.08
N ASP X 98 7.20 172.02 -30.99
CA ASP X 98 7.09 171.69 -32.41
C ASP X 98 7.75 170.35 -32.71
N CYS X 99 7.19 169.66 -33.71
CA CYS X 99 7.70 168.34 -34.08
C CYS X 99 9.03 168.41 -34.84
N VAL X 100 9.33 169.54 -35.47
CA VAL X 100 10.52 169.63 -36.30
C VAL X 100 11.79 169.59 -35.44
N ALA X 101 11.77 170.24 -34.29
CA ALA X 101 12.97 170.36 -33.45
C ALA X 101 13.20 169.06 -32.70
N ASP X 102 14.01 168.17 -33.29
CA ASP X 102 14.34 166.91 -32.62
C ASP X 102 15.26 167.13 -31.43
N ALA X 103 16.16 168.11 -31.51
CA ALA X 103 17.09 168.37 -30.42
C ALA X 103 16.33 168.85 -29.18
N LEU X 104 16.92 168.59 -28.01
CA LEU X 104 16.26 168.91 -26.75
C LEU X 104 16.48 170.37 -26.37
N ILE X 105 16.17 171.29 -27.29
CA ILE X 105 16.10 172.71 -26.98
C ILE X 105 14.65 173.13 -27.17
N LEU X 106 13.88 173.12 -26.08
CA LEU X 106 12.45 173.32 -26.17
C LEU X 106 12.12 174.75 -26.56
N ARG X 107 11.27 174.91 -27.57
CA ARG X 107 10.77 176.21 -28.00
C ARG X 107 9.44 176.46 -27.31
N VAL X 108 9.52 176.75 -26.01
CA VAL X 108 8.34 176.92 -25.17
C VAL X 108 8.19 178.40 -24.83
N ARG X 109 7.02 178.95 -25.12
CA ARG X 109 6.69 180.34 -24.80
C ARG X 109 5.69 180.42 -23.65
N SER X 110 5.83 179.51 -22.69
CA SER X 110 4.89 179.44 -21.58
C SER X 110 5.19 180.52 -20.54
N GLU X 111 4.13 181.18 -20.06
CA GLU X 111 4.23 182.14 -18.97
C GLU X 111 3.17 181.80 -17.93
N LEU X 112 3.59 181.65 -16.69
CA LEU X 112 2.69 181.29 -15.59
C LEU X 112 2.62 182.36 -14.52
N SER X 113 3.76 182.87 -14.06
CA SER X 113 3.77 183.90 -13.02
C SER X 113 4.75 185.03 -13.32
N GLY X 114 5.21 185.16 -14.56
CA GLY X 114 6.14 186.23 -14.89
C GLY X 114 7.59 185.84 -14.74
N LEU X 115 7.97 185.40 -13.54
CA LEU X 115 9.34 184.99 -13.29
C LEU X 115 9.62 183.67 -13.98
N PRO X 116 10.62 183.60 -14.86
CA PRO X 116 10.90 182.33 -15.55
C PRO X 116 11.42 181.27 -14.58
N PHE X 117 11.10 180.02 -14.87
CA PHE X 117 11.59 178.88 -14.11
C PHE X 117 12.15 177.86 -15.10
N TYR X 118 13.37 177.42 -14.87
CA TYR X 118 14.03 176.51 -15.80
C TYR X 118 13.41 175.11 -15.70
N TRP X 119 12.77 174.68 -16.78
CA TRP X 119 12.18 173.36 -16.86
C TRP X 119 12.05 172.97 -18.33
N ASN X 120 12.21 171.68 -18.60
CA ASN X 120 12.13 171.16 -19.95
C ASN X 120 11.80 169.68 -19.88
N PHE X 121 11.75 169.05 -21.06
CA PHE X 121 11.47 167.61 -21.15
C PHE X 121 12.79 166.86 -20.92
N HIS X 122 13.19 166.82 -19.65
CA HIS X 122 14.45 166.20 -19.28
C HIS X 122 14.35 164.69 -19.31
N CYS X 123 14.54 164.10 -20.48
CA CYS X 123 14.49 162.65 -20.65
C CYS X 123 15.48 162.25 -21.73
N MET X 124 16.18 161.14 -21.50
CA MET X 124 17.16 160.63 -22.46
C MET X 124 16.46 159.71 -23.45
N LEU X 125 17.25 158.96 -24.22
CA LEU X 125 16.68 158.04 -25.21
C LEU X 125 15.78 157.02 -24.53
N ALA X 126 14.60 156.81 -25.11
CA ALA X 126 13.61 155.91 -24.54
C ALA X 126 14.00 154.46 -24.82
N SER X 127 14.13 153.67 -23.76
CA SER X 127 14.45 152.27 -23.92
C SER X 127 13.28 151.53 -24.59
N PRO X 128 13.55 150.65 -25.55
CA PRO X 128 12.45 149.94 -26.23
C PRO X 128 11.59 149.10 -25.30
N SER X 129 12.18 148.52 -24.25
CA SER X 129 11.42 147.66 -23.36
C SER X 129 10.43 148.46 -22.51
N LEU X 130 10.87 149.57 -21.93
CA LEU X 130 10.04 150.33 -21.01
C LEU X 130 9.12 151.34 -21.71
N VAL X 131 9.26 151.53 -23.03
CA VAL X 131 8.42 152.50 -23.72
C VAL X 131 7.09 151.90 -24.16
N SER X 132 7.01 150.58 -24.31
CA SER X 132 5.82 149.94 -24.85
C SER X 132 5.29 148.76 -24.05
N GLN X 133 6.11 148.12 -23.23
CA GLN X 133 5.68 146.90 -22.53
C GLN X 133 4.89 147.17 -21.26
N HIS X 134 4.87 148.41 -20.76
CA HIS X 134 4.19 148.70 -19.51
C HIS X 134 3.32 149.95 -19.53
N LEU X 135 3.47 150.84 -20.50
CA LEU X 135 2.70 152.07 -20.55
C LEU X 135 1.73 152.11 -21.73
N ILE X 136 1.48 150.96 -22.36
CA ILE X 136 0.51 150.88 -23.44
C ILE X 136 -0.80 150.21 -23.00
N ARG X 137 -0.73 149.19 -22.14
CA ARG X 137 -1.96 148.59 -21.62
C ARG X 137 -2.87 149.62 -20.94
N PRO X 138 -2.38 150.50 -20.05
CA PRO X 138 -3.24 151.61 -19.60
C PRO X 138 -3.49 152.64 -20.68
N LEU X 139 -2.58 152.78 -21.65
CA LEU X 139 -2.80 153.70 -22.76
C LEU X 139 -3.88 153.20 -23.70
N MET X 140 -4.04 151.88 -23.82
CA MET X 140 -5.10 151.34 -24.66
C MET X 140 -6.44 151.27 -23.93
N GLY X 141 -6.44 151.45 -22.61
CA GLY X 141 -7.70 151.45 -21.87
C GLY X 141 -8.64 152.56 -22.30
N MET X 142 -8.08 153.71 -22.67
CA MET X 142 -8.89 154.81 -23.17
C MET X 142 -9.56 154.48 -24.49
N SER X 143 -8.92 153.63 -25.31
CA SER X 143 -9.53 153.12 -26.52
C SER X 143 -10.42 151.91 -26.27
N LEU X 144 -10.31 151.28 -25.09
CA LEU X 144 -11.18 150.17 -24.76
C LEU X 144 -12.63 150.63 -24.61
N ALA X 145 -12.84 151.86 -24.13
CA ALA X 145 -14.17 152.45 -24.14
C ALA X 145 -14.65 152.74 -25.55
N LEU X 146 -13.76 152.65 -26.54
CA LEU X 146 -14.09 152.86 -27.94
C LEU X 146 -14.08 151.54 -28.70
N GLN X 147 -12.96 150.80 -28.64
CA GLN X 147 -12.78 149.65 -29.50
C GLN X 147 -13.87 148.60 -29.28
N CYS X 148 -14.27 148.40 -28.03
CA CYS X 148 -15.34 147.47 -27.71
C CYS X 148 -16.71 148.13 -27.67
N GLN X 149 -16.80 149.44 -27.92
CA GLN X 149 -18.07 150.14 -27.80
C GLN X 149 -18.38 151.10 -28.95
N VAL X 150 -17.46 151.32 -29.88
CA VAL X 150 -17.81 152.11 -31.07
C VAL X 150 -18.89 151.40 -31.87
N ARG X 151 -18.71 150.11 -32.11
CA ARG X 151 -19.74 149.33 -32.81
C ARG X 151 -20.97 149.15 -31.93
N GLU X 152 -20.78 149.00 -30.63
CA GLU X 152 -21.92 148.82 -29.72
C GLU X 152 -22.83 150.04 -29.74
N LEU X 153 -22.27 151.23 -29.96
CA LEU X 153 -23.08 152.43 -30.11
C LEU X 153 -23.53 152.65 -31.55
N ALA X 154 -22.78 152.13 -32.53
CA ALA X 154 -23.12 152.33 -33.94
C ALA X 154 -24.30 151.45 -34.35
N THR X 155 -24.13 150.13 -34.25
CA THR X 155 -25.17 149.21 -34.69
C THR X 155 -26.40 149.22 -33.80
N LEU X 156 -26.33 149.87 -32.62
CA LEU X 156 -27.43 149.83 -31.67
C LEU X 156 -28.71 150.41 -32.24
N LEU X 157 -28.63 151.22 -33.29
CA LEU X 157 -29.82 151.77 -33.92
C LEU X 157 -30.50 150.77 -34.85
N HIS X 158 -29.92 149.59 -35.05
CA HIS X 158 -30.44 148.62 -35.99
C HIS X 158 -31.42 147.64 -35.34
N MET X 159 -30.96 146.88 -34.34
CA MET X 159 -31.86 145.92 -33.71
C MET X 159 -32.90 146.61 -32.82
N LYS X 160 -32.72 147.89 -32.52
CA LYS X 160 -33.72 148.66 -31.82
C LYS X 160 -34.77 149.26 -32.75
N ASP X 161 -34.63 149.01 -34.06
CA ASP X 161 -35.59 149.50 -35.04
C ASP X 161 -36.68 148.48 -35.35
N LEU X 162 -36.65 147.31 -34.70
CA LEU X 162 -37.62 146.26 -35.01
C LEU X 162 -39.04 146.69 -34.64
N GLU X 163 -39.23 147.20 -33.42
CA GLU X 163 -40.54 147.70 -33.03
C GLU X 163 -40.86 149.04 -33.66
N ILE X 164 -39.85 149.74 -34.21
CA ILE X 164 -40.08 150.95 -34.97
C ILE X 164 -40.49 150.66 -36.40
N GLN X 165 -40.65 149.39 -36.76
CA GLN X 165 -41.05 148.99 -38.10
C GLN X 165 -42.55 149.15 -38.35
N ASP X 166 -43.23 149.94 -37.52
CA ASP X 166 -44.63 150.27 -37.70
C ASP X 166 -44.85 151.39 -38.71
N TYR X 167 -43.89 151.60 -39.61
CA TYR X 167 -43.95 152.66 -40.61
C TYR X 167 -45.08 152.46 -41.60
N GLN X 168 -45.86 151.39 -41.50
CA GLN X 168 -46.94 151.11 -42.43
C GLN X 168 -48.30 151.00 -41.76
N GLU X 169 -48.37 150.37 -40.59
CA GLU X 169 -49.63 150.11 -39.92
C GLU X 169 -50.04 151.21 -38.95
N SER X 170 -49.19 152.21 -38.70
CA SER X 170 -49.50 153.28 -37.78
C SER X 170 -49.35 154.68 -38.37
N GLY X 171 -48.63 154.82 -39.47
CA GLY X 171 -48.45 156.14 -40.05
C GLY X 171 -47.52 156.07 -41.25
N ALA X 172 -47.05 157.24 -41.67
CA ALA X 172 -46.12 157.32 -42.80
C ALA X 172 -45.00 158.33 -42.57
N THR X 173 -44.75 158.72 -41.32
CA THR X 173 -43.77 159.75 -41.00
C THR X 173 -42.50 159.13 -40.44
N LEU X 174 -41.39 159.86 -40.60
CA LEU X 174 -40.10 159.43 -40.07
C LEU X 174 -39.99 159.83 -38.60
N ILE X 175 -38.78 159.77 -38.05
CA ILE X 175 -38.60 159.94 -36.62
C ILE X 175 -38.69 161.41 -36.22
N ARG X 176 -37.74 162.22 -36.67
CA ARG X 176 -37.78 163.65 -36.35
C ARG X 176 -37.57 164.53 -37.58
N ASP X 177 -36.65 164.11 -38.45
CA ASP X 177 -36.32 164.85 -39.68
C ASP X 177 -35.92 166.29 -39.39
N ARG X 178 -35.33 166.56 -38.22
CA ARG X 178 -34.85 167.90 -37.92
C ARG X 178 -33.36 167.93 -37.58
N LEU X 179 -32.85 166.92 -36.89
CA LEU X 179 -31.41 166.67 -36.82
C LEU X 179 -31.03 165.42 -37.58
N LYS X 180 -31.98 164.80 -38.28
CA LYS X 180 -31.81 163.45 -38.82
C LYS X 180 -30.68 163.38 -39.83
N THR X 181 -29.59 162.71 -39.45
CA THR X 181 -28.50 162.36 -40.33
C THR X 181 -28.57 160.87 -40.64
N GLU X 182 -27.56 160.37 -41.35
CA GLU X 182 -27.50 158.94 -41.63
C GLU X 182 -27.30 158.18 -40.32
N PRO X 183 -27.85 156.97 -40.22
CA PRO X 183 -27.54 156.12 -39.06
C PRO X 183 -26.04 155.88 -38.97
N PHE X 184 -25.42 156.40 -37.91
CA PHE X 184 -23.97 156.41 -37.83
C PHE X 184 -23.46 155.00 -37.55
N GLU X 185 -22.77 154.42 -38.52
CA GLU X 185 -22.31 153.05 -38.42
C GLU X 185 -20.81 152.94 -38.64
N GLU X 186 -20.30 151.71 -38.76
CA GLU X 186 -18.89 151.51 -39.05
C GLU X 186 -18.54 152.08 -40.42
N ASN X 187 -19.37 151.81 -41.43
CA ASN X 187 -19.09 152.26 -42.78
C ASN X 187 -19.32 153.75 -42.97
N SER X 188 -20.13 154.38 -42.12
CA SER X 188 -20.37 155.80 -42.24
C SER X 188 -19.10 156.61 -41.99
N PHE X 189 -18.29 156.19 -41.02
CA PHE X 189 -17.08 156.92 -40.63
C PHE X 189 -15.87 156.54 -41.47
N LEU X 190 -15.96 155.51 -42.31
CA LEU X 190 -14.82 155.12 -43.13
C LEU X 190 -14.44 156.21 -44.12
N GLU X 191 -15.34 156.52 -45.05
CA GLU X 191 -15.08 157.57 -46.04
C GLU X 191 -15.26 158.97 -45.47
N GLN X 192 -15.89 159.10 -44.30
CA GLN X 192 -15.98 160.41 -43.66
C GLN X 192 -14.62 160.91 -43.21
N PHE X 193 -13.73 159.99 -42.82
CA PHE X 193 -12.37 160.38 -42.44
C PHE X 193 -11.59 160.93 -43.64
N MET X 194 -11.94 160.49 -44.85
CA MET X 194 -11.22 160.94 -46.05
C MET X 194 -11.39 162.42 -46.32
N ILE X 195 -12.58 162.98 -46.12
CA ILE X 195 -12.91 164.32 -46.58
C ILE X 195 -12.77 165.36 -45.46
N GLU X 196 -13.23 165.03 -44.26
CA GLU X 196 -13.28 166.00 -43.16
C GLU X 196 -12.27 165.73 -42.07
N LYS X 197 -12.05 164.48 -41.69
CA LYS X 197 -11.11 164.14 -40.63
C LYS X 197 -9.68 163.98 -41.15
N LEU X 198 -9.46 164.15 -42.45
CA LEU X 198 -8.11 164.09 -42.99
C LEU X 198 -7.18 165.14 -42.37
N PRO X 199 -7.57 166.41 -42.23
CA PRO X 199 -6.69 167.34 -41.49
C PRO X 199 -6.44 166.92 -40.05
N GLU X 200 -7.41 166.27 -39.41
CA GLU X 200 -7.19 165.77 -38.05
C GLU X 200 -6.08 164.73 -38.01
N ALA X 201 -6.03 163.84 -39.01
CA ALA X 201 -4.90 162.93 -39.12
C ALA X 201 -3.61 163.67 -39.47
N CYS X 202 -3.71 164.73 -40.27
CA CYS X 202 -2.55 165.54 -40.58
C CYS X 202 -2.07 166.29 -39.33
N SER X 203 -2.92 167.17 -38.79
CA SER X 203 -2.65 167.87 -37.54
C SER X 203 -3.77 167.53 -36.58
N ILE X 204 -3.41 166.92 -35.43
CA ILE X 204 -4.41 166.43 -34.51
C ILE X 204 -5.23 167.57 -33.92
N GLY X 205 -4.64 168.75 -33.80
CA GLY X 205 -5.33 169.90 -33.26
C GLY X 205 -4.81 170.31 -31.90
N ASP X 206 -5.71 170.53 -30.94
CA ASP X 206 -5.33 170.90 -29.59
C ASP X 206 -5.52 169.80 -28.57
N GLY X 207 -6.50 168.91 -28.78
CA GLY X 207 -6.72 167.78 -27.90
C GLY X 207 -7.97 167.87 -27.04
N LYS X 208 -8.65 169.02 -27.02
CA LYS X 208 -9.85 169.15 -26.20
C LYS X 208 -10.92 168.14 -26.56
N PRO X 209 -11.28 167.94 -27.85
CA PRO X 209 -12.19 166.82 -28.17
C PRO X 209 -11.58 165.46 -27.90
N PHE X 210 -10.26 165.40 -27.68
CA PHE X 210 -9.59 164.12 -27.48
C PHE X 210 -9.56 163.68 -26.03
N VAL X 211 -9.64 164.60 -25.07
CA VAL X 211 -9.50 164.28 -23.65
C VAL X 211 -10.84 164.30 -22.91
N MET X 212 -11.48 165.47 -22.78
CA MET X 212 -12.73 165.56 -22.02
C MET X 212 -13.81 164.67 -22.60
N ASN X 213 -13.72 164.37 -23.88
CA ASN X 213 -14.73 163.60 -24.56
C ASN X 213 -14.59 162.11 -24.31
N LEU X 214 -13.44 161.67 -23.78
CA LEU X 214 -13.22 160.29 -23.37
C LEU X 214 -13.29 160.06 -21.87
N GLN X 215 -13.24 161.11 -21.06
CA GLN X 215 -13.24 160.92 -19.61
C GLN X 215 -14.58 160.39 -19.11
N ASP X 216 -15.67 160.74 -19.78
CA ASP X 216 -16.99 160.24 -19.39
C ASP X 216 -17.12 158.74 -19.61
N LEU X 217 -16.28 158.15 -20.45
CA LEU X 217 -16.33 156.72 -20.73
C LEU X 217 -15.19 155.95 -20.08
N TYR X 218 -14.42 156.58 -19.18
CA TYR X 218 -13.18 156.00 -18.69
C TYR X 218 -13.16 155.63 -17.21
N MET X 219 -14.14 156.07 -16.42
CA MET X 219 -14.06 155.80 -14.98
C MET X 219 -14.17 154.32 -14.66
N ALA X 220 -14.84 153.53 -15.49
CA ALA X 220 -15.00 152.10 -15.22
C ALA X 220 -14.82 151.28 -16.49
N VAL X 221 -13.89 151.70 -17.36
CA VAL X 221 -13.69 151.00 -18.62
C VAL X 221 -13.06 149.63 -18.38
N THR X 222 -12.06 149.55 -17.49
CA THR X 222 -11.36 148.31 -17.22
C THR X 222 -11.04 148.16 -15.73
N THR X 223 -11.92 148.67 -14.86
CA THR X 223 -11.65 148.66 -13.43
C THR X 223 -11.48 147.24 -12.90
N GLN X 224 -12.34 146.32 -13.31
CA GLN X 224 -12.23 144.93 -12.89
C GLN X 224 -11.70 144.06 -14.02
N MET Y 1 5.11 163.99 -50.09
CA MET Y 1 6.52 163.80 -49.77
C MET Y 1 6.73 162.49 -49.01
N GLU Y 2 7.89 161.85 -49.26
CA GLU Y 2 8.24 160.57 -48.65
C GLU Y 2 7.13 159.55 -48.84
N GLU Y 3 6.88 159.24 -50.12
CA GLU Y 3 5.76 158.37 -50.49
C GLU Y 3 5.88 156.97 -49.93
N LEU Y 4 7.07 156.53 -49.53
CA LEU Y 4 7.23 155.19 -48.97
C LEU Y 4 6.62 155.11 -47.58
N GLU Y 5 7.12 155.93 -46.65
CA GLU Y 5 6.55 155.93 -45.30
C GLU Y 5 5.14 156.50 -45.30
N GLN Y 6 4.82 157.40 -46.25
CA GLN Y 6 3.45 157.89 -46.35
C GLN Y 6 2.51 156.77 -46.79
N GLY Y 7 2.96 155.92 -47.72
CA GLY Y 7 2.17 154.76 -48.11
C GLY Y 7 2.03 153.77 -46.97
N LEU Y 8 3.09 153.59 -46.19
CA LEU Y 8 2.99 152.83 -44.95
C LEU Y 8 1.90 153.37 -44.04
N LEU Y 9 1.89 154.69 -43.85
CA LEU Y 9 0.92 155.31 -42.95
C LEU Y 9 -0.50 155.18 -43.49
N MET Y 10 -0.69 155.37 -44.79
CA MET Y 10 -2.02 155.23 -45.38
C MET Y 10 -2.44 153.78 -45.56
N GLN Y 11 -1.49 152.86 -45.59
CA GLN Y 11 -1.84 151.44 -45.61
C GLN Y 11 -2.60 151.09 -44.33
N PRO Y 12 -3.79 150.52 -44.44
CA PRO Y 12 -4.55 150.15 -43.25
C PRO Y 12 -3.76 149.20 -42.35
N TRP Y 13 -4.08 149.24 -41.05
CA TRP Y 13 -3.41 148.36 -40.10
C TRP Y 13 -3.79 146.94 -40.45
N ALA Y 14 -2.87 146.23 -41.09
CA ALA Y 14 -3.16 144.95 -41.71
C ALA Y 14 -2.39 143.83 -41.02
N TRP Y 15 -2.96 142.63 -41.10
CA TRP Y 15 -2.37 141.45 -40.49
C TRP Y 15 -1.39 140.82 -41.46
N LEU Y 16 -0.10 140.92 -41.16
CA LEU Y 16 0.91 140.21 -41.94
C LEU Y 16 0.74 138.71 -41.75
N GLN Y 17 1.35 137.94 -42.64
CA GLN Y 17 1.31 136.49 -42.54
C GLN Y 17 1.91 136.05 -41.20
N LEU Y 18 1.06 135.54 -40.31
CA LEU Y 18 1.46 135.22 -38.95
C LEU Y 18 0.86 133.88 -38.54
N ALA Y 19 1.61 133.17 -37.70
CA ALA Y 19 1.13 131.95 -37.07
C ALA Y 19 0.86 132.13 -35.58
N GLU Y 20 0.86 133.36 -35.10
CA GLU Y 20 0.64 133.67 -33.69
C GLU Y 20 -0.31 134.85 -33.60
N ASN Y 21 -0.39 135.45 -32.41
CA ASN Y 21 -1.29 136.57 -32.18
C ASN Y 21 -1.02 137.69 -33.18
N SER Y 22 -2.10 138.24 -33.75
CA SER Y 22 -1.97 139.25 -34.79
C SER Y 22 -1.26 140.49 -34.27
N LEU Y 23 -0.32 141.00 -35.07
CA LEU Y 23 0.42 142.21 -34.75
C LEU Y 23 0.03 143.32 -35.71
N LEU Y 24 0.47 144.54 -35.36
CA LEU Y 24 0.21 145.72 -36.19
C LEU Y 24 1.25 145.83 -37.31
N ALA Y 25 1.38 144.74 -38.06
CA ALA Y 25 2.37 144.64 -39.13
C ALA Y 25 1.72 144.95 -40.48
N LYS Y 26 1.48 146.23 -40.71
CA LYS Y 26 0.88 146.70 -41.96
C LYS Y 26 1.97 146.91 -42.99
N VAL Y 27 2.24 145.86 -43.77
CA VAL Y 27 3.28 145.96 -44.79
C VAL Y 27 2.75 146.71 -45.99
N PHE Y 28 3.53 147.68 -46.48
CA PHE Y 28 3.21 148.44 -47.68
C PHE Y 28 4.41 148.39 -48.62
N ILE Y 29 4.38 147.48 -49.58
CA ILE Y 29 5.44 147.38 -50.57
C ILE Y 29 5.25 148.46 -51.62
N THR Y 30 6.27 149.30 -51.79
CA THR Y 30 6.26 150.35 -52.80
C THR Y 30 7.01 149.88 -54.04
N LYS Y 31 6.92 150.69 -55.10
CA LYS Y 31 7.67 150.39 -56.31
C LYS Y 31 9.17 150.64 -56.13
N GLN Y 32 9.55 151.35 -55.07
CA GLN Y 32 10.95 151.61 -54.74
C GLN Y 32 11.29 151.06 -53.37
N GLY Y 33 10.83 149.85 -53.07
CA GLY Y 33 11.08 149.23 -51.79
C GLY Y 33 9.84 149.17 -50.92
N TYR Y 34 10.02 149.39 -49.62
CA TYR Y 34 8.87 149.38 -48.70
C TYR Y 34 9.26 150.06 -47.40
N ALA Y 35 8.24 150.42 -46.64
CA ALA Y 35 8.38 150.85 -45.25
C ALA Y 35 7.51 149.91 -44.44
N LEU Y 36 8.13 149.03 -43.66
CA LEU Y 36 7.42 147.99 -42.92
C LEU Y 36 7.37 148.39 -41.45
N LEU Y 37 6.15 148.63 -40.95
CA LEU Y 37 5.93 148.95 -39.54
C LEU Y 37 5.28 147.74 -38.89
N VAL Y 38 6.08 146.94 -38.20
CA VAL Y 38 5.58 145.80 -37.44
C VAL Y 38 5.49 146.21 -35.98
N SER Y 39 4.35 145.94 -35.35
CA SER Y 39 4.15 146.32 -33.96
C SER Y 39 3.27 145.30 -33.27
N ASP Y 40 3.72 144.82 -32.12
CA ASP Y 40 2.93 143.95 -31.26
C ASP Y 40 2.26 144.73 -30.13
N LEU Y 41 2.36 146.05 -30.16
CA LEU Y 41 1.95 146.96 -29.09
C LEU Y 41 2.72 146.71 -27.80
N GLN Y 42 3.74 145.86 -27.85
CA GLN Y 42 4.73 145.73 -26.79
C GLN Y 42 6.11 146.15 -27.24
N GLN Y 43 6.32 146.31 -28.55
CA GLN Y 43 7.57 146.82 -29.10
C GLN Y 43 7.26 147.37 -30.48
N VAL Y 44 8.15 148.23 -30.98
CA VAL Y 44 7.95 148.92 -32.24
C VAL Y 44 9.07 148.51 -33.19
N TRP Y 45 8.69 148.01 -34.35
CA TRP Y 45 9.63 147.71 -35.44
C TRP Y 45 9.25 148.54 -36.65
N HIS Y 46 10.22 149.27 -37.20
CA HIS Y 46 10.01 150.14 -38.36
C HIS Y 46 11.04 149.77 -39.42
N GLU Y 47 10.67 148.82 -40.29
CA GLU Y 47 11.55 148.37 -41.36
C GLU Y 47 11.29 149.19 -42.61
N GLN Y 48 11.88 150.39 -42.64
CA GLN Y 48 11.76 151.29 -43.78
C GLN Y 48 13.02 151.18 -44.64
N VAL Y 49 13.09 150.09 -45.40
CA VAL Y 49 14.23 149.80 -46.27
C VAL Y 49 13.75 149.68 -47.70
N ASP Y 50 14.43 150.37 -48.62
CA ASP Y 50 14.11 150.28 -50.03
C ASP Y 50 14.59 148.95 -50.60
N THR Y 51 14.18 148.68 -51.85
CA THR Y 51 14.50 147.41 -52.49
C THR Y 51 16.00 147.27 -52.78
N SER Y 52 16.75 148.36 -52.77
CA SER Y 52 18.19 148.31 -53.00
C SER Y 52 18.95 148.07 -51.70
N VAL Y 53 18.64 148.82 -50.65
CA VAL Y 53 19.35 148.66 -49.39
C VAL Y 53 18.99 147.34 -48.72
N VAL Y 54 17.78 146.83 -48.94
CA VAL Y 54 17.40 145.55 -48.33
C VAL Y 54 18.23 144.41 -48.91
N SER Y 55 18.65 144.54 -50.17
CA SER Y 55 19.45 143.49 -50.78
C SER Y 55 20.78 143.30 -50.05
N GLN Y 56 21.46 144.41 -49.73
CA GLN Y 56 22.70 144.32 -48.97
C GLN Y 56 22.45 144.07 -47.48
N ARG Y 57 21.30 144.48 -46.95
CA ARG Y 57 20.99 144.22 -45.56
C ARG Y 57 20.73 142.74 -45.32
N ALA Y 58 20.15 142.05 -46.29
CA ALA Y 58 19.97 140.62 -46.18
C ALA Y 58 21.30 139.88 -46.13
N LYS Y 59 22.33 140.44 -46.78
CA LYS Y 59 23.65 139.83 -46.74
C LYS Y 59 24.28 139.89 -45.36
N GLU Y 60 23.80 140.77 -44.49
CA GLU Y 60 24.30 140.88 -43.12
C GLU Y 60 23.30 140.40 -42.08
N LEU Y 61 22.05 140.14 -42.47
CA LEU Y 61 21.04 139.64 -41.55
C LEU Y 61 20.63 138.19 -41.86
N ASN Y 62 20.32 137.89 -43.12
CA ASN Y 62 20.01 136.52 -43.49
C ASN Y 62 21.25 135.64 -43.33
N LYS Y 63 21.04 134.43 -42.81
CA LYS Y 63 22.16 133.51 -42.60
C LYS Y 63 22.74 133.06 -43.93
N ARG Y 64 21.89 132.62 -44.86
CA ARG Y 64 22.31 132.21 -46.20
C ARG Y 64 21.27 132.70 -47.19
N LEU Y 65 21.64 133.68 -48.02
CA LEU Y 65 20.74 134.20 -49.03
C LEU Y 65 21.55 134.53 -50.28
N THR Y 66 21.45 133.68 -51.30
CA THR Y 66 22.06 133.92 -52.61
C THR Y 66 20.93 133.83 -53.63
N ALA Y 67 20.25 134.95 -53.84
CA ALA Y 67 19.11 135.05 -54.75
C ALA Y 67 19.29 136.24 -55.67
N PRO Y 68 18.72 136.20 -56.86
CA PRO Y 68 18.83 137.33 -57.79
C PRO Y 68 18.28 138.61 -57.18
N PRO Y 69 18.95 139.75 -57.38
CA PRO Y 69 18.45 141.01 -56.83
C PRO Y 69 17.23 141.52 -57.58
N ALA Y 70 17.20 141.29 -58.90
CA ALA Y 70 16.05 141.69 -59.69
C ALA Y 70 14.80 140.93 -59.29
N ALA Y 71 14.93 139.64 -58.96
CA ALA Y 71 13.79 138.85 -58.52
C ALA Y 71 13.25 139.33 -57.18
N PHE Y 72 14.07 140.02 -56.37
CA PHE Y 72 13.59 140.51 -55.08
C PHE Y 72 12.48 141.53 -55.25
N LEU Y 73 12.61 142.43 -56.24
CA LEU Y 73 11.58 143.45 -56.45
C LEU Y 73 10.25 142.80 -56.83
N CYS Y 74 10.28 141.82 -57.74
CA CYS Y 74 9.06 141.12 -58.11
C CYS Y 74 8.49 140.31 -56.96
N HIS Y 75 9.36 139.70 -56.15
CA HIS Y 75 8.90 138.93 -55.00
C HIS Y 75 8.22 139.84 -53.97
N LEU Y 76 8.73 141.06 -53.80
CA LEU Y 76 8.15 141.99 -52.84
C LEU Y 76 6.87 142.63 -53.36
N ASP Y 77 6.81 142.93 -54.67
CA ASP Y 77 5.70 143.72 -55.20
C ASP Y 77 4.34 143.06 -55.02
N ASN Y 78 4.29 141.73 -54.90
CA ASN Y 78 3.02 141.06 -54.67
C ASN Y 78 2.44 141.34 -53.29
N LEU Y 79 3.25 141.85 -52.37
CA LEU Y 79 2.81 142.20 -51.02
C LEU Y 79 2.40 143.67 -50.90
N LEU Y 80 2.09 144.32 -52.01
CA LEU Y 80 1.51 145.67 -51.94
C LEU Y 80 0.21 145.64 -51.15
N ARG Y 81 -0.64 144.65 -51.42
CA ARG Y 81 -1.77 144.35 -50.56
C ARG Y 81 -1.35 143.28 -49.56
N PRO Y 82 -1.43 143.54 -48.25
CA PRO Y 82 -0.89 142.58 -47.28
C PRO Y 82 -1.69 141.29 -47.21
N LEU Y 83 -1.56 140.46 -48.23
CA LEU Y 83 -2.25 139.17 -48.31
C LEU Y 83 -1.31 138.00 -48.46
N LEU Y 84 -0.26 138.13 -49.27
CA LEU Y 84 0.69 137.04 -49.48
C LEU Y 84 1.96 137.62 -50.08
N LYS Y 85 3.09 137.03 -49.71
CA LYS Y 85 4.38 137.49 -50.20
C LYS Y 85 5.19 136.36 -50.82
N ASP Y 86 4.91 135.12 -50.42
CA ASP Y 86 5.63 133.97 -50.96
C ASP Y 86 4.70 132.77 -51.09
N ALA Y 93 4.12 129.24 -48.48
CA ALA Y 93 2.99 129.27 -47.55
C ALA Y 93 2.99 130.56 -46.74
N THR Y 94 2.40 130.50 -45.54
CA THR Y 94 2.32 131.65 -44.66
C THR Y 94 3.58 131.76 -43.81
N PHE Y 95 3.77 132.95 -43.23
CA PHE Y 95 4.91 133.25 -42.38
C PHE Y 95 4.43 133.48 -40.95
N SER Y 96 5.34 133.93 -40.09
CA SER Y 96 4.99 134.17 -38.69
C SER Y 96 5.95 135.19 -38.11
N CYS Y 97 5.41 136.32 -37.66
CA CYS Y 97 6.20 137.29 -36.92
C CYS Y 97 6.54 136.74 -35.55
N ASP Y 98 7.72 137.10 -35.05
CA ASP Y 98 8.24 136.57 -33.79
C ASP Y 98 8.31 137.72 -32.78
N CYS Y 99 7.21 137.94 -32.06
CA CYS Y 99 7.14 138.96 -31.03
C CYS Y 99 7.41 138.33 -29.66
N VAL Y 100 8.62 137.80 -29.52
CA VAL Y 100 9.04 137.15 -28.28
C VAL Y 100 10.11 137.96 -27.57
N ALA Y 101 10.97 138.65 -28.31
CA ALA Y 101 12.06 139.42 -27.72
C ALA Y 101 12.22 140.75 -28.43
N ASP Y 102 13.35 141.43 -28.20
CA ASP Y 102 13.59 142.73 -28.81
C ASP Y 102 13.78 142.67 -30.32
N ALA Y 103 13.94 141.48 -30.89
CA ALA Y 103 14.07 141.31 -32.34
C ALA Y 103 12.94 140.42 -32.84
N LEU Y 104 12.47 140.70 -34.05
CA LEU Y 104 11.37 139.97 -34.65
C LEU Y 104 11.86 139.21 -35.87
N ILE Y 105 11.38 137.97 -36.00
CA ILE Y 105 11.80 137.06 -37.06
C ILE Y 105 10.57 136.60 -37.82
N LEU Y 106 10.73 136.42 -39.14
CA LEU Y 106 9.64 136.03 -40.03
C LEU Y 106 10.03 134.77 -40.82
N ARG Y 107 10.54 133.76 -40.13
CA ARG Y 107 10.96 132.51 -40.74
C ARG Y 107 10.08 131.37 -40.27
N VAL Y 108 9.72 130.49 -41.21
CA VAL Y 108 9.06 129.23 -40.91
C VAL Y 108 9.99 128.12 -41.35
N ARG Y 109 10.36 127.23 -40.43
CA ARG Y 109 11.45 126.29 -40.65
C ARG Y 109 10.91 124.87 -40.75
N SER Y 110 11.25 124.19 -41.85
CA SER Y 110 11.09 122.76 -42.04
C SER Y 110 12.46 122.17 -42.31
N GLU Y 111 12.50 120.89 -42.72
CA GLU Y 111 13.77 120.28 -43.08
C GLU Y 111 13.52 119.18 -44.11
N LEU Y 112 13.85 119.48 -45.37
CA LEU Y 112 13.83 118.48 -46.44
C LEU Y 112 14.99 118.61 -47.41
N SER Y 113 15.95 119.49 -47.13
CA SER Y 113 17.11 119.73 -48.00
C SER Y 113 16.70 120.18 -49.40
N GLY Y 114 15.51 120.75 -49.53
CA GLY Y 114 14.97 121.14 -50.82
C GLY Y 114 15.51 122.48 -51.30
N LEU Y 115 14.96 122.93 -52.43
CA LEU Y 115 15.33 124.22 -53.02
C LEU Y 115 14.11 124.99 -53.50
N PRO Y 116 13.21 125.41 -52.59
CA PRO Y 116 12.19 126.40 -52.97
C PRO Y 116 12.76 127.81 -52.97
N PHE Y 117 11.90 128.81 -53.13
CA PHE Y 117 12.30 130.20 -52.93
C PHE Y 117 11.81 130.66 -51.57
N TYR Y 118 12.73 131.02 -50.69
CA TYR Y 118 12.42 131.47 -49.34
C TYR Y 118 12.92 132.90 -49.15
N TRP Y 119 12.09 133.72 -48.51
CA TRP Y 119 12.46 135.09 -48.19
C TRP Y 119 11.79 135.46 -46.87
N ASN Y 120 12.49 136.27 -46.08
CA ASN Y 120 12.01 136.65 -44.75
C ASN Y 120 12.23 138.14 -44.53
N PHE Y 121 11.43 138.70 -43.64
CA PHE Y 121 11.55 140.10 -43.26
C PHE Y 121 12.27 140.20 -41.91
N HIS Y 122 13.29 141.04 -41.87
CA HIS Y 122 14.07 141.28 -40.66
C HIS Y 122 13.78 142.70 -40.19
N CYS Y 123 12.96 142.81 -39.15
CA CYS Y 123 12.53 144.10 -38.63
C CYS Y 123 13.48 144.55 -37.53
N MET Y 124 14.18 145.66 -37.75
CA MET Y 124 15.12 146.18 -36.77
C MET Y 124 14.38 147.01 -35.73
N LEU Y 125 15.11 147.43 -34.70
CA LEU Y 125 14.53 148.27 -33.66
C LEU Y 125 14.23 149.66 -34.21
N ALA Y 126 13.13 150.24 -33.75
CA ALA Y 126 12.70 151.57 -34.17
C ALA Y 126 13.15 152.60 -33.14
N SER Y 127 13.67 153.72 -33.63
CA SER Y 127 14.12 154.79 -32.74
C SER Y 127 12.93 155.42 -32.03
N PRO Y 128 13.15 155.98 -30.84
CA PRO Y 128 12.03 156.56 -30.08
C PRO Y 128 11.31 157.67 -30.84
N SER Y 129 11.99 158.40 -31.71
CA SER Y 129 11.29 159.37 -32.55
C SER Y 129 10.30 158.68 -33.48
N LEU Y 130 10.74 157.62 -34.15
CA LEU Y 130 9.83 156.85 -35.00
C LEU Y 130 8.78 156.13 -34.15
N VAL Y 131 9.16 155.65 -32.97
CA VAL Y 131 8.20 155.03 -32.07
C VAL Y 131 7.07 156.00 -31.75
N SER Y 132 7.42 157.24 -31.42
CA SER Y 132 6.41 158.25 -31.13
C SER Y 132 5.58 158.59 -32.36
N GLN Y 133 6.24 158.77 -33.51
CA GLN Y 133 5.54 159.20 -34.72
C GLN Y 133 4.71 158.11 -35.36
N HIS Y 134 4.84 156.84 -34.92
CA HIS Y 134 4.09 155.76 -35.54
C HIS Y 134 3.26 154.93 -34.59
N LEU Y 135 3.56 154.92 -33.28
CA LEU Y 135 2.86 154.05 -32.34
C LEU Y 135 2.36 154.77 -31.10
N ILE Y 136 2.48 156.09 -31.02
CA ILE Y 136 1.82 156.84 -29.95
C ILE Y 136 0.98 157.96 -30.57
N ARG Y 137 1.61 158.80 -31.38
CA ARG Y 137 0.86 159.85 -32.05
C ARG Y 137 -0.22 159.30 -32.97
N PRO Y 138 0.04 158.32 -33.85
CA PRO Y 138 -1.09 157.75 -34.61
C PRO Y 138 -2.11 157.05 -33.75
N LEU Y 139 -1.68 156.32 -32.71
CA LEU Y 139 -2.66 155.64 -31.85
C LEU Y 139 -3.55 156.66 -31.14
N MET Y 140 -2.96 157.76 -30.69
CA MET Y 140 -3.75 158.88 -30.16
C MET Y 140 -4.68 159.43 -31.23
N GLY Y 141 -4.23 159.48 -32.48
CA GLY Y 141 -5.08 159.96 -33.55
C GLY Y 141 -6.29 159.07 -33.78
N MET Y 142 -6.09 157.75 -33.79
CA MET Y 142 -7.24 156.85 -33.92
C MET Y 142 -8.12 156.84 -32.68
N SER Y 143 -7.56 157.07 -31.49
CA SER Y 143 -8.41 157.25 -30.32
C SER Y 143 -9.32 158.47 -30.50
N LEU Y 144 -8.76 159.58 -30.97
CA LEU Y 144 -9.56 160.76 -31.26
C LEU Y 144 -10.61 160.48 -32.32
N ALA Y 145 -10.23 159.74 -33.37
CA ALA Y 145 -11.18 159.41 -34.43
C ALA Y 145 -12.32 158.55 -33.91
N LEU Y 146 -12.01 157.56 -33.07
CA LEU Y 146 -13.04 156.70 -32.53
C LEU Y 146 -13.98 157.48 -31.61
N GLN Y 147 -13.45 158.39 -30.80
CA GLN Y 147 -14.34 159.19 -29.96
C GLN Y 147 -15.17 160.18 -30.77
N CYS Y 148 -14.63 160.70 -31.87
CA CYS Y 148 -15.45 161.50 -32.77
C CYS Y 148 -16.56 160.66 -33.39
N GLN Y 149 -16.27 159.40 -33.71
CA GLN Y 149 -17.29 158.46 -34.14
C GLN Y 149 -18.32 158.19 -33.04
N VAL Y 150 -17.90 158.20 -31.79
CA VAL Y 150 -18.77 157.89 -30.66
C VAL Y 150 -19.70 159.05 -30.31
N ARG Y 151 -19.22 160.30 -30.43
CA ARG Y 151 -20.08 161.42 -30.05
C ARG Y 151 -21.23 161.65 -31.01
N GLU Y 152 -21.01 161.53 -32.32
CA GLU Y 152 -22.11 161.66 -33.25
C GLU Y 152 -23.11 160.53 -33.05
N LEU Y 153 -22.65 159.40 -32.52
CA LEU Y 153 -23.54 158.35 -32.07
C LEU Y 153 -24.31 158.74 -30.81
N ALA Y 154 -23.62 159.40 -29.87
CA ALA Y 154 -24.27 159.78 -28.62
C ALA Y 154 -25.40 160.77 -28.86
N THR Y 155 -25.19 161.73 -29.78
CA THR Y 155 -26.28 162.61 -30.18
C THR Y 155 -27.36 161.84 -30.92
N LEU Y 156 -27.05 160.63 -31.39
CA LEU Y 156 -28.01 159.76 -32.05
C LEU Y 156 -28.40 158.57 -31.18
N LEU Y 157 -28.07 158.62 -29.89
CA LEU Y 157 -28.28 157.50 -28.98
C LEU Y 157 -29.29 157.79 -27.88
N HIS Y 158 -29.88 158.99 -27.86
CA HIS Y 158 -30.75 159.40 -26.76
C HIS Y 158 -32.23 159.38 -27.11
N MET Y 159 -32.59 159.53 -28.38
CA MET Y 159 -34.00 159.51 -28.78
C MET Y 159 -34.37 158.31 -29.66
N LYS Y 160 -33.42 157.77 -30.43
CA LYS Y 160 -33.72 156.59 -31.23
C LYS Y 160 -33.89 155.35 -30.36
N ASP Y 161 -33.10 155.24 -29.28
CA ASP Y 161 -33.23 154.10 -28.38
C ASP Y 161 -34.50 154.15 -27.54
N LEU Y 162 -35.14 155.32 -27.44
CA LEU Y 162 -36.43 155.43 -26.77
C LEU Y 162 -37.61 155.26 -27.72
N GLU Y 163 -37.37 155.38 -29.03
CA GLU Y 163 -38.46 155.26 -29.99
C GLU Y 163 -39.03 153.84 -30.01
N ILE Y 164 -38.17 152.84 -29.84
CA ILE Y 164 -38.64 151.46 -29.80
C ILE Y 164 -39.57 151.24 -28.61
N GLN Y 165 -39.21 151.80 -27.45
CA GLN Y 165 -40.10 151.73 -26.30
C GLN Y 165 -41.37 152.52 -26.52
N ASP Y 166 -41.28 153.64 -27.26
CA ASP Y 166 -42.46 154.42 -27.59
C ASP Y 166 -43.38 153.69 -28.56
N TYR Y 167 -42.83 152.83 -29.41
CA TYR Y 167 -43.61 152.02 -30.34
C TYR Y 167 -43.76 150.59 -29.85
N GLN Y 168 -43.61 150.37 -28.55
CA GLN Y 168 -43.67 149.04 -27.96
C GLN Y 168 -45.10 148.61 -27.66
N GLU Y 169 -45.86 149.48 -26.98
CA GLU Y 169 -47.25 149.19 -26.65
C GLU Y 169 -48.26 150.13 -27.28
N SER Y 170 -47.82 151.27 -27.82
CA SER Y 170 -48.73 152.23 -28.44
C SER Y 170 -49.19 151.72 -29.80
N GLY Y 171 -50.23 150.88 -29.82
CA GLY Y 171 -50.70 150.29 -31.06
C GLY Y 171 -49.97 149.01 -31.36
N ALA Y 172 -50.71 147.94 -31.62
CA ALA Y 172 -50.14 146.60 -31.87
C ALA Y 172 -49.25 146.19 -30.70
N THR Y 173 -49.91 145.99 -29.56
CA THR Y 173 -49.21 145.62 -28.33
C THR Y 173 -48.40 144.35 -28.54
N LEU Y 174 -47.21 144.33 -27.93
CA LEU Y 174 -46.27 143.24 -28.15
C LEU Y 174 -46.88 141.89 -27.81
N ILE Y 175 -46.59 140.90 -28.65
CA ILE Y 175 -46.98 139.52 -28.38
C ILE Y 175 -45.76 138.65 -28.07
N ARG Y 176 -44.56 139.08 -28.40
CA ARG Y 176 -43.33 138.35 -28.10
C ARG Y 176 -42.63 139.04 -26.94
N ASP Y 177 -43.05 138.68 -25.73
CA ASP Y 177 -42.48 139.27 -24.52
C ASP Y 177 -41.07 138.77 -24.21
N ARG Y 178 -40.62 137.72 -24.89
CA ARG Y 178 -39.30 137.16 -24.63
C ARG Y 178 -38.17 138.01 -25.21
N LEU Y 179 -38.48 138.92 -26.14
CA LEU Y 179 -37.47 139.74 -26.80
C LEU Y 179 -37.56 141.21 -26.39
N LYS Y 180 -38.21 141.49 -25.27
CA LYS Y 180 -38.35 142.86 -24.80
C LYS Y 180 -36.98 143.45 -24.45
N THR Y 181 -36.87 144.77 -24.61
CA THR Y 181 -35.63 145.48 -24.35
C THR Y 181 -35.91 146.72 -23.54
N GLU Y 182 -34.89 147.20 -22.83
CA GLU Y 182 -34.97 148.36 -21.97
C GLU Y 182 -34.48 149.60 -22.67
N PRO Y 183 -34.93 150.78 -22.26
CA PRO Y 183 -34.44 152.03 -22.86
C PRO Y 183 -32.93 152.17 -22.68
N PHE Y 184 -32.30 152.75 -23.69
CA PHE Y 184 -30.85 152.92 -23.73
C PHE Y 184 -30.50 154.39 -23.84
N GLU Y 185 -29.46 154.80 -23.11
CA GLU Y 185 -28.92 156.15 -23.21
C GLU Y 185 -27.42 156.09 -22.95
N GLU Y 186 -26.70 157.07 -23.51
CA GLU Y 186 -25.25 157.07 -23.39
C GLU Y 186 -24.80 157.19 -21.94
N ASN Y 187 -25.43 158.09 -21.18
CA ASN Y 187 -25.04 158.26 -19.78
C ASN Y 187 -25.35 157.03 -18.95
N SER Y 188 -26.48 156.37 -19.22
CA SER Y 188 -26.81 155.14 -18.52
C SER Y 188 -25.79 154.05 -18.80
N PHE Y 189 -25.36 153.94 -20.07
CA PHE Y 189 -24.38 152.94 -20.45
C PHE Y 189 -23.04 153.14 -19.76
N LEU Y 190 -22.79 154.34 -19.22
CA LEU Y 190 -21.52 154.61 -18.56
C LEU Y 190 -21.36 153.85 -17.26
N GLU Y 191 -22.46 153.42 -16.64
CA GLU Y 191 -22.40 152.69 -15.37
C GLU Y 191 -23.27 151.45 -15.31
N GLN Y 192 -24.30 151.33 -16.16
CA GLN Y 192 -25.19 150.17 -16.10
C GLN Y 192 -24.54 148.91 -16.66
N PHE Y 193 -23.44 149.05 -17.39
CA PHE Y 193 -22.78 147.92 -18.04
C PHE Y 193 -21.29 147.83 -17.80
N MET Y 194 -20.64 148.90 -17.35
CA MET Y 194 -19.19 148.94 -17.23
C MET Y 194 -18.65 148.03 -16.14
N ILE Y 195 -19.41 147.78 -15.08
CA ILE Y 195 -18.89 147.06 -13.92
C ILE Y 195 -19.75 145.86 -13.58
N GLU Y 196 -20.92 145.76 -14.20
CA GLU Y 196 -21.85 144.66 -13.91
C GLU Y 196 -21.57 143.43 -14.77
N LYS Y 197 -21.63 143.60 -16.10
CA LYS Y 197 -21.41 142.50 -17.02
C LYS Y 197 -20.08 142.58 -17.77
N LEU Y 198 -19.53 143.80 -17.92
CA LEU Y 198 -18.26 143.96 -18.62
C LEU Y 198 -17.11 143.20 -17.98
N PRO Y 199 -16.90 143.24 -16.65
CA PRO Y 199 -15.71 142.56 -16.08
C PRO Y 199 -15.60 141.09 -16.44
N GLU Y 200 -16.73 140.37 -16.49
CA GLU Y 200 -16.69 138.99 -16.92
C GLU Y 200 -16.26 138.88 -18.38
N ALA Y 201 -16.75 139.78 -19.22
CA ALA Y 201 -16.38 139.80 -20.63
C ALA Y 201 -15.18 140.67 -20.93
N CYS Y 202 -14.59 141.31 -19.92
CA CYS Y 202 -13.44 142.19 -20.13
C CYS Y 202 -12.20 141.34 -20.35
N SER Y 203 -11.91 141.01 -21.62
CA SER Y 203 -10.73 140.27 -21.99
C SER Y 203 -9.95 141.11 -22.98
N ILE Y 204 -8.87 141.73 -22.51
CA ILE Y 204 -8.11 142.71 -23.29
C ILE Y 204 -6.71 142.22 -23.58
N GLY Y 205 -5.93 141.94 -22.54
CA GLY Y 205 -4.55 141.51 -22.73
C GLY Y 205 -3.63 142.69 -22.98
N ASP Y 206 -2.60 142.45 -23.80
CA ASP Y 206 -1.58 143.46 -24.09
C ASP Y 206 -1.99 144.29 -25.30
N GLY Y 207 -3.10 145.00 -25.15
CA GLY Y 207 -3.59 145.84 -26.23
C GLY Y 207 -4.12 145.09 -27.43
N LYS Y 208 -4.51 143.82 -27.24
CA LYS Y 208 -4.99 143.03 -28.38
C LYS Y 208 -6.19 143.65 -29.09
N PRO Y 209 -7.21 144.21 -28.42
CA PRO Y 209 -8.33 144.79 -29.17
C PRO Y 209 -7.96 146.08 -29.88
N PHE Y 210 -7.32 145.97 -31.04
CA PHE Y 210 -7.04 147.15 -31.85
C PHE Y 210 -7.43 146.97 -33.32
N VAL Y 211 -7.29 145.76 -33.87
CA VAL Y 211 -7.24 145.59 -35.33
C VAL Y 211 -8.60 145.31 -35.97
N MET Y 212 -9.58 144.84 -35.21
CA MET Y 212 -10.83 144.40 -35.84
C MET Y 212 -11.71 145.55 -36.29
N ASN Y 213 -11.41 146.79 -35.91
CA ASN Y 213 -12.23 147.91 -36.29
C ASN Y 213 -11.45 149.15 -36.74
N LEU Y 214 -10.12 149.11 -36.70
CA LEU Y 214 -9.29 150.23 -37.11
C LEU Y 214 -8.44 149.88 -38.33
N GLN Y 215 -9.01 149.08 -39.23
CA GLN Y 215 -8.39 148.77 -40.51
C GLN Y 215 -9.12 149.41 -41.68
N ASP Y 216 -10.43 149.22 -41.79
CA ASP Y 216 -11.19 149.88 -42.85
C ASP Y 216 -11.15 151.40 -42.68
N LEU Y 217 -11.14 151.88 -41.44
CA LEU Y 217 -11.04 153.31 -41.19
C LEU Y 217 -9.65 153.85 -41.51
N TYR Y 218 -8.61 153.06 -41.29
CA TYR Y 218 -7.23 153.50 -41.47
C TYR Y 218 -6.85 153.69 -42.94
N MET Y 219 -7.78 153.45 -43.87
CA MET Y 219 -7.50 153.69 -45.28
C MET Y 219 -7.59 155.17 -45.65
N ALA Y 220 -8.24 155.98 -44.82
CA ALA Y 220 -8.50 157.38 -45.13
C ALA Y 220 -7.48 158.34 -44.53
N VAL Y 221 -6.22 157.91 -44.41
CA VAL Y 221 -5.16 158.77 -43.90
C VAL Y 221 -4.11 158.96 -44.99
N THR Y 222 -4.58 159.02 -46.24
CA THR Y 222 -3.68 159.01 -47.39
C THR Y 222 -2.66 160.14 -47.35
N THR Y 223 -3.10 161.37 -47.05
CA THR Y 223 -2.16 162.48 -47.00
C THR Y 223 -1.26 162.41 -45.78
N GLN Y 224 -1.83 162.10 -44.62
CA GLN Y 224 -1.07 162.03 -43.38
C GLN Y 224 -1.90 161.32 -42.32
#